data_6PSI
#
_entry.id   6PSI
#
loop_
_entity.id
_entity.type
_entity.pdbx_description
1 polymer 'Chaperone protein DnaJ 2'
2 polymer 'Alkaline phosphatase'
#
loop_
_entity_poly.entity_id
_entity_poly.type
_entity_poly.pdbx_seq_one_letter_code
_entity_poly.pdbx_strand_id
1 'polypeptide(L)'
;MAAKKDYYAILGVPRNATQEEIKRAYKRLARQYHPDVNKSPEAEEKFKEINEAYAVLSDPEKRRIYDTYGTTEAPPPPPP
GGYDFSGFDVEDFSEFFQELFGPGLFGGFGRRSRKGRDLRAELPLTLEEAFHGGERVVEVAGRRVSVRIPPGVREGSVIR
VPGMGGQGNPPGDLLLVVRLLPHPVFRLEGQDLYATLDVPAPIAVVGGKVRAMTLEGPVEVAVPPRTQAGRKLRLKGKGF
PGPAGRGDLYLEVRITIPERLTPEEEALWKKLAEAYYARA
;
A,C
2 'polypeptide(L)'
;MKQSTIALALLPLLFTPVTKARTPEMPVLENRAAQGDITAPGGARRLTGDQTAALRDSLSDKPAKNIILLIGDGMGDSEI
TAARNYAEGAGGFFKGIDALPLTGQYTHYALNKKTGKPDYVTDSAASATAWSTGVKTYNGALGVDIHEKDHPTILEMAKA
AGLATGNVSTAELQDATPAALVAHVTSRKCYGPSATSEKCPGNALEKGGKGSITEQLLNARADVTLGGGAKTFAETATAG
EWQGKTLREQAQARGYQLVSDAASLNSVTEANQQKPLLGLFADGNMPVRWLGPKATYHGNIDKPAVTCTPNPQRNDSVPT
LAQMTDKAIELLSKNEKGFFLQVEGASIDKQDHAANPCGQIGETVDLDEAVQRALEFAKKEGNTLVIVTADHAHASQIVA
PDTKAPGLTQALNTKDGAVMVMSYGNSEEDSQEHTGSQLRIAAYGPHAANVVGLTDQTDLFYTMKAALGLK
;
B
#
# COMPACT_ATOMS: atom_id res chain seq x y z
N MET A 1 -10.19 47.18 -41.88
CA MET A 1 -10.61 48.59 -41.78
C MET A 1 -11.46 48.80 -40.50
N ALA A 2 -11.40 47.79 -39.58
CA ALA A 2 -12.08 47.81 -38.26
C ALA A 2 -13.62 47.77 -38.40
N ALA A 3 -14.10 46.90 -39.31
CA ALA A 3 -15.56 46.67 -39.51
C ALA A 3 -16.19 45.97 -38.28
N LYS A 4 -16.47 46.78 -37.22
CA LYS A 4 -17.04 46.35 -35.92
C LYS A 4 -18.07 45.20 -36.06
N LYS A 5 -17.58 43.97 -35.93
CA LYS A 5 -18.43 42.78 -35.78
C LYS A 5 -19.12 42.84 -34.41
N ASP A 6 -20.43 43.13 -34.43
CA ASP A 6 -21.27 43.12 -33.23
C ASP A 6 -21.48 41.65 -32.84
N TYR A 7 -20.55 41.15 -32.02
CA TYR A 7 -20.50 39.75 -31.60
C TYR A 7 -21.77 39.34 -30.85
N TYR A 8 -22.38 40.31 -30.15
CA TYR A 8 -23.64 40.10 -29.43
C TYR A 8 -24.77 39.80 -30.41
N ALA A 9 -24.95 40.68 -31.41
CA ALA A 9 -26.03 40.54 -32.41
C ALA A 9 -25.86 39.25 -33.23
N ILE A 10 -24.59 38.85 -33.50
CA ILE A 10 -24.27 37.55 -34.15
C ILE A 10 -24.81 36.39 -33.27
N LEU A 11 -24.61 36.50 -31.94
CA LEU A 11 -25.14 35.53 -30.96
C LEU A 11 -26.67 35.73 -30.71
N GLY A 12 -27.24 36.85 -31.19
CA GLY A 12 -28.67 37.15 -31.00
C GLY A 12 -29.02 37.64 -29.60
N VAL A 13 -28.10 38.45 -29.03
CA VAL A 13 -28.25 39.10 -27.70
C VAL A 13 -27.89 40.60 -27.83
N PRO A 14 -28.34 41.50 -26.87
CA PRO A 14 -28.00 42.95 -26.90
C PRO A 14 -26.55 43.23 -26.44
N ARG A 15 -26.05 44.46 -26.70
CA ARG A 15 -24.67 44.89 -26.32
C ARG A 15 -24.52 45.17 -24.80
N ASN A 16 -25.42 44.60 -24.00
CA ASN A 16 -25.36 44.66 -22.52
C ASN A 16 -25.34 43.22 -21.96
N ALA A 17 -25.23 42.24 -22.87
CA ALA A 17 -25.30 40.81 -22.54
C ALA A 17 -24.03 40.34 -21.79
N THR A 18 -24.24 39.54 -20.73
CA THR A 18 -23.17 38.98 -19.90
C THR A 18 -22.64 37.66 -20.51
N GLN A 19 -21.60 37.06 -19.88
CA GLN A 19 -21.02 35.75 -20.32
C GLN A 19 -22.11 34.67 -20.33
N GLU A 20 -23.01 34.74 -19.33
CA GLU A 20 -24.19 33.86 -19.24
C GLU A 20 -25.05 33.96 -20.51
N GLU A 21 -25.45 35.19 -20.87
CA GLU A 21 -26.33 35.45 -22.03
C GLU A 21 -25.65 35.03 -23.34
N ILE A 22 -24.33 35.30 -23.43
CA ILE A 22 -23.46 34.86 -24.55
C ILE A 22 -23.46 33.32 -24.67
N LYS A 23 -23.46 32.65 -23.52
CA LYS A 23 -23.37 31.18 -23.43
C LYS A 23 -24.65 30.52 -23.95
N ARG A 24 -25.82 30.89 -23.38
CA ARG A 24 -27.12 30.30 -23.81
C ARG A 24 -27.48 30.72 -25.25
N ALA A 25 -27.00 31.90 -25.67
CA ALA A 25 -27.14 32.36 -27.07
C ALA A 25 -26.40 31.42 -28.02
N TYR A 26 -25.12 31.16 -27.69
CA TYR A 26 -24.26 30.27 -28.46
C TYR A 26 -24.88 28.87 -28.54
N LYS A 27 -25.36 28.35 -27.38
CA LYS A 27 -25.93 27.00 -27.28
C LYS A 27 -27.18 26.84 -28.15
N ARG A 28 -28.06 27.87 -28.09
CA ARG A 28 -29.28 27.95 -28.92
C ARG A 28 -28.94 27.81 -30.42
N LEU A 29 -27.94 28.59 -30.84
CA LEU A 29 -27.46 28.60 -32.23
C LEU A 29 -26.58 27.37 -32.55
N ALA A 30 -26.03 26.75 -31.50
CA ALA A 30 -25.17 25.55 -31.62
C ALA A 30 -26.00 24.28 -31.78
N ARG A 31 -27.26 24.34 -31.34
CA ARG A 31 -28.23 23.23 -31.53
C ARG A 31 -29.01 23.46 -32.84
N GLN A 32 -29.43 24.71 -33.08
CA GLN A 32 -30.25 25.09 -34.24
C GLN A 32 -29.45 24.96 -35.55
N TYR A 33 -28.30 25.65 -35.61
CA TYR A 33 -27.41 25.62 -36.80
C TYR A 33 -26.28 24.59 -36.59
N HIS A 34 -26.59 23.51 -35.83
CA HIS A 34 -25.63 22.42 -35.50
C HIS A 34 -25.14 21.74 -36.80
N PRO A 35 -23.89 22.08 -37.29
CA PRO A 35 -23.46 21.74 -38.66
C PRO A 35 -23.22 20.23 -38.88
N ASP A 36 -23.16 19.48 -37.78
CA ASP A 36 -23.04 18.01 -37.81
C ASP A 36 -24.37 17.37 -38.27
N VAL A 37 -25.51 17.99 -37.89
CA VAL A 37 -26.85 17.52 -38.28
C VAL A 37 -27.31 18.27 -39.54
N ASN A 38 -27.18 19.62 -39.50
CA ASN A 38 -27.59 20.51 -40.58
C ASN A 38 -26.36 20.93 -41.42
N LYS A 39 -25.86 19.97 -42.19
CA LYS A 39 -24.73 20.19 -43.11
C LYS A 39 -25.22 20.99 -44.32
N SER A 40 -25.32 22.30 -44.15
CA SER A 40 -25.72 23.25 -45.20
C SER A 40 -24.84 24.50 -45.12
N PRO A 41 -23.88 24.70 -46.11
CA PRO A 41 -22.87 25.80 -46.13
C PRO A 41 -23.31 27.12 -45.47
N GLU A 42 -24.48 27.66 -45.86
CA GLU A 42 -25.04 28.92 -45.30
C GLU A 42 -25.08 28.89 -43.76
N ALA A 43 -25.67 27.81 -43.22
CA ALA A 43 -25.84 27.63 -41.77
C ALA A 43 -24.50 27.37 -41.05
N GLU A 44 -23.50 26.89 -41.81
CA GLU A 44 -22.20 26.46 -41.26
C GLU A 44 -21.23 27.65 -41.20
N GLU A 45 -21.28 28.52 -42.22
CA GLU A 45 -20.49 29.76 -42.25
C GLU A 45 -21.04 30.74 -41.19
N LYS A 46 -22.37 30.79 -41.12
CA LYS A 46 -23.09 31.55 -40.09
C LYS A 46 -22.71 31.03 -38.70
N PHE A 47 -22.70 29.69 -38.55
CA PHE A 47 -22.28 29.02 -37.30
C PHE A 47 -20.86 29.41 -36.92
N LYS A 48 -19.96 29.50 -37.90
CA LYS A 48 -18.56 29.91 -37.66
C LYS A 48 -18.46 31.37 -37.20
N GLU A 49 -19.36 32.24 -37.68
CA GLU A 49 -19.44 33.63 -37.18
C GLU A 49 -19.93 33.66 -35.73
N ILE A 50 -20.82 32.71 -35.39
CA ILE A 50 -21.32 32.49 -34.03
C ILE A 50 -20.16 31.96 -33.13
N ASN A 51 -19.23 31.23 -33.76
CA ASN A 51 -18.00 30.74 -33.11
C ASN A 51 -16.89 31.80 -33.09
N GLU A 52 -16.97 32.83 -33.95
CA GLU A 52 -16.09 34.03 -33.94
C GLU A 52 -16.46 34.88 -32.71
N ALA A 53 -17.78 35.15 -32.65
CA ALA A 53 -18.42 35.87 -31.56
C ALA A 53 -18.12 35.21 -30.22
N TYR A 54 -18.44 33.91 -30.15
CA TYR A 54 -18.18 33.10 -28.95
C TYR A 54 -16.68 33.00 -28.65
N ALA A 55 -15.84 32.90 -29.70
CA ALA A 55 -14.36 32.83 -29.55
C ALA A 55 -13.83 33.94 -28.65
N VAL A 56 -14.21 35.17 -29.04
CA VAL A 56 -13.80 36.36 -28.32
C VAL A 56 -14.48 36.42 -26.93
N LEU A 57 -15.78 36.10 -26.88
CA LEU A 57 -16.61 36.30 -25.66
C LEU A 57 -16.65 35.07 -24.71
N SER A 58 -15.87 34.01 -25.02
CA SER A 58 -15.78 32.78 -24.16
C SER A 58 -14.84 33.01 -22.97
N ASP A 59 -13.66 33.55 -23.28
CA ASP A 59 -12.56 33.72 -22.31
C ASP A 59 -12.63 35.11 -21.67
N PRO A 60 -12.49 35.25 -20.30
CA PRO A 60 -12.59 36.55 -19.57
C PRO A 60 -11.72 37.69 -20.19
N GLU A 61 -10.47 37.39 -20.55
CA GLU A 61 -9.53 38.41 -21.11
C GLU A 61 -9.97 38.88 -22.49
N LYS A 62 -10.19 37.93 -23.41
CA LYS A 62 -10.58 38.23 -24.80
C LYS A 62 -11.95 38.96 -24.85
N ARG A 63 -12.81 38.56 -23.90
CA ARG A 63 -14.10 39.22 -23.61
C ARG A 63 -13.84 40.70 -23.35
N ARG A 64 -12.99 40.99 -22.33
CA ARG A 64 -12.65 42.36 -21.92
C ARG A 64 -11.95 43.13 -23.06
N ILE A 65 -11.23 42.42 -23.95
CA ILE A 65 -10.57 43.04 -25.12
C ILE A 65 -11.63 43.68 -26.04
N TYR A 66 -12.71 42.92 -26.32
CA TYR A 66 -13.85 43.45 -27.09
C TYR A 66 -14.49 44.65 -26.36
N ASP A 67 -14.86 44.43 -25.07
CA ASP A 67 -15.55 45.44 -24.23
C ASP A 67 -14.77 46.77 -24.18
N THR A 68 -13.44 46.68 -23.99
CA THR A 68 -12.57 47.87 -23.92
C THR A 68 -12.36 48.49 -25.31
N TYR A 69 -12.46 47.69 -26.39
CA TYR A 69 -12.27 48.21 -27.75
C TYR A 69 -13.51 49.06 -28.14
N GLY A 70 -13.27 50.35 -28.43
CA GLY A 70 -14.35 51.33 -28.56
C GLY A 70 -14.51 52.19 -27.30
N THR A 71 -13.47 52.17 -26.46
CA THR A 71 -13.36 53.01 -25.24
C THR A 71 -11.87 53.34 -25.18
N THR A 72 -11.09 52.27 -25.09
CA THR A 72 -9.70 52.26 -25.49
C THR A 72 -9.70 52.03 -27.01
N GLU A 73 -8.71 52.58 -27.72
CA GLU A 73 -8.60 52.52 -29.19
C GLU A 73 -7.47 51.55 -29.61
N ALA A 74 -6.45 51.43 -28.76
CA ALA A 74 -5.35 50.48 -28.96
C ALA A 74 -5.80 49.05 -28.57
N PRO A 75 -5.40 47.99 -29.34
CA PRO A 75 -5.70 46.58 -28.97
C PRO A 75 -5.04 46.19 -27.62
N PRO A 76 -5.85 45.82 -26.56
CA PRO A 76 -5.31 45.40 -25.22
C PRO A 76 -4.21 44.30 -25.32
N PRO A 77 -2.96 44.57 -24.78
CA PRO A 77 -1.74 43.72 -25.01
C PRO A 77 -1.98 42.19 -24.90
N PRO A 78 -1.42 41.37 -25.88
CA PRO A 78 -1.63 39.89 -25.90
C PRO A 78 -1.04 39.19 -24.66
N PRO A 79 -1.80 38.23 -24.02
CA PRO A 79 -1.29 37.42 -22.87
C PRO A 79 0.02 36.66 -23.22
N PRO A 80 0.87 36.26 -22.21
CA PRO A 80 2.13 35.51 -22.47
C PRO A 80 1.86 34.14 -23.16
N GLY A 81 1.75 34.21 -24.50
CA GLY A 81 1.42 33.07 -25.34
C GLY A 81 0.78 33.57 -26.64
N GLY A 82 -0.12 34.57 -26.49
CA GLY A 82 -0.79 35.22 -27.63
C GLY A 82 -2.30 35.24 -27.45
N TYR A 83 -3.02 35.44 -28.56
CA TYR A 83 -4.48 35.42 -28.59
C TYR A 83 -4.96 34.04 -29.05
N ASP A 84 -5.50 33.27 -28.09
CA ASP A 84 -6.20 32.00 -28.37
C ASP A 84 -7.34 32.18 -29.39
N PHE A 85 -7.68 31.09 -30.09
CA PHE A 85 -8.81 31.05 -31.00
C PHE A 85 -9.28 29.59 -31.14
N SER A 86 -9.67 29.00 -29.99
CA SER A 86 -9.95 27.54 -29.78
C SER A 86 -10.51 26.76 -31.01
N GLY A 87 -9.60 26.27 -31.87
CA GLY A 87 -9.97 25.44 -33.03
C GLY A 87 -10.96 26.08 -34.00
N PHE A 88 -11.00 27.43 -34.03
CA PHE A 88 -11.91 28.20 -34.90
C PHE A 88 -11.18 28.63 -36.18
N ASP A 89 -11.97 28.84 -37.24
CA ASP A 89 -11.45 29.00 -38.63
C ASP A 89 -10.96 30.46 -38.88
N VAL A 90 -9.80 30.80 -38.26
CA VAL A 90 -9.19 32.16 -38.27
C VAL A 90 -9.14 32.80 -39.68
N GLU A 91 -8.63 32.05 -40.67
CA GLU A 91 -8.35 32.56 -42.03
C GLU A 91 -9.63 32.84 -42.86
N ASP A 92 -10.80 32.51 -42.31
CA ASP A 92 -12.10 32.74 -42.96
C ASP A 92 -12.87 33.90 -42.29
N PHE A 93 -12.48 34.27 -41.05
CA PHE A 93 -13.25 35.24 -40.24
C PHE A 93 -12.83 36.69 -40.57
N SER A 94 -13.53 37.66 -39.94
CA SER A 94 -13.50 39.08 -40.31
C SER A 94 -12.11 39.72 -40.24
N GLU A 95 -11.91 40.75 -41.10
CA GLU A 95 -10.77 41.67 -41.02
C GLU A 95 -10.67 42.28 -39.61
N PHE A 96 -11.84 42.69 -39.07
CA PHE A 96 -11.98 43.29 -37.73
C PHE A 96 -11.29 42.43 -36.66
N PHE A 97 -11.61 41.13 -36.66
CA PHE A 97 -10.96 40.14 -35.79
C PHE A 97 -9.43 40.11 -36.06
N GLN A 98 -9.04 39.91 -37.33
CA GLN A 98 -7.62 39.70 -37.69
C GLN A 98 -6.77 40.99 -37.57
N GLU A 99 -7.39 42.15 -37.31
CA GLU A 99 -6.68 43.43 -37.06
C GLU A 99 -6.61 43.76 -35.55
N LEU A 100 -7.70 43.48 -34.82
CA LEU A 100 -7.77 43.70 -33.36
C LEU A 100 -6.85 42.71 -32.64
N PHE A 101 -6.98 41.44 -33.01
CA PHE A 101 -6.18 40.35 -32.45
C PHE A 101 -4.91 40.09 -33.32
N GLY A 102 -4.83 40.74 -34.49
CA GLY A 102 -3.66 40.62 -35.41
C GLY A 102 -2.29 40.73 -34.74
N PRO A 103 -1.99 41.89 -34.04
CA PRO A 103 -0.70 42.14 -33.32
C PRO A 103 -0.18 40.95 -32.46
N GLY A 104 -1.09 40.05 -32.03
CA GLY A 104 -0.68 38.91 -31.21
C GLY A 104 -1.45 37.65 -31.51
N LEU A 105 -1.76 37.37 -32.80
CA LEU A 105 -2.49 36.13 -33.23
C LEU A 105 -1.73 34.79 -32.99
N PHE A 106 -0.97 34.67 -31.85
CA PHE A 106 -0.51 33.37 -31.32
C PHE A 106 0.30 32.59 -32.39
N GLY A 107 -0.32 31.56 -33.03
CA GLY A 107 0.31 30.79 -34.10
C GLY A 107 1.44 29.90 -33.61
N GLY A 108 1.50 29.74 -32.27
CA GLY A 108 2.59 29.05 -31.60
C GLY A 108 3.93 29.71 -31.83
N PHE A 109 4.80 29.03 -32.60
CA PHE A 109 6.12 29.55 -33.00
C PHE A 109 6.12 29.95 -34.48
N GLY A 110 5.00 29.65 -35.17
CA GLY A 110 4.79 30.06 -36.55
C GLY A 110 4.32 31.51 -36.67
N ARG A 111 3.44 31.89 -35.71
CA ARG A 111 2.87 33.25 -35.54
C ARG A 111 1.78 33.62 -36.57
N ARG A 112 1.90 33.08 -37.81
CA ARG A 112 0.98 33.37 -38.93
C ARG A 112 -0.29 32.46 -38.85
N SER A 113 -0.93 32.44 -37.67
CA SER A 113 -2.25 31.83 -37.45
C SER A 113 -2.32 30.32 -37.78
N ARG A 114 -1.20 29.60 -37.58
CA ARG A 114 -1.15 28.14 -37.79
C ARG A 114 -1.95 27.39 -36.69
N LYS A 115 -2.42 26.18 -37.01
CA LYS A 115 -3.28 25.35 -36.14
C LYS A 115 -2.46 24.62 -35.06
N GLY A 116 -3.07 24.43 -33.89
CA GLY A 116 -2.51 23.62 -32.81
C GLY A 116 -2.89 22.15 -32.94
N ARG A 117 -1.97 21.24 -32.57
CA ARG A 117 -2.18 19.77 -32.68
C ARG A 117 -2.88 19.20 -31.42
N ASP A 118 -3.48 18.01 -31.54
CA ASP A 118 -4.13 17.30 -30.40
C ASP A 118 -3.10 17.01 -29.28
N LEU A 119 -3.53 17.18 -28.02
CA LEU A 119 -2.66 16.95 -26.84
C LEU A 119 -3.54 16.40 -25.70
N ARG A 120 -2.94 15.76 -24.69
CA ARG A 120 -3.67 15.26 -23.51
C ARG A 120 -3.04 15.84 -22.23
N ALA A 121 -3.86 16.51 -21.41
CA ALA A 121 -3.42 17.18 -20.16
C ALA A 121 -4.30 16.78 -18.99
N GLU A 122 -3.82 17.06 -17.78
CA GLU A 122 -4.46 16.60 -16.54
C GLU A 122 -5.12 17.82 -15.90
N LEU A 123 -6.45 17.77 -15.72
CA LEU A 123 -7.21 18.91 -15.18
C LEU A 123 -7.43 18.69 -13.68
N PRO A 124 -6.60 19.34 -12.78
CA PRO A 124 -6.79 19.21 -11.33
C PRO A 124 -7.96 20.09 -10.90
N LEU A 125 -9.08 19.46 -10.49
CA LEU A 125 -10.36 20.16 -10.28
C LEU A 125 -10.82 20.02 -8.83
N THR A 126 -11.30 21.15 -8.26
CA THR A 126 -11.78 21.24 -6.89
C THR A 126 -13.07 20.43 -6.73
N LEU A 127 -13.09 19.56 -5.68
CA LEU A 127 -14.19 18.60 -5.42
C LEU A 127 -15.55 19.33 -5.31
N GLU A 128 -15.52 20.47 -4.60
CA GLU A 128 -16.69 21.32 -4.35
C GLU A 128 -17.31 21.78 -5.69
N GLU A 129 -16.44 22.23 -6.60
CA GLU A 129 -16.84 22.72 -7.93
C GLU A 129 -17.27 21.55 -8.83
N ALA A 130 -16.69 20.37 -8.58
CA ALA A 130 -17.07 19.12 -9.28
C ALA A 130 -18.51 18.71 -8.93
N PHE A 131 -18.91 18.99 -7.67
CA PHE A 131 -20.30 18.81 -7.20
C PHE A 131 -21.22 19.79 -7.93
N HIS A 132 -20.88 21.08 -7.81
CA HIS A 132 -21.75 22.19 -8.24
C HIS A 132 -22.05 22.14 -9.75
N GLY A 133 -20.99 22.01 -10.56
CA GLY A 133 -21.10 21.99 -12.02
C GLY A 133 -21.37 23.37 -12.62
N GLY A 134 -20.61 23.73 -13.66
CA GLY A 134 -20.72 25.05 -14.29
C GLY A 134 -19.42 25.46 -14.97
N GLU A 135 -19.26 26.77 -15.23
CA GLU A 135 -18.04 27.31 -15.87
C GLU A 135 -16.87 27.25 -14.89
N ARG A 136 -15.70 26.78 -15.36
CA ARG A 136 -14.51 26.70 -14.51
C ARG A 136 -13.38 27.54 -15.08
N VAL A 137 -12.86 28.45 -14.25
CA VAL A 137 -11.72 29.28 -14.57
C VAL A 137 -10.42 28.45 -14.42
N VAL A 138 -9.87 28.03 -15.58
CA VAL A 138 -8.62 27.28 -15.69
C VAL A 138 -7.60 28.14 -16.44
N GLU A 139 -6.55 28.59 -15.74
CA GLU A 139 -5.50 29.43 -16.36
C GLU A 139 -4.17 28.66 -16.45
N VAL A 140 -3.59 28.67 -17.66
CA VAL A 140 -2.34 27.97 -18.01
C VAL A 140 -1.88 28.45 -19.40
N ALA A 141 -0.55 28.45 -19.65
CA ALA A 141 0.05 28.79 -20.96
C ALA A 141 -0.28 30.22 -21.44
N GLY A 142 -0.68 31.09 -20.49
CA GLY A 142 -1.05 32.49 -20.79
C GLY A 142 -2.56 32.68 -20.89
N ARG A 143 -3.26 31.62 -21.34
CA ARG A 143 -4.72 31.66 -21.54
C ARG A 143 -5.46 31.31 -20.24
N ARG A 144 -6.52 32.05 -19.93
CA ARG A 144 -7.46 31.72 -18.85
C ARG A 144 -8.81 31.35 -19.50
N VAL A 145 -9.03 30.04 -19.65
CA VAL A 145 -10.25 29.49 -20.29
C VAL A 145 -11.38 29.30 -19.26
N SER A 146 -12.62 29.52 -19.72
CA SER A 146 -13.83 29.18 -18.95
C SER A 146 -14.44 27.89 -19.53
N VAL A 147 -14.00 26.72 -19.01
CA VAL A 147 -14.49 25.40 -19.46
C VAL A 147 -15.65 24.94 -18.56
N ARG A 148 -16.85 24.77 -19.13
CA ARG A 148 -18.01 24.28 -18.39
C ARG A 148 -17.86 22.78 -18.09
N ILE A 149 -17.52 22.50 -16.82
CA ILE A 149 -17.42 21.13 -16.30
C ILE A 149 -18.83 20.51 -16.10
N PRO A 150 -19.02 19.18 -16.37
CA PRO A 150 -20.30 18.48 -16.12
C PRO A 150 -20.67 18.46 -14.60
N PRO A 151 -21.98 18.68 -14.23
CA PRO A 151 -22.45 18.57 -12.83
C PRO A 151 -22.29 17.13 -12.28
N GLY A 152 -21.30 16.96 -11.40
CA GLY A 152 -20.97 15.65 -10.84
C GLY A 152 -19.92 14.91 -11.67
N VAL A 153 -18.86 15.65 -12.03
CA VAL A 153 -17.80 15.14 -12.93
C VAL A 153 -16.79 14.26 -12.16
N ARG A 154 -16.58 13.04 -12.68
CA ARG A 154 -15.89 11.94 -11.97
C ARG A 154 -14.50 11.69 -12.59
N GLU A 155 -13.57 11.09 -11.82
CA GLU A 155 -12.17 10.84 -12.24
C GLU A 155 -12.08 10.16 -13.63
N GLY A 156 -11.25 10.73 -14.51
CA GLY A 156 -11.00 10.18 -15.84
C GLY A 156 -11.95 10.70 -16.92
N SER A 157 -12.88 11.60 -16.53
CA SER A 157 -13.78 12.27 -17.50
C SER A 157 -12.96 13.22 -18.40
N VAL A 158 -12.92 12.89 -19.70
CA VAL A 158 -12.12 13.59 -20.70
C VAL A 158 -12.97 14.65 -21.43
N ILE A 159 -12.74 15.93 -21.11
CA ILE A 159 -13.35 17.06 -21.82
C ILE A 159 -12.45 17.43 -23.01
N ARG A 160 -12.83 16.98 -24.22
CA ARG A 160 -12.09 17.32 -25.45
C ARG A 160 -12.40 18.78 -25.85
N VAL A 161 -11.46 19.68 -25.50
CA VAL A 161 -11.58 21.11 -25.76
C VAL A 161 -10.35 21.59 -26.56
N PRO A 162 -10.55 22.12 -27.81
CA PRO A 162 -9.45 22.80 -28.53
C PRO A 162 -9.07 24.12 -27.82
N GLY A 163 -7.79 24.51 -27.88
CA GLY A 163 -7.36 25.79 -27.33
C GLY A 163 -6.25 25.73 -26.29
N MET A 164 -6.04 24.55 -25.68
CA MET A 164 -5.01 24.36 -24.62
C MET A 164 -4.01 23.23 -24.98
N GLY A 165 -4.09 22.69 -26.22
CA GLY A 165 -3.20 21.60 -26.66
C GLY A 165 -1.89 22.09 -27.25
N GLY A 166 -1.57 21.64 -28.49
CA GLY A 166 -0.40 22.10 -29.22
C GLY A 166 -0.45 23.58 -29.53
N GLN A 167 0.72 24.19 -29.68
CA GLN A 167 0.86 25.64 -29.86
C GLN A 167 0.35 26.08 -31.25
N GLY A 168 -0.63 27.01 -31.26
CA GLY A 168 -1.22 27.53 -32.50
C GLY A 168 -2.20 28.66 -32.22
N ASN A 169 -2.63 29.40 -33.26
CA ASN A 169 -3.67 30.45 -33.10
C ASN A 169 -5.02 29.81 -32.81
N PRO A 170 -5.51 28.80 -33.62
CA PRO A 170 -6.56 27.90 -33.18
C PRO A 170 -5.90 26.68 -32.50
N PRO A 171 -5.55 26.77 -31.18
CA PRO A 171 -4.62 25.82 -30.55
C PRO A 171 -5.22 24.42 -30.37
N GLY A 172 -4.39 23.53 -29.82
CA GLY A 172 -4.60 22.10 -29.90
C GLY A 172 -5.85 21.54 -29.25
N ASP A 173 -6.36 20.48 -29.91
CA ASP A 173 -7.51 19.70 -29.45
C ASP A 173 -7.09 18.92 -28.21
N LEU A 174 -7.26 19.56 -27.04
CA LEU A 174 -6.80 19.03 -25.77
C LEU A 174 -7.79 18.02 -25.18
N LEU A 175 -7.26 17.05 -24.44
CA LEU A 175 -8.05 16.07 -23.70
C LEU A 175 -7.88 16.35 -22.19
N LEU A 176 -8.84 17.10 -21.60
CA LEU A 176 -8.86 17.36 -20.14
C LEU A 176 -9.25 16.07 -19.39
N VAL A 177 -8.26 15.28 -18.98
CA VAL A 177 -8.49 14.11 -18.13
C VAL A 177 -8.58 14.61 -16.69
N VAL A 178 -9.83 14.74 -16.20
CA VAL A 178 -10.10 15.38 -14.91
C VAL A 178 -9.51 14.54 -13.75
N ARG A 179 -8.52 15.14 -13.09
CA ARG A 179 -7.93 14.62 -11.85
C ARG A 179 -8.50 15.47 -10.73
N LEU A 180 -9.41 14.93 -9.92
CA LEU A 180 -9.95 15.71 -8.79
C LEU A 180 -8.86 15.88 -7.71
N LEU A 181 -8.85 17.08 -7.05
CA LEU A 181 -7.74 17.55 -6.19
C LEU A 181 -7.38 16.54 -5.08
N PRO A 182 -6.12 16.61 -4.51
CA PRO A 182 -5.78 15.98 -3.21
C PRO A 182 -6.35 16.78 -2.01
N HIS A 183 -7.62 17.20 -2.15
CA HIS A 183 -8.39 17.92 -1.14
C HIS A 183 -8.71 16.92 -0.01
N PRO A 184 -8.48 17.28 1.29
CA PRO A 184 -8.38 16.31 2.42
C PRO A 184 -9.65 15.50 2.76
N VAL A 185 -10.71 15.48 1.92
CA VAL A 185 -11.91 14.72 2.26
C VAL A 185 -12.06 13.54 1.30
N PHE A 186 -12.27 13.83 0.01
CA PHE A 186 -12.67 12.80 -0.97
C PHE A 186 -11.74 12.78 -2.19
N ARG A 187 -11.84 11.67 -2.93
CA ARG A 187 -11.35 11.58 -4.31
C ARG A 187 -12.37 10.74 -5.09
N LEU A 188 -13.30 11.45 -5.78
CA LEU A 188 -14.36 10.82 -6.58
C LEU A 188 -13.76 10.09 -7.79
N GLU A 189 -13.96 8.76 -7.83
CA GLU A 189 -13.43 7.88 -8.86
C GLU A 189 -14.51 6.86 -9.25
N GLY A 190 -14.68 6.69 -10.57
CA GLY A 190 -15.70 5.80 -11.11
C GLY A 190 -17.09 6.43 -11.04
N GLN A 191 -17.72 6.32 -9.86
CA GLN A 191 -19.03 6.96 -9.57
C GLN A 191 -19.11 7.36 -8.09
N ASP A 192 -18.08 6.98 -7.31
CA ASP A 192 -18.14 6.98 -5.84
C ASP A 192 -16.93 7.69 -5.21
N LEU A 193 -17.12 8.18 -3.98
CA LEU A 193 -16.12 8.98 -3.25
C LEU A 193 -15.22 8.06 -2.41
N TYR A 194 -13.92 8.43 -2.30
CA TYR A 194 -12.96 7.77 -1.38
C TYR A 194 -12.48 8.78 -0.35
N ALA A 195 -12.90 8.59 0.92
CA ALA A 195 -12.51 9.44 2.06
C ALA A 195 -11.81 8.61 3.16
N THR A 196 -11.51 9.28 4.29
CA THR A 196 -10.93 8.62 5.48
C THR A 196 -11.83 8.94 6.71
N LEU A 197 -11.95 7.99 7.64
CA LEU A 197 -12.69 8.20 8.89
C LEU A 197 -11.88 7.69 10.09
N ASP A 198 -11.24 8.63 10.81
CA ASP A 198 -10.65 8.36 12.13
C ASP A 198 -11.78 8.41 13.18
N VAL A 199 -12.05 7.26 13.79
CA VAL A 199 -13.21 7.05 14.68
C VAL A 199 -12.75 6.32 15.97
N PRO A 200 -13.14 6.78 17.20
CA PRO A 200 -12.74 6.08 18.44
C PRO A 200 -13.48 4.73 18.61
N ALA A 201 -12.83 3.79 19.31
CA ALA A 201 -13.28 2.38 19.43
C ALA A 201 -14.72 2.22 19.97
N PRO A 202 -15.16 2.93 21.06
CA PRO A 202 -16.56 2.86 21.53
C PRO A 202 -17.58 3.27 20.45
N ILE A 203 -17.29 4.38 19.75
CA ILE A 203 -18.17 4.93 18.70
C ILE A 203 -18.15 4.02 17.43
N ALA A 204 -17.02 3.32 17.22
CA ALA A 204 -16.86 2.38 16.08
C ALA A 204 -17.71 1.10 16.27
N VAL A 205 -17.66 0.53 17.48
CA VAL A 205 -18.38 -0.70 17.84
C VAL A 205 -19.90 -0.46 17.93
N VAL A 206 -20.29 0.57 18.68
CA VAL A 206 -21.70 0.85 19.01
C VAL A 206 -22.39 1.62 17.89
N GLY A 207 -21.64 2.52 17.22
CA GLY A 207 -22.15 3.27 16.08
C GLY A 207 -22.75 4.62 16.45
N GLY A 208 -21.89 5.58 16.80
CA GLY A 208 -22.32 6.94 17.17
C GLY A 208 -21.93 7.99 16.13
N LYS A 209 -22.45 9.21 16.28
CA LYS A 209 -22.26 10.30 15.31
C LYS A 209 -20.89 11.00 15.51
N VAL A 210 -20.14 11.11 14.40
CA VAL A 210 -18.92 11.93 14.30
C VAL A 210 -19.16 13.05 13.27
N ARG A 211 -18.25 14.03 13.22
CA ARG A 211 -18.31 15.08 12.19
C ARG A 211 -17.52 14.60 10.96
N ALA A 212 -18.24 14.23 9.89
CA ALA A 212 -17.64 13.81 8.62
C ALA A 212 -17.77 14.95 7.62
N MET A 213 -16.64 15.40 7.06
CA MET A 213 -16.60 16.53 6.12
C MET A 213 -17.28 16.14 4.79
N THR A 214 -17.98 17.11 4.16
CA THR A 214 -18.67 16.92 2.88
C THR A 214 -18.40 18.16 1.98
N LEU A 215 -18.70 18.05 0.66
CA LEU A 215 -18.34 19.06 -0.36
C LEU A 215 -19.02 20.42 -0.20
N GLU A 216 -20.04 20.48 0.65
CA GLU A 216 -20.78 21.71 0.94
C GLU A 216 -20.84 21.94 2.46
N GLY A 217 -19.78 21.47 3.15
CA GLY A 217 -19.61 21.63 4.60
C GLY A 217 -19.70 20.32 5.36
N PRO A 218 -19.18 20.25 6.63
CA PRO A 218 -19.19 19.02 7.45
C PRO A 218 -20.60 18.70 8.00
N VAL A 219 -20.96 17.41 8.05
CA VAL A 219 -22.26 16.94 8.54
C VAL A 219 -22.06 15.83 9.60
N GLU A 220 -23.01 15.69 10.53
CA GLU A 220 -22.98 14.63 11.56
C GLU A 220 -23.46 13.28 10.96
N VAL A 221 -22.55 12.29 10.97
CA VAL A 221 -22.80 10.97 10.39
C VAL A 221 -22.71 9.90 11.50
N ALA A 222 -23.84 9.24 11.80
CA ALA A 222 -23.86 8.10 12.72
C ALA A 222 -23.11 6.92 12.11
N VAL A 223 -21.86 6.71 12.56
CA VAL A 223 -20.96 5.63 12.08
C VAL A 223 -21.69 4.26 12.20
N PRO A 224 -21.59 3.34 11.16
CA PRO A 224 -22.14 1.96 11.27
C PRO A 224 -21.58 1.20 12.49
N PRO A 225 -22.30 0.17 13.02
CA PRO A 225 -21.80 -0.63 14.15
C PRO A 225 -20.74 -1.65 13.68
N ARG A 226 -19.83 -1.99 14.63
CA ARG A 226 -18.78 -3.03 14.46
C ARG A 226 -17.73 -2.62 13.40
N THR A 227 -17.59 -1.30 13.24
CA THR A 227 -16.63 -0.67 12.33
C THR A 227 -15.17 -0.98 12.75
N GLN A 228 -14.48 -1.83 11.96
CA GLN A 228 -13.08 -2.27 12.21
C GLN A 228 -12.10 -1.49 11.30
N ALA A 229 -10.88 -1.22 11.82
CA ALA A 229 -9.83 -0.48 11.07
C ALA A 229 -9.24 -1.30 9.92
N GLY A 230 -8.89 -0.59 8.83
CA GLY A 230 -8.37 -1.22 7.61
C GLY A 230 -9.46 -1.47 6.59
N ARG A 231 -10.71 -1.12 6.94
CA ARG A 231 -11.90 -1.37 6.09
C ARG A 231 -12.45 -0.06 5.52
N LYS A 232 -13.38 -0.20 4.55
CA LYS A 232 -14.00 0.93 3.82
C LYS A 232 -15.52 0.93 4.06
N LEU A 233 -16.03 1.99 4.71
CA LEU A 233 -17.46 2.12 5.03
C LEU A 233 -18.23 2.64 3.81
N ARG A 234 -19.06 1.75 3.21
CA ARG A 234 -19.94 2.08 2.08
C ARG A 234 -21.14 2.92 2.57
N LEU A 235 -21.15 4.24 2.27
CA LEU A 235 -22.30 5.13 2.55
C LEU A 235 -22.92 5.56 1.20
N LYS A 236 -24.03 4.92 0.82
CA LYS A 236 -24.72 5.19 -0.46
C LYS A 236 -25.33 6.61 -0.50
N GLY A 237 -25.53 7.14 -1.73
CA GLY A 237 -26.16 8.46 -1.93
C GLY A 237 -25.21 9.63 -1.73
N LYS A 238 -23.97 9.33 -1.28
CA LYS A 238 -22.90 10.32 -1.11
C LYS A 238 -22.19 10.55 -2.44
N GLY A 239 -21.98 9.45 -3.20
CA GLY A 239 -21.35 9.54 -4.50
C GLY A 239 -22.32 10.01 -5.58
N PHE A 240 -21.78 10.23 -6.77
CA PHE A 240 -22.47 10.93 -7.86
C PHE A 240 -23.12 9.93 -8.84
N PRO A 241 -24.13 10.38 -9.68
CA PRO A 241 -24.75 9.52 -10.72
C PRO A 241 -23.72 8.87 -11.65
N GLY A 242 -23.95 7.60 -12.00
CA GLY A 242 -23.02 6.82 -12.82
C GLY A 242 -23.53 5.41 -13.07
N PRO A 243 -22.62 4.39 -13.30
CA PRO A 243 -23.01 2.97 -13.54
C PRO A 243 -23.99 2.38 -12.52
N ALA A 244 -23.75 2.67 -11.22
CA ALA A 244 -24.54 2.12 -10.09
C ALA A 244 -25.81 2.97 -9.80
N GLY A 245 -26.28 3.74 -10.79
CA GLY A 245 -27.35 4.72 -10.57
C GLY A 245 -26.76 5.98 -9.96
N ARG A 246 -26.46 5.91 -8.65
CA ARG A 246 -25.58 6.85 -7.94
C ARG A 246 -24.49 6.05 -7.22
N GLY A 247 -23.39 6.75 -6.88
CA GLY A 247 -22.26 6.12 -6.20
C GLY A 247 -22.34 6.21 -4.69
N ASP A 248 -21.41 5.51 -4.06
CA ASP A 248 -21.31 5.40 -2.60
C ASP A 248 -20.22 6.33 -2.06
N LEU A 249 -19.93 6.16 -0.78
CA LEU A 249 -18.73 6.69 -0.13
C LEU A 249 -17.98 5.50 0.46
N TYR A 250 -16.64 5.53 0.45
CA TYR A 250 -15.83 4.51 1.10
C TYR A 250 -14.88 5.20 2.09
N LEU A 251 -15.19 5.07 3.39
CA LEU A 251 -14.39 5.68 4.48
C LEU A 251 -13.29 4.72 4.96
N GLU A 252 -12.02 5.15 4.83
CA GLU A 252 -10.87 4.36 5.30
C GLU A 252 -10.77 4.49 6.83
N VAL A 253 -11.19 3.42 7.52
CA VAL A 253 -11.29 3.40 8.98
C VAL A 253 -9.90 3.34 9.65
N ARG A 254 -9.63 4.32 10.52
CA ARG A 254 -8.51 4.30 11.47
C ARG A 254 -9.09 4.53 12.86
N ILE A 255 -9.23 3.42 13.61
CA ILE A 255 -9.76 3.48 14.97
C ILE A 255 -8.70 4.04 15.94
N THR A 256 -9.13 4.93 16.83
CA THR A 256 -8.30 5.47 17.92
C THR A 256 -8.93 5.09 19.27
N ILE A 257 -8.21 5.31 20.37
CA ILE A 257 -8.71 5.12 21.75
C ILE A 257 -8.31 6.35 22.61
N PRO A 258 -9.02 6.66 23.75
CA PRO A 258 -8.98 8.02 24.44
C PRO A 258 -7.57 8.49 24.91
N GLU A 259 -6.59 7.56 24.92
CA GLU A 259 -5.23 7.76 25.48
C GLU A 259 -5.25 8.13 26.99
N ARG A 260 -5.71 9.34 27.32
CA ARG A 260 -5.93 9.75 28.71
C ARG A 260 -7.20 9.05 29.26
N LEU A 261 -7.08 8.45 30.45
CA LEU A 261 -8.20 7.72 31.09
C LEU A 261 -8.26 8.00 32.59
N THR A 262 -9.49 8.06 33.08
CA THR A 262 -9.80 8.17 34.50
C THR A 262 -10.12 6.75 35.07
N PRO A 263 -9.81 6.49 36.40
CA PRO A 263 -9.82 5.13 37.03
C PRO A 263 -10.96 4.16 36.61
N GLU A 264 -12.22 4.65 36.61
CA GLU A 264 -13.40 3.80 36.34
C GLU A 264 -13.43 3.34 34.88
N GLU A 265 -13.25 4.28 33.93
CA GLU A 265 -13.19 3.96 32.50
C GLU A 265 -12.07 2.97 32.22
N GLU A 266 -10.90 3.21 32.84
CA GLU A 266 -9.72 2.34 32.71
C GLU A 266 -10.02 0.92 33.28
N ALA A 267 -10.85 0.86 34.34
CA ALA A 267 -11.28 -0.40 34.95
C ALA A 267 -12.16 -1.21 33.98
N LEU A 268 -13.08 -0.51 33.28
CA LEU A 268 -13.96 -1.12 32.26
C LEU A 268 -13.14 -1.63 31.05
N TRP A 269 -12.23 -0.78 30.55
CA TRP A 269 -11.34 -1.09 29.42
C TRP A 269 -10.46 -2.32 29.70
N LYS A 270 -9.89 -2.40 30.92
CA LYS A 270 -9.07 -3.53 31.33
C LYS A 270 -9.90 -4.81 31.47
N LYS A 271 -11.10 -4.72 32.07
CA LYS A 271 -12.00 -5.89 32.25
C LYS A 271 -12.44 -6.49 30.90
N LEU A 272 -12.64 -5.60 29.90
CA LEU A 272 -12.84 -6.00 28.50
C LEU A 272 -11.61 -6.75 28.00
N ALA A 273 -10.44 -6.14 28.23
CA ALA A 273 -9.14 -6.62 27.73
C ALA A 273 -8.71 -7.95 28.35
N GLU A 274 -9.13 -8.19 29.58
CA GLU A 274 -8.79 -9.41 30.33
C GLU A 274 -9.72 -10.54 29.88
N ALA A 275 -11.03 -10.25 29.86
CA ALA A 275 -12.06 -11.21 29.41
C ALA A 275 -11.94 -11.48 27.88
N TYR A 276 -11.24 -10.56 27.19
CA TYR A 276 -10.87 -10.73 25.78
C TYR A 276 -9.66 -11.67 25.71
N TYR A 277 -8.47 -11.13 26.05
CA TYR A 277 -7.16 -11.80 25.90
C TYR A 277 -7.18 -13.22 26.48
N ALA A 278 -7.44 -13.31 27.80
CA ALA A 278 -7.38 -14.58 28.55
C ALA A 278 -8.40 -15.61 28.01
N ARG A 279 -9.52 -15.11 27.45
CA ARG A 279 -10.62 -15.98 27.00
C ARG A 279 -10.80 -15.81 25.48
N ALA A 280 -9.68 -15.56 24.77
CA ALA A 280 -9.64 -15.56 23.30
C ALA A 280 -9.65 -17.02 22.81
N MET B 1 -8.23 26.95 3.60
CA MET B 1 -8.54 28.17 2.83
C MET B 1 -9.51 27.84 1.68
N LYS B 2 -9.89 28.88 0.91
CA LYS B 2 -10.92 28.76 -0.14
C LYS B 2 -10.23 28.75 -1.52
N GLN B 3 -9.78 27.55 -1.97
CA GLN B 3 -9.12 27.38 -3.28
C GLN B 3 -10.16 27.63 -4.40
N SER B 4 -11.10 26.66 -4.58
CA SER B 4 -12.23 26.74 -5.56
C SER B 4 -11.74 26.77 -7.04
N THR B 5 -11.05 27.84 -7.43
CA THR B 5 -10.48 27.98 -8.78
C THR B 5 -9.22 27.08 -8.96
N ILE B 6 -8.93 26.68 -10.23
CA ILE B 6 -7.90 25.65 -10.52
C ILE B 6 -6.98 26.06 -11.71
N ALA B 7 -6.03 25.16 -12.04
CA ALA B 7 -5.07 25.32 -13.16
C ALA B 7 -5.06 24.04 -14.04
N LEU B 8 -3.96 23.82 -14.81
CA LEU B 8 -3.80 22.63 -15.68
C LEU B 8 -2.33 22.15 -15.64
N ALA B 9 -2.11 20.83 -15.81
CA ALA B 9 -0.77 20.22 -15.79
C ALA B 9 -0.05 20.40 -17.14
N LEU B 10 -0.73 20.01 -18.24
CA LEU B 10 -0.20 19.98 -19.64
C LEU B 10 0.78 18.82 -19.91
N LEU B 11 1.40 18.27 -18.84
CA LEU B 11 2.48 17.26 -18.93
C LEU B 11 3.65 17.73 -19.85
N PRO B 12 4.30 18.92 -19.55
CA PRO B 12 5.47 19.41 -20.32
C PRO B 12 6.78 18.73 -19.88
N LEU B 13 6.79 18.27 -18.62
CA LEU B 13 7.95 17.70 -17.95
C LEU B 13 7.46 16.86 -16.76
N LEU B 14 8.38 16.12 -16.14
CA LEU B 14 8.11 15.39 -14.89
C LEU B 14 8.76 16.15 -13.72
N PHE B 15 7.94 16.62 -12.76
CA PHE B 15 8.42 17.36 -11.58
C PHE B 15 9.28 16.45 -10.70
N THR B 16 10.56 16.79 -10.58
CA THR B 16 11.53 16.07 -9.74
C THR B 16 11.41 16.56 -8.27
N PRO B 17 11.56 15.64 -7.25
CA PRO B 17 11.50 16.02 -5.81
C PRO B 17 12.78 16.72 -5.30
N VAL B 18 12.71 17.28 -4.08
CA VAL B 18 13.84 17.97 -3.42
C VAL B 18 14.41 17.10 -2.28
N THR B 19 15.76 17.02 -2.21
CA THR B 19 16.49 16.22 -1.22
C THR B 19 16.32 16.76 0.22
N LYS B 20 16.26 15.84 1.20
CA LYS B 20 16.09 16.15 2.64
C LYS B 20 17.25 15.55 3.45
N ALA B 21 17.25 15.82 4.77
CA ALA B 21 18.25 15.24 5.70
C ALA B 21 18.05 13.72 5.79
N ARG B 22 19.01 12.96 5.24
CA ARG B 22 18.92 11.49 5.06
C ARG B 22 20.33 10.89 4.90
N THR B 23 20.47 9.59 5.28
CA THR B 23 21.70 8.79 5.10
C THR B 23 22.83 9.24 6.05
N PRO B 24 22.82 8.74 7.33
CA PRO B 24 23.98 8.86 8.26
C PRO B 24 24.92 7.63 8.15
N GLU B 25 25.02 7.08 6.92
CA GLU B 25 25.85 5.92 6.61
C GLU B 25 27.30 6.36 6.33
N MET B 26 27.99 6.69 7.42
CA MET B 26 29.42 7.04 7.39
C MET B 26 29.98 6.98 8.85
N PRO B 27 29.31 7.60 9.89
CA PRO B 27 29.53 7.21 11.28
C PRO B 27 28.61 6.03 11.62
N VAL B 28 29.17 4.81 11.53
CA VAL B 28 28.41 3.57 11.78
C VAL B 28 27.83 3.56 13.21
N LEU B 29 26.50 3.43 13.30
CA LEU B 29 25.79 3.23 14.57
C LEU B 29 25.40 1.75 14.64
N GLU B 30 25.97 1.04 15.63
CA GLU B 30 25.86 -0.43 15.76
C GLU B 30 24.42 -0.89 16.02
N ASN B 31 23.65 -0.03 16.74
CA ASN B 31 22.20 -0.23 17.03
C ASN B 31 21.94 -1.39 18.04
N ARG B 32 23.03 -1.85 18.70
CA ARG B 32 22.98 -2.96 19.68
C ARG B 32 22.61 -2.48 21.11
N ALA B 33 22.42 -1.16 21.26
CA ALA B 33 21.94 -0.56 22.54
C ALA B 33 20.48 -0.98 22.80
N ALA B 34 20.24 -1.70 23.92
CA ALA B 34 18.89 -2.17 24.34
C ALA B 34 18.22 -3.09 23.28
N GLN B 35 19.07 -3.81 22.52
CA GLN B 35 18.65 -4.64 21.38
C GLN B 35 18.05 -5.99 21.82
N GLY B 36 18.51 -6.52 22.96
CA GLY B 36 18.11 -7.86 23.40
C GLY B 36 18.69 -8.95 22.49
N ASP B 37 17.98 -9.20 21.35
CA ASP B 37 18.42 -10.06 20.23
C ASP B 37 18.69 -11.51 20.67
N ILE B 38 19.89 -11.76 21.22
CA ILE B 38 20.25 -13.06 21.82
C ILE B 38 20.04 -12.96 23.35
N THR B 39 18.79 -13.22 23.75
CA THR B 39 18.38 -13.23 25.17
C THR B 39 18.04 -14.68 25.58
N ALA B 40 17.33 -15.40 24.70
CA ALA B 40 17.06 -16.84 24.84
C ALA B 40 18.36 -17.63 24.56
N PRO B 41 18.89 -18.42 25.57
CA PRO B 41 20.18 -19.17 25.43
C PRO B 41 20.09 -20.29 24.36
N GLY B 42 20.41 -19.92 23.11
CA GLY B 42 20.31 -20.83 21.96
C GLY B 42 18.87 -21.05 21.53
N GLY B 43 18.16 -21.93 22.27
CA GLY B 43 16.76 -22.22 22.00
C GLY B 43 16.59 -23.27 20.91
N ALA B 44 17.00 -22.89 19.67
CA ALA B 44 16.87 -23.72 18.44
C ALA B 44 15.41 -24.11 18.18
N ARG B 45 15.18 -25.04 17.25
CA ARG B 45 13.88 -25.67 17.04
C ARG B 45 13.84 -26.94 17.89
N ARG B 46 12.79 -27.12 18.70
CA ARG B 46 12.64 -28.33 19.53
C ARG B 46 11.96 -29.40 18.67
N LEU B 47 12.76 -30.07 17.82
CA LEU B 47 12.32 -31.20 17.00
C LEU B 47 13.22 -32.40 17.31
N THR B 48 12.68 -33.30 18.12
CA THR B 48 13.24 -34.64 18.39
C THR B 48 12.30 -35.36 19.38
N GLY B 49 12.55 -36.66 19.62
CA GLY B 49 11.75 -37.45 20.55
C GLY B 49 11.60 -38.89 20.10
N ASP B 50 11.30 -39.79 21.06
CA ASP B 50 11.11 -41.24 20.81
C ASP B 50 9.67 -41.52 20.29
N GLN B 51 9.29 -40.80 19.21
CA GLN B 51 7.93 -40.79 18.62
C GLN B 51 6.90 -40.14 19.57
N THR B 52 6.14 -39.17 19.04
CA THR B 52 5.12 -38.44 19.82
C THR B 52 3.95 -38.07 18.89
N ALA B 53 2.85 -38.83 19.01
CA ALA B 53 1.59 -38.63 18.26
C ALA B 53 1.76 -38.82 16.74
N ALA B 54 0.60 -38.87 16.04
CA ALA B 54 0.50 -38.97 14.56
C ALA B 54 0.88 -40.37 14.01
N LEU B 55 1.56 -41.22 14.79
CA LEU B 55 1.90 -42.59 14.39
C LEU B 55 0.61 -43.41 14.17
N ARG B 56 0.50 -44.07 12.99
CA ARG B 56 -0.69 -44.83 12.53
C ARG B 56 -1.80 -43.89 11.98
N ASP B 57 -2.10 -42.80 12.71
CA ASP B 57 -3.12 -41.82 12.32
C ASP B 57 -2.66 -41.02 11.08
N SER B 58 -1.67 -40.12 11.30
CA SER B 58 -0.91 -39.42 10.25
C SER B 58 -1.78 -38.42 9.43
N LEU B 59 -3.06 -38.24 9.83
CA LEU B 59 -4.09 -37.48 9.06
C LEU B 59 -4.26 -38.09 7.65
N SER B 60 -5.24 -38.97 7.51
CA SER B 60 -5.58 -39.59 6.22
C SER B 60 -6.39 -38.59 5.36
N ASP B 61 -5.67 -37.80 4.54
CA ASP B 61 -6.30 -36.92 3.52
C ASP B 61 -5.90 -37.38 2.12
N LYS B 62 -6.82 -37.16 1.15
CA LYS B 62 -6.70 -37.57 -0.27
C LYS B 62 -6.93 -39.09 -0.45
N PRO B 63 -7.62 -39.53 -1.57
CA PRO B 63 -7.95 -40.96 -1.83
C PRO B 63 -6.68 -41.78 -2.16
N ALA B 64 -6.07 -42.34 -1.10
CA ALA B 64 -4.75 -43.03 -1.10
C ALA B 64 -3.59 -42.01 -1.17
N LYS B 65 -3.69 -41.02 -2.10
CA LYS B 65 -2.64 -40.02 -2.41
C LYS B 65 -1.48 -40.71 -3.15
N ASN B 66 -0.69 -41.50 -2.39
CA ASN B 66 0.46 -42.26 -2.91
C ASN B 66 1.45 -41.31 -3.66
N ILE B 67 1.42 -41.30 -5.01
CA ILE B 67 2.27 -40.41 -5.81
C ILE B 67 1.48 -39.11 -6.06
N ILE B 68 1.73 -38.11 -5.19
CA ILE B 68 1.02 -36.81 -5.20
C ILE B 68 1.21 -36.06 -6.55
N LEU B 69 0.07 -35.85 -7.25
CA LEU B 69 -0.04 -35.09 -8.53
C LEU B 69 0.56 -35.88 -9.72
N LEU B 70 1.87 -36.15 -9.66
CA LEU B 70 2.63 -36.79 -10.76
C LEU B 70 2.49 -38.34 -10.69
N ILE B 71 1.25 -38.84 -10.53
CA ILE B 71 0.94 -40.28 -10.61
C ILE B 71 1.29 -40.82 -12.01
N GLY B 72 0.91 -40.04 -13.05
CA GLY B 72 1.15 -40.42 -14.44
C GLY B 72 0.17 -41.49 -14.93
N ASP B 73 0.32 -42.69 -14.35
CA ASP B 73 -0.51 -43.89 -14.56
C ASP B 73 -0.13 -44.59 -15.88
N GLY B 74 -0.29 -43.90 -17.02
CA GLY B 74 0.08 -44.42 -18.33
C GLY B 74 -1.12 -44.79 -19.18
N MET B 75 -1.89 -45.79 -18.73
CA MET B 75 -3.06 -46.32 -19.49
C MET B 75 -4.34 -45.51 -19.16
N GLY B 76 -4.36 -44.87 -17.98
CA GLY B 76 -5.44 -43.98 -17.56
C GLY B 76 -4.98 -42.52 -17.49
N ASP B 77 -3.79 -42.27 -18.07
CA ASP B 77 -3.13 -40.94 -18.08
C ASP B 77 -3.99 -39.87 -18.83
N SER B 78 -4.10 -38.67 -18.24
CA SER B 78 -4.85 -37.54 -18.83
C SER B 78 -4.52 -36.23 -18.11
N GLU B 79 -4.76 -35.10 -18.80
CA GLU B 79 -4.59 -33.72 -18.30
C GLU B 79 -3.10 -33.36 -18.07
N ILE B 80 -2.51 -33.97 -17.03
CA ILE B 80 -1.10 -33.73 -16.61
C ILE B 80 -0.08 -33.93 -17.77
N THR B 81 -0.48 -34.72 -18.80
CA THR B 81 0.32 -34.99 -20.00
C THR B 81 0.70 -33.66 -20.72
N ALA B 82 -0.32 -32.80 -20.89
CA ALA B 82 -0.21 -31.52 -21.63
C ALA B 82 0.72 -30.51 -20.90
N ALA B 83 0.87 -30.68 -19.58
CA ALA B 83 1.70 -29.80 -18.74
C ALA B 83 3.21 -29.96 -19.10
N ARG B 84 3.63 -31.22 -19.33
CA ARG B 84 5.04 -31.53 -19.68
C ARG B 84 5.13 -32.92 -20.34
N ASN B 85 5.99 -33.03 -21.38
CA ASN B 85 6.26 -34.29 -22.13
C ASN B 85 5.03 -34.75 -22.94
N TYR B 86 4.21 -33.77 -23.39
CA TYR B 86 3.10 -34.03 -24.32
C TYR B 86 3.65 -34.21 -25.75
N ALA B 87 4.21 -35.42 -25.98
CA ALA B 87 4.84 -35.89 -27.24
C ALA B 87 5.69 -37.13 -26.93
N GLU B 88 6.30 -37.14 -25.73
CA GLU B 88 7.37 -38.08 -25.32
C GLU B 88 8.62 -37.82 -26.20
N GLY B 89 8.59 -38.30 -27.45
CA GLY B 89 9.66 -38.07 -28.41
C GLY B 89 9.73 -39.21 -29.41
N ALA B 90 9.95 -40.43 -28.89
CA ALA B 90 10.01 -41.68 -29.67
C ALA B 90 10.19 -42.85 -28.70
N GLY B 91 9.16 -43.72 -28.60
CA GLY B 91 9.24 -44.96 -27.81
C GLY B 91 10.25 -45.93 -28.41
N GLY B 92 11.51 -45.77 -28.03
CA GLY B 92 12.64 -46.42 -28.68
C GLY B 92 13.22 -45.54 -29.78
N PHE B 93 13.58 -46.15 -30.94
CA PHE B 93 14.10 -45.46 -32.14
C PHE B 93 15.46 -44.75 -31.84
N PHE B 94 15.40 -43.60 -31.14
CA PHE B 94 16.58 -42.82 -30.69
C PHE B 94 16.29 -42.21 -29.31
N LYS B 95 15.11 -41.56 -29.18
CA LYS B 95 14.69 -40.87 -27.95
C LYS B 95 14.58 -41.84 -26.76
N GLY B 96 13.90 -42.99 -26.99
CA GLY B 96 13.74 -44.02 -25.98
C GLY B 96 15.06 -44.68 -25.60
N ILE B 97 15.79 -44.02 -24.69
CA ILE B 97 17.05 -44.51 -24.14
C ILE B 97 16.77 -45.45 -22.94
N ASP B 98 15.55 -45.28 -22.39
CA ASP B 98 14.95 -46.19 -21.40
C ASP B 98 13.46 -46.35 -21.73
N ALA B 99 12.78 -47.26 -21.03
CA ALA B 99 11.36 -47.56 -21.28
C ALA B 99 10.63 -47.85 -19.96
N LEU B 100 11.29 -48.58 -19.05
CA LEU B 100 10.73 -48.93 -17.71
C LEU B 100 11.69 -48.48 -16.58
N PRO B 101 11.66 -47.16 -16.17
CA PRO B 101 12.39 -46.70 -14.97
C PRO B 101 11.57 -46.88 -13.66
N LEU B 102 10.28 -47.26 -13.81
CA LEU B 102 9.38 -47.54 -12.67
C LEU B 102 9.70 -48.93 -12.08
N THR B 103 9.87 -49.92 -12.98
CA THR B 103 10.22 -51.31 -12.64
C THR B 103 9.08 -51.99 -11.85
N GLY B 104 8.04 -52.40 -12.60
CA GLY B 104 6.81 -52.98 -12.04
C GLY B 104 6.00 -51.98 -11.23
N GLN B 105 6.21 -50.68 -11.51
CA GLN B 105 5.70 -49.55 -10.69
C GLN B 105 6.20 -49.69 -9.24
N TYR B 106 7.48 -49.34 -9.04
CA TYR B 106 8.18 -49.29 -7.73
C TYR B 106 8.30 -50.66 -7.01
N THR B 107 9.53 -51.21 -7.00
CA THR B 107 9.87 -52.41 -6.22
C THR B 107 10.05 -52.06 -4.72
N HIS B 108 10.50 -53.04 -3.91
CA HIS B 108 10.76 -52.82 -2.47
C HIS B 108 12.14 -52.13 -2.28
N TYR B 109 12.16 -50.79 -2.49
CA TYR B 109 13.38 -49.97 -2.28
C TYR B 109 13.64 -49.80 -0.77
N ALA B 110 12.55 -49.55 -0.04
CA ALA B 110 12.56 -49.33 1.42
C ALA B 110 11.10 -49.36 1.91
N LEU B 111 10.27 -48.61 1.17
CA LEU B 111 8.82 -48.47 1.41
C LEU B 111 8.25 -47.73 0.19
N ASN B 112 8.89 -46.58 -0.12
CA ASN B 112 8.55 -45.68 -1.24
C ASN B 112 7.16 -45.05 -0.99
N LYS B 113 6.27 -45.05 -2.03
CA LYS B 113 4.87 -44.58 -1.95
C LYS B 113 4.73 -43.06 -1.75
N LYS B 114 5.86 -42.33 -1.61
CA LYS B 114 5.90 -40.88 -1.27
C LYS B 114 5.04 -40.59 -0.02
N THR B 115 3.74 -40.24 -0.25
CA THR B 115 2.74 -39.93 0.79
C THR B 115 3.18 -38.75 1.72
N GLY B 116 4.14 -39.00 2.64
CA GLY B 116 4.62 -37.98 3.59
C GLY B 116 3.76 -37.96 4.85
N LYS B 117 3.50 -39.17 5.40
CA LYS B 117 2.59 -39.37 6.54
C LYS B 117 3.30 -40.00 7.79
N PRO B 118 4.07 -41.15 7.69
CA PRO B 118 4.70 -41.79 8.88
C PRO B 118 5.72 -40.87 9.60
N ASP B 119 5.32 -40.35 10.77
CA ASP B 119 6.17 -39.56 11.71
C ASP B 119 6.40 -38.10 11.21
N TYR B 120 6.82 -37.23 12.15
CA TYR B 120 7.18 -35.82 11.89
C TYR B 120 8.22 -35.29 12.92
N VAL B 121 8.61 -36.13 13.93
CA VAL B 121 9.43 -35.67 15.09
C VAL B 121 10.69 -36.54 15.31
N THR B 122 10.62 -37.84 14.99
CA THR B 122 11.70 -38.80 15.25
C THR B 122 12.84 -38.62 14.22
N ASP B 123 13.83 -37.77 14.57
CA ASP B 123 14.99 -37.48 13.71
C ASP B 123 16.19 -37.02 14.57
N SER B 124 17.42 -37.08 14.00
CA SER B 124 18.67 -36.74 14.73
C SER B 124 19.19 -35.32 14.38
N ALA B 125 18.33 -34.51 13.73
CA ALA B 125 18.66 -33.12 13.36
C ALA B 125 18.81 -32.25 14.60
N ALA B 126 19.93 -31.50 14.67
CA ALA B 126 20.20 -30.55 15.75
C ALA B 126 19.17 -29.40 15.75
N SER B 127 18.55 -29.19 14.57
CA SER B 127 17.41 -28.28 14.38
C SER B 127 17.81 -26.80 14.56
N ALA B 128 19.10 -26.51 14.33
CA ALA B 128 19.66 -25.14 14.38
C ALA B 128 19.91 -24.61 12.96
N THR B 129 20.12 -25.52 11.99
CA THR B 129 20.35 -25.16 10.59
C THR B 129 19.01 -24.79 9.90
N ALA B 130 18.65 -23.49 9.97
CA ALA B 130 17.47 -22.96 9.29
C ALA B 130 17.83 -22.58 7.84
N TRP B 131 18.11 -23.63 7.01
CA TRP B 131 18.54 -23.52 5.61
C TRP B 131 19.95 -22.89 5.52
N SER B 132 20.03 -21.56 5.70
CA SER B 132 21.29 -20.79 5.71
C SER B 132 21.04 -19.41 6.36
N THR B 133 22.13 -18.75 6.79
CA THR B 133 22.06 -17.41 7.40
C THR B 133 23.41 -16.69 7.17
N GLY B 134 23.35 -15.38 6.89
CA GLY B 134 24.55 -14.56 6.72
C GLY B 134 24.33 -13.13 7.18
N VAL B 135 25.30 -12.58 7.91
CA VAL B 135 25.29 -11.18 8.36
C VAL B 135 25.99 -10.29 7.31
N LYS B 136 26.04 -8.96 7.54
CA LYS B 136 26.82 -8.04 6.69
C LYS B 136 28.28 -7.93 7.22
N THR B 137 28.89 -9.10 7.51
CA THR B 137 30.28 -9.23 8.01
C THR B 137 30.53 -8.45 9.32
N TYR B 138 30.84 -7.14 9.18
CA TYR B 138 31.33 -6.29 10.28
C TYR B 138 30.57 -4.94 10.25
N ASN B 139 30.80 -4.06 11.25
CA ASN B 139 30.11 -2.75 11.29
C ASN B 139 30.77 -1.75 10.31
N GLY B 140 32.12 -1.75 10.25
CA GLY B 140 32.89 -0.99 9.25
C GLY B 140 32.63 0.52 9.24
N ALA B 141 32.48 1.11 8.03
CA ALA B 141 32.24 2.57 7.85
C ALA B 141 30.80 2.84 7.35
N LEU B 142 30.33 1.95 6.45
CA LEU B 142 29.03 2.00 5.75
C LEU B 142 29.02 3.10 4.65
N GLY B 143 27.93 3.10 3.85
CA GLY B 143 27.74 4.10 2.78
C GLY B 143 28.49 3.76 1.50
N VAL B 144 28.48 4.72 0.55
CA VAL B 144 29.11 4.62 -0.81
C VAL B 144 28.27 3.72 -1.77
N ASP B 145 27.62 2.67 -1.25
CA ASP B 145 26.77 1.76 -2.02
C ASP B 145 25.58 2.51 -2.67
N ILE B 146 25.67 2.71 -4.00
CA ILE B 146 24.59 3.27 -4.84
C ILE B 146 24.36 2.31 -6.02
N HIS B 147 25.32 2.34 -6.98
CA HIS B 147 25.41 1.43 -8.14
C HIS B 147 24.34 1.67 -9.24
N GLU B 148 23.04 1.63 -8.85
CA GLU B 148 21.92 1.32 -9.76
C GLU B 148 21.92 2.06 -11.11
N LYS B 149 21.57 1.29 -12.16
CA LYS B 149 21.62 1.71 -13.56
C LYS B 149 20.23 1.57 -14.20
N ASP B 150 19.97 0.41 -14.85
CA ASP B 150 18.65 0.01 -15.41
C ASP B 150 18.83 -1.36 -16.10
N HIS B 151 18.48 -1.48 -17.40
CA HIS B 151 18.52 -2.74 -18.16
C HIS B 151 18.14 -2.44 -19.63
N PRO B 152 19.08 -2.61 -20.60
CA PRO B 152 18.75 -2.58 -22.05
C PRO B 152 18.10 -3.91 -22.49
N THR B 153 18.29 -4.96 -21.66
CA THR B 153 17.84 -6.32 -21.92
C THR B 153 16.71 -6.67 -20.93
N ILE B 154 15.61 -7.22 -21.46
CA ILE B 154 14.43 -7.63 -20.68
C ILE B 154 13.87 -8.93 -21.33
N LEU B 155 13.06 -9.68 -20.56
CA LEU B 155 12.38 -10.94 -21.01
C LEU B 155 13.37 -12.11 -21.20
N GLU B 156 12.80 -13.31 -21.46
CA GLU B 156 13.55 -14.53 -21.84
C GLU B 156 12.53 -15.64 -22.23
N MET B 157 12.93 -16.93 -22.09
CA MET B 157 12.04 -18.09 -22.28
C MET B 157 10.75 -17.96 -21.41
N ALA B 158 10.89 -18.18 -20.08
CA ALA B 158 9.79 -18.09 -19.10
C ALA B 158 10.30 -18.59 -17.74
N LYS B 159 10.51 -19.93 -17.67
CA LYS B 159 10.90 -20.68 -16.47
C LYS B 159 10.07 -20.29 -15.22
N ALA B 160 8.78 -20.66 -15.24
CA ALA B 160 7.88 -20.49 -14.09
C ALA B 160 8.00 -21.70 -13.14
N ALA B 161 9.23 -21.93 -12.63
CA ALA B 161 9.57 -23.12 -11.82
C ALA B 161 8.91 -23.05 -10.43
N GLY B 162 8.11 -24.08 -10.11
CA GLY B 162 7.36 -24.14 -8.85
C GLY B 162 6.06 -23.36 -8.93
N LEU B 163 6.19 -22.01 -8.91
CA LEU B 163 5.06 -21.04 -9.08
C LEU B 163 4.00 -21.16 -7.94
N ALA B 164 4.32 -21.96 -6.91
CA ALA B 164 3.42 -22.29 -5.79
C ALA B 164 4.25 -23.02 -4.72
N THR B 165 5.05 -23.98 -5.20
CA THR B 165 6.09 -24.65 -4.42
C THR B 165 7.47 -24.09 -4.83
N GLY B 166 8.55 -24.69 -4.29
CA GLY B 166 9.92 -24.27 -4.56
C GLY B 166 10.57 -23.68 -3.32
N ASN B 167 11.29 -22.56 -3.46
CA ASN B 167 11.91 -21.85 -2.32
C ASN B 167 10.86 -20.95 -1.66
N VAL B 168 9.86 -21.60 -1.01
CA VAL B 168 8.72 -20.92 -0.37
C VAL B 168 8.86 -20.99 1.18
N SER B 169 8.83 -22.22 1.74
CA SER B 169 9.00 -22.52 3.19
C SER B 169 8.11 -21.67 4.15
N THR B 170 8.30 -21.88 5.47
CA THR B 170 7.60 -21.12 6.53
C THR B 170 8.52 -21.06 7.77
N ALA B 171 9.23 -19.91 7.91
CA ALA B 171 10.19 -19.65 9.02
C ALA B 171 11.49 -20.46 8.84
N GLU B 172 11.37 -21.80 8.92
CA GLU B 172 12.43 -22.76 8.54
C GLU B 172 12.06 -23.41 7.19
N LEU B 173 13.02 -24.17 6.62
CA LEU B 173 12.83 -24.89 5.35
C LEU B 173 11.62 -25.87 5.42
N GLN B 174 10.75 -25.81 4.41
CA GLN B 174 9.51 -26.64 4.31
C GLN B 174 9.40 -27.29 2.93
N ASP B 175 9.99 -26.64 1.91
CA ASP B 175 10.07 -27.21 0.56
C ASP B 175 11.28 -26.64 -0.19
N ALA B 176 11.84 -27.45 -1.09
CA ALA B 176 12.89 -27.05 -2.02
C ALA B 176 12.73 -27.84 -3.32
N THR B 177 11.81 -27.38 -4.19
CA THR B 177 11.60 -27.98 -5.53
C THR B 177 11.58 -26.88 -6.68
N PRO B 178 12.56 -25.90 -6.75
CA PRO B 178 12.73 -25.04 -7.93
C PRO B 178 13.87 -25.56 -8.83
N ALA B 179 14.53 -24.67 -9.60
CA ALA B 179 15.79 -24.99 -10.29
C ALA B 179 16.90 -25.30 -9.24
N ALA B 180 16.98 -24.40 -8.24
CA ALA B 180 17.79 -24.57 -7.03
C ALA B 180 17.48 -23.43 -6.06
N LEU B 181 17.65 -22.19 -6.56
CA LEU B 181 17.19 -20.96 -5.89
C LEU B 181 15.95 -20.45 -6.64
N VAL B 182 16.18 -19.60 -7.66
CA VAL B 182 15.16 -19.16 -8.63
C VAL B 182 15.72 -19.38 -10.05
N ALA B 183 14.98 -18.89 -11.08
CA ALA B 183 15.39 -19.06 -12.48
C ALA B 183 14.50 -18.25 -13.46
N HIS B 184 14.94 -17.01 -13.84
CA HIS B 184 14.49 -16.26 -15.06
C HIS B 184 14.88 -14.76 -15.01
N VAL B 185 14.91 -14.12 -16.22
CA VAL B 185 15.05 -12.64 -16.38
C VAL B 185 13.68 -11.95 -16.08
N THR B 186 13.64 -10.59 -16.01
CA THR B 186 12.38 -9.82 -15.94
C THR B 186 11.44 -10.16 -17.13
N SER B 187 10.63 -11.23 -16.95
CA SER B 187 9.83 -11.84 -18.03
C SER B 187 8.31 -11.60 -17.81
N ARG B 188 7.98 -10.71 -16.88
CA ARG B 188 6.60 -10.32 -16.58
C ARG B 188 6.48 -8.80 -16.54
N LYS B 189 7.32 -8.14 -15.71
CA LYS B 189 7.35 -6.67 -15.54
C LYS B 189 8.57 -6.22 -14.70
N CYS B 190 8.76 -4.87 -14.61
CA CYS B 190 9.82 -4.26 -13.77
C CYS B 190 9.46 -2.77 -13.50
N TYR B 191 9.39 -2.39 -12.22
CA TYR B 191 8.98 -1.02 -11.79
C TYR B 191 10.00 0.03 -12.29
N GLY B 192 11.20 -0.02 -11.71
CA GLY B 192 12.26 0.94 -12.03
C GLY B 192 13.53 0.65 -11.23
N PRO B 193 14.72 1.11 -11.70
CA PRO B 193 16.00 0.84 -11.03
C PRO B 193 16.16 1.63 -9.70
N SER B 194 16.40 2.95 -9.83
CA SER B 194 16.59 3.86 -8.70
C SER B 194 15.25 4.30 -8.08
N ALA B 195 14.14 3.88 -8.72
CA ALA B 195 12.79 4.11 -8.19
C ALA B 195 12.57 3.30 -6.90
N THR B 196 12.83 1.99 -7.00
CA THR B 196 12.64 1.04 -5.90
C THR B 196 13.93 0.84 -5.09
N SER B 197 15.10 1.11 -5.71
CA SER B 197 16.41 0.96 -5.07
C SER B 197 17.38 2.02 -5.59
N GLU B 198 17.52 3.13 -4.86
CA GLU B 198 18.56 4.15 -5.15
C GLU B 198 19.97 3.62 -4.82
N LYS B 199 19.99 2.54 -4.04
CA LYS B 199 21.21 1.93 -3.50
C LYS B 199 20.99 0.42 -3.31
N CYS B 200 21.35 -0.37 -4.35
CA CYS B 200 21.25 -1.84 -4.32
C CYS B 200 22.60 -2.44 -3.88
N PRO B 201 22.69 -3.08 -2.67
CA PRO B 201 23.92 -3.80 -2.24
C PRO B 201 24.05 -5.18 -2.92
N GLY B 202 25.26 -5.74 -2.90
CA GLY B 202 25.53 -7.04 -3.52
C GLY B 202 26.84 -7.63 -3.07
N ASN B 203 27.85 -6.78 -2.89
CA ASN B 203 29.16 -7.18 -2.34
C ASN B 203 29.04 -7.30 -0.82
N ALA B 204 28.45 -8.42 -0.35
CA ALA B 204 28.27 -8.72 1.08
C ALA B 204 27.83 -10.19 1.23
N LEU B 205 28.81 -11.12 1.19
CA LEU B 205 28.54 -12.57 1.28
C LEU B 205 29.16 -13.15 2.58
N GLU B 206 29.39 -12.25 3.56
CA GLU B 206 29.85 -12.58 4.94
C GLU B 206 31.16 -13.41 4.96
N LYS B 207 31.04 -14.76 5.03
CA LYS B 207 32.16 -15.66 5.29
C LYS B 207 31.67 -17.11 5.29
N GLY B 208 30.78 -17.44 6.26
CA GLY B 208 30.38 -18.81 6.54
C GLY B 208 31.47 -19.59 7.29
N GLY B 209 31.11 -20.75 7.85
CA GLY B 209 32.08 -21.59 8.57
C GLY B 209 31.43 -22.53 9.57
N LYS B 210 32.25 -23.42 10.18
CA LYS B 210 31.82 -24.46 11.16
C LYS B 210 30.90 -25.52 10.51
N GLY B 211 30.75 -25.45 9.17
CA GLY B 211 29.87 -26.33 8.43
C GLY B 211 30.58 -27.62 8.08
N SER B 212 31.07 -27.72 6.82
CA SER B 212 31.72 -28.95 6.27
C SER B 212 30.75 -30.17 6.27
N ILE B 213 29.46 -29.90 6.53
CA ILE B 213 28.41 -30.92 6.65
C ILE B 213 27.06 -30.20 6.47
N THR B 214 26.19 -30.75 5.61
CA THR B 214 24.90 -30.13 5.24
C THR B 214 23.92 -31.18 4.67
N GLU B 215 24.26 -32.48 4.83
CA GLU B 215 23.51 -33.59 4.18
C GLU B 215 22.13 -33.75 4.81
N GLN B 216 22.01 -33.40 6.10
CA GLN B 216 20.74 -33.40 6.83
C GLN B 216 19.95 -32.12 6.51
N LEU B 217 19.21 -32.17 5.38
CA LEU B 217 18.27 -31.09 4.99
C LEU B 217 16.98 -31.24 5.81
N LEU B 218 16.62 -32.50 6.12
CA LEU B 218 15.40 -32.85 6.86
C LEU B 218 15.51 -32.35 8.33
N ASN B 219 14.93 -31.18 8.62
CA ASN B 219 14.86 -30.64 10.00
C ASN B 219 13.79 -31.40 10.80
N ALA B 220 12.62 -31.63 10.16
CA ALA B 220 11.48 -32.32 10.79
C ALA B 220 11.21 -33.68 10.12
N ARG B 221 10.65 -33.66 8.88
CA ARG B 221 10.34 -34.89 8.14
C ARG B 221 10.31 -34.65 6.63
N ALA B 222 9.18 -34.12 6.11
CA ALA B 222 8.97 -33.96 4.65
C ALA B 222 7.71 -33.10 4.35
N ASP B 223 7.84 -32.21 3.34
CA ASP B 223 6.71 -31.44 2.71
C ASP B 223 5.79 -30.70 3.71
N VAL B 224 4.83 -31.44 4.31
CA VAL B 224 3.86 -30.88 5.28
C VAL B 224 4.59 -30.32 6.52
N THR B 225 5.62 -31.04 6.97
CA THR B 225 6.44 -30.68 8.12
C THR B 225 7.89 -31.12 7.83
N LEU B 226 8.64 -30.26 7.13
CA LEU B 226 10.07 -30.49 6.80
C LEU B 226 10.98 -29.63 7.70
N GLY B 227 10.37 -28.64 8.39
CA GLY B 227 11.09 -27.75 9.29
C GLY B 227 10.21 -27.22 10.40
N GLY B 228 10.81 -26.41 11.30
CA GLY B 228 10.09 -25.80 12.42
C GLY B 228 9.86 -26.77 13.57
N GLY B 229 8.94 -27.72 13.36
CA GLY B 229 8.63 -28.75 14.33
C GLY B 229 7.77 -28.25 15.48
N ALA B 230 8.40 -27.51 16.42
CA ALA B 230 7.73 -26.95 17.60
C ALA B 230 8.45 -25.68 18.05
N LYS B 231 7.77 -24.51 17.92
CA LYS B 231 8.30 -23.20 18.39
C LYS B 231 7.17 -22.43 19.12
N THR B 232 7.01 -22.71 20.42
CA THR B 232 6.00 -22.04 21.26
C THR B 232 6.46 -20.61 21.64
N PHE B 233 5.50 -19.72 21.96
CA PHE B 233 5.77 -18.31 22.34
C PHE B 233 4.91 -17.95 23.57
N ALA B 234 5.55 -17.48 24.65
CA ALA B 234 4.87 -17.01 25.87
C ALA B 234 5.90 -16.36 26.78
N GLU B 235 5.99 -15.02 26.75
CA GLU B 235 7.05 -14.27 27.44
C GLU B 235 6.54 -12.85 27.76
N THR B 236 7.03 -12.30 28.88
CA THR B 236 6.65 -10.98 29.43
C THR B 236 6.70 -9.84 28.38
N ALA B 237 7.86 -9.70 27.72
CA ALA B 237 8.11 -8.62 26.77
C ALA B 237 9.31 -8.97 25.87
N THR B 238 9.04 -9.75 24.81
CA THR B 238 10.05 -10.09 23.78
C THR B 238 10.06 -9.03 22.65
N ALA B 239 9.11 -8.07 22.73
CA ALA B 239 8.90 -7.03 21.70
C ALA B 239 10.16 -6.20 21.41
N GLY B 240 10.48 -5.25 22.30
CA GLY B 240 11.55 -4.29 22.05
C GLY B 240 11.28 -2.99 22.80
N GLU B 241 11.05 -1.90 22.05
CA GLU B 241 10.80 -0.56 22.61
C GLU B 241 9.92 0.25 21.64
N TRP B 242 8.90 0.95 22.20
CA TRP B 242 8.04 1.89 21.46
C TRP B 242 7.10 2.68 22.38
N GLN B 243 6.98 3.99 22.09
CA GLN B 243 6.07 4.95 22.75
C GLN B 243 6.42 5.13 24.24
N GLY B 244 6.08 4.13 25.07
CA GLY B 244 6.39 4.16 26.49
C GLY B 244 5.87 2.93 27.22
N LYS B 245 6.33 1.75 26.78
CA LYS B 245 5.96 0.47 27.43
C LYS B 245 6.60 0.37 28.82
N THR B 246 5.82 0.73 29.84
CA THR B 246 6.14 0.38 31.23
C THR B 246 5.96 -1.15 31.39
N LEU B 247 6.97 -1.80 32.01
CA LEU B 247 7.03 -3.28 32.16
C LEU B 247 5.83 -3.78 33.00
N ARG B 248 4.70 -4.07 32.31
CA ARG B 248 3.44 -4.52 32.91
C ARG B 248 2.81 -5.58 31.99
N GLU B 249 2.59 -6.80 32.51
CA GLU B 249 2.02 -7.90 31.72
C GLU B 249 0.50 -7.70 31.54
N GLN B 250 -0.23 -7.55 32.67
CA GLN B 250 -1.70 -7.40 32.73
C GLN B 250 -2.46 -8.54 31.98
N ALA B 251 -3.80 -8.36 31.85
CA ALA B 251 -4.68 -9.24 31.07
C ALA B 251 -4.68 -10.70 31.59
N GLN B 252 -5.36 -10.92 32.73
CA GLN B 252 -5.44 -12.24 33.40
C GLN B 252 -6.90 -12.73 33.50
N ALA B 253 -7.80 -11.78 33.83
CA ALA B 253 -9.26 -12.00 33.98
C ALA B 253 -9.64 -12.62 35.33
N ARG B 254 -8.79 -13.53 35.84
CA ARG B 254 -9.07 -14.35 37.05
C ARG B 254 -9.50 -13.49 38.26
N GLY B 255 -10.83 -13.42 38.46
CA GLY B 255 -11.45 -12.68 39.53
C GLY B 255 -12.65 -13.42 40.10
N TYR B 256 -13.42 -14.07 39.19
CA TYR B 256 -14.63 -14.82 39.57
C TYR B 256 -15.03 -15.81 38.44
N GLN B 257 -15.23 -15.26 37.22
CA GLN B 257 -15.63 -16.02 36.01
C GLN B 257 -16.90 -16.88 36.23
N LEU B 258 -17.84 -16.30 37.03
CA LEU B 258 -19.14 -16.91 37.36
C LEU B 258 -18.97 -18.17 38.23
N VAL B 259 -18.50 -19.28 37.64
CA VAL B 259 -18.26 -20.55 38.36
C VAL B 259 -16.75 -20.83 38.49
N SER B 260 -16.04 -20.81 37.35
CA SER B 260 -14.60 -21.06 37.30
C SER B 260 -13.99 -20.44 36.03
N ASP B 261 -12.65 -20.33 36.01
CA ASP B 261 -11.91 -19.62 34.96
C ASP B 261 -11.58 -20.55 33.77
N ALA B 262 -11.23 -21.81 34.07
CA ALA B 262 -10.84 -22.81 33.06
C ALA B 262 -12.07 -23.30 32.28
N ALA B 263 -12.40 -22.57 31.19
CA ALA B 263 -13.54 -22.84 30.28
C ALA B 263 -14.91 -22.62 30.98
N SER B 264 -15.28 -23.58 31.87
CA SER B 264 -16.51 -23.52 32.72
C SER B 264 -17.79 -23.69 31.89
N LEU B 265 -18.16 -22.64 31.13
CA LEU B 265 -19.39 -22.60 30.32
C LEU B 265 -19.33 -23.63 29.16
N ASN B 266 -18.10 -24.05 28.79
CA ASN B 266 -17.86 -25.12 27.80
C ASN B 266 -17.03 -26.25 28.44
N SER B 267 -17.32 -27.51 28.06
CA SER B 267 -16.58 -28.69 28.53
C SER B 267 -15.50 -29.06 27.51
N VAL B 268 -15.92 -29.23 26.25
CA VAL B 268 -15.02 -29.66 25.15
C VAL B 268 -15.68 -29.38 23.79
N THR B 269 -14.85 -29.04 22.78
CA THR B 269 -15.27 -28.88 21.39
C THR B 269 -14.15 -29.43 20.49
N GLU B 270 -14.30 -30.71 20.06
CA GLU B 270 -13.38 -31.43 19.14
C GLU B 270 -11.92 -31.47 19.70
N ALA B 271 -11.16 -30.40 19.40
CA ALA B 271 -9.83 -30.14 19.94
C ALA B 271 -9.75 -28.63 20.18
N ASN B 272 -9.78 -27.86 19.06
CA ASN B 272 -9.87 -26.38 19.02
C ASN B 272 -8.67 -25.67 19.71
N GLN B 273 -8.61 -25.77 21.06
CA GLN B 273 -7.62 -25.08 21.92
C GLN B 273 -7.83 -23.57 21.83
N GLN B 274 -9.08 -23.17 22.06
CA GLN B 274 -9.50 -21.77 22.16
C GLN B 274 -9.81 -21.46 23.65
N LYS B 275 -9.75 -20.16 24.00
CA LYS B 275 -9.76 -19.66 25.40
C LYS B 275 -8.56 -20.22 26.26
N PRO B 276 -7.28 -20.26 25.71
CA PRO B 276 -6.09 -20.80 26.40
C PRO B 276 -5.08 -19.68 26.80
N LEU B 277 -5.65 -18.56 27.30
CA LEU B 277 -4.95 -17.29 27.65
C LEU B 277 -4.70 -16.39 26.42
N LEU B 278 -4.66 -16.99 25.21
CA LEU B 278 -4.67 -16.26 23.91
C LEU B 278 -4.79 -17.29 22.77
N GLY B 279 -5.70 -17.04 21.82
CA GLY B 279 -5.90 -17.94 20.67
C GLY B 279 -7.08 -17.53 19.79
N LEU B 280 -8.20 -18.27 19.92
CA LEU B 280 -9.39 -18.20 19.03
C LEU B 280 -8.93 -18.46 17.57
N PHE B 281 -8.58 -17.39 16.86
CA PHE B 281 -7.95 -17.41 15.53
C PHE B 281 -7.07 -16.16 15.45
N ALA B 282 -7.72 -14.98 15.52
CA ALA B 282 -7.06 -13.65 15.62
C ALA B 282 -6.04 -13.41 14.48
N ASP B 283 -5.19 -12.37 14.67
CA ASP B 283 -4.07 -12.02 13.78
C ASP B 283 -4.54 -11.68 12.36
N GLY B 284 -4.87 -10.40 12.15
CA GLY B 284 -5.15 -9.89 10.81
C GLY B 284 -3.88 -9.71 9.97
N ASN B 285 -4.01 -8.94 8.88
CA ASN B 285 -2.93 -8.67 7.90
C ASN B 285 -2.63 -9.96 7.06
N MET B 286 -1.93 -10.93 7.70
CA MET B 286 -1.45 -12.23 7.12
C MET B 286 -0.89 -12.14 5.65
N PRO B 287 -1.67 -12.28 4.47
CA PRO B 287 -1.03 -12.14 3.13
C PRO B 287 -0.76 -10.67 2.75
N VAL B 288 -1.56 -9.73 3.31
CA VAL B 288 -1.53 -8.28 2.97
C VAL B 288 -1.62 -8.08 1.42
N ARG B 289 -0.44 -8.01 0.75
CA ARG B 289 -0.27 -7.89 -0.72
C ARG B 289 -1.11 -6.73 -1.32
N TRP B 290 -0.47 -5.57 -1.50
CA TRP B 290 -1.08 -4.41 -2.19
C TRP B 290 -1.05 -4.61 -3.72
N LEU B 291 -2.16 -4.27 -4.40
CA LEU B 291 -2.25 -4.31 -5.87
C LEU B 291 -1.79 -2.96 -6.49
N GLY B 292 -1.76 -1.91 -5.63
CA GLY B 292 -1.37 -0.57 -6.03
C GLY B 292 0.12 -0.32 -5.78
N PRO B 293 0.98 -0.35 -6.85
CA PRO B 293 2.47 -0.28 -6.71
C PRO B 293 3.02 1.15 -6.60
N LYS B 294 2.13 2.11 -6.30
CA LYS B 294 2.39 3.55 -6.26
C LYS B 294 2.77 4.07 -7.67
N ALA B 295 4.05 3.92 -8.05
CA ALA B 295 4.58 4.35 -9.36
C ALA B 295 5.70 3.41 -9.81
N THR B 296 5.94 3.38 -11.13
CA THR B 296 7.04 2.61 -11.73
C THR B 296 8.33 3.46 -11.77
N TYR B 297 8.24 4.62 -12.47
CA TYR B 297 9.33 5.62 -12.58
C TYR B 297 10.60 5.02 -13.22
N HIS B 298 10.72 5.19 -14.55
CA HIS B 298 11.89 4.71 -15.31
C HIS B 298 12.84 5.89 -15.56
N GLY B 299 13.49 6.32 -14.46
CA GLY B 299 14.43 7.43 -14.47
C GLY B 299 15.65 7.16 -13.62
N ASN B 300 16.62 8.11 -13.65
CA ASN B 300 17.94 8.00 -12.98
C ASN B 300 18.72 6.80 -13.60
N ILE B 301 18.44 6.60 -14.92
CA ILE B 301 18.92 5.47 -15.73
C ILE B 301 20.46 5.49 -15.95
N ASP B 302 21.01 4.30 -16.31
CA ASP B 302 22.47 3.99 -16.35
C ASP B 302 23.28 4.71 -15.23
N LYS B 303 23.77 5.94 -15.49
CA LYS B 303 24.56 6.71 -14.51
C LYS B 303 25.77 5.88 -14.01
N PRO B 304 26.80 5.66 -14.89
CA PRO B 304 28.00 4.83 -14.55
C PRO B 304 29.07 5.66 -13.79
N ALA B 305 28.58 6.58 -12.93
CA ALA B 305 29.41 7.49 -12.13
C ALA B 305 30.09 6.78 -10.95
N VAL B 306 29.64 5.55 -10.67
CA VAL B 306 30.19 4.72 -9.59
C VAL B 306 31.61 4.24 -9.98
N THR B 307 32.61 5.00 -9.50
CA THR B 307 34.03 4.75 -9.78
C THR B 307 34.51 3.48 -9.07
N CYS B 308 34.40 3.47 -7.72
CA CYS B 308 34.77 2.31 -6.89
C CYS B 308 33.63 1.28 -6.88
N THR B 309 33.95 0.06 -7.37
CA THR B 309 33.04 -1.12 -7.42
C THR B 309 33.71 -2.35 -8.11
N PRO B 310 34.58 -2.23 -9.21
CA PRO B 310 35.18 -3.42 -9.88
C PRO B 310 36.59 -3.77 -9.35
N ASN B 311 36.90 -3.28 -8.12
CA ASN B 311 38.20 -3.51 -7.46
C ASN B 311 38.09 -4.70 -6.47
N PRO B 312 38.72 -5.88 -6.77
CA PRO B 312 38.72 -7.04 -5.86
C PRO B 312 39.89 -6.96 -4.82
N GLN B 313 39.66 -6.16 -3.75
CA GLN B 313 40.63 -5.93 -2.64
C GLN B 313 41.83 -5.09 -3.11
N ARG B 314 42.26 -4.13 -2.25
CA ARG B 314 43.40 -3.25 -2.52
C ARG B 314 44.02 -2.77 -1.19
N ASN B 315 43.41 -1.77 -0.56
CA ASN B 315 43.91 -1.13 0.67
C ASN B 315 42.98 -1.48 1.85
N ASP B 316 43.11 -2.72 2.31
CA ASP B 316 42.24 -3.32 3.35
C ASP B 316 43.01 -3.55 4.66
N SER B 317 42.30 -4.14 5.64
CA SER B 317 42.87 -4.42 6.97
C SER B 317 43.63 -5.75 6.92
N VAL B 318 42.87 -6.85 6.72
CA VAL B 318 43.38 -8.23 6.65
C VAL B 318 42.18 -9.21 6.48
N PRO B 319 42.26 -10.27 5.61
CA PRO B 319 41.19 -11.30 5.51
C PRO B 319 41.18 -12.32 6.71
N THR B 320 41.31 -11.78 7.95
CA THR B 320 41.24 -12.56 9.20
C THR B 320 40.53 -11.68 10.28
N LEU B 321 39.65 -10.78 9.83
CA LEU B 321 38.84 -9.91 10.72
C LEU B 321 37.60 -10.68 11.21
N ALA B 322 36.74 -11.10 10.26
CA ALA B 322 35.49 -11.81 10.55
C ALA B 322 35.75 -13.16 11.25
N GLN B 323 35.58 -13.17 12.60
CA GLN B 323 35.73 -14.39 13.47
C GLN B 323 37.21 -14.84 13.63
N MET B 324 38.13 -14.29 12.79
CA MET B 324 39.53 -14.73 12.64
C MET B 324 39.59 -16.18 12.11
N THR B 325 39.32 -17.15 13.00
CA THR B 325 39.21 -18.57 12.65
C THR B 325 37.98 -19.16 13.38
N ASP B 326 37.06 -19.76 12.61
CA ASP B 326 35.83 -20.35 13.17
C ASP B 326 36.13 -21.70 13.87
N LYS B 327 37.05 -22.46 13.27
CA LYS B 327 37.50 -23.77 13.78
C LYS B 327 38.84 -24.12 13.14
N ALA B 328 38.80 -24.42 11.82
CA ALA B 328 39.99 -24.85 11.06
C ALA B 328 39.60 -24.89 9.57
N ILE B 329 38.74 -25.89 9.21
CA ILE B 329 38.14 -26.06 7.87
C ILE B 329 39.18 -26.40 6.76
N GLU B 330 40.10 -25.44 6.48
CA GLU B 330 41.23 -25.63 5.54
C GLU B 330 42.08 -26.86 5.92
N LEU B 331 42.53 -26.91 7.19
CA LEU B 331 43.22 -28.10 7.73
C LEU B 331 42.30 -28.75 8.78
N LEU B 332 41.45 -29.68 8.31
CA LEU B 332 40.43 -30.34 9.17
C LEU B 332 41.01 -31.54 9.93
N SER B 333 42.13 -32.10 9.43
CA SER B 333 42.82 -33.27 10.05
C SER B 333 41.85 -34.45 10.33
N LYS B 334 40.95 -34.69 9.35
CA LYS B 334 39.87 -35.69 9.45
C LYS B 334 40.45 -37.12 9.35
N ASN B 335 41.26 -37.34 8.31
CA ASN B 335 41.86 -38.66 8.01
C ASN B 335 43.32 -38.50 7.57
N GLU B 336 44.16 -39.52 7.86
CA GLU B 336 45.62 -39.49 7.58
C GLU B 336 45.91 -39.45 6.08
N LYS B 337 44.97 -39.99 5.30
CA LYS B 337 45.09 -40.09 3.84
C LYS B 337 43.87 -39.43 3.18
N GLY B 338 43.93 -39.23 1.85
CA GLY B 338 42.82 -38.65 1.08
C GLY B 338 41.74 -39.70 0.77
N PHE B 339 41.12 -40.25 1.85
CA PHE B 339 40.07 -41.28 1.79
C PHE B 339 40.56 -42.59 1.14
N PHE B 340 39.63 -43.55 0.91
CA PHE B 340 39.93 -44.80 0.19
C PHE B 340 39.76 -44.58 -1.32
N LEU B 341 38.60 -43.98 -1.71
CA LEU B 341 38.21 -43.63 -3.10
C LEU B 341 38.70 -44.67 -4.16
N GLN B 342 37.88 -45.72 -4.37
CA GLN B 342 38.17 -46.76 -5.38
C GLN B 342 37.46 -46.41 -6.67
N VAL B 343 36.12 -46.50 -6.63
CA VAL B 343 35.24 -46.18 -7.75
C VAL B 343 33.83 -45.93 -7.18
N GLU B 344 33.57 -44.68 -6.79
CA GLU B 344 32.30 -44.28 -6.13
C GLU B 344 31.36 -43.67 -7.20
N GLY B 345 31.48 -44.20 -8.43
CA GLY B 345 30.91 -43.58 -9.61
C GLY B 345 31.87 -42.53 -10.15
N ALA B 346 32.06 -41.46 -9.35
CA ALA B 346 33.06 -40.42 -9.58
C ALA B 346 33.80 -40.12 -8.26
N SER B 347 34.62 -39.07 -8.24
CA SER B 347 35.15 -38.51 -6.98
C SER B 347 34.04 -37.74 -6.25
N ILE B 348 34.25 -37.40 -4.96
CA ILE B 348 33.26 -36.63 -4.17
C ILE B 348 33.40 -35.11 -4.46
N ASP B 349 33.28 -34.74 -5.76
CA ASP B 349 33.37 -33.35 -6.23
C ASP B 349 32.25 -32.54 -5.59
N LYS B 350 31.00 -32.95 -5.88
CA LYS B 350 29.78 -32.56 -5.15
C LYS B 350 29.40 -31.05 -5.29
N GLN B 351 30.34 -30.22 -5.83
CA GLN B 351 30.36 -28.74 -5.68
C GLN B 351 30.75 -28.33 -4.24
N ASP B 352 31.13 -29.32 -3.39
CA ASP B 352 31.44 -29.11 -1.97
C ASP B 352 32.38 -30.22 -1.45
N HIS B 353 33.12 -29.88 -0.38
CA HIS B 353 34.07 -30.78 0.30
C HIS B 353 34.14 -30.37 1.78
N ALA B 354 34.17 -29.05 2.03
CA ALA B 354 34.16 -28.47 3.40
C ALA B 354 33.72 -26.98 3.39
N ALA B 355 33.11 -26.54 2.26
CA ALA B 355 32.71 -25.13 2.00
C ALA B 355 33.95 -24.20 1.91
N ASN B 356 34.51 -23.85 3.09
CA ASN B 356 35.78 -23.11 3.26
C ASN B 356 35.75 -21.70 2.63
N PRO B 357 35.70 -20.61 3.48
CA PRO B 357 35.51 -19.20 3.00
C PRO B 357 36.58 -18.74 1.98
N CYS B 358 36.13 -17.98 0.96
CA CYS B 358 36.99 -17.45 -0.12
C CYS B 358 38.00 -16.39 0.40
N GLY B 359 39.02 -16.08 -0.43
CA GLY B 359 40.01 -15.06 -0.10
C GLY B 359 39.41 -13.65 -0.09
N GLN B 360 39.36 -13.01 1.10
CA GLN B 360 38.77 -11.67 1.32
C GLN B 360 37.23 -11.70 1.07
N ILE B 361 36.61 -12.86 1.44
CA ILE B 361 35.17 -13.14 1.20
C ILE B 361 34.24 -12.08 1.85
N GLY B 362 34.69 -11.54 2.99
CA GLY B 362 33.99 -10.48 3.68
C GLY B 362 34.91 -9.74 4.62
N GLU B 363 35.43 -8.59 4.14
CA GLU B 363 36.27 -7.68 4.93
C GLU B 363 36.55 -6.45 4.05
N THR B 364 35.64 -5.45 4.09
CA THR B 364 35.77 -4.17 3.35
C THR B 364 35.74 -4.37 1.79
N VAL B 365 36.79 -4.99 1.24
CA VAL B 365 37.01 -5.25 -0.21
C VAL B 365 37.13 -3.89 -0.96
N ASP B 366 37.90 -2.98 -0.31
CA ASP B 366 38.23 -1.59 -0.79
C ASP B 366 36.99 -0.67 -0.76
N LEU B 367 35.95 -1.03 -1.51
CA LEU B 367 34.65 -0.34 -1.58
C LEU B 367 33.98 -0.16 -0.17
N ASP B 368 34.32 -1.06 0.78
CA ASP B 368 33.80 -1.11 2.18
C ASP B 368 32.40 -1.78 2.27
N GLU B 369 31.73 -1.93 1.13
CA GLU B 369 30.36 -2.47 1.05
C GLU B 369 30.25 -3.92 1.55
N ALA B 370 31.39 -4.63 1.68
CA ALA B 370 31.43 -6.00 2.24
C ALA B 370 30.86 -6.05 3.67
N VAL B 371 30.90 -4.89 4.36
CA VAL B 371 30.40 -4.75 5.73
C VAL B 371 29.08 -3.93 5.77
N GLN B 372 28.46 -3.71 4.60
CA GLN B 372 27.23 -2.88 4.45
C GLN B 372 26.19 -3.57 3.54
N ARG B 373 24.90 -3.28 3.79
CA ARG B 373 23.80 -3.76 2.95
C ARG B 373 22.66 -2.71 2.93
N ALA B 374 23.06 -1.43 2.68
CA ALA B 374 22.18 -0.24 2.74
C ALA B 374 21.70 0.05 4.19
N LEU B 375 20.90 1.12 4.37
CA LEU B 375 20.29 1.46 5.67
C LEU B 375 19.13 2.47 5.49
N GLU B 376 19.31 3.43 4.56
CA GLU B 376 18.33 4.51 4.31
C GLU B 376 17.70 4.42 2.91
N PHE B 377 16.48 4.97 2.80
CA PHE B 377 15.70 5.02 1.56
C PHE B 377 14.50 5.96 1.76
N ALA B 378 13.63 5.56 2.69
CA ALA B 378 12.40 6.29 3.04
C ALA B 378 11.75 5.59 4.26
N LYS B 379 12.19 5.96 5.48
CA LYS B 379 11.62 5.44 6.75
C LYS B 379 10.12 5.82 6.89
N LYS B 380 9.71 6.87 6.13
CA LYS B 380 8.32 7.38 6.02
C LYS B 380 7.95 8.29 7.21
N GLU B 381 8.16 7.77 8.44
CA GLU B 381 7.80 8.46 9.70
C GLU B 381 6.26 8.60 9.82
N GLY B 382 5.70 9.55 9.06
CA GLY B 382 4.25 9.78 9.01
C GLY B 382 3.78 10.95 9.86
N ASN B 383 4.60 11.38 10.84
CA ASN B 383 4.25 12.46 11.80
C ASN B 383 4.13 13.84 11.09
N THR B 384 4.60 13.91 9.83
CA THR B 384 4.43 15.08 8.96
C THR B 384 2.92 15.37 8.64
N LEU B 385 2.05 14.38 8.91
CA LEU B 385 0.57 14.52 8.78
C LEU B 385 -0.03 15.35 9.95
N VAL B 386 -1.38 15.47 9.97
CA VAL B 386 -2.19 16.19 11.01
C VAL B 386 -2.15 17.73 10.82
N ILE B 387 -0.97 18.28 10.48
CA ILE B 387 -0.76 19.74 10.37
C ILE B 387 -1.36 20.29 9.05
N VAL B 388 -2.71 20.41 9.07
CA VAL B 388 -3.57 20.90 7.96
C VAL B 388 -3.15 20.35 6.58
N THR B 389 -3.75 19.23 6.16
CA THR B 389 -3.38 18.54 4.91
C THR B 389 -3.93 19.27 3.65
N ALA B 390 -4.58 20.44 3.85
CA ALA B 390 -5.00 21.34 2.75
C ALA B 390 -3.94 22.44 2.51
N ASP B 391 -3.83 23.35 3.49
CA ASP B 391 -3.04 24.61 3.36
C ASP B 391 -1.61 24.42 3.88
N HIS B 392 -1.37 23.29 4.59
CA HIS B 392 -0.10 22.95 5.28
C HIS B 392 0.20 23.95 6.45
N ALA B 393 -0.87 24.66 6.89
CA ALA B 393 -0.84 25.67 7.98
C ALA B 393 -0.01 26.91 7.61
N HIS B 394 1.34 26.74 7.60
CA HIS B 394 2.32 27.83 7.35
C HIS B 394 2.07 28.96 8.38
N ALA B 395 2.34 28.64 9.66
CA ALA B 395 2.02 29.49 10.82
C ALA B 395 0.48 29.76 10.92
N SER B 396 0.06 30.84 11.61
CA SER B 396 -1.34 31.31 11.68
C SER B 396 -2.28 30.27 12.35
N GLN B 397 -2.70 29.24 11.58
CA GLN B 397 -3.57 28.14 12.04
C GLN B 397 -2.88 27.36 13.19
N ILE B 398 -1.56 27.15 13.03
CA ILE B 398 -0.69 26.56 14.06
C ILE B 398 0.76 27.01 13.78
N VAL B 399 1.35 27.78 14.71
CA VAL B 399 2.64 28.49 14.50
C VAL B 399 3.78 27.94 15.41
N ALA B 400 3.50 27.75 16.72
CA ALA B 400 4.56 27.37 17.69
C ALA B 400 5.09 25.91 17.47
N PRO B 401 4.22 24.84 17.42
CA PRO B 401 4.68 23.49 17.07
C PRO B 401 4.41 23.13 15.58
N ASP B 402 5.49 22.99 14.78
CA ASP B 402 5.36 22.50 13.38
C ASP B 402 5.05 20.98 13.40
N THR B 403 5.72 20.26 14.34
CA THR B 403 5.47 18.85 14.70
C THR B 403 6.57 18.40 15.69
N LYS B 404 6.43 17.17 16.27
CA LYS B 404 7.35 16.59 17.31
C LYS B 404 7.15 17.22 18.71
N ALA B 405 7.10 18.56 18.75
CA ALA B 405 6.87 19.34 19.97
C ALA B 405 5.53 19.01 20.72
N PRO B 406 4.35 18.75 20.03
CA PRO B 406 3.09 18.33 20.71
C PRO B 406 3.26 17.25 21.81
N GLY B 407 3.45 17.73 23.04
CA GLY B 407 3.69 16.89 24.21
C GLY B 407 2.83 17.35 25.37
N LEU B 408 2.73 18.69 25.54
CA LEU B 408 1.80 19.33 26.48
C LEU B 408 0.34 19.03 26.05
N THR B 409 0.12 19.06 24.72
CA THR B 409 -1.16 18.69 24.09
C THR B 409 -1.38 17.16 24.14
N GLN B 410 -0.28 16.42 24.39
CA GLN B 410 -0.22 14.94 24.41
C GLN B 410 -0.46 14.40 22.97
N ALA B 411 -1.13 13.25 22.80
CA ALA B 411 -1.49 12.64 21.48
C ALA B 411 -0.30 11.88 20.83
N LEU B 412 0.95 12.31 21.13
CA LEU B 412 2.22 11.65 20.76
C LEU B 412 2.27 11.32 19.25
N ASN B 413 2.57 12.36 18.45
CA ASN B 413 2.75 12.31 16.97
C ASN B 413 1.39 12.23 16.23
N THR B 414 0.55 11.24 16.59
CA THR B 414 -0.82 11.00 16.08
C THR B 414 -0.81 10.46 14.63
N LYS B 415 -0.40 11.33 13.66
CA LYS B 415 -0.38 11.11 12.18
C LYS B 415 -1.78 10.81 11.58
N ASP B 416 -2.47 9.76 12.04
CA ASP B 416 -3.84 9.45 11.61
C ASP B 416 -4.85 10.36 12.33
N GLY B 417 -5.19 11.48 11.64
CA GLY B 417 -6.16 12.46 12.11
C GLY B 417 -6.65 13.30 10.92
N ALA B 418 -7.39 12.62 10.01
CA ALA B 418 -7.91 13.23 8.77
C ALA B 418 -9.04 14.22 9.08
N VAL B 419 -9.79 13.93 10.16
CA VAL B 419 -10.78 14.83 10.73
C VAL B 419 -10.14 15.48 11.97
N MET B 420 -10.33 14.87 13.18
CA MET B 420 -10.01 15.50 14.49
C MET B 420 -10.61 16.93 14.56
N VAL B 421 -9.89 17.92 13.99
CA VAL B 421 -10.42 19.27 13.72
C VAL B 421 -10.57 19.41 12.18
N MET B 422 -9.43 19.66 11.48
CA MET B 422 -9.31 19.78 10.00
C MET B 422 -10.24 20.85 9.40
N SER B 423 -11.55 20.53 9.35
CA SER B 423 -12.59 21.43 8.80
C SER B 423 -12.58 22.83 9.46
N TYR B 424 -13.02 23.84 8.67
CA TYR B 424 -12.98 25.28 9.02
C TYR B 424 -11.55 25.84 8.92
N GLY B 425 -10.66 25.35 9.82
CA GLY B 425 -9.22 25.67 9.77
C GLY B 425 -8.92 27.17 9.88
N ASN B 426 -9.63 27.85 10.81
CA ASN B 426 -9.48 29.32 11.05
C ASN B 426 -9.77 30.16 9.78
N SER B 427 -10.55 29.58 8.85
CA SER B 427 -10.91 30.22 7.57
C SER B 427 -12.42 30.09 7.34
N GLU B 428 -12.94 30.83 6.34
CA GLU B 428 -14.38 30.87 6.05
C GLU B 428 -14.81 29.61 5.28
N GLU B 429 -15.15 28.57 6.04
CA GLU B 429 -15.87 27.40 5.54
C GLU B 429 -17.36 27.67 5.76
N ASP B 430 -18.04 28.07 4.68
CA ASP B 430 -19.45 28.54 4.71
C ASP B 430 -20.38 27.47 5.29
N SER B 431 -20.29 26.28 4.68
CA SER B 431 -21.12 25.10 5.01
C SER B 431 -22.62 25.35 4.68
N GLN B 432 -23.43 25.75 5.70
CA GLN B 432 -24.92 25.83 5.63
C GLN B 432 -25.58 24.48 5.28
N GLU B 433 -26.93 24.48 5.29
CA GLU B 433 -27.77 23.31 4.99
C GLU B 433 -27.88 23.17 3.46
N HIS B 434 -27.13 22.21 2.88
CA HIS B 434 -26.99 22.05 1.41
C HIS B 434 -27.32 20.61 0.98
N THR B 435 -27.43 20.41 -0.35
CA THR B 435 -27.83 19.13 -0.97
C THR B 435 -26.73 18.05 -0.84
N GLY B 436 -25.47 18.49 -0.63
CA GLY B 436 -24.33 17.58 -0.47
C GLY B 436 -24.47 16.59 0.69
N SER B 437 -25.34 16.93 1.65
CA SER B 437 -25.61 16.14 2.86
C SER B 437 -26.02 14.68 2.56
N GLN B 438 -26.87 14.52 1.52
CA GLN B 438 -27.54 13.24 1.12
C GLN B 438 -26.67 11.98 1.37
N LEU B 439 -27.12 11.11 2.29
CA LEU B 439 -26.37 9.90 2.71
C LEU B 439 -27.33 8.77 3.13
N ARG B 440 -26.87 7.52 2.97
CA ARG B 440 -27.60 6.31 3.35
C ARG B 440 -26.59 5.17 3.57
N ILE B 441 -26.24 4.94 4.83
CA ILE B 441 -25.18 4.01 5.23
C ILE B 441 -25.60 2.56 4.97
N ALA B 442 -24.82 1.90 4.09
CA ALA B 442 -25.00 0.49 3.72
C ALA B 442 -23.66 -0.27 3.84
N ALA B 443 -22.88 0.09 4.88
CA ALA B 443 -21.64 -0.59 5.24
C ALA B 443 -21.95 -1.87 6.05
N TYR B 444 -20.93 -2.71 6.27
CA TYR B 444 -21.07 -4.00 7.00
C TYR B 444 -21.69 -3.82 8.41
N GLY B 445 -22.54 -4.78 8.80
CA GLY B 445 -23.28 -4.72 10.06
C GLY B 445 -24.79 -4.75 9.81
N PRO B 446 -25.42 -3.59 9.41
CA PRO B 446 -26.86 -3.54 9.05
C PRO B 446 -27.12 -4.11 7.63
N HIS B 447 -27.00 -5.46 7.51
CA HIS B 447 -27.30 -6.23 6.28
C HIS B 447 -28.03 -7.52 6.65
N ALA B 448 -29.19 -7.75 6.00
CA ALA B 448 -29.99 -8.99 6.15
C ALA B 448 -30.51 -9.21 7.59
N ALA B 449 -31.18 -10.37 7.80
CA ALA B 449 -31.60 -10.87 9.12
C ALA B 449 -32.61 -9.92 9.83
N ASN B 450 -32.08 -8.88 10.50
CA ASN B 450 -32.88 -7.92 11.29
C ASN B 450 -33.55 -6.86 10.38
N VAL B 451 -32.86 -6.49 9.29
CA VAL B 451 -33.22 -5.35 8.42
C VAL B 451 -34.60 -5.57 7.73
N VAL B 452 -34.63 -6.42 6.68
CA VAL B 452 -35.84 -6.73 5.90
C VAL B 452 -35.88 -8.24 5.63
N GLY B 453 -35.54 -9.01 6.67
CA GLY B 453 -35.24 -10.43 6.52
C GLY B 453 -33.89 -10.62 5.84
N LEU B 454 -33.64 -11.81 5.30
CA LEU B 454 -32.37 -12.14 4.63
C LEU B 454 -32.27 -11.43 3.26
N THR B 455 -33.17 -11.79 2.31
CA THR B 455 -33.27 -11.11 0.99
C THR B 455 -34.54 -11.56 0.24
N ASP B 456 -34.79 -10.95 -0.95
CA ASP B 456 -35.95 -11.26 -1.81
C ASP B 456 -35.62 -12.48 -2.71
N GLN B 457 -35.39 -13.62 -2.05
CA GLN B 457 -35.01 -14.89 -2.70
C GLN B 457 -35.10 -16.02 -1.65
N THR B 458 -35.05 -17.30 -2.11
CA THR B 458 -34.95 -18.47 -1.22
C THR B 458 -33.55 -18.56 -0.55
N ASP B 459 -32.62 -17.65 -0.94
CA ASP B 459 -31.34 -17.47 -0.25
C ASP B 459 -31.61 -16.87 1.15
N LEU B 460 -31.81 -17.77 2.12
CA LEU B 460 -32.09 -17.41 3.51
C LEU B 460 -31.45 -18.46 4.43
N PHE B 461 -30.97 -17.99 5.59
CA PHE B 461 -30.28 -18.85 6.58
C PHE B 461 -30.75 -18.48 7.99
N TYR B 462 -30.77 -19.47 8.90
CA TYR B 462 -31.15 -19.26 10.32
C TYR B 462 -29.93 -18.88 11.18
N THR B 463 -28.83 -18.55 10.51
CA THR B 463 -27.53 -18.30 11.13
C THR B 463 -27.49 -16.94 11.86
N MET B 464 -27.96 -16.95 13.13
CA MET B 464 -27.96 -15.78 14.03
C MET B 464 -27.78 -16.26 15.48
N LYS B 465 -26.55 -16.17 16.03
CA LYS B 465 -26.27 -16.50 17.44
C LYS B 465 -26.49 -15.25 18.31
N ALA B 466 -27.19 -15.42 19.46
CA ALA B 466 -27.59 -14.29 20.34
C ALA B 466 -26.66 -14.16 21.57
N ALA B 467 -26.41 -15.28 22.26
CA ALA B 467 -25.63 -15.34 23.51
C ALA B 467 -24.13 -15.07 23.27
N LEU B 468 -23.65 -15.48 22.08
CA LEU B 468 -22.28 -15.24 21.61
C LEU B 468 -22.37 -14.61 20.22
N GLY B 469 -21.47 -13.66 19.91
CA GLY B 469 -21.37 -13.12 18.56
C GLY B 469 -20.71 -14.13 17.63
N LEU B 470 -21.53 -14.84 16.83
CA LEU B 470 -21.07 -15.86 15.87
C LEU B 470 -22.06 -15.92 14.70
N LYS B 471 -21.55 -16.22 13.48
CA LYS B 471 -22.37 -16.36 12.26
C LYS B 471 -23.23 -17.64 12.39
N MET C 1 42.92 -22.43 -30.78
CA MET C 1 43.01 -23.60 -31.68
C MET C 1 43.65 -24.79 -30.94
N ALA C 2 42.80 -25.55 -30.22
CA ALA C 2 43.12 -26.85 -29.59
C ALA C 2 44.26 -26.79 -28.55
N ALA C 3 44.58 -25.60 -28.01
CA ALA C 3 45.64 -25.45 -26.98
C ALA C 3 45.05 -25.63 -25.57
N LYS C 4 44.28 -26.73 -25.40
CA LYS C 4 43.66 -27.17 -24.13
C LYS C 4 44.56 -26.97 -22.90
N LYS C 5 44.27 -25.91 -22.13
CA LYS C 5 44.94 -25.66 -20.85
C LYS C 5 44.25 -26.46 -19.73
N ASP C 6 45.04 -27.27 -19.01
CA ASP C 6 44.54 -28.07 -17.88
C ASP C 6 44.35 -27.14 -16.66
N TYR C 7 43.09 -26.75 -16.42
CA TYR C 7 42.73 -25.75 -15.41
C TYR C 7 43.08 -26.22 -13.98
N TYR C 8 43.03 -27.54 -13.76
CA TYR C 8 43.45 -28.15 -12.50
C TYR C 8 44.94 -27.85 -12.26
N ALA C 9 45.78 -28.07 -13.29
CA ALA C 9 47.23 -27.88 -13.23
C ALA C 9 47.59 -26.40 -13.01
N ILE C 10 46.83 -25.51 -13.66
CA ILE C 10 46.97 -24.04 -13.49
C ILE C 10 46.77 -23.65 -12.01
N LEU C 11 45.80 -24.30 -11.35
CA LEU C 11 45.57 -24.12 -9.91
C LEU C 11 46.45 -25.04 -9.04
N GLY C 12 47.11 -26.05 -9.64
CA GLY C 12 47.98 -26.98 -8.91
C GLY C 12 47.23 -28.07 -8.14
N VAL C 13 46.00 -28.38 -8.58
CA VAL C 13 45.19 -29.53 -8.07
C VAL C 13 45.17 -30.67 -9.13
N PRO C 14 44.93 -31.96 -8.72
CA PRO C 14 44.93 -33.13 -9.67
C PRO C 14 43.63 -33.27 -10.51
N ARG C 15 43.67 -34.14 -11.55
CA ARG C 15 42.48 -34.52 -12.36
C ARG C 15 41.58 -35.49 -11.55
N ASN C 16 40.91 -34.92 -10.55
CA ASN C 16 40.05 -35.66 -9.58
C ASN C 16 39.56 -34.67 -8.50
N ALA C 17 40.28 -33.54 -8.40
CA ALA C 17 40.03 -32.45 -7.45
C ALA C 17 38.54 -32.03 -7.37
N THR C 18 38.04 -31.89 -6.14
CA THR C 18 36.68 -31.40 -5.88
C THR C 18 36.63 -29.89 -6.15
N GLN C 19 35.47 -29.38 -6.61
CA GLN C 19 35.27 -27.94 -6.94
C GLN C 19 35.70 -27.00 -5.76
N GLU C 20 35.49 -27.49 -4.54
CA GLU C 20 35.81 -26.78 -3.30
C GLU C 20 37.36 -26.69 -3.11
N GLU C 21 38.07 -27.81 -3.34
CA GLU C 21 39.55 -27.86 -3.22
C GLU C 21 40.25 -27.13 -4.39
N ILE C 22 39.55 -27.08 -5.53
CA ILE C 22 39.93 -26.27 -6.69
C ILE C 22 39.91 -24.78 -6.30
N LYS C 23 38.84 -24.41 -5.57
CA LYS C 23 38.67 -23.06 -5.00
C LYS C 23 39.74 -22.76 -3.92
N ARG C 24 40.18 -23.80 -3.18
CA ARG C 24 41.30 -23.66 -2.18
C ARG C 24 42.60 -23.25 -2.87
N ALA C 25 42.90 -23.96 -3.97
CA ALA C 25 44.08 -23.70 -4.80
C ALA C 25 44.03 -22.29 -5.42
N TYR C 26 42.81 -21.90 -5.84
CA TYR C 26 42.51 -20.51 -6.27
C TYR C 26 42.93 -19.53 -5.17
N LYS C 27 42.41 -19.71 -3.94
CA LYS C 27 42.68 -18.78 -2.80
C LYS C 27 44.18 -18.63 -2.52
N ARG C 28 44.91 -19.76 -2.63
CA ARG C 28 46.37 -19.79 -2.45
C ARG C 28 47.06 -18.86 -3.45
N LEU C 29 46.71 -19.03 -4.71
CA LEU C 29 47.32 -18.30 -5.83
C LEU C 29 46.64 -16.92 -6.04
N ALA C 30 45.51 -16.69 -5.35
CA ALA C 30 44.78 -15.40 -5.34
C ALA C 30 45.35 -14.47 -4.26
N ARG C 31 45.98 -15.08 -3.25
CA ARG C 31 46.82 -14.36 -2.28
C ARG C 31 48.20 -14.10 -2.89
N GLN C 32 48.77 -15.14 -3.51
CA GLN C 32 50.14 -15.13 -4.09
C GLN C 32 50.29 -14.07 -5.19
N TYR C 33 49.37 -14.08 -6.16
CA TYR C 33 49.46 -13.25 -7.38
C TYR C 33 48.51 -12.05 -7.32
N HIS C 34 48.07 -11.66 -6.10
CA HIS C 34 47.03 -10.61 -5.92
C HIS C 34 47.54 -9.23 -6.43
N PRO C 35 46.90 -8.68 -7.54
CA PRO C 35 47.43 -7.53 -8.33
C PRO C 35 48.09 -6.40 -7.54
N ASP C 36 47.39 -5.90 -6.50
CA ASP C 36 47.84 -4.72 -5.74
C ASP C 36 48.71 -5.12 -4.52
N VAL C 37 48.54 -6.35 -4.03
CA VAL C 37 49.31 -6.84 -2.86
C VAL C 37 50.75 -7.13 -3.29
N ASN C 38 50.87 -7.74 -4.48
CA ASN C 38 52.13 -8.05 -5.14
C ASN C 38 52.19 -7.19 -6.41
N LYS C 39 52.88 -6.01 -6.30
CA LYS C 39 52.98 -5.01 -7.39
C LYS C 39 53.88 -5.55 -8.53
N SER C 40 53.33 -6.47 -9.34
CA SER C 40 54.04 -7.13 -10.43
C SER C 40 53.05 -7.53 -11.53
N PRO C 41 53.02 -6.79 -12.70
CA PRO C 41 52.21 -7.16 -13.90
C PRO C 41 52.30 -8.65 -14.26
N GLU C 42 53.50 -9.22 -14.12
CA GLU C 42 53.76 -10.66 -14.31
C GLU C 42 52.77 -11.50 -13.48
N ALA C 43 52.67 -11.14 -12.19
CA ALA C 43 51.81 -11.85 -11.23
C ALA C 43 50.34 -11.56 -11.52
N GLU C 44 50.04 -10.44 -12.23
CA GLU C 44 48.65 -10.06 -12.54
C GLU C 44 48.13 -10.94 -13.69
N GLU C 45 49.03 -11.27 -14.63
CA GLU C 45 48.73 -12.16 -15.77
C GLU C 45 48.63 -13.62 -15.30
N LYS C 46 49.50 -13.99 -14.37
CA LYS C 46 49.43 -15.30 -13.69
C LYS C 46 48.12 -15.39 -12.89
N PHE C 47 47.73 -14.26 -12.24
CA PHE C 47 46.46 -14.13 -11.49
C PHE C 47 45.26 -14.28 -12.43
N LYS C 48 45.42 -13.79 -13.67
CA LYS C 48 44.41 -13.98 -14.72
C LYS C 48 44.24 -15.47 -15.05
N GLU C 49 45.36 -16.20 -15.15
CA GLU C 49 45.31 -17.66 -15.40
C GLU C 49 44.66 -18.40 -14.19
N ILE C 50 44.87 -17.87 -12.97
CA ILE C 50 44.22 -18.40 -11.73
C ILE C 50 42.69 -18.17 -11.82
N ASN C 51 42.34 -16.97 -12.30
CA ASN C 51 40.95 -16.52 -12.49
C ASN C 51 40.30 -17.15 -13.73
N GLU C 52 41.12 -17.68 -14.64
CA GLU C 52 40.67 -18.40 -15.86
C GLU C 52 40.17 -19.78 -15.45
N ALA C 53 41.08 -20.50 -14.79
CA ALA C 53 40.81 -21.83 -14.26
C ALA C 53 39.60 -21.80 -13.31
N TYR C 54 39.57 -20.78 -12.45
CA TYR C 54 38.46 -20.55 -11.51
C TYR C 54 37.18 -20.16 -12.27
N ALA C 55 37.30 -19.34 -13.33
CA ALA C 55 36.13 -18.93 -14.16
C ALA C 55 35.39 -20.16 -14.72
N VAL C 56 36.17 -21.21 -15.08
CA VAL C 56 35.61 -22.45 -15.63
C VAL C 56 35.40 -23.53 -14.54
N LEU C 57 35.92 -23.34 -13.30
CA LEU C 57 35.74 -24.34 -12.20
C LEU C 57 35.15 -23.73 -10.89
N SER C 58 34.50 -22.55 -10.97
CA SER C 58 33.87 -21.88 -9.80
C SER C 58 32.49 -22.46 -9.46
N ASP C 59 31.59 -22.45 -10.45
CA ASP C 59 30.14 -22.73 -10.27
C ASP C 59 29.79 -24.10 -10.88
N PRO C 60 28.71 -24.82 -10.38
CA PRO C 60 28.26 -26.16 -10.91
C PRO C 60 28.21 -26.25 -12.45
N GLU C 61 27.69 -25.19 -13.09
CA GLU C 61 27.55 -25.12 -14.54
C GLU C 61 28.90 -25.19 -15.24
N LYS C 62 29.76 -24.22 -14.94
CA LYS C 62 31.06 -24.02 -15.61
C LYS C 62 31.95 -25.26 -15.37
N ARG C 63 31.88 -25.75 -14.12
CA ARG C 63 32.57 -26.95 -13.64
C ARG C 63 32.27 -28.13 -14.58
N ARG C 64 30.97 -28.41 -14.77
CA ARG C 64 30.51 -29.54 -15.60
C ARG C 64 30.65 -29.26 -17.11
N ILE C 65 30.81 -27.99 -17.51
CA ILE C 65 31.17 -27.64 -18.91
C ILE C 65 32.56 -28.22 -19.22
N TYR C 66 33.52 -27.97 -18.31
CA TYR C 66 34.89 -28.50 -18.44
C TYR C 66 34.89 -30.04 -18.34
N ASP C 67 34.13 -30.58 -17.37
CA ASP C 67 34.03 -32.04 -17.14
C ASP C 67 33.44 -32.76 -18.36
N THR C 68 32.48 -32.13 -19.05
CA THR C 68 31.91 -32.67 -20.29
C THR C 68 32.78 -32.32 -21.50
N TYR C 69 33.70 -31.35 -21.37
CA TYR C 69 34.64 -31.04 -22.47
C TYR C 69 35.65 -32.20 -22.59
N GLY C 70 35.93 -32.62 -23.83
CA GLY C 70 36.65 -33.87 -24.09
C GLY C 70 35.70 -35.06 -24.16
N THR C 71 34.42 -34.76 -24.38
CA THR C 71 33.34 -35.72 -24.61
C THR C 71 32.42 -35.00 -25.60
N THR C 72 31.96 -33.85 -25.13
CA THR C 72 31.51 -32.77 -25.99
C THR C 72 32.82 -32.08 -26.45
N GLU C 73 32.91 -31.72 -27.73
CA GLU C 73 34.08 -31.03 -28.33
C GLU C 73 33.68 -29.64 -28.85
N ALA C 74 32.41 -29.54 -29.28
CA ALA C 74 31.81 -28.27 -29.69
C ALA C 74 31.62 -27.37 -28.44
N PRO C 75 32.17 -26.12 -28.45
CA PRO C 75 31.93 -25.12 -27.36
C PRO C 75 30.41 -24.90 -27.10
N PRO C 76 29.99 -24.65 -25.81
CA PRO C 76 28.56 -24.41 -25.46
C PRO C 76 27.90 -23.32 -26.34
N PRO C 77 26.61 -23.51 -26.76
CA PRO C 77 25.82 -22.46 -27.46
C PRO C 77 25.73 -21.16 -26.62
N PRO C 78 25.86 -19.94 -27.25
CA PRO C 78 25.86 -18.65 -26.50
C PRO C 78 24.55 -18.43 -25.70
N PRO C 79 24.61 -18.35 -24.32
CA PRO C 79 23.45 -17.96 -23.50
C PRO C 79 23.05 -16.50 -23.81
N PRO C 80 21.74 -16.24 -24.22
CA PRO C 80 21.25 -14.89 -24.63
C PRO C 80 21.50 -13.80 -23.56
N GLY C 81 22.74 -13.28 -23.58
CA GLY C 81 23.25 -12.33 -22.61
C GLY C 81 24.77 -12.31 -22.68
N GLY C 82 25.39 -13.49 -22.43
CA GLY C 82 26.86 -13.64 -22.39
C GLY C 82 27.34 -14.62 -21.33
N TYR C 83 28.65 -14.91 -21.34
CA TYR C 83 29.31 -15.68 -20.28
C TYR C 83 29.83 -14.71 -19.20
N ASP C 84 29.32 -14.85 -17.96
CA ASP C 84 29.68 -13.98 -16.82
C ASP C 84 31.13 -14.22 -16.37
N PHE C 85 31.91 -13.13 -16.16
CA PHE C 85 33.31 -13.22 -15.70
C PHE C 85 33.61 -12.13 -14.66
N SER C 86 33.01 -12.31 -13.47
CA SER C 86 33.13 -11.40 -12.31
C SER C 86 34.60 -11.31 -11.83
N GLY C 87 35.32 -10.27 -12.30
CA GLY C 87 36.72 -10.06 -11.94
C GLY C 87 37.69 -10.92 -12.74
N PHE C 88 37.17 -11.66 -13.74
CA PHE C 88 37.99 -12.54 -14.58
C PHE C 88 38.19 -11.85 -15.95
N ASP C 89 39.45 -11.53 -16.33
CA ASP C 89 39.75 -10.81 -17.60
C ASP C 89 39.79 -11.78 -18.78
N VAL C 90 38.60 -12.23 -19.15
CA VAL C 90 38.30 -13.10 -20.29
C VAL C 90 39.09 -12.74 -21.58
N GLU C 91 39.17 -11.44 -21.87
CA GLU C 91 39.78 -10.90 -23.09
C GLU C 91 41.28 -11.26 -23.19
N ASP C 92 41.97 -11.36 -22.03
CA ASP C 92 43.42 -11.62 -21.99
C ASP C 92 43.72 -13.10 -21.65
N PHE C 93 42.66 -13.94 -21.55
CA PHE C 93 42.82 -15.41 -21.35
C PHE C 93 43.20 -16.08 -22.69
N SER C 94 43.44 -17.41 -22.64
CA SER C 94 43.93 -18.19 -23.79
C SER C 94 42.97 -18.19 -25.00
N GLU C 95 43.51 -18.48 -26.20
CA GLU C 95 42.70 -18.71 -27.41
C GLU C 95 41.81 -19.98 -27.25
N PHE C 96 42.24 -20.92 -26.39
CA PHE C 96 41.45 -22.09 -25.99
C PHE C 96 40.17 -21.64 -25.26
N PHE C 97 40.35 -20.70 -24.33
CA PHE C 97 39.25 -20.08 -23.60
C PHE C 97 38.36 -19.28 -24.57
N GLN C 98 39.02 -18.65 -25.56
CA GLN C 98 38.35 -17.87 -26.61
C GLN C 98 37.60 -18.76 -27.61
N GLU C 99 37.91 -20.07 -27.62
CA GLU C 99 37.09 -21.09 -28.33
C GLU C 99 35.85 -21.43 -27.48
N LEU C 100 36.14 -21.88 -26.25
CA LEU C 100 35.16 -22.53 -25.35
C LEU C 100 34.03 -21.56 -24.89
N PHE C 101 34.37 -20.27 -24.77
CA PHE C 101 33.41 -19.22 -24.36
C PHE C 101 33.28 -18.13 -25.45
N GLY C 102 33.80 -18.46 -26.65
CA GLY C 102 33.91 -17.53 -27.80
C GLY C 102 32.69 -16.65 -28.06
N PRO C 103 31.51 -17.27 -28.43
CA PRO C 103 30.28 -16.53 -28.83
C PRO C 103 29.73 -15.55 -27.76
N GLY C 104 30.29 -15.54 -26.54
CA GLY C 104 29.89 -14.61 -25.49
C GLY C 104 31.04 -14.20 -24.58
N LEU C 105 32.23 -13.95 -25.18
CA LEU C 105 33.47 -13.58 -24.43
C LEU C 105 33.43 -12.24 -23.62
N PHE C 106 32.23 -11.70 -23.25
CA PHE C 106 32.14 -10.63 -22.21
C PHE C 106 32.99 -9.38 -22.59
N GLY C 107 34.23 -9.35 -22.07
CA GLY C 107 35.20 -8.27 -22.27
C GLY C 107 35.53 -7.51 -21.00
N GLY C 108 35.21 -8.16 -19.85
CA GLY C 108 35.56 -7.73 -18.48
C GLY C 108 36.54 -6.56 -18.29
N PHE C 109 37.84 -6.80 -18.62
CA PHE C 109 38.90 -5.76 -18.51
C PHE C 109 39.61 -5.58 -19.86
N GLY C 110 38.88 -5.91 -20.94
CA GLY C 110 39.33 -5.69 -22.33
C GLY C 110 39.21 -4.23 -22.76
N ARG C 111 38.68 -3.41 -21.84
CA ARG C 111 38.61 -1.93 -21.90
C ARG C 111 37.41 -1.43 -22.74
N ARG C 112 37.12 -2.07 -23.90
CA ARG C 112 35.86 -1.79 -24.64
C ARG C 112 35.04 -3.05 -24.96
N SER C 113 35.75 -4.15 -25.32
CA SER C 113 35.27 -5.45 -25.91
C SER C 113 33.73 -5.74 -26.07
N ARG C 114 32.91 -5.23 -25.13
CA ARG C 114 31.44 -5.12 -25.27
C ARG C 114 30.95 -4.06 -24.26
N LYS C 115 29.75 -3.51 -24.44
CA LYS C 115 29.05 -2.74 -23.39
C LYS C 115 28.30 -3.73 -22.49
N GLY C 116 28.49 -3.59 -21.16
CA GLY C 116 27.87 -4.47 -20.18
C GLY C 116 26.38 -4.60 -20.35
N ARG C 117 25.94 -5.80 -20.76
CA ARG C 117 24.52 -6.13 -20.86
C ARG C 117 23.98 -6.22 -19.44
N ASP C 118 23.35 -5.11 -19.00
CA ASP C 118 22.78 -4.97 -17.66
C ASP C 118 21.61 -5.94 -17.55
N LEU C 119 21.89 -7.10 -16.94
CA LEU C 119 20.98 -8.24 -16.94
C LEU C 119 20.12 -8.17 -15.68
N ARG C 120 18.91 -7.64 -15.84
CA ARG C 120 17.97 -7.44 -14.72
C ARG C 120 16.96 -8.58 -14.73
N ALA C 121 17.00 -9.39 -13.67
CA ALA C 121 16.19 -10.61 -13.56
C ALA C 121 15.21 -10.47 -12.41
N GLU C 122 13.92 -10.77 -12.64
CA GLU C 122 12.93 -10.79 -11.56
C GLU C 122 12.86 -12.20 -10.95
N LEU C 123 12.59 -12.30 -9.63
CA LEU C 123 12.59 -13.61 -8.95
C LEU C 123 11.49 -13.73 -7.86
N PRO C 124 10.56 -14.74 -7.95
CA PRO C 124 9.60 -15.06 -6.87
C PRO C 124 10.34 -15.57 -5.61
N LEU C 125 10.22 -14.82 -4.50
CA LEU C 125 10.99 -15.09 -3.26
C LEU C 125 10.13 -14.75 -2.02
N THR C 126 10.44 -15.43 -0.89
CA THR C 126 9.75 -15.22 0.39
C THR C 126 10.63 -14.37 1.34
N LEU C 127 10.03 -13.87 2.42
CA LEU C 127 10.71 -13.00 3.42
C LEU C 127 11.57 -13.82 4.38
N GLU C 128 11.08 -15.00 4.71
CA GLU C 128 11.81 -15.99 5.50
C GLU C 128 12.96 -16.58 4.66
N GLU C 129 12.74 -16.67 3.34
CA GLU C 129 13.76 -17.15 2.37
C GLU C 129 14.65 -16.00 1.89
N ALA C 130 14.28 -14.76 2.23
CA ALA C 130 15.18 -13.62 2.13
C ALA C 130 16.18 -13.67 3.30
N PHE C 131 15.64 -13.99 4.49
CA PHE C 131 16.41 -14.23 5.74
C PHE C 131 17.39 -15.41 5.56
N HIS C 132 16.94 -16.44 4.83
CA HIS C 132 17.77 -17.62 4.54
C HIS C 132 18.75 -17.31 3.39
N GLY C 133 18.21 -17.17 2.16
CA GLY C 133 18.99 -16.89 0.95
C GLY C 133 20.18 -17.85 0.78
N GLY C 134 21.39 -17.34 1.07
CA GLY C 134 22.61 -18.15 1.17
C GLY C 134 23.25 -18.46 -0.17
N GLU C 135 23.97 -19.59 -0.17
CA GLU C 135 24.90 -19.97 -1.26
C GLU C 135 24.13 -20.87 -2.24
N ARG C 136 23.55 -20.28 -3.30
CA ARG C 136 22.59 -21.00 -4.16
C ARG C 136 22.77 -20.64 -5.64
N VAL C 137 22.51 -21.61 -6.53
CA VAL C 137 22.69 -21.43 -8.00
C VAL C 137 21.38 -21.01 -8.68
N VAL C 138 21.46 -19.93 -9.49
CA VAL C 138 20.34 -19.37 -10.26
C VAL C 138 20.63 -19.55 -11.76
N GLU C 139 19.60 -19.88 -12.57
CA GLU C 139 19.72 -19.91 -14.03
C GLU C 139 18.94 -18.71 -14.60
N VAL C 140 19.67 -17.74 -15.17
CA VAL C 140 19.09 -16.52 -15.74
C VAL C 140 19.67 -16.31 -17.15
N ALA C 141 18.77 -16.10 -18.15
CA ALA C 141 19.16 -15.77 -19.55
C ALA C 141 19.92 -16.92 -20.25
N GLY C 142 19.57 -18.17 -19.89
CA GLY C 142 20.25 -19.36 -20.41
C GLY C 142 21.60 -19.61 -19.71
N ARG C 143 21.83 -18.91 -18.58
CA ARG C 143 23.14 -18.86 -17.91
C ARG C 143 23.00 -19.26 -16.43
N ARG C 144 23.37 -20.52 -16.15
CA ARG C 144 23.37 -21.09 -14.80
C ARG C 144 24.69 -20.70 -14.09
N VAL C 145 24.59 -20.16 -12.86
CA VAL C 145 25.73 -19.62 -12.09
C VAL C 145 25.32 -19.39 -10.62
N SER C 146 26.23 -19.72 -9.67
CA SER C 146 25.92 -19.67 -8.22
C SER C 146 26.47 -18.40 -7.56
N VAL C 147 25.74 -17.90 -6.56
CA VAL C 147 26.11 -16.69 -5.80
C VAL C 147 25.54 -16.77 -4.37
N ARG C 148 26.24 -16.14 -3.41
CA ARG C 148 25.72 -15.91 -2.06
C ARG C 148 25.34 -14.43 -1.93
N ILE C 149 24.05 -14.14 -2.17
CA ILE C 149 23.49 -12.79 -2.04
C ILE C 149 23.31 -12.46 -0.54
N PRO C 150 23.47 -11.16 -0.11
CA PRO C 150 23.25 -10.75 1.31
C PRO C 150 21.79 -11.05 1.76
N PRO C 151 21.59 -11.97 2.77
CA PRO C 151 20.23 -12.34 3.29
C PRO C 151 19.36 -11.14 3.69
N GLY C 152 18.29 -10.91 2.91
CA GLY C 152 17.41 -9.75 3.09
C GLY C 152 16.97 -9.13 1.78
N VAL C 153 15.66 -8.78 1.66
CA VAL C 153 15.12 -8.11 0.45
C VAL C 153 13.76 -7.38 0.73
N ARG C 154 13.38 -6.41 -0.16
CA ARG C 154 12.09 -5.63 -0.11
C ARG C 154 11.39 -5.72 -1.48
N GLU C 155 10.04 -5.88 -1.49
CA GLU C 155 9.19 -5.91 -2.71
C GLU C 155 9.59 -4.88 -3.78
N GLY C 156 9.87 -5.39 -5.01
CA GLY C 156 10.19 -4.56 -6.16
C GLY C 156 11.64 -4.10 -6.20
N SER C 157 12.36 -4.25 -5.08
CA SER C 157 13.73 -3.74 -4.93
C SER C 157 14.75 -4.73 -5.52
N VAL C 158 15.99 -4.24 -5.69
CA VAL C 158 17.01 -4.86 -6.52
C VAL C 158 18.15 -5.42 -5.66
N ILE C 159 18.60 -6.64 -6.01
CA ILE C 159 19.79 -7.28 -5.43
C ILE C 159 20.89 -7.22 -6.49
N ARG C 160 22.03 -6.61 -6.17
CA ARG C 160 23.17 -6.55 -7.10
C ARG C 160 24.00 -7.85 -7.01
N VAL C 161 24.48 -8.32 -8.16
CA VAL C 161 25.55 -9.33 -8.23
C VAL C 161 26.63 -8.78 -9.19
N PRO C 162 27.74 -8.16 -8.67
CA PRO C 162 28.74 -7.45 -9.51
C PRO C 162 29.49 -8.39 -10.50
N GLY C 163 29.49 -8.00 -11.79
CA GLY C 163 30.20 -8.72 -12.86
C GLY C 163 29.42 -9.90 -13.48
N MET C 164 28.37 -10.40 -12.79
CA MET C 164 27.71 -11.69 -13.14
C MET C 164 26.47 -11.49 -14.05
N GLY C 165 26.58 -10.54 -14.99
CA GLY C 165 25.55 -10.30 -16.01
C GLY C 165 25.99 -10.72 -17.40
N GLY C 166 25.52 -9.99 -18.43
CA GLY C 166 25.85 -10.32 -19.82
C GLY C 166 27.13 -9.65 -20.30
N GLN C 167 27.46 -9.86 -21.59
CA GLN C 167 28.72 -9.43 -22.23
C GLN C 167 29.03 -7.95 -21.98
N GLY C 168 30.27 -7.65 -21.53
CA GLY C 168 30.71 -6.28 -21.40
C GLY C 168 31.95 -6.08 -20.58
N ASN C 169 32.59 -4.95 -20.83
CA ASN C 169 33.63 -4.40 -19.98
C ASN C 169 33.01 -3.46 -18.92
N PRO C 170 32.22 -2.37 -19.29
CA PRO C 170 31.55 -1.51 -18.29
C PRO C 170 30.52 -2.36 -17.52
N PRO C 171 30.66 -2.53 -16.15
CA PRO C 171 29.90 -3.53 -15.37
C PRO C 171 28.39 -3.57 -15.69
N GLY C 172 27.98 -4.63 -16.40
CA GLY C 172 26.57 -4.88 -16.70
C GLY C 172 25.86 -5.55 -15.55
N ASP C 173 26.51 -6.62 -15.03
CA ASP C 173 26.12 -7.36 -13.80
C ASP C 173 24.64 -7.82 -13.74
N LEU C 174 24.32 -8.63 -12.70
CA LEU C 174 22.97 -9.21 -12.50
C LEU C 174 22.21 -8.40 -11.45
N LEU C 175 20.94 -8.05 -11.77
CA LEU C 175 20.11 -7.17 -10.95
C LEU C 175 18.76 -7.83 -10.66
N LEU C 176 18.75 -8.57 -9.54
CA LEU C 176 17.61 -9.38 -9.10
C LEU C 176 16.49 -8.51 -8.46
N VAL C 177 15.48 -8.16 -9.26
CA VAL C 177 14.28 -7.44 -8.80
C VAL C 177 13.29 -8.46 -8.20
N VAL C 178 13.13 -8.41 -6.87
CA VAL C 178 12.33 -9.42 -6.17
C VAL C 178 10.83 -9.21 -6.38
N ARG C 179 10.16 -10.33 -6.64
CA ARG C 179 8.72 -10.42 -6.70
C ARG C 179 8.31 -11.23 -5.47
N LEU C 180 7.93 -10.53 -4.38
CA LEU C 180 7.53 -11.20 -3.14
C LEU C 180 6.18 -11.94 -3.33
N LEU C 181 6.07 -13.05 -2.58
CA LEU C 181 4.88 -13.94 -2.59
C LEU C 181 3.66 -13.23 -1.95
N PRO C 182 2.40 -13.80 -2.01
CA PRO C 182 1.25 -13.32 -1.17
C PRO C 182 1.56 -13.45 0.36
N HIS C 183 2.53 -12.64 0.80
CA HIS C 183 3.08 -12.58 2.16
C HIS C 183 4.03 -11.32 2.30
N PRO C 184 3.87 -10.15 1.53
CA PRO C 184 4.84 -9.04 1.57
C PRO C 184 4.52 -8.09 2.74
N VAL C 185 4.70 -8.59 3.96
CA VAL C 185 4.29 -7.89 5.18
C VAL C 185 5.47 -7.03 5.64
N PHE C 186 6.68 -7.60 5.53
CA PHE C 186 7.91 -7.00 6.06
C PHE C 186 8.68 -6.31 4.91
N ARG C 187 8.60 -4.97 4.91
CA ARG C 187 9.21 -4.09 3.90
C ARG C 187 10.57 -3.63 4.42
N LEU C 188 11.65 -4.07 3.74
CA LEU C 188 13.03 -3.87 4.22
C LEU C 188 13.61 -2.48 3.89
N GLU C 189 14.46 -1.99 4.80
CA GLU C 189 15.36 -0.87 4.57
C GLU C 189 16.66 -1.14 5.36
N GLY C 190 17.71 -1.60 4.65
CA GLY C 190 18.97 -1.99 5.29
C GLY C 190 18.87 -3.35 5.99
N GLN C 191 18.74 -3.32 7.32
CA GLN C 191 18.42 -4.52 8.15
C GLN C 191 17.01 -4.39 8.76
N ASP C 192 16.45 -3.17 8.73
CA ASP C 192 15.21 -2.81 9.44
C ASP C 192 13.98 -3.12 8.56
N LEU C 193 12.91 -3.63 9.18
CA LEU C 193 11.69 -4.04 8.45
C LEU C 193 10.56 -3.04 8.66
N TYR C 194 9.48 -3.15 7.86
CA TYR C 194 8.25 -2.38 8.08
C TYR C 194 7.03 -3.24 7.73
N ALA C 195 6.33 -3.70 8.77
CA ALA C 195 5.10 -4.50 8.67
C ALA C 195 3.96 -3.75 9.36
N THR C 196 2.77 -4.38 9.42
CA THR C 196 1.60 -3.83 10.11
C THR C 196 1.10 -4.85 11.17
N LEU C 197 0.83 -4.36 12.39
CA LEU C 197 0.39 -5.20 13.53
C LEU C 197 -1.11 -4.97 13.80
N ASP C 198 -1.89 -6.05 13.74
CA ASP C 198 -3.33 -6.03 14.04
C ASP C 198 -3.52 -6.11 15.57
N VAL C 199 -3.74 -4.95 16.21
CA VAL C 199 -3.85 -4.84 17.68
C VAL C 199 -5.32 -4.57 18.07
N PRO C 200 -5.96 -5.45 18.89
CA PRO C 200 -7.31 -5.17 19.41
C PRO C 200 -7.30 -3.92 20.31
N ALA C 201 -8.36 -3.10 20.20
CA ALA C 201 -8.55 -1.89 21.00
C ALA C 201 -8.44 -2.13 22.52
N PRO C 202 -9.10 -3.18 23.12
CA PRO C 202 -8.99 -3.44 24.57
C PRO C 202 -7.53 -3.76 24.98
N ILE C 203 -6.83 -4.60 24.17
CA ILE C 203 -5.42 -4.97 24.41
C ILE C 203 -4.50 -3.73 24.29
N ALA C 204 -4.86 -2.82 23.37
CA ALA C 204 -4.12 -1.57 23.13
C ALA C 204 -4.21 -0.60 24.30
N VAL C 205 -5.38 -0.59 24.96
CA VAL C 205 -5.64 0.28 26.13
C VAL C 205 -4.99 -0.24 27.42
N VAL C 206 -5.07 -1.57 27.66
CA VAL C 206 -4.54 -2.17 28.90
C VAL C 206 -3.01 -2.27 28.83
N GLY C 207 -2.51 -2.49 27.59
CA GLY C 207 -1.12 -2.76 27.37
C GLY C 207 -0.79 -4.24 27.56
N GLY C 208 -1.59 -5.09 26.89
CA GLY C 208 -1.40 -6.54 26.92
C GLY C 208 -0.39 -7.00 25.87
N LYS C 209 -0.69 -8.11 25.16
CA LYS C 209 0.24 -8.67 24.15
C LYS C 209 -0.49 -9.15 22.87
N VAL C 210 0.17 -8.89 21.71
CA VAL C 210 -0.29 -9.28 20.35
C VAL C 210 0.88 -9.93 19.60
N ARG C 211 0.67 -11.11 19.00
CA ARG C 211 1.74 -11.84 18.30
C ARG C 211 1.96 -11.28 16.87
N ALA C 212 3.22 -10.90 16.57
CA ALA C 212 3.72 -10.64 15.20
C ALA C 212 4.56 -11.86 14.75
N MET C 213 4.16 -12.52 13.66
CA MET C 213 4.85 -13.74 13.17
C MET C 213 6.11 -13.29 12.40
N THR C 214 7.32 -13.52 12.97
CA THR C 214 8.57 -13.02 12.39
C THR C 214 9.36 -14.18 11.71
N LEU C 215 10.44 -13.78 11.00
CA LEU C 215 11.16 -14.62 10.01
C LEU C 215 11.72 -15.93 10.61
N GLU C 216 12.20 -15.83 11.85
CA GLU C 216 12.88 -16.93 12.57
C GLU C 216 12.01 -17.46 13.73
N GLY C 217 10.87 -16.80 13.99
CA GLY C 217 10.00 -17.18 15.10
C GLY C 217 8.91 -16.16 15.39
N PRO C 218 7.76 -16.59 16.01
CA PRO C 218 6.65 -15.68 16.37
C PRO C 218 6.96 -14.84 17.65
N VAL C 219 7.15 -13.51 17.50
CA VAL C 219 7.37 -12.62 18.66
C VAL C 219 6.03 -12.20 19.27
N GLU C 220 5.97 -12.14 20.62
CA GLU C 220 4.79 -11.68 21.35
C GLU C 220 5.05 -10.23 21.79
N VAL C 221 4.35 -9.30 21.13
CA VAL C 221 4.53 -7.86 21.32
C VAL C 221 3.87 -7.36 22.61
N ALA C 222 4.68 -6.80 23.51
CA ALA C 222 4.20 -6.06 24.69
C ALA C 222 3.80 -4.61 24.30
N VAL C 223 2.50 -4.32 24.39
CA VAL C 223 1.90 -3.02 24.02
C VAL C 223 1.89 -2.07 25.25
N PRO C 224 2.22 -0.72 25.12
CA PRO C 224 2.07 0.24 26.25
C PRO C 224 0.59 0.53 26.60
N PRO C 225 0.28 0.94 27.87
CA PRO C 225 -1.09 1.36 28.27
C PRO C 225 -1.60 2.53 27.41
N ARG C 226 -2.65 2.24 26.62
CA ARG C 226 -3.30 3.16 25.68
C ARG C 226 -2.44 3.47 24.45
N THR C 227 -2.72 2.73 23.36
CA THR C 227 -2.03 2.86 22.06
C THR C 227 -3.02 3.24 20.93
N GLN C 228 -2.68 4.30 20.14
CA GLN C 228 -3.46 4.74 18.94
C GLN C 228 -2.89 4.14 17.64
N ALA C 229 -3.77 4.06 16.62
CA ALA C 229 -3.39 3.57 15.30
C ALA C 229 -2.60 4.64 14.55
N GLY C 230 -1.46 4.23 13.98
CA GLY C 230 -0.49 5.17 13.41
C GLY C 230 0.78 5.23 14.21
N ARG C 231 0.72 4.77 15.47
CA ARG C 231 1.94 4.55 16.28
C ARG C 231 2.83 3.48 15.61
N LYS C 232 4.11 3.44 15.99
CA LYS C 232 5.07 2.55 15.35
C LYS C 232 5.97 1.88 16.39
N LEU C 233 6.23 0.60 16.15
CA LEU C 233 7.12 -0.24 16.96
C LEU C 233 8.48 -0.31 16.31
N ARG C 234 9.53 -0.53 17.13
CA ARG C 234 10.83 -0.98 16.63
C ARG C 234 11.26 -2.19 17.49
N LEU C 235 10.88 -3.38 17.02
CA LEU C 235 11.21 -4.64 17.66
C LEU C 235 12.69 -4.94 17.48
N LYS C 236 13.42 -4.76 18.58
CA LYS C 236 14.86 -4.78 18.62
C LYS C 236 15.40 -6.20 18.38
N GLY C 237 16.12 -6.38 17.26
CA GLY C 237 16.69 -7.67 16.88
C GLY C 237 15.68 -8.60 16.20
N LYS C 238 14.74 -8.02 15.44
CA LYS C 238 13.72 -8.77 14.67
C LYS C 238 13.73 -8.37 13.18
N GLY C 239 14.89 -7.87 12.72
CA GLY C 239 15.13 -7.62 11.29
C GLY C 239 16.00 -8.71 10.67
N PHE C 240 16.69 -8.37 9.57
CA PHE C 240 17.65 -9.28 8.91
C PHE C 240 19.02 -9.22 9.65
N PRO C 241 19.84 -10.33 9.58
CA PRO C 241 21.05 -10.51 10.44
C PRO C 241 22.20 -9.51 10.16
N GLY C 242 22.79 -8.98 11.24
CA GLY C 242 23.97 -8.09 11.19
C GLY C 242 25.04 -8.45 12.21
N PRO C 243 26.25 -7.78 12.16
CA PRO C 243 27.43 -8.12 13.02
C PRO C 243 27.13 -7.96 14.52
N ALA C 244 26.44 -6.87 14.88
CA ALA C 244 26.05 -6.57 16.26
C ALA C 244 24.74 -7.31 16.62
N GLY C 245 24.02 -7.78 15.59
CA GLY C 245 22.72 -8.43 15.74
C GLY C 245 21.78 -8.07 14.59
N ARG C 246 20.55 -8.60 14.64
CA ARG C 246 19.52 -8.35 13.61
C ARG C 246 18.99 -6.91 13.70
N GLY C 247 18.38 -6.42 12.59
CA GLY C 247 17.79 -5.08 12.55
C GLY C 247 16.52 -4.94 13.39
N ASP C 248 15.74 -3.89 13.16
CA ASP C 248 14.57 -3.57 13.99
C ASP C 248 13.31 -3.63 13.11
N LEU C 249 12.34 -4.45 13.52
CA LEU C 249 11.06 -4.58 12.82
C LEU C 249 10.16 -3.39 13.21
N TYR C 250 9.77 -2.58 12.20
CA TYR C 250 8.90 -1.43 12.43
C TYR C 250 7.47 -1.85 12.15
N LEU C 251 6.65 -1.88 13.19
CA LEU C 251 5.23 -2.34 13.04
C LEU C 251 4.31 -1.11 13.11
N GLU C 252 3.50 -0.90 12.07
CA GLU C 252 2.47 0.13 12.08
C GLU C 252 1.24 -0.40 12.82
N VAL C 253 0.86 0.27 13.90
CA VAL C 253 -0.27 -0.13 14.73
C VAL C 253 -1.60 0.14 14.01
N ARG C 254 -2.44 -0.88 13.96
CA ARG C 254 -3.87 -0.72 13.67
C ARG C 254 -4.64 -1.07 14.94
N ILE C 255 -5.54 -0.18 15.32
CA ILE C 255 -6.46 -0.42 16.42
C ILE C 255 -7.74 -0.96 15.81
N THR C 256 -8.04 -2.21 16.11
CA THR C 256 -9.12 -2.97 15.47
C THR C 256 -9.96 -3.65 16.55
N ILE C 257 -11.21 -3.94 16.23
CA ILE C 257 -12.19 -4.51 17.17
C ILE C 257 -12.75 -5.83 16.59
N PRO C 258 -13.17 -6.82 17.43
CA PRO C 258 -13.53 -8.19 16.94
C PRO C 258 -14.90 -8.23 16.23
N GLU C 259 -15.47 -7.03 15.99
CA GLU C 259 -16.84 -6.81 15.51
C GLU C 259 -17.86 -7.37 16.53
N ARG C 260 -18.02 -8.69 16.48
CA ARG C 260 -18.94 -9.46 17.30
C ARG C 260 -18.44 -9.56 18.76
N LEU C 261 -19.37 -9.50 19.72
CA LEU C 261 -19.06 -9.45 21.16
C LEU C 261 -20.03 -10.35 21.95
N THR C 262 -19.70 -10.59 23.23
CA THR C 262 -20.62 -11.20 24.19
C THR C 262 -21.50 -10.09 24.83
N PRO C 263 -22.66 -10.42 25.49
CA PRO C 263 -23.47 -9.43 26.24
C PRO C 263 -22.63 -8.57 27.22
N GLU C 264 -21.69 -9.24 27.92
CA GLU C 264 -20.78 -8.61 28.90
C GLU C 264 -19.90 -7.53 28.22
N GLU C 265 -19.14 -7.99 27.20
CA GLU C 265 -18.25 -7.14 26.40
C GLU C 265 -19.00 -5.91 25.88
N GLU C 266 -20.01 -6.18 25.04
CA GLU C 266 -20.78 -5.16 24.31
C GLU C 266 -21.40 -4.13 25.27
N ALA C 267 -21.88 -4.61 26.43
CA ALA C 267 -22.45 -3.75 27.47
C ALA C 267 -21.43 -2.68 27.94
N LEU C 268 -20.21 -3.13 28.29
CA LEU C 268 -19.14 -2.18 28.74
C LEU C 268 -18.72 -1.24 27.59
N TRP C 269 -18.62 -1.77 26.34
CA TRP C 269 -18.29 -0.94 25.14
C TRP C 269 -19.32 0.18 24.92
N LYS C 270 -20.61 -0.12 25.22
CA LYS C 270 -21.71 0.84 25.09
C LYS C 270 -21.66 1.91 26.20
N LYS C 271 -21.22 1.51 27.41
CA LYS C 271 -21.02 2.46 28.54
C LYS C 271 -19.84 3.42 28.26
N LEU C 272 -18.83 2.93 27.56
CA LEU C 272 -17.69 3.75 27.08
C LEU C 272 -18.19 4.74 26.01
N ALA C 273 -19.07 4.25 25.10
CA ALA C 273 -19.71 5.08 24.07
C ALA C 273 -20.58 6.18 24.68
N GLU C 274 -21.27 5.85 25.78
CA GLU C 274 -22.11 6.80 26.54
C GLU C 274 -21.23 7.87 27.21
N ALA C 275 -20.05 7.45 27.70
CA ALA C 275 -19.03 8.37 28.26
C ALA C 275 -18.53 9.35 27.17
N TYR C 276 -18.43 8.85 25.92
CA TYR C 276 -18.08 9.67 24.75
C TYR C 276 -19.19 10.66 24.36
N TYR C 277 -20.45 10.20 24.32
CA TYR C 277 -21.60 11.05 23.96
C TYR C 277 -21.77 12.17 25.01
N ALA C 278 -21.44 11.82 26.28
CA ALA C 278 -21.50 12.73 27.42
C ALA C 278 -20.52 13.92 27.29
N ARG C 279 -19.51 13.81 26.38
CA ARG C 279 -18.52 14.89 26.15
C ARG C 279 -19.16 16.07 25.38
N ALA C 280 -20.23 15.79 24.61
CA ALA C 280 -20.89 16.80 23.77
C ALA C 280 -21.93 17.61 24.61
N MET A 1 -16.16 35.48 -49.60
CA MET A 1 -16.92 36.49 -50.39
C MET A 1 -17.34 37.69 -49.51
N ALA A 2 -16.72 37.79 -48.31
CA ALA A 2 -16.96 38.87 -47.31
C ALA A 2 -18.45 39.01 -46.93
N ALA A 3 -19.19 37.89 -47.01
CA ALA A 3 -20.64 37.87 -46.77
C ALA A 3 -20.92 37.89 -45.25
N LYS A 4 -20.77 39.12 -44.66
CA LYS A 4 -20.96 39.41 -43.23
C LYS A 4 -22.13 38.63 -42.61
N LYS A 5 -21.77 37.62 -41.82
CA LYS A 5 -22.72 36.85 -41.01
C LYS A 5 -22.67 37.40 -39.58
N ASP A 6 -23.74 38.10 -39.15
CA ASP A 6 -23.86 38.55 -37.76
C ASP A 6 -24.11 37.32 -36.88
N TYR A 7 -23.10 36.97 -36.10
CA TYR A 7 -23.05 35.72 -35.34
C TYR A 7 -24.14 35.67 -34.24
N TYR A 8 -24.46 36.85 -33.69
CA TYR A 8 -25.58 36.98 -32.73
C TYR A 8 -26.91 36.63 -33.41
N ALA A 9 -27.10 37.13 -34.64
CA ALA A 9 -28.30 36.86 -35.46
C ALA A 9 -28.48 35.35 -35.72
N ILE A 10 -27.36 34.69 -36.10
CA ILE A 10 -27.33 33.23 -36.33
C ILE A 10 -27.82 32.46 -35.07
N LEU A 11 -27.32 32.89 -33.91
CA LEU A 11 -27.74 32.32 -32.59
C LEU A 11 -29.19 32.71 -32.23
N GLY A 12 -29.70 33.82 -32.81
CA GLY A 12 -31.03 34.34 -32.50
C GLY A 12 -31.06 35.21 -31.23
N VAL A 13 -30.06 36.10 -31.12
CA VAL A 13 -29.90 37.03 -29.97
C VAL A 13 -29.49 38.43 -30.48
N PRO A 14 -29.82 39.55 -29.74
CA PRO A 14 -29.42 40.94 -30.14
C PRO A 14 -27.89 41.10 -30.25
N ARG A 15 -27.43 42.09 -31.02
CA ARG A 15 -26.00 42.20 -31.43
C ARG A 15 -25.05 42.62 -30.28
N ASN A 16 -25.56 42.66 -29.05
CA ASN A 16 -24.80 43.05 -27.85
C ASN A 16 -24.99 41.99 -26.74
N ALA A 17 -25.53 40.82 -27.15
CA ALA A 17 -25.88 39.71 -26.26
C ALA A 17 -24.65 39.18 -25.52
N THR A 18 -24.78 39.01 -24.19
CA THR A 18 -23.70 38.55 -23.32
C THR A 18 -23.42 37.05 -23.55
N GLN A 19 -22.25 36.58 -23.10
CA GLN A 19 -21.83 35.16 -23.21
C GLN A 19 -22.89 34.22 -22.56
N GLU A 20 -23.55 34.76 -21.52
CA GLU A 20 -24.63 34.09 -20.78
C GLU A 20 -25.85 33.81 -21.72
N GLU A 21 -26.30 34.86 -22.43
CA GLU A 21 -27.47 34.79 -23.36
C GLU A 21 -27.12 34.00 -24.64
N ILE A 22 -25.86 34.10 -25.04
CA ILE A 22 -25.26 33.39 -26.18
C ILE A 22 -25.12 31.89 -25.86
N LYS A 23 -24.93 31.59 -24.58
CA LYS A 23 -24.89 30.22 -24.05
C LYS A 23 -26.30 29.61 -24.11
N ARG A 24 -27.29 30.42 -23.69
CA ARG A 24 -28.73 30.05 -23.74
C ARG A 24 -29.18 29.77 -25.19
N ALA A 25 -28.70 30.63 -26.11
CA ALA A 25 -29.04 30.56 -27.55
C ALA A 25 -28.39 29.34 -28.22
N TYR A 26 -27.14 29.08 -27.80
CA TYR A 26 -26.38 27.90 -28.25
C TYR A 26 -27.13 26.63 -27.85
N LYS A 27 -27.44 26.50 -26.55
CA LYS A 27 -28.16 25.33 -25.99
C LYS A 27 -29.51 25.13 -26.69
N ARG A 28 -30.22 26.25 -26.93
CA ARG A 28 -31.53 26.27 -27.60
C ARG A 28 -31.45 25.57 -28.97
N LEU A 29 -30.54 26.07 -29.81
CA LEU A 29 -30.37 25.59 -31.18
C LEU A 29 -29.56 24.26 -31.22
N ALA A 30 -28.88 23.93 -30.10
CA ALA A 30 -28.14 22.66 -29.92
C ALA A 30 -29.07 21.53 -29.48
N ARG A 31 -30.23 21.90 -28.91
CA ARG A 31 -31.31 20.96 -28.57
C ARG A 31 -32.36 20.91 -29.69
N GLN A 32 -32.46 22.01 -30.47
CA GLN A 32 -33.36 22.11 -31.63
C GLN A 32 -32.84 21.17 -32.73
N TYR A 33 -31.64 21.49 -33.26
CA TYR A 33 -31.01 20.73 -34.37
C TYR A 33 -30.06 19.64 -33.81
N HIS A 34 -30.37 19.13 -32.60
CA HIS A 34 -29.52 18.23 -31.80
C HIS A 34 -29.03 16.99 -32.60
N PRO A 35 -27.76 17.00 -33.14
CA PRO A 35 -27.25 15.95 -34.07
C PRO A 35 -27.25 14.53 -33.48
N ASP A 36 -27.31 14.45 -32.14
CA ASP A 36 -27.39 13.17 -31.39
C ASP A 36 -28.72 12.44 -31.66
N VAL A 37 -29.82 13.20 -31.74
CA VAL A 37 -31.17 12.64 -31.96
C VAL A 37 -31.58 12.84 -33.42
N ASN A 38 -31.47 14.10 -33.87
CA ASN A 38 -31.84 14.52 -35.22
C ASN A 38 -30.59 14.54 -36.13
N LYS A 39 -30.30 13.37 -36.73
CA LYS A 39 -29.15 13.18 -37.64
C LYS A 39 -29.53 13.62 -39.07
N SER A 40 -30.11 14.83 -39.20
CA SER A 40 -30.45 15.42 -40.51
C SER A 40 -29.27 16.29 -40.97
N PRO A 41 -28.58 15.94 -42.12
CA PRO A 41 -27.38 16.66 -42.61
C PRO A 41 -27.53 18.18 -42.58
N GLU A 42 -28.66 18.68 -43.13
CA GLU A 42 -29.01 20.11 -43.18
C GLU A 42 -28.97 20.75 -41.77
N ALA A 43 -29.53 20.01 -40.81
CA ALA A 43 -29.64 20.48 -39.40
C ALA A 43 -28.27 20.52 -38.74
N GLU A 44 -27.35 19.65 -39.20
CA GLU A 44 -26.02 19.49 -38.61
C GLU A 44 -25.05 20.56 -39.17
N GLU A 45 -25.29 21.00 -40.42
CA GLU A 45 -24.49 22.05 -41.08
C GLU A 45 -24.91 23.43 -40.55
N LYS A 46 -26.23 23.59 -40.33
CA LYS A 46 -26.76 24.78 -39.63
C LYS A 46 -26.30 24.77 -38.16
N PHE A 47 -26.17 23.55 -37.56
CA PHE A 47 -25.58 23.37 -36.23
C PHE A 47 -24.11 23.84 -36.22
N LYS A 48 -23.39 23.58 -37.32
CA LYS A 48 -22.01 24.08 -37.50
C LYS A 48 -21.97 25.61 -37.57
N GLU A 49 -23.00 26.23 -38.17
CA GLU A 49 -23.13 27.71 -38.20
C GLU A 49 -23.45 28.30 -36.81
N ILE A 50 -24.15 27.51 -35.97
CA ILE A 50 -24.41 27.86 -34.55
C ILE A 50 -23.11 27.76 -33.75
N ASN A 51 -22.33 26.72 -34.04
CA ASN A 51 -21.01 26.49 -33.43
C ASN A 51 -19.96 27.45 -33.99
N GLU A 52 -20.24 28.03 -35.18
CA GLU A 52 -19.41 29.08 -35.81
C GLU A 52 -19.63 30.42 -35.09
N ALA A 53 -20.91 30.72 -34.89
CA ALA A 53 -21.36 31.90 -34.20
C ALA A 53 -20.88 31.89 -32.74
N TYR A 54 -21.06 30.73 -32.09
CA TYR A 54 -20.59 30.49 -30.73
C TYR A 54 -19.06 30.31 -30.70
N ALA A 55 -18.45 29.90 -31.85
CA ALA A 55 -16.96 29.85 -31.98
C ALA A 55 -16.36 31.21 -31.68
N VAL A 56 -16.91 32.22 -32.34
CA VAL A 56 -16.51 33.61 -32.14
C VAL A 56 -16.84 34.06 -30.70
N LEU A 57 -18.10 33.86 -30.31
CA LEU A 57 -18.67 34.47 -29.10
C LEU A 57 -18.56 33.55 -27.85
N SER A 58 -17.75 32.47 -27.92
CA SER A 58 -17.46 31.56 -26.77
C SER A 58 -16.67 32.26 -25.66
N ASP A 59 -15.44 32.69 -25.99
CA ASP A 59 -14.51 33.25 -25.00
C ASP A 59 -14.51 34.78 -25.09
N PRO A 60 -14.35 35.52 -23.92
CA PRO A 60 -14.44 37.00 -23.87
C PRO A 60 -13.46 37.72 -24.84
N GLU A 61 -12.29 37.10 -25.06
CA GLU A 61 -11.25 37.63 -25.98
C GLU A 61 -11.73 37.62 -27.45
N LYS A 62 -12.29 36.48 -27.87
CA LYS A 62 -12.75 36.26 -29.26
C LYS A 62 -14.07 37.03 -29.54
N ARG A 63 -14.88 37.13 -28.46
CA ARG A 63 -16.05 38.01 -28.38
C ARG A 63 -15.61 39.45 -28.73
N ARG A 64 -14.52 39.93 -28.06
CA ARG A 64 -13.92 41.26 -28.33
C ARG A 64 -13.43 41.38 -29.78
N ILE A 65 -12.85 40.29 -30.34
CA ILE A 65 -12.37 40.27 -31.76
C ILE A 65 -13.53 40.66 -32.72
N TYR A 66 -14.71 40.07 -32.50
CA TYR A 66 -15.90 40.44 -33.30
C TYR A 66 -16.30 41.91 -33.04
N ASP A 67 -16.40 42.29 -31.75
CA ASP A 67 -16.86 43.64 -31.33
C ASP A 67 -15.98 44.76 -31.91
N THR A 68 -14.68 44.47 -32.03
CA THR A 68 -13.72 45.40 -32.61
C THR A 68 -13.85 45.42 -34.14
N TYR A 69 -14.23 44.26 -34.76
CA TYR A 69 -14.46 44.20 -36.21
C TYR A 69 -15.72 45.01 -36.54
N GLY A 70 -15.53 46.16 -37.21
CA GLY A 70 -16.60 47.13 -37.44
C GLY A 70 -16.44 48.40 -36.61
N THR A 71 -15.23 48.57 -36.06
CA THR A 71 -14.84 49.76 -35.27
C THR A 71 -13.37 50.01 -35.64
N THR A 72 -12.59 48.96 -35.41
CA THR A 72 -11.33 48.73 -36.09
C THR A 72 -11.71 47.89 -37.33
N GLU A 73 -11.01 48.08 -38.44
CA GLU A 73 -11.26 47.31 -39.68
C GLU A 73 -10.50 45.97 -39.67
N ALA A 74 -9.29 46.01 -39.07
CA ALA A 74 -8.41 44.84 -38.94
C ALA A 74 -8.80 44.01 -37.70
N PRO A 75 -8.95 42.65 -37.84
CA PRO A 75 -9.20 41.75 -36.67
C PRO A 75 -7.96 41.74 -35.72
N PRO A 76 -8.17 41.88 -34.37
CA PRO A 76 -7.07 41.90 -33.35
C PRO A 76 -5.99 40.81 -33.56
N PRO A 77 -4.67 41.14 -33.26
CA PRO A 77 -3.52 40.19 -33.42
C PRO A 77 -3.83 38.76 -32.92
N PRO A 78 -3.55 37.68 -33.73
CA PRO A 78 -3.86 36.27 -33.37
C PRO A 78 -3.36 35.90 -31.94
N PRO A 79 -4.29 35.50 -31.00
CA PRO A 79 -3.93 35.07 -29.60
C PRO A 79 -2.81 33.97 -29.55
N PRO A 80 -2.16 33.74 -28.35
CA PRO A 80 -1.11 32.69 -28.18
C PRO A 80 -1.56 31.27 -28.64
N GLY A 81 -1.34 31.01 -29.94
CA GLY A 81 -1.65 29.72 -30.59
C GLY A 81 -2.36 29.95 -31.92
N GLY A 82 -3.17 31.02 -31.93
CA GLY A 82 -3.97 31.45 -33.07
C GLY A 82 -5.35 31.90 -32.60
N TYR A 83 -6.26 32.15 -33.54
CA TYR A 83 -7.69 32.34 -33.21
C TYR A 83 -8.25 31.00 -32.71
N ASP A 84 -8.46 30.90 -31.38
CA ASP A 84 -8.94 29.65 -30.74
C ASP A 84 -10.34 29.25 -31.22
N PHE A 85 -10.57 27.92 -31.34
CA PHE A 85 -11.89 27.35 -31.67
C PHE A 85 -12.14 26.09 -30.82
N SER A 86 -12.37 26.32 -29.51
CA SER A 86 -12.62 25.27 -28.51
C SER A 86 -13.87 24.41 -28.84
N GLY A 87 -13.68 23.38 -29.68
CA GLY A 87 -14.73 22.45 -30.08
C GLY A 87 -15.38 22.80 -31.40
N PHE A 88 -14.80 23.75 -32.18
CA PHE A 88 -15.47 24.31 -33.38
C PHE A 88 -14.58 24.12 -34.62
N ASP A 89 -15.03 23.30 -35.59
CA ASP A 89 -14.20 22.95 -36.77
C ASP A 89 -14.25 24.08 -37.82
N VAL A 90 -13.40 25.08 -37.59
CA VAL A 90 -13.26 26.29 -38.43
C VAL A 90 -13.11 26.00 -39.94
N GLU A 91 -12.31 24.98 -40.31
CA GLU A 91 -12.03 24.67 -41.73
C GLU A 91 -13.31 24.18 -42.45
N ASP A 92 -14.31 23.76 -41.66
CA ASP A 92 -15.61 23.28 -42.18
C ASP A 92 -16.67 24.40 -42.20
N PHE A 93 -16.33 25.59 -41.62
CA PHE A 93 -17.28 26.74 -41.50
C PHE A 93 -17.22 27.66 -42.76
N SER A 94 -17.91 28.82 -42.71
CA SER A 94 -18.15 29.70 -43.89
C SER A 94 -16.90 30.49 -44.33
N GLU A 95 -16.98 31.06 -45.56
CA GLU A 95 -15.92 31.89 -46.15
C GLU A 95 -15.62 33.14 -45.29
N PHE A 96 -16.67 33.90 -44.90
CA PHE A 96 -16.54 35.17 -44.16
C PHE A 96 -15.79 34.96 -42.83
N PHE A 97 -16.14 33.85 -42.20
CA PHE A 97 -15.52 33.40 -40.96
C PHE A 97 -14.01 33.12 -41.20
N GLN A 98 -13.73 32.35 -42.25
CA GLN A 98 -12.36 31.95 -42.61
C GLN A 98 -11.57 33.09 -43.32
N GLU A 99 -12.24 34.22 -43.60
CA GLU A 99 -11.59 35.44 -44.12
C GLU A 99 -11.21 36.37 -42.97
N LEU A 100 -12.18 36.62 -42.08
CA LEU A 100 -12.02 37.47 -40.89
C LEU A 100 -10.90 36.94 -39.98
N PHE A 101 -11.04 35.67 -39.60
CA PHE A 101 -10.06 34.99 -38.74
C PHE A 101 -8.92 34.35 -39.57
N GLY A 102 -9.02 34.48 -40.92
CA GLY A 102 -8.03 33.95 -41.88
C GLY A 102 -6.55 34.10 -41.49
N PRO A 103 -6.04 35.37 -41.26
CA PRO A 103 -4.62 35.65 -40.91
C PRO A 103 -4.02 34.81 -39.76
N GLY A 104 -4.88 34.21 -38.90
CA GLY A 104 -4.40 33.39 -37.79
C GLY A 104 -5.24 32.16 -37.51
N LEU A 105 -5.85 31.57 -38.56
CA LEU A 105 -6.54 30.25 -38.45
C LEU A 105 -5.56 29.10 -38.16
N PHE A 106 -5.15 29.01 -36.88
CA PHE A 106 -4.27 27.97 -36.35
C PHE A 106 -3.15 27.51 -37.32
N GLY A 107 -3.30 26.26 -37.85
CA GLY A 107 -2.16 25.54 -38.42
C GLY A 107 -1.06 25.32 -37.38
N GLY A 108 -1.44 25.50 -36.10
CA GLY A 108 -0.50 25.66 -35.00
C GLY A 108 0.53 26.75 -35.26
N PHE A 109 1.81 26.36 -35.21
CA PHE A 109 2.95 27.24 -35.51
C PHE A 109 3.44 27.00 -36.95
N GLY A 110 2.80 26.05 -37.65
CA GLY A 110 3.14 25.74 -39.05
C GLY A 110 2.41 26.65 -40.03
N ARG A 111 1.20 27.10 -39.62
CA ARG A 111 0.39 28.11 -40.35
C ARG A 111 -0.12 27.65 -41.74
N ARG A 112 0.28 26.43 -42.20
CA ARG A 112 -0.24 25.79 -43.43
C ARG A 112 -1.78 25.58 -43.32
N SER A 113 -2.25 25.38 -42.06
CA SER A 113 -3.66 25.21 -41.71
C SER A 113 -4.15 23.79 -42.01
N ARG A 114 -3.64 22.82 -41.22
CA ARG A 114 -4.03 21.40 -41.32
C ARG A 114 -4.31 20.84 -39.90
N LYS A 115 -5.04 19.69 -39.81
CA LYS A 115 -5.66 19.19 -38.55
C LYS A 115 -4.61 18.82 -37.48
N GLY A 116 -4.98 19.06 -36.21
CA GLY A 116 -4.12 18.74 -35.07
C GLY A 116 -4.27 17.29 -34.58
N ARG A 117 -3.53 16.98 -33.51
CA ARG A 117 -3.56 15.67 -32.81
C ARG A 117 -4.55 15.72 -31.62
N ASP A 118 -4.94 14.54 -31.07
CA ASP A 118 -5.60 14.48 -29.75
C ASP A 118 -4.50 14.51 -28.66
N LEU A 119 -4.60 15.47 -27.75
CA LEU A 119 -3.59 15.76 -26.72
C LEU A 119 -4.28 15.64 -25.36
N ARG A 120 -3.75 14.75 -24.50
CA ARG A 120 -4.33 14.47 -23.18
C ARG A 120 -3.65 15.38 -22.14
N ALA A 121 -4.41 16.35 -21.62
CA ALA A 121 -3.96 17.30 -20.59
C ALA A 121 -4.68 17.02 -19.27
N GLU A 122 -4.23 17.70 -18.20
CA GLU A 122 -4.77 17.50 -16.86
C GLU A 122 -5.32 18.81 -16.35
N LEU A 123 -6.59 18.81 -15.92
CA LEU A 123 -7.25 20.02 -15.40
C LEU A 123 -7.20 19.93 -13.87
N PRO A 124 -6.26 20.66 -13.18
CA PRO A 124 -6.22 20.67 -11.71
C PRO A 124 -7.42 21.47 -11.20
N LEU A 125 -8.38 20.83 -10.53
CA LEU A 125 -9.63 21.51 -10.17
C LEU A 125 -9.87 21.49 -8.66
N THR A 126 -10.25 22.66 -8.14
CA THR A 126 -10.60 22.86 -6.74
C THR A 126 -11.85 22.04 -6.37
N LEU A 127 -11.83 21.34 -5.21
CA LEU A 127 -12.92 20.43 -4.80
C LEU A 127 -14.27 21.18 -4.66
N GLU A 128 -14.21 22.41 -4.15
CA GLU A 128 -15.38 23.29 -4.00
C GLU A 128 -16.02 23.53 -5.38
N GLU A 129 -15.17 23.77 -6.39
CA GLU A 129 -15.57 23.89 -7.80
C GLU A 129 -16.10 22.55 -8.35
N ALA A 130 -15.50 21.44 -7.92
CA ALA A 130 -15.87 20.09 -8.40
C ALA A 130 -17.30 19.73 -7.95
N PHE A 131 -17.69 20.27 -6.79
CA PHE A 131 -19.03 20.10 -6.23
C PHE A 131 -20.04 21.03 -6.93
N HIS A 132 -19.78 22.35 -6.86
CA HIS A 132 -20.75 23.39 -7.24
C HIS A 132 -20.89 23.53 -8.77
N GLY A 133 -19.76 23.54 -9.48
CA GLY A 133 -19.76 23.60 -10.97
C GLY A 133 -19.85 25.01 -11.54
N GLY A 134 -20.05 25.10 -12.88
CA GLY A 134 -20.21 26.39 -13.59
C GLY A 134 -19.01 26.74 -14.45
N GLU A 135 -18.94 28.01 -14.92
CA GLU A 135 -17.82 28.50 -15.76
C GLU A 135 -16.53 28.62 -14.92
N ARG A 136 -15.60 27.68 -15.14
CA ARG A 136 -14.26 27.75 -14.57
C ARG A 136 -13.30 28.41 -15.57
N VAL A 137 -12.72 29.54 -15.14
CA VAL A 137 -11.67 30.25 -15.89
C VAL A 137 -10.33 29.58 -15.56
N VAL A 138 -9.70 28.98 -16.59
CA VAL A 138 -8.44 28.25 -16.45
C VAL A 138 -7.43 28.74 -17.51
N GLU A 139 -6.22 29.09 -17.04
CA GLU A 139 -5.13 29.62 -17.87
C GLU A 139 -4.23 28.49 -18.37
N VAL A 140 -3.70 28.61 -19.61
CA VAL A 140 -2.73 27.66 -20.15
C VAL A 140 -2.00 28.25 -21.37
N ALA A 141 -0.71 28.64 -21.16
CA ALA A 141 0.16 29.20 -22.20
C ALA A 141 -0.45 30.47 -22.83
N GLY A 142 -1.17 31.25 -22.00
CA GLY A 142 -1.83 32.50 -22.44
C GLY A 142 -3.30 32.30 -22.81
N ARG A 143 -3.68 31.04 -23.10
CA ARG A 143 -5.05 30.66 -23.46
C ARG A 143 -5.96 30.64 -22.20
N ARG A 144 -6.78 31.69 -22.06
CA ARG A 144 -7.82 31.79 -21.02
C ARG A 144 -9.12 31.14 -21.53
N VAL A 145 -9.36 29.87 -21.16
CA VAL A 145 -10.60 29.17 -21.54
C VAL A 145 -11.57 29.12 -20.36
N SER A 146 -12.79 29.62 -20.59
CA SER A 146 -13.88 29.55 -19.61
C SER A 146 -14.67 28.27 -19.86
N VAL A 147 -14.17 27.15 -19.30
CA VAL A 147 -14.77 25.82 -19.49
C VAL A 147 -15.78 25.53 -18.37
N ARG A 148 -17.04 25.24 -18.74
CA ARG A 148 -18.06 24.83 -17.77
C ARG A 148 -17.75 23.42 -17.25
N ILE A 149 -17.30 23.36 -16.00
CA ILE A 149 -17.15 22.13 -15.25
C ILE A 149 -18.55 21.64 -14.77
N PRO A 150 -18.96 20.38 -15.07
CA PRO A 150 -20.24 19.82 -14.59
C PRO A 150 -20.29 19.69 -13.04
N PRO A 151 -21.40 20.16 -12.36
CA PRO A 151 -21.61 19.96 -10.91
C PRO A 151 -21.59 18.46 -10.54
N GLY A 152 -20.53 18.04 -9.85
CA GLY A 152 -20.31 16.64 -9.53
C GLY A 152 -19.36 15.97 -10.52
N VAL A 153 -18.22 16.64 -10.75
CA VAL A 153 -17.14 16.12 -11.63
C VAL A 153 -16.06 15.43 -10.79
N ARG A 154 -15.57 14.27 -11.28
CA ARG A 154 -14.70 13.36 -10.50
C ARG A 154 -13.33 13.24 -11.13
N GLU A 155 -12.38 12.64 -10.39
CA GLU A 155 -11.01 12.39 -10.86
C GLU A 155 -11.01 11.56 -12.17
N GLY A 156 -10.26 12.06 -13.15
CA GLY A 156 -10.15 11.41 -14.46
C GLY A 156 -11.35 11.66 -15.38
N SER A 157 -12.25 12.59 -15.00
CA SER A 157 -13.40 12.96 -15.86
C SER A 157 -12.88 13.85 -17.02
N VAL A 158 -13.25 13.49 -18.25
CA VAL A 158 -12.65 14.05 -19.47
C VAL A 158 -13.63 14.98 -20.18
N ILE A 159 -13.27 16.27 -20.24
CA ILE A 159 -13.98 17.26 -21.06
C ILE A 159 -13.22 17.34 -22.40
N ARG A 160 -13.67 16.52 -23.38
CA ARG A 160 -13.06 16.48 -24.73
C ARG A 160 -13.46 17.74 -25.52
N VAL A 161 -12.53 18.70 -25.56
CA VAL A 161 -12.72 20.01 -26.19
C VAL A 161 -11.58 20.28 -27.22
N PRO A 162 -11.83 20.06 -28.56
CA PRO A 162 -10.88 20.44 -29.64
C PRO A 162 -10.38 21.91 -29.57
N GLY A 163 -9.23 22.20 -30.18
CA GLY A 163 -8.75 23.59 -30.37
C GLY A 163 -7.56 23.95 -29.52
N MET A 164 -7.42 23.29 -28.38
CA MET A 164 -6.33 23.57 -27.41
C MET A 164 -5.43 22.34 -27.22
N GLY A 165 -5.78 21.25 -27.93
CA GLY A 165 -4.98 20.03 -27.93
C GLY A 165 -3.91 20.07 -29.00
N GLY A 166 -4.12 19.30 -30.07
CA GLY A 166 -3.28 19.39 -31.26
C GLY A 166 -3.50 20.70 -31.99
N GLN A 167 -2.43 21.50 -32.07
CA GLN A 167 -2.47 22.83 -32.67
C GLN A 167 -2.52 22.71 -34.20
N GLY A 168 -3.72 22.95 -34.74
CA GLY A 168 -3.99 22.80 -36.18
C GLY A 168 -5.34 23.39 -36.53
N ASN A 169 -5.55 23.75 -37.83
CA ASN A 169 -6.74 24.52 -38.26
C ASN A 169 -8.05 23.74 -37.95
N PRO A 170 -8.33 22.51 -38.55
CA PRO A 170 -9.36 21.63 -37.96
C PRO A 170 -8.88 21.23 -36.54
N PRO A 171 -9.53 21.75 -35.47
CA PRO A 171 -8.98 21.75 -34.10
C PRO A 171 -8.70 20.32 -33.54
N GLY A 172 -7.46 20.10 -33.03
CA GLY A 172 -7.10 18.85 -32.39
C GLY A 172 -7.66 18.76 -30.98
N ASP A 173 -8.21 17.58 -30.64
CA ASP A 173 -8.96 17.35 -29.38
C ASP A 173 -8.07 17.57 -28.15
N LEU A 174 -8.54 18.39 -27.19
CA LEU A 174 -7.91 18.51 -25.88
C LEU A 174 -8.73 17.72 -24.86
N LEU A 175 -8.17 16.60 -24.43
CA LEU A 175 -8.78 15.76 -23.39
C LEU A 175 -8.50 16.38 -22.01
N LEU A 176 -9.45 17.21 -21.50
CA LEU A 176 -9.33 17.80 -20.14
C LEU A 176 -9.62 16.72 -19.09
N VAL A 177 -8.60 15.91 -18.77
CA VAL A 177 -8.71 14.84 -17.79
C VAL A 177 -8.39 15.45 -16.41
N VAL A 178 -9.44 15.67 -15.62
CA VAL A 178 -9.38 16.52 -14.42
C VAL A 178 -8.64 15.85 -13.23
N ARG A 179 -7.54 16.49 -12.78
CA ARG A 179 -6.82 16.14 -11.54
C ARG A 179 -7.37 16.98 -10.38
N LEU A 180 -8.21 16.40 -9.53
CA LEU A 180 -8.79 17.12 -8.38
C LEU A 180 -7.72 17.34 -7.29
N LEU A 181 -7.69 18.58 -6.72
CA LEU A 181 -6.68 19.03 -5.74
C LEU A 181 -6.59 18.11 -4.50
N PRO A 182 -5.41 18.08 -3.78
CA PRO A 182 -5.27 17.38 -2.48
C PRO A 182 -5.81 18.23 -1.31
N HIS A 183 -6.96 18.91 -1.55
CA HIS A 183 -7.72 19.64 -0.54
C HIS A 183 -8.20 18.61 0.51
N PRO A 184 -7.90 18.85 1.83
CA PRO A 184 -7.94 17.80 2.91
C PRO A 184 -9.32 17.20 3.30
N VAL A 185 -10.34 17.22 2.41
CA VAL A 185 -11.64 16.61 2.74
C VAL A 185 -11.81 15.30 1.96
N PHE A 186 -11.76 15.40 0.63
CA PHE A 186 -12.07 14.28 -0.28
C PHE A 186 -10.93 14.05 -1.28
N ARG A 187 -10.43 12.81 -1.31
CA ARG A 187 -9.47 12.35 -2.32
C ARG A 187 -10.27 11.53 -3.33
N LEU A 188 -11.08 12.26 -4.10
CA LEU A 188 -12.01 11.71 -5.09
C LEU A 188 -11.24 10.99 -6.21
N GLU A 189 -11.71 9.79 -6.55
CA GLU A 189 -11.09 8.91 -7.56
C GLU A 189 -12.20 8.26 -8.40
N GLY A 190 -12.15 8.44 -9.74
CA GLY A 190 -13.09 7.78 -10.68
C GLY A 190 -14.53 8.32 -10.59
N GLN A 191 -15.24 7.93 -9.51
CA GLN A 191 -16.60 8.42 -9.18
C GLN A 191 -16.79 8.54 -7.65
N ASP A 192 -15.86 7.92 -6.92
CA ASP A 192 -15.96 7.62 -5.48
C ASP A 192 -14.95 8.44 -4.63
N LEU A 193 -15.43 8.95 -3.49
CA LEU A 193 -14.68 9.87 -2.61
C LEU A 193 -13.87 9.10 -1.57
N TYR A 194 -12.86 9.76 -1.00
CA TYR A 194 -12.11 9.26 0.18
C TYR A 194 -12.04 10.39 1.21
N ALA A 195 -12.88 10.33 2.24
CA ALA A 195 -12.87 11.28 3.38
C ALA A 195 -12.25 10.59 4.59
N THR A 196 -11.56 11.34 5.45
CA THR A 196 -11.01 10.79 6.71
C THR A 196 -12.09 10.87 7.83
N LEU A 197 -12.17 9.83 8.69
CA LEU A 197 -13.22 9.71 9.71
C LEU A 197 -12.61 9.20 11.02
N ASP A 198 -12.42 10.12 11.98
CA ASP A 198 -11.98 9.75 13.34
C ASP A 198 -13.21 9.24 14.14
N VAL A 199 -13.09 8.04 14.70
CA VAL A 199 -14.15 7.39 15.51
C VAL A 199 -13.49 6.68 16.72
N PRO A 200 -14.06 6.78 17.95
CA PRO A 200 -13.55 6.00 19.10
C PRO A 200 -14.00 4.53 19.07
N ALA A 201 -13.21 3.66 19.73
CA ALA A 201 -13.35 2.19 19.65
C ALA A 201 -14.74 1.67 20.06
N PRO A 202 -15.32 2.06 21.25
CA PRO A 202 -16.70 1.62 21.63
C PRO A 202 -17.76 1.95 20.57
N ILE A 203 -17.75 3.21 20.06
CA ILE A 203 -18.74 3.68 19.08
C ILE A 203 -18.51 3.01 17.69
N ALA A 204 -17.26 2.57 17.43
CA ALA A 204 -16.90 1.82 16.21
C ALA A 204 -17.41 0.36 16.25
N VAL A 205 -17.18 -0.32 17.39
CA VAL A 205 -17.54 -1.75 17.57
C VAL A 205 -19.07 -1.94 17.67
N VAL A 206 -19.72 -0.99 18.35
CA VAL A 206 -21.16 -1.01 18.64
C VAL A 206 -21.98 -0.34 17.54
N GLY A 207 -21.46 0.79 17.05
CA GLY A 207 -22.21 1.68 16.17
C GLY A 207 -22.86 2.81 16.94
N GLY A 208 -23.01 3.97 16.31
CA GLY A 208 -23.57 5.15 16.96
C GLY A 208 -23.56 6.34 16.04
N LYS A 209 -23.29 7.54 16.58
CA LYS A 209 -23.24 8.79 15.78
C LYS A 209 -21.89 9.51 16.00
N VAL A 210 -21.18 9.75 14.89
CA VAL A 210 -19.93 10.53 14.82
C VAL A 210 -20.09 11.69 13.81
N ARG A 211 -18.99 12.39 13.48
CA ARG A 211 -18.99 13.51 12.52
C ARG A 211 -17.94 13.30 11.42
N ALA A 212 -18.35 13.48 10.15
CA ALA A 212 -17.45 13.60 8.97
C ALA A 212 -17.54 15.02 8.39
N MET A 213 -16.61 15.41 7.50
CA MET A 213 -16.61 16.75 6.86
C MET A 213 -16.92 16.63 5.35
N THR A 214 -17.64 17.63 4.81
CA THR A 214 -17.89 17.78 3.36
C THR A 214 -17.18 19.07 2.88
N LEU A 215 -17.44 19.47 1.62
CA LEU A 215 -16.78 20.61 0.97
C LEU A 215 -17.39 21.98 1.39
N GLU A 216 -18.49 21.95 2.18
CA GLU A 216 -19.19 23.19 2.61
C GLU A 216 -19.65 23.14 4.08
N GLY A 217 -19.21 22.12 4.83
CA GLY A 217 -19.55 22.00 6.26
C GLY A 217 -19.50 20.56 6.74
N PRO A 218 -19.71 20.29 8.07
CA PRO A 218 -19.71 18.90 8.59
C PRO A 218 -21.07 18.19 8.38
N VAL A 219 -21.12 16.91 8.76
CA VAL A 219 -22.31 16.04 8.68
C VAL A 219 -22.25 15.02 9.83
N GLU A 220 -23.37 14.85 10.56
CA GLU A 220 -23.44 13.91 11.68
C GLU A 220 -23.82 12.53 11.13
N VAL A 221 -22.82 11.64 11.05
CA VAL A 221 -22.92 10.36 10.35
C VAL A 221 -23.18 9.22 11.34
N ALA A 222 -24.13 8.33 11.00
CA ALA A 222 -24.41 7.11 11.78
C ALA A 222 -23.41 6.00 11.40
N VAL A 223 -22.44 5.74 12.29
CA VAL A 223 -21.36 4.74 12.10
C VAL A 223 -21.91 3.30 12.41
N PRO A 224 -21.54 2.24 11.61
CA PRO A 224 -22.08 0.87 11.79
C PRO A 224 -21.35 0.09 12.92
N PRO A 225 -21.74 -1.20 13.24
CA PRO A 225 -20.97 -2.02 14.17
C PRO A 225 -19.74 -2.69 13.50
N ARG A 226 -18.70 -2.93 14.32
CA ARG A 226 -17.45 -3.65 13.93
C ARG A 226 -16.61 -2.85 12.92
N THR A 227 -16.80 -1.53 12.93
CA THR A 227 -16.06 -0.56 12.12
C THR A 227 -14.55 -0.61 12.47
N GLN A 228 -13.72 -0.99 11.48
CA GLN A 228 -12.29 -1.34 11.69
C GLN A 228 -11.34 -0.29 11.09
N ALA A 229 -10.25 0.00 11.83
CA ALA A 229 -9.23 1.01 11.46
C ALA A 229 -8.48 0.63 10.19
N GLY A 230 -8.34 1.61 9.28
CA GLY A 230 -7.64 1.38 8.00
C GLY A 230 -8.59 1.00 6.89
N ARG A 231 -9.75 0.42 7.25
CA ARG A 231 -10.82 0.17 6.29
C ARG A 231 -11.48 1.47 5.89
N LYS A 232 -11.93 1.52 4.65
CA LYS A 232 -12.69 2.62 4.11
C LYS A 232 -14.15 2.14 3.99
N LEU A 233 -15.07 2.83 4.69
CA LEU A 233 -16.50 2.47 4.71
C LEU A 233 -17.12 2.90 3.39
N ARG A 234 -17.30 1.92 2.48
CA ARG A 234 -17.72 2.15 1.09
C ARG A 234 -19.23 2.45 1.03
N LEU A 235 -19.58 3.73 0.83
CA LEU A 235 -20.98 4.19 0.76
C LEU A 235 -21.39 4.45 -0.68
N LYS A 236 -22.05 3.46 -1.30
CA LYS A 236 -22.48 3.55 -2.70
C LYS A 236 -23.69 4.50 -2.86
N GLY A 237 -23.65 5.32 -3.93
CA GLY A 237 -24.66 6.36 -4.18
C GLY A 237 -24.38 7.64 -3.39
N LYS A 238 -23.14 7.81 -2.88
CA LYS A 238 -22.76 8.93 -1.99
C LYS A 238 -21.61 9.77 -2.58
N GLY A 239 -20.89 9.21 -3.55
CA GLY A 239 -19.89 9.97 -4.32
C GLY A 239 -20.52 10.82 -5.39
N PHE A 240 -19.72 11.35 -6.31
CA PHE A 240 -20.19 12.33 -7.31
C PHE A 240 -20.79 11.59 -8.53
N PRO A 241 -21.80 12.21 -9.26
CA PRO A 241 -22.48 11.61 -10.45
C PRO A 241 -21.57 10.81 -11.41
N GLY A 242 -21.72 9.47 -11.39
CA GLY A 242 -20.91 8.54 -12.18
C GLY A 242 -21.74 7.49 -12.90
N PRO A 243 -21.14 6.30 -13.29
CA PRO A 243 -21.82 5.25 -14.10
C PRO A 243 -23.08 4.66 -13.40
N ALA A 244 -22.99 4.46 -12.07
CA ALA A 244 -24.08 3.83 -11.27
C ALA A 244 -25.07 4.90 -10.74
N GLY A 245 -25.12 6.07 -11.42
CA GLY A 245 -25.90 7.21 -10.94
C GLY A 245 -25.01 8.17 -10.19
N ARG A 246 -24.65 7.78 -8.96
CA ARG A 246 -23.60 8.44 -8.15
C ARG A 246 -22.54 7.40 -7.80
N GLY A 247 -21.32 7.88 -7.47
CA GLY A 247 -20.22 7.00 -7.04
C GLY A 247 -20.33 6.59 -5.58
N ASP A 248 -19.19 6.18 -4.99
CA ASP A 248 -19.15 5.70 -3.58
C ASP A 248 -18.53 6.79 -2.67
N LEU A 249 -18.55 6.58 -1.36
CA LEU A 249 -17.92 7.47 -0.38
C LEU A 249 -17.20 6.62 0.65
N TYR A 250 -15.90 6.46 0.45
CA TYR A 250 -15.01 5.69 1.32
C TYR A 250 -14.64 6.55 2.56
N LEU A 251 -15.17 6.19 3.74
CA LEU A 251 -14.84 6.86 5.02
C LEU A 251 -13.69 6.10 5.73
N GLU A 252 -12.51 6.72 5.74
CA GLU A 252 -11.25 6.12 6.21
C GLU A 252 -11.23 6.13 7.75
N VAL A 253 -11.50 4.95 8.33
CA VAL A 253 -11.68 4.78 9.77
C VAL A 253 -10.37 4.99 10.54
N ARG A 254 -10.41 5.89 11.54
CA ARG A 254 -9.29 6.23 12.40
C ARG A 254 -9.73 5.99 13.86
N ILE A 255 -9.48 4.78 14.38
CA ILE A 255 -9.97 4.36 15.70
C ILE A 255 -9.06 4.85 16.83
N THR A 256 -9.68 5.52 17.81
CA THR A 256 -9.02 6.00 19.03
C THR A 256 -9.51 5.19 20.25
N ILE A 257 -8.70 5.12 21.31
CA ILE A 257 -9.08 4.46 22.58
C ILE A 257 -9.44 5.54 23.64
N PRO A 258 -10.36 5.24 24.63
CA PRO A 258 -10.95 6.26 25.58
C PRO A 258 -9.92 7.12 26.32
N GLU A 259 -8.69 6.59 26.42
CA GLU A 259 -7.62 7.10 27.29
C GLU A 259 -8.10 7.24 28.75
N ARG A 260 -8.84 8.32 29.05
CA ARG A 260 -9.43 8.56 30.37
C ARG A 260 -10.54 7.52 30.68
N LEU A 261 -10.49 6.93 31.91
CA LEU A 261 -11.50 5.97 32.42
C LEU A 261 -11.71 6.19 33.93
N THR A 262 -12.93 5.89 34.40
CA THR A 262 -13.26 5.83 35.84
C THR A 262 -13.72 4.39 36.20
N PRO A 263 -13.62 3.95 37.52
CA PRO A 263 -13.85 2.56 38.03
C PRO A 263 -14.70 1.61 37.15
N GLU A 264 -15.89 2.09 36.71
CA GLU A 264 -16.81 1.32 35.85
C GLU A 264 -16.11 0.88 34.55
N GLU A 265 -15.80 1.85 33.66
CA GLU A 265 -15.28 1.57 32.31
C GLU A 265 -13.83 1.05 32.40
N GLU A 266 -13.11 1.48 33.45
CA GLU A 266 -11.75 1.03 33.76
C GLU A 266 -11.70 -0.51 33.90
N ALA A 267 -12.48 -1.00 34.88
CA ALA A 267 -12.63 -2.42 35.15
C ALA A 267 -13.21 -3.16 33.94
N LEU A 268 -14.14 -2.49 33.25
CA LEU A 268 -14.90 -3.05 32.12
C LEU A 268 -13.97 -3.35 30.93
N TRP A 269 -13.02 -2.42 30.69
CA TRP A 269 -12.01 -2.55 29.64
C TRP A 269 -11.02 -3.66 29.99
N LYS A 270 -10.66 -3.79 31.28
CA LYS A 270 -9.77 -4.88 31.74
C LYS A 270 -10.46 -6.27 31.61
N LYS A 271 -11.76 -6.35 31.92
CA LYS A 271 -12.55 -7.60 31.78
C LYS A 271 -12.59 -8.04 30.31
N LEU A 272 -12.93 -7.05 29.44
CA LEU A 272 -12.88 -7.22 27.98
C LEU A 272 -11.51 -7.70 27.53
N ALA A 273 -10.46 -7.00 27.98
CA ALA A 273 -9.09 -7.16 27.47
C ALA A 273 -8.45 -8.50 27.80
N GLU A 274 -8.72 -8.98 29.02
CA GLU A 274 -8.09 -10.17 29.57
C GLU A 274 -8.87 -11.43 29.18
N ALA A 275 -10.21 -11.31 29.07
CA ALA A 275 -11.05 -12.39 28.49
C ALA A 275 -10.81 -12.48 26.97
N TYR A 276 -10.54 -11.31 26.35
CA TYR A 276 -10.17 -11.20 24.93
C TYR A 276 -8.81 -11.85 24.71
N TYR A 277 -7.88 -11.60 25.65
CA TYR A 277 -6.50 -12.12 25.60
C TYR A 277 -6.55 -13.66 25.67
N ALA A 278 -7.42 -14.17 26.56
CA ALA A 278 -7.70 -15.61 26.71
C ALA A 278 -8.40 -16.22 25.48
N ARG A 279 -8.82 -15.37 24.53
CA ARG A 279 -9.45 -15.79 23.26
C ARG A 279 -8.74 -15.16 22.04
N ALA A 280 -7.53 -14.59 22.22
CA ALA A 280 -6.81 -13.83 21.16
C ALA A 280 -5.83 -14.76 20.38
N MET B 1 -13.27 27.21 -0.07
CA MET B 1 -12.33 27.40 1.05
C MET B 1 -11.11 28.19 0.57
N LYS B 2 -10.39 27.62 -0.41
CA LYS B 2 -9.18 28.22 -1.00
C LYS B 2 -9.49 28.90 -2.34
N GLN B 3 -8.43 29.45 -2.98
CA GLN B 3 -8.53 30.06 -4.32
C GLN B 3 -9.02 29.00 -5.33
N SER B 4 -10.31 29.11 -5.69
CA SER B 4 -11.03 28.14 -6.53
C SER B 4 -10.79 28.41 -8.04
N THR B 5 -9.64 29.01 -8.37
CA THR B 5 -9.24 29.29 -9.75
C THR B 5 -7.87 28.63 -10.02
N ILE B 6 -7.67 28.16 -11.27
CA ILE B 6 -6.67 27.13 -11.59
C ILE B 6 -5.96 27.44 -12.93
N ALA B 7 -4.98 26.56 -13.28
CA ALA B 7 -4.21 26.66 -14.54
C ALA B 7 -3.84 25.25 -15.05
N LEU B 8 -4.16 24.95 -16.33
CA LEU B 8 -4.05 23.61 -16.95
C LEU B 8 -2.58 23.13 -17.05
N ALA B 9 -2.38 21.80 -16.96
CA ALA B 9 -1.06 21.17 -17.08
C ALA B 9 -0.54 21.19 -18.54
N LEU B 10 -1.39 20.76 -19.50
CA LEU B 10 -1.04 20.57 -20.94
C LEU B 10 0.10 19.52 -21.07
N LEU B 11 -0.26 18.28 -21.48
CA LEU B 11 0.71 17.17 -21.64
C LEU B 11 0.65 16.64 -23.10
N PRO B 12 1.81 16.65 -23.87
CA PRO B 12 1.89 16.29 -25.32
C PRO B 12 0.96 15.13 -25.76
N LEU B 13 1.13 13.94 -25.13
CA LEU B 13 0.24 12.77 -25.31
C LEU B 13 0.71 11.62 -24.40
N LEU B 14 -0.17 11.16 -23.51
CA LEU B 14 0.08 10.04 -22.58
C LEU B 14 -1.25 9.48 -22.05
N PHE B 15 -1.34 8.11 -22.00
CA PHE B 15 -2.53 7.31 -21.61
C PHE B 15 -3.90 7.97 -21.95
N THR B 16 -4.36 7.74 -23.18
CA THR B 16 -5.64 8.25 -23.69
C THR B 16 -6.83 7.53 -22.99
N PRO B 17 -7.76 8.29 -22.33
CA PRO B 17 -8.96 7.72 -21.66
C PRO B 17 -9.89 6.99 -22.66
N VAL B 18 -10.42 5.80 -22.25
CA VAL B 18 -11.24 4.93 -23.11
C VAL B 18 -12.65 4.71 -22.48
N THR B 19 -12.71 4.44 -21.16
CA THR B 19 -13.99 4.14 -20.48
C THR B 19 -14.87 5.39 -20.37
N LYS B 20 -16.03 5.34 -21.03
CA LYS B 20 -17.04 6.42 -21.01
C LYS B 20 -17.88 6.37 -19.72
N ALA B 21 -17.77 5.22 -18.99
CA ALA B 21 -18.42 4.98 -17.69
C ALA B 21 -19.95 5.01 -17.81
N ARG B 22 -20.49 3.99 -18.49
CA ARG B 22 -21.93 3.80 -18.67
C ARG B 22 -22.48 2.89 -17.55
N THR B 23 -23.81 2.86 -17.39
CA THR B 23 -24.47 2.07 -16.34
C THR B 23 -24.29 0.54 -16.59
N PRO B 24 -23.60 -0.21 -15.67
CA PRO B 24 -23.44 -1.67 -15.79
C PRO B 24 -24.59 -2.42 -15.06
N GLU B 25 -24.42 -3.75 -14.93
CA GLU B 25 -25.38 -4.60 -14.19
C GLU B 25 -25.13 -4.46 -12.68
N MET B 26 -26.17 -4.70 -11.88
CA MET B 26 -26.09 -4.63 -10.40
C MET B 26 -26.25 -6.06 -9.82
N PRO B 27 -25.10 -6.75 -9.48
CA PRO B 27 -25.13 -8.10 -8.83
C PRO B 27 -25.78 -8.08 -7.43
N VAL B 28 -26.33 -9.24 -6.99
CA VAL B 28 -26.88 -9.41 -5.64
C VAL B 28 -25.74 -9.31 -4.59
N LEU B 29 -24.55 -9.86 -4.97
CA LEU B 29 -23.26 -9.75 -4.27
C LEU B 29 -23.34 -10.32 -2.81
N GLU B 30 -23.93 -9.53 -1.90
CA GLU B 30 -24.15 -9.86 -0.47
C GLU B 30 -22.84 -9.93 0.33
N ASN B 31 -22.32 -8.73 0.68
CA ASN B 31 -21.12 -8.51 1.51
C ASN B 31 -19.85 -9.21 0.95
N ARG B 32 -19.03 -8.42 0.22
CA ARG B 32 -17.77 -8.87 -0.39
C ARG B 32 -16.75 -9.27 0.70
N ALA B 33 -16.66 -10.60 0.95
CA ALA B 33 -15.83 -11.21 2.02
C ALA B 33 -16.30 -10.81 3.43
N ALA B 34 -17.52 -10.21 3.50
CA ALA B 34 -18.09 -9.54 4.68
C ALA B 34 -17.20 -8.37 5.16
N GLN B 35 -16.10 -8.73 5.84
CA GLN B 35 -15.14 -7.77 6.41
C GLN B 35 -13.83 -8.51 6.78
N GLY B 36 -13.99 -9.67 7.44
CA GLY B 36 -12.90 -10.45 8.02
C GLY B 36 -13.27 -10.97 9.41
N ASP B 37 -12.34 -11.71 10.06
CA ASP B 37 -12.60 -12.35 11.37
C ASP B 37 -11.27 -12.78 12.03
N ILE B 38 -11.28 -12.95 13.38
CA ILE B 38 -10.06 -13.27 14.19
C ILE B 38 -10.23 -14.65 14.92
N THR B 39 -11.21 -15.48 14.49
CA THR B 39 -11.34 -16.87 14.98
C THR B 39 -11.26 -17.85 13.80
N ALA B 40 -12.36 -17.96 13.04
CA ALA B 40 -12.48 -18.80 11.84
C ALA B 40 -13.87 -18.64 11.17
N PRO B 41 -15.04 -18.90 11.89
CA PRO B 41 -16.36 -18.91 11.25
C PRO B 41 -17.06 -17.53 11.25
N GLY B 42 -16.58 -16.61 12.11
CA GLY B 42 -17.29 -15.36 12.42
C GLY B 42 -17.38 -15.17 13.93
N GLY B 43 -17.60 -16.27 14.66
CA GLY B 43 -17.78 -16.23 16.11
C GLY B 43 -19.20 -15.84 16.51
N ALA B 44 -19.43 -15.70 17.82
CA ALA B 44 -20.78 -15.47 18.37
C ALA B 44 -21.17 -13.97 18.30
N ARG B 45 -21.32 -13.46 17.05
CA ARG B 45 -21.52 -12.01 16.80
C ARG B 45 -22.94 -11.54 17.15
N ARG B 46 -23.81 -12.50 17.54
CA ARG B 46 -25.17 -12.22 18.04
C ARG B 46 -25.38 -12.98 19.37
N LEU B 47 -26.57 -12.87 19.96
CA LEU B 47 -26.89 -13.50 21.26
C LEU B 47 -28.23 -14.25 21.21
N THR B 48 -28.54 -14.93 22.33
CA THR B 48 -29.77 -15.73 22.50
C THR B 48 -31.00 -14.82 22.69
N GLY B 49 -30.76 -13.62 23.26
CA GLY B 49 -31.81 -12.67 23.58
C GLY B 49 -32.75 -13.20 24.66
N ASP B 50 -33.96 -13.65 24.24
CA ASP B 50 -34.93 -14.30 25.14
C ASP B 50 -36.06 -14.96 24.32
N GLN B 51 -37.02 -14.14 23.86
CA GLN B 51 -38.23 -14.62 23.17
C GLN B 51 -38.33 -14.02 21.76
N THR B 52 -38.18 -12.69 21.64
CA THR B 52 -38.32 -11.97 20.36
C THR B 52 -37.31 -10.80 20.25
N ALA B 53 -37.22 -10.23 19.04
CA ALA B 53 -36.34 -9.08 18.74
C ALA B 53 -37.17 -7.79 18.72
N ALA B 54 -36.96 -6.93 19.73
CA ALA B 54 -37.63 -5.63 19.83
C ALA B 54 -37.01 -4.60 18.86
N LEU B 55 -37.82 -3.58 18.55
CA LEU B 55 -37.45 -2.48 17.63
C LEU B 55 -37.08 -1.23 18.47
N ARG B 56 -36.52 -1.49 19.68
CA ARG B 56 -36.55 -0.57 20.84
C ARG B 56 -38.02 -0.47 21.35
N ASP B 57 -38.20 0.05 22.57
CA ASP B 57 -39.51 0.16 23.23
C ASP B 57 -40.43 1.16 22.48
N SER B 58 -41.20 0.62 21.51
CA SER B 58 -42.06 1.42 20.61
C SER B 58 -43.41 1.75 21.28
N LEU B 59 -44.09 0.70 21.78
CA LEU B 59 -45.36 0.86 22.52
C LEU B 59 -45.08 1.39 23.94
N SER B 60 -43.92 0.98 24.52
CA SER B 60 -43.47 1.40 25.86
C SER B 60 -44.51 1.03 26.96
N ASP B 61 -44.54 1.80 28.07
CA ASP B 61 -45.63 1.74 29.07
C ASP B 61 -46.80 2.62 28.61
N LYS B 62 -46.56 3.94 28.62
CA LYS B 62 -47.49 4.94 28.11
C LYS B 62 -46.76 5.80 27.05
N PRO B 63 -47.06 5.60 25.72
CA PRO B 63 -46.45 6.41 24.63
C PRO B 63 -46.99 7.85 24.64
N ALA B 64 -46.22 8.78 24.01
CA ALA B 64 -46.53 10.24 24.02
C ALA B 64 -46.57 10.78 25.48
N LYS B 65 -47.32 11.88 25.73
CA LYS B 65 -47.60 12.43 27.08
C LYS B 65 -46.30 12.90 27.76
N ASN B 66 -45.97 14.21 27.59
CA ASN B 66 -44.67 14.82 27.97
C ASN B 66 -43.57 14.36 26.99
N ILE B 67 -43.41 13.03 26.86
CA ILE B 67 -42.61 12.38 25.81
C ILE B 67 -43.15 12.78 24.42
N ILE B 68 -42.24 13.03 23.43
CA ILE B 68 -42.54 13.75 22.17
C ILE B 68 -42.78 15.25 22.50
N LEU B 69 -42.14 16.14 21.74
CA LEU B 69 -42.04 17.60 22.01
C LEU B 69 -41.21 17.89 23.28
N LEU B 70 -40.55 16.85 23.82
CA LEU B 70 -39.79 16.95 25.08
C LEU B 70 -38.38 17.51 24.78
N ILE B 71 -37.77 16.98 23.71
CA ILE B 71 -36.38 17.28 23.31
C ILE B 71 -35.38 16.75 24.38
N GLY B 72 -35.26 17.50 25.51
CA GLY B 72 -34.41 17.10 26.64
C GLY B 72 -32.92 17.05 26.30
N ASP B 73 -32.50 17.94 25.37
CA ASP B 73 -31.12 18.00 24.86
C ASP B 73 -30.30 19.05 25.63
N GLY B 74 -28.97 18.94 25.56
CA GLY B 74 -28.05 19.92 26.16
C GLY B 74 -28.05 21.27 25.43
N MET B 75 -28.66 21.28 24.21
CA MET B 75 -28.90 22.50 23.39
C MET B 75 -27.58 23.15 22.91
N GLY B 76 -26.49 22.38 22.99
CA GLY B 76 -25.16 22.86 22.61
C GLY B 76 -24.65 23.96 23.55
N ASP B 77 -24.46 23.60 24.84
CA ASP B 77 -23.86 24.48 25.88
C ASP B 77 -24.82 25.67 26.22
N SER B 78 -24.79 26.72 25.37
CA SER B 78 -25.67 27.91 25.47
C SER B 78 -25.56 28.60 26.85
N GLU B 79 -24.32 28.87 27.29
CA GLU B 79 -24.02 29.57 28.58
C GLU B 79 -24.48 31.05 28.60
N ILE B 80 -25.00 31.54 27.43
CA ILE B 80 -25.56 32.90 27.24
C ILE B 80 -26.46 33.32 28.42
N THR B 81 -27.30 32.37 28.86
CA THR B 81 -28.11 32.52 30.07
C THR B 81 -27.95 31.26 30.93
N ALA B 82 -27.01 31.33 31.89
CA ALA B 82 -26.82 30.30 32.92
C ALA B 82 -27.94 30.42 33.97
N ALA B 83 -29.09 29.79 33.65
CA ALA B 83 -30.27 29.78 34.53
C ALA B 83 -30.00 28.90 35.76
N ARG B 84 -29.36 29.53 36.78
CA ARG B 84 -28.78 28.89 37.97
C ARG B 84 -27.61 27.97 37.55
N ASN B 85 -27.95 26.81 36.97
CA ASN B 85 -27.00 25.90 36.31
C ASN B 85 -27.63 25.51 34.97
N TYR B 86 -28.86 24.98 35.07
CA TYR B 86 -29.73 24.62 33.95
C TYR B 86 -31.18 24.56 34.48
N ALA B 87 -32.01 25.54 34.11
CA ALA B 87 -33.42 25.59 34.53
C ALA B 87 -34.29 25.87 33.29
N GLU B 88 -34.28 27.13 32.83
CA GLU B 88 -34.91 27.51 31.56
C GLU B 88 -34.04 27.01 30.39
N GLY B 89 -34.70 26.54 29.33
CA GLY B 89 -34.03 25.86 28.22
C GLY B 89 -33.57 26.80 27.10
N ALA B 90 -32.94 27.93 27.51
CA ALA B 90 -32.26 28.91 26.63
C ALA B 90 -33.13 29.31 25.40
N GLY B 91 -33.02 28.53 24.32
CA GLY B 91 -33.83 28.71 23.10
C GLY B 91 -34.41 27.39 22.63
N GLY B 92 -33.65 26.29 22.86
CA GLY B 92 -33.98 24.95 22.37
C GLY B 92 -35.29 24.38 22.92
N PHE B 93 -35.64 24.79 24.15
CA PHE B 93 -36.90 24.39 24.81
C PHE B 93 -38.14 24.87 24.02
N PHE B 94 -38.02 26.08 23.45
CA PHE B 94 -39.12 26.76 22.75
C PHE B 94 -39.47 26.10 21.40
N LYS B 95 -38.59 25.20 20.94
CA LYS B 95 -38.82 24.38 19.73
C LYS B 95 -39.81 23.25 20.04
N GLY B 96 -39.81 22.80 21.31
CA GLY B 96 -40.73 21.77 21.80
C GLY B 96 -42.16 22.26 22.02
N ILE B 97 -42.38 23.58 21.92
CA ILE B 97 -43.72 24.18 22.04
C ILE B 97 -44.62 23.71 20.87
N ASP B 98 -44.16 23.95 19.63
CA ASP B 98 -44.91 23.61 18.41
C ASP B 98 -44.60 22.15 17.97
N ALA B 99 -43.51 21.98 17.21
CA ALA B 99 -43.11 20.71 16.56
C ALA B 99 -41.99 20.95 15.55
N LEU B 100 -42.09 22.11 14.85
CA LEU B 100 -41.28 22.46 13.65
C LEU B 100 -41.44 21.35 12.58
N PRO B 101 -42.70 21.09 12.12
CA PRO B 101 -43.02 19.86 11.38
C PRO B 101 -42.73 19.95 9.87
N LEU B 102 -42.19 18.85 9.31
CA LEU B 102 -42.10 18.66 7.86
C LEU B 102 -43.54 18.46 7.35
N THR B 103 -44.15 17.31 7.72
CA THR B 103 -45.56 17.00 7.45
C THR B 103 -45.99 15.89 8.44
N GLY B 104 -46.67 16.30 9.53
CA GLY B 104 -47.02 15.39 10.64
C GLY B 104 -45.78 14.78 11.28
N GLN B 105 -44.90 15.66 11.81
CA GLN B 105 -43.55 15.29 12.30
C GLN B 105 -43.58 14.22 13.40
N TYR B 106 -44.70 14.19 14.14
CA TYR B 106 -44.92 13.31 15.30
C TYR B 106 -44.76 11.80 14.94
N THR B 107 -45.09 11.45 13.67
CA THR B 107 -45.01 10.05 13.17
C THR B 107 -44.22 10.00 11.83
N HIS B 108 -43.67 11.16 11.39
CA HIS B 108 -43.01 11.30 10.07
C HIS B 108 -41.63 10.60 10.06
N TYR B 109 -41.65 9.26 9.85
CA TYR B 109 -40.47 8.35 9.85
C TYR B 109 -39.90 8.12 11.27
N ALA B 110 -39.78 9.19 12.06
CA ALA B 110 -39.23 9.18 13.42
C ALA B 110 -40.25 8.60 14.43
N LEU B 111 -40.40 7.26 14.38
CA LEU B 111 -41.21 6.47 15.33
C LEU B 111 -40.95 4.98 15.00
N ASN B 112 -41.64 4.45 13.98
CA ASN B 112 -41.45 3.06 13.53
C ASN B 112 -40.22 3.00 12.60
N LYS B 113 -39.31 2.05 12.87
CA LYS B 113 -37.99 1.99 12.22
C LYS B 113 -38.03 1.07 10.98
N LYS B 114 -38.45 1.66 9.84
CA LYS B 114 -38.42 1.06 8.48
C LYS B 114 -39.45 -0.10 8.32
N THR B 115 -39.11 -1.29 8.89
CA THR B 115 -39.90 -2.54 8.81
C THR B 115 -39.85 -3.15 7.38
N GLY B 116 -38.88 -4.06 7.15
CA GLY B 116 -38.79 -4.81 5.89
C GLY B 116 -37.45 -5.49 5.64
N LYS B 117 -37.32 -6.09 4.43
CA LYS B 117 -36.14 -6.84 3.95
C LYS B 117 -35.77 -8.03 4.89
N PRO B 118 -36.48 -9.20 4.76
CA PRO B 118 -36.24 -10.40 5.58
C PRO B 118 -35.11 -11.29 4.99
N ASP B 119 -33.87 -10.92 5.31
CA ASP B 119 -32.67 -11.58 4.74
C ASP B 119 -32.56 -13.04 5.24
N TYR B 120 -32.43 -13.98 4.30
CA TYR B 120 -32.26 -15.42 4.58
C TYR B 120 -30.92 -15.75 5.25
N VAL B 121 -30.94 -16.81 6.06
CA VAL B 121 -29.76 -17.31 6.82
C VAL B 121 -29.29 -18.67 6.26
N THR B 122 -29.77 -19.00 5.04
CA THR B 122 -29.55 -20.30 4.38
C THR B 122 -28.53 -20.21 3.23
N ASP B 123 -27.91 -19.03 3.07
CA ASP B 123 -26.93 -18.74 1.99
C ASP B 123 -25.48 -19.05 2.48
N SER B 124 -24.47 -18.82 1.62
CA SER B 124 -23.05 -19.06 1.93
C SER B 124 -22.56 -18.25 3.16
N ALA B 125 -21.99 -18.96 4.15
CA ALA B 125 -21.35 -18.35 5.33
C ALA B 125 -20.13 -17.52 4.88
N ALA B 126 -19.96 -16.33 5.46
CA ALA B 126 -18.87 -15.41 5.08
C ALA B 126 -17.52 -15.89 5.63
N SER B 127 -17.38 -15.83 6.98
CA SER B 127 -16.19 -16.32 7.72
C SER B 127 -14.90 -15.56 7.33
N ALA B 128 -13.73 -16.09 7.75
CA ALA B 128 -12.41 -15.62 7.28
C ALA B 128 -11.44 -16.80 7.22
N THR B 129 -10.65 -16.84 6.15
CA THR B 129 -9.62 -17.87 5.92
C THR B 129 -8.33 -17.18 5.45
N ALA B 130 -7.18 -17.75 5.85
CA ALA B 130 -5.84 -17.37 5.37
C ALA B 130 -5.45 -15.92 5.74
N TRP B 131 -4.96 -15.76 6.96
CA TRP B 131 -4.38 -14.49 7.44
C TRP B 131 -2.97 -14.32 6.83
N SER B 132 -2.64 -13.08 6.46
CA SER B 132 -1.39 -12.75 5.72
C SER B 132 -0.23 -12.41 6.69
N THR B 133 -0.25 -13.07 7.87
CA THR B 133 0.76 -12.91 8.93
C THR B 133 2.18 -13.27 8.44
N GLY B 134 2.29 -14.43 7.79
CA GLY B 134 3.57 -14.98 7.36
C GLY B 134 3.51 -15.59 5.98
N VAL B 135 3.40 -14.71 4.97
CA VAL B 135 3.40 -15.04 3.51
C VAL B 135 2.36 -16.15 3.15
N LYS B 136 2.46 -16.68 1.91
CA LYS B 136 1.61 -17.80 1.42
C LYS B 136 2.52 -18.91 0.85
N THR B 137 1.98 -19.77 -0.07
CA THR B 137 2.73 -20.82 -0.83
C THR B 137 2.93 -22.14 -0.03
N TYR B 138 3.24 -22.04 1.28
CA TYR B 138 3.64 -23.19 2.12
C TYR B 138 2.42 -23.96 2.69
N ASN B 139 1.39 -24.22 1.85
CA ASN B 139 0.18 -24.98 2.24
C ASN B 139 0.43 -26.50 2.33
N GLY B 140 1.66 -26.93 1.93
CA GLY B 140 2.08 -28.33 2.08
C GLY B 140 2.63 -28.63 3.47
N ALA B 141 2.62 -27.63 4.37
CA ALA B 141 3.05 -27.79 5.77
C ALA B 141 1.90 -28.32 6.62
N LEU B 142 2.20 -29.33 7.45
CA LEU B 142 1.27 -29.85 8.47
C LEU B 142 1.17 -28.82 9.61
N GLY B 143 0.00 -28.75 10.25
CA GLY B 143 -0.26 -27.77 11.31
C GLY B 143 -1.53 -26.99 11.05
N VAL B 144 -1.52 -25.67 11.35
CA VAL B 144 -2.65 -24.72 11.12
C VAL B 144 -3.79 -24.87 12.16
N ASP B 145 -4.09 -26.14 12.54
CA ASP B 145 -5.24 -26.53 13.39
C ASP B 145 -6.55 -26.26 12.62
N ILE B 146 -7.04 -24.98 12.68
CA ILE B 146 -8.29 -24.47 12.04
C ILE B 146 -9.51 -25.43 12.24
N HIS B 147 -9.44 -26.25 13.32
CA HIS B 147 -10.44 -27.28 13.62
C HIS B 147 -11.71 -26.65 14.19
N GLU B 148 -11.51 -25.51 14.89
CA GLU B 148 -12.57 -24.59 15.36
C GLU B 148 -13.39 -25.26 16.49
N LYS B 149 -14.24 -26.25 16.14
CA LYS B 149 -14.96 -27.09 17.11
C LYS B 149 -14.84 -28.58 16.72
N ASP B 150 -15.38 -28.94 15.56
CA ASP B 150 -15.52 -30.36 15.14
C ASP B 150 -15.68 -30.46 13.61
N HIS B 151 -16.82 -29.94 13.12
CA HIS B 151 -17.21 -30.05 11.70
C HIS B 151 -16.35 -29.17 10.73
N PRO B 152 -15.93 -27.90 11.10
CA PRO B 152 -14.97 -27.12 10.26
C PRO B 152 -13.67 -27.90 9.94
N THR B 153 -13.52 -28.26 8.66
CA THR B 153 -12.41 -29.09 8.14
C THR B 153 -11.36 -28.20 7.44
N ILE B 154 -10.08 -28.64 7.44
CA ILE B 154 -8.99 -27.94 6.75
C ILE B 154 -8.97 -28.31 5.25
N LEU B 155 -9.23 -27.31 4.38
CA LEU B 155 -9.13 -27.45 2.92
C LEU B 155 -8.03 -26.50 2.42
N GLU B 156 -7.21 -26.99 1.46
CA GLU B 156 -6.00 -26.28 0.97
C GLU B 156 -6.36 -25.05 0.11
N MET B 157 -7.59 -25.01 -0.43
CA MET B 157 -8.05 -23.89 -1.29
C MET B 157 -9.26 -23.18 -0.69
N ALA B 158 -9.58 -23.47 0.61
CA ALA B 158 -10.78 -22.97 1.31
C ALA B 158 -10.89 -21.42 1.24
N LYS B 159 -11.68 -20.94 0.24
CA LYS B 159 -12.02 -19.51 0.03
C LYS B 159 -10.76 -18.67 -0.35
N ALA B 160 -9.93 -18.36 0.65
CA ALA B 160 -8.67 -17.61 0.46
C ALA B 160 -7.45 -18.56 0.58
N ALA B 161 -7.71 -19.87 0.34
CA ALA B 161 -6.73 -20.98 0.39
C ALA B 161 -6.50 -21.50 1.83
N GLY B 162 -7.50 -21.29 2.71
CA GLY B 162 -7.53 -21.90 4.05
C GLY B 162 -6.60 -21.21 5.05
N LEU B 163 -5.28 -21.35 4.80
CA LEU B 163 -4.22 -20.64 5.51
C LEU B 163 -3.13 -20.30 4.48
N ALA B 164 -2.88 -21.28 3.58
CA ALA B 164 -1.96 -21.18 2.42
C ALA B 164 -0.47 -21.16 2.85
N THR B 165 -0.21 -21.26 4.16
CA THR B 165 1.15 -21.26 4.71
C THR B 165 1.17 -22.02 6.06
N GLY B 166 2.38 -22.30 6.55
CA GLY B 166 2.59 -23.04 7.78
C GLY B 166 4.07 -23.14 8.09
N ASN B 167 4.83 -23.58 7.06
CA ASN B 167 6.30 -23.55 7.06
C ASN B 167 6.75 -22.09 6.84
N VAL B 168 7.94 -21.73 7.39
CA VAL B 168 8.44 -20.34 7.44
C VAL B 168 7.47 -19.50 8.32
N SER B 169 6.40 -18.95 7.69
CA SER B 169 5.40 -18.07 8.34
C SER B 169 6.02 -16.98 9.26
N THR B 170 6.19 -17.27 10.57
CA THR B 170 6.71 -16.31 11.54
C THR B 170 8.26 -16.30 11.47
N ALA B 171 8.79 -15.45 10.54
CA ALA B 171 10.21 -15.46 10.11
C ALA B 171 10.56 -16.82 9.49
N GLU B 172 11.86 -17.15 9.41
CA GLU B 172 12.30 -18.51 9.03
C GLU B 172 13.37 -18.97 10.02
N LEU B 173 13.44 -20.28 10.23
CA LEU B 173 14.43 -20.91 11.12
C LEU B 173 15.70 -21.22 10.30
N GLN B 174 15.50 -21.94 9.19
CA GLN B 174 16.55 -22.24 8.19
C GLN B 174 15.86 -22.76 6.91
N ASP B 175 14.74 -22.09 6.55
CA ASP B 175 13.76 -22.60 5.58
C ASP B 175 13.70 -21.75 4.29
N ALA B 176 13.85 -20.42 4.41
CA ALA B 176 13.53 -19.49 3.30
C ALA B 176 14.78 -18.75 2.77
N THR B 177 15.14 -19.04 1.50
CA THR B 177 16.13 -18.27 0.72
C THR B 177 15.86 -18.46 -0.81
N PRO B 178 15.75 -17.35 -1.61
CA PRO B 178 15.47 -17.44 -3.07
C PRO B 178 16.69 -17.98 -3.88
N ALA B 179 17.80 -17.23 -3.86
CA ALA B 179 19.04 -17.57 -4.62
C ALA B 179 20.25 -16.98 -3.89
N ALA B 180 20.14 -16.94 -2.54
CA ALA B 180 21.00 -16.15 -1.66
C ALA B 180 20.84 -14.64 -1.94
N LEU B 181 21.41 -14.17 -3.06
CA LEU B 181 21.55 -12.73 -3.32
C LEU B 181 21.81 -12.42 -4.82
N VAL B 182 21.61 -13.43 -5.71
CA VAL B 182 21.79 -13.26 -7.20
C VAL B 182 20.44 -13.51 -7.92
N ALA B 183 20.18 -12.85 -9.11
CA ALA B 183 18.87 -13.01 -9.82
C ALA B 183 18.84 -12.42 -11.26
N HIS B 184 19.98 -11.95 -11.81
CA HIS B 184 20.11 -11.40 -13.20
C HIS B 184 19.53 -9.97 -13.30
N VAL B 185 19.92 -9.23 -14.36
CA VAL B 185 19.57 -7.81 -14.53
C VAL B 185 18.04 -7.61 -14.69
N THR B 186 17.44 -7.09 -13.61
CA THR B 186 16.10 -6.50 -13.58
C THR B 186 14.95 -7.50 -13.85
N SER B 187 14.23 -7.84 -12.75
CA SER B 187 13.08 -8.74 -12.77
C SER B 187 12.40 -8.74 -11.37
N ARG B 188 11.32 -7.94 -11.23
CA ARG B 188 10.48 -7.94 -10.02
C ARG B 188 9.64 -9.23 -10.04
N LYS B 189 9.90 -10.15 -9.08
CA LYS B 189 9.17 -11.42 -8.99
C LYS B 189 7.72 -11.14 -8.53
N CYS B 190 6.82 -11.10 -9.51
CA CYS B 190 5.38 -10.93 -9.28
C CYS B 190 4.77 -12.25 -8.80
N TYR B 191 4.32 -12.26 -7.53
CA TYR B 191 3.71 -13.44 -6.91
C TYR B 191 2.24 -13.59 -7.33
N GLY B 192 1.91 -14.77 -7.88
CA GLY B 192 0.53 -15.17 -8.13
C GLY B 192 -0.05 -15.90 -6.92
N PRO B 193 -1.06 -15.30 -6.18
CA PRO B 193 -1.72 -15.97 -5.03
C PRO B 193 -2.30 -17.35 -5.39
N SER B 194 -2.92 -17.41 -6.58
CA SER B 194 -3.53 -18.63 -7.17
C SER B 194 -4.70 -19.15 -6.29
N ALA B 195 -5.26 -18.26 -5.45
CA ALA B 195 -6.29 -18.60 -4.45
C ALA B 195 -7.69 -18.61 -5.08
N THR B 196 -7.99 -19.69 -5.82
CA THR B 196 -9.34 -19.99 -6.31
C THR B 196 -10.22 -20.40 -5.12
N SER B 197 -11.41 -19.78 -5.01
CA SER B 197 -12.28 -19.86 -3.82
C SER B 197 -12.90 -21.27 -3.65
N GLU B 198 -12.10 -22.17 -3.04
CA GLU B 198 -12.45 -23.57 -2.72
C GLU B 198 -12.91 -24.33 -3.98
N LYS B 199 -14.22 -24.29 -4.21
CA LYS B 199 -14.88 -24.96 -5.33
C LYS B 199 -16.18 -24.19 -5.58
N CYS B 200 -15.98 -22.90 -5.91
CA CYS B 200 -17.06 -21.93 -6.21
C CYS B 200 -17.95 -22.37 -7.41
N PRO B 201 -17.39 -22.98 -8.53
CA PRO B 201 -18.25 -23.58 -9.60
C PRO B 201 -19.10 -24.79 -9.13
N GLY B 202 -18.83 -25.29 -7.90
CA GLY B 202 -19.55 -26.44 -7.32
C GLY B 202 -20.15 -26.14 -5.95
N ASN B 203 -21.15 -25.25 -5.94
CA ASN B 203 -21.90 -24.87 -4.70
C ASN B 203 -23.41 -25.20 -4.89
N ALA B 204 -23.71 -26.04 -5.90
CA ALA B 204 -25.09 -26.41 -6.31
C ALA B 204 -25.88 -25.19 -6.87
N LEU B 205 -25.12 -24.12 -7.23
CA LEU B 205 -25.62 -22.88 -7.87
C LEU B 205 -26.75 -22.25 -7.03
N GLU B 206 -26.37 -21.56 -5.95
CA GLU B 206 -27.31 -20.98 -4.97
C GLU B 206 -26.55 -20.09 -3.98
N LYS B 207 -25.53 -20.69 -3.34
CA LYS B 207 -24.70 -20.04 -2.32
C LYS B 207 -23.88 -18.90 -2.93
N GLY B 208 -23.43 -19.09 -4.18
CA GLY B 208 -22.63 -18.12 -4.91
C GLY B 208 -21.17 -18.15 -4.48
N GLY B 209 -20.89 -17.53 -3.32
CA GLY B 209 -19.54 -17.41 -2.77
C GLY B 209 -19.54 -16.47 -1.57
N LYS B 210 -19.85 -15.18 -1.86
CA LYS B 210 -20.12 -14.12 -0.85
C LYS B 210 -18.88 -13.83 0.03
N GLY B 211 -18.61 -14.69 1.02
CA GLY B 211 -17.39 -14.62 1.84
C GLY B 211 -16.22 -15.30 1.16
N SER B 212 -15.96 -14.91 -0.09
CA SER B 212 -14.96 -15.51 -0.97
C SER B 212 -14.41 -14.45 -1.94
N ILE B 213 -13.42 -14.86 -2.78
CA ILE B 213 -12.77 -14.02 -3.81
C ILE B 213 -11.83 -12.96 -3.18
N THR B 214 -12.43 -11.95 -2.49
CA THR B 214 -11.75 -10.79 -1.88
C THR B 214 -11.23 -9.82 -2.97
N GLU B 215 -10.21 -10.29 -3.74
CA GLU B 215 -9.65 -9.60 -4.93
C GLU B 215 -8.97 -8.24 -4.57
N GLN B 216 -7.62 -8.24 -4.61
CA GLN B 216 -6.77 -7.05 -4.48
C GLN B 216 -6.97 -6.32 -3.14
N LEU B 217 -6.29 -6.83 -2.10
CA LEU B 217 -6.24 -6.20 -0.77
C LEU B 217 -4.90 -6.59 -0.11
N LEU B 218 -4.06 -5.58 0.16
CA LEU B 218 -2.76 -5.78 0.81
C LEU B 218 -3.00 -6.11 2.30
N ASN B 219 -2.66 -7.35 2.68
CA ASN B 219 -2.70 -7.87 4.07
C ASN B 219 -4.15 -8.19 4.53
N ALA B 220 -4.96 -7.13 4.73
CA ALA B 220 -6.34 -7.19 5.28
C ALA B 220 -6.36 -7.55 6.78
N ARG B 221 -6.07 -8.83 7.10
CA ARG B 221 -6.06 -9.37 8.48
C ARG B 221 -4.78 -10.22 8.66
N ALA B 222 -4.06 -9.98 9.77
CA ALA B 222 -2.80 -10.70 10.10
C ALA B 222 -2.51 -10.63 11.60
N ASP B 223 -3.60 -10.47 12.38
CA ASP B 223 -3.54 -10.21 13.82
C ASP B 223 -2.91 -11.40 14.55
N VAL B 224 -1.62 -11.24 14.90
CA VAL B 224 -0.77 -12.29 15.48
C VAL B 224 -0.48 -11.95 16.95
N THR B 225 -1.56 -11.46 17.61
CA THR B 225 -1.54 -11.03 19.02
C THR B 225 -0.95 -12.12 19.95
N LEU B 226 -1.43 -13.38 19.73
CA LEU B 226 -1.03 -14.58 20.50
C LEU B 226 -1.37 -14.39 21.99
N GLY B 227 -2.54 -14.91 22.39
CA GLY B 227 -3.04 -14.77 23.74
C GLY B 227 -2.98 -16.05 24.53
N GLY B 228 -2.82 -15.92 25.86
CA GLY B 228 -2.83 -17.06 26.77
C GLY B 228 -4.25 -17.50 27.08
N GLY B 229 -4.70 -18.59 26.40
CA GLY B 229 -6.06 -19.14 26.57
C GLY B 229 -6.39 -19.66 27.97
N ALA B 230 -5.38 -19.70 28.85
CA ALA B 230 -5.52 -19.99 30.28
C ALA B 230 -4.78 -18.91 31.09
N LYS B 231 -5.28 -18.58 32.29
CA LYS B 231 -4.63 -17.60 33.20
C LYS B 231 -3.22 -18.11 33.60
N THR B 232 -2.22 -17.30 33.27
CA THR B 232 -0.82 -17.53 33.67
C THR B 232 -0.08 -16.18 33.61
N PHE B 233 1.09 -16.11 34.27
CA PHE B 233 1.97 -14.94 34.14
C PHE B 233 2.62 -15.00 32.75
N ALA B 234 2.29 -14.02 31.90
CA ALA B 234 2.85 -13.91 30.56
C ALA B 234 4.29 -13.38 30.64
N GLU B 235 5.24 -14.31 30.90
CA GLU B 235 6.68 -14.02 31.02
C GLU B 235 7.30 -13.84 29.61
N THR B 236 8.59 -13.41 29.55
CA THR B 236 9.32 -13.12 28.32
C THR B 236 8.83 -11.79 27.71
N ALA B 237 9.44 -10.70 28.20
CA ALA B 237 9.12 -9.32 27.79
C ALA B 237 10.06 -8.85 26.65
N THR B 238 10.60 -9.83 25.87
CA THR B 238 11.51 -9.56 24.74
C THR B 238 10.83 -8.59 23.75
N ALA B 239 11.30 -7.33 23.76
CA ALA B 239 10.76 -6.29 22.91
C ALA B 239 11.79 -5.15 22.78
N GLY B 240 11.79 -4.27 23.78
CA GLY B 240 12.55 -3.03 23.73
C GLY B 240 12.02 -2.06 24.77
N GLU B 241 11.33 -0.99 24.32
CA GLU B 241 10.72 0.01 25.22
C GLU B 241 9.61 0.80 24.49
N TRP B 242 8.74 1.43 25.29
CA TRP B 242 7.75 2.43 24.81
C TRP B 242 7.95 3.74 25.60
N GLN B 243 7.33 3.77 26.82
CA GLN B 243 7.16 4.97 27.67
C GLN B 243 7.03 4.46 29.12
N GLY B 244 6.05 3.53 29.30
CA GLY B 244 5.81 2.79 30.54
C GLY B 244 5.29 1.38 30.25
N LYS B 245 4.69 0.71 31.27
CA LYS B 245 4.06 -0.62 31.10
C LYS B 245 3.32 -0.99 32.42
N THR B 246 2.06 -1.46 32.29
CA THR B 246 1.22 -1.94 33.41
C THR B 246 0.58 -3.29 33.02
N LEU B 247 0.29 -4.15 34.02
CA LEU B 247 -0.38 -5.44 33.81
C LEU B 247 -1.53 -5.61 34.83
N ARG B 248 -2.22 -6.76 34.77
CA ARG B 248 -3.37 -7.09 35.64
C ARG B 248 -3.61 -8.62 35.63
N GLU B 249 -4.27 -9.13 36.68
CA GLU B 249 -4.76 -10.52 36.74
C GLU B 249 -6.29 -10.52 36.79
N GLN B 250 -6.90 -11.65 36.45
CA GLN B 250 -8.36 -11.79 36.31
C GLN B 250 -8.79 -13.20 36.73
N ALA B 251 -10.10 -13.47 36.73
CA ALA B 251 -10.63 -14.84 36.99
C ALA B 251 -10.71 -15.67 35.71
N GLN B 252 -10.45 -15.01 34.55
CA GLN B 252 -10.33 -15.62 33.20
C GLN B 252 -11.69 -16.13 32.69
N ALA B 253 -12.22 -17.20 33.32
CA ALA B 253 -13.54 -17.77 33.00
C ALA B 253 -14.67 -16.89 33.57
N ARG B 254 -14.88 -15.75 32.90
CA ARG B 254 -15.97 -14.80 33.21
C ARG B 254 -17.23 -15.26 32.44
N GLY B 255 -17.30 -14.99 31.12
CA GLY B 255 -18.34 -15.56 30.27
C GLY B 255 -17.98 -16.94 29.77
N TYR B 256 -16.65 -17.17 29.64
CA TYR B 256 -16.05 -18.36 29.00
C TYR B 256 -16.36 -18.36 27.48
N GLN B 257 -17.63 -18.73 27.15
CA GLN B 257 -18.23 -18.64 25.79
C GLN B 257 -17.26 -19.00 24.63
N LEU B 258 -17.20 -20.31 24.30
CA LEU B 258 -16.33 -20.81 23.21
C LEU B 258 -17.07 -20.68 21.85
N VAL B 259 -17.33 -19.40 21.46
CA VAL B 259 -17.88 -18.96 20.14
C VAL B 259 -18.99 -19.88 19.52
N SER B 260 -19.80 -20.53 20.38
CA SER B 260 -20.84 -21.51 19.93
C SER B 260 -22.08 -20.82 19.37
N ASP B 261 -22.37 -19.60 19.88
CA ASP B 261 -23.38 -18.69 19.32
C ASP B 261 -24.83 -19.23 19.55
N ALA B 262 -25.84 -18.43 19.16
CA ALA B 262 -27.24 -18.81 19.28
C ALA B 262 -28.00 -18.40 18.01
N ALA B 263 -28.85 -19.31 17.50
CA ALA B 263 -29.71 -19.06 16.33
C ALA B 263 -30.98 -18.29 16.72
N SER B 264 -30.78 -17.06 17.22
CA SER B 264 -31.86 -16.13 17.58
C SER B 264 -31.72 -14.80 16.82
N LEU B 265 -30.54 -14.63 16.13
CA LEU B 265 -30.21 -13.45 15.32
C LEU B 265 -30.35 -12.16 16.16
N ASN B 266 -29.57 -12.15 17.26
CA ASN B 266 -29.57 -11.15 18.35
C ASN B 266 -30.74 -11.39 19.31
N SER B 267 -31.99 -11.24 18.81
CA SER B 267 -33.21 -11.26 19.63
C SER B 267 -33.10 -10.15 20.71
N VAL B 268 -32.86 -8.90 20.24
CA VAL B 268 -32.57 -7.74 21.11
C VAL B 268 -33.76 -7.43 22.03
N THR B 269 -33.67 -7.83 23.31
CA THR B 269 -34.77 -7.66 24.27
C THR B 269 -34.29 -7.72 25.73
N GLU B 270 -33.35 -8.65 26.00
CA GLU B 270 -32.97 -9.02 27.38
C GLU B 270 -31.46 -8.82 27.59
N ALA B 271 -31.08 -8.17 28.72
CA ALA B 271 -29.67 -7.88 29.07
C ALA B 271 -29.54 -7.24 30.47
N ASN B 272 -30.58 -6.49 30.92
CA ASN B 272 -30.52 -5.66 32.15
C ASN B 272 -30.97 -6.44 33.40
N GLN B 273 -30.23 -7.53 33.71
CA GLN B 273 -30.26 -8.26 35.01
C GLN B 273 -31.60 -8.94 35.37
N GLN B 274 -32.64 -8.82 34.52
CA GLN B 274 -33.95 -9.44 34.78
C GLN B 274 -33.82 -10.98 34.69
N LYS B 275 -33.11 -11.43 33.63
CA LYS B 275 -32.68 -12.83 33.46
C LYS B 275 -31.16 -12.88 33.76
N PRO B 276 -30.75 -13.30 35.01
CA PRO B 276 -29.33 -13.18 35.48
C PRO B 276 -28.30 -13.98 34.62
N LEU B 277 -27.84 -13.32 33.53
CA LEU B 277 -26.70 -13.72 32.65
C LEU B 277 -26.89 -15.09 31.95
N LEU B 278 -26.78 -16.18 32.73
CA LEU B 278 -26.83 -17.57 32.20
C LEU B 278 -28.19 -18.24 32.49
N GLY B 279 -29.11 -17.49 33.15
CA GLY B 279 -30.46 -18.00 33.47
C GLY B 279 -31.36 -18.12 32.24
N LEU B 280 -31.89 -16.96 31.80
CA LEU B 280 -32.76 -16.83 30.59
C LEU B 280 -34.17 -17.46 30.77
N PHE B 281 -35.12 -16.90 30.01
CA PHE B 281 -36.45 -17.48 29.75
C PHE B 281 -36.49 -17.79 28.23
N ALA B 282 -35.33 -18.25 27.72
CA ALA B 282 -35.07 -18.44 26.28
C ALA B 282 -35.97 -19.52 25.67
N ASP B 283 -37.15 -19.09 25.24
CA ASP B 283 -38.15 -19.91 24.53
C ASP B 283 -38.18 -19.51 23.03
N GLY B 284 -37.57 -18.36 22.74
CA GLY B 284 -37.49 -17.82 21.37
C GLY B 284 -36.75 -18.72 20.40
N ASN B 285 -37.51 -19.51 19.64
CA ASN B 285 -36.98 -20.41 18.59
C ASN B 285 -36.38 -19.58 17.44
N MET B 286 -37.15 -18.59 16.98
CA MET B 286 -36.74 -17.67 15.90
C MET B 286 -37.67 -16.43 15.93
N PRO B 287 -37.15 -15.23 16.37
CA PRO B 287 -37.93 -13.96 16.41
C PRO B 287 -38.35 -13.48 15.01
N VAL B 288 -39.42 -14.11 14.46
CA VAL B 288 -39.90 -13.98 13.06
C VAL B 288 -38.72 -13.82 12.05
N ARG B 289 -38.37 -12.55 11.66
CA ARG B 289 -37.23 -12.24 10.77
C ARG B 289 -37.42 -12.87 9.38
N TRP B 290 -37.07 -14.16 9.24
CA TRP B 290 -37.17 -14.93 7.98
C TRP B 290 -38.35 -15.92 8.10
N LEU B 291 -38.59 -16.39 9.33
CA LEU B 291 -39.69 -17.31 9.67
C LEU B 291 -41.06 -16.60 9.51
N GLY B 292 -41.96 -17.23 8.73
CA GLY B 292 -43.30 -16.68 8.46
C GLY B 292 -43.33 -15.79 7.21
N PRO B 293 -44.38 -14.92 7.06
CA PRO B 293 -44.46 -13.95 5.94
C PRO B 293 -43.45 -12.79 6.07
N LYS B 294 -43.21 -12.09 4.93
CA LYS B 294 -42.23 -10.98 4.82
C LYS B 294 -42.54 -9.84 5.83
N ALA B 295 -41.93 -9.94 7.03
CA ALA B 295 -42.10 -8.99 8.16
C ALA B 295 -43.59 -8.90 8.63
N THR B 296 -44.43 -9.88 8.17
CA THR B 296 -45.90 -9.86 8.30
C THR B 296 -46.46 -8.49 7.79
N TYR B 297 -45.97 -8.10 6.59
CA TYR B 297 -46.19 -6.78 5.97
C TYR B 297 -45.57 -5.66 6.84
N HIS B 298 -46.28 -5.30 7.91
CA HIS B 298 -45.82 -4.29 8.88
C HIS B 298 -46.13 -4.82 10.31
N GLY B 299 -45.94 -6.14 10.49
CA GLY B 299 -46.12 -6.80 11.78
C GLY B 299 -45.09 -6.38 12.82
N ASN B 300 -43.89 -6.00 12.33
CA ASN B 300 -42.83 -5.40 13.15
C ASN B 300 -43.24 -3.95 13.52
N ILE B 301 -43.90 -3.83 14.67
CA ILE B 301 -44.37 -2.55 15.24
C ILE B 301 -44.00 -2.48 16.75
N ASP B 302 -43.77 -3.68 17.36
CA ASP B 302 -43.43 -3.86 18.79
C ASP B 302 -44.65 -3.57 19.71
N LYS B 303 -45.19 -4.65 20.29
CA LYS B 303 -46.31 -4.63 21.26
C LYS B 303 -46.17 -5.81 22.27
N PRO B 304 -46.03 -7.13 21.84
CA PRO B 304 -45.96 -8.29 22.78
C PRO B 304 -44.62 -8.37 23.55
N ALA B 305 -43.68 -7.47 23.24
CA ALA B 305 -42.40 -7.37 23.96
C ALA B 305 -42.58 -6.48 25.21
N VAL B 306 -42.60 -5.14 25.01
CA VAL B 306 -42.51 -4.11 26.07
C VAL B 306 -43.38 -4.40 27.33
N THR B 307 -44.68 -4.69 27.10
CA THR B 307 -45.71 -4.80 28.15
C THR B 307 -45.91 -3.45 28.89
N CYS B 308 -44.91 -3.03 29.71
CA CYS B 308 -44.91 -1.75 30.44
C CYS B 308 -43.46 -1.32 30.75
N THR B 309 -42.89 -0.44 29.90
CA THR B 309 -41.47 -0.02 30.00
C THR B 309 -41.32 1.53 29.94
N PRO B 310 -40.46 2.16 30.82
CA PRO B 310 -40.28 3.63 30.85
C PRO B 310 -39.29 4.17 29.77
N ASN B 311 -38.71 3.28 28.94
CA ASN B 311 -37.81 3.68 27.82
C ASN B 311 -38.66 4.13 26.62
N PRO B 312 -38.49 5.39 26.12
CA PRO B 312 -39.21 5.86 24.92
C PRO B 312 -38.55 5.45 23.59
N GLN B 313 -39.40 5.16 22.59
CA GLN B 313 -38.98 4.99 21.18
C GLN B 313 -38.40 6.30 20.65
N ARG B 314 -39.02 7.40 21.10
CA ARG B 314 -38.75 8.76 20.65
C ARG B 314 -38.90 9.72 21.85
N ASN B 315 -37.81 10.42 22.22
CA ASN B 315 -37.86 11.52 23.21
C ASN B 315 -38.45 12.75 22.49
N ASP B 316 -37.85 13.05 21.32
CA ASP B 316 -38.44 13.85 20.23
C ASP B 316 -37.39 14.04 19.13
N SER B 317 -37.58 13.35 17.99
CA SER B 317 -36.72 13.49 16.82
C SER B 317 -37.30 14.56 15.87
N VAL B 318 -36.85 15.80 16.08
CA VAL B 318 -37.17 16.95 15.20
C VAL B 318 -36.13 17.18 14.04
N PRO B 319 -34.78 16.74 14.11
CA PRO B 319 -33.76 17.16 13.08
C PRO B 319 -33.87 16.43 11.71
N THR B 320 -35.07 15.92 11.37
CA THR B 320 -35.40 15.38 10.04
C THR B 320 -35.22 16.49 8.97
N LEU B 321 -35.86 17.65 9.23
CA LEU B 321 -35.79 18.89 8.41
C LEU B 321 -36.32 18.63 6.99
N ALA B 322 -35.49 18.01 6.13
CA ALA B 322 -35.84 17.67 4.75
C ALA B 322 -35.27 16.28 4.41
N GLN B 323 -36.17 15.28 4.29
CA GLN B 323 -35.79 13.87 4.00
C GLN B 323 -35.58 13.64 2.48
N MET B 324 -35.61 14.73 1.67
CA MET B 324 -35.46 14.69 0.19
C MET B 324 -34.16 13.98 -0.24
N THR B 325 -33.15 14.01 0.65
CA THR B 325 -31.88 13.31 0.48
C THR B 325 -32.10 11.79 0.29
N ASP B 326 -31.15 11.12 -0.38
CA ASP B 326 -31.21 9.67 -0.67
C ASP B 326 -31.34 8.83 0.63
N LYS B 327 -31.83 7.59 0.48
CA LYS B 327 -32.04 6.66 1.60
C LYS B 327 -30.90 5.61 1.65
N ALA B 328 -29.91 5.76 0.74
CA ALA B 328 -28.81 4.80 0.50
C ALA B 328 -29.40 3.45 0.09
N ILE B 329 -29.76 2.62 1.10
CA ILE B 329 -30.40 1.31 0.89
C ILE B 329 -31.75 1.46 0.16
N GLU B 330 -32.05 0.50 -0.76
CA GLU B 330 -33.32 0.45 -1.53
C GLU B 330 -33.48 1.66 -2.50
N LEU B 331 -32.44 2.53 -2.59
CA LEU B 331 -32.50 3.79 -3.37
C LEU B 331 -31.53 3.67 -4.57
N LEU B 332 -32.09 3.14 -5.69
CA LEU B 332 -31.43 3.09 -7.04
C LEU B 332 -30.01 2.48 -7.01
N SER B 333 -29.01 3.34 -6.73
CA SER B 333 -27.58 2.95 -6.66
C SER B 333 -27.39 1.91 -5.55
N LYS B 334 -27.79 2.31 -4.31
CA LYS B 334 -27.79 1.49 -3.07
C LYS B 334 -26.56 0.58 -2.87
N ASN B 335 -26.65 -0.31 -1.87
CA ASN B 335 -25.66 -1.38 -1.64
C ASN B 335 -26.40 -2.73 -1.62
N GLU B 336 -25.60 -3.81 -1.59
CA GLU B 336 -26.09 -5.21 -1.71
C GLU B 336 -27.15 -5.57 -0.62
N LYS B 337 -26.87 -5.23 0.66
CA LYS B 337 -27.77 -5.50 1.81
C LYS B 337 -27.22 -4.85 3.09
N GLY B 338 -25.87 -4.68 3.14
CA GLY B 338 -25.19 -4.02 4.26
C GLY B 338 -24.79 -5.01 5.34
N PHE B 339 -25.78 -5.77 5.83
CA PHE B 339 -25.59 -6.82 6.84
C PHE B 339 -26.05 -8.17 6.27
N PHE B 340 -25.09 -9.11 6.12
CA PHE B 340 -25.35 -10.46 5.59
C PHE B 340 -26.23 -11.26 6.57
N LEU B 341 -25.81 -11.30 7.86
CA LEU B 341 -26.53 -11.98 8.97
C LEU B 341 -26.86 -13.44 8.57
N GLN B 342 -25.85 -14.31 8.65
CA GLN B 342 -25.90 -15.66 8.04
C GLN B 342 -25.99 -16.75 9.12
N VAL B 343 -24.89 -16.93 9.86
CA VAL B 343 -24.75 -18.03 10.84
C VAL B 343 -23.61 -17.69 11.83
N GLU B 344 -22.55 -17.02 11.33
CA GLU B 344 -21.41 -16.49 12.13
C GLU B 344 -20.73 -17.57 13.02
N GLY B 345 -21.32 -17.92 14.18
CA GLY B 345 -20.73 -18.91 15.12
C GLY B 345 -20.75 -20.34 14.61
N ALA B 346 -21.45 -20.56 13.47
CA ALA B 346 -21.49 -21.83 12.71
C ALA B 346 -22.39 -22.90 13.35
N SER B 347 -22.04 -23.32 14.59
CA SER B 347 -22.80 -24.34 15.35
C SER B 347 -24.17 -23.80 15.81
N ILE B 348 -24.23 -22.45 16.04
CA ILE B 348 -25.45 -21.66 16.44
C ILE B 348 -26.35 -22.33 17.51
N ASP B 349 -25.72 -23.15 18.35
CA ASP B 349 -26.43 -24.00 19.32
C ASP B 349 -26.73 -23.22 20.62
N LYS B 350 -28.02 -23.13 20.96
CA LYS B 350 -28.52 -22.46 22.18
C LYS B 350 -29.30 -23.47 23.05
N GLN B 351 -28.95 -24.74 22.89
CA GLN B 351 -29.68 -25.89 23.47
C GLN B 351 -28.67 -26.99 23.91
N ASP B 352 -28.22 -26.91 25.18
CA ASP B 352 -27.27 -27.87 25.82
C ASP B 352 -25.79 -27.56 25.51
N HIS B 353 -25.46 -27.31 24.22
CA HIS B 353 -24.06 -27.07 23.77
C HIS B 353 -23.82 -25.54 23.61
N ALA B 354 -24.55 -24.75 24.42
CA ALA B 354 -24.65 -23.28 24.27
C ALA B 354 -23.47 -22.52 24.90
N ALA B 355 -22.25 -22.76 24.35
CA ALA B 355 -20.99 -22.09 24.73
C ALA B 355 -20.60 -22.30 26.22
N ASN B 356 -21.31 -23.25 26.89
CA ASN B 356 -21.30 -23.46 28.36
C ASN B 356 -21.95 -22.26 29.10
N PRO B 357 -22.66 -22.49 30.26
CA PRO B 357 -23.24 -21.39 31.06
C PRO B 357 -22.11 -20.49 31.62
N CYS B 358 -22.32 -19.16 31.49
CA CYS B 358 -21.34 -18.14 31.88
C CYS B 358 -20.90 -18.32 33.36
N GLY B 359 -19.57 -18.37 33.59
CA GLY B 359 -19.01 -18.55 34.93
C GLY B 359 -19.41 -17.44 35.90
N GLN B 360 -19.66 -16.24 35.33
CA GLN B 360 -20.13 -15.03 36.02
C GLN B 360 -19.18 -14.56 37.13
N ILE B 361 -19.25 -15.23 38.31
CA ILE B 361 -18.52 -14.85 39.52
C ILE B 361 -17.00 -14.87 39.24
N GLY B 362 -16.45 -13.67 38.94
CA GLY B 362 -15.07 -13.50 38.52
C GLY B 362 -14.59 -12.07 38.65
N GLU B 363 -15.27 -11.30 39.53
CA GLU B 363 -14.90 -9.91 39.86
C GLU B 363 -14.50 -9.84 41.33
N THR B 364 -13.36 -9.22 41.61
CA THR B 364 -12.85 -9.05 42.99
C THR B 364 -13.66 -7.98 43.75
N VAL B 365 -14.18 -6.98 42.98
CA VAL B 365 -14.94 -5.82 43.49
C VAL B 365 -14.02 -4.91 44.33
N ASP B 366 -13.83 -3.66 43.86
CA ASP B 366 -12.93 -2.64 44.46
C ASP B 366 -11.45 -2.96 44.19
N LEU B 367 -10.97 -4.10 44.76
CA LEU B 367 -9.56 -4.55 44.69
C LEU B 367 -9.13 -4.97 43.26
N ASP B 368 -10.08 -4.95 42.30
CA ASP B 368 -9.79 -5.15 40.86
C ASP B 368 -9.34 -3.79 40.23
N GLU B 369 -8.55 -3.02 41.01
CA GLU B 369 -8.27 -1.56 40.83
C GLU B 369 -7.76 -1.23 39.41
N ALA B 370 -7.09 -2.23 38.80
CA ALA B 370 -6.65 -2.23 37.40
C ALA B 370 -5.38 -1.36 37.20
N VAL B 371 -5.51 -0.03 37.36
CA VAL B 371 -4.36 0.92 37.38
C VAL B 371 -4.48 1.86 38.61
N GLN B 372 -5.35 1.46 39.58
CA GLN B 372 -5.85 2.31 40.70
C GLN B 372 -6.98 3.22 40.19
N ARG B 373 -7.94 3.51 41.09
CA ARG B 373 -9.17 4.24 40.78
C ARG B 373 -9.58 5.10 41.98
N ALA B 374 -10.60 5.96 41.78
CA ALA B 374 -11.20 6.86 42.82
C ALA B 374 -10.28 8.06 43.16
N LEU B 375 -8.99 7.79 43.41
CA LEU B 375 -7.96 8.81 43.69
C LEU B 375 -7.44 9.42 42.37
N GLU B 376 -8.40 9.93 41.56
CA GLU B 376 -8.15 10.42 40.19
C GLU B 376 -7.43 9.32 39.35
N PHE B 377 -6.24 9.61 38.77
CA PHE B 377 -5.44 8.69 37.91
C PHE B 377 -6.27 8.16 36.69
N ALA B 378 -5.65 7.29 35.87
CA ALA B 378 -6.33 6.58 34.75
C ALA B 378 -6.78 7.58 33.66
N LYS B 379 -6.10 8.73 33.60
CA LYS B 379 -6.55 9.90 32.83
C LYS B 379 -5.32 10.71 32.37
N LYS B 380 -5.50 11.48 31.27
CA LYS B 380 -4.52 12.46 30.79
C LYS B 380 -5.18 13.87 30.81
N GLU B 381 -4.44 14.89 30.35
CA GLU B 381 -4.96 16.25 30.21
C GLU B 381 -5.74 16.36 28.88
N GLY B 382 -7.07 16.51 28.96
CA GLY B 382 -7.94 16.64 27.78
C GLY B 382 -9.15 15.71 27.85
N ASN B 383 -10.25 16.12 27.19
CA ASN B 383 -11.52 15.35 27.15
C ASN B 383 -12.44 15.91 26.04
N THR B 384 -13.75 15.59 26.11
CA THR B 384 -14.76 16.03 25.13
C THR B 384 -14.97 17.58 25.15
N LEU B 385 -15.40 18.12 23.98
CA LEU B 385 -15.70 19.57 23.74
C LEU B 385 -14.41 20.39 23.51
N VAL B 386 -14.57 21.61 22.95
CA VAL B 386 -13.46 22.44 22.44
C VAL B 386 -13.14 23.61 23.41
N ILE B 387 -12.28 24.55 22.95
CA ILE B 387 -11.88 25.72 23.76
C ILE B 387 -13.06 26.71 23.90
N VAL B 388 -13.69 27.05 22.77
CA VAL B 388 -14.81 28.03 22.72
C VAL B 388 -16.05 27.47 23.43
N THR B 389 -16.58 26.34 22.93
CA THR B 389 -17.63 25.57 23.63
C THR B 389 -16.96 24.81 24.78
N ALA B 390 -16.92 25.47 25.95
CA ALA B 390 -16.20 25.01 27.14
C ALA B 390 -16.90 23.79 27.80
N ASP B 391 -17.45 23.97 29.04
CA ASP B 391 -18.13 22.90 29.82
C ASP B 391 -17.18 21.69 30.10
N HIS B 392 -16.92 20.87 29.06
CA HIS B 392 -15.98 19.73 29.08
C HIS B 392 -16.48 18.60 30.00
N ALA B 393 -17.45 17.82 29.48
CA ALA B 393 -18.05 16.66 30.20
C ALA B 393 -18.64 17.10 31.55
N HIS B 394 -19.30 18.28 31.51
CA HIS B 394 -19.86 19.01 32.67
C HIS B 394 -18.74 19.66 33.50
N ALA B 395 -18.81 21.00 33.63
CA ALA B 395 -17.77 21.84 34.24
C ALA B 395 -17.31 21.35 35.64
N SER B 396 -16.12 20.72 35.65
CA SER B 396 -15.49 20.14 36.84
C SER B 396 -13.95 20.36 36.77
N GLN B 397 -13.20 19.61 37.61
CA GLN B 397 -11.71 19.61 37.60
C GLN B 397 -11.19 18.45 36.71
N ILE B 398 -11.96 18.14 35.64
CA ILE B 398 -11.73 16.99 34.74
C ILE B 398 -10.39 17.10 33.98
N VAL B 399 -9.99 18.32 33.63
CA VAL B 399 -8.68 18.62 32.99
C VAL B 399 -7.92 19.64 33.89
N ALA B 400 -8.51 19.96 35.07
CA ALA B 400 -8.06 21.07 35.96
C ALA B 400 -8.29 22.46 35.26
N PRO B 401 -8.14 23.64 35.96
CA PRO B 401 -8.29 24.97 35.29
C PRO B 401 -7.22 25.27 34.20
N ASP B 402 -6.25 24.35 33.97
CA ASP B 402 -5.25 24.48 32.89
C ASP B 402 -5.93 24.22 31.52
N THR B 403 -6.43 25.31 30.91
CA THR B 403 -7.11 25.30 29.61
C THR B 403 -7.00 26.70 28.98
N LYS B 404 -6.42 26.77 27.76
CA LYS B 404 -6.08 28.06 27.08
C LYS B 404 -6.44 28.00 25.59
N ALA B 405 -6.67 29.19 25.00
CA ALA B 405 -7.01 29.33 23.56
C ALA B 405 -5.80 29.03 22.63
N PRO B 406 -4.59 29.69 22.78
CA PRO B 406 -3.46 29.46 21.86
C PRO B 406 -2.66 28.16 22.17
N GLY B 407 -3.19 27.34 23.10
CA GLY B 407 -2.57 26.07 23.48
C GLY B 407 -3.29 25.47 24.66
N LEU B 408 -4.23 24.52 24.38
CA LEU B 408 -5.20 23.97 25.36
C LEU B 408 -4.52 23.55 26.67
N THR B 409 -3.70 22.50 26.60
CA THR B 409 -2.81 22.13 27.70
C THR B 409 -1.37 22.35 27.22
N GLN B 410 -0.99 23.65 27.18
CA GLN B 410 0.32 24.15 26.69
C GLN B 410 0.45 23.93 25.18
N ALA B 411 0.60 22.65 24.79
CA ALA B 411 0.53 22.19 23.38
C ALA B 411 -0.92 22.25 22.83
N LEU B 412 -1.07 21.87 21.53
CA LEU B 412 -2.37 21.86 20.81
C LEU B 412 -2.87 23.31 20.64
N ASN B 413 -2.36 23.99 19.60
CA ASN B 413 -2.67 25.42 19.32
C ASN B 413 -4.06 25.56 18.67
N THR B 414 -5.11 25.39 19.49
CA THR B 414 -6.55 25.51 19.12
C THR B 414 -7.09 24.28 18.33
N LYS B 415 -6.41 23.91 17.20
CA LYS B 415 -6.86 22.87 16.22
C LYS B 415 -8.01 23.43 15.34
N ASP B 416 -8.11 22.92 14.08
CA ASP B 416 -9.24 23.21 13.17
C ASP B 416 -10.56 22.79 13.85
N GLY B 417 -11.47 23.75 14.05
CA GLY B 417 -12.75 23.50 14.69
C GLY B 417 -13.79 22.95 13.73
N ALA B 418 -13.52 21.74 13.18
CA ALA B 418 -14.47 20.99 12.33
C ALA B 418 -15.62 20.45 13.20
N VAL B 419 -15.29 20.15 14.47
CA VAL B 419 -16.27 19.70 15.49
C VAL B 419 -16.91 20.90 16.23
N MET B 420 -16.34 22.11 16.01
CA MET B 420 -16.89 23.37 16.55
C MET B 420 -18.01 23.88 15.62
N VAL B 421 -17.71 23.98 14.31
CA VAL B 421 -18.66 24.51 13.31
C VAL B 421 -19.90 23.60 13.18
N MET B 422 -21.09 24.22 13.03
CA MET B 422 -22.41 23.55 13.04
C MET B 422 -22.66 22.90 14.44
N SER B 423 -23.09 23.74 15.40
CA SER B 423 -23.53 23.31 16.76
C SER B 423 -23.90 24.54 17.63
N TYR B 424 -22.86 25.31 18.04
CA TYR B 424 -23.01 26.36 19.07
C TYR B 424 -23.62 27.64 18.48
N GLY B 425 -23.26 27.95 17.22
CA GLY B 425 -23.78 29.12 16.50
C GLY B 425 -25.05 28.83 15.71
N ASN B 426 -25.67 27.65 15.97
CA ASN B 426 -26.98 27.25 15.42
C ASN B 426 -26.93 27.07 13.88
N SER B 427 -26.76 25.79 13.44
CA SER B 427 -26.78 25.37 12.02
C SER B 427 -25.50 25.80 11.25
N GLU B 428 -25.24 27.11 11.12
CA GLU B 428 -23.99 27.68 10.53
C GLU B 428 -23.71 27.16 9.08
N GLU B 429 -22.96 26.03 8.98
CA GLU B 429 -22.59 25.41 7.70
C GLU B 429 -23.33 24.07 7.58
N ASP B 430 -24.58 24.14 7.09
CA ASP B 430 -25.44 22.95 6.94
C ASP B 430 -25.30 22.41 5.50
N SER B 431 -24.64 21.24 5.38
CA SER B 431 -24.34 20.61 4.09
C SER B 431 -25.64 20.20 3.35
N GLN B 432 -25.94 20.94 2.26
CA GLN B 432 -27.17 20.81 1.44
C GLN B 432 -28.44 21.01 2.31
N GLU B 433 -28.93 19.91 2.92
CA GLU B 433 -30.15 19.89 3.76
C GLU B 433 -29.94 18.90 4.91
N HIS B 434 -30.13 19.35 6.16
CA HIS B 434 -30.00 18.58 7.42
C HIS B 434 -28.64 17.82 7.54
N THR B 435 -27.71 18.39 8.32
CA THR B 435 -26.42 17.74 8.65
C THR B 435 -26.62 16.46 9.46
N GLY B 436 -27.54 16.55 10.45
CA GLY B 436 -27.90 15.40 11.30
C GLY B 436 -28.49 14.25 10.51
N SER B 437 -27.67 13.21 10.29
CA SER B 437 -27.97 12.02 9.44
C SER B 437 -28.23 12.42 7.97
N GLN B 438 -27.37 13.33 7.45
CA GLN B 438 -27.33 13.69 6.01
C GLN B 438 -26.94 12.47 5.16
N LEU B 439 -25.94 11.72 5.65
CA LEU B 439 -25.48 10.49 5.02
C LEU B 439 -25.32 9.41 6.10
N ARG B 440 -25.84 8.20 5.81
CA ARG B 440 -25.82 7.06 6.73
C ARG B 440 -24.98 5.92 6.13
N ILE B 441 -24.39 5.08 7.02
CA ILE B 441 -23.47 4.00 6.61
C ILE B 441 -24.15 2.63 6.71
N ALA B 442 -23.97 1.79 5.67
CA ALA B 442 -24.28 0.36 5.72
C ALA B 442 -22.95 -0.43 5.76
N ALA B 443 -22.29 -0.58 4.58
CA ALA B 443 -20.97 -1.24 4.41
C ALA B 443 -20.94 -2.70 4.93
N TYR B 444 -20.73 -2.87 6.25
CA TYR B 444 -20.64 -4.19 6.91
C TYR B 444 -21.08 -4.09 8.39
N GLY B 445 -21.00 -5.23 9.11
CA GLY B 445 -21.49 -5.33 10.49
C GLY B 445 -22.87 -6.00 10.50
N PRO B 446 -22.97 -7.32 10.90
CA PRO B 446 -24.24 -8.10 10.81
C PRO B 446 -25.29 -7.70 11.88
N HIS B 447 -25.87 -6.49 11.72
CA HIS B 447 -26.90 -5.87 12.61
C HIS B 447 -26.33 -5.51 14.01
N ALA B 448 -25.98 -6.54 14.80
CA ALA B 448 -25.56 -6.41 16.23
C ALA B 448 -26.73 -5.98 17.12
N ALA B 449 -26.58 -6.13 18.45
CA ALA B 449 -27.61 -5.74 19.41
C ALA B 449 -27.54 -4.23 19.70
N ASN B 450 -27.77 -3.42 18.65
CA ASN B 450 -27.76 -1.96 18.72
C ASN B 450 -28.34 -1.36 17.43
N VAL B 451 -27.54 -1.39 16.35
CA VAL B 451 -27.79 -0.61 15.11
C VAL B 451 -28.97 -1.21 14.31
N VAL B 452 -30.17 -0.67 14.60
CA VAL B 452 -31.42 -1.00 13.91
C VAL B 452 -31.78 0.11 12.88
N GLY B 453 -31.03 1.24 12.94
CA GLY B 453 -31.09 2.28 11.90
C GLY B 453 -31.66 3.60 12.40
N LEU B 454 -33.01 3.69 12.45
CA LEU B 454 -33.74 4.94 12.80
C LEU B 454 -33.42 5.36 14.25
N THR B 455 -32.60 6.40 14.37
CA THR B 455 -32.18 6.97 15.65
C THR B 455 -33.11 8.14 16.02
N ASP B 456 -33.24 8.43 17.34
CA ASP B 456 -34.06 9.55 17.82
C ASP B 456 -33.26 10.87 17.78
N GLN B 457 -32.49 11.14 18.85
CA GLN B 457 -31.85 12.45 19.09
C GLN B 457 -31.09 12.38 20.42
N THR B 458 -31.86 12.30 21.53
CA THR B 458 -31.31 12.20 22.89
C THR B 458 -31.39 10.74 23.35
N ASP B 459 -30.47 9.94 22.80
CA ASP B 459 -30.43 8.49 22.99
C ASP B 459 -29.64 8.10 24.25
N LEU B 460 -29.55 9.04 25.21
CA LEU B 460 -28.84 8.87 26.49
C LEU B 460 -29.54 7.82 27.42
N PHE B 461 -30.79 7.42 27.09
CA PHE B 461 -31.57 6.50 27.92
C PHE B 461 -31.05 5.04 27.76
N TYR B 462 -31.02 4.51 26.51
CA TYR B 462 -30.56 3.13 26.21
C TYR B 462 -29.88 3.01 24.82
N THR B 463 -29.27 4.13 24.35
CA THR B 463 -28.59 4.28 23.02
C THR B 463 -29.49 3.90 21.82
N MET B 464 -29.79 2.61 21.62
CA MET B 464 -30.67 2.17 20.53
C MET B 464 -31.32 0.83 20.87
N LYS B 465 -30.52 -0.10 21.40
CA LYS B 465 -31.03 -1.40 21.87
C LYS B 465 -31.88 -1.23 23.14
N ALA B 466 -33.00 -1.95 23.21
CA ALA B 466 -33.93 -1.90 24.36
C ALA B 466 -33.24 -2.42 25.64
N ALA B 467 -32.96 -3.75 25.64
CA ALA B 467 -32.09 -4.43 26.64
C ALA B 467 -32.68 -4.53 28.06
N LEU B 468 -33.78 -3.80 28.35
CA LEU B 468 -34.36 -3.67 29.71
C LEU B 468 -34.91 -5.01 30.24
N GLY B 469 -35.38 -5.87 29.31
CA GLY B 469 -35.96 -7.17 29.66
C GLY B 469 -37.40 -7.26 29.18
N LEU B 470 -37.58 -7.06 27.87
CA LEU B 470 -38.92 -6.98 27.26
C LEU B 470 -39.52 -8.38 27.05
N LYS B 471 -38.64 -9.39 26.87
CA LYS B 471 -39.02 -10.77 26.48
C LYS B 471 -39.47 -10.78 24.99
N MET C 1 53.47 -9.43 -22.83
CA MET C 1 54.67 -10.27 -23.11
C MET C 1 54.64 -11.54 -22.23
N ALA C 2 53.43 -11.86 -21.70
CA ALA C 2 53.15 -13.05 -20.90
C ALA C 2 53.96 -13.10 -19.59
N ALA C 3 54.18 -11.92 -18.98
CA ALA C 3 54.87 -11.80 -17.67
C ALA C 3 53.91 -12.19 -16.54
N LYS C 4 53.63 -13.51 -16.44
CA LYS C 4 52.71 -14.12 -15.49
C LYS C 4 52.78 -13.51 -14.08
N LYS C 5 51.80 -12.64 -13.79
CA LYS C 5 51.50 -12.22 -12.42
C LYS C 5 50.99 -13.43 -11.65
N ASP C 6 51.90 -14.09 -10.94
CA ASP C 6 51.57 -15.16 -10.03
C ASP C 6 50.93 -14.51 -8.80
N TYR C 7 49.60 -14.45 -8.82
CA TYR C 7 48.80 -13.70 -7.85
C TYR C 7 49.08 -14.15 -6.41
N TYR C 8 49.33 -15.45 -6.28
CA TYR C 8 49.71 -16.09 -5.02
C TYR C 8 51.09 -15.60 -4.53
N ALA C 9 52.06 -15.49 -5.44
CA ALA C 9 53.42 -14.98 -5.12
C ALA C 9 53.35 -13.51 -4.68
N ILE C 10 52.49 -12.72 -5.35
CA ILE C 10 52.23 -11.30 -5.00
C ILE C 10 51.74 -11.21 -3.52
N LEU C 11 50.84 -12.15 -3.16
CA LEU C 11 50.29 -12.26 -1.79
C LEU C 11 51.27 -12.92 -0.79
N GLY C 12 52.34 -13.58 -1.32
CA GLY C 12 53.31 -14.31 -0.48
C GLY C 12 52.78 -15.64 0.07
N VAL C 13 51.71 -16.16 -0.55
CA VAL C 13 51.06 -17.45 -0.17
C VAL C 13 51.29 -18.51 -1.29
N PRO C 14 51.25 -19.85 -0.96
CA PRO C 14 51.41 -20.94 -1.98
C PRO C 14 50.34 -20.93 -3.09
N ARG C 15 50.65 -21.52 -4.26
CA ARG C 15 49.77 -21.49 -5.46
C ARG C 15 48.48 -22.33 -5.32
N ASN C 16 48.23 -22.86 -4.12
CA ASN C 16 47.09 -23.74 -3.82
C ASN C 16 46.32 -23.18 -2.60
N ALA C 17 46.71 -21.95 -2.18
CA ALA C 17 46.17 -21.29 -0.98
C ALA C 17 44.64 -21.16 -1.06
N THR C 18 43.96 -21.58 0.02
CA THR C 18 42.49 -21.57 0.10
C THR C 18 41.95 -20.12 0.14
N GLN C 19 40.63 -19.96 -0.06
CA GLN C 19 39.97 -18.65 -0.21
C GLN C 19 40.21 -17.74 1.03
N GLU C 20 40.30 -18.38 2.22
CA GLU C 20 40.57 -17.66 3.48
C GLU C 20 42.01 -17.15 3.54
N GLU C 21 42.97 -17.96 3.05
CA GLU C 21 44.40 -17.58 3.01
C GLU C 21 44.64 -16.41 2.05
N ILE C 22 43.93 -16.44 0.91
CA ILE C 22 43.96 -15.38 -0.12
C ILE C 22 43.36 -14.07 0.46
N LYS C 23 42.24 -14.23 1.20
CA LYS C 23 41.51 -13.10 1.83
C LYS C 23 42.39 -12.37 2.86
N ARG C 24 43.06 -13.15 3.72
CA ARG C 24 43.92 -12.61 4.79
C ARG C 24 45.19 -11.99 4.22
N ALA C 25 45.71 -12.61 3.15
CA ALA C 25 46.89 -12.10 2.43
C ALA C 25 46.58 -10.74 1.79
N TYR C 26 45.35 -10.64 1.24
CA TYR C 26 44.82 -9.40 0.67
C TYR C 26 44.83 -8.29 1.73
N LYS C 27 44.09 -8.53 2.83
CA LYS C 27 43.90 -7.52 3.90
C LYS C 27 45.23 -7.11 4.55
N ARG C 28 46.11 -8.09 4.78
CA ARG C 28 47.48 -7.89 5.31
C ARG C 28 48.25 -6.86 4.47
N LEU C 29 48.39 -7.15 3.17
CA LEU C 29 49.15 -6.31 2.25
C LEU C 29 48.31 -5.10 1.77
N ALA C 30 47.00 -5.11 2.07
CA ALA C 30 46.12 -3.95 1.84
C ALA C 30 46.28 -2.94 2.98
N ARG C 31 46.68 -3.44 4.17
CA ARG C 31 46.99 -2.61 5.36
C ARG C 31 48.42 -2.03 5.24
N GLN C 32 49.36 -2.86 4.75
CA GLN C 32 50.78 -2.47 4.60
C GLN C 32 50.92 -1.43 3.46
N TYR C 33 50.34 -1.76 2.29
CA TYR C 33 50.42 -0.93 1.08
C TYR C 33 49.27 0.10 1.00
N HIS C 34 48.55 0.31 2.12
CA HIS C 34 47.33 1.16 2.18
C HIS C 34 47.68 2.63 1.82
N PRO C 35 47.35 3.12 0.57
CA PRO C 35 47.79 4.45 0.06
C PRO C 35 47.32 5.62 0.94
N ASP C 36 46.20 5.41 1.64
CA ASP C 36 45.60 6.39 2.58
C ASP C 36 46.52 6.65 3.79
N VAL C 37 47.18 5.58 4.30
CA VAL C 37 48.04 5.66 5.50
C VAL C 37 49.50 5.88 5.06
N ASN C 38 49.97 4.99 4.19
CA ASN C 38 51.33 5.01 3.62
C ASN C 38 51.28 5.62 2.21
N LYS C 39 51.48 6.95 2.12
CA LYS C 39 51.45 7.69 0.84
C LYS C 39 52.80 7.49 0.13
N SER C 40 52.96 6.31 -0.47
CA SER C 40 54.16 5.93 -1.25
C SER C 40 53.70 5.38 -2.61
N PRO C 41 54.08 6.04 -3.77
CA PRO C 41 53.68 5.59 -5.14
C PRO C 41 53.85 4.08 -5.38
N GLU C 42 55.00 3.54 -4.93
CA GLU C 42 55.32 2.11 -5.05
C GLU C 42 54.28 1.26 -4.30
N ALA C 43 53.87 1.74 -3.11
CA ALA C 43 52.88 1.05 -2.27
C ALA C 43 51.47 1.17 -2.85
N GLU C 44 51.23 2.16 -3.73
CA GLU C 44 49.90 2.36 -4.33
C GLU C 44 49.68 1.33 -5.45
N GLU C 45 50.71 1.19 -6.29
CA GLU C 45 50.72 0.22 -7.39
C GLU C 45 50.77 -1.21 -6.84
N LYS C 46 51.57 -1.40 -5.77
CA LYS C 46 51.64 -2.68 -5.04
C LYS C 46 50.27 -3.02 -4.42
N PHE C 47 49.58 -2.02 -3.83
CA PHE C 47 48.21 -2.17 -3.29
C PHE C 47 47.27 -2.68 -4.38
N LYS C 48 47.41 -2.11 -5.59
CA LYS C 48 46.61 -2.49 -6.75
C LYS C 48 47.02 -3.87 -7.31
N GLU C 49 48.26 -4.31 -7.05
CA GLU C 49 48.72 -5.68 -7.39
C GLU C 49 48.18 -6.69 -6.36
N ILE C 50 47.90 -6.22 -5.12
CA ILE C 50 47.22 -7.02 -4.08
C ILE C 50 45.73 -7.12 -4.44
N ASN C 51 45.21 -6.00 -5.00
CA ASN C 51 43.84 -5.92 -5.54
C ASN C 51 43.72 -6.78 -6.79
N GLU C 52 44.79 -6.83 -7.61
CA GLU C 52 44.86 -7.63 -8.86
C GLU C 52 44.82 -9.13 -8.52
N ALA C 53 45.63 -9.49 -7.52
CA ALA C 53 45.73 -10.84 -7.00
C ALA C 53 44.37 -11.35 -6.51
N TYR C 54 43.84 -10.65 -5.50
CA TYR C 54 42.53 -10.99 -4.91
C TYR C 54 41.37 -10.65 -5.87
N ALA C 55 41.62 -9.90 -6.96
CA ALA C 55 40.61 -9.70 -8.01
C ALA C 55 40.33 -11.03 -8.69
N VAL C 56 41.41 -11.59 -9.23
CA VAL C 56 41.38 -12.87 -9.96
C VAL C 56 41.06 -14.05 -8.99
N LEU C 57 41.35 -13.85 -7.69
CA LEU C 57 41.12 -14.90 -6.66
C LEU C 57 39.94 -14.54 -5.70
N SER C 58 39.16 -13.47 -6.02
CA SER C 58 37.93 -13.04 -5.26
C SER C 58 36.94 -14.19 -5.03
N ASP C 59 36.67 -14.94 -6.09
CA ASP C 59 35.78 -16.11 -6.05
C ASP C 59 36.60 -17.37 -6.33
N PRO C 60 36.21 -18.55 -5.74
CA PRO C 60 36.77 -19.87 -6.15
C PRO C 60 36.59 -20.14 -7.67
N GLU C 61 35.50 -19.58 -8.24
CA GLU C 61 35.21 -19.64 -9.70
C GLU C 61 36.27 -18.89 -10.50
N LYS C 62 36.57 -17.65 -10.10
CA LYS C 62 37.58 -16.80 -10.78
C LYS C 62 38.99 -17.41 -10.62
N ARG C 63 39.19 -18.10 -9.48
CA ARG C 63 40.37 -18.94 -9.24
C ARG C 63 40.43 -20.07 -10.29
N ARG C 64 39.28 -20.68 -10.60
CA ARG C 64 39.19 -21.73 -11.65
C ARG C 64 39.49 -21.15 -13.06
N ILE C 65 39.23 -19.84 -13.27
CA ILE C 65 39.71 -19.11 -14.48
C ILE C 65 41.27 -19.09 -14.50
N TYR C 66 41.88 -18.78 -13.34
CA TYR C 66 43.36 -18.85 -13.19
C TYR C 66 43.85 -20.29 -13.50
N ASP C 67 43.14 -21.31 -12.93
CA ASP C 67 43.46 -22.75 -13.11
C ASP C 67 43.33 -23.18 -14.58
N THR C 68 42.37 -22.62 -15.32
CA THR C 68 42.20 -22.94 -16.75
C THR C 68 43.29 -22.28 -17.59
N TYR C 69 43.91 -21.20 -17.08
CA TYR C 69 45.13 -20.68 -17.74
C TYR C 69 46.30 -21.62 -17.37
N GLY C 70 46.74 -22.41 -18.35
CA GLY C 70 47.65 -23.53 -18.12
C GLY C 70 46.90 -24.87 -18.16
N THR C 71 45.81 -24.89 -18.91
CA THR C 71 44.99 -26.09 -19.22
C THR C 71 44.50 -25.83 -20.63
N THR C 72 43.81 -24.68 -20.74
CA THR C 72 43.65 -23.96 -21.97
C THR C 72 44.96 -23.16 -22.14
N GLU C 73 45.46 -23.07 -23.37
CA GLU C 73 46.72 -22.36 -23.69
C GLU C 73 46.43 -20.89 -24.07
N ALA C 74 45.27 -20.69 -24.68
CA ALA C 74 44.77 -19.37 -25.08
C ALA C 74 43.87 -18.79 -23.97
N PRO C 75 43.66 -17.44 -23.92
CA PRO C 75 42.63 -16.82 -23.05
C PRO C 75 41.20 -17.34 -23.39
N PRO C 76 40.25 -17.38 -22.39
CA PRO C 76 38.86 -17.86 -22.60
C PRO C 76 38.02 -16.91 -23.52
N PRO C 77 36.85 -17.37 -24.08
CA PRO C 77 35.91 -16.50 -24.85
C PRO C 77 35.37 -15.33 -23.98
N PRO C 78 35.43 -14.04 -24.48
CA PRO C 78 34.94 -12.85 -23.73
C PRO C 78 33.42 -12.93 -23.37
N PRO C 79 33.03 -13.01 -22.05
CA PRO C 79 31.62 -13.00 -21.64
C PRO C 79 30.95 -11.62 -21.95
N PRO C 80 29.73 -11.62 -22.61
CA PRO C 80 29.02 -10.36 -22.95
C PRO C 80 28.63 -9.56 -21.69
N GLY C 81 29.55 -8.70 -21.26
CA GLY C 81 29.37 -7.84 -20.09
C GLY C 81 30.72 -7.44 -19.51
N GLY C 82 31.69 -8.38 -19.62
CA GLY C 82 33.07 -8.15 -19.27
C GLY C 82 33.63 -9.19 -18.30
N TYR C 83 34.96 -9.32 -18.30
CA TYR C 83 35.70 -10.01 -17.22
C TYR C 83 35.57 -9.16 -15.95
N ASP C 84 34.78 -9.66 -14.98
CA ASP C 84 34.38 -8.88 -13.79
C ASP C 84 35.58 -8.58 -12.87
N PHE C 85 35.72 -7.30 -12.51
CA PHE C 85 36.72 -6.80 -11.55
C PHE C 85 36.01 -5.90 -10.55
N SER C 86 34.94 -6.47 -9.97
CA SER C 86 34.03 -5.78 -9.06
C SER C 86 34.74 -5.34 -7.76
N GLY C 87 35.17 -4.06 -7.74
CA GLY C 87 35.79 -3.46 -6.56
C GLY C 87 37.26 -3.08 -6.77
N PHE C 88 37.87 -3.59 -7.86
CA PHE C 88 39.33 -3.49 -8.08
C PHE C 88 39.63 -2.58 -9.27
N ASP C 89 40.74 -1.79 -9.19
CA ASP C 89 41.10 -0.79 -10.23
C ASP C 89 41.72 -1.48 -11.47
N VAL C 90 40.81 -2.12 -12.22
CA VAL C 90 41.10 -3.01 -13.35
C VAL C 90 42.12 -2.40 -14.36
N GLU C 91 41.89 -1.13 -14.76
CA GLU C 91 42.69 -0.48 -15.81
C GLU C 91 44.19 -0.34 -15.44
N ASP C 92 44.49 -0.29 -14.13
CA ASP C 92 45.87 -0.02 -13.65
C ASP C 92 46.73 -1.30 -13.62
N PHE C 93 46.08 -2.48 -13.79
CA PHE C 93 46.78 -3.78 -13.66
C PHE C 93 47.69 -4.08 -14.88
N SER C 94 48.50 -5.15 -14.78
CA SER C 94 49.66 -5.40 -15.67
C SER C 94 49.29 -5.93 -17.08
N GLU C 95 50.34 -6.05 -17.92
CA GLU C 95 50.30 -6.63 -19.28
C GLU C 95 49.65 -8.04 -19.30
N PHE C 96 50.08 -8.92 -18.38
CA PHE C 96 49.61 -10.32 -18.30
C PHE C 96 48.09 -10.36 -18.15
N PHE C 97 47.59 -9.53 -17.25
CA PHE C 97 46.16 -9.28 -17.04
C PHE C 97 45.51 -8.81 -18.37
N GLN C 98 46.14 -7.81 -19.04
CA GLN C 98 45.65 -7.23 -20.31
C GLN C 98 45.69 -8.24 -21.48
N GLU C 99 46.39 -9.36 -21.30
CA GLU C 99 46.48 -10.43 -22.31
C GLU C 99 45.45 -11.56 -22.05
N LEU C 100 45.25 -11.92 -20.77
CA LEU C 100 44.36 -13.03 -20.36
C LEU C 100 42.88 -12.55 -20.29
N PHE C 101 42.68 -11.46 -19.56
CA PHE C 101 41.35 -10.83 -19.37
C PHE C 101 41.05 -9.83 -20.50
N GLY C 102 42.14 -9.40 -21.19
CA GLY C 102 42.09 -8.48 -22.34
C GLY C 102 40.94 -8.72 -23.31
N PRO C 103 40.79 -9.97 -23.90
CA PRO C 103 39.67 -10.41 -24.76
C PRO C 103 38.30 -9.73 -24.52
N GLY C 104 37.97 -9.46 -23.26
CA GLY C 104 36.68 -8.83 -22.93
C GLY C 104 36.75 -7.97 -21.70
N LEU C 105 37.78 -7.11 -21.63
CA LEU C 105 37.87 -6.05 -20.60
C LEU C 105 36.68 -5.06 -20.70
N PHE C 106 35.54 -5.51 -20.13
CA PHE C 106 34.26 -4.79 -20.09
C PHE C 106 33.85 -4.17 -21.45
N GLY C 107 33.87 -2.81 -21.54
CA GLY C 107 33.15 -2.10 -22.60
C GLY C 107 31.64 -2.26 -22.49
N GLY C 108 31.20 -2.72 -21.30
CA GLY C 108 29.84 -3.17 -21.09
C GLY C 108 29.49 -4.32 -22.01
N PHE C 109 28.44 -4.13 -22.82
CA PHE C 109 28.07 -5.10 -23.87
C PHE C 109 28.57 -4.60 -25.25
N GLY C 110 29.10 -3.35 -25.27
CA GLY C 110 29.51 -2.68 -26.52
C GLY C 110 30.97 -2.86 -26.88
N ARG C 111 31.77 -3.49 -25.97
CA ARG C 111 33.22 -3.79 -26.17
C ARG C 111 34.05 -2.51 -26.58
N ARG C 112 33.46 -1.33 -26.39
CA ARG C 112 34.13 -0.02 -26.56
C ARG C 112 35.39 0.06 -25.65
N SER C 113 35.28 -0.57 -24.46
CA SER C 113 36.33 -0.70 -23.44
C SER C 113 36.81 0.66 -22.91
N ARG C 114 35.86 1.62 -22.83
CA ARG C 114 36.12 2.96 -22.28
C ARG C 114 35.51 3.12 -20.87
N LYS C 115 35.27 4.36 -20.36
CA LYS C 115 35.02 4.61 -18.91
C LYS C 115 33.82 3.80 -18.38
N GLY C 116 34.09 3.03 -17.31
CA GLY C 116 33.09 2.23 -16.62
C GLY C 116 31.99 3.04 -15.97
N ARG C 117 30.77 2.78 -16.43
CA ARG C 117 29.55 3.42 -15.95
C ARG C 117 28.96 2.64 -14.77
N ASP C 118 28.05 3.28 -14.02
CA ASP C 118 27.23 2.57 -13.03
C ASP C 118 26.26 1.66 -13.76
N LEU C 119 25.96 0.48 -13.19
CA LEU C 119 24.96 -0.43 -13.81
C LEU C 119 23.99 -0.94 -12.75
N ARG C 120 22.78 -1.26 -13.21
CA ARG C 120 21.67 -1.64 -12.34
C ARG C 120 21.46 -3.15 -12.45
N ALA C 121 21.72 -3.84 -11.35
CA ALA C 121 21.42 -5.27 -11.21
C ALA C 121 20.29 -5.37 -10.19
N GLU C 122 19.13 -5.88 -10.61
CA GLU C 122 17.92 -5.89 -9.78
C GLU C 122 17.51 -7.31 -9.44
N LEU C 123 17.10 -7.51 -8.17
CA LEU C 123 16.91 -8.85 -7.61
C LEU C 123 15.69 -8.88 -6.68
N PRO C 124 14.79 -9.91 -6.80
CA PRO C 124 13.79 -10.23 -5.76
C PRO C 124 14.49 -10.75 -4.48
N LEU C 125 14.13 -10.13 -3.36
CA LEU C 125 14.74 -10.38 -2.04
C LEU C 125 13.68 -10.03 -0.98
N THR C 126 13.85 -10.42 0.28
CA THR C 126 12.93 -9.99 1.36
C THR C 126 13.72 -9.38 2.53
N LEU C 127 12.97 -8.89 3.51
CA LEU C 127 13.47 -8.23 4.72
C LEU C 127 14.39 -9.18 5.52
N GLU C 128 13.92 -10.41 5.71
CA GLU C 128 14.65 -11.49 6.39
C GLU C 128 15.94 -11.81 5.63
N GLU C 129 15.88 -11.75 4.29
CA GLU C 129 17.04 -12.03 3.40
C GLU C 129 18.02 -10.85 3.31
N ALA C 130 17.54 -9.64 3.61
CA ALA C 130 18.39 -8.43 3.70
C ALA C 130 19.21 -8.50 4.99
N PHE C 131 18.56 -9.09 6.02
CA PHE C 131 19.19 -9.48 7.29
C PHE C 131 20.22 -10.59 7.05
N HIS C 132 19.82 -11.64 6.30
CA HIS C 132 20.70 -12.80 5.97
C HIS C 132 21.78 -12.44 4.92
N GLY C 133 21.61 -11.25 4.26
CA GLY C 133 22.54 -10.73 3.24
C GLY C 133 24.02 -10.99 3.51
N GLY C 134 24.66 -10.11 4.32
CA GLY C 134 26.05 -10.29 4.77
C GLY C 134 27.04 -10.62 3.65
N GLU C 135 27.92 -11.62 3.89
CA GLU C 135 28.89 -12.09 2.90
C GLU C 135 28.24 -13.22 2.10
N ARG C 136 27.61 -12.87 0.97
CA ARG C 136 26.93 -13.86 0.10
C ARG C 136 27.15 -13.52 -1.37
N VAL C 137 26.76 -14.49 -2.20
CA VAL C 137 26.94 -14.44 -3.64
C VAL C 137 25.91 -13.48 -4.29
N VAL C 138 26.38 -12.24 -4.51
CA VAL C 138 25.57 -11.10 -4.96
C VAL C 138 25.31 -11.13 -6.48
N GLU C 139 24.28 -10.37 -6.86
CA GLU C 139 23.88 -10.12 -8.24
C GLU C 139 24.72 -9.00 -8.89
N VAL C 140 25.13 -9.25 -10.15
CA VAL C 140 25.63 -8.23 -11.08
C VAL C 140 25.76 -8.84 -12.49
N ALA C 141 24.74 -8.59 -13.34
CA ALA C 141 24.67 -9.11 -14.73
C ALA C 141 24.50 -10.65 -14.75
N GLY C 142 23.99 -11.21 -13.64
CA GLY C 142 23.89 -12.65 -13.46
C GLY C 142 25.14 -13.28 -12.88
N ARG C 143 26.24 -12.49 -12.89
CA ARG C 143 27.55 -12.92 -12.41
C ARG C 143 27.52 -12.94 -10.87
N ARG C 144 27.78 -14.12 -10.33
CA ARG C 144 27.61 -14.48 -8.92
C ARG C 144 28.90 -14.13 -8.13
N VAL C 145 28.95 -12.90 -7.54
CA VAL C 145 30.18 -12.39 -6.84
C VAL C 145 30.07 -12.59 -5.32
N SER C 146 31.02 -13.34 -4.73
CA SER C 146 31.07 -13.57 -3.27
C SER C 146 31.59 -12.30 -2.55
N VAL C 147 30.66 -11.51 -1.95
CA VAL C 147 31.00 -10.21 -1.34
C VAL C 147 30.03 -9.88 -0.19
N ARG C 148 30.46 -8.98 0.71
CA ARG C 148 29.59 -8.41 1.74
C ARG C 148 28.97 -7.11 1.20
N ILE C 149 27.62 -7.05 1.21
CA ILE C 149 26.87 -5.79 1.07
C ILE C 149 26.31 -5.43 2.47
N PRO C 150 26.11 -4.11 2.81
CA PRO C 150 25.49 -3.69 4.10
C PRO C 150 24.19 -4.49 4.41
N PRO C 151 24.18 -5.32 5.53
CA PRO C 151 22.99 -6.10 5.92
C PRO C 151 21.79 -5.20 6.24
N GLY C 152 20.79 -5.22 5.35
CA GLY C 152 19.65 -4.32 5.43
C GLY C 152 19.43 -3.51 4.16
N VAL C 153 18.21 -3.62 3.58
CA VAL C 153 17.83 -2.90 2.35
C VAL C 153 16.35 -2.43 2.43
N ARG C 154 15.90 -1.68 1.39
CA ARG C 154 14.53 -1.11 1.30
C ARG C 154 13.87 -1.54 -0.04
N GLU C 155 12.55 -1.31 -0.20
CA GLU C 155 11.83 -1.58 -1.47
C GLU C 155 12.27 -0.59 -2.57
N GLY C 156 12.69 -1.14 -3.72
CA GLY C 156 13.16 -0.36 -4.86
C GLY C 156 14.48 0.37 -4.60
N SER C 157 15.15 0.02 -3.50
CA SER C 157 16.36 0.71 -3.04
C SER C 157 17.55 0.35 -3.92
N VAL C 158 18.30 1.37 -4.34
CA VAL C 158 19.57 1.19 -5.03
C VAL C 158 20.70 1.04 -3.99
N ILE C 159 21.05 -0.21 -3.70
CA ILE C 159 22.22 -0.56 -2.86
C ILE C 159 23.48 -0.19 -3.67
N ARG C 160 23.96 1.05 -3.49
CA ARG C 160 25.09 1.57 -4.24
C ARG C 160 26.39 1.13 -3.55
N VAL C 161 27.00 0.08 -4.12
CA VAL C 161 28.29 -0.43 -3.67
C VAL C 161 29.39 0.04 -4.69
N PRO C 162 30.21 1.08 -4.29
CA PRO C 162 31.23 1.71 -5.19
C PRO C 162 32.34 0.74 -5.65
N GLY C 163 32.75 0.91 -6.93
CA GLY C 163 33.84 0.12 -7.52
C GLY C 163 33.38 -1.20 -8.12
N MET C 164 32.24 -1.74 -7.62
CA MET C 164 31.74 -3.07 -8.02
C MET C 164 31.01 -3.07 -9.38
N GLY C 165 30.81 -1.88 -9.95
CA GLY C 165 30.27 -1.75 -11.31
C GLY C 165 31.33 -1.35 -12.30
N GLY C 166 30.91 -0.66 -13.36
CA GLY C 166 31.81 -0.33 -14.45
C GLY C 166 31.50 -1.11 -15.71
N GLN C 167 30.39 -0.74 -16.39
CA GLN C 167 30.17 -1.16 -17.78
C GLN C 167 31.07 -0.27 -18.64
N GLY C 168 32.19 -0.87 -19.06
CA GLY C 168 33.35 -0.13 -19.55
C GLY C 168 34.51 -0.39 -18.58
N ASN C 169 35.76 -0.31 -19.06
CA ASN C 169 36.92 -0.79 -18.28
C ASN C 169 37.17 0.05 -16.97
N PRO C 170 37.57 1.40 -16.98
CA PRO C 170 37.82 2.20 -15.72
C PRO C 170 36.64 2.12 -14.69
N PRO C 171 36.83 1.44 -13.49
CA PRO C 171 35.72 1.00 -12.58
C PRO C 171 34.63 2.06 -12.27
N GLY C 172 33.37 1.61 -12.24
CA GLY C 172 32.22 2.46 -11.93
C GLY C 172 31.65 2.15 -10.56
N ASP C 173 30.33 1.89 -10.48
CA ASP C 173 29.66 1.45 -9.25
C ASP C 173 28.42 0.59 -9.57
N LEU C 174 28.03 -0.25 -8.61
CA LEU C 174 26.90 -1.17 -8.78
C LEU C 174 25.68 -0.65 -8.00
N LEU C 175 24.57 -0.47 -8.72
CA LEU C 175 23.27 -0.13 -8.17
C LEU C 175 22.41 -1.39 -8.12
N LEU C 176 22.40 -2.06 -6.97
CA LEU C 176 21.54 -3.21 -6.74
C LEU C 176 20.12 -2.74 -6.43
N VAL C 177 19.24 -2.81 -7.41
CA VAL C 177 17.84 -2.39 -7.24
C VAL C 177 17.09 -3.58 -6.63
N VAL C 178 17.00 -3.59 -5.31
CA VAL C 178 16.33 -4.67 -4.60
C VAL C 178 14.81 -4.46 -4.59
N ARG C 179 14.12 -5.50 -5.06
CA ARG C 179 12.66 -5.55 -5.06
C ARG C 179 12.23 -6.50 -3.96
N LEU C 180 11.69 -5.94 -2.88
CA LEU C 180 11.23 -6.72 -1.72
C LEU C 180 9.96 -7.51 -2.09
N LEU C 181 9.81 -8.69 -1.45
CA LEU C 181 8.71 -9.64 -1.74
C LEU C 181 7.36 -9.09 -1.21
N PRO C 182 6.18 -9.67 -1.62
CA PRO C 182 4.87 -9.42 -0.95
C PRO C 182 4.93 -9.73 0.56
N HIS C 183 5.52 -8.76 1.28
CA HIS C 183 5.87 -8.85 2.70
C HIS C 183 6.36 -7.43 3.13
N PRO C 184 5.51 -6.35 2.95
CA PRO C 184 5.92 -4.95 3.22
C PRO C 184 5.71 -4.58 4.71
N VAL C 185 6.50 -5.24 5.58
CA VAL C 185 6.35 -5.13 7.04
C VAL C 185 7.25 -4.01 7.54
N PHE C 186 8.49 -3.97 7.02
CA PHE C 186 9.55 -3.08 7.53
C PHE C 186 10.05 -2.11 6.44
N ARG C 187 9.90 -0.81 6.71
CA ARG C 187 10.47 0.30 5.91
C ARG C 187 11.79 0.70 6.58
N LEU C 188 12.92 0.41 5.94
CA LEU C 188 14.25 0.69 6.51
C LEU C 188 14.70 2.16 6.28
N GLU C 189 15.52 2.64 7.21
CA GLU C 189 16.33 3.84 7.08
C GLU C 189 17.69 3.56 7.77
N GLY C 190 18.73 3.27 6.96
CA GLY C 190 20.06 2.94 7.47
C GLY C 190 20.11 1.58 8.19
N GLN C 191 19.86 1.61 9.52
CA GLN C 191 19.76 0.42 10.39
C GLN C 191 18.36 0.32 11.04
N ASP C 192 17.67 1.47 11.14
CA ASP C 192 16.39 1.60 11.87
C ASP C 192 15.21 1.24 10.96
N LEU C 193 14.33 0.35 11.42
CA LEU C 193 13.16 -0.10 10.66
C LEU C 193 11.92 0.73 11.01
N TYR C 194 10.87 0.61 10.18
CA TYR C 194 9.55 1.14 10.49
C TYR C 194 8.48 0.11 10.10
N ALA C 195 7.92 -0.57 11.11
CA ALA C 195 6.84 -1.55 10.95
C ALA C 195 5.50 -0.92 11.35
N THR C 196 4.45 -1.74 11.29
CA THR C 196 3.14 -1.43 11.87
C THR C 196 2.66 -2.65 12.68
N LEU C 197 2.24 -2.42 13.93
CA LEU C 197 1.92 -3.47 14.89
C LEU C 197 0.40 -3.59 15.10
N ASP C 198 -0.11 -4.84 15.10
CA ASP C 198 -1.52 -5.14 15.41
C ASP C 198 -1.72 -5.10 16.94
N VAL C 199 -2.29 -3.99 17.45
CA VAL C 199 -2.64 -3.85 18.87
C VAL C 199 -4.17 -3.65 18.97
N PRO C 200 -4.93 -4.64 19.50
CA PRO C 200 -6.38 -4.49 19.72
C PRO C 200 -6.67 -3.36 20.71
N ALA C 201 -7.81 -2.68 20.52
CA ALA C 201 -8.28 -1.61 21.42
C ALA C 201 -8.28 -2.05 22.92
N PRO C 202 -8.86 -3.25 23.28
CA PRO C 202 -8.78 -3.76 24.67
C PRO C 202 -7.33 -3.94 25.18
N ILE C 203 -6.47 -4.63 24.38
CA ILE C 203 -5.06 -4.89 24.75
C ILE C 203 -4.25 -3.56 24.87
N ALA C 204 -4.67 -2.56 24.09
CA ALA C 204 -4.04 -1.22 24.06
C ALA C 204 -4.29 -0.45 25.37
N VAL C 205 -5.56 -0.48 25.83
CA VAL C 205 -5.97 0.19 27.06
C VAL C 205 -5.35 -0.48 28.30
N VAL C 206 -5.31 -1.84 28.33
CA VAL C 206 -4.87 -2.59 29.53
C VAL C 206 -3.34 -2.65 29.67
N GLY C 207 -2.65 -2.79 28.53
CA GLY C 207 -1.24 -3.13 28.55
C GLY C 207 -1.01 -4.62 28.63
N GLY C 208 -1.32 -5.33 27.53
CA GLY C 208 -1.09 -6.76 27.43
C GLY C 208 0.20 -7.06 26.68
N LYS C 209 0.18 -8.08 25.81
CA LYS C 209 1.26 -8.37 24.86
C LYS C 209 0.68 -8.77 23.50
N VAL C 210 1.41 -8.39 22.45
CA VAL C 210 1.13 -8.78 21.05
C VAL C 210 2.46 -9.11 20.38
N ARG C 211 2.51 -10.20 19.59
CA ARG C 211 3.73 -10.61 18.88
C ARG C 211 3.98 -9.71 17.66
N ALA C 212 5.19 -9.15 17.58
CA ALA C 212 5.71 -8.53 16.35
C ALA C 212 6.57 -9.57 15.60
N MET C 213 6.16 -9.89 14.36
CA MET C 213 6.91 -10.82 13.48
C MET C 213 8.17 -10.06 13.00
N THR C 214 9.37 -10.61 13.28
CA THR C 214 10.65 -9.93 12.97
C THR C 214 11.56 -10.83 12.12
N LEU C 215 12.62 -10.23 11.59
CA LEU C 215 13.60 -10.87 10.67
C LEU C 215 14.23 -12.13 11.28
N GLU C 216 14.61 -11.97 12.55
CA GLU C 216 15.29 -13.00 13.34
C GLU C 216 14.31 -14.07 13.85
N GLY C 217 13.04 -13.67 14.06
CA GLY C 217 12.06 -14.50 14.74
C GLY C 217 10.95 -13.68 15.38
N PRO C 218 10.14 -14.25 16.32
CA PRO C 218 9.06 -13.52 16.99
C PRO C 218 9.55 -12.71 18.23
N VAL C 219 9.42 -11.37 18.18
CA VAL C 219 9.68 -10.52 19.36
C VAL C 219 8.32 -10.11 19.97
N GLU C 220 8.06 -10.52 21.23
CA GLU C 220 6.72 -10.35 21.84
C GLU C 220 6.65 -9.02 22.58
N VAL C 221 5.94 -8.08 21.98
CA VAL C 221 5.83 -6.69 22.44
C VAL C 221 5.02 -6.59 23.73
N ALA C 222 5.66 -6.07 24.79
CA ALA C 222 4.99 -5.68 26.03
C ALA C 222 4.26 -4.34 25.84
N VAL C 223 2.94 -4.42 25.61
CA VAL C 223 2.08 -3.24 25.39
C VAL C 223 1.85 -2.53 26.76
N PRO C 224 1.87 -1.16 26.82
CA PRO C 224 1.55 -0.39 28.04
C PRO C 224 0.05 0.00 28.09
N PRO C 225 -0.45 0.59 29.22
CA PRO C 225 -1.84 1.09 29.28
C PRO C 225 -2.00 2.37 28.45
N ARG C 226 -3.23 2.62 27.98
CA ARG C 226 -3.57 3.84 27.21
C ARG C 226 -2.69 3.97 25.94
N THR C 227 -2.76 2.97 25.06
CA THR C 227 -2.01 2.98 23.81
C THR C 227 -2.90 3.47 22.64
N GLN C 228 -2.59 4.66 22.09
CA GLN C 228 -3.35 5.28 20.99
C GLN C 228 -2.83 4.85 19.62
N ALA C 229 -3.69 5.11 18.62
CA ALA C 229 -3.38 4.88 17.19
C ALA C 229 -2.35 5.91 16.72
N GLY C 230 -1.16 5.42 16.37
CA GLY C 230 -0.07 6.29 15.92
C GLY C 230 0.99 6.52 16.98
N ARG C 231 0.91 5.78 18.12
CA ARG C 231 2.05 5.69 19.06
C ARG C 231 3.19 4.90 18.41
N LYS C 232 4.38 4.89 19.04
CA LYS C 232 5.57 4.28 18.42
C LYS C 232 6.45 3.55 19.45
N LEU C 233 7.00 2.43 18.98
CA LEU C 233 7.91 1.54 19.71
C LEU C 233 9.31 1.73 19.16
N ARG C 234 10.34 1.45 19.98
CA ARG C 234 11.72 1.28 19.53
C ARG C 234 12.29 -0.03 20.13
N LEU C 235 12.06 -1.14 19.39
CA LEU C 235 12.53 -2.48 19.77
C LEU C 235 14.02 -2.61 19.45
N LYS C 236 14.80 -2.84 20.51
CA LYS C 236 16.27 -2.75 20.49
C LYS C 236 16.91 -4.02 19.92
N GLY C 237 17.74 -3.83 18.87
CA GLY C 237 18.40 -4.94 18.16
C GLY C 237 17.40 -5.82 17.41
N LYS C 238 16.29 -5.21 16.97
CA LYS C 238 15.22 -5.90 16.20
C LYS C 238 15.07 -5.27 14.80
N GLY C 239 15.95 -4.30 14.48
CA GLY C 239 16.05 -3.75 13.13
C GLY C 239 17.02 -4.56 12.29
N PHE C 240 17.89 -3.88 11.54
CA PHE C 240 19.02 -4.52 10.83
C PHE C 240 20.34 -4.30 11.61
N PRO C 241 20.89 -5.36 12.28
CA PRO C 241 22.23 -5.31 12.86
C PRO C 241 23.30 -5.21 11.75
N GLY C 242 23.98 -4.06 11.70
CA GLY C 242 24.87 -3.71 10.57
C GLY C 242 26.31 -4.16 10.79
N PRO C 243 27.31 -3.60 10.02
CA PRO C 243 28.76 -3.84 10.30
C PRO C 243 29.16 -3.36 11.73
N ALA C 244 28.51 -2.29 12.21
CA ALA C 244 28.61 -1.84 13.63
C ALA C 244 27.72 -2.71 14.53
N GLY C 245 26.67 -3.31 13.93
CA GLY C 245 25.77 -4.22 14.61
C GLY C 245 24.78 -3.54 15.56
N ARG C 246 23.52 -3.32 15.10
CA ARG C 246 22.42 -2.91 15.96
C ARG C 246 21.00 -3.13 15.36
N GLY C 247 20.61 -2.29 14.37
CA GLY C 247 19.19 -2.09 14.00
C GLY C 247 18.19 -1.88 15.15
N ASP C 248 17.39 -0.81 15.06
CA ASP C 248 16.32 -0.54 16.04
C ASP C 248 15.00 -0.37 15.29
N LEU C 249 14.04 -1.25 15.61
CA LEU C 249 12.77 -1.35 14.91
C LEU C 249 11.76 -0.38 15.52
N TYR C 250 11.28 0.57 14.72
CA TYR C 250 10.25 1.52 15.12
C TYR C 250 8.91 1.01 14.61
N LEU C 251 7.94 0.74 15.49
CA LEU C 251 6.59 0.27 15.01
C LEU C 251 5.54 1.34 15.27
N GLU C 252 4.65 1.54 14.30
CA GLU C 252 3.48 2.40 14.46
C GLU C 252 2.28 1.54 14.91
N VAL C 253 1.60 2.00 15.95
CA VAL C 253 0.50 1.29 16.57
C VAL C 253 -0.80 1.43 15.76
N ARG C 254 -1.39 0.29 15.37
CA ARG C 254 -2.75 0.22 14.85
C ARG C 254 -3.69 -0.27 15.94
N ILE C 255 -4.69 0.56 16.27
CA ILE C 255 -5.78 0.18 17.15
C ILE C 255 -6.85 -0.57 16.32
N THR C 256 -6.73 -1.89 16.33
CA THR C 256 -7.65 -2.78 15.60
C THR C 256 -8.74 -3.31 16.56
N ILE C 257 -9.96 -3.49 16.06
CA ILE C 257 -11.11 -3.94 16.87
C ILE C 257 -11.36 -5.47 16.69
N PRO C 258 -11.96 -6.16 17.74
CA PRO C 258 -12.10 -7.66 17.82
C PRO C 258 -12.49 -8.43 16.53
N GLU C 259 -13.16 -7.77 15.58
CA GLU C 259 -13.89 -8.42 14.44
C GLU C 259 -15.00 -9.36 14.96
N ARG C 260 -14.59 -10.52 15.51
CA ARG C 260 -15.50 -11.44 16.20
C ARG C 260 -15.98 -10.79 17.49
N LEU C 261 -17.10 -11.27 18.03
CA LEU C 261 -17.52 -10.97 19.40
C LEU C 261 -18.22 -12.21 19.95
N THR C 262 -18.50 -12.17 21.25
CA THR C 262 -19.44 -13.08 21.91
C THR C 262 -20.54 -12.22 22.58
N PRO C 263 -21.76 -12.79 22.92
CA PRO C 263 -22.83 -12.06 23.66
C PRO C 263 -22.31 -11.13 24.78
N GLU C 264 -21.39 -11.68 25.61
CA GLU C 264 -20.82 -10.93 26.74
C GLU C 264 -19.90 -9.80 26.25
N GLU C 265 -18.91 -10.14 25.38
CA GLU C 265 -17.96 -9.13 24.84
C GLU C 265 -18.73 -7.92 24.32
N GLU C 266 -19.67 -8.19 23.39
CA GLU C 266 -20.48 -7.18 22.73
C GLU C 266 -21.28 -6.32 23.74
N ALA C 267 -21.84 -6.99 24.78
CA ALA C 267 -22.63 -6.32 25.86
C ALA C 267 -21.80 -5.28 26.66
N LEU C 268 -20.54 -5.65 26.99
CA LEU C 268 -19.61 -4.74 27.71
C LEU C 268 -19.24 -3.54 26.81
N TRP C 269 -19.01 -3.80 25.50
CA TRP C 269 -18.80 -2.73 24.50
C TRP C 269 -20.02 -1.78 24.44
N LYS C 270 -21.25 -2.34 24.61
CA LYS C 270 -22.51 -1.54 24.63
C LYS C 270 -22.48 -0.54 25.79
N LYS C 271 -22.17 -1.05 27.00
CA LYS C 271 -22.04 -0.21 28.22
C LYS C 271 -21.05 0.96 27.99
N LEU C 272 -19.94 0.66 27.31
CA LEU C 272 -18.93 1.67 26.94
C LEU C 272 -19.54 2.75 26.01
N ALA C 273 -20.32 2.31 25.00
CA ALA C 273 -20.95 3.21 24.01
C ALA C 273 -21.99 4.14 24.67
N GLU C 274 -22.64 3.66 25.75
CA GLU C 274 -23.62 4.44 26.53
C GLU C 274 -22.91 5.45 27.45
N ALA C 275 -21.74 5.03 27.97
CA ALA C 275 -20.81 5.91 28.73
C ALA C 275 -20.21 6.99 27.79
N TYR C 276 -20.19 6.68 26.48
CA TYR C 276 -19.75 7.59 25.43
C TYR C 276 -20.85 8.58 25.03
N TYR C 277 -22.11 8.15 25.03
CA TYR C 277 -23.25 9.09 24.88
C TYR C 277 -23.33 10.00 26.11
N ALA C 278 -22.86 9.47 27.27
CA ALA C 278 -22.72 10.24 28.52
C ALA C 278 -21.55 11.27 28.48
N ARG C 279 -20.85 11.40 27.32
CA ARG C 279 -19.90 12.51 27.08
C ARG C 279 -20.66 13.83 26.82
N ALA C 280 -21.96 13.72 26.46
CA ALA C 280 -22.84 14.88 26.25
C ALA C 280 -23.43 15.33 27.63
N MET A 1 -9.04 43.54 -45.30
CA MET A 1 -9.12 44.98 -45.02
C MET A 1 -10.47 45.33 -44.39
N ALA A 2 -10.55 45.19 -43.05
CA ALA A 2 -11.62 45.77 -42.21
C ALA A 2 -13.04 45.28 -42.59
N ALA A 3 -13.17 44.02 -43.04
CA ALA A 3 -14.48 43.40 -43.37
C ALA A 3 -15.12 42.80 -42.09
N LYS A 4 -15.13 43.63 -41.02
CA LYS A 4 -15.53 43.27 -39.65
C LYS A 4 -16.72 42.31 -39.55
N LYS A 5 -16.43 41.07 -39.15
CA LYS A 5 -17.45 40.13 -38.68
C LYS A 5 -17.93 40.58 -37.30
N ASP A 6 -19.15 41.14 -37.25
CA ASP A 6 -19.86 41.34 -35.99
C ASP A 6 -20.34 39.95 -35.56
N TYR A 7 -19.55 39.32 -34.70
CA TYR A 7 -19.72 37.91 -34.31
C TYR A 7 -21.08 37.66 -33.63
N TYR A 8 -21.56 38.70 -32.92
CA TYR A 8 -22.87 38.68 -32.26
C TYR A 8 -23.99 38.65 -33.32
N ALA A 9 -23.80 39.43 -34.41
CA ALA A 9 -24.75 39.47 -35.53
C ALA A 9 -24.85 38.10 -36.22
N ILE A 10 -23.69 37.41 -36.34
CA ILE A 10 -23.62 36.02 -36.87
C ILE A 10 -24.48 35.08 -35.99
N LEU A 11 -24.39 35.27 -34.66
CA LEU A 11 -25.19 34.51 -33.68
C LEU A 11 -26.64 35.06 -33.53
N GLY A 12 -26.92 36.22 -34.16
CA GLY A 12 -28.24 36.88 -34.08
C GLY A 12 -28.57 37.47 -32.70
N VAL A 13 -27.52 37.67 -31.87
CA VAL A 13 -27.63 38.25 -30.50
C VAL A 13 -27.17 39.73 -30.51
N PRO A 14 -27.52 40.54 -29.44
CA PRO A 14 -27.04 41.94 -29.26
C PRO A 14 -25.52 42.11 -29.46
N ARG A 15 -25.11 43.28 -30.00
CA ARG A 15 -23.72 43.55 -30.45
C ARG A 15 -22.69 43.70 -29.29
N ASN A 16 -23.07 43.27 -28.08
CA ASN A 16 -22.16 43.20 -26.92
C ASN A 16 -22.74 42.21 -25.89
N ALA A 17 -23.42 41.17 -26.42
CA ALA A 17 -24.11 40.14 -25.63
C ALA A 17 -23.12 39.28 -24.80
N THR A 18 -23.59 38.79 -23.65
CA THR A 18 -22.75 38.04 -22.68
C THR A 18 -22.52 36.59 -23.13
N GLN A 19 -21.61 35.90 -22.41
CA GLN A 19 -21.11 34.55 -22.75
C GLN A 19 -22.25 33.51 -22.90
N GLU A 20 -23.25 33.57 -21.99
CA GLU A 20 -24.38 32.61 -21.99
C GLU A 20 -25.33 32.88 -23.17
N GLU A 21 -25.47 34.16 -23.58
CA GLU A 21 -26.27 34.55 -24.77
C GLU A 21 -25.61 33.98 -26.05
N ILE A 22 -24.27 34.07 -26.07
CA ILE A 22 -23.43 33.52 -27.15
C ILE A 22 -23.53 31.97 -27.18
N LYS A 23 -23.59 31.36 -25.98
CA LYS A 23 -23.60 29.90 -25.82
C LYS A 23 -24.98 29.30 -26.20
N ARG A 24 -26.07 30.05 -25.92
CA ARG A 24 -27.44 29.64 -26.30
C ARG A 24 -27.65 29.77 -27.82
N ALA A 25 -27.16 30.90 -28.38
CA ALA A 25 -27.22 31.17 -29.82
C ALA A 25 -26.30 30.21 -30.60
N TYR A 26 -25.20 29.80 -29.95
CA TYR A 26 -24.29 28.80 -30.50
C TYR A 26 -25.05 27.47 -30.66
N LYS A 27 -25.59 26.93 -29.54
CA LYS A 27 -26.36 25.65 -29.55
C LYS A 27 -27.50 25.70 -30.58
N ARG A 28 -28.16 26.87 -30.67
CA ARG A 28 -29.25 27.15 -31.63
C ARG A 28 -28.80 26.85 -33.07
N LEU A 29 -27.73 27.54 -33.48
CA LEU A 29 -27.23 27.52 -34.86
C LEU A 29 -26.26 26.34 -35.09
N ALA A 30 -25.87 25.67 -33.99
CA ALA A 30 -25.03 24.45 -34.03
C ALA A 30 -25.93 23.22 -34.21
N ARG A 31 -27.21 23.35 -33.83
CA ARG A 31 -28.25 22.35 -34.12
C ARG A 31 -28.94 22.64 -35.47
N GLN A 32 -29.04 23.93 -35.84
CA GLN A 32 -29.67 24.35 -37.11
C GLN A 32 -28.77 24.04 -38.33
N TYR A 33 -27.48 24.42 -38.24
CA TYR A 33 -26.50 24.21 -39.32
C TYR A 33 -25.65 22.95 -39.05
N HIS A 34 -26.21 22.03 -38.25
CA HIS A 34 -25.51 20.85 -37.71
C HIS A 34 -25.03 19.88 -38.82
N PRO A 35 -23.71 19.89 -39.22
CA PRO A 35 -23.20 19.11 -40.39
C PRO A 35 -23.11 17.60 -40.10
N ASP A 36 -23.39 17.23 -38.85
CA ASP A 36 -23.48 15.84 -38.40
C ASP A 36 -24.79 15.17 -38.90
N VAL A 37 -25.85 15.96 -39.14
CA VAL A 37 -27.14 15.44 -39.66
C VAL A 37 -27.52 16.18 -40.97
N ASN A 38 -27.38 17.51 -40.93
CA ASN A 38 -27.69 18.41 -42.05
C ASN A 38 -26.40 18.78 -42.81
N LYS A 39 -25.95 17.87 -43.69
CA LYS A 39 -24.72 18.05 -44.50
C LYS A 39 -25.05 18.90 -45.75
N SER A 40 -25.34 20.18 -45.53
CA SER A 40 -25.68 21.12 -46.62
C SER A 40 -24.52 22.13 -46.84
N PRO A 41 -24.10 22.41 -48.12
CA PRO A 41 -22.97 23.32 -48.45
C PRO A 41 -23.05 24.67 -47.71
N GLU A 42 -24.21 25.35 -47.82
CA GLU A 42 -24.44 26.64 -47.16
C GLU A 42 -24.34 26.51 -45.62
N ALA A 43 -24.76 25.34 -45.09
CA ALA A 43 -24.75 25.06 -43.64
C ALA A 43 -23.35 24.63 -43.18
N GLU A 44 -22.47 24.28 -44.14
CA GLU A 44 -21.04 24.04 -43.84
C GLU A 44 -20.43 25.39 -43.48
N GLU A 45 -20.54 26.32 -44.47
CA GLU A 45 -20.04 27.70 -44.37
C GLU A 45 -20.57 28.39 -43.12
N LYS A 46 -21.88 28.23 -42.91
CA LYS A 46 -22.61 28.93 -41.86
C LYS A 46 -22.25 28.40 -40.48
N PHE A 47 -22.27 27.04 -40.30
CA PHE A 47 -21.87 26.39 -39.02
C PHE A 47 -20.48 26.85 -38.59
N LYS A 48 -19.55 26.85 -39.55
CA LYS A 48 -18.17 27.29 -39.34
C LYS A 48 -18.10 28.79 -38.96
N GLU A 49 -18.97 29.62 -39.54
CA GLU A 49 -19.10 31.06 -39.16
C GLU A 49 -19.72 31.22 -37.75
N ILE A 50 -20.60 30.27 -37.36
CA ILE A 50 -21.20 30.23 -35.99
C ILE A 50 -20.11 29.88 -34.98
N ASN A 51 -19.20 28.99 -35.41
CA ASN A 51 -18.07 28.50 -34.63
C ASN A 51 -16.90 29.51 -34.64
N GLU A 52 -16.88 30.42 -35.64
CA GLU A 52 -15.94 31.57 -35.71
C GLU A 52 -16.34 32.61 -34.64
N ALA A 53 -17.65 32.93 -34.68
CA ALA A 53 -18.30 33.83 -33.73
C ALA A 53 -18.13 33.34 -32.30
N TYR A 54 -18.46 32.05 -32.09
CA TYR A 54 -18.31 31.38 -30.79
C TYR A 54 -16.83 31.30 -30.40
N ALA A 55 -15.94 31.06 -31.39
CA ALA A 55 -14.49 30.95 -31.16
C ALA A 55 -13.93 32.18 -30.45
N VAL A 56 -14.31 33.37 -30.92
CA VAL A 56 -13.88 34.64 -30.31
C VAL A 56 -14.62 34.88 -28.96
N LEU A 57 -15.94 34.65 -28.93
CA LEU A 57 -16.81 35.11 -27.81
C LEU A 57 -17.03 34.03 -26.71
N SER A 58 -16.43 32.83 -26.85
CA SER A 58 -16.55 31.73 -25.86
C SER A 58 -15.74 32.06 -24.62
N ASP A 59 -14.46 32.37 -24.86
CA ASP A 59 -13.49 32.64 -23.79
C ASP A 59 -13.53 34.13 -23.42
N PRO A 60 -13.49 34.48 -22.09
CA PRO A 60 -13.49 35.90 -21.62
C PRO A 60 -12.34 36.71 -22.21
N GLU A 61 -11.24 36.01 -22.56
CA GLU A 61 -10.01 36.63 -23.07
C GLU A 61 -10.25 37.33 -24.44
N LYS A 62 -10.69 36.53 -25.42
CA LYS A 62 -10.91 37.01 -26.81
C LYS A 62 -12.20 37.81 -26.93
N ARG A 63 -13.15 37.54 -26.00
CA ARG A 63 -14.32 38.39 -25.78
C ARG A 63 -13.85 39.84 -25.52
N ARG A 64 -12.95 40.00 -24.52
CA ARG A 64 -12.37 41.31 -24.12
C ARG A 64 -11.54 41.95 -25.26
N ILE A 65 -10.87 41.10 -26.06
CA ILE A 65 -10.13 41.54 -27.27
C ILE A 65 -11.07 42.24 -28.27
N TYR A 66 -12.25 41.62 -28.50
CA TYR A 66 -13.25 42.20 -29.41
C TYR A 66 -13.81 43.51 -28.81
N ASP A 67 -14.09 43.52 -27.47
CA ASP A 67 -14.54 44.73 -26.73
C ASP A 67 -13.56 45.90 -26.95
N THR A 68 -12.25 45.60 -26.83
CA THR A 68 -11.20 46.62 -26.97
C THR A 68 -10.97 47.01 -28.45
N TYR A 69 -11.41 46.17 -29.42
CA TYR A 69 -11.33 46.56 -30.84
C TYR A 69 -12.37 47.68 -31.12
N GLY A 70 -11.87 48.89 -31.42
CA GLY A 70 -12.70 50.09 -31.54
C GLY A 70 -12.59 51.00 -30.31
N THR A 71 -11.51 50.80 -29.55
CA THR A 71 -11.15 51.58 -28.35
C THR A 71 -9.64 51.71 -28.45
N THR A 72 -9.02 50.53 -28.49
CA THR A 72 -7.71 50.34 -29.06
C THR A 72 -7.96 50.32 -30.59
N GLU A 73 -7.13 51.05 -31.36
CA GLU A 73 -7.29 51.17 -32.83
C GLU A 73 -6.46 50.09 -33.57
N ALA A 74 -5.36 49.68 -32.95
CA ALA A 74 -4.48 48.61 -33.46
C ALA A 74 -4.88 47.24 -32.84
N PRO A 75 -4.33 46.09 -33.36
CA PRO A 75 -4.40 44.80 -32.64
C PRO A 75 -3.85 44.88 -31.19
N PRO A 76 -4.51 44.20 -30.19
CA PRO A 76 -4.11 44.25 -28.74
C PRO A 76 -2.79 43.47 -28.46
N PRO A 77 -2.25 43.50 -27.19
CA PRO A 77 -1.12 42.63 -26.79
C PRO A 77 -1.49 41.12 -26.93
N PRO A 78 -0.74 40.32 -27.77
CA PRO A 78 -0.99 38.86 -27.89
C PRO A 78 -0.74 38.10 -26.55
N PRO A 79 -1.69 37.23 -26.08
CA PRO A 79 -1.47 36.35 -24.90
C PRO A 79 -0.26 35.39 -25.13
N PRO A 80 0.60 35.12 -24.08
CA PRO A 80 1.81 34.26 -24.21
C PRO A 80 1.46 32.79 -24.51
N GLY A 81 1.13 32.52 -25.78
CA GLY A 81 0.67 31.21 -26.25
C GLY A 81 -0.10 31.39 -27.56
N GLY A 82 -0.83 32.52 -27.65
CA GLY A 82 -1.46 32.98 -28.88
C GLY A 82 -2.93 33.33 -28.70
N TYR A 83 -3.50 34.00 -29.71
CA TYR A 83 -4.94 34.17 -29.86
C TYR A 83 -5.56 32.81 -30.21
N ASP A 84 -6.14 32.16 -29.19
CA ASP A 84 -6.68 30.79 -29.28
C ASP A 84 -7.86 30.67 -30.28
N PHE A 85 -8.02 29.47 -30.86
CA PHE A 85 -9.19 29.09 -31.67
C PHE A 85 -9.42 27.56 -31.48
N SER A 86 -9.91 27.19 -30.26
CA SER A 86 -10.11 25.77 -29.81
C SER A 86 -10.98 24.91 -30.76
N GLY A 87 -10.33 24.29 -31.76
CA GLY A 87 -11.02 23.37 -32.69
C GLY A 87 -11.48 24.04 -33.95
N PHE A 88 -10.96 25.25 -34.20
CA PHE A 88 -11.47 26.11 -35.26
C PHE A 88 -10.32 26.48 -36.23
N ASP A 89 -10.41 25.97 -37.47
CA ASP A 89 -9.40 26.22 -38.52
C ASP A 89 -9.44 27.69 -38.97
N VAL A 90 -8.58 28.49 -38.32
CA VAL A 90 -8.24 29.89 -38.70
C VAL A 90 -8.27 30.15 -40.23
N GLU A 91 -7.62 29.28 -41.01
CA GLU A 91 -7.37 29.50 -42.45
C GLU A 91 -8.66 29.46 -43.30
N ASP A 92 -9.74 28.94 -42.71
CA ASP A 92 -11.09 28.98 -43.31
C ASP A 92 -11.75 30.36 -43.11
N PHE A 93 -11.58 30.93 -41.90
CA PHE A 93 -12.38 32.08 -41.42
C PHE A 93 -11.93 33.43 -42.00
N SER A 94 -12.66 34.49 -41.60
CA SER A 94 -12.62 35.83 -42.22
C SER A 94 -11.22 36.46 -42.24
N GLU A 95 -10.94 37.19 -43.34
CA GLU A 95 -9.74 38.02 -43.51
C GLU A 95 -9.57 39.01 -42.33
N PHE A 96 -10.70 39.63 -41.91
CA PHE A 96 -10.77 40.56 -40.77
C PHE A 96 -10.15 39.93 -39.51
N PHE A 97 -10.62 38.72 -39.18
CA PHE A 97 -10.14 37.94 -38.04
C PHE A 97 -8.62 37.69 -38.17
N GLN A 98 -8.20 37.28 -39.38
CA GLN A 98 -6.80 36.95 -39.68
C GLN A 98 -5.89 38.21 -39.71
N GLU A 99 -6.49 39.41 -39.72
CA GLU A 99 -5.76 40.69 -39.58
C GLU A 99 -5.61 41.10 -38.10
N LEU A 100 -6.75 41.14 -37.37
CA LEU A 100 -6.80 41.60 -35.96
C LEU A 100 -6.02 40.66 -35.04
N PHE A 101 -6.31 39.37 -35.15
CA PHE A 101 -5.66 38.32 -34.37
C PHE A 101 -4.37 37.82 -35.08
N GLY A 102 -4.14 38.32 -36.33
CA GLY A 102 -2.96 37.97 -37.13
C GLY A 102 -1.63 37.93 -36.37
N PRO A 103 -1.21 39.09 -35.72
CA PRO A 103 0.05 39.21 -34.92
C PRO A 103 0.42 38.01 -34.02
N GLY A 104 -0.59 37.21 -33.59
CA GLY A 104 -0.30 36.06 -32.73
C GLY A 104 -1.33 34.95 -32.88
N LEU A 105 -1.83 34.71 -34.11
CA LEU A 105 -2.74 33.57 -34.40
C LEU A 105 -2.15 32.21 -33.95
N PHE A 106 -2.37 31.88 -32.65
CA PHE A 106 -1.96 30.63 -31.94
C PHE A 106 -0.80 29.86 -32.65
N GLY A 107 -1.08 28.67 -33.25
CA GLY A 107 -0.07 27.88 -33.97
C GLY A 107 1.14 27.48 -33.12
N GLY A 108 1.03 27.64 -31.78
CA GLY A 108 2.17 27.60 -30.88
C GLY A 108 3.04 28.85 -31.06
N PHE A 109 4.07 28.72 -31.92
CA PHE A 109 4.91 29.84 -32.40
C PHE A 109 5.21 29.64 -33.89
N GLY A 110 4.40 28.77 -34.54
CA GLY A 110 4.60 28.37 -35.94
C GLY A 110 4.49 29.52 -36.93
N ARG A 111 3.77 30.59 -36.54
CA ARG A 111 3.63 31.87 -37.29
C ARG A 111 2.64 31.76 -38.48
N ARG A 112 2.66 30.62 -39.20
CA ARG A 112 1.69 30.35 -40.29
C ARG A 112 0.33 29.90 -39.71
N SER A 113 0.34 29.53 -38.40
CA SER A 113 -0.87 29.23 -37.60
C SER A 113 -1.45 27.87 -38.00
N ARG A 114 -0.71 26.78 -37.67
CA ARG A 114 -1.07 25.42 -38.14
C ARG A 114 -1.22 24.42 -36.97
N LYS A 115 -1.75 23.22 -37.32
CA LYS A 115 -2.30 22.20 -36.39
C LYS A 115 -1.28 21.73 -35.33
N GLY A 116 -1.81 21.36 -34.14
CA GLY A 116 -1.00 20.92 -32.99
C GLY A 116 -0.98 19.38 -32.82
N ARG A 117 -0.56 18.90 -31.62
CA ARG A 117 -0.53 17.45 -31.26
C ARG A 117 -1.63 17.09 -30.19
N ASP A 118 -2.32 15.95 -30.38
CA ASP A 118 -3.29 15.40 -29.40
C ASP A 118 -2.64 15.15 -28.02
N LEU A 119 -2.86 16.11 -27.12
CA LEU A 119 -2.24 16.18 -25.78
C LEU A 119 -3.25 15.76 -24.69
N ARG A 120 -2.72 15.32 -23.53
CA ARG A 120 -3.53 15.08 -22.32
C ARG A 120 -3.20 16.17 -21.27
N ALA A 121 -4.21 16.63 -20.53
CA ALA A 121 -4.03 17.63 -19.46
C ALA A 121 -4.67 17.16 -18.16
N GLU A 122 -4.18 17.76 -17.07
CA GLU A 122 -4.58 17.46 -15.70
C GLU A 122 -5.25 18.71 -15.16
N LEU A 123 -6.57 18.67 -14.97
CA LEU A 123 -7.35 19.85 -14.56
C LEU A 123 -7.57 19.78 -13.04
N PRO A 124 -6.72 20.46 -12.19
CA PRO A 124 -6.87 20.35 -10.74
C PRO A 124 -8.02 21.24 -10.27
N LEU A 125 -9.12 20.61 -9.88
CA LEU A 125 -10.39 21.30 -9.65
C LEU A 125 -10.68 21.40 -8.17
N THR A 126 -11.03 22.63 -7.75
CA THR A 126 -11.47 22.91 -6.40
C THR A 126 -12.74 22.07 -6.09
N LEU A 127 -12.68 21.26 -4.99
CA LEU A 127 -13.71 20.23 -4.64
C LEU A 127 -15.12 20.84 -4.57
N GLU A 128 -15.17 22.04 -4.02
CA GLU A 128 -16.40 22.81 -3.81
C GLU A 128 -17.01 23.18 -5.18
N GLU A 129 -16.13 23.46 -6.16
CA GLU A 129 -16.53 23.78 -7.54
C GLU A 129 -16.88 22.50 -8.33
N ALA A 130 -16.37 21.35 -7.87
CA ALA A 130 -16.80 20.03 -8.42
C ALA A 130 -18.26 19.74 -8.03
N PHE A 131 -18.64 20.23 -6.82
CA PHE A 131 -20.03 20.19 -6.33
C PHE A 131 -20.92 21.25 -7.04
N HIS A 132 -20.41 22.51 -7.12
CA HIS A 132 -21.17 23.67 -7.63
C HIS A 132 -21.41 23.55 -9.14
N GLY A 133 -20.31 23.37 -9.89
CA GLY A 133 -20.36 23.27 -11.36
C GLY A 133 -20.30 24.63 -12.05
N GLY A 134 -20.58 24.65 -13.37
CA GLY A 134 -20.68 25.89 -14.15
C GLY A 134 -19.40 26.22 -14.93
N GLU A 135 -19.30 27.47 -15.39
CA GLU A 135 -18.13 27.97 -16.13
C GLU A 135 -16.94 28.15 -15.17
N ARG A 136 -15.91 27.31 -15.32
CA ARG A 136 -14.68 27.39 -14.52
C ARG A 136 -13.62 28.21 -15.23
N VAL A 137 -13.14 29.28 -14.58
CA VAL A 137 -11.98 30.04 -15.04
C VAL A 137 -10.71 29.25 -14.66
N VAL A 138 -10.00 28.78 -15.67
CA VAL A 138 -8.75 28.03 -15.54
C VAL A 138 -7.73 28.59 -16.54
N GLU A 139 -6.48 28.77 -16.09
CA GLU A 139 -5.46 29.53 -16.84
C GLU A 139 -4.20 28.66 -17.07
N VAL A 140 -3.70 28.68 -18.32
CA VAL A 140 -2.50 27.93 -18.74
C VAL A 140 -2.03 28.45 -20.11
N ALA A 141 -0.71 28.68 -20.27
CA ALA A 141 -0.05 29.04 -21.56
C ALA A 141 -0.72 30.26 -22.23
N GLY A 142 -1.12 31.26 -21.42
CA GLY A 142 -1.75 32.49 -21.93
C GLY A 142 -3.27 32.37 -22.09
N ARG A 143 -3.75 31.11 -22.20
CA ARG A 143 -5.16 30.79 -22.38
C ARG A 143 -5.91 30.81 -21.03
N ARG A 144 -6.60 31.92 -20.75
CA ARG A 144 -7.61 31.98 -19.69
C ARG A 144 -8.95 31.47 -20.26
N VAL A 145 -9.14 30.14 -20.14
CA VAL A 145 -10.30 29.43 -20.70
C VAL A 145 -11.39 29.23 -19.64
N SER A 146 -12.64 29.28 -20.09
CA SER A 146 -13.82 29.05 -19.25
C SER A 146 -14.40 27.66 -19.55
N VAL A 147 -13.86 26.62 -18.89
CA VAL A 147 -14.30 25.22 -19.13
C VAL A 147 -15.53 24.90 -18.27
N ARG A 148 -16.63 24.51 -18.93
CA ARG A 148 -17.89 24.20 -18.24
C ARG A 148 -17.78 22.84 -17.52
N ILE A 149 -17.46 22.91 -16.21
CA ILE A 149 -17.42 21.75 -15.33
C ILE A 149 -18.87 21.34 -14.93
N PRO A 150 -19.30 20.07 -15.20
CA PRO A 150 -20.63 19.57 -14.77
C PRO A 150 -20.80 19.56 -13.22
N PRO A 151 -21.96 20.04 -12.66
CA PRO A 151 -22.26 19.89 -11.21
C PRO A 151 -22.37 18.39 -10.82
N GLY A 152 -21.25 17.86 -10.29
CA GLY A 152 -21.10 16.42 -10.01
C GLY A 152 -20.01 15.79 -10.85
N VAL A 153 -18.94 16.57 -11.12
CA VAL A 153 -17.80 16.13 -11.94
C VAL A 153 -16.74 15.45 -11.05
N ARG A 154 -16.23 14.31 -11.53
CA ARG A 154 -15.51 13.32 -10.70
C ARG A 154 -14.11 13.06 -11.27
N GLU A 155 -13.15 12.75 -10.39
CA GLU A 155 -11.74 12.44 -10.76
C GLU A 155 -11.69 11.34 -11.83
N GLY A 156 -11.12 11.68 -13.00
CA GLY A 156 -11.06 10.79 -14.16
C GLY A 156 -12.03 11.17 -15.27
N SER A 157 -12.86 12.22 -15.04
CA SER A 157 -13.81 12.72 -16.06
C SER A 157 -13.01 13.45 -17.16
N VAL A 158 -12.87 12.77 -18.32
CA VAL A 158 -12.11 13.27 -19.46
C VAL A 158 -13.02 14.14 -20.34
N ILE A 159 -12.96 15.46 -20.11
CA ILE A 159 -13.58 16.45 -20.99
C ILE A 159 -12.68 16.62 -22.24
N ARG A 160 -12.97 15.85 -23.31
CA ARG A 160 -12.20 15.98 -24.56
C ARG A 160 -12.61 17.29 -25.23
N VAL A 161 -11.67 18.21 -25.33
CA VAL A 161 -11.87 19.53 -25.95
C VAL A 161 -10.82 19.73 -27.06
N PRO A 162 -11.23 20.13 -28.30
CA PRO A 162 -10.27 20.39 -29.40
C PRO A 162 -9.52 21.74 -29.19
N GLY A 163 -8.26 21.79 -29.68
CA GLY A 163 -7.50 23.06 -29.79
C GLY A 163 -6.77 23.50 -28.52
N MET A 164 -7.25 23.09 -27.34
CA MET A 164 -6.65 23.48 -26.04
C MET A 164 -5.34 22.72 -25.76
N GLY A 165 -5.17 21.54 -26.40
CA GLY A 165 -4.02 20.67 -26.17
C GLY A 165 -2.80 21.06 -26.95
N GLY A 166 -2.52 20.32 -28.04
CA GLY A 166 -1.47 20.68 -28.97
C GLY A 166 -1.60 22.08 -29.51
N GLN A 167 -0.58 22.88 -29.12
CA GLN A 167 -0.43 24.27 -29.48
C GLN A 167 -0.44 24.41 -30.99
N GLY A 168 -1.57 24.87 -31.47
CA GLY A 168 -1.90 24.91 -32.88
C GLY A 168 -3.24 25.55 -33.05
N ASN A 169 -3.36 26.41 -34.08
CA ASN A 169 -4.58 27.22 -34.27
C ASN A 169 -5.73 26.29 -34.79
N PRO A 170 -5.52 25.44 -35.85
CA PRO A 170 -6.34 24.22 -36.03
C PRO A 170 -6.00 23.23 -34.88
N PRO A 171 -6.98 22.43 -34.39
CA PRO A 171 -6.88 21.75 -33.07
C PRO A 171 -5.77 20.70 -32.92
N GLY A 172 -4.82 20.90 -31.93
CA GLY A 172 -4.03 19.76 -31.50
C GLY A 172 -4.88 18.67 -30.87
N ASP A 173 -5.82 19.14 -30.04
CA ASP A 173 -6.88 18.34 -29.34
C ASP A 173 -6.38 18.01 -27.94
N LEU A 174 -7.30 17.93 -26.99
CA LEU A 174 -6.96 17.79 -25.57
C LEU A 174 -7.91 16.82 -24.87
N LEU A 175 -7.34 16.06 -23.93
CA LEU A 175 -8.08 15.22 -23.00
C LEU A 175 -7.98 15.86 -21.59
N LEU A 176 -8.95 16.74 -21.25
CA LEU A 176 -9.04 17.34 -19.89
C LEU A 176 -9.44 16.25 -18.89
N VAL A 177 -8.47 15.52 -18.34
CA VAL A 177 -8.73 14.55 -17.30
C VAL A 177 -8.76 15.33 -15.98
N VAL A 178 -9.98 15.55 -15.45
CA VAL A 178 -10.17 16.35 -14.25
C VAL A 178 -9.55 15.62 -13.04
N ARG A 179 -8.67 16.32 -12.36
CA ARG A 179 -7.99 15.85 -11.19
C ARG A 179 -8.49 16.65 -10.01
N LEU A 180 -9.09 16.00 -9.02
CA LEU A 180 -9.60 16.72 -7.84
C LEU A 180 -8.46 16.96 -6.83
N LEU A 181 -8.51 18.14 -6.15
CA LEU A 181 -7.40 18.64 -5.29
C LEU A 181 -6.96 17.62 -4.21
N PRO A 182 -5.66 17.68 -3.74
CA PRO A 182 -5.14 16.82 -2.63
C PRO A 182 -5.69 17.23 -1.24
N HIS A 183 -6.77 18.04 -1.23
CA HIS A 183 -7.65 18.27 -0.07
C HIS A 183 -8.25 16.90 0.34
N PRO A 184 -7.70 16.26 1.43
CA PRO A 184 -7.87 14.80 1.71
C PRO A 184 -9.22 14.41 2.34
N VAL A 185 -10.28 15.19 2.09
CA VAL A 185 -11.60 14.95 2.71
C VAL A 185 -12.49 14.18 1.73
N PHE A 186 -12.32 14.41 0.41
CA PHE A 186 -13.11 13.69 -0.62
C PHE A 186 -12.29 13.43 -1.89
N ARG A 187 -11.77 12.20 -1.99
CA ARG A 187 -11.25 11.65 -3.23
C ARG A 187 -12.43 11.01 -4.00
N LEU A 188 -13.16 11.87 -4.70
CA LEU A 188 -14.27 11.45 -5.57
C LEU A 188 -13.70 10.90 -6.88
N GLU A 189 -13.51 9.58 -6.95
CA GLU A 189 -12.90 8.92 -8.12
C GLU A 189 -13.94 8.03 -8.82
N GLY A 190 -14.06 8.20 -10.16
CA GLY A 190 -14.99 7.42 -10.99
C GLY A 190 -16.42 7.92 -10.85
N GLN A 191 -17.05 7.61 -9.71
CA GLN A 191 -18.38 8.13 -9.33
C GLN A 191 -18.57 8.14 -7.81
N ASP A 192 -17.59 7.56 -7.11
CA ASP A 192 -17.69 7.24 -5.69
C ASP A 192 -16.57 7.90 -4.90
N LEU A 193 -16.86 8.16 -3.63
CA LEU A 193 -16.05 8.99 -2.74
C LEU A 193 -15.08 8.14 -1.91
N TYR A 194 -13.95 8.73 -1.51
CA TYR A 194 -13.00 8.13 -0.55
C TYR A 194 -12.64 9.19 0.49
N ALA A 195 -13.22 9.06 1.70
CA ALA A 195 -13.16 10.07 2.76
C ALA A 195 -12.74 9.39 4.07
N THR A 196 -11.53 9.70 4.58
CA THR A 196 -11.01 9.11 5.82
C THR A 196 -11.81 9.61 7.05
N LEU A 197 -12.37 8.65 7.80
CA LEU A 197 -13.29 8.92 8.93
C LEU A 197 -12.60 8.61 10.27
N ASP A 198 -12.47 9.63 11.14
CA ASP A 198 -11.96 9.48 12.51
C ASP A 198 -13.10 8.95 13.41
N VAL A 199 -12.93 7.74 13.96
CA VAL A 199 -13.97 7.06 14.77
C VAL A 199 -13.32 6.27 15.94
N PRO A 200 -13.76 6.47 17.23
CA PRO A 200 -13.21 5.67 18.35
C PRO A 200 -13.71 4.21 18.34
N ALA A 201 -12.86 3.32 18.88
CA ALA A 201 -13.05 1.85 18.85
C ALA A 201 -14.48 1.32 19.14
N PRO A 202 -15.13 1.59 20.33
CA PRO A 202 -16.44 0.96 20.64
C PRO A 202 -17.62 1.60 19.86
N ILE A 203 -17.42 2.83 19.33
CA ILE A 203 -18.39 3.45 18.43
C ILE A 203 -18.34 2.77 17.04
N ALA A 204 -17.12 2.33 16.64
CA ALA A 204 -16.92 1.53 15.41
C ALA A 204 -17.54 0.11 15.56
N VAL A 205 -17.34 -0.51 16.74
CA VAL A 205 -17.76 -1.90 17.02
C VAL A 205 -19.28 -2.03 17.18
N VAL A 206 -19.89 -1.11 17.93
CA VAL A 206 -21.33 -1.17 18.24
C VAL A 206 -22.15 -0.43 17.16
N GLY A 207 -21.60 0.68 16.64
CA GLY A 207 -22.30 1.51 15.68
C GLY A 207 -22.94 2.72 16.34
N GLY A 208 -22.11 3.72 16.64
CA GLY A 208 -22.55 4.96 17.25
C GLY A 208 -22.61 6.09 16.24
N LYS A 209 -22.27 7.32 16.68
CA LYS A 209 -22.27 8.51 15.81
C LYS A 209 -20.92 9.25 15.89
N VAL A 210 -20.53 9.84 14.76
CA VAL A 210 -19.38 10.76 14.65
C VAL A 210 -19.77 11.96 13.78
N ARG A 211 -18.81 12.86 13.53
CA ARG A 211 -18.95 13.97 12.58
C ARG A 211 -17.93 13.78 11.45
N ALA A 212 -18.42 13.86 10.21
CA ALA A 212 -17.59 13.85 9.00
C ALA A 212 -17.60 15.25 8.38
N MET A 213 -16.51 15.63 7.73
CA MET A 213 -16.44 16.90 6.99
C MET A 213 -16.92 16.68 5.55
N THR A 214 -17.58 17.70 4.99
CA THR A 214 -17.98 17.73 3.57
C THR A 214 -17.49 19.03 2.92
N LEU A 215 -17.70 19.12 1.60
CA LEU A 215 -17.23 20.25 0.77
C LEU A 215 -17.84 21.58 1.26
N GLU A 216 -19.11 21.48 1.71
CA GLU A 216 -19.93 22.64 2.08
C GLU A 216 -19.97 22.88 3.61
N GLY A 217 -19.23 22.07 4.40
CA GLY A 217 -19.12 22.25 5.86
C GLY A 217 -19.12 20.92 6.63
N PRO A 218 -19.17 20.92 7.99
CA PRO A 218 -19.24 19.66 8.79
C PRO A 218 -20.67 19.09 8.83
N VAL A 219 -20.79 17.76 9.07
CA VAL A 219 -22.10 17.03 9.08
C VAL A 219 -22.07 15.85 10.07
N GLU A 220 -23.27 15.43 10.53
CA GLU A 220 -23.44 14.29 11.45
C GLU A 220 -23.66 12.98 10.64
N VAL A 221 -22.81 11.97 10.92
CA VAL A 221 -22.84 10.65 10.22
C VAL A 221 -22.70 9.52 11.27
N ALA A 222 -23.66 8.58 11.32
CA ALA A 222 -23.58 7.43 12.27
C ALA A 222 -22.86 6.24 11.62
N VAL A 223 -21.94 5.66 12.40
CA VAL A 223 -21.09 4.53 12.02
C VAL A 223 -21.90 3.19 12.11
N PRO A 224 -21.66 2.17 11.21
CA PRO A 224 -22.28 0.82 11.34
C PRO A 224 -21.54 -0.05 12.41
N PRO A 225 -22.07 -1.26 12.78
CA PRO A 225 -21.36 -2.17 13.71
C PRO A 225 -20.19 -2.95 13.04
N ARG A 226 -19.18 -3.28 13.87
CA ARG A 226 -18.02 -4.14 13.53
C ARG A 226 -17.15 -3.52 12.43
N THR A 227 -17.15 -2.18 12.42
CA THR A 227 -16.40 -1.32 11.51
C THR A 227 -14.86 -1.46 11.74
N GLN A 228 -14.20 -2.15 10.81
CA GLN A 228 -12.75 -2.46 10.88
C GLN A 228 -11.93 -1.38 10.14
N ALA A 229 -10.77 -1.00 10.72
CA ALA A 229 -9.85 0.01 10.16
C ALA A 229 -9.22 -0.47 8.84
N GLY A 230 -8.77 0.50 8.02
CA GLY A 230 -8.19 0.19 6.70
C GLY A 230 -9.26 0.01 5.63
N ARG A 231 -10.35 -0.67 6.01
CA ARG A 231 -11.54 -0.87 5.18
C ARG A 231 -12.25 0.45 4.90
N LYS A 232 -13.02 0.44 3.81
CA LYS A 232 -13.84 1.57 3.39
C LYS A 232 -15.32 1.20 3.60
N LEU A 233 -16.05 2.04 4.34
CA LEU A 233 -17.49 1.87 4.59
C LEU A 233 -18.26 2.29 3.34
N ARG A 234 -18.76 1.31 2.58
CA ARG A 234 -19.55 1.56 1.37
C ARG A 234 -21.04 1.78 1.73
N LEU A 235 -21.50 3.05 1.57
CA LEU A 235 -22.91 3.44 1.76
C LEU A 235 -23.47 4.04 0.44
N LYS A 236 -24.49 3.35 -0.11
CA LYS A 236 -25.20 3.73 -1.37
C LYS A 236 -25.88 5.12 -1.29
N GLY A 237 -25.98 5.78 -2.47
CA GLY A 237 -26.74 7.02 -2.64
C GLY A 237 -26.08 8.22 -1.98
N LYS A 238 -24.75 8.22 -1.94
CA LYS A 238 -23.94 9.25 -1.25
C LYS A 238 -22.84 9.79 -2.18
N GLY A 239 -22.35 8.93 -3.11
CA GLY A 239 -21.43 9.36 -4.18
C GLY A 239 -22.13 10.18 -5.25
N PHE A 240 -21.35 10.72 -6.19
CA PHE A 240 -21.82 11.73 -7.16
C PHE A 240 -22.33 11.04 -8.46
N PRO A 241 -23.21 11.73 -9.28
CA PRO A 241 -23.72 11.18 -10.56
C PRO A 241 -22.59 10.91 -11.56
N GLY A 242 -22.35 9.63 -11.84
CA GLY A 242 -21.33 9.18 -12.79
C GLY A 242 -21.89 8.26 -13.86
N PRO A 243 -21.08 7.31 -14.41
CA PRO A 243 -21.52 6.39 -15.50
C PRO A 243 -22.68 5.45 -15.07
N ALA A 244 -22.71 5.09 -13.79
CA ALA A 244 -23.77 4.23 -13.20
C ALA A 244 -24.73 5.05 -12.30
N GLY A 245 -24.64 6.39 -12.40
CA GLY A 245 -25.40 7.29 -11.54
C GLY A 245 -24.66 7.60 -10.25
N ARG A 246 -25.42 8.10 -9.24
CA ARG A 246 -24.87 8.46 -7.93
C ARG A 246 -24.21 7.24 -7.27
N GLY A 247 -22.87 7.27 -7.19
CA GLY A 247 -22.09 6.16 -6.62
C GLY A 247 -22.23 6.03 -5.11
N ASP A 248 -21.24 5.39 -4.49
CA ASP A 248 -21.20 5.20 -3.03
C ASP A 248 -20.26 6.22 -2.39
N LEU A 249 -20.38 6.31 -1.07
CA LEU A 249 -19.38 6.95 -0.23
C LEU A 249 -18.59 5.84 0.42
N TYR A 250 -17.27 5.91 0.33
CA TYR A 250 -16.36 4.97 1.01
C TYR A 250 -15.67 5.75 2.13
N LEU A 251 -16.10 5.50 3.37
CA LEU A 251 -15.54 6.14 4.55
C LEU A 251 -14.39 5.29 5.10
N GLU A 252 -13.15 5.76 4.84
CA GLU A 252 -11.91 5.01 5.08
C GLU A 252 -11.60 5.04 6.58
N VAL A 253 -11.91 3.93 7.24
CA VAL A 253 -11.96 3.81 8.71
C VAL A 253 -10.57 4.02 9.35
N ARG A 254 -10.51 5.01 10.26
CA ARG A 254 -9.37 5.23 11.15
C ARG A 254 -9.86 5.19 12.59
N ILE A 255 -9.70 4.00 13.19
CA ILE A 255 -10.07 3.72 14.57
C ILE A 255 -9.08 4.41 15.52
N THR A 256 -9.58 5.35 16.31
CA THR A 256 -8.81 6.10 17.31
C THR A 256 -9.24 5.68 18.73
N ILE A 257 -8.51 6.21 19.71
CA ILE A 257 -8.78 6.00 21.14
C ILE A 257 -8.73 7.37 21.87
N PRO A 258 -9.47 7.56 23.00
CA PRO A 258 -9.63 8.88 23.64
C PRO A 258 -8.51 9.21 24.65
N GLU A 259 -7.36 8.53 24.48
CA GLU A 259 -6.25 8.44 25.48
C GLU A 259 -6.75 8.43 26.96
N ARG A 260 -6.92 9.64 27.52
CA ARG A 260 -7.19 9.84 28.96
C ARG A 260 -8.59 9.32 29.34
N LEU A 261 -8.66 8.54 30.43
CA LEU A 261 -9.90 7.86 30.88
C LEU A 261 -10.20 8.17 32.35
N THR A 262 -11.40 7.77 32.76
CA THR A 262 -11.85 7.80 34.17
C THR A 262 -11.84 6.38 34.76
N PRO A 263 -11.80 6.22 36.13
CA PRO A 263 -11.96 4.93 36.85
C PRO A 263 -12.88 3.88 36.18
N GLU A 264 -14.08 4.35 35.76
CA GLU A 264 -15.10 3.52 35.09
C GLU A 264 -14.53 2.86 33.82
N GLU A 265 -14.18 3.72 32.85
CA GLU A 265 -13.70 3.31 31.52
C GLU A 265 -12.43 2.47 31.66
N GLU A 266 -11.49 2.99 32.47
CA GLU A 266 -10.17 2.40 32.70
C GLU A 266 -10.29 0.93 33.14
N ALA A 267 -11.12 0.68 34.18
CA ALA A 267 -11.32 -0.67 34.75
C ALA A 267 -11.96 -1.63 33.74
N LEU A 268 -13.02 -1.15 33.05
CA LEU A 268 -13.73 -1.92 32.01
C LEU A 268 -12.80 -2.27 30.82
N TRP A 269 -11.87 -1.35 30.50
CA TRP A 269 -10.87 -1.56 29.45
C TRP A 269 -9.75 -2.51 29.91
N LYS A 270 -9.42 -2.53 31.23
CA LYS A 270 -8.43 -3.50 31.80
C LYS A 270 -8.90 -4.93 31.47
N LYS A 271 -10.11 -5.19 32.04
CA LYS A 271 -10.79 -6.47 31.92
C LYS A 271 -10.96 -6.87 30.46
N LEU A 272 -11.49 -5.93 29.64
CA LEU A 272 -11.75 -6.18 28.22
C LEU A 272 -10.45 -6.57 27.53
N ALA A 273 -9.43 -5.70 27.59
CA ALA A 273 -8.19 -5.84 26.80
C ALA A 273 -7.45 -7.17 27.01
N GLU A 274 -7.24 -7.56 28.28
CA GLU A 274 -6.40 -8.73 28.59
C GLU A 274 -7.22 -10.05 28.63
N ALA A 275 -8.56 -9.96 28.84
CA ALA A 275 -9.45 -11.13 28.66
C ALA A 275 -9.78 -11.33 27.15
N TYR A 276 -9.72 -10.23 26.39
CA TYR A 276 -9.81 -10.20 24.90
C TYR A 276 -8.68 -11.04 24.35
N TYR A 277 -7.46 -10.67 24.79
CA TYR A 277 -6.20 -11.38 24.52
C TYR A 277 -6.41 -12.90 24.76
N ALA A 278 -6.67 -13.24 26.04
CA ALA A 278 -6.82 -14.64 26.49
C ALA A 278 -8.01 -15.39 25.85
N ARG A 279 -8.94 -14.66 25.20
CA ARG A 279 -10.17 -15.25 24.62
C ARG A 279 -10.37 -14.76 23.18
N ALA A 280 -9.24 -14.55 22.46
CA ALA A 280 -9.23 -14.16 21.03
C ALA A 280 -10.19 -15.03 20.14
N MET B 1 -11.76 24.07 0.19
CA MET B 1 -12.02 25.38 0.81
C MET B 1 -12.62 26.35 -0.21
N LYS B 2 -13.37 27.35 0.28
CA LYS B 2 -13.98 28.41 -0.55
C LYS B 2 -12.93 29.43 -1.03
N GLN B 3 -12.75 29.49 -2.35
CA GLN B 3 -11.88 30.47 -3.02
C GLN B 3 -12.14 30.42 -4.53
N SER B 4 -12.36 29.19 -5.06
CA SER B 4 -12.62 28.92 -6.49
C SER B 4 -11.37 29.25 -7.35
N THR B 5 -11.49 29.10 -8.70
CA THR B 5 -10.43 29.42 -9.68
C THR B 5 -9.23 28.44 -9.58
N ILE B 6 -8.79 27.92 -10.73
CA ILE B 6 -7.72 26.89 -10.81
C ILE B 6 -6.79 27.16 -12.02
N ALA B 7 -5.69 26.40 -12.14
CA ALA B 7 -4.73 26.51 -13.28
C ALA B 7 -4.40 25.11 -13.84
N LEU B 8 -4.50 24.95 -15.17
CA LEU B 8 -4.35 23.65 -15.87
C LEU B 8 -2.86 23.29 -16.02
N ALA B 9 -2.59 21.98 -16.16
CA ALA B 9 -1.23 21.47 -16.39
C ALA B 9 -0.81 21.61 -17.87
N LEU B 10 -1.47 20.80 -18.75
CA LEU B 10 -1.02 20.52 -20.15
C LEU B 10 0.27 19.66 -20.18
N LEU B 11 0.75 19.25 -18.98
CA LEU B 11 2.01 18.51 -18.79
C LEU B 11 3.23 19.25 -19.41
N PRO B 12 3.67 20.40 -18.79
CA PRO B 12 4.88 21.13 -19.18
C PRO B 12 6.08 20.77 -18.26
N LEU B 13 6.98 21.74 -17.97
CA LEU B 13 8.16 21.54 -17.09
C LEU B 13 7.74 21.10 -15.66
N LEU B 14 6.64 21.70 -15.16
CA LEU B 14 6.08 21.39 -13.83
C LEU B 14 4.55 21.34 -13.89
N PHE B 15 3.95 20.54 -13.00
CA PHE B 15 2.48 20.36 -12.95
C PHE B 15 2.01 20.19 -11.49
N THR B 16 0.68 20.09 -11.32
CA THR B 16 0.04 19.88 -10.01
C THR B 16 0.28 18.43 -9.50
N PRO B 17 0.65 18.25 -8.18
CA PRO B 17 0.90 16.90 -7.62
C PRO B 17 -0.41 16.09 -7.42
N VAL B 18 -0.86 15.42 -8.49
CA VAL B 18 -2.05 14.55 -8.46
C VAL B 18 -1.66 13.21 -7.84
N THR B 19 -1.73 13.15 -6.52
CA THR B 19 -1.30 11.98 -5.74
C THR B 19 -2.46 10.95 -5.65
N LYS B 20 -3.72 11.46 -5.73
CA LYS B 20 -4.96 10.65 -5.54
C LYS B 20 -5.09 10.15 -4.09
N ALA B 21 -4.37 9.07 -3.76
CA ALA B 21 -4.54 8.34 -2.49
C ALA B 21 -3.45 8.70 -1.47
N ARG B 22 -3.58 9.90 -0.87
CA ARG B 22 -2.89 10.25 0.39
C ARG B 22 -3.91 11.00 1.28
N THR B 23 -4.19 10.42 2.45
CA THR B 23 -5.14 10.99 3.42
C THR B 23 -4.54 10.90 4.85
N PRO B 24 -3.38 11.58 5.13
CA PRO B 24 -2.69 11.51 6.45
C PRO B 24 -3.19 12.62 7.41
N GLU B 25 -4.43 13.09 7.18
CA GLU B 25 -5.03 14.20 7.91
C GLU B 25 -5.67 13.67 9.21
N MET B 26 -4.79 13.29 10.14
CA MET B 26 -5.18 12.74 11.46
C MET B 26 -4.44 13.55 12.55
N PRO B 27 -4.95 13.56 13.84
CA PRO B 27 -4.40 14.42 14.92
C PRO B 27 -3.04 13.95 15.53
N VAL B 28 -1.96 13.97 14.68
CA VAL B 28 -0.54 13.78 15.05
C VAL B 28 -0.16 12.34 15.48
N LEU B 29 -0.94 11.74 16.40
CA LEU B 29 -0.88 10.31 16.80
C LEU B 29 0.33 10.00 17.69
N GLU B 30 1.55 10.15 17.13
CA GLU B 30 2.81 9.96 17.86
C GLU B 30 2.84 10.90 19.10
N ASN B 31 2.88 12.23 18.87
CA ASN B 31 2.94 13.22 19.97
C ASN B 31 1.54 13.48 20.59
N ARG B 32 0.52 12.68 20.19
CA ARG B 32 -0.81 12.67 20.85
C ARG B 32 -0.72 11.88 22.18
N ALA B 33 0.25 10.94 22.24
CA ALA B 33 0.65 10.28 23.50
C ALA B 33 2.18 10.43 23.70
N ALA B 34 2.99 9.51 23.10
CA ALA B 34 4.48 9.55 23.14
C ALA B 34 5.08 9.44 24.56
N GLN B 35 4.25 9.11 25.56
CA GLN B 35 4.62 9.20 26.98
C GLN B 35 4.04 8.03 27.77
N GLY B 36 4.81 7.56 28.76
CA GLY B 36 4.40 6.51 29.68
C GLY B 36 5.50 6.26 30.70
N ASP B 37 5.34 6.87 31.91
CA ASP B 37 6.27 6.68 33.06
C ASP B 37 7.70 7.20 32.72
N ILE B 38 8.68 7.01 33.65
CA ILE B 38 10.11 7.27 33.37
C ILE B 38 10.82 5.97 32.88
N THR B 39 10.11 4.82 33.04
CA THR B 39 10.61 3.45 32.82
C THR B 39 11.87 3.10 33.64
N ALA B 40 13.03 3.69 33.28
CA ALA B 40 14.33 3.52 33.99
C ALA B 40 14.89 2.07 33.83
N PRO B 41 16.24 1.86 34.07
CA PRO B 41 16.83 0.48 34.06
C PRO B 41 16.39 -0.35 35.29
N GLY B 42 16.09 -1.64 35.06
CA GLY B 42 15.71 -2.57 36.12
C GLY B 42 15.44 -3.97 35.58
N GLY B 43 14.24 -4.18 35.03
CA GLY B 43 13.83 -5.49 34.53
C GLY B 43 12.52 -5.45 33.75
N ALA B 44 11.97 -6.64 33.43
CA ALA B 44 10.75 -6.78 32.61
C ALA B 44 9.86 -7.92 33.14
N ARG B 45 8.81 -8.29 32.38
CA ARG B 45 7.95 -9.46 32.70
C ARG B 45 8.78 -10.75 32.50
N ARG B 46 9.53 -11.14 33.56
CA ARG B 46 10.45 -12.31 33.55
C ARG B 46 9.68 -13.58 33.20
N LEU B 47 9.80 -14.01 31.92
CA LEU B 47 9.17 -15.27 31.40
C LEU B 47 7.66 -15.31 31.71
N THR B 48 7.04 -14.12 31.72
CA THR B 48 5.61 -13.95 32.00
C THR B 48 4.95 -13.31 30.76
N GLY B 49 4.55 -14.19 29.81
CA GLY B 49 3.76 -13.78 28.65
C GLY B 49 2.42 -13.23 29.10
N ASP B 50 1.72 -14.04 29.88
CA ASP B 50 0.60 -13.61 30.72
C ASP B 50 0.31 -14.75 31.72
N GLN B 51 0.75 -14.54 32.99
CA GLN B 51 0.91 -15.60 34.03
C GLN B 51 2.15 -16.48 33.72
N THR B 52 2.06 -17.25 32.63
CA THR B 52 3.16 -18.10 32.14
C THR B 52 3.80 -17.49 30.88
N ALA B 53 5.01 -17.96 30.53
CA ALA B 53 5.66 -17.65 29.24
C ALA B 53 4.79 -18.20 28.10
N ALA B 54 4.18 -17.28 27.29
CA ALA B 54 3.19 -17.65 26.26
C ALA B 54 1.96 -18.35 26.91
N LEU B 55 1.21 -19.15 26.12
CA LEU B 55 0.12 -19.98 26.63
C LEU B 55 -0.11 -21.16 25.66
N ARG B 56 -0.77 -20.84 24.52
CA ARG B 56 -1.21 -21.83 23.54
C ARG B 56 -1.65 -21.08 22.27
N ASP B 57 -0.80 -21.17 21.21
CA ASP B 57 -0.94 -20.40 19.95
C ASP B 57 -2.36 -20.48 19.35
N SER B 58 -2.70 -21.65 18.78
CA SER B 58 -4.08 -22.03 18.34
C SER B 58 -4.54 -21.34 17.03
N LEU B 59 -4.14 -20.06 16.83
CA LEU B 59 -4.53 -19.23 15.68
C LEU B 59 -3.95 -19.80 14.38
N SER B 60 -2.74 -20.38 14.49
CA SER B 60 -2.04 -21.15 13.43
C SER B 60 -1.48 -20.23 12.31
N ASP B 61 -2.38 -19.60 11.53
CA ASP B 61 -2.03 -18.75 10.38
C ASP B 61 -2.30 -17.27 10.72
N LYS B 62 -1.29 -16.38 10.46
CA LYS B 62 -1.38 -14.92 10.75
C LYS B 62 -1.04 -14.11 9.47
N PRO B 63 -1.99 -14.00 8.49
CA PRO B 63 -1.77 -13.22 7.24
C PRO B 63 -2.38 -11.78 7.28
N ALA B 64 -3.04 -11.42 8.42
CA ALA B 64 -3.93 -10.24 8.55
C ALA B 64 -5.14 -10.40 7.61
N LYS B 65 -6.21 -11.05 8.12
CA LYS B 65 -7.42 -11.41 7.33
C LYS B 65 -8.43 -10.24 7.27
N ASN B 66 -7.95 -8.99 7.48
CA ASN B 66 -8.79 -7.78 7.49
C ASN B 66 -8.98 -7.22 6.05
N ILE B 67 -8.49 -7.99 5.05
CA ILE B 67 -8.61 -7.69 3.59
C ILE B 67 -7.65 -6.56 3.18
N ILE B 68 -7.97 -5.31 3.57
CA ILE B 68 -7.21 -4.10 3.20
C ILE B 68 -6.73 -3.37 4.46
N LEU B 69 -5.41 -3.13 4.52
CA LEU B 69 -4.73 -2.50 5.66
C LEU B 69 -4.19 -1.11 5.23
N LEU B 70 -3.33 -0.50 6.08
CA LEU B 70 -2.69 0.81 5.82
C LEU B 70 -3.75 1.92 5.56
N ILE B 71 -3.41 2.91 4.67
CA ILE B 71 -4.28 4.03 4.18
C ILE B 71 -4.82 4.93 5.34
N GLY B 72 -4.33 6.17 5.38
CA GLY B 72 -4.66 7.12 6.45
C GLY B 72 -3.43 7.50 7.26
N ASP B 73 -2.41 6.59 7.26
CA ASP B 73 -1.17 6.73 8.09
C ASP B 73 -0.42 8.05 7.80
N GLY B 74 0.15 8.63 8.87
CA GLY B 74 0.85 9.91 8.80
C GLY B 74 0.34 10.85 9.87
N MET B 75 0.52 12.17 9.65
CA MET B 75 0.13 13.20 10.62
C MET B 75 -0.15 14.53 9.88
N GLY B 76 -1.28 15.16 10.24
CA GLY B 76 -1.69 16.43 9.65
C GLY B 76 -2.03 17.44 10.74
N ASP B 77 -3.32 17.49 11.11
CA ASP B 77 -3.81 18.42 12.14
C ASP B 77 -3.34 18.04 13.56
N SER B 78 -3.58 18.95 14.52
CA SER B 78 -3.34 18.71 15.95
C SER B 78 -4.68 18.86 16.68
N GLU B 79 -5.39 17.71 16.87
CA GLU B 79 -6.69 17.61 17.58
C GLU B 79 -7.86 18.34 16.84
N ILE B 80 -7.58 18.91 15.64
CA ILE B 80 -8.55 19.77 14.90
C ILE B 80 -9.66 18.90 14.24
N THR B 81 -9.42 17.60 14.08
CA THR B 81 -10.44 16.64 13.59
C THR B 81 -11.28 16.08 14.77
N ALA B 82 -10.60 15.34 15.67
CA ALA B 82 -11.26 14.50 16.69
C ALA B 82 -11.73 15.32 17.90
N ALA B 83 -10.76 15.86 18.66
CA ALA B 83 -10.98 16.40 20.02
C ALA B 83 -11.26 17.92 20.00
N ARG B 84 -11.90 18.39 18.92
CA ARG B 84 -12.05 19.83 18.61
C ARG B 84 -13.28 20.48 19.28
N ASN B 85 -13.93 19.83 20.26
CA ASN B 85 -15.14 20.39 20.91
C ASN B 85 -15.42 19.70 22.25
N TYR B 86 -15.59 18.37 22.21
CA TYR B 86 -16.01 17.57 23.38
C TYR B 86 -14.79 17.10 24.20
N ALA B 87 -15.04 16.64 25.44
CA ALA B 87 -14.01 16.05 26.30
C ALA B 87 -13.98 14.53 26.09
N GLU B 88 -12.78 14.00 25.83
CA GLU B 88 -12.58 12.58 25.58
C GLU B 88 -12.49 11.81 26.92
N GLY B 89 -13.68 11.54 27.49
CA GLY B 89 -13.84 10.74 28.70
C GLY B 89 -15.29 10.81 29.18
N ALA B 90 -15.86 9.66 29.58
CA ALA B 90 -17.25 9.56 30.08
C ALA B 90 -17.52 10.55 31.23
N GLY B 91 -16.56 10.60 32.16
CA GLY B 91 -16.53 11.59 33.24
C GLY B 91 -15.29 12.47 33.15
N GLY B 92 -14.81 12.69 31.90
CA GLY B 92 -13.57 13.43 31.64
C GLY B 92 -13.74 14.94 31.73
N PHE B 93 -14.96 15.35 32.07
CA PHE B 93 -15.36 16.75 32.24
C PHE B 93 -15.18 17.15 33.73
N PHE B 94 -14.99 18.45 34.03
CA PHE B 94 -15.03 18.95 35.42
C PHE B 94 -16.47 18.85 35.94
N LYS B 95 -16.60 18.36 37.18
CA LYS B 95 -17.86 17.87 37.77
C LYS B 95 -18.85 19.02 38.05
N GLY B 96 -19.60 19.38 36.99
CA GLY B 96 -20.60 20.43 37.03
C GLY B 96 -21.22 20.60 35.64
N ILE B 97 -20.35 20.92 34.66
CA ILE B 97 -20.71 21.04 33.24
C ILE B 97 -19.45 21.23 32.37
N ASP B 98 -18.41 21.80 33.01
CA ASP B 98 -17.18 22.28 32.36
C ASP B 98 -16.49 21.18 31.57
N ALA B 99 -16.48 21.32 30.23
CA ALA B 99 -15.81 20.37 29.34
C ALA B 99 -14.29 20.53 29.38
N LEU B 100 -13.58 19.49 28.94
CA LEU B 100 -12.13 19.51 28.71
C LEU B 100 -11.87 19.38 27.19
N PRO B 101 -12.05 20.48 26.39
CA PRO B 101 -11.85 20.43 24.93
C PRO B 101 -10.35 20.55 24.59
N LEU B 102 -9.74 19.43 24.15
CA LEU B 102 -8.29 19.37 23.82
C LEU B 102 -7.94 20.45 22.78
N THR B 103 -8.84 20.59 21.78
CA THR B 103 -8.81 21.64 20.73
C THR B 103 -7.60 21.49 19.78
N GLY B 104 -6.42 21.78 20.34
CA GLY B 104 -5.15 21.60 19.67
C GLY B 104 -4.05 21.15 20.64
N GLN B 105 -4.21 21.58 21.93
CA GLN B 105 -3.24 21.40 23.04
C GLN B 105 -1.75 21.60 22.65
N TYR B 106 -1.16 20.61 21.94
CA TYR B 106 0.26 20.63 21.51
C TYR B 106 0.41 21.20 20.06
N THR B 107 -0.46 22.14 19.67
CA THR B 107 -0.39 22.78 18.34
C THR B 107 0.89 23.64 18.21
N HIS B 108 1.76 23.23 17.27
CA HIS B 108 2.94 23.98 16.82
C HIS B 108 3.45 23.35 15.52
N TYR B 109 2.88 23.83 14.39
CA TYR B 109 3.15 23.32 13.03
C TYR B 109 2.62 21.86 12.91
N ALA B 110 3.45 20.87 13.33
CA ALA B 110 3.09 19.44 13.48
C ALA B 110 2.99 18.67 12.13
N LEU B 111 2.17 19.18 11.20
CA LEU B 111 1.83 18.51 9.93
C LEU B 111 3.05 18.05 9.11
N ASN B 112 3.09 16.73 8.81
CA ASN B 112 4.06 16.11 7.91
C ASN B 112 3.29 15.27 6.89
N LYS B 113 2.94 15.94 5.79
CA LYS B 113 2.12 15.40 4.69
C LYS B 113 2.63 15.99 3.36
N LYS B 114 3.95 16.29 3.35
CA LYS B 114 4.64 17.03 2.26
C LYS B 114 4.40 16.34 0.89
N THR B 115 5.00 15.16 0.73
CA THR B 115 4.81 14.26 -0.41
C THR B 115 4.92 12.82 0.10
N GLY B 116 3.93 12.00 -0.22
CA GLY B 116 3.87 10.62 0.25
C GLY B 116 2.60 9.95 -0.21
N LYS B 117 2.65 8.63 -0.33
CA LYS B 117 1.51 7.82 -0.80
C LYS B 117 1.73 6.34 -0.41
N PRO B 118 0.72 5.69 0.26
CA PRO B 118 0.69 4.22 0.44
C PRO B 118 0.44 3.50 -0.91
N ASP B 119 -0.40 4.13 -1.77
CA ASP B 119 -0.75 3.68 -3.13
C ASP B 119 -1.55 2.37 -3.11
N TYR B 120 -0.83 1.24 -2.95
CA TYR B 120 -1.38 -0.13 -2.99
C TYR B 120 -2.46 -0.36 -1.92
N VAL B 121 -2.37 0.41 -0.80
CA VAL B 121 -3.30 0.35 0.35
C VAL B 121 -3.15 -0.99 1.11
N THR B 122 -3.65 -2.07 0.49
CA THR B 122 -3.66 -3.44 1.04
C THR B 122 -2.32 -3.85 1.68
N ASP B 123 -1.26 -3.85 0.82
CA ASP B 123 0.11 -4.33 1.16
C ASP B 123 0.07 -5.81 1.62
N SER B 124 -0.21 -6.02 2.93
CA SER B 124 -0.47 -7.35 3.55
C SER B 124 0.74 -8.32 3.43
N ALA B 125 0.54 -9.56 3.92
CA ALA B 125 1.50 -10.68 3.74
C ALA B 125 0.87 -11.98 4.21
N ALA B 126 0.57 -12.88 3.26
CA ALA B 126 0.01 -14.21 3.53
C ALA B 126 1.07 -15.13 4.17
N SER B 127 0.57 -16.13 4.95
CA SER B 127 1.39 -17.16 5.63
C SER B 127 2.26 -16.54 6.77
N ALA B 128 3.13 -17.36 7.38
CA ALA B 128 4.07 -16.92 8.43
C ALA B 128 5.37 -17.73 8.34
N THR B 129 6.50 -17.13 8.80
CA THR B 129 7.81 -17.80 8.80
C THR B 129 7.88 -18.81 9.97
N ALA B 130 7.38 -20.03 9.70
CA ALA B 130 7.52 -21.20 10.59
C ALA B 130 6.98 -20.92 12.03
N TRP B 131 7.60 -21.60 13.04
CA TRP B 131 7.29 -21.43 14.47
C TRP B 131 5.79 -21.73 14.75
N SER B 132 5.01 -20.70 15.18
CA SER B 132 3.61 -20.84 15.66
C SER B 132 3.46 -21.93 16.76
N THR B 133 4.61 -22.29 17.40
CA THR B 133 4.77 -23.40 18.37
C THR B 133 4.17 -24.74 17.88
N GLY B 134 3.94 -24.87 16.54
CA GLY B 134 3.31 -26.05 15.93
C GLY B 134 1.88 -26.31 16.42
N VAL B 135 1.20 -25.24 16.94
CA VAL B 135 -0.16 -25.29 17.56
C VAL B 135 -0.10 -25.91 18.98
N LYS B 136 0.59 -27.06 19.11
CA LYS B 136 0.87 -27.73 20.40
C LYS B 136 2.01 -26.99 21.13
N THR B 137 1.65 -26.02 21.96
CA THR B 137 2.57 -25.06 22.56
C THR B 137 3.25 -25.65 23.82
N TYR B 138 4.59 -25.78 23.75
CA TYR B 138 5.47 -26.32 24.82
C TYR B 138 5.37 -27.85 24.95
N ASN B 139 4.14 -28.39 25.00
CA ASN B 139 3.83 -29.83 25.17
C ASN B 139 4.07 -30.29 26.62
N GLY B 140 5.31 -30.06 27.12
CA GLY B 140 5.65 -30.29 28.51
C GLY B 140 4.82 -29.44 29.45
N ALA B 141 5.01 -28.10 29.34
CA ALA B 141 4.39 -27.07 30.21
C ALA B 141 4.89 -27.19 31.66
N LEU B 142 4.53 -28.32 32.29
CA LEU B 142 4.98 -28.73 33.64
C LEU B 142 6.52 -28.70 33.74
N GLY B 143 7.04 -27.79 34.56
CA GLY B 143 8.48 -27.65 34.79
C GLY B 143 8.86 -26.21 35.08
N VAL B 144 9.67 -26.01 36.15
CA VAL B 144 10.13 -24.67 36.62
C VAL B 144 8.90 -23.81 37.03
N ASP B 145 7.86 -24.50 37.56
CA ASP B 145 6.60 -23.87 38.02
C ASP B 145 6.87 -22.93 39.20
N ILE B 146 7.70 -23.41 40.14
CA ILE B 146 8.17 -22.64 41.30
C ILE B 146 9.20 -21.59 40.81
N HIS B 147 8.87 -20.29 41.03
CA HIS B 147 9.76 -19.14 40.70
C HIS B 147 10.14 -19.05 39.19
N GLU B 148 11.14 -18.18 38.91
CA GLU B 148 11.67 -17.88 37.55
C GLU B 148 10.61 -17.15 36.69
N LYS B 149 9.75 -16.39 37.40
CA LYS B 149 8.77 -15.46 36.84
C LYS B 149 8.43 -14.43 37.92
N ASP B 150 7.81 -14.91 39.03
CA ASP B 150 7.68 -14.14 40.31
C ASP B 150 6.71 -12.95 40.24
N HIS B 151 6.07 -12.72 39.06
CA HIS B 151 5.30 -11.49 38.74
C HIS B 151 6.04 -10.20 39.22
N PRO B 152 7.23 -9.88 38.61
CA PRO B 152 8.18 -8.89 39.17
C PRO B 152 7.90 -7.46 38.68
N THR B 153 6.61 -7.20 38.37
CA THR B 153 6.14 -6.02 37.64
C THR B 153 6.93 -5.90 36.29
N ILE B 154 7.24 -4.68 35.83
CA ILE B 154 7.91 -4.43 34.55
C ILE B 154 8.26 -2.92 34.49
N LEU B 155 9.46 -2.58 33.97
CA LEU B 155 9.88 -1.18 33.78
C LEU B 155 10.76 -1.02 32.51
N GLU B 156 11.90 -1.73 32.47
CA GLU B 156 12.89 -1.62 31.37
C GLU B 156 12.47 -2.49 30.14
N MET B 157 13.16 -2.28 28.98
CA MET B 157 12.96 -3.02 27.71
C MET B 157 12.85 -4.55 27.94
N ALA B 158 13.97 -5.16 28.36
CA ALA B 158 14.10 -6.61 28.60
C ALA B 158 15.24 -6.90 29.58
N LYS B 159 15.71 -5.84 30.27
CA LYS B 159 16.88 -5.86 31.17
C LYS B 159 18.19 -6.16 30.39
N ALA B 160 18.39 -7.44 30.06
CA ALA B 160 19.56 -7.93 29.31
C ALA B 160 19.25 -9.33 28.76
N ALA B 161 17.98 -9.53 28.37
CA ALA B 161 17.48 -10.79 27.79
C ALA B 161 17.10 -10.57 26.31
N GLY B 162 17.17 -11.66 25.51
CA GLY B 162 16.86 -11.62 24.08
C GLY B 162 18.05 -11.15 23.25
N LEU B 163 18.24 -9.81 23.20
CA LEU B 163 19.27 -9.12 22.38
C LEU B 163 19.08 -9.39 20.87
N ALA B 164 19.55 -10.56 20.40
CA ALA B 164 19.54 -10.93 18.97
C ALA B 164 18.10 -11.19 18.48
N THR B 165 17.47 -12.28 18.96
CA THR B 165 16.08 -12.66 18.59
C THR B 165 15.32 -13.17 19.84
N GLY B 166 15.71 -14.35 20.33
CA GLY B 166 15.02 -15.03 21.43
C GLY B 166 15.73 -16.34 21.77
N ASN B 167 16.92 -16.20 22.37
CA ASN B 167 17.86 -17.30 22.72
C ASN B 167 18.56 -17.87 21.47
N VAL B 168 17.76 -18.43 20.54
CA VAL B 168 18.27 -19.01 19.28
C VAL B 168 17.33 -18.64 18.10
N SER B 169 17.93 -18.30 16.93
CA SER B 169 17.19 -17.88 15.72
C SER B 169 16.76 -19.13 14.92
N THR B 170 15.76 -19.85 15.48
CA THR B 170 15.29 -21.14 14.98
C THR B 170 14.50 -20.95 13.64
N ALA B 171 15.23 -20.93 12.50
CA ALA B 171 14.66 -20.60 11.17
C ALA B 171 15.10 -21.60 10.09
N GLU B 172 16.32 -22.14 10.24
CA GLU B 172 16.93 -23.07 9.25
C GLU B 172 16.44 -24.52 9.49
N LEU B 173 15.12 -24.69 9.34
CA LEU B 173 14.45 -26.02 9.31
C LEU B 173 13.95 -26.26 7.88
N GLN B 174 13.73 -25.15 7.15
CA GLN B 174 13.23 -25.12 5.77
C GLN B 174 14.09 -24.17 4.94
N ASP B 175 13.81 -24.11 3.63
CA ASP B 175 14.45 -23.14 2.70
C ASP B 175 13.38 -22.20 2.12
N ALA B 176 13.83 -21.05 1.60
CA ALA B 176 12.97 -20.09 0.88
C ALA B 176 13.49 -19.95 -0.56
N THR B 177 12.57 -19.79 -1.51
CA THR B 177 12.89 -19.66 -2.94
C THR B 177 12.00 -18.56 -3.57
N PRO B 178 12.56 -17.33 -3.84
CA PRO B 178 11.80 -16.24 -4.53
C PRO B 178 11.51 -16.60 -5.99
N ALA B 179 12.52 -17.23 -6.61
CA ALA B 179 12.50 -17.70 -8.01
C ALA B 179 13.69 -18.64 -8.20
N ALA B 180 14.88 -18.06 -8.04
CA ALA B 180 16.17 -18.76 -7.94
C ALA B 180 17.01 -17.94 -6.97
N LEU B 181 17.28 -16.69 -7.38
CA LEU B 181 17.69 -15.58 -6.51
C LEU B 181 17.15 -14.24 -7.09
N VAL B 182 17.07 -14.18 -8.44
CA VAL B 182 16.52 -13.01 -9.19
C VAL B 182 15.28 -13.39 -10.03
N ALA B 183 14.75 -12.41 -10.80
CA ALA B 183 13.76 -12.65 -11.86
C ALA B 183 14.37 -12.36 -13.25
N HIS B 184 14.18 -11.12 -13.80
CA HIS B 184 14.55 -10.77 -15.20
C HIS B 184 14.75 -9.24 -15.36
N VAL B 185 14.90 -8.76 -16.62
CA VAL B 185 15.26 -7.35 -16.97
C VAL B 185 14.13 -6.32 -16.63
N THR B 186 14.53 -5.04 -16.51
CA THR B 186 13.65 -3.87 -16.37
C THR B 186 14.34 -2.63 -17.01
N SER B 187 13.77 -1.43 -16.83
CA SER B 187 14.36 -0.16 -17.34
C SER B 187 14.26 0.97 -16.29
N ARG B 188 13.92 0.62 -15.02
CA ARG B 188 13.64 1.63 -13.96
C ARG B 188 14.65 1.50 -12.80
N LYS B 189 14.86 2.64 -12.10
CA LYS B 189 15.64 2.74 -10.84
C LYS B 189 17.17 2.55 -11.04
N CYS B 190 17.94 3.54 -10.56
CA CYS B 190 19.41 3.54 -10.61
C CYS B 190 19.96 4.29 -9.39
N TYR B 191 20.45 3.51 -8.42
CA TYR B 191 20.97 3.99 -7.11
C TYR B 191 22.16 3.10 -6.73
N GLY B 192 22.69 3.26 -5.50
CA GLY B 192 23.75 2.38 -4.99
C GLY B 192 23.74 2.24 -3.46
N PRO B 193 22.67 1.64 -2.84
CA PRO B 193 22.61 1.38 -1.39
C PRO B 193 22.99 -0.09 -1.06
N SER B 194 24.29 -0.35 -0.95
CA SER B 194 24.85 -1.68 -0.60
C SER B 194 25.30 -1.69 0.88
N ALA B 195 25.18 -2.86 1.55
CA ALA B 195 25.51 -3.02 2.99
C ALA B 195 25.99 -4.46 3.28
N THR B 196 27.07 -4.59 4.09
CA THR B 196 27.62 -5.89 4.59
C THR B 196 28.30 -6.71 3.46
N SER B 197 29.15 -7.67 3.86
CA SER B 197 29.83 -8.60 2.92
C SER B 197 29.36 -10.04 3.21
N GLU B 198 29.66 -10.52 4.44
CA GLU B 198 29.34 -11.89 4.88
C GLU B 198 29.48 -12.01 6.41
N LYS B 199 30.70 -11.73 6.90
CA LYS B 199 31.07 -11.90 8.30
C LYS B 199 30.78 -10.60 9.06
N CYS B 200 29.53 -10.50 9.54
CA CYS B 200 29.06 -9.40 10.39
C CYS B 200 27.80 -9.86 11.15
N PRO B 201 27.98 -10.66 12.26
CA PRO B 201 26.85 -11.15 13.08
C PRO B 201 26.06 -10.01 13.75
N GLY B 202 26.79 -9.05 14.36
CA GLY B 202 26.18 -7.98 15.15
C GLY B 202 25.79 -8.47 16.55
N ASN B 203 26.77 -9.08 17.23
CA ASN B 203 26.60 -9.69 18.57
C ASN B 203 26.40 -8.61 19.64
N ALA B 204 27.27 -7.58 19.62
CA ALA B 204 27.20 -6.46 20.56
C ALA B 204 25.98 -5.59 20.25
N LEU B 205 24.84 -5.94 20.87
CA LEU B 205 23.56 -5.28 20.62
C LEU B 205 23.24 -4.30 21.75
N GLU B 206 23.12 -3.02 21.39
CA GLU B 206 22.68 -1.98 22.31
C GLU B 206 21.16 -2.06 22.51
N LYS B 207 20.72 -2.01 23.77
CA LYS B 207 19.30 -2.02 24.15
C LYS B 207 18.75 -0.58 24.29
N GLY B 208 19.68 0.37 24.55
CA GLY B 208 19.36 1.80 24.63
C GLY B 208 19.31 2.30 26.06
N GLY B 209 20.17 3.29 26.38
CA GLY B 209 20.17 3.96 27.69
C GLY B 209 19.03 4.99 27.85
N LYS B 210 18.29 5.21 26.73
CA LYS B 210 17.03 6.00 26.61
C LYS B 210 17.15 7.50 27.07
N GLY B 211 17.36 7.75 28.38
CA GLY B 211 17.46 9.11 28.91
C GLY B 211 18.71 9.84 28.45
N SER B 212 18.53 10.71 27.41
CA SER B 212 19.58 11.48 26.71
C SER B 212 20.29 10.63 25.62
N ILE B 213 20.02 9.30 25.60
CA ILE B 213 20.54 8.38 24.59
C ILE B 213 19.47 8.28 23.47
N THR B 214 19.58 9.20 22.49
CA THR B 214 18.65 9.28 21.35
C THR B 214 19.44 9.57 20.05
N GLU B 215 20.04 8.53 19.47
CA GLU B 215 20.69 8.60 18.15
C GLU B 215 19.98 7.64 17.18
N GLN B 216 20.16 7.89 15.87
CA GLN B 216 19.50 7.16 14.76
C GLN B 216 17.97 7.43 14.73
N LEU B 217 17.52 8.05 13.62
CA LEU B 217 16.11 8.41 13.35
C LEU B 217 15.58 9.33 14.48
N LEU B 218 16.44 10.32 14.81
CA LEU B 218 16.25 11.27 15.94
C LEU B 218 14.98 12.12 15.73
N ASN B 219 14.23 12.34 16.85
CA ASN B 219 12.91 13.02 16.88
C ASN B 219 11.86 12.28 16.03
N ALA B 220 12.05 10.94 15.87
CA ALA B 220 11.12 10.01 15.18
C ALA B 220 11.14 10.16 13.63
N ARG B 221 11.96 11.12 13.12
CA ARG B 221 12.22 11.41 11.67
C ARG B 221 11.00 11.84 10.80
N ALA B 222 9.76 11.51 11.23
CA ALA B 222 8.48 11.85 10.53
C ALA B 222 8.28 11.04 9.22
N ASP B 223 7.38 10.03 9.28
CA ASP B 223 7.02 9.17 8.12
C ASP B 223 5.65 9.60 7.54
N VAL B 224 5.41 9.23 6.25
CA VAL B 224 4.15 9.52 5.53
C VAL B 224 4.07 8.70 4.20
N THR B 225 5.00 7.74 4.04
CA THR B 225 5.20 7.02 2.76
C THR B 225 5.06 5.50 2.92
N LEU B 226 4.53 4.83 1.86
CA LEU B 226 4.51 3.36 1.71
C LEU B 226 3.66 2.64 2.80
N GLY B 227 4.29 2.31 3.94
CA GLY B 227 3.70 1.41 4.96
C GLY B 227 4.59 0.18 5.18
N GLY B 228 4.01 -0.93 5.66
CA GLY B 228 4.76 -2.16 5.89
C GLY B 228 3.87 -3.35 6.26
N GLY B 229 2.83 -3.58 5.44
CA GLY B 229 1.98 -4.76 5.56
C GLY B 229 1.16 -4.81 6.85
N ALA B 230 0.99 -6.03 7.39
CA ALA B 230 0.39 -6.30 8.72
C ALA B 230 0.35 -7.82 8.96
N LYS B 231 0.19 -8.20 10.23
CA LYS B 231 0.11 -9.62 10.67
C LYS B 231 -1.06 -9.75 11.69
N THR B 232 -1.00 -10.74 12.58
CA THR B 232 -2.02 -10.94 13.65
C THR B 232 -1.33 -11.44 14.95
N PHE B 233 -1.95 -11.13 16.10
CA PHE B 233 -1.35 -11.32 17.45
C PHE B 233 -1.51 -12.76 18.00
N ALA B 234 -0.80 -13.01 19.12
CA ALA B 234 -0.89 -14.25 19.93
C ALA B 234 -0.18 -13.99 21.29
N GLU B 235 0.44 -15.02 21.90
CA GLU B 235 1.14 -14.90 23.20
C GLU B 235 2.60 -15.43 23.09
N THR B 236 3.54 -14.64 23.67
CA THR B 236 4.99 -14.93 23.77
C THR B 236 5.53 -14.09 24.98
N ALA B 237 6.84 -14.22 25.33
CA ALA B 237 7.45 -13.47 26.47
C ALA B 237 8.76 -12.75 26.06
N THR B 238 8.77 -12.11 24.86
CA THR B 238 9.94 -11.37 24.32
C THR B 238 9.49 -10.07 23.60
N ALA B 239 10.18 -8.90 23.87
CA ALA B 239 9.90 -7.61 23.17
C ALA B 239 10.90 -6.49 23.53
N GLY B 240 10.59 -5.27 22.98
CA GLY B 240 11.30 -4.01 23.23
C GLY B 240 10.38 -2.99 23.92
N GLU B 241 10.45 -1.70 23.49
CA GLU B 241 9.53 -0.64 23.98
C GLU B 241 9.43 0.50 22.97
N TRP B 242 8.57 1.50 23.30
CA TRP B 242 8.32 2.70 22.49
C TRP B 242 7.73 3.78 23.41
N GLN B 243 6.83 3.36 24.32
CA GLN B 243 6.43 4.16 25.51
C GLN B 243 6.65 3.26 26.75
N GLY B 244 6.12 3.70 27.90
CA GLY B 244 6.08 2.88 29.11
C GLY B 244 5.08 1.75 29.00
N LYS B 245 5.56 0.59 28.53
CA LYS B 245 4.78 -0.66 28.42
C LYS B 245 4.72 -1.39 29.78
N THR B 246 4.32 -0.60 30.80
CA THR B 246 4.40 -0.96 32.22
C THR B 246 2.99 -1.11 32.81
N LEU B 247 2.26 -2.16 32.34
CA LEU B 247 0.86 -2.41 32.74
C LEU B 247 0.55 -3.91 32.54
N ARG B 248 -0.21 -4.46 33.51
CA ARG B 248 -0.80 -5.81 33.43
C ARG B 248 -1.96 -5.86 34.44
N GLU B 249 -3.05 -6.57 34.07
CA GLU B 249 -4.25 -6.72 34.92
C GLU B 249 -4.85 -8.14 34.71
N GLN B 250 -5.49 -8.67 35.77
CA GLN B 250 -6.15 -10.00 35.75
C GLN B 250 -7.47 -10.00 36.56
N ALA B 251 -7.48 -9.28 37.71
CA ALA B 251 -8.56 -9.44 38.72
C ALA B 251 -8.64 -8.24 39.69
N GLN B 252 -8.77 -7.04 39.11
CA GLN B 252 -8.98 -5.78 39.89
C GLN B 252 -10.40 -5.75 40.43
N ALA B 253 -11.36 -6.00 39.52
CA ALA B 253 -12.76 -6.22 39.87
C ALA B 253 -12.90 -7.64 40.43
N ARG B 254 -12.37 -7.80 41.67
CA ARG B 254 -12.24 -9.10 42.34
C ARG B 254 -13.57 -9.50 43.01
N GLY B 255 -14.56 -8.58 42.98
CA GLY B 255 -15.91 -8.84 43.48
C GLY B 255 -16.56 -10.01 42.74
N TYR B 256 -16.73 -9.84 41.41
CA TYR B 256 -17.29 -10.83 40.46
C TYR B 256 -18.82 -11.02 40.62
N GLN B 257 -19.31 -11.12 41.87
CA GLN B 257 -20.74 -11.25 42.17
C GLN B 257 -21.50 -9.99 41.71
N LEU B 258 -22.06 -10.07 40.50
CA LEU B 258 -22.89 -9.01 39.90
C LEU B 258 -24.39 -9.31 40.14
N VAL B 259 -24.66 -10.40 40.90
CA VAL B 259 -26.00 -10.96 41.22
C VAL B 259 -26.54 -11.84 40.05
N SER B 260 -26.08 -11.56 38.82
CA SER B 260 -26.35 -12.37 37.63
C SER B 260 -25.64 -13.74 37.75
N ASP B 261 -26.44 -14.83 37.71
CA ASP B 261 -25.97 -16.24 37.72
C ASP B 261 -25.38 -16.67 39.08
N ALA B 262 -24.18 -16.16 39.43
CA ALA B 262 -23.38 -16.62 40.59
C ALA B 262 -24.08 -16.46 41.96
N ALA B 263 -25.22 -15.73 42.01
CA ALA B 263 -25.99 -15.55 43.25
C ALA B 263 -26.84 -16.78 43.62
N SER B 264 -27.14 -17.64 42.63
CA SER B 264 -28.06 -18.78 42.82
C SER B 264 -27.73 -19.92 41.83
N LEU B 265 -27.63 -19.58 40.53
CA LEU B 265 -27.42 -20.55 39.44
C LEU B 265 -25.98 -21.10 39.46
N ASN B 266 -24.98 -20.19 39.37
CA ASN B 266 -23.51 -20.50 39.49
C ASN B 266 -22.97 -21.28 38.27
N SER B 267 -22.19 -20.56 37.43
CA SER B 267 -21.51 -21.07 36.20
C SER B 267 -22.47 -21.73 35.18
N VAL B 268 -23.79 -21.44 35.33
CA VAL B 268 -24.89 -21.93 34.47
C VAL B 268 -24.96 -23.48 34.37
N THR B 269 -24.01 -24.08 33.64
CA THR B 269 -23.84 -25.56 33.54
C THR B 269 -25.14 -26.21 33.00
N GLU B 270 -25.61 -25.68 31.86
CA GLU B 270 -26.89 -26.09 31.22
C GLU B 270 -26.66 -27.39 30.41
N ALA B 271 -26.51 -28.53 31.16
CA ALA B 271 -26.19 -29.88 30.62
C ALA B 271 -24.78 -29.91 29.96
N ASN B 272 -24.66 -29.25 28.79
CA ASN B 272 -23.38 -29.06 28.07
C ASN B 272 -23.17 -27.57 27.76
N GLN B 273 -24.29 -26.86 27.49
CA GLN B 273 -24.29 -25.45 27.07
C GLN B 273 -23.80 -24.53 28.22
N GLN B 274 -22.63 -23.90 27.98
CA GLN B 274 -22.03 -22.88 28.87
C GLN B 274 -21.71 -23.42 30.28
N LYS B 275 -20.41 -23.66 30.53
CA LYS B 275 -19.90 -24.09 31.83
C LYS B 275 -18.40 -23.70 31.96
N PRO B 276 -18.12 -22.47 32.53
CA PRO B 276 -16.73 -21.97 32.80
C PRO B 276 -15.86 -23.01 33.54
N LEU B 277 -16.31 -23.36 34.77
CA LEU B 277 -15.73 -24.43 35.62
C LEU B 277 -14.19 -24.30 35.79
N LEU B 278 -13.77 -23.61 36.87
CA LEU B 278 -12.36 -23.23 37.12
C LEU B 278 -11.50 -24.38 37.71
N GLY B 279 -12.10 -25.58 37.87
CA GLY B 279 -11.39 -26.75 38.43
C GLY B 279 -10.77 -27.64 37.37
N LEU B 280 -10.04 -27.01 36.42
CA LEU B 280 -9.39 -27.65 35.26
C LEU B 280 -10.46 -28.28 34.32
N PHE B 281 -10.84 -29.54 34.59
CA PHE B 281 -11.78 -30.34 33.76
C PHE B 281 -11.25 -30.62 32.33
N ALA B 282 -11.31 -29.57 31.47
CA ALA B 282 -10.94 -29.63 30.03
C ALA B 282 -11.88 -30.59 29.24
N ASP B 283 -11.34 -31.72 28.72
CA ASP B 283 -12.07 -32.59 27.77
C ASP B 283 -13.35 -33.21 28.37
N GLY B 284 -14.50 -32.68 27.93
CA GLY B 284 -15.82 -33.08 28.46
C GLY B 284 -16.64 -31.85 28.84
N ASN B 285 -15.98 -30.94 29.59
CA ASN B 285 -16.55 -29.62 29.95
C ASN B 285 -15.95 -28.50 29.05
N MET B 286 -15.27 -28.96 27.98
CA MET B 286 -14.62 -28.16 26.94
C MET B 286 -14.43 -29.12 25.74
N PRO B 287 -14.59 -28.66 24.44
CA PRO B 287 -14.32 -29.49 23.23
C PRO B 287 -13.02 -30.32 23.33
N VAL B 288 -11.91 -29.61 23.66
CA VAL B 288 -10.61 -30.21 24.01
C VAL B 288 -9.93 -29.33 25.10
N ARG B 289 -8.98 -28.48 24.70
CA ARG B 289 -8.37 -27.42 25.52
C ARG B 289 -8.24 -26.18 24.63
N TRP B 290 -8.04 -26.44 23.31
CA TRP B 290 -8.19 -25.43 22.25
C TRP B 290 -9.68 -25.01 22.10
N LEU B 291 -9.89 -23.91 21.34
CA LEU B 291 -11.23 -23.39 20.94
C LEU B 291 -12.20 -24.51 20.45
N GLY B 292 -11.62 -25.55 19.83
CA GLY B 292 -12.36 -26.71 19.36
C GLY B 292 -11.46 -27.66 18.56
N PRO B 293 -12.04 -28.50 17.66
CA PRO B 293 -11.26 -29.36 16.72
C PRO B 293 -10.50 -28.55 15.62
N LYS B 294 -10.56 -27.20 15.68
CA LYS B 294 -9.86 -26.30 14.76
C LYS B 294 -8.33 -26.45 14.90
N ALA B 295 -7.69 -26.97 13.84
CA ALA B 295 -6.22 -27.02 13.69
C ALA B 295 -5.81 -26.38 12.34
N THR B 296 -6.73 -25.57 11.78
CA THR B 296 -6.60 -25.00 10.43
C THR B 296 -5.45 -23.95 10.35
N TYR B 297 -4.32 -24.39 9.78
CA TYR B 297 -3.23 -23.49 9.32
C TYR B 297 -3.33 -23.33 7.80
N HIS B 298 -2.80 -22.19 7.29
CA HIS B 298 -2.95 -21.74 5.89
C HIS B 298 -4.44 -21.39 5.62
N GLY B 299 -4.71 -20.09 5.41
CA GLY B 299 -6.06 -19.58 5.16
C GLY B 299 -6.73 -20.20 3.94
N ASN B 300 -7.76 -21.02 4.19
CA ASN B 300 -8.52 -21.75 3.15
C ASN B 300 -9.38 -20.80 2.30
N ILE B 301 -9.90 -19.73 2.92
CA ILE B 301 -10.74 -18.71 2.23
C ILE B 301 -9.84 -17.56 1.68
N ASP B 302 -8.63 -17.44 2.24
CA ASP B 302 -7.61 -16.45 1.82
C ASP B 302 -7.04 -16.83 0.44
N LYS B 303 -7.00 -18.16 0.18
CA LYS B 303 -6.43 -18.70 -1.06
C LYS B 303 -7.27 -18.25 -2.31
N PRO B 304 -8.62 -18.46 -2.39
CA PRO B 304 -9.46 -17.79 -3.43
C PRO B 304 -9.79 -16.33 -3.03
N ALA B 305 -10.28 -15.54 -4.00
CA ALA B 305 -10.71 -14.13 -3.81
C ALA B 305 -9.55 -13.18 -3.45
N VAL B 306 -9.10 -13.26 -2.18
CA VAL B 306 -8.13 -12.33 -1.58
C VAL B 306 -6.80 -12.28 -2.37
N THR B 307 -6.17 -13.46 -2.56
CA THR B 307 -4.89 -13.56 -3.28
C THR B 307 -5.09 -13.78 -4.79
N CYS B 308 -6.37 -13.93 -5.24
CA CYS B 308 -6.71 -14.00 -6.69
C CYS B 308 -6.56 -12.62 -7.34
N THR B 309 -6.84 -11.58 -6.55
CA THR B 309 -6.58 -10.17 -6.91
C THR B 309 -5.15 -9.77 -6.47
N PRO B 310 -4.44 -8.87 -7.22
CA PRO B 310 -3.05 -8.44 -6.89
C PRO B 310 -2.97 -7.65 -5.57
N ASN B 311 -1.75 -7.56 -4.99
CA ASN B 311 -1.48 -6.82 -3.73
C ASN B 311 -1.82 -5.30 -3.84
N PRO B 312 -1.55 -4.59 -4.99
CA PRO B 312 -2.15 -3.27 -5.24
C PRO B 312 -3.65 -3.38 -5.64
N GLN B 313 -4.50 -3.72 -4.65
CA GLN B 313 -5.97 -3.67 -4.81
C GLN B 313 -6.40 -2.20 -4.83
N ARG B 314 -5.82 -1.43 -3.88
CA ARG B 314 -6.07 0.00 -3.65
C ARG B 314 -7.52 0.25 -3.18
N ASN B 315 -8.42 0.23 -4.16
CA ASN B 315 -9.83 0.58 -4.00
C ASN B 315 -10.62 0.00 -5.20
N ASP B 316 -11.85 0.50 -5.44
CA ASP B 316 -12.76 0.05 -6.54
C ASP B 316 -13.32 -1.37 -6.29
N SER B 317 -14.57 -1.58 -6.74
CA SER B 317 -15.26 -2.88 -6.64
C SER B 317 -16.09 -3.11 -7.91
N VAL B 318 -16.18 -4.38 -8.33
CA VAL B 318 -16.99 -4.82 -9.48
C VAL B 318 -17.95 -5.94 -9.01
N PRO B 319 -19.17 -6.08 -9.63
CA PRO B 319 -20.08 -7.22 -9.37
C PRO B 319 -19.45 -8.55 -9.85
N THR B 320 -19.85 -9.67 -9.21
CA THR B 320 -19.40 -11.03 -9.58
C THR B 320 -17.88 -11.24 -9.25
N LEU B 321 -17.29 -10.29 -8.49
CA LEU B 321 -15.87 -10.35 -8.09
C LEU B 321 -15.63 -11.60 -7.22
N ALA B 322 -14.82 -12.54 -7.77
CA ALA B 322 -14.52 -13.86 -7.18
C ALA B 322 -15.70 -14.84 -7.33
N GLN B 323 -16.83 -14.52 -6.63
CA GLN B 323 -18.06 -15.33 -6.64
C GLN B 323 -17.75 -16.78 -6.16
N MET B 324 -17.16 -16.86 -4.94
CA MET B 324 -16.69 -18.13 -4.29
C MET B 324 -15.35 -18.63 -4.88
N THR B 325 -15.19 -18.51 -6.22
CA THR B 325 -13.98 -18.94 -6.98
C THR B 325 -13.78 -20.48 -6.88
N ASP B 326 -14.89 -21.20 -6.54
CA ASP B 326 -14.88 -22.65 -6.24
C ASP B 326 -14.00 -22.98 -5.00
N LYS B 327 -13.85 -24.29 -4.72
CA LYS B 327 -13.08 -24.84 -3.57
C LYS B 327 -13.76 -24.53 -2.20
N ALA B 328 -13.41 -25.37 -1.21
CA ALA B 328 -14.04 -25.41 0.14
C ALA B 328 -15.50 -25.91 0.05
N ILE B 329 -16.43 -25.06 -0.48
CA ILE B 329 -17.88 -25.33 -0.62
C ILE B 329 -18.58 -25.44 0.77
N GLU B 330 -19.65 -24.63 0.95
CA GLU B 330 -20.61 -24.71 2.09
C GLU B 330 -19.95 -24.42 3.45
N LEU B 331 -19.16 -25.40 3.93
CA LEU B 331 -18.41 -25.35 5.20
C LEU B 331 -17.46 -24.13 5.24
N LEU B 332 -16.74 -23.94 4.11
CA LEU B 332 -15.78 -22.84 3.89
C LEU B 332 -14.63 -22.86 4.94
N SER B 333 -14.89 -22.29 6.13
CA SER B 333 -13.92 -22.25 7.24
C SER B 333 -14.12 -23.47 8.15
N LYS B 334 -13.99 -24.69 7.55
CA LYS B 334 -14.23 -26.01 8.22
C LYS B 334 -15.73 -26.20 8.55
N ASN B 335 -16.15 -27.44 8.88
CA ASN B 335 -17.50 -27.69 9.42
C ASN B 335 -17.61 -27.06 10.82
N GLU B 336 -18.16 -25.85 10.83
CA GLU B 336 -18.43 -25.09 12.06
C GLU B 336 -19.70 -25.64 12.74
N LYS B 337 -20.82 -25.61 11.97
CA LYS B 337 -22.20 -25.91 12.44
C LYS B 337 -22.62 -24.87 13.51
N GLY B 338 -22.03 -24.99 14.72
CA GLY B 338 -22.19 -24.00 15.78
C GLY B 338 -20.88 -23.24 16.04
N PHE B 339 -21.01 -22.02 16.60
CA PHE B 339 -19.87 -21.13 16.98
C PHE B 339 -19.11 -20.60 15.73
N PHE B 340 -19.21 -19.27 15.51
CA PHE B 340 -18.55 -18.54 14.40
C PHE B 340 -17.01 -18.76 14.40
N LEU B 341 -16.55 -19.71 13.55
CA LEU B 341 -15.12 -20.08 13.37
C LEU B 341 -14.46 -20.62 14.67
N GLN B 342 -15.31 -20.85 15.71
CA GLN B 342 -14.90 -21.25 17.10
C GLN B 342 -14.00 -20.18 17.77
N VAL B 343 -14.13 -20.05 19.11
CA VAL B 343 -13.48 -18.95 19.87
C VAL B 343 -12.88 -19.50 21.18
N GLU B 344 -11.76 -18.90 21.64
CA GLU B 344 -11.09 -19.29 22.90
C GLU B 344 -11.92 -18.88 24.14
N GLY B 345 -12.92 -18.01 23.93
CA GLY B 345 -13.86 -17.62 24.98
C GLY B 345 -15.04 -18.59 25.13
N ALA B 346 -14.73 -19.90 25.13
CA ALA B 346 -15.72 -20.98 25.35
C ALA B 346 -15.81 -21.34 26.86
N SER B 347 -14.83 -20.85 27.64
CA SER B 347 -14.80 -20.96 29.11
C SER B 347 -14.11 -19.72 29.70
N ILE B 348 -14.48 -19.35 30.95
CA ILE B 348 -13.89 -18.19 31.64
C ILE B 348 -12.60 -18.63 32.38
N ASP B 349 -11.46 -18.50 31.66
CA ASP B 349 -10.08 -18.80 32.15
C ASP B 349 -9.87 -20.33 32.27
N LYS B 350 -10.62 -20.95 33.22
CA LYS B 350 -10.75 -22.42 33.42
C LYS B 350 -9.50 -22.98 34.12
N GLN B 351 -8.38 -23.01 33.39
CA GLN B 351 -7.07 -23.47 33.89
C GLN B 351 -6.00 -23.21 32.84
N ASP B 352 -6.42 -23.26 31.55
CA ASP B 352 -5.56 -23.01 30.39
C ASP B 352 -5.39 -21.47 30.22
N HIS B 353 -4.72 -20.87 31.22
CA HIS B 353 -4.35 -19.44 31.31
C HIS B 353 -3.92 -19.15 32.76
N ALA B 354 -4.76 -19.63 33.71
CA ALA B 354 -4.48 -19.65 35.16
C ALA B 354 -4.37 -18.23 35.77
N ALA B 355 -5.11 -17.25 35.20
CA ALA B 355 -5.15 -15.86 35.70
C ALA B 355 -6.30 -15.67 36.72
N ASN B 356 -7.06 -16.76 36.96
CA ASN B 356 -8.14 -16.80 37.97
C ASN B 356 -7.62 -16.46 39.40
N PRO B 357 -6.41 -16.99 39.87
CA PRO B 357 -5.74 -16.47 41.09
C PRO B 357 -5.10 -15.09 40.84
N CYS B 358 -5.57 -14.07 41.58
CA CYS B 358 -5.02 -12.71 41.53
C CYS B 358 -3.72 -12.64 42.34
N GLY B 359 -2.71 -11.93 41.80
CA GLY B 359 -1.41 -11.83 42.45
C GLY B 359 -0.84 -10.43 42.38
N GLN B 360 -1.51 -9.48 43.10
CA GLN B 360 -1.03 -8.08 43.33
C GLN B 360 -1.14 -7.18 42.07
N ILE B 361 -0.43 -7.56 41.01
CA ILE B 361 -0.33 -6.79 39.75
C ILE B 361 -1.72 -6.58 39.10
N GLY B 362 -2.03 -5.32 38.77
CA GLY B 362 -3.33 -4.90 38.27
C GLY B 362 -4.34 -4.61 39.38
N GLU B 363 -4.52 -5.61 40.26
CA GLU B 363 -5.51 -5.62 41.34
C GLU B 363 -5.33 -4.45 42.33
N THR B 364 -4.25 -4.51 43.13
CA THR B 364 -4.05 -3.65 44.31
C THR B 364 -2.99 -2.54 44.07
N VAL B 365 -2.41 -2.49 42.85
CA VAL B 365 -1.42 -1.45 42.50
C VAL B 365 -2.14 -0.25 41.81
N ASP B 366 -2.59 0.70 42.66
CA ASP B 366 -3.23 1.99 42.26
C ASP B 366 -4.67 1.85 41.74
N LEU B 367 -5.06 0.62 41.32
CA LEU B 367 -6.37 0.32 40.70
C LEU B 367 -6.58 1.18 39.42
N ASP B 368 -7.05 2.40 39.63
CA ASP B 368 -7.29 3.38 38.57
C ASP B 368 -6.90 4.79 39.07
N GLU B 369 -7.65 5.27 40.09
CA GLU B 369 -7.55 6.63 40.66
C GLU B 369 -7.54 7.73 39.56
N ALA B 370 -6.33 8.02 39.03
CA ALA B 370 -6.11 9.03 38.00
C ALA B 370 -4.69 8.83 37.44
N VAL B 371 -4.57 8.65 36.11
CA VAL B 371 -3.26 8.49 35.45
C VAL B 371 -2.50 9.84 35.51
N GLN B 372 -1.43 9.89 36.34
CA GLN B 372 -0.50 11.05 36.51
C GLN B 372 -1.05 12.07 37.57
N ARG B 373 -2.39 12.13 37.73
CA ARG B 373 -3.12 12.97 38.73
C ARG B 373 -3.22 14.47 38.33
N ALA B 374 -2.09 15.12 38.04
CA ALA B 374 -2.02 16.58 37.79
C ALA B 374 -2.26 16.91 36.30
N LEU B 375 -3.53 16.80 35.86
CA LEU B 375 -3.93 17.10 34.45
C LEU B 375 -4.93 18.27 34.43
N GLU B 376 -4.39 19.50 34.33
CA GLU B 376 -5.21 20.71 34.16
C GLU B 376 -4.81 21.40 32.83
N PHE B 377 -5.47 20.96 31.77
CA PHE B 377 -5.29 21.49 30.41
C PHE B 377 -6.67 21.91 29.88
N ALA B 378 -6.70 22.50 28.67
CA ALA B 378 -7.96 22.84 27.95
C ALA B 378 -8.83 23.90 28.69
N LYS B 379 -8.22 24.58 29.68
CA LYS B 379 -8.91 25.49 30.60
C LYS B 379 -9.06 26.88 29.95
N LYS B 380 -10.16 27.05 29.16
CA LYS B 380 -10.38 28.20 28.23
C LYS B 380 -9.26 28.32 27.17
N GLU B 381 -8.55 27.20 26.93
CA GLU B 381 -7.41 27.15 25.97
C GLU B 381 -7.89 26.73 24.57
N GLY B 382 -9.21 26.84 24.33
CA GLY B 382 -9.82 26.48 23.06
C GLY B 382 -9.64 27.56 22.02
N ASN B 383 -10.43 28.64 22.16
CA ASN B 383 -10.33 29.88 21.34
C ASN B 383 -10.63 29.65 19.84
N THR B 384 -11.21 28.48 19.53
CA THR B 384 -11.61 28.09 18.16
C THR B 384 -12.85 27.17 18.24
N LEU B 385 -12.60 25.89 18.63
CA LEU B 385 -13.61 24.79 18.71
C LEU B 385 -14.42 24.63 17.40
N VAL B 386 -15.48 25.43 17.29
CA VAL B 386 -16.37 25.50 16.13
C VAL B 386 -17.12 26.84 16.22
N ILE B 387 -17.19 27.54 15.06
CA ILE B 387 -17.67 28.94 14.98
C ILE B 387 -16.73 29.84 15.82
N VAL B 388 -15.63 30.30 15.16
CA VAL B 388 -14.50 31.00 15.82
C VAL B 388 -14.85 32.45 16.23
N THR B 389 -15.67 32.56 17.29
CA THR B 389 -16.14 33.84 17.83
C THR B 389 -16.55 33.64 19.30
N ALA B 390 -16.29 34.68 20.13
CA ALA B 390 -16.59 34.73 21.58
C ALA B 390 -15.70 33.74 22.38
N ASP B 391 -16.00 32.43 22.26
CA ASP B 391 -15.35 31.35 23.04
C ASP B 391 -15.57 31.59 24.56
N HIS B 392 -16.84 31.94 24.90
CA HIS B 392 -17.26 32.32 26.26
C HIS B 392 -16.69 33.71 26.63
N ALA B 393 -17.50 34.50 27.34
CA ALA B 393 -17.12 35.84 27.82
C ALA B 393 -15.82 35.79 28.66
N HIS B 394 -14.68 36.02 27.97
CA HIS B 394 -13.36 36.06 28.60
C HIS B 394 -13.24 37.36 29.40
N ALA B 395 -13.40 38.49 28.68
CA ALA B 395 -13.25 39.85 29.21
C ALA B 395 -11.85 40.04 29.82
N SER B 396 -10.83 39.57 29.05
CA SER B 396 -9.40 39.56 29.45
C SER B 396 -9.12 38.62 30.65
N GLN B 397 -10.13 37.78 31.00
CA GLN B 397 -10.11 36.86 32.16
C GLN B 397 -9.88 37.61 33.48
N ILE B 398 -10.97 37.88 34.23
CA ILE B 398 -10.91 38.58 35.53
C ILE B 398 -10.25 37.64 36.56
N VAL B 399 -8.91 37.75 36.67
CA VAL B 399 -8.04 36.88 37.48
C VAL B 399 -8.24 35.39 37.10
N ALA B 400 -9.23 34.72 37.75
CA ALA B 400 -9.58 33.32 37.51
C ALA B 400 -10.80 32.96 38.39
N PRO B 401 -12.07 33.16 37.88
CA PRO B 401 -13.29 32.61 38.54
C PRO B 401 -13.34 31.07 38.49
N ASP B 402 -12.50 30.52 37.61
CA ASP B 402 -12.24 29.08 37.49
C ASP B 402 -11.68 28.52 38.80
N THR B 403 -10.68 29.28 39.35
CA THR B 403 -9.87 28.92 40.52
C THR B 403 -9.31 27.47 40.44
N LYS B 404 -10.09 26.48 40.92
CA LYS B 404 -9.68 25.07 40.92
C LYS B 404 -9.77 24.53 39.48
N ALA B 405 -10.94 24.80 38.87
CA ALA B 405 -11.34 24.19 37.60
C ALA B 405 -12.64 24.85 37.02
N PRO B 406 -13.81 24.90 37.78
CA PRO B 406 -15.12 25.33 37.21
C PRO B 406 -15.16 26.84 36.89
N GLY B 407 -15.08 27.18 35.60
CA GLY B 407 -15.14 28.56 35.12
C GLY B 407 -15.40 28.65 33.62
N LEU B 408 -15.50 27.48 32.96
CA LEU B 408 -15.83 27.33 31.53
C LEU B 408 -17.37 27.30 31.33
N THR B 409 -18.12 27.48 32.46
CA THR B 409 -19.61 27.47 32.52
C THR B 409 -20.28 28.61 31.67
N GLN B 410 -21.59 28.84 31.96
CA GLN B 410 -22.43 29.91 31.36
C GLN B 410 -22.82 29.57 29.91
N ALA B 411 -21.86 29.70 29.00
CA ALA B 411 -22.05 29.43 27.57
C ALA B 411 -20.69 29.39 26.88
N LEU B 412 -20.49 28.37 26.02
CA LEU B 412 -19.24 28.13 25.24
C LEU B 412 -18.09 27.62 26.14
N ASN B 413 -16.99 27.15 25.49
CA ASN B 413 -15.91 26.32 26.11
C ASN B 413 -16.45 24.90 26.40
N THR B 414 -17.55 24.84 27.16
CA THR B 414 -18.42 23.66 27.31
C THR B 414 -19.10 23.30 25.95
N LYS B 415 -19.76 22.13 25.90
CA LYS B 415 -20.60 21.74 24.76
C LYS B 415 -21.93 22.54 24.83
N ASP B 416 -21.86 23.82 24.43
CA ASP B 416 -23.04 24.72 24.37
C ASP B 416 -23.67 24.56 22.98
N GLY B 417 -22.87 24.89 21.95
CA GLY B 417 -23.19 24.51 20.58
C GLY B 417 -23.05 23.01 20.41
N ALA B 418 -24.14 22.29 20.69
CA ALA B 418 -24.14 20.84 20.85
C ALA B 418 -24.10 20.12 19.48
N VAL B 419 -22.86 19.87 19.00
CA VAL B 419 -22.53 19.17 17.72
C VAL B 419 -23.36 19.69 16.52
N MET B 420 -24.63 19.20 16.40
CA MET B 420 -25.55 19.40 15.26
C MET B 420 -25.30 20.70 14.47
N VAL B 421 -24.72 20.56 13.28
CA VAL B 421 -24.32 21.68 12.42
C VAL B 421 -25.54 22.54 12.03
N MET B 422 -26.67 21.86 11.80
CA MET B 422 -27.92 22.49 11.32
C MET B 422 -28.58 23.32 12.45
N SER B 423 -28.19 24.62 12.51
CA SER B 423 -28.77 25.64 13.43
C SER B 423 -28.45 25.36 14.93
N TYR B 424 -27.75 24.22 15.22
CA TYR B 424 -27.54 23.70 16.59
C TYR B 424 -28.88 23.54 17.32
N GLY B 425 -29.57 22.42 17.00
CA GLY B 425 -30.93 22.15 17.44
C GLY B 425 -31.06 21.97 18.95
N ASN B 426 -31.31 23.09 19.66
CA ASN B 426 -31.54 23.13 21.14
C ASN B 426 -30.30 22.62 21.91
N SER B 427 -30.20 21.29 22.06
CA SER B 427 -29.05 20.62 22.66
C SER B 427 -28.81 19.34 21.86
N GLU B 428 -28.47 19.55 20.56
CA GLU B 428 -28.26 18.50 19.54
C GLU B 428 -29.61 17.87 19.12
N GLU B 429 -30.24 17.14 20.07
CA GLU B 429 -31.56 16.49 19.92
C GLU B 429 -31.56 15.44 18.79
N ASP B 430 -30.37 14.96 18.40
CA ASP B 430 -30.19 13.98 17.33
C ASP B 430 -29.94 12.59 17.94
N SER B 431 -30.43 11.55 17.27
CA SER B 431 -30.27 10.15 17.69
C SER B 431 -30.07 9.28 16.43
N GLN B 432 -30.97 9.45 15.44
CA GLN B 432 -30.87 8.75 14.14
C GLN B 432 -31.26 9.71 12.98
N GLU B 433 -32.06 10.74 13.28
CA GLU B 433 -32.44 11.78 12.30
C GLU B 433 -33.04 12.98 13.06
N HIS B 434 -32.48 14.17 12.82
CA HIS B 434 -33.04 15.44 13.34
C HIS B 434 -32.72 16.57 12.35
N THR B 435 -33.65 16.80 11.42
CA THR B 435 -33.64 17.94 10.47
C THR B 435 -32.38 17.88 9.56
N GLY B 436 -32.36 16.88 8.65
CA GLY B 436 -31.30 16.73 7.65
C GLY B 436 -29.95 16.29 8.21
N SER B 437 -29.96 15.65 9.40
CA SER B 437 -28.74 15.13 10.04
C SER B 437 -28.73 13.58 9.97
N GLN B 438 -29.35 13.02 8.91
CA GLN B 438 -29.33 11.57 8.64
C GLN B 438 -27.90 11.13 8.20
N LEU B 439 -27.66 11.05 6.86
CA LEU B 439 -26.38 10.56 6.27
C LEU B 439 -25.90 9.23 6.90
N ARG B 440 -26.87 8.40 7.33
CA ARG B 440 -26.63 7.17 8.09
C ARG B 440 -26.05 6.09 7.17
N ILE B 441 -24.93 5.51 7.59
CA ILE B 441 -24.15 4.56 6.78
C ILE B 441 -24.90 3.22 6.60
N ALA B 442 -25.36 2.97 5.36
CA ALA B 442 -25.94 1.67 4.97
C ALA B 442 -24.81 0.76 4.42
N ALA B 443 -24.01 0.21 5.35
CA ALA B 443 -22.89 -0.71 5.05
C ALA B 443 -23.12 -2.05 5.77
N TYR B 444 -22.04 -2.84 5.95
CA TYR B 444 -22.10 -4.15 6.64
C TYR B 444 -22.59 -3.98 8.11
N GLY B 445 -23.87 -4.34 8.30
CA GLY B 445 -24.54 -4.26 9.60
C GLY B 445 -25.87 -5.02 9.52
N PRO B 446 -25.86 -6.38 9.74
CA PRO B 446 -27.04 -7.26 9.50
C PRO B 446 -28.30 -6.87 10.32
N HIS B 447 -29.12 -6.00 9.71
CA HIS B 447 -30.44 -5.55 10.22
C HIS B 447 -30.33 -4.89 11.62
N ALA B 448 -30.44 -5.71 12.69
CA ALA B 448 -30.22 -5.32 14.10
C ALA B 448 -31.01 -4.06 14.57
N ALA B 449 -30.44 -2.87 14.29
CA ALA B 449 -30.90 -1.59 14.87
C ALA B 449 -32.27 -1.15 14.33
N ASN B 450 -33.35 -1.60 15.01
CA ASN B 450 -34.74 -1.17 14.76
C ASN B 450 -35.47 -1.08 16.11
N VAL B 451 -35.76 -2.23 16.71
CA VAL B 451 -36.41 -2.34 18.04
C VAL B 451 -35.61 -3.27 18.96
N VAL B 452 -35.16 -4.42 18.41
CA VAL B 452 -34.43 -5.49 19.14
C VAL B 452 -35.29 -6.00 20.34
N GLY B 453 -36.62 -5.94 20.18
CA GLY B 453 -37.57 -6.34 21.23
C GLY B 453 -38.98 -5.84 20.98
N LEU B 454 -39.94 -6.32 21.80
CA LEU B 454 -41.36 -5.94 21.69
C LEU B 454 -41.69 -4.74 22.60
N THR B 455 -42.72 -3.98 22.20
CA THR B 455 -43.24 -2.86 22.98
C THR B 455 -44.65 -3.25 23.48
N ASP B 456 -44.67 -4.12 24.52
CA ASP B 456 -45.92 -4.78 25.01
C ASP B 456 -46.93 -3.75 25.56
N GLN B 457 -47.73 -3.20 24.63
CA GLN B 457 -48.81 -2.23 24.91
C GLN B 457 -50.03 -2.66 24.07
N THR B 458 -50.27 -3.99 24.09
CA THR B 458 -51.07 -4.73 23.09
C THR B 458 -50.22 -4.79 21.80
N ASP B 459 -49.20 -5.65 21.84
CA ASP B 459 -48.14 -5.76 20.82
C ASP B 459 -47.31 -7.02 21.08
N LEU B 460 -46.76 -7.61 20.00
CA LEU B 460 -45.90 -8.80 20.10
C LEU B 460 -44.89 -8.80 18.93
N PHE B 461 -43.96 -7.81 18.94
CA PHE B 461 -42.80 -7.83 18.02
C PHE B 461 -41.90 -9.01 18.39
N TYR B 462 -41.99 -10.09 17.59
CA TYR B 462 -41.19 -11.32 17.79
C TYR B 462 -39.69 -10.98 17.73
N THR B 463 -39.32 -10.28 16.62
CA THR B 463 -37.96 -9.77 16.36
C THR B 463 -36.92 -10.92 16.06
N MET B 464 -37.36 -12.18 16.27
CA MET B 464 -36.57 -13.41 16.05
C MET B 464 -35.20 -13.33 16.75
N LYS B 465 -35.24 -12.93 18.03
CA LYS B 465 -34.06 -12.83 18.90
C LYS B 465 -33.57 -14.23 19.31
N ALA B 466 -32.30 -14.31 19.72
CA ALA B 466 -31.63 -15.55 20.14
C ALA B 466 -30.49 -15.20 21.10
N ALA B 467 -29.83 -16.23 21.66
CA ALA B 467 -28.68 -16.06 22.59
C ALA B 467 -27.36 -15.91 21.80
N LEU B 468 -27.40 -15.09 20.72
CA LEU B 468 -26.28 -14.87 19.80
C LEU B 468 -26.56 -13.62 18.93
N GLY B 469 -27.83 -13.47 18.49
CA GLY B 469 -28.24 -12.33 17.66
C GLY B 469 -29.74 -12.33 17.38
N LEU B 470 -30.15 -11.71 16.24
CA LEU B 470 -31.56 -11.61 15.81
C LEU B 470 -31.62 -11.62 14.28
N LYS B 471 -32.82 -11.91 13.71
CA LYS B 471 -33.03 -11.83 12.25
C LYS B 471 -33.30 -10.34 11.92
N MET C 1 45.67 -20.02 -31.87
CA MET C 1 46.69 -21.09 -31.98
C MET C 1 46.81 -21.86 -30.66
N ALA C 2 45.77 -21.72 -29.78
CA ALA C 2 45.62 -22.49 -28.54
C ALA C 2 46.69 -22.11 -27.51
N ALA C 3 46.93 -20.80 -27.38
CA ALA C 3 47.86 -20.23 -26.39
C ALA C 3 47.23 -20.22 -24.98
N LYS C 4 46.90 -21.44 -24.49
CA LYS C 4 46.33 -21.73 -23.16
C LYS C 4 46.92 -20.84 -22.04
N LYS C 5 46.11 -19.93 -21.52
CA LYS C 5 46.43 -19.20 -20.30
C LYS C 5 45.76 -19.90 -19.12
N ASP C 6 46.58 -20.63 -18.33
CA ASP C 6 46.11 -21.38 -17.16
C ASP C 6 45.62 -20.39 -16.09
N TYR C 7 44.29 -20.28 -15.96
CA TYR C 7 43.63 -19.24 -15.17
C TYR C 7 43.96 -19.35 -13.66
N TYR C 8 44.23 -20.57 -13.19
CA TYR C 8 44.59 -20.83 -11.78
C TYR C 8 46.01 -20.31 -11.50
N ALA C 9 46.93 -20.52 -12.46
CA ALA C 9 48.31 -20.03 -12.36
C ALA C 9 48.33 -18.50 -12.36
N ILE C 10 47.45 -17.88 -13.18
CA ILE C 10 47.24 -16.42 -13.20
C ILE C 10 46.81 -15.92 -11.82
N LEU C 11 45.93 -16.69 -11.16
CA LEU C 11 45.47 -16.39 -9.78
C LEU C 11 46.45 -16.86 -8.69
N GLY C 12 47.51 -17.63 -9.08
CA GLY C 12 48.51 -18.13 -8.13
C GLY C 12 47.96 -19.18 -7.15
N VAL C 13 47.03 -20.02 -7.64
CA VAL C 13 46.39 -21.13 -6.88
C VAL C 13 46.59 -22.47 -7.63
N PRO C 14 46.44 -23.65 -6.93
CA PRO C 14 46.52 -25.00 -7.58
C PRO C 14 45.49 -25.19 -8.73
N ARG C 15 45.84 -26.05 -9.70
CA ARG C 15 45.07 -26.22 -10.96
C ARG C 15 43.81 -27.11 -10.81
N ASN C 16 43.24 -27.12 -9.59
CA ASN C 16 41.95 -27.75 -9.28
C ASN C 16 41.35 -27.04 -8.04
N ALA C 17 41.73 -25.75 -7.88
CA ALA C 17 41.27 -24.89 -6.78
C ALA C 17 39.75 -24.61 -6.85
N THR C 18 39.15 -24.32 -5.69
CA THR C 18 37.69 -24.18 -5.53
C THR C 18 37.23 -22.70 -5.63
N GLN C 19 35.90 -22.49 -5.51
CA GLN C 19 35.25 -21.15 -5.62
C GLN C 19 35.91 -20.12 -4.69
N GLU C 20 36.14 -20.54 -3.43
CA GLU C 20 36.69 -19.65 -2.39
C GLU C 20 38.17 -19.31 -2.66
N GLU C 21 38.91 -20.27 -3.25
CA GLU C 21 40.34 -20.08 -3.59
C GLU C 21 40.49 -19.09 -4.76
N ILE C 22 39.63 -19.25 -5.79
CA ILE C 22 39.57 -18.34 -6.97
C ILE C 22 39.13 -16.93 -6.52
N LYS C 23 38.19 -16.88 -5.57
CA LYS C 23 37.64 -15.62 -5.02
C LYS C 23 38.71 -14.81 -4.29
N ARG C 24 39.40 -15.48 -3.35
CA ARG C 24 40.44 -14.86 -2.51
C ARG C 24 41.68 -14.52 -3.33
N ALA C 25 42.00 -15.35 -4.35
CA ALA C 25 43.15 -15.13 -5.24
C ALA C 25 42.89 -13.97 -6.19
N TYR C 26 41.61 -13.85 -6.62
CA TYR C 26 41.14 -12.70 -7.39
C TYR C 26 41.42 -11.42 -6.62
N LYS C 27 40.82 -11.30 -5.42
CA LYS C 27 40.94 -10.10 -4.55
C LYS C 27 42.41 -9.79 -4.20
N ARG C 28 43.16 -10.86 -3.89
CA ARG C 28 44.61 -10.82 -3.59
C ARG C 28 45.38 -10.04 -4.68
N LEU C 29 45.18 -10.48 -5.92
CA LEU C 29 45.88 -9.91 -7.09
C LEU C 29 45.07 -8.77 -7.74
N ALA C 30 43.84 -8.53 -7.26
CA ALA C 30 43.00 -7.38 -7.68
C ALA C 30 43.18 -6.22 -6.70
N ARG C 31 43.95 -6.46 -5.62
CA ARG C 31 44.47 -5.41 -4.72
C ARG C 31 45.96 -5.18 -5.02
N GLN C 32 46.69 -6.27 -5.36
CA GLN C 32 48.11 -6.20 -5.72
C GLN C 32 48.29 -5.42 -7.05
N TYR C 33 47.59 -5.87 -8.10
CA TYR C 33 47.70 -5.26 -9.46
C TYR C 33 46.69 -4.11 -9.66
N HIS C 34 45.97 -3.73 -8.58
CA HIS C 34 44.91 -2.71 -8.61
C HIS C 34 45.51 -1.34 -9.04
N PRO C 35 45.26 -0.85 -10.30
CA PRO C 35 45.95 0.37 -10.87
C PRO C 35 45.85 1.66 -10.00
N ASP C 36 44.76 1.78 -9.21
CA ASP C 36 44.54 2.92 -8.29
C ASP C 36 45.54 2.92 -7.11
N VAL C 37 45.95 1.72 -6.70
CA VAL C 37 46.97 1.53 -5.63
C VAL C 37 48.37 1.44 -6.27
N ASN C 38 48.48 0.57 -7.27
CA ASN C 38 49.73 0.20 -7.93
C ASN C 38 49.77 0.88 -9.32
N LYS C 39 50.37 2.07 -9.36
CA LYS C 39 50.48 2.86 -10.58
C LYS C 39 51.57 2.26 -11.48
N SER C 40 51.22 1.21 -12.23
CA SER C 40 52.14 0.54 -13.18
C SER C 40 51.35 -0.01 -14.40
N PRO C 41 51.78 0.31 -15.67
CA PRO C 41 51.16 -0.26 -16.90
C PRO C 41 51.17 -1.80 -16.85
N GLU C 42 52.29 -2.35 -16.35
CA GLU C 42 52.47 -3.80 -16.11
C GLU C 42 51.31 -4.36 -15.26
N ALA C 43 50.97 -3.64 -14.16
CA ALA C 43 49.95 -4.11 -13.20
C ALA C 43 48.54 -3.85 -13.74
N GLU C 44 48.43 -2.98 -14.76
CA GLU C 44 47.13 -2.61 -15.39
C GLU C 44 46.69 -3.82 -16.25
N GLU C 45 47.63 -4.30 -17.05
CA GLU C 45 47.46 -5.45 -17.95
C GLU C 45 47.36 -6.77 -17.15
N LYS C 46 48.16 -6.87 -16.08
CA LYS C 46 48.10 -8.02 -15.15
C LYS C 46 46.75 -8.08 -14.44
N PHE C 47 46.18 -6.89 -14.10
CA PHE C 47 44.84 -6.77 -13.49
C PHE C 47 43.78 -7.29 -14.47
N LYS C 48 43.96 -6.96 -15.78
CA LYS C 48 43.10 -7.49 -16.87
C LYS C 48 43.18 -9.04 -16.94
N GLU C 49 44.38 -9.59 -16.72
CA GLU C 49 44.58 -11.06 -16.69
C GLU C 49 43.91 -11.71 -15.47
N ILE C 50 43.89 -10.98 -14.32
CA ILE C 50 43.17 -11.42 -13.10
C ILE C 50 41.65 -11.39 -13.36
N ASN C 51 41.24 -10.42 -14.19
CA ASN C 51 39.84 -10.24 -14.61
C ASN C 51 39.42 -11.32 -15.63
N GLU C 52 40.37 -11.78 -16.46
CA GLU C 52 40.17 -12.87 -17.44
C GLU C 52 39.91 -14.18 -16.70
N ALA C 53 40.90 -14.53 -15.85
CA ALA C 53 40.90 -15.72 -15.02
C ALA C 53 39.61 -15.83 -14.21
N TYR C 54 39.33 -14.76 -13.44
CA TYR C 54 38.14 -14.70 -12.60
C TYR C 54 36.86 -14.79 -13.43
N ALA C 55 36.77 -14.05 -14.54
CA ALA C 55 35.55 -14.00 -15.40
C ALA C 55 35.12 -15.40 -15.85
N VAL C 56 36.10 -16.19 -16.34
CA VAL C 56 35.86 -17.58 -16.75
C VAL C 56 35.44 -18.44 -15.54
N LEU C 57 36.14 -18.26 -14.41
CA LEU C 57 35.93 -19.10 -13.19
C LEU C 57 34.82 -18.55 -12.24
N SER C 58 34.18 -17.41 -12.62
CA SER C 58 33.11 -16.75 -11.83
C SER C 58 31.75 -17.36 -12.17
N ASP C 59 31.46 -17.40 -13.49
CA ASP C 59 30.27 -18.09 -14.02
C ASP C 59 30.44 -19.60 -13.77
N PRO C 60 29.49 -20.29 -13.04
CA PRO C 60 29.50 -21.78 -12.94
C PRO C 60 29.48 -22.45 -14.33
N GLU C 61 28.87 -21.74 -15.30
CA GLU C 61 28.81 -22.17 -16.69
C GLU C 61 30.22 -22.18 -17.32
N LYS C 62 30.86 -20.99 -17.43
CA LYS C 62 32.20 -20.84 -18.05
C LYS C 62 33.29 -21.60 -17.25
N ARG C 63 33.03 -21.74 -15.93
CA ARG C 63 33.86 -22.55 -14.99
C ARG C 63 33.91 -23.99 -15.51
N ARG C 64 32.72 -24.59 -15.64
CA ARG C 64 32.59 -26.00 -16.06
C ARG C 64 32.86 -26.20 -17.55
N ILE C 65 32.84 -25.11 -18.34
CA ILE C 65 33.29 -25.12 -19.75
C ILE C 65 34.82 -25.37 -19.77
N TYR C 66 35.54 -24.61 -18.92
CA TYR C 66 37.00 -24.76 -18.75
C TYR C 66 37.33 -26.20 -18.29
N ASP C 67 36.66 -26.66 -17.22
CA ASP C 67 36.86 -28.01 -16.65
C ASP C 67 36.68 -29.12 -17.70
N THR C 68 35.54 -29.06 -18.44
CA THR C 68 35.20 -30.07 -19.45
C THR C 68 36.02 -29.88 -20.75
N TYR C 69 36.69 -28.73 -20.93
CA TYR C 69 37.54 -28.51 -22.11
C TYR C 69 38.75 -29.47 -22.04
N GLY C 70 38.73 -30.50 -22.90
CA GLY C 70 39.63 -31.65 -22.80
C GLY C 70 38.89 -32.94 -22.47
N THR C 71 37.56 -32.90 -22.69
CA THR C 71 36.63 -34.05 -22.53
C THR C 71 35.56 -33.80 -23.57
N THR C 72 34.91 -32.64 -23.38
CA THR C 72 34.19 -31.96 -24.44
C THR C 72 35.29 -31.28 -25.28
N GLU C 73 35.15 -31.31 -26.61
CA GLU C 73 36.18 -30.83 -27.55
C GLU C 73 35.79 -29.43 -28.04
N ALA C 74 34.57 -29.33 -28.57
CA ALA C 74 33.94 -28.06 -28.96
C ALA C 74 33.55 -27.26 -27.70
N PRO C 75 33.52 -25.89 -27.78
CA PRO C 75 32.92 -25.05 -26.71
C PRO C 75 31.45 -25.46 -26.43
N PRO C 76 31.09 -25.83 -25.16
CA PRO C 76 29.67 -26.08 -24.76
C PRO C 76 28.71 -24.93 -25.16
N PRO C 77 27.43 -25.24 -25.52
CA PRO C 77 26.43 -24.24 -25.99
C PRO C 77 26.29 -23.03 -25.01
N PRO C 78 26.46 -21.75 -25.51
CA PRO C 78 26.40 -20.54 -24.65
C PRO C 78 24.97 -20.28 -24.12
N PRO C 79 24.81 -19.82 -22.82
CA PRO C 79 23.48 -19.44 -22.26
C PRO C 79 22.87 -18.25 -23.06
N PRO C 80 21.48 -18.10 -23.10
CA PRO C 80 20.76 -17.14 -23.98
C PRO C 80 21.28 -15.69 -23.91
N GLY C 81 22.35 -15.42 -24.66
CA GLY C 81 23.00 -14.12 -24.74
C GLY C 81 24.46 -14.29 -25.11
N GLY C 82 25.16 -15.16 -24.34
CA GLY C 82 26.58 -15.45 -24.57
C GLY C 82 27.40 -15.59 -23.29
N TYR C 83 28.70 -15.25 -23.40
CA TYR C 83 29.69 -15.36 -22.31
C TYR C 83 29.98 -13.95 -21.75
N ASP C 84 29.76 -13.77 -20.44
CA ASP C 84 29.77 -12.43 -19.82
C ASP C 84 31.19 -11.92 -19.53
N PHE C 85 31.48 -10.70 -20.01
CA PHE C 85 32.77 -9.99 -19.79
C PHE C 85 32.52 -8.52 -19.51
N SER C 86 31.35 -8.25 -18.91
CA SER C 86 30.85 -6.90 -18.69
C SER C 86 31.53 -6.25 -17.46
N GLY C 87 32.70 -5.66 -17.70
CA GLY C 87 33.56 -5.08 -16.65
C GLY C 87 34.98 -5.57 -16.82
N PHE C 88 35.11 -6.68 -17.55
CA PHE C 88 36.40 -7.32 -17.87
C PHE C 88 36.80 -6.91 -19.30
N ASP C 89 38.05 -6.41 -19.50
CA ASP C 89 38.49 -5.90 -20.82
C ASP C 89 38.78 -7.06 -21.80
N VAL C 90 37.69 -7.60 -22.35
CA VAL C 90 37.65 -8.79 -23.22
C VAL C 90 38.66 -8.73 -24.39
N GLU C 91 38.87 -7.51 -24.94
CA GLU C 91 39.73 -7.29 -26.12
C GLU C 91 41.23 -7.59 -25.82
N ASP C 92 41.63 -7.47 -24.54
CA ASP C 92 43.02 -7.77 -24.10
C ASP C 92 43.26 -9.29 -23.98
N PHE C 93 42.20 -10.05 -23.72
CA PHE C 93 42.30 -11.46 -23.30
C PHE C 93 42.78 -12.36 -24.46
N SER C 94 43.22 -13.57 -24.12
CA SER C 94 43.99 -14.46 -25.02
C SER C 94 43.25 -14.81 -26.32
N GLU C 95 44.05 -15.03 -27.38
CA GLU C 95 43.58 -15.56 -28.68
C GLU C 95 42.94 -16.95 -28.49
N PHE C 96 43.51 -17.74 -27.56
CA PHE C 96 42.97 -19.03 -27.10
C PHE C 96 41.50 -18.88 -26.64
N PHE C 97 41.30 -17.89 -25.77
CA PHE C 97 39.98 -17.51 -25.25
C PHE C 97 39.05 -17.08 -26.42
N GLN C 98 39.59 -16.30 -27.37
CA GLN C 98 38.82 -15.77 -28.52
C GLN C 98 38.42 -16.88 -29.50
N GLU C 99 39.13 -18.01 -29.47
CA GLU C 99 38.80 -19.22 -30.26
C GLU C 99 37.73 -20.06 -29.53
N LEU C 100 37.98 -20.33 -28.24
CA LEU C 100 37.12 -21.18 -27.40
C LEU C 100 35.75 -20.51 -27.17
N PHE C 101 35.76 -19.36 -26.48
CA PHE C 101 34.54 -18.59 -26.16
C PHE C 101 34.04 -17.74 -27.36
N GLY C 102 34.78 -17.79 -28.50
CA GLY C 102 34.44 -17.07 -29.73
C GLY C 102 32.97 -17.17 -30.17
N PRO C 103 32.41 -18.43 -30.42
CA PRO C 103 31.02 -18.62 -30.92
C PRO C 103 29.91 -18.10 -29.97
N GLY C 104 30.29 -17.61 -28.77
CA GLY C 104 29.32 -17.00 -27.86
C GLY C 104 29.89 -15.80 -27.14
N LEU C 105 30.69 -14.96 -27.83
CA LEU C 105 31.22 -13.68 -27.24
C LEU C 105 30.14 -12.56 -27.06
N PHE C 106 28.95 -12.98 -26.60
CA PHE C 106 27.92 -12.12 -26.03
C PHE C 106 27.29 -11.18 -27.09
N GLY C 107 27.58 -9.86 -27.04
CA GLY C 107 26.86 -8.87 -27.85
C GLY C 107 25.38 -8.74 -27.46
N GLY C 108 25.10 -9.00 -26.17
CA GLY C 108 23.71 -9.06 -25.66
C GLY C 108 22.91 -10.16 -26.36
N PHE C 109 21.79 -9.79 -26.98
CA PHE C 109 21.00 -10.69 -27.85
C PHE C 109 21.31 -10.41 -29.33
N GLY C 110 22.08 -9.34 -29.58
CA GLY C 110 22.44 -8.91 -30.94
C GLY C 110 23.69 -9.60 -31.46
N ARG C 111 24.44 -10.28 -30.55
CA ARG C 111 25.65 -11.07 -30.87
C ARG C 111 26.77 -10.25 -31.59
N ARG C 112 26.59 -8.91 -31.60
CA ARG C 112 27.54 -7.89 -32.07
C ARG C 112 28.98 -8.09 -31.52
N SER C 113 29.05 -8.68 -30.30
CA SER C 113 30.30 -8.93 -29.55
C SER C 113 31.04 -7.63 -29.18
N ARG C 114 30.33 -6.48 -29.27
CA ARG C 114 30.93 -5.15 -29.05
C ARG C 114 30.26 -4.44 -27.84
N LYS C 115 30.55 -3.13 -27.65
CA LYS C 115 30.35 -2.35 -26.38
C LYS C 115 29.10 -2.74 -25.52
N GLY C 116 29.34 -3.04 -24.22
CA GLY C 116 28.30 -3.48 -23.27
C GLY C 116 27.47 -2.34 -22.71
N ARG C 117 26.23 -2.65 -22.30
CA ARG C 117 25.27 -1.70 -21.68
C ARG C 117 24.93 -2.10 -20.23
N ASP C 118 24.68 -1.11 -19.34
CA ASP C 118 24.22 -1.40 -17.98
C ASP C 118 22.79 -1.96 -18.05
N LEU C 119 22.66 -3.23 -17.69
CA LEU C 119 21.41 -3.97 -17.69
C LEU C 119 20.81 -3.80 -16.31
N ARG C 120 19.62 -3.21 -16.24
CA ARG C 120 18.89 -3.04 -14.97
C ARG C 120 17.88 -4.17 -14.88
N ALA C 121 17.82 -4.82 -13.72
CA ALA C 121 16.91 -5.97 -13.49
C ALA C 121 16.37 -5.90 -12.06
N GLU C 122 15.05 -5.75 -11.90
CA GLU C 122 14.42 -5.73 -10.58
C GLU C 122 13.83 -7.12 -10.25
N LEU C 123 14.16 -7.64 -9.07
CA LEU C 123 13.94 -9.04 -8.70
C LEU C 123 13.08 -9.19 -7.43
N PRO C 124 11.90 -9.88 -7.53
CA PRO C 124 11.18 -10.42 -6.34
C PRO C 124 12.14 -11.25 -5.44
N LEU C 125 12.33 -10.78 -4.20
CA LEU C 125 13.28 -11.36 -3.22
C LEU C 125 12.61 -11.36 -1.83
N THR C 126 12.80 -12.44 -1.05
CA THR C 126 12.15 -12.56 0.27
C THR C 126 12.96 -11.84 1.37
N LEU C 127 12.27 -11.45 2.45
CA LEU C 127 12.86 -10.79 3.63
C LEU C 127 13.86 -11.71 4.33
N GLU C 128 13.44 -12.98 4.50
CA GLU C 128 14.29 -14.06 5.00
C GLU C 128 15.60 -14.17 4.17
N GLU C 129 15.44 -14.11 2.85
CA GLU C 129 16.55 -14.26 1.88
C GLU C 129 17.52 -13.09 1.95
N ALA C 130 16.97 -11.90 2.24
CA ALA C 130 17.77 -10.67 2.36
C ALA C 130 18.60 -10.70 3.66
N PHE C 131 18.05 -11.33 4.72
CA PHE C 131 18.78 -11.59 5.98
C PHE C 131 19.90 -12.62 5.75
N HIS C 132 19.59 -13.66 4.95
CA HIS C 132 20.52 -14.80 4.71
C HIS C 132 21.77 -14.34 3.92
N GLY C 133 21.55 -13.99 2.63
CA GLY C 133 22.65 -13.61 1.73
C GLY C 133 23.66 -14.75 1.47
N GLY C 134 23.44 -15.54 0.39
CA GLY C 134 24.35 -16.63 0.00
C GLY C 134 24.63 -16.64 -1.49
N GLU C 135 25.71 -17.32 -1.93
CA GLU C 135 26.06 -17.46 -3.37
C GLU C 135 25.06 -18.41 -4.01
N ARG C 136 24.01 -17.84 -4.62
CA ARG C 136 22.88 -18.60 -5.19
C ARG C 136 22.71 -18.25 -6.66
N VAL C 137 21.97 -19.09 -7.39
CA VAL C 137 21.89 -19.03 -8.85
C VAL C 137 20.92 -17.92 -9.29
N VAL C 138 21.43 -17.03 -10.14
CA VAL C 138 20.65 -15.98 -10.78
C VAL C 138 20.58 -16.27 -12.29
N GLU C 139 19.42 -16.00 -12.90
CA GLU C 139 19.25 -16.01 -14.36
C GLU C 139 18.69 -14.65 -14.78
N VAL C 140 19.56 -13.77 -15.29
CA VAL C 140 19.17 -12.42 -15.75
C VAL C 140 19.43 -12.30 -17.25
N ALA C 141 18.35 -12.44 -18.06
CA ALA C 141 18.42 -12.30 -19.53
C ALA C 141 19.31 -13.38 -20.16
N GLY C 142 19.36 -14.55 -19.50
CA GLY C 142 20.16 -15.68 -19.94
C GLY C 142 21.44 -15.83 -19.13
N ARG C 143 21.77 -14.81 -18.32
CA ARG C 143 22.98 -14.83 -17.48
C ARG C 143 22.74 -15.74 -16.27
N ARG C 144 23.13 -17.01 -16.42
CA ARG C 144 23.02 -18.03 -15.38
C ARG C 144 24.36 -18.15 -14.65
N VAL C 145 24.47 -17.41 -13.54
CA VAL C 145 25.68 -17.39 -12.69
C VAL C 145 25.28 -17.58 -11.21
N SER C 146 26.27 -17.67 -10.32
CA SER C 146 26.04 -17.82 -8.87
C SER C 146 26.78 -16.70 -8.13
N VAL C 147 26.02 -15.87 -7.40
CA VAL C 147 26.54 -14.66 -6.74
C VAL C 147 25.87 -14.46 -5.38
N ARG C 148 26.59 -13.84 -4.43
CA ARG C 148 26.02 -13.37 -3.17
C ARG C 148 25.84 -11.86 -3.25
N ILE C 149 24.58 -11.43 -3.30
CA ILE C 149 24.23 -10.02 -3.18
C ILE C 149 24.33 -9.58 -1.69
N PRO C 150 24.70 -8.28 -1.40
CA PRO C 150 24.95 -7.77 -0.01
C PRO C 150 23.82 -8.15 1.01
N PRO C 151 24.16 -8.92 2.10
CA PRO C 151 23.20 -9.25 3.19
C PRO C 151 22.74 -7.98 3.92
N GLY C 152 21.42 -7.84 4.12
CA GLY C 152 20.83 -6.64 4.66
C GLY C 152 20.52 -5.63 3.57
N VAL C 153 19.76 -6.12 2.56
CA VAL C 153 19.48 -5.36 1.33
C VAL C 153 18.05 -4.76 1.38
N ARG C 154 17.87 -3.53 0.82
CA ARG C 154 16.66 -2.70 1.02
C ARG C 154 15.65 -2.85 -0.14
N GLU C 155 14.37 -2.58 0.15
CA GLU C 155 13.36 -2.32 -0.89
C GLU C 155 13.84 -1.19 -1.84
N GLY C 156 14.19 -1.57 -3.08
CA GLY C 156 14.67 -0.61 -4.09
C GLY C 156 16.18 -0.42 -4.07
N SER C 157 16.91 -1.37 -3.43
CA SER C 157 18.38 -1.38 -3.47
C SER C 157 18.88 -1.82 -4.84
N VAL C 158 19.39 -0.84 -5.58
CA VAL C 158 19.98 -1.04 -6.90
C VAL C 158 21.45 -1.46 -6.71
N ILE C 159 21.67 -2.77 -6.62
CA ILE C 159 22.99 -3.37 -6.40
C ILE C 159 23.82 -3.33 -7.69
N ARG C 160 24.96 -2.64 -7.68
CA ARG C 160 25.88 -2.66 -8.81
C ARG C 160 26.70 -3.96 -8.79
N VAL C 161 26.57 -4.75 -9.88
CA VAL C 161 27.33 -5.99 -10.07
C VAL C 161 28.05 -5.94 -11.44
N PRO C 162 29.35 -5.52 -11.47
CA PRO C 162 30.18 -5.59 -12.69
C PRO C 162 30.61 -7.05 -12.99
N GLY C 163 30.21 -7.56 -14.16
CA GLY C 163 30.55 -8.91 -14.60
C GLY C 163 29.36 -9.83 -14.68
N MET C 164 28.15 -9.24 -14.83
CA MET C 164 26.87 -10.00 -14.88
C MET C 164 25.80 -9.31 -15.77
N GLY C 165 26.13 -8.18 -16.44
CA GLY C 165 25.16 -7.43 -17.25
C GLY C 165 25.67 -7.23 -18.66
N GLY C 166 25.77 -5.95 -19.14
CA GLY C 166 26.54 -5.65 -20.35
C GLY C 166 25.91 -6.20 -21.60
N GLN C 167 24.80 -5.56 -22.04
CA GLN C 167 24.23 -5.87 -23.36
C GLN C 167 25.24 -5.39 -24.41
N GLY C 168 26.01 -6.37 -24.87
CA GLY C 168 27.27 -6.17 -25.55
C GLY C 168 28.28 -7.18 -25.02
N ASN C 169 29.57 -6.79 -24.82
CA ASN C 169 30.61 -7.75 -24.30
C ASN C 169 31.75 -7.00 -23.53
N PRO C 170 32.43 -5.93 -24.12
CA PRO C 170 33.29 -4.98 -23.31
C PRO C 170 32.54 -4.35 -22.10
N PRO C 171 33.30 -3.78 -21.09
CA PRO C 171 32.78 -3.23 -19.80
C PRO C 171 31.32 -2.67 -19.79
N GLY C 172 30.41 -3.48 -19.22
CA GLY C 172 29.04 -3.08 -18.92
C GLY C 172 28.78 -3.23 -17.43
N ASP C 173 27.54 -3.58 -17.05
CA ASP C 173 27.16 -3.70 -15.62
C ASP C 173 25.76 -4.33 -15.47
N LEU C 174 25.47 -4.88 -14.27
CA LEU C 174 24.12 -5.34 -13.90
C LEU C 174 23.66 -4.67 -12.60
N LEU C 175 22.61 -3.84 -12.71
CA LEU C 175 21.95 -3.20 -11.57
C LEU C 175 20.79 -4.07 -11.05
N LEU C 176 21.10 -4.96 -10.10
CA LEU C 176 20.12 -5.82 -9.43
C LEU C 176 19.30 -5.04 -8.38
N VAL C 177 18.14 -4.52 -8.81
CA VAL C 177 17.24 -3.74 -7.94
C VAL C 177 16.29 -4.70 -7.18
N VAL C 178 16.56 -4.99 -5.92
CA VAL C 178 15.74 -5.99 -5.19
C VAL C 178 14.34 -5.41 -4.83
N ARG C 179 13.33 -5.97 -5.48
CA ARG C 179 11.91 -5.76 -5.18
C ARG C 179 11.48 -6.83 -4.17
N LEU C 180 11.11 -6.44 -2.94
CA LEU C 180 10.66 -7.41 -1.94
C LEU C 180 9.28 -8.04 -2.32
N LEU C 181 9.19 -9.38 -2.16
CA LEU C 181 8.05 -10.27 -2.54
C LEU C 181 6.69 -9.81 -1.94
N PRO C 182 5.51 -10.43 -2.39
CA PRO C 182 4.21 -10.39 -1.64
C PRO C 182 4.30 -11.05 -0.23
N HIS C 183 5.15 -10.42 0.56
CA HIS C 183 5.51 -10.76 1.93
C HIS C 183 6.16 -9.50 2.57
N PRO C 184 5.82 -8.21 2.13
CA PRO C 184 6.64 -7.02 2.40
C PRO C 184 6.20 -6.31 3.68
N VAL C 185 6.43 -6.98 4.81
CA VAL C 185 6.00 -6.49 6.12
C VAL C 185 7.11 -5.60 6.67
N PHE C 186 8.34 -5.81 6.17
CA PHE C 186 9.52 -5.08 6.61
C PHE C 186 10.20 -4.46 5.39
N ARG C 187 9.95 -3.18 5.21
CA ARG C 187 10.45 -2.39 4.10
C ARG C 187 11.67 -1.60 4.61
N LEU C 188 12.87 -2.00 4.17
CA LEU C 188 14.13 -1.59 4.82
C LEU C 188 14.54 -0.14 4.48
N GLU C 189 14.81 0.64 5.54
CA GLU C 189 15.43 1.96 5.47
C GLU C 189 16.82 1.87 6.14
N GLY C 190 17.87 1.87 5.30
CA GLY C 190 19.26 1.71 5.77
C GLY C 190 19.53 0.32 6.34
N GLN C 191 19.59 0.20 7.68
CA GLN C 191 19.75 -1.07 8.42
C GLN C 191 18.48 -1.40 9.22
N ASP C 192 17.64 -0.37 9.41
CA ASP C 192 16.45 -0.40 10.26
C ASP C 192 15.18 -0.62 9.39
N LEU C 193 14.35 -1.58 9.80
CA LEU C 193 13.11 -1.94 9.08
C LEU C 193 12.02 -0.89 9.30
N TYR C 194 11.12 -0.77 8.32
CA TYR C 194 9.86 -0.03 8.47
C TYR C 194 8.71 -1.03 8.23
N ALA C 195 8.03 -1.39 9.32
CA ALA C 195 6.93 -2.36 9.33
C ALA C 195 5.59 -1.66 9.59
N THR C 196 4.53 -2.45 9.66
CA THR C 196 3.23 -2.02 10.19
C THR C 196 2.68 -3.15 11.08
N LEU C 197 2.49 -2.81 12.36
CA LEU C 197 2.07 -3.76 13.39
C LEU C 197 0.54 -3.67 13.61
N ASP C 198 -0.10 -4.83 13.78
CA ASP C 198 -1.54 -4.93 13.98
C ASP C 198 -1.84 -4.94 15.50
N VAL C 199 -2.26 -3.77 16.04
CA VAL C 199 -2.56 -3.58 17.48
C VAL C 199 -4.07 -3.30 17.65
N PRO C 200 -4.84 -4.14 18.40
CA PRO C 200 -6.24 -3.85 18.69
C PRO C 200 -6.35 -2.71 19.73
N ALA C 201 -7.39 -1.91 19.56
CA ALA C 201 -7.64 -0.69 20.33
C ALA C 201 -7.75 -0.87 21.86
N PRO C 202 -8.38 -1.96 22.41
CA PRO C 202 -8.38 -2.20 23.89
C PRO C 202 -6.93 -2.32 24.43
N ILE C 203 -6.14 -3.21 23.80
CA ILE C 203 -4.74 -3.46 24.16
C ILE C 203 -3.88 -2.19 23.95
N ALA C 204 -4.32 -1.35 23.00
CA ALA C 204 -3.69 -0.06 22.72
C ALA C 204 -3.90 0.96 23.86
N VAL C 205 -5.13 0.99 24.43
CA VAL C 205 -5.48 1.93 25.52
C VAL C 205 -4.79 1.53 26.83
N VAL C 206 -4.81 0.22 27.17
CA VAL C 206 -4.42 -0.24 28.51
C VAL C 206 -2.97 -0.74 28.55
N GLY C 207 -2.54 -1.41 27.48
CA GLY C 207 -1.22 -2.04 27.45
C GLY C 207 -1.29 -3.57 27.58
N GLY C 208 -0.73 -4.27 26.58
CA GLY C 208 -0.64 -5.73 26.58
C GLY C 208 0.48 -6.19 25.66
N LYS C 209 0.19 -7.17 24.77
CA LYS C 209 1.16 -7.65 23.76
C LYS C 209 0.46 -8.08 22.46
N VAL C 210 1.17 -7.87 21.33
CA VAL C 210 0.75 -8.32 19.99
C VAL C 210 1.98 -8.80 19.21
N ARG C 211 1.80 -9.86 18.41
CA ARG C 211 2.90 -10.54 17.71
C ARG C 211 3.30 -9.82 16.42
N ALA C 212 4.60 -9.54 16.29
CA ALA C 212 5.22 -9.05 15.05
C ALA C 212 6.02 -10.22 14.45
N MET C 213 5.58 -10.75 13.29
CA MET C 213 6.24 -11.91 12.67
C MET C 213 7.51 -11.44 11.97
N THR C 214 8.69 -11.62 12.60
CA THR C 214 9.96 -11.10 12.07
C THR C 214 10.51 -12.04 10.97
N LEU C 215 11.64 -11.64 10.36
CA LEU C 215 12.27 -12.34 9.22
C LEU C 215 12.44 -13.84 9.49
N GLU C 216 13.23 -14.14 10.54
CA GLU C 216 13.63 -15.52 10.90
C GLU C 216 12.66 -16.14 11.94
N GLY C 217 11.50 -15.50 12.15
CA GLY C 217 10.49 -16.02 13.07
C GLY C 217 9.75 -14.91 13.82
N PRO C 218 8.49 -15.18 14.29
CA PRO C 218 7.69 -14.19 15.04
C PRO C 218 8.22 -13.86 16.46
N VAL C 219 8.43 -12.56 16.69
CA VAL C 219 8.69 -11.97 18.01
C VAL C 219 7.37 -11.36 18.49
N GLU C 220 7.31 -10.90 19.71
CA GLU C 220 6.14 -10.19 20.23
C GLU C 220 6.53 -8.77 20.62
N VAL C 221 5.53 -7.91 20.66
CA VAL C 221 5.66 -6.51 21.04
C VAL C 221 4.88 -6.26 22.33
N ALA C 222 5.55 -5.65 23.32
CA ALA C 222 4.91 -5.16 24.54
C ALA C 222 4.26 -3.80 24.22
N VAL C 223 2.93 -3.81 24.05
CA VAL C 223 2.14 -2.61 23.78
C VAL C 223 1.94 -1.82 25.09
N PRO C 224 2.29 -0.50 25.12
CA PRO C 224 2.00 0.40 26.25
C PRO C 224 0.54 0.90 26.25
N PRO C 225 0.07 1.47 27.41
CA PRO C 225 -1.16 2.27 27.43
C PRO C 225 -1.09 3.48 26.47
N ARG C 226 -2.25 3.83 25.90
CA ARG C 226 -2.45 5.04 25.09
C ARG C 226 -1.64 4.97 23.78
N THR C 227 -2.09 4.09 22.88
CA THR C 227 -1.46 3.85 21.57
C THR C 227 -2.42 4.23 20.40
N GLN C 228 -1.93 5.10 19.50
CA GLN C 228 -2.71 5.62 18.34
C GLN C 228 -2.21 5.02 17.03
N ALA C 229 -3.10 5.03 16.02
CA ALA C 229 -2.83 4.50 14.67
C ALA C 229 -1.95 5.46 13.87
N GLY C 230 -0.71 5.08 13.62
CA GLY C 230 0.31 6.00 13.05
C GLY C 230 1.38 6.39 14.07
N ARG C 231 1.40 5.73 15.25
CA ARG C 231 2.57 5.77 16.16
C ARG C 231 3.68 4.85 15.60
N LYS C 232 4.89 4.93 16.16
CA LYS C 232 6.00 4.08 15.71
C LYS C 232 6.79 3.46 16.89
N LEU C 233 7.28 2.22 16.63
CA LEU C 233 7.95 1.36 17.63
C LEU C 233 9.43 1.21 17.32
N ARG C 234 10.22 0.90 18.39
CA ARG C 234 11.67 0.61 18.29
C ARG C 234 12.01 -0.78 18.95
N LEU C 235 11.99 -1.86 18.13
CA LEU C 235 12.50 -3.19 18.54
C LEU C 235 14.00 -3.30 18.19
N LYS C 236 14.88 -3.17 19.20
CA LYS C 236 16.34 -3.14 19.01
C LYS C 236 16.90 -4.52 18.58
N GLY C 237 17.71 -4.52 17.49
CA GLY C 237 18.39 -5.73 17.00
C GLY C 237 17.48 -6.70 16.28
N LYS C 238 16.39 -6.18 15.70
CA LYS C 238 15.42 -6.98 14.92
C LYS C 238 15.42 -6.56 13.45
N GLY C 239 16.44 -5.78 13.04
CA GLY C 239 16.57 -5.29 11.67
C GLY C 239 17.40 -6.21 10.79
N PHE C 240 17.85 -5.69 9.64
CA PHE C 240 18.66 -6.46 8.68
C PHE C 240 20.17 -6.37 9.04
N PRO C 241 21.00 -7.40 8.65
CA PRO C 241 22.47 -7.37 8.86
C PRO C 241 23.12 -6.16 8.17
N GLY C 242 23.64 -5.24 8.97
CA GLY C 242 24.35 -4.05 8.48
C GLY C 242 25.84 -4.11 8.78
N PRO C 243 26.69 -3.27 8.13
CA PRO C 243 28.17 -3.29 8.34
C PRO C 243 28.58 -2.79 9.75
N ALA C 244 27.67 -2.04 10.40
CA ALA C 244 27.85 -1.55 11.78
C ALA C 244 27.09 -2.46 12.78
N GLY C 245 26.81 -3.70 12.35
CA GLY C 245 25.96 -4.63 13.10
C GLY C 245 24.52 -4.62 12.58
N ARG C 246 23.64 -5.45 13.15
CA ARG C 246 22.23 -5.52 12.72
C ARG C 246 21.47 -4.26 13.19
N GLY C 247 20.54 -3.78 12.35
CA GLY C 247 19.71 -2.63 12.67
C GLY C 247 18.55 -2.98 13.58
N ASP C 248 17.52 -2.14 13.56
CA ASP C 248 16.35 -2.26 14.45
C ASP C 248 15.11 -2.51 13.62
N LEU C 249 13.98 -2.62 14.28
CA LEU C 249 12.68 -2.78 13.64
C LEU C 249 11.77 -1.65 14.10
N TYR C 250 11.48 -0.73 13.18
CA TYR C 250 10.59 0.40 13.42
C TYR C 250 9.22 0.12 12.83
N LEU C 251 8.24 -0.18 13.69
CA LEU C 251 6.90 -0.61 13.18
C LEU C 251 5.94 0.59 13.20
N GLU C 252 4.96 0.61 12.28
CA GLU C 252 3.91 1.66 12.25
C GLU C 252 2.61 1.05 12.77
N VAL C 253 1.97 1.71 13.73
CA VAL C 253 0.81 1.15 14.44
C VAL C 253 -0.47 1.17 13.59
N ARG C 254 -1.19 0.04 13.61
CA ARG C 254 -2.46 -0.14 12.90
C ARG C 254 -3.51 -0.52 13.96
N ILE C 255 -4.24 0.49 14.49
CA ILE C 255 -5.33 0.25 15.47
C ILE C 255 -6.51 -0.47 14.78
N THR C 256 -6.88 -1.61 15.35
CA THR C 256 -7.91 -2.52 14.81
C THR C 256 -8.90 -2.95 15.91
N ILE C 257 -9.99 -3.62 15.52
CA ILE C 257 -11.03 -4.14 16.44
C ILE C 257 -11.32 -5.63 16.10
N PRO C 258 -11.87 -6.47 17.06
CA PRO C 258 -11.91 -7.96 16.91
C PRO C 258 -12.82 -8.46 15.78
N GLU C 259 -13.59 -7.52 15.19
CA GLU C 259 -14.76 -7.80 14.32
C GLU C 259 -15.81 -8.68 15.05
N ARG C 260 -15.49 -9.97 15.25
CA ARG C 260 -16.36 -10.93 15.97
C ARG C 260 -16.35 -10.67 17.50
N LEU C 261 -17.46 -11.03 18.19
CA LEU C 261 -17.58 -10.86 19.67
C LEU C 261 -18.41 -11.98 20.31
N THR C 262 -17.97 -12.41 21.50
CA THR C 262 -18.73 -13.28 22.40
C THR C 262 -19.62 -12.38 23.31
N PRO C 263 -20.87 -12.82 23.70
CA PRO C 263 -21.84 -12.00 24.52
C PRO C 263 -21.21 -11.26 25.74
N GLU C 264 -20.17 -11.88 26.33
CA GLU C 264 -19.35 -11.30 27.43
C GLU C 264 -18.74 -9.93 27.01
N GLU C 265 -17.73 -10.00 26.12
CA GLU C 265 -16.96 -8.82 25.68
C GLU C 265 -17.86 -7.91 24.84
N GLU C 266 -18.90 -8.49 24.22
CA GLU C 266 -19.92 -7.74 23.47
C GLU C 266 -20.62 -6.74 24.40
N ALA C 267 -21.04 -7.22 25.59
CA ALA C 267 -21.66 -6.38 26.62
C ALA C 267 -20.68 -5.31 27.14
N LEU C 268 -19.37 -5.66 27.23
CA LEU C 268 -18.33 -4.67 27.61
C LEU C 268 -18.17 -3.54 26.55
N TRP C 269 -18.02 -3.91 25.27
CA TRP C 269 -17.89 -2.93 24.14
C TRP C 269 -19.15 -2.05 24.03
N LYS C 270 -20.30 -2.64 24.39
CA LYS C 270 -21.60 -1.95 24.45
C LYS C 270 -21.59 -0.83 25.49
N LYS C 271 -21.29 -1.19 26.75
CA LYS C 271 -21.28 -0.26 27.90
C LYS C 271 -20.16 0.80 27.79
N LEU C 272 -19.10 0.46 27.04
CA LEU C 272 -18.00 1.40 26.73
C LEU C 272 -18.38 2.31 25.57
N ALA C 273 -19.19 1.81 24.60
CA ALA C 273 -19.74 2.65 23.52
C ALA C 273 -20.66 3.71 24.11
N GLU C 274 -21.45 3.28 25.11
CA GLU C 274 -22.35 4.14 25.90
C GLU C 274 -21.53 5.18 26.69
N ALA C 275 -20.41 4.73 27.30
CA ALA C 275 -19.45 5.62 27.98
C ALA C 275 -18.82 6.63 26.99
N TYR C 276 -18.73 6.24 25.71
CA TYR C 276 -18.19 7.11 24.66
C TYR C 276 -19.24 8.06 24.08
N TYR C 277 -20.53 7.69 24.15
CA TYR C 277 -21.63 8.62 23.80
C TYR C 277 -21.67 9.74 24.86
N ALA C 278 -21.35 9.36 26.11
CA ALA C 278 -21.18 10.30 27.24
C ALA C 278 -19.98 11.26 27.03
N ARG C 279 -19.07 10.93 26.07
CA ARG C 279 -17.99 11.84 25.66
C ARG C 279 -18.53 12.86 24.64
N ALA C 280 -19.50 12.39 23.82
CA ALA C 280 -19.99 13.14 22.67
C ALA C 280 -21.16 14.06 23.11
N MET A 1 -14.56 40.00 -45.40
CA MET A 1 -14.19 41.10 -46.30
C MET A 1 -15.43 41.94 -46.55
N ALA A 2 -15.66 42.92 -45.65
CA ALA A 2 -16.82 43.86 -45.65
C ALA A 2 -18.09 43.20 -45.09
N ALA A 3 -18.32 41.91 -45.44
CA ALA A 3 -19.46 41.12 -44.94
C ALA A 3 -19.19 40.62 -43.51
N LYS A 4 -19.32 41.55 -42.56
CA LYS A 4 -19.40 41.25 -41.12
C LYS A 4 -20.25 40.01 -40.81
N LYS A 5 -19.65 39.01 -40.17
CA LYS A 5 -20.41 37.93 -39.52
C LYS A 5 -20.92 38.46 -38.17
N ASP A 6 -22.17 38.98 -38.16
CA ASP A 6 -22.83 39.36 -36.90
C ASP A 6 -23.27 38.07 -36.22
N TYR A 7 -22.42 37.62 -35.28
CA TYR A 7 -22.57 36.32 -34.63
C TYR A 7 -23.86 36.24 -33.80
N TYR A 8 -24.40 37.41 -33.40
CA TYR A 8 -25.72 37.50 -32.75
C TYR A 8 -26.81 37.03 -33.72
N ALA A 9 -26.79 37.57 -34.95
CA ALA A 9 -27.78 37.26 -36.00
C ALA A 9 -27.70 35.78 -36.41
N ILE A 10 -26.47 35.26 -36.51
CA ILE A 10 -26.20 33.84 -36.78
C ILE A 10 -26.85 32.96 -35.69
N LEU A 11 -26.70 33.37 -34.42
CA LEU A 11 -27.30 32.69 -33.25
C LEU A 11 -28.77 33.11 -33.02
N GLY A 12 -29.29 34.03 -33.85
CA GLY A 12 -30.69 34.47 -33.78
C GLY A 12 -31.05 35.26 -32.52
N VAL A 13 -30.03 35.80 -31.83
CA VAL A 13 -30.19 36.61 -30.60
C VAL A 13 -30.04 38.12 -30.91
N PRO A 14 -30.59 39.04 -30.04
CA PRO A 14 -30.44 40.51 -30.21
C PRO A 14 -28.96 40.95 -30.18
N ARG A 15 -28.65 42.12 -30.75
CA ARG A 15 -27.26 42.64 -30.81
C ARG A 15 -26.77 43.17 -29.44
N ASN A 16 -27.57 42.90 -28.39
CA ASN A 16 -27.33 43.32 -27.00
C ASN A 16 -27.20 42.07 -26.11
N ALA A 17 -27.19 40.89 -26.75
CA ALA A 17 -27.14 39.59 -26.08
C ALA A 17 -25.79 39.36 -25.39
N THR A 18 -25.82 38.81 -24.18
CA THR A 18 -24.63 38.52 -23.38
C THR A 18 -24.11 37.10 -23.68
N GLN A 19 -23.01 36.71 -23.00
CA GLN A 19 -22.39 35.38 -23.16
C GLN A 19 -23.39 34.21 -22.97
N GLU A 20 -24.41 34.41 -22.11
CA GLU A 20 -25.35 33.33 -21.74
C GLU A 20 -26.54 33.23 -22.72
N GLU A 21 -26.92 34.36 -23.36
CA GLU A 21 -27.87 34.33 -24.51
C GLU A 21 -27.21 33.60 -25.68
N ILE A 22 -25.92 33.92 -25.91
CA ILE A 22 -25.07 33.26 -26.91
C ILE A 22 -24.91 31.75 -26.61
N LYS A 23 -24.77 31.43 -25.32
CA LYS A 23 -24.62 30.05 -24.82
C LYS A 23 -25.85 29.20 -25.20
N ARG A 24 -27.02 29.70 -24.78
CA ARG A 24 -28.31 29.03 -24.98
C ARG A 24 -28.71 29.04 -26.46
N ALA A 25 -28.23 30.05 -27.22
CA ALA A 25 -28.49 30.16 -28.67
C ALA A 25 -27.64 29.16 -29.47
N TYR A 26 -26.41 28.94 -29.00
CA TYR A 26 -25.53 27.92 -29.55
C TYR A 26 -26.18 26.55 -29.39
N LYS A 27 -26.57 26.23 -28.14
CA LYS A 27 -27.20 24.94 -27.79
C LYS A 27 -28.55 24.75 -28.51
N ARG A 28 -29.31 25.84 -28.63
CA ARG A 28 -30.59 25.91 -29.38
C ARG A 28 -30.39 25.38 -30.81
N LEU A 29 -29.44 26.01 -31.50
CA LEU A 29 -29.13 25.70 -32.91
C LEU A 29 -28.26 24.43 -33.04
N ALA A 30 -27.64 24.02 -31.91
CA ALA A 30 -26.85 22.78 -31.82
C ALA A 30 -27.76 21.57 -31.61
N ARG A 31 -28.99 21.83 -31.14
CA ARG A 31 -30.05 20.82 -31.05
C ARG A 31 -30.87 20.79 -32.35
N GLN A 32 -31.11 21.97 -32.95
CA GLN A 32 -31.88 22.09 -34.20
C GLN A 32 -31.09 21.48 -35.38
N TYR A 33 -29.90 22.06 -35.65
CA TYR A 33 -29.01 21.60 -36.73
C TYR A 33 -27.99 20.59 -36.19
N HIS A 34 -28.43 19.77 -35.21
CA HIS A 34 -27.62 18.72 -34.59
C HIS A 34 -27.21 17.69 -35.65
N PRO A 35 -25.93 17.73 -36.16
CA PRO A 35 -25.51 16.96 -37.35
C PRO A 35 -25.51 15.44 -37.10
N ASP A 36 -25.46 15.06 -35.81
CA ASP A 36 -25.58 13.68 -35.34
C ASP A 36 -26.93 13.05 -35.78
N VAL A 37 -28.00 13.86 -35.73
CA VAL A 37 -29.38 13.41 -36.04
C VAL A 37 -29.78 13.86 -37.45
N ASN A 38 -29.51 15.14 -37.76
CA ASN A 38 -29.86 15.79 -39.04
C ASN A 38 -28.62 15.85 -39.94
N LYS A 39 -28.38 14.75 -40.70
CA LYS A 39 -27.26 14.65 -41.64
C LYS A 39 -27.64 15.31 -42.97
N SER A 40 -27.75 16.64 -42.93
CA SER A 40 -28.06 17.46 -44.12
C SER A 40 -26.92 18.46 -44.35
N PRO A 41 -26.08 18.29 -45.44
CA PRO A 41 -24.83 19.07 -45.70
C PRO A 41 -24.89 20.56 -45.28
N GLU A 42 -25.81 21.33 -45.89
CA GLU A 42 -25.91 22.78 -45.66
C GLU A 42 -26.38 23.11 -44.22
N ALA A 43 -27.13 22.19 -43.60
CA ALA A 43 -27.57 22.33 -42.19
C ALA A 43 -26.38 22.18 -41.25
N GLU A 44 -25.40 21.36 -41.70
CA GLU A 44 -24.18 21.08 -40.95
C GLU A 44 -23.16 22.21 -41.20
N GLU A 45 -23.24 22.84 -42.40
CA GLU A 45 -22.44 24.03 -42.74
C GLU A 45 -22.86 25.21 -41.87
N LYS A 46 -24.19 25.36 -41.72
CA LYS A 46 -24.79 26.34 -40.81
C LYS A 46 -24.38 26.04 -39.37
N PHE A 47 -24.38 24.74 -39.00
CA PHE A 47 -23.93 24.28 -37.67
C PHE A 47 -22.47 24.72 -37.41
N LYS A 48 -21.63 24.70 -38.45
CA LYS A 48 -20.23 25.16 -38.36
C LYS A 48 -20.14 26.68 -38.23
N GLU A 49 -21.08 27.41 -38.86
CA GLU A 49 -21.20 28.89 -38.70
C GLU A 49 -21.73 29.26 -37.28
N ILE A 50 -22.44 28.30 -36.66
CA ILE A 50 -22.92 28.39 -35.26
C ILE A 50 -21.77 28.07 -34.29
N ASN A 51 -20.90 27.13 -34.71
CA ASN A 51 -19.63 26.82 -34.02
C ASN A 51 -18.69 28.02 -34.08
N GLU A 52 -18.73 28.73 -35.23
CA GLU A 52 -17.95 29.96 -35.50
C GLU A 52 -18.41 31.10 -34.57
N ALA A 53 -19.73 31.27 -34.53
CA ALA A 53 -20.37 32.30 -33.72
C ALA A 53 -20.02 32.15 -32.23
N TYR A 54 -20.14 30.92 -31.74
CA TYR A 54 -19.79 30.58 -30.37
C TYR A 54 -18.25 30.42 -30.21
N ALA A 55 -17.51 30.19 -31.32
CA ALA A 55 -16.02 30.15 -31.29
C ALA A 55 -15.47 31.45 -30.76
N VAL A 56 -16.04 32.53 -31.29
CA VAL A 56 -15.72 33.88 -30.85
C VAL A 56 -16.31 34.14 -29.44
N LEU A 57 -17.63 33.95 -29.31
CA LEU A 57 -18.39 34.46 -28.15
C LEU A 57 -18.51 33.42 -26.99
N SER A 58 -17.67 32.35 -27.00
CA SER A 58 -17.57 31.40 -25.87
C SER A 58 -16.85 32.04 -24.67
N ASP A 59 -15.53 32.25 -24.82
CA ASP A 59 -14.66 32.78 -23.76
C ASP A 59 -14.81 34.30 -23.68
N PRO A 60 -14.77 34.91 -22.45
CA PRO A 60 -14.91 36.39 -22.26
C PRO A 60 -13.84 37.20 -23.01
N GLU A 61 -12.67 36.58 -23.24
CA GLU A 61 -11.54 37.19 -23.95
C GLU A 61 -11.88 37.43 -25.44
N LYS A 62 -12.21 36.32 -26.12
CA LYS A 62 -12.51 36.31 -27.57
C LYS A 62 -13.86 37.00 -27.85
N ARG A 63 -14.74 36.94 -26.85
CA ARG A 63 -15.99 37.72 -26.79
C ARG A 63 -15.65 39.21 -26.94
N ARG A 64 -14.75 39.71 -26.06
CA ARG A 64 -14.30 41.12 -26.08
C ARG A 64 -13.52 41.46 -27.36
N ILE A 65 -12.88 40.47 -28.00
CA ILE A 65 -12.25 40.65 -29.34
C ILE A 65 -13.32 41.10 -30.36
N TYR A 66 -14.47 40.40 -30.37
CA TYR A 66 -15.62 40.79 -31.21
C TYR A 66 -16.07 42.23 -30.84
N ASP A 67 -16.32 42.46 -29.54
CA ASP A 67 -16.82 43.76 -29.03
C ASP A 67 -15.91 44.94 -29.41
N THR A 68 -14.58 44.74 -29.30
CA THR A 68 -13.57 45.77 -29.63
C THR A 68 -13.46 45.95 -31.14
N TYR A 69 -13.85 44.92 -31.93
CA TYR A 69 -13.97 45.10 -33.39
C TYR A 69 -15.20 45.99 -33.66
N GLY A 70 -15.01 47.09 -34.41
CA GLY A 70 -16.03 48.14 -34.54
C GLY A 70 -15.76 49.32 -33.60
N THR A 71 -14.55 49.35 -33.05
CA THR A 71 -14.02 50.46 -32.23
C THR A 71 -12.58 50.58 -32.66
N THR A 72 -11.87 49.46 -32.51
CA THR A 72 -10.69 49.15 -33.28
C THR A 72 -11.23 48.54 -34.59
N GLU A 73 -10.61 48.88 -35.73
CA GLU A 73 -10.99 48.33 -37.06
C GLU A 73 -10.15 47.08 -37.41
N ALA A 74 -8.94 47.01 -36.83
CA ALA A 74 -8.04 45.88 -36.98
C ALA A 74 -8.30 44.81 -35.89
N PRO A 75 -7.81 43.55 -36.07
CA PRO A 75 -7.70 42.57 -34.97
C PRO A 75 -6.83 43.11 -33.80
N PRO A 76 -7.17 42.81 -32.51
CA PRO A 76 -6.33 43.19 -31.35
C PRO A 76 -5.04 42.31 -31.27
N PRO A 77 -3.96 42.77 -30.56
CA PRO A 77 -2.73 41.94 -30.32
C PRO A 77 -3.06 40.53 -29.75
N PRO A 78 -2.78 39.42 -30.51
CA PRO A 78 -3.00 38.02 -30.03
C PRO A 78 -2.14 37.69 -28.78
N PRO A 79 -2.70 36.93 -27.78
CA PRO A 79 -1.95 36.52 -26.56
C PRO A 79 -0.86 35.45 -26.87
N PRO A 80 0.12 35.22 -25.93
CA PRO A 80 1.14 34.14 -26.06
C PRO A 80 0.50 32.74 -26.18
N GLY A 81 0.20 32.38 -27.43
CA GLY A 81 -0.42 31.08 -27.78
C GLY A 81 -1.27 31.24 -29.03
N GLY A 82 -1.90 32.42 -29.14
CA GLY A 82 -2.73 32.77 -30.28
C GLY A 82 -4.20 32.76 -29.93
N TYR A 83 -5.06 32.67 -30.95
CA TYR A 83 -6.50 32.61 -30.78
C TYR A 83 -6.94 31.14 -30.68
N ASP A 84 -7.24 30.71 -29.44
CA ASP A 84 -7.85 29.38 -29.16
C ASP A 84 -9.21 29.24 -29.82
N PHE A 85 -9.59 27.97 -30.13
CA PHE A 85 -10.91 27.60 -30.63
C PHE A 85 -11.33 26.25 -30.02
N SER A 86 -11.71 26.30 -28.72
CA SER A 86 -12.12 25.12 -27.92
C SER A 86 -13.25 24.29 -28.59
N GLY A 87 -12.85 23.38 -29.51
CA GLY A 87 -13.78 22.50 -30.23
C GLY A 87 -14.33 23.10 -31.51
N PHE A 88 -13.65 24.14 -32.07
CA PHE A 88 -14.18 24.86 -33.25
C PHE A 88 -13.14 24.90 -34.37
N ASP A 89 -13.44 24.22 -35.50
CA ASP A 89 -12.47 24.11 -36.60
C ASP A 89 -12.43 25.40 -37.44
N VAL A 90 -11.59 26.33 -36.98
CA VAL A 90 -11.25 27.59 -37.68
C VAL A 90 -10.92 27.39 -39.18
N GLU A 91 -10.26 26.25 -39.50
CA GLU A 91 -9.84 25.90 -40.88
C GLU A 91 -11.03 25.92 -41.87
N ASP A 92 -12.22 25.67 -41.33
CA ASP A 92 -13.46 25.68 -42.10
C ASP A 92 -14.06 27.11 -42.23
N PHE A 93 -13.98 27.88 -41.13
CA PHE A 93 -14.79 29.11 -40.93
C PHE A 93 -14.45 30.24 -41.93
N SER A 94 -15.39 31.21 -42.03
CA SER A 94 -15.44 32.20 -43.13
C SER A 94 -14.25 33.17 -43.15
N GLU A 95 -14.10 33.85 -44.30
CA GLU A 95 -13.04 34.85 -44.56
C GLU A 95 -13.01 35.99 -43.51
N PHE A 96 -14.20 36.46 -43.08
CA PHE A 96 -14.33 37.52 -42.05
C PHE A 96 -13.63 37.10 -40.75
N PHE A 97 -13.91 35.86 -40.37
CA PHE A 97 -13.35 35.22 -39.19
C PHE A 97 -11.83 35.06 -39.35
N GLN A 98 -11.42 34.67 -40.58
CA GLN A 98 -9.99 34.46 -40.94
C GLN A 98 -9.23 35.78 -41.06
N GLU A 99 -9.93 36.94 -41.07
CA GLU A 99 -9.30 38.27 -40.96
C GLU A 99 -9.19 38.70 -39.49
N LEU A 100 -10.34 38.68 -38.80
CA LEU A 100 -10.49 39.16 -37.41
C LEU A 100 -9.60 38.36 -36.43
N PHE A 101 -9.31 37.10 -36.79
CA PHE A 101 -8.42 36.23 -35.99
C PHE A 101 -7.15 35.83 -36.80
N GLY A 102 -7.09 36.24 -38.08
CA GLY A 102 -6.01 35.86 -39.01
C GLY A 102 -4.58 35.99 -38.47
N PRO A 103 -4.12 37.23 -38.08
CA PRO A 103 -2.72 37.50 -37.64
C PRO A 103 -2.32 36.80 -36.32
N GLY A 104 -3.19 35.94 -35.74
CA GLY A 104 -2.80 35.11 -34.61
C GLY A 104 -3.55 33.81 -34.55
N LEU A 105 -3.94 33.26 -35.72
CA LEU A 105 -4.64 31.95 -35.81
C LEU A 105 -3.77 30.79 -35.27
N PHE A 106 -3.75 30.70 -33.93
CA PHE A 106 -2.95 29.76 -33.13
C PHE A 106 -1.52 29.52 -33.71
N GLY A 107 -1.24 28.31 -34.26
CA GLY A 107 0.09 27.99 -34.77
C GLY A 107 1.14 27.79 -33.68
N GLY A 108 0.67 27.61 -32.41
CA GLY A 108 1.46 27.13 -31.25
C GLY A 108 2.83 26.53 -31.57
N PHE A 109 2.80 25.35 -32.21
CA PHE A 109 4.01 24.72 -32.78
C PHE A 109 4.25 25.26 -34.20
N GLY A 110 4.66 26.56 -34.25
CA GLY A 110 5.21 27.27 -35.42
C GLY A 110 5.57 26.39 -36.62
N ARG A 111 6.69 25.64 -36.52
CA ARG A 111 7.11 24.50 -37.41
C ARG A 111 6.08 24.04 -38.50
N ARG A 112 4.80 23.96 -38.14
CA ARG A 112 3.70 23.55 -39.02
C ARG A 112 2.62 24.65 -39.11
N SER A 113 2.40 25.37 -37.98
CA SER A 113 1.40 26.47 -37.86
C SER A 113 -0.06 25.99 -38.05
N ARG A 114 -0.27 24.69 -38.24
CA ARG A 114 -1.56 24.13 -38.66
C ARG A 114 -1.91 22.93 -37.73
N LYS A 115 -2.65 21.90 -38.26
CA LYS A 115 -3.38 20.86 -37.49
C LYS A 115 -2.61 20.32 -36.27
N GLY A 116 -3.23 20.45 -35.08
CA GLY A 116 -2.69 19.89 -33.84
C GLY A 116 -3.05 18.40 -33.65
N ARG A 117 -2.51 17.79 -32.59
CA ARG A 117 -2.71 16.35 -32.25
C ARG A 117 -3.46 16.17 -30.92
N ASP A 118 -3.81 14.91 -30.57
CA ASP A 118 -4.45 14.58 -29.28
C ASP A 118 -3.38 14.55 -28.16
N LEU A 119 -3.32 15.62 -27.37
CA LEU A 119 -2.29 15.83 -26.33
C LEU A 119 -2.97 15.77 -24.95
N ARG A 120 -2.31 15.14 -23.98
CA ARG A 120 -2.84 14.96 -22.62
C ARG A 120 -2.35 16.07 -21.68
N ALA A 121 -3.26 16.56 -20.83
CA ALA A 121 -2.96 17.47 -19.72
C ALA A 121 -3.67 16.99 -18.46
N GLU A 122 -3.32 17.60 -17.33
CA GLU A 122 -3.80 17.21 -16.00
C GLU A 122 -4.57 18.38 -15.44
N LEU A 123 -5.88 18.20 -15.22
CA LEU A 123 -6.77 19.30 -14.77
C LEU A 123 -7.01 19.15 -13.25
N PRO A 124 -6.29 19.93 -12.38
CA PRO A 124 -6.54 19.87 -10.92
C PRO A 124 -7.72 20.79 -10.56
N LEU A 125 -8.86 20.20 -10.13
CA LEU A 125 -10.08 20.96 -9.82
C LEU A 125 -10.29 21.05 -8.31
N THR A 126 -10.66 22.27 -7.85
CA THR A 126 -10.95 22.56 -6.45
C THR A 126 -12.23 21.82 -6.02
N LEU A 127 -12.12 21.04 -4.91
CA LEU A 127 -13.17 20.11 -4.42
C LEU A 127 -14.53 20.80 -4.24
N GLU A 128 -14.51 21.93 -3.50
CA GLU A 128 -15.71 22.74 -3.21
C GLU A 128 -16.34 23.22 -4.53
N GLU A 129 -15.47 23.55 -5.50
CA GLU A 129 -15.87 24.06 -6.82
C GLU A 129 -16.30 22.95 -7.77
N ALA A 130 -15.98 21.68 -7.42
CA ALA A 130 -16.55 20.52 -8.08
C ALA A 130 -18.03 20.41 -7.66
N PHE A 131 -18.28 20.46 -6.35
CA PHE A 131 -19.66 20.47 -5.80
C PHE A 131 -20.48 21.64 -6.41
N HIS A 132 -19.83 22.81 -6.58
CA HIS A 132 -20.49 24.02 -7.12
C HIS A 132 -20.66 23.96 -8.66
N GLY A 133 -19.73 23.26 -9.35
CA GLY A 133 -19.79 23.06 -10.81
C GLY A 133 -19.69 24.36 -11.62
N GLY A 134 -20.53 24.47 -12.68
CA GLY A 134 -20.62 25.69 -13.51
C GLY A 134 -19.49 25.80 -14.53
N GLU A 135 -19.25 27.02 -15.05
CA GLU A 135 -18.06 27.31 -15.89
C GLU A 135 -16.82 27.42 -14.99
N ARG A 136 -15.84 26.53 -15.21
CA ARG A 136 -14.57 26.59 -14.50
C ARG A 136 -13.56 27.39 -15.32
N VAL A 137 -13.01 28.44 -14.71
CA VAL A 137 -11.97 29.26 -15.31
C VAL A 137 -10.60 28.65 -14.98
N VAL A 138 -10.02 27.98 -15.99
CA VAL A 138 -8.71 27.33 -15.89
C VAL A 138 -7.66 28.21 -16.57
N GLU A 139 -6.60 28.55 -15.85
CA GLU A 139 -5.52 29.41 -16.34
C GLU A 139 -4.29 28.56 -16.70
N VAL A 140 -3.67 28.82 -17.89
CA VAL A 140 -2.48 28.09 -18.34
C VAL A 140 -1.83 28.78 -19.56
N ALA A 141 -0.61 29.32 -19.37
CA ALA A 141 0.26 29.84 -20.45
C ALA A 141 -0.38 31.02 -21.23
N GLY A 142 -1.32 31.74 -20.58
CA GLY A 142 -2.03 32.86 -21.21
C GLY A 142 -3.43 32.48 -21.70
N ARG A 143 -3.70 31.17 -21.71
CA ARG A 143 -5.01 30.62 -22.07
C ARG A 143 -5.90 30.54 -20.82
N ARG A 144 -6.91 31.42 -20.78
CA ARG A 144 -7.94 31.45 -19.73
C ARG A 144 -9.26 30.89 -20.30
N VAL A 145 -9.50 29.58 -20.08
CA VAL A 145 -10.67 28.87 -20.64
C VAL A 145 -11.81 28.81 -19.60
N SER A 146 -13.07 28.92 -20.09
CA SER A 146 -14.28 28.90 -19.25
C SER A 146 -15.16 27.69 -19.65
N VAL A 147 -14.86 26.51 -19.05
CA VAL A 147 -15.50 25.22 -19.42
C VAL A 147 -16.73 24.92 -18.53
N ARG A 148 -17.93 24.91 -19.14
CA ARG A 148 -19.16 24.49 -18.44
C ARG A 148 -19.13 22.97 -18.21
N ILE A 149 -18.88 22.61 -16.96
CA ILE A 149 -18.79 21.21 -16.49
C ILE A 149 -20.10 20.81 -15.77
N PRO A 150 -20.48 19.48 -15.75
CA PRO A 150 -21.60 18.91 -14.90
C PRO A 150 -21.42 19.21 -13.36
N PRO A 151 -22.18 18.54 -12.40
CA PRO A 151 -21.76 18.50 -10.97
C PRO A 151 -20.28 18.16 -10.84
N GLY A 152 -19.49 19.25 -10.83
CA GLY A 152 -18.06 19.25 -11.09
C GLY A 152 -17.62 18.26 -12.13
N VAL A 153 -17.22 17.10 -11.62
CA VAL A 153 -16.43 16.12 -12.35
C VAL A 153 -16.01 15.01 -11.38
N ARG A 154 -15.52 13.87 -11.89
CA ARG A 154 -15.04 12.74 -11.07
C ARG A 154 -13.62 12.38 -11.51
N GLU A 155 -12.76 11.93 -10.59
CA GLU A 155 -11.35 11.58 -10.85
C GLU A 155 -11.20 10.64 -12.07
N GLY A 156 -10.29 11.02 -12.99
CA GLY A 156 -10.00 10.26 -14.20
C GLY A 156 -10.84 10.66 -15.41
N SER A 157 -11.82 11.59 -15.20
CA SER A 157 -12.69 12.08 -16.28
C SER A 157 -11.87 12.88 -17.31
N VAL A 158 -11.79 12.32 -18.53
CA VAL A 158 -11.06 12.93 -19.65
C VAL A 158 -12.02 13.84 -20.44
N ILE A 159 -12.01 15.15 -20.11
CA ILE A 159 -12.79 16.17 -20.81
C ILE A 159 -12.08 16.52 -22.13
N ARG A 160 -12.68 16.09 -23.26
CA ARG A 160 -12.13 16.36 -24.60
C ARG A 160 -12.44 17.81 -24.98
N VAL A 161 -11.40 18.65 -24.98
CA VAL A 161 -11.49 20.05 -25.44
C VAL A 161 -10.41 20.30 -26.52
N PRO A 162 -10.75 20.19 -27.83
CA PRO A 162 -9.83 20.52 -28.94
C PRO A 162 -9.42 22.02 -28.90
N GLY A 163 -8.15 22.33 -29.22
CA GLY A 163 -7.68 23.72 -29.31
C GLY A 163 -6.54 24.02 -28.37
N MET A 164 -6.47 23.27 -27.26
CA MET A 164 -5.42 23.46 -26.23
C MET A 164 -4.53 22.21 -26.12
N GLY A 165 -4.80 21.20 -26.98
CA GLY A 165 -3.97 20.00 -27.06
C GLY A 165 -2.77 20.22 -27.93
N GLY A 166 -2.76 19.60 -29.12
CA GLY A 166 -1.85 19.98 -30.17
C GLY A 166 -2.01 21.45 -30.53
N GLN A 167 -0.98 22.22 -30.12
CA GLN A 167 -0.89 23.64 -30.35
C GLN A 167 -0.71 23.90 -31.86
N GLY A 168 -1.79 24.37 -32.48
CA GLY A 168 -1.83 24.59 -33.91
C GLY A 168 -3.17 25.16 -34.34
N ASN A 169 -3.26 25.62 -35.59
CA ASN A 169 -4.43 26.39 -36.08
C ASN A 169 -5.74 25.54 -36.03
N PRO A 170 -5.96 24.44 -36.87
CA PRO A 170 -7.07 23.49 -36.62
C PRO A 170 -6.83 22.74 -35.28
N PRO A 171 -7.72 22.94 -34.27
CA PRO A 171 -7.57 22.45 -32.87
C PRO A 171 -7.00 21.01 -32.68
N GLY A 172 -5.92 20.87 -31.84
CA GLY A 172 -5.53 19.56 -31.33
C GLY A 172 -6.35 19.16 -30.10
N ASP A 173 -6.87 17.92 -30.09
CA ASP A 173 -7.77 17.43 -29.01
C ASP A 173 -7.03 17.36 -27.67
N LEU A 174 -7.36 18.27 -26.73
CA LEU A 174 -6.77 18.23 -25.38
C LEU A 174 -7.57 17.26 -24.52
N LEU A 175 -6.84 16.36 -23.88
CA LEU A 175 -7.39 15.35 -22.99
C LEU A 175 -7.21 15.86 -21.55
N LEU A 176 -8.21 16.61 -21.05
CA LEU A 176 -8.22 17.06 -19.64
C LEU A 176 -8.50 15.86 -18.74
N VAL A 177 -7.44 15.13 -18.35
CA VAL A 177 -7.57 14.03 -17.42
C VAL A 177 -7.59 14.66 -16.03
N VAL A 178 -8.79 14.75 -15.47
CA VAL A 178 -9.04 15.52 -14.25
C VAL A 178 -8.46 14.80 -13.02
N ARG A 179 -7.73 15.58 -12.24
CA ARG A 179 -7.29 15.22 -10.90
C ARG A 179 -8.03 16.14 -9.95
N LEU A 180 -8.71 15.62 -8.93
CA LEU A 180 -9.25 16.47 -7.87
C LEU A 180 -8.11 16.81 -6.89
N LEU A 181 -8.17 18.03 -6.28
CA LEU A 181 -7.05 18.61 -5.52
C LEU A 181 -6.51 17.67 -4.42
N PRO A 182 -5.18 17.81 -4.05
CA PRO A 182 -4.54 17.04 -2.94
C PRO A 182 -5.13 17.37 -1.55
N HIS A 183 -6.19 18.22 -1.52
CA HIS A 183 -7.02 18.48 -0.34
C HIS A 183 -7.65 17.12 0.11
N PRO A 184 -7.11 16.51 1.22
CA PRO A 184 -7.33 15.07 1.54
C PRO A 184 -8.69 14.74 2.23
N VAL A 185 -9.73 15.56 2.01
CA VAL A 185 -11.03 15.37 2.70
C VAL A 185 -11.99 14.54 1.83
N PHE A 186 -12.36 15.02 0.63
CA PHE A 186 -13.36 14.33 -0.25
C PHE A 186 -12.89 14.36 -1.72
N ARG A 187 -12.18 13.31 -2.14
CA ARG A 187 -11.72 13.12 -3.52
C ARG A 187 -12.69 12.19 -4.27
N LEU A 188 -13.60 12.80 -5.04
CA LEU A 188 -14.60 12.08 -5.86
C LEU A 188 -13.90 11.35 -7.05
N GLU A 189 -14.40 10.15 -7.39
CA GLU A 189 -13.81 9.24 -8.40
C GLU A 189 -14.90 8.36 -9.01
N GLY A 190 -14.97 8.31 -10.36
CA GLY A 190 -16.01 7.53 -11.06
C GLY A 190 -17.40 8.12 -10.87
N GLN A 191 -18.02 7.82 -9.71
CA GLN A 191 -19.24 8.51 -9.17
C GLN A 191 -19.21 8.54 -7.62
N ASP A 192 -18.27 7.78 -7.04
CA ASP A 192 -18.15 7.59 -5.58
C ASP A 192 -16.98 8.40 -5.01
N LEU A 193 -17.11 8.84 -3.75
CA LEU A 193 -16.16 9.72 -3.08
C LEU A 193 -15.08 8.91 -2.34
N TYR A 194 -13.96 9.57 -1.97
CA TYR A 194 -12.89 9.00 -1.14
C TYR A 194 -12.54 9.99 -0.02
N ALA A 195 -12.80 9.59 1.21
CA ALA A 195 -12.61 10.39 2.41
C ALA A 195 -11.95 9.56 3.53
N THR A 196 -11.62 10.22 4.65
CA THR A 196 -11.10 9.56 5.87
C THR A 196 -12.05 9.86 7.04
N LEU A 197 -12.21 8.89 7.94
CA LEU A 197 -13.15 8.98 9.07
C LEU A 197 -12.41 8.61 10.37
N ASP A 198 -12.31 9.58 11.29
CA ASP A 198 -11.75 9.32 12.62
C ASP A 198 -12.92 8.93 13.55
N VAL A 199 -12.82 7.73 14.13
CA VAL A 199 -13.89 7.11 14.93
C VAL A 199 -13.27 6.42 16.16
N PRO A 200 -13.78 6.65 17.41
CA PRO A 200 -13.31 5.91 18.59
C PRO A 200 -13.79 4.45 18.56
N ALA A 201 -12.96 3.55 19.12
CA ALA A 201 -13.19 2.09 19.11
C ALA A 201 -14.63 1.66 19.53
N PRO A 202 -15.21 2.18 20.67
CA PRO A 202 -16.61 1.84 21.07
C PRO A 202 -17.65 2.04 19.94
N ILE A 203 -17.58 3.23 19.29
CA ILE A 203 -18.54 3.62 18.24
C ILE A 203 -18.27 2.83 16.94
N ALA A 204 -17.00 2.44 16.72
CA ALA A 204 -16.61 1.59 15.55
C ALA A 204 -17.16 0.14 15.68
N VAL A 205 -17.08 -0.40 16.91
CA VAL A 205 -17.46 -1.80 17.21
C VAL A 205 -19.01 -1.98 17.22
N VAL A 206 -19.71 -1.06 17.91
CA VAL A 206 -21.17 -1.16 18.09
C VAL A 206 -21.93 -0.44 16.97
N GLY A 207 -21.33 0.63 16.42
CA GLY A 207 -21.94 1.37 15.33
C GLY A 207 -22.97 2.39 15.81
N GLY A 208 -22.65 3.68 15.67
CA GLY A 208 -23.52 4.77 16.09
C GLY A 208 -23.42 5.95 15.19
N LYS A 209 -23.27 7.16 15.75
CA LYS A 209 -23.16 8.41 14.95
C LYS A 209 -21.77 9.00 15.07
N VAL A 210 -21.22 9.40 13.92
CA VAL A 210 -19.96 10.16 13.82
C VAL A 210 -20.18 11.32 12.86
N ARG A 211 -19.29 12.33 12.91
CA ARG A 211 -19.38 13.51 12.05
C ARG A 211 -18.68 13.22 10.70
N ALA A 212 -19.39 13.45 9.58
CA ALA A 212 -18.80 13.40 8.24
C ALA A 212 -18.56 14.84 7.78
N MET A 213 -17.28 15.25 7.70
CA MET A 213 -16.92 16.60 7.20
C MET A 213 -16.90 16.56 5.67
N THR A 214 -17.85 17.25 5.02
CA THR A 214 -18.00 17.22 3.55
C THR A 214 -17.53 18.56 2.95
N LEU A 215 -17.73 18.71 1.63
CA LEU A 215 -17.27 19.89 0.86
C LEU A 215 -17.98 21.17 1.32
N GLU A 216 -19.24 21.03 1.72
CA GLU A 216 -20.11 22.16 2.13
C GLU A 216 -20.14 22.33 3.66
N GLY A 217 -19.52 21.39 4.41
CA GLY A 217 -19.48 21.45 5.87
C GLY A 217 -19.80 20.11 6.53
N PRO A 218 -19.80 20.03 7.89
CA PRO A 218 -20.02 18.77 8.62
C PRO A 218 -21.51 18.36 8.70
N VAL A 219 -21.74 17.03 8.70
CA VAL A 219 -23.04 16.39 8.93
C VAL A 219 -22.80 15.20 9.89
N GLU A 220 -23.85 14.41 10.22
CA GLU A 220 -23.68 13.13 10.93
C GLU A 220 -24.00 11.96 9.98
N VAL A 221 -23.07 11.01 9.89
CA VAL A 221 -23.29 9.70 9.24
C VAL A 221 -23.38 8.63 10.33
N ALA A 222 -24.40 7.76 10.25
CA ALA A 222 -24.57 6.67 11.20
C ALA A 222 -23.63 5.52 10.81
N VAL A 223 -22.47 5.46 11.47
CA VAL A 223 -21.39 4.50 11.19
C VAL A 223 -21.88 3.06 11.52
N PRO A 224 -21.58 2.03 10.66
CA PRO A 224 -22.01 0.64 10.92
C PRO A 224 -21.21 -0.02 12.08
N PRO A 225 -21.67 -1.18 12.64
CA PRO A 225 -20.89 -1.95 13.63
C PRO A 225 -19.70 -2.70 12.99
N ARG A 226 -18.76 -3.14 13.87
CA ARG A 226 -17.64 -4.06 13.55
C ARG A 226 -16.69 -3.47 12.48
N THR A 227 -16.67 -2.13 12.46
CA THR A 227 -15.92 -1.33 11.51
C THR A 227 -14.40 -1.40 11.80
N GLN A 228 -13.69 -2.18 10.96
CA GLN A 228 -12.26 -2.47 11.10
C GLN A 228 -11.42 -1.39 10.40
N ALA A 229 -10.33 -0.96 11.06
CA ALA A 229 -9.41 0.06 10.53
C ALA A 229 -8.65 -0.42 9.30
N GLY A 230 -8.19 0.53 8.48
CA GLY A 230 -7.43 0.22 7.26
C GLY A 230 -8.33 -0.11 6.07
N ARG A 231 -9.63 -0.37 6.35
CA ARG A 231 -10.63 -0.66 5.33
C ARG A 231 -11.33 0.63 4.90
N LYS A 232 -11.97 0.59 3.72
CA LYS A 232 -12.74 1.70 3.16
C LYS A 232 -14.22 1.31 3.12
N LEU A 233 -15.05 2.00 3.93
CA LEU A 233 -16.50 1.78 4.01
C LEU A 233 -17.18 2.39 2.79
N ARG A 234 -17.83 1.58 1.95
CA ARG A 234 -18.66 2.08 0.84
C ARG A 234 -20.08 2.37 1.39
N LEU A 235 -20.38 3.67 1.62
CA LEU A 235 -21.67 4.12 2.17
C LEU A 235 -22.65 4.33 1.01
N LYS A 236 -23.66 3.47 0.92
CA LYS A 236 -24.67 3.50 -0.14
C LYS A 236 -25.46 4.83 -0.21
N GLY A 237 -25.49 5.42 -1.44
CA GLY A 237 -26.35 6.57 -1.75
C GLY A 237 -25.77 7.93 -1.35
N LYS A 238 -24.52 7.96 -0.87
CA LYS A 238 -23.91 9.18 -0.30
C LYS A 238 -23.05 9.96 -1.34
N GLY A 239 -22.63 9.28 -2.42
CA GLY A 239 -21.79 9.90 -3.47
C GLY A 239 -22.58 10.72 -4.48
N PHE A 240 -21.88 11.19 -5.55
CA PHE A 240 -22.43 12.20 -6.48
C PHE A 240 -23.28 11.54 -7.60
N PRO A 241 -24.36 12.27 -8.08
CA PRO A 241 -25.18 11.82 -9.23
C PRO A 241 -24.42 11.89 -10.59
N GLY A 242 -24.90 11.09 -11.56
CA GLY A 242 -24.30 11.00 -12.89
C GLY A 242 -24.89 9.84 -13.70
N PRO A 243 -24.14 9.30 -14.73
CA PRO A 243 -24.60 8.17 -15.59
C PRO A 243 -24.86 6.86 -14.81
N ALA A 244 -24.14 6.67 -13.70
CA ALA A 244 -24.32 5.51 -12.79
C ALA A 244 -25.43 5.77 -11.73
N GLY A 245 -26.34 6.72 -12.03
CA GLY A 245 -27.37 7.13 -11.09
C GLY A 245 -26.78 8.01 -10.00
N ARG A 246 -26.46 7.40 -8.84
CA ARG A 246 -25.63 8.02 -7.79
C ARG A 246 -24.49 7.08 -7.40
N GLY A 247 -23.36 7.66 -6.94
CA GLY A 247 -22.27 6.90 -6.36
C GLY A 247 -22.41 6.74 -4.85
N ASP A 248 -21.40 6.14 -4.23
CA ASP A 248 -21.34 5.93 -2.78
C ASP A 248 -20.22 6.77 -2.15
N LEU A 249 -19.95 6.59 -0.85
CA LEU A 249 -18.88 7.35 -0.14
C LEU A 249 -17.92 6.38 0.55
N TYR A 250 -16.65 6.38 0.11
CA TYR A 250 -15.58 5.61 0.78
C TYR A 250 -15.07 6.39 2.00
N LEU A 251 -15.13 5.77 3.19
CA LEU A 251 -14.52 6.30 4.42
C LEU A 251 -13.39 5.39 4.87
N GLU A 252 -12.17 5.94 4.93
CA GLU A 252 -11.00 5.21 5.42
C GLU A 252 -11.10 5.17 6.94
N VAL A 253 -11.22 3.96 7.51
CA VAL A 253 -11.46 3.77 8.93
C VAL A 253 -10.18 4.02 9.73
N ARG A 254 -10.18 5.13 10.47
CA ARG A 254 -9.11 5.56 11.35
C ARG A 254 -9.62 5.46 12.80
N ILE A 255 -9.36 4.31 13.45
CA ILE A 255 -9.82 4.06 14.82
C ILE A 255 -8.86 4.68 15.85
N THR A 256 -9.43 5.41 16.82
CA THR A 256 -8.72 6.00 17.95
C THR A 256 -9.30 5.47 19.27
N ILE A 257 -8.62 5.80 20.38
CA ILE A 257 -9.08 5.48 21.74
C ILE A 257 -9.12 6.80 22.57
N PRO A 258 -9.95 6.91 23.65
CA PRO A 258 -10.32 8.22 24.30
C PRO A 258 -9.22 8.86 25.20
N GLU A 259 -7.98 8.35 25.09
CA GLU A 259 -6.85 8.69 25.99
C GLU A 259 -7.23 8.44 27.48
N ARG A 260 -7.09 9.46 28.36
CA ARG A 260 -7.22 9.29 29.83
C ARG A 260 -8.64 8.84 30.20
N LEU A 261 -8.73 7.93 31.17
CA LEU A 261 -9.98 7.25 31.54
C LEU A 261 -10.50 7.70 32.91
N THR A 262 -11.79 7.46 33.14
CA THR A 262 -12.48 7.70 34.42
C THR A 262 -12.69 6.34 35.13
N PRO A 263 -12.65 6.29 36.52
CA PRO A 263 -12.49 5.05 37.36
C PRO A 263 -13.03 3.71 36.79
N GLU A 264 -14.34 3.66 36.49
CA GLU A 264 -14.99 2.42 36.01
C GLU A 264 -14.57 2.12 34.59
N GLU A 265 -14.58 3.14 33.72
CA GLU A 265 -14.18 3.02 32.30
C GLU A 265 -12.71 2.56 32.21
N GLU A 266 -11.91 2.96 33.21
CA GLU A 266 -10.54 2.50 33.41
C GLU A 266 -10.55 0.97 33.59
N ALA A 267 -11.25 0.51 34.64
CA ALA A 267 -11.38 -0.92 34.98
C ALA A 267 -12.14 -1.70 33.88
N LEU A 268 -12.93 -0.99 33.06
CA LEU A 268 -13.83 -1.57 32.05
C LEU A 268 -13.04 -1.95 30.79
N TRP A 269 -12.21 -1.01 30.32
CA TRP A 269 -11.27 -1.23 29.22
C TRP A 269 -10.26 -2.33 29.61
N LYS A 270 -9.82 -2.32 30.89
CA LYS A 270 -8.92 -3.35 31.43
C LYS A 270 -9.58 -4.76 31.42
N LYS A 271 -10.85 -4.85 31.86
CA LYS A 271 -11.63 -6.11 31.83
C LYS A 271 -11.70 -6.67 30.40
N LEU A 272 -12.09 -5.79 29.45
CA LEU A 272 -12.13 -6.09 28.01
C LEU A 272 -10.81 -6.69 27.55
N ALA A 273 -9.72 -6.00 27.89
CA ALA A 273 -8.37 -6.25 27.36
C ALA A 273 -7.72 -7.52 27.90
N GLU A 274 -8.00 -7.85 29.16
CA GLU A 274 -7.44 -9.06 29.80
C GLU A 274 -8.20 -10.30 29.33
N ALA A 275 -9.54 -10.18 29.25
CA ALA A 275 -10.40 -11.24 28.70
C ALA A 275 -10.14 -11.42 27.19
N TYR A 276 -9.77 -10.31 26.52
CA TYR A 276 -9.39 -10.28 25.10
C TYR A 276 -8.10 -11.08 24.89
N TYR A 277 -7.02 -10.60 25.52
CA TYR A 277 -5.65 -11.10 25.33
C TYR A 277 -5.54 -12.59 25.71
N ALA A 278 -6.16 -12.96 26.86
CA ALA A 278 -6.13 -14.36 27.36
C ALA A 278 -6.83 -15.35 26.40
N ARG A 279 -7.66 -14.82 25.47
CA ARG A 279 -8.40 -15.63 24.47
C ARG A 279 -8.17 -15.09 23.04
N ALA A 280 -7.08 -14.31 22.86
CA ALA A 280 -6.78 -13.64 21.57
C ALA A 280 -6.34 -14.66 20.51
N MET B 1 -1.86 26.96 -1.02
CA MET B 1 -2.93 25.96 -1.19
C MET B 1 -3.93 26.47 -2.24
N LYS B 2 -4.19 25.64 -3.27
CA LYS B 2 -5.07 26.02 -4.38
C LYS B 2 -6.53 26.09 -3.89
N GLN B 3 -7.20 27.20 -4.20
CA GLN B 3 -8.55 27.49 -3.70
C GLN B 3 -9.34 28.23 -4.80
N SER B 4 -10.66 27.95 -4.88
CA SER B 4 -11.61 28.51 -5.87
C SER B 4 -11.15 28.29 -7.35
N THR B 5 -10.30 29.19 -7.87
CA THR B 5 -9.79 29.10 -9.25
C THR B 5 -8.72 27.98 -9.35
N ILE B 6 -8.49 27.46 -10.57
CA ILE B 6 -7.49 26.38 -10.80
C ILE B 6 -6.59 26.73 -12.01
N ALA B 7 -5.52 25.93 -12.19
CA ALA B 7 -4.51 26.13 -13.25
C ALA B 7 -4.07 24.78 -13.82
N LEU B 8 -4.03 24.67 -15.16
CA LEU B 8 -3.76 23.40 -15.87
C LEU B 8 -2.25 23.08 -15.89
N ALA B 9 -1.92 21.77 -16.01
CA ALA B 9 -0.53 21.28 -16.04
C ALA B 9 0.13 21.49 -17.43
N LEU B 10 -0.44 20.79 -18.45
CA LEU B 10 0.20 20.54 -19.77
C LEU B 10 1.49 19.68 -19.60
N LEU B 11 1.49 18.47 -20.18
CA LEU B 11 2.61 17.52 -20.06
C LEU B 11 3.76 17.63 -21.14
N PRO B 12 3.64 18.33 -22.35
CA PRO B 12 4.73 18.33 -23.40
C PRO B 12 6.03 19.06 -22.97
N LEU B 13 6.02 19.67 -21.78
CA LEU B 13 7.17 20.41 -21.22
C LEU B 13 7.47 19.94 -19.78
N LEU B 14 6.76 18.89 -19.34
CA LEU B 14 6.93 18.28 -18.00
C LEU B 14 7.75 16.98 -18.16
N PHE B 15 8.24 16.41 -17.03
CA PHE B 15 9.05 15.17 -17.06
C PHE B 15 8.23 13.99 -17.58
N THR B 16 8.65 13.46 -18.74
CA THR B 16 8.06 12.27 -19.40
C THR B 16 9.21 11.26 -19.72
N PRO B 17 8.91 10.04 -20.28
CA PRO B 17 9.95 9.16 -20.88
C PRO B 17 10.92 9.91 -21.84
N VAL B 18 12.17 9.42 -21.91
CA VAL B 18 13.27 10.06 -22.66
C VAL B 18 13.14 9.81 -24.19
N THR B 19 12.23 10.59 -24.80
CA THR B 19 11.90 10.47 -26.23
C THR B 19 13.02 11.12 -27.08
N LYS B 20 14.00 10.28 -27.48
CA LYS B 20 15.15 10.63 -28.36
C LYS B 20 16.22 11.45 -27.63
N ALA B 21 15.81 12.54 -26.94
CA ALA B 21 16.65 13.27 -25.99
C ALA B 21 16.89 12.38 -24.76
N ARG B 22 18.07 11.75 -24.69
CA ARG B 22 18.39 10.73 -23.66
C ARG B 22 19.91 10.66 -23.39
N THR B 23 20.69 11.61 -23.95
CA THR B 23 22.17 11.73 -23.74
C THR B 23 22.92 10.44 -24.21
N PRO B 24 24.29 10.30 -24.05
CA PRO B 24 24.98 8.97 -24.18
C PRO B 24 24.40 7.83 -23.29
N GLU B 25 23.50 8.20 -22.35
CA GLU B 25 22.73 7.29 -21.45
C GLU B 25 23.57 6.77 -20.27
N MET B 26 24.90 6.59 -20.49
CA MET B 26 25.89 6.32 -19.43
C MET B 26 27.06 7.37 -19.41
N PRO B 27 26.79 8.74 -19.43
CA PRO B 27 27.87 9.74 -19.19
C PRO B 27 28.07 10.00 -17.68
N VAL B 28 27.24 9.32 -16.87
CA VAL B 28 27.24 9.39 -15.40
C VAL B 28 27.37 7.95 -14.85
N LEU B 29 26.83 7.71 -13.62
CA LEU B 29 26.79 6.39 -12.92
C LEU B 29 28.13 6.09 -12.22
N GLU B 30 29.26 6.25 -12.95
CA GLU B 30 30.63 6.05 -12.43
C GLU B 30 30.93 4.56 -12.08
N ASN B 31 32.17 4.11 -12.38
CA ASN B 31 32.62 2.71 -12.13
C ASN B 31 33.18 2.52 -10.70
N ARG B 32 32.72 3.39 -9.76
CA ARG B 32 33.06 3.29 -8.32
C ARG B 32 32.47 2.02 -7.67
N ALA B 33 31.53 1.37 -8.38
CA ALA B 33 30.77 0.21 -7.87
C ALA B 33 31.56 -1.13 -7.96
N ALA B 34 32.90 -1.04 -8.09
CA ALA B 34 33.80 -2.19 -8.03
C ALA B 34 35.20 -1.73 -7.59
N GLN B 35 35.46 -1.78 -6.26
CA GLN B 35 36.81 -1.52 -5.71
C GLN B 35 37.71 -2.75 -5.92
N GLY B 36 37.13 -3.94 -5.70
CA GLY B 36 37.84 -5.21 -5.86
C GLY B 36 37.46 -6.23 -4.80
N ASP B 37 37.12 -5.73 -3.60
CA ASP B 37 36.80 -6.56 -2.42
C ASP B 37 35.46 -7.27 -2.59
N ILE B 38 35.51 -8.57 -2.89
CA ILE B 38 34.34 -9.45 -2.94
C ILE B 38 34.66 -10.71 -2.10
N THR B 39 34.52 -10.57 -0.77
CA THR B 39 34.73 -11.64 0.27
C THR B 39 36.12 -12.31 0.26
N ALA B 40 36.74 -12.36 1.43
CA ALA B 40 38.02 -13.05 1.66
C ALA B 40 37.73 -14.56 2.01
N PRO B 41 38.74 -15.47 2.34
CA PRO B 41 38.45 -16.93 2.41
C PRO B 41 37.73 -17.34 3.71
N GLY B 42 37.66 -18.66 3.94
CA GLY B 42 37.05 -19.22 5.14
C GLY B 42 37.10 -20.73 5.11
N GLY B 43 36.02 -21.38 5.55
CA GLY B 43 35.90 -22.83 5.51
C GLY B 43 35.47 -23.33 4.13
N ALA B 44 36.40 -23.26 3.16
CA ALA B 44 36.18 -23.73 1.78
C ALA B 44 36.45 -25.25 1.71
N ARG B 45 35.67 -25.99 2.52
CA ARG B 45 35.87 -27.43 2.77
C ARG B 45 35.47 -28.26 1.53
N ARG B 46 36.43 -28.37 0.58
CA ARG B 46 36.29 -29.08 -0.69
C ARG B 46 36.11 -30.60 -0.43
N LEU B 47 35.04 -31.20 -1.04
CA LEU B 47 34.65 -32.63 -0.87
C LEU B 47 33.98 -32.89 0.51
N THR B 48 34.13 -31.92 1.45
CA THR B 48 33.73 -32.04 2.86
C THR B 48 34.51 -33.16 3.59
N GLY B 49 34.11 -34.43 3.37
CA GLY B 49 34.67 -35.56 4.11
C GLY B 49 33.84 -35.89 5.33
N ASP B 50 32.62 -36.43 5.07
CA ASP B 50 31.68 -36.97 6.08
C ASP B 50 31.07 -35.89 7.00
N GLN B 51 31.86 -35.43 8.00
CA GLN B 51 31.40 -34.51 9.07
C GLN B 51 30.18 -35.09 9.85
N THR B 52 28.96 -34.81 9.37
CA THR B 52 27.72 -35.21 10.06
C THR B 52 27.03 -36.35 9.27
N ALA B 53 27.83 -37.37 8.93
CA ALA B 53 27.37 -38.56 8.18
C ALA B 53 27.00 -39.69 9.16
N ALA B 54 26.40 -39.30 10.33
CA ALA B 54 25.89 -40.23 11.36
C ALA B 54 27.02 -41.02 12.03
N LEU B 55 28.22 -40.41 12.09
CA LEU B 55 29.42 -41.02 12.69
C LEU B 55 29.23 -41.20 14.21
N ARG B 56 29.12 -40.06 14.91
CA ARG B 56 28.89 -40.01 16.37
C ARG B 56 27.75 -39.00 16.68
N ASP B 57 27.03 -38.63 15.61
CA ASP B 57 26.04 -37.55 15.61
C ASP B 57 24.69 -38.06 16.16
N SER B 58 24.61 -38.13 17.50
CA SER B 58 23.43 -38.64 18.21
C SER B 58 22.36 -37.53 18.36
N LEU B 59 21.64 -37.30 17.24
CA LEU B 59 20.57 -36.27 17.13
C LEU B 59 21.16 -34.86 17.36
N SER B 60 21.92 -34.39 16.35
CA SER B 60 22.47 -33.02 16.32
C SER B 60 21.34 -32.00 16.02
N ASP B 61 20.41 -32.46 15.15
CA ASP B 61 19.18 -31.74 14.76
C ASP B 61 18.29 -32.76 14.05
N LYS B 62 18.88 -33.36 12.99
CA LYS B 62 18.36 -34.53 12.31
C LYS B 62 18.14 -35.69 13.32
N PRO B 63 16.87 -36.21 13.48
CA PRO B 63 16.58 -37.32 14.41
C PRO B 63 17.37 -38.60 14.06
N ALA B 64 17.36 -38.95 12.75
CA ALA B 64 18.07 -40.12 12.17
C ALA B 64 17.52 -41.48 12.64
N LYS B 65 16.58 -41.48 13.63
CA LYS B 65 15.99 -42.68 14.25
C LYS B 65 17.03 -43.50 15.07
N ASN B 66 18.26 -42.95 15.19
CA ASN B 66 19.42 -43.65 15.78
C ASN B 66 19.42 -43.51 17.31
N ILE B 67 19.12 -44.62 17.99
CA ILE B 67 19.16 -44.74 19.45
C ILE B 67 19.30 -46.23 19.83
N ILE B 68 20.55 -46.61 20.18
CA ILE B 68 20.96 -47.98 20.59
C ILE B 68 20.81 -48.98 19.40
N LEU B 69 19.58 -49.39 19.11
CA LEU B 69 19.25 -50.33 18.02
C LEU B 69 17.88 -49.95 17.41
N LEU B 70 17.32 -50.82 16.54
CA LEU B 70 15.90 -50.71 16.10
C LEU B 70 14.97 -50.70 17.35
N ILE B 71 14.67 -49.48 17.81
CA ILE B 71 13.93 -49.24 19.06
C ILE B 71 12.41 -49.43 18.85
N GLY B 72 11.93 -48.97 17.70
CA GLY B 72 10.49 -48.87 17.45
C GLY B 72 9.91 -47.60 18.05
N ASP B 73 9.58 -46.64 17.18
CA ASP B 73 9.05 -45.32 17.57
C ASP B 73 7.65 -45.50 18.19
N GLY B 74 7.59 -45.56 19.53
CA GLY B 74 6.36 -45.90 20.26
C GLY B 74 5.96 -47.36 20.06
N MET B 75 6.99 -48.24 20.18
CA MET B 75 6.93 -49.67 19.81
C MET B 75 6.88 -49.86 18.27
N GLY B 76 5.79 -49.37 17.63
CA GLY B 76 5.64 -49.43 16.17
C GLY B 76 5.68 -50.87 15.64
N ASP B 77 5.06 -51.77 16.42
CA ASP B 77 5.15 -53.25 16.25
C ASP B 77 4.67 -53.72 14.85
N SER B 78 3.76 -52.94 14.24
CA SER B 78 3.10 -53.27 12.96
C SER B 78 2.15 -54.46 13.16
N GLU B 79 1.17 -54.25 14.07
CA GLU B 79 0.23 -55.28 14.54
C GLU B 79 -1.10 -55.23 13.76
N ILE B 80 -1.69 -56.44 13.52
CA ILE B 80 -2.99 -56.70 12.82
C ILE B 80 -3.13 -55.96 11.45
N THR B 81 -3.38 -54.64 11.46
CA THR B 81 -3.55 -53.83 10.24
C THR B 81 -2.17 -53.45 9.65
N ALA B 82 -1.14 -53.52 10.52
CA ALA B 82 0.26 -53.21 10.20
C ALA B 82 0.50 -51.69 10.02
N ALA B 83 1.74 -51.27 10.27
CA ALA B 83 2.15 -49.85 10.23
C ALA B 83 2.54 -49.47 8.79
N ARG B 84 1.53 -49.48 7.90
CA ARG B 84 1.70 -49.18 6.48
C ARG B 84 1.79 -47.66 6.25
N ASN B 85 3.02 -47.16 6.18
CA ASN B 85 3.31 -45.74 5.95
C ASN B 85 3.55 -45.49 4.46
N TYR B 86 2.88 -44.48 3.89
CA TYR B 86 3.11 -44.05 2.51
C TYR B 86 4.46 -43.30 2.43
N ALA B 87 5.40 -43.86 1.63
CA ALA B 87 6.80 -43.40 1.57
C ALA B 87 6.92 -42.01 0.90
N GLU B 88 6.79 -40.97 1.72
CA GLU B 88 6.94 -39.55 1.30
C GLU B 88 8.27 -39.00 1.83
N GLY B 89 8.56 -39.36 3.10
CA GLY B 89 9.75 -38.89 3.81
C GLY B 89 10.26 -39.95 4.77
N ALA B 90 10.71 -41.07 4.19
CA ALA B 90 11.26 -42.22 4.94
C ALA B 90 12.72 -41.92 5.41
N GLY B 91 13.39 -42.95 5.98
CA GLY B 91 14.71 -42.79 6.62
C GLY B 91 15.88 -42.52 5.68
N GLY B 92 15.60 -42.31 4.36
CA GLY B 92 16.61 -42.02 3.34
C GLY B 92 17.05 -40.56 3.30
N PHE B 93 17.01 -39.87 4.46
CA PHE B 93 17.51 -38.49 4.58
C PHE B 93 19.04 -38.49 4.51
N PHE B 94 19.59 -38.15 3.34
CA PHE B 94 21.03 -37.97 3.16
C PHE B 94 21.27 -37.01 1.99
N LYS B 95 21.44 -35.72 2.33
CA LYS B 95 21.81 -34.67 1.37
C LYS B 95 23.34 -34.66 1.21
N GLY B 96 24.04 -34.44 2.34
CA GLY B 96 25.51 -34.54 2.39
C GLY B 96 26.24 -33.39 1.68
N ILE B 97 25.51 -32.30 1.42
CA ILE B 97 26.04 -31.11 0.72
C ILE B 97 25.19 -29.85 1.10
N ASP B 98 24.34 -30.02 2.13
CA ASP B 98 23.44 -28.96 2.61
C ASP B 98 24.20 -27.99 3.53
N ALA B 99 24.34 -26.74 3.07
CA ALA B 99 24.95 -25.67 3.85
C ALA B 99 23.85 -24.93 4.63
N LEU B 100 23.24 -25.65 5.58
CA LEU B 100 22.10 -25.14 6.37
C LEU B 100 22.59 -24.64 7.75
N PRO B 101 22.31 -23.34 8.11
CA PRO B 101 22.71 -22.76 9.42
C PRO B 101 21.77 -23.20 10.56
N LEU B 102 22.36 -23.63 11.70
CA LEU B 102 21.61 -24.00 12.92
C LEU B 102 21.45 -22.77 13.82
N THR B 103 22.51 -21.95 13.87
CA THR B 103 22.59 -20.77 14.75
C THR B 103 23.51 -19.71 14.11
N GLY B 104 23.82 -18.63 14.86
CA GLY B 104 24.71 -17.58 14.39
C GLY B 104 26.18 -18.03 14.32
N GLN B 105 26.55 -18.64 13.19
CA GLN B 105 27.92 -19.09 12.92
C GLN B 105 28.83 -17.85 12.76
N TYR B 106 29.77 -17.67 13.71
CA TYR B 106 30.71 -16.52 13.75
C TYR B 106 30.00 -15.15 13.86
N THR B 107 30.81 -14.09 13.90
CA THR B 107 30.33 -12.71 14.11
C THR B 107 30.14 -11.95 12.76
N HIS B 108 29.72 -12.67 11.69
CA HIS B 108 29.41 -12.04 10.37
C HIS B 108 27.91 -11.64 10.30
N TYR B 109 27.39 -11.16 11.44
CA TYR B 109 25.99 -10.79 11.63
C TYR B 109 25.93 -9.30 12.00
N ALA B 110 26.56 -8.98 13.14
CA ALA B 110 26.87 -7.59 13.54
C ALA B 110 28.17 -7.15 12.83
N LEU B 111 28.42 -5.83 12.81
CA LEU B 111 29.58 -5.21 12.11
C LEU B 111 29.45 -5.40 10.58
N ASN B 112 28.21 -5.63 10.12
CA ASN B 112 27.91 -6.05 8.74
C ASN B 112 27.96 -4.82 7.80
N LYS B 113 28.62 -5.02 6.64
CA LYS B 113 29.09 -3.98 5.67
C LYS B 113 29.48 -2.63 6.32
N LYS B 114 28.48 -1.83 6.73
CA LYS B 114 28.64 -0.47 7.26
C LYS B 114 27.22 0.07 7.61
N THR B 115 27.07 1.40 7.76
CA THR B 115 25.77 2.05 7.91
C THR B 115 24.87 1.77 6.69
N GLY B 116 25.31 2.26 5.51
CA GLY B 116 24.63 1.99 4.24
C GLY B 116 25.24 0.79 3.53
N LYS B 117 25.42 0.94 2.21
CA LYS B 117 26.00 -0.10 1.30
C LYS B 117 26.81 0.57 0.14
N PRO B 118 26.22 1.54 -0.67
CA PRO B 118 26.95 2.10 -1.85
C PRO B 118 28.07 3.09 -1.48
N ASP B 119 27.71 4.07 -0.66
CA ASP B 119 28.58 5.18 -0.29
C ASP B 119 28.12 5.71 1.08
N TYR B 120 29.04 6.36 1.81
CA TYR B 120 28.84 6.74 3.22
C TYR B 120 29.20 8.22 3.47
N VAL B 121 29.57 8.97 2.40
CA VAL B 121 30.07 10.36 2.51
C VAL B 121 29.47 11.29 1.42
N THR B 122 29.77 11.03 0.14
CA THR B 122 29.42 11.92 -0.98
C THR B 122 27.95 11.75 -1.42
N ASP B 123 27.64 10.56 -1.95
CA ASP B 123 26.33 10.23 -2.54
C ASP B 123 25.37 9.71 -1.46
N SER B 124 25.86 8.70 -0.72
CA SER B 124 25.15 8.06 0.40
C SER B 124 23.83 7.37 -0.05
N ALA B 125 22.65 7.94 0.31
CA ALA B 125 21.31 7.34 0.05
C ALA B 125 20.21 8.21 0.69
N ALA B 126 19.09 8.41 -0.03
CA ALA B 126 17.92 9.18 0.45
C ALA B 126 16.66 8.72 -0.29
N SER B 127 15.49 8.67 0.41
CA SER B 127 14.24 8.15 -0.18
C SER B 127 12.98 8.71 0.54
N ALA B 128 11.79 8.29 0.04
CA ALA B 128 10.49 8.57 0.66
C ALA B 128 10.26 7.67 1.89
N THR B 129 9.58 8.20 2.92
CA THR B 129 9.29 7.47 4.17
C THR B 129 8.25 6.35 3.96
N ALA B 130 7.51 6.39 2.84
CA ALA B 130 6.54 5.34 2.47
C ALA B 130 7.25 4.00 2.15
N TRP B 131 6.52 2.88 2.33
CA TRP B 131 7.07 1.49 2.25
C TRP B 131 7.73 1.19 0.89
N SER B 132 7.22 1.85 -0.17
CA SER B 132 7.75 1.71 -1.53
C SER B 132 8.28 3.06 -2.04
N THR B 133 9.30 2.98 -2.93
CA THR B 133 9.77 4.15 -3.71
C THR B 133 8.68 4.54 -4.74
N GLY B 134 7.91 3.52 -5.17
CA GLY B 134 6.85 3.67 -6.18
C GLY B 134 5.60 4.39 -5.67
N VAL B 135 5.54 4.72 -4.36
CA VAL B 135 4.45 5.53 -3.77
C VAL B 135 4.62 7.01 -4.17
N LYS B 136 5.91 7.46 -4.21
CA LYS B 136 6.34 8.76 -4.80
C LYS B 136 5.86 9.98 -3.96
N THR B 137 5.33 9.74 -2.75
CA THR B 137 4.85 10.80 -1.86
C THR B 137 6.02 11.66 -1.32
N TYR B 138 6.11 12.90 -1.87
CA TYR B 138 7.17 13.89 -1.59
C TYR B 138 8.56 13.38 -2.08
N ASN B 139 9.15 12.44 -1.31
CA ASN B 139 10.43 11.75 -1.61
C ASN B 139 11.66 12.69 -1.44
N GLY B 140 12.84 12.09 -1.18
CA GLY B 140 14.09 12.84 -1.09
C GLY B 140 14.41 13.30 0.32
N ALA B 141 14.34 12.35 1.29
CA ALA B 141 14.83 12.50 2.69
C ALA B 141 13.92 13.36 3.61
N LEU B 142 13.16 14.32 3.02
CA LEU B 142 12.35 15.34 3.73
C LEU B 142 13.08 16.03 4.93
N GLY B 143 13.10 15.36 6.11
CA GLY B 143 13.68 15.94 7.33
C GLY B 143 12.61 16.59 8.22
N VAL B 144 11.71 17.37 7.58
CA VAL B 144 10.53 17.97 8.24
C VAL B 144 9.29 17.12 7.90
N ASP B 145 8.26 17.14 8.78
CA ASP B 145 6.98 16.42 8.53
C ASP B 145 6.29 17.02 7.30
N ILE B 146 6.18 18.38 7.29
CA ILE B 146 5.56 19.20 6.22
C ILE B 146 4.03 18.96 6.10
N HIS B 147 3.51 17.88 6.78
CA HIS B 147 2.18 17.26 6.53
C HIS B 147 1.78 17.37 5.04
N GLU B 148 2.45 16.50 4.24
CA GLU B 148 2.38 16.50 2.77
C GLU B 148 0.91 16.42 2.32
N LYS B 149 0.56 17.30 1.35
CA LYS B 149 -0.82 17.68 0.99
C LYS B 149 -1.41 18.59 2.09
N ASP B 150 -1.81 17.96 3.22
CA ASP B 150 -2.30 18.62 4.45
C ASP B 150 -2.85 17.53 5.40
N HIS B 151 -3.03 17.88 6.70
CA HIS B 151 -3.66 17.01 7.72
C HIS B 151 -2.76 15.78 8.10
N PRO B 152 -3.12 14.98 9.16
CA PRO B 152 -2.45 13.67 9.44
C PRO B 152 -2.62 12.63 8.29
N THR B 153 -2.08 11.41 8.52
CA THR B 153 -2.00 10.28 7.55
C THR B 153 -0.85 10.52 6.54
N ILE B 154 -0.84 11.72 5.91
CA ILE B 154 0.27 12.23 5.06
C ILE B 154 0.52 11.31 3.83
N LEU B 155 1.31 10.23 4.02
CA LEU B 155 1.73 9.33 2.93
C LEU B 155 1.13 7.91 3.12
N GLU B 156 -0.14 7.92 3.59
CA GLU B 156 -0.95 6.70 3.90
C GLU B 156 -0.55 6.08 5.27
N MET B 157 0.71 6.28 5.70
CA MET B 157 1.28 5.65 6.92
C MET B 157 1.39 4.12 6.77
N ALA B 158 1.44 3.67 5.49
CA ALA B 158 1.54 2.24 5.08
C ALA B 158 0.22 1.48 5.35
N LYS B 159 -0.14 1.35 6.65
CA LYS B 159 -1.39 0.71 7.12
C LYS B 159 -1.46 -0.76 6.70
N ALA B 160 -0.48 -1.52 7.19
CA ALA B 160 -0.50 -2.98 7.13
C ALA B 160 -1.55 -3.50 8.13
N ALA B 161 -2.09 -4.71 7.84
CA ALA B 161 -3.13 -5.38 8.66
C ALA B 161 -4.53 -4.76 8.46
N GLY B 162 -5.57 -5.62 8.51
CA GLY B 162 -6.97 -5.20 8.29
C GLY B 162 -7.85 -6.38 7.89
N LEU B 163 -7.37 -7.22 6.96
CA LEU B 163 -8.05 -8.46 6.52
C LEU B 163 -7.06 -9.63 6.56
N ALA B 164 -7.56 -10.82 6.99
CA ALA B 164 -6.72 -12.01 7.23
C ALA B 164 -6.21 -12.60 5.92
N THR B 165 -4.92 -12.34 5.62
CA THR B 165 -4.24 -12.92 4.45
C THR B 165 -3.61 -14.28 4.84
N GLY B 166 -4.35 -15.36 4.54
CA GLY B 166 -3.89 -16.74 4.79
C GLY B 166 -2.94 -17.25 3.72
N ASN B 167 -1.87 -16.49 3.47
CA ASN B 167 -0.81 -16.81 2.50
C ASN B 167 0.54 -16.25 3.02
N VAL B 168 0.49 -15.62 4.22
CA VAL B 168 1.63 -14.90 4.81
C VAL B 168 1.30 -14.61 6.31
N SER B 169 0.69 -15.64 6.94
CA SER B 169 0.16 -15.60 8.32
C SER B 169 1.22 -15.21 9.37
N THR B 170 2.49 -15.49 9.07
CA THR B 170 3.64 -15.12 9.91
C THR B 170 4.82 -14.78 8.97
N ALA B 171 5.36 -15.87 8.37
CA ALA B 171 6.56 -15.86 7.53
C ALA B 171 6.87 -17.32 7.17
N GLU B 172 5.88 -18.00 6.54
CA GLU B 172 5.96 -19.43 6.21
C GLU B 172 7.14 -19.72 5.26
N LEU B 173 8.27 -20.15 5.85
CA LEU B 173 9.50 -20.51 5.11
C LEU B 173 9.46 -21.95 4.56
N GLN B 174 8.28 -22.61 4.70
CA GLN B 174 8.01 -23.94 4.12
C GLN B 174 7.82 -23.77 2.59
N ASP B 175 8.96 -23.63 1.91
CA ASP B 175 9.04 -23.29 0.48
C ASP B 175 10.36 -23.83 -0.10
N ALA B 176 10.41 -24.00 -1.43
CA ALA B 176 11.56 -24.58 -2.14
C ALA B 176 11.63 -24.03 -3.58
N THR B 177 11.24 -22.76 -3.75
CA THR B 177 11.38 -22.02 -5.02
C THR B 177 12.89 -21.86 -5.36
N PRO B 178 13.35 -22.28 -6.60
CA PRO B 178 14.78 -22.23 -7.00
C PRO B 178 15.22 -20.82 -7.49
N ALA B 179 14.94 -19.79 -6.67
CA ALA B 179 15.31 -18.40 -6.95
C ALA B 179 15.88 -17.76 -5.67
N ALA B 180 17.23 -17.76 -5.55
CA ALA B 180 17.93 -17.10 -4.43
C ALA B 180 17.83 -15.56 -4.55
N LEU B 181 17.89 -15.10 -5.80
CA LEU B 181 17.74 -13.68 -6.17
C LEU B 181 17.36 -13.57 -7.66
N VAL B 182 16.86 -14.68 -8.23
CA VAL B 182 16.67 -14.81 -9.67
C VAL B 182 15.41 -14.04 -10.14
N ALA B 183 15.66 -12.90 -10.80
CA ALA B 183 14.62 -12.13 -11.49
C ALA B 183 14.42 -12.67 -12.92
N HIS B 184 15.55 -13.10 -13.56
CA HIS B 184 15.59 -13.82 -14.86
C HIS B 184 14.92 -13.00 -16.01
N VAL B 185 14.98 -11.66 -15.88
CA VAL B 185 14.21 -10.71 -16.71
C VAL B 185 12.70 -10.98 -16.55
N THR B 186 12.17 -10.51 -15.39
CA THR B 186 10.75 -10.57 -15.01
C THR B 186 10.17 -12.01 -15.13
N SER B 187 10.51 -12.85 -14.13
CA SER B 187 10.10 -14.26 -14.10
C SER B 187 9.93 -14.70 -12.64
N ARG B 188 8.81 -15.40 -12.34
CA ARG B 188 8.45 -15.85 -11.00
C ARG B 188 8.01 -17.32 -11.02
N LYS B 189 8.69 -18.15 -10.20
CA LYS B 189 8.21 -19.49 -9.83
C LYS B 189 7.78 -19.48 -8.36
N CYS B 190 6.97 -20.48 -7.97
CA CYS B 190 6.46 -20.61 -6.60
C CYS B 190 6.29 -22.09 -6.25
N TYR B 191 6.77 -22.49 -5.07
CA TYR B 191 6.60 -23.85 -4.54
C TYR B 191 5.26 -23.93 -3.78
N GLY B 192 4.46 -24.97 -4.10
CA GLY B 192 3.22 -25.25 -3.38
C GLY B 192 3.52 -25.79 -1.98
N PRO B 193 2.93 -25.19 -0.88
CA PRO B 193 3.31 -25.46 0.54
C PRO B 193 3.44 -26.97 0.90
N SER B 194 2.65 -27.81 0.20
CA SER B 194 2.58 -29.27 0.37
C SER B 194 1.89 -29.68 1.69
N ALA B 195 2.53 -29.35 2.82
CA ALA B 195 1.94 -29.52 4.16
C ALA B 195 1.09 -28.28 4.52
N THR B 196 0.11 -28.48 5.39
CA THR B 196 -0.79 -27.41 5.87
C THR B 196 -0.03 -26.48 6.85
N SER B 197 0.36 -27.03 8.02
CA SER B 197 1.14 -26.31 9.04
C SER B 197 1.60 -27.30 10.12
N GLU B 198 2.85 -27.73 10.01
CA GLU B 198 3.48 -28.66 10.98
C GLU B 198 4.20 -27.90 12.10
N LYS B 199 4.05 -26.54 12.10
CA LYS B 199 4.76 -25.58 12.99
C LYS B 199 6.23 -25.42 12.54
N CYS B 200 6.99 -26.54 12.60
CA CYS B 200 8.41 -26.65 12.20
C CYS B 200 9.34 -25.92 13.20
N PRO B 201 10.14 -26.68 14.03
CA PRO B 201 11.13 -26.08 14.95
C PRO B 201 12.21 -25.24 14.23
N GLY B 202 12.02 -23.90 14.22
CA GLY B 202 12.96 -22.97 13.61
C GLY B 202 12.32 -21.66 13.13
N ASN B 203 11.20 -21.27 13.75
CA ASN B 203 10.51 -19.97 13.47
C ASN B 203 11.24 -18.81 14.20
N ALA B 204 11.80 -19.11 15.38
CA ALA B 204 12.55 -18.14 16.17
C ALA B 204 13.71 -18.83 16.91
N LEU B 205 14.90 -18.20 16.81
CA LEU B 205 16.10 -18.63 17.56
C LEU B 205 15.92 -18.30 19.05
N GLU B 206 15.50 -17.04 19.30
CA GLU B 206 15.16 -16.53 20.64
C GLU B 206 13.87 -15.69 20.55
N LYS B 207 13.88 -14.42 21.05
CA LYS B 207 12.65 -13.60 21.29
C LYS B 207 11.77 -14.25 22.37
N GLY B 208 11.05 -15.32 21.99
CA GLY B 208 10.12 -16.02 22.85
C GLY B 208 8.68 -15.83 22.41
N GLY B 209 7.86 -16.85 22.63
CA GLY B 209 6.42 -16.81 22.36
C GLY B 209 5.66 -16.06 23.44
N LYS B 210 6.21 -16.16 24.69
CA LYS B 210 5.80 -15.34 25.85
C LYS B 210 4.30 -15.51 26.19
N GLY B 211 3.42 -14.74 25.52
CA GLY B 211 1.99 -14.98 25.55
C GLY B 211 1.66 -16.09 24.59
N SER B 212 2.03 -17.34 25.00
CA SER B 212 1.94 -18.55 24.15
C SER B 212 0.49 -19.06 24.10
N ILE B 213 -0.34 -18.30 23.38
CA ILE B 213 -1.76 -18.58 23.12
C ILE B 213 -1.93 -18.89 21.62
N THR B 214 -0.87 -19.52 21.08
CA THR B 214 -0.68 -19.72 19.64
C THR B 214 -1.67 -20.75 19.05
N GLU B 215 -2.12 -21.68 19.92
CA GLU B 215 -3.16 -22.67 19.55
C GLU B 215 -4.55 -22.01 19.57
N GLN B 216 -4.67 -20.92 20.37
CA GLN B 216 -5.81 -19.97 20.38
C GLN B 216 -7.04 -20.52 21.11
N LEU B 217 -7.62 -21.61 20.58
CA LEU B 217 -8.92 -22.15 20.99
C LEU B 217 -8.82 -22.82 22.38
N LEU B 218 -8.91 -21.98 23.44
CA LEU B 218 -9.09 -22.38 24.85
C LEU B 218 -7.93 -23.22 25.43
N ASN B 219 -7.81 -24.49 24.97
CA ASN B 219 -6.79 -25.49 25.41
C ASN B 219 -7.16 -26.10 26.78
N ALA B 220 -7.77 -25.29 27.66
CA ALA B 220 -8.47 -25.77 28.86
C ALA B 220 -9.77 -26.53 28.48
N ARG B 221 -10.13 -26.48 27.18
CA ARG B 221 -11.22 -27.25 26.54
C ARG B 221 -12.59 -26.73 27.00
N ALA B 222 -13.03 -27.14 28.20
CA ALA B 222 -14.27 -26.65 28.84
C ALA B 222 -14.15 -26.68 30.39
N ASP B 223 -12.96 -27.12 30.85
CA ASP B 223 -12.64 -27.28 32.28
C ASP B 223 -12.41 -25.92 32.96
N VAL B 224 -12.13 -24.87 32.14
CA VAL B 224 -11.89 -23.47 32.57
C VAL B 224 -10.58 -23.36 33.40
N THR B 225 -10.61 -23.86 34.64
CA THR B 225 -9.43 -23.92 35.54
C THR B 225 -8.40 -24.96 35.03
N LEU B 226 -8.91 -26.14 34.60
CA LEU B 226 -8.13 -27.31 34.15
C LEU B 226 -7.18 -27.82 35.27
N GLY B 227 -6.08 -27.08 35.49
CA GLY B 227 -5.12 -27.39 36.56
C GLY B 227 -4.10 -26.27 36.74
N GLY B 228 -4.54 -25.03 36.44
CA GLY B 228 -3.64 -23.88 36.40
C GLY B 228 -2.93 -23.74 35.05
N GLY B 229 -2.39 -24.88 34.55
CA GLY B 229 -1.77 -24.95 33.22
C GLY B 229 -0.46 -24.20 33.15
N ALA B 230 -0.53 -22.92 32.77
CA ALA B 230 0.63 -22.01 32.75
C ALA B 230 1.07 -21.70 34.20
N LYS B 231 0.07 -21.43 35.07
CA LYS B 231 0.21 -21.14 36.52
C LYS B 231 1.05 -19.86 36.77
N THR B 232 2.36 -19.99 36.59
CA THR B 232 3.32 -18.91 36.77
C THR B 232 3.09 -17.79 35.73
N PHE B 233 2.38 -16.74 36.16
CA PHE B 233 2.19 -15.52 35.37
C PHE B 233 3.53 -14.72 35.37
N ALA B 234 4.15 -14.63 34.18
CA ALA B 234 5.48 -14.03 34.01
C ALA B 234 5.54 -13.18 32.73
N GLU B 235 6.77 -12.75 32.37
CA GLU B 235 7.10 -11.96 31.17
C GLU B 235 6.75 -10.46 31.36
N THR B 236 7.70 -9.61 30.96
CA THR B 236 7.63 -8.16 31.15
C THR B 236 7.62 -7.43 29.80
N ALA B 237 8.72 -7.58 29.04
CA ALA B 237 8.96 -6.81 27.81
C ALA B 237 10.16 -7.36 27.03
N THR B 238 10.16 -7.10 25.71
CA THR B 238 11.33 -7.28 24.81
C THR B 238 11.25 -6.18 23.71
N ALA B 239 10.61 -5.06 24.10
CA ALA B 239 10.29 -3.95 23.19
C ALA B 239 11.34 -2.82 23.27
N GLY B 240 11.04 -1.72 22.56
CA GLY B 240 11.88 -0.54 22.54
C GLY B 240 11.15 0.65 23.12
N GLU B 241 11.52 1.85 22.64
CA GLU B 241 11.17 3.13 23.30
C GLU B 241 10.16 3.94 22.46
N TRP B 242 9.22 4.60 23.17
CA TRP B 242 8.23 5.54 22.58
C TRP B 242 7.48 6.25 23.71
N GLN B 243 7.18 5.48 24.77
CA GLN B 243 6.66 5.99 26.05
C GLN B 243 6.96 4.96 27.15
N GLY B 244 6.88 5.41 28.43
CA GLY B 244 7.24 4.57 29.58
C GLY B 244 6.26 3.42 29.79
N LYS B 245 6.74 2.17 29.66
CA LYS B 245 5.86 0.97 29.73
C LYS B 245 5.67 0.55 31.19
N THR B 246 4.41 0.70 31.68
CA THR B 246 3.97 0.11 32.94
C THR B 246 3.26 -1.23 32.65
N LEU B 247 3.33 -2.17 33.61
CA LEU B 247 2.86 -3.55 33.45
C LEU B 247 1.36 -3.69 33.70
N ARG B 248 0.88 -4.95 33.63
CA ARG B 248 -0.50 -5.33 33.96
C ARG B 248 -0.51 -6.07 35.32
N GLU B 249 -1.60 -5.93 36.06
CA GLU B 249 -1.78 -6.57 37.37
C GLU B 249 -3.15 -7.28 37.36
N GLN B 250 -3.21 -8.52 37.91
CA GLN B 250 -4.39 -9.41 37.82
C GLN B 250 -5.36 -9.17 39.01
N ALA B 251 -5.56 -7.90 39.37
CA ALA B 251 -6.44 -7.48 40.49
C ALA B 251 -7.89 -7.94 40.29
N GLN B 252 -8.44 -7.58 39.13
CA GLN B 252 -9.84 -7.88 38.74
C GLN B 252 -9.91 -9.08 37.76
N ALA B 253 -8.76 -9.45 37.17
CA ALA B 253 -8.64 -10.65 36.30
C ALA B 253 -8.78 -11.94 37.13
N ARG B 254 -8.30 -11.90 38.39
CA ARG B 254 -8.45 -13.02 39.34
C ARG B 254 -9.91 -13.12 39.80
N GLY B 255 -10.70 -13.97 39.08
CA GLY B 255 -12.12 -14.18 39.38
C GLY B 255 -12.93 -12.90 39.31
N TYR B 256 -13.13 -12.28 40.50
CA TYR B 256 -13.85 -11.01 40.72
C TYR B 256 -15.33 -11.13 40.27
N GLN B 257 -15.55 -11.13 38.95
CA GLN B 257 -16.87 -11.32 38.33
C GLN B 257 -17.38 -12.74 38.68
N LEU B 258 -16.60 -13.74 38.20
CA LEU B 258 -16.85 -15.18 38.38
C LEU B 258 -18.26 -15.57 37.86
N VAL B 259 -19.30 -15.39 38.70
CA VAL B 259 -20.69 -15.67 38.33
C VAL B 259 -21.29 -14.44 37.64
N SER B 260 -21.29 -14.49 36.31
CA SER B 260 -21.93 -13.50 35.43
C SER B 260 -22.69 -14.27 34.35
N ASP B 261 -24.01 -14.48 34.60
CA ASP B 261 -24.86 -15.41 33.83
C ASP B 261 -24.34 -16.85 33.95
N ALA B 262 -23.76 -17.16 35.12
CA ALA B 262 -23.08 -18.44 35.41
C ALA B 262 -23.61 -19.05 36.72
N ALA B 263 -24.94 -18.94 36.93
CA ALA B 263 -25.64 -19.59 38.06
C ALA B 263 -25.52 -21.12 37.96
N SER B 264 -25.62 -21.61 36.71
CA SER B 264 -25.45 -23.02 36.37
C SER B 264 -23.97 -23.32 36.08
N LEU B 265 -23.62 -24.61 35.99
CA LEU B 265 -22.25 -25.09 35.77
C LEU B 265 -21.92 -25.22 34.27
N ASN B 266 -22.54 -24.34 33.44
CA ASN B 266 -22.39 -24.26 31.96
C ASN B 266 -23.04 -25.48 31.27
N SER B 267 -22.47 -26.67 31.51
CA SER B 267 -23.02 -27.96 31.05
C SER B 267 -22.85 -28.99 32.17
N VAL B 268 -21.57 -29.27 32.51
CA VAL B 268 -21.18 -30.26 33.54
C VAL B 268 -19.66 -30.23 33.76
N THR B 269 -18.91 -29.94 32.66
CA THR B 269 -17.44 -30.00 32.64
C THR B 269 -16.81 -28.89 33.51
N GLU B 270 -16.58 -29.23 34.79
CA GLU B 270 -15.91 -28.39 35.78
C GLU B 270 -15.41 -29.29 36.94
N ALA B 271 -14.85 -28.69 38.00
CA ALA B 271 -14.26 -29.45 39.13
C ALA B 271 -14.95 -29.08 40.46
N ASN B 272 -16.30 -29.21 40.46
CA ASN B 272 -17.15 -28.99 41.66
C ASN B 272 -17.04 -27.53 42.17
N GLN B 273 -17.35 -27.29 43.45
CA GLN B 273 -17.10 -25.98 44.10
C GLN B 273 -15.58 -25.76 44.34
N GLN B 274 -14.77 -26.81 44.07
CA GLN B 274 -13.32 -26.81 44.30
C GLN B 274 -12.54 -26.19 43.12
N LYS B 275 -13.24 -25.65 42.09
CA LYS B 275 -12.59 -24.98 40.95
C LYS B 275 -12.49 -23.44 41.18
N PRO B 276 -11.26 -22.89 41.42
CA PRO B 276 -11.03 -21.44 41.46
C PRO B 276 -10.67 -20.88 40.05
N LEU B 277 -11.01 -19.61 39.81
CA LEU B 277 -10.68 -18.92 38.56
C LEU B 277 -9.31 -18.23 38.77
N LEU B 278 -8.24 -18.88 38.25
CA LEU B 278 -6.84 -18.43 38.45
C LEU B 278 -6.57 -17.06 37.78
N GLY B 279 -7.21 -16.84 36.61
CA GLY B 279 -7.15 -15.53 35.92
C GLY B 279 -6.03 -15.43 34.89
N LEU B 280 -5.75 -16.56 34.19
CA LEU B 280 -4.80 -16.59 33.04
C LEU B 280 -5.13 -17.77 32.11
N PHE B 281 -4.36 -17.91 31.01
CA PHE B 281 -4.49 -19.02 30.05
C PHE B 281 -4.11 -20.33 30.76
N ALA B 282 -5.12 -21.17 31.05
CA ALA B 282 -4.98 -22.33 31.95
C ALA B 282 -4.44 -23.60 31.25
N ASP B 283 -3.49 -23.41 30.29
CA ASP B 283 -2.82 -24.53 29.61
C ASP B 283 -1.50 -24.05 28.94
N GLY B 284 -1.55 -23.74 27.63
CA GLY B 284 -0.36 -23.43 26.83
C GLY B 284 -0.49 -23.95 25.40
N ASN B 285 -0.03 -25.22 25.18
CA ASN B 285 0.01 -25.86 23.83
C ASN B 285 -0.25 -27.39 23.93
N MET B 286 -0.59 -27.86 25.15
CA MET B 286 -0.59 -29.32 25.50
C MET B 286 -1.52 -30.21 24.63
N PRO B 287 -2.88 -29.96 24.54
CA PRO B 287 -3.81 -30.87 23.84
C PRO B 287 -3.97 -30.50 22.35
N VAL B 288 -2.83 -30.03 21.76
CA VAL B 288 -2.78 -29.31 20.47
C VAL B 288 -3.93 -28.26 20.33
N ARG B 289 -5.12 -28.70 19.83
CA ARG B 289 -6.30 -27.84 19.65
C ARG B 289 -5.96 -26.57 18.81
N TRP B 290 -5.09 -26.79 17.81
CA TRP B 290 -4.56 -25.72 16.94
C TRP B 290 -5.68 -25.05 16.13
N LEU B 291 -5.89 -23.74 16.43
CA LEU B 291 -6.82 -22.82 15.75
C LEU B 291 -8.29 -23.32 15.71
N GLY B 292 -8.58 -24.25 14.80
CA GLY B 292 -9.94 -24.79 14.63
C GLY B 292 -9.95 -25.88 13.57
N PRO B 293 -10.37 -25.58 12.30
CA PRO B 293 -10.27 -26.54 11.18
C PRO B 293 -8.79 -26.84 10.82
N LYS B 294 -8.24 -27.85 11.52
CA LYS B 294 -6.84 -28.30 11.38
C LYS B 294 -6.57 -28.87 9.98
N ALA B 295 -7.60 -29.50 9.41
CA ALA B 295 -7.60 -29.96 8.02
C ALA B 295 -8.82 -29.38 7.30
N THR B 296 -8.56 -28.50 6.33
CA THR B 296 -9.59 -27.97 5.43
C THR B 296 -10.00 -29.07 4.42
N TYR B 297 -11.27 -29.04 3.95
CA TYR B 297 -11.78 -30.02 2.98
C TYR B 297 -11.15 -29.73 1.60
N HIS B 298 -11.78 -28.80 0.84
CA HIS B 298 -11.40 -28.35 -0.52
C HIS B 298 -12.61 -27.60 -1.11
N GLY B 299 -12.69 -27.50 -2.44
CA GLY B 299 -13.79 -26.82 -3.12
C GLY B 299 -13.42 -25.40 -3.51
N ASN B 300 -13.35 -24.50 -2.51
CA ASN B 300 -13.16 -23.05 -2.73
C ASN B 300 -11.68 -22.63 -2.53
N ILE B 301 -10.76 -23.62 -2.45
CA ILE B 301 -9.31 -23.37 -2.28
C ILE B 301 -8.51 -23.96 -3.46
N ASP B 302 -9.22 -24.35 -4.53
CA ASP B 302 -8.63 -25.03 -5.71
C ASP B 302 -8.22 -24.04 -6.81
N LYS B 303 -7.90 -22.80 -6.38
CA LYS B 303 -7.42 -21.72 -7.26
C LYS B 303 -6.04 -22.08 -7.86
N PRO B 304 -5.76 -21.72 -9.17
CA PRO B 304 -4.54 -22.14 -9.94
C PRO B 304 -3.18 -21.95 -9.21
N ALA B 305 -3.11 -21.02 -8.23
CA ALA B 305 -1.89 -20.72 -7.46
C ALA B 305 -1.36 -21.97 -6.70
N VAL B 306 -2.29 -22.72 -6.08
CA VAL B 306 -1.96 -23.96 -5.32
C VAL B 306 -2.52 -25.21 -6.03
N THR B 307 -3.69 -25.04 -6.70
CA THR B 307 -4.48 -26.11 -7.35
C THR B 307 -5.06 -27.09 -6.30
N CYS B 308 -4.20 -27.95 -5.74
CA CYS B 308 -4.57 -28.88 -4.66
C CYS B 308 -3.67 -28.64 -3.43
N THR B 309 -2.47 -28.00 -3.68
CA THR B 309 -1.42 -27.58 -2.69
C THR B 309 -0.09 -28.38 -2.89
N PRO B 310 -0.04 -29.76 -2.78
CA PRO B 310 1.22 -30.55 -2.94
C PRO B 310 1.46 -31.03 -4.40
N ASN B 311 1.07 -30.18 -5.38
CA ASN B 311 1.21 -30.48 -6.81
C ASN B 311 2.67 -30.31 -7.32
N PRO B 312 3.35 -29.13 -7.11
CA PRO B 312 4.72 -28.92 -7.60
C PRO B 312 5.79 -29.22 -6.51
N GLN B 313 5.79 -30.47 -6.01
CA GLN B 313 6.76 -30.94 -5.00
C GLN B 313 8.17 -31.10 -5.61
N ARG B 314 8.92 -29.99 -5.65
CA ARG B 314 10.36 -29.99 -5.97
C ARG B 314 11.11 -29.59 -4.69
N ASN B 315 11.19 -30.53 -3.75
CA ASN B 315 11.80 -30.32 -2.44
C ASN B 315 12.27 -31.67 -1.90
N ASP B 316 13.58 -31.91 -1.99
CA ASP B 316 14.22 -33.09 -1.37
C ASP B 316 14.60 -32.74 0.07
N SER B 317 15.28 -31.57 0.22
CA SER B 317 15.87 -31.07 1.48
C SER B 317 16.82 -32.11 2.13
N VAL B 318 16.22 -33.17 2.73
CA VAL B 318 16.91 -34.33 3.36
C VAL B 318 18.18 -33.93 4.18
N PRO B 319 18.05 -33.00 5.18
CA PRO B 319 19.21 -32.35 5.85
C PRO B 319 20.06 -33.39 6.61
N THR B 320 21.39 -33.24 6.52
CA THR B 320 22.35 -34.21 7.05
C THR B 320 23.64 -33.50 7.48
N LEU B 321 24.31 -32.84 6.53
CA LEU B 321 25.64 -32.25 6.71
C LEU B 321 25.57 -31.03 7.65
N ALA B 322 24.73 -30.05 7.25
CA ALA B 322 24.49 -28.80 8.01
C ALA B 322 25.79 -27.98 8.19
N GLN B 323 26.64 -28.00 7.14
CA GLN B 323 27.93 -27.28 7.12
C GLN B 323 27.65 -25.78 6.94
N MET B 324 27.90 -24.97 7.99
CA MET B 324 27.37 -23.59 8.06
C MET B 324 28.28 -22.54 7.35
N THR B 325 28.79 -22.92 6.14
CA THR B 325 29.62 -22.08 5.24
C THR B 325 31.04 -21.85 5.82
N ASP B 326 31.09 -21.24 7.02
CA ASP B 326 32.30 -21.08 7.85
C ASP B 326 33.23 -19.99 7.31
N LYS B 327 32.68 -19.14 6.44
CA LYS B 327 33.37 -17.94 5.92
C LYS B 327 32.79 -16.70 6.62
N ALA B 328 33.67 -15.87 7.22
CA ALA B 328 33.28 -14.65 7.95
C ALA B 328 34.27 -13.51 7.71
N ILE B 329 35.32 -13.77 6.91
CA ILE B 329 36.45 -12.87 6.77
C ILE B 329 36.12 -11.82 5.68
N GLU B 330 35.87 -10.58 6.17
CA GLU B 330 35.51 -9.37 5.39
C GLU B 330 34.08 -9.47 4.78
N LEU B 331 33.29 -8.40 4.98
CA LEU B 331 31.85 -8.36 4.63
C LEU B 331 31.47 -6.96 4.05
N LEU B 332 32.49 -6.20 3.60
CA LEU B 332 32.34 -4.78 3.22
C LEU B 332 33.28 -4.41 2.05
N SER B 333 33.47 -3.08 1.83
CA SER B 333 34.56 -2.52 1.00
C SER B 333 34.41 -2.83 -0.52
N LYS B 334 33.27 -3.45 -0.90
CA LYS B 334 32.98 -3.76 -2.31
C LYS B 334 32.68 -2.47 -3.10
N ASN B 335 31.93 -1.55 -2.44
CA ASN B 335 31.47 -0.25 -2.99
C ASN B 335 30.42 -0.46 -4.12
N GLU B 336 29.39 0.41 -4.11
CA GLU B 336 28.31 0.44 -5.12
C GLU B 336 28.05 1.92 -5.51
N LYS B 337 26.90 2.19 -6.17
CA LYS B 337 26.42 3.55 -6.41
C LYS B 337 24.94 3.59 -5.97
N GLY B 338 24.57 4.63 -5.19
CA GLY B 338 23.23 4.75 -4.62
C GLY B 338 22.20 5.34 -5.58
N PHE B 339 22.17 4.80 -6.82
CA PHE B 339 21.15 5.14 -7.83
C PHE B 339 19.93 4.19 -7.68
N PHE B 340 19.81 3.58 -6.47
CA PHE B 340 18.77 2.60 -6.13
C PHE B 340 17.38 3.26 -5.97
N LEU B 341 17.33 4.60 -6.12
CA LEU B 341 16.08 5.38 -6.10
C LEU B 341 15.31 5.14 -7.42
N GLN B 342 16.04 5.32 -8.56
CA GLN B 342 15.49 5.17 -9.93
C GLN B 342 14.34 6.22 -10.14
N VAL B 343 13.15 5.78 -10.66
CA VAL B 343 11.98 6.67 -10.87
C VAL B 343 10.70 5.80 -10.94
N GLU B 344 10.64 4.79 -10.04
CA GLU B 344 9.48 3.87 -9.93
C GLU B 344 8.21 4.63 -9.48
N GLY B 345 7.06 4.21 -10.03
CA GLY B 345 5.77 4.86 -9.72
C GLY B 345 4.61 3.93 -9.99
N ALA B 346 4.72 2.69 -9.51
CA ALA B 346 3.66 1.66 -9.61
C ALA B 346 3.78 0.68 -8.42
N SER B 347 4.70 -0.32 -8.56
CA SER B 347 4.93 -1.40 -7.56
C SER B 347 3.65 -2.23 -7.29
N ILE B 348 2.76 -1.70 -6.44
CA ILE B 348 1.53 -2.39 -6.00
C ILE B 348 0.29 -1.85 -6.74
N ASP B 349 0.48 -0.81 -7.58
CA ASP B 349 -0.59 -0.10 -8.31
C ASP B 349 -1.45 0.72 -7.31
N LYS B 350 -2.38 0.04 -6.58
CA LYS B 350 -3.07 0.62 -5.40
C LYS B 350 -3.05 -0.41 -4.25
N GLN B 351 -3.81 -1.52 -4.48
CA GLN B 351 -4.05 -2.59 -3.48
C GLN B 351 -4.81 -2.08 -2.24
N ASP B 352 -5.29 -3.01 -1.41
CA ASP B 352 -5.93 -2.69 -0.12
C ASP B 352 -4.86 -2.58 0.97
N HIS B 353 -3.69 -3.26 0.71
CA HIS B 353 -2.44 -3.23 1.53
C HIS B 353 -2.65 -3.54 3.03
N ALA B 354 -3.80 -4.15 3.36
CA ALA B 354 -4.19 -4.46 4.74
C ALA B 354 -3.93 -5.95 5.04
N ALA B 355 -2.72 -6.43 4.71
CA ALA B 355 -2.30 -7.83 4.92
C ALA B 355 -2.10 -8.11 6.42
N ASN B 356 -3.04 -8.87 7.03
CA ASN B 356 -3.05 -9.11 8.49
C ASN B 356 -2.47 -10.50 8.78
N PRO B 357 -1.37 -10.58 9.60
CA PRO B 357 -0.84 -11.87 10.11
C PRO B 357 -1.82 -12.54 11.11
N CYS B 358 -1.81 -13.88 11.18
CA CYS B 358 -2.71 -14.68 12.03
C CYS B 358 -1.95 -15.80 12.77
N GLY B 359 -0.61 -15.76 12.73
CA GLY B 359 0.24 -16.76 13.37
C GLY B 359 1.45 -16.12 14.04
N GLN B 360 2.04 -16.83 15.06
CA GLN B 360 3.16 -16.29 15.87
C GLN B 360 3.87 -17.41 16.66
N ILE B 361 4.77 -18.18 15.98
CA ILE B 361 5.55 -19.32 16.57
C ILE B 361 4.63 -20.51 16.92
N GLY B 362 5.17 -21.74 16.83
CA GLY B 362 4.46 -22.95 17.28
C GLY B 362 5.20 -23.70 18.39
N GLU B 363 6.52 -23.44 18.52
CA GLU B 363 7.42 -24.15 19.44
C GLU B 363 7.38 -23.55 20.86
N THR B 364 6.63 -22.43 21.02
CA THR B 364 6.62 -21.55 22.21
C THR B 364 7.93 -20.72 22.24
N VAL B 365 9.10 -21.39 22.38
CA VAL B 365 10.44 -20.74 22.48
C VAL B 365 10.60 -20.00 23.85
N ASP B 366 11.82 -20.06 24.41
CA ASP B 366 12.17 -19.43 25.70
C ASP B 366 11.94 -17.91 25.67
N LEU B 367 11.45 -17.36 26.80
CA LEU B 367 11.09 -15.93 26.97
C LEU B 367 12.31 -15.02 26.73
N ASP B 368 13.52 -15.58 26.98
CA ASP B 368 14.83 -14.93 26.76
C ASP B 368 15.04 -13.74 27.73
N GLU B 369 14.36 -12.60 27.46
CA GLU B 369 14.34 -11.39 28.31
C GLU B 369 15.70 -10.64 28.32
N ALA B 370 15.65 -9.30 28.35
CA ALA B 370 16.83 -8.43 28.31
C ALA B 370 16.69 -7.29 29.35
N VAL B 371 17.64 -6.34 29.36
CA VAL B 371 17.68 -5.21 30.33
C VAL B 371 16.45 -4.29 30.14
N GLN B 372 16.06 -4.09 28.87
CA GLN B 372 14.91 -3.27 28.44
C GLN B 372 15.14 -1.78 28.75
N ARG B 373 15.76 -1.08 27.79
CA ARG B 373 16.13 0.34 27.95
C ARG B 373 15.04 1.22 27.33
N ALA B 374 13.91 1.36 28.06
CA ALA B 374 12.72 2.09 27.57
C ALA B 374 11.79 2.51 28.74
N LEU B 375 12.28 2.37 29.99
CA LEU B 375 11.48 2.63 31.21
C LEU B 375 11.62 4.10 31.68
N GLU B 376 12.26 4.93 30.84
CA GLU B 376 12.53 6.35 31.11
C GLU B 376 12.41 7.18 29.83
N PHE B 377 12.56 6.52 28.66
CA PHE B 377 12.30 7.14 27.35
C PHE B 377 10.79 7.24 27.11
N ALA B 378 10.20 8.39 27.51
CA ALA B 378 8.75 8.60 27.41
C ALA B 378 8.42 9.93 26.70
N LYS B 379 8.32 11.04 27.49
CA LYS B 379 7.78 12.34 27.04
C LYS B 379 6.31 12.16 26.58
N LYS B 380 5.38 12.38 27.53
CA LYS B 380 3.93 12.14 27.35
C LYS B 380 3.63 10.62 27.32
N GLU B 381 2.32 10.28 27.33
CA GLU B 381 1.86 8.88 27.40
C GLU B 381 0.38 8.77 26.93
N GLY B 382 -0.52 9.57 27.54
CA GLY B 382 -1.96 9.46 27.25
C GLY B 382 -2.78 10.64 27.78
N ASN B 383 -2.88 11.71 26.95
CA ASN B 383 -3.57 12.95 27.35
C ASN B 383 -4.00 13.84 26.15
N THR B 384 -3.52 13.55 24.93
CA THR B 384 -3.78 14.43 23.76
C THR B 384 -5.07 14.03 23.01
N LEU B 385 -6.08 14.94 23.03
CA LEU B 385 -7.33 14.79 22.25
C LEU B 385 -7.21 15.49 20.88
N VAL B 386 -6.07 15.22 20.19
CA VAL B 386 -5.70 15.79 18.87
C VAL B 386 -5.30 17.29 19.00
N ILE B 387 -6.27 18.13 19.43
CA ILE B 387 -6.11 19.61 19.58
C ILE B 387 -4.91 19.99 20.48
N VAL B 388 -4.60 19.13 21.45
CA VAL B 388 -3.51 19.36 22.43
C VAL B 388 -2.14 19.45 21.71
N THR B 389 -1.90 18.52 20.77
CA THR B 389 -0.66 18.49 19.95
C THR B 389 -0.88 19.16 18.57
N ALA B 390 -2.17 19.45 18.23
CA ALA B 390 -2.60 20.12 16.97
C ALA B 390 -2.09 19.38 15.70
N ASP B 391 -1.96 18.03 15.82
CA ASP B 391 -1.31 17.15 14.82
C ASP B 391 0.20 17.46 14.72
N HIS B 392 0.54 18.54 14.00
CA HIS B 392 1.93 18.95 13.76
C HIS B 392 2.04 20.48 13.87
N ALA B 393 3.29 20.99 13.68
CA ALA B 393 3.62 22.44 13.80
C ALA B 393 3.34 22.98 15.22
N HIS B 394 3.34 22.05 16.20
CA HIS B 394 2.89 22.30 17.58
C HIS B 394 3.35 21.12 18.46
N ALA B 395 3.19 19.89 17.94
CA ALA B 395 3.60 18.64 18.62
C ALA B 395 5.13 18.54 18.77
N SER B 396 5.59 17.50 19.48
CA SER B 396 7.04 17.22 19.67
C SER B 396 7.71 16.84 18.32
N GLN B 397 6.94 16.17 17.44
CA GLN B 397 7.39 15.80 16.09
C GLN B 397 6.97 16.90 15.12
N ILE B 398 7.95 17.69 14.65
CA ILE B 398 7.77 18.69 13.59
C ILE B 398 8.93 18.56 12.60
N VAL B 399 10.11 19.03 13.02
CA VAL B 399 11.33 19.05 12.21
C VAL B 399 12.30 17.97 12.70
N ALA B 400 13.45 17.82 12.00
CA ALA B 400 14.50 16.84 12.37
C ALA B 400 15.11 17.15 13.77
N PRO B 401 15.48 18.44 14.13
CA PRO B 401 15.76 18.83 15.53
C PRO B 401 14.46 19.02 16.38
N ASP B 402 13.59 17.98 16.37
CA ASP B 402 12.32 17.89 17.14
C ASP B 402 11.31 18.99 16.75
N THR B 403 11.49 20.19 17.32
CA THR B 403 10.52 21.29 17.25
C THR B 403 11.17 22.60 16.79
N LYS B 404 10.32 23.58 16.46
CA LYS B 404 10.70 24.97 16.25
C LYS B 404 10.11 25.82 17.40
N ALA B 405 10.86 26.85 17.84
CA ALA B 405 10.49 27.71 18.96
C ALA B 405 9.28 28.64 18.59
N PRO B 406 9.32 29.47 17.48
CA PRO B 406 8.22 30.41 17.15
C PRO B 406 7.09 29.69 16.38
N GLY B 407 5.90 29.57 17.00
CA GLY B 407 4.77 28.80 16.42
C GLY B 407 4.38 29.25 15.00
N LEU B 408 3.59 30.32 14.91
CA LEU B 408 3.18 30.94 13.64
C LEU B 408 2.36 32.21 13.95
N THR B 409 2.37 33.17 13.01
CA THR B 409 1.61 34.43 13.13
C THR B 409 0.10 34.17 13.32
N GLN B 410 -0.43 33.15 12.61
CA GLN B 410 -1.79 32.63 12.84
C GLN B 410 -1.74 31.09 12.93
N ALA B 411 -1.80 30.57 14.17
CA ALA B 411 -1.82 29.11 14.42
C ALA B 411 -3.23 28.56 14.17
N LEU B 412 -4.18 29.10 14.97
CA LEU B 412 -5.62 28.73 14.94
C LEU B 412 -5.81 27.23 15.22
N ASN B 413 -5.76 26.40 14.14
CA ASN B 413 -5.95 24.93 14.21
C ASN B 413 -7.21 24.56 15.00
N THR B 414 -8.38 24.66 14.35
CA THR B 414 -9.67 24.30 14.97
C THR B 414 -9.81 22.76 14.98
N LYS B 415 -9.14 22.14 15.98
CA LYS B 415 -9.07 20.68 16.18
C LYS B 415 -8.63 19.97 14.88
N ASP B 416 -7.55 20.53 14.28
CA ASP B 416 -7.00 20.13 12.95
C ASP B 416 -7.89 20.63 11.80
N GLY B 417 -9.17 20.24 11.80
CA GLY B 417 -10.14 20.63 10.78
C GLY B 417 -11.12 19.50 10.51
N ALA B 418 -10.58 18.27 10.52
CA ALA B 418 -11.37 17.04 10.38
C ALA B 418 -12.18 16.78 11.66
N VAL B 419 -13.52 16.59 11.50
CA VAL B 419 -14.50 16.33 12.59
C VAL B 419 -14.38 17.32 13.78
N MET B 420 -14.04 18.59 13.43
CA MET B 420 -13.76 19.68 14.41
C MET B 420 -14.94 19.92 15.36
N VAL B 421 -16.19 19.79 14.86
CA VAL B 421 -17.38 19.78 15.71
C VAL B 421 -17.59 18.35 16.26
N MET B 422 -16.85 18.06 17.34
CA MET B 422 -16.93 16.77 18.06
C MET B 422 -18.05 16.81 19.12
N SER B 423 -18.54 18.04 19.43
CA SER B 423 -19.68 18.34 20.31
C SER B 423 -19.38 18.04 21.79
N TYR B 424 -19.28 16.74 22.16
CA TYR B 424 -19.17 16.27 23.56
C TYR B 424 -20.37 16.79 24.36
N GLY B 425 -21.54 16.76 23.71
CA GLY B 425 -22.76 17.35 24.21
C GLY B 425 -22.87 18.81 23.81
N ASN B 426 -22.13 19.69 24.55
CA ASN B 426 -22.21 21.17 24.43
C ASN B 426 -23.60 21.69 24.86
N SER B 427 -24.62 21.39 24.04
CA SER B 427 -26.03 21.63 24.37
C SER B 427 -26.59 20.35 25.06
N GLU B 428 -27.57 20.51 25.96
CA GLU B 428 -27.92 19.47 26.94
C GLU B 428 -28.79 18.34 26.36
N GLU B 429 -29.93 18.68 25.70
CA GLU B 429 -30.98 17.70 25.28
C GLU B 429 -30.43 16.63 24.29
N ASP B 430 -29.80 15.56 24.85
CA ASP B 430 -29.16 14.45 24.08
C ASP B 430 -28.26 15.02 22.94
N SER B 431 -27.27 15.85 23.34
CA SER B 431 -26.38 16.62 22.45
C SER B 431 -27.10 17.87 21.87
N GLN B 432 -28.37 17.68 21.38
CA GLN B 432 -29.25 18.73 20.81
C GLN B 432 -28.84 19.15 19.39
N GLU B 433 -27.54 19.46 19.20
CA GLU B 433 -26.97 19.89 17.91
C GLU B 433 -26.63 18.67 17.04
N HIS B 434 -27.66 17.88 16.71
CA HIS B 434 -27.53 16.75 15.81
C HIS B 434 -27.40 17.26 14.38
N THR B 435 -26.19 17.13 13.85
CA THR B 435 -25.76 17.78 12.59
C THR B 435 -26.21 16.96 11.35
N GLY B 436 -26.93 15.83 11.59
CA GLY B 436 -27.50 15.03 10.50
C GLY B 436 -28.32 13.87 11.04
N SER B 437 -27.67 12.66 11.11
CA SER B 437 -28.27 11.40 11.63
C SER B 437 -29.24 10.74 10.62
N GLN B 438 -29.57 11.45 9.54
CA GLN B 438 -30.44 10.97 8.46
C GLN B 438 -29.63 10.12 7.47
N LEU B 439 -28.32 10.42 7.37
CA LEU B 439 -27.39 9.73 6.47
C LEU B 439 -27.01 8.38 7.07
N ARG B 440 -27.81 7.34 6.77
CA ARG B 440 -27.56 5.96 7.24
C ARG B 440 -26.63 5.21 6.27
N ILE B 441 -26.03 4.11 6.78
CA ILE B 441 -24.97 3.34 6.09
C ILE B 441 -25.29 1.83 6.15
N ALA B 442 -24.85 1.09 5.11
CA ALA B 442 -24.85 -0.38 5.13
C ALA B 442 -23.39 -0.88 5.32
N ALA B 443 -22.58 -0.83 4.23
CA ALA B 443 -21.15 -1.26 4.19
C ALA B 443 -20.97 -2.73 4.66
N TYR B 444 -20.80 -2.93 5.98
CA TYR B 444 -20.74 -4.24 6.65
C TYR B 444 -20.94 -4.03 8.16
N GLY B 445 -21.11 -5.12 8.91
CA GLY B 445 -21.28 -5.05 10.36
C GLY B 445 -22.41 -5.95 10.83
N PRO B 446 -23.69 -5.71 10.37
CA PRO B 446 -24.77 -6.70 10.49
C PRO B 446 -24.34 -8.00 9.79
N HIS B 447 -24.00 -9.01 10.60
CA HIS B 447 -23.44 -10.27 10.09
C HIS B 447 -24.56 -11.25 9.71
N ALA B 448 -25.70 -11.13 10.41
CA ALA B 448 -26.97 -11.82 10.07
C ALA B 448 -28.16 -10.99 10.61
N ALA B 449 -27.94 -9.68 10.78
CA ALA B 449 -28.98 -8.73 11.25
C ALA B 449 -29.44 -7.82 10.10
N ASN B 450 -29.16 -8.28 8.86
CA ASN B 450 -29.33 -7.48 7.64
C ASN B 450 -30.82 -7.48 7.22
N VAL B 451 -31.57 -6.49 7.75
CA VAL B 451 -33.04 -6.31 7.53
C VAL B 451 -33.82 -7.65 7.52
N VAL B 452 -33.91 -8.27 8.72
CA VAL B 452 -34.56 -9.59 8.91
C VAL B 452 -36.08 -9.53 8.67
N GLY B 453 -36.64 -8.30 8.72
CA GLY B 453 -38.07 -8.08 8.56
C GLY B 453 -38.80 -8.34 9.87
N LEU B 454 -38.43 -7.56 10.88
CA LEU B 454 -38.95 -7.71 12.26
C LEU B 454 -40.16 -6.78 12.51
N THR B 455 -40.71 -6.20 11.38
CA THR B 455 -41.81 -5.20 11.40
C THR B 455 -41.38 -3.93 12.21
N ASP B 456 -40.05 -3.78 12.32
CA ASP B 456 -39.40 -2.75 13.14
C ASP B 456 -39.43 -1.40 12.44
N GLN B 457 -39.49 -0.33 13.25
CA GLN B 457 -39.68 1.03 12.76
C GLN B 457 -38.86 2.00 13.63
N THR B 458 -39.34 2.27 14.86
CA THR B 458 -38.70 3.24 15.80
C THR B 458 -38.87 2.80 17.27
N ASP B 459 -40.10 3.02 17.80
CA ASP B 459 -40.41 3.09 19.25
C ASP B 459 -39.90 1.88 20.10
N LEU B 460 -40.74 0.84 20.31
CA LEU B 460 -40.38 -0.33 21.14
C LEU B 460 -39.69 -1.41 20.28
N PHE B 461 -39.04 -0.98 19.19
CA PHE B 461 -38.38 -1.86 18.22
C PHE B 461 -36.86 -1.89 18.46
N TYR B 462 -36.42 -1.36 19.63
CA TYR B 462 -35.05 -1.49 20.12
C TYR B 462 -34.87 -2.92 20.67
N THR B 463 -34.52 -3.85 19.77
CA THR B 463 -34.33 -5.26 20.11
C THR B 463 -32.83 -5.60 20.09
N MET B 464 -32.27 -5.84 21.30
CA MET B 464 -30.88 -6.27 21.44
C MET B 464 -30.81 -7.79 21.26
N LYS B 465 -31.56 -8.52 22.12
CA LYS B 465 -31.69 -10.00 22.12
C LYS B 465 -30.32 -10.70 22.21
N ALA B 466 -29.65 -10.87 21.06
CA ALA B 466 -28.35 -11.55 20.93
C ALA B 466 -27.56 -10.93 19.76
N ALA B 467 -26.32 -11.41 19.55
CA ALA B 467 -25.50 -11.02 18.40
C ALA B 467 -25.93 -11.86 17.18
N LEU B 468 -26.83 -11.29 16.35
CA LEU B 468 -27.27 -11.91 15.08
C LEU B 468 -26.09 -11.97 14.10
N GLY B 469 -25.39 -13.12 14.13
CA GLY B 469 -24.22 -13.38 13.30
C GLY B 469 -24.03 -14.88 13.12
N LEU B 470 -25.00 -15.52 12.46
CA LEU B 470 -25.06 -16.98 12.27
C LEU B 470 -24.20 -17.41 11.06
N LYS B 471 -22.89 -17.17 11.19
CA LYS B 471 -21.89 -17.46 10.15
C LYS B 471 -20.48 -17.27 10.77
N MET C 1 45.21 -13.81 -32.15
CA MET C 1 45.83 -14.75 -33.09
C MET C 1 46.52 -15.88 -32.31
N ALA C 2 45.70 -16.80 -31.77
CA ALA C 2 46.15 -17.94 -30.93
C ALA C 2 46.93 -17.47 -29.68
N ALA C 3 46.64 -16.23 -29.22
CA ALA C 3 47.35 -15.58 -28.11
C ALA C 3 46.70 -15.94 -26.76
N LYS C 4 46.62 -17.27 -26.50
CA LYS C 4 46.03 -17.88 -25.30
C LYS C 4 46.31 -17.10 -24.01
N LYS C 5 45.32 -16.33 -23.57
CA LYS C 5 45.31 -15.72 -22.24
C LYS C 5 45.01 -16.81 -21.20
N ASP C 6 46.07 -17.30 -20.54
CA ASP C 6 45.92 -18.15 -19.37
C ASP C 6 45.46 -17.24 -18.22
N TYR C 7 44.13 -17.15 -18.06
CA TYR C 7 43.47 -16.20 -17.15
C TYR C 7 43.90 -16.42 -15.68
N TYR C 8 44.24 -17.68 -15.37
CA TYR C 8 44.79 -18.07 -14.08
C TYR C 8 46.17 -17.41 -13.84
N ALA C 9 47.05 -17.47 -14.87
CA ALA C 9 48.39 -16.84 -14.81
C ALA C 9 48.30 -15.31 -14.66
N ILE C 10 47.33 -14.70 -15.37
CA ILE C 10 47.03 -13.25 -15.26
C ILE C 10 46.68 -12.89 -13.80
N LEU C 11 45.86 -13.75 -13.18
CA LEU C 11 45.42 -13.59 -11.78
C LEU C 11 46.46 -14.14 -10.77
N GLY C 12 47.57 -14.73 -11.27
CA GLY C 12 48.65 -15.26 -10.41
C GLY C 12 48.22 -16.40 -9.49
N VAL C 13 47.28 -17.24 -9.97
CA VAL C 13 46.74 -18.41 -9.24
C VAL C 13 46.81 -19.67 -10.15
N PRO C 14 46.89 -20.92 -9.56
CA PRO C 14 46.98 -22.16 -10.36
C PRO C 14 45.64 -22.58 -10.99
N ARG C 15 45.67 -23.59 -11.88
CA ARG C 15 44.46 -24.12 -12.57
C ARG C 15 43.68 -25.11 -11.66
N ASN C 16 43.77 -24.88 -10.35
CA ASN C 16 43.06 -25.61 -9.29
C ASN C 16 42.13 -24.62 -8.56
N ALA C 17 42.42 -23.31 -8.78
CA ALA C 17 41.70 -22.20 -8.14
C ALA C 17 40.23 -22.21 -8.56
N THR C 18 39.35 -22.54 -7.60
CA THR C 18 37.90 -22.44 -7.78
C THR C 18 37.46 -20.95 -7.74
N GLN C 19 36.17 -20.70 -8.00
CA GLN C 19 35.58 -19.34 -8.15
C GLN C 19 36.01 -18.40 -6.99
N GLU C 20 35.98 -18.93 -5.76
CA GLU C 20 36.26 -18.18 -4.52
C GLU C 20 37.75 -17.72 -4.48
N GLU C 21 38.64 -18.61 -4.92
CA GLU C 21 40.09 -18.38 -4.96
C GLU C 21 40.46 -17.35 -6.06
N ILE C 22 39.75 -17.46 -7.18
CA ILE C 22 39.84 -16.55 -8.35
C ILE C 22 39.35 -15.14 -7.95
N LYS C 23 38.31 -15.14 -7.12
CA LYS C 23 37.65 -13.94 -6.61
C LYS C 23 38.60 -13.18 -5.65
N ARG C 24 39.40 -13.93 -4.88
CA ARG C 24 40.48 -13.38 -4.04
C ARG C 24 41.69 -12.90 -4.85
N ALA C 25 41.96 -13.60 -5.97
CA ALA C 25 43.01 -13.18 -6.92
C ALA C 25 42.67 -11.82 -7.53
N TYR C 26 41.36 -11.66 -7.80
CA TYR C 26 40.77 -10.39 -8.26
C TYR C 26 41.02 -9.32 -7.19
N LYS C 27 40.53 -9.54 -5.94
CA LYS C 27 40.71 -8.59 -4.79
C LYS C 27 42.14 -8.03 -4.73
N ARG C 28 43.10 -8.97 -4.76
CA ARG C 28 44.54 -8.68 -4.71
C ARG C 28 44.95 -7.70 -5.81
N LEU C 29 44.77 -8.12 -7.07
CA LEU C 29 45.29 -7.38 -8.24
C LEU C 29 44.32 -6.25 -8.69
N ALA C 30 43.12 -6.17 -8.09
CA ALA C 30 42.11 -5.12 -8.43
C ALA C 30 42.20 -3.96 -7.43
N ARG C 31 42.86 -4.18 -6.28
CA ARG C 31 43.25 -3.08 -5.38
C ARG C 31 44.70 -2.64 -5.66
N GLN C 32 45.55 -3.61 -6.06
CA GLN C 32 46.97 -3.34 -6.40
C GLN C 32 47.05 -2.54 -7.71
N TYR C 33 46.38 -3.04 -8.77
CA TYR C 33 46.36 -2.36 -10.08
C TYR C 33 45.19 -1.34 -10.16
N HIS C 34 44.53 -1.07 -9.00
CA HIS C 34 43.37 -0.15 -8.94
C HIS C 34 43.80 1.26 -9.38
N PRO C 35 43.23 1.79 -10.52
CA PRO C 35 43.66 3.06 -11.15
C PRO C 35 43.88 4.21 -10.15
N ASP C 36 42.87 4.51 -9.32
CA ASP C 36 42.96 5.59 -8.29
C ASP C 36 44.15 5.40 -7.33
N VAL C 37 44.37 4.16 -6.92
CA VAL C 37 45.37 3.80 -5.90
C VAL C 37 46.78 3.77 -6.51
N ASN C 38 46.86 3.40 -7.79
CA ASN C 38 48.11 3.20 -8.52
C ASN C 38 47.91 3.69 -9.98
N LYS C 39 47.90 5.03 -10.11
CA LYS C 39 47.76 5.72 -11.42
C LYS C 39 49.03 5.52 -12.25
N SER C 40 49.12 4.34 -12.87
CA SER C 40 50.24 3.94 -13.71
C SER C 40 49.66 3.27 -14.97
N PRO C 41 49.60 3.99 -16.15
CA PRO C 41 48.98 3.50 -17.42
C PRO C 41 49.09 1.98 -17.66
N GLU C 42 50.32 1.44 -17.63
CA GLU C 42 50.59 0.00 -17.89
C GLU C 42 49.86 -0.89 -16.86
N ALA C 43 49.87 -0.45 -15.59
CA ALA C 43 49.21 -1.17 -14.48
C ALA C 43 47.68 -1.08 -14.58
N GLU C 44 47.18 -0.04 -15.27
CA GLU C 44 45.73 0.19 -15.42
C GLU C 44 45.20 -0.61 -16.62
N GLU C 45 46.08 -0.84 -17.61
CA GLU C 45 45.83 -1.74 -18.74
C GLU C 45 45.85 -3.20 -18.25
N LYS C 46 46.81 -3.49 -17.36
CA LYS C 46 46.91 -4.79 -16.68
C LYS C 46 45.72 -4.98 -15.74
N PHE C 47 45.23 -3.88 -15.14
CA PHE C 47 44.00 -3.89 -14.31
C PHE C 47 42.82 -4.37 -15.16
N LYS C 48 42.72 -3.82 -16.37
CA LYS C 48 41.71 -4.25 -17.36
C LYS C 48 41.82 -5.75 -17.65
N GLU C 49 43.07 -6.24 -17.80
CA GLU C 49 43.35 -7.67 -18.02
C GLU C 49 43.06 -8.54 -16.76
N ILE C 50 43.09 -7.92 -15.55
CA ILE C 50 42.68 -8.60 -14.29
C ILE C 50 41.17 -8.79 -14.31
N ASN C 51 40.47 -7.75 -14.78
CA ASN C 51 39.01 -7.75 -14.94
C ASN C 51 38.57 -8.72 -16.05
N GLU C 52 39.41 -8.87 -17.09
CA GLU C 52 39.20 -9.80 -18.22
C GLU C 52 39.27 -11.26 -17.73
N ALA C 53 40.38 -11.55 -17.06
CA ALA C 53 40.68 -12.85 -16.47
C ALA C 53 39.58 -13.30 -15.50
N TYR C 54 39.25 -12.39 -14.58
CA TYR C 54 38.19 -12.60 -13.60
C TYR C 54 36.83 -12.72 -14.31
N ALA C 55 36.62 -11.96 -15.38
CA ALA C 55 35.32 -11.97 -16.11
C ALA C 55 34.98 -13.38 -16.65
N VAL C 56 35.99 -14.04 -17.24
CA VAL C 56 35.85 -15.46 -17.70
C VAL C 56 35.68 -16.40 -16.49
N LEU C 57 36.50 -16.17 -15.45
CA LEU C 57 36.59 -17.09 -14.31
C LEU C 57 35.64 -16.73 -13.12
N SER C 58 34.77 -15.71 -13.31
CA SER C 58 33.81 -15.25 -12.27
C SER C 58 32.58 -16.14 -12.26
N ASP C 59 32.08 -16.45 -13.45
CA ASP C 59 30.96 -17.38 -13.60
C ASP C 59 31.48 -18.80 -13.51
N PRO C 60 30.87 -19.67 -12.65
CA PRO C 60 31.04 -21.13 -12.76
C PRO C 60 30.75 -21.61 -14.20
N GLU C 61 29.79 -20.94 -14.89
CA GLU C 61 29.45 -21.23 -16.29
C GLU C 61 30.66 -21.01 -17.23
N LYS C 62 31.14 -19.75 -17.33
CA LYS C 62 32.27 -19.39 -18.23
C LYS C 62 33.59 -20.08 -17.79
N ARG C 63 33.67 -20.46 -16.50
CA ARG C 63 34.77 -21.26 -15.95
C ARG C 63 34.76 -22.66 -16.59
N ARG C 64 33.60 -23.32 -16.60
CA ARG C 64 33.46 -24.69 -17.17
C ARG C 64 33.60 -24.65 -18.71
N ILE C 65 33.30 -23.49 -19.33
CA ILE C 65 33.58 -23.23 -20.76
C ILE C 65 35.10 -23.28 -20.99
N TYR C 66 35.85 -22.59 -20.10
CA TYR C 66 37.33 -22.57 -20.12
C TYR C 66 37.87 -24.01 -19.97
N ASP C 67 37.32 -24.77 -18.99
CA ASP C 67 37.66 -26.20 -18.73
C ASP C 67 37.45 -27.05 -20.00
N THR C 68 36.30 -26.88 -20.64
CA THR C 68 35.94 -27.65 -21.84
C THR C 68 36.67 -27.14 -23.10
N TYR C 69 37.31 -25.95 -23.03
CA TYR C 69 38.13 -25.48 -24.16
C TYR C 69 39.44 -26.31 -24.17
N GLY C 70 39.50 -27.30 -25.08
CA GLY C 70 40.59 -28.29 -25.11
C GLY C 70 40.14 -29.66 -24.63
N THR C 71 38.83 -29.90 -24.71
CA THR C 71 38.17 -31.19 -24.41
C THR C 71 37.03 -31.29 -25.42
N THR C 72 36.19 -30.25 -25.36
CA THR C 72 35.37 -29.83 -26.47
C THR C 72 36.33 -29.04 -27.40
N GLU C 73 36.18 -29.23 -28.71
CA GLU C 73 37.06 -28.61 -29.73
C GLU C 73 36.43 -27.33 -30.33
N ALA C 74 35.09 -27.25 -30.24
CA ALA C 74 34.32 -26.06 -30.65
C ALA C 74 34.03 -25.18 -29.40
N PRO C 75 33.82 -23.83 -29.58
CA PRO C 75 33.30 -22.97 -28.48
C PRO C 75 31.92 -23.48 -27.99
N PRO C 76 31.76 -23.86 -26.67
CA PRO C 76 30.46 -24.32 -26.11
C PRO C 76 29.36 -23.24 -26.32
N PRO C 77 28.22 -23.58 -27.05
CA PRO C 77 27.19 -22.58 -27.49
C PRO C 77 26.85 -21.49 -26.44
N PRO C 78 26.92 -20.15 -26.81
CA PRO C 78 26.71 -19.02 -25.87
C PRO C 78 25.39 -19.12 -25.05
N PRO C 79 25.40 -18.72 -23.73
CA PRO C 79 24.17 -18.70 -22.87
C PRO C 79 23.00 -17.87 -23.47
N PRO C 80 21.72 -18.07 -22.97
CA PRO C 80 20.52 -17.33 -23.44
C PRO C 80 20.70 -15.78 -23.40
N GLY C 81 21.25 -15.29 -24.50
CA GLY C 81 21.53 -13.86 -24.71
C GLY C 81 22.82 -13.71 -25.51
N GLY C 82 23.86 -14.43 -25.03
CA GLY C 82 25.20 -14.38 -25.62
C GLY C 82 26.28 -14.45 -24.55
N TYR C 83 27.51 -14.09 -24.94
CA TYR C 83 28.65 -13.91 -24.02
C TYR C 83 28.71 -12.44 -23.59
N ASP C 84 28.42 -12.16 -22.31
CA ASP C 84 28.63 -10.82 -21.71
C ASP C 84 30.06 -10.74 -21.14
N PHE C 85 30.36 -9.62 -20.46
CA PHE C 85 31.65 -9.37 -19.78
C PHE C 85 31.44 -8.22 -18.79
N SER C 86 30.69 -8.51 -17.71
CA SER C 86 30.09 -7.53 -16.76
C SER C 86 30.88 -6.22 -16.46
N GLY C 87 30.51 -5.13 -17.18
CA GLY C 87 31.07 -3.79 -16.93
C GLY C 87 32.54 -3.66 -17.29
N PHE C 88 33.06 -4.66 -18.00
CA PHE C 88 34.46 -4.74 -18.43
C PHE C 88 34.53 -4.38 -19.92
N ASP C 89 35.66 -3.81 -20.35
CA ASP C 89 35.83 -3.29 -21.73
C ASP C 89 36.21 -4.42 -22.71
N VAL C 90 35.22 -5.31 -22.94
CA VAL C 90 35.28 -6.41 -23.96
C VAL C 90 35.86 -5.93 -25.30
N GLU C 91 35.41 -4.74 -25.71
CA GLU C 91 35.71 -4.15 -27.02
C GLU C 91 37.24 -3.93 -27.22
N ASP C 92 37.96 -3.67 -26.10
CA ASP C 92 39.40 -3.35 -26.14
C ASP C 92 40.25 -4.50 -25.53
N PHE C 93 39.59 -5.62 -25.15
CA PHE C 93 40.31 -6.77 -24.52
C PHE C 93 41.02 -7.65 -25.56
N SER C 94 41.64 -8.75 -25.06
CA SER C 94 42.61 -9.55 -25.82
C SER C 94 42.01 -10.29 -27.02
N GLU C 95 42.92 -10.68 -27.93
CA GLU C 95 42.60 -11.47 -29.13
C GLU C 95 41.92 -12.79 -28.74
N PHE C 96 42.60 -13.58 -27.88
CA PHE C 96 42.14 -14.92 -27.44
C PHE C 96 40.70 -14.91 -26.94
N PHE C 97 40.40 -13.91 -26.11
CA PHE C 97 39.06 -13.65 -25.62
C PHE C 97 38.09 -13.41 -26.81
N GLN C 98 38.45 -12.48 -27.70
CA GLN C 98 37.63 -12.14 -28.89
C GLN C 98 37.76 -13.19 -30.02
N GLU C 99 38.50 -14.29 -29.77
CA GLU C 99 38.56 -15.47 -30.67
C GLU C 99 37.61 -16.58 -30.17
N LEU C 100 37.66 -16.86 -28.86
CA LEU C 100 36.85 -17.93 -28.23
C LEU C 100 35.40 -17.44 -28.02
N PHE C 101 35.28 -16.32 -27.31
CA PHE C 101 33.97 -15.72 -26.99
C PHE C 101 33.50 -14.80 -28.12
N GLY C 102 34.41 -14.43 -29.04
CA GLY C 102 34.10 -13.55 -30.20
C GLY C 102 32.81 -13.94 -30.97
N PRO C 103 32.69 -15.23 -31.46
CA PRO C 103 31.48 -15.78 -32.13
C PRO C 103 30.11 -15.45 -31.47
N GLY C 104 30.08 -15.18 -30.13
CA GLY C 104 28.82 -14.90 -29.43
C GLY C 104 28.85 -13.62 -28.61
N LEU C 105 29.84 -12.73 -28.83
CA LEU C 105 29.93 -11.41 -28.12
C LEU C 105 28.84 -10.42 -28.59
N PHE C 106 27.57 -10.68 -28.15
CA PHE C 106 26.39 -9.82 -28.36
C PHE C 106 26.36 -9.08 -29.74
N GLY C 107 26.67 -7.76 -29.74
CA GLY C 107 26.36 -6.85 -30.83
C GLY C 107 24.87 -6.76 -31.07
N GLY C 108 24.10 -6.98 -29.98
CA GLY C 108 22.68 -7.29 -30.08
C GLY C 108 22.52 -8.67 -30.69
N PHE C 109 22.34 -8.70 -32.03
CA PHE C 109 22.41 -9.94 -32.85
C PHE C 109 23.20 -9.66 -34.15
N GLY C 110 23.76 -8.45 -34.24
CA GLY C 110 24.63 -8.04 -35.36
C GLY C 110 26.12 -8.28 -35.09
N ARG C 111 26.46 -8.69 -33.84
CA ARG C 111 27.84 -9.08 -33.42
C ARG C 111 28.92 -8.00 -33.75
N ARG C 112 28.47 -6.75 -34.00
CA ARG C 112 29.35 -5.55 -34.07
C ARG C 112 30.14 -5.38 -32.75
N SER C 113 29.46 -5.73 -31.63
CA SER C 113 29.90 -5.48 -30.24
C SER C 113 29.72 -3.99 -29.85
N ARG C 114 28.51 -3.44 -30.14
CA ARG C 114 28.12 -2.06 -29.77
C ARG C 114 27.97 -1.95 -28.23
N LYS C 115 28.04 -0.73 -27.66
CA LYS C 115 27.96 -0.53 -26.19
C LYS C 115 26.61 -1.02 -25.61
N GLY C 116 26.71 -1.73 -24.48
CA GLY C 116 25.56 -2.34 -23.82
C GLY C 116 24.81 -1.38 -22.91
N ARG C 117 23.49 -1.28 -23.10
CA ARG C 117 22.59 -0.47 -22.24
C ARG C 117 22.21 -1.28 -20.98
N ASP C 118 21.50 -0.62 -20.05
CA ASP C 118 20.95 -1.28 -18.88
C ASP C 118 19.88 -2.33 -19.28
N LEU C 119 19.75 -3.33 -18.42
CA LEU C 119 18.70 -4.37 -18.50
C LEU C 119 17.74 -4.09 -17.34
N ARG C 120 16.53 -4.68 -17.36
CA ARG C 120 15.57 -4.51 -16.26
C ARG C 120 14.89 -5.86 -15.96
N ALA C 121 15.05 -6.32 -14.71
CA ALA C 121 14.53 -7.59 -14.24
C ALA C 121 14.01 -7.40 -12.80
N GLU C 122 12.71 -7.63 -12.58
CA GLU C 122 12.12 -7.51 -11.23
C GLU C 122 11.91 -8.90 -10.62
N LEU C 123 12.03 -8.99 -9.28
CA LEU C 123 12.01 -10.27 -8.54
C LEU C 123 11.11 -10.18 -7.29
N PRO C 124 10.38 -11.28 -6.93
CA PRO C 124 9.74 -11.42 -5.61
C PRO C 124 10.80 -11.79 -4.54
N LEU C 125 11.00 -10.89 -3.56
CA LEU C 125 12.01 -11.03 -2.51
C LEU C 125 11.37 -10.73 -1.16
N THR C 126 11.86 -11.36 -0.08
CA THR C 126 11.28 -11.21 1.26
C THR C 126 12.03 -10.12 2.06
N LEU C 127 11.34 -9.56 3.07
CA LEU C 127 11.89 -8.61 4.05
C LEU C 127 13.09 -9.23 4.79
N GLU C 128 12.87 -10.48 5.25
CA GLU C 128 13.86 -11.30 5.95
C GLU C 128 15.08 -11.61 5.04
N GLU C 129 14.80 -11.84 3.74
CA GLU C 129 15.85 -12.16 2.74
C GLU C 129 16.58 -10.89 2.27
N ALA C 130 15.97 -9.73 2.51
CA ALA C 130 16.61 -8.42 2.27
C ALA C 130 17.62 -8.15 3.41
N PHE C 131 17.19 -8.52 4.63
CA PHE C 131 18.01 -8.53 5.86
C PHE C 131 19.19 -9.52 5.76
N HIS C 132 18.97 -10.66 5.08
CA HIS C 132 20.03 -11.68 4.90
C HIS C 132 21.02 -11.24 3.82
N GLY C 133 20.48 -10.86 2.64
CA GLY C 133 21.28 -10.36 1.52
C GLY C 133 22.47 -11.27 1.15
N GLY C 134 23.66 -10.66 1.04
CA GLY C 134 24.91 -11.38 0.80
C GLY C 134 25.09 -11.83 -0.65
N GLU C 135 25.76 -12.97 -0.83
CA GLU C 135 26.07 -13.55 -2.15
C GLU C 135 24.96 -14.53 -2.57
N ARG C 136 24.18 -14.15 -3.58
CA ARG C 136 23.01 -14.90 -4.06
C ARG C 136 23.22 -15.34 -5.51
N VAL C 137 22.88 -16.62 -5.83
CA VAL C 137 23.03 -17.16 -7.19
C VAL C 137 21.90 -16.65 -8.13
N VAL C 138 22.27 -16.42 -9.40
CA VAL C 138 21.36 -15.94 -10.46
C VAL C 138 21.95 -16.29 -11.83
N GLU C 139 21.10 -16.73 -12.78
CA GLU C 139 21.50 -17.02 -14.18
C GLU C 139 20.66 -16.19 -15.17
N VAL C 140 21.19 -15.03 -15.60
CA VAL C 140 20.51 -14.14 -16.57
C VAL C 140 21.53 -13.39 -17.45
N ALA C 141 21.20 -13.26 -18.77
CA ALA C 141 21.97 -12.46 -19.76
C ALA C 141 23.42 -12.96 -19.98
N GLY C 142 23.70 -14.19 -19.51
CA GLY C 142 25.05 -14.78 -19.61
C GLY C 142 25.70 -15.00 -18.24
N ARG C 143 25.28 -14.17 -17.24
CA ARG C 143 25.79 -14.27 -15.86
C ARG C 143 25.09 -15.37 -15.08
N ARG C 144 25.77 -16.52 -14.95
CA ARG C 144 25.38 -17.61 -14.05
C ARG C 144 26.40 -17.65 -12.91
N VAL C 145 26.10 -16.89 -11.83
CA VAL C 145 27.08 -16.58 -10.77
C VAL C 145 26.37 -16.13 -9.48
N SER C 146 27.12 -16.13 -8.35
CA SER C 146 26.71 -15.52 -7.08
C SER C 146 27.09 -14.02 -7.08
N VAL C 147 26.09 -13.13 -7.08
CA VAL C 147 26.28 -11.67 -6.98
C VAL C 147 26.28 -11.24 -5.49
N ARG C 148 27.30 -10.48 -5.10
CA ARG C 148 27.44 -9.96 -3.73
C ARG C 148 26.68 -8.63 -3.59
N ILE C 149 25.43 -8.70 -3.12
CA ILE C 149 24.71 -7.51 -2.63
C ILE C 149 24.42 -7.70 -1.12
N PRO C 150 25.14 -6.95 -0.22
CA PRO C 150 24.95 -7.05 1.26
C PRO C 150 23.49 -6.84 1.73
N PRO C 151 23.16 -7.17 3.02
CA PRO C 151 21.85 -6.83 3.63
C PRO C 151 21.43 -5.36 3.40
N GLY C 152 20.34 -5.13 2.66
CA GLY C 152 19.90 -3.76 2.38
C GLY C 152 19.18 -3.59 1.07
N VAL C 153 17.84 -3.77 1.09
CA VAL C 153 16.97 -3.49 -0.06
C VAL C 153 15.48 -3.44 0.39
N ARG C 154 14.63 -2.67 -0.34
CA ARG C 154 13.23 -2.35 0.06
C ARG C 154 12.38 -2.13 -1.19
N GLU C 155 11.07 -2.45 -1.13
CA GLU C 155 10.10 -2.34 -2.27
C GLU C 155 10.26 -1.04 -3.09
N GLY C 156 10.35 -1.20 -4.42
CA GLY C 156 10.47 -0.07 -5.34
C GLY C 156 11.91 0.38 -5.57
N SER C 157 12.84 -0.09 -4.70
CA SER C 157 14.27 0.17 -4.89
C SER C 157 14.79 -0.71 -6.03
N VAL C 158 15.68 -0.13 -6.84
CA VAL C 158 16.18 -0.77 -8.05
C VAL C 158 17.69 -0.92 -7.94
N ILE C 159 18.12 -2.17 -7.71
CA ILE C 159 19.52 -2.53 -7.51
C ILE C 159 20.25 -2.45 -8.84
N ARG C 160 20.93 -1.31 -9.07
CA ARG C 160 21.74 -1.13 -10.26
C ARG C 160 23.06 -1.88 -10.05
N VAL C 161 23.11 -3.10 -10.59
CA VAL C 161 24.27 -4.00 -10.48
C VAL C 161 25.06 -3.95 -11.81
N PRO C 162 26.25 -3.24 -11.84
CA PRO C 162 27.02 -2.99 -13.07
C PRO C 162 27.42 -4.27 -13.84
N GLY C 163 27.02 -4.30 -15.11
CA GLY C 163 27.45 -5.29 -16.06
C GLY C 163 26.61 -6.56 -16.18
N MET C 164 25.65 -6.81 -15.28
CA MET C 164 24.85 -8.07 -15.34
C MET C 164 23.81 -8.02 -16.50
N GLY C 165 23.60 -6.82 -17.05
CA GLY C 165 22.76 -6.62 -18.24
C GLY C 165 23.60 -6.41 -19.49
N GLY C 166 23.49 -5.22 -20.13
CA GLY C 166 24.30 -4.92 -21.30
C GLY C 166 23.70 -5.38 -22.59
N GLN C 167 22.60 -4.73 -22.99
CA GLN C 167 21.99 -4.98 -24.30
C GLN C 167 22.81 -4.18 -25.33
N GLY C 168 23.70 -4.89 -26.03
CA GLY C 168 24.73 -4.27 -26.86
C GLY C 168 25.95 -5.16 -26.93
N ASN C 169 26.91 -4.99 -25.96
CA ASN C 169 27.99 -5.98 -25.67
C ASN C 169 28.87 -5.55 -24.47
N PRO C 170 29.60 -4.34 -24.46
CA PRO C 170 30.18 -3.78 -23.22
C PRO C 170 29.07 -3.46 -22.20
N PRO C 171 28.83 -4.36 -21.21
CA PRO C 171 27.60 -4.34 -20.43
C PRO C 171 27.53 -3.18 -19.44
N GLY C 172 26.49 -2.34 -19.60
CA GLY C 172 26.22 -1.23 -18.69
C GLY C 172 25.88 -1.72 -17.29
N ASP C 173 24.67 -2.29 -17.13
CA ASP C 173 24.19 -2.80 -15.85
C ASP C 173 22.89 -3.59 -15.99
N LEU C 174 22.44 -4.15 -14.87
CA LEU C 174 21.12 -4.74 -14.70
C LEU C 174 20.40 -4.00 -13.57
N LEU C 175 19.12 -3.68 -13.81
CA LEU C 175 18.24 -3.03 -12.85
C LEU C 175 17.35 -4.10 -12.18
N LEU C 176 17.85 -4.67 -11.06
CA LEU C 176 17.09 -5.62 -10.23
C LEU C 176 16.05 -4.86 -9.40
N VAL C 177 14.82 -4.79 -9.91
CA VAL C 177 13.72 -4.07 -9.23
C VAL C 177 13.07 -5.00 -8.20
N VAL C 178 13.19 -4.67 -6.91
CA VAL C 178 12.67 -5.53 -5.85
C VAL C 178 11.16 -5.29 -5.64
N ARG C 179 10.44 -6.40 -5.71
CA ARG C 179 9.02 -6.49 -5.36
C ARG C 179 8.91 -7.38 -4.13
N LEU C 180 8.55 -6.79 -2.98
CA LEU C 180 8.47 -7.52 -1.72
C LEU C 180 7.24 -8.45 -1.70
N LEU C 181 7.38 -9.57 -0.98
CA LEU C 181 6.33 -10.60 -0.83
C LEU C 181 5.05 -10.05 -0.13
N PRO C 182 3.88 -10.80 -0.18
CA PRO C 182 2.57 -10.42 0.45
C PRO C 182 2.60 -9.61 1.80
N HIS C 183 3.72 -9.66 2.56
CA HIS C 183 3.97 -8.71 3.67
C HIS C 183 5.05 -7.66 3.24
N PRO C 184 4.62 -6.44 2.77
CA PRO C 184 5.52 -5.29 2.50
C PRO C 184 5.51 -4.30 3.69
N VAL C 185 6.03 -4.76 4.85
CA VAL C 185 5.80 -4.08 6.15
C VAL C 185 6.95 -3.12 6.46
N PHE C 186 8.20 -3.57 6.22
CA PHE C 186 9.40 -2.88 6.72
C PHE C 186 10.05 -2.02 5.62
N ARG C 187 10.07 -0.70 5.87
CA ARG C 187 10.63 0.32 4.98
C ARG C 187 12.05 0.64 5.43
N LEU C 188 13.05 0.20 4.66
CA LEU C 188 14.46 0.44 4.97
C LEU C 188 14.94 1.82 4.47
N GLU C 189 15.78 2.45 5.30
CA GLU C 189 16.65 3.55 4.91
C GLU C 189 17.95 3.41 5.73
N GLY C 190 19.05 2.98 5.06
CA GLY C 190 20.34 2.75 5.71
C GLY C 190 20.34 1.45 6.54
N GLN C 191 20.09 1.60 7.85
CA GLN C 191 19.91 0.47 8.79
C GLN C 191 18.47 0.48 9.35
N ASP C 192 17.89 1.69 9.48
CA ASP C 192 16.61 1.88 10.18
C ASP C 192 15.43 1.46 9.31
N LEU C 193 14.33 1.06 9.98
CA LEU C 193 13.13 0.55 9.32
C LEU C 193 11.92 1.41 9.66
N TYR C 194 10.84 1.20 8.88
CA TYR C 194 9.52 1.77 9.15
C TYR C 194 8.44 0.71 8.85
N ALA C 195 7.83 0.17 9.91
CA ALA C 195 6.77 -0.84 9.82
C ALA C 195 5.40 -0.22 10.11
N THR C 196 4.37 -1.08 10.16
CA THR C 196 3.07 -0.76 10.74
C THR C 196 2.66 -1.92 11.68
N LEU C 197 2.44 -1.59 12.96
CA LEU C 197 2.21 -2.60 14.02
C LEU C 197 0.70 -2.78 14.28
N ASP C 198 0.25 -4.04 14.20
CA ASP C 198 -1.14 -4.44 14.50
C ASP C 198 -1.36 -4.40 16.03
N VAL C 199 -2.01 -3.33 16.51
CA VAL C 199 -2.32 -3.16 17.95
C VAL C 199 -3.85 -3.02 18.10
N PRO C 200 -4.56 -4.04 18.68
CA PRO C 200 -6.00 -3.92 18.95
C PRO C 200 -6.28 -2.89 20.05
N ALA C 201 -7.43 -2.20 19.93
CA ALA C 201 -7.82 -1.09 20.81
C ALA C 201 -7.75 -1.46 22.31
N PRO C 202 -8.34 -2.62 22.79
CA PRO C 202 -8.23 -3.03 24.20
C PRO C 202 -6.77 -3.03 24.72
N ILE C 203 -5.85 -3.64 23.94
CA ILE C 203 -4.42 -3.75 24.30
C ILE C 203 -3.72 -2.36 24.28
N ALA C 204 -4.17 -1.50 23.35
CA ALA C 204 -3.64 -0.14 23.18
C ALA C 204 -4.03 0.79 24.34
N VAL C 205 -5.18 0.50 24.96
CA VAL C 205 -5.70 1.28 26.11
C VAL C 205 -5.11 0.76 27.44
N VAL C 206 -5.00 -0.59 27.58
CA VAL C 206 -4.62 -1.21 28.87
C VAL C 206 -3.11 -1.16 29.08
N GLY C 207 -2.35 -1.33 28.01
CA GLY C 207 -0.93 -1.53 28.11
C GLY C 207 -0.58 -3.00 28.28
N GLY C 208 -0.94 -3.79 27.26
CA GLY C 208 -0.60 -5.22 27.23
C GLY C 208 0.58 -5.50 26.31
N LYS C 209 0.47 -6.56 25.50
CA LYS C 209 1.50 -6.94 24.51
C LYS C 209 0.88 -7.41 23.20
N VAL C 210 1.47 -6.93 22.11
CA VAL C 210 1.22 -7.38 20.73
C VAL C 210 2.54 -7.92 20.18
N ARG C 211 2.59 -8.40 18.94
CA ARG C 211 3.83 -8.95 18.34
C ARG C 211 4.10 -8.40 16.94
N ALA C 212 5.34 -7.94 16.74
CA ALA C 212 5.90 -7.60 15.44
C ALA C 212 6.72 -8.80 14.92
N MET C 213 6.27 -9.43 13.82
CA MET C 213 7.07 -10.48 13.14
C MET C 213 8.25 -9.79 12.45
N THR C 214 9.44 -9.86 13.05
CA THR C 214 10.61 -9.12 12.54
C THR C 214 11.50 -10.04 11.70
N LEU C 215 12.52 -9.44 11.10
CA LEU C 215 13.39 -10.04 10.08
C LEU C 215 14.23 -11.20 10.62
N GLU C 216 14.61 -11.07 11.89
CA GLU C 216 15.45 -12.06 12.60
C GLU C 216 14.66 -12.81 13.68
N GLY C 217 13.33 -12.64 13.67
CA GLY C 217 12.44 -13.34 14.59
C GLY C 217 11.27 -12.47 15.04
N PRO C 218 10.08 -13.07 15.34
CA PRO C 218 8.89 -12.33 15.80
C PRO C 218 8.99 -11.90 17.29
N VAL C 219 9.22 -10.59 17.52
CA VAL C 219 9.36 -10.02 18.88
C VAL C 219 7.99 -9.60 19.42
N GLU C 220 7.71 -9.88 20.70
CA GLU C 220 6.47 -9.42 21.35
C GLU C 220 6.70 -8.03 21.94
N VAL C 221 6.04 -7.05 21.32
CA VAL C 221 6.13 -5.65 21.69
C VAL C 221 5.26 -5.36 22.92
N ALA C 222 5.87 -4.72 23.92
CA ALA C 222 5.22 -4.26 25.13
C ALA C 222 4.59 -2.89 24.91
N VAL C 223 3.26 -2.86 24.78
CA VAL C 223 2.49 -1.63 24.61
C VAL C 223 2.19 -1.05 26.00
N PRO C 224 2.52 0.24 26.28
CA PRO C 224 2.02 0.98 27.47
C PRO C 224 0.57 1.51 27.28
N PRO C 225 -0.19 1.76 28.40
CA PRO C 225 -1.61 2.23 28.35
C PRO C 225 -1.79 3.53 27.54
N ARG C 226 -2.98 3.65 26.89
CA ARG C 226 -3.36 4.83 26.07
C ARG C 226 -2.46 5.01 24.84
N THR C 227 -2.90 4.41 23.72
CA THR C 227 -2.22 4.52 22.43
C THR C 227 -3.23 4.64 21.26
N GLN C 228 -3.09 5.73 20.46
CA GLN C 228 -3.83 5.91 19.18
C GLN C 228 -2.97 5.51 17.99
N ALA C 229 -3.67 5.27 16.88
CA ALA C 229 -3.04 5.02 15.59
C ALA C 229 -2.34 6.29 15.11
N GLY C 230 -1.26 6.12 14.34
CA GLY C 230 -0.43 7.26 13.91
C GLY C 230 0.64 7.63 14.94
N ARG C 231 0.65 6.96 16.11
CA ARG C 231 1.83 6.97 17.01
C ARG C 231 2.92 6.05 16.45
N LYS C 232 4.13 6.08 17.00
CA LYS C 232 5.26 5.34 16.43
C LYS C 232 6.22 4.83 17.52
N LEU C 233 6.71 3.58 17.32
CA LEU C 233 7.60 2.87 18.24
C LEU C 233 9.00 2.81 17.66
N ARG C 234 10.03 2.74 18.52
CA ARG C 234 11.42 2.49 18.13
C ARG C 234 11.91 1.19 18.80
N LEU C 235 11.72 0.04 18.13
CA LEU C 235 12.28 -1.24 18.60
C LEU C 235 13.80 -1.26 18.35
N LYS C 236 14.57 -1.16 19.44
CA LYS C 236 16.03 -1.06 19.40
C LYS C 236 16.67 -2.39 18.98
N GLY C 237 17.51 -2.34 17.93
CA GLY C 237 18.20 -3.53 17.41
C GLY C 237 17.26 -4.50 16.68
N LYS C 238 16.28 -3.92 15.95
CA LYS C 238 15.33 -4.68 15.11
C LYS C 238 15.32 -4.16 13.66
N GLY C 239 16.36 -3.37 13.31
CA GLY C 239 16.59 -2.94 11.92
C GLY C 239 17.54 -3.89 11.19
N PHE C 240 18.01 -3.44 10.01
CA PHE C 240 19.00 -4.19 9.19
C PHE C 240 20.39 -4.23 9.87
N PRO C 241 21.22 -5.28 9.56
CA PRO C 241 22.53 -5.49 10.19
C PRO C 241 23.54 -4.39 9.84
N GLY C 242 24.03 -3.68 10.86
CA GLY C 242 24.98 -2.59 10.71
C GLY C 242 26.22 -2.76 11.60
N PRO C 243 27.10 -1.71 11.74
CA PRO C 243 28.33 -1.79 12.55
C PRO C 243 27.99 -1.78 14.05
N ALA C 244 26.90 -1.08 14.41
CA ALA C 244 26.36 -1.02 15.78
C ALA C 244 25.53 -2.28 16.13
N GLY C 245 25.52 -3.27 15.21
CA GLY C 245 24.75 -4.51 15.37
C GLY C 245 23.62 -4.54 14.37
N ARG C 246 22.57 -3.76 14.66
CA ARG C 246 21.41 -3.54 13.77
C ARG C 246 20.88 -2.10 13.95
N GLY C 247 20.01 -1.67 13.02
CA GLY C 247 19.31 -0.37 13.14
C GLY C 247 18.10 -0.47 14.06
N ASP C 248 17.16 0.47 13.93
CA ASP C 248 15.97 0.54 14.79
C ASP C 248 14.71 0.49 13.96
N LEU C 249 13.76 -0.32 14.41
CA LEU C 249 12.48 -0.53 13.72
C LEU C 249 11.45 0.51 14.20
N TYR C 250 11.00 1.38 13.28
CA TYR C 250 10.02 2.44 13.58
C TYR C 250 8.62 2.02 13.10
N LEU C 251 7.77 1.52 14.01
CA LEU C 251 6.44 0.98 13.58
C LEU C 251 5.36 2.04 13.76
N GLU C 252 4.48 2.16 12.77
CA GLU C 252 3.32 3.04 12.85
C GLU C 252 2.16 2.25 13.47
N VAL C 253 1.68 2.72 14.61
CA VAL C 253 0.57 2.08 15.35
C VAL C 253 -0.70 2.03 14.49
N ARG C 254 -1.32 0.83 14.43
CA ARG C 254 -2.55 0.57 13.67
C ARG C 254 -3.59 -0.01 14.66
N ILE C 255 -4.49 0.87 15.16
CA ILE C 255 -5.54 0.45 16.10
C ILE C 255 -6.61 -0.38 15.37
N THR C 256 -6.80 -1.62 15.82
CA THR C 256 -7.72 -2.59 15.19
C THR C 256 -8.71 -3.14 16.21
N ILE C 257 -9.78 -3.77 15.70
CA ILE C 257 -10.81 -4.45 16.51
C ILE C 257 -11.17 -5.80 15.82
N PRO C 258 -11.55 -6.88 16.58
CA PRO C 258 -11.71 -8.24 16.00
C PRO C 258 -13.06 -8.44 15.26
N GLU C 259 -13.71 -7.30 14.93
CA GLU C 259 -15.07 -7.24 14.36
C GLU C 259 -16.11 -7.93 15.27
N ARG C 260 -16.16 -9.26 15.19
CA ARG C 260 -17.10 -10.10 15.94
C ARG C 260 -16.60 -10.26 17.40
N LEU C 261 -17.55 -10.39 18.34
CA LEU C 261 -17.25 -10.53 19.78
C LEU C 261 -18.06 -11.67 20.41
N THR C 262 -17.63 -12.06 21.62
CA THR C 262 -18.41 -12.89 22.54
C THR C 262 -19.39 -11.98 23.33
N PRO C 263 -20.61 -12.49 23.72
CA PRO C 263 -21.71 -11.69 24.36
C PRO C 263 -21.25 -10.79 25.54
N GLU C 264 -20.23 -11.25 26.28
CA GLU C 264 -19.64 -10.53 27.43
C GLU C 264 -19.08 -9.17 26.97
N GLU C 265 -18.05 -9.26 26.12
CA GLU C 265 -17.35 -8.10 25.55
C GLU C 265 -18.34 -7.22 24.79
N GLU C 266 -19.22 -7.87 24.02
CA GLU C 266 -20.26 -7.20 23.22
C GLU C 266 -21.09 -6.21 24.08
N ALA C 267 -21.50 -6.69 25.29
CA ALA C 267 -22.27 -5.89 26.26
C ALA C 267 -21.44 -4.73 26.86
N LEU C 268 -20.17 -5.01 27.22
CA LEU C 268 -19.27 -3.98 27.80
C LEU C 268 -18.95 -2.86 26.77
N TRP C 269 -18.81 -3.26 25.49
CA TRP C 269 -18.60 -2.34 24.36
C TRP C 269 -19.89 -1.53 24.08
N LYS C 270 -21.08 -2.14 24.32
CA LYS C 270 -22.38 -1.42 24.26
C LYS C 270 -22.37 -0.25 25.25
N LYS C 271 -21.99 -0.54 26.51
CA LYS C 271 -21.94 0.45 27.60
C LYS C 271 -21.05 1.64 27.23
N LEU C 272 -19.80 1.33 26.80
CA LEU C 272 -18.85 2.32 26.29
C LEU C 272 -19.50 3.16 25.18
N ALA C 273 -19.92 2.49 24.11
CA ALA C 273 -20.43 3.12 22.88
C ALA C 273 -21.55 4.11 23.18
N GLU C 274 -22.49 3.72 24.05
CA GLU C 274 -23.63 4.56 24.46
C GLU C 274 -23.15 5.84 25.17
N ALA C 275 -22.18 5.66 26.11
CA ALA C 275 -21.54 6.82 26.80
C ALA C 275 -20.86 7.78 25.80
N TYR C 276 -20.36 7.22 24.68
CA TYR C 276 -19.68 7.99 23.62
C TYR C 276 -20.69 8.58 22.61
N TYR C 277 -21.90 7.98 22.49
CA TYR C 277 -22.99 8.53 21.63
C TYR C 277 -23.54 9.81 22.27
N ALA C 278 -23.49 9.86 23.61
CA ALA C 278 -23.79 11.08 24.39
C ALA C 278 -22.85 12.27 24.03
N ARG C 279 -21.69 11.95 23.40
CA ARG C 279 -20.73 12.96 22.89
C ARG C 279 -21.09 13.39 21.46
N ALA C 280 -21.76 12.50 20.71
CA ALA C 280 -22.04 12.70 19.28
C ALA C 280 -23.32 13.56 19.09
N MET A 1 -9.94 43.58 -45.01
CA MET A 1 -9.39 44.93 -44.80
C MET A 1 -10.22 45.64 -43.74
N ALA A 2 -9.98 45.25 -42.46
CA ALA A 2 -10.69 45.78 -41.27
C ALA A 2 -12.23 45.57 -41.37
N ALA A 3 -12.63 44.48 -42.05
CA ALA A 3 -14.05 44.16 -42.33
C ALA A 3 -14.71 43.48 -41.11
N LYS A 4 -14.80 44.26 -40.00
CA LYS A 4 -15.30 43.82 -38.68
C LYS A 4 -16.51 42.87 -38.75
N LYS A 5 -16.25 41.56 -38.59
CA LYS A 5 -17.30 40.55 -38.41
C LYS A 5 -18.02 40.80 -37.07
N ASP A 6 -19.28 41.26 -37.15
CA ASP A 6 -20.15 41.34 -35.97
C ASP A 6 -20.60 39.92 -35.63
N TYR A 7 -19.77 39.28 -34.78
CA TYR A 7 -19.90 37.86 -34.44
C TYR A 7 -21.25 37.57 -33.74
N TYR A 8 -21.81 38.59 -33.06
CA TYR A 8 -23.12 38.47 -32.40
C TYR A 8 -24.24 38.35 -33.45
N ALA A 9 -24.14 39.15 -34.53
CA ALA A 9 -25.10 39.11 -35.64
C ALA A 9 -25.06 37.75 -36.34
N ILE A 10 -23.83 37.23 -36.55
CA ILE A 10 -23.61 35.86 -37.09
C ILE A 10 -24.28 34.79 -36.19
N LEU A 11 -24.24 35.04 -34.86
CA LEU A 11 -24.87 34.16 -33.86
C LEU A 11 -26.38 34.46 -33.63
N GLY A 12 -26.88 35.58 -34.19
CA GLY A 12 -28.29 35.98 -34.01
C GLY A 12 -28.65 36.40 -32.58
N VAL A 13 -27.67 37.00 -31.88
CA VAL A 13 -27.85 37.59 -30.54
C VAL A 13 -27.55 39.11 -30.60
N PRO A 14 -27.98 39.94 -29.57
CA PRO A 14 -27.66 41.39 -29.51
C PRO A 14 -26.14 41.66 -29.58
N ARG A 15 -25.76 42.85 -30.10
CA ARG A 15 -24.35 43.22 -30.40
C ARG A 15 -23.50 43.55 -29.14
N ASN A 16 -23.96 43.08 -27.98
CA ASN A 16 -23.33 43.34 -26.67
C ASN A 16 -23.60 42.13 -25.73
N ALA A 17 -24.07 41.01 -26.34
CA ALA A 17 -24.57 39.81 -25.64
C ALA A 17 -23.47 39.05 -24.87
N THR A 18 -23.86 38.47 -23.72
CA THR A 18 -22.95 37.73 -22.81
C THR A 18 -22.51 36.39 -23.42
N GLN A 19 -21.42 35.81 -22.86
CA GLN A 19 -20.86 34.52 -23.29
C GLN A 19 -21.91 33.39 -23.21
N GLU A 20 -22.84 33.52 -22.24
CA GLU A 20 -23.94 32.55 -22.02
C GLU A 20 -24.93 32.60 -23.21
N GLU A 21 -25.23 33.83 -23.68
CA GLU A 21 -26.12 34.06 -24.86
C GLU A 21 -25.44 33.56 -26.15
N ILE A 22 -24.11 33.74 -26.21
CA ILE A 22 -23.25 33.24 -27.31
C ILE A 22 -23.23 31.69 -27.32
N LYS A 23 -23.29 31.11 -26.11
CA LYS A 23 -23.30 29.66 -25.87
C LYS A 23 -24.68 29.05 -26.21
N ARG A 24 -25.75 29.85 -25.98
CA ARG A 24 -27.13 29.48 -26.36
C ARG A 24 -27.29 29.55 -27.88
N ALA A 25 -26.69 30.59 -28.48
CA ALA A 25 -26.66 30.79 -29.92
C ALA A 25 -25.80 29.73 -30.61
N TYR A 26 -24.74 29.30 -29.90
CA TYR A 26 -23.85 28.23 -30.36
C TYR A 26 -24.65 26.93 -30.54
N LYS A 27 -25.32 26.48 -29.45
CA LYS A 27 -26.13 25.23 -29.48
C LYS A 27 -27.27 25.33 -30.53
N ARG A 28 -27.96 26.49 -30.53
CA ARG A 28 -29.03 26.84 -31.49
C ARG A 28 -28.61 26.55 -32.95
N LEU A 29 -27.45 27.09 -33.34
CA LEU A 29 -26.95 27.04 -34.72
C LEU A 29 -26.06 25.80 -34.96
N ALA A 30 -25.64 25.14 -33.86
CA ALA A 30 -24.91 23.86 -33.92
C ALA A 30 -25.90 22.71 -34.12
N ARG A 31 -27.18 22.99 -33.82
CA ARG A 31 -28.31 22.08 -34.08
C ARG A 31 -28.96 22.42 -35.43
N GLN A 32 -29.08 23.73 -35.74
CA GLN A 32 -29.73 24.20 -36.99
C GLN A 32 -28.87 23.90 -38.24
N TYR A 33 -27.55 24.08 -38.12
CA TYR A 33 -26.60 23.83 -39.22
C TYR A 33 -25.79 22.54 -38.93
N HIS A 34 -26.36 21.64 -38.09
CA HIS A 34 -25.69 20.44 -37.54
C HIS A 34 -25.14 19.51 -38.66
N PRO A 35 -23.82 19.67 -39.02
CA PRO A 35 -23.28 19.10 -40.28
C PRO A 35 -23.14 17.57 -40.21
N ASP A 36 -23.07 17.07 -38.97
CA ASP A 36 -23.02 15.65 -38.63
C ASP A 36 -24.18 14.86 -39.28
N VAL A 37 -25.37 15.49 -39.37
CA VAL A 37 -26.56 14.85 -39.97
C VAL A 37 -26.99 15.60 -41.24
N ASN A 38 -26.92 16.93 -41.19
CA ASN A 38 -27.31 17.83 -42.30
C ASN A 38 -26.06 18.31 -43.07
N LYS A 39 -25.58 17.47 -44.00
CA LYS A 39 -24.37 17.76 -44.82
C LYS A 39 -24.75 18.61 -46.06
N SER A 40 -25.30 19.81 -45.79
CA SER A 40 -25.76 20.74 -46.86
C SER A 40 -24.76 21.90 -47.01
N PRO A 41 -24.18 22.16 -48.25
CA PRO A 41 -23.12 23.19 -48.52
C PRO A 41 -23.36 24.53 -47.77
N GLU A 42 -24.57 25.09 -47.93
CA GLU A 42 -25.02 26.31 -47.24
C GLU A 42 -24.80 26.19 -45.72
N ALA A 43 -25.28 25.08 -45.13
CA ALA A 43 -25.20 24.82 -43.67
C ALA A 43 -23.77 24.41 -43.25
N GLU A 44 -22.91 24.04 -44.23
CA GLU A 44 -21.52 23.64 -43.93
C GLU A 44 -20.72 24.90 -43.63
N GLU A 45 -20.68 25.79 -44.65
CA GLU A 45 -19.99 27.08 -44.60
C GLU A 45 -20.53 27.91 -43.43
N LYS A 46 -21.88 27.91 -43.30
CA LYS A 46 -22.57 28.71 -42.29
C LYS A 46 -22.25 28.21 -40.87
N PHE A 47 -22.26 26.86 -40.67
CA PHE A 47 -21.88 26.24 -39.37
C PHE A 47 -20.46 26.69 -38.96
N LYS A 48 -19.54 26.67 -39.94
CA LYS A 48 -18.14 27.07 -39.74
C LYS A 48 -18.04 28.59 -39.40
N GLU A 49 -18.90 29.41 -40.01
CA GLU A 49 -19.00 30.86 -39.67
C GLU A 49 -19.55 31.05 -38.24
N ILE A 50 -20.43 30.11 -37.79
CA ILE A 50 -20.93 30.07 -36.40
C ILE A 50 -19.78 29.73 -35.45
N ASN A 51 -18.88 28.84 -35.92
CA ASN A 51 -17.69 28.43 -35.18
C ASN A 51 -16.66 29.57 -35.09
N GLU A 52 -16.61 30.45 -36.12
CA GLU A 52 -15.76 31.68 -36.11
C GLU A 52 -16.24 32.63 -34.99
N ALA A 53 -17.54 32.93 -35.06
CA ALA A 53 -18.24 33.82 -34.15
C ALA A 53 -18.11 33.37 -32.69
N TYR A 54 -18.45 32.10 -32.45
CA TYR A 54 -18.32 31.46 -31.15
C TYR A 54 -16.85 31.42 -30.72
N ALA A 55 -15.94 31.13 -31.66
CA ALA A 55 -14.49 30.99 -31.38
C ALA A 55 -13.93 32.23 -30.67
N VAL A 56 -14.26 33.41 -31.21
CA VAL A 56 -13.83 34.69 -30.60
C VAL A 56 -14.58 34.93 -29.28
N LEU A 57 -15.90 34.70 -29.26
CA LEU A 57 -16.75 35.07 -28.09
C LEU A 57 -16.90 33.92 -27.05
N SER A 58 -16.15 32.81 -27.23
CA SER A 58 -16.20 31.61 -26.35
C SER A 58 -15.54 31.88 -25.00
N ASP A 59 -14.32 32.39 -25.06
CA ASP A 59 -13.50 32.65 -23.87
C ASP A 59 -13.53 34.15 -23.54
N PRO A 60 -13.61 34.54 -22.23
CA PRO A 60 -13.61 35.96 -21.78
C PRO A 60 -12.41 36.77 -22.33
N GLU A 61 -11.31 36.04 -22.62
CA GLU A 61 -10.06 36.59 -23.13
C GLU A 61 -10.28 37.29 -24.50
N LYS A 62 -10.71 36.49 -25.50
CA LYS A 62 -10.89 36.95 -26.89
C LYS A 62 -12.17 37.77 -27.04
N ARG A 63 -13.12 37.54 -26.11
CA ARG A 63 -14.32 38.38 -25.93
C ARG A 63 -13.87 39.84 -25.69
N ARG A 64 -12.98 40.03 -24.69
CA ARG A 64 -12.42 41.35 -24.33
C ARG A 64 -11.57 41.95 -25.47
N ILE A 65 -10.85 41.09 -26.22
CA ILE A 65 -10.08 41.52 -27.44
C ILE A 65 -11.02 42.21 -28.45
N TYR A 66 -12.19 41.59 -28.69
CA TYR A 66 -13.21 42.15 -29.58
C TYR A 66 -13.72 43.50 -29.02
N ASP A 67 -14.02 43.53 -27.70
CA ASP A 67 -14.49 44.76 -26.99
C ASP A 67 -13.46 45.90 -27.08
N THR A 68 -12.16 45.55 -27.09
CA THR A 68 -11.06 46.53 -27.21
C THR A 68 -10.79 46.90 -28.67
N TYR A 69 -11.29 46.11 -29.65
CA TYR A 69 -11.22 46.52 -31.07
C TYR A 69 -12.25 47.66 -31.29
N GLY A 70 -11.72 48.89 -31.44
CA GLY A 70 -12.55 50.11 -31.49
C GLY A 70 -12.46 50.92 -30.20
N THR A 71 -11.40 50.62 -29.42
CA THR A 71 -11.09 51.28 -28.14
C THR A 71 -9.58 51.48 -28.19
N THR A 72 -8.91 50.35 -28.40
CA THR A 72 -7.58 50.28 -28.98
C THR A 72 -7.84 50.33 -30.51
N GLU A 73 -6.99 51.04 -31.27
CA GLU A 73 -7.14 51.23 -32.73
C GLU A 73 -6.41 50.13 -33.53
N ALA A 74 -5.42 49.51 -32.89
CA ALA A 74 -4.60 48.43 -33.50
C ALA A 74 -4.89 47.09 -32.79
N PRO A 75 -4.40 45.92 -33.34
CA PRO A 75 -4.41 44.63 -32.59
C PRO A 75 -3.74 44.76 -31.18
N PRO A 76 -4.35 44.17 -30.10
CA PRO A 76 -3.80 44.26 -28.71
C PRO A 76 -2.49 43.43 -28.54
N PRO A 77 -1.78 43.51 -27.36
CA PRO A 77 -0.66 42.59 -27.05
C PRO A 77 -1.15 41.12 -26.97
N PRO A 78 -0.62 40.17 -27.84
CA PRO A 78 -1.04 38.75 -27.84
C PRO A 78 -0.69 38.00 -26.52
N PRO A 79 -1.54 37.02 -26.05
CA PRO A 79 -1.19 36.13 -24.90
C PRO A 79 0.04 35.22 -25.22
N PRO A 80 0.87 34.83 -24.19
CA PRO A 80 2.08 33.96 -24.37
C PRO A 80 1.71 32.51 -24.78
N GLY A 81 1.35 32.36 -26.06
CA GLY A 81 0.85 31.10 -26.62
C GLY A 81 0.08 31.40 -27.90
N GLY A 82 -0.62 32.55 -27.88
CA GLY A 82 -1.29 33.11 -29.04
C GLY A 82 -2.75 33.43 -28.77
N TYR A 83 -3.37 34.10 -29.74
CA TYR A 83 -4.82 34.25 -29.82
C TYR A 83 -5.43 32.87 -30.10
N ASP A 84 -6.07 32.28 -29.08
CA ASP A 84 -6.63 30.92 -29.13
C ASP A 84 -7.74 30.78 -30.20
N PHE A 85 -7.91 29.54 -30.71
CA PHE A 85 -9.03 29.16 -31.58
C PHE A 85 -9.26 27.63 -31.41
N SER A 86 -9.79 27.25 -30.21
CA SER A 86 -9.98 25.85 -29.77
C SER A 86 -10.87 24.99 -30.71
N GLY A 87 -10.25 24.39 -31.73
CA GLY A 87 -10.95 23.49 -32.65
C GLY A 87 -11.38 24.14 -33.94
N PHE A 88 -10.86 25.34 -34.19
CA PHE A 88 -11.34 26.21 -35.27
C PHE A 88 -10.16 26.57 -36.21
N ASP A 89 -10.18 26.02 -37.43
CA ASP A 89 -9.13 26.28 -38.44
C ASP A 89 -9.22 27.72 -38.95
N VAL A 90 -8.42 28.59 -38.30
CA VAL A 90 -8.09 29.96 -38.74
C VAL A 90 -8.17 30.20 -40.27
N GLU A 91 -7.51 29.33 -41.06
CA GLU A 91 -7.27 29.53 -42.49
C GLU A 91 -8.56 29.47 -43.32
N ASP A 92 -9.64 28.98 -42.70
CA ASP A 92 -10.98 28.93 -43.28
C ASP A 92 -11.69 30.30 -43.18
N PHE A 93 -11.49 30.98 -42.04
CA PHE A 93 -12.29 32.14 -41.62
C PHE A 93 -11.80 33.45 -42.27
N SER A 94 -12.51 34.56 -41.91
CA SER A 94 -12.35 35.88 -42.55
C SER A 94 -10.92 36.43 -42.42
N GLU A 95 -10.47 37.09 -43.50
CA GLU A 95 -9.18 37.79 -43.53
C GLU A 95 -9.13 38.94 -42.50
N PHE A 96 -10.30 39.53 -42.17
CA PHE A 96 -10.44 40.48 -41.02
C PHE A 96 -9.88 39.85 -39.74
N PHE A 97 -10.40 38.66 -39.40
CA PHE A 97 -9.97 37.89 -38.22
C PHE A 97 -8.44 37.62 -38.32
N GLN A 98 -8.00 37.25 -39.52
CA GLN A 98 -6.59 36.94 -39.80
C GLN A 98 -5.69 38.20 -39.79
N GLU A 99 -6.32 39.40 -39.79
CA GLU A 99 -5.60 40.69 -39.60
C GLU A 99 -5.49 41.07 -38.11
N LEU A 100 -6.64 41.16 -37.41
CA LEU A 100 -6.73 41.63 -36.01
C LEU A 100 -6.00 40.68 -35.06
N PHE A 101 -6.19 39.38 -35.27
CA PHE A 101 -5.54 38.34 -34.47
C PHE A 101 -4.24 37.86 -35.17
N GLY A 102 -3.98 38.39 -36.39
CA GLY A 102 -2.80 38.08 -37.20
C GLY A 102 -1.47 38.04 -36.41
N PRO A 103 -1.07 39.19 -35.73
CA PRO A 103 0.20 39.29 -34.93
C PRO A 103 0.53 38.09 -34.02
N GLY A 104 -0.49 37.30 -33.61
CA GLY A 104 -0.24 36.14 -32.75
C GLY A 104 -1.25 35.03 -32.96
N LEU A 105 -1.68 34.83 -34.22
CA LEU A 105 -2.55 33.68 -34.60
C LEU A 105 -1.95 32.31 -34.17
N PHE A 106 -2.21 31.97 -32.88
CA PHE A 106 -1.85 30.70 -32.18
C PHE A 106 -0.69 29.90 -32.89
N GLY A 107 -1.00 28.73 -33.49
CA GLY A 107 -0.01 27.89 -34.17
C GLY A 107 1.13 27.44 -33.27
N GLY A 108 0.93 27.55 -31.93
CA GLY A 108 1.98 27.41 -30.95
C GLY A 108 3.02 28.52 -31.08
N PHE A 109 4.14 28.21 -31.75
CA PHE A 109 5.23 29.15 -32.05
C PHE A 109 5.65 29.02 -33.53
N GLY A 110 4.86 28.23 -34.29
CA GLY A 110 5.07 28.02 -35.71
C GLY A 110 4.79 29.26 -36.55
N ARG A 111 3.83 30.10 -36.06
CA ARG A 111 3.45 31.40 -36.67
C ARG A 111 2.60 31.25 -37.96
N ARG A 112 2.80 30.16 -38.73
CA ARG A 112 2.00 29.86 -39.95
C ARG A 112 0.53 29.50 -39.55
N SER A 113 0.32 29.30 -38.23
CA SER A 113 -1.01 29.08 -37.64
C SER A 113 -1.54 27.70 -38.08
N ARG A 114 -0.78 26.63 -37.76
CA ARG A 114 -1.08 25.27 -38.23
C ARG A 114 -1.32 24.31 -37.06
N LYS A 115 -1.83 23.11 -37.41
CA LYS A 115 -2.45 22.15 -36.49
C LYS A 115 -1.44 21.56 -35.48
N GLY A 116 -1.84 21.56 -34.19
CA GLY A 116 -1.01 21.09 -33.09
C GLY A 116 -0.93 19.56 -32.95
N ARG A 117 -0.48 19.09 -31.77
CA ARG A 117 -0.34 17.65 -31.42
C ARG A 117 -1.35 17.24 -30.29
N ASP A 118 -2.09 16.14 -30.50
CA ASP A 118 -3.03 15.59 -29.49
C ASP A 118 -2.34 15.37 -28.12
N LEU A 119 -2.87 16.05 -27.10
CA LEU A 119 -2.25 16.15 -25.76
C LEU A 119 -3.28 15.78 -24.66
N ARG A 120 -2.78 15.37 -23.48
CA ARG A 120 -3.60 15.15 -22.27
C ARG A 120 -3.24 16.23 -21.24
N ALA A 121 -4.24 16.65 -20.44
CA ALA A 121 -4.03 17.64 -19.36
C ALA A 121 -4.60 17.11 -18.05
N GLU A 122 -4.07 17.69 -16.98
CA GLU A 122 -4.43 17.38 -15.59
C GLU A 122 -5.13 18.62 -15.06
N LEU A 123 -6.46 18.55 -14.86
CA LEU A 123 -7.26 19.72 -14.45
C LEU A 123 -7.47 19.63 -12.94
N PRO A 124 -6.64 20.34 -12.09
CA PRO A 124 -6.78 20.23 -10.64
C PRO A 124 -7.94 21.10 -10.17
N LEU A 125 -9.04 20.46 -9.78
CA LEU A 125 -10.33 21.15 -9.57
C LEU A 125 -10.67 21.21 -8.10
N THR A 126 -11.05 22.43 -7.65
CA THR A 126 -11.48 22.70 -6.29
C THR A 126 -12.77 21.88 -6.00
N LEU A 127 -12.71 21.06 -4.91
CA LEU A 127 -13.75 20.05 -4.57
C LEU A 127 -15.18 20.65 -4.54
N GLU A 128 -15.26 21.84 -3.93
CA GLU A 128 -16.51 22.60 -3.77
C GLU A 128 -17.09 22.95 -5.15
N GLU A 129 -16.21 23.22 -6.12
CA GLU A 129 -16.58 23.57 -7.50
C GLU A 129 -16.87 22.32 -8.34
N ALA A 130 -16.35 21.16 -7.89
CA ALA A 130 -16.75 19.86 -8.46
C ALA A 130 -18.22 19.57 -8.12
N PHE A 131 -18.63 20.01 -6.92
CA PHE A 131 -20.04 19.95 -6.46
C PHE A 131 -20.92 21.03 -7.16
N HIS A 132 -20.43 22.30 -7.19
CA HIS A 132 -21.22 23.47 -7.66
C HIS A 132 -21.37 23.48 -9.19
N GLY A 133 -20.28 23.12 -9.89
CA GLY A 133 -20.26 23.11 -11.36
C GLY A 133 -20.20 24.51 -11.98
N GLY A 134 -20.76 24.65 -13.19
CA GLY A 134 -20.75 25.93 -13.93
C GLY A 134 -19.48 26.12 -14.75
N GLU A 135 -19.26 27.35 -15.26
CA GLU A 135 -18.04 27.71 -16.00
C GLU A 135 -16.87 27.91 -15.03
N ARG A 136 -15.83 27.08 -15.19
CA ARG A 136 -14.60 27.16 -14.39
C ARG A 136 -13.56 28.01 -15.13
N VAL A 137 -13.12 29.11 -14.50
CA VAL A 137 -11.97 29.90 -14.92
C VAL A 137 -10.68 29.14 -14.53
N VAL A 138 -9.97 28.66 -15.55
CA VAL A 138 -8.71 27.93 -15.41
C VAL A 138 -7.72 28.47 -16.46
N GLU A 139 -6.45 28.66 -16.05
CA GLU A 139 -5.44 29.36 -16.88
C GLU A 139 -4.21 28.48 -17.10
N VAL A 140 -3.64 28.56 -18.31
CA VAL A 140 -2.41 27.85 -18.71
C VAL A 140 -1.93 28.41 -20.08
N ALA A 141 -0.61 28.65 -20.22
CA ALA A 141 0.04 29.06 -21.48
C ALA A 141 -0.60 30.34 -22.08
N GLY A 142 -1.07 31.25 -21.19
CA GLY A 142 -1.72 32.51 -21.59
C GLY A 142 -3.23 32.35 -21.80
N ARG A 143 -3.66 31.12 -22.10
CA ARG A 143 -5.06 30.76 -22.32
C ARG A 143 -5.84 30.74 -20.98
N ARG A 144 -6.56 31.83 -20.72
CA ARG A 144 -7.59 31.89 -19.68
C ARG A 144 -8.90 31.33 -20.27
N VAL A 145 -9.09 30.02 -20.08
CA VAL A 145 -10.23 29.27 -20.64
C VAL A 145 -11.34 29.11 -19.59
N SER A 146 -12.59 29.18 -20.05
CA SER A 146 -13.78 29.00 -19.21
C SER A 146 -14.38 27.61 -19.51
N VAL A 147 -13.86 26.56 -18.85
CA VAL A 147 -14.30 25.17 -19.09
C VAL A 147 -15.58 24.86 -18.27
N ARG A 148 -16.68 24.60 -18.98
CA ARG A 148 -17.97 24.32 -18.35
C ARG A 148 -17.94 22.90 -17.76
N ILE A 149 -17.80 22.83 -16.43
CA ILE A 149 -17.83 21.57 -15.67
C ILE A 149 -19.26 21.31 -15.14
N PRO A 150 -19.77 20.03 -15.19
CA PRO A 150 -21.10 19.69 -14.64
C PRO A 150 -21.11 19.69 -13.09
N PRO A 151 -22.20 20.19 -12.44
CA PRO A 151 -22.43 20.00 -10.98
C PRO A 151 -22.48 18.49 -10.60
N GLY A 152 -21.31 17.95 -10.22
CA GLY A 152 -21.15 16.53 -9.91
C GLY A 152 -20.04 15.88 -10.72
N VAL A 153 -18.99 16.66 -11.07
CA VAL A 153 -17.85 16.19 -11.89
C VAL A 153 -16.78 15.53 -11.01
N ARG A 154 -16.23 14.39 -11.47
CA ARG A 154 -15.46 13.44 -10.64
C ARG A 154 -14.10 13.13 -11.28
N GLU A 155 -13.12 12.80 -10.43
CA GLU A 155 -11.73 12.44 -10.83
C GLU A 155 -11.75 11.31 -11.88
N GLY A 156 -11.25 11.61 -13.08
CA GLY A 156 -11.28 10.67 -14.22
C GLY A 156 -12.30 11.05 -15.30
N SER A 157 -13.00 12.19 -15.11
CA SER A 157 -13.89 12.75 -16.15
C SER A 157 -13.03 13.45 -17.21
N VAL A 158 -12.89 12.77 -18.35
CA VAL A 158 -12.08 13.23 -19.50
C VAL A 158 -12.95 14.13 -20.40
N ILE A 159 -12.92 15.44 -20.15
CA ILE A 159 -13.56 16.45 -21.00
C ILE A 159 -12.71 16.64 -22.29
N ARG A 160 -13.09 15.96 -23.38
CA ARG A 160 -12.36 16.06 -24.65
C ARG A 160 -12.70 17.41 -25.33
N VAL A 161 -11.75 18.34 -25.24
CA VAL A 161 -11.88 19.68 -25.82
C VAL A 161 -10.81 19.88 -26.92
N PRO A 162 -11.23 20.20 -28.17
CA PRO A 162 -10.29 20.52 -29.27
C PRO A 162 -9.47 21.82 -29.02
N GLY A 163 -8.23 21.86 -29.55
CA GLY A 163 -7.43 23.09 -29.65
C GLY A 163 -6.66 23.52 -28.40
N MET A 164 -7.13 23.11 -27.21
CA MET A 164 -6.49 23.46 -25.93
C MET A 164 -5.19 22.66 -25.70
N GLY A 165 -5.07 21.51 -26.38
CA GLY A 165 -3.95 20.59 -26.21
C GLY A 165 -2.71 21.02 -26.96
N GLY A 166 -2.39 20.30 -28.06
CA GLY A 166 -1.39 20.76 -29.00
C GLY A 166 -1.63 22.15 -29.48
N GLN A 167 -0.73 23.03 -28.97
CA GLN A 167 -0.67 24.44 -29.29
C GLN A 167 -0.57 24.60 -30.81
N GLY A 168 -1.71 24.99 -31.36
CA GLY A 168 -1.92 25.04 -32.78
C GLY A 168 -3.24 25.68 -33.05
N ASN A 169 -3.35 26.46 -34.12
CA ASN A 169 -4.53 27.28 -34.39
C ASN A 169 -5.71 26.36 -34.84
N PRO A 170 -5.51 25.45 -35.84
CA PRO A 170 -6.36 24.24 -35.96
C PRO A 170 -5.98 23.27 -34.79
N PRO A 171 -6.94 22.44 -34.29
CA PRO A 171 -6.82 21.77 -32.96
C PRO A 171 -5.75 20.67 -32.85
N GLY A 172 -4.79 20.78 -31.88
CA GLY A 172 -4.03 19.59 -31.49
C GLY A 172 -4.96 18.52 -30.89
N ASP A 173 -5.82 19.02 -29.97
CA ASP A 173 -6.89 18.31 -29.21
C ASP A 173 -6.38 18.04 -27.82
N LEU A 174 -7.31 18.05 -26.84
CA LEU A 174 -6.96 17.90 -25.43
C LEU A 174 -7.92 16.96 -24.73
N LEU A 175 -7.35 16.12 -23.87
CA LEU A 175 -8.10 15.25 -22.97
C LEU A 175 -7.99 15.83 -21.55
N LEU A 176 -8.95 16.72 -21.18
CA LEU A 176 -9.02 17.28 -19.81
C LEU A 176 -9.41 16.18 -18.82
N VAL A 177 -8.43 15.45 -18.28
CA VAL A 177 -8.69 14.48 -17.24
C VAL A 177 -8.69 15.24 -15.93
N VAL A 178 -9.90 15.47 -15.39
CA VAL A 178 -10.08 16.25 -14.19
C VAL A 178 -9.48 15.50 -12.99
N ARG A 179 -8.50 16.15 -12.37
CA ARG A 179 -7.83 15.68 -11.16
C ARG A 179 -8.37 16.47 -9.99
N LEU A 180 -9.15 15.86 -9.12
CA LEU A 180 -9.67 16.56 -7.94
C LEU A 180 -8.53 16.72 -6.90
N LEU A 181 -8.52 17.88 -6.19
CA LEU A 181 -7.39 18.32 -5.34
C LEU A 181 -6.97 17.24 -4.30
N PRO A 182 -5.68 17.25 -3.82
CA PRO A 182 -5.24 16.38 -2.68
C PRO A 182 -5.76 16.87 -1.30
N HIS A 183 -6.85 17.68 -1.34
CA HIS A 183 -7.66 18.08 -0.17
C HIS A 183 -8.28 16.79 0.44
N PRO A 184 -7.77 16.33 1.64
CA PRO A 184 -7.99 14.94 2.17
C PRO A 184 -9.40 14.63 2.73
N VAL A 185 -10.45 15.36 2.28
CA VAL A 185 -11.83 15.13 2.76
C VAL A 185 -12.58 14.23 1.78
N PHE A 186 -12.36 14.42 0.45
CA PHE A 186 -13.04 13.62 -0.58
C PHE A 186 -12.16 13.38 -1.80
N ARG A 187 -11.76 12.13 -1.98
CA ARG A 187 -11.22 11.61 -3.24
C ARG A 187 -12.42 11.03 -4.02
N LEU A 188 -13.13 11.91 -4.70
CA LEU A 188 -14.26 11.54 -5.55
C LEU A 188 -13.73 11.02 -6.89
N GLU A 189 -13.60 9.70 -7.01
CA GLU A 189 -13.00 9.03 -8.17
C GLU A 189 -14.03 8.10 -8.84
N GLY A 190 -14.16 8.24 -10.19
CA GLY A 190 -15.12 7.46 -10.98
C GLY A 190 -16.53 7.99 -10.84
N GLN A 191 -17.17 7.68 -9.70
CA GLN A 191 -18.48 8.23 -9.30
C GLN A 191 -18.64 8.24 -7.79
N ASP A 192 -17.67 7.65 -7.10
CA ASP A 192 -17.76 7.33 -5.68
C ASP A 192 -16.63 8.00 -4.88
N LEU A 193 -16.94 8.30 -3.62
CA LEU A 193 -16.12 9.11 -2.72
C LEU A 193 -15.16 8.24 -1.90
N TYR A 194 -14.01 8.81 -1.49
CA TYR A 194 -13.09 8.18 -0.51
C TYR A 194 -12.74 9.25 0.55
N ALA A 195 -13.37 9.14 1.73
CA ALA A 195 -13.26 10.13 2.83
C ALA A 195 -12.75 9.46 4.10
N THR A 196 -11.57 9.87 4.58
CA THR A 196 -10.94 9.28 5.77
C THR A 196 -11.70 9.70 7.05
N LEU A 197 -12.37 8.73 7.69
CA LEU A 197 -13.25 8.95 8.85
C LEU A 197 -12.53 8.63 10.17
N ASP A 198 -12.41 9.63 11.04
CA ASP A 198 -11.87 9.47 12.41
C ASP A 198 -13.02 8.96 13.33
N VAL A 199 -12.86 7.73 13.86
CA VAL A 199 -13.90 7.06 14.67
C VAL A 199 -13.24 6.25 15.81
N PRO A 200 -13.64 6.44 17.12
CA PRO A 200 -13.10 5.64 18.23
C PRO A 200 -13.64 4.20 18.22
N ALA A 201 -12.81 3.29 18.77
CA ALA A 201 -13.03 1.82 18.75
C ALA A 201 -14.47 1.33 19.07
N PRO A 202 -15.09 1.62 20.28
CA PRO A 202 -16.41 1.06 20.61
C PRO A 202 -17.57 1.72 19.84
N ILE A 203 -17.33 2.94 19.30
CA ILE A 203 -18.28 3.61 18.39
C ILE A 203 -18.23 2.94 17.01
N ALA A 204 -17.05 2.40 16.63
CA ALA A 204 -16.89 1.60 15.39
C ALA A 204 -17.56 0.21 15.53
N VAL A 205 -17.35 -0.42 16.69
CA VAL A 205 -17.81 -1.81 16.97
C VAL A 205 -19.34 -1.89 17.15
N VAL A 206 -19.91 -0.91 17.86
CA VAL A 206 -21.36 -0.88 18.14
C VAL A 206 -22.10 -0.06 17.08
N GLY A 207 -21.43 0.99 16.55
CA GLY A 207 -22.03 1.85 15.55
C GLY A 207 -22.75 3.02 16.17
N GLY A 208 -21.97 4.02 16.62
CA GLY A 208 -22.51 5.24 17.22
C GLY A 208 -22.63 6.36 16.20
N LYS A 209 -22.23 7.58 16.60
CA LYS A 209 -22.25 8.77 15.72
C LYS A 209 -20.90 9.49 15.77
N VAL A 210 -20.49 10.02 14.62
CA VAL A 210 -19.29 10.87 14.46
C VAL A 210 -19.62 12.09 13.58
N ARG A 211 -18.62 12.98 13.40
CA ARG A 211 -18.73 14.14 12.52
C ARG A 211 -17.82 13.95 11.30
N ALA A 212 -18.45 13.79 10.12
CA ALA A 212 -17.75 13.67 8.83
C ALA A 212 -17.89 14.99 8.07
N MET A 213 -16.76 15.56 7.63
CA MET A 213 -16.74 16.83 6.89
C MET A 213 -17.22 16.60 5.45
N THR A 214 -18.04 17.54 4.92
CA THR A 214 -18.44 17.56 3.50
C THR A 214 -17.94 18.85 2.83
N LEU A 215 -18.24 18.96 1.52
CA LEU A 215 -17.83 20.11 0.68
C LEU A 215 -18.53 21.41 1.10
N GLU A 216 -19.66 21.26 1.82
CA GLU A 216 -20.46 22.40 2.33
C GLU A 216 -20.35 22.53 3.86
N GLY A 217 -19.30 21.92 4.44
CA GLY A 217 -19.03 21.99 5.89
C GLY A 217 -19.24 20.66 6.61
N PRO A 218 -18.92 20.56 7.93
CA PRO A 218 -18.99 19.27 8.68
C PRO A 218 -20.44 18.88 9.06
N VAL A 219 -20.75 17.57 9.07
CA VAL A 219 -22.12 17.04 9.32
C VAL A 219 -22.08 15.78 10.21
N GLU A 220 -23.25 15.43 10.77
CA GLU A 220 -23.42 14.27 11.68
C GLU A 220 -23.80 13.01 10.88
N VAL A 221 -22.93 12.00 10.95
CA VAL A 221 -23.10 10.70 10.24
C VAL A 221 -22.91 9.55 11.26
N ALA A 222 -23.89 8.63 11.34
CA ALA A 222 -23.83 7.49 12.28
C ALA A 222 -23.11 6.29 11.64
N VAL A 223 -22.16 5.73 12.40
CA VAL A 223 -21.30 4.59 12.03
C VAL A 223 -22.13 3.25 12.05
N PRO A 224 -21.84 2.23 11.15
CA PRO A 224 -22.42 0.86 11.25
C PRO A 224 -21.69 0.01 12.33
N PRO A 225 -22.18 -1.22 12.69
CA PRO A 225 -21.49 -2.09 13.66
C PRO A 225 -20.31 -2.90 13.03
N ARG A 226 -19.30 -3.19 13.89
CA ARG A 226 -18.13 -4.04 13.59
C ARG A 226 -17.26 -3.44 12.47
N THR A 227 -17.27 -2.10 12.43
CA THR A 227 -16.51 -1.26 11.50
C THR A 227 -14.98 -1.45 11.72
N GLN A 228 -14.36 -2.18 10.78
CA GLN A 228 -12.92 -2.52 10.83
C GLN A 228 -12.08 -1.44 10.12
N ALA A 229 -10.91 -1.11 10.70
CA ALA A 229 -9.99 -0.08 10.16
C ALA A 229 -9.39 -0.51 8.82
N GLY A 230 -8.88 0.47 8.04
CA GLY A 230 -8.29 0.20 6.72
C GLY A 230 -9.36 0.07 5.64
N ARG A 231 -10.46 -0.63 5.98
CA ARG A 231 -11.62 -0.82 5.11
C ARG A 231 -12.34 0.50 4.87
N LYS A 232 -13.06 0.55 3.76
CA LYS A 232 -13.88 1.67 3.36
C LYS A 232 -15.37 1.29 3.56
N LEU A 233 -16.10 2.10 4.34
CA LEU A 233 -17.54 1.91 4.57
C LEU A 233 -18.29 2.34 3.31
N ARG A 234 -18.81 1.38 2.55
CA ARG A 234 -19.57 1.65 1.33
C ARG A 234 -21.07 1.84 1.66
N LEU A 235 -21.56 3.10 1.51
CA LEU A 235 -22.98 3.46 1.70
C LEU A 235 -23.54 4.05 0.39
N LYS A 236 -24.56 3.35 -0.17
CA LYS A 236 -25.27 3.73 -1.41
C LYS A 236 -25.95 5.12 -1.32
N GLY A 237 -26.07 5.77 -2.51
CA GLY A 237 -26.84 7.02 -2.65
C GLY A 237 -26.17 8.23 -1.99
N LYS A 238 -24.83 8.26 -2.03
CA LYS A 238 -24.04 9.33 -1.37
C LYS A 238 -23.00 9.92 -2.35
N GLY A 239 -22.40 9.05 -3.18
CA GLY A 239 -21.46 9.48 -4.23
C GLY A 239 -22.16 10.19 -5.37
N PHE A 240 -21.37 10.81 -6.24
CA PHE A 240 -21.85 11.79 -7.23
C PHE A 240 -22.31 11.09 -8.53
N PRO A 241 -23.20 11.76 -9.36
CA PRO A 241 -23.67 11.20 -10.66
C PRO A 241 -22.51 11.01 -11.65
N GLY A 242 -22.16 9.74 -11.90
CA GLY A 242 -21.08 9.36 -12.81
C GLY A 242 -21.55 8.45 -13.94
N PRO A 243 -20.66 7.54 -14.46
CA PRO A 243 -20.98 6.66 -15.63
C PRO A 243 -22.20 5.74 -15.37
N ALA A 244 -22.23 5.10 -14.19
CA ALA A 244 -23.35 4.24 -13.76
C ALA A 244 -24.43 5.05 -13.04
N GLY A 245 -24.06 6.25 -12.56
CA GLY A 245 -24.98 7.13 -11.82
C GLY A 245 -24.39 7.54 -10.48
N ARG A 246 -25.25 7.96 -9.54
CA ARG A 246 -24.85 8.35 -8.16
C ARG A 246 -24.12 7.18 -7.47
N GLY A 247 -22.80 7.33 -7.30
CA GLY A 247 -21.97 6.29 -6.66
C GLY A 247 -22.20 6.18 -5.16
N ASP A 248 -21.24 5.55 -4.49
CA ASP A 248 -21.27 5.36 -3.03
C ASP A 248 -20.33 6.34 -2.35
N LEU A 249 -20.45 6.43 -1.03
CA LEU A 249 -19.45 7.05 -0.16
C LEU A 249 -18.65 5.92 0.47
N TYR A 250 -17.32 6.01 0.37
CA TYR A 250 -16.41 5.07 1.03
C TYR A 250 -15.71 5.81 2.17
N LEU A 251 -16.14 5.53 3.41
CA LEU A 251 -15.58 6.16 4.61
C LEU A 251 -14.40 5.32 5.12
N GLU A 252 -13.18 5.81 4.86
CA GLU A 252 -11.93 5.08 5.10
C GLU A 252 -11.63 5.10 6.61
N VAL A 253 -11.96 3.98 7.25
CA VAL A 253 -11.99 3.84 8.70
C VAL A 253 -10.59 4.00 9.35
N ARG A 254 -10.48 5.00 10.23
CA ARG A 254 -9.33 5.20 11.12
C ARG A 254 -9.82 5.09 12.55
N ILE A 255 -9.70 3.87 13.10
CA ILE A 255 -10.05 3.58 14.50
C ILE A 255 -9.03 4.25 15.43
N THR A 256 -9.51 5.21 16.22
CA THR A 256 -8.70 5.94 17.20
C THR A 256 -9.12 5.56 18.63
N ILE A 257 -8.35 6.07 19.60
CA ILE A 257 -8.62 5.91 21.04
C ILE A 257 -8.44 7.29 21.74
N PRO A 258 -9.16 7.57 22.86
CA PRO A 258 -9.27 8.93 23.43
C PRO A 258 -8.13 9.29 24.40
N GLU A 259 -7.01 8.56 24.29
CA GLU A 259 -5.95 8.46 25.33
C GLU A 259 -6.53 8.39 26.76
N ARG A 260 -6.74 9.58 27.36
CA ARG A 260 -7.05 9.73 28.80
C ARG A 260 -8.47 9.20 29.13
N LEU A 261 -8.57 8.49 30.27
CA LEU A 261 -9.82 7.87 30.75
C LEU A 261 -10.09 8.27 32.20
N THR A 262 -11.27 7.87 32.69
CA THR A 262 -11.67 7.99 34.11
C THR A 262 -11.83 6.57 34.72
N PRO A 263 -11.71 6.42 36.10
CA PRO A 263 -11.76 5.11 36.84
C PRO A 263 -12.69 4.02 36.24
N GLU A 264 -13.93 4.43 35.86
CA GLU A 264 -14.94 3.54 35.27
C GLU A 264 -14.42 2.89 33.97
N GLU A 265 -14.10 3.76 32.98
CA GLU A 265 -13.61 3.36 31.65
C GLU A 265 -12.35 2.53 31.77
N GLU A 266 -11.41 3.04 32.60
CA GLU A 266 -10.08 2.43 32.80
C GLU A 266 -10.21 0.96 33.22
N ALA A 267 -11.04 0.72 34.26
CA ALA A 267 -11.28 -0.64 34.82
C ALA A 267 -11.91 -1.59 33.79
N LEU A 268 -12.96 -1.10 33.09
CA LEU A 268 -13.67 -1.88 32.04
C LEU A 268 -12.74 -2.23 30.87
N TRP A 269 -11.81 -1.31 30.54
CA TRP A 269 -10.81 -1.52 29.48
C TRP A 269 -9.70 -2.48 29.94
N LYS A 270 -9.39 -2.53 31.26
CA LYS A 270 -8.42 -3.52 31.82
C LYS A 270 -8.93 -4.93 31.50
N LYS A 271 -10.15 -5.19 32.05
CA LYS A 271 -10.84 -6.48 31.92
C LYS A 271 -10.99 -6.86 30.46
N LEU A 272 -11.48 -5.90 29.63
CA LEU A 272 -11.70 -6.11 28.20
C LEU A 272 -10.37 -6.51 27.56
N ALA A 273 -9.38 -5.62 27.53
CA ALA A 273 -8.12 -5.79 26.78
C ALA A 273 -7.40 -7.13 27.02
N GLU A 274 -7.20 -7.48 28.30
CA GLU A 274 -6.34 -8.65 28.64
C GLU A 274 -7.14 -9.98 28.69
N ALA A 275 -8.47 -9.91 28.93
CA ALA A 275 -9.34 -11.10 28.79
C ALA A 275 -9.65 -11.38 27.30
N TYR A 276 -9.81 -10.29 26.52
CA TYR A 276 -9.86 -10.27 25.03
C TYR A 276 -8.71 -11.08 24.47
N TYR A 277 -7.49 -10.68 24.88
CA TYR A 277 -6.22 -11.36 24.59
C TYR A 277 -6.40 -12.88 24.82
N ALA A 278 -6.62 -13.23 26.10
CA ALA A 278 -6.73 -14.63 26.55
C ALA A 278 -7.96 -15.39 25.97
N ARG A 279 -8.89 -14.67 25.31
CA ARG A 279 -10.14 -15.26 24.76
C ARG A 279 -10.35 -14.80 23.32
N ALA A 280 -9.22 -14.60 22.59
CA ALA A 280 -9.22 -14.20 21.16
C ALA A 280 -10.17 -15.08 20.28
N MET B 1 -11.96 24.80 -0.15
CA MET B 1 -12.43 26.04 0.52
C MET B 1 -13.21 26.89 -0.48
N LYS B 2 -14.08 27.77 0.05
CA LYS B 2 -14.84 28.76 -0.74
C LYS B 2 -13.88 29.88 -1.22
N GLN B 3 -13.48 29.78 -2.49
CA GLN B 3 -12.64 30.79 -3.17
C GLN B 3 -12.69 30.56 -4.68
N SER B 4 -12.64 29.26 -5.08
CA SER B 4 -12.77 28.81 -6.48
C SER B 4 -11.52 29.22 -7.31
N THR B 5 -11.58 28.99 -8.64
CA THR B 5 -10.49 29.27 -9.61
C THR B 5 -9.29 28.31 -9.44
N ILE B 6 -8.77 27.81 -10.58
CA ILE B 6 -7.68 26.82 -10.64
C ILE B 6 -6.76 27.13 -11.85
N ALA B 7 -5.67 26.36 -12.01
CA ALA B 7 -4.73 26.50 -13.15
C ALA B 7 -4.33 25.11 -13.70
N LEU B 8 -4.39 24.96 -15.03
CA LEU B 8 -4.23 23.66 -15.73
C LEU B 8 -2.74 23.29 -15.89
N ALA B 9 -2.46 21.98 -16.05
CA ALA B 9 -1.09 21.49 -16.29
C ALA B 9 -0.70 21.65 -17.79
N LEU B 10 -1.30 20.81 -18.67
CA LEU B 10 -0.86 20.57 -20.09
C LEU B 10 0.45 19.74 -20.17
N LEU B 11 1.10 19.50 -19.01
CA LEU B 11 2.40 18.80 -18.91
C LEU B 11 3.51 19.48 -19.77
N PRO B 12 3.81 20.81 -19.55
CA PRO B 12 4.85 21.54 -20.31
C PRO B 12 6.25 21.42 -19.65
N LEU B 13 6.40 22.02 -18.45
CA LEU B 13 7.65 21.96 -17.64
C LEU B 13 7.35 21.30 -16.30
N LEU B 14 6.20 21.67 -15.69
CA LEU B 14 5.74 21.16 -14.40
C LEU B 14 4.25 20.80 -14.45
N PHE B 15 3.69 20.37 -13.31
CA PHE B 15 2.28 19.97 -13.19
C PHE B 15 1.80 20.10 -11.72
N THR B 16 0.54 19.69 -11.47
CA THR B 16 -0.09 19.73 -10.14
C THR B 16 0.24 18.45 -9.33
N PRO B 17 0.49 18.56 -7.97
CA PRO B 17 0.81 17.39 -7.11
C PRO B 17 -0.44 16.61 -6.62
N VAL B 18 -1.42 16.39 -7.52
CA VAL B 18 -2.58 15.51 -7.24
C VAL B 18 -2.11 14.04 -7.30
N THR B 19 -2.05 13.41 -6.13
CA THR B 19 -1.50 12.03 -5.97
C THR B 19 -2.65 10.99 -5.84
N LYS B 20 -3.92 11.48 -5.91
CA LYS B 20 -5.14 10.68 -5.70
C LYS B 20 -5.25 10.19 -4.23
N ALA B 21 -4.54 9.09 -3.90
CA ALA B 21 -4.71 8.37 -2.63
C ALA B 21 -3.60 8.73 -1.62
N ARG B 22 -3.73 9.92 -1.03
CA ARG B 22 -2.98 10.30 0.19
C ARG B 22 -3.88 11.19 1.06
N THR B 23 -4.14 10.73 2.29
CA THR B 23 -5.02 11.41 3.24
C THR B 23 -4.36 11.41 4.65
N PRO B 24 -3.16 12.08 4.82
CA PRO B 24 -2.39 12.07 6.08
C PRO B 24 -2.85 13.19 7.05
N GLU B 25 -4.16 13.49 7.02
CA GLU B 25 -4.76 14.61 7.77
C GLU B 25 -5.28 14.14 9.15
N MET B 26 -4.63 13.09 9.69
CA MET B 26 -4.95 12.54 11.03
C MET B 26 -4.29 13.42 12.13
N PRO B 27 -4.83 13.42 13.41
CA PRO B 27 -4.30 14.27 14.51
C PRO B 27 -2.97 13.76 15.14
N VAL B 28 -1.90 13.67 14.29
CA VAL B 28 -0.50 13.37 14.67
C VAL B 28 -0.30 11.92 15.20
N LEU B 29 -0.98 11.58 16.32
CA LEU B 29 -1.08 10.22 16.91
C LEU B 29 0.19 9.83 17.69
N GLU B 30 1.37 9.90 17.03
CA GLU B 30 2.68 9.66 17.69
C GLU B 30 2.87 10.65 18.85
N ASN B 31 3.04 11.94 18.53
CA ASN B 31 3.30 12.99 19.54
C ASN B 31 2.03 13.28 20.38
N ARG B 32 0.84 12.89 19.84
CA ARG B 32 -0.46 13.01 20.55
C ARG B 32 -0.46 12.19 21.87
N ALA B 33 0.28 11.05 21.87
CA ALA B 33 0.58 10.30 23.11
C ALA B 33 2.08 10.48 23.46
N ALA B 34 2.96 9.59 22.92
CA ALA B 34 4.44 9.63 23.08
C ALA B 34 4.90 9.56 24.55
N GLN B 35 4.00 9.16 25.46
CA GLN B 35 4.23 9.26 26.91
C GLN B 35 3.85 7.94 27.61
N GLY B 36 4.65 7.55 28.61
CA GLY B 36 4.39 6.39 29.44
C GLY B 36 5.44 6.25 30.52
N ASP B 37 5.51 7.28 31.41
CA ASP B 37 6.45 7.34 32.56
C ASP B 37 7.92 7.49 32.08
N ILE B 38 8.86 7.70 33.04
CA ILE B 38 10.31 7.73 32.76
C ILE B 38 10.86 6.32 32.41
N THR B 39 10.08 5.28 32.79
CA THR B 39 10.45 3.85 32.73
C THR B 39 11.67 3.51 33.63
N ALA B 40 12.87 4.01 33.26
CA ALA B 40 14.12 3.89 34.08
C ALA B 40 14.72 2.44 34.05
N PRO B 41 16.04 2.25 34.43
CA PRO B 41 16.66 0.90 34.47
C PRO B 41 16.19 0.04 35.68
N GLY B 42 16.07 -1.30 35.46
CA GLY B 42 15.65 -2.23 36.49
C GLY B 42 15.56 -3.67 35.99
N GLY B 43 14.48 -3.97 35.22
CA GLY B 43 14.21 -5.33 34.73
C GLY B 43 12.90 -5.42 33.97
N ALA B 44 12.41 -6.66 33.70
CA ALA B 44 11.22 -6.89 32.85
C ALA B 44 10.34 -8.02 33.38
N ARG B 45 9.20 -8.27 32.67
CA ARG B 45 8.28 -9.38 32.95
C ARG B 45 8.96 -10.72 32.60
N ARG B 46 9.84 -11.17 33.53
CA ARG B 46 10.64 -12.39 33.38
C ARG B 46 9.72 -13.61 33.32
N LEU B 47 9.59 -14.21 32.11
CA LEU B 47 8.77 -15.42 31.86
C LEU B 47 7.32 -15.26 32.38
N THR B 48 6.82 -14.02 32.30
CA THR B 48 5.45 -13.65 32.71
C THR B 48 4.77 -12.89 31.54
N GLY B 49 4.35 -13.67 30.52
CA GLY B 49 3.56 -13.14 29.40
C GLY B 49 2.18 -12.71 29.87
N ASP B 50 1.58 -13.60 30.67
CA ASP B 50 0.40 -13.33 31.50
C ASP B 50 0.28 -14.53 32.44
N GLN B 51 0.65 -14.33 33.73
CA GLN B 51 0.88 -15.42 34.73
C GLN B 51 2.14 -16.24 34.35
N THR B 52 2.00 -17.05 33.28
CA THR B 52 3.10 -17.86 32.72
C THR B 52 3.71 -17.17 31.49
N ALA B 53 4.88 -17.66 31.05
CA ALA B 53 5.48 -17.28 29.75
C ALA B 53 4.58 -17.78 28.62
N ALA B 54 4.08 -16.86 27.78
CA ALA B 54 3.10 -17.18 26.70
C ALA B 54 1.82 -17.84 27.27
N LEU B 55 1.07 -18.54 26.41
CA LEU B 55 -0.04 -19.41 26.82
C LEU B 55 -0.14 -20.58 25.81
N ARG B 56 -0.83 -20.33 24.68
CA ARG B 56 -1.14 -21.35 23.69
C ARG B 56 -1.60 -20.66 22.40
N ASP B 57 -0.70 -20.69 21.39
CA ASP B 57 -0.83 -19.96 20.11
C ASP B 57 -2.23 -20.13 19.49
N SER B 58 -2.53 -21.35 18.99
CA SER B 58 -3.88 -21.80 18.54
C SER B 58 -4.37 -21.18 17.20
N LEU B 59 -4.02 -19.90 16.95
CA LEU B 59 -4.43 -19.14 15.76
C LEU B 59 -3.81 -19.74 14.49
N SER B 60 -2.58 -20.32 14.65
CA SER B 60 -1.86 -21.11 13.62
C SER B 60 -1.35 -20.21 12.48
N ASP B 61 -2.26 -19.73 11.65
CA ASP B 61 -1.99 -18.96 10.43
C ASP B 61 -2.25 -17.45 10.69
N LYS B 62 -1.23 -16.60 10.40
CA LYS B 62 -1.34 -15.12 10.54
C LYS B 62 -0.99 -14.45 9.19
N PRO B 63 -1.93 -14.43 8.18
CA PRO B 63 -1.68 -13.81 6.86
C PRO B 63 -2.16 -12.34 6.78
N ALA B 64 -2.77 -11.86 7.90
CA ALA B 64 -3.59 -10.64 7.94
C ALA B 64 -4.83 -10.79 7.04
N LYS B 65 -5.93 -11.30 7.64
CA LYS B 65 -7.22 -11.54 6.94
C LYS B 65 -8.10 -10.26 6.98
N ASN B 66 -7.42 -9.11 7.00
CA ASN B 66 -8.01 -7.79 7.27
C ASN B 66 -8.43 -7.09 5.94
N ILE B 67 -8.11 -7.78 4.81
CA ILE B 67 -8.47 -7.37 3.42
C ILE B 67 -7.58 -6.22 2.90
N ILE B 68 -7.76 -5.01 3.48
CA ILE B 68 -7.02 -3.80 3.06
C ILE B 68 -6.54 -3.02 4.30
N LEU B 69 -5.25 -2.65 4.29
CA LEU B 69 -4.54 -2.01 5.42
C LEU B 69 -3.98 -0.65 4.99
N LEU B 70 -3.22 0.00 5.91
CA LEU B 70 -2.57 1.31 5.66
C LEU B 70 -3.60 2.37 5.19
N ILE B 71 -3.19 3.28 4.26
CA ILE B 71 -3.99 4.36 3.63
C ILE B 71 -4.67 5.31 4.67
N GLY B 72 -4.08 6.53 4.79
CA GLY B 72 -4.49 7.52 5.79
C GLY B 72 -3.35 7.90 6.73
N ASP B 73 -2.25 7.10 6.67
CA ASP B 73 -1.09 7.22 7.58
C ASP B 73 -0.35 8.56 7.41
N GLY B 74 0.24 9.04 8.51
CA GLY B 74 1.00 10.28 8.53
C GLY B 74 0.46 11.24 9.58
N MET B 75 0.90 12.51 9.50
CA MET B 75 0.54 13.55 10.46
C MET B 75 0.24 14.85 9.69
N GLY B 76 -0.90 15.46 10.01
CA GLY B 76 -1.36 16.69 9.34
C GLY B 76 -2.13 17.56 10.30
N ASP B 77 -3.24 17.00 10.81
CA ASP B 77 -4.09 17.66 11.81
C ASP B 77 -3.41 17.67 13.19
N SER B 78 -3.81 18.62 14.05
CA SER B 78 -3.40 18.67 15.46
C SER B 78 -4.63 18.97 16.32
N GLU B 79 -5.43 17.90 16.57
CA GLU B 79 -6.62 17.88 17.47
C GLU B 79 -7.86 18.61 16.90
N ILE B 80 -7.70 19.34 15.76
CA ILE B 80 -8.78 20.20 15.18
C ILE B 80 -9.90 19.33 14.56
N THR B 81 -9.56 18.09 14.17
CA THR B 81 -10.55 17.10 13.69
C THR B 81 -11.14 16.33 14.89
N ALA B 82 -10.25 15.86 15.79
CA ALA B 82 -10.60 14.93 16.87
C ALA B 82 -11.38 15.65 18.01
N ALA B 83 -10.65 16.19 19.01
CA ALA B 83 -11.24 16.70 20.28
C ALA B 83 -11.39 18.23 20.24
N ARG B 84 -12.01 18.73 19.16
CA ARG B 84 -12.09 20.17 18.87
C ARG B 84 -13.16 20.93 19.70
N ASN B 85 -13.75 20.27 20.72
CA ASN B 85 -14.81 20.88 21.57
C ASN B 85 -15.08 20.02 22.81
N TYR B 86 -15.21 18.70 22.60
CA TYR B 86 -15.60 17.75 23.66
C TYR B 86 -14.39 17.24 24.45
N ALA B 87 -14.66 16.74 25.67
CA ALA B 87 -13.66 16.05 26.51
C ALA B 87 -13.63 14.57 26.14
N GLU B 88 -12.42 14.04 25.91
CA GLU B 88 -12.22 12.62 25.60
C GLU B 88 -12.20 11.78 26.89
N GLY B 89 -13.41 11.55 27.43
CA GLY B 89 -13.61 10.74 28.62
C GLY B 89 -15.07 10.84 29.08
N ALA B 90 -15.66 9.68 29.46
CA ALA B 90 -17.07 9.59 29.94
C ALA B 90 -17.30 10.48 31.17
N GLY B 91 -16.37 10.38 32.15
CA GLY B 91 -16.41 11.20 33.36
C GLY B 91 -15.49 12.41 33.26
N GLY B 92 -15.30 12.95 32.03
CA GLY B 92 -14.43 14.11 31.80
C GLY B 92 -15.18 15.44 31.87
N PHE B 93 -16.30 15.44 32.62
CA PHE B 93 -17.22 16.58 32.75
C PHE B 93 -17.40 16.92 34.24
N PHE B 94 -16.98 18.13 34.66
CA PHE B 94 -17.19 18.60 36.06
C PHE B 94 -18.67 18.96 36.29
N LYS B 95 -19.02 19.22 37.57
CA LYS B 95 -20.43 19.39 38.02
C LYS B 95 -21.10 20.66 37.43
N GLY B 96 -20.34 21.49 36.71
CA GLY B 96 -20.90 22.55 35.88
C GLY B 96 -21.39 22.00 34.55
N ILE B 97 -20.48 21.96 33.57
CA ILE B 97 -20.71 21.35 32.23
C ILE B 97 -19.32 21.13 31.56
N ASP B 98 -18.27 21.13 32.40
CA ASP B 98 -16.88 21.36 31.97
C ASP B 98 -16.29 20.16 31.20
N ALA B 99 -16.61 20.12 29.90
CA ALA B 99 -15.94 19.28 28.92
C ALA B 99 -14.66 19.98 28.49
N LEU B 100 -13.50 19.45 28.93
CA LEU B 100 -12.18 20.02 28.63
C LEU B 100 -11.87 19.89 27.12
N PRO B 101 -11.90 21.02 26.33
CA PRO B 101 -11.66 20.99 24.89
C PRO B 101 -10.15 21.00 24.56
N LEU B 102 -9.62 19.83 24.17
CA LEU B 102 -8.19 19.66 23.80
C LEU B 102 -7.83 20.65 22.68
N THR B 103 -8.76 20.75 21.70
CA THR B 103 -8.78 21.76 20.61
C THR B 103 -7.56 21.67 19.67
N GLY B 104 -6.38 22.05 20.19
CA GLY B 104 -5.12 21.94 19.47
C GLY B 104 -3.98 21.53 20.38
N GLN B 105 -4.04 22.03 21.64
CA GLN B 105 -3.04 21.86 22.73
C GLN B 105 -1.56 21.98 22.26
N TYR B 106 -1.03 20.95 21.59
CA TYR B 106 0.37 20.91 21.10
C TYR B 106 0.48 21.48 19.65
N THR B 107 -0.35 22.48 19.33
CA THR B 107 -0.30 23.15 18.01
C THR B 107 0.99 23.99 17.88
N HIS B 108 1.91 23.48 17.04
CA HIS B 108 3.19 24.11 16.71
C HIS B 108 3.66 23.62 15.33
N TYR B 109 2.84 23.95 14.28
CA TYR B 109 3.02 23.48 12.89
C TYR B 109 2.73 21.96 12.80
N ALA B 110 3.75 21.12 13.15
CA ALA B 110 3.63 19.64 13.29
C ALA B 110 3.47 18.87 11.96
N LEU B 111 2.65 19.39 11.03
CA LEU B 111 2.19 18.67 9.83
C LEU B 111 3.36 18.31 8.87
N ASN B 112 3.37 17.04 8.44
CA ASN B 112 4.30 16.51 7.44
C ASN B 112 3.53 15.52 6.56
N LYS B 113 2.97 16.06 5.48
CA LYS B 113 2.10 15.37 4.51
C LYS B 113 2.51 15.80 3.10
N LYS B 114 3.83 16.00 2.94
CA LYS B 114 4.49 16.62 1.75
C LYS B 114 4.11 15.87 0.46
N THR B 115 4.56 14.62 0.39
CA THR B 115 4.34 13.69 -0.74
C THR B 115 4.35 12.25 -0.22
N GLY B 116 3.86 11.32 -1.03
CA GLY B 116 3.76 9.90 -0.67
C GLY B 116 2.37 9.36 -0.95
N LYS B 117 2.26 8.03 -1.00
CA LYS B 117 1.00 7.33 -1.27
C LYS B 117 1.17 5.84 -0.92
N PRO B 118 0.34 5.26 0.01
CA PRO B 118 0.21 3.80 0.18
C PRO B 118 -0.51 3.21 -1.05
N ASP B 119 0.27 3.04 -2.14
CA ASP B 119 -0.23 2.60 -3.45
C ASP B 119 -0.69 1.14 -3.37
N TYR B 120 0.17 0.33 -2.76
CA TYR B 120 -0.08 -1.09 -2.53
C TYR B 120 -1.18 -1.35 -1.48
N VAL B 121 -1.39 -0.34 -0.58
CA VAL B 121 -2.45 -0.36 0.47
C VAL B 121 -2.24 -1.52 1.49
N THR B 122 -2.64 -2.74 1.08
CA THR B 122 -2.61 -3.95 1.93
C THR B 122 -1.19 -4.37 2.33
N ASP B 123 -0.35 -4.68 1.31
CA ASP B 123 0.95 -5.37 1.48
C ASP B 123 0.78 -6.73 2.21
N SER B 124 0.83 -6.70 3.57
CA SER B 124 0.67 -7.89 4.44
C SER B 124 1.69 -9.01 4.07
N ALA B 125 1.38 -10.28 4.45
CA ALA B 125 2.14 -11.46 3.99
C ALA B 125 1.34 -12.72 4.35
N ALA B 126 1.01 -13.53 3.33
CA ALA B 126 0.31 -14.81 3.49
C ALA B 126 1.18 -15.81 4.29
N SER B 127 0.51 -16.56 5.20
CA SER B 127 1.15 -17.55 6.11
C SER B 127 2.12 -16.85 7.11
N ALA B 128 2.94 -17.65 7.83
CA ALA B 128 3.95 -17.13 8.77
C ALA B 128 5.25 -17.94 8.62
N THR B 129 6.40 -17.29 8.88
CA THR B 129 7.73 -17.92 8.78
C THR B 129 7.97 -18.85 9.99
N ALA B 130 7.43 -20.08 9.88
CA ALA B 130 7.57 -21.17 10.85
C ALA B 130 7.12 -20.74 12.28
N TRP B 131 7.73 -21.37 13.33
CA TRP B 131 7.41 -21.11 14.75
C TRP B 131 5.91 -21.39 15.03
N SER B 132 5.20 -20.44 15.71
CA SER B 132 3.78 -20.57 16.10
C SER B 132 3.55 -21.80 17.02
N THR B 133 4.67 -22.34 17.57
CA THR B 133 4.75 -23.60 18.36
C THR B 133 3.99 -24.80 17.73
N GLY B 134 3.71 -24.70 16.40
CA GLY B 134 2.91 -25.69 15.67
C GLY B 134 1.54 -25.96 16.31
N VAL B 135 0.93 -24.90 16.92
CA VAL B 135 -0.36 -24.94 17.68
C VAL B 135 -0.16 -25.56 19.10
N LYS B 136 0.56 -26.70 19.16
CA LYS B 136 0.91 -27.42 20.40
C LYS B 136 2.01 -26.66 21.16
N THR B 137 1.59 -25.73 22.03
CA THR B 137 2.49 -24.76 22.68
C THR B 137 3.18 -25.38 23.91
N TYR B 138 4.53 -25.42 23.86
CA TYR B 138 5.43 -25.99 24.90
C TYR B 138 5.45 -27.53 24.91
N ASN B 139 4.24 -28.13 24.98
CA ASN B 139 4.03 -29.60 25.08
C ASN B 139 4.38 -30.12 26.50
N GLY B 140 5.64 -29.87 26.94
CA GLY B 140 6.05 -30.10 28.32
C GLY B 140 5.30 -29.21 29.30
N ALA B 141 5.63 -27.89 29.26
CA ALA B 141 4.97 -26.82 30.07
C ALA B 141 5.35 -26.88 31.56
N LEU B 142 5.02 -28.01 32.22
CA LEU B 142 5.35 -28.28 33.63
C LEU B 142 6.88 -28.37 33.80
N GLY B 143 7.46 -27.37 34.47
CA GLY B 143 8.90 -27.29 34.68
C GLY B 143 9.31 -25.88 35.08
N VAL B 144 10.14 -25.78 36.15
CA VAL B 144 10.62 -24.50 36.72
C VAL B 144 9.41 -23.62 37.15
N ASP B 145 8.37 -24.30 37.66
CA ASP B 145 7.10 -23.70 38.10
C ASP B 145 7.33 -22.81 39.33
N ILE B 146 8.23 -23.27 40.21
CA ILE B 146 8.66 -22.55 41.42
C ILE B 146 9.67 -21.45 41.02
N HIS B 147 9.34 -20.18 41.35
CA HIS B 147 10.20 -18.99 41.07
C HIS B 147 10.50 -18.82 39.55
N GLU B 148 11.54 -18.00 39.25
CA GLU B 148 12.07 -17.77 37.87
C GLU B 148 11.07 -16.94 37.03
N LYS B 149 10.21 -16.19 37.74
CA LYS B 149 9.26 -15.25 37.17
C LYS B 149 8.90 -14.23 38.27
N ASP B 150 8.12 -14.69 39.28
CA ASP B 150 7.92 -13.96 40.56
C ASP B 150 7.16 -12.63 40.41
N HIS B 151 6.40 -12.49 39.29
CA HIS B 151 5.60 -11.28 38.92
C HIS B 151 6.37 -9.95 39.19
N PRO B 152 7.55 -9.75 38.52
CA PRO B 152 8.56 -8.75 38.96
C PRO B 152 8.30 -7.35 38.39
N THR B 153 7.09 -7.15 37.82
CA THR B 153 6.69 -5.93 37.10
C THR B 153 7.62 -5.73 35.86
N ILE B 154 7.79 -4.50 35.36
CA ILE B 154 8.67 -4.17 34.23
C ILE B 154 8.97 -2.66 34.28
N LEU B 155 10.16 -2.28 33.81
CA LEU B 155 10.56 -0.86 33.65
C LEU B 155 11.70 -0.71 32.63
N GLU B 156 12.47 -1.80 32.41
CA GLU B 156 13.63 -1.81 31.48
C GLU B 156 13.45 -2.92 30.41
N MET B 157 12.89 -2.52 29.22
CA MET B 157 12.72 -3.35 27.97
C MET B 157 12.53 -4.87 28.23
N ALA B 158 13.66 -5.58 28.31
CA ALA B 158 13.75 -7.01 28.59
C ALA B 158 14.97 -7.28 29.51
N LYS B 159 15.73 -6.20 29.81
CA LYS B 159 17.02 -6.22 30.51
C LYS B 159 18.06 -7.12 29.81
N ALA B 160 18.00 -8.44 30.08
CA ALA B 160 18.97 -9.43 29.59
C ALA B 160 18.29 -10.57 28.79
N ALA B 161 16.98 -10.43 28.54
CA ALA B 161 16.18 -11.42 27.80
C ALA B 161 16.22 -11.13 26.28
N GLY B 162 16.74 -12.08 25.49
CA GLY B 162 16.79 -11.96 24.02
C GLY B 162 17.99 -11.12 23.55
N LEU B 163 17.77 -9.80 23.41
CA LEU B 163 18.74 -8.81 22.85
C LEU B 163 19.01 -9.07 21.34
N ALA B 164 19.74 -10.17 21.03
CA ALA B 164 20.11 -10.52 19.66
C ALA B 164 18.86 -10.88 18.80
N THR B 165 18.16 -11.97 19.20
CA THR B 165 16.96 -12.46 18.46
C THR B 165 15.84 -12.86 19.46
N GLY B 166 16.04 -13.97 20.18
CA GLY B 166 15.03 -14.46 21.13
C GLY B 166 15.32 -15.91 21.51
N ASN B 167 16.36 -16.09 22.36
CA ASN B 167 16.84 -17.40 22.87
C ASN B 167 17.61 -18.17 21.77
N VAL B 168 16.90 -18.56 20.69
CA VAL B 168 17.46 -19.30 19.54
C VAL B 168 16.69 -18.94 18.25
N SER B 169 17.43 -18.74 17.14
CA SER B 169 16.85 -18.42 15.82
C SER B 169 16.43 -19.72 15.12
N THR B 170 15.17 -20.12 15.36
CA THR B 170 14.58 -21.34 14.81
C THR B 170 14.02 -21.05 13.39
N ALA B 171 14.94 -20.91 12.41
CA ALA B 171 14.60 -20.41 11.05
C ALA B 171 14.95 -21.42 9.95
N GLU B 172 16.19 -21.94 9.97
CA GLU B 172 16.76 -22.75 8.87
C GLU B 172 16.32 -24.24 8.94
N LEU B 173 15.20 -24.50 9.63
CA LEU B 173 14.52 -25.81 9.62
C LEU B 173 13.85 -26.05 8.24
N GLN B 174 13.56 -24.93 7.55
CA GLN B 174 13.06 -24.91 6.17
C GLN B 174 13.88 -23.90 5.35
N ASP B 175 13.88 -24.05 4.02
CA ASP B 175 14.48 -23.06 3.09
C ASP B 175 13.38 -22.17 2.50
N ALA B 176 13.80 -21.06 1.89
CA ALA B 176 12.91 -20.16 1.14
C ALA B 176 13.41 -20.06 -0.31
N THR B 177 12.49 -19.84 -1.25
CA THR B 177 12.80 -19.76 -2.68
C THR B 177 11.92 -18.66 -3.34
N PRO B 178 12.50 -17.47 -3.71
CA PRO B 178 11.77 -16.42 -4.47
C PRO B 178 11.42 -16.90 -5.90
N ALA B 179 12.42 -17.54 -6.54
CA ALA B 179 12.31 -18.05 -7.92
C ALA B 179 13.53 -18.95 -8.16
N ALA B 180 14.70 -18.30 -8.27
CA ALA B 180 16.02 -18.90 -8.23
C ALA B 180 16.84 -17.99 -7.31
N LEU B 181 17.01 -16.74 -7.77
CA LEU B 181 17.35 -15.59 -6.90
C LEU B 181 16.81 -14.26 -7.52
N VAL B 182 16.26 -14.31 -8.77
CA VAL B 182 15.79 -13.13 -9.54
C VAL B 182 14.44 -13.38 -10.24
N ALA B 183 13.94 -12.33 -10.93
CA ALA B 183 12.87 -12.44 -11.93
C ALA B 183 13.11 -11.45 -13.10
N HIS B 184 14.31 -11.58 -13.71
CA HIS B 184 14.62 -11.02 -15.07
C HIS B 184 14.73 -9.46 -15.14
N VAL B 185 14.77 -8.91 -16.39
CA VAL B 185 15.18 -7.52 -16.72
C VAL B 185 14.06 -6.47 -16.47
N THR B 186 14.48 -5.24 -16.07
CA THR B 186 13.63 -4.02 -16.03
C THR B 186 14.33 -2.89 -16.85
N SER B 187 13.64 -1.76 -17.00
CA SER B 187 14.19 -0.53 -17.61
C SER B 187 14.33 0.59 -16.58
N ARG B 188 13.64 0.45 -15.42
CA ARG B 188 13.52 1.53 -14.41
C ARG B 188 14.50 1.30 -13.24
N LYS B 189 14.74 2.40 -12.48
CA LYS B 189 15.53 2.44 -11.22
C LYS B 189 17.04 2.20 -11.45
N CYS B 190 17.86 3.20 -11.04
CA CYS B 190 19.32 3.15 -11.16
C CYS B 190 19.97 4.01 -10.05
N TYR B 191 20.59 3.30 -9.08
CA TYR B 191 21.23 3.87 -7.87
C TYR B 191 22.41 2.94 -7.49
N GLY B 192 22.94 3.11 -6.26
CA GLY B 192 23.93 2.18 -5.69
C GLY B 192 23.87 2.10 -4.16
N PRO B 193 22.72 1.66 -3.54
CA PRO B 193 22.61 1.47 -2.08
C PRO B 193 22.88 -0.01 -1.69
N SER B 194 24.16 -0.30 -1.39
CA SER B 194 24.64 -1.65 -1.03
C SER B 194 25.44 -1.57 0.27
N ALA B 195 25.28 -2.59 1.14
CA ALA B 195 25.92 -2.64 2.46
C ALA B 195 26.19 -4.11 2.88
N THR B 196 27.18 -4.30 3.80
CA THR B 196 27.61 -5.63 4.33
C THR B 196 28.41 -6.44 3.28
N SER B 197 29.19 -7.44 3.74
CA SER B 197 29.97 -8.33 2.87
C SER B 197 29.51 -9.78 3.09
N GLU B 198 29.81 -10.31 4.31
CA GLU B 198 29.52 -11.71 4.68
C GLU B 198 29.74 -11.88 6.20
N LYS B 199 30.95 -11.54 6.68
CA LYS B 199 31.35 -11.66 8.08
C LYS B 199 31.08 -10.33 8.80
N CYS B 200 29.86 -10.21 9.35
CA CYS B 200 29.43 -9.07 10.16
C CYS B 200 28.15 -9.45 10.92
N PRO B 201 28.28 -10.17 12.10
CA PRO B 201 27.11 -10.63 12.87
C PRO B 201 26.39 -9.49 13.64
N GLY B 202 27.18 -8.56 14.23
CA GLY B 202 26.64 -7.51 15.09
C GLY B 202 26.13 -8.07 16.41
N ASN B 203 27.05 -8.73 17.14
CA ASN B 203 26.74 -9.45 18.40
C ASN B 203 26.41 -8.47 19.53
N ALA B 204 27.26 -7.46 19.71
CA ALA B 204 27.03 -6.39 20.71
C ALA B 204 25.84 -5.51 20.27
N LEU B 205 24.83 -5.40 21.14
CA LEU B 205 23.60 -4.66 20.85
C LEU B 205 23.15 -3.92 22.11
N GLU B 206 22.85 -2.62 21.95
CA GLU B 206 22.41 -1.74 23.05
C GLU B 206 20.93 -2.03 23.35
N LYS B 207 20.66 -2.51 24.58
CA LYS B 207 19.30 -2.84 25.05
C LYS B 207 18.40 -1.59 25.11
N GLY B 208 19.02 -0.41 25.34
CA GLY B 208 18.32 0.88 25.31
C GLY B 208 18.63 1.72 26.55
N GLY B 209 19.61 2.65 26.40
CA GLY B 209 19.99 3.57 27.47
C GLY B 209 18.90 4.58 27.84
N LYS B 210 17.92 4.77 26.92
CA LYS B 210 16.67 5.56 27.10
C LYS B 210 16.87 7.01 27.63
N GLY B 211 17.16 7.18 28.93
CA GLY B 211 17.23 8.50 29.57
C GLY B 211 18.40 9.35 29.05
N SER B 212 18.08 10.23 28.07
CA SER B 212 19.03 11.15 27.39
C SER B 212 19.85 10.45 26.28
N ILE B 213 19.74 9.11 26.18
CA ILE B 213 20.35 8.34 25.08
C ILE B 213 19.31 8.29 23.93
N THR B 214 19.34 9.32 23.08
CA THR B 214 18.45 9.46 21.91
C THR B 214 19.29 9.82 20.67
N GLU B 215 19.86 8.80 20.02
CA GLU B 215 20.69 8.97 18.80
C GLU B 215 20.11 8.07 17.69
N GLN B 216 20.19 8.58 16.43
CA GLN B 216 19.59 7.98 15.21
C GLN B 216 18.04 8.07 15.26
N LEU B 217 17.46 8.54 14.12
CA LEU B 217 16.00 8.75 13.94
C LEU B 217 15.49 9.80 14.96
N LEU B 218 16.27 10.90 15.07
CA LEU B 218 16.01 12.03 15.96
C LEU B 218 14.64 12.69 15.63
N ASN B 219 13.77 12.80 16.67
CA ASN B 219 12.37 13.34 16.54
C ASN B 219 11.49 12.46 15.62
N ALA B 220 11.86 11.16 15.48
CA ALA B 220 11.13 10.14 14.69
C ALA B 220 11.08 10.49 13.17
N ARG B 221 11.92 11.47 12.74
CA ARG B 221 12.07 11.97 11.34
C ARG B 221 10.76 12.32 10.57
N ALA B 222 9.58 12.29 11.24
CA ALA B 222 8.24 12.56 10.64
C ALA B 222 7.94 11.62 9.44
N ASP B 223 7.28 10.48 9.73
CA ASP B 223 6.86 9.50 8.72
C ASP B 223 5.51 9.91 8.10
N VAL B 224 5.28 9.45 6.85
CA VAL B 224 4.08 9.75 6.04
C VAL B 224 4.12 8.92 4.73
N THR B 225 5.33 8.74 4.20
CA THR B 225 5.59 8.13 2.90
C THR B 225 5.38 6.60 2.91
N LEU B 226 4.51 6.12 2.00
CA LEU B 226 4.39 4.68 1.61
C LEU B 226 3.76 3.81 2.73
N GLY B 227 4.53 3.50 3.80
CA GLY B 227 4.10 2.58 4.86
C GLY B 227 4.42 1.14 4.51
N GLY B 228 3.45 0.23 4.71
CA GLY B 228 3.53 -1.15 4.22
C GLY B 228 3.70 -2.19 5.33
N GLY B 229 2.83 -3.22 5.29
CA GLY B 229 2.92 -4.37 6.20
C GLY B 229 1.62 -4.63 6.96
N ALA B 230 1.50 -5.87 7.51
CA ALA B 230 0.37 -6.30 8.37
C ALA B 230 0.52 -7.78 8.71
N LYS B 231 0.08 -8.15 9.95
CA LYS B 231 0.09 -9.55 10.44
C LYS B 231 -1.11 -9.73 11.42
N THR B 232 -1.04 -10.74 12.30
CA THR B 232 -2.06 -10.97 13.36
C THR B 232 -1.37 -11.48 14.66
N PHE B 233 -2.02 -11.27 15.83
CA PHE B 233 -1.39 -11.45 17.16
C PHE B 233 -1.50 -12.90 17.72
N ALA B 234 -0.55 -13.25 18.63
CA ALA B 234 -0.54 -14.51 19.43
C ALA B 234 0.64 -14.48 20.45
N GLU B 235 0.62 -15.42 21.42
CA GLU B 235 1.52 -15.40 22.61
C GLU B 235 2.98 -15.86 22.30
N THR B 236 3.94 -15.16 22.93
CA THR B 236 5.40 -15.48 22.91
C THR B 236 6.00 -15.00 24.29
N ALA B 237 7.30 -14.60 24.37
CA ALA B 237 7.92 -14.12 25.64
C ALA B 237 9.13 -13.19 25.39
N THR B 238 9.11 -12.41 24.28
CA THR B 238 10.24 -11.53 23.87
C THR B 238 9.72 -10.25 23.18
N ALA B 239 10.18 -9.04 23.64
CA ALA B 239 9.82 -7.75 23.00
C ALA B 239 10.64 -6.54 23.55
N GLY B 240 10.32 -5.35 22.99
CA GLY B 240 10.95 -4.06 23.36
C GLY B 240 9.94 -3.11 24.00
N GLU B 241 10.08 -1.79 23.70
CA GLU B 241 9.16 -0.75 24.19
C GLU B 241 9.40 0.57 23.42
N TRP B 242 8.36 1.40 23.41
CA TRP B 242 8.27 2.65 22.62
C TRP B 242 7.66 3.74 23.51
N GLN B 243 6.73 3.33 24.37
CA GLN B 243 6.36 4.06 25.60
C GLN B 243 6.55 3.06 26.76
N GLY B 244 6.15 3.44 27.98
CA GLY B 244 6.17 2.52 29.12
C GLY B 244 5.08 1.49 29.05
N LYS B 245 5.43 0.24 28.67
CA LYS B 245 4.49 -0.91 28.67
C LYS B 245 4.43 -1.57 30.07
N THR B 246 4.41 -0.71 31.10
CA THR B 246 4.50 -1.07 32.51
C THR B 246 3.08 -1.21 33.11
N LEU B 247 2.27 -2.08 32.46
CA LEU B 247 0.86 -2.28 32.81
C LEU B 247 0.53 -3.78 32.60
N ARG B 248 -0.26 -4.32 33.54
CA ARG B 248 -0.84 -5.67 33.46
C ARG B 248 -2.01 -5.73 34.45
N GLU B 249 -3.05 -6.54 34.13
CA GLU B 249 -4.25 -6.69 34.98
C GLU B 249 -4.86 -8.10 34.78
N GLN B 250 -5.57 -8.59 35.81
CA GLN B 250 -6.27 -9.89 35.79
C GLN B 250 -7.55 -9.88 36.69
N ALA B 251 -7.51 -9.14 37.83
CA ALA B 251 -8.52 -9.35 38.91
C ALA B 251 -8.69 -8.13 39.87
N GLN B 252 -8.64 -6.91 39.30
CA GLN B 252 -8.88 -5.65 40.07
C GLN B 252 -10.34 -5.59 40.52
N ALA B 253 -11.25 -5.87 39.57
CA ALA B 253 -12.66 -6.11 39.86
C ALA B 253 -12.82 -7.55 40.39
N ARG B 254 -12.44 -7.73 41.67
CA ARG B 254 -12.33 -9.04 42.32
C ARG B 254 -13.68 -9.51 42.90
N GLY B 255 -14.71 -8.63 42.81
CA GLY B 255 -16.06 -8.95 43.25
C GLY B 255 -16.64 -10.14 42.49
N TYR B 256 -16.75 -9.99 41.15
CA TYR B 256 -17.25 -11.02 40.19
C TYR B 256 -18.78 -11.25 40.29
N GLN B 257 -19.26 -11.49 41.52
CA GLN B 257 -20.68 -11.68 41.81
C GLN B 257 -21.50 -10.43 41.45
N LEU B 258 -22.14 -10.47 40.27
CA LEU B 258 -23.03 -9.40 39.76
C LEU B 258 -24.50 -9.76 40.10
N VAL B 259 -24.68 -10.62 41.15
CA VAL B 259 -25.98 -11.21 41.62
C VAL B 259 -26.79 -11.86 40.47
N SER B 260 -26.08 -12.22 39.40
CA SER B 260 -26.64 -12.86 38.19
C SER B 260 -25.87 -14.17 37.95
N ASP B 261 -26.63 -15.26 37.74
CA ASP B 261 -26.11 -16.64 37.55
C ASP B 261 -25.47 -17.18 38.85
N ALA B 262 -24.27 -16.69 39.20
CA ALA B 262 -23.49 -17.13 40.39
C ALA B 262 -24.27 -16.95 41.72
N ALA B 263 -25.38 -16.19 41.68
CA ALA B 263 -26.30 -16.00 42.81
C ALA B 263 -26.90 -17.34 43.31
N SER B 264 -27.11 -18.31 42.39
CA SER B 264 -27.72 -19.62 42.72
C SER B 264 -27.36 -20.71 41.68
N LEU B 265 -27.40 -20.35 40.38
CA LEU B 265 -27.16 -21.29 39.26
C LEU B 265 -25.67 -21.69 39.17
N ASN B 266 -24.78 -20.66 39.24
CA ASN B 266 -23.29 -20.80 39.33
C ASN B 266 -22.69 -21.44 38.07
N SER B 267 -21.92 -20.63 37.29
CA SER B 267 -21.21 -21.05 36.06
C SER B 267 -22.16 -21.70 35.01
N VAL B 268 -23.45 -21.32 35.11
CA VAL B 268 -24.56 -21.84 34.27
C VAL B 268 -24.62 -23.38 34.26
N THR B 269 -23.78 -24.00 33.40
CA THR B 269 -23.72 -25.45 33.18
C THR B 269 -25.10 -25.97 32.73
N GLU B 270 -25.58 -25.44 31.58
CA GLU B 270 -26.91 -25.78 31.04
C GLU B 270 -26.79 -27.09 30.22
N ALA B 271 -26.69 -28.22 30.96
CA ALA B 271 -26.47 -29.58 30.41
C ALA B 271 -25.07 -29.71 29.73
N ASN B 272 -24.93 -29.12 28.53
CA ASN B 272 -23.65 -29.05 27.78
C ASN B 272 -23.34 -27.57 27.44
N GLN B 273 -24.40 -26.78 27.24
CA GLN B 273 -24.33 -25.39 26.80
C GLN B 273 -23.83 -24.46 27.93
N GLN B 274 -22.71 -23.75 27.65
CA GLN B 274 -22.12 -22.70 28.52
C GLN B 274 -21.75 -23.24 29.92
N LYS B 275 -20.45 -23.48 30.14
CA LYS B 275 -19.92 -23.95 31.43
C LYS B 275 -18.43 -23.52 31.59
N PRO B 276 -18.18 -22.35 32.28
CA PRO B 276 -16.82 -21.94 32.72
C PRO B 276 -16.09 -23.08 33.48
N LEU B 277 -16.61 -23.41 34.69
CA LEU B 277 -16.12 -24.51 35.55
C LEU B 277 -14.58 -24.47 35.77
N LEU B 278 -14.16 -23.76 36.84
CA LEU B 278 -12.73 -23.51 37.14
C LEU B 278 -12.00 -24.73 37.74
N GLY B 279 -12.66 -25.91 37.80
CA GLY B 279 -12.07 -27.14 38.34
C GLY B 279 -11.32 -27.95 37.29
N LEU B 280 -10.48 -27.25 36.49
CA LEU B 280 -9.73 -27.83 35.36
C LEU B 280 -10.72 -28.39 34.30
N PHE B 281 -11.11 -29.68 34.49
CA PHE B 281 -11.97 -30.45 33.57
C PHE B 281 -11.37 -30.54 32.13
N ALA B 282 -11.49 -29.45 31.36
CA ALA B 282 -11.05 -29.36 29.95
C ALA B 282 -11.81 -30.39 29.08
N ASP B 283 -11.19 -31.55 28.80
CA ASP B 283 -11.76 -32.59 27.91
C ASP B 283 -13.00 -33.23 28.57
N GLY B 284 -14.20 -32.76 28.16
CA GLY B 284 -15.49 -33.20 28.73
C GLY B 284 -16.42 -32.01 28.97
N ASN B 285 -15.83 -30.89 29.43
CA ASN B 285 -16.56 -29.61 29.69
C ASN B 285 -16.07 -28.49 28.75
N MET B 286 -15.32 -28.92 27.73
CA MET B 286 -14.72 -28.08 26.68
C MET B 286 -14.37 -29.05 25.52
N PRO B 287 -14.60 -28.67 24.21
CA PRO B 287 -14.29 -29.53 23.02
C PRO B 287 -12.96 -30.31 23.12
N VAL B 288 -11.92 -29.61 23.65
CA VAL B 288 -10.63 -30.19 24.06
C VAL B 288 -10.04 -29.30 25.19
N ARG B 289 -9.33 -28.23 24.80
CA ARG B 289 -8.84 -27.15 25.68
C ARG B 289 -8.54 -25.95 24.77
N TRP B 290 -8.22 -26.25 23.49
CA TRP B 290 -8.30 -25.29 22.38
C TRP B 290 -9.77 -24.86 22.15
N LEU B 291 -9.92 -23.78 21.37
CA LEU B 291 -11.22 -23.22 20.91
C LEU B 291 -12.21 -24.29 20.40
N GLY B 292 -11.66 -25.37 19.81
CA GLY B 292 -12.46 -26.49 19.33
C GLY B 292 -11.63 -27.46 18.48
N PRO B 293 -12.27 -28.20 17.54
CA PRO B 293 -11.56 -29.06 16.54
C PRO B 293 -10.78 -28.26 15.46
N LYS B 294 -10.72 -26.93 15.62
CA LYS B 294 -9.92 -26.04 14.76
C LYS B 294 -8.41 -26.30 15.01
N ALA B 295 -7.77 -26.97 14.04
CA ALA B 295 -6.29 -27.09 13.95
C ALA B 295 -5.80 -26.47 12.62
N THR B 296 -6.67 -25.64 12.02
CA THR B 296 -6.47 -25.10 10.66
C THR B 296 -5.33 -24.06 10.60
N TYR B 297 -4.23 -24.46 9.94
CA TYR B 297 -3.15 -23.56 9.50
C TYR B 297 -3.24 -23.41 7.97
N HIS B 298 -2.64 -22.33 7.43
CA HIS B 298 -2.75 -21.93 6.01
C HIS B 298 -4.21 -21.54 5.66
N GLY B 299 -4.43 -20.26 5.34
CA GLY B 299 -5.74 -19.76 4.94
C GLY B 299 -6.27 -20.42 3.65
N ASN B 300 -7.09 -21.46 3.84
CA ASN B 300 -7.71 -22.24 2.75
C ASN B 300 -8.79 -21.43 2.02
N ILE B 301 -9.43 -20.50 2.77
CA ILE B 301 -10.45 -19.57 2.22
C ILE B 301 -9.78 -18.29 1.65
N ASP B 302 -8.55 -18.02 2.11
CA ASP B 302 -7.72 -16.87 1.65
C ASP B 302 -7.17 -17.15 0.25
N LYS B 303 -6.94 -18.45 -0.06
CA LYS B 303 -6.36 -18.90 -1.34
C LYS B 303 -7.28 -18.52 -2.55
N PRO B 304 -8.63 -18.77 -2.51
CA PRO B 304 -9.58 -18.07 -3.42
C PRO B 304 -9.91 -16.64 -2.90
N ALA B 305 -10.48 -15.81 -3.79
CA ALA B 305 -10.92 -14.42 -3.50
C ALA B 305 -9.75 -13.45 -3.19
N VAL B 306 -9.21 -13.55 -1.97
CA VAL B 306 -8.22 -12.59 -1.42
C VAL B 306 -6.92 -12.57 -2.25
N THR B 307 -6.27 -13.74 -2.38
CA THR B 307 -4.98 -13.86 -3.10
C THR B 307 -5.19 -14.12 -4.60
N CYS B 308 -6.45 -14.11 -5.07
CA CYS B 308 -6.77 -14.15 -6.51
C CYS B 308 -6.54 -12.76 -7.13
N THR B 309 -6.99 -11.73 -6.39
CA THR B 309 -6.78 -10.33 -6.73
C THR B 309 -5.39 -9.87 -6.22
N PRO B 310 -4.66 -8.98 -6.96
CA PRO B 310 -3.34 -8.46 -6.52
C PRO B 310 -3.45 -7.62 -5.23
N ASN B 311 -2.39 -7.70 -4.39
CA ASN B 311 -2.31 -7.00 -3.07
C ASN B 311 -2.48 -5.46 -3.21
N PRO B 312 -1.90 -4.77 -4.28
CA PRO B 312 -2.29 -3.37 -4.63
C PRO B 312 -3.71 -3.29 -5.24
N GLN B 313 -4.74 -3.61 -4.42
CA GLN B 313 -6.15 -3.47 -4.82
C GLN B 313 -6.49 -1.99 -5.00
N ARG B 314 -5.91 -1.16 -4.09
CA ARG B 314 -6.10 0.32 -4.04
C ARG B 314 -7.54 0.68 -3.64
N ASN B 315 -8.45 0.53 -4.60
CA ASN B 315 -9.86 0.96 -4.50
C ASN B 315 -10.66 0.30 -5.63
N ASP B 316 -11.90 0.79 -5.89
CA ASP B 316 -12.85 0.21 -6.90
C ASP B 316 -13.39 -1.16 -6.47
N SER B 317 -14.55 -1.54 -7.06
CA SER B 317 -15.18 -2.86 -6.87
C SER B 317 -16.01 -3.21 -8.11
N VAL B 318 -15.91 -4.48 -8.55
CA VAL B 318 -16.66 -5.03 -9.70
C VAL B 318 -17.67 -6.09 -9.22
N PRO B 319 -18.86 -6.24 -9.91
CA PRO B 319 -19.83 -7.32 -9.60
C PRO B 319 -19.27 -8.70 -10.01
N THR B 320 -19.65 -9.75 -9.25
CA THR B 320 -19.21 -11.16 -9.47
C THR B 320 -17.70 -11.34 -9.12
N LEU B 321 -17.12 -10.34 -8.40
CA LEU B 321 -15.72 -10.38 -7.94
C LEU B 321 -15.50 -11.62 -7.04
N ALA B 322 -14.67 -12.56 -7.54
CA ALA B 322 -14.35 -13.85 -6.90
C ALA B 322 -15.50 -14.88 -7.06
N GLN B 323 -16.65 -14.60 -6.41
CA GLN B 323 -17.84 -15.49 -6.40
C GLN B 323 -17.46 -16.85 -5.74
N MET B 324 -16.66 -16.76 -4.65
CA MET B 324 -16.06 -17.91 -3.90
C MET B 324 -14.83 -18.51 -4.64
N THR B 325 -14.83 -18.45 -6.00
CA THR B 325 -13.75 -18.95 -6.87
C THR B 325 -13.61 -20.50 -6.73
N ASP B 326 -14.76 -21.17 -6.44
CA ASP B 326 -14.87 -22.63 -6.25
C ASP B 326 -14.10 -23.11 -5.00
N LYS B 327 -14.10 -24.46 -4.80
CA LYS B 327 -13.47 -25.16 -3.65
C LYS B 327 -14.16 -24.83 -2.31
N ALA B 328 -13.89 -25.72 -1.32
CA ALA B 328 -14.44 -25.68 0.05
C ALA B 328 -15.93 -26.08 0.07
N ILE B 329 -16.81 -25.24 -0.56
CA ILE B 329 -18.29 -25.46 -0.65
C ILE B 329 -18.94 -25.52 0.76
N GLU B 330 -19.77 -24.49 1.05
CA GLU B 330 -20.60 -24.38 2.28
C GLU B 330 -19.75 -24.07 3.54
N LEU B 331 -18.90 -25.04 3.94
CA LEU B 331 -18.10 -24.99 5.18
C LEU B 331 -17.11 -23.81 5.17
N LEU B 332 -16.36 -23.70 4.06
CA LEU B 332 -15.37 -22.62 3.80
C LEU B 332 -14.21 -22.61 4.83
N SER B 333 -14.48 -22.12 6.04
CA SER B 333 -13.50 -22.07 7.16
C SER B 333 -13.80 -23.25 8.13
N LYS B 334 -13.72 -24.50 7.58
CA LYS B 334 -14.06 -25.78 8.29
C LYS B 334 -15.58 -25.89 8.58
N ASN B 335 -16.07 -27.12 8.88
CA ASN B 335 -17.43 -27.32 9.43
C ASN B 335 -17.51 -26.62 10.79
N GLU B 336 -17.94 -25.36 10.75
CA GLU B 336 -18.14 -24.54 11.95
C GLU B 336 -19.38 -25.06 12.70
N LYS B 337 -20.48 -25.22 11.93
CA LYS B 337 -21.82 -25.62 12.40
C LYS B 337 -22.39 -24.55 13.36
N GLY B 338 -21.82 -24.49 14.57
CA GLY B 338 -22.09 -23.44 15.54
C GLY B 338 -20.80 -22.77 16.01
N PHE B 339 -20.97 -21.61 16.69
CA PHE B 339 -19.86 -20.77 17.22
C PHE B 339 -19.04 -20.13 16.07
N PHE B 340 -19.13 -18.78 15.98
CA PHE B 340 -18.45 -17.93 14.96
C PHE B 340 -16.93 -18.22 14.84
N LEU B 341 -16.57 -19.11 13.87
CA LEU B 341 -15.17 -19.57 13.60
C LEU B 341 -14.52 -20.28 14.82
N GLN B 342 -15.34 -20.56 15.88
CA GLN B 342 -14.92 -21.12 17.19
C GLN B 342 -13.93 -20.18 17.93
N VAL B 343 -14.12 -20.00 19.26
CA VAL B 343 -13.40 -18.95 20.03
C VAL B 343 -12.84 -19.52 21.35
N GLU B 344 -11.69 -18.99 21.80
CA GLU B 344 -11.03 -19.39 23.05
C GLU B 344 -11.86 -18.98 24.29
N GLY B 345 -12.77 -18.00 24.10
CA GLY B 345 -13.68 -17.55 25.15
C GLY B 345 -14.90 -18.42 25.37
N ALA B 346 -14.79 -19.72 25.02
CA ALA B 346 -15.83 -20.73 25.29
C ALA B 346 -15.76 -21.21 26.76
N SER B 347 -14.60 -20.99 27.41
CA SER B 347 -14.39 -21.24 28.85
C SER B 347 -13.78 -19.99 29.50
N ILE B 348 -14.38 -19.54 30.63
CA ILE B 348 -13.87 -18.41 31.42
C ILE B 348 -12.67 -18.91 32.28
N ASP B 349 -11.46 -18.82 31.67
CA ASP B 349 -10.16 -19.18 32.28
C ASP B 349 -9.97 -20.72 32.41
N LYS B 350 -10.83 -21.34 33.29
CA LYS B 350 -10.90 -22.80 33.54
C LYS B 350 -9.65 -23.25 34.35
N GLN B 351 -8.53 -23.33 33.64
CA GLN B 351 -7.21 -23.69 34.18
C GLN B 351 -6.13 -23.56 33.09
N ASP B 352 -6.58 -23.58 31.82
CA ASP B 352 -5.71 -23.42 30.65
C ASP B 352 -5.43 -21.91 30.40
N HIS B 353 -4.90 -21.26 31.46
CA HIS B 353 -4.52 -19.83 31.50
C HIS B 353 -4.11 -19.46 32.93
N ALA B 354 -4.98 -19.85 33.90
CA ALA B 354 -4.70 -19.79 35.36
C ALA B 354 -4.48 -18.33 35.86
N ALA B 355 -5.26 -17.39 35.29
CA ALA B 355 -5.28 -15.98 35.73
C ALA B 355 -6.37 -15.73 36.78
N ASN B 356 -7.13 -16.80 37.13
CA ASN B 356 -8.11 -16.77 38.23
C ASN B 356 -7.41 -16.45 39.60
N PRO B 357 -6.23 -17.10 39.97
CA PRO B 357 -5.42 -16.64 41.12
C PRO B 357 -4.76 -15.26 40.84
N CYS B 358 -5.17 -14.24 41.62
CA CYS B 358 -4.64 -12.87 41.50
C CYS B 358 -3.27 -12.75 42.18
N GLY B 359 -2.38 -11.92 41.60
CA GLY B 359 -0.98 -11.85 42.04
C GLY B 359 -0.43 -10.41 42.08
N GLN B 360 -1.14 -9.53 42.81
CA GLN B 360 -0.78 -8.09 43.06
C GLN B 360 -0.91 -7.21 41.79
N ILE B 361 -0.09 -7.53 40.77
CA ILE B 361 0.06 -6.74 39.53
C ILE B 361 -1.29 -6.59 38.81
N GLY B 362 -1.82 -5.37 38.86
CA GLY B 362 -3.12 -5.00 38.31
C GLY B 362 -4.14 -4.71 39.38
N GLU B 363 -4.31 -5.69 40.27
CA GLU B 363 -5.32 -5.68 41.33
C GLU B 363 -5.03 -4.61 42.39
N THR B 364 -3.95 -4.82 43.17
CA THR B 364 -3.58 -3.97 44.31
C THR B 364 -2.29 -3.17 44.00
N VAL B 365 -2.40 -2.22 43.05
CA VAL B 365 -1.31 -1.28 42.71
C VAL B 365 -1.88 -0.04 41.95
N ASP B 366 -2.30 0.96 42.76
CA ASP B 366 -2.83 2.29 42.31
C ASP B 366 -4.30 2.22 41.80
N LEU B 367 -4.70 1.03 41.31
CA LEU B 367 -6.06 0.70 40.89
C LEU B 367 -6.45 1.43 39.58
N ASP B 368 -7.15 2.57 39.69
CA ASP B 368 -7.89 3.15 38.53
C ASP B 368 -8.09 4.67 38.61
N GLU B 369 -7.61 5.30 39.71
CA GLU B 369 -7.88 6.72 40.02
C GLU B 369 -7.49 7.67 38.86
N ALA B 370 -6.20 7.71 38.51
CA ALA B 370 -5.68 8.55 37.41
C ALA B 370 -4.22 8.18 37.09
N VAL B 371 -3.70 8.72 35.98
CA VAL B 371 -2.29 8.60 35.59
C VAL B 371 -1.62 9.98 35.74
N GLN B 372 -0.55 10.06 36.58
CA GLN B 372 0.34 11.24 36.75
C GLN B 372 -0.27 12.31 37.73
N ARG B 373 -1.62 12.46 37.74
CA ARG B 373 -2.39 13.32 38.71
C ARG B 373 -2.41 14.83 38.32
N ALA B 374 -1.22 15.42 38.12
CA ALA B 374 -1.07 16.87 37.87
C ALA B 374 -1.29 17.19 36.37
N LEU B 375 -2.55 17.05 35.92
CA LEU B 375 -2.96 17.35 34.53
C LEU B 375 -3.96 18.52 34.53
N GLU B 376 -3.46 19.72 34.20
CA GLU B 376 -4.32 20.89 34.01
C GLU B 376 -4.09 21.45 32.59
N PHE B 377 -4.93 20.99 31.66
CA PHE B 377 -4.91 21.40 30.24
C PHE B 377 -6.34 21.73 29.80
N ALA B 378 -6.45 22.47 28.67
CA ALA B 378 -7.74 22.83 28.03
C ALA B 378 -8.57 23.82 28.89
N LYS B 379 -7.93 24.48 29.88
CA LYS B 379 -8.58 25.38 30.84
C LYS B 379 -8.87 26.75 30.17
N LYS B 380 -10.05 26.83 29.49
CA LYS B 380 -10.44 27.94 28.58
C LYS B 380 -9.44 28.11 27.41
N GLU B 381 -8.65 27.06 27.13
CA GLU B 381 -7.61 27.08 26.09
C GLU B 381 -8.16 26.63 24.73
N GLY B 382 -9.50 26.65 24.58
CA GLY B 382 -10.13 26.40 23.30
C GLY B 382 -9.80 27.49 22.29
N ASN B 383 -10.34 28.69 22.56
CA ASN B 383 -10.09 29.95 21.78
C ASN B 383 -10.69 29.93 20.35
N THR B 384 -10.97 28.74 19.80
CA THR B 384 -11.38 28.55 18.39
C THR B 384 -12.62 27.62 18.32
N LEU B 385 -12.42 26.34 18.73
CA LEU B 385 -13.45 25.25 18.72
C LEU B 385 -14.09 25.06 17.33
N VAL B 386 -15.13 25.86 17.08
CA VAL B 386 -15.89 25.90 15.83
C VAL B 386 -16.66 27.23 15.82
N ILE B 387 -16.72 27.88 14.64
CA ILE B 387 -17.14 29.29 14.50
C ILE B 387 -16.20 30.16 15.37
N VAL B 388 -14.97 30.35 14.84
CA VAL B 388 -13.85 30.96 15.58
C VAL B 388 -14.14 32.42 16.02
N THR B 389 -14.73 32.57 17.22
CA THR B 389 -15.06 33.86 17.84
C THR B 389 -15.58 33.64 19.29
N ALA B 390 -15.51 34.72 20.11
CA ALA B 390 -15.98 34.77 21.50
C ALA B 390 -15.19 33.83 22.46
N ASP B 391 -15.49 32.51 22.37
CA ASP B 391 -14.93 31.46 23.27
C ASP B 391 -15.27 31.81 24.75
N HIS B 392 -16.57 32.06 24.99
CA HIS B 392 -17.08 32.56 26.30
C HIS B 392 -16.62 34.02 26.50
N ALA B 393 -17.52 34.88 27.00
CA ALA B 393 -17.21 36.28 27.30
C ALA B 393 -16.08 36.35 28.38
N HIS B 394 -14.83 36.44 27.91
CA HIS B 394 -13.64 36.50 28.76
C HIS B 394 -13.57 37.86 29.48
N ALA B 395 -13.52 38.95 28.66
CA ALA B 395 -13.23 40.32 29.13
C ALA B 395 -11.81 40.38 29.78
N SER B 396 -10.85 39.69 29.10
CA SER B 396 -9.45 39.49 29.54
C SER B 396 -9.36 38.54 30.77
N GLN B 397 -10.53 37.98 31.16
CA GLN B 397 -10.69 37.07 32.30
C GLN B 397 -10.32 37.75 33.64
N ILE B 398 -11.35 38.09 34.45
CA ILE B 398 -11.19 38.64 35.80
C ILE B 398 -10.66 37.50 36.70
N VAL B 399 -9.33 37.52 36.93
CA VAL B 399 -8.56 36.45 37.59
C VAL B 399 -8.80 35.09 36.88
N ALA B 400 -9.75 34.27 37.40
CA ALA B 400 -10.13 32.95 36.84
C ALA B 400 -11.13 32.25 37.79
N PRO B 401 -12.49 32.31 37.53
CA PRO B 401 -13.51 31.57 38.33
C PRO B 401 -13.33 30.05 38.27
N ASP B 402 -12.54 29.63 37.25
CA ASP B 402 -12.09 28.25 37.06
C ASP B 402 -11.45 27.71 38.35
N THR B 403 -10.54 28.54 38.92
CA THR B 403 -9.77 28.28 40.15
C THR B 403 -9.05 26.91 40.10
N LYS B 404 -9.76 25.82 40.43
CA LYS B 404 -9.25 24.45 40.32
C LYS B 404 -9.25 24.04 38.84
N ALA B 405 -10.46 24.15 38.24
CA ALA B 405 -10.73 23.75 36.85
C ALA B 405 -12.17 24.16 36.39
N PRO B 406 -13.28 23.92 37.21
CA PRO B 406 -14.66 24.32 36.81
C PRO B 406 -14.82 25.84 36.63
N GLY B 407 -14.96 26.27 35.38
CA GLY B 407 -15.13 27.68 35.03
C GLY B 407 -15.47 27.89 33.57
N LEU B 408 -15.37 26.80 32.77
CA LEU B 408 -15.65 26.80 31.32
C LEU B 408 -17.18 26.68 31.03
N THR B 409 -17.98 26.93 32.06
CA THR B 409 -19.43 26.76 32.07
C THR B 409 -20.17 27.91 31.32
N GLN B 410 -21.50 27.99 31.54
CA GLN B 410 -22.40 29.04 31.02
C GLN B 410 -22.54 28.94 29.48
N ALA B 411 -21.60 29.55 28.74
CA ALA B 411 -21.67 29.65 27.27
C ALA B 411 -20.28 29.39 26.66
N LEU B 412 -20.27 28.62 25.54
CA LEU B 412 -19.07 28.25 24.76
C LEU B 412 -18.00 27.52 25.62
N ASN B 413 -16.75 27.41 25.08
CA ASN B 413 -15.65 26.56 25.64
C ASN B 413 -16.01 25.06 25.48
N THR B 414 -16.99 24.63 26.30
CA THR B 414 -17.49 23.26 26.38
C THR B 414 -18.56 22.99 25.28
N LYS B 415 -19.36 21.90 25.47
CA LYS B 415 -20.41 21.47 24.53
C LYS B 415 -21.72 22.32 24.66
N ASP B 416 -21.59 23.63 24.98
CA ASP B 416 -22.71 24.59 24.89
C ASP B 416 -23.13 24.73 23.41
N GLY B 417 -22.11 24.91 22.54
CA GLY B 417 -22.28 24.71 21.10
C GLY B 417 -22.27 23.22 20.80
N ALA B 418 -23.41 22.58 21.04
CA ALA B 418 -23.52 21.11 21.14
C ALA B 418 -23.52 20.40 19.77
N VAL B 419 -22.29 20.12 19.29
CA VAL B 419 -21.99 19.29 18.09
C VAL B 419 -22.75 19.73 16.81
N MET B 420 -24.05 19.36 16.73
CA MET B 420 -24.87 19.44 15.49
C MET B 420 -24.72 20.78 14.73
N VAL B 421 -24.31 20.65 13.46
CA VAL B 421 -23.97 21.79 12.57
C VAL B 421 -25.20 22.68 12.28
N MET B 422 -26.41 22.06 12.25
CA MET B 422 -27.67 22.77 11.97
C MET B 422 -28.00 23.73 13.12
N SER B 423 -27.41 24.94 13.03
CA SER B 423 -27.67 26.09 13.92
C SER B 423 -27.21 25.87 15.40
N TYR B 424 -26.72 24.63 15.72
CA TYR B 424 -26.34 24.20 17.10
C TYR B 424 -27.52 24.41 18.08
N GLY B 425 -28.76 24.27 17.52
CA GLY B 425 -29.99 24.60 18.22
C GLY B 425 -30.31 23.66 19.39
N ASN B 426 -30.88 24.24 20.48
CA ASN B 426 -31.15 23.57 21.76
C ASN B 426 -29.86 22.94 22.33
N SER B 427 -29.60 21.66 21.99
CA SER B 427 -28.38 20.94 22.37
C SER B 427 -28.31 19.60 21.61
N GLU B 428 -27.91 19.69 20.32
CA GLU B 428 -27.75 18.54 19.40
C GLU B 428 -29.13 18.00 18.93
N GLU B 429 -29.88 17.39 19.89
CA GLU B 429 -31.29 16.91 19.69
C GLU B 429 -31.39 15.80 18.62
N ASP B 430 -30.26 15.16 18.30
CA ASP B 430 -30.16 14.13 17.25
C ASP B 430 -29.99 12.73 17.88
N SER B 431 -30.69 11.74 17.29
CA SER B 431 -30.62 10.33 17.72
C SER B 431 -30.28 9.46 16.49
N GLN B 432 -31.29 9.20 15.64
CA GLN B 432 -31.10 8.50 14.35
C GLN B 432 -31.48 9.44 13.17
N GLU B 433 -32.11 10.57 13.51
CA GLU B 433 -32.50 11.60 12.54
C GLU B 433 -32.99 12.83 13.32
N HIS B 434 -32.61 14.03 12.86
CA HIS B 434 -33.13 15.30 13.40
C HIS B 434 -33.12 16.38 12.29
N THR B 435 -34.24 16.43 11.54
CA THR B 435 -34.59 17.58 10.68
C THR B 435 -33.52 17.85 9.57
N GLY B 436 -32.75 16.81 9.22
CA GLY B 436 -31.71 16.93 8.19
C GLY B 436 -30.47 16.09 8.49
N SER B 437 -30.21 15.83 9.79
CA SER B 437 -29.05 15.02 10.23
C SER B 437 -29.38 13.51 10.14
N GLN B 438 -29.49 13.02 8.90
CA GLN B 438 -29.69 11.60 8.62
C GLN B 438 -28.33 11.01 8.18
N LEU B 439 -28.09 10.90 6.83
CA LEU B 439 -26.82 10.37 6.25
C LEU B 439 -26.38 9.01 6.87
N ARG B 440 -27.37 8.25 7.34
CA ARG B 440 -27.16 7.01 8.11
C ARG B 440 -26.60 5.92 7.19
N ILE B 441 -25.42 5.37 7.58
CA ILE B 441 -24.60 4.50 6.72
C ILE B 441 -25.30 3.14 6.45
N ALA B 442 -25.27 2.73 5.16
CA ALA B 442 -25.89 1.49 4.65
C ALA B 442 -24.80 0.43 4.32
N ALA B 443 -23.71 0.43 5.11
CA ALA B 443 -22.60 -0.54 4.95
C ALA B 443 -22.92 -1.86 5.72
N TYR B 444 -21.88 -2.72 5.88
CA TYR B 444 -22.01 -4.04 6.54
C TYR B 444 -22.56 -3.91 7.98
N GLY B 445 -23.84 -4.28 8.13
CA GLY B 445 -24.55 -4.27 9.41
C GLY B 445 -25.84 -5.07 9.28
N PRO B 446 -25.78 -6.44 9.42
CA PRO B 446 -26.94 -7.35 9.19
C PRO B 446 -28.17 -7.05 10.07
N HIS B 447 -29.08 -6.20 9.51
CA HIS B 447 -30.34 -5.76 10.13
C HIS B 447 -30.08 -5.08 11.50
N ALA B 448 -30.14 -5.88 12.60
CA ALA B 448 -29.89 -5.46 13.99
C ALA B 448 -30.66 -4.19 14.42
N ALA B 449 -30.08 -3.02 14.09
CA ALA B 449 -30.48 -1.72 14.63
C ALA B 449 -31.84 -1.23 14.10
N ASN B 450 -32.94 -1.61 14.79
CA ASN B 450 -34.29 -1.03 14.59
C ASN B 450 -34.93 -0.82 15.96
N VAL B 451 -35.24 -1.93 16.65
CA VAL B 451 -35.86 -1.93 18.01
C VAL B 451 -35.18 -2.99 18.91
N VAL B 452 -34.94 -4.21 18.34
CA VAL B 452 -34.33 -5.37 19.05
C VAL B 452 -35.20 -5.75 20.32
N GLY B 453 -36.52 -5.57 20.18
CA GLY B 453 -37.48 -5.83 21.27
C GLY B 453 -38.90 -5.41 20.91
N LEU B 454 -39.87 -5.79 21.75
CA LEU B 454 -41.29 -5.48 21.53
C LEU B 454 -41.78 -4.37 22.47
N THR B 455 -42.59 -3.44 21.92
CA THR B 455 -43.26 -2.41 22.71
C THR B 455 -44.68 -2.91 23.02
N ASP B 456 -44.81 -3.66 24.12
CA ASP B 456 -46.08 -4.30 24.52
C ASP B 456 -47.08 -3.26 25.07
N GLN B 457 -47.88 -2.71 24.15
CA GLN B 457 -49.04 -1.84 24.45
C GLN B 457 -50.28 -2.47 23.78
N THR B 458 -50.38 -3.80 23.95
CA THR B 458 -51.18 -4.71 23.10
C THR B 458 -50.46 -4.85 21.75
N ASP B 459 -49.32 -5.57 21.78
CA ASP B 459 -48.39 -5.70 20.66
C ASP B 459 -47.39 -6.82 20.94
N LEU B 460 -46.86 -7.44 19.87
CA LEU B 460 -45.89 -8.54 19.97
C LEU B 460 -44.95 -8.48 18.76
N PHE B 461 -44.02 -7.50 18.74
CA PHE B 461 -42.87 -7.54 17.80
C PHE B 461 -42.02 -8.76 18.17
N TYR B 462 -42.21 -9.85 17.41
CA TYR B 462 -41.50 -11.12 17.63
C TYR B 462 -39.98 -10.88 17.65
N THR B 463 -39.51 -10.15 16.60
CA THR B 463 -38.11 -9.68 16.44
C THR B 463 -37.10 -10.84 16.10
N MET B 464 -37.46 -12.09 16.51
CA MET B 464 -36.65 -13.29 16.35
C MET B 464 -35.26 -13.10 16.99
N LYS B 465 -35.27 -12.86 18.32
CA LYS B 465 -34.05 -12.69 19.12
C LYS B 465 -33.50 -14.07 19.52
N ALA B 466 -32.18 -14.22 19.40
CA ALA B 466 -31.42 -15.39 19.87
C ALA B 466 -30.30 -14.91 20.80
N ALA B 467 -29.68 -15.85 21.53
CA ALA B 467 -28.59 -15.55 22.49
C ALA B 467 -27.23 -15.46 21.76
N LEU B 468 -27.20 -14.65 20.69
CA LEU B 468 -26.05 -14.48 19.79
C LEU B 468 -26.31 -13.26 18.88
N GLY B 469 -27.55 -13.19 18.36
CA GLY B 469 -27.97 -12.09 17.48
C GLY B 469 -29.42 -12.23 17.05
N LEU B 470 -29.74 -11.84 15.81
CA LEU B 470 -31.10 -11.94 15.23
C LEU B 470 -31.01 -11.98 13.70
N LYS B 471 -32.11 -12.39 13.06
CA LYS B 471 -32.25 -12.35 11.58
C LYS B 471 -32.56 -10.88 11.19
N MET C 1 45.89 -19.16 -31.59
CA MET C 1 46.56 -20.44 -31.90
C MET C 1 46.69 -21.33 -30.65
N ALA C 2 45.75 -21.15 -29.71
CA ALA C 2 45.56 -22.03 -28.53
C ALA C 2 46.71 -21.89 -27.52
N ALA C 3 47.14 -20.65 -27.29
CA ALA C 3 48.17 -20.33 -26.28
C ALA C 3 47.51 -20.24 -24.89
N LYS C 4 47.08 -21.41 -24.40
CA LYS C 4 46.47 -21.64 -23.08
C LYS C 4 47.10 -20.79 -21.95
N LYS C 5 46.38 -19.76 -21.52
CA LYS C 5 46.67 -19.05 -20.26
C LYS C 5 45.90 -19.76 -19.15
N ASP C 6 46.63 -20.56 -18.34
CA ASP C 6 46.06 -21.29 -17.21
C ASP C 6 45.60 -20.29 -16.15
N TYR C 7 44.28 -20.13 -16.02
CA TYR C 7 43.65 -19.07 -15.23
C TYR C 7 43.96 -19.20 -13.73
N TYR C 8 44.08 -20.46 -13.27
CA TYR C 8 44.42 -20.77 -11.88
C TYR C 8 45.87 -20.35 -11.59
N ALA C 9 46.78 -20.62 -12.55
CA ALA C 9 48.21 -20.26 -12.44
C ALA C 9 48.39 -18.73 -12.38
N ILE C 10 47.59 -18.01 -13.19
CA ILE C 10 47.52 -16.52 -13.17
C ILE C 10 47.14 -16.03 -11.76
N LEU C 11 46.15 -16.73 -11.14
CA LEU C 11 45.70 -16.44 -9.76
C LEU C 11 46.68 -16.99 -8.68
N GLY C 12 47.60 -17.89 -9.08
CA GLY C 12 48.55 -18.52 -8.14
C GLY C 12 47.94 -19.63 -7.28
N VAL C 13 46.81 -20.21 -7.76
CA VAL C 13 46.10 -21.33 -7.10
C VAL C 13 46.20 -22.63 -7.96
N PRO C 14 45.97 -23.85 -7.35
CA PRO C 14 46.01 -25.15 -8.09
C PRO C 14 45.07 -25.23 -9.32
N ARG C 15 45.39 -26.14 -10.25
CA ARG C 15 44.65 -26.31 -11.54
C ARG C 15 43.34 -27.11 -11.38
N ASN C 16 42.72 -27.01 -10.20
CA ASN C 16 41.40 -27.60 -9.89
C ASN C 16 40.81 -26.85 -8.67
N ALA C 17 41.40 -25.69 -8.36
CA ALA C 17 41.11 -24.91 -7.14
C ALA C 17 39.63 -24.49 -7.03
N THR C 18 39.12 -24.40 -5.80
CA THR C 18 37.68 -24.21 -5.50
C THR C 18 37.29 -22.71 -5.47
N GLN C 19 36.01 -22.43 -5.13
CA GLN C 19 35.41 -21.08 -5.15
C GLN C 19 36.24 -20.06 -4.35
N GLU C 20 36.51 -20.40 -3.06
CA GLU C 20 37.23 -19.50 -2.15
C GLU C 20 38.67 -19.28 -2.62
N GLU C 21 39.28 -20.27 -3.27
CA GLU C 21 40.66 -20.17 -3.79
C GLU C 21 40.72 -19.14 -4.93
N ILE C 22 39.81 -19.27 -5.93
CA ILE C 22 39.71 -18.33 -7.08
C ILE C 22 39.33 -16.91 -6.61
N LYS C 23 38.38 -16.85 -5.68
CA LYS C 23 37.81 -15.60 -5.15
C LYS C 23 38.88 -14.78 -4.40
N ARG C 24 39.55 -15.43 -3.45
CA ARG C 24 40.53 -14.78 -2.55
C ARG C 24 41.85 -14.49 -3.28
N ALA C 25 42.17 -15.30 -4.32
CA ALA C 25 43.34 -15.04 -5.20
C ALA C 25 43.07 -13.85 -6.13
N TYR C 26 41.80 -13.74 -6.59
CA TYR C 26 41.34 -12.59 -7.38
C TYR C 26 41.54 -11.32 -6.56
N LYS C 27 40.95 -11.29 -5.35
CA LYS C 27 41.02 -10.15 -4.42
C LYS C 27 42.48 -9.76 -4.10
N ARG C 28 43.31 -10.80 -3.81
CA ARG C 28 44.76 -10.64 -3.53
C ARG C 28 45.46 -9.83 -4.63
N LEU C 29 45.29 -10.28 -5.87
CA LEU C 29 45.95 -9.71 -7.04
C LEU C 29 45.15 -8.51 -7.61
N ALA C 30 43.91 -8.33 -7.13
CA ALA C 30 43.06 -7.18 -7.47
C ALA C 30 43.26 -6.07 -6.43
N ARG C 31 44.04 -6.36 -5.38
CA ARG C 31 44.57 -5.36 -4.44
C ARG C 31 46.00 -4.95 -4.85
N GLN C 32 46.82 -5.96 -5.23
CA GLN C 32 48.23 -5.74 -5.62
C GLN C 32 48.27 -4.95 -6.94
N TYR C 33 47.57 -5.46 -7.97
CA TYR C 33 47.53 -4.82 -9.30
C TYR C 33 46.38 -3.81 -9.43
N HIS C 34 45.75 -3.44 -8.29
CA HIS C 34 44.62 -2.48 -8.25
C HIS C 34 45.07 -1.14 -8.83
N PRO C 35 44.63 -0.75 -10.07
CA PRO C 35 45.15 0.45 -10.82
C PRO C 35 45.17 1.77 -10.00
N ASP C 36 44.13 1.93 -9.15
CA ASP C 36 43.94 3.12 -8.28
C ASP C 36 45.05 3.22 -7.21
N VAL C 37 45.51 2.06 -6.71
CA VAL C 37 46.58 2.01 -5.68
C VAL C 37 47.96 1.96 -6.35
N ASN C 38 48.12 1.03 -7.30
CA ASN C 38 49.39 0.72 -7.97
C ASN C 38 49.41 1.37 -9.38
N LYS C 39 50.15 2.49 -9.52
CA LYS C 39 50.18 3.29 -10.76
C LYS C 39 51.18 2.72 -11.82
N SER C 40 51.31 1.39 -11.89
CA SER C 40 52.23 0.73 -12.86
C SER C 40 51.46 0.27 -14.11
N PRO C 41 51.97 0.56 -15.37
CA PRO C 41 51.44 -0.04 -16.63
C PRO C 41 51.32 -1.56 -16.53
N GLU C 42 52.35 -2.21 -15.93
CA GLU C 42 52.37 -3.66 -15.69
C GLU C 42 51.18 -4.10 -14.83
N ALA C 43 50.78 -3.25 -13.85
CA ALA C 43 49.66 -3.57 -12.94
C ALA C 43 48.31 -3.42 -13.66
N GLU C 44 48.29 -2.62 -14.76
CA GLU C 44 47.08 -2.46 -15.61
C GLU C 44 46.84 -3.78 -16.35
N GLU C 45 47.91 -4.24 -17.01
CA GLU C 45 47.91 -5.43 -17.87
C GLU C 45 47.66 -6.70 -17.05
N LYS C 46 48.42 -6.83 -15.95
CA LYS C 46 48.27 -7.93 -14.99
C LYS C 46 46.87 -7.95 -14.39
N PHE C 47 46.32 -6.76 -14.01
CA PHE C 47 44.95 -6.66 -13.45
C PHE C 47 43.93 -7.22 -14.44
N LYS C 48 44.11 -6.91 -15.74
CA LYS C 48 43.27 -7.45 -16.83
C LYS C 48 43.41 -8.98 -16.96
N GLU C 49 44.62 -9.51 -16.69
CA GLU C 49 44.86 -10.98 -16.66
C GLU C 49 44.17 -11.64 -15.45
N ILE C 50 44.08 -10.90 -14.32
CA ILE C 50 43.38 -11.36 -13.11
C ILE C 50 41.86 -11.34 -13.37
N ASN C 51 41.44 -10.34 -14.17
CA ASN C 51 40.07 -10.17 -14.63
C ASN C 51 39.67 -11.27 -15.60
N GLU C 52 40.64 -11.70 -16.46
CA GLU C 52 40.45 -12.79 -17.43
C GLU C 52 40.17 -14.10 -16.71
N ALA C 53 41.10 -14.41 -15.79
CA ALA C 53 41.07 -15.60 -14.96
C ALA C 53 39.72 -15.73 -14.23
N TYR C 54 39.43 -14.71 -13.40
CA TYR C 54 38.21 -14.67 -12.59
C TYR C 54 36.95 -14.67 -13.47
N ALA C 55 36.98 -13.96 -14.61
CA ALA C 55 35.80 -13.82 -15.50
C ALA C 55 35.34 -15.18 -16.01
N VAL C 56 36.30 -15.95 -16.57
CA VAL C 56 36.03 -17.32 -17.05
C VAL C 56 35.54 -18.21 -15.89
N LEU C 57 36.15 -18.05 -14.71
CA LEU C 57 35.85 -18.89 -13.53
C LEU C 57 34.69 -18.32 -12.65
N SER C 58 34.12 -17.14 -13.05
CA SER C 58 33.02 -16.45 -12.32
C SER C 58 31.67 -17.13 -12.57
N ASP C 59 31.28 -17.23 -13.87
CA ASP C 59 30.08 -17.98 -14.28
C ASP C 59 30.34 -19.47 -13.98
N PRO C 60 29.47 -20.17 -13.16
CA PRO C 60 29.57 -21.64 -12.94
C PRO C 60 29.50 -22.41 -14.27
N GLU C 61 28.82 -21.79 -15.26
CA GLU C 61 28.76 -22.27 -16.64
C GLU C 61 30.18 -22.37 -17.23
N LYS C 62 30.86 -21.21 -17.40
CA LYS C 62 32.18 -21.11 -18.08
C LYS C 62 33.30 -21.75 -17.22
N ARG C 63 33.04 -21.83 -15.91
CA ARG C 63 33.90 -22.53 -14.93
C ARG C 63 33.96 -24.02 -15.29
N ARG C 64 32.77 -24.65 -15.40
CA ARG C 64 32.63 -26.08 -15.73
C ARG C 64 32.90 -26.34 -17.23
N ILE C 65 32.80 -25.28 -18.07
CA ILE C 65 33.21 -25.33 -19.49
C ILE C 65 34.73 -25.54 -19.58
N TYR C 66 35.48 -24.75 -18.80
CA TYR C 66 36.95 -24.87 -18.71
C TYR C 66 37.34 -26.27 -18.21
N ASP C 67 36.66 -26.72 -17.11
CA ASP C 67 36.87 -28.08 -16.53
C ASP C 67 36.67 -29.19 -17.58
N THR C 68 35.56 -29.11 -18.33
CA THR C 68 35.20 -30.11 -19.36
C THR C 68 35.97 -29.88 -20.67
N TYR C 69 36.69 -28.75 -20.81
CA TYR C 69 37.54 -28.51 -21.98
C TYR C 69 38.78 -29.43 -21.88
N GLY C 70 38.73 -30.54 -22.62
CA GLY C 70 39.63 -31.69 -22.44
C GLY C 70 38.86 -32.99 -22.24
N THR C 71 37.53 -32.95 -22.46
CA THR C 71 36.63 -34.11 -22.41
C THR C 71 35.62 -33.88 -23.54
N THR C 72 34.98 -32.71 -23.46
CA THR C 72 34.43 -32.02 -24.62
C THR C 72 35.63 -31.26 -25.21
N GLU C 73 35.84 -31.28 -26.55
CA GLU C 73 36.95 -30.55 -27.21
C GLU C 73 36.44 -29.33 -27.98
N ALA C 74 35.21 -29.43 -28.50
CA ALA C 74 34.49 -28.31 -29.10
C ALA C 74 34.02 -27.34 -28.00
N PRO C 75 33.85 -26.01 -28.29
CA PRO C 75 33.24 -25.06 -27.33
C PRO C 75 31.85 -25.54 -26.84
N PRO C 76 31.70 -25.87 -25.50
CA PRO C 76 30.41 -26.26 -24.90
C PRO C 76 29.35 -25.13 -25.05
N PRO C 77 28.02 -25.48 -25.18
CA PRO C 77 26.96 -24.50 -25.56
C PRO C 77 26.87 -23.30 -24.58
N PRO C 78 26.98 -22.01 -25.06
CA PRO C 78 26.83 -20.81 -24.22
C PRO C 78 25.40 -20.70 -23.62
N PRO C 79 25.23 -20.04 -22.44
CA PRO C 79 23.88 -19.72 -21.91
C PRO C 79 23.18 -18.69 -22.85
N PRO C 80 21.81 -18.74 -22.99
CA PRO C 80 21.03 -17.85 -23.94
C PRO C 80 21.27 -16.32 -23.75
N GLY C 81 22.40 -15.88 -24.28
CA GLY C 81 22.91 -14.52 -24.14
C GLY C 81 24.37 -14.52 -24.53
N GLY C 82 25.14 -15.45 -23.90
CA GLY C 82 26.55 -15.67 -24.25
C GLY C 82 27.46 -15.77 -23.03
N TYR C 83 28.76 -15.52 -23.25
CA TYR C 83 29.79 -15.57 -22.19
C TYR C 83 30.05 -14.14 -21.68
N ASP C 84 29.85 -13.90 -20.37
CA ASP C 84 29.89 -12.54 -19.77
C ASP C 84 31.31 -12.04 -19.54
N PHE C 85 31.63 -10.86 -20.08
CA PHE C 85 32.90 -10.15 -19.86
C PHE C 85 32.63 -8.66 -19.65
N SER C 86 31.45 -8.39 -19.05
CA SER C 86 30.92 -7.05 -18.89
C SER C 86 31.54 -6.34 -17.68
N GLY C 87 32.70 -5.73 -17.93
CA GLY C 87 33.53 -5.13 -16.88
C GLY C 87 34.96 -5.61 -16.99
N PHE C 88 35.15 -6.70 -17.77
CA PHE C 88 36.46 -7.30 -18.05
C PHE C 88 36.81 -7.00 -19.53
N ASP C 89 38.06 -6.60 -19.81
CA ASP C 89 38.49 -6.19 -21.17
C ASP C 89 38.72 -7.44 -22.05
N VAL C 90 37.61 -7.99 -22.56
CA VAL C 90 37.58 -9.22 -23.42
C VAL C 90 38.60 -9.14 -24.59
N GLU C 91 38.72 -7.94 -25.21
CA GLU C 91 39.60 -7.70 -26.37
C GLU C 91 41.09 -7.92 -25.99
N ASP C 92 41.44 -7.66 -24.71
CA ASP C 92 42.79 -7.85 -24.20
C ASP C 92 43.16 -9.34 -24.05
N PHE C 93 42.16 -10.16 -23.71
CA PHE C 93 42.40 -11.56 -23.25
C PHE C 93 42.90 -12.45 -24.41
N SER C 94 43.41 -13.65 -24.06
CA SER C 94 44.15 -14.52 -25.00
C SER C 94 43.34 -14.89 -26.26
N GLU C 95 44.06 -15.11 -27.37
CA GLU C 95 43.51 -15.67 -28.62
C GLU C 95 42.90 -17.07 -28.39
N PHE C 96 43.52 -17.83 -27.45
CA PHE C 96 43.05 -19.15 -26.98
C PHE C 96 41.59 -19.05 -26.53
N PHE C 97 41.37 -18.08 -25.66
CA PHE C 97 40.07 -17.69 -25.15
C PHE C 97 39.14 -17.23 -26.31
N GLN C 98 39.68 -16.41 -27.24
CA GLN C 98 38.90 -15.86 -28.38
C GLN C 98 38.55 -16.93 -29.43
N GLU C 99 39.17 -18.12 -29.35
CA GLU C 99 38.83 -19.29 -30.18
C GLU C 99 37.80 -20.19 -29.47
N LEU C 100 37.99 -20.39 -28.14
CA LEU C 100 37.11 -21.25 -27.32
C LEU C 100 35.76 -20.55 -27.04
N PHE C 101 35.82 -19.43 -26.32
CA PHE C 101 34.62 -18.64 -25.97
C PHE C 101 34.15 -17.74 -27.13
N GLY C 102 35.01 -17.61 -28.17
CA GLY C 102 34.73 -16.82 -29.38
C GLY C 102 33.30 -16.94 -29.93
N PRO C 103 32.83 -18.19 -30.34
CA PRO C 103 31.48 -18.42 -30.94
C PRO C 103 30.30 -17.81 -30.13
N GLY C 104 30.45 -17.67 -28.80
CA GLY C 104 29.35 -17.20 -27.97
C GLY C 104 29.72 -16.01 -27.11
N LEU C 105 30.65 -15.15 -27.57
CA LEU C 105 31.06 -13.92 -26.81
C LEU C 105 29.92 -12.85 -26.76
N PHE C 106 28.89 -13.16 -25.96
CA PHE C 106 27.78 -12.28 -25.56
C PHE C 106 27.21 -11.42 -26.73
N GLY C 107 27.48 -10.09 -26.74
CA GLY C 107 26.80 -9.17 -27.66
C GLY C 107 25.34 -8.94 -27.30
N GLY C 108 24.98 -9.17 -26.01
CA GLY C 108 23.58 -9.11 -25.55
C GLY C 108 22.71 -10.15 -26.25
N PHE C 109 21.90 -9.67 -27.21
CA PHE C 109 21.08 -10.52 -28.12
C PHE C 109 21.44 -10.21 -29.59
N GLY C 110 22.27 -9.18 -29.79
CA GLY C 110 22.74 -8.75 -31.11
C GLY C 110 24.02 -9.47 -31.55
N ARG C 111 24.65 -10.22 -30.61
CA ARG C 111 25.84 -11.08 -30.88
C ARG C 111 27.05 -10.34 -31.50
N ARG C 112 26.97 -8.99 -31.55
CA ARG C 112 28.04 -8.08 -32.02
C ARG C 112 29.38 -8.28 -31.26
N SER C 113 29.27 -8.83 -30.02
CA SER C 113 30.42 -9.13 -29.13
C SER C 113 31.15 -7.87 -28.67
N ARG C 114 30.48 -6.69 -28.82
CA ARG C 114 31.10 -5.38 -28.63
C ARG C 114 30.40 -4.59 -27.49
N LYS C 115 30.91 -3.36 -27.17
CA LYS C 115 30.63 -2.55 -25.93
C LYS C 115 29.29 -2.83 -25.21
N GLY C 116 29.38 -3.07 -23.89
CA GLY C 116 28.25 -3.48 -23.05
C GLY C 116 27.54 -2.31 -22.38
N ARG C 117 26.27 -2.55 -21.98
CA ARG C 117 25.41 -1.56 -21.27
C ARG C 117 25.03 -2.03 -19.85
N ASP C 118 24.72 -1.06 -18.98
CA ASP C 118 24.23 -1.34 -17.63
C ASP C 118 22.84 -2.01 -17.71
N LEU C 119 22.80 -3.30 -17.39
CA LEU C 119 21.61 -4.14 -17.50
C LEU C 119 20.89 -4.01 -16.16
N ARG C 120 19.72 -3.39 -16.18
CA ARG C 120 18.89 -3.18 -14.99
C ARG C 120 17.91 -4.34 -14.89
N ALA C 121 17.78 -4.94 -13.71
CA ALA C 121 16.92 -6.10 -13.49
C ALA C 121 16.29 -5.99 -12.11
N GLU C 122 14.94 -5.88 -12.03
CA GLU C 122 14.25 -5.86 -10.74
C GLU C 122 13.83 -7.28 -10.37
N LEU C 123 14.26 -7.73 -9.18
CA LEU C 123 14.13 -9.12 -8.76
C LEU C 123 13.30 -9.25 -7.47
N PRO C 124 12.02 -9.73 -7.59
CA PRO C 124 11.25 -10.29 -6.47
C PRO C 124 12.13 -11.22 -5.57
N LEU C 125 12.34 -10.76 -4.32
CA LEU C 125 13.28 -11.35 -3.37
C LEU C 125 12.63 -11.33 -1.97
N THR C 126 12.83 -12.40 -1.18
CA THR C 126 12.19 -12.51 0.14
C THR C 126 13.03 -11.79 1.23
N LEU C 127 12.32 -11.36 2.29
CA LEU C 127 12.91 -10.69 3.47
C LEU C 127 13.89 -11.63 4.21
N GLU C 128 13.45 -12.88 4.37
CA GLU C 128 14.26 -13.98 4.91
C GLU C 128 15.57 -14.12 4.12
N GLU C 129 15.44 -14.15 2.78
CA GLU C 129 16.56 -14.34 1.85
C GLU C 129 17.54 -13.16 1.89
N ALA C 130 16.99 -11.97 2.15
CA ALA C 130 17.77 -10.73 2.22
C ALA C 130 18.60 -10.68 3.51
N PHE C 131 18.06 -11.31 4.58
CA PHE C 131 18.80 -11.53 5.84
C PHE C 131 19.93 -12.56 5.64
N HIS C 132 19.60 -13.65 4.91
CA HIS C 132 20.51 -14.81 4.74
C HIS C 132 21.76 -14.45 3.92
N GLY C 133 21.58 -14.16 2.61
CA GLY C 133 22.70 -13.83 1.71
C GLY C 133 23.63 -15.02 1.42
N GLY C 134 23.45 -15.69 0.27
CA GLY C 134 24.29 -16.84 -0.14
C GLY C 134 24.55 -16.83 -1.64
N GLU C 135 25.57 -17.57 -2.11
CA GLU C 135 25.90 -17.70 -3.54
C GLU C 135 24.81 -18.54 -4.21
N ARG C 136 23.80 -17.86 -4.75
CA ARG C 136 22.61 -18.49 -5.32
C ARG C 136 22.42 -18.01 -6.75
N VAL C 137 21.74 -18.83 -7.57
CA VAL C 137 21.75 -18.68 -9.02
C VAL C 137 20.74 -17.59 -9.48
N VAL C 138 21.30 -16.46 -9.95
CA VAL C 138 20.55 -15.47 -10.70
C VAL C 138 20.62 -15.85 -12.19
N GLU C 139 19.48 -15.81 -12.89
CA GLU C 139 19.42 -15.93 -14.35
C GLU C 139 18.67 -14.71 -14.90
N VAL C 140 19.43 -13.77 -15.49
CA VAL C 140 18.88 -12.51 -16.05
C VAL C 140 19.38 -12.37 -17.51
N ALA C 141 18.44 -12.51 -18.49
CA ALA C 141 18.73 -12.39 -19.94
C ALA C 141 19.70 -13.50 -20.40
N GLY C 142 19.63 -14.64 -19.71
CA GLY C 142 20.49 -15.79 -19.98
C GLY C 142 21.68 -15.87 -19.05
N ARG C 143 21.96 -14.77 -18.30
CA ARG C 143 23.12 -14.69 -17.41
C ARG C 143 22.84 -15.51 -16.14
N ARG C 144 23.30 -16.78 -16.17
CA ARG C 144 23.08 -17.77 -15.10
C ARG C 144 24.37 -17.95 -14.30
N VAL C 145 24.46 -17.23 -13.17
CA VAL C 145 25.62 -17.26 -12.26
C VAL C 145 25.17 -17.44 -10.80
N SER C 146 25.99 -18.14 -10.00
CA SER C 146 25.77 -18.31 -8.56
C SER C 146 26.50 -17.16 -7.82
N VAL C 147 25.75 -16.08 -7.56
CA VAL C 147 26.32 -14.85 -6.96
C VAL C 147 25.73 -14.64 -5.54
N ARG C 148 26.55 -14.10 -4.64
CA ARG C 148 26.08 -13.67 -3.33
C ARG C 148 25.92 -12.16 -3.34
N ILE C 149 24.67 -11.70 -3.47
CA ILE C 149 24.33 -10.30 -3.21
C ILE C 149 24.36 -10.10 -1.66
N PRO C 150 24.95 -8.97 -1.17
CA PRO C 150 25.25 -8.80 0.28
C PRO C 150 23.99 -8.80 1.19
N PRO C 151 24.06 -9.42 2.41
CA PRO C 151 22.95 -9.40 3.40
C PRO C 151 22.61 -7.98 3.86
N GLY C 152 21.34 -7.74 4.20
CA GLY C 152 20.88 -6.41 4.59
C GLY C 152 20.61 -5.52 3.39
N VAL C 153 19.79 -6.03 2.45
CA VAL C 153 19.46 -5.32 1.20
C VAL C 153 18.03 -4.72 1.28
N ARG C 154 17.84 -3.51 0.69
CA ARG C 154 16.61 -2.69 0.88
C ARG C 154 15.61 -2.87 -0.27
N GLU C 155 14.34 -2.50 -0.02
CA GLU C 155 13.34 -2.25 -1.08
C GLU C 155 13.89 -1.20 -2.09
N GLY C 156 14.08 -1.64 -3.34
CA GLY C 156 14.58 -0.79 -4.42
C GLY C 156 16.09 -0.56 -4.36
N SER C 157 16.83 -1.44 -3.66
CA SER C 157 18.30 -1.40 -3.66
C SER C 157 18.83 -1.87 -5.02
N VAL C 158 19.36 -0.90 -5.77
CA VAL C 158 19.98 -1.12 -7.06
C VAL C 158 21.45 -1.53 -6.84
N ILE C 159 21.66 -2.83 -6.67
CA ILE C 159 22.98 -3.43 -6.40
C ILE C 159 23.84 -3.36 -7.67
N ARG C 160 24.97 -2.63 -7.60
CA ARG C 160 25.94 -2.61 -8.69
C ARG C 160 26.74 -3.92 -8.68
N VAL C 161 26.65 -4.71 -9.77
CA VAL C 161 27.45 -5.94 -9.93
C VAL C 161 28.23 -5.87 -11.27
N PRO C 162 29.52 -5.43 -11.27
CA PRO C 162 30.37 -5.47 -12.48
C PRO C 162 30.82 -6.92 -12.80
N GLY C 163 30.59 -7.34 -14.05
CA GLY C 163 30.97 -8.67 -14.52
C GLY C 163 29.82 -9.64 -14.59
N MET C 164 28.58 -9.10 -14.73
CA MET C 164 27.33 -9.91 -14.80
C MET C 164 26.21 -9.22 -15.61
N GLY C 165 26.49 -8.08 -16.26
CA GLY C 165 25.46 -7.33 -17.02
C GLY C 165 25.85 -7.17 -18.46
N GLY C 166 25.92 -5.92 -18.97
CA GLY C 166 26.57 -5.64 -20.25
C GLY C 166 25.81 -6.17 -21.44
N GLN C 167 24.79 -5.42 -21.90
CA GLN C 167 24.18 -5.68 -23.21
C GLN C 167 25.22 -5.31 -24.28
N GLY C 168 25.87 -6.36 -24.76
CA GLY C 168 27.15 -6.29 -25.47
C GLY C 168 28.09 -7.32 -24.87
N ASN C 169 29.41 -7.02 -24.73
CA ASN C 169 30.35 -7.98 -24.05
C ASN C 169 31.46 -7.22 -23.25
N PRO C 170 32.39 -6.38 -23.87
CA PRO C 170 33.38 -5.56 -23.10
C PRO C 170 32.68 -4.51 -22.17
N PRO C 171 33.41 -3.93 -21.14
CA PRO C 171 32.86 -3.16 -19.97
C PRO C 171 31.36 -2.76 -19.98
N GLY C 172 30.60 -3.45 -19.11
CA GLY C 172 29.21 -3.13 -18.78
C GLY C 172 29.00 -3.34 -17.28
N ASP C 173 27.74 -3.57 -16.85
CA ASP C 173 27.41 -3.73 -15.41
C ASP C 173 26.00 -4.32 -15.25
N LEU C 174 25.70 -4.94 -14.08
CA LEU C 174 24.35 -5.47 -13.77
C LEU C 174 23.79 -4.76 -12.52
N LEU C 175 22.81 -3.89 -12.75
CA LEU C 175 22.08 -3.19 -11.70
C LEU C 175 20.90 -4.05 -11.20
N LEU C 176 21.20 -4.94 -10.23
CA LEU C 176 20.20 -5.81 -9.59
C LEU C 176 19.34 -5.01 -8.59
N VAL C 177 18.20 -4.50 -9.06
CA VAL C 177 17.26 -3.71 -8.24
C VAL C 177 16.30 -4.66 -7.49
N VAL C 178 16.62 -5.03 -6.25
CA VAL C 178 15.79 -6.00 -5.51
C VAL C 178 14.41 -5.37 -5.15
N ARG C 179 13.37 -6.00 -5.66
CA ARG C 179 11.97 -5.71 -5.32
C ARG C 179 11.52 -6.78 -4.32
N LEU C 180 11.12 -6.37 -3.11
CA LEU C 180 10.67 -7.34 -2.09
C LEU C 180 9.30 -7.98 -2.50
N LEU C 181 9.23 -9.34 -2.33
CA LEU C 181 8.08 -10.23 -2.70
C LEU C 181 6.73 -9.75 -2.12
N PRO C 182 5.54 -10.37 -2.59
CA PRO C 182 4.23 -10.31 -1.85
C PRO C 182 4.33 -10.92 -0.42
N HIS C 183 5.14 -10.24 0.36
CA HIS C 183 5.53 -10.55 1.73
C HIS C 183 6.13 -9.25 2.37
N PRO C 184 5.76 -7.98 1.91
CA PRO C 184 6.52 -6.76 2.20
C PRO C 184 6.06 -6.11 3.52
N VAL C 185 6.32 -6.80 4.63
CA VAL C 185 5.91 -6.37 5.96
C VAL C 185 7.01 -5.49 6.53
N PHE C 186 8.25 -5.68 6.03
CA PHE C 186 9.44 -4.96 6.49
C PHE C 186 10.16 -4.34 5.29
N ARG C 187 9.95 -3.04 5.11
CA ARG C 187 10.55 -2.26 4.03
C ARG C 187 11.78 -1.54 4.60
N LEU C 188 12.99 -1.96 4.16
CA LEU C 188 14.24 -1.58 4.82
C LEU C 188 14.68 -0.13 4.50
N GLU C 189 15.02 0.61 5.56
CA GLU C 189 15.70 1.91 5.50
C GLU C 189 17.08 1.76 6.16
N GLY C 190 18.15 1.75 5.33
CA GLY C 190 19.53 1.58 5.78
C GLY C 190 19.78 0.18 6.36
N GLN C 191 19.77 0.07 7.72
CA GLN C 191 19.90 -1.22 8.44
C GLN C 191 18.62 -1.50 9.26
N ASP C 192 17.79 -0.45 9.41
CA ASP C 192 16.59 -0.45 10.26
C ASP C 192 15.32 -0.64 9.38
N LEU C 193 14.47 -1.61 9.77
CA LEU C 193 13.22 -1.93 9.04
C LEU C 193 12.14 -0.86 9.29
N TYR C 194 11.22 -0.74 8.31
CA TYR C 194 9.99 0.04 8.45
C TYR C 194 8.80 -0.91 8.16
N ALA C 195 8.08 -1.27 9.22
CA ALA C 195 6.99 -2.25 9.19
C ALA C 195 5.65 -1.56 9.43
N THR C 196 4.58 -2.37 9.46
CA THR C 196 3.28 -1.95 9.98
C THR C 196 2.71 -3.11 10.82
N LEU C 197 2.45 -2.83 12.10
CA LEU C 197 2.00 -3.80 13.10
C LEU C 197 0.48 -3.68 13.30
N ASP C 198 -0.20 -4.82 13.52
CA ASP C 198 -1.65 -4.89 13.70
C ASP C 198 -1.96 -5.02 15.21
N VAL C 199 -2.37 -3.88 15.83
CA VAL C 199 -2.67 -3.79 17.29
C VAL C 199 -4.16 -3.50 17.51
N PRO C 200 -4.90 -4.31 18.32
CA PRO C 200 -6.29 -4.01 18.66
C PRO C 200 -6.38 -2.85 19.67
N ALA C 201 -7.42 -2.04 19.51
CA ALA C 201 -7.65 -0.80 20.26
C ALA C 201 -7.73 -0.96 21.80
N PRO C 202 -8.38 -2.05 22.38
CA PRO C 202 -8.37 -2.26 23.86
C PRO C 202 -6.93 -2.38 24.39
N ILE C 203 -6.16 -3.29 23.78
CA ILE C 203 -4.76 -3.57 24.13
C ILE C 203 -3.88 -2.31 23.90
N ALA C 204 -4.31 -1.47 22.95
CA ALA C 204 -3.67 -0.19 22.65
C ALA C 204 -3.87 0.83 23.79
N VAL C 205 -5.10 0.91 24.34
CA VAL C 205 -5.44 1.87 25.42
C VAL C 205 -4.72 1.48 26.73
N VAL C 206 -4.77 0.20 27.09
CA VAL C 206 -4.35 -0.25 28.44
C VAL C 206 -2.90 -0.74 28.46
N GLY C 207 -2.49 -1.43 27.40
CA GLY C 207 -1.17 -2.07 27.38
C GLY C 207 -1.26 -3.59 27.53
N GLY C 208 -0.78 -4.30 26.50
CA GLY C 208 -0.71 -5.76 26.50
C GLY C 208 0.37 -6.23 25.53
N LYS C 209 0.10 -7.28 24.74
CA LYS C 209 1.03 -7.79 23.72
C LYS C 209 0.31 -8.25 22.44
N VAL C 210 1.04 -8.15 21.32
CA VAL C 210 0.62 -8.64 19.98
C VAL C 210 1.84 -9.28 19.30
N ARG C 211 1.65 -9.90 18.13
CA ARG C 211 2.74 -10.63 17.42
C ARG C 211 3.18 -9.86 16.16
N ALA C 212 4.49 -9.62 16.05
CA ALA C 212 5.13 -9.12 14.83
C ALA C 212 5.93 -10.28 14.23
N MET C 213 5.54 -10.78 13.05
CA MET C 213 6.21 -11.94 12.44
C MET C 213 7.47 -11.46 11.74
N THR C 214 8.64 -11.61 12.41
CA THR C 214 9.91 -11.08 11.90
C THR C 214 10.48 -12.02 10.81
N LEU C 215 11.62 -11.62 10.23
CA LEU C 215 12.27 -12.32 9.10
C LEU C 215 12.47 -13.82 9.44
N GLU C 216 13.24 -14.06 10.50
CA GLU C 216 13.64 -15.42 10.92
C GLU C 216 12.60 -16.07 11.85
N GLY C 217 11.43 -15.42 12.00
CA GLY C 217 10.34 -15.96 12.81
C GLY C 217 9.59 -14.91 13.59
N PRO C 218 8.31 -15.16 13.98
CA PRO C 218 7.50 -14.23 14.79
C PRO C 218 8.05 -13.93 16.20
N VAL C 219 8.29 -12.64 16.45
CA VAL C 219 8.62 -12.09 17.78
C VAL C 219 7.32 -11.49 18.36
N GLU C 220 7.32 -11.16 19.64
CA GLU C 220 6.18 -10.46 20.26
C GLU C 220 6.53 -8.98 20.40
N VAL C 221 5.47 -8.18 20.53
CA VAL C 221 5.52 -6.76 20.81
C VAL C 221 4.73 -6.50 22.09
N ALA C 222 5.39 -5.90 23.08
CA ALA C 222 4.72 -5.38 24.28
C ALA C 222 4.19 -3.98 23.99
N VAL C 223 2.87 -3.92 23.75
CA VAL C 223 2.12 -2.69 23.49
C VAL C 223 1.93 -1.92 24.82
N PRO C 224 2.38 -0.64 24.91
CA PRO C 224 2.11 0.25 26.06
C PRO C 224 0.67 0.80 26.06
N PRO C 225 0.20 1.37 27.22
CA PRO C 225 -1.02 2.19 27.27
C PRO C 225 -0.94 3.39 26.30
N ARG C 226 -2.12 3.75 25.76
CA ARG C 226 -2.36 4.96 24.96
C ARG C 226 -1.59 4.89 23.62
N THR C 227 -2.02 3.94 22.77
CA THR C 227 -1.44 3.67 21.47
C THR C 227 -2.45 3.98 20.34
N GLN C 228 -2.08 4.90 19.43
CA GLN C 228 -2.93 5.35 18.30
C GLN C 228 -2.36 4.86 16.97
N ALA C 229 -3.23 4.91 15.96
CA ALA C 229 -2.92 4.46 14.59
C ALA C 229 -2.07 5.52 13.88
N GLY C 230 -0.79 5.19 13.60
CA GLY C 230 0.20 6.17 13.14
C GLY C 230 1.28 6.49 14.18
N ARG C 231 1.27 5.75 15.32
CA ARG C 231 2.43 5.71 16.24
C ARG C 231 3.52 4.80 15.68
N LYS C 232 4.71 4.80 16.28
CA LYS C 232 5.83 3.96 15.81
C LYS C 232 6.56 3.25 16.98
N LEU C 233 7.13 2.07 16.63
CA LEU C 233 7.81 1.15 17.55
C LEU C 233 9.29 1.06 17.23
N ARG C 234 10.08 0.66 18.25
CA ARG C 234 11.52 0.37 18.11
C ARG C 234 11.89 -0.96 18.83
N LEU C 235 11.96 -2.06 18.05
CA LEU C 235 12.47 -3.37 18.50
C LEU C 235 13.97 -3.46 18.17
N LYS C 236 14.82 -3.31 19.19
CA LYS C 236 16.30 -3.25 19.03
C LYS C 236 16.89 -4.62 18.59
N GLY C 237 17.77 -4.58 17.56
CA GLY C 237 18.47 -5.76 17.06
C GLY C 237 17.59 -6.71 16.25
N LYS C 238 16.49 -6.18 15.69
CA LYS C 238 15.51 -6.97 14.90
C LYS C 238 15.47 -6.50 13.43
N GLY C 239 16.52 -5.77 13.00
CA GLY C 239 16.65 -5.30 11.62
C GLY C 239 17.41 -6.27 10.74
N PHE C 240 17.94 -5.75 9.63
CA PHE C 240 18.73 -6.54 8.67
C PHE C 240 20.23 -6.52 9.08
N PRO C 241 21.05 -7.56 8.69
CA PRO C 241 22.50 -7.61 8.99
C PRO C 241 23.24 -6.51 8.22
N GLY C 242 23.56 -5.42 8.92
CA GLY C 242 24.31 -4.31 8.34
C GLY C 242 25.81 -4.44 8.60
N PRO C 243 26.66 -3.60 7.92
CA PRO C 243 28.13 -3.65 8.08
C PRO C 243 28.57 -3.12 9.46
N ALA C 244 27.70 -2.29 10.06
CA ALA C 244 27.86 -1.75 11.41
C ALA C 244 27.00 -2.58 12.41
N GLY C 245 26.77 -3.87 12.07
CA GLY C 245 25.94 -4.75 12.87
C GLY C 245 24.48 -4.73 12.42
N ARG C 246 23.64 -5.55 13.07
CA ARG C 246 22.21 -5.63 12.74
C ARG C 246 21.47 -4.37 13.22
N GLY C 247 20.56 -3.87 12.37
CA GLY C 247 19.74 -2.70 12.71
C GLY C 247 18.58 -3.04 13.63
N ASP C 248 17.53 -2.22 13.59
CA ASP C 248 16.37 -2.34 14.49
C ASP C 248 15.13 -2.55 13.63
N LEU C 249 13.97 -2.73 14.28
CA LEU C 249 12.69 -2.87 13.61
C LEU C 249 11.76 -1.75 14.07
N TYR C 250 11.49 -0.81 13.14
CA TYR C 250 10.60 0.33 13.41
C TYR C 250 9.23 0.08 12.79
N LEU C 251 8.23 -0.24 13.62
CA LEU C 251 6.89 -0.65 13.09
C LEU C 251 5.93 0.55 13.14
N GLU C 252 4.97 0.62 12.21
CA GLU C 252 3.93 1.67 12.21
C GLU C 252 2.62 1.04 12.72
N VAL C 253 1.98 1.66 13.71
CA VAL C 253 0.81 1.10 14.40
C VAL C 253 -0.46 1.18 13.53
N ARG C 254 -1.18 0.06 13.48
CA ARG C 254 -2.46 -0.09 12.78
C ARG C 254 -3.50 -0.53 13.82
N ILE C 255 -4.25 0.43 14.39
CA ILE C 255 -5.31 0.14 15.36
C ILE C 255 -6.50 -0.55 14.66
N THR C 256 -6.96 -1.66 15.27
CA THR C 256 -8.01 -2.55 14.72
C THR C 256 -8.96 -3.04 15.83
N ILE C 257 -10.06 -3.72 15.42
CA ILE C 257 -11.05 -4.31 16.33
C ILE C 257 -11.32 -5.79 15.91
N PRO C 258 -11.76 -6.70 16.84
CA PRO C 258 -11.76 -8.18 16.59
C PRO C 258 -12.84 -8.64 15.58
N GLU C 259 -13.66 -7.67 15.13
CA GLU C 259 -14.93 -7.89 14.40
C GLU C 259 -15.92 -8.76 15.21
N ARG C 260 -15.61 -10.08 15.34
CA ARG C 260 -16.42 -11.03 16.14
C ARG C 260 -16.29 -10.74 17.66
N LEU C 261 -17.36 -11.01 18.44
CA LEU C 261 -17.37 -10.79 19.90
C LEU C 261 -18.07 -11.94 20.63
N THR C 262 -17.52 -12.31 21.81
CA THR C 262 -18.14 -13.25 22.76
C THR C 262 -19.17 -12.45 23.60
N PRO C 263 -20.29 -13.08 24.12
CA PRO C 263 -21.36 -12.37 24.90
C PRO C 263 -20.82 -11.45 26.01
N GLU C 264 -19.75 -11.92 26.69
CA GLU C 264 -19.01 -11.17 27.74
C GLU C 264 -18.49 -9.82 27.18
N GLU C 265 -17.54 -9.91 26.23
CA GLU C 265 -16.83 -8.75 25.69
C GLU C 265 -17.79 -7.86 24.89
N GLU C 266 -18.83 -8.47 24.31
CA GLU C 266 -19.91 -7.77 23.60
C GLU C 266 -20.57 -6.76 24.55
N ALA C 267 -20.95 -7.25 25.75
CA ALA C 267 -21.53 -6.40 26.83
C ALA C 267 -20.56 -5.28 27.26
N LEU C 268 -19.24 -5.62 27.32
CA LEU C 268 -18.19 -4.63 27.67
C LEU C 268 -18.04 -3.51 26.61
N TRP C 269 -17.98 -3.87 25.30
CA TRP C 269 -17.86 -2.91 24.18
C TRP C 269 -19.12 -2.03 24.09
N LYS C 270 -20.29 -2.61 24.44
CA LYS C 270 -21.58 -1.90 24.47
C LYS C 270 -21.60 -0.80 25.56
N LYS C 271 -21.16 -1.16 26.78
CA LYS C 271 -21.09 -0.22 27.92
C LYS C 271 -20.06 0.90 27.69
N LEU C 272 -18.94 0.53 27.06
CA LEU C 272 -17.86 1.47 26.71
C LEU C 272 -18.23 2.30 25.48
N ALA C 273 -19.17 1.80 24.66
CA ALA C 273 -19.75 2.58 23.56
C ALA C 273 -20.58 3.72 24.14
N GLU C 274 -21.44 3.38 25.14
CA GLU C 274 -22.28 4.36 25.87
C GLU C 274 -21.39 5.40 26.59
N ALA C 275 -20.24 4.93 27.13
CA ALA C 275 -19.23 5.78 27.77
C ALA C 275 -18.62 6.77 26.77
N TYR C 276 -18.42 6.31 25.52
CA TYR C 276 -17.88 7.15 24.44
C TYR C 276 -18.97 8.01 23.77
N TYR C 277 -20.25 7.60 23.88
CA TYR C 277 -21.38 8.44 23.42
C TYR C 277 -21.49 9.66 24.34
N ALA C 278 -21.18 9.41 25.64
CA ALA C 278 -21.04 10.47 26.65
C ALA C 278 -19.91 11.47 26.27
N ARG C 279 -18.90 11.01 25.48
CA ARG C 279 -17.83 11.90 24.98
C ARG C 279 -18.37 12.76 23.83
N ALA C 280 -19.34 12.22 23.06
CA ALA C 280 -19.89 12.89 21.88
C ALA C 280 -20.83 14.02 22.32
N MET A 1 -0.49 41.59 -44.53
CA MET A 1 0.10 42.94 -44.34
C MET A 1 -0.86 43.80 -43.52
N ALA A 2 -0.89 43.52 -42.19
CA ALA A 2 -1.65 44.28 -41.18
C ALA A 2 -3.16 44.37 -41.50
N ALA A 3 -3.74 43.25 -41.98
CA ALA A 3 -5.19 43.18 -42.31
C ALA A 3 -6.00 42.90 -41.04
N LYS A 4 -5.91 43.86 -40.08
CA LYS A 4 -6.54 43.83 -38.76
C LYS A 4 -7.96 43.22 -38.78
N LYS A 5 -8.12 42.06 -38.14
CA LYS A 5 -9.39 41.34 -38.07
C LYS A 5 -10.19 41.79 -36.85
N ASP A 6 -11.47 42.15 -37.08
CA ASP A 6 -12.42 42.40 -35.99
C ASP A 6 -13.00 41.05 -35.56
N TYR A 7 -12.28 40.39 -34.64
CA TYR A 7 -12.59 39.03 -34.17
C TYR A 7 -13.99 38.95 -33.50
N TYR A 8 -14.45 40.10 -32.97
CA TYR A 8 -15.78 40.24 -32.38
C TYR A 8 -16.85 40.10 -33.49
N ALA A 9 -16.69 40.90 -34.55
CA ALA A 9 -17.60 40.91 -35.72
C ALA A 9 -17.66 39.51 -36.38
N ILE A 10 -16.49 38.84 -36.40
CA ILE A 10 -16.35 37.44 -36.89
C ILE A 10 -17.26 36.48 -36.06
N LEU A 11 -17.25 36.65 -34.72
CA LEU A 11 -18.12 35.86 -33.80
C LEU A 11 -19.59 36.38 -33.80
N GLY A 12 -19.83 37.51 -34.49
CA GLY A 12 -21.16 38.12 -34.58
C GLY A 12 -21.56 38.92 -33.33
N VAL A 13 -20.56 39.27 -32.50
CA VAL A 13 -20.74 40.09 -31.29
C VAL A 13 -20.14 41.51 -31.51
N PRO A 14 -20.66 42.58 -30.82
CA PRO A 14 -20.12 43.94 -30.95
C PRO A 14 -18.93 44.21 -29.98
N ARG A 15 -18.31 45.39 -30.16
CA ARG A 15 -17.27 45.91 -29.25
C ARG A 15 -17.91 46.29 -27.91
N ASN A 16 -18.16 45.25 -27.11
CA ASN A 16 -18.91 45.34 -25.84
C ASN A 16 -18.85 43.97 -25.16
N ALA A 17 -18.80 42.90 -25.99
CA ALA A 17 -18.79 41.51 -25.51
C ALA A 17 -17.45 41.19 -24.78
N THR A 18 -17.58 40.79 -23.50
CA THR A 18 -16.45 40.33 -22.68
C THR A 18 -16.15 38.85 -22.96
N GLN A 19 -15.07 38.30 -22.35
CA GLN A 19 -14.58 36.91 -22.57
C GLN A 19 -15.70 35.85 -22.48
N GLU A 20 -16.64 36.05 -21.53
CA GLU A 20 -17.73 35.09 -21.25
C GLU A 20 -18.74 35.09 -22.41
N GLU A 21 -19.10 36.30 -22.89
CA GLU A 21 -20.03 36.49 -24.03
C GLU A 21 -19.42 36.00 -25.37
N ILE A 22 -18.10 36.17 -25.47
CA ILE A 22 -17.28 35.69 -26.59
C ILE A 22 -17.23 34.15 -26.60
N LYS A 23 -17.19 33.57 -25.40
CA LYS A 23 -17.18 32.12 -25.20
C LYS A 23 -18.55 31.52 -25.58
N ARG A 24 -19.64 32.26 -25.26
CA ARG A 24 -21.03 31.89 -25.64
C ARG A 24 -21.15 31.83 -27.17
N ALA A 25 -20.64 32.91 -27.82
CA ALA A 25 -20.69 33.09 -29.29
C ALA A 25 -19.92 31.98 -30.02
N TYR A 26 -18.73 31.66 -29.49
CA TYR A 26 -17.87 30.61 -30.04
C TYR A 26 -18.57 29.25 -30.00
N LYS A 27 -19.03 28.85 -28.79
CA LYS A 27 -19.68 27.55 -28.54
C LYS A 27 -20.99 27.41 -29.34
N ARG A 28 -21.69 28.55 -29.53
CA ARG A 28 -22.90 28.66 -30.36
C ARG A 28 -22.59 28.22 -31.79
N LEU A 29 -21.57 28.86 -32.39
CA LEU A 29 -21.13 28.59 -33.75
C LEU A 29 -20.33 27.26 -33.83
N ALA A 30 -19.92 26.75 -32.65
CA ALA A 30 -19.22 25.45 -32.51
C ALA A 30 -20.20 24.29 -32.30
N ARG A 31 -21.47 24.60 -32.03
CA ARG A 31 -22.56 23.61 -32.07
C ARG A 31 -23.18 23.58 -33.48
N GLN A 32 -23.39 24.77 -34.05
CA GLN A 32 -24.03 24.94 -35.37
C GLN A 32 -23.11 24.41 -36.51
N TYR A 33 -21.91 25.02 -36.65
CA TYR A 33 -20.99 24.74 -37.78
C TYR A 33 -19.98 23.63 -37.45
N HIS A 34 -20.28 22.82 -36.41
CA HIS A 34 -19.36 21.82 -35.83
C HIS A 34 -18.91 20.78 -36.90
N PRO A 35 -17.65 20.90 -37.46
CA PRO A 35 -17.17 20.08 -38.63
C PRO A 35 -17.29 18.56 -38.40
N ASP A 36 -17.14 18.14 -37.14
CA ASP A 36 -17.29 16.74 -36.69
C ASP A 36 -18.58 16.08 -37.23
N VAL A 37 -19.69 16.84 -37.19
CA VAL A 37 -21.00 16.40 -37.71
C VAL A 37 -21.31 17.09 -39.05
N ASN A 38 -20.70 18.27 -39.28
CA ASN A 38 -21.03 19.14 -40.41
C ASN A 38 -19.76 19.51 -41.20
N LYS A 39 -19.24 18.54 -41.97
CA LYS A 39 -18.13 18.77 -42.93
C LYS A 39 -18.69 19.42 -44.20
N SER A 40 -19.13 20.67 -44.06
CA SER A 40 -19.65 21.48 -45.17
C SER A 40 -18.64 22.61 -45.41
N PRO A 41 -17.80 22.54 -46.52
CA PRO A 41 -16.69 23.49 -46.80
C PRO A 41 -16.97 24.95 -46.42
N GLU A 42 -18.14 25.45 -46.86
CA GLU A 42 -18.63 26.82 -46.57
C GLU A 42 -18.60 27.11 -45.05
N ALA A 43 -19.25 26.21 -44.29
CA ALA A 43 -19.41 26.32 -42.84
C ALA A 43 -18.07 26.07 -42.11
N GLU A 44 -17.13 25.38 -42.80
CA GLU A 44 -15.82 25.02 -42.21
C GLU A 44 -14.85 26.20 -42.32
N GLU A 45 -14.91 26.92 -43.46
CA GLU A 45 -14.09 28.14 -43.69
C GLU A 45 -14.54 29.24 -42.72
N LYS A 46 -15.88 29.37 -42.59
CA LYS A 46 -16.50 30.23 -41.57
C LYS A 46 -16.05 29.81 -40.16
N PHE A 47 -16.00 28.48 -39.93
CA PHE A 47 -15.57 27.91 -38.64
C PHE A 47 -14.06 28.15 -38.38
N LYS A 48 -13.25 28.30 -39.45
CA LYS A 48 -11.82 28.66 -39.33
C LYS A 48 -11.67 30.10 -38.86
N GLU A 49 -12.55 30.99 -39.37
CA GLU A 49 -12.63 32.39 -38.93
C GLU A 49 -13.05 32.46 -37.44
N ILE A 50 -14.02 31.62 -37.05
CA ILE A 50 -14.55 31.52 -35.67
C ILE A 50 -13.48 30.95 -34.70
N ASN A 51 -12.73 29.94 -35.18
CA ASN A 51 -11.59 29.35 -34.47
C ASN A 51 -10.48 30.39 -34.28
N GLU A 52 -10.24 31.19 -35.33
CA GLU A 52 -9.25 32.28 -35.34
C GLU A 52 -9.58 33.34 -34.28
N ALA A 53 -10.85 33.75 -34.30
CA ALA A 53 -11.39 34.76 -33.41
C ALA A 53 -11.21 34.38 -31.93
N TYR A 54 -11.57 33.13 -31.62
CA TYR A 54 -11.43 32.61 -30.26
C TYR A 54 -9.99 32.09 -30.00
N ALA A 55 -9.17 31.90 -31.05
CA ALA A 55 -7.74 31.55 -30.89
C ALA A 55 -7.00 32.71 -30.23
N VAL A 56 -7.44 33.91 -30.60
CA VAL A 56 -7.02 35.14 -29.95
C VAL A 56 -7.68 35.27 -28.55
N LEU A 57 -9.02 35.25 -28.55
CA LEU A 57 -9.84 35.64 -27.38
C LEU A 57 -10.15 34.45 -26.42
N SER A 58 -9.42 33.31 -26.57
CA SER A 58 -9.52 32.15 -25.63
C SER A 58 -8.97 32.55 -24.26
N ASP A 59 -7.64 32.77 -24.22
CA ASP A 59 -6.94 33.24 -23.04
C ASP A 59 -7.12 34.76 -22.92
N PRO A 60 -7.41 35.29 -21.70
CA PRO A 60 -7.40 36.75 -21.43
C PRO A 60 -6.05 37.40 -21.77
N GLU A 61 -4.97 36.60 -21.67
CA GLU A 61 -3.60 37.05 -21.93
C GLU A 61 -3.37 37.31 -23.44
N LYS A 62 -3.77 36.33 -24.28
CA LYS A 62 -3.65 36.43 -25.76
C LYS A 62 -4.65 37.47 -26.32
N ARG A 63 -5.77 37.65 -25.59
CA ARG A 63 -6.73 38.72 -25.87
C ARG A 63 -6.06 40.10 -25.61
N ARG A 64 -5.26 40.21 -24.51
CA ARG A 64 -4.49 41.44 -24.17
C ARG A 64 -3.50 41.79 -25.29
N ILE A 65 -2.85 40.74 -25.84
CA ILE A 65 -1.93 40.84 -26.99
C ILE A 65 -2.62 41.55 -28.18
N TYR A 66 -3.81 41.06 -28.53
CA TYR A 66 -4.67 41.72 -29.55
C TYR A 66 -4.99 43.17 -29.16
N ASP A 67 -5.52 43.36 -27.92
CA ASP A 67 -6.02 44.67 -27.42
C ASP A 67 -4.94 45.77 -27.48
N THR A 68 -3.68 45.38 -27.27
CA THR A 68 -2.53 46.29 -27.30
C THR A 68 -1.90 46.39 -28.71
N TYR A 69 -2.21 45.46 -29.64
CA TYR A 69 -1.88 45.68 -31.07
C TYR A 69 -2.85 46.76 -31.61
N GLY A 70 -2.28 47.84 -32.19
CA GLY A 70 -3.08 49.01 -32.57
C GLY A 70 -3.13 50.03 -31.44
N THR A 71 -2.11 49.97 -30.57
CA THR A 71 -1.87 50.90 -29.46
C THR A 71 -0.36 50.99 -29.39
N THR A 72 0.22 49.80 -29.22
CA THR A 72 1.58 49.49 -29.61
C THR A 72 1.49 49.25 -31.14
N GLU A 73 2.42 49.84 -31.89
CA GLU A 73 2.47 49.72 -33.37
C GLU A 73 2.90 48.30 -33.79
N ALA A 74 3.74 47.68 -32.94
CA ALA A 74 4.23 46.31 -33.12
C ALA A 74 3.31 45.30 -32.38
N PRO A 75 3.36 43.99 -32.74
CA PRO A 75 2.79 42.92 -31.88
C PRO A 75 3.54 42.87 -30.52
N PRO A 76 2.81 42.69 -29.37
CA PRO A 76 3.40 42.58 -28.01
C PRO A 76 4.51 41.49 -27.86
N PRO A 77 5.44 41.63 -26.84
CA PRO A 77 6.57 40.68 -26.64
C PRO A 77 6.08 39.21 -26.43
N PRO A 78 6.57 38.23 -27.25
CA PRO A 78 6.19 36.81 -27.13
C PRO A 78 6.76 36.14 -25.86
N PRO A 79 5.92 35.42 -25.04
CA PRO A 79 6.40 34.60 -23.89
C PRO A 79 7.38 33.49 -24.36
N PRO A 80 8.45 33.17 -23.56
CA PRO A 80 9.47 32.17 -23.95
C PRO A 80 8.88 30.74 -23.98
N GLY A 81 8.28 30.42 -25.13
CA GLY A 81 7.60 29.16 -25.37
C GLY A 81 6.75 29.26 -26.62
N GLY A 82 6.11 30.45 -26.78
CA GLY A 82 5.30 30.77 -27.96
C GLY A 82 3.82 30.91 -27.63
N TYR A 83 2.99 30.89 -28.68
CA TYR A 83 1.52 31.05 -28.59
C TYR A 83 0.84 29.71 -28.90
N ASP A 84 0.28 29.05 -27.87
CA ASP A 84 -0.54 27.83 -28.02
C ASP A 84 -1.87 28.13 -28.77
N PHE A 85 -2.45 27.09 -29.40
CA PHE A 85 -3.68 27.20 -30.23
C PHE A 85 -4.55 25.95 -30.08
N SER A 86 -5.27 25.91 -28.95
CA SER A 86 -6.18 24.81 -28.54
C SER A 86 -7.18 24.40 -29.67
N GLY A 87 -6.72 23.49 -30.55
CA GLY A 87 -7.53 22.99 -31.68
C GLY A 87 -7.66 24.02 -32.82
N PHE A 88 -6.86 25.11 -32.76
CA PHE A 88 -6.94 26.21 -33.73
C PHE A 88 -5.77 26.12 -34.71
N ASP A 89 -6.04 25.65 -35.93
CA ASP A 89 -4.98 25.42 -36.93
C ASP A 89 -4.61 26.74 -37.65
N VAL A 90 -3.74 27.50 -36.97
CA VAL A 90 -3.15 28.79 -37.45
C VAL A 90 -2.67 28.77 -38.93
N GLU A 91 -2.18 27.60 -39.39
CA GLU A 91 -1.64 27.41 -40.77
C GLU A 91 -2.66 27.80 -41.84
N ASP A 92 -3.95 27.61 -41.51
CA ASP A 92 -5.07 27.84 -42.44
C ASP A 92 -5.75 29.22 -42.18
N PHE A 93 -5.32 29.92 -41.10
CA PHE A 93 -5.87 31.26 -40.72
C PHE A 93 -5.13 32.39 -41.47
N SER A 94 -5.57 33.64 -41.25
CA SER A 94 -5.12 34.81 -42.05
C SER A 94 -3.65 35.17 -41.82
N GLU A 95 -3.10 35.94 -42.78
CA GLU A 95 -1.75 36.50 -42.70
C GLU A 95 -1.60 37.46 -41.49
N PHE A 96 -2.65 38.27 -41.20
CA PHE A 96 -2.65 39.19 -40.05
C PHE A 96 -2.53 38.42 -38.75
N PHE A 97 -3.23 37.29 -38.67
CA PHE A 97 -3.18 36.37 -37.53
C PHE A 97 -1.73 35.84 -37.38
N GLN A 98 -1.13 35.50 -38.53
CA GLN A 98 0.26 35.01 -38.62
C GLN A 98 1.30 36.15 -38.56
N GLU A 99 0.85 37.42 -38.45
CA GLU A 99 1.72 38.60 -38.18
C GLU A 99 1.66 39.03 -36.70
N LEU A 100 0.44 39.07 -36.15
CA LEU A 100 0.18 39.43 -34.74
C LEU A 100 0.79 38.37 -33.81
N PHE A 101 0.54 37.11 -34.14
CA PHE A 101 1.10 35.97 -33.40
C PHE A 101 2.43 35.49 -34.03
N GLY A 102 2.77 36.07 -35.20
CA GLY A 102 3.96 35.71 -35.98
C GLY A 102 5.27 35.56 -35.18
N PRO A 103 5.74 36.64 -34.45
CA PRO A 103 7.03 36.62 -33.71
C PRO A 103 7.09 35.56 -32.58
N GLY A 104 5.95 34.90 -32.26
CA GLY A 104 5.91 33.83 -31.28
C GLY A 104 5.01 32.67 -31.70
N LEU A 105 4.92 32.40 -33.02
CA LEU A 105 4.02 31.33 -33.57
C LEU A 105 4.45 29.87 -33.21
N PHE A 106 5.23 29.69 -32.13
CA PHE A 106 5.46 28.38 -31.47
C PHE A 106 6.00 27.33 -32.50
N GLY A 107 5.16 26.35 -32.89
CA GLY A 107 5.56 25.30 -33.84
C GLY A 107 6.61 24.34 -33.28
N GLY A 108 6.75 24.37 -31.94
CA GLY A 108 7.82 23.65 -31.23
C GLY A 108 9.19 24.18 -31.63
N PHE A 109 9.84 23.45 -32.57
CA PHE A 109 11.14 23.84 -33.16
C PHE A 109 11.11 23.67 -34.69
N GLY A 110 9.93 23.32 -35.23
CA GLY A 110 9.72 23.18 -36.68
C GLY A 110 9.47 24.52 -37.38
N ARG A 111 9.19 25.57 -36.56
CA ARG A 111 9.01 27.00 -36.97
C ARG A 111 7.66 27.27 -37.67
N ARG A 112 7.23 26.39 -38.60
CA ARG A 112 6.04 26.62 -39.44
C ARG A 112 4.76 26.12 -38.73
N SER A 113 4.65 26.45 -37.42
CA SER A 113 3.42 26.31 -36.62
C SER A 113 2.76 24.93 -36.81
N ARG A 114 3.52 23.86 -36.53
CA ARG A 114 3.11 22.48 -36.90
C ARG A 114 2.91 21.59 -35.67
N LYS A 115 2.18 20.47 -35.87
CA LYS A 115 1.59 19.67 -34.77
C LYS A 115 2.65 18.94 -33.93
N GLY A 116 2.44 18.95 -32.60
CA GLY A 116 3.31 18.26 -31.66
C GLY A 116 2.76 16.88 -31.23
N ARG A 117 3.42 16.26 -30.21
CA ARG A 117 3.04 14.92 -29.65
C ARG A 117 2.46 15.07 -28.22
N ASP A 118 1.41 14.27 -27.93
CA ASP A 118 0.70 14.22 -26.62
C ASP A 118 1.66 14.20 -25.41
N LEU A 119 1.77 15.36 -24.74
CA LEU A 119 2.76 15.59 -23.69
C LEU A 119 2.09 15.43 -22.32
N ARG A 120 2.83 14.89 -21.35
CA ARG A 120 2.31 14.65 -19.97
C ARG A 120 2.73 15.83 -19.08
N ALA A 121 1.88 16.25 -18.14
CA ALA A 121 2.22 17.38 -17.24
C ALA A 121 1.74 17.11 -15.82
N GLU A 122 2.25 17.95 -14.91
CA GLU A 122 1.92 17.89 -13.48
C GLU A 122 1.30 19.22 -13.12
N LEU A 123 -0.04 19.25 -13.02
CA LEU A 123 -0.80 20.48 -12.74
C LEU A 123 -1.14 20.48 -11.24
N PRO A 124 -0.41 21.26 -10.39
CA PRO A 124 -0.82 21.42 -8.98
C PRO A 124 -2.17 22.14 -8.94
N LEU A 125 -3.02 21.90 -7.92
CA LEU A 125 -4.32 22.59 -7.85
C LEU A 125 -4.82 22.74 -6.41
N THR A 126 -5.51 23.87 -6.17
CA THR A 126 -6.15 24.17 -4.90
C THR A 126 -7.47 23.37 -4.79
N LEU A 127 -7.60 22.62 -3.67
CA LEU A 127 -8.74 21.70 -3.36
C LEU A 127 -10.11 22.30 -3.70
N GLU A 128 -10.37 23.47 -3.10
CA GLU A 128 -11.64 24.20 -3.22
C GLU A 128 -11.92 24.53 -4.70
N GLU A 129 -10.88 25.02 -5.39
CA GLU A 129 -10.96 25.43 -6.80
C GLU A 129 -10.96 24.24 -7.76
N ALA A 130 -10.64 23.05 -7.23
CA ALA A 130 -10.70 21.80 -7.98
C ALA A 130 -12.15 21.31 -8.07
N PHE A 131 -12.85 21.44 -6.93
CA PHE A 131 -14.30 21.19 -6.83
C PHE A 131 -15.10 22.26 -7.63
N HIS A 132 -14.64 23.53 -7.54
CA HIS A 132 -15.36 24.70 -8.11
C HIS A 132 -15.15 24.80 -9.63
N GLY A 133 -13.90 24.60 -10.10
CA GLY A 133 -13.57 24.65 -11.53
C GLY A 133 -13.53 26.07 -12.12
N GLY A 134 -13.57 26.14 -13.46
CA GLY A 134 -13.55 27.42 -14.21
C GLY A 134 -12.19 27.72 -14.83
N GLU A 135 -12.00 28.97 -15.31
CA GLU A 135 -10.72 29.44 -15.86
C GLU A 135 -9.67 29.55 -14.73
N ARG A 136 -8.77 28.57 -14.68
CA ARG A 136 -7.71 28.51 -13.68
C ARG A 136 -6.43 29.15 -14.25
N VAL A 137 -5.92 30.17 -13.55
CA VAL A 137 -4.67 30.84 -13.91
C VAL A 137 -3.48 29.98 -13.45
N VAL A 138 -2.78 29.40 -14.43
CA VAL A 138 -1.61 28.56 -14.22
C VAL A 138 -0.50 29.00 -15.20
N GLU A 139 0.66 29.38 -14.67
CA GLU A 139 1.77 29.92 -15.47
C GLU A 139 2.89 28.88 -15.55
N VAL A 140 3.48 28.72 -16.75
CA VAL A 140 4.59 27.78 -17.01
C VAL A 140 5.45 28.29 -18.17
N ALA A 141 6.79 28.28 -17.95
CA ALA A 141 7.79 28.67 -18.96
C ALA A 141 7.65 30.15 -19.40
N GLY A 142 7.02 30.97 -18.54
CA GLY A 142 6.78 32.38 -18.83
C GLY A 142 5.47 32.63 -19.59
N ARG A 143 4.62 31.58 -19.68
CA ARG A 143 3.35 31.63 -20.43
C ARG A 143 2.19 31.35 -19.45
N ARG A 144 1.55 32.42 -19.00
CA ARG A 144 0.36 32.40 -18.12
C ARG A 144 -0.86 31.87 -18.89
N VAL A 145 -1.10 30.56 -18.85
CA VAL A 145 -2.24 29.93 -19.53
C VAL A 145 -3.45 29.82 -18.58
N SER A 146 -4.62 30.21 -19.09
CA SER A 146 -5.87 30.16 -18.33
C SER A 146 -6.64 28.89 -18.73
N VAL A 147 -6.31 27.76 -18.05
CA VAL A 147 -6.90 26.45 -18.37
C VAL A 147 -8.27 26.34 -17.71
N ARG A 148 -9.33 26.30 -18.53
CA ARG A 148 -10.68 26.04 -18.04
C ARG A 148 -10.77 24.59 -17.55
N ILE A 149 -10.53 24.41 -16.25
CA ILE A 149 -10.61 23.12 -15.58
C ILE A 149 -12.10 22.76 -15.34
N PRO A 150 -12.55 21.49 -15.61
CA PRO A 150 -13.92 21.04 -15.30
C PRO A 150 -14.23 21.17 -13.79
N PRO A 151 -15.38 21.83 -13.39
CA PRO A 151 -15.87 21.83 -11.99
C PRO A 151 -16.08 20.40 -11.48
N GLY A 152 -15.05 19.83 -10.84
CA GLY A 152 -15.03 18.40 -10.57
C GLY A 152 -13.78 17.73 -11.10
N VAL A 153 -12.66 18.10 -10.50
CA VAL A 153 -11.36 17.46 -10.72
C VAL A 153 -10.64 17.40 -9.35
N ARG A 154 -9.95 16.29 -9.06
CA ARG A 154 -9.12 16.13 -7.83
C ARG A 154 -7.99 15.10 -8.12
N GLU A 155 -7.05 14.94 -7.15
CA GLU A 155 -5.75 14.21 -7.27
C GLU A 155 -5.77 12.96 -8.20
N GLY A 156 -4.92 12.95 -9.24
CA GLY A 156 -4.81 11.79 -10.13
C GLY A 156 -5.69 11.87 -11.37
N SER A 157 -6.65 12.81 -11.38
CA SER A 157 -7.51 13.06 -12.55
C SER A 157 -6.68 13.76 -13.65
N VAL A 158 -6.92 13.34 -14.90
CA VAL A 158 -6.21 13.86 -16.07
C VAL A 158 -7.14 14.79 -16.85
N ILE A 159 -6.74 16.08 -16.99
CA ILE A 159 -7.46 17.07 -17.82
C ILE A 159 -6.76 17.17 -19.18
N ARG A 160 -7.45 16.77 -20.26
CA ARG A 160 -6.94 16.95 -21.61
C ARG A 160 -7.14 18.42 -22.05
N VAL A 161 -6.04 19.20 -22.08
CA VAL A 161 -6.07 20.59 -22.61
C VAL A 161 -5.21 20.66 -23.91
N PRO A 162 -5.86 20.89 -25.10
CA PRO A 162 -5.14 21.00 -26.39
C PRO A 162 -4.25 22.27 -26.48
N GLY A 163 -3.05 22.11 -27.07
CA GLY A 163 -2.18 23.23 -27.48
C GLY A 163 -0.94 23.40 -26.63
N MET A 164 -1.01 22.96 -25.37
CA MET A 164 0.09 23.10 -24.40
C MET A 164 0.94 21.81 -24.37
N GLY A 165 0.28 20.67 -24.64
CA GLY A 165 0.95 19.40 -24.92
C GLY A 165 1.10 19.24 -26.39
N GLY A 166 2.11 18.49 -26.83
CA GLY A 166 2.57 18.59 -28.19
C GLY A 166 2.88 19.97 -28.59
N GLN A 167 4.10 20.38 -28.18
CA GLN A 167 4.67 21.68 -28.40
C GLN A 167 4.68 21.97 -29.89
N GLY A 168 3.76 22.83 -30.28
CA GLY A 168 3.50 23.13 -31.66
C GLY A 168 2.44 24.20 -31.73
N ASN A 169 1.53 24.09 -32.69
CA ASN A 169 0.40 25.04 -32.81
C ASN A 169 -0.92 24.25 -33.01
N PRO A 170 -1.04 23.32 -34.04
CA PRO A 170 -2.05 22.27 -34.00
C PRO A 170 -1.67 21.33 -32.84
N PRO A 171 -2.56 21.11 -31.87
CA PRO A 171 -2.18 20.52 -30.56
C PRO A 171 -1.66 19.08 -30.63
N GLY A 172 -0.64 18.78 -29.82
CA GLY A 172 -0.37 17.38 -29.49
C GLY A 172 -1.33 16.85 -28.41
N ASP A 173 -1.81 17.81 -27.58
CA ASP A 173 -2.76 17.62 -26.43
C ASP A 173 -1.97 17.33 -25.14
N LEU A 174 -2.40 17.96 -24.04
CA LEU A 174 -1.69 17.91 -22.76
C LEU A 174 -2.51 17.11 -21.74
N LEU A 175 -1.82 16.25 -21.00
CA LEU A 175 -2.41 15.38 -19.99
C LEU A 175 -2.07 15.92 -18.59
N LEU A 176 -2.91 16.88 -18.13
CA LEU A 176 -2.76 17.54 -16.82
C LEU A 176 -3.06 16.55 -15.68
N VAL A 177 -2.01 16.02 -15.07
CA VAL A 177 -2.14 15.16 -13.88
C VAL A 177 -2.22 16.07 -12.67
N VAL A 178 -3.44 16.24 -12.15
CA VAL A 178 -3.72 17.18 -11.06
C VAL A 178 -3.09 16.70 -9.73
N ARG A 179 -2.23 17.56 -9.16
CA ARG A 179 -1.50 17.32 -7.92
C ARG A 179 -2.03 18.28 -6.86
N LEU A 180 -2.98 17.81 -6.07
CA LEU A 180 -3.67 18.63 -5.07
C LEU A 180 -2.75 18.99 -3.89
N LEU A 181 -3.00 20.17 -3.31
CA LEU A 181 -2.26 20.72 -2.16
C LEU A 181 -2.34 19.78 -0.92
N PRO A 182 -1.40 19.90 0.08
CA PRO A 182 -1.45 19.11 1.36
C PRO A 182 -2.59 19.53 2.34
N HIS A 183 -3.72 19.97 1.78
CA HIS A 183 -5.01 20.13 2.49
C HIS A 183 -5.51 18.70 2.87
N PRO A 184 -5.44 18.30 4.18
CA PRO A 184 -5.54 16.88 4.63
C PRO A 184 -6.97 16.26 4.61
N VAL A 185 -7.86 16.80 3.77
CA VAL A 185 -9.27 16.39 3.75
C VAL A 185 -9.54 15.37 2.62
N PHE A 186 -9.32 15.78 1.36
CA PHE A 186 -9.71 14.96 0.18
C PHE A 186 -8.52 14.69 -0.74
N ARG A 187 -8.50 13.45 -1.25
CA ARG A 187 -7.60 12.97 -2.31
C ARG A 187 -8.45 12.09 -3.24
N LEU A 188 -8.22 12.16 -4.55
CA LEU A 188 -8.94 11.33 -5.55
C LEU A 188 -7.96 10.24 -6.03
N GLU A 189 -8.45 9.33 -6.89
CA GLU A 189 -7.59 8.40 -7.62
C GLU A 189 -8.37 7.81 -8.79
N GLY A 190 -7.78 7.88 -10.01
CA GLY A 190 -8.50 7.56 -11.24
C GLY A 190 -9.58 8.61 -11.54
N GLN A 191 -10.68 8.54 -10.76
CA GLN A 191 -11.77 9.53 -10.79
C GLN A 191 -12.67 9.40 -9.51
N ASP A 192 -12.37 8.42 -8.63
CA ASP A 192 -13.17 8.19 -7.39
C ASP A 192 -12.48 8.83 -6.18
N LEU A 193 -13.30 9.22 -5.19
CA LEU A 193 -12.90 10.09 -4.07
C LEU A 193 -12.35 9.27 -2.90
N TYR A 194 -11.52 9.91 -2.07
CA TYR A 194 -10.97 9.39 -0.81
C TYR A 194 -10.91 10.54 0.21
N ALA A 195 -11.02 10.20 1.49
CA ALA A 195 -10.93 11.16 2.61
C ALA A 195 -10.42 10.41 3.86
N THR A 196 -9.50 11.00 4.61
CA THR A 196 -8.94 10.35 5.82
C THR A 196 -9.94 10.47 6.98
N LEU A 197 -10.17 9.35 7.71
CA LEU A 197 -11.14 9.31 8.81
C LEU A 197 -10.52 8.60 10.03
N ASP A 198 -10.01 9.37 11.00
CA ASP A 198 -9.58 8.84 12.30
C ASP A 198 -10.81 8.78 13.24
N VAL A 199 -11.11 7.56 13.73
CA VAL A 199 -12.34 7.27 14.51
C VAL A 199 -11.98 6.35 15.70
N PRO A 200 -12.53 6.57 16.94
CA PRO A 200 -12.27 5.68 18.08
C PRO A 200 -13.00 4.33 17.93
N ALA A 201 -12.43 3.30 18.56
CA ALA A 201 -12.85 1.90 18.42
C ALA A 201 -14.36 1.65 18.62
N PRO A 202 -15.05 2.13 19.72
CA PRO A 202 -16.51 1.87 19.92
C PRO A 202 -17.40 2.46 18.81
N ILE A 203 -17.05 3.67 18.30
CA ILE A 203 -17.79 4.29 17.18
C ILE A 203 -17.59 3.47 15.89
N ALA A 204 -16.35 2.94 15.73
CA ALA A 204 -15.98 2.07 14.59
C ALA A 204 -16.74 0.72 14.63
N VAL A 205 -16.84 0.12 15.84
CA VAL A 205 -17.45 -1.21 16.05
C VAL A 205 -18.98 -1.17 15.85
N VAL A 206 -19.61 -0.18 16.49
CA VAL A 206 -21.07 -0.07 16.59
C VAL A 206 -21.68 0.63 15.37
N GLY A 207 -20.98 1.65 14.88
CA GLY A 207 -21.52 2.53 13.84
C GLY A 207 -22.11 3.78 14.45
N GLY A 208 -21.26 4.81 14.58
CA GLY A 208 -21.64 6.06 15.22
C GLY A 208 -21.63 7.24 14.28
N LYS A 209 -21.37 8.44 14.82
CA LYS A 209 -21.39 9.70 14.06
C LYS A 209 -20.20 10.56 14.48
N VAL A 210 -19.46 11.10 13.49
CA VAL A 210 -18.37 12.08 13.72
C VAL A 210 -18.52 13.23 12.71
N ARG A 211 -18.09 14.44 13.08
CA ARG A 211 -18.15 15.60 12.17
C ARG A 211 -16.87 15.64 11.32
N ALA A 212 -17.03 15.43 10.01
CA ALA A 212 -15.93 15.34 9.04
C ALA A 212 -15.80 16.65 8.27
N MET A 213 -14.67 16.81 7.58
CA MET A 213 -14.34 18.05 6.87
C MET A 213 -14.68 17.87 5.38
N THR A 214 -14.99 19.00 4.73
CA THR A 214 -15.09 19.13 3.27
C THR A 214 -14.33 20.39 2.85
N LEU A 215 -14.42 20.74 1.58
CA LEU A 215 -13.76 21.93 1.02
C LEU A 215 -14.62 23.18 1.32
N GLU A 216 -15.93 22.95 1.47
CA GLU A 216 -16.94 24.00 1.68
C GLU A 216 -17.10 24.35 3.17
N GLY A 217 -16.62 23.44 4.04
CA GLY A 217 -16.68 23.62 5.50
C GLY A 217 -16.80 22.30 6.24
N PRO A 218 -17.33 22.28 7.50
CA PRO A 218 -17.62 21.01 8.22
C PRO A 218 -19.02 20.47 7.89
N VAL A 219 -19.13 19.14 7.74
CA VAL A 219 -20.40 18.39 7.62
C VAL A 219 -20.34 17.20 8.58
N GLU A 220 -21.46 16.49 8.79
CA GLU A 220 -21.47 15.32 9.70
C GLU A 220 -21.69 14.02 8.92
N VAL A 221 -20.88 13.00 9.25
CA VAL A 221 -20.88 11.69 8.60
C VAL A 221 -21.21 10.60 9.65
N ALA A 222 -22.01 9.59 9.25
CA ALA A 222 -22.43 8.50 10.15
C ALA A 222 -21.63 7.22 9.83
N VAL A 223 -20.64 6.93 10.70
CA VAL A 223 -19.73 5.76 10.61
C VAL A 223 -20.54 4.42 10.61
N PRO A 224 -20.17 3.37 9.79
CA PRO A 224 -20.84 2.05 9.80
C PRO A 224 -20.29 1.12 10.91
N PRO A 225 -20.93 -0.06 11.18
CA PRO A 225 -20.38 -1.04 12.14
C PRO A 225 -19.19 -1.85 11.58
N ARG A 226 -18.26 -2.22 12.49
CA ARG A 226 -17.08 -3.08 12.22
C ARG A 226 -16.11 -2.43 11.21
N THR A 227 -16.07 -1.09 11.30
CA THR A 227 -15.13 -0.22 10.58
C THR A 227 -13.68 -0.53 11.01
N GLN A 228 -12.94 -1.19 10.12
CA GLN A 228 -11.60 -1.73 10.43
C GLN A 228 -10.49 -0.75 10.00
N ALA A 229 -9.35 -0.80 10.72
CA ALA A 229 -8.16 0.02 10.44
C ALA A 229 -7.59 -0.29 9.04
N GLY A 230 -7.59 0.73 8.17
CA GLY A 230 -7.05 0.61 6.82
C GLY A 230 -8.13 0.54 5.76
N ARG A 231 -9.35 0.09 6.16
CA ARG A 231 -10.48 -0.03 5.24
C ARG A 231 -11.03 1.34 4.86
N LYS A 232 -11.31 1.49 3.57
CA LYS A 232 -11.81 2.70 2.96
C LYS A 232 -13.33 2.56 2.73
N LEU A 233 -14.10 3.34 3.49
CA LEU A 233 -15.57 3.25 3.54
C LEU A 233 -16.17 3.87 2.27
N ARG A 234 -16.56 3.00 1.33
CA ARG A 234 -17.03 3.36 -0.01
C ARG A 234 -18.45 3.99 0.05
N LEU A 235 -18.58 5.20 -0.52
CA LEU A 235 -19.85 5.96 -0.57
C LEU A 235 -20.25 6.20 -2.02
N LYS A 236 -21.28 5.48 -2.48
CA LYS A 236 -21.70 5.45 -3.89
C LYS A 236 -22.12 6.83 -4.42
N GLY A 237 -21.50 7.26 -5.55
CA GLY A 237 -21.88 8.48 -6.26
C GLY A 237 -21.45 9.76 -5.55
N LYS A 238 -20.30 9.72 -4.87
CA LYS A 238 -19.75 10.87 -4.11
C LYS A 238 -18.42 11.36 -4.72
N GLY A 239 -17.78 10.50 -5.53
CA GLY A 239 -16.62 10.90 -6.35
C GLY A 239 -17.04 11.58 -7.64
N PHE A 240 -16.08 11.80 -8.55
CA PHE A 240 -16.27 12.62 -9.76
C PHE A 240 -16.66 11.77 -10.99
N PRO A 241 -17.38 12.37 -12.02
CA PRO A 241 -17.84 11.65 -13.23
C PRO A 241 -16.67 11.18 -14.13
N GLY A 242 -16.62 9.86 -14.38
CA GLY A 242 -15.58 9.25 -15.21
C GLY A 242 -16.06 7.99 -15.92
N PRO A 243 -15.15 6.99 -16.20
CA PRO A 243 -15.49 5.74 -16.96
C PRO A 243 -16.50 4.85 -16.22
N ALA A 244 -16.47 4.89 -14.88
CA ALA A 244 -17.38 4.10 -14.01
C ALA A 244 -18.70 4.84 -13.74
N GLY A 245 -19.04 5.81 -14.61
CA GLY A 245 -20.19 6.69 -14.41
C GLY A 245 -19.80 7.87 -13.54
N ARG A 246 -19.94 7.70 -12.22
CA ARG A 246 -19.32 8.58 -11.20
C ARG A 246 -18.54 7.72 -10.21
N GLY A 247 -17.58 8.36 -9.53
CA GLY A 247 -16.77 7.69 -8.53
C GLY A 247 -17.47 7.60 -7.19
N ASP A 248 -16.79 7.00 -6.21
CA ASP A 248 -17.32 6.80 -4.86
C ASP A 248 -16.33 7.40 -3.84
N LEU A 249 -16.82 7.79 -2.65
CA LEU A 249 -15.97 8.40 -1.60
C LEU A 249 -15.54 7.32 -0.60
N TYR A 250 -14.25 7.01 -0.60
CA TYR A 250 -13.64 6.01 0.27
C TYR A 250 -13.01 6.70 1.48
N LEU A 251 -13.64 6.58 2.65
CA LEU A 251 -13.11 7.10 3.91
C LEU A 251 -12.03 6.15 4.46
N GLU A 252 -10.76 6.49 4.21
CA GLU A 252 -9.60 5.65 4.56
C GLU A 252 -9.33 5.80 6.08
N VAL A 253 -9.74 4.77 6.83
CA VAL A 253 -9.85 4.81 8.30
C VAL A 253 -8.55 4.45 9.06
N ARG A 254 -8.34 5.16 10.19
CA ARG A 254 -7.36 4.82 11.24
C ARG A 254 -8.11 4.82 12.59
N ILE A 255 -8.21 3.62 13.20
CA ILE A 255 -8.87 3.45 14.51
C ILE A 255 -7.95 3.96 15.63
N THR A 256 -8.54 4.66 16.61
CA THR A 256 -7.86 5.19 17.80
C THR A 256 -8.56 4.67 19.07
N ILE A 257 -7.99 4.99 20.24
CA ILE A 257 -8.58 4.67 21.55
C ILE A 257 -8.80 5.97 22.36
N PRO A 258 -9.61 5.97 23.47
CA PRO A 258 -9.83 7.19 24.32
C PRO A 258 -8.60 7.64 25.15
N GLU A 259 -7.44 6.98 24.91
CA GLU A 259 -6.30 6.99 25.85
C GLU A 259 -6.81 6.65 27.27
N ARG A 260 -7.04 7.70 28.07
CA ARG A 260 -7.39 7.59 29.50
C ARG A 260 -8.92 7.39 29.67
N LEU A 261 -9.30 6.83 30.83
CA LEU A 261 -10.70 6.47 31.13
C LEU A 261 -11.08 6.91 32.55
N THR A 262 -12.33 6.59 32.94
CA THR A 262 -12.87 6.84 34.28
C THR A 262 -13.59 5.56 34.77
N PRO A 263 -13.56 5.28 36.13
CA PRO A 263 -13.97 3.99 36.81
C PRO A 263 -14.88 3.00 36.02
N GLU A 264 -16.08 3.47 35.61
CA GLU A 264 -17.08 2.62 34.94
C GLU A 264 -16.56 2.15 33.55
N GLU A 265 -16.25 3.12 32.66
CA GLU A 265 -15.76 2.84 31.28
C GLU A 265 -14.41 2.11 31.32
N GLU A 266 -13.65 2.38 32.40
CA GLU A 266 -12.37 1.71 32.68
C GLU A 266 -12.59 0.20 32.78
N ALA A 267 -13.54 -0.18 33.67
CA ALA A 267 -13.91 -1.57 33.90
C ALA A 267 -14.54 -2.21 32.65
N LEU A 268 -15.28 -1.42 31.83
CA LEU A 268 -15.89 -1.91 30.56
C LEU A 268 -14.82 -2.40 29.56
N TRP A 269 -13.82 -1.54 29.29
CA TRP A 269 -12.69 -1.86 28.38
C TRP A 269 -11.87 -3.05 28.89
N LYS A 270 -11.67 -3.11 30.21
CA LYS A 270 -10.93 -4.20 30.85
C LYS A 270 -11.68 -5.55 30.75
N LYS A 271 -13.01 -5.52 30.91
CA LYS A 271 -13.88 -6.72 30.74
C LYS A 271 -13.85 -7.19 29.28
N LEU A 272 -13.89 -6.22 28.34
CA LEU A 272 -13.76 -6.47 26.89
C LEU A 272 -12.46 -7.22 26.59
N ALA A 273 -11.36 -6.75 27.20
CA ALA A 273 -10.01 -7.24 26.95
C ALA A 273 -9.71 -8.59 27.62
N GLU A 274 -10.31 -8.81 28.81
CA GLU A 274 -10.18 -10.08 29.56
C GLU A 274 -10.97 -11.19 28.86
N ALA A 275 -12.23 -10.88 28.50
CA ALA A 275 -13.12 -11.80 27.77
C ALA A 275 -12.67 -11.95 26.30
N TYR A 276 -11.88 -10.95 25.81
CA TYR A 276 -11.21 -11.01 24.50
C TYR A 276 -10.20 -12.16 24.51
N TYR A 277 -9.17 -12.02 25.38
CA TYR A 277 -8.03 -12.96 25.42
C TYR A 277 -8.50 -14.37 25.81
N ALA A 278 -9.43 -14.44 26.78
CA ALA A 278 -10.05 -15.70 27.24
C ALA A 278 -10.78 -16.44 26.09
N ARG A 279 -11.31 -15.65 25.13
CA ARG A 279 -12.02 -16.20 23.96
C ARG A 279 -11.29 -15.82 22.66
N ALA A 280 -9.93 -15.77 22.74
CA ALA A 280 -9.08 -15.54 21.56
C ALA A 280 -8.85 -16.88 20.82
N MET B 1 -7.23 28.94 2.46
CA MET B 1 -7.84 27.97 1.52
C MET B 1 -8.58 28.75 0.41
N LYS B 2 -8.80 28.07 -0.73
CA LYS B 2 -9.43 28.64 -1.95
C LYS B 2 -8.50 29.66 -2.66
N GLN B 3 -8.12 29.30 -3.89
CA GLN B 3 -7.41 30.17 -4.86
C GLN B 3 -6.00 30.53 -4.37
N SER B 4 -5.27 29.49 -3.93
CA SER B 4 -3.83 29.59 -3.58
C SER B 4 -2.99 29.88 -4.84
N THR B 5 -3.56 29.50 -6.01
CA THR B 5 -2.99 29.74 -7.36
C THR B 5 -1.77 28.83 -7.63
N ILE B 6 -1.56 28.46 -8.91
CA ILE B 6 -0.70 27.33 -9.28
C ILE B 6 0.23 27.64 -10.48
N ALA B 7 1.21 26.74 -10.70
CA ALA B 7 2.20 26.83 -11.77
C ALA B 7 2.56 25.41 -12.27
N LEU B 8 2.39 25.18 -13.59
CA LEU B 8 2.52 23.85 -14.23
C LEU B 8 4.00 23.42 -14.34
N ALA B 9 4.25 22.10 -14.29
CA ALA B 9 5.62 21.53 -14.35
C ALA B 9 6.06 21.23 -15.80
N LEU B 10 5.19 20.51 -16.56
CA LEU B 10 5.50 19.95 -17.90
C LEU B 10 6.56 18.82 -17.82
N LEU B 11 6.17 17.58 -18.18
CA LEU B 11 7.07 16.42 -18.34
C LEU B 11 7.16 16.10 -19.85
N PRO B 12 8.29 16.49 -20.56
CA PRO B 12 8.43 16.31 -22.03
C PRO B 12 8.16 14.85 -22.49
N LEU B 13 9.06 13.92 -22.11
CA LEU B 13 8.90 12.47 -22.38
C LEU B 13 9.87 11.70 -21.47
N LEU B 14 9.38 10.55 -20.94
CA LEU B 14 10.17 9.59 -20.12
C LEU B 14 10.54 10.14 -18.72
N PHE B 15 10.43 11.46 -18.49
CA PHE B 15 10.80 12.10 -17.23
C PHE B 15 9.66 11.91 -16.21
N THR B 16 9.74 10.77 -15.50
CA THR B 16 8.80 10.40 -14.45
C THR B 16 9.62 9.89 -13.25
N PRO B 17 9.44 10.47 -12.01
CA PRO B 17 10.24 10.09 -10.81
C PRO B 17 10.07 8.61 -10.36
N VAL B 18 10.72 7.69 -11.09
CA VAL B 18 10.67 6.23 -10.83
C VAL B 18 12.09 5.63 -10.99
N THR B 19 12.86 5.66 -9.88
CA THR B 19 14.15 4.90 -9.72
C THR B 19 15.24 5.32 -10.76
N LYS B 20 15.03 6.46 -11.47
CA LYS B 20 15.93 6.90 -12.55
C LYS B 20 15.75 8.40 -12.84
N ALA B 21 14.60 8.76 -13.46
CA ALA B 21 14.36 10.12 -13.97
C ALA B 21 14.00 11.10 -12.83
N ARG B 22 15.06 11.53 -12.09
CA ARG B 22 14.96 12.33 -10.86
C ARG B 22 14.08 11.60 -9.81
N THR B 23 14.71 10.83 -8.93
CA THR B 23 14.01 10.13 -7.85
C THR B 23 14.11 10.98 -6.56
N PRO B 24 12.96 11.51 -6.03
CA PRO B 24 12.94 12.32 -4.78
C PRO B 24 13.42 11.52 -3.56
N GLU B 25 13.04 10.24 -3.51
CA GLU B 25 13.41 9.33 -2.42
C GLU B 25 14.91 8.97 -2.53
N MET B 26 15.68 9.39 -1.50
CA MET B 26 17.14 9.25 -1.44
C MET B 26 17.67 9.67 -0.03
N PRO B 27 17.26 10.87 0.55
CA PRO B 27 17.64 11.24 1.95
C PRO B 27 16.92 10.36 2.99
N VAL B 28 17.46 10.37 4.25
CA VAL B 28 17.04 9.52 5.39
C VAL B 28 17.59 8.07 5.23
N LEU B 29 17.67 7.61 3.97
CA LEU B 29 18.32 6.34 3.59
C LEU B 29 19.85 6.41 3.78
N GLU B 30 20.50 5.22 3.71
CA GLU B 30 21.95 5.05 3.92
C GLU B 30 22.35 5.45 5.37
N ASN B 31 21.45 5.15 6.32
CA ASN B 31 21.62 5.49 7.75
C ASN B 31 22.79 4.69 8.36
N ARG B 32 23.90 5.38 8.64
CA ARG B 32 25.12 4.78 9.24
C ARG B 32 25.03 4.77 10.80
N ALA B 33 24.03 5.48 11.36
CA ALA B 33 23.89 5.68 12.82
C ALA B 33 23.42 4.38 13.52
N ALA B 34 22.14 4.01 13.31
CA ALA B 34 21.53 2.81 13.92
C ALA B 34 21.10 1.85 12.80
N GLN B 35 21.82 0.71 12.66
CA GLN B 35 21.55 -0.30 11.62
C GLN B 35 22.28 -1.62 11.95
N GLY B 36 21.76 -2.31 12.98
CA GLY B 36 22.26 -3.61 13.43
C GLY B 36 23.69 -3.57 13.97
N ASP B 37 24.58 -4.35 13.33
CA ASP B 37 25.99 -4.52 13.77
C ASP B 37 26.80 -3.21 13.74
N ILE B 38 26.42 -2.27 12.85
CA ILE B 38 27.19 -1.02 12.66
C ILE B 38 27.13 -0.13 13.93
N THR B 39 26.03 -0.28 14.70
CA THR B 39 25.82 0.45 15.96
C THR B 39 26.09 -0.45 17.18
N ALA B 40 25.79 -1.76 17.05
CA ALA B 40 25.95 -2.75 18.13
C ALA B 40 25.83 -4.17 17.54
N PRO B 41 26.98 -4.93 17.39
CA PRO B 41 26.97 -6.34 16.91
C PRO B 41 26.39 -7.31 17.97
N GLY B 42 25.06 -7.22 18.17
CA GLY B 42 24.34 -8.05 19.15
C GLY B 42 24.77 -7.77 20.59
N GLY B 43 25.80 -8.52 21.04
CA GLY B 43 26.39 -8.36 22.37
C GLY B 43 27.50 -9.37 22.62
N ALA B 44 28.07 -9.92 21.51
CA ALA B 44 29.01 -11.07 21.51
C ALA B 44 28.32 -12.32 22.10
N ARG B 45 28.24 -12.37 23.45
CA ARG B 45 27.45 -13.37 24.18
C ARG B 45 25.95 -13.10 23.92
N ARG B 46 25.22 -14.14 23.50
CA ARG B 46 23.75 -14.08 23.34
C ARG B 46 23.09 -14.16 24.74
N LEU B 47 23.82 -14.85 25.66
CA LEU B 47 23.56 -14.90 27.12
C LEU B 47 22.43 -15.89 27.49
N THR B 48 21.38 -16.01 26.64
CA THR B 48 20.20 -16.91 26.87
C THR B 48 19.34 -16.40 28.08
N GLY B 49 19.65 -15.18 28.55
CA GLY B 49 19.04 -14.63 29.76
C GLY B 49 19.65 -15.20 31.05
N ASP B 50 20.91 -15.68 30.94
CA ASP B 50 21.66 -16.27 32.08
C ASP B 50 22.19 -15.18 33.01
N GLN B 51 22.23 -15.50 34.30
CA GLN B 51 22.74 -14.61 35.36
C GLN B 51 23.65 -15.40 36.33
N THR B 52 23.89 -16.70 35.99
CA THR B 52 24.78 -17.62 36.76
C THR B 52 24.32 -17.75 38.25
N ALA B 53 23.00 -17.60 38.49
CA ALA B 53 22.42 -17.66 39.86
C ALA B 53 22.56 -19.08 40.44
N ALA B 54 23.50 -19.20 41.41
CA ALA B 54 23.86 -20.48 42.08
C ALA B 54 24.59 -21.45 41.11
N LEU B 55 24.89 -20.96 39.87
CA LEU B 55 25.44 -21.77 38.76
C LEU B 55 24.48 -22.96 38.43
N ARG B 56 23.18 -22.76 38.77
CA ARG B 56 22.14 -23.81 38.69
C ARG B 56 20.86 -23.25 38.03
N ASP B 57 19.86 -24.14 37.88
CA ASP B 57 18.54 -23.85 37.28
C ASP B 57 17.69 -22.88 38.13
N SER B 58 18.18 -22.58 39.35
CA SER B 58 17.54 -21.65 40.31
C SER B 58 17.29 -20.24 39.70
N LEU B 59 18.05 -19.87 38.64
CA LEU B 59 17.89 -18.57 37.96
C LEU B 59 16.55 -18.50 37.20
N SER B 60 16.11 -19.65 36.68
CA SER B 60 14.95 -19.76 35.79
C SER B 60 13.73 -20.11 36.64
N ASP B 61 12.76 -19.16 36.69
CA ASP B 61 11.60 -19.22 37.59
C ASP B 61 10.58 -20.30 37.15
N LYS B 62 9.92 -20.90 38.16
CA LYS B 62 8.90 -21.96 38.00
C LYS B 62 9.45 -23.21 37.26
N PRO B 63 10.29 -24.06 37.95
CA PRO B 63 10.68 -25.42 37.45
C PRO B 63 9.51 -26.44 37.48
N ALA B 64 8.31 -25.97 37.96
CA ALA B 64 7.03 -26.71 37.97
C ALA B 64 7.02 -27.81 39.03
N LYS B 65 7.70 -28.93 38.76
CA LYS B 65 7.80 -30.09 39.67
C LYS B 65 9.23 -30.26 40.18
N ASN B 66 10.19 -29.52 39.56
CA ASN B 66 11.64 -29.56 39.87
C ASN B 66 12.29 -30.91 39.39
N ILE B 67 13.62 -30.83 39.07
CA ILE B 67 14.49 -31.97 38.65
C ILE B 67 13.81 -32.90 37.59
N ILE B 68 13.13 -32.25 36.63
CA ILE B 68 12.35 -32.94 35.58
C ILE B 68 13.26 -33.39 34.41
N LEU B 69 14.13 -34.37 34.72
CA LEU B 69 15.13 -34.90 33.77
C LEU B 69 14.45 -35.87 32.77
N LEU B 70 14.54 -35.51 31.46
CA LEU B 70 13.93 -36.26 30.33
C LEU B 70 12.39 -36.18 30.38
N ILE B 71 11.81 -36.94 31.31
CA ILE B 71 10.35 -36.98 31.56
C ILE B 71 10.12 -37.13 33.08
N GLY B 72 9.77 -36.02 33.75
CA GLY B 72 9.51 -36.01 35.20
C GLY B 72 8.07 -36.34 35.53
N ASP B 73 7.42 -37.11 34.63
CA ASP B 73 5.99 -37.46 34.70
C ASP B 73 5.82 -38.97 34.94
N GLY B 74 6.96 -39.70 35.01
CA GLY B 74 6.98 -41.16 35.11
C GLY B 74 7.37 -41.81 33.79
N MET B 75 7.63 -43.12 33.82
CA MET B 75 8.08 -43.90 32.64
C MET B 75 6.88 -44.48 31.88
N GLY B 76 6.08 -43.56 31.34
CA GLY B 76 4.98 -43.86 30.42
C GLY B 76 5.12 -43.01 29.19
N ASP B 77 6.34 -43.03 28.64
CA ASP B 77 6.82 -42.15 27.56
C ASP B 77 5.85 -42.10 26.38
N SER B 78 5.65 -43.28 25.72
CA SER B 78 4.75 -43.50 24.55
C SER B 78 4.98 -42.48 23.40
N GLU B 79 4.52 -41.22 23.62
CA GLU B 79 4.68 -40.08 22.69
C GLU B 79 3.80 -40.27 21.44
N ILE B 80 4.32 -40.99 20.43
CA ILE B 80 3.63 -41.30 19.16
C ILE B 80 4.08 -42.70 18.70
N THR B 81 3.84 -43.03 17.41
CA THR B 81 4.50 -44.19 16.76
C THR B 81 6.02 -44.05 16.88
N ALA B 82 6.73 -45.17 17.13
CA ALA B 82 8.20 -45.21 17.36
C ALA B 82 8.97 -44.44 16.25
N ALA B 83 9.24 -43.14 16.52
CA ALA B 83 9.87 -42.20 15.58
C ALA B 83 10.47 -41.03 16.38
N ARG B 84 9.58 -40.27 17.08
CA ARG B 84 10.01 -39.21 18.02
C ARG B 84 10.30 -39.86 19.38
N ASN B 85 11.45 -40.51 19.46
CA ASN B 85 11.95 -41.13 20.69
C ASN B 85 13.22 -40.37 21.09
N TYR B 86 14.29 -40.54 20.27
CA TYR B 86 15.58 -39.80 20.37
C TYR B 86 16.34 -40.09 21.70
N ALA B 87 17.69 -39.97 21.64
CA ALA B 87 18.61 -40.21 22.78
C ALA B 87 18.53 -41.68 23.24
N GLU B 88 19.04 -41.97 24.47
CA GLU B 88 19.01 -43.28 25.13
C GLU B 88 20.00 -44.25 24.43
N GLY B 89 19.67 -44.65 23.20
CA GLY B 89 20.49 -45.55 22.40
C GLY B 89 19.70 -46.07 21.21
N ALA B 90 18.40 -46.35 21.45
CA ALA B 90 17.46 -46.85 20.41
C ALA B 90 17.31 -45.85 19.25
N GLY B 91 17.38 -44.53 19.58
CA GLY B 91 17.24 -43.46 18.59
C GLY B 91 18.34 -42.42 18.73
N GLY B 92 19.56 -42.75 18.22
CA GLY B 92 20.70 -41.83 18.27
C GLY B 92 20.44 -40.54 17.49
N PHE B 93 20.17 -40.70 16.17
CA PHE B 93 19.89 -39.62 15.22
C PHE B 93 20.97 -38.51 15.29
N PHE B 94 22.18 -38.88 14.83
CA PHE B 94 23.37 -38.00 14.84
C PHE B 94 23.33 -37.00 13.68
N LYS B 95 22.34 -37.19 12.76
CA LYS B 95 21.95 -36.26 11.66
C LYS B 95 22.95 -36.23 10.49
N GLY B 96 24.22 -36.58 10.76
CA GLY B 96 25.31 -36.43 9.79
C GLY B 96 25.86 -35.00 9.72
N ILE B 97 25.24 -34.08 10.53
CA ILE B 97 25.52 -32.63 10.49
C ILE B 97 26.98 -32.32 10.88
N ASP B 98 27.59 -33.24 11.66
CA ASP B 98 29.02 -33.18 12.02
C ASP B 98 29.91 -33.20 10.75
N ALA B 99 30.89 -32.28 10.67
CA ALA B 99 31.90 -32.21 9.58
C ALA B 99 31.31 -31.70 8.23
N LEU B 100 30.01 -31.35 8.22
CA LEU B 100 29.35 -30.72 7.05
C LEU B 100 29.61 -29.18 6.99
N PRO B 101 29.56 -28.39 8.15
CA PRO B 101 29.99 -26.97 8.15
C PRO B 101 31.46 -26.79 7.72
N LEU B 102 31.64 -26.25 6.50
CA LEU B 102 32.98 -25.95 5.96
C LEU B 102 33.66 -24.88 6.82
N THR B 103 34.97 -25.06 7.07
CA THR B 103 35.77 -24.12 7.84
C THR B 103 35.98 -22.81 7.05
N GLY B 104 35.06 -21.87 7.29
CA GLY B 104 35.12 -20.53 6.70
C GLY B 104 36.21 -19.70 7.37
N GLN B 105 37.09 -19.12 6.54
CA GLN B 105 38.19 -18.24 6.98
C GLN B 105 37.63 -16.91 7.51
N TYR B 106 36.45 -16.49 6.97
CA TYR B 106 35.64 -15.33 7.44
C TYR B 106 36.21 -13.96 6.98
N THR B 107 37.54 -13.85 6.94
CA THR B 107 38.27 -12.59 6.67
C THR B 107 38.29 -12.26 5.15
N HIS B 108 37.19 -11.62 4.69
CA HIS B 108 37.02 -11.06 3.33
C HIS B 108 36.93 -12.14 2.23
N TYR B 109 35.84 -12.08 1.44
CA TYR B 109 35.64 -12.93 0.24
C TYR B 109 35.30 -12.02 -0.95
N ALA B 110 36.04 -10.90 -1.01
CA ALA B 110 35.86 -9.87 -2.05
C ALA B 110 36.42 -10.35 -3.40
N LEU B 111 35.56 -10.99 -4.21
CA LEU B 111 35.92 -11.50 -5.54
C LEU B 111 35.85 -10.38 -6.60
N ASN B 112 36.88 -10.35 -7.49
CA ASN B 112 37.04 -9.39 -8.62
C ASN B 112 37.30 -7.94 -8.11
N LYS B 113 36.26 -7.37 -7.47
CA LYS B 113 36.29 -6.07 -6.78
C LYS B 113 36.14 -4.89 -7.75
N LYS B 114 37.12 -4.70 -8.66
CA LYS B 114 37.14 -3.54 -9.57
C LYS B 114 37.62 -3.92 -10.99
N THR B 115 36.63 -4.19 -11.87
CA THR B 115 36.86 -4.47 -13.29
C THR B 115 35.61 -4.02 -14.09
N GLY B 116 35.61 -2.72 -14.52
CA GLY B 116 34.44 -2.10 -15.16
C GLY B 116 33.25 -2.05 -14.20
N LYS B 117 32.18 -2.81 -14.54
CA LYS B 117 31.14 -3.35 -13.63
C LYS B 117 29.73 -2.65 -13.71
N PRO B 118 29.53 -1.35 -13.26
CA PRO B 118 28.16 -0.75 -13.06
C PRO B 118 27.26 -0.77 -14.33
N ASP B 119 27.69 -0.03 -15.36
CA ASP B 119 26.93 0.22 -16.62
C ASP B 119 25.63 1.01 -16.33
N TYR B 120 24.61 0.31 -15.77
CA TYR B 120 23.30 0.88 -15.37
C TYR B 120 22.58 1.57 -16.54
N VAL B 121 21.95 0.75 -17.38
CA VAL B 121 21.04 1.22 -18.44
C VAL B 121 19.56 1.05 -17.99
N THR B 122 19.35 0.16 -16.99
CA THR B 122 18.01 -0.26 -16.50
C THR B 122 17.18 -0.82 -17.68
N ASP B 123 17.52 -2.06 -18.07
CA ASP B 123 16.93 -2.75 -19.23
C ASP B 123 15.58 -3.40 -18.86
N SER B 124 14.70 -3.55 -19.89
CA SER B 124 13.35 -4.19 -19.81
C SER B 124 12.46 -3.59 -18.68
N ALA B 125 11.43 -4.35 -18.25
CA ALA B 125 10.50 -3.91 -17.19
C ALA B 125 10.08 -5.13 -16.33
N ALA B 126 9.33 -6.05 -16.95
CA ALA B 126 8.80 -7.27 -16.29
C ALA B 126 8.20 -8.22 -17.35
N SER B 127 7.48 -9.24 -16.86
CA SER B 127 6.79 -10.23 -17.70
C SER B 127 5.37 -10.45 -17.16
N ALA B 128 5.30 -10.98 -15.94
CA ALA B 128 4.04 -11.22 -15.23
C ALA B 128 4.24 -10.87 -13.75
N THR B 129 4.49 -9.56 -13.49
CA THR B 129 4.87 -9.08 -12.14
C THR B 129 3.73 -9.33 -11.13
N ALA B 130 4.14 -9.92 -9.97
CA ALA B 130 3.25 -10.54 -8.96
C ALA B 130 2.73 -11.90 -9.46
N TRP B 131 2.98 -12.96 -8.65
CA TRP B 131 2.53 -14.34 -8.88
C TRP B 131 3.41 -15.06 -9.96
N SER B 132 3.42 -14.50 -11.20
CA SER B 132 4.34 -14.89 -12.31
C SER B 132 3.95 -16.21 -13.01
N THR B 133 3.96 -17.32 -12.27
CA THR B 133 3.79 -18.69 -12.79
C THR B 133 2.34 -18.92 -13.30
N GLY B 134 2.12 -18.62 -14.60
CA GLY B 134 0.80 -18.77 -15.25
C GLY B 134 0.24 -17.46 -15.79
N VAL B 135 0.87 -16.33 -15.38
CA VAL B 135 0.58 -14.95 -15.87
C VAL B 135 -0.80 -14.44 -15.39
N LYS B 136 -1.89 -14.88 -16.07
CA LYS B 136 -3.29 -14.52 -15.76
C LYS B 136 -3.49 -12.98 -15.82
N THR B 137 -2.96 -12.38 -16.90
CA THR B 137 -3.00 -10.93 -17.21
C THR B 137 -2.27 -10.02 -16.19
N TYR B 138 -1.73 -10.61 -15.08
CA TYR B 138 -1.03 -9.95 -13.92
C TYR B 138 -1.64 -8.59 -13.43
N ASN B 139 -1.62 -7.54 -14.29
CA ASN B 139 -2.19 -6.19 -14.03
C ASN B 139 -1.44 -5.46 -12.90
N GLY B 140 -0.17 -5.84 -12.71
CA GLY B 140 0.72 -5.17 -11.77
C GLY B 140 0.57 -5.69 -10.36
N ALA B 141 -0.65 -5.47 -9.79
CA ALA B 141 -0.99 -5.79 -8.39
C ALA B 141 -0.20 -4.87 -7.43
N LEU B 142 -0.88 -3.84 -6.92
CA LEU B 142 -0.27 -2.81 -6.06
C LEU B 142 -1.28 -2.39 -4.97
N GLY B 143 -0.99 -1.28 -4.27
CA GLY B 143 -1.90 -0.72 -3.27
C GLY B 143 -1.23 0.33 -2.41
N VAL B 144 -0.01 -0.02 -1.92
CA VAL B 144 0.86 0.85 -1.07
C VAL B 144 0.34 0.91 0.40
N ASP B 145 -0.96 1.20 0.56
CA ASP B 145 -1.69 1.08 1.84
C ASP B 145 -2.14 -0.39 2.05
N ILE B 146 -2.49 -1.05 0.92
CA ILE B 146 -2.86 -2.49 0.88
C ILE B 146 -2.02 -3.20 -0.22
N HIS B 147 -2.38 -4.46 -0.54
CA HIS B 147 -1.70 -5.26 -1.58
C HIS B 147 -2.69 -6.25 -2.24
N GLU B 148 -2.49 -6.48 -3.56
CA GLU B 148 -3.19 -7.53 -4.36
C GLU B 148 -4.73 -7.30 -4.45
N LYS B 149 -5.45 -7.68 -3.37
CA LYS B 149 -6.89 -7.45 -3.15
C LYS B 149 -7.80 -8.30 -4.08
N ASP B 150 -8.06 -7.82 -5.32
CA ASP B 150 -9.16 -8.36 -6.18
C ASP B 150 -8.64 -9.32 -7.28
N HIS B 151 -7.64 -8.87 -8.05
CA HIS B 151 -7.26 -9.54 -9.32
C HIS B 151 -6.38 -10.83 -9.14
N PRO B 152 -5.18 -10.78 -8.43
CA PRO B 152 -4.17 -11.89 -8.47
C PRO B 152 -4.70 -13.28 -8.03
N THR B 153 -5.20 -14.04 -9.03
CA THR B 153 -5.54 -15.47 -8.94
C THR B 153 -6.55 -15.81 -7.80
N ILE B 154 -7.39 -14.81 -7.45
CA ILE B 154 -8.45 -14.96 -6.44
C ILE B 154 -9.59 -15.83 -7.01
N LEU B 155 -9.81 -15.71 -8.34
CA LEU B 155 -10.78 -16.52 -9.10
C LEU B 155 -10.07 -17.81 -9.61
N GLU B 156 -9.46 -18.58 -8.68
CA GLU B 156 -8.88 -19.89 -8.99
C GLU B 156 -8.59 -20.66 -7.67
N MET B 157 -7.29 -20.84 -7.30
CA MET B 157 -6.88 -21.69 -6.15
C MET B 157 -5.37 -21.54 -5.87
N ALA B 158 -4.56 -21.53 -6.96
CA ALA B 158 -3.08 -21.48 -6.86
C ALA B 158 -2.63 -20.03 -6.70
N LYS B 159 -2.83 -19.51 -5.49
CA LYS B 159 -2.58 -18.11 -5.14
C LYS B 159 -1.55 -18.11 -3.99
N ALA B 160 -2.02 -18.53 -2.80
CA ALA B 160 -1.23 -18.67 -1.57
C ALA B 160 -2.19 -19.11 -0.44
N ALA B 161 -2.24 -20.42 -0.18
CA ALA B 161 -3.22 -21.02 0.74
C ALA B 161 -2.85 -22.48 1.08
N GLY B 162 -1.55 -22.81 0.99
CA GLY B 162 -1.06 -24.16 1.29
C GLY B 162 -1.24 -24.50 2.75
N LEU B 163 -0.82 -23.56 3.64
CA LEU B 163 -1.15 -23.54 5.08
C LEU B 163 -0.47 -24.70 5.85
N ALA B 164 -1.04 -25.92 5.73
CA ALA B 164 -0.48 -27.15 6.35
C ALA B 164 0.52 -27.85 5.40
N THR B 165 0.53 -27.43 4.13
CA THR B 165 1.38 -28.01 3.08
C THR B 165 2.15 -26.90 2.33
N GLY B 166 3.17 -27.31 1.56
CA GLY B 166 4.03 -26.39 0.83
C GLY B 166 5.51 -26.74 0.99
N ASN B 167 6.36 -26.19 0.12
CA ASN B 167 7.82 -26.44 0.13
C ASN B 167 8.48 -25.58 1.21
N VAL B 168 9.13 -26.25 2.19
CA VAL B 168 9.87 -25.64 3.33
C VAL B 168 8.90 -25.02 4.37
N SER B 169 8.25 -23.91 3.97
CA SER B 169 7.31 -23.14 4.80
C SER B 169 8.05 -22.55 6.03
N THR B 170 8.10 -23.34 7.15
CA THR B 170 8.86 -23.03 8.39
C THR B 170 8.24 -21.87 9.23
N ALA B 171 8.05 -20.69 8.60
CA ALA B 171 7.41 -19.52 9.24
C ALA B 171 5.94 -19.81 9.61
N GLU B 172 5.32 -18.86 10.36
CA GLU B 172 3.95 -19.01 10.91
C GLU B 172 2.90 -19.19 9.79
N LEU B 173 2.69 -20.46 9.39
CA LEU B 173 1.69 -20.89 8.38
C LEU B 173 1.96 -20.29 6.97
N GLN B 174 3.17 -19.73 6.77
CA GLN B 174 3.55 -19.04 5.52
C GLN B 174 4.20 -20.03 4.54
N ASP B 175 3.42 -20.48 3.55
CA ASP B 175 3.86 -21.44 2.51
C ASP B 175 4.36 -20.69 1.27
N ALA B 176 5.18 -21.40 0.46
CA ALA B 176 5.70 -20.93 -0.84
C ALA B 176 6.38 -22.09 -1.58
N THR B 177 6.64 -21.88 -2.89
CA THR B 177 7.43 -22.79 -3.74
C THR B 177 8.49 -21.99 -4.54
N PRO B 178 9.64 -21.59 -3.91
CA PRO B 178 10.76 -20.91 -4.62
C PRO B 178 11.64 -21.94 -5.39
N ALA B 179 12.23 -21.51 -6.53
CA ALA B 179 13.08 -22.38 -7.37
C ALA B 179 14.52 -22.38 -6.84
N ALA B 180 14.66 -22.95 -5.61
CA ALA B 180 15.90 -22.97 -4.78
C ALA B 180 16.27 -21.57 -4.20
N LEU B 181 16.01 -20.48 -4.95
CA LEU B 181 16.10 -19.09 -4.45
C LEU B 181 15.30 -18.16 -5.39
N VAL B 182 15.83 -17.94 -6.61
CA VAL B 182 15.18 -17.11 -7.64
C VAL B 182 14.21 -17.99 -8.45
N ALA B 183 12.96 -17.51 -8.63
CA ALA B 183 11.91 -18.23 -9.37
C ALA B 183 12.27 -18.35 -10.87
N HIS B 184 12.51 -17.18 -11.52
CA HIS B 184 12.85 -17.13 -12.96
C HIS B 184 13.31 -15.71 -13.37
N VAL B 185 13.66 -15.58 -14.65
CA VAL B 185 13.73 -14.30 -15.37
C VAL B 185 12.97 -14.47 -16.68
N THR B 186 11.95 -13.62 -16.87
CA THR B 186 11.17 -13.50 -18.12
C THR B 186 10.69 -14.87 -18.68
N SER B 187 11.42 -15.48 -19.64
CA SER B 187 11.04 -16.74 -20.29
C SER B 187 12.29 -17.63 -20.50
N ARG B 188 12.61 -18.46 -19.48
CA ARG B 188 13.77 -19.39 -19.49
C ARG B 188 13.31 -20.79 -19.02
N LYS B 189 14.27 -21.74 -18.95
CA LYS B 189 14.07 -23.08 -18.36
C LYS B 189 14.57 -23.10 -16.89
N CYS B 190 14.42 -24.26 -16.24
CA CYS B 190 14.86 -24.48 -14.85
C CYS B 190 15.16 -25.99 -14.63
N TYR B 191 15.85 -26.30 -13.53
CA TYR B 191 16.41 -27.64 -13.25
C TYR B 191 16.42 -27.90 -11.74
N GLY B 192 16.66 -29.17 -11.33
CA GLY B 192 16.84 -29.54 -9.93
C GLY B 192 18.13 -28.98 -9.32
N PRO B 193 18.19 -28.75 -7.96
CA PRO B 193 19.32 -28.01 -7.30
C PRO B 193 20.72 -28.62 -7.56
N SER B 194 21.76 -27.75 -7.56
CA SER B 194 23.16 -28.16 -7.79
C SER B 194 24.12 -27.19 -7.04
N ALA B 195 24.92 -27.74 -6.10
CA ALA B 195 25.92 -26.97 -5.32
C ALA B 195 26.93 -27.94 -4.67
N THR B 196 28.07 -27.38 -4.21
CA THR B 196 29.12 -28.17 -3.52
C THR B 196 29.12 -27.84 -2.01
N SER B 197 29.49 -26.59 -1.67
CA SER B 197 29.59 -26.11 -0.28
C SER B 197 29.39 -24.59 -0.27
N GLU B 198 30.13 -23.93 -1.19
CA GLU B 198 30.11 -22.46 -1.42
C GLU B 198 30.52 -21.70 -0.14
N LYS B 199 29.55 -21.51 0.79
CA LYS B 199 29.79 -21.14 2.21
C LYS B 199 30.29 -19.68 2.44
N CYS B 200 30.83 -19.02 1.39
CA CYS B 200 31.51 -17.70 1.51
C CYS B 200 30.52 -16.56 1.89
N PRO B 201 30.53 -16.06 3.17
CA PRO B 201 29.62 -15.01 3.66
C PRO B 201 30.28 -13.60 3.80
N GLY B 202 31.52 -13.46 3.28
CA GLY B 202 32.34 -12.26 3.52
C GLY B 202 31.98 -11.06 2.66
N ASN B 203 31.05 -11.28 1.67
CA ASN B 203 30.46 -10.20 0.82
C ASN B 203 31.53 -9.56 -0.11
N ALA B 204 31.06 -8.67 -1.03
CA ALA B 204 31.94 -7.77 -1.79
C ALA B 204 32.69 -6.84 -0.83
N LEU B 205 31.92 -6.13 0.05
CA LEU B 205 32.44 -5.28 1.15
C LEU B 205 33.43 -4.23 0.60
N GLU B 206 32.94 -3.02 0.26
CA GLU B 206 33.80 -1.91 -0.19
C GLU B 206 34.83 -1.54 0.92
N LYS B 207 34.46 -0.63 1.85
CA LYS B 207 35.33 -0.22 3.00
C LYS B 207 34.48 0.06 4.25
N GLY B 208 33.34 0.75 4.06
CA GLY B 208 32.46 1.13 5.17
C GLY B 208 31.58 -0.03 5.67
N GLY B 209 31.22 -0.94 4.74
CA GLY B 209 30.33 -2.07 5.04
C GLY B 209 29.01 -1.96 4.25
N LYS B 210 28.71 -0.71 3.83
CA LYS B 210 27.53 -0.36 3.04
C LYS B 210 27.68 1.12 2.61
N GLY B 211 27.73 1.36 1.30
CA GLY B 211 27.89 2.71 0.73
C GLY B 211 27.36 2.80 -0.69
N SER B 212 26.84 3.99 -1.06
CA SER B 212 26.19 4.29 -2.35
C SER B 212 25.03 3.31 -2.66
N ILE B 213 23.80 3.74 -2.31
CA ILE B 213 22.58 2.96 -2.59
C ILE B 213 22.24 3.00 -4.11
N THR B 214 22.66 4.12 -4.76
CA THR B 214 22.47 4.39 -6.19
C THR B 214 20.96 4.46 -6.56
N GLU B 215 20.32 3.29 -6.74
CA GLU B 215 18.90 3.18 -7.11
C GLU B 215 18.29 1.85 -6.60
N GLN B 216 19.09 1.08 -5.84
CA GLN B 216 18.65 -0.17 -5.19
C GLN B 216 17.66 0.14 -4.05
N LEU B 217 16.62 -0.71 -3.91
CA LEU B 217 15.53 -0.62 -2.91
C LEU B 217 14.80 0.77 -2.86
N LEU B 218 15.48 1.82 -2.34
CA LEU B 218 14.95 3.20 -2.17
C LEU B 218 13.73 3.24 -1.23
N ASN B 219 12.55 2.84 -1.76
CA ASN B 219 11.31 2.68 -0.99
C ASN B 219 10.36 1.78 -1.79
N ALA B 220 9.45 1.10 -1.09
CA ALA B 220 8.51 0.12 -1.68
C ALA B 220 7.10 0.34 -1.13
N ARG B 221 6.18 -0.59 -1.43
CA ARG B 221 4.84 -0.61 -0.83
C ARG B 221 5.01 -0.97 0.66
N ALA B 222 5.37 -2.25 0.92
CA ALA B 222 5.62 -2.82 2.27
C ALA B 222 4.60 -2.29 3.29
N ASP B 223 3.34 -2.67 3.07
CA ASP B 223 2.18 -2.03 3.68
C ASP B 223 1.85 -2.62 5.06
N VAL B 224 0.64 -2.31 5.55
CA VAL B 224 0.17 -2.73 6.89
C VAL B 224 0.10 -4.26 7.03
N THR B 225 -0.19 -4.93 5.89
CA THR B 225 -0.27 -6.40 5.75
C THR B 225 -1.57 -7.00 6.34
N LEU B 226 -1.85 -6.68 7.62
CA LEU B 226 -2.88 -7.31 8.46
C LEU B 226 -2.42 -8.77 8.74
N GLY B 227 -1.57 -8.92 9.77
CA GLY B 227 -1.05 -10.23 10.18
C GLY B 227 -0.51 -10.22 11.60
N GLY B 228 -1.02 -9.28 12.44
CA GLY B 228 -0.69 -9.22 13.87
C GLY B 228 -1.60 -10.11 14.70
N GLY B 229 -2.53 -9.48 15.44
CA GLY B 229 -3.54 -10.20 16.24
C GLY B 229 -2.93 -11.04 17.37
N ALA B 230 -3.34 -12.32 17.45
CA ALA B 230 -2.84 -13.29 18.47
C ALA B 230 -2.86 -14.70 17.85
N LYS B 231 -1.96 -15.59 18.34
CA LYS B 231 -1.74 -16.93 17.75
C LYS B 231 -0.86 -17.79 18.69
N THR B 232 -0.89 -19.12 18.48
CA THR B 232 -0.17 -20.14 19.26
C THR B 232 1.34 -19.81 19.43
N PHE B 233 1.70 -19.32 20.62
CA PHE B 233 3.11 -19.08 20.99
C PHE B 233 3.23 -19.09 22.52
N ALA B 234 2.34 -18.31 23.18
CA ALA B 234 2.21 -18.17 24.66
C ALA B 234 3.30 -17.24 25.26
N GLU B 235 4.54 -17.35 24.74
CA GLU B 235 5.65 -16.41 24.98
C GLU B 235 6.23 -16.54 26.41
N THR B 236 7.57 -16.61 26.49
CA THR B 236 8.33 -16.56 27.75
C THR B 236 9.58 -15.67 27.54
N ALA B 237 9.33 -14.35 27.60
CA ALA B 237 10.36 -13.29 27.65
C ALA B 237 11.11 -13.13 26.29
N THR B 238 10.47 -12.43 25.32
CA THR B 238 11.04 -12.09 23.99
C THR B 238 10.38 -10.80 23.44
N ALA B 239 11.07 -9.66 23.58
CA ALA B 239 10.66 -8.36 23.00
C ALA B 239 11.77 -7.31 23.23
N GLY B 240 11.53 -6.08 22.76
CA GLY B 240 12.52 -5.00 22.87
C GLY B 240 12.14 -3.98 23.93
N GLU B 241 12.08 -2.70 23.52
CA GLU B 241 11.80 -1.56 24.42
C GLU B 241 10.35 -1.04 24.24
N TRP B 242 10.06 0.15 24.84
CA TRP B 242 8.77 0.93 24.79
C TRP B 242 7.85 0.57 25.97
N GLN B 243 8.16 -0.53 26.67
CA GLN B 243 7.22 -1.18 27.59
C GLN B 243 7.81 -1.33 29.01
N GLY B 244 7.14 -0.70 29.99
CA GLY B 244 7.35 -1.04 31.41
C GLY B 244 6.79 -2.42 31.70
N LYS B 245 5.69 -2.75 30.99
CA LYS B 245 5.20 -4.13 30.79
C LYS B 245 4.79 -4.83 32.12
N THR B 246 4.75 -4.10 33.23
CA THR B 246 4.43 -4.64 34.57
C THR B 246 2.98 -4.30 34.97
N LEU B 247 2.33 -3.46 34.17
CA LEU B 247 0.99 -2.94 34.49
C LEU B 247 -0.08 -3.96 34.03
N ARG B 248 -0.61 -4.71 35.02
CA ARG B 248 -1.73 -5.68 34.86
C ARG B 248 -1.29 -6.96 34.09
N GLU B 249 -1.14 -6.84 32.74
CA GLU B 249 -0.93 -7.99 31.80
C GLU B 249 -2.12 -8.99 31.83
N GLN B 250 -3.28 -8.47 32.29
CA GLN B 250 -4.56 -9.21 32.44
C GLN B 250 -4.55 -10.30 33.52
N ALA B 251 -5.76 -10.60 34.04
CA ALA B 251 -5.99 -11.67 35.01
C ALA B 251 -5.79 -13.03 34.34
N GLN B 252 -5.13 -13.94 35.07
CA GLN B 252 -4.79 -15.27 34.56
C GLN B 252 -6.04 -16.16 34.59
N ALA B 253 -6.81 -16.12 33.49
CA ALA B 253 -8.01 -16.96 33.30
C ALA B 253 -7.62 -18.45 33.35
N ARG B 254 -8.44 -19.24 34.07
CA ARG B 254 -8.19 -20.67 34.36
C ARG B 254 -7.00 -20.79 35.34
N GLY B 255 -7.30 -20.73 36.64
CA GLY B 255 -6.29 -20.70 37.69
C GLY B 255 -6.75 -21.33 38.99
N TYR B 256 -7.21 -22.59 38.90
CA TYR B 256 -7.60 -23.41 40.07
C TYR B 256 -6.35 -23.68 40.95
N GLN B 257 -6.23 -22.88 42.03
CA GLN B 257 -5.07 -22.85 42.95
C GLN B 257 -3.79 -22.51 42.16
N LEU B 258 -3.18 -23.52 41.52
CA LEU B 258 -2.04 -23.34 40.60
C LEU B 258 -2.48 -23.81 39.20
N VAL B 259 -3.11 -22.88 38.45
CA VAL B 259 -3.58 -23.06 37.05
C VAL B 259 -4.69 -24.15 36.92
N SER B 260 -4.26 -25.40 37.04
CA SER B 260 -5.12 -26.60 36.98
C SER B 260 -4.21 -27.81 37.30
N ASP B 261 -2.95 -27.73 36.83
CA ASP B 261 -1.91 -28.75 37.02
C ASP B 261 -0.53 -28.18 36.63
N ALA B 262 0.56 -28.78 37.18
CA ALA B 262 1.94 -28.47 36.78
C ALA B 262 2.27 -29.23 35.48
N ALA B 263 2.25 -30.57 35.54
CA ALA B 263 2.50 -31.46 34.39
C ALA B 263 2.31 -32.92 34.85
N SER B 264 1.14 -33.51 34.50
CA SER B 264 0.75 -34.91 34.83
C SER B 264 0.72 -35.20 36.36
N LEU B 265 0.81 -34.15 37.20
CA LEU B 265 0.93 -34.29 38.67
C LEU B 265 -0.44 -34.67 39.24
N ASN B 266 -1.49 -34.04 38.71
CA ASN B 266 -2.90 -34.32 39.08
C ASN B 266 -3.29 -35.76 38.63
N SER B 267 -2.45 -36.33 37.72
CA SER B 267 -2.49 -37.74 37.25
C SER B 267 -3.58 -37.96 36.19
N VAL B 268 -4.83 -37.60 36.55
CA VAL B 268 -6.01 -37.75 35.70
C VAL B 268 -5.84 -36.97 34.37
N THR B 269 -5.40 -35.71 34.50
CA THR B 269 -5.30 -34.72 33.41
C THR B 269 -6.63 -34.67 32.61
N GLU B 270 -7.61 -34.03 33.25
CA GLU B 270 -9.01 -33.97 32.78
C GLU B 270 -9.13 -33.17 31.48
N ALA B 271 -8.24 -32.17 31.31
CA ALA B 271 -8.27 -31.22 30.17
C ALA B 271 -9.61 -30.48 30.11
N ASN B 272 -10.15 -30.12 31.30
CA ASN B 272 -11.48 -29.52 31.47
C ASN B 272 -11.59 -28.19 30.71
N GLN B 273 -12.70 -28.04 29.95
CA GLN B 273 -12.95 -26.88 29.11
C GLN B 273 -13.27 -25.67 30.00
N GLN B 274 -12.22 -24.91 30.32
CA GLN B 274 -12.33 -23.61 31.00
C GLN B 274 -11.37 -22.64 30.27
N LYS B 275 -11.88 -22.13 29.13
CA LYS B 275 -11.16 -21.20 28.22
C LYS B 275 -9.76 -21.75 27.84
N PRO B 276 -9.70 -22.86 27.02
CA PRO B 276 -8.42 -23.39 26.49
C PRO B 276 -7.99 -22.66 25.20
N LEU B 277 -8.57 -21.46 24.97
CA LEU B 277 -8.21 -20.58 23.85
C LEU B 277 -6.95 -19.79 24.25
N LEU B 278 -7.07 -18.51 24.69
CA LEU B 278 -5.93 -17.67 25.14
C LEU B 278 -4.87 -17.45 24.00
N GLY B 279 -5.31 -17.62 22.74
CA GLY B 279 -4.41 -17.54 21.55
C GLY B 279 -4.15 -18.90 20.90
N LEU B 280 -4.47 -20.00 21.63
CA LEU B 280 -4.35 -21.39 21.12
C LEU B 280 -5.31 -21.60 19.93
N PHE B 281 -6.55 -21.10 20.07
CA PHE B 281 -7.53 -21.12 18.98
C PHE B 281 -7.21 -19.98 17.99
N ALA B 282 -7.02 -18.76 18.56
CA ALA B 282 -6.63 -17.52 17.84
C ALA B 282 -7.81 -16.86 17.09
N ASP B 283 -8.69 -17.70 16.49
CA ASP B 283 -9.85 -17.31 15.67
C ASP B 283 -9.42 -16.63 14.35
N GLY B 284 -8.91 -15.39 14.48
CA GLY B 284 -8.36 -14.64 13.35
C GLY B 284 -6.96 -15.11 12.98
N ASN B 285 -6.88 -16.35 12.49
CA ASN B 285 -5.63 -16.97 12.03
C ASN B 285 -5.30 -16.42 10.64
N MET B 286 -4.55 -15.29 10.63
CA MET B 286 -4.19 -14.52 9.41
C MET B 286 -5.45 -13.82 8.80
N PRO B 287 -5.34 -12.99 7.69
CA PRO B 287 -6.55 -12.45 6.99
C PRO B 287 -7.44 -13.52 6.31
N VAL B 288 -7.11 -14.82 6.50
CA VAL B 288 -7.96 -15.95 6.08
C VAL B 288 -9.18 -16.07 7.04
N ARG B 289 -10.18 -15.20 6.79
CA ARG B 289 -11.45 -15.17 7.54
C ARG B 289 -12.63 -15.50 6.59
N TRP B 290 -12.32 -15.59 5.27
CA TRP B 290 -13.31 -15.78 4.18
C TRP B 290 -14.16 -14.48 4.02
N LEU B 291 -14.02 -13.85 2.82
CA LEU B 291 -14.61 -12.53 2.46
C LEU B 291 -13.86 -11.38 3.18
N GLY B 292 -13.82 -10.20 2.54
CA GLY B 292 -13.14 -9.02 3.08
C GLY B 292 -12.81 -8.00 1.98
N PRO B 293 -11.90 -8.36 1.00
CA PRO B 293 -11.47 -7.44 -0.10
C PRO B 293 -12.44 -7.42 -1.30
N LYS B 294 -13.75 -7.45 -1.00
CA LYS B 294 -14.84 -7.53 -1.99
C LYS B 294 -14.98 -6.20 -2.77
N ALA B 295 -14.82 -6.29 -4.11
CA ALA B 295 -15.13 -5.19 -5.06
C ALA B 295 -15.20 -5.78 -6.48
N THR B 296 -14.05 -6.32 -6.93
CA THR B 296 -13.88 -7.01 -8.24
C THR B 296 -13.97 -6.04 -9.45
N TYR B 297 -13.25 -6.37 -10.54
CA TYR B 297 -13.28 -5.64 -11.83
C TYR B 297 -12.69 -4.20 -11.70
N HIS B 298 -13.54 -3.24 -11.22
CA HIS B 298 -13.23 -1.79 -11.07
C HIS B 298 -12.40 -1.21 -12.25
N GLY B 299 -13.11 -0.80 -13.33
CA GLY B 299 -12.49 -0.21 -14.53
C GLY B 299 -12.12 1.27 -14.34
N ASN B 300 -11.20 1.51 -13.40
CA ASN B 300 -10.75 2.85 -12.96
C ASN B 300 -9.55 2.60 -12.01
N ILE B 301 -9.30 3.50 -11.04
CA ILE B 301 -8.26 3.34 -9.98
C ILE B 301 -6.82 3.60 -10.54
N ASP B 302 -5.99 4.25 -9.71
CA ASP B 302 -4.53 4.46 -9.92
C ASP B 302 -4.24 5.62 -10.92
N LYS B 303 -2.98 6.11 -10.85
CA LYS B 303 -2.53 7.38 -11.46
C LYS B 303 -2.63 7.45 -13.03
N PRO B 304 -2.35 6.34 -13.82
CA PRO B 304 -2.65 6.31 -15.28
C PRO B 304 -4.09 6.75 -15.66
N ALA B 305 -5.05 6.44 -14.75
CA ALA B 305 -6.49 6.68 -14.93
C ALA B 305 -7.07 5.77 -16.04
N VAL B 306 -6.74 6.08 -17.30
CA VAL B 306 -7.05 5.24 -18.46
C VAL B 306 -5.74 4.93 -19.23
N THR B 307 -5.63 3.66 -19.70
CA THR B 307 -4.42 3.12 -20.37
C THR B 307 -4.09 3.88 -21.69
N CYS B 308 -5.12 4.46 -22.33
CA CYS B 308 -4.98 5.19 -23.61
C CYS B 308 -4.23 6.53 -23.43
N THR B 309 -4.01 6.93 -22.16
CA THR B 309 -3.21 8.12 -21.81
C THR B 309 -2.17 7.73 -20.72
N PRO B 310 -0.94 7.25 -21.14
CA PRO B 310 0.12 6.86 -20.18
C PRO B 310 0.90 8.09 -19.63
N ASN B 311 1.63 7.89 -18.51
CA ASN B 311 2.45 8.94 -17.88
C ASN B 311 3.86 9.04 -18.56
N PRO B 312 4.60 7.91 -18.82
CA PRO B 312 5.79 7.93 -19.70
C PRO B 312 5.38 7.57 -21.15
N GLN B 313 6.35 7.09 -21.95
CA GLN B 313 6.09 6.59 -23.32
C GLN B 313 5.74 5.08 -23.30
N ARG B 314 5.55 4.52 -22.07
CA ARG B 314 5.23 3.10 -21.79
C ARG B 314 6.46 2.21 -22.01
N ASN B 315 6.85 2.02 -23.29
CA ASN B 315 7.99 1.17 -23.72
C ASN B 315 7.79 -0.32 -23.35
N ASP B 316 8.09 -0.66 -22.06
CA ASP B 316 7.95 -2.01 -21.48
C ASP B 316 8.91 -3.04 -22.14
N SER B 317 8.55 -3.49 -23.36
CA SER B 317 9.31 -4.51 -24.12
C SER B 317 10.29 -3.88 -25.14
N VAL B 318 10.23 -2.54 -25.32
CA VAL B 318 11.08 -1.82 -26.28
C VAL B 318 11.97 -0.78 -25.54
N PRO B 319 13.23 -1.17 -25.13
CA PRO B 319 14.22 -0.22 -24.56
C PRO B 319 14.71 0.79 -25.62
N THR B 320 14.88 0.29 -26.85
CA THR B 320 15.23 1.09 -28.04
C THR B 320 14.49 0.48 -29.25
N LEU B 321 14.76 -0.81 -29.51
CA LEU B 321 14.12 -1.57 -30.59
C LEU B 321 13.21 -2.65 -30.01
N ALA B 322 12.40 -3.28 -30.89
CA ALA B 322 11.49 -4.37 -30.53
C ALA B 322 12.26 -5.70 -30.42
N GLN B 323 13.07 -5.80 -29.34
CA GLN B 323 13.83 -7.02 -29.01
C GLN B 323 12.95 -7.94 -28.13
N MET B 324 11.99 -7.30 -27.41
CA MET B 324 10.87 -7.97 -26.72
C MET B 324 11.29 -8.72 -25.43
N THR B 325 10.62 -8.39 -24.30
CA THR B 325 10.64 -9.20 -23.09
C THR B 325 9.28 -9.92 -23.00
N ASP B 326 9.27 -11.22 -23.34
CA ASP B 326 8.04 -12.05 -23.36
C ASP B 326 7.42 -12.11 -21.96
N LYS B 327 6.09 -12.19 -21.90
CA LYS B 327 5.30 -12.05 -20.66
C LYS B 327 5.22 -13.36 -19.85
N ALA B 328 6.19 -14.27 -20.09
CA ALA B 328 6.45 -15.45 -19.25
C ALA B 328 5.47 -16.59 -19.48
N ILE B 329 5.89 -17.75 -19.01
CA ILE B 329 5.13 -19.01 -19.00
C ILE B 329 5.50 -19.74 -17.69
N GLU B 330 4.83 -20.86 -17.38
CA GLU B 330 5.32 -21.79 -16.36
C GLU B 330 6.63 -22.43 -16.90
N LEU B 331 6.48 -23.47 -17.76
CA LEU B 331 7.60 -24.28 -18.29
C LEU B 331 8.54 -24.73 -17.13
N LEU B 332 9.61 -23.92 -16.88
CA LEU B 332 10.64 -24.11 -15.82
C LEU B 332 10.90 -25.60 -15.45
N SER B 333 10.13 -26.09 -14.46
CA SER B 333 10.21 -27.45 -13.92
C SER B 333 9.08 -27.58 -12.87
N LYS B 334 9.23 -26.81 -11.74
CA LYS B 334 8.23 -26.63 -10.65
C LYS B 334 8.12 -27.86 -9.72
N ASN B 335 8.09 -29.08 -10.31
CA ASN B 335 7.90 -30.36 -9.60
C ASN B 335 8.93 -30.55 -8.46
N GLU B 336 8.42 -30.47 -7.22
CA GLU B 336 9.12 -30.90 -5.98
C GLU B 336 10.49 -30.22 -5.80
N LYS B 337 10.62 -28.96 -6.26
CA LYS B 337 11.83 -28.15 -6.01
C LYS B 337 11.83 -27.63 -4.55
N GLY B 338 12.22 -28.54 -3.64
CA GLY B 338 12.09 -28.34 -2.20
C GLY B 338 11.03 -29.28 -1.62
N PHE B 339 11.14 -29.54 -0.31
CA PHE B 339 10.22 -30.45 0.41
C PHE B 339 9.90 -29.87 1.79
N PHE B 340 9.05 -30.58 2.56
CA PHE B 340 8.59 -30.15 3.89
C PHE B 340 9.74 -30.07 4.92
N LEU B 341 9.48 -29.37 6.03
CA LEU B 341 10.43 -29.25 7.14
C LEU B 341 9.62 -29.15 8.45
N GLN B 342 9.79 -30.13 9.34
CA GLN B 342 9.11 -30.17 10.65
C GLN B 342 9.97 -29.47 11.72
N VAL B 343 9.37 -28.50 12.43
CA VAL B 343 10.01 -27.83 13.58
C VAL B 343 9.54 -28.50 14.89
N GLU B 344 8.28 -28.99 14.86
CA GLU B 344 7.58 -29.67 15.97
C GLU B 344 7.37 -28.73 17.17
N GLY B 345 8.44 -28.51 17.95
CA GLY B 345 8.40 -27.63 19.13
C GLY B 345 9.34 -26.45 18.99
N ALA B 346 8.95 -25.32 19.60
CA ALA B 346 9.80 -24.10 19.71
C ALA B 346 10.69 -24.18 20.96
N SER B 347 11.55 -23.15 21.16
CA SER B 347 12.42 -23.04 22.34
C SER B 347 11.57 -22.83 23.61
N ILE B 348 10.82 -21.70 23.63
CA ILE B 348 9.92 -21.27 24.74
C ILE B 348 10.71 -20.87 26.02
N ASP B 349 11.45 -21.84 26.60
CA ASP B 349 12.24 -21.68 27.85
C ASP B 349 13.20 -20.47 27.78
N LYS B 350 12.71 -19.30 28.26
CA LYS B 350 13.48 -18.05 28.43
C LYS B 350 14.29 -17.70 27.16
N GLN B 351 13.58 -17.25 26.13
CA GLN B 351 14.14 -17.06 24.79
C GLN B 351 14.98 -15.77 24.68
N ASP B 352 15.88 -15.78 23.68
CA ASP B 352 16.63 -14.59 23.22
C ASP B 352 17.54 -14.01 24.34
N HIS B 353 17.09 -12.94 25.02
CA HIS B 353 17.88 -12.24 26.07
C HIS B 353 16.98 -11.94 27.28
N ALA B 354 15.78 -12.59 27.27
CA ALA B 354 14.61 -12.23 28.09
C ALA B 354 13.95 -10.93 27.56
N ALA B 355 12.83 -10.52 28.18
CA ALA B 355 12.11 -9.28 27.83
C ALA B 355 12.64 -8.11 28.67
N ASN B 356 12.26 -6.88 28.31
CA ASN B 356 12.60 -5.67 29.08
C ASN B 356 11.32 -5.07 29.70
N PRO B 357 11.05 -5.36 31.01
CA PRO B 357 10.02 -4.64 31.80
C PRO B 357 10.60 -3.37 32.48
N CYS B 358 11.89 -3.13 32.24
CA CYS B 358 12.65 -2.02 32.79
C CYS B 358 13.93 -1.86 31.98
N GLY B 359 14.07 -0.72 31.27
CA GLY B 359 15.28 -0.40 30.51
C GLY B 359 16.39 0.05 31.43
N GLN B 360 16.99 -0.96 32.12
CA GLN B 360 17.86 -0.80 33.29
C GLN B 360 17.00 -0.35 34.50
N ILE B 361 16.48 0.90 34.44
CA ILE B 361 15.54 1.46 35.44
C ILE B 361 14.09 1.27 34.93
N GLY B 362 13.14 1.07 35.88
CA GLY B 362 11.72 0.91 35.57
C GLY B 362 11.09 2.16 34.96
N GLU B 363 11.52 3.32 35.48
CA GLU B 363 11.02 4.65 35.05
C GLU B 363 11.50 5.04 33.64
N THR B 364 12.62 4.44 33.20
CA THR B 364 13.21 4.71 31.86
C THR B 364 12.23 4.37 30.72
N VAL B 365 11.46 3.27 30.91
CA VAL B 365 10.48 2.81 29.93
C VAL B 365 9.02 3.06 30.44
N ASP B 366 8.68 2.48 31.63
CA ASP B 366 7.35 2.61 32.31
C ASP B 366 6.15 2.60 31.33
N LEU B 367 5.69 3.79 30.91
CA LEU B 367 4.74 3.97 29.80
C LEU B 367 5.28 5.11 28.93
N ASP B 368 5.35 4.90 27.61
CA ASP B 368 5.82 5.93 26.67
C ASP B 368 4.66 6.92 26.33
N GLU B 369 4.96 7.94 25.51
CA GLU B 369 4.05 9.09 25.21
C GLU B 369 3.87 10.00 26.45
N ALA B 370 2.95 9.60 27.36
CA ALA B 370 2.53 10.38 28.56
C ALA B 370 1.95 11.76 28.18
N VAL B 371 2.85 12.75 27.96
CA VAL B 371 2.54 14.14 27.54
C VAL B 371 1.67 14.88 28.59
N GLN B 372 0.34 14.69 28.50
CA GLN B 372 -0.65 15.42 29.32
C GLN B 372 -1.92 14.55 29.55
N ARG B 373 -1.85 13.28 29.09
CA ARG B 373 -3.00 12.35 29.04
C ARG B 373 -4.08 12.92 28.10
N ALA B 374 -4.03 12.48 26.83
CA ALA B 374 -4.87 13.03 25.76
C ALA B 374 -6.37 12.80 26.03
N LEU B 375 -7.11 13.92 26.22
CA LEU B 375 -8.56 13.90 26.37
C LEU B 375 -9.21 13.63 25.00
N GLU B 376 -9.92 12.51 24.92
CA GLU B 376 -10.58 12.03 23.69
C GLU B 376 -11.65 13.02 23.17
N PHE B 377 -12.30 13.75 24.11
CA PHE B 377 -13.34 14.75 23.79
C PHE B 377 -12.78 15.90 22.94
N ALA B 378 -11.50 16.24 23.20
CA ALA B 378 -10.77 17.28 22.45
C ALA B 378 -10.54 16.81 20.99
N LYS B 379 -10.28 15.48 20.83
CA LYS B 379 -10.22 14.75 19.53
C LYS B 379 -8.88 14.99 18.78
N LYS B 380 -8.26 16.17 19.03
CA LYS B 380 -6.88 16.53 18.61
C LYS B 380 -6.79 16.79 17.08
N GLU B 381 -6.65 15.70 16.29
CA GLU B 381 -6.45 15.80 14.83
C GLU B 381 -7.80 15.92 14.09
N GLY B 382 -8.14 17.16 13.70
CA GLY B 382 -9.33 17.46 12.92
C GLY B 382 -10.63 17.21 13.68
N ASN B 383 -10.86 18.01 14.73
CA ASN B 383 -12.11 17.97 15.51
C ASN B 383 -13.13 18.95 14.91
N THR B 384 -12.75 20.23 14.90
CA THR B 384 -13.58 21.38 14.50
C THR B 384 -14.81 21.52 15.43
N LEU B 385 -15.85 20.68 15.18
CA LEU B 385 -17.18 20.80 15.78
C LEU B 385 -17.76 22.20 15.47
N VAL B 386 -17.51 23.18 16.33
CA VAL B 386 -17.92 24.58 16.08
C VAL B 386 -16.66 25.47 16.19
N ILE B 387 -15.56 24.99 15.54
CA ILE B 387 -14.18 25.56 15.61
C ILE B 387 -13.59 25.29 17.02
N VAL B 388 -14.21 25.90 18.04
CA VAL B 388 -13.93 25.59 19.46
C VAL B 388 -14.83 24.40 19.90
N THR B 389 -14.22 23.45 20.64
CA THR B 389 -14.89 22.20 21.07
C THR B 389 -15.81 22.44 22.29
N ALA B 390 -15.61 23.58 22.99
CA ALA B 390 -16.42 23.96 24.17
C ALA B 390 -17.84 24.43 23.77
N ASP B 391 -17.99 24.84 22.50
CA ASP B 391 -19.25 25.41 21.98
C ASP B 391 -20.27 24.31 21.63
N HIS B 392 -21.53 24.72 21.33
CA HIS B 392 -22.71 23.84 21.19
C HIS B 392 -23.02 23.21 22.56
N ALA B 393 -22.80 24.04 23.61
CA ALA B 393 -23.14 23.73 25.00
C ALA B 393 -22.28 22.58 25.60
N HIS B 394 -21.10 22.36 25.00
CA HIS B 394 -20.21 21.25 25.41
C HIS B 394 -19.46 21.56 26.72
N ALA B 395 -19.55 22.82 27.18
CA ALA B 395 -19.16 23.21 28.54
C ALA B 395 -20.12 22.54 29.54
N SER B 396 -19.67 21.42 30.14
CA SER B 396 -20.47 20.62 31.10
C SER B 396 -20.59 21.35 32.45
N GLN B 397 -21.55 22.30 32.51
CA GLN B 397 -21.79 23.16 33.68
C GLN B 397 -23.32 23.35 33.86
N ILE B 398 -23.95 22.43 34.59
CA ILE B 398 -25.40 22.48 34.89
C ILE B 398 -25.61 22.78 36.40
N VAL B 399 -25.68 24.08 36.74
CA VAL B 399 -25.77 24.55 38.14
C VAL B 399 -27.13 24.17 38.75
N ALA B 400 -28.19 24.91 38.35
CA ALA B 400 -29.56 24.69 38.85
C ALA B 400 -30.57 25.37 37.91
N PRO B 401 -30.92 24.72 36.74
CA PRO B 401 -31.98 25.22 35.81
C PRO B 401 -33.40 24.81 36.30
N ASP B 402 -33.65 25.04 37.60
CA ASP B 402 -34.83 24.52 38.33
C ASP B 402 -36.15 25.10 37.77
N THR B 403 -36.10 26.39 37.41
CA THR B 403 -37.20 27.07 36.72
C THR B 403 -36.59 27.92 35.59
N LYS B 404 -37.27 27.93 34.41
CA LYS B 404 -36.77 28.56 33.17
C LYS B 404 -35.38 28.00 32.80
N ALA B 405 -35.38 26.88 32.08
CA ALA B 405 -34.17 26.15 31.69
C ALA B 405 -33.91 26.28 30.16
N PRO B 406 -33.04 27.25 29.72
CA PRO B 406 -32.61 27.37 28.30
C PRO B 406 -31.44 26.42 27.94
N GLY B 407 -31.14 25.48 28.85
CA GLY B 407 -30.08 24.49 28.64
C GLY B 407 -28.72 25.05 29.03
N LEU B 408 -28.09 25.77 28.06
CA LEU B 408 -26.73 26.38 28.21
C LEU B 408 -25.62 25.31 28.46
N THR B 409 -25.99 24.04 28.38
CA THR B 409 -25.12 22.89 28.64
C THR B 409 -25.74 21.66 27.93
N GLN B 410 -24.89 20.64 27.65
CA GLN B 410 -25.25 19.39 26.94
C GLN B 410 -26.15 19.63 25.68
N ALA B 411 -25.49 20.06 24.57
CA ALA B 411 -26.12 20.28 23.22
C ALA B 411 -26.93 21.60 23.12
N LEU B 412 -27.88 21.81 24.04
CA LEU B 412 -28.86 22.90 23.99
C LEU B 412 -28.20 24.27 24.33
N ASN B 413 -27.82 25.02 23.28
CA ASN B 413 -27.36 26.42 23.37
C ASN B 413 -27.39 27.04 21.96
N THR B 414 -26.44 26.60 21.11
CA THR B 414 -26.32 27.06 19.71
C THR B 414 -26.66 25.92 18.75
N LYS B 415 -26.99 26.30 17.51
CA LYS B 415 -27.43 25.37 16.45
C LYS B 415 -26.31 25.14 15.42
N ASP B 416 -25.33 26.08 15.41
CA ASP B 416 -24.27 26.17 14.39
C ASP B 416 -23.16 25.13 14.63
N GLY B 417 -22.28 24.99 13.63
CA GLY B 417 -21.11 24.12 13.70
C GLY B 417 -20.87 23.34 12.43
N ALA B 418 -21.91 23.14 11.61
CA ALA B 418 -21.81 22.37 10.36
C ALA B 418 -22.80 22.87 9.32
N VAL B 419 -22.40 22.77 8.03
CA VAL B 419 -23.27 23.05 6.86
C VAL B 419 -24.50 22.10 6.89
N MET B 420 -24.23 20.82 7.20
CA MET B 420 -25.27 19.80 7.42
C MET B 420 -25.04 19.20 8.83
N VAL B 421 -26.01 19.41 9.73
CA VAL B 421 -25.93 18.97 11.13
C VAL B 421 -27.14 18.07 11.47
N MET B 422 -26.86 16.82 11.91
CA MET B 422 -27.88 15.85 12.37
C MET B 422 -27.60 15.40 13.82
N SER B 423 -26.65 16.09 14.48
CA SER B 423 -26.39 15.97 15.93
C SER B 423 -26.86 17.25 16.67
N TYR B 424 -27.74 18.01 15.97
CA TYR B 424 -28.45 19.19 16.50
C TYR B 424 -29.19 18.80 17.79
N GLY B 425 -30.09 17.81 17.66
CA GLY B 425 -30.79 17.19 18.78
C GLY B 425 -30.23 15.81 19.08
N ASN B 426 -28.89 15.77 19.21
CA ASN B 426 -28.11 14.57 19.60
C ASN B 426 -28.05 13.50 18.47
N SER B 427 -29.20 12.88 18.12
CA SER B 427 -29.29 11.91 16.99
C SER B 427 -30.68 11.98 16.33
N GLU B 428 -30.70 11.64 15.01
CA GLU B 428 -31.88 11.65 14.12
C GLU B 428 -32.62 13.00 14.17
N GLU B 429 -32.27 13.89 13.25
CA GLU B 429 -32.74 15.27 13.26
C GLU B 429 -33.70 15.56 12.09
N ASP B 430 -34.60 16.55 12.33
CA ASP B 430 -35.51 17.12 11.31
C ASP B 430 -34.72 17.66 10.11
N SER B 431 -33.52 18.22 10.38
CA SER B 431 -32.59 18.74 9.36
C SER B 431 -32.10 17.59 8.44
N GLN B 432 -32.92 17.25 7.45
CA GLN B 432 -32.59 16.26 6.41
C GLN B 432 -32.68 16.94 5.03
N GLU B 433 -32.45 18.26 5.03
CA GLU B 433 -32.43 19.10 3.82
C GLU B 433 -31.26 18.65 2.93
N HIS B 434 -31.60 18.07 1.76
CA HIS B 434 -30.62 17.58 0.76
C HIS B 434 -29.81 16.38 1.34
N THR B 435 -30.48 15.54 2.17
CA THR B 435 -29.88 14.31 2.77
C THR B 435 -29.71 13.19 1.71
N GLY B 436 -30.28 13.41 0.51
CA GLY B 436 -30.06 12.53 -0.65
C GLY B 436 -28.57 12.41 -0.99
N SER B 437 -27.80 13.49 -0.71
CA SER B 437 -26.33 13.42 -0.61
C SER B 437 -25.99 12.64 0.68
N GLN B 438 -26.02 11.30 0.56
CA GLN B 438 -25.94 10.35 1.66
C GLN B 438 -24.57 10.40 2.36
N LEU B 439 -24.51 11.21 3.43
CA LEU B 439 -23.35 11.28 4.35
C LEU B 439 -23.43 10.15 5.41
N ARG B 440 -24.53 9.40 5.41
CA ARG B 440 -24.74 8.26 6.30
C ARG B 440 -24.19 7.00 5.61
N ILE B 441 -23.06 6.49 6.11
CA ILE B 441 -22.26 5.46 5.42
C ILE B 441 -22.98 4.09 5.37
N ALA B 442 -23.15 3.57 4.13
CA ALA B 442 -23.71 2.23 3.87
C ALA B 442 -22.65 1.32 3.22
N ALA B 443 -21.37 1.54 3.60
CA ALA B 443 -20.23 0.74 3.13
C ALA B 443 -20.28 -0.70 3.68
N TYR B 444 -19.49 -1.59 3.03
CA TYR B 444 -19.44 -3.06 3.29
C TYR B 444 -20.63 -3.80 2.64
N GLY B 445 -21.76 -3.08 2.41
CA GLY B 445 -23.02 -3.69 2.05
C GLY B 445 -23.57 -4.52 3.20
N PRO B 446 -24.03 -3.89 4.33
CA PRO B 446 -24.29 -4.56 5.63
C PRO B 446 -25.16 -5.84 5.53
N HIS B 447 -24.49 -7.01 5.53
CA HIS B 447 -25.13 -8.33 5.48
C HIS B 447 -24.71 -9.14 6.73
N ALA B 448 -25.55 -9.09 7.76
CA ALA B 448 -25.34 -9.86 9.01
C ALA B 448 -26.04 -11.23 8.89
N ALA B 449 -26.10 -11.97 10.03
CA ALA B 449 -26.71 -13.33 10.10
C ALA B 449 -25.95 -14.34 9.21
N ASN B 450 -24.63 -14.12 9.07
CA ASN B 450 -23.69 -15.02 8.36
C ASN B 450 -24.00 -15.11 6.83
N VAL B 451 -24.82 -14.16 6.31
CA VAL B 451 -25.19 -14.12 4.88
C VAL B 451 -24.02 -13.50 4.08
N VAL B 452 -22.99 -14.34 3.88
CA VAL B 452 -21.69 -13.95 3.28
C VAL B 452 -21.80 -13.76 1.75
N GLY B 453 -22.73 -14.51 1.13
CA GLY B 453 -22.97 -14.46 -0.31
C GLY B 453 -23.83 -13.27 -0.70
N LEU B 454 -23.26 -12.07 -0.53
CA LEU B 454 -23.90 -10.79 -0.81
C LEU B 454 -22.78 -9.79 -1.13
N THR B 455 -22.84 -9.17 -2.31
CA THR B 455 -21.89 -8.15 -2.74
C THR B 455 -22.25 -6.80 -2.07
N ASP B 456 -23.21 -6.06 -2.66
CA ASP B 456 -23.71 -4.77 -2.12
C ASP B 456 -25.23 -4.70 -2.30
N GLN B 457 -25.88 -3.90 -1.44
CA GLN B 457 -27.35 -3.78 -1.35
C GLN B 457 -27.97 -5.12 -0.90
N THR B 458 -28.27 -5.23 0.40
CA THR B 458 -28.86 -6.44 1.01
C THR B 458 -30.41 -6.36 0.99
N ASP B 459 -30.95 -5.28 0.37
CA ASP B 459 -32.38 -4.90 0.36
C ASP B 459 -32.83 -4.50 1.78
N LEU B 460 -33.17 -3.20 1.93
CA LEU B 460 -33.58 -2.59 3.21
C LEU B 460 -32.37 -2.60 4.18
N PHE B 461 -31.67 -1.45 4.29
CA PHE B 461 -30.47 -1.29 5.15
C PHE B 461 -30.87 -1.23 6.65
N TYR B 462 -31.31 -2.38 7.16
CA TYR B 462 -31.69 -2.61 8.56
C TYR B 462 -31.46 -4.10 8.88
N THR B 463 -30.66 -4.76 8.02
CA THR B 463 -30.27 -6.17 8.13
C THR B 463 -29.05 -6.31 9.07
N MET B 464 -29.21 -5.77 10.29
CA MET B 464 -28.17 -5.72 11.34
C MET B 464 -28.32 -6.92 12.30
N LYS B 465 -28.78 -8.05 11.73
CA LYS B 465 -29.13 -9.27 12.48
C LYS B 465 -27.85 -9.96 13.04
N ALA B 466 -27.39 -9.46 14.19
CA ALA B 466 -26.23 -9.98 14.92
C ALA B 466 -26.72 -10.75 16.16
N ALA B 467 -25.78 -11.14 17.02
CA ALA B 467 -26.07 -11.85 18.28
C ALA B 467 -26.48 -10.86 19.41
N LEU B 468 -26.77 -9.59 19.05
CA LEU B 468 -27.18 -8.51 19.97
C LEU B 468 -28.39 -8.91 20.85
N GLY B 469 -28.45 -8.31 22.05
CA GLY B 469 -29.36 -8.73 23.10
C GLY B 469 -28.86 -10.00 23.77
N LEU B 470 -29.11 -11.14 23.12
CA LEU B 470 -28.67 -12.47 23.56
C LEU B 470 -28.93 -13.49 22.45
N LYS B 471 -30.14 -13.38 21.84
CA LYS B 471 -30.66 -14.27 20.78
C LYS B 471 -30.96 -15.67 21.39
N MET C 1 44.27 -20.71 -31.06
CA MET C 1 44.18 -21.93 -31.89
C MET C 1 44.80 -23.10 -31.12
N ALA C 2 43.91 -23.84 -30.39
CA ALA C 2 44.28 -24.97 -29.51
C ALA C 2 45.16 -24.50 -28.34
N ALA C 3 44.95 -23.25 -27.90
CA ALA C 3 45.76 -22.61 -26.84
C ALA C 3 45.26 -22.95 -25.43
N LYS C 4 44.75 -24.21 -25.27
CA LYS C 4 44.11 -24.73 -24.04
C LYS C 4 44.76 -24.24 -22.73
N LYS C 5 44.19 -23.16 -22.18
CA LYS C 5 44.47 -22.72 -20.83
C LYS C 5 43.93 -23.77 -19.87
N ASP C 6 44.83 -24.58 -19.28
CA ASP C 6 44.44 -25.52 -18.23
C ASP C 6 44.20 -24.70 -16.94
N TYR C 7 42.93 -24.29 -16.78
CA TYR C 7 42.49 -23.35 -15.74
C TYR C 7 42.73 -23.91 -14.32
N TYR C 8 42.75 -25.26 -14.22
CA TYR C 8 43.08 -25.96 -12.98
C TYR C 8 44.53 -25.67 -12.56
N ALA C 9 45.47 -25.77 -13.53
CA ALA C 9 46.90 -25.48 -13.30
C ALA C 9 47.11 -23.99 -12.95
N ILE C 10 46.36 -23.11 -13.65
CA ILE C 10 46.37 -21.64 -13.40
C ILE C 10 45.97 -21.33 -11.94
N LEU C 11 44.95 -22.07 -11.44
CA LEU C 11 44.47 -21.92 -10.04
C LEU C 11 45.22 -22.85 -9.06
N GLY C 12 46.18 -23.66 -9.56
CA GLY C 12 46.98 -24.56 -8.71
C GLY C 12 46.15 -25.59 -7.93
N VAL C 13 45.10 -26.11 -8.59
CA VAL C 13 44.20 -27.15 -8.06
C VAL C 13 44.14 -28.33 -9.05
N PRO C 14 44.14 -29.62 -8.59
CA PRO C 14 44.01 -30.78 -9.49
C PRO C 14 42.54 -30.99 -9.95
N ARG C 15 42.37 -31.73 -11.06
CA ARG C 15 41.04 -32.18 -11.51
C ARG C 15 40.57 -33.33 -10.59
N ASN C 16 40.14 -32.93 -9.39
CA ASN C 16 39.78 -33.83 -8.27
C ASN C 16 39.42 -32.97 -7.05
N ALA C 17 40.00 -31.76 -6.99
CA ALA C 17 39.66 -30.74 -5.99
C ALA C 17 38.18 -30.33 -6.13
N THR C 18 37.47 -30.22 -4.98
CA THR C 18 36.06 -29.79 -4.95
C THR C 18 35.95 -28.33 -5.41
N GLN C 19 34.73 -27.93 -5.82
CA GLN C 19 34.47 -26.61 -6.37
C GLN C 19 34.88 -25.49 -5.40
N GLU C 20 34.76 -25.74 -4.09
CA GLU C 20 35.12 -24.77 -3.06
C GLU C 20 36.65 -24.66 -2.89
N GLU C 21 37.40 -25.74 -3.17
CA GLU C 21 38.89 -25.71 -3.15
C GLU C 21 39.41 -24.87 -4.33
N ILE C 22 38.76 -25.05 -5.49
CA ILE C 22 39.05 -24.30 -6.73
C ILE C 22 38.68 -22.81 -6.54
N LYS C 23 37.56 -22.58 -5.83
CA LYS C 23 37.03 -21.25 -5.51
C LYS C 23 37.97 -20.55 -4.50
N ARG C 24 38.47 -21.32 -3.50
CA ARG C 24 39.44 -20.81 -2.49
C ARG C 24 40.82 -20.60 -3.10
N ALA C 25 41.11 -21.30 -4.21
CA ALA C 25 42.32 -21.08 -5.00
C ALA C 25 42.26 -19.68 -5.66
N TYR C 26 41.08 -19.36 -6.23
CA TYR C 26 40.80 -18.01 -6.72
C TYR C 26 40.95 -16.97 -5.60
N LYS C 27 40.25 -17.19 -4.46
CA LYS C 27 40.25 -16.25 -3.30
C LYS C 27 41.68 -16.04 -2.73
N ARG C 28 42.49 -17.10 -2.79
CA ARG C 28 43.92 -17.07 -2.41
C ARG C 28 44.67 -16.07 -3.32
N LEU C 29 44.45 -16.22 -4.63
CA LEU C 29 45.03 -15.36 -5.68
C LEU C 29 44.30 -13.99 -5.77
N ALA C 30 43.13 -13.88 -5.13
CA ALA C 30 42.36 -12.64 -5.06
C ALA C 30 42.82 -11.81 -3.86
N ARG C 31 43.49 -12.46 -2.89
CA ARG C 31 44.20 -11.77 -1.80
C ARG C 31 45.68 -11.51 -2.18
N GLN C 32 46.23 -12.38 -3.07
CA GLN C 32 47.63 -12.28 -3.55
C GLN C 32 47.75 -11.08 -4.52
N TYR C 33 46.98 -11.13 -5.62
CA TYR C 33 46.97 -10.09 -6.68
C TYR C 33 45.93 -8.99 -6.37
N HIS C 34 45.54 -8.86 -5.08
CA HIS C 34 44.36 -8.10 -4.59
C HIS C 34 44.33 -6.64 -5.11
N PRO C 35 43.61 -6.37 -6.25
CA PRO C 35 43.72 -5.07 -6.97
C PRO C 35 42.93 -3.95 -6.26
N ASP C 36 42.21 -4.35 -5.21
CA ASP C 36 41.52 -3.43 -4.30
C ASP C 36 42.52 -2.54 -3.54
N VAL C 37 43.70 -3.10 -3.18
CA VAL C 37 44.73 -2.37 -2.42
C VAL C 37 46.06 -2.34 -3.20
N ASN C 38 46.44 -3.52 -3.72
CA ASN C 38 47.68 -3.71 -4.47
C ASN C 38 47.38 -3.67 -5.99
N LYS C 39 47.29 -2.45 -6.53
CA LYS C 39 47.01 -2.23 -7.97
C LYS C 39 48.30 -2.29 -8.78
N SER C 40 48.86 -3.50 -8.89
CA SER C 40 50.07 -3.76 -9.70
C SER C 40 49.62 -4.25 -11.09
N PRO C 41 49.77 -3.43 -12.19
CA PRO C 41 49.27 -3.75 -13.57
C PRO C 41 49.49 -5.21 -14.02
N GLU C 42 50.74 -5.71 -13.93
CA GLU C 42 51.11 -7.07 -14.36
C GLU C 42 50.43 -8.14 -13.48
N ALA C 43 50.21 -7.81 -12.19
CA ALA C 43 49.50 -8.70 -11.23
C ALA C 43 47.99 -8.65 -11.48
N GLU C 44 47.51 -7.60 -12.18
CA GLU C 44 46.09 -7.44 -12.55
C GLU C 44 45.83 -8.09 -13.91
N GLU C 45 46.92 -8.31 -14.69
CA GLU C 45 46.91 -9.13 -15.92
C GLU C 45 46.91 -10.62 -15.54
N LYS C 46 47.69 -10.94 -14.49
CA LYS C 46 47.65 -12.26 -13.85
C LYS C 46 46.24 -12.48 -13.28
N PHE C 47 45.73 -11.46 -12.55
CA PHE C 47 44.39 -11.47 -11.93
C PHE C 47 43.29 -11.53 -12.99
N LYS C 48 43.58 -11.00 -14.20
CA LYS C 48 42.70 -11.14 -15.37
C LYS C 48 42.59 -12.63 -15.73
N GLU C 49 43.74 -13.32 -15.81
CA GLU C 49 43.80 -14.77 -16.09
C GLU C 49 43.30 -15.61 -14.90
N ILE C 50 43.27 -15.04 -13.68
CA ILE C 50 42.70 -15.72 -12.50
C ILE C 50 41.15 -15.61 -12.56
N ASN C 51 40.65 -14.47 -13.09
CA ASN C 51 39.20 -14.22 -13.33
C ASN C 51 38.73 -14.92 -14.61
N GLU C 52 39.67 -15.29 -15.49
CA GLU C 52 39.42 -16.14 -16.67
C GLU C 52 39.26 -17.59 -16.20
N ALA C 53 40.24 -18.02 -15.39
CA ALA C 53 40.25 -19.35 -14.76
C ALA C 53 39.03 -19.54 -13.85
N TYR C 54 38.60 -18.44 -13.22
CA TYR C 54 37.40 -18.40 -12.37
C TYR C 54 36.14 -18.25 -13.23
N ALA C 55 36.23 -17.54 -14.36
CA ALA C 55 35.11 -17.43 -15.33
C ALA C 55 34.67 -18.81 -15.79
N VAL C 56 35.65 -19.72 -15.90
CA VAL C 56 35.44 -21.10 -16.35
C VAL C 56 35.31 -22.10 -15.16
N LEU C 57 35.89 -21.78 -13.98
CA LEU C 57 35.86 -22.72 -12.80
C LEU C 57 35.26 -22.06 -11.53
N SER C 58 34.34 -21.09 -11.67
CA SER C 58 33.64 -20.46 -10.52
C SER C 58 32.67 -21.44 -9.84
N ASP C 59 31.74 -21.96 -10.64
CA ASP C 59 30.59 -22.77 -10.16
C ASP C 59 30.51 -24.07 -10.98
N PRO C 60 29.86 -25.17 -10.44
CA PRO C 60 29.74 -26.47 -11.16
C PRO C 60 29.13 -26.33 -12.58
N GLU C 61 28.40 -25.22 -12.81
CA GLU C 61 27.91 -24.82 -14.14
C GLU C 61 29.07 -24.80 -15.19
N LYS C 62 29.92 -23.76 -15.11
CA LYS C 62 31.04 -23.54 -16.05
C LYS C 62 32.13 -24.61 -15.89
N ARG C 63 32.26 -25.16 -14.66
CA ARG C 63 33.28 -26.16 -14.35
C ARG C 63 33.00 -27.45 -15.13
N ARG C 64 31.71 -27.88 -15.14
CA ARG C 64 31.26 -29.07 -15.88
C ARG C 64 31.29 -28.83 -17.39
N ILE C 65 31.08 -27.56 -17.84
CA ILE C 65 31.30 -27.18 -19.26
C ILE C 65 32.75 -27.50 -19.68
N TYR C 66 33.72 -27.07 -18.84
CA TYR C 66 35.15 -27.30 -19.10
C TYR C 66 35.50 -28.80 -19.00
N ASP C 67 34.91 -29.50 -18.01
CA ASP C 67 35.12 -30.95 -17.81
C ASP C 67 34.68 -31.73 -19.07
N THR C 68 33.49 -31.37 -19.58
CA THR C 68 32.93 -31.99 -20.79
C THR C 68 33.68 -31.51 -22.06
N TYR C 69 34.47 -30.41 -21.95
CA TYR C 69 35.41 -30.06 -23.02
C TYR C 69 36.58 -31.07 -22.94
N GLY C 70 36.76 -31.87 -24.00
CA GLY C 70 37.60 -33.07 -23.97
C GLY C 70 36.75 -34.34 -24.09
N THR C 71 35.45 -34.16 -24.39
CA THR C 71 34.47 -35.24 -24.62
C THR C 71 33.62 -34.72 -25.78
N THR C 72 33.02 -33.56 -25.50
CA THR C 72 32.59 -32.62 -26.52
C THR C 72 33.92 -31.99 -27.00
N GLU C 73 34.10 -31.87 -28.32
CA GLU C 73 35.39 -31.47 -28.93
C GLU C 73 35.27 -30.07 -29.56
N ALA C 74 34.11 -29.80 -30.18
CA ALA C 74 33.76 -28.50 -30.75
C ALA C 74 33.09 -27.63 -29.66
N PRO C 75 33.22 -26.27 -29.72
CA PRO C 75 32.49 -25.34 -28.81
C PRO C 75 30.95 -25.63 -28.82
N PRO C 76 30.33 -26.04 -27.65
CA PRO C 76 28.88 -26.42 -27.58
C PRO C 76 27.92 -25.32 -28.09
N PRO C 77 26.66 -25.69 -28.52
CA PRO C 77 25.62 -24.69 -28.87
C PRO C 77 25.16 -23.89 -27.62
N PRO C 78 25.29 -22.52 -27.61
CA PRO C 78 25.00 -21.68 -26.41
C PRO C 78 23.51 -21.77 -25.96
N PRO C 79 23.24 -21.91 -24.60
CA PRO C 79 21.86 -21.94 -24.05
C PRO C 79 21.15 -20.55 -24.17
N PRO C 80 19.76 -20.51 -24.12
CA PRO C 80 18.96 -19.25 -24.18
C PRO C 80 19.38 -18.23 -23.08
N GLY C 81 20.40 -17.44 -23.40
CA GLY C 81 20.92 -16.40 -22.52
C GLY C 81 22.34 -16.02 -22.90
N GLY C 82 23.18 -17.05 -23.14
CA GLY C 82 24.61 -16.88 -23.41
C GLY C 82 25.47 -17.43 -22.28
N TYR C 83 26.80 -17.41 -22.48
CA TYR C 83 27.79 -17.85 -21.47
C TYR C 83 28.06 -16.70 -20.51
N ASP C 84 27.66 -16.85 -19.24
CA ASP C 84 27.83 -15.83 -18.19
C ASP C 84 29.31 -15.54 -17.89
N PHE C 85 29.58 -14.24 -17.59
CA PHE C 85 30.88 -13.77 -17.09
C PHE C 85 30.63 -12.77 -15.96
N SER C 86 30.21 -13.29 -14.78
CA SER C 86 29.93 -12.49 -13.55
C SER C 86 31.06 -11.47 -13.22
N GLY C 87 30.97 -10.28 -13.84
CA GLY C 87 31.96 -9.22 -13.67
C GLY C 87 33.34 -9.52 -14.26
N PHE C 88 33.42 -10.58 -15.10
CA PHE C 88 34.69 -11.01 -15.71
C PHE C 88 34.85 -10.33 -17.07
N ASP C 89 36.03 -9.70 -17.29
CA ASP C 89 36.28 -8.87 -18.49
C ASP C 89 36.71 -9.74 -19.67
N VAL C 90 35.69 -10.38 -20.27
CA VAL C 90 35.78 -11.16 -21.54
C VAL C 90 36.64 -10.45 -22.62
N GLU C 91 36.52 -9.12 -22.65
CA GLU C 91 37.20 -8.20 -23.59
C GLU C 91 38.72 -8.47 -23.68
N ASP C 92 39.33 -8.81 -22.53
CA ASP C 92 40.79 -8.89 -22.38
C ASP C 92 41.23 -10.32 -21.99
N PHE C 93 40.37 -11.32 -22.28
CA PHE C 93 40.71 -12.76 -22.06
C PHE C 93 41.30 -13.40 -23.34
N SER C 94 41.73 -14.68 -23.23
CA SER C 94 42.61 -15.35 -24.23
C SER C 94 41.89 -15.75 -25.53
N GLU C 95 42.69 -16.22 -26.50
CA GLU C 95 42.22 -16.69 -27.82
C GLU C 95 41.52 -18.04 -27.68
N PHE C 96 42.03 -18.91 -26.78
CA PHE C 96 41.37 -20.19 -26.42
C PHE C 96 39.98 -19.93 -25.84
N PHE C 97 39.92 -18.92 -24.98
CA PHE C 97 38.69 -18.42 -24.40
C PHE C 97 37.73 -17.96 -25.52
N GLN C 98 38.26 -17.25 -26.54
CA GLN C 98 37.48 -16.81 -27.72
C GLN C 98 37.02 -18.01 -28.57
N GLU C 99 37.79 -19.11 -28.58
CA GLU C 99 37.46 -20.34 -29.32
C GLU C 99 36.21 -21.00 -28.72
N LEU C 100 36.28 -21.29 -27.41
CA LEU C 100 35.26 -22.06 -26.68
C LEU C 100 34.00 -21.21 -26.39
N PHE C 101 34.21 -20.02 -25.83
CA PHE C 101 33.12 -19.14 -25.36
C PHE C 101 32.64 -18.16 -26.44
N GLY C 102 33.50 -17.90 -27.45
CA GLY C 102 33.21 -16.98 -28.56
C GLY C 102 31.81 -17.13 -29.19
N PRO C 103 31.44 -18.35 -29.74
CA PRO C 103 30.12 -18.58 -30.41
C PRO C 103 28.89 -18.42 -29.48
N GLY C 104 29.11 -18.16 -28.17
CA GLY C 104 28.04 -17.92 -27.23
C GLY C 104 28.32 -16.78 -26.28
N LEU C 105 29.07 -15.77 -26.75
CA LEU C 105 29.32 -14.52 -25.97
C LEU C 105 28.06 -13.60 -25.92
N PHE C 106 27.04 -14.07 -25.16
CA PHE C 106 25.77 -13.34 -24.91
C PHE C 106 25.10 -12.79 -26.21
N GLY C 107 25.12 -11.44 -26.38
CA GLY C 107 24.27 -10.76 -27.37
C GLY C 107 22.77 -10.84 -27.07
N GLY C 108 22.42 -11.40 -25.88
CA GLY C 108 21.03 -11.71 -25.53
C GLY C 108 20.38 -12.65 -26.56
N PHE C 109 19.20 -12.25 -27.05
CA PHE C 109 18.54 -12.87 -28.22
C PHE C 109 18.62 -11.93 -29.43
N GLY C 110 19.35 -10.80 -29.26
CA GLY C 110 19.43 -9.75 -30.28
C GLY C 110 20.62 -9.93 -31.21
N ARG C 111 21.51 -10.90 -30.90
CA ARG C 111 22.70 -11.27 -31.72
C ARG C 111 23.68 -10.09 -32.00
N ARG C 112 23.45 -8.95 -31.32
CA ARG C 112 24.37 -7.79 -31.31
C ARG C 112 25.79 -8.21 -30.83
N SER C 113 25.83 -9.19 -29.91
CA SER C 113 27.07 -9.82 -29.38
C SER C 113 28.03 -8.77 -28.78
N ARG C 114 27.46 -7.63 -28.33
CA ARG C 114 28.23 -6.46 -27.87
C ARG C 114 27.57 -5.89 -26.57
N LYS C 115 27.93 -4.63 -26.17
CA LYS C 115 27.73 -4.03 -24.81
C LYS C 115 26.61 -4.68 -23.95
N GLY C 116 27.04 -5.24 -22.80
CA GLY C 116 26.15 -5.95 -21.90
C GLY C 116 25.31 -5.04 -21.06
N ARG C 117 24.10 -5.49 -20.75
CA ARG C 117 23.09 -4.70 -20.06
C ARG C 117 22.75 -5.31 -18.71
N ASP C 118 21.95 -4.51 -17.98
CA ASP C 118 21.29 -4.89 -16.74
C ASP C 118 20.34 -6.06 -17.02
N LEU C 119 20.61 -7.21 -16.39
CA LEU C 119 19.79 -8.41 -16.57
C LEU C 119 18.73 -8.37 -15.46
N ARG C 120 17.46 -8.37 -15.87
CA ARG C 120 16.36 -7.99 -14.98
C ARG C 120 15.42 -9.19 -14.81
N ALA C 121 15.34 -9.72 -13.58
CA ALA C 121 14.62 -10.97 -13.29
C ALA C 121 13.33 -10.72 -12.51
N GLU C 122 12.52 -11.78 -12.40
CA GLU C 122 11.21 -11.73 -11.75
C GLU C 122 11.07 -12.89 -10.76
N LEU C 123 10.98 -12.61 -9.45
CA LEU C 123 10.85 -13.66 -8.42
C LEU C 123 9.86 -13.28 -7.31
N PRO C 124 8.71 -14.02 -7.17
CA PRO C 124 7.88 -14.00 -5.95
C PRO C 124 8.68 -14.61 -4.77
N LEU C 125 8.98 -13.79 -3.77
CA LEU C 125 9.88 -14.11 -2.66
C LEU C 125 9.25 -13.54 -1.37
N THR C 126 9.75 -13.93 -0.19
CA THR C 126 9.26 -13.33 1.09
C THR C 126 10.43 -12.80 1.93
N LEU C 127 10.04 -12.16 3.04
CA LEU C 127 10.93 -11.50 4.01
C LEU C 127 11.92 -12.52 4.61
N GLU C 128 11.35 -13.70 4.95
CA GLU C 128 12.07 -14.84 5.52
C GLU C 128 13.17 -15.28 4.57
N GLU C 129 12.80 -15.37 3.27
CA GLU C 129 13.70 -15.80 2.20
C GLU C 129 14.67 -14.69 1.77
N ALA C 130 14.35 -13.45 2.14
CA ALA C 130 15.24 -12.29 1.91
C ALA C 130 16.43 -12.38 2.89
N PHE C 131 16.12 -12.85 4.11
CA PHE C 131 17.14 -13.27 5.11
C PHE C 131 17.79 -14.61 4.71
N HIS C 132 16.96 -15.58 4.32
CA HIS C 132 17.42 -16.97 4.06
C HIS C 132 18.18 -17.07 2.73
N GLY C 133 18.18 -15.97 1.94
CA GLY C 133 18.98 -15.86 0.73
C GLY C 133 20.49 -15.74 1.00
N GLY C 134 21.08 -16.83 1.54
CA GLY C 134 22.52 -16.97 1.66
C GLY C 134 23.09 -17.59 0.40
N GLU C 135 24.06 -18.50 0.54
CA GLU C 135 24.68 -19.17 -0.63
C GLU C 135 23.69 -20.17 -1.23
N ARG C 136 22.91 -19.72 -2.24
CA ARG C 136 21.76 -20.47 -2.81
C ARG C 136 21.70 -20.28 -4.34
N VAL C 137 20.94 -21.18 -4.99
CA VAL C 137 20.87 -21.29 -6.46
C VAL C 137 20.11 -20.10 -7.06
N VAL C 138 20.90 -19.10 -7.49
CA VAL C 138 20.45 -18.02 -8.36
C VAL C 138 20.43 -18.58 -9.80
N GLU C 139 19.23 -18.71 -10.35
CA GLU C 139 18.96 -19.46 -11.58
C GLU C 139 18.33 -18.47 -12.59
N VAL C 140 19.20 -17.64 -13.18
CA VAL C 140 18.83 -16.45 -13.96
C VAL C 140 19.48 -16.46 -15.36
N ALA C 141 18.67 -16.78 -16.39
CA ALA C 141 19.01 -16.63 -17.83
C ALA C 141 20.10 -17.60 -18.29
N GLY C 142 20.25 -18.72 -17.56
CA GLY C 142 21.29 -19.70 -17.84
C GLY C 142 22.36 -19.67 -16.78
N ARG C 143 22.58 -18.47 -16.16
CA ARG C 143 23.56 -18.30 -15.08
C ARG C 143 23.04 -19.00 -13.82
N ARG C 144 23.67 -20.13 -13.51
CA ARG C 144 23.32 -20.95 -12.38
C ARG C 144 24.47 -20.93 -11.37
N VAL C 145 24.34 -20.06 -10.38
CA VAL C 145 25.36 -19.79 -9.36
C VAL C 145 24.76 -19.93 -7.95
N SER C 146 25.41 -20.69 -7.08
CA SER C 146 25.02 -20.80 -5.68
C SER C 146 25.76 -19.73 -4.86
N VAL C 147 25.14 -18.53 -4.82
CA VAL C 147 25.77 -17.30 -4.26
C VAL C 147 24.80 -16.61 -3.29
N ARG C 148 25.38 -15.76 -2.41
CA ARG C 148 24.61 -14.87 -1.55
C ARG C 148 24.37 -13.56 -2.30
N ILE C 149 23.14 -13.38 -2.79
CA ILE C 149 22.65 -12.08 -3.28
C ILE C 149 22.48 -11.13 -2.07
N PRO C 150 22.63 -9.76 -2.26
CA PRO C 150 22.41 -8.74 -1.18
C PRO C 150 21.23 -9.09 -0.26
N PRO C 151 21.52 -9.50 1.03
CA PRO C 151 20.49 -10.04 1.94
C PRO C 151 19.46 -8.96 2.32
N GLY C 152 18.18 -9.24 2.03
CA GLY C 152 17.09 -8.34 2.35
C GLY C 152 16.65 -7.51 1.18
N VAL C 153 15.35 -7.63 0.86
CA VAL C 153 14.74 -7.02 -0.31
C VAL C 153 13.47 -6.26 0.10
N ARG C 154 12.83 -5.56 -0.87
CA ARG C 154 11.57 -4.83 -0.65
C ARG C 154 10.57 -5.13 -1.79
N GLU C 155 9.28 -4.88 -1.50
CA GLU C 155 8.14 -5.16 -2.40
C GLU C 155 8.16 -4.27 -3.67
N GLY C 156 8.59 -4.88 -4.81
CA GLY C 156 8.65 -4.19 -6.10
C GLY C 156 10.05 -3.69 -6.44
N SER C 157 11.02 -3.91 -5.54
CA SER C 157 12.38 -3.35 -5.65
C SER C 157 13.34 -4.31 -6.42
N VAL C 158 14.53 -3.79 -6.74
CA VAL C 158 15.59 -4.54 -7.45
C VAL C 158 16.72 -4.95 -6.47
N ILE C 159 17.02 -6.25 -6.45
CA ILE C 159 18.23 -6.82 -5.83
C ILE C 159 19.42 -6.55 -6.75
N ARG C 160 20.17 -5.49 -6.43
CA ARG C 160 21.34 -5.05 -7.22
C ARG C 160 22.58 -5.89 -6.85
N VAL C 161 22.91 -6.87 -7.70
CA VAL C 161 24.11 -7.70 -7.56
C VAL C 161 25.19 -7.16 -8.53
N PRO C 162 26.32 -6.58 -7.98
CA PRO C 162 27.37 -5.87 -8.78
C PRO C 162 27.90 -6.66 -10.00
N GLY C 163 27.35 -6.32 -11.18
CA GLY C 163 27.87 -6.79 -12.47
C GLY C 163 27.71 -8.28 -12.74
N MET C 164 26.74 -8.93 -12.07
CA MET C 164 26.41 -10.35 -12.34
C MET C 164 25.19 -10.45 -13.30
N GLY C 165 24.92 -9.33 -14.01
CA GLY C 165 23.87 -9.28 -15.03
C GLY C 165 24.29 -9.97 -16.31
N GLY C 166 24.32 -9.25 -17.45
CA GLY C 166 24.86 -9.85 -18.66
C GLY C 166 24.31 -9.30 -19.94
N GLN C 167 23.11 -9.83 -20.36
CA GLN C 167 22.55 -9.78 -21.75
C GLN C 167 23.25 -8.76 -22.68
N GLY C 168 24.12 -9.29 -23.55
CA GLY C 168 25.16 -8.53 -24.24
C GLY C 168 26.53 -8.92 -23.67
N ASN C 169 27.59 -8.96 -24.51
CA ASN C 169 28.86 -9.63 -24.17
C ASN C 169 29.60 -9.05 -22.90
N PRO C 170 30.02 -7.72 -22.85
CA PRO C 170 30.63 -7.13 -21.63
C PRO C 170 29.57 -6.95 -20.51
N PRO C 171 29.57 -7.82 -19.45
CA PRO C 171 28.39 -8.03 -18.54
C PRO C 171 27.97 -6.76 -17.75
N GLY C 172 26.67 -6.40 -17.85
CA GLY C 172 26.07 -5.33 -17.03
C GLY C 172 25.71 -5.82 -15.62
N ASP C 173 24.93 -5.02 -14.87
CA ASP C 173 24.58 -5.30 -13.44
C ASP C 173 23.34 -6.21 -13.35
N LEU C 174 23.16 -6.96 -12.25
CA LEU C 174 22.00 -7.86 -12.08
C LEU C 174 20.93 -7.17 -11.22
N LEU C 175 19.75 -6.89 -11.81
CA LEU C 175 18.61 -6.30 -11.10
C LEU C 175 17.47 -7.34 -10.99
N LEU C 176 17.48 -8.10 -9.89
CA LEU C 176 16.43 -9.11 -9.63
C LEU C 176 15.19 -8.41 -9.04
N VAL C 177 14.12 -8.26 -9.84
CA VAL C 177 12.89 -7.59 -9.39
C VAL C 177 12.05 -8.57 -8.58
N VAL C 178 12.02 -8.33 -7.28
CA VAL C 178 11.33 -9.15 -6.32
C VAL C 178 9.92 -8.60 -6.05
N ARG C 179 8.98 -9.52 -5.94
CA ARG C 179 7.60 -9.23 -5.54
C ARG C 179 7.31 -10.06 -4.29
N LEU C 180 7.14 -9.36 -3.16
CA LEU C 180 6.94 -10.00 -1.86
C LEU C 180 5.56 -10.66 -1.78
N LEU C 181 5.54 -11.80 -1.05
CA LEU C 181 4.33 -12.64 -0.83
C LEU C 181 3.19 -11.85 -0.14
N PRO C 182 1.92 -12.40 -0.07
CA PRO C 182 0.76 -11.81 0.68
C PRO C 182 1.02 -11.22 2.09
N HIS C 183 2.26 -11.32 2.62
CA HIS C 183 2.69 -10.55 3.79
C HIS C 183 3.99 -9.74 3.48
N PRO C 184 3.86 -8.53 2.85
CA PRO C 184 4.99 -7.59 2.60
C PRO C 184 5.20 -6.70 3.84
N VAL C 185 5.69 -7.29 4.94
CA VAL C 185 5.66 -6.64 6.27
C VAL C 185 6.97 -5.84 6.48
N PHE C 186 8.11 -6.46 6.13
CA PHE C 186 9.44 -5.91 6.46
C PHE C 186 10.09 -5.17 5.26
N ARG C 187 10.21 -3.85 5.45
CA ARG C 187 10.96 -2.96 4.55
C ARG C 187 12.36 -2.77 5.15
N LEU C 188 13.36 -3.50 4.60
CA LEU C 188 14.72 -3.54 5.20
C LEU C 188 15.67 -2.50 4.60
N GLU C 189 16.56 -1.97 5.46
CA GLU C 189 17.78 -1.33 5.04
C GLU C 189 18.93 -1.90 5.89
N GLY C 190 19.82 -2.68 5.24
CA GLY C 190 20.99 -3.29 5.88
C GLY C 190 20.63 -4.39 6.87
N GLN C 191 20.34 -4.01 8.13
CA GLN C 191 19.97 -4.97 9.21
C GLN C 191 18.72 -4.53 9.99
N ASP C 192 18.26 -3.28 9.77
CA ASP C 192 17.09 -2.73 10.49
C ASP C 192 15.85 -2.69 9.59
N LEU C 193 14.80 -3.39 10.06
CA LEU C 193 13.52 -3.57 9.37
C LEU C 193 12.52 -2.46 9.77
N TYR C 194 11.59 -2.17 8.86
CA TYR C 194 10.34 -1.44 9.16
C TYR C 194 9.19 -2.43 8.99
N ALA C 195 8.12 -2.27 9.76
CA ALA C 195 6.96 -3.18 9.75
C ALA C 195 5.70 -2.47 10.21
N THR C 196 4.62 -3.25 10.31
CA THR C 196 3.37 -2.84 10.96
C THR C 196 2.95 -3.93 11.96
N LEU C 197 2.34 -3.51 13.06
CA LEU C 197 1.91 -4.38 14.16
C LEU C 197 0.43 -4.12 14.46
N ASP C 198 -0.43 -5.12 14.21
CA ASP C 198 -1.87 -4.99 14.41
C ASP C 198 -2.23 -5.32 15.87
N VAL C 199 -2.46 -4.27 16.67
CA VAL C 199 -2.87 -4.39 18.10
C VAL C 199 -4.36 -4.05 18.22
N PRO C 200 -5.22 -4.96 18.77
CA PRO C 200 -6.64 -4.66 18.99
C PRO C 200 -6.81 -3.64 20.14
N ALA C 201 -7.85 -2.82 20.02
CA ALA C 201 -8.16 -1.72 20.93
C ALA C 201 -8.27 -2.14 22.42
N PRO C 202 -8.97 -3.29 22.78
CA PRO C 202 -9.01 -3.77 24.19
C PRO C 202 -7.60 -3.95 24.80
N ILE C 203 -6.74 -4.72 24.08
CA ILE C 203 -5.36 -5.03 24.50
C ILE C 203 -4.48 -3.75 24.52
N ALA C 204 -4.81 -2.80 23.63
CA ALA C 204 -4.09 -1.51 23.51
C ALA C 204 -4.30 -0.63 24.75
N VAL C 205 -5.55 -0.57 25.23
CA VAL C 205 -5.94 0.24 26.40
C VAL C 205 -5.41 -0.38 27.70
N VAL C 206 -5.61 -1.71 27.88
CA VAL C 206 -5.32 -2.40 29.17
C VAL C 206 -3.82 -2.76 29.32
N GLY C 207 -3.17 -3.08 28.20
CA GLY C 207 -1.82 -3.66 28.22
C GLY C 207 -1.86 -5.18 28.27
N GLY C 208 -1.44 -5.84 27.18
CA GLY C 208 -1.42 -7.31 27.09
C GLY C 208 -0.35 -7.80 26.11
N LYS C 209 -0.77 -8.55 25.08
CA LYS C 209 0.14 -9.10 24.04
C LYS C 209 -0.57 -9.28 22.70
N VAL C 210 0.24 -9.21 21.64
CA VAL C 210 -0.11 -9.45 20.23
C VAL C 210 1.04 -10.23 19.57
N ARG C 211 0.90 -10.58 18.29
CA ARG C 211 1.96 -11.28 17.52
C ARG C 211 2.54 -10.37 16.41
N ALA C 212 3.83 -10.57 16.13
CA ALA C 212 4.52 -10.07 14.94
C ALA C 212 5.22 -11.27 14.28
N MET C 213 4.89 -11.58 13.02
CA MET C 213 5.51 -12.71 12.28
C MET C 213 6.94 -12.30 11.86
N THR C 214 7.99 -12.93 12.42
CA THR C 214 9.39 -12.50 12.18
C THR C 214 10.23 -13.61 11.47
N LEU C 215 11.48 -13.25 11.13
CA LEU C 215 12.40 -14.06 10.30
C LEU C 215 12.97 -15.26 11.05
N GLU C 216 13.18 -15.07 12.37
CA GLU C 216 13.63 -16.13 13.29
C GLU C 216 12.44 -16.99 13.77
N GLY C 217 11.22 -16.59 13.36
CA GLY C 217 9.98 -17.22 13.80
C GLY C 217 8.97 -16.17 14.24
N PRO C 218 7.71 -16.57 14.55
CA PRO C 218 6.68 -15.62 15.01
C PRO C 218 6.90 -15.20 16.49
N VAL C 219 7.22 -13.92 16.71
CA VAL C 219 7.43 -13.38 18.06
C VAL C 219 6.08 -12.88 18.59
N GLU C 220 5.90 -12.89 19.91
CA GLU C 220 4.68 -12.37 20.53
C GLU C 220 5.06 -11.09 21.30
N VAL C 221 4.63 -9.98 20.74
CA VAL C 221 4.95 -8.63 21.21
C VAL C 221 4.12 -8.27 22.46
N ALA C 222 4.80 -7.82 23.51
CA ALA C 222 4.14 -7.23 24.68
C ALA C 222 3.69 -5.79 24.38
N VAL C 223 2.48 -5.44 24.84
CA VAL C 223 1.86 -4.12 24.66
C VAL C 223 1.63 -3.47 26.04
N PRO C 224 2.17 -2.23 26.32
CA PRO C 224 1.81 -1.44 27.51
C PRO C 224 0.41 -0.78 27.36
N PRO C 225 -0.22 -0.33 28.48
CA PRO C 225 -1.52 0.39 28.43
C PRO C 225 -1.46 1.70 27.62
N ARG C 226 -2.64 2.11 27.12
CA ARG C 226 -2.87 3.37 26.38
C ARG C 226 -2.00 3.45 25.10
N THR C 227 -2.25 2.54 24.16
CA THR C 227 -1.50 2.45 22.88
C THR C 227 -2.30 3.09 21.71
N GLN C 228 -1.62 3.96 20.91
CA GLN C 228 -2.21 4.68 19.74
C GLN C 228 -1.66 4.18 18.39
N ALA C 229 -2.52 4.30 17.36
CA ALA C 229 -2.16 3.92 15.99
C ALA C 229 -1.24 4.99 15.38
N GLY C 230 -0.03 4.58 15.01
CA GLY C 230 1.00 5.49 14.49
C GLY C 230 2.21 5.56 15.38
N ARG C 231 2.17 4.81 16.52
CA ARG C 231 3.36 4.58 17.34
C ARG C 231 4.39 3.72 16.57
N LYS C 232 5.58 3.55 17.17
CA LYS C 232 6.61 2.68 16.60
C LYS C 232 7.36 1.96 17.74
N LEU C 233 7.78 0.73 17.46
CA LEU C 233 8.30 -0.20 18.47
C LEU C 233 9.60 -0.82 17.95
N ARG C 234 10.70 -0.71 18.73
CA ARG C 234 11.94 -1.43 18.44
C ARG C 234 11.96 -2.80 19.16
N LEU C 235 11.72 -3.86 18.40
CA LEU C 235 12.02 -5.25 18.82
C LEU C 235 13.51 -5.50 18.57
N LYS C 236 14.25 -5.74 19.65
CA LYS C 236 15.71 -5.93 19.60
C LYS C 236 16.06 -7.36 19.17
N GLY C 237 17.03 -7.45 18.23
CA GLY C 237 17.49 -8.74 17.70
C GLY C 237 16.46 -9.43 16.81
N LYS C 238 15.59 -8.63 16.17
CA LYS C 238 14.49 -9.13 15.30
C LYS C 238 14.62 -8.58 13.87
N GLY C 239 15.78 -7.99 13.56
CA GLY C 239 16.10 -7.57 12.20
C GLY C 239 16.82 -8.66 11.43
N PHE C 240 17.92 -8.30 10.76
CA PHE C 240 18.80 -9.26 10.07
C PHE C 240 20.00 -9.60 10.96
N PRO C 241 20.14 -10.90 11.36
CA PRO C 241 21.37 -11.44 11.95
C PRO C 241 22.64 -11.11 11.14
N GLY C 242 23.40 -10.14 11.65
CA GLY C 242 24.66 -9.70 11.04
C GLY C 242 25.82 -10.65 11.32
N PRO C 243 27.02 -10.42 10.71
CA PRO C 243 28.16 -11.38 10.77
C PRO C 243 28.77 -11.55 12.18
N ALA C 244 28.39 -10.68 13.12
CA ALA C 244 28.87 -10.71 14.51
C ALA C 244 27.72 -10.47 15.51
N GLY C 245 26.49 -10.29 15.01
CA GLY C 245 25.33 -10.00 15.87
C GLY C 245 24.01 -10.04 15.12
N ARG C 246 23.13 -9.07 15.40
CA ARG C 246 21.77 -8.98 14.80
C ARG C 246 21.32 -7.52 14.67
N GLY C 247 20.32 -7.32 13.78
CA GLY C 247 19.66 -6.03 13.61
C GLY C 247 18.37 -5.94 14.40
N ASP C 248 17.58 -4.89 14.14
CA ASP C 248 16.36 -4.58 14.92
C ASP C 248 15.14 -4.45 14.01
N LEU C 249 13.97 -4.37 14.63
CA LEU C 249 12.68 -4.33 13.93
C LEU C 249 11.85 -3.15 14.47
N TYR C 250 11.36 -2.29 13.55
CA TYR C 250 10.59 -1.08 13.89
C TYR C 250 9.17 -1.19 13.31
N LEU C 251 8.19 -1.53 14.16
CA LEU C 251 6.80 -1.75 13.72
C LEU C 251 5.95 -0.52 14.00
N GLU C 252 5.22 -0.03 12.98
CA GLU C 252 4.16 0.96 13.20
C GLU C 252 2.97 0.26 13.87
N VAL C 253 2.77 0.56 15.14
CA VAL C 253 1.73 -0.07 15.95
C VAL C 253 0.37 0.56 15.63
N ARG C 254 -0.52 -0.23 14.99
CA ARG C 254 -1.91 0.19 14.70
C ARG C 254 -2.87 -0.29 15.78
N ILE C 255 -4.02 0.39 15.83
CA ILE C 255 -5.19 -0.01 16.62
C ILE C 255 -6.24 -0.56 15.65
N THR C 256 -6.72 -1.76 15.94
CA THR C 256 -7.70 -2.50 15.14
C THR C 256 -8.79 -3.06 16.06
N ILE C 257 -9.85 -3.64 15.50
CA ILE C 257 -10.99 -4.20 16.26
C ILE C 257 -11.25 -5.66 15.83
N PRO C 258 -11.69 -6.58 16.77
CA PRO C 258 -11.82 -8.05 16.47
C PRO C 258 -12.86 -8.36 15.38
N GLU C 259 -13.68 -7.33 15.05
CA GLU C 259 -14.93 -7.44 14.28
C GLU C 259 -15.93 -8.47 14.88
N ARG C 260 -15.57 -9.77 14.84
CA ARG C 260 -16.36 -10.84 15.49
C ARG C 260 -16.46 -10.59 17.01
N LEU C 261 -17.68 -10.73 17.56
CA LEU C 261 -18.00 -10.39 18.97
C LEU C 261 -19.02 -11.38 19.54
N THR C 262 -19.09 -11.41 20.88
CA THR C 262 -20.17 -12.09 21.61
C THR C 262 -21.31 -11.07 21.87
N PRO C 263 -22.55 -11.51 22.27
CA PRO C 263 -23.61 -10.58 22.76
C PRO C 263 -23.07 -9.61 23.84
N GLU C 264 -22.25 -10.18 24.74
CA GLU C 264 -21.64 -9.48 25.87
C GLU C 264 -20.66 -8.39 25.38
N GLU C 265 -19.63 -8.81 24.59
CA GLU C 265 -18.63 -7.91 23.99
C GLU C 265 -19.30 -6.72 23.31
N GLU C 266 -20.18 -7.03 22.33
CA GLU C 266 -20.84 -6.03 21.50
C GLU C 266 -21.65 -5.03 22.37
N ALA C 267 -22.32 -5.57 23.42
CA ALA C 267 -23.12 -4.76 24.37
C ALA C 267 -22.27 -3.69 25.10
N LEU C 268 -21.07 -4.09 25.57
CA LEU C 268 -20.13 -3.15 26.23
C LEU C 268 -19.63 -2.09 25.22
N TRP C 269 -19.34 -2.52 23.98
CA TRP C 269 -18.98 -1.60 22.88
C TRP C 269 -20.11 -0.58 22.60
N LYS C 270 -21.38 -1.05 22.72
CA LYS C 270 -22.58 -0.21 22.50
C LYS C 270 -22.65 0.92 23.55
N LYS C 271 -22.43 0.54 24.83
CA LYS C 271 -22.45 1.50 25.97
C LYS C 271 -21.36 2.58 25.83
N LEU C 272 -20.14 2.12 25.46
CA LEU C 272 -18.98 2.99 25.22
C LEU C 272 -19.27 3.96 24.07
N ALA C 273 -19.87 3.41 22.99
CA ALA C 273 -20.23 4.18 21.78
C ALA C 273 -21.20 5.31 22.14
N GLU C 274 -22.17 5.01 23.02
CA GLU C 274 -23.16 6.01 23.49
C GLU C 274 -22.51 7.07 24.40
N ALA C 275 -21.46 6.67 25.14
CA ALA C 275 -20.63 7.61 25.92
C ALA C 275 -19.92 8.61 24.96
N TYR C 276 -19.59 8.14 23.74
CA TYR C 276 -19.07 9.01 22.65
C TYR C 276 -20.20 9.83 21.98
N TYR C 277 -21.41 9.26 21.85
CA TYR C 277 -22.56 9.97 21.24
C TYR C 277 -22.97 11.16 22.11
N ALA C 278 -22.71 11.04 23.42
CA ALA C 278 -22.92 12.09 24.43
C ALA C 278 -22.01 13.34 24.23
N ARG C 279 -21.12 13.31 23.21
CA ARG C 279 -20.34 14.50 22.80
C ARG C 279 -21.23 15.51 22.06
N ALA C 280 -22.35 15.03 21.49
CA ALA C 280 -23.33 15.87 20.77
C ALA C 280 -24.00 16.87 21.75
N MET A 1 -14.58 40.23 -45.83
CA MET A 1 -14.41 41.42 -46.68
C MET A 1 -15.69 42.24 -46.62
N ALA A 2 -15.81 43.06 -45.55
CA ALA A 2 -17.01 43.90 -45.25
C ALA A 2 -18.25 43.07 -44.82
N ALA A 3 -18.16 41.73 -44.95
CA ALA A 3 -19.29 40.81 -44.71
C ALA A 3 -19.29 40.37 -43.25
N LYS A 4 -19.51 41.35 -42.34
CA LYS A 4 -19.72 41.12 -40.91
C LYS A 4 -20.61 39.90 -40.60
N LYS A 5 -19.99 38.83 -40.11
CA LYS A 5 -20.71 37.76 -39.43
C LYS A 5 -21.19 38.30 -38.07
N ASP A 6 -22.40 38.92 -38.05
CA ASP A 6 -22.99 39.34 -36.77
C ASP A 6 -23.51 38.10 -36.07
N TYR A 7 -22.65 37.57 -35.21
CA TYR A 7 -22.82 36.28 -34.57
C TYR A 7 -24.11 36.21 -33.74
N TYR A 8 -24.54 37.37 -33.21
CA TYR A 8 -25.80 37.48 -32.43
C TYR A 8 -27.01 37.18 -33.32
N ALA A 9 -27.04 37.81 -34.50
CA ALA A 9 -28.12 37.63 -35.48
C ALA A 9 -28.17 36.18 -36.01
N ILE A 10 -26.97 35.59 -36.22
CA ILE A 10 -26.83 34.16 -36.60
C ILE A 10 -27.43 33.25 -35.51
N LEU A 11 -27.22 33.64 -34.25
CA LEU A 11 -27.74 32.94 -33.06
C LEU A 11 -29.18 33.39 -32.69
N GLY A 12 -29.77 34.30 -33.50
CA GLY A 12 -31.15 34.77 -33.29
C GLY A 12 -31.39 35.54 -31.98
N VAL A 13 -30.30 36.02 -31.37
CA VAL A 13 -30.32 36.80 -30.11
C VAL A 13 -30.01 38.27 -30.39
N PRO A 14 -30.46 39.24 -29.51
CA PRO A 14 -30.18 40.70 -29.66
C PRO A 14 -28.67 41.00 -29.72
N ARG A 15 -28.29 42.13 -30.35
CA ARG A 15 -26.88 42.48 -30.60
C ARG A 15 -26.14 43.01 -29.33
N ASN A 16 -26.78 42.81 -28.17
CA ASN A 16 -26.27 43.22 -26.83
C ASN A 16 -26.11 41.97 -25.94
N ALA A 17 -26.56 40.82 -26.47
CA ALA A 17 -26.58 39.53 -25.78
C ALA A 17 -25.18 39.11 -25.31
N THR A 18 -25.05 38.79 -24.01
CA THR A 18 -23.78 38.35 -23.43
C THR A 18 -23.57 36.83 -23.65
N GLN A 19 -22.39 36.33 -23.20
CA GLN A 19 -21.94 34.92 -23.40
C GLN A 19 -23.03 33.87 -23.07
N GLU A 20 -23.89 34.19 -22.09
CA GLU A 20 -24.89 33.21 -21.59
C GLU A 20 -26.14 33.15 -22.49
N GLU A 21 -26.50 34.25 -23.16
CA GLU A 21 -27.56 34.23 -24.22
C GLU A 21 -27.00 33.55 -25.47
N ILE A 22 -25.69 33.73 -25.71
CA ILE A 22 -24.95 33.04 -26.79
C ILE A 22 -24.86 31.53 -26.50
N LYS A 23 -24.76 31.19 -25.21
CA LYS A 23 -24.74 29.80 -24.72
C LYS A 23 -26.09 29.13 -25.03
N ARG A 24 -27.18 29.79 -24.60
CA ARG A 24 -28.56 29.32 -24.80
C ARG A 24 -28.87 29.17 -26.29
N ALA A 25 -28.46 30.18 -27.07
CA ALA A 25 -28.71 30.24 -28.52
C ALA A 25 -27.94 29.15 -29.28
N TYR A 26 -26.74 28.85 -28.78
CA TYR A 26 -25.91 27.77 -29.33
C TYR A 26 -26.62 26.41 -29.11
N LYS A 27 -27.06 26.16 -27.86
CA LYS A 27 -27.77 24.91 -27.48
C LYS A 27 -29.06 24.74 -28.32
N ARG A 28 -29.79 25.85 -28.48
CA ARG A 28 -31.01 25.97 -29.30
C ARG A 28 -30.76 25.46 -30.73
N LEU A 29 -29.74 26.05 -31.38
CA LEU A 29 -29.39 25.74 -32.78
C LEU A 29 -28.59 24.43 -32.90
N ALA A 30 -28.05 23.96 -31.76
CA ALA A 30 -27.33 22.67 -31.67
C ALA A 30 -28.32 21.51 -31.51
N ARG A 31 -29.56 21.83 -31.08
CA ARG A 31 -30.68 20.87 -31.10
C ARG A 31 -31.37 20.88 -32.46
N GLN A 32 -31.64 22.08 -33.00
CA GLN A 32 -32.36 22.26 -34.29
C GLN A 32 -31.54 21.65 -35.44
N TYR A 33 -30.31 22.15 -35.60
CA TYR A 33 -29.39 21.68 -36.64
C TYR A 33 -28.42 20.65 -36.06
N HIS A 34 -28.94 19.78 -35.17
CA HIS A 34 -28.17 18.71 -34.52
C HIS A 34 -27.69 17.71 -35.59
N PRO A 35 -26.38 17.74 -35.98
CA PRO A 35 -25.89 17.02 -37.19
C PRO A 35 -25.91 15.48 -37.00
N ASP A 36 -26.08 15.03 -35.74
CA ASP A 36 -26.27 13.62 -35.36
C ASP A 36 -27.64 13.09 -35.86
N VAL A 37 -28.68 13.94 -35.75
CA VAL A 37 -30.06 13.57 -36.13
C VAL A 37 -30.37 14.05 -37.55
N ASN A 38 -30.10 15.34 -37.81
CA ASN A 38 -30.39 16.01 -39.08
C ASN A 38 -29.10 16.16 -39.93
N LYS A 39 -28.83 15.14 -40.77
CA LYS A 39 -27.64 15.12 -41.65
C LYS A 39 -27.93 15.84 -42.98
N SER A 40 -28.57 17.02 -42.90
CA SER A 40 -28.90 17.81 -44.09
C SER A 40 -27.72 18.77 -44.38
N PRO A 41 -27.21 18.83 -45.67
CA PRO A 41 -25.97 19.57 -46.05
C PRO A 41 -25.79 20.92 -45.33
N GLU A 42 -26.63 21.90 -45.68
CA GLU A 42 -26.49 23.28 -45.16
C GLU A 42 -26.98 23.39 -43.70
N ALA A 43 -27.58 22.31 -43.15
CA ALA A 43 -27.93 22.27 -41.72
C ALA A 43 -26.65 22.11 -40.90
N GLU A 44 -25.69 21.34 -41.46
CA GLU A 44 -24.41 21.06 -40.78
C GLU A 44 -23.39 22.16 -41.08
N GLU A 45 -23.53 22.78 -42.27
CA GLU A 45 -22.72 23.95 -42.68
C GLU A 45 -23.08 25.16 -41.81
N LYS A 46 -24.40 25.40 -41.65
CA LYS A 46 -24.92 26.39 -40.71
C LYS A 46 -24.50 26.04 -39.27
N PHE A 47 -24.52 24.73 -38.92
CA PHE A 47 -24.06 24.27 -37.58
C PHE A 47 -22.59 24.67 -37.33
N LYS A 48 -21.75 24.62 -38.38
CA LYS A 48 -20.34 25.06 -38.31
C LYS A 48 -20.22 26.60 -38.14
N GLU A 49 -21.17 27.33 -38.74
CA GLU A 49 -21.25 28.82 -38.58
C GLU A 49 -21.88 29.23 -37.20
N ILE A 50 -22.64 28.30 -36.61
CA ILE A 50 -23.19 28.42 -35.23
C ILE A 50 -22.07 28.10 -34.23
N ASN A 51 -21.19 27.16 -34.63
CA ASN A 51 -19.95 26.83 -33.92
C ASN A 51 -19.00 28.04 -33.94
N GLU A 52 -18.95 28.74 -35.09
CA GLU A 52 -18.16 29.98 -35.28
C GLU A 52 -18.64 31.08 -34.32
N ALA A 53 -19.96 31.30 -34.35
CA ALA A 53 -20.64 32.31 -33.54
C ALA A 53 -20.34 32.16 -32.04
N TYR A 54 -20.62 30.96 -31.51
CA TYR A 54 -20.36 30.63 -30.11
C TYR A 54 -18.86 30.64 -29.80
N ALA A 55 -18.03 30.15 -30.76
CA ALA A 55 -16.55 30.07 -30.59
C ALA A 55 -15.95 31.43 -30.21
N VAL A 56 -16.33 32.45 -30.99
CA VAL A 56 -15.93 33.84 -30.77
C VAL A 56 -16.47 34.35 -29.42
N LEU A 57 -17.79 34.20 -29.20
CA LEU A 57 -18.47 34.87 -28.07
C LEU A 57 -18.52 34.01 -26.77
N SER A 58 -17.84 32.84 -26.77
CA SER A 58 -17.74 31.96 -25.57
C SER A 58 -16.72 32.51 -24.57
N ASP A 59 -15.50 32.74 -25.08
CA ASP A 59 -14.40 33.28 -24.28
C ASP A 59 -14.61 34.78 -24.07
N PRO A 60 -14.50 35.30 -22.79
CA PRO A 60 -14.69 36.74 -22.47
C PRO A 60 -13.72 37.66 -23.26
N GLU A 61 -12.52 37.14 -23.52
CA GLU A 61 -11.46 37.87 -24.24
C GLU A 61 -11.86 38.12 -25.70
N LYS A 62 -12.27 37.05 -26.38
CA LYS A 62 -12.64 37.07 -27.81
C LYS A 62 -14.01 37.73 -28.04
N ARG A 63 -14.86 37.69 -27.00
CA ARG A 63 -16.11 38.47 -26.92
C ARG A 63 -15.77 39.96 -27.00
N ARG A 64 -14.85 40.41 -26.11
CA ARG A 64 -14.37 41.81 -26.07
C ARG A 64 -13.66 42.21 -27.38
N ILE A 65 -13.00 41.24 -28.05
CA ILE A 65 -12.38 41.45 -29.38
C ILE A 65 -13.44 41.86 -30.41
N TYR A 66 -14.55 41.11 -30.43
CA TYR A 66 -15.67 41.42 -31.33
C TYR A 66 -16.21 42.84 -31.04
N ASP A 67 -16.46 43.14 -29.73
CA ASP A 67 -16.97 44.46 -29.28
C ASP A 67 -16.07 45.61 -29.79
N THR A 68 -14.75 45.44 -29.60
CA THR A 68 -13.75 46.46 -29.98
C THR A 68 -13.58 46.55 -31.51
N TYR A 69 -14.02 45.52 -32.27
CA TYR A 69 -14.09 45.61 -33.73
C TYR A 69 -15.29 46.50 -34.10
N GLY A 70 -15.01 47.72 -34.55
CA GLY A 70 -16.02 48.78 -34.68
C GLY A 70 -15.68 50.00 -33.82
N THR A 71 -14.45 50.02 -33.29
CA THR A 71 -13.91 51.11 -32.48
C THR A 71 -12.43 51.17 -32.83
N THR A 72 -11.79 50.03 -32.62
CA THR A 72 -10.56 49.67 -33.32
C THR A 72 -11.04 48.98 -34.61
N GLU A 73 -10.33 49.20 -35.72
CA GLU A 73 -10.68 48.61 -37.04
C GLU A 73 -9.73 47.44 -37.40
N ALA A 74 -8.49 47.54 -36.93
CA ALA A 74 -7.49 46.47 -37.05
C ALA A 74 -7.68 45.45 -35.91
N PRO A 75 -7.35 44.13 -36.13
CA PRO A 75 -7.40 43.09 -35.07
C PRO A 75 -6.54 43.45 -33.83
N PRO A 76 -7.06 43.24 -32.58
CA PRO A 76 -6.33 43.51 -31.31
C PRO A 76 -5.15 42.53 -31.08
N PRO A 77 -4.17 42.88 -30.16
CA PRO A 77 -3.04 41.99 -29.78
C PRO A 77 -3.48 40.54 -29.40
N PRO A 78 -3.07 39.49 -30.20
CA PRO A 78 -3.38 38.08 -29.88
C PRO A 78 -2.61 37.58 -28.62
N PRO A 79 -3.31 36.87 -27.66
CA PRO A 79 -2.66 36.36 -26.41
C PRO A 79 -1.52 35.35 -26.70
N PRO A 80 -0.52 35.20 -25.76
CA PRO A 80 0.61 34.24 -25.90
C PRO A 80 0.14 32.78 -26.07
N GLY A 81 -0.10 32.42 -27.33
CA GLY A 81 -0.54 31.09 -27.73
C GLY A 81 -1.43 31.18 -28.95
N GLY A 82 -2.28 32.23 -28.94
CA GLY A 82 -3.19 32.53 -30.04
C GLY A 82 -4.64 32.45 -29.62
N TYR A 83 -5.54 32.42 -30.60
CA TYR A 83 -6.98 32.28 -30.39
C TYR A 83 -7.35 30.79 -30.41
N ASP A 84 -7.65 30.24 -29.22
CA ASP A 84 -8.08 28.84 -29.06
C ASP A 84 -9.56 28.65 -29.42
N PHE A 85 -9.90 27.46 -29.92
CA PHE A 85 -11.24 27.12 -30.42
C PHE A 85 -11.65 25.75 -29.89
N SER A 86 -12.00 25.75 -28.59
CA SER A 86 -12.43 24.58 -27.81
C SER A 86 -13.54 23.74 -28.51
N GLY A 87 -13.12 22.82 -29.40
CA GLY A 87 -14.04 21.93 -30.13
C GLY A 87 -14.59 22.54 -31.41
N PHE A 88 -14.00 23.66 -31.88
CA PHE A 88 -14.52 24.40 -33.06
C PHE A 88 -13.45 24.45 -34.15
N ASP A 89 -13.74 23.85 -35.33
CA ASP A 89 -12.79 23.82 -36.45
C ASP A 89 -12.71 25.20 -37.12
N VAL A 90 -11.81 26.02 -36.57
CA VAL A 90 -11.43 27.36 -37.10
C VAL A 90 -11.08 27.34 -38.61
N GLU A 91 -10.51 26.20 -39.08
CA GLU A 91 -10.14 25.98 -40.49
C GLU A 91 -11.34 26.18 -41.45
N ASP A 92 -12.56 26.01 -40.92
CA ASP A 92 -13.82 26.13 -41.67
C ASP A 92 -14.32 27.59 -41.74
N PHE A 93 -14.02 28.39 -40.70
CA PHE A 93 -14.69 29.70 -40.46
C PHE A 93 -14.38 30.75 -41.57
N SER A 94 -15.31 31.70 -41.74
CA SER A 94 -15.40 32.62 -42.91
C SER A 94 -14.21 33.61 -43.07
N GLU A 95 -14.22 34.30 -44.24
CA GLU A 95 -13.23 35.36 -44.60
C GLU A 95 -13.19 36.52 -43.57
N PHE A 96 -14.38 36.96 -43.11
CA PHE A 96 -14.54 38.05 -42.13
C PHE A 96 -13.78 37.69 -40.85
N PHE A 97 -13.99 36.44 -40.44
CA PHE A 97 -13.32 35.85 -39.29
C PHE A 97 -11.79 35.80 -39.51
N GLN A 98 -11.36 35.39 -40.73
CA GLN A 98 -9.93 35.30 -41.09
C GLN A 98 -9.27 36.69 -41.19
N GLU A 99 -10.09 37.75 -41.22
CA GLU A 99 -9.62 39.15 -41.12
C GLU A 99 -9.64 39.63 -39.66
N LEU A 100 -10.58 39.11 -38.84
CA LEU A 100 -10.75 39.51 -37.43
C LEU A 100 -9.75 38.77 -36.50
N PHE A 101 -9.87 37.43 -36.43
CA PHE A 101 -8.99 36.57 -35.61
C PHE A 101 -7.79 36.01 -36.40
N GLY A 102 -7.78 36.24 -37.73
CA GLY A 102 -6.71 35.77 -38.63
C GLY A 102 -5.25 35.93 -38.11
N PRO A 103 -4.81 37.19 -37.75
CA PRO A 103 -3.41 37.48 -37.33
C PRO A 103 -2.94 36.76 -36.03
N GLY A 104 -3.85 36.02 -35.36
CA GLY A 104 -3.47 35.24 -34.19
C GLY A 104 -4.11 33.87 -34.15
N LEU A 105 -4.47 33.31 -35.32
CA LEU A 105 -5.03 31.95 -35.42
C LEU A 105 -4.02 30.87 -34.98
N PHE A 106 -3.93 30.72 -33.65
CA PHE A 106 -3.03 29.79 -32.94
C PHE A 106 -1.58 29.80 -33.52
N GLY A 107 -1.16 28.70 -34.23
CA GLY A 107 0.22 28.57 -34.69
C GLY A 107 1.23 28.26 -33.59
N GLY A 108 0.72 28.01 -32.34
CA GLY A 108 1.46 27.44 -31.19
C GLY A 108 2.83 26.84 -31.51
N PHE A 109 2.80 25.68 -32.21
CA PHE A 109 4.00 25.02 -32.75
C PHE A 109 4.35 25.63 -34.13
N GLY A 110 4.74 26.94 -34.08
CA GLY A 110 5.33 27.73 -35.19
C GLY A 110 5.76 26.96 -36.43
N ARG A 111 6.91 26.24 -36.34
CA ARG A 111 7.41 25.20 -37.31
C ARG A 111 6.42 24.77 -38.46
N ARG A 112 5.14 24.58 -38.10
CA ARG A 112 4.07 24.16 -39.03
C ARG A 112 2.90 25.18 -38.98
N SER A 113 2.62 25.71 -37.76
CA SER A 113 1.55 26.71 -37.49
C SER A 113 0.11 26.18 -37.69
N ARG A 114 -0.06 25.00 -38.30
CA ARG A 114 -1.38 24.49 -38.71
C ARG A 114 -1.77 23.29 -37.81
N LYS A 115 -2.32 22.18 -38.37
CA LYS A 115 -3.04 21.11 -37.62
C LYS A 115 -2.28 20.61 -36.38
N GLY A 116 -2.96 20.59 -35.24
CA GLY A 116 -2.41 20.06 -33.99
C GLY A 116 -2.68 18.55 -33.81
N ARG A 117 -2.13 17.97 -32.72
CA ARG A 117 -2.28 16.53 -32.38
C ARG A 117 -3.04 16.36 -31.04
N ASP A 118 -3.33 15.10 -30.64
CA ASP A 118 -4.02 14.80 -29.36
C ASP A 118 -2.99 14.68 -28.18
N LEU A 119 -2.80 15.79 -27.45
CA LEU A 119 -1.87 15.91 -26.31
C LEU A 119 -2.64 15.77 -24.98
N ARG A 120 -1.97 15.26 -23.93
CA ARG A 120 -2.58 15.05 -22.59
C ARG A 120 -2.22 16.20 -21.63
N ALA A 121 -3.21 16.64 -20.85
CA ALA A 121 -3.02 17.59 -19.73
C ALA A 121 -3.66 17.02 -18.46
N GLU A 122 -3.38 17.68 -17.33
CA GLU A 122 -3.87 17.28 -16.00
C GLU A 122 -4.66 18.46 -15.46
N LEU A 123 -5.98 18.28 -15.28
CA LEU A 123 -6.88 19.38 -14.85
C LEU A 123 -7.11 19.24 -13.34
N PRO A 124 -6.42 20.05 -12.47
CA PRO A 124 -6.62 19.97 -11.02
C PRO A 124 -7.80 20.86 -10.62
N LEU A 125 -8.92 20.24 -10.19
CA LEU A 125 -10.14 20.97 -9.85
C LEU A 125 -10.34 21.00 -8.33
N THR A 126 -10.72 22.19 -7.82
CA THR A 126 -11.04 22.40 -6.41
C THR A 126 -12.29 21.61 -6.02
N LEU A 127 -12.22 20.85 -4.90
CA LEU A 127 -13.28 19.94 -4.43
C LEU A 127 -14.62 20.69 -4.23
N GLU A 128 -14.52 21.80 -3.48
CA GLU A 128 -15.68 22.67 -3.17
C GLU A 128 -16.31 23.22 -4.46
N GLU A 129 -15.45 23.55 -5.43
CA GLU A 129 -15.86 24.07 -6.75
C GLU A 129 -16.30 22.98 -7.71
N ALA A 130 -16.00 21.70 -7.36
CA ALA A 130 -16.59 20.54 -8.04
C ALA A 130 -18.07 20.47 -7.65
N PHE A 131 -18.33 20.46 -6.33
CA PHE A 131 -19.72 20.51 -5.81
C PHE A 131 -20.50 21.70 -6.41
N HIS A 132 -19.85 22.87 -6.47
CA HIS A 132 -20.48 24.10 -7.01
C HIS A 132 -20.61 24.05 -8.55
N GLY A 133 -19.68 23.35 -9.22
CA GLY A 133 -19.72 23.19 -10.69
C GLY A 133 -19.47 24.50 -11.45
N GLY A 134 -20.36 24.82 -12.39
CA GLY A 134 -20.31 26.08 -13.15
C GLY A 134 -19.36 26.06 -14.33
N GLU A 135 -19.21 27.22 -15.00
CA GLU A 135 -18.16 27.42 -16.02
C GLU A 135 -16.84 27.67 -15.28
N ARG A 136 -15.91 26.71 -15.38
CA ARG A 136 -14.64 26.76 -14.67
C ARG A 136 -13.61 27.48 -15.54
N VAL A 137 -13.06 28.57 -14.99
CA VAL A 137 -12.03 29.36 -15.63
C VAL A 137 -10.66 28.76 -15.30
N VAL A 138 -10.05 28.13 -16.31
CA VAL A 138 -8.76 27.46 -16.21
C VAL A 138 -7.71 28.32 -16.95
N GLU A 139 -6.76 28.89 -16.18
CA GLU A 139 -5.68 29.74 -16.73
C GLU A 139 -4.40 28.90 -16.86
N VAL A 140 -3.72 29.00 -18.02
CA VAL A 140 -2.48 28.25 -18.31
C VAL A 140 -1.77 28.83 -19.56
N ALA A 141 -0.52 29.31 -19.36
CA ALA A 141 0.40 29.77 -20.43
C ALA A 141 -0.14 30.97 -21.25
N GLY A 142 -1.13 31.71 -20.70
CA GLY A 142 -1.76 32.85 -21.41
C GLY A 142 -3.13 32.50 -21.99
N ARG A 143 -3.53 31.23 -21.84
CA ARG A 143 -4.85 30.72 -22.26
C ARG A 143 -5.79 30.65 -21.04
N ARG A 144 -6.81 31.51 -21.04
CA ARG A 144 -7.87 31.53 -20.02
C ARG A 144 -9.18 30.99 -20.64
N VAL A 145 -9.41 29.68 -20.47
CA VAL A 145 -10.58 28.98 -21.03
C VAL A 145 -11.72 28.92 -19.99
N SER A 146 -12.98 28.92 -20.46
CA SER A 146 -14.18 28.80 -19.59
C SER A 146 -14.98 27.55 -20.01
N VAL A 147 -14.78 26.44 -19.28
CA VAL A 147 -15.42 25.13 -19.59
C VAL A 147 -16.61 24.85 -18.65
N ARG A 148 -17.82 24.76 -19.22
CA ARG A 148 -19.02 24.32 -18.47
C ARG A 148 -18.87 22.84 -18.07
N ILE A 149 -18.73 22.59 -16.76
CA ILE A 149 -18.61 21.25 -16.20
C ILE A 149 -19.96 20.79 -15.58
N PRO A 150 -20.24 19.43 -15.53
CA PRO A 150 -21.40 18.82 -14.77
C PRO A 150 -21.33 19.14 -13.23
N PRO A 151 -22.11 18.44 -12.31
CA PRO A 151 -21.76 18.41 -10.87
C PRO A 151 -20.27 18.05 -10.71
N GLY A 152 -19.48 19.13 -10.71
CA GLY A 152 -18.05 19.11 -10.93
C GLY A 152 -17.61 18.17 -12.00
N VAL A 153 -17.17 17.02 -11.53
CA VAL A 153 -16.35 16.10 -12.30
C VAL A 153 -15.92 14.95 -11.35
N ARG A 154 -15.48 13.82 -11.91
CA ARG A 154 -15.05 12.66 -11.12
C ARG A 154 -13.63 12.28 -11.55
N GLU A 155 -12.85 11.65 -10.64
CA GLU A 155 -11.41 11.33 -10.88
C GLU A 155 -11.17 10.59 -12.21
N GLY A 156 -10.19 11.09 -12.98
CA GLY A 156 -9.80 10.50 -14.25
C GLY A 156 -10.77 10.78 -15.39
N SER A 157 -11.76 11.69 -15.18
CA SER A 157 -12.65 12.15 -16.26
C SER A 157 -11.83 12.94 -17.28
N VAL A 158 -11.67 12.34 -18.47
CA VAL A 158 -10.89 12.92 -19.56
C VAL A 158 -11.81 13.80 -20.43
N ILE A 159 -11.87 15.09 -20.06
CA ILE A 159 -12.62 16.11 -20.80
C ILE A 159 -11.85 16.45 -22.09
N ARG A 160 -12.34 15.95 -23.24
CA ARG A 160 -11.74 16.25 -24.54
C ARG A 160 -12.09 17.69 -24.96
N VAL A 161 -11.10 18.58 -24.94
CA VAL A 161 -11.21 19.96 -25.41
C VAL A 161 -10.20 20.18 -26.56
N PRO A 162 -10.65 20.03 -27.86
CA PRO A 162 -9.80 20.31 -29.03
C PRO A 162 -9.28 21.77 -29.10
N GLY A 163 -7.96 21.89 -29.24
CA GLY A 163 -7.26 23.15 -29.54
C GLY A 163 -6.14 23.48 -28.59
N MET A 164 -6.26 23.05 -27.32
CA MET A 164 -5.26 23.34 -26.27
C MET A 164 -4.24 22.19 -26.12
N GLY A 165 -4.38 21.15 -26.97
CA GLY A 165 -3.43 20.03 -27.01
C GLY A 165 -2.32 20.31 -27.97
N GLY A 166 -2.43 19.75 -29.19
CA GLY A 166 -1.61 20.18 -30.30
C GLY A 166 -1.84 21.65 -30.63
N GLN A 167 -0.89 22.45 -30.15
CA GLN A 167 -0.83 23.89 -30.35
C GLN A 167 -0.64 24.18 -31.85
N GLY A 168 -1.69 24.63 -32.49
CA GLY A 168 -1.71 24.88 -33.93
C GLY A 168 -3.09 25.25 -34.38
N ASN A 169 -3.21 25.81 -35.61
CA ASN A 169 -4.43 26.53 -36.04
C ASN A 169 -5.69 25.60 -36.02
N PRO A 170 -5.91 24.59 -36.95
CA PRO A 170 -7.03 23.63 -36.78
C PRO A 170 -6.79 22.77 -35.51
N PRO A 171 -7.69 22.89 -34.48
CA PRO A 171 -7.50 22.38 -33.09
C PRO A 171 -6.80 21.00 -32.92
N GLY A 172 -5.67 20.97 -32.15
CA GLY A 172 -5.15 19.70 -31.65
C GLY A 172 -5.78 19.33 -30.33
N ASP A 173 -6.33 18.12 -30.25
CA ASP A 173 -7.17 17.66 -29.12
C ASP A 173 -6.40 17.68 -27.79
N LEU A 174 -7.05 18.17 -26.72
CA LEU A 174 -6.47 18.11 -25.37
C LEU A 174 -7.30 17.18 -24.49
N LEU A 175 -6.62 16.22 -23.89
CA LEU A 175 -7.21 15.26 -22.97
C LEU A 175 -7.04 15.76 -21.54
N LEU A 176 -8.03 16.54 -21.04
CA LEU A 176 -8.05 17.00 -19.64
C LEU A 176 -8.34 15.81 -18.72
N VAL A 177 -7.28 15.11 -18.30
CA VAL A 177 -7.44 14.02 -17.34
C VAL A 177 -7.50 14.68 -15.96
N VAL A 178 -8.72 14.80 -15.43
CA VAL A 178 -8.98 15.58 -14.22
C VAL A 178 -8.41 14.87 -12.98
N ARG A 179 -7.77 15.66 -12.14
CA ARG A 179 -7.34 15.28 -10.79
C ARG A 179 -8.04 16.22 -9.82
N LEU A 180 -8.84 15.70 -8.90
CA LEU A 180 -9.40 16.53 -7.83
C LEU A 180 -8.29 16.82 -6.79
N LEU A 181 -8.35 18.04 -6.16
CA LEU A 181 -7.23 18.60 -5.35
C LEU A 181 -6.75 17.63 -4.24
N PRO A 182 -5.41 17.71 -3.87
CA PRO A 182 -4.80 16.90 -2.77
C PRO A 182 -5.33 17.24 -1.35
N HIS A 183 -6.39 18.06 -1.30
CA HIS A 183 -7.25 18.29 -0.13
C HIS A 183 -7.90 16.92 0.25
N PRO A 184 -7.39 16.24 1.33
CA PRO A 184 -7.65 14.79 1.58
C PRO A 184 -9.01 14.45 2.24
N VAL A 185 -10.04 15.31 2.06
CA VAL A 185 -11.32 15.16 2.76
C VAL A 185 -12.35 14.42 1.89
N PHE A 186 -12.69 14.93 0.68
CA PHE A 186 -13.72 14.32 -0.20
C PHE A 186 -13.27 14.36 -1.68
N ARG A 187 -12.60 13.28 -2.13
CA ARG A 187 -12.10 13.13 -3.53
C ARG A 187 -13.06 12.20 -4.30
N LEU A 188 -13.89 12.80 -5.16
CA LEU A 188 -14.87 12.08 -6.01
C LEU A 188 -14.15 11.28 -7.14
N GLU A 189 -14.66 10.07 -7.44
CA GLU A 189 -14.08 9.12 -8.42
C GLU A 189 -15.19 8.24 -9.01
N GLY A 190 -15.28 8.21 -10.36
CA GLY A 190 -16.33 7.46 -11.05
C GLY A 190 -17.70 8.10 -10.87
N GLN A 191 -18.34 7.83 -9.71
CA GLN A 191 -19.54 8.54 -9.18
C GLN A 191 -19.51 8.54 -7.64
N ASP A 192 -18.58 7.75 -7.06
CA ASP A 192 -18.45 7.56 -5.60
C ASP A 192 -17.29 8.41 -5.03
N LEU A 193 -17.44 8.85 -3.79
CA LEU A 193 -16.49 9.73 -3.10
C LEU A 193 -15.45 8.90 -2.32
N TYR A 194 -14.31 9.55 -2.01
CA TYR A 194 -13.24 8.98 -1.17
C TYR A 194 -12.92 9.96 -0.04
N ALA A 195 -13.29 9.57 1.19
CA ALA A 195 -13.11 10.37 2.39
C ALA A 195 -12.35 9.59 3.46
N THR A 196 -11.89 10.32 4.49
CA THR A 196 -11.29 9.73 5.70
C THR A 196 -12.22 10.00 6.89
N LEU A 197 -12.25 9.07 7.86
CA LEU A 197 -13.20 9.11 8.98
C LEU A 197 -12.49 8.69 10.27
N ASP A 198 -12.33 9.63 11.21
CA ASP A 198 -11.77 9.32 12.54
C ASP A 198 -12.93 8.91 13.46
N VAL A 199 -12.81 7.73 14.07
CA VAL A 199 -13.86 7.10 14.89
C VAL A 199 -13.20 6.42 16.12
N PRO A 200 -13.69 6.65 17.38
CA PRO A 200 -13.18 5.91 18.55
C PRO A 200 -13.68 4.45 18.54
N ALA A 201 -12.85 3.56 19.12
CA ALA A 201 -13.06 2.11 19.09
C ALA A 201 -14.48 1.64 19.53
N PRO A 202 -15.08 2.15 20.68
CA PRO A 202 -16.47 1.78 21.07
C PRO A 202 -17.51 2.00 19.95
N ILE A 203 -17.44 3.18 19.31
CA ILE A 203 -18.40 3.61 18.27
C ILE A 203 -18.16 2.79 16.97
N ALA A 204 -16.89 2.39 16.72
CA ALA A 204 -16.51 1.54 15.57
C ALA A 204 -17.05 0.10 15.71
N VAL A 205 -16.94 -0.45 16.94
CA VAL A 205 -17.34 -1.85 17.25
C VAL A 205 -18.87 -2.03 17.25
N VAL A 206 -19.56 -1.12 17.94
CA VAL A 206 -21.01 -1.21 18.16
C VAL A 206 -21.79 -0.55 17.01
N GLY A 207 -21.23 0.53 16.45
CA GLY A 207 -21.88 1.26 15.38
C GLY A 207 -22.85 2.29 15.91
N GLY A 208 -22.53 3.57 15.69
CA GLY A 208 -23.34 4.69 16.15
C GLY A 208 -23.24 5.87 15.23
N LYS A 209 -23.10 7.08 15.79
CA LYS A 209 -23.04 8.33 14.99
C LYS A 209 -21.68 8.99 15.14
N VAL A 210 -21.07 9.32 13.99
CA VAL A 210 -19.84 10.12 13.89
C VAL A 210 -20.09 11.28 12.91
N ARG A 211 -19.28 12.34 13.02
CA ARG A 211 -19.47 13.56 12.22
C ARG A 211 -18.71 13.42 10.88
N ALA A 212 -19.42 13.52 9.75
CA ALA A 212 -18.79 13.48 8.42
C ALA A 212 -18.64 14.92 7.90
N MET A 213 -17.40 15.40 7.80
CA MET A 213 -17.10 16.74 7.27
C MET A 213 -17.07 16.66 5.74
N THR A 214 -18.01 17.36 5.07
CA THR A 214 -18.16 17.32 3.60
C THR A 214 -17.66 18.66 2.99
N LEU A 215 -17.89 18.82 1.68
CA LEU A 215 -17.42 19.98 0.90
C LEU A 215 -18.11 21.28 1.32
N GLU A 216 -19.33 21.16 1.85
CA GLU A 216 -20.17 22.32 2.23
C GLU A 216 -20.21 22.53 3.75
N GLY A 217 -19.87 21.49 4.52
CA GLY A 217 -19.91 21.54 5.98
C GLY A 217 -20.13 20.17 6.60
N PRO A 218 -20.22 20.06 7.96
CA PRO A 218 -20.37 18.76 8.65
C PRO A 218 -21.83 18.25 8.71
N VAL A 219 -21.98 16.92 8.73
CA VAL A 219 -23.26 16.19 8.94
C VAL A 219 -22.98 15.04 9.91
N GLU A 220 -24.01 14.21 10.23
CA GLU A 220 -23.79 12.93 10.95
C GLU A 220 -23.99 11.77 9.97
N VAL A 221 -23.03 10.84 9.96
CA VAL A 221 -23.16 9.53 9.31
C VAL A 221 -23.20 8.44 10.39
N ALA A 222 -24.22 7.57 10.30
CA ALA A 222 -24.37 6.45 11.22
C ALA A 222 -23.40 5.33 10.81
N VAL A 223 -22.25 5.26 11.51
CA VAL A 223 -21.19 4.25 11.26
C VAL A 223 -21.71 2.85 11.63
N PRO A 224 -21.44 1.77 10.81
CA PRO A 224 -21.96 0.41 11.08
C PRO A 224 -21.15 -0.26 12.23
N PRO A 225 -21.59 -1.45 12.76
CA PRO A 225 -20.77 -2.21 13.72
C PRO A 225 -19.55 -2.87 13.05
N ARG A 226 -18.57 -3.24 13.89
CA ARG A 226 -17.41 -4.11 13.53
C ARG A 226 -16.50 -3.46 12.47
N THR A 227 -16.56 -2.12 12.44
CA THR A 227 -15.84 -1.26 11.52
C THR A 227 -14.31 -1.30 11.81
N GLN A 228 -13.58 -2.06 10.98
CA GLN A 228 -12.13 -2.30 11.11
C GLN A 228 -11.32 -1.20 10.38
N ALA A 229 -10.21 -0.75 11.03
CA ALA A 229 -9.32 0.30 10.48
C ALA A 229 -8.57 -0.17 9.23
N GLY A 230 -8.14 0.81 8.40
CA GLY A 230 -7.41 0.52 7.15
C GLY A 230 -8.35 0.21 5.98
N ARG A 231 -9.61 -0.14 6.30
CA ARG A 231 -10.64 -0.44 5.31
C ARG A 231 -11.42 0.82 4.94
N LYS A 232 -12.11 0.78 3.78
CA LYS A 232 -12.88 1.89 3.23
C LYS A 232 -14.37 1.48 3.19
N LEU A 233 -15.20 2.18 4.00
CA LEU A 233 -16.65 1.89 4.12
C LEU A 233 -17.41 2.41 2.89
N ARG A 234 -18.07 1.52 2.14
CA ARG A 234 -18.96 1.93 1.03
C ARG A 234 -20.40 2.12 1.56
N LEU A 235 -20.81 3.38 1.76
CA LEU A 235 -22.19 3.75 2.13
C LEU A 235 -22.98 4.14 0.88
N LYS A 236 -24.09 3.43 0.67
CA LYS A 236 -24.88 3.45 -0.57
C LYS A 236 -25.64 4.78 -0.79
N GLY A 237 -25.51 5.33 -2.03
CA GLY A 237 -26.30 6.49 -2.47
C GLY A 237 -25.78 7.84 -1.98
N LYS A 238 -24.65 7.83 -1.26
CA LYS A 238 -24.12 9.03 -0.57
C LYS A 238 -23.15 9.84 -1.46
N GLY A 239 -22.80 9.29 -2.64
CA GLY A 239 -21.97 9.98 -3.65
C GLY A 239 -22.77 10.89 -4.59
N PHE A 240 -22.11 11.32 -5.69
CA PHE A 240 -22.67 12.33 -6.62
C PHE A 240 -23.51 11.69 -7.73
N PRO A 241 -24.58 12.41 -8.23
CA PRO A 241 -25.40 11.96 -9.39
C PRO A 241 -24.62 11.93 -10.73
N GLY A 242 -24.97 10.97 -11.60
CA GLY A 242 -24.35 10.82 -12.91
C GLY A 242 -24.98 9.67 -13.73
N PRO A 243 -24.23 9.05 -14.72
CA PRO A 243 -24.78 7.98 -15.61
C PRO A 243 -25.18 6.69 -14.87
N ALA A 244 -24.44 6.36 -13.80
CA ALA A 244 -24.74 5.20 -12.93
C ALA A 244 -25.68 5.60 -11.77
N GLY A 245 -26.41 6.72 -11.94
CA GLY A 245 -27.16 7.35 -10.85
C GLY A 245 -26.22 8.02 -9.88
N ARG A 246 -26.65 8.12 -8.61
CA ARG A 246 -25.75 8.57 -7.53
C ARG A 246 -24.80 7.45 -7.16
N GLY A 247 -23.51 7.78 -6.96
CA GLY A 247 -22.54 6.82 -6.45
C GLY A 247 -22.63 6.65 -4.95
N ASP A 248 -21.57 6.11 -4.37
CA ASP A 248 -21.48 5.83 -2.93
C ASP A 248 -20.47 6.78 -2.26
N LEU A 249 -20.20 6.57 -0.99
CA LEU A 249 -19.17 7.32 -0.25
C LEU A 249 -18.24 6.32 0.42
N TYR A 250 -16.92 6.54 0.30
CA TYR A 250 -15.90 5.77 1.01
C TYR A 250 -15.50 6.53 2.27
N LEU A 251 -15.57 5.88 3.43
CA LEU A 251 -15.04 6.44 4.68
C LEU A 251 -13.89 5.56 5.17
N GLU A 252 -12.65 6.10 5.07
CA GLU A 252 -11.43 5.39 5.41
C GLU A 252 -11.34 5.36 6.94
N VAL A 253 -11.40 4.15 7.51
CA VAL A 253 -11.56 3.96 8.94
C VAL A 253 -10.23 4.21 9.67
N ARG A 254 -10.24 5.24 10.51
CA ARG A 254 -9.11 5.65 11.34
C ARG A 254 -9.55 5.53 12.80
N ILE A 255 -9.31 4.35 13.41
CA ILE A 255 -9.73 4.07 14.80
C ILE A 255 -8.74 4.69 15.80
N THR A 256 -9.29 5.44 16.77
CA THR A 256 -8.55 6.00 17.90
C THR A 256 -9.15 5.47 19.21
N ILE A 257 -8.48 5.79 20.33
CA ILE A 257 -8.96 5.49 21.70
C ILE A 257 -9.00 6.83 22.50
N PRO A 258 -9.85 6.96 23.56
CA PRO A 258 -10.21 8.29 24.18
C PRO A 258 -9.15 8.91 25.13
N GLU A 259 -7.90 8.43 25.03
CA GLU A 259 -6.82 8.73 25.99
C GLU A 259 -7.25 8.46 27.46
N ARG A 260 -7.18 9.47 28.36
CA ARG A 260 -7.35 9.25 29.81
C ARG A 260 -8.78 8.81 30.18
N LEU A 261 -8.90 8.01 31.25
CA LEU A 261 -10.17 7.34 31.63
C LEU A 261 -10.61 7.75 33.04
N THR A 262 -11.90 7.54 33.33
CA THR A 262 -12.50 7.67 34.66
C THR A 262 -12.42 6.29 35.38
N PRO A 263 -12.28 6.24 36.76
CA PRO A 263 -11.93 5.01 37.57
C PRO A 263 -12.50 3.65 37.07
N GLU A 264 -13.81 3.58 36.88
CA GLU A 264 -14.48 2.33 36.50
C GLU A 264 -14.30 2.03 35.00
N GLU A 265 -14.35 3.07 34.15
CA GLU A 265 -14.05 2.94 32.69
C GLU A 265 -12.58 2.54 32.47
N GLU A 266 -11.73 2.90 33.44
CA GLU A 266 -10.32 2.48 33.50
C GLU A 266 -10.28 0.96 33.66
N ALA A 267 -10.92 0.47 34.75
CA ALA A 267 -11.02 -0.97 35.04
C ALA A 267 -11.88 -1.74 34.00
N LEU A 268 -12.71 -1.00 33.23
CA LEU A 268 -13.63 -1.59 32.23
C LEU A 268 -12.88 -1.95 30.95
N TRP A 269 -12.03 -1.01 30.48
CA TRP A 269 -11.12 -1.25 29.36
C TRP A 269 -10.09 -2.34 29.72
N LYS A 270 -9.63 -2.33 30.99
CA LYS A 270 -8.72 -3.37 31.53
C LYS A 270 -9.39 -4.77 31.54
N LYS A 271 -10.67 -4.86 31.97
CA LYS A 271 -11.47 -6.12 31.95
C LYS A 271 -11.54 -6.68 30.53
N LEU A 272 -11.92 -5.80 29.58
CA LEU A 272 -11.96 -6.10 28.15
C LEU A 272 -10.64 -6.69 27.68
N ALA A 273 -9.55 -6.00 28.01
CA ALA A 273 -8.20 -6.26 27.48
C ALA A 273 -7.60 -7.59 27.95
N GLU A 274 -7.84 -7.94 29.22
CA GLU A 274 -7.30 -9.17 29.82
C GLU A 274 -8.11 -10.39 29.34
N ALA A 275 -9.45 -10.23 29.31
CA ALA A 275 -10.36 -11.25 28.78
C ALA A 275 -10.15 -11.44 27.25
N TYR A 276 -9.74 -10.35 26.59
CA TYR A 276 -9.42 -10.32 25.14
C TYR A 276 -8.16 -11.15 24.89
N TYR A 277 -7.05 -10.73 25.53
CA TYR A 277 -5.71 -11.29 25.30
C TYR A 277 -5.67 -12.80 25.64
N ALA A 278 -6.33 -13.18 26.75
CA ALA A 278 -6.39 -14.58 27.22
C ALA A 278 -7.05 -15.53 26.19
N ARG A 279 -7.85 -14.96 25.26
CA ARG A 279 -8.56 -15.72 24.20
C ARG A 279 -8.29 -15.11 22.81
N ALA A 280 -7.21 -14.30 22.69
CA ALA A 280 -6.89 -13.57 21.44
C ALA A 280 -6.45 -14.55 20.34
N MET B 1 -1.92 27.27 -1.33
CA MET B 1 -2.70 26.16 -1.93
C MET B 1 -3.59 26.72 -3.04
N LYS B 2 -3.48 26.16 -4.26
CA LYS B 2 -4.31 26.62 -5.40
C LYS B 2 -5.77 26.17 -5.18
N GLN B 3 -6.54 27.06 -4.53
CA GLN B 3 -7.92 26.78 -4.09
C GLN B 3 -8.89 27.68 -4.89
N SER B 4 -10.18 27.28 -4.91
CA SER B 4 -11.31 27.93 -5.64
C SER B 4 -11.03 27.97 -7.17
N THR B 5 -10.23 28.96 -7.61
CA THR B 5 -9.77 29.01 -8.99
C THR B 5 -8.65 27.98 -9.20
N ILE B 6 -8.47 27.50 -10.45
CA ILE B 6 -7.51 26.42 -10.75
C ILE B 6 -6.58 26.82 -11.91
N ALA B 7 -5.60 25.94 -12.18
CA ALA B 7 -4.58 26.16 -13.20
C ALA B 7 -4.18 24.81 -13.81
N LEU B 8 -4.23 24.72 -15.15
CA LEU B 8 -3.95 23.47 -15.89
C LEU B 8 -2.44 23.15 -15.88
N ALA B 9 -2.11 21.85 -15.95
CA ALA B 9 -0.73 21.38 -16.03
C ALA B 9 -0.16 21.57 -17.46
N LEU B 10 -0.81 20.91 -18.45
CA LEU B 10 -0.26 20.66 -19.81
C LEU B 10 1.00 19.79 -19.72
N LEU B 11 1.06 18.67 -20.47
CA LEU B 11 2.24 17.77 -20.48
C LEU B 11 2.86 17.72 -21.91
N PRO B 12 3.53 18.81 -22.42
CA PRO B 12 4.25 18.78 -23.71
C PRO B 12 5.74 18.36 -23.57
N LEU B 13 6.33 18.57 -22.37
CA LEU B 13 7.78 18.37 -22.15
C LEU B 13 8.11 18.16 -20.65
N LEU B 14 7.08 17.90 -19.81
CA LEU B 14 7.28 17.57 -18.37
C LEU B 14 8.06 16.24 -18.24
N PHE B 15 8.67 16.00 -17.06
CA PHE B 15 9.50 14.80 -16.77
C PHE B 15 8.72 13.49 -17.08
N THR B 16 8.95 12.95 -18.28
CA THR B 16 8.40 11.67 -18.77
C THR B 16 9.58 10.69 -19.01
N PRO B 17 9.34 9.42 -19.51
CA PRO B 17 10.42 8.59 -20.12
C PRO B 17 11.26 9.37 -21.16
N VAL B 18 12.57 9.09 -21.18
CA VAL B 18 13.57 9.84 -21.97
C VAL B 18 13.45 9.56 -23.50
N THR B 19 12.56 10.31 -24.15
CA THR B 19 12.25 10.15 -25.58
C THR B 19 13.18 11.02 -26.46
N LYS B 20 14.02 10.32 -27.26
CA LYS B 20 14.94 10.91 -28.27
C LYS B 20 16.08 11.72 -27.62
N ALA B 21 15.74 12.87 -27.01
CA ALA B 21 16.65 13.58 -26.11
C ALA B 21 16.83 12.73 -24.84
N ARG B 22 17.88 11.90 -24.85
CA ARG B 22 18.18 10.95 -23.77
C ARG B 22 19.69 10.77 -23.60
N THR B 23 20.51 11.66 -24.23
CA THR B 23 22.00 11.68 -24.17
C THR B 23 22.60 10.31 -24.67
N PRO B 24 23.97 10.05 -24.59
CA PRO B 24 24.51 8.66 -24.75
C PRO B 24 24.06 7.67 -23.64
N GLU B 25 23.29 8.17 -22.64
CA GLU B 25 22.56 7.37 -21.60
C GLU B 25 23.47 6.87 -20.45
N MET B 26 24.75 6.56 -20.75
CA MET B 26 25.75 6.14 -19.75
C MET B 26 26.94 7.16 -19.53
N PRO B 27 26.83 8.55 -19.77
CA PRO B 27 27.89 9.49 -19.31
C PRO B 27 27.77 9.75 -17.78
N VAL B 28 26.66 9.29 -17.22
CA VAL B 28 26.38 9.29 -15.78
C VAL B 28 26.64 7.87 -15.22
N LEU B 29 26.01 7.55 -14.06
CA LEU B 29 26.02 6.21 -13.39
C LEU B 29 27.31 5.99 -12.57
N GLU B 30 28.49 6.24 -13.18
CA GLU B 30 29.82 6.07 -12.56
C GLU B 30 30.13 4.57 -12.24
N ASN B 31 31.12 4.03 -12.97
CA ASN B 31 31.57 2.62 -12.89
C ASN B 31 32.75 2.47 -11.89
N ARG B 32 32.73 3.27 -10.81
CA ARG B 32 33.77 3.24 -9.75
C ARG B 32 33.82 1.88 -9.00
N ALA B 33 32.70 1.12 -9.09
CA ALA B 33 32.56 -0.19 -8.45
C ALA B 33 33.43 -1.24 -9.19
N ALA B 34 34.73 -1.24 -8.84
CA ALA B 34 35.76 -2.10 -9.48
C ALA B 34 37.04 -2.14 -8.62
N GLN B 35 36.85 -2.14 -7.27
CA GLN B 35 37.98 -2.22 -6.32
C GLN B 35 38.49 -3.67 -6.24
N GLY B 36 37.55 -4.64 -6.14
CA GLY B 36 37.88 -6.07 -6.24
C GLY B 36 37.39 -6.90 -5.08
N ASP B 37 37.27 -6.28 -3.89
CA ASP B 37 36.90 -7.00 -2.65
C ASP B 37 35.49 -7.60 -2.72
N ILE B 38 35.43 -8.88 -3.12
CA ILE B 38 34.20 -9.69 -3.13
C ILE B 38 34.48 -10.98 -2.30
N THR B 39 34.38 -10.83 -0.96
CA THR B 39 34.57 -11.90 0.08
C THR B 39 35.93 -12.65 0.03
N ALA B 40 36.54 -12.77 1.22
CA ALA B 40 37.77 -13.56 1.46
C ALA B 40 37.34 -15.02 1.86
N PRO B 41 38.27 -16.04 2.10
CA PRO B 41 37.83 -17.46 2.22
C PRO B 41 37.32 -17.82 3.64
N GLY B 42 37.32 -19.13 3.98
CA GLY B 42 36.87 -19.60 5.28
C GLY B 42 36.86 -21.12 5.33
N GLY B 43 35.66 -21.72 5.44
CA GLY B 43 35.47 -23.17 5.47
C GLY B 43 35.10 -23.72 4.10
N ALA B 44 36.00 -23.49 3.11
CA ALA B 44 35.82 -23.96 1.72
C ALA B 44 36.16 -25.47 1.64
N ARG B 45 35.23 -26.28 2.16
CA ARG B 45 35.42 -27.71 2.42
C ARG B 45 35.18 -28.54 1.13
N ARG B 46 36.23 -28.61 0.27
CA ARG B 46 36.23 -29.44 -0.95
C ARG B 46 36.15 -30.93 -0.57
N LEU B 47 35.26 -31.69 -1.28
CA LEU B 47 35.00 -33.14 -1.07
C LEU B 47 34.08 -33.38 0.14
N THR B 48 34.15 -32.49 1.16
CA THR B 48 33.42 -32.56 2.45
C THR B 48 34.00 -33.67 3.35
N GLY B 49 33.90 -34.94 2.90
CA GLY B 49 34.44 -36.07 3.65
C GLY B 49 33.45 -36.62 4.64
N ASP B 50 32.19 -36.82 4.18
CA ASP B 50 31.07 -37.44 4.92
C ASP B 50 30.54 -36.51 6.05
N GLN B 51 31.37 -36.31 7.11
CA GLN B 51 31.06 -35.46 8.29
C GLN B 51 29.85 -35.99 9.07
N THR B 52 28.63 -35.66 8.61
CA THR B 52 27.38 -36.00 9.28
C THR B 52 26.83 -37.34 8.71
N ALA B 53 27.70 -38.37 8.68
CA ALA B 53 27.39 -39.67 8.03
C ALA B 53 26.65 -40.65 8.97
N ALA B 54 25.98 -40.11 10.02
CA ALA B 54 25.30 -40.88 11.09
C ALA B 54 26.34 -41.63 11.96
N LEU B 55 27.56 -41.06 11.96
CA LEU B 55 28.73 -41.63 12.65
C LEU B 55 28.48 -41.54 14.17
N ARG B 56 28.48 -40.30 14.68
CA ARG B 56 28.14 -39.99 16.08
C ARG B 56 26.87 -39.10 16.13
N ASP B 57 26.20 -39.00 14.97
CA ASP B 57 25.10 -38.05 14.72
C ASP B 57 23.76 -38.65 15.19
N SER B 58 23.59 -38.73 16.51
CA SER B 58 22.37 -39.22 17.15
C SER B 58 21.40 -38.05 17.34
N LEU B 59 20.66 -37.73 16.25
CA LEU B 59 19.66 -36.64 16.19
C LEU B 59 20.34 -35.28 16.50
N SER B 60 21.16 -34.81 15.54
CA SER B 60 21.78 -33.47 15.59
C SER B 60 20.73 -32.39 15.27
N ASP B 61 19.84 -32.75 14.34
CA ASP B 61 18.69 -31.96 13.88
C ASP B 61 17.79 -32.94 13.12
N LYS B 62 18.42 -33.56 12.11
CA LYS B 62 17.92 -34.73 11.40
C LYS B 62 17.45 -35.84 12.38
N PRO B 63 16.25 -36.49 12.14
CA PRO B 63 15.66 -37.52 13.05
C PRO B 63 16.68 -38.61 13.45
N ALA B 64 17.39 -39.16 12.44
CA ALA B 64 18.42 -40.22 12.58
C ALA B 64 17.81 -41.60 12.93
N LYS B 65 17.01 -41.66 14.02
CA LYS B 65 16.33 -42.90 14.50
C LYS B 65 17.38 -43.90 15.08
N ASN B 66 18.60 -43.37 15.34
CA ASN B 66 19.73 -44.12 15.89
C ASN B 66 19.75 -43.97 17.42
N ILE B 67 19.22 -44.99 18.12
CA ILE B 67 19.19 -45.04 19.60
C ILE B 67 19.23 -46.51 20.06
N ILE B 68 20.47 -46.97 20.38
CA ILE B 68 20.80 -48.38 20.73
C ILE B 68 20.54 -49.32 19.51
N LEU B 69 19.26 -49.62 19.25
CA LEU B 69 18.82 -50.46 18.14
C LEU B 69 17.47 -49.93 17.59
N LEU B 70 16.81 -50.73 16.73
CA LEU B 70 15.43 -50.45 16.28
C LEU B 70 14.44 -50.53 17.49
N ILE B 71 14.35 -49.41 18.23
CA ILE B 71 13.49 -49.29 19.44
C ILE B 71 11.99 -49.36 19.07
N GLY B 72 11.66 -48.89 17.85
CA GLY B 72 10.28 -48.79 17.40
C GLY B 72 9.55 -47.62 18.02
N ASP B 73 9.28 -46.60 17.19
CA ASP B 73 8.57 -45.38 17.63
C ASP B 73 7.15 -45.72 18.13
N GLY B 74 6.99 -45.74 19.48
CA GLY B 74 5.71 -46.10 20.12
C GLY B 74 5.31 -47.53 19.80
N MET B 75 6.22 -48.48 20.11
CA MET B 75 6.18 -49.89 19.65
C MET B 75 6.43 -49.96 18.12
N GLY B 76 5.45 -49.47 17.33
CA GLY B 76 5.55 -49.51 15.85
C GLY B 76 5.67 -50.94 15.33
N ASP B 77 5.02 -51.86 16.06
CA ASP B 77 5.13 -53.33 15.84
C ASP B 77 4.71 -53.73 14.43
N SER B 78 3.73 -52.99 13.87
CA SER B 78 3.15 -53.27 12.55
C SER B 78 2.34 -54.59 12.61
N GLU B 79 1.50 -54.69 13.65
CA GLU B 79 0.64 -55.86 13.92
C GLU B 79 -0.71 -55.76 13.15
N ILE B 80 -1.27 -56.94 12.82
CA ILE B 80 -2.59 -57.17 12.16
C ILE B 80 -2.79 -56.30 10.88
N THR B 81 -3.10 -55.00 11.03
CA THR B 81 -3.31 -54.08 9.91
C THR B 81 -1.96 -53.68 9.28
N ALA B 82 -0.86 -53.89 10.03
CA ALA B 82 0.50 -53.46 9.68
C ALA B 82 0.63 -51.92 9.77
N ALA B 83 1.84 -51.42 9.51
CA ALA B 83 2.13 -49.98 9.45
C ALA B 83 2.18 -49.54 7.97
N ARG B 84 1.07 -49.85 7.26
CA ARG B 84 0.92 -49.53 5.82
C ARG B 84 0.81 -48.00 5.63
N ASN B 85 1.98 -47.37 5.56
CA ASN B 85 2.14 -45.92 5.42
C ASN B 85 2.80 -45.63 4.06
N TYR B 86 2.30 -44.61 3.34
CA TYR B 86 2.87 -44.18 2.06
C TYR B 86 4.28 -43.60 2.30
N ALA B 87 5.32 -44.26 1.74
CA ALA B 87 6.74 -43.92 1.97
C ALA B 87 7.09 -42.56 1.31
N GLU B 88 6.84 -41.47 2.05
CA GLU B 88 7.11 -40.09 1.64
C GLU B 88 8.28 -39.55 2.46
N GLY B 89 8.11 -39.61 3.80
CA GLY B 89 9.18 -39.30 4.75
C GLY B 89 10.00 -40.55 5.08
N ALA B 90 10.56 -41.15 4.01
CA ALA B 90 11.38 -42.38 4.11
C ALA B 90 12.74 -42.07 4.74
N GLY B 91 13.48 -43.12 5.14
CA GLY B 91 14.78 -42.97 5.81
C GLY B 91 15.95 -42.64 4.86
N GLY B 92 15.63 -42.00 3.71
CA GLY B 92 16.63 -41.58 2.73
C GLY B 92 17.04 -40.13 2.87
N PHE B 93 17.00 -39.61 4.13
CA PHE B 93 17.44 -38.25 4.45
C PHE B 93 18.97 -38.17 4.28
N PHE B 94 19.44 -37.73 3.11
CA PHE B 94 20.87 -37.49 2.84
C PHE B 94 20.99 -36.75 1.50
N LYS B 95 21.25 -35.44 1.55
CA LYS B 95 21.50 -34.64 0.34
C LYS B 95 23.01 -34.52 0.11
N GLY B 96 23.75 -34.17 1.19
CA GLY B 96 25.22 -34.10 1.16
C GLY B 96 25.73 -32.70 0.79
N ILE B 97 25.04 -32.05 -0.18
CA ILE B 97 25.34 -30.67 -0.61
C ILE B 97 24.31 -29.69 0.01
N ASP B 98 23.65 -30.13 1.10
CA ASP B 98 22.68 -29.31 1.84
C ASP B 98 23.39 -28.43 2.91
N ALA B 99 22.74 -27.31 3.26
CA ALA B 99 23.26 -26.33 4.23
C ALA B 99 22.10 -25.80 5.08
N LEU B 100 22.22 -25.92 6.41
CA LEU B 100 21.23 -25.43 7.39
C LEU B 100 21.94 -24.55 8.42
N PRO B 101 21.32 -23.42 8.87
CA PRO B 101 21.87 -22.60 9.98
C PRO B 101 21.51 -23.24 11.36
N LEU B 102 22.48 -23.99 11.94
CA LEU B 102 22.32 -24.58 13.28
C LEU B 102 22.33 -23.45 14.33
N THR B 103 23.28 -22.53 14.17
CA THR B 103 23.51 -21.41 15.10
C THR B 103 24.10 -20.22 14.34
N GLY B 104 24.38 -19.12 15.08
CA GLY B 104 25.10 -17.98 14.52
C GLY B 104 26.56 -18.34 14.24
N GLN B 105 26.82 -18.80 12.99
CA GLN B 105 28.16 -19.16 12.52
C GLN B 105 29.02 -17.88 12.48
N TYR B 106 29.86 -17.68 13.53
CA TYR B 106 30.72 -16.49 13.69
C TYR B 106 29.94 -15.15 13.66
N THR B 107 30.67 -14.02 13.60
CA THR B 107 30.09 -12.68 13.74
C THR B 107 29.80 -12.00 12.38
N HIS B 108 29.60 -12.81 11.30
CA HIS B 108 29.19 -12.26 9.98
C HIS B 108 27.65 -12.01 9.97
N TYR B 109 27.24 -11.01 10.76
CA TYR B 109 25.84 -10.69 11.06
C TYR B 109 25.82 -9.26 11.61
N ALA B 110 26.49 -9.10 12.78
CA ALA B 110 26.87 -7.78 13.31
C ALA B 110 28.14 -7.30 12.56
N LEU B 111 28.44 -5.99 12.66
CA LEU B 111 29.62 -5.36 11.99
C LEU B 111 29.51 -5.49 10.44
N ASN B 112 28.25 -5.64 9.95
CA ASN B 112 27.96 -6.01 8.55
C ASN B 112 28.10 -4.79 7.62
N LYS B 113 28.67 -5.05 6.41
CA LYS B 113 29.13 -4.08 5.38
C LYS B 113 29.65 -2.73 5.97
N LYS B 114 28.74 -1.85 6.37
CA LYS B 114 29.03 -0.49 6.86
C LYS B 114 27.70 0.12 7.33
N THR B 115 27.64 1.45 7.53
CA THR B 115 26.39 2.18 7.82
C THR B 115 25.35 1.91 6.71
N GLY B 116 25.59 2.48 5.52
CA GLY B 116 24.77 2.22 4.34
C GLY B 116 25.30 1.04 3.54
N LYS B 117 25.26 1.17 2.21
CA LYS B 117 25.80 0.16 1.25
C LYS B 117 26.48 0.86 0.03
N PRO B 118 25.75 1.74 -0.77
CA PRO B 118 26.32 2.29 -2.02
C PRO B 118 27.45 3.29 -1.77
N ASP B 119 27.18 4.26 -0.90
CA ASP B 119 28.07 5.37 -0.58
C ASP B 119 27.63 5.95 0.76
N TYR B 120 28.58 6.58 1.47
CA TYR B 120 28.40 6.99 2.88
C TYR B 120 28.60 8.52 3.05
N VAL B 121 29.22 9.18 2.05
CA VAL B 121 29.65 10.60 2.16
C VAL B 121 29.28 11.46 0.92
N THR B 122 29.73 11.08 -0.29
CA THR B 122 29.61 11.92 -1.49
C THR B 122 28.18 11.85 -2.10
N ASP B 123 27.85 10.66 -2.62
CA ASP B 123 26.64 10.39 -3.39
C ASP B 123 25.48 9.98 -2.46
N SER B 124 25.69 8.86 -1.75
CA SER B 124 24.73 8.26 -0.80
C SER B 124 23.35 7.93 -1.47
N ALA B 125 22.28 7.79 -0.65
CA ALA B 125 20.92 7.51 -1.15
C ALA B 125 19.87 7.95 -0.11
N ALA B 126 18.68 8.37 -0.62
CA ALA B 126 17.52 8.78 0.21
C ALA B 126 16.22 8.53 -0.57
N SER B 127 15.08 8.46 0.13
CA SER B 127 13.79 8.05 -0.47
C SER B 127 12.56 8.59 0.30
N ALA B 128 11.35 8.22 -0.18
CA ALA B 128 10.07 8.48 0.50
C ALA B 128 9.89 7.49 1.65
N THR B 129 9.24 7.94 2.75
CA THR B 129 8.99 7.10 3.93
C THR B 129 7.91 6.00 3.65
N ALA B 130 7.22 6.11 2.50
CA ALA B 130 6.29 5.07 2.02
C ALA B 130 7.04 3.75 1.70
N TRP B 131 6.35 2.61 1.91
CA TRP B 131 6.91 1.23 1.79
C TRP B 131 7.56 0.95 0.40
N SER B 132 7.09 1.69 -0.62
CA SER B 132 7.59 1.59 -1.99
C SER B 132 8.11 2.95 -2.48
N THR B 133 9.12 2.91 -3.37
CA THR B 133 9.56 4.09 -4.15
C THR B 133 8.46 4.45 -5.18
N GLY B 134 7.70 3.40 -5.60
CA GLY B 134 6.63 3.51 -6.58
C GLY B 134 5.39 4.28 -6.12
N VAL B 135 5.33 4.63 -4.82
CA VAL B 135 4.25 5.48 -4.27
C VAL B 135 4.49 6.96 -4.65
N LYS B 136 5.79 7.35 -4.73
CA LYS B 136 6.26 8.65 -5.27
C LYS B 136 5.83 9.87 -4.37
N THR B 137 5.39 9.60 -3.12
CA THR B 137 4.99 10.65 -2.16
C THR B 137 6.21 11.47 -1.68
N TYR B 138 6.37 12.67 -2.27
CA TYR B 138 7.47 13.62 -2.01
C TYR B 138 8.81 13.04 -2.51
N ASN B 139 9.42 12.15 -1.70
CA ASN B 139 10.67 11.42 -2.02
C ASN B 139 11.86 12.39 -2.21
N GLY B 140 12.65 12.64 -1.12
CA GLY B 140 13.84 13.48 -1.22
C GLY B 140 14.46 13.84 0.14
N ALA B 141 14.54 12.82 1.05
CA ALA B 141 15.21 12.92 2.38
C ALA B 141 14.42 13.71 3.45
N LEU B 142 13.70 14.78 3.01
CA LEU B 142 12.91 15.71 3.86
C LEU B 142 13.65 16.15 5.18
N GLY B 143 13.52 15.35 6.27
CA GLY B 143 14.10 15.70 7.59
C GLY B 143 13.08 16.33 8.52
N VAL B 144 12.15 17.12 7.95
CA VAL B 144 10.98 17.68 8.64
C VAL B 144 9.74 16.84 8.23
N ASP B 145 8.62 16.95 8.98
CA ASP B 145 7.40 16.16 8.70
C ASP B 145 6.78 16.52 7.32
N ILE B 146 6.72 17.85 7.02
CA ILE B 146 6.11 18.42 5.79
C ILE B 146 4.54 18.33 5.82
N HIS B 147 3.96 17.29 6.52
CA HIS B 147 2.56 16.83 6.38
C HIS B 147 2.10 16.90 4.90
N GLU B 148 2.67 15.95 4.10
CA GLU B 148 2.59 15.95 2.63
C GLU B 148 1.12 16.04 2.15
N LYS B 149 0.89 16.97 1.20
CA LYS B 149 -0.44 17.48 0.79
C LYS B 149 -0.99 18.38 1.92
N ASP B 150 -1.56 17.74 2.97
CA ASP B 150 -2.11 18.43 4.17
C ASP B 150 -2.69 17.37 5.13
N HIS B 151 -2.87 17.73 6.43
CA HIS B 151 -3.47 16.87 7.49
C HIS B 151 -2.55 15.67 7.87
N PRO B 152 -2.89 14.87 8.95
CA PRO B 152 -2.23 13.56 9.22
C PRO B 152 -2.47 12.49 8.12
N THR B 153 -2.01 11.24 8.39
CA THR B 153 -1.99 10.08 7.44
C THR B 153 -0.82 10.24 6.43
N ILE B 154 -0.78 11.40 5.75
CA ILE B 154 0.36 11.85 4.91
C ILE B 154 0.57 10.94 3.68
N LEU B 155 1.25 9.78 3.87
CA LEU B 155 1.64 8.86 2.76
C LEU B 155 1.03 7.45 2.98
N GLU B 156 -0.25 7.44 3.42
CA GLU B 156 -1.05 6.23 3.70
C GLU B 156 -0.72 5.59 5.07
N MET B 157 0.55 5.73 5.51
CA MET B 157 1.11 5.09 6.72
C MET B 157 1.22 3.56 6.55
N ALA B 158 1.35 3.12 5.27
CA ALA B 158 1.51 1.71 4.85
C ALA B 158 0.25 0.85 5.09
N LYS B 159 -0.09 0.64 6.39
CA LYS B 159 -1.28 -0.11 6.83
C LYS B 159 -1.22 -1.57 6.34
N ALA B 160 -0.18 -2.27 6.78
CA ALA B 160 0.01 -3.71 6.53
C ALA B 160 -0.77 -4.53 7.59
N ALA B 161 -2.09 -4.23 7.69
CA ALA B 161 -3.00 -4.79 8.69
C ALA B 161 -4.43 -4.29 8.42
N GLY B 162 -5.43 -5.21 8.42
CA GLY B 162 -6.84 -4.87 8.22
C GLY B 162 -7.71 -6.12 8.04
N LEU B 163 -7.34 -6.99 7.08
CA LEU B 163 -8.05 -8.25 6.78
C LEU B 163 -7.07 -9.44 6.76
N ALA B 164 -7.51 -10.58 7.34
CA ALA B 164 -6.66 -11.75 7.58
C ALA B 164 -6.31 -12.49 6.26
N THR B 165 -5.08 -12.27 5.78
CA THR B 165 -4.55 -12.97 4.60
C THR B 165 -3.82 -14.26 5.03
N GLY B 166 -4.52 -15.41 4.88
CA GLY B 166 -4.00 -16.73 5.28
C GLY B 166 -3.12 -17.36 4.21
N ASN B 167 -2.04 -16.66 3.84
CA ASN B 167 -1.04 -17.12 2.84
C ASN B 167 0.34 -16.50 3.19
N VAL B 168 0.37 -15.69 4.28
CA VAL B 168 1.54 -14.91 4.70
C VAL B 168 1.36 -14.49 6.18
N SER B 169 0.71 -15.41 6.94
CA SER B 169 0.30 -15.21 8.35
C SER B 169 1.49 -14.81 9.24
N THR B 170 2.60 -15.56 9.07
CA THR B 170 3.88 -15.29 9.73
C THR B 170 4.89 -14.85 8.65
N ALA B 171 5.38 -15.86 7.92
CA ALA B 171 6.46 -15.76 6.95
C ALA B 171 6.76 -17.19 6.47
N GLU B 172 5.69 -17.86 5.98
CA GLU B 172 5.73 -19.29 5.61
C GLU B 172 6.84 -19.60 4.59
N LEU B 173 7.98 -20.08 5.12
CA LEU B 173 9.17 -20.49 4.33
C LEU B 173 9.07 -21.98 3.88
N GLN B 174 7.83 -22.50 3.86
CA GLN B 174 7.50 -23.88 3.44
C GLN B 174 7.53 -23.99 1.88
N ASP B 175 7.70 -22.83 1.22
CA ASP B 175 8.01 -22.73 -0.22
C ASP B 175 9.44 -23.25 -0.50
N ALA B 176 9.68 -23.72 -1.73
CA ALA B 176 10.95 -24.36 -2.13
C ALA B 176 11.38 -23.96 -3.56
N THR B 177 10.94 -22.77 -4.01
CA THR B 177 11.34 -22.21 -5.32
C THR B 177 12.89 -22.01 -5.37
N PRO B 178 13.61 -22.62 -6.39
CA PRO B 178 15.10 -22.62 -6.44
C PRO B 178 15.72 -21.23 -6.78
N ALA B 179 14.85 -20.23 -7.06
CA ALA B 179 15.28 -18.85 -7.32
C ALA B 179 15.81 -18.20 -6.02
N ALA B 180 17.15 -18.24 -5.85
CA ALA B 180 17.84 -17.60 -4.70
C ALA B 180 17.67 -16.08 -4.74
N LEU B 181 17.76 -15.53 -5.96
CA LEU B 181 17.56 -14.10 -6.26
C LEU B 181 17.31 -13.94 -7.77
N VAL B 182 16.75 -15.00 -8.38
CA VAL B 182 16.62 -15.08 -9.84
C VAL B 182 15.39 -14.27 -10.33
N ALA B 183 15.67 -13.20 -11.07
CA ALA B 183 14.65 -12.42 -11.78
C ALA B 183 14.44 -12.99 -13.20
N HIS B 184 15.57 -13.36 -13.87
CA HIS B 184 15.59 -14.01 -15.21
C HIS B 184 14.77 -13.20 -16.26
N VAL B 185 14.83 -11.85 -16.12
CA VAL B 185 13.98 -10.89 -16.86
C VAL B 185 12.49 -11.20 -16.63
N THR B 186 11.98 -10.69 -15.48
CA THR B 186 10.54 -10.70 -15.08
C THR B 186 9.94 -12.13 -14.93
N SER B 187 10.80 -13.16 -14.92
CA SER B 187 10.38 -14.56 -14.75
C SER B 187 10.22 -14.90 -13.25
N ARG B 188 9.20 -15.73 -12.94
CA ARG B 188 8.81 -16.07 -11.57
C ARG B 188 8.22 -17.49 -11.52
N LYS B 189 8.61 -18.27 -10.49
CA LYS B 189 7.99 -19.57 -10.15
C LYS B 189 7.57 -19.56 -8.66
N CYS B 190 6.62 -20.43 -8.31
CA CYS B 190 6.12 -20.58 -6.92
C CYS B 190 5.80 -22.06 -6.65
N TYR B 191 6.36 -22.58 -5.54
CA TYR B 191 6.15 -23.95 -5.09
C TYR B 191 4.86 -24.03 -4.23
N GLY B 192 4.01 -25.02 -4.51
CA GLY B 192 2.78 -25.26 -3.74
C GLY B 192 3.10 -25.73 -2.32
N PRO B 193 2.41 -25.17 -1.25
CA PRO B 193 2.78 -25.37 0.19
C PRO B 193 2.98 -26.84 0.61
N SER B 194 2.28 -27.78 -0.08
CA SER B 194 2.32 -29.24 0.16
C SER B 194 1.63 -29.64 1.49
N ALA B 195 2.19 -29.21 2.63
CA ALA B 195 1.59 -29.41 3.97
C ALA B 195 0.66 -28.24 4.32
N THR B 196 -0.15 -28.42 5.38
CA THR B 196 -1.11 -27.42 5.87
C THR B 196 -0.40 -26.47 6.87
N SER B 197 -0.02 -27.03 8.04
CA SER B 197 0.70 -26.30 9.10
C SER B 197 1.24 -27.31 10.11
N GLU B 198 2.55 -27.57 10.02
CA GLU B 198 3.23 -28.60 10.84
C GLU B 198 4.09 -27.94 11.94
N LYS B 199 3.80 -26.64 12.23
CA LYS B 199 4.55 -25.81 13.22
C LYS B 199 5.98 -25.51 12.72
N CYS B 200 6.84 -26.56 12.68
CA CYS B 200 8.21 -26.54 12.12
C CYS B 200 9.20 -25.81 13.06
N PRO B 201 9.95 -26.55 13.93
CA PRO B 201 10.96 -25.96 14.85
C PRO B 201 12.07 -25.17 14.10
N GLY B 202 11.82 -23.87 13.90
CA GLY B 202 12.76 -22.99 13.23
C GLY B 202 12.14 -21.71 12.68
N ASN B 203 10.99 -21.28 13.25
CA ASN B 203 10.36 -19.98 12.91
C ASN B 203 10.98 -18.84 13.74
N ALA B 204 11.65 -19.21 14.85
CA ALA B 204 12.37 -18.26 15.72
C ALA B 204 13.59 -18.94 16.35
N LEU B 205 14.71 -18.21 16.43
CA LEU B 205 15.92 -18.66 17.13
C LEU B 205 15.70 -18.50 18.65
N GLU B 206 15.35 -17.27 19.06
CA GLU B 206 14.99 -16.93 20.45
C GLU B 206 13.56 -16.32 20.47
N LYS B 207 13.44 -14.98 20.34
CA LYS B 207 12.14 -14.25 20.36
C LYS B 207 11.42 -14.42 21.72
N GLY B 208 10.72 -15.57 21.85
CA GLY B 208 9.84 -15.86 22.98
C GLY B 208 8.39 -15.87 22.54
N GLY B 209 7.69 -16.99 22.87
CA GLY B 209 6.25 -17.10 22.61
C GLY B 209 5.44 -16.13 23.44
N LYS B 210 5.78 -16.10 24.76
CA LYS B 210 5.27 -15.09 25.73
C LYS B 210 3.74 -15.17 25.86
N GLY B 211 3.02 -14.54 24.92
CA GLY B 211 1.63 -14.88 24.66
C GLY B 211 1.58 -16.23 23.96
N SER B 212 1.70 -17.31 24.77
CA SER B 212 1.83 -18.71 24.29
C SER B 212 0.46 -19.32 23.98
N ILE B 213 -0.46 -18.45 23.53
CA ILE B 213 -1.84 -18.78 23.16
C ILE B 213 -1.91 -19.15 21.66
N THR B 214 -0.79 -19.70 21.12
CA THR B 214 -0.61 -19.95 19.67
C THR B 214 -1.62 -20.97 19.11
N GLU B 215 -2.17 -21.81 20.02
CA GLU B 215 -3.20 -22.80 19.69
C GLU B 215 -4.60 -22.13 19.63
N GLN B 216 -4.75 -21.02 20.38
CA GLN B 216 -5.88 -20.05 20.29
C GLN B 216 -7.15 -20.51 21.05
N LEU B 217 -7.66 -21.72 20.73
CA LEU B 217 -9.00 -22.18 21.16
C LEU B 217 -8.98 -22.78 22.59
N LEU B 218 -8.62 -21.93 23.59
CA LEU B 218 -8.75 -22.20 25.04
C LEU B 218 -7.69 -23.18 25.60
N ASN B 219 -7.56 -24.37 24.96
CA ASN B 219 -6.67 -25.50 25.39
C ASN B 219 -7.24 -26.23 26.63
N ALA B 220 -7.76 -25.46 27.60
CA ALA B 220 -8.60 -25.98 28.70
C ALA B 220 -9.91 -26.59 28.18
N ARG B 221 -10.28 -26.24 26.92
CA ARG B 221 -11.40 -26.83 26.15
C ARG B 221 -12.76 -26.40 26.74
N ALA B 222 -13.20 -27.09 27.81
CA ALA B 222 -14.49 -26.83 28.50
C ALA B 222 -14.31 -26.84 30.03
N ASP B 223 -13.11 -27.28 30.48
CA ASP B 223 -12.72 -27.38 31.89
C ASP B 223 -12.58 -25.97 32.50
N VAL B 224 -12.10 -25.01 31.67
CA VAL B 224 -11.87 -23.58 32.03
C VAL B 224 -10.70 -23.43 33.04
N THR B 225 -10.91 -23.93 34.27
CA THR B 225 -9.88 -23.99 35.32
C THR B 225 -8.74 -24.97 34.92
N LEU B 226 -9.14 -26.14 34.34
CA LEU B 226 -8.25 -27.26 33.93
C LEU B 226 -7.30 -27.69 35.09
N GLY B 227 -6.20 -26.95 35.26
CA GLY B 227 -5.25 -27.18 36.36
C GLY B 227 -4.25 -26.04 36.52
N GLY B 228 -4.52 -24.90 35.85
CA GLY B 228 -3.58 -23.78 35.81
C GLY B 228 -2.58 -23.89 34.67
N GLY B 229 -2.21 -25.13 34.30
CA GLY B 229 -1.34 -25.40 33.16
C GLY B 229 0.08 -24.93 33.40
N ALA B 230 0.43 -23.79 32.76
CA ALA B 230 1.71 -23.10 32.99
C ALA B 230 1.79 -22.59 34.44
N LYS B 231 0.62 -22.12 34.95
CA LYS B 231 0.43 -21.61 36.33
C LYS B 231 1.28 -20.34 36.62
N THR B 232 1.89 -19.74 35.56
CA THR B 232 2.90 -18.69 35.72
C THR B 232 2.47 -17.39 35.02
N PHE B 233 2.17 -16.35 35.83
CA PHE B 233 1.87 -15.00 35.33
C PHE B 233 3.18 -14.16 35.39
N ALA B 234 3.88 -14.11 34.26
CA ALA B 234 5.21 -13.46 34.18
C ALA B 234 5.37 -12.77 32.81
N GLU B 235 6.65 -12.47 32.44
CA GLU B 235 7.04 -11.95 31.12
C GLU B 235 6.71 -10.43 30.97
N THR B 236 7.77 -9.65 30.71
CA THR B 236 7.76 -8.18 30.66
C THR B 236 7.60 -7.69 29.21
N ALA B 237 8.59 -8.04 28.35
CA ALA B 237 8.71 -7.51 26.97
C ALA B 237 9.93 -8.08 26.24
N THR B 238 10.12 -7.61 24.98
CA THR B 238 11.37 -7.70 24.20
C THR B 238 11.36 -6.50 23.20
N ALA B 239 10.86 -5.37 23.73
CA ALA B 239 10.53 -4.19 22.91
C ALA B 239 11.61 -3.10 22.97
N GLY B 240 11.32 -2.00 22.26
CA GLY B 240 12.16 -0.82 22.22
C GLY B 240 11.55 0.31 23.02
N GLU B 241 11.65 1.55 22.49
CA GLU B 241 11.28 2.77 23.24
C GLU B 241 10.43 3.72 22.36
N TRP B 242 9.52 4.45 23.03
CA TRP B 242 8.65 5.49 22.44
C TRP B 242 7.98 6.29 23.55
N GLN B 243 7.49 5.56 24.58
CA GLN B 243 6.86 6.15 25.77
C GLN B 243 6.86 5.16 26.95
N GLY B 244 6.62 5.70 28.16
CA GLY B 244 6.81 4.98 29.43
C GLY B 244 5.83 3.83 29.62
N LYS B 245 6.30 2.60 29.31
CA LYS B 245 5.51 1.37 29.45
C LYS B 245 5.42 0.96 30.92
N THR B 246 4.19 0.68 31.38
CA THR B 246 3.90 0.15 32.72
C THR B 246 3.28 -1.25 32.59
N LEU B 247 3.70 -2.17 33.50
CA LEU B 247 3.28 -3.60 33.47
C LEU B 247 1.83 -3.80 33.91
N ARG B 248 1.24 -4.94 33.50
CA ARG B 248 -0.13 -5.34 33.84
C ARG B 248 -0.17 -6.00 35.23
N GLU B 249 -1.27 -5.77 35.97
CA GLU B 249 -1.52 -6.39 37.27
C GLU B 249 -2.90 -7.09 37.19
N GLN B 250 -2.98 -8.35 37.68
CA GLN B 250 -4.16 -9.23 37.50
C GLN B 250 -5.14 -9.13 38.70
N ALA B 251 -5.29 -7.91 39.27
CA ALA B 251 -6.15 -7.64 40.47
C ALA B 251 -7.63 -8.02 40.24
N GLN B 252 -8.10 -7.84 39.01
CA GLN B 252 -9.51 -8.08 38.62
C GLN B 252 -9.63 -9.28 37.65
N ALA B 253 -8.52 -9.58 36.93
CA ALA B 253 -8.42 -10.78 36.06
C ALA B 253 -8.51 -12.07 36.89
N ARG B 254 -7.93 -12.02 38.10
CA ARG B 254 -7.97 -13.13 39.06
C ARG B 254 -9.39 -13.28 39.65
N GLY B 255 -10.23 -14.07 38.93
CA GLY B 255 -11.61 -14.33 39.33
C GLY B 255 -12.44 -13.05 39.42
N TYR B 256 -12.56 -12.51 40.68
CA TYR B 256 -13.23 -11.23 41.01
C TYR B 256 -14.74 -11.29 40.65
N GLN B 257 -15.03 -11.23 39.33
CA GLN B 257 -16.35 -11.51 38.76
C GLN B 257 -16.72 -12.95 39.07
N LEU B 258 -15.92 -13.88 38.48
CA LEU B 258 -16.06 -15.35 38.59
C LEU B 258 -17.47 -15.78 38.09
N VAL B 259 -18.48 -15.67 38.97
CA VAL B 259 -19.88 -15.96 38.63
C VAL B 259 -20.55 -14.66 38.14
N SER B 260 -20.65 -14.53 36.81
CA SER B 260 -21.31 -13.39 36.13
C SER B 260 -22.12 -13.95 34.95
N ASP B 261 -23.46 -14.01 35.15
CA ASP B 261 -24.41 -14.68 34.23
C ASP B 261 -24.12 -16.20 34.14
N ALA B 262 -23.46 -16.73 35.19
CA ALA B 262 -23.04 -18.13 35.27
C ALA B 262 -23.83 -18.85 36.39
N ALA B 263 -25.17 -18.85 36.26
CA ALA B 263 -26.08 -19.57 37.19
C ALA B 263 -25.91 -21.10 37.01
N SER B 264 -25.60 -21.52 35.77
CA SER B 264 -25.29 -22.91 35.42
C SER B 264 -23.77 -23.12 35.35
N LEU B 265 -23.33 -24.39 35.43
CA LEU B 265 -21.91 -24.79 35.40
C LEU B 265 -21.45 -25.12 33.96
N ASN B 266 -21.91 -24.29 32.98
CA ASN B 266 -21.70 -24.49 31.52
C ASN B 266 -22.53 -25.69 31.02
N SER B 267 -22.14 -26.89 31.48
CA SER B 267 -22.89 -28.14 31.30
C SER B 267 -22.69 -29.01 32.55
N VAL B 268 -21.41 -29.32 32.84
CA VAL B 268 -21.01 -30.15 33.99
C VAL B 268 -19.46 -30.22 34.09
N THR B 269 -18.77 -29.97 32.94
CA THR B 269 -17.30 -30.09 32.81
C THR B 269 -16.55 -29.05 33.68
N GLU B 270 -16.36 -29.42 34.96
CA GLU B 270 -15.66 -28.63 35.99
C GLU B 270 -15.38 -29.53 37.20
N ALA B 271 -14.63 -29.01 38.19
CA ALA B 271 -14.22 -29.78 39.38
C ALA B 271 -14.94 -29.29 40.64
N ASN B 272 -16.30 -29.42 40.62
CA ASN B 272 -17.19 -29.10 41.77
C ASN B 272 -17.09 -27.62 42.17
N GLN B 273 -17.65 -27.26 43.35
CA GLN B 273 -17.46 -25.92 43.96
C GLN B 273 -15.99 -25.70 44.40
N GLN B 274 -15.24 -26.82 44.47
CA GLN B 274 -13.82 -26.85 44.87
C GLN B 274 -12.92 -26.05 43.90
N LYS B 275 -13.24 -26.07 42.59
CA LYS B 275 -12.40 -25.42 41.56
C LYS B 275 -12.40 -23.86 41.69
N PRO B 276 -11.21 -23.20 41.70
CA PRO B 276 -11.11 -21.74 41.63
C PRO B 276 -10.89 -21.22 40.18
N LEU B 277 -10.83 -19.89 40.03
CA LEU B 277 -10.52 -19.23 38.75
C LEU B 277 -9.09 -18.67 38.87
N LEU B 278 -8.16 -19.28 38.11
CA LEU B 278 -6.71 -19.00 38.20
C LEU B 278 -6.35 -17.58 37.70
N GLY B 279 -7.15 -17.05 36.76
CA GLY B 279 -7.01 -15.65 36.30
C GLY B 279 -5.96 -15.46 35.21
N LEU B 280 -5.58 -16.55 34.53
CA LEU B 280 -4.68 -16.53 33.36
C LEU B 280 -5.01 -17.70 32.42
N PHE B 281 -4.26 -17.81 31.30
CA PHE B 281 -4.41 -18.92 30.34
C PHE B 281 -4.02 -20.25 31.04
N ALA B 282 -5.02 -21.09 31.30
CA ALA B 282 -4.90 -22.25 32.21
C ALA B 282 -4.30 -23.50 31.54
N ASP B 283 -3.39 -23.30 30.56
CA ASP B 283 -2.70 -24.41 29.88
C ASP B 283 -1.36 -23.93 29.24
N GLY B 284 -1.40 -23.55 27.94
CA GLY B 284 -0.20 -23.26 27.15
C GLY B 284 -0.30 -23.84 25.75
N ASN B 285 0.15 -25.11 25.57
CA ASN B 285 0.18 -25.79 24.25
C ASN B 285 -0.08 -27.32 24.38
N MET B 286 -0.37 -27.80 25.62
CA MET B 286 -0.33 -29.25 25.98
C MET B 286 -1.23 -30.19 25.10
N PRO B 287 -2.59 -29.98 24.99
CA PRO B 287 -3.49 -30.95 24.32
C PRO B 287 -3.69 -30.61 22.83
N VAL B 288 -2.59 -30.12 22.21
CA VAL B 288 -2.56 -29.38 20.92
C VAL B 288 -3.72 -28.34 20.84
N ARG B 289 -4.92 -28.74 20.37
CA ARG B 289 -6.07 -27.83 20.15
C ARG B 289 -5.66 -26.67 19.21
N TRP B 290 -5.03 -27.05 18.08
CA TRP B 290 -4.57 -26.12 17.03
C TRP B 290 -5.77 -25.39 16.36
N LEU B 291 -5.81 -24.06 16.57
CA LEU B 291 -6.74 -23.09 15.93
C LEU B 291 -8.23 -23.50 15.99
N GLY B 292 -8.64 -24.37 15.07
CA GLY B 292 -10.04 -24.80 14.97
C GLY B 292 -10.19 -25.85 13.88
N PRO B 293 -10.48 -25.45 12.60
CA PRO B 293 -10.52 -26.38 11.46
C PRO B 293 -9.12 -26.98 11.19
N LYS B 294 -8.92 -28.23 11.66
CA LYS B 294 -7.66 -28.97 11.53
C LYS B 294 -7.41 -29.43 10.07
N ALA B 295 -8.37 -29.16 9.18
CA ALA B 295 -8.24 -29.42 7.73
C ALA B 295 -9.03 -28.37 6.93
N THR B 296 -8.90 -28.46 5.60
CA THR B 296 -9.76 -27.78 4.64
C THR B 296 -10.25 -28.83 3.62
N TYR B 297 -11.56 -28.81 3.32
CA TYR B 297 -12.18 -29.83 2.45
C TYR B 297 -12.00 -29.48 0.95
N HIS B 298 -11.52 -28.24 0.66
CA HIS B 298 -11.41 -27.71 -0.72
C HIS B 298 -12.82 -27.56 -1.35
N GLY B 299 -12.89 -27.54 -2.70
CA GLY B 299 -14.14 -27.32 -3.42
C GLY B 299 -14.56 -25.85 -3.44
N ASN B 300 -13.58 -24.95 -3.15
CA ASN B 300 -13.82 -23.50 -3.04
C ASN B 300 -12.50 -22.74 -3.14
N ILE B 301 -11.51 -23.15 -2.32
CA ILE B 301 -10.21 -22.46 -2.19
C ILE B 301 -9.21 -22.84 -3.30
N ASP B 302 -9.68 -23.62 -4.29
CA ASP B 302 -8.82 -24.18 -5.35
C ASP B 302 -8.57 -23.10 -6.42
N LYS B 303 -7.70 -22.15 -6.07
CA LYS B 303 -7.27 -21.06 -6.94
C LYS B 303 -5.94 -21.47 -7.60
N PRO B 304 -5.76 -21.23 -8.95
CA PRO B 304 -4.63 -21.75 -9.80
C PRO B 304 -3.25 -21.90 -9.11
N ALA B 305 -2.91 -20.94 -8.22
CA ALA B 305 -1.64 -20.94 -7.45
C ALA B 305 -1.48 -22.22 -6.59
N VAL B 306 -2.50 -22.50 -5.74
CA VAL B 306 -2.49 -23.69 -4.85
C VAL B 306 -3.21 -24.89 -5.52
N THR B 307 -4.45 -24.66 -6.03
CA THR B 307 -5.33 -25.70 -6.62
C THR B 307 -5.59 -26.84 -5.60
N CYS B 308 -4.74 -27.89 -5.62
CA CYS B 308 -4.85 -29.05 -4.72
C CYS B 308 -3.99 -28.82 -3.46
N THR B 309 -2.86 -28.08 -3.65
CA THR B 309 -1.81 -27.71 -2.67
C THR B 309 -0.47 -28.50 -2.91
N PRO B 310 -0.43 -29.89 -2.88
CA PRO B 310 0.80 -30.63 -3.24
C PRO B 310 0.84 -31.04 -4.74
N ASN B 311 0.61 -30.07 -5.64
CA ASN B 311 0.67 -30.30 -7.10
C ASN B 311 2.14 -30.44 -7.60
N PRO B 312 3.05 -29.41 -7.41
CA PRO B 312 4.41 -29.44 -7.99
C PRO B 312 5.46 -29.94 -6.98
N GLN B 313 5.32 -31.21 -6.55
CA GLN B 313 6.18 -31.84 -5.53
C GLN B 313 7.61 -32.08 -6.07
N ARG B 314 8.40 -31.00 -6.12
CA ARG B 314 9.82 -31.01 -6.50
C ARG B 314 10.59 -30.38 -5.34
N ASN B 315 10.62 -31.11 -4.22
CA ASN B 315 11.35 -30.75 -3.00
C ASN B 315 11.54 -32.03 -2.18
N ASP B 316 12.69 -32.68 -2.41
CA ASP B 316 13.10 -33.87 -1.65
C ASP B 316 13.57 -33.44 -0.26
N SER B 317 14.16 -32.21 -0.18
CA SER B 317 14.80 -31.62 1.03
C SER B 317 15.92 -32.52 1.58
N VAL B 318 15.53 -33.65 2.25
CA VAL B 318 16.42 -34.72 2.78
C VAL B 318 17.75 -34.19 3.40
N PRO B 319 17.67 -33.30 4.44
CA PRO B 319 18.87 -32.63 4.98
C PRO B 319 19.65 -33.54 5.95
N THR B 320 20.97 -33.35 5.97
CA THR B 320 21.91 -34.14 6.76
C THR B 320 23.15 -33.31 7.12
N LEU B 321 23.90 -32.88 6.08
CA LEU B 321 25.23 -32.27 6.22
C LEU B 321 25.16 -30.98 7.05
N ALA B 322 24.30 -30.06 6.59
CA ALA B 322 23.99 -28.80 7.26
C ALA B 322 25.24 -27.88 7.37
N GLN B 323 26.17 -28.03 6.40
CA GLN B 323 27.44 -27.28 6.36
C GLN B 323 27.16 -25.78 6.13
N MET B 324 27.48 -24.95 7.14
CA MET B 324 27.09 -23.52 7.16
C MET B 324 28.02 -22.62 6.31
N THR B 325 28.84 -23.25 5.42
CA THR B 325 29.79 -22.59 4.48
C THR B 325 31.07 -22.11 5.20
N ASP B 326 30.89 -21.50 6.39
CA ASP B 326 31.96 -21.23 7.38
C ASP B 326 32.95 -20.16 6.89
N LYS B 327 32.51 -19.38 5.90
CA LYS B 327 33.24 -18.21 5.38
C LYS B 327 32.81 -16.98 6.19
N ALA B 328 33.76 -16.37 6.93
CA ALA B 328 33.46 -15.27 7.88
C ALA B 328 34.35 -14.04 7.65
N ILE B 329 35.37 -14.18 6.78
CA ILE B 329 36.43 -13.17 6.62
C ILE B 329 36.02 -12.13 5.53
N GLU B 330 35.78 -10.88 6.00
CA GLU B 330 35.40 -9.68 5.21
C GLU B 330 33.96 -9.80 4.62
N LEU B 331 33.20 -8.70 4.74
CA LEU B 331 31.75 -8.64 4.41
C LEU B 331 31.38 -7.26 3.79
N LEU B 332 32.40 -6.54 3.28
CA LEU B 332 32.25 -5.13 2.81
C LEU B 332 33.13 -4.85 1.57
N SER B 333 33.32 -3.53 1.25
CA SER B 333 34.37 -3.02 0.33
C SER B 333 34.17 -3.45 -1.15
N LYS B 334 32.97 -3.99 -1.47
CA LYS B 334 32.60 -4.37 -2.85
C LYS B 334 32.47 -3.12 -3.74
N ASN B 335 32.01 -2.00 -3.11
CA ASN B 335 31.69 -0.71 -3.78
C ASN B 335 30.44 -0.84 -4.67
N GLU B 336 29.48 0.08 -4.46
CA GLU B 336 28.27 0.25 -5.31
C GLU B 336 28.12 1.74 -5.69
N LYS B 337 26.92 2.12 -6.17
CA LYS B 337 26.57 3.50 -6.46
C LYS B 337 25.06 3.68 -6.20
N GLY B 338 24.71 4.75 -5.46
CA GLY B 338 23.31 5.04 -5.09
C GLY B 338 22.52 5.60 -6.25
N PHE B 339 22.04 4.69 -7.12
CA PHE B 339 21.11 4.99 -8.20
C PHE B 339 19.90 4.01 -8.07
N PHE B 340 19.71 3.52 -6.83
CA PHE B 340 18.68 2.52 -6.50
C PHE B 340 17.27 3.15 -6.36
N LEU B 341 17.20 4.48 -6.56
CA LEU B 341 15.97 5.26 -6.48
C LEU B 341 15.15 5.07 -7.79
N GLN B 342 15.81 5.40 -8.93
CA GLN B 342 15.19 5.35 -10.29
C GLN B 342 13.96 6.30 -10.33
N VAL B 343 12.79 5.85 -10.83
CA VAL B 343 11.53 6.59 -10.81
C VAL B 343 10.40 5.57 -11.12
N GLU B 344 10.12 4.75 -10.10
CA GLU B 344 9.03 3.76 -10.14
C GLU B 344 7.68 4.45 -9.89
N GLY B 345 6.61 3.79 -10.35
CA GLY B 345 5.26 4.32 -10.20
C GLY B 345 4.21 3.25 -10.42
N ALA B 346 4.37 2.12 -9.73
CA ALA B 346 3.39 1.01 -9.74
C ALA B 346 3.60 0.13 -8.51
N SER B 347 4.50 -0.89 -8.62
CA SER B 347 4.81 -1.86 -7.55
C SER B 347 3.55 -2.68 -7.13
N ILE B 348 2.70 -2.08 -6.28
CA ILE B 348 1.44 -2.68 -5.80
C ILE B 348 0.22 -2.18 -6.61
N ASP B 349 0.48 -1.19 -7.50
CA ASP B 349 -0.54 -0.48 -8.32
C ASP B 349 -1.45 0.35 -7.39
N LYS B 350 -2.47 -0.27 -6.77
CA LYS B 350 -3.26 0.34 -5.65
C LYS B 350 -3.44 -0.72 -4.55
N GLN B 351 -4.39 -1.66 -4.81
CA GLN B 351 -4.83 -2.74 -3.88
C GLN B 351 -5.40 -2.19 -2.55
N ASP B 352 -5.89 -3.11 -1.71
CA ASP B 352 -6.39 -2.80 -0.35
C ASP B 352 -5.21 -2.69 0.63
N HIS B 353 -4.12 -3.46 0.30
CA HIS B 353 -2.79 -3.49 0.98
C HIS B 353 -2.86 -3.72 2.51
N ALA B 354 -4.03 -4.14 3.03
CA ALA B 354 -4.26 -4.32 4.48
C ALA B 354 -4.07 -5.80 4.86
N ALA B 355 -2.99 -6.43 4.32
CA ALA B 355 -2.65 -7.83 4.60
C ALA B 355 -2.24 -8.00 6.09
N ASN B 356 -3.18 -8.49 6.91
CA ASN B 356 -3.04 -8.56 8.38
C ASN B 356 -2.30 -9.84 8.78
N PRO B 357 -1.05 -9.74 9.34
CA PRO B 357 -0.31 -10.89 9.89
C PRO B 357 -0.76 -11.20 11.35
N CYS B 358 -0.69 -12.49 11.73
CA CYS B 358 -1.03 -12.96 13.09
C CYS B 358 0.01 -14.01 13.55
N GLY B 359 1.20 -13.96 12.91
CA GLY B 359 2.26 -14.94 13.12
C GLY B 359 2.97 -14.78 14.46
N GLN B 360 3.05 -15.89 15.21
CA GLN B 360 3.53 -15.90 16.61
C GLN B 360 4.35 -17.18 16.89
N ILE B 361 5.34 -17.41 16.01
CA ILE B 361 6.29 -18.56 16.08
C ILE B 361 5.55 -19.88 15.78
N GLY B 362 4.84 -20.42 16.79
CA GLY B 362 4.15 -21.71 16.67
C GLY B 362 4.68 -22.72 17.68
N GLU B 363 6.02 -22.76 17.81
CA GLU B 363 6.73 -23.66 18.75
C GLU B 363 6.86 -23.02 20.16
N THR B 364 6.49 -21.72 20.25
CA THR B 364 6.64 -20.86 21.43
C THR B 364 8.13 -20.44 21.61
N VAL B 365 9.04 -21.42 21.85
CA VAL B 365 10.50 -21.19 22.08
C VAL B 365 10.74 -20.40 23.41
N ASP B 366 11.97 -20.45 23.96
CA ASP B 366 12.36 -19.73 25.20
C ASP B 366 11.99 -18.25 25.13
N LEU B 367 11.32 -17.76 26.20
CA LEU B 367 10.88 -16.37 26.36
C LEU B 367 12.10 -15.42 26.35
N ASP B 368 13.24 -15.94 26.90
CA ASP B 368 14.57 -15.29 26.90
C ASP B 368 14.61 -14.04 27.81
N GLU B 369 13.84 -13.00 27.42
CA GLU B 369 13.54 -11.80 28.22
C GLU B 369 14.76 -10.86 28.31
N ALA B 370 14.58 -9.64 27.77
CA ALA B 370 15.66 -8.63 27.69
C ALA B 370 15.63 -7.69 28.92
N VAL B 371 16.56 -6.72 28.93
CA VAL B 371 16.74 -5.74 30.03
C VAL B 371 15.60 -4.68 30.02
N GLN B 372 15.10 -4.39 28.81
CA GLN B 372 14.00 -3.41 28.56
C GLN B 372 14.42 -1.99 28.94
N ARG B 373 15.11 -1.32 28.01
CA ARG B 373 15.66 0.03 28.21
C ARG B 373 14.67 1.07 27.66
N ALA B 374 13.51 1.18 28.33
CA ALA B 374 12.42 2.09 27.93
C ALA B 374 11.58 2.53 29.14
N LEU B 375 12.12 2.29 30.35
CA LEU B 375 11.41 2.56 31.63
C LEU B 375 11.51 4.05 32.03
N GLU B 376 12.40 4.78 31.36
CA GLU B 376 12.64 6.21 31.57
C GLU B 376 12.17 7.02 30.35
N PHE B 377 12.28 6.40 29.15
CA PHE B 377 11.92 7.04 27.87
C PHE B 377 10.40 7.16 27.77
N ALA B 378 9.88 8.33 28.22
CA ALA B 378 8.43 8.61 28.24
C ALA B 378 8.06 9.63 27.15
N LYS B 379 8.23 10.95 27.44
CA LYS B 379 7.77 12.06 26.56
C LYS B 379 6.25 11.91 26.31
N LYS B 380 5.47 12.21 27.36
CA LYS B 380 4.00 11.96 27.43
C LYS B 380 3.71 10.44 27.42
N GLU B 381 2.41 10.09 27.33
CA GLU B 381 1.95 8.68 27.36
C GLU B 381 0.48 8.59 26.86
N GLY B 382 -0.37 9.50 27.38
CA GLY B 382 -1.80 9.43 27.13
C GLY B 382 -2.54 10.60 27.75
N ASN B 383 -2.75 11.66 26.96
CA ASN B 383 -3.32 12.92 27.44
C ASN B 383 -3.80 13.84 26.29
N THR B 384 -3.47 13.51 25.02
CA THR B 384 -3.79 14.39 23.87
C THR B 384 -5.07 13.97 23.14
N LEU B 385 -6.15 14.78 23.29
CA LEU B 385 -7.40 14.62 22.52
C LEU B 385 -7.29 15.42 21.21
N VAL B 386 -6.27 15.05 20.39
CA VAL B 386 -5.94 15.67 19.07
C VAL B 386 -5.37 17.10 19.24
N ILE B 387 -6.23 18.03 19.70
CA ILE B 387 -5.95 19.49 19.77
C ILE B 387 -4.70 19.82 20.63
N VAL B 388 -4.39 18.99 21.64
CA VAL B 388 -3.26 19.20 22.57
C VAL B 388 -1.91 19.19 21.82
N THR B 389 -1.69 18.17 20.97
CA THR B 389 -0.49 18.10 20.10
C THR B 389 -0.71 18.88 18.79
N ALA B 390 -1.99 19.05 18.41
CA ALA B 390 -2.44 19.76 17.17
C ALA B 390 -1.85 19.12 15.90
N ASP B 391 -1.66 17.77 15.93
CA ASP B 391 -1.05 16.96 14.84
C ASP B 391 0.45 17.31 14.66
N HIS B 392 0.72 18.46 14.03
CA HIS B 392 2.09 18.93 13.79
C HIS B 392 2.15 20.46 14.05
N ALA B 393 3.36 21.03 13.91
CA ALA B 393 3.62 22.48 14.14
C ALA B 393 3.37 22.91 15.61
N HIS B 394 3.29 21.92 16.52
CA HIS B 394 2.98 22.12 17.94
C HIS B 394 3.34 20.86 18.74
N ALA B 395 3.15 19.68 18.10
CA ALA B 395 3.51 18.35 18.67
C ALA B 395 5.03 18.21 18.88
N SER B 396 5.42 17.18 19.66
CA SER B 396 6.85 16.82 19.87
C SER B 396 7.53 16.46 18.53
N GLN B 397 6.76 15.86 17.60
CA GLN B 397 7.23 15.51 16.26
C GLN B 397 6.87 16.64 15.28
N ILE B 398 7.89 17.40 14.83
CA ILE B 398 7.78 18.42 13.76
C ILE B 398 9.00 18.24 12.84
N VAL B 399 10.17 18.69 13.33
CA VAL B 399 11.46 18.63 12.61
C VAL B 399 12.33 17.49 13.16
N ALA B 400 13.55 17.32 12.61
CA ALA B 400 14.50 16.28 13.05
C ALA B 400 15.09 16.57 14.47
N PRO B 401 15.44 17.85 14.83
CA PRO B 401 15.60 18.26 16.27
C PRO B 401 14.24 18.45 17.02
N ASP B 402 13.27 17.54 16.75
CA ASP B 402 11.95 17.43 17.41
C ASP B 402 11.02 18.61 17.09
N THR B 403 11.21 19.76 17.76
CA THR B 403 10.29 20.93 17.66
C THR B 403 11.04 22.20 17.18
N LYS B 404 10.29 23.31 17.12
CA LYS B 404 10.82 24.65 16.82
C LYS B 404 10.19 25.67 17.78
N ALA B 405 10.98 26.67 18.22
CA ALA B 405 10.53 27.73 19.15
C ALA B 405 9.59 28.75 18.48
N PRO B 406 9.93 29.37 17.27
CA PRO B 406 9.04 30.36 16.63
C PRO B 406 7.83 29.66 15.96
N GLY B 407 6.68 29.70 16.67
CA GLY B 407 5.47 28.96 16.28
C GLY B 407 4.98 29.28 14.86
N LEU B 408 4.15 30.32 14.72
CA LEU B 408 3.59 30.74 13.43
C LEU B 408 2.84 32.09 13.59
N THR B 409 2.65 32.81 12.47
CA THR B 409 1.86 34.05 12.42
C THR B 409 0.38 33.79 12.74
N GLN B 410 -0.25 32.85 12.00
CA GLN B 410 -1.64 32.39 12.26
C GLN B 410 -1.73 30.85 12.11
N ALA B 411 -1.87 30.16 13.25
CA ALA B 411 -2.01 28.69 13.28
C ALA B 411 -3.49 28.29 13.32
N LEU B 412 -4.21 28.86 14.33
CA LEU B 412 -5.65 28.61 14.59
C LEU B 412 -5.89 27.13 15.00
N ASN B 413 -5.90 26.23 13.98
CA ASN B 413 -6.02 24.76 14.14
C ASN B 413 -7.17 24.38 15.10
N THR B 414 -8.40 24.48 14.60
CA THR B 414 -9.60 24.15 15.37
C THR B 414 -9.88 22.63 15.27
N LYS B 415 -9.10 21.85 16.06
CA LYS B 415 -9.16 20.36 16.11
C LYS B 415 -8.90 19.75 14.71
N ASP B 416 -7.84 20.27 14.04
CA ASP B 416 -7.37 19.80 12.70
C ASP B 416 -8.34 20.24 11.57
N GLY B 417 -9.50 19.55 11.48
CA GLY B 417 -10.48 19.79 10.43
C GLY B 417 -11.46 18.64 10.36
N ALA B 418 -10.91 17.42 10.47
CA ALA B 418 -11.70 16.19 10.57
C ALA B 418 -12.37 16.12 11.96
N VAL B 419 -13.71 15.90 11.96
CA VAL B 419 -14.59 15.83 13.16
C VAL B 419 -14.36 17.00 14.17
N MET B 420 -14.04 18.20 13.61
CA MET B 420 -13.75 19.43 14.40
C MET B 420 -14.96 19.81 15.30
N VAL B 421 -16.18 19.63 14.79
CA VAL B 421 -17.40 19.71 15.60
C VAL B 421 -17.73 18.28 16.15
N MET B 422 -16.93 17.89 17.15
CA MET B 422 -17.12 16.64 17.90
C MET B 422 -18.23 16.82 18.96
N SER B 423 -18.52 18.10 19.30
CA SER B 423 -19.67 18.56 20.12
C SER B 423 -19.49 18.26 21.62
N TYR B 424 -19.36 16.96 21.99
CA TYR B 424 -19.33 16.49 23.39
C TYR B 424 -20.64 16.89 24.11
N GLY B 425 -21.73 16.87 23.31
CA GLY B 425 -23.04 17.35 23.72
C GLY B 425 -23.29 18.75 23.21
N ASN B 426 -22.45 19.69 23.70
CA ASN B 426 -22.53 21.15 23.46
C ASN B 426 -23.82 21.75 24.04
N SER B 427 -24.96 21.37 23.45
CA SER B 427 -26.29 21.70 23.98
C SER B 427 -26.74 20.56 24.92
N GLU B 428 -27.36 20.90 26.06
CA GLU B 428 -27.55 19.97 27.20
C GLU B 428 -28.85 19.17 27.08
N GLU B 429 -29.49 19.22 25.89
CA GLU B 429 -30.74 18.50 25.60
C GLU B 429 -30.42 17.15 24.89
N ASP B 430 -29.26 16.55 25.27
CA ASP B 430 -28.73 15.29 24.68
C ASP B 430 -28.51 15.45 23.15
N SER B 431 -27.26 15.83 22.78
CA SER B 431 -26.87 16.20 21.40
C SER B 431 -27.57 17.51 20.97
N GLN B 432 -28.90 17.42 20.71
CA GLN B 432 -29.80 18.54 20.37
C GLN B 432 -29.54 19.08 18.95
N GLU B 433 -28.34 19.65 18.73
CA GLU B 433 -27.88 20.10 17.40
C GLU B 433 -27.53 18.87 16.56
N HIS B 434 -28.60 18.16 16.13
CA HIS B 434 -28.49 16.84 15.53
C HIS B 434 -28.15 17.01 14.04
N THR B 435 -26.85 16.95 13.76
CA THR B 435 -26.26 17.43 12.49
C THR B 435 -26.63 16.53 11.29
N GLY B 436 -27.24 15.35 11.56
CA GLY B 436 -27.74 14.47 10.51
C GLY B 436 -28.31 13.16 11.06
N SER B 437 -27.60 12.04 10.76
CA SER B 437 -27.93 10.64 11.16
C SER B 437 -28.93 9.98 10.20
N GLN B 438 -29.57 10.78 9.32
CA GLN B 438 -30.39 10.27 8.20
C GLN B 438 -29.48 9.53 7.19
N LEU B 439 -28.21 9.96 7.13
CA LEU B 439 -27.16 9.33 6.32
C LEU B 439 -26.68 8.03 7.01
N ARG B 440 -27.24 6.89 6.59
CA ARG B 440 -26.84 5.56 7.09
C ARG B 440 -25.71 4.96 6.23
N ILE B 441 -25.01 3.96 6.78
CA ILE B 441 -23.87 3.28 6.10
C ILE B 441 -24.16 1.78 5.95
N ALA B 442 -23.88 1.24 4.75
CA ALA B 442 -23.96 -0.21 4.49
C ALA B 442 -22.60 -0.88 4.83
N ALA B 443 -21.66 -0.90 3.83
CA ALA B 443 -20.29 -1.42 3.97
C ALA B 443 -20.26 -2.90 4.46
N TYR B 444 -20.28 -3.08 5.78
CA TYR B 444 -20.29 -4.39 6.47
C TYR B 444 -20.56 -4.14 7.97
N GLY B 445 -20.87 -5.20 8.72
CA GLY B 445 -21.14 -5.10 10.16
C GLY B 445 -22.30 -6.00 10.57
N PRO B 446 -23.55 -5.72 10.06
CA PRO B 446 -24.66 -6.68 10.16
C PRO B 446 -24.30 -7.95 9.37
N HIS B 447 -23.88 -8.99 10.10
CA HIS B 447 -23.35 -10.24 9.52
C HIS B 447 -24.51 -11.19 9.17
N ALA B 448 -25.66 -11.01 9.86
CA ALA B 448 -26.91 -11.75 9.61
C ALA B 448 -28.12 -10.94 10.13
N ALA B 449 -27.98 -9.60 10.17
CA ALA B 449 -29.00 -8.69 10.75
C ALA B 449 -29.48 -7.66 9.70
N ASN B 450 -29.30 -7.99 8.40
CA ASN B 450 -29.60 -7.08 7.28
C ASN B 450 -31.11 -7.07 7.00
N VAL B 451 -31.84 -6.14 7.70
CA VAL B 451 -33.31 -5.95 7.64
C VAL B 451 -34.11 -7.30 7.61
N VAL B 452 -34.29 -7.89 8.81
CA VAL B 452 -34.95 -9.21 8.97
C VAL B 452 -36.50 -9.11 8.91
N GLY B 453 -37.04 -7.91 8.61
CA GLY B 453 -38.48 -7.69 8.53
C GLY B 453 -39.13 -7.80 9.90
N LEU B 454 -38.52 -7.14 10.88
CA LEU B 454 -38.84 -7.26 12.32
C LEU B 454 -40.23 -6.64 12.68
N THR B 455 -40.88 -5.96 11.69
CA THR B 455 -42.11 -5.15 11.89
C THR B 455 -41.77 -3.95 12.82
N ASP B 456 -40.52 -3.50 12.71
CA ASP B 456 -39.95 -2.42 13.53
C ASP B 456 -40.16 -1.05 12.87
N GLN B 457 -39.77 0.01 13.59
CA GLN B 457 -39.88 1.39 13.11
C GLN B 457 -38.89 2.30 13.87
N THR B 458 -39.26 2.72 15.10
CA THR B 458 -38.52 3.75 15.86
C THR B 458 -38.64 3.51 17.39
N ASP B 459 -39.89 3.31 17.84
CA ASP B 459 -40.27 3.33 19.27
C ASP B 459 -39.95 1.98 19.99
N LEU B 460 -40.92 1.38 20.73
CA LEU B 460 -40.70 0.14 21.50
C LEU B 460 -40.49 -1.05 20.53
N PHE B 461 -39.23 -1.21 20.09
CA PHE B 461 -38.76 -2.28 19.20
C PHE B 461 -37.30 -2.64 19.57
N TYR B 462 -36.91 -2.32 20.83
CA TYR B 462 -35.53 -2.49 21.33
C TYR B 462 -35.20 -3.99 21.47
N THR B 463 -34.66 -4.57 20.39
CA THR B 463 -34.28 -5.97 20.32
C THR B 463 -32.76 -6.10 20.37
N MET B 464 -32.22 -6.19 21.59
CA MET B 464 -30.79 -6.46 21.82
C MET B 464 -30.49 -7.92 21.46
N LYS B 465 -31.19 -8.83 22.18
CA LYS B 465 -31.22 -10.30 21.95
C LYS B 465 -29.80 -10.91 21.99
N ALA B 466 -29.09 -10.85 20.84
CA ALA B 466 -27.76 -11.42 20.63
C ALA B 466 -27.11 -10.78 19.40
N ALA B 467 -25.83 -11.10 19.14
CA ALA B 467 -25.11 -10.64 17.95
C ALA B 467 -25.44 -11.57 16.75
N LEU B 468 -26.38 -11.13 15.88
CA LEU B 468 -26.78 -11.87 14.67
C LEU B 468 -25.59 -11.93 13.68
N GLY B 469 -24.90 -13.08 13.67
CA GLY B 469 -23.74 -13.30 12.83
C GLY B 469 -23.51 -14.78 12.60
N LEU B 470 -24.50 -15.43 11.98
CA LEU B 470 -24.53 -16.89 11.77
C LEU B 470 -23.65 -17.28 10.55
N LYS B 471 -22.32 -17.12 10.71
CA LYS B 471 -21.29 -17.48 9.71
C LYS B 471 -19.90 -17.25 10.36
N MET C 1 44.60 -14.04 -32.95
CA MET C 1 45.32 -14.91 -33.90
C MET C 1 46.02 -16.03 -33.13
N ALA C 2 45.19 -16.87 -32.45
CA ALA C 2 45.67 -17.97 -31.57
C ALA C 2 46.52 -17.43 -30.40
N ALA C 3 46.18 -16.22 -29.92
CA ALA C 3 46.93 -15.49 -28.88
C ALA C 3 46.41 -15.88 -27.47
N LYS C 4 46.34 -17.22 -27.23
CA LYS C 4 45.74 -17.85 -26.02
C LYS C 4 45.99 -17.09 -24.71
N LYS C 5 44.92 -16.50 -24.18
CA LYS C 5 44.90 -15.92 -22.84
C LYS C 5 44.65 -17.01 -21.79
N ASP C 6 45.76 -17.44 -21.17
CA ASP C 6 45.72 -18.30 -20.00
C ASP C 6 45.31 -17.43 -18.81
N TYR C 7 43.98 -17.36 -18.60
CA TYR C 7 43.36 -16.42 -17.65
C TYR C 7 43.83 -16.66 -16.20
N TYR C 8 44.21 -17.92 -15.90
CA TYR C 8 44.73 -18.31 -14.57
C TYR C 8 46.15 -17.79 -14.35
N ALA C 9 47.00 -17.86 -15.40
CA ALA C 9 48.37 -17.31 -15.35
C ALA C 9 48.33 -15.79 -15.12
N ILE C 10 47.41 -15.11 -15.84
CA ILE C 10 47.16 -13.66 -15.70
C ILE C 10 46.74 -13.32 -14.26
N LEU C 11 45.83 -14.13 -13.68
CA LEU C 11 45.35 -13.95 -12.30
C LEU C 11 46.35 -14.48 -11.24
N GLY C 12 47.48 -15.08 -11.69
CA GLY C 12 48.52 -15.60 -10.78
C GLY C 12 48.02 -16.70 -9.84
N VAL C 13 47.17 -17.59 -10.39
CA VAL C 13 46.56 -18.73 -9.68
C VAL C 13 46.64 -19.99 -10.57
N PRO C 14 46.55 -21.24 -10.00
CA PRO C 14 46.58 -22.48 -10.81
C PRO C 14 45.29 -22.69 -11.61
N ARG C 15 45.34 -23.59 -12.62
CA ARG C 15 44.18 -23.92 -13.49
C ARG C 15 43.18 -24.89 -12.78
N ASN C 16 43.25 -24.89 -11.44
CA ASN C 16 42.39 -25.68 -10.55
C ASN C 16 41.56 -24.71 -9.68
N ALA C 17 41.98 -23.41 -9.69
CA ALA C 17 41.35 -22.35 -8.92
C ALA C 17 39.84 -22.32 -9.17
N THR C 18 39.07 -22.60 -8.11
CA THR C 18 37.60 -22.57 -8.14
C THR C 18 37.12 -21.11 -8.16
N GLN C 19 35.83 -20.89 -8.46
CA GLN C 19 35.25 -19.54 -8.65
C GLN C 19 35.59 -18.60 -7.46
N GLU C 20 35.53 -19.15 -6.24
CA GLU C 20 35.80 -18.42 -4.98
C GLU C 20 37.28 -17.97 -4.90
N GLU C 21 38.19 -18.85 -5.34
CA GLU C 21 39.65 -18.59 -5.33
C GLU C 21 40.04 -17.57 -6.43
N ILE C 22 39.32 -17.64 -7.55
CA ILE C 22 39.46 -16.71 -8.70
C ILE C 22 38.97 -15.31 -8.31
N LYS C 23 37.88 -15.30 -7.54
CA LYS C 23 37.25 -14.12 -6.99
C LYS C 23 38.22 -13.39 -6.03
N ARG C 24 39.03 -14.19 -5.29
CA ARG C 24 40.11 -13.67 -4.44
C ARG C 24 41.37 -13.26 -5.24
N ALA C 25 41.63 -13.93 -6.37
CA ALA C 25 42.69 -13.50 -7.32
C ALA C 25 42.37 -12.10 -7.88
N TYR C 26 41.05 -11.90 -8.11
CA TYR C 26 40.50 -10.63 -8.56
C TYR C 26 40.61 -9.58 -7.45
N LYS C 27 40.33 -9.95 -6.18
CA LYS C 27 40.53 -9.03 -5.02
C LYS C 27 41.96 -8.44 -5.04
N ARG C 28 42.96 -9.34 -5.07
CA ARG C 28 44.39 -8.98 -5.06
C ARG C 28 44.75 -8.03 -6.21
N LEU C 29 44.51 -8.47 -7.46
CA LEU C 29 45.02 -7.77 -8.66
C LEU C 29 44.12 -6.61 -9.09
N ALA C 30 42.84 -6.59 -8.70
CA ALA C 30 41.94 -5.45 -9.02
C ALA C 30 42.21 -4.29 -8.07
N ARG C 31 42.64 -4.58 -6.81
CA ARG C 31 43.11 -3.53 -5.90
C ARG C 31 44.51 -3.03 -6.33
N GLN C 32 45.40 -3.99 -6.66
CA GLN C 32 46.81 -3.71 -7.00
C GLN C 32 46.92 -2.86 -8.28
N TYR C 33 46.16 -3.26 -9.31
CA TYR C 33 46.15 -2.58 -10.62
C TYR C 33 45.06 -1.47 -10.69
N HIS C 34 44.36 -1.19 -9.57
CA HIS C 34 43.25 -0.20 -9.51
C HIS C 34 43.75 1.21 -9.87
N PRO C 35 43.29 1.80 -11.04
CA PRO C 35 43.83 3.07 -11.62
C PRO C 35 43.95 4.24 -10.61
N ASP C 36 42.99 4.35 -9.67
CA ASP C 36 42.99 5.43 -8.64
C ASP C 36 44.13 5.23 -7.61
N VAL C 37 44.34 3.97 -7.19
CA VAL C 37 45.33 3.64 -6.15
C VAL C 37 46.74 3.48 -6.76
N ASN C 38 46.76 3.07 -8.03
CA ASN C 38 47.98 2.76 -8.77
C ASN C 38 47.86 3.31 -10.19
N LYS C 39 48.11 4.62 -10.31
CA LYS C 39 48.13 5.33 -11.59
C LYS C 39 49.36 4.90 -12.40
N SER C 40 49.22 3.78 -13.13
CA SER C 40 50.27 3.26 -14.03
C SER C 40 49.58 2.77 -15.32
N PRO C 41 49.65 3.55 -16.47
CA PRO C 41 48.98 3.22 -17.76
C PRO C 41 48.97 1.70 -18.10
N GLU C 42 50.16 1.08 -18.10
CA GLU C 42 50.33 -0.36 -18.45
C GLU C 42 49.58 -1.26 -17.44
N ALA C 43 49.59 -0.85 -16.15
CA ALA C 43 48.92 -1.59 -15.07
C ALA C 43 47.40 -1.40 -15.11
N GLU C 44 46.94 -0.35 -15.83
CA GLU C 44 45.51 -0.04 -15.99
C GLU C 44 44.94 -0.86 -17.17
N GLU C 45 45.79 -1.11 -18.17
CA GLU C 45 45.50 -2.02 -19.29
C GLU C 45 45.50 -3.47 -18.76
N LYS C 46 46.48 -3.77 -17.89
CA LYS C 46 46.56 -5.05 -17.17
C LYS C 46 45.36 -5.22 -16.24
N PHE C 47 44.88 -4.10 -15.63
CA PHE C 47 43.66 -4.07 -14.81
C PHE C 47 42.48 -4.57 -15.64
N LYS C 48 42.34 -4.00 -16.86
CA LYS C 48 41.31 -4.44 -17.83
C LYS C 48 41.44 -5.95 -18.17
N GLU C 49 42.69 -6.44 -18.28
CA GLU C 49 42.98 -7.87 -18.56
C GLU C 49 42.77 -8.77 -17.31
N ILE C 50 42.77 -8.17 -16.09
CA ILE C 50 42.40 -8.87 -14.84
C ILE C 50 40.88 -9.02 -14.80
N ASN C 51 40.20 -7.96 -15.25
CA ASN C 51 38.74 -7.92 -15.39
C ASN C 51 38.26 -8.87 -16.50
N GLU C 52 39.11 -9.06 -17.53
CA GLU C 52 38.89 -10.02 -18.64
C GLU C 52 38.97 -11.48 -18.13
N ALA C 53 40.11 -11.76 -17.50
CA ALA C 53 40.42 -13.06 -16.91
C ALA C 53 39.33 -13.50 -15.93
N TYR C 54 39.01 -12.58 -15.00
CA TYR C 54 37.95 -12.77 -14.02
C TYR C 54 36.59 -12.89 -14.72
N ALA C 55 36.33 -12.10 -15.78
CA ALA C 55 35.03 -12.12 -16.49
C ALA C 55 34.66 -13.51 -17.01
N VAL C 56 35.65 -14.20 -17.62
CA VAL C 56 35.50 -15.61 -18.04
C VAL C 56 35.33 -16.52 -16.80
N LEU C 57 36.18 -16.31 -15.81
CA LEU C 57 36.28 -17.22 -14.65
C LEU C 57 35.38 -16.82 -13.46
N SER C 58 34.48 -15.84 -13.66
CA SER C 58 33.53 -15.36 -12.63
C SER C 58 32.27 -16.21 -12.62
N ASP C 59 32.00 -16.85 -13.75
CA ASP C 59 30.89 -17.79 -13.89
C ASP C 59 31.47 -19.21 -13.84
N PRO C 60 30.89 -20.14 -12.99
CA PRO C 60 31.14 -21.59 -13.10
C PRO C 60 30.88 -22.11 -14.53
N GLU C 61 29.90 -21.47 -15.20
CA GLU C 61 29.46 -21.84 -16.56
C GLU C 61 30.55 -21.53 -17.61
N LYS C 62 31.11 -20.30 -17.58
CA LYS C 62 32.18 -19.88 -18.50
C LYS C 62 33.53 -20.58 -18.13
N ARG C 63 33.68 -20.99 -16.84
CA ARG C 63 34.77 -21.89 -16.40
C ARG C 63 34.65 -23.24 -17.15
N ARG C 64 33.41 -23.76 -17.25
CA ARG C 64 33.14 -25.04 -17.94
C ARG C 64 33.36 -24.92 -19.46
N ILE C 65 33.09 -23.73 -20.03
CA ILE C 65 33.44 -23.42 -21.44
C ILE C 65 34.97 -23.50 -21.63
N TYR C 66 35.72 -22.95 -20.64
CA TYR C 66 37.18 -22.98 -20.62
C TYR C 66 37.67 -24.46 -20.52
N ASP C 67 37.02 -25.24 -19.62
CA ASP C 67 37.32 -26.69 -19.41
C ASP C 67 37.13 -27.48 -20.72
N THR C 68 36.06 -27.15 -21.44
CA THR C 68 35.71 -27.83 -22.69
C THR C 68 36.46 -27.26 -23.89
N TYR C 69 37.17 -26.10 -23.73
CA TYR C 69 38.07 -25.61 -24.78
C TYR C 69 39.31 -26.53 -24.84
N GLY C 70 39.27 -27.51 -25.77
CA GLY C 70 40.30 -28.55 -25.86
C GLY C 70 39.82 -29.87 -25.31
N THR C 71 38.52 -30.10 -25.46
CA THR C 71 37.81 -31.36 -25.11
C THR C 71 36.71 -31.45 -26.15
N THR C 72 35.94 -30.37 -26.19
CA THR C 72 35.16 -29.97 -27.33
C THR C 72 36.13 -29.15 -28.22
N GLU C 73 36.02 -29.32 -29.55
CA GLU C 73 36.91 -28.66 -30.55
C GLU C 73 36.35 -27.29 -30.97
N ALA C 74 35.02 -27.15 -30.91
CA ALA C 74 34.31 -25.90 -31.21
C ALA C 74 34.00 -25.14 -29.89
N PRO C 75 33.83 -23.77 -29.94
CA PRO C 75 33.30 -22.99 -28.78
C PRO C 75 31.87 -23.49 -28.38
N PRO C 76 31.69 -24.08 -27.15
CA PRO C 76 30.37 -24.57 -26.67
C PRO C 76 29.30 -23.45 -26.71
N PRO C 77 28.13 -23.66 -27.45
CA PRO C 77 27.16 -22.57 -27.80
C PRO C 77 26.81 -21.60 -26.65
N PRO C 78 26.69 -20.25 -26.94
CA PRO C 78 26.53 -19.20 -25.90
C PRO C 78 25.28 -19.39 -25.00
N PRO C 79 25.38 -19.02 -23.67
CA PRO C 79 24.22 -19.08 -22.72
C PRO C 79 22.99 -18.27 -23.21
N PRO C 80 21.74 -18.50 -22.63
CA PRO C 80 20.48 -17.83 -23.06
C PRO C 80 20.59 -16.28 -23.04
N GLY C 81 21.08 -15.75 -24.16
CA GLY C 81 21.29 -14.33 -24.39
C GLY C 81 22.52 -14.14 -25.25
N GLY C 82 23.63 -14.77 -24.82
CA GLY C 82 24.93 -14.66 -25.49
C GLY C 82 26.07 -14.67 -24.49
N TYR C 83 27.28 -14.39 -25.00
CA TYR C 83 28.47 -14.17 -24.17
C TYR C 83 28.54 -12.70 -23.75
N ASP C 84 28.19 -12.40 -22.49
CA ASP C 84 28.40 -11.07 -21.90
C ASP C 84 29.83 -10.98 -21.32
N PHE C 85 30.14 -9.85 -20.67
CA PHE C 85 31.43 -9.60 -20.00
C PHE C 85 31.22 -8.44 -19.02
N SER C 86 30.48 -8.73 -17.92
CA SER C 86 29.85 -7.74 -16.99
C SER C 86 30.65 -6.44 -16.67
N GLY C 87 30.36 -5.35 -17.43
CA GLY C 87 30.94 -4.01 -17.17
C GLY C 87 32.38 -3.88 -17.63
N PHE C 88 32.86 -4.93 -18.30
CA PHE C 88 34.23 -5.05 -18.77
C PHE C 88 34.21 -4.82 -20.30
N ASP C 89 35.11 -3.94 -20.82
CA ASP C 89 35.03 -3.49 -22.22
C ASP C 89 35.67 -4.52 -23.18
N VAL C 90 34.85 -5.54 -23.53
CA VAL C 90 35.14 -6.57 -24.57
C VAL C 90 35.74 -5.96 -25.86
N GLU C 91 35.26 -4.75 -26.20
CA GLU C 91 35.61 -4.05 -27.43
C GLU C 91 37.13 -3.68 -27.52
N ASP C 92 37.83 -3.66 -26.37
CA ASP C 92 39.29 -3.36 -26.32
C ASP C 92 40.09 -4.56 -25.72
N PHE C 93 39.41 -5.69 -25.47
CA PHE C 93 40.07 -6.89 -24.88
C PHE C 93 40.79 -7.75 -25.94
N SER C 94 41.31 -8.91 -25.50
CA SER C 94 42.26 -9.73 -26.28
C SER C 94 41.62 -10.43 -27.48
N GLU C 95 42.51 -10.86 -28.41
CA GLU C 95 42.13 -11.66 -29.58
C GLU C 95 41.49 -12.98 -29.16
N PHE C 96 42.22 -13.77 -28.33
CA PHE C 96 41.78 -15.12 -27.91
C PHE C 96 40.35 -15.12 -27.37
N PHE C 97 40.07 -14.16 -26.49
CA PHE C 97 38.72 -13.94 -25.98
C PHE C 97 37.75 -13.63 -27.14
N GLN C 98 38.08 -12.64 -28.00
CA GLN C 98 37.21 -12.24 -29.13
C GLN C 98 37.24 -13.27 -30.30
N GLU C 99 38.01 -14.38 -30.14
CA GLU C 99 38.01 -15.53 -31.10
C GLU C 99 37.11 -16.66 -30.58
N LEU C 100 37.32 -17.04 -29.31
CA LEU C 100 36.61 -18.16 -28.65
C LEU C 100 35.15 -17.76 -28.37
N PHE C 101 34.99 -16.62 -27.71
CA PHE C 101 33.66 -16.07 -27.37
C PHE C 101 33.11 -15.22 -28.53
N GLY C 102 33.97 -14.94 -29.54
CA GLY C 102 33.57 -14.20 -30.77
C GLY C 102 32.22 -14.62 -31.37
N PRO C 103 32.00 -15.95 -31.70
CA PRO C 103 30.72 -16.53 -32.19
C PRO C 103 29.42 -15.96 -31.56
N GLY C 104 29.47 -15.63 -30.25
CA GLY C 104 28.27 -15.18 -29.53
C GLY C 104 28.47 -13.90 -28.74
N LEU C 105 29.45 -13.06 -29.12
CA LEU C 105 29.63 -11.72 -28.50
C LEU C 105 28.54 -10.71 -28.98
N PHE C 106 27.28 -10.97 -28.57
CA PHE C 106 26.10 -10.09 -28.75
C PHE C 106 26.06 -9.36 -30.13
N GLY C 107 26.42 -8.04 -30.12
CA GLY C 107 26.11 -7.11 -31.21
C GLY C 107 24.63 -6.85 -31.33
N GLY C 108 23.94 -7.00 -30.18
CA GLY C 108 22.49 -7.14 -30.15
C GLY C 108 22.10 -8.49 -30.72
N PHE C 109 22.02 -8.55 -32.06
CA PHE C 109 21.87 -9.81 -32.83
C PHE C 109 22.80 -9.80 -34.06
N GLY C 110 23.42 -8.63 -34.34
CA GLY C 110 24.25 -8.44 -35.54
C GLY C 110 25.74 -8.73 -35.34
N ARG C 111 26.14 -9.07 -34.10
CA ARG C 111 27.54 -9.46 -33.72
C ARG C 111 28.61 -8.38 -34.13
N ARG C 112 28.13 -7.16 -34.42
CA ARG C 112 28.96 -5.94 -34.57
C ARG C 112 29.75 -5.66 -33.25
N SER C 113 29.13 -6.05 -32.11
CA SER C 113 29.64 -5.85 -30.73
C SER C 113 29.52 -4.36 -30.30
N ARG C 114 28.31 -3.79 -30.51
CA ARG C 114 27.99 -2.39 -30.11
C ARG C 114 27.91 -2.26 -28.58
N LYS C 115 28.03 -1.04 -28.02
CA LYS C 115 28.00 -0.80 -26.56
C LYS C 115 26.64 -1.22 -25.95
N GLY C 116 26.72 -1.98 -24.84
CA GLY C 116 25.55 -2.57 -24.19
C GLY C 116 24.81 -1.62 -23.25
N ARG C 117 23.48 -1.49 -23.46
CA ARG C 117 22.60 -0.70 -22.58
C ARG C 117 22.24 -1.53 -21.31
N ASP C 118 21.52 -0.91 -20.36
CA ASP C 118 20.98 -1.62 -19.20
C ASP C 118 19.92 -2.65 -19.62
N LEU C 119 19.74 -3.65 -18.76
CA LEU C 119 18.69 -4.67 -18.85
C LEU C 119 17.69 -4.38 -17.72
N ARG C 120 16.46 -4.92 -17.78
CA ARG C 120 15.49 -4.77 -16.68
C ARG C 120 14.88 -6.14 -16.35
N ALA C 121 15.08 -6.56 -15.10
CA ALA C 121 14.58 -7.84 -14.58
C ALA C 121 14.04 -7.61 -13.17
N GLU C 122 12.74 -7.87 -12.96
CA GLU C 122 12.11 -7.70 -11.63
C GLU C 122 11.79 -9.06 -11.02
N LEU C 123 11.84 -9.14 -9.68
CA LEU C 123 11.76 -10.43 -8.94
C LEU C 123 10.92 -10.29 -7.66
N PRO C 124 10.16 -11.37 -7.25
CA PRO C 124 9.56 -11.46 -5.91
C PRO C 124 10.64 -11.81 -4.86
N LEU C 125 10.69 -11.04 -3.76
CA LEU C 125 11.71 -11.16 -2.71
C LEU C 125 11.06 -10.84 -1.36
N THR C 126 11.54 -11.49 -0.29
CA THR C 126 10.98 -11.30 1.06
C THR C 126 11.76 -10.22 1.83
N LEU C 127 11.10 -9.66 2.85
CA LEU C 127 11.69 -8.70 3.81
C LEU C 127 12.84 -9.35 4.59
N GLU C 128 12.59 -10.59 5.01
CA GLU C 128 13.58 -11.47 5.65
C GLU C 128 14.77 -11.75 4.71
N GLU C 129 14.48 -11.93 3.40
CA GLU C 129 15.50 -12.22 2.38
C GLU C 129 16.25 -10.95 1.95
N ALA C 130 15.66 -9.78 2.25
CA ALA C 130 16.34 -8.48 2.06
C ALA C 130 17.36 -8.26 3.20
N PHE C 131 16.93 -8.66 4.40
CA PHE C 131 17.74 -8.74 5.63
C PHE C 131 18.89 -9.75 5.51
N HIS C 132 18.66 -10.85 4.77
CA HIS C 132 19.68 -11.89 4.54
C HIS C 132 20.67 -11.43 3.46
N GLY C 133 20.14 -11.15 2.25
CA GLY C 133 20.93 -10.65 1.12
C GLY C 133 22.16 -11.51 0.78
N GLY C 134 23.33 -10.86 0.70
CA GLY C 134 24.61 -11.53 0.46
C GLY C 134 24.77 -12.02 -0.98
N GLU C 135 25.47 -13.16 -1.12
CA GLU C 135 25.80 -13.79 -2.41
C GLU C 135 24.71 -14.80 -2.78
N ARG C 136 23.94 -14.51 -3.84
CA ARG C 136 22.78 -15.32 -4.27
C ARG C 136 22.91 -15.71 -5.74
N VAL C 137 22.68 -16.99 -6.07
CA VAL C 137 22.83 -17.51 -7.44
C VAL C 137 21.69 -17.02 -8.36
N VAL C 138 22.06 -16.65 -9.59
CA VAL C 138 21.14 -16.16 -10.63
C VAL C 138 21.72 -16.50 -12.03
N GLU C 139 20.86 -17.00 -12.94
CA GLU C 139 21.22 -17.18 -14.36
C GLU C 139 20.32 -16.31 -15.25
N VAL C 140 20.93 -15.33 -15.96
CA VAL C 140 20.24 -14.47 -16.95
C VAL C 140 21.27 -13.76 -17.84
N ALA C 141 20.98 -13.70 -19.16
CA ALA C 141 21.72 -12.89 -20.17
C ALA C 141 23.21 -13.33 -20.35
N GLY C 142 23.55 -14.51 -19.82
CA GLY C 142 24.92 -15.04 -19.88
C GLY C 142 25.52 -15.29 -18.50
N ARG C 143 25.12 -14.47 -17.50
CA ARG C 143 25.62 -14.56 -16.12
C ARG C 143 24.91 -15.67 -15.34
N ARG C 144 25.63 -16.77 -15.06
CA ARG C 144 25.21 -17.80 -14.10
C ARG C 144 26.22 -17.76 -12.94
N VAL C 145 25.90 -16.96 -11.91
CA VAL C 145 26.85 -16.61 -10.83
C VAL C 145 26.10 -16.18 -9.54
N SER C 146 26.80 -16.25 -8.39
CA SER C 146 26.36 -15.66 -7.12
C SER C 146 26.63 -14.13 -7.12
N VAL C 147 25.56 -13.32 -7.25
CA VAL C 147 25.65 -11.86 -7.15
C VAL C 147 25.69 -11.43 -5.66
N ARG C 148 26.79 -10.75 -5.28
CA ARG C 148 26.98 -10.22 -3.93
C ARG C 148 26.29 -8.85 -3.80
N ILE C 149 25.05 -8.84 -3.29
CA ILE C 149 24.40 -7.63 -2.79
C ILE C 149 24.09 -7.84 -1.28
N PRO C 150 24.88 -7.20 -0.35
CA PRO C 150 24.70 -7.34 1.14
C PRO C 150 23.25 -7.04 1.62
N PRO C 151 22.91 -7.41 2.90
CA PRO C 151 21.64 -7.03 3.55
C PRO C 151 21.25 -5.56 3.33
N GLY C 152 20.21 -5.31 2.50
CA GLY C 152 19.82 -3.94 2.17
C GLY C 152 19.11 -3.80 0.83
N VAL C 153 17.75 -3.95 0.86
CA VAL C 153 16.89 -3.68 -0.32
C VAL C 153 15.39 -3.59 0.12
N ARG C 154 14.53 -2.87 -0.66
CA ARG C 154 13.11 -2.57 -0.31
C ARG C 154 12.29 -2.30 -1.59
N GLU C 155 10.95 -2.61 -1.55
CA GLU C 155 10.00 -2.47 -2.71
C GLU C 155 10.19 -1.17 -3.51
N GLY C 156 10.27 -1.31 -4.85
CA GLY C 156 10.41 -0.17 -5.75
C GLY C 156 11.85 0.30 -5.91
N SER C 157 12.79 -0.29 -5.15
CA SER C 157 14.23 -0.02 -5.32
C SER C 157 14.73 -0.83 -6.53
N VAL C 158 15.41 -0.14 -7.42
CA VAL C 158 15.93 -0.70 -8.66
C VAL C 158 17.45 -0.88 -8.51
N ILE C 159 17.84 -2.13 -8.23
CA ILE C 159 19.24 -2.50 -7.97
C ILE C 159 20.03 -2.42 -9.26
N ARG C 160 20.70 -1.28 -9.47
CA ARG C 160 21.57 -1.10 -10.62
C ARG C 160 22.90 -1.81 -10.32
N VAL C 161 23.00 -3.06 -10.82
CA VAL C 161 24.16 -3.94 -10.63
C VAL C 161 25.05 -3.84 -11.88
N PRO C 162 26.26 -3.17 -11.77
CA PRO C 162 27.16 -2.89 -12.93
C PRO C 162 27.50 -4.12 -13.80
N GLY C 163 27.04 -4.07 -15.05
CA GLY C 163 27.45 -4.99 -16.10
C GLY C 163 26.61 -6.24 -16.30
N MET C 164 25.72 -6.62 -15.38
CA MET C 164 25.03 -7.95 -15.46
C MET C 164 24.06 -8.05 -16.68
N GLY C 165 23.65 -6.88 -17.21
CA GLY C 165 22.80 -6.81 -18.41
C GLY C 165 23.62 -6.64 -19.67
N GLY C 166 23.52 -5.45 -20.35
CA GLY C 166 24.33 -5.19 -21.52
C GLY C 166 23.73 -5.70 -22.81
N GLN C 167 22.62 -5.08 -23.20
CA GLN C 167 22.01 -5.35 -24.51
C GLN C 167 22.82 -4.55 -25.55
N GLY C 168 23.72 -5.25 -26.24
CA GLY C 168 24.72 -4.61 -27.11
C GLY C 168 25.96 -5.48 -27.23
N ASN C 169 26.91 -5.35 -26.26
CA ASN C 169 28.01 -6.35 -26.01
C ASN C 169 28.94 -5.91 -24.83
N PRO C 170 29.66 -4.72 -24.85
CA PRO C 170 30.30 -4.17 -23.62
C PRO C 170 29.21 -3.71 -22.64
N PRO C 171 28.90 -4.54 -21.60
CA PRO C 171 27.64 -4.40 -20.82
C PRO C 171 27.60 -3.18 -19.90
N GLY C 172 26.46 -2.45 -19.96
CA GLY C 172 26.19 -1.34 -19.08
C GLY C 172 25.88 -1.82 -17.66
N ASP C 173 24.69 -2.41 -17.49
CA ASP C 173 24.23 -2.92 -16.18
C ASP C 173 22.92 -3.71 -16.30
N LEU C 174 22.46 -4.23 -15.16
CA LEU C 174 21.13 -4.83 -15.01
C LEU C 174 20.36 -4.09 -13.90
N LEU C 175 19.07 -3.86 -14.13
CA LEU C 175 18.15 -3.23 -13.19
C LEU C 175 17.29 -4.31 -12.52
N LEU C 176 17.80 -4.88 -11.41
CA LEU C 176 17.05 -5.83 -10.57
C LEU C 176 15.99 -5.06 -9.74
N VAL C 177 14.77 -4.97 -10.27
CA VAL C 177 13.68 -4.22 -9.61
C VAL C 177 13.01 -5.14 -8.58
N VAL C 178 13.14 -4.82 -7.30
CA VAL C 178 12.62 -5.66 -6.22
C VAL C 178 11.09 -5.43 -6.02
N ARG C 179 10.35 -6.52 -6.09
CA ARG C 179 8.94 -6.61 -5.73
C ARG C 179 8.85 -7.47 -4.46
N LEU C 180 8.26 -6.92 -3.39
CA LEU C 180 8.16 -7.62 -2.10
C LEU C 180 6.92 -8.52 -2.04
N LEU C 181 7.04 -9.63 -1.27
CA LEU C 181 6.00 -10.66 -1.11
C LEU C 181 4.74 -10.09 -0.38
N PRO C 182 3.54 -10.82 -0.41
CA PRO C 182 2.23 -10.39 0.19
C PRO C 182 2.24 -9.59 1.52
N HIS C 183 3.33 -9.66 2.33
CA HIS C 183 3.52 -8.72 3.47
C HIS C 183 4.61 -7.67 3.08
N PRO C 184 4.19 -6.42 2.66
CA PRO C 184 5.12 -5.29 2.38
C PRO C 184 5.17 -4.32 3.58
N VAL C 185 5.70 -4.81 4.72
CA VAL C 185 5.55 -4.15 6.03
C VAL C 185 6.73 -3.22 6.28
N PHE C 186 7.95 -3.70 6.00
CA PHE C 186 9.20 -3.03 6.44
C PHE C 186 9.82 -2.20 5.31
N ARG C 187 9.84 -0.88 5.54
CA ARG C 187 10.40 0.13 4.62
C ARG C 187 11.83 0.45 5.05
N LEU C 188 12.81 -0.03 4.27
CA LEU C 188 14.23 0.23 4.56
C LEU C 188 14.71 1.60 4.05
N GLU C 189 15.58 2.22 4.86
CA GLU C 189 16.45 3.32 4.47
C GLU C 189 17.76 3.16 5.27
N GLY C 190 18.86 2.77 4.56
CA GLY C 190 20.17 2.54 5.19
C GLY C 190 20.19 1.28 6.06
N GLN C 191 19.90 1.44 7.37
CA GLN C 191 19.77 0.33 8.33
C GLN C 191 18.35 0.30 8.91
N ASP C 192 17.71 1.48 8.92
CA ASP C 192 16.47 1.72 9.68
C ASP C 192 15.25 1.31 8.86
N LEU C 193 14.18 0.94 9.56
CA LEU C 193 12.95 0.43 8.96
C LEU C 193 11.76 1.31 9.30
N TYR C 194 10.68 1.12 8.53
CA TYR C 194 9.37 1.69 8.82
C TYR C 194 8.30 0.62 8.57
N ALA C 195 7.73 0.10 9.65
CA ALA C 195 6.67 -0.92 9.61
C ALA C 195 5.31 -0.32 9.92
N THR C 196 4.31 -1.21 9.99
CA THR C 196 3.01 -0.92 10.58
C THR C 196 2.70 -2.01 11.62
N LEU C 197 2.44 -1.62 12.88
CA LEU C 197 2.20 -2.56 13.98
C LEU C 197 0.70 -2.73 14.23
N ASP C 198 0.25 -4.00 14.22
CA ASP C 198 -1.15 -4.38 14.49
C ASP C 198 -1.38 -4.35 16.02
N VAL C 199 -2.03 -3.27 16.50
CA VAL C 199 -2.34 -3.07 17.93
C VAL C 199 -3.87 -2.98 18.13
N PRO C 200 -4.54 -4.03 18.70
CA PRO C 200 -5.98 -3.95 18.98
C PRO C 200 -6.28 -2.97 20.11
N ALA C 201 -7.45 -2.32 20.03
CA ALA C 201 -7.86 -1.21 20.90
C ALA C 201 -7.80 -1.55 22.42
N PRO C 202 -8.33 -2.75 22.89
CA PRO C 202 -8.18 -3.14 24.31
C PRO C 202 -6.71 -3.09 24.80
N ILE C 203 -5.79 -3.66 23.99
CA ILE C 203 -4.35 -3.71 24.31
C ILE C 203 -3.71 -2.28 24.24
N ALA C 204 -4.24 -1.46 23.33
CA ALA C 204 -3.77 -0.07 23.11
C ALA C 204 -4.10 0.84 24.31
N VAL C 205 -5.23 0.57 24.97
CA VAL C 205 -5.69 1.35 26.14
C VAL C 205 -5.06 0.83 27.45
N VAL C 206 -4.93 -0.51 27.59
CA VAL C 206 -4.44 -1.14 28.85
C VAL C 206 -2.93 -1.05 28.96
N GLY C 207 -2.26 -1.16 27.82
CA GLY C 207 -0.84 -1.36 27.79
C GLY C 207 -0.47 -2.81 28.04
N GLY C 208 -0.84 -3.68 27.09
CA GLY C 208 -0.46 -5.09 27.13
C GLY C 208 0.74 -5.36 26.25
N LYS C 209 0.68 -6.47 25.50
CA LYS C 209 1.70 -6.83 24.50
C LYS C 209 1.04 -7.28 23.19
N VAL C 210 1.55 -6.73 22.08
CA VAL C 210 1.23 -7.15 20.71
C VAL C 210 2.50 -7.73 20.08
N ARG C 211 2.43 -8.21 18.83
CA ARG C 211 3.60 -8.82 18.18
C ARG C 211 3.83 -8.26 16.77
N ALA C 212 5.09 -7.87 16.51
CA ALA C 212 5.59 -7.52 15.18
C ALA C 212 6.35 -8.74 14.62
N MET C 213 5.84 -9.34 13.53
CA MET C 213 6.57 -10.41 12.82
C MET C 213 7.75 -9.76 12.11
N THR C 214 8.96 -9.89 12.67
CA THR C 214 10.14 -9.15 12.19
C THR C 214 11.04 -10.09 11.34
N LEU C 215 12.08 -9.48 10.76
CA LEU C 215 13.00 -10.10 9.80
C LEU C 215 13.76 -11.29 10.39
N GLU C 216 14.24 -11.11 11.63
CA GLU C 216 15.00 -12.13 12.38
C GLU C 216 14.10 -12.89 13.36
N GLY C 217 12.77 -12.78 13.14
CA GLY C 217 11.76 -13.53 13.87
C GLY C 217 10.67 -12.64 14.46
N PRO C 218 9.47 -13.19 14.79
CA PRO C 218 8.34 -12.41 15.33
C PRO C 218 8.51 -11.98 16.83
N VAL C 219 8.87 -10.70 17.06
CA VAL C 219 9.10 -10.13 18.41
C VAL C 219 7.76 -9.70 19.04
N GLU C 220 7.61 -9.86 20.36
CA GLU C 220 6.41 -9.37 21.06
C GLU C 220 6.71 -8.00 21.69
N VAL C 221 6.09 -6.98 21.12
CA VAL C 221 6.23 -5.58 21.50
C VAL C 221 5.36 -5.26 22.73
N ALA C 222 5.93 -4.47 23.66
CA ALA C 222 5.24 -3.95 24.83
C ALA C 222 4.59 -2.59 24.51
N VAL C 223 3.26 -2.54 24.61
CA VAL C 223 2.48 -1.31 24.45
C VAL C 223 2.28 -0.67 25.85
N PRO C 224 2.56 0.65 26.05
CA PRO C 224 2.10 1.42 27.23
C PRO C 224 0.58 1.71 27.18
N PRO C 225 -0.08 1.98 28.37
CA PRO C 225 -1.51 2.38 28.40
C PRO C 225 -1.75 3.66 27.58
N ARG C 226 -2.91 3.70 26.88
CA ARG C 226 -3.32 4.84 26.02
C ARG C 226 -2.42 4.95 24.79
N THR C 227 -2.87 4.36 23.66
CA THR C 227 -2.18 4.45 22.37
C THR C 227 -3.17 4.62 21.18
N GLN C 228 -2.99 5.71 20.40
CA GLN C 228 -3.72 5.95 19.13
C GLN C 228 -2.90 5.53 17.93
N ALA C 229 -3.61 5.28 16.83
CA ALA C 229 -3.00 5.05 15.53
C ALA C 229 -2.34 6.34 15.04
N GLY C 230 -1.26 6.20 14.27
CA GLY C 230 -0.46 7.36 13.85
C GLY C 230 0.63 7.73 14.84
N ARG C 231 0.68 7.04 16.01
CA ARG C 231 1.88 7.06 16.88
C ARG C 231 2.94 6.12 16.26
N LYS C 232 4.17 6.17 16.79
CA LYS C 232 5.28 5.39 16.21
C LYS C 232 6.25 4.86 17.30
N LEU C 233 6.69 3.61 17.10
CA LEU C 233 7.61 2.89 18.00
C LEU C 233 9.00 2.82 17.38
N ARG C 234 10.03 2.67 18.22
CA ARG C 234 11.41 2.43 17.78
C ARG C 234 11.97 1.19 18.50
N LEU C 235 11.77 0.00 17.89
CA LEU C 235 12.34 -1.26 18.39
C LEU C 235 13.85 -1.29 18.11
N LYS C 236 14.63 -1.29 19.19
CA LYS C 236 16.09 -1.26 19.14
C LYS C 236 16.67 -2.62 18.69
N GLY C 237 17.48 -2.58 17.61
CA GLY C 237 18.11 -3.78 17.08
C GLY C 237 17.13 -4.72 16.36
N LYS C 238 16.17 -4.11 15.64
CA LYS C 238 15.17 -4.85 14.83
C LYS C 238 15.16 -4.35 13.37
N GLY C 239 16.22 -3.61 12.98
CA GLY C 239 16.42 -3.20 11.59
C GLY C 239 17.38 -4.14 10.85
N PHE C 240 17.91 -3.67 9.71
CA PHE C 240 18.87 -4.44 8.88
C PHE C 240 20.25 -4.52 9.55
N PRO C 241 21.02 -5.63 9.29
CA PRO C 241 22.34 -5.89 9.91
C PRO C 241 23.38 -4.79 9.59
N GLY C 242 23.87 -4.13 10.65
CA GLY C 242 24.76 -2.98 10.55
C GLY C 242 26.00 -3.10 11.44
N PRO C 243 26.83 -2.01 11.54
CA PRO C 243 28.08 -2.00 12.34
C PRO C 243 27.83 -2.19 13.86
N ALA C 244 26.76 -1.54 14.38
CA ALA C 244 26.37 -1.64 15.81
C ALA C 244 25.49 -2.89 16.08
N GLY C 245 25.40 -3.78 15.08
CA GLY C 245 24.61 -5.01 15.19
C GLY C 245 23.54 -5.05 14.12
N ARG C 246 22.49 -4.26 14.34
CA ARG C 246 21.37 -4.05 13.39
C ARG C 246 20.92 -2.58 13.44
N GLY C 247 19.90 -2.24 12.62
CA GLY C 247 19.26 -0.92 12.65
C GLY C 247 18.10 -0.86 13.63
N ASP C 248 17.22 0.14 13.50
CA ASP C 248 16.05 0.31 14.40
C ASP C 248 14.78 0.30 13.57
N LEU C 249 13.77 -0.40 14.09
CA LEU C 249 12.48 -0.60 13.44
C LEU C 249 11.46 0.45 13.92
N TYR C 250 11.02 1.33 13.00
CA TYR C 250 10.06 2.40 13.31
C TYR C 250 8.66 1.97 12.86
N LEU C 251 7.79 1.50 13.77
CA LEU C 251 6.46 0.96 13.36
C LEU C 251 5.40 2.04 13.54
N GLU C 252 4.49 2.13 12.57
CA GLU C 252 3.33 3.02 12.67
C GLU C 252 2.18 2.24 13.32
N VAL C 253 1.72 2.73 14.47
CA VAL C 253 0.62 2.12 15.22
C VAL C 253 -0.68 2.09 14.37
N ARG C 254 -1.32 0.92 14.32
CA ARG C 254 -2.57 0.69 13.58
C ARG C 254 -3.57 0.08 14.57
N ILE C 255 -4.51 0.91 15.09
CA ILE C 255 -5.52 0.44 16.05
C ILE C 255 -6.57 -0.41 15.32
N THR C 256 -6.79 -1.63 15.83
CA THR C 256 -7.67 -2.63 15.22
C THR C 256 -8.68 -3.16 16.25
N ILE C 257 -9.73 -3.80 15.73
CA ILE C 257 -10.75 -4.51 16.52
C ILE C 257 -11.06 -5.85 15.80
N PRO C 258 -11.41 -6.96 16.53
CA PRO C 258 -11.51 -8.33 15.92
C PRO C 258 -12.82 -8.54 15.14
N GLU C 259 -13.52 -7.43 14.84
CA GLU C 259 -14.88 -7.39 14.26
C GLU C 259 -15.88 -8.15 15.16
N ARG C 260 -15.94 -9.48 14.96
CA ARG C 260 -16.86 -10.38 15.68
C ARG C 260 -16.41 -10.56 17.14
N LEU C 261 -17.37 -10.54 18.08
CA LEU C 261 -17.11 -10.67 19.52
C LEU C 261 -18.02 -11.73 20.16
N THR C 262 -17.63 -12.11 21.38
CA THR C 262 -18.45 -12.91 22.29
C THR C 262 -19.39 -11.96 23.07
N PRO C 263 -20.67 -12.40 23.42
CA PRO C 263 -21.73 -11.52 24.02
C PRO C 263 -21.28 -10.70 25.26
N GLU C 264 -20.26 -11.22 25.97
CA GLU C 264 -19.70 -10.59 27.18
C GLU C 264 -19.03 -9.26 26.82
N GLU C 265 -17.94 -9.38 26.03
CA GLU C 265 -17.17 -8.24 25.51
C GLU C 265 -18.08 -7.29 24.75
N GLU C 266 -18.95 -7.88 23.91
CA GLU C 266 -19.93 -7.15 23.09
C GLU C 266 -20.74 -6.16 23.95
N ALA C 267 -21.24 -6.67 25.11
CA ALA C 267 -22.03 -5.88 26.07
C ALA C 267 -21.20 -4.77 26.75
N LEU C 268 -19.94 -5.08 27.12
CA LEU C 268 -19.01 -4.06 27.72
C LEU C 268 -18.69 -2.93 26.71
N TRP C 269 -18.53 -3.31 25.43
CA TRP C 269 -18.33 -2.37 24.31
C TRP C 269 -19.60 -1.55 24.07
N LYS C 270 -20.80 -2.16 24.31
CA LYS C 270 -22.10 -1.45 24.25
C LYS C 270 -22.11 -0.30 25.25
N LYS C 271 -21.72 -0.61 26.50
CA LYS C 271 -21.71 0.36 27.62
C LYS C 271 -20.80 1.56 27.30
N LEU C 272 -19.56 1.26 26.84
CA LEU C 272 -18.61 2.27 26.36
C LEU C 272 -19.27 3.13 25.26
N ALA C 273 -19.72 2.46 24.19
CA ALA C 273 -20.26 3.12 22.99
C ALA C 273 -21.37 4.12 23.32
N GLU C 274 -22.30 3.71 24.18
CA GLU C 274 -23.44 4.54 24.62
C GLU C 274 -22.93 5.79 25.40
N ALA C 275 -21.95 5.56 26.30
CA ALA C 275 -21.27 6.67 27.03
C ALA C 275 -20.65 7.70 26.06
N TYR C 276 -20.17 7.20 24.90
CA TYR C 276 -19.54 8.02 23.87
C TYR C 276 -20.59 8.64 22.90
N TYR C 277 -21.77 7.99 22.75
CA TYR C 277 -22.88 8.52 21.92
C TYR C 277 -23.46 9.77 22.57
N ALA C 278 -23.45 9.79 23.91
CA ALA C 278 -23.85 10.98 24.71
C ALA C 278 -23.03 12.26 24.32
N ARG C 279 -21.86 12.06 23.64
CA ARG C 279 -21.00 13.15 23.14
C ARG C 279 -21.39 13.57 21.70
N ALA C 280 -21.93 12.61 20.92
CA ALA C 280 -22.24 12.81 19.48
C ALA C 280 -23.65 13.41 19.31
N MET A 1 2.19 51.62 -34.37
CA MET A 1 1.90 53.06 -34.14
C MET A 1 0.85 53.24 -33.04
N ALA A 2 0.59 52.17 -32.26
CA ALA A 2 -0.38 52.16 -31.14
C ALA A 2 -1.80 52.53 -31.61
N ALA A 3 -2.19 52.03 -32.79
CA ALA A 3 -3.54 52.24 -33.36
C ALA A 3 -4.56 51.39 -32.58
N LYS A 4 -4.94 51.92 -31.40
CA LYS A 4 -5.89 51.29 -30.44
C LYS A 4 -7.03 50.53 -31.13
N LYS A 5 -6.93 49.21 -31.14
CA LYS A 5 -8.04 48.33 -31.47
C LYS A 5 -9.06 48.36 -30.33
N ASP A 6 -10.25 48.94 -30.61
CA ASP A 6 -11.33 49.02 -29.63
C ASP A 6 -11.97 47.64 -29.54
N TYR A 7 -11.36 46.79 -28.71
CA TYR A 7 -11.71 45.37 -28.58
C TYR A 7 -13.17 45.18 -28.11
N TYR A 8 -13.66 46.15 -27.33
CA TYR A 8 -15.06 46.16 -26.86
C TYR A 8 -16.03 46.35 -28.05
N ALA A 9 -15.68 47.26 -28.98
CA ALA A 9 -16.48 47.50 -30.20
C ALA A 9 -16.50 46.25 -31.11
N ILE A 10 -15.32 45.59 -31.21
CA ILE A 10 -15.17 44.34 -32.00
C ILE A 10 -16.10 43.23 -31.46
N LEU A 11 -16.22 43.15 -30.13
CA LEU A 11 -17.13 42.19 -29.46
C LEU A 11 -18.58 42.75 -29.33
N GLY A 12 -18.77 44.05 -29.67
CA GLY A 12 -20.08 44.70 -29.58
C GLY A 12 -20.55 44.98 -28.14
N VAL A 13 -19.62 44.96 -27.18
CA VAL A 13 -19.87 45.24 -25.76
C VAL A 13 -19.36 46.66 -25.41
N PRO A 14 -19.93 47.35 -24.35
CA PRO A 14 -19.56 48.75 -24.00
C PRO A 14 -18.09 48.92 -23.54
N ARG A 15 -17.63 50.19 -23.50
CA ARG A 15 -16.26 50.57 -23.07
C ARG A 15 -16.22 50.65 -21.52
N ASN A 16 -16.49 49.50 -20.92
CA ASN A 16 -16.80 49.36 -19.48
C ASN A 16 -17.00 47.87 -19.18
N ALA A 17 -17.42 47.15 -20.24
CA ALA A 17 -17.79 45.74 -20.21
C ALA A 17 -16.79 44.86 -19.47
N THR A 18 -17.30 44.15 -18.47
CA THR A 18 -16.50 43.25 -17.63
C THR A 18 -16.16 41.95 -18.40
N GLN A 19 -15.30 41.11 -17.77
CA GLN A 19 -14.86 39.81 -18.33
C GLN A 19 -16.09 38.92 -18.66
N GLU A 20 -17.17 39.14 -17.89
CA GLU A 20 -18.49 38.51 -18.11
C GLU A 20 -19.01 38.84 -19.52
N GLU A 21 -19.15 40.14 -19.81
CA GLU A 21 -19.77 40.62 -21.06
C GLU A 21 -18.92 40.26 -22.29
N ILE A 22 -17.59 40.28 -22.12
CA ILE A 22 -16.64 39.82 -23.15
C ILE A 22 -16.86 38.32 -23.47
N LYS A 23 -17.03 37.53 -22.39
CA LYS A 23 -17.25 36.08 -22.45
C LYS A 23 -18.56 35.75 -23.20
N ARG A 24 -19.60 36.56 -22.94
CA ARG A 24 -20.97 36.36 -23.48
C ARG A 24 -21.04 36.80 -24.96
N ALA A 25 -20.34 37.89 -25.28
CA ALA A 25 -20.20 38.37 -26.67
C ALA A 25 -19.45 37.33 -27.51
N TYR A 26 -18.45 36.70 -26.88
CA TYR A 26 -17.69 35.63 -27.50
C TYR A 26 -18.51 34.33 -27.55
N LYS A 27 -19.45 34.11 -26.60
CA LYS A 27 -20.41 32.97 -26.68
C LYS A 27 -21.13 33.03 -28.03
N ARG A 28 -21.73 34.21 -28.29
CA ARG A 28 -22.40 34.51 -29.57
C ARG A 28 -21.46 34.25 -30.78
N LEU A 29 -20.42 35.09 -30.88
CA LEU A 29 -19.57 35.21 -32.09
C LEU A 29 -18.69 33.96 -32.33
N ALA A 30 -18.41 33.17 -31.28
CA ALA A 30 -17.70 31.88 -31.43
C ALA A 30 -18.67 30.85 -32.02
N ARG A 31 -19.83 30.64 -31.37
CA ARG A 31 -20.83 29.64 -31.84
C ARG A 31 -21.39 30.01 -33.24
N GLN A 32 -21.29 31.31 -33.59
CA GLN A 32 -21.74 31.87 -34.86
C GLN A 32 -20.66 31.72 -35.96
N TYR A 33 -19.38 32.01 -35.62
CA TYR A 33 -18.26 32.02 -36.61
C TYR A 33 -17.23 30.90 -36.34
N HIS A 34 -17.64 29.84 -35.61
CA HIS A 34 -16.77 28.67 -35.34
C HIS A 34 -16.47 27.97 -36.68
N PRO A 35 -15.17 27.95 -37.15
CA PRO A 35 -14.81 27.41 -38.49
C PRO A 35 -15.21 25.92 -38.70
N ASP A 36 -15.26 25.18 -37.59
CA ASP A 36 -15.70 23.76 -37.56
C ASP A 36 -17.23 23.63 -37.74
N VAL A 37 -17.99 24.64 -37.28
CA VAL A 37 -19.47 24.67 -37.45
C VAL A 37 -19.82 25.27 -38.82
N ASN A 38 -19.07 26.31 -39.21
CA ASN A 38 -19.30 27.09 -40.44
C ASN A 38 -17.96 27.24 -41.21
N LYS A 39 -17.74 26.32 -42.16
CA LYS A 39 -16.53 26.30 -42.98
C LYS A 39 -16.62 27.41 -44.03
N SER A 40 -16.26 28.62 -43.62
CA SER A 40 -16.23 29.81 -44.49
C SER A 40 -14.98 30.65 -44.15
N PRO A 41 -14.00 30.82 -45.10
CA PRO A 41 -12.81 31.69 -44.89
C PRO A 41 -13.18 33.07 -44.31
N GLU A 42 -14.28 33.63 -44.85
CA GLU A 42 -14.91 34.88 -44.38
C GLU A 42 -15.13 34.84 -42.84
N ALA A 43 -15.75 33.75 -42.38
CA ALA A 43 -16.09 33.55 -40.96
C ALA A 43 -14.82 33.37 -40.11
N GLU A 44 -13.73 32.89 -40.74
CA GLU A 44 -12.47 32.55 -40.05
C GLU A 44 -11.60 33.79 -39.86
N GLU A 45 -11.65 34.71 -40.83
CA GLU A 45 -10.88 35.97 -40.78
C GLU A 45 -11.58 36.95 -39.81
N LYS A 46 -12.92 36.93 -39.85
CA LYS A 46 -13.74 37.65 -38.86
C LYS A 46 -13.56 37.02 -37.47
N PHE A 47 -13.38 35.68 -37.43
CA PHE A 47 -13.04 34.94 -36.19
C PHE A 47 -11.69 35.43 -35.66
N LYS A 48 -10.71 35.69 -36.57
CA LYS A 48 -9.38 36.24 -36.18
C LYS A 48 -9.53 37.57 -35.45
N GLU A 49 -10.29 38.50 -36.06
CA GLU A 49 -10.51 39.86 -35.49
C GLU A 49 -11.18 39.78 -34.09
N ILE A 50 -12.21 38.93 -34.00
CA ILE A 50 -13.00 38.71 -32.78
C ILE A 50 -12.18 37.95 -31.70
N ASN A 51 -11.20 37.16 -32.15
CA ASN A 51 -10.30 36.39 -31.26
C ASN A 51 -9.00 37.15 -30.99
N GLU A 52 -8.80 38.30 -31.66
CA GLU A 52 -7.78 39.28 -31.26
C GLU A 52 -8.35 40.03 -30.04
N ALA A 53 -9.61 40.46 -30.22
CA ALA A 53 -10.41 41.08 -29.17
C ALA A 53 -10.56 40.16 -27.95
N TYR A 54 -10.92 38.90 -28.22
CA TYR A 54 -11.08 37.89 -27.17
C TYR A 54 -9.73 37.55 -26.54
N ALA A 55 -8.66 37.41 -27.35
CA ALA A 55 -7.30 37.10 -26.84
C ALA A 55 -6.88 38.06 -25.73
N VAL A 56 -7.03 39.36 -26.03
CA VAL A 56 -6.62 40.43 -25.10
C VAL A 56 -7.61 40.55 -23.93
N LEU A 57 -8.91 40.27 -24.15
CA LEU A 57 -9.94 40.47 -23.07
C LEU A 57 -10.40 39.15 -22.39
N SER A 58 -9.80 38.01 -22.76
CA SER A 58 -10.19 36.66 -22.25
C SER A 58 -9.98 36.54 -20.73
N ASP A 59 -8.77 36.89 -20.32
CA ASP A 59 -8.27 36.65 -18.96
C ASP A 59 -8.17 38.00 -18.23
N PRO A 60 -8.47 38.03 -16.88
CA PRO A 60 -8.43 39.26 -16.05
C PRO A 60 -7.22 40.20 -16.33
N GLU A 61 -6.00 39.64 -16.32
CA GLU A 61 -4.76 40.45 -16.41
C GLU A 61 -4.44 40.87 -17.84
N LYS A 62 -4.81 40.05 -18.83
CA LYS A 62 -4.66 40.39 -20.26
C LYS A 62 -5.53 41.64 -20.57
N ARG A 63 -6.75 41.61 -20.00
CA ARG A 63 -7.73 42.70 -20.04
C ARG A 63 -7.11 43.94 -19.34
N ARG A 64 -6.43 43.71 -18.19
CA ARG A 64 -5.69 44.75 -17.44
C ARG A 64 -4.53 45.33 -18.29
N ILE A 65 -3.88 44.49 -19.14
CA ILE A 65 -2.77 44.93 -20.03
C ILE A 65 -3.30 45.97 -21.03
N TYR A 66 -4.49 45.68 -21.60
CA TYR A 66 -5.21 46.64 -22.47
C TYR A 66 -5.48 47.96 -21.70
N ASP A 67 -6.12 47.83 -20.52
CA ASP A 67 -6.55 48.99 -19.69
C ASP A 67 -5.35 49.89 -19.32
N THR A 68 -4.23 49.26 -18.94
CA THR A 68 -3.00 49.96 -18.56
C THR A 68 -2.38 50.63 -19.79
N TYR A 69 -2.53 50.05 -20.99
CA TYR A 69 -1.92 50.62 -22.20
C TYR A 69 -2.76 51.79 -22.74
N GLY A 70 -2.08 52.88 -23.13
CA GLY A 70 -2.73 54.12 -23.54
C GLY A 70 -3.01 55.03 -22.35
N THR A 71 -2.50 54.63 -21.18
CA THR A 71 -2.60 55.36 -19.90
C THR A 71 -1.16 55.41 -19.39
N THR A 72 -0.67 54.20 -19.17
CA THR A 72 0.75 53.89 -19.16
C THR A 72 1.11 53.59 -20.63
N GLU A 73 2.36 53.88 -21.01
CA GLU A 73 2.89 53.61 -22.38
C GLU A 73 4.02 52.56 -22.35
N ALA A 74 4.56 52.31 -21.14
CA ALA A 74 5.61 51.31 -20.91
C ALA A 74 5.08 49.88 -21.16
N PRO A 75 5.72 49.08 -22.07
CA PRO A 75 5.34 47.67 -22.30
C PRO A 75 5.76 46.79 -21.09
N PRO A 76 4.96 45.72 -20.75
CA PRO A 76 5.29 44.83 -19.60
C PRO A 76 6.54 43.94 -19.91
N PRO A 77 7.33 43.51 -18.88
CA PRO A 77 8.53 42.64 -19.09
C PRO A 77 8.19 41.30 -19.80
N PRO A 78 9.15 40.72 -20.63
CA PRO A 78 8.96 39.40 -21.31
C PRO A 78 8.51 38.28 -20.33
N PRO A 79 7.26 37.74 -20.50
CA PRO A 79 6.72 36.73 -19.58
C PRO A 79 7.23 35.29 -19.91
N PRO A 80 7.80 34.55 -18.90
CA PRO A 80 8.37 33.18 -19.11
C PRO A 80 7.31 32.17 -19.63
N GLY A 81 7.12 32.18 -20.96
CA GLY A 81 6.14 31.34 -21.64
C GLY A 81 5.58 32.07 -22.86
N GLY A 82 5.23 33.37 -22.67
CA GLY A 82 4.71 34.24 -23.74
C GLY A 82 3.29 34.69 -23.49
N TYR A 83 2.96 35.93 -23.90
CA TYR A 83 1.60 36.49 -23.83
C TYR A 83 0.63 35.59 -24.64
N ASP A 84 -0.35 35.01 -23.95
CA ASP A 84 -1.26 33.98 -24.50
C ASP A 84 -1.98 34.44 -25.78
N PHE A 85 -1.55 33.83 -26.89
CA PHE A 85 -2.13 33.96 -28.24
C PHE A 85 -2.24 32.55 -28.85
N SER A 86 -2.60 31.61 -27.95
CA SER A 86 -2.83 30.20 -28.27
C SER A 86 -4.06 30.04 -29.17
N GLY A 87 -3.84 29.51 -30.40
CA GLY A 87 -4.90 29.36 -31.40
C GLY A 87 -5.13 30.62 -32.23
N PHE A 88 -4.54 31.75 -31.81
CA PHE A 88 -4.81 33.07 -32.40
C PHE A 88 -3.65 33.45 -33.33
N ASP A 89 -3.98 33.97 -34.53
CA ASP A 89 -2.97 34.25 -35.58
C ASP A 89 -2.26 35.59 -35.27
N VAL A 90 -1.28 35.51 -34.36
CA VAL A 90 -0.39 36.63 -33.93
C VAL A 90 0.10 37.51 -35.12
N GLU A 91 0.69 36.88 -36.14
CA GLU A 91 1.32 37.60 -37.27
C GLU A 91 0.30 38.21 -38.25
N ASP A 92 -1.01 37.95 -38.04
CA ASP A 92 -2.10 38.54 -38.84
C ASP A 92 -2.68 39.78 -38.13
N PHE A 93 -2.44 39.91 -36.82
CA PHE A 93 -3.08 40.95 -35.98
C PHE A 93 -2.37 42.31 -36.04
N SER A 94 -2.93 43.29 -35.31
CA SER A 94 -2.57 44.72 -35.36
C SER A 94 -1.16 45.00 -34.80
N GLU A 95 -0.54 46.08 -35.32
CA GLU A 95 0.75 46.60 -34.80
C GLU A 95 0.61 47.01 -33.32
N PHE A 96 -0.58 47.54 -32.96
CA PHE A 96 -0.95 47.93 -31.58
C PHE A 96 -0.66 46.78 -30.60
N PHE A 97 -1.15 45.60 -30.96
CA PHE A 97 -0.89 44.35 -30.26
C PHE A 97 0.61 43.98 -30.36
N GLN A 98 1.20 44.08 -31.56
CA GLN A 98 2.59 43.60 -31.83
C GLN A 98 3.66 44.48 -31.15
N GLU A 99 3.25 45.64 -30.60
CA GLU A 99 4.12 46.54 -29.79
C GLU A 99 3.85 46.37 -28.29
N LEU A 100 2.54 46.30 -27.92
CA LEU A 100 2.09 46.14 -26.52
C LEU A 100 2.55 44.78 -25.95
N PHE A 101 2.16 43.71 -26.63
CA PHE A 101 2.54 42.33 -26.29
C PHE A 101 3.91 41.98 -26.94
N GLY A 102 4.57 42.99 -27.57
CA GLY A 102 5.88 42.87 -28.23
C GLY A 102 6.91 42.01 -27.46
N PRO A 103 7.32 42.46 -26.20
CA PRO A 103 8.32 41.76 -25.34
C PRO A 103 8.16 40.22 -25.24
N GLY A 104 6.95 39.69 -25.50
CA GLY A 104 6.74 38.24 -25.48
C GLY A 104 5.61 37.81 -26.38
N LEU A 105 5.65 38.26 -27.66
CA LEU A 105 4.64 37.90 -28.71
C LEU A 105 4.45 36.37 -28.98
N PHE A 106 4.97 35.47 -28.09
CA PHE A 106 4.62 34.03 -28.07
C PHE A 106 5.01 33.36 -29.38
N GLY A 107 4.48 32.16 -29.63
CA GLY A 107 4.52 31.58 -30.96
C GLY A 107 5.89 31.34 -31.53
N GLY A 108 6.78 30.75 -30.70
CA GLY A 108 7.99 30.10 -31.19
C GLY A 108 9.05 30.94 -31.91
N PHE A 109 8.71 31.41 -33.13
CA PHE A 109 9.55 32.35 -33.90
C PHE A 109 9.49 33.75 -33.25
N GLY A 110 8.57 33.88 -32.27
CA GLY A 110 8.60 34.96 -31.27
C GLY A 110 9.51 34.61 -30.08
N ARG A 111 10.35 33.54 -30.27
CA ARG A 111 11.34 32.98 -29.29
C ARG A 111 10.68 32.19 -28.15
N ARG A 112 9.37 32.37 -28.00
CA ARG A 112 8.57 31.76 -26.91
C ARG A 112 7.84 30.45 -27.32
N SER A 113 8.58 29.45 -27.92
CA SER A 113 8.09 28.03 -27.97
C SER A 113 6.85 27.79 -28.87
N ARG A 114 6.99 27.50 -30.19
CA ARG A 114 5.78 27.25 -31.07
C ARG A 114 5.10 25.87 -30.77
N LYS A 115 4.48 25.21 -31.81
CA LYS A 115 3.44 24.12 -31.68
C LYS A 115 3.26 23.58 -30.24
N GLY A 116 2.10 23.88 -29.65
CA GLY A 116 1.82 23.54 -28.27
C GLY A 116 1.80 22.03 -27.97
N ARG A 117 2.56 21.62 -26.93
CA ARG A 117 2.58 20.26 -26.36
C ARG A 117 1.34 19.99 -25.47
N ASP A 118 1.05 18.69 -25.24
CA ASP A 118 0.14 18.28 -24.15
C ASP A 118 1.00 18.17 -22.87
N LEU A 119 1.18 19.31 -22.21
CA LEU A 119 2.10 19.48 -21.06
C LEU A 119 1.32 19.32 -19.74
N ARG A 120 1.97 18.73 -18.74
CA ARG A 120 1.39 18.48 -17.40
C ARG A 120 1.92 19.51 -16.39
N ALA A 121 1.06 19.95 -15.45
CA ALA A 121 1.44 20.96 -14.44
C ALA A 121 0.72 20.74 -13.10
N GLU A 122 1.21 21.45 -12.08
CA GLU A 122 0.74 21.33 -10.69
C GLU A 122 -0.15 22.54 -10.39
N LEU A 123 -1.47 22.32 -10.28
CA LEU A 123 -2.44 23.39 -9.95
C LEU A 123 -2.75 23.28 -8.45
N PRO A 124 -2.14 24.13 -7.57
CA PRO A 124 -2.48 24.12 -6.14
C PRO A 124 -3.90 24.66 -5.95
N LEU A 125 -4.71 24.06 -5.07
CA LEU A 125 -6.09 24.54 -4.86
C LEU A 125 -6.51 24.47 -3.39
N THR A 126 -7.21 25.53 -2.96
CA THR A 126 -7.82 25.62 -1.64
C THR A 126 -9.07 24.72 -1.60
N LEU A 127 -9.17 23.89 -0.51
CA LEU A 127 -10.21 22.83 -0.37
C LEU A 127 -11.61 23.41 -0.57
N GLU A 128 -11.89 24.40 0.27
CA GLU A 128 -13.13 25.19 0.26
C GLU A 128 -13.58 25.54 -1.18
N GLU A 129 -12.65 26.13 -1.95
CA GLU A 129 -12.91 26.56 -3.34
C GLU A 129 -13.19 25.37 -4.25
N ALA A 130 -12.46 24.28 -3.98
CA ALA A 130 -12.58 23.01 -4.71
C ALA A 130 -14.00 22.42 -4.58
N PHE A 131 -14.63 22.62 -3.41
CA PHE A 131 -16.02 22.20 -3.13
C PHE A 131 -17.04 23.23 -3.68
N HIS A 132 -16.69 24.53 -3.55
CA HIS A 132 -17.58 25.65 -3.93
C HIS A 132 -17.85 25.64 -5.45
N GLY A 133 -16.80 25.34 -6.23
CA GLY A 133 -16.87 25.29 -7.68
C GLY A 133 -17.10 26.66 -8.30
N GLY A 134 -16.05 27.46 -8.37
CA GLY A 134 -16.12 28.81 -8.92
C GLY A 134 -14.78 29.29 -9.44
N GLU A 135 -14.65 30.61 -9.56
CA GLU A 135 -13.47 31.30 -10.13
C GLU A 135 -12.25 31.13 -9.22
N ARG A 136 -11.16 30.59 -9.77
CA ARG A 136 -9.86 30.57 -9.10
C ARG A 136 -8.83 31.19 -10.05
N VAL A 137 -8.20 32.27 -9.59
CA VAL A 137 -7.17 33.00 -10.33
C VAL A 137 -5.83 32.26 -10.19
N VAL A 138 -5.20 32.00 -11.34
CA VAL A 138 -3.92 31.29 -11.42
C VAL A 138 -3.09 31.92 -12.56
N GLU A 139 -1.87 32.37 -12.22
CA GLU A 139 -1.03 33.18 -13.14
C GLU A 139 0.27 32.44 -13.51
N VAL A 140 0.47 32.27 -14.84
CA VAL A 140 1.73 31.78 -15.45
C VAL A 140 1.85 32.31 -16.89
N ALA A 141 3.10 32.53 -17.35
CA ALA A 141 3.42 32.97 -18.73
C ALA A 141 2.80 34.35 -19.07
N GLY A 142 2.47 35.11 -18.01
CA GLY A 142 1.81 36.41 -18.17
C GLY A 142 0.29 36.29 -18.25
N ARG A 143 -0.21 35.05 -18.47
CA ARG A 143 -1.64 34.76 -18.52
C ARG A 143 -2.16 34.46 -17.10
N ARG A 144 -2.82 35.44 -16.50
CA ARG A 144 -3.53 35.29 -15.23
C ARG A 144 -4.97 34.91 -15.54
N VAL A 145 -5.22 33.60 -15.63
CA VAL A 145 -6.52 33.04 -16.06
C VAL A 145 -7.34 32.67 -14.81
N SER A 146 -8.66 32.87 -14.87
CA SER A 146 -9.57 32.56 -13.76
C SER A 146 -10.42 31.34 -14.15
N VAL A 147 -9.98 30.13 -13.72
CA VAL A 147 -10.65 28.86 -14.05
C VAL A 147 -11.86 28.63 -13.11
N ARG A 148 -13.09 28.61 -13.69
CA ARG A 148 -14.28 28.21 -12.94
C ARG A 148 -14.28 26.68 -12.82
N ILE A 149 -13.74 26.22 -11.70
CA ILE A 149 -13.59 24.79 -11.37
C ILE A 149 -14.97 24.15 -11.07
N PRO A 150 -15.16 22.82 -11.35
CA PRO A 150 -16.44 22.13 -11.06
C PRO A 150 -16.62 21.83 -9.53
N PRO A 151 -17.86 22.05 -8.96
CA PRO A 151 -18.11 21.91 -7.49
C PRO A 151 -17.93 20.45 -6.95
N GLY A 152 -16.77 20.24 -6.30
CA GLY A 152 -16.41 18.96 -5.69
C GLY A 152 -15.12 18.37 -6.26
N VAL A 153 -14.42 19.13 -7.15
CA VAL A 153 -13.10 18.70 -7.70
C VAL A 153 -12.09 18.58 -6.55
N ARG A 154 -11.31 17.49 -6.55
CA ARG A 154 -10.39 17.18 -5.43
C ARG A 154 -9.05 16.65 -5.97
N GLU A 155 -8.12 16.44 -5.03
CA GLU A 155 -6.70 16.08 -5.27
C GLU A 155 -6.51 14.99 -6.35
N GLY A 156 -5.53 15.20 -7.23
CA GLY A 156 -5.18 14.23 -8.28
C GLY A 156 -6.01 14.36 -9.56
N SER A 157 -7.17 15.09 -9.52
CA SER A 157 -8.00 15.29 -10.74
C SER A 157 -7.22 16.08 -11.81
N VAL A 158 -7.57 15.85 -13.08
CA VAL A 158 -6.86 16.43 -14.23
C VAL A 158 -7.86 17.23 -15.10
N ILE A 159 -7.84 18.56 -14.98
CA ILE A 159 -8.62 19.46 -15.85
C ILE A 159 -7.81 19.70 -17.14
N ARG A 160 -8.27 19.12 -18.27
CA ARG A 160 -7.62 19.32 -19.58
C ARG A 160 -8.10 20.64 -20.19
N VAL A 161 -7.19 21.64 -20.26
CA VAL A 161 -7.49 22.96 -20.86
C VAL A 161 -6.50 23.25 -22.02
N PRO A 162 -6.98 23.17 -23.32
CA PRO A 162 -6.16 23.55 -24.50
C PRO A 162 -5.81 25.05 -24.51
N GLY A 163 -4.52 25.36 -24.70
CA GLY A 163 -4.06 26.75 -24.78
C GLY A 163 -3.38 27.26 -23.52
N MET A 164 -2.82 26.33 -22.71
CA MET A 164 -2.23 26.70 -21.40
C MET A 164 -0.91 25.94 -21.16
N GLY A 165 -0.89 24.65 -21.53
CA GLY A 165 0.24 23.75 -21.27
C GLY A 165 1.39 24.00 -22.22
N GLY A 166 1.33 23.35 -23.38
CA GLY A 166 2.26 23.63 -24.45
C GLY A 166 2.15 25.07 -24.92
N GLN A 167 3.15 25.85 -24.51
CA GLN A 167 3.37 27.19 -25.03
C GLN A 167 3.62 27.09 -26.54
N GLY A 168 2.83 27.82 -27.33
CA GLY A 168 2.89 27.77 -28.78
C GLY A 168 1.83 28.62 -29.41
N ASN A 169 2.12 29.09 -30.61
CA ASN A 169 1.13 29.75 -31.48
C ASN A 169 -0.12 28.83 -31.71
N PRO A 170 0.04 27.48 -32.01
CA PRO A 170 -1.07 26.50 -31.83
C PRO A 170 -1.26 26.17 -30.32
N PRO A 171 -2.53 26.02 -29.83
CA PRO A 171 -2.83 25.91 -28.38
C PRO A 171 -2.44 24.53 -27.78
N GLY A 172 -1.43 24.51 -26.88
CA GLY A 172 -1.05 23.26 -26.22
C GLY A 172 -1.94 22.90 -25.06
N ASP A 173 -2.40 21.64 -25.06
CA ASP A 173 -3.25 21.07 -24.01
C ASP A 173 -2.52 21.10 -22.66
N LEU A 174 -3.22 21.47 -21.59
CA LEU A 174 -2.67 21.43 -20.24
C LEU A 174 -3.39 20.39 -19.42
N LEU A 175 -2.62 19.66 -18.63
CA LEU A 175 -3.11 18.71 -17.66
C LEU A 175 -2.99 19.36 -16.26
N LEU A 176 -4.03 20.14 -15.89
CA LEU A 176 -4.15 20.75 -14.55
C LEU A 176 -4.35 19.65 -13.51
N VAL A 177 -3.23 19.12 -12.96
CA VAL A 177 -3.29 18.14 -11.89
C VAL A 177 -3.44 18.90 -10.58
N VAL A 178 -4.69 18.97 -10.09
CA VAL A 178 -5.06 19.75 -8.92
C VAL A 178 -4.41 19.16 -7.64
N ARG A 179 -3.34 19.85 -7.22
CA ARG A 179 -2.64 19.58 -5.98
C ARG A 179 -3.36 20.32 -4.86
N LEU A 180 -4.26 19.64 -4.13
CA LEU A 180 -4.98 20.27 -3.00
C LEU A 180 -4.00 20.60 -1.86
N LEU A 181 -4.33 21.66 -1.10
CA LEU A 181 -3.54 22.10 0.07
C LEU A 181 -3.32 20.92 1.05
N PRO A 182 -2.12 20.85 1.74
CA PRO A 182 -1.73 19.70 2.63
C PRO A 182 -2.76 19.44 3.75
N HIS A 183 -3.81 18.72 3.36
CA HIS A 183 -4.95 18.37 4.20
C HIS A 183 -5.35 16.95 3.76
N PRO A 184 -4.89 15.89 4.50
CA PRO A 184 -4.84 14.47 4.04
C PRO A 184 -6.20 13.72 3.95
N VAL A 185 -7.33 14.42 3.72
CA VAL A 185 -8.65 13.77 3.79
C VAL A 185 -9.09 13.31 2.39
N PHE A 186 -9.24 14.23 1.42
CA PHE A 186 -9.93 13.93 0.14
C PHE A 186 -9.03 14.00 -1.11
N ARG A 187 -9.39 13.13 -2.09
CA ARG A 187 -8.74 13.01 -3.42
C ARG A 187 -9.79 12.59 -4.46
N LEU A 188 -9.82 13.25 -5.64
CA LEU A 188 -10.71 12.87 -6.77
C LEU A 188 -9.92 12.00 -7.76
N GLU A 189 -10.28 10.72 -7.82
CA GLU A 189 -9.75 9.76 -8.78
C GLU A 189 -10.82 9.56 -9.87
N GLY A 190 -10.70 10.37 -10.94
CA GLY A 190 -11.70 10.38 -12.01
C GLY A 190 -13.01 10.98 -11.53
N GLN A 191 -13.98 10.11 -11.16
CA GLN A 191 -15.25 10.54 -10.51
C GLN A 191 -15.35 9.96 -9.10
N ASP A 192 -14.50 8.96 -8.78
CA ASP A 192 -14.43 8.34 -7.43
C ASP A 192 -13.62 9.24 -6.48
N LEU A 193 -13.75 9.01 -5.17
CA LEU A 193 -13.04 9.76 -4.12
C LEU A 193 -12.26 8.81 -3.20
N TYR A 194 -11.06 9.23 -2.80
CA TYR A 194 -10.35 8.65 -1.66
C TYR A 194 -10.51 9.60 -0.47
N ALA A 195 -10.69 9.01 0.71
CA ALA A 195 -10.99 9.71 1.95
C ALA A 195 -10.29 9.01 3.13
N THR A 196 -10.04 9.76 4.21
CA THR A 196 -9.43 9.20 5.44
C THR A 196 -10.40 9.44 6.63
N LEU A 197 -10.75 8.37 7.35
CA LEU A 197 -11.75 8.40 8.44
C LEU A 197 -11.09 8.04 9.78
N ASP A 198 -11.11 8.98 10.74
CA ASP A 198 -10.72 8.73 12.13
C ASP A 198 -12.00 8.36 12.93
N VAL A 199 -12.06 7.12 13.41
CA VAL A 199 -13.19 6.59 14.18
C VAL A 199 -12.64 5.89 15.46
N PRO A 200 -13.20 6.15 16.68
CA PRO A 200 -12.84 5.39 17.89
C PRO A 200 -13.56 4.01 17.95
N ALA A 201 -12.97 3.06 18.70
CA ALA A 201 -13.39 1.65 18.72
C ALA A 201 -14.87 1.43 19.14
N PRO A 202 -15.38 2.03 20.27
CA PRO A 202 -16.81 1.86 20.68
C PRO A 202 -17.82 2.31 19.60
N ILE A 203 -17.54 3.45 18.96
CA ILE A 203 -18.42 4.00 17.90
C ILE A 203 -18.27 3.18 16.59
N ALA A 204 -17.06 2.59 16.38
CA ALA A 204 -16.77 1.71 15.22
C ALA A 204 -17.56 0.41 15.31
N VAL A 205 -17.60 -0.16 16.52
CA VAL A 205 -18.26 -1.43 16.81
C VAL A 205 -19.79 -1.30 16.76
N VAL A 206 -20.33 -0.33 17.49
CA VAL A 206 -21.79 -0.13 17.62
C VAL A 206 -22.37 0.54 16.36
N GLY A 207 -21.56 1.39 15.71
CA GLY A 207 -22.01 2.13 14.54
C GLY A 207 -22.89 3.32 14.91
N GLY A 208 -22.25 4.35 15.50
CA GLY A 208 -22.94 5.59 15.88
C GLY A 208 -22.68 6.71 14.87
N LYS A 209 -22.15 7.85 15.35
CA LYS A 209 -21.71 8.96 14.48
C LYS A 209 -20.33 9.44 14.93
N VAL A 210 -19.46 9.77 13.96
CA VAL A 210 -18.18 10.46 14.23
C VAL A 210 -18.12 11.77 13.47
N ARG A 211 -17.20 12.64 13.91
CA ARG A 211 -16.86 13.87 13.23
C ARG A 211 -15.80 13.57 12.15
N ALA A 212 -16.15 13.73 10.87
CA ALA A 212 -15.16 13.70 9.78
C ALA A 212 -14.94 15.11 9.26
N MET A 213 -13.86 15.30 8.50
CA MET A 213 -13.51 16.61 7.92
C MET A 213 -13.87 16.58 6.43
N THR A 214 -14.43 17.70 5.94
CA THR A 214 -14.72 17.88 4.52
C THR A 214 -13.79 18.96 3.96
N LEU A 215 -14.13 19.47 2.77
CA LEU A 215 -13.39 20.54 2.13
C LEU A 215 -13.71 21.92 2.77
N GLU A 216 -14.79 22.04 3.57
CA GLU A 216 -15.21 23.34 4.14
C GLU A 216 -15.22 23.33 5.69
N GLY A 217 -15.20 22.13 6.31
CA GLY A 217 -15.23 22.00 7.77
C GLY A 217 -15.74 20.65 8.27
N PRO A 218 -16.11 20.52 9.58
CA PRO A 218 -16.50 19.22 10.18
C PRO A 218 -18.00 18.85 9.95
N VAL A 219 -18.26 17.55 9.70
CA VAL A 219 -19.63 17.00 9.52
C VAL A 219 -19.79 15.70 10.33
N GLU A 220 -21.03 15.21 10.43
CA GLU A 220 -21.35 13.92 11.07
C GLU A 220 -21.39 12.80 10.02
N VAL A 221 -20.90 11.62 10.40
CA VAL A 221 -20.86 10.42 9.55
C VAL A 221 -21.45 9.24 10.33
N ALA A 222 -22.54 8.65 9.82
CA ALA A 222 -23.16 7.47 10.43
C ALA A 222 -22.27 6.25 10.18
N VAL A 223 -21.53 5.87 11.22
CA VAL A 223 -20.55 4.78 11.20
C VAL A 223 -21.28 3.41 11.03
N PRO A 224 -20.72 2.44 10.24
CA PRO A 224 -21.26 1.06 10.18
C PRO A 224 -20.87 0.28 11.46
N PRO A 225 -21.69 -0.71 11.91
CA PRO A 225 -21.28 -1.61 13.01
C PRO A 225 -20.09 -2.51 12.60
N ARG A 226 -19.14 -2.66 13.54
CA ARG A 226 -17.86 -3.42 13.41
C ARG A 226 -17.05 -3.00 12.17
N THR A 227 -16.71 -1.70 12.15
CA THR A 227 -15.87 -1.09 11.11
C THR A 227 -14.40 -1.53 11.33
N GLN A 228 -13.90 -2.45 10.48
CA GLN A 228 -12.55 -3.04 10.65
C GLN A 228 -11.47 -2.14 10.02
N ALA A 229 -10.38 -1.90 10.79
CA ALA A 229 -9.26 -1.01 10.39
C ALA A 229 -8.48 -1.59 9.20
N GLY A 230 -8.07 -0.68 8.30
CA GLY A 230 -7.33 -1.07 7.10
C GLY A 230 -8.23 -1.40 5.93
N ARG A 231 -9.55 -1.54 6.18
CA ARG A 231 -10.54 -1.70 5.13
C ARG A 231 -11.00 -0.31 4.63
N LYS A 232 -11.70 -0.32 3.49
CA LYS A 232 -12.19 0.89 2.82
C LYS A 232 -13.72 0.82 2.71
N LEU A 233 -14.39 1.87 3.20
CA LEU A 233 -15.84 1.98 3.12
C LEU A 233 -16.18 2.55 1.75
N ARG A 234 -16.56 1.67 0.81
CA ARG A 234 -16.90 2.08 -0.56
C ARG A 234 -18.35 2.58 -0.57
N LEU A 235 -18.52 3.92 -0.56
CA LEU A 235 -19.83 4.57 -0.48
C LEU A 235 -20.26 4.98 -1.90
N LYS A 236 -21.00 4.08 -2.56
CA LYS A 236 -21.43 4.26 -3.95
C LYS A 236 -22.30 5.53 -4.10
N GLY A 237 -21.91 6.39 -5.07
CA GLY A 237 -22.67 7.58 -5.43
C GLY A 237 -22.40 8.78 -4.53
N LYS A 238 -21.41 8.67 -3.60
CA LYS A 238 -21.03 9.78 -2.69
C LYS A 238 -19.79 10.53 -3.22
N GLY A 239 -19.37 10.17 -4.44
CA GLY A 239 -18.29 10.85 -5.15
C GLY A 239 -18.82 11.94 -6.09
N PHE A 240 -17.98 12.36 -7.04
CA PHE A 240 -18.32 13.42 -8.00
C PHE A 240 -19.24 12.87 -9.11
N PRO A 241 -20.33 13.63 -9.52
CA PRO A 241 -21.15 13.26 -10.69
C PRO A 241 -20.32 13.23 -11.99
N GLY A 242 -20.04 12.02 -12.50
CA GLY A 242 -19.18 11.84 -13.67
C GLY A 242 -19.73 10.80 -14.64
N PRO A 243 -18.84 10.11 -15.46
CA PRO A 243 -19.25 9.03 -16.40
C PRO A 243 -20.05 7.89 -15.71
N ALA A 244 -19.59 7.50 -14.51
CA ALA A 244 -20.21 6.40 -13.72
C ALA A 244 -21.44 6.87 -12.91
N GLY A 245 -22.10 7.96 -13.35
CA GLY A 245 -23.21 8.58 -12.63
C GLY A 245 -22.66 9.50 -11.57
N ARG A 246 -22.49 8.97 -10.35
CA ARG A 246 -21.67 9.59 -9.29
C ARG A 246 -20.67 8.53 -8.78
N GLY A 247 -19.43 8.95 -8.47
CA GLY A 247 -18.37 8.04 -8.03
C GLY A 247 -18.55 7.53 -6.60
N ASP A 248 -17.56 6.80 -6.10
CA ASP A 248 -17.62 6.13 -4.79
C ASP A 248 -16.63 6.77 -3.81
N LEU A 249 -17.08 7.00 -2.57
CA LEU A 249 -16.28 7.66 -1.52
C LEU A 249 -15.67 6.57 -0.62
N TYR A 250 -14.36 6.32 -0.79
CA TYR A 250 -13.62 5.29 -0.04
C TYR A 250 -13.04 5.87 1.25
N LEU A 251 -13.65 5.54 2.40
CA LEU A 251 -13.15 5.98 3.73
C LEU A 251 -12.14 4.96 4.30
N GLU A 252 -10.89 5.39 4.53
CA GLU A 252 -9.82 4.54 5.10
C GLU A 252 -10.04 4.45 6.62
N VAL A 253 -10.31 3.23 7.12
CA VAL A 253 -10.67 3.04 8.54
C VAL A 253 -9.42 3.08 9.44
N ARG A 254 -9.24 4.23 10.12
CA ARG A 254 -8.27 4.42 11.21
C ARG A 254 -9.02 4.37 12.57
N ILE A 255 -9.06 3.18 13.20
CA ILE A 255 -9.66 3.02 14.54
C ILE A 255 -8.69 3.56 15.63
N THR A 256 -9.24 4.22 16.65
CA THR A 256 -8.49 4.76 17.80
C THR A 256 -9.18 4.32 19.11
N ILE A 257 -8.59 4.65 20.28
CA ILE A 257 -9.08 4.21 21.61
C ILE A 257 -9.04 5.39 22.65
N PRO A 258 -9.83 5.34 23.78
CA PRO A 258 -10.08 6.52 24.69
C PRO A 258 -8.81 7.19 25.28
N GLU A 259 -7.65 6.49 25.20
CA GLU A 259 -6.36 6.88 25.83
C GLU A 259 -6.45 7.08 27.36
N ARG A 260 -7.13 8.13 27.79
CA ARG A 260 -7.50 8.32 29.21
C ARG A 260 -8.70 7.42 29.53
N LEU A 261 -8.76 6.92 30.76
CA LEU A 261 -9.92 6.18 31.28
C LEU A 261 -10.19 6.62 32.71
N THR A 262 -11.35 6.21 33.21
CA THR A 262 -11.75 6.31 34.63
C THR A 262 -12.26 4.92 35.07
N PRO A 263 -12.19 4.55 36.42
CA PRO A 263 -12.44 3.17 36.95
C PRO A 263 -13.53 2.31 36.23
N GLU A 264 -14.62 2.96 35.78
CA GLU A 264 -15.72 2.28 35.05
C GLU A 264 -15.25 1.66 33.72
N GLU A 265 -14.87 2.51 32.74
CA GLU A 265 -14.47 2.04 31.39
C GLU A 265 -13.18 1.24 31.49
N GLU A 266 -12.35 1.60 32.49
CA GLU A 266 -11.12 0.87 32.83
C GLU A 266 -11.45 -0.63 33.03
N ALA A 267 -12.44 -0.89 33.90
CA ALA A 267 -12.93 -2.24 34.19
C ALA A 267 -13.53 -2.92 32.93
N LEU A 268 -14.42 -2.21 32.22
CA LEU A 268 -15.15 -2.72 31.02
C LEU A 268 -14.18 -3.21 29.92
N TRP A 269 -13.26 -2.31 29.51
CA TRP A 269 -12.21 -2.61 28.51
C TRP A 269 -11.35 -3.82 28.94
N LYS A 270 -10.88 -3.79 30.21
CA LYS A 270 -10.03 -4.88 30.76
C LYS A 270 -10.77 -6.24 30.73
N LYS A 271 -12.11 -6.24 30.95
CA LYS A 271 -12.92 -7.49 30.94
C LYS A 271 -13.04 -8.05 29.50
N LEU A 272 -13.36 -7.14 28.54
CA LEU A 272 -13.41 -7.46 27.09
C LEU A 272 -12.07 -8.08 26.62
N ALA A 273 -10.98 -7.53 27.16
CA ALA A 273 -9.60 -7.82 26.72
C ALA A 273 -9.03 -9.12 27.30
N GLU A 274 -9.29 -9.37 28.58
CA GLU A 274 -8.89 -10.62 29.26
C GLU A 274 -9.64 -11.80 28.62
N ALA A 275 -10.95 -11.58 28.40
CA ALA A 275 -11.81 -12.52 27.67
C ALA A 275 -11.35 -12.69 26.20
N TYR A 276 -10.91 -11.56 25.58
CA TYR A 276 -10.45 -11.54 24.18
C TYR A 276 -9.25 -12.47 24.00
N TYR A 277 -8.20 -12.23 24.80
CA TYR A 277 -6.93 -12.96 24.72
C TYR A 277 -7.15 -14.45 25.05
N ALA A 278 -8.05 -14.71 26.02
CA ALA A 278 -8.50 -16.07 26.39
C ALA A 278 -9.17 -16.80 25.20
N ARG A 279 -9.72 -16.02 24.26
CA ARG A 279 -10.38 -16.55 23.03
C ARG A 279 -9.52 -16.29 21.77
N ALA A 280 -8.37 -15.62 21.92
CA ALA A 280 -7.48 -15.30 20.80
C ALA A 280 -6.57 -16.52 20.50
N MET B 1 -7.78 32.50 5.52
CA MET B 1 -6.76 31.57 4.98
C MET B 1 -7.38 30.58 3.97
N LYS B 2 -8.67 30.81 3.59
CA LYS B 2 -9.41 29.94 2.65
C LYS B 2 -9.95 30.72 1.43
N GLN B 3 -9.71 32.04 1.42
CA GLN B 3 -9.93 32.90 0.22
C GLN B 3 -8.60 33.00 -0.58
N SER B 4 -7.56 32.31 -0.05
CA SER B 4 -6.20 32.24 -0.61
C SER B 4 -6.17 31.86 -2.10
N THR B 5 -5.30 32.54 -2.86
CA THR B 5 -5.17 32.40 -4.31
C THR B 5 -3.83 31.73 -4.67
N ILE B 6 -3.64 31.33 -5.96
CA ILE B 6 -2.61 30.34 -6.34
C ILE B 6 -1.77 30.79 -7.57
N ALA B 7 -0.73 29.97 -7.86
CA ALA B 7 0.09 30.09 -9.07
C ALA B 7 0.50 28.68 -9.54
N LEU B 8 0.37 28.42 -10.85
CA LEU B 8 0.65 27.11 -11.46
C LEU B 8 2.16 26.85 -11.51
N ALA B 9 2.58 25.57 -11.45
CA ALA B 9 4.01 25.20 -11.53
C ALA B 9 4.50 25.22 -12.99
N LEU B 10 3.76 24.54 -13.90
CA LEU B 10 4.21 24.21 -15.29
C LEU B 10 5.45 23.29 -15.25
N LEU B 11 5.27 22.02 -15.63
CA LEU B 11 6.37 21.02 -15.69
C LEU B 11 6.66 20.67 -17.17
N PRO B 12 7.66 21.35 -17.82
CA PRO B 12 8.08 21.01 -19.20
C PRO B 12 8.71 19.60 -19.29
N LEU B 13 9.72 19.33 -18.42
CA LEU B 13 10.38 18.01 -18.36
C LEU B 13 11.09 17.77 -17.02
N LEU B 14 11.37 18.84 -16.25
CA LEU B 14 12.08 18.75 -14.96
C LEU B 14 11.14 18.15 -13.90
N PHE B 15 11.32 16.85 -13.64
CA PHE B 15 10.62 16.14 -12.56
C PHE B 15 11.30 16.50 -11.24
N THR B 16 10.55 17.11 -10.33
CA THR B 16 11.03 17.51 -8.99
C THR B 16 11.03 16.30 -8.02
N PRO B 17 12.24 15.76 -7.63
CA PRO B 17 12.33 14.64 -6.66
C PRO B 17 12.33 15.14 -5.20
N VAL B 18 11.37 16.06 -4.91
CA VAL B 18 11.26 16.80 -3.62
C VAL B 18 11.11 15.83 -2.42
N THR B 19 12.28 15.45 -1.86
CA THR B 19 12.43 14.48 -0.75
C THR B 19 11.63 13.19 -1.06
N LYS B 20 11.86 12.65 -2.26
CA LYS B 20 11.27 11.38 -2.74
C LYS B 20 12.35 10.29 -2.83
N ALA B 21 13.62 10.73 -2.69
CA ALA B 21 14.81 9.87 -2.60
C ALA B 21 16.01 10.75 -2.26
N ARG B 22 16.39 10.79 -0.96
CA ARG B 22 17.59 11.51 -0.49
C ARG B 22 18.88 10.71 -0.80
N THR B 23 18.70 9.51 -1.37
CA THR B 23 19.74 8.81 -2.12
C THR B 23 19.34 8.83 -3.62
N PRO B 24 19.94 9.74 -4.45
CA PRO B 24 19.67 9.79 -5.92
C PRO B 24 20.48 8.72 -6.69
N GLU B 25 21.15 7.82 -5.95
CA GLU B 25 21.87 6.67 -6.51
C GLU B 25 20.87 5.55 -6.85
N MET B 26 20.22 5.66 -8.03
CA MET B 26 19.32 4.63 -8.58
C MET B 26 18.89 4.99 -10.04
N PRO B 27 18.39 6.26 -10.34
CA PRO B 27 18.12 6.73 -11.73
C PRO B 27 19.24 6.35 -12.74
N VAL B 28 18.86 5.62 -13.80
CA VAL B 28 19.80 5.17 -14.85
C VAL B 28 20.48 6.36 -15.57
N LEU B 29 21.59 6.06 -16.25
CA LEU B 29 22.37 7.05 -17.02
C LEU B 29 22.59 6.56 -18.46
N GLU B 30 22.06 5.36 -18.75
CA GLU B 30 22.29 4.63 -20.01
C GLU B 30 20.94 4.17 -20.62
N ASN B 31 21.04 3.31 -21.64
CA ASN B 31 19.89 2.85 -22.45
C ASN B 31 20.13 1.40 -22.91
N ARG B 32 19.29 0.95 -23.87
CA ARG B 32 19.38 -0.39 -24.49
C ARG B 32 19.86 -0.27 -25.96
N ALA B 33 20.23 0.97 -26.36
CA ALA B 33 20.57 1.30 -27.76
C ALA B 33 21.88 0.62 -28.20
N ALA B 34 21.82 -0.01 -29.40
CA ALA B 34 22.92 -0.81 -29.99
C ALA B 34 23.19 -2.11 -29.19
N GLN B 35 22.23 -2.50 -28.34
CA GLN B 35 22.31 -3.73 -27.55
C GLN B 35 21.09 -4.62 -27.85
N GLY B 36 19.98 -4.41 -27.11
CA GLY B 36 18.83 -5.32 -27.18
C GLY B 36 19.17 -6.71 -26.68
N ASP B 37 19.70 -7.51 -27.63
CA ASP B 37 20.31 -8.85 -27.42
C ASP B 37 19.46 -9.85 -26.59
N ILE B 38 18.12 -9.70 -26.59
CA ILE B 38 17.20 -10.67 -25.95
C ILE B 38 15.77 -10.47 -26.45
N THR B 39 15.10 -11.57 -26.84
CA THR B 39 13.77 -11.55 -27.47
C THR B 39 12.85 -12.61 -26.85
N ALA B 40 13.24 -13.88 -26.99
CA ALA B 40 12.46 -15.05 -26.52
C ALA B 40 12.45 -15.15 -24.98
N PRO B 41 11.24 -15.38 -24.34
CA PRO B 41 11.15 -15.64 -22.88
C PRO B 41 11.77 -16.99 -22.48
N GLY B 42 11.25 -18.09 -23.06
CA GLY B 42 11.68 -19.45 -22.71
C GLY B 42 11.10 -19.89 -21.36
N GLY B 43 11.65 -19.33 -20.27
CA GLY B 43 11.19 -19.60 -18.91
C GLY B 43 12.34 -19.80 -17.95
N ALA B 44 12.17 -19.35 -16.68
CA ALA B 44 13.29 -19.32 -15.72
C ALA B 44 12.80 -19.45 -14.24
N ARG B 45 12.74 -20.71 -13.75
CA ARG B 45 12.53 -21.04 -12.32
C ARG B 45 12.70 -22.56 -12.12
N ARG B 46 12.66 -23.01 -10.85
CA ARG B 46 12.83 -24.43 -10.47
C ARG B 46 11.49 -25.19 -10.60
N LEU B 47 10.87 -25.09 -11.78
CA LEU B 47 9.63 -25.82 -12.08
C LEU B 47 10.04 -27.16 -12.71
N THR B 48 10.60 -28.01 -11.83
CA THR B 48 11.25 -29.26 -12.19
C THR B 48 11.60 -30.02 -10.89
N GLY B 49 11.89 -29.25 -9.82
CA GLY B 49 12.17 -29.80 -8.49
C GLY B 49 10.89 -30.26 -7.79
N ASP B 50 10.37 -31.40 -8.27
CA ASP B 50 9.11 -31.99 -7.80
C ASP B 50 9.35 -32.76 -6.48
N GLN B 51 8.73 -32.25 -5.39
CA GLN B 51 8.73 -32.82 -4.02
C GLN B 51 10.09 -33.48 -3.62
N THR B 52 11.07 -32.63 -3.28
CA THR B 52 12.45 -33.06 -2.94
C THR B 52 12.70 -32.94 -1.42
N ALA B 53 12.70 -34.10 -0.73
CA ALA B 53 12.93 -34.22 0.73
C ALA B 53 11.84 -33.50 1.56
N ALA B 54 11.95 -32.15 1.66
CA ALA B 54 11.04 -31.29 2.42
C ALA B 54 9.63 -31.29 1.78
N LEU B 55 8.78 -32.19 2.28
CA LEU B 55 7.38 -32.34 1.85
C LEU B 55 6.58 -32.80 3.07
N ARG B 56 5.51 -32.04 3.39
CA ARG B 56 4.54 -32.35 4.46
C ARG B 56 5.15 -32.15 5.87
N ASP B 57 5.97 -33.13 6.29
CA ASP B 57 6.44 -33.30 7.68
C ASP B 57 7.12 -32.06 8.26
N SER B 58 8.11 -31.50 7.50
CA SER B 58 8.88 -30.31 7.89
C SER B 58 9.83 -30.54 9.10
N LEU B 59 9.72 -31.72 9.76
CA LEU B 59 10.51 -32.11 10.96
C LEU B 59 10.33 -31.11 12.14
N SER B 60 9.26 -30.31 12.09
CA SER B 60 8.94 -29.32 13.15
C SER B 60 8.33 -30.05 14.36
N ASP B 61 7.43 -31.01 14.05
CA ASP B 61 6.67 -31.83 15.01
C ASP B 61 5.77 -30.95 15.89
N LYS B 62 4.48 -30.88 15.51
CA LYS B 62 3.42 -30.15 16.25
C LYS B 62 3.70 -28.63 16.27
N PRO B 63 3.15 -27.84 15.30
CA PRO B 63 3.23 -26.36 15.33
C PRO B 63 2.51 -25.75 16.56
N ALA B 64 3.03 -24.59 17.05
CA ALA B 64 2.46 -23.85 18.20
C ALA B 64 2.43 -24.73 19.49
N LYS B 65 3.47 -25.56 19.66
CA LYS B 65 3.56 -26.57 20.75
C LYS B 65 4.11 -25.97 22.08
N ASN B 66 3.88 -24.66 22.28
CA ASN B 66 4.43 -23.86 23.40
C ASN B 66 4.11 -24.48 24.79
N ILE B 67 2.82 -24.80 25.01
CA ILE B 67 2.33 -25.27 26.33
C ILE B 67 1.62 -26.64 26.24
N ILE B 68 1.94 -27.47 25.20
CA ILE B 68 1.34 -28.82 25.07
C ILE B 68 1.90 -29.74 26.18
N LEU B 69 0.99 -30.22 27.05
CA LEU B 69 1.32 -31.02 28.26
C LEU B 69 2.18 -30.20 29.27
N LEU B 70 2.30 -28.88 29.03
CA LEU B 70 3.13 -27.95 29.81
C LEU B 70 2.31 -26.72 30.23
N ILE B 71 0.97 -26.86 30.16
CA ILE B 71 0.03 -25.81 30.61
C ILE B 71 0.15 -25.66 32.15
N GLY B 72 0.57 -24.46 32.59
CA GLY B 72 0.80 -24.17 34.00
C GLY B 72 1.46 -22.81 34.19
N ASP B 73 1.99 -22.58 35.41
CA ASP B 73 2.65 -21.30 35.81
C ASP B 73 1.66 -20.10 35.73
N GLY B 74 2.20 -18.87 35.87
CA GLY B 74 1.39 -17.63 35.84
C GLY B 74 0.78 -17.31 37.20
N MET B 75 -0.08 -18.23 37.70
CA MET B 75 -0.74 -18.12 39.01
C MET B 75 0.30 -18.34 40.13
N GLY B 76 0.94 -17.24 40.56
CA GLY B 76 2.03 -17.28 41.53
C GLY B 76 3.38 -17.52 40.85
N ASP B 77 3.69 -16.67 39.84
CA ASP B 77 4.91 -16.82 39.02
C ASP B 77 5.94 -15.72 39.36
N SER B 78 7.22 -15.97 39.05
CA SER B 78 8.34 -15.07 39.34
C SER B 78 8.29 -13.79 38.50
N GLU B 79 7.88 -13.93 37.23
CA GLU B 79 7.78 -12.83 36.27
C GLU B 79 6.37 -12.21 36.29
N ILE B 80 5.35 -13.09 36.25
CA ILE B 80 3.94 -12.66 36.36
C ILE B 80 3.67 -12.32 37.85
N THR B 81 3.97 -11.04 38.18
CA THR B 81 3.80 -10.46 39.53
C THR B 81 4.21 -8.97 39.47
N ALA B 82 5.26 -8.68 38.65
CA ALA B 82 5.80 -7.32 38.43
C ALA B 82 6.91 -7.37 37.34
N ALA B 83 8.17 -7.61 37.77
CA ALA B 83 9.36 -7.75 36.90
C ALA B 83 9.65 -6.45 36.07
N ARG B 84 8.89 -6.24 34.99
CA ARG B 84 9.05 -5.07 34.10
C ARG B 84 7.89 -4.10 34.38
N ASN B 85 8.23 -2.91 34.95
CA ASN B 85 7.25 -1.85 35.29
C ASN B 85 6.33 -2.25 36.47
N TYR B 86 6.45 -1.50 37.57
CA TYR B 86 5.76 -1.73 38.84
C TYR B 86 6.01 -0.54 39.78
N ALA B 87 4.98 -0.19 40.57
CA ALA B 87 5.07 0.86 41.62
C ALA B 87 5.42 2.23 41.02
N GLU B 88 4.40 2.90 40.49
CA GLU B 88 4.49 4.24 39.86
C GLU B 88 5.09 5.30 40.80
N GLY B 89 5.34 6.50 40.24
CA GLY B 89 5.88 7.63 41.01
C GLY B 89 4.85 8.35 41.88
N ALA B 90 3.85 7.60 42.38
CA ALA B 90 2.79 8.08 43.30
C ALA B 90 1.95 9.20 42.68
N GLY B 91 1.12 8.82 41.71
CA GLY B 91 0.10 9.72 41.15
C GLY B 91 -1.04 9.90 42.13
N GLY B 92 -1.61 8.76 42.56
CA GLY B 92 -2.60 8.74 43.63
C GLY B 92 -4.01 9.15 43.19
N PHE B 93 -4.60 10.09 43.95
CA PHE B 93 -5.99 10.57 43.78
C PHE B 93 -7.00 9.38 43.79
N PHE B 94 -7.27 8.85 42.58
CA PHE B 94 -8.25 7.77 42.29
C PHE B 94 -8.58 7.81 40.78
N LYS B 95 -8.53 9.05 40.24
CA LYS B 95 -8.94 9.37 38.87
C LYS B 95 -7.91 10.34 38.23
N GLY B 96 -6.65 10.29 38.71
CA GLY B 96 -5.59 11.25 38.29
C GLY B 96 -5.15 11.16 36.82
N ILE B 97 -5.66 10.15 36.08
CA ILE B 97 -5.44 10.03 34.63
C ILE B 97 -6.36 11.03 33.86
N ASP B 98 -7.56 11.29 34.41
CA ASP B 98 -8.57 12.19 33.79
C ASP B 98 -9.06 13.23 34.83
N ALA B 99 -8.95 14.53 34.48
CA ALA B 99 -9.40 15.63 35.37
C ALA B 99 -10.95 15.69 35.43
N LEU B 100 -11.56 15.87 34.25
CA LEU B 100 -13.02 15.91 34.09
C LEU B 100 -13.39 15.25 32.73
N PRO B 101 -14.44 14.35 32.69
CA PRO B 101 -14.94 13.74 31.43
C PRO B 101 -15.23 14.80 30.33
N LEU B 102 -14.82 14.48 29.07
CA LEU B 102 -14.82 15.43 27.94
C LEU B 102 -16.24 15.55 27.35
N THR B 103 -17.09 16.32 28.04
CA THR B 103 -18.51 16.45 27.69
C THR B 103 -18.71 17.64 26.72
N GLY B 104 -19.33 17.37 25.56
CA GLY B 104 -19.61 18.41 24.55
C GLY B 104 -20.82 19.27 24.88
N GLN B 105 -21.59 18.84 25.90
CA GLN B 105 -22.79 19.53 26.44
C GLN B 105 -24.00 19.43 25.47
N TYR B 106 -23.88 18.51 24.47
CA TYR B 106 -24.92 18.18 23.48
C TYR B 106 -25.28 19.37 22.58
N THR B 107 -24.62 19.44 21.42
CA THR B 107 -25.05 20.31 20.32
C THR B 107 -25.62 19.41 19.21
N HIS B 108 -26.38 20.00 18.26
CA HIS B 108 -27.04 19.23 17.18
C HIS B 108 -26.03 18.79 16.09
N TYR B 109 -24.87 19.50 16.07
CA TYR B 109 -23.79 19.36 15.05
C TYR B 109 -24.32 19.73 13.65
N ALA B 110 -25.06 18.79 13.01
CA ALA B 110 -25.73 19.02 11.74
C ALA B 110 -27.12 18.36 11.79
N LEU B 111 -27.14 17.04 11.56
CA LEU B 111 -28.36 16.21 11.57
C LEU B 111 -27.93 14.75 11.37
N ASN B 112 -27.29 14.50 10.20
CA ASN B 112 -26.95 13.16 9.69
C ASN B 112 -28.24 12.32 9.53
N LYS B 113 -28.72 11.71 10.64
CA LYS B 113 -29.97 10.92 10.73
C LYS B 113 -29.99 9.83 9.63
N LYS B 114 -29.46 8.63 9.97
CA LYS B 114 -29.25 7.56 8.98
C LYS B 114 -30.57 6.90 8.51
N THR B 115 -31.67 7.17 9.27
CA THR B 115 -33.02 6.61 9.06
C THR B 115 -33.07 5.12 9.46
N GLY B 116 -32.17 4.30 8.87
CA GLY B 116 -32.05 2.88 9.16
C GLY B 116 -32.42 2.04 7.97
N LYS B 117 -32.10 2.55 6.77
CA LYS B 117 -32.43 1.89 5.49
C LYS B 117 -31.58 2.46 4.32
N PRO B 118 -31.80 3.77 3.88
CA PRO B 118 -31.49 4.34 2.52
C PRO B 118 -30.62 3.49 1.55
N ASP B 119 -30.99 2.20 1.37
CA ASP B 119 -30.26 1.23 0.53
C ASP B 119 -30.93 -0.14 0.63
N TYR B 120 -30.76 -0.96 -0.41
CA TYR B 120 -31.32 -2.32 -0.51
C TYR B 120 -30.41 -3.21 -1.40
N VAL B 121 -29.20 -2.69 -1.74
CA VAL B 121 -28.28 -3.33 -2.71
C VAL B 121 -26.84 -3.38 -2.13
N THR B 122 -26.19 -2.21 -2.03
CA THR B 122 -24.77 -2.07 -1.71
C THR B 122 -24.53 -2.13 -0.19
N ASP B 123 -24.47 -3.37 0.33
CA ASP B 123 -24.08 -3.66 1.72
C ASP B 123 -23.90 -5.17 1.86
N SER B 124 -22.63 -5.62 1.90
CA SER B 124 -22.29 -7.04 1.89
C SER B 124 -22.19 -7.62 3.33
N ALA B 125 -21.03 -7.36 4.00
CA ALA B 125 -20.69 -7.96 5.32
C ALA B 125 -20.65 -9.51 5.25
N ALA B 126 -20.40 -10.03 4.03
CA ALA B 126 -20.45 -11.48 3.74
C ALA B 126 -19.28 -12.21 4.44
N SER B 127 -18.05 -11.72 4.16
CA SER B 127 -16.77 -12.17 4.77
C SER B 127 -16.67 -13.72 4.89
N ALA B 128 -17.23 -14.42 3.89
CA ALA B 128 -17.26 -15.88 3.79
C ALA B 128 -15.85 -16.45 3.58
N THR B 129 -15.23 -16.02 2.47
CA THR B 129 -13.82 -16.29 2.18
C THR B 129 -12.97 -15.35 3.06
N ALA B 130 -12.65 -15.84 4.28
CA ALA B 130 -11.80 -15.12 5.23
C ALA B 130 -10.35 -15.06 4.73
N TRP B 131 -9.51 -14.34 5.49
CA TRP B 131 -8.08 -14.10 5.18
C TRP B 131 -7.91 -13.25 3.89
N SER B 132 -9.04 -12.70 3.37
CA SER B 132 -9.10 -11.95 2.10
C SER B 132 -8.32 -12.66 0.96
N THR B 133 -8.37 -14.01 0.95
CA THR B 133 -7.64 -14.85 0.00
C THR B 133 -8.30 -14.80 -1.41
N GLY B 134 -7.89 -13.79 -2.19
CA GLY B 134 -8.36 -13.60 -3.57
C GLY B 134 -7.22 -13.22 -4.49
N VAL B 135 -7.45 -12.31 -5.44
CA VAL B 135 -6.44 -11.90 -6.42
C VAL B 135 -6.60 -10.41 -6.77
N LYS B 136 -5.47 -9.74 -7.07
CA LYS B 136 -5.45 -8.31 -7.45
C LYS B 136 -5.82 -8.11 -8.95
N THR B 137 -5.80 -9.22 -9.71
CA THR B 137 -6.10 -9.27 -11.16
C THR B 137 -4.97 -8.65 -12.01
N TYR B 138 -4.16 -9.56 -12.62
CA TYR B 138 -3.02 -9.23 -13.51
C TYR B 138 -1.84 -8.57 -12.76
N ASN B 139 -0.61 -8.80 -13.29
CA ASN B 139 0.65 -8.21 -12.79
C ASN B 139 0.54 -6.68 -12.63
N GLY B 140 0.03 -6.02 -13.68
CA GLY B 140 -0.08 -4.56 -13.74
C GLY B 140 1.16 -3.94 -14.35
N ALA B 141 0.99 -3.08 -15.38
CA ALA B 141 2.10 -2.40 -16.07
C ALA B 141 1.68 -1.03 -16.62
N LEU B 142 2.70 -0.18 -16.89
CA LEU B 142 2.56 1.14 -17.57
C LEU B 142 1.87 2.24 -16.70
N GLY B 143 1.26 1.84 -15.57
CA GLY B 143 0.46 2.75 -14.74
C GLY B 143 -0.93 3.04 -15.31
N VAL B 144 -1.24 2.48 -16.50
CA VAL B 144 -2.50 2.72 -17.23
C VAL B 144 -3.37 1.42 -17.22
N ASP B 145 -3.02 0.48 -16.33
CA ASP B 145 -3.71 -0.82 -16.21
C ASP B 145 -4.86 -0.70 -15.19
N ILE B 146 -6.05 -1.25 -15.54
CA ILE B 146 -7.32 -1.14 -14.75
C ILE B 146 -7.75 0.36 -14.64
N HIS B 147 -7.37 1.13 -15.68
CA HIS B 147 -7.62 2.58 -15.79
C HIS B 147 -9.14 2.89 -15.85
N GLU B 148 -9.87 2.02 -16.57
CA GLU B 148 -11.33 2.13 -16.75
C GLU B 148 -12.08 1.54 -15.55
N LYS B 149 -13.05 2.32 -15.00
CA LYS B 149 -13.92 1.90 -13.89
C LYS B 149 -15.36 2.40 -14.15
N ASP B 150 -16.14 1.59 -14.85
CA ASP B 150 -17.61 1.74 -14.92
C ASP B 150 -18.22 1.10 -13.67
N HIS B 151 -17.66 -0.04 -13.30
CA HIS B 151 -17.98 -0.75 -12.07
C HIS B 151 -16.76 -0.68 -11.13
N PRO B 152 -16.81 0.17 -10.04
CA PRO B 152 -15.74 0.21 -9.00
C PRO B 152 -15.48 -1.18 -8.36
N THR B 153 -16.56 -1.98 -8.28
CA THR B 153 -16.61 -3.34 -7.70
C THR B 153 -16.05 -3.41 -6.27
N ILE B 154 -14.71 -3.59 -6.15
CA ILE B 154 -14.01 -3.87 -4.89
C ILE B 154 -14.73 -5.01 -4.15
N LEU B 155 -14.54 -6.25 -4.66
CA LEU B 155 -15.22 -7.45 -4.17
C LEU B 155 -14.62 -7.90 -2.82
N GLU B 156 -14.90 -7.12 -1.76
CA GLU B 156 -14.65 -7.41 -0.31
C GLU B 156 -13.50 -8.43 -0.02
N MET B 157 -13.79 -9.72 -0.29
CA MET B 157 -12.91 -10.86 0.03
C MET B 157 -11.97 -11.17 -1.15
N ALA B 158 -12.56 -11.24 -2.35
CA ALA B 158 -11.89 -11.67 -3.59
C ALA B 158 -10.93 -10.61 -4.16
N LYS B 159 -11.20 -9.33 -3.85
CA LYS B 159 -10.41 -8.20 -4.39
C LYS B 159 -9.35 -7.78 -3.35
N ALA B 160 -8.30 -8.61 -3.27
CA ALA B 160 -7.16 -8.40 -2.36
C ALA B 160 -5.98 -9.24 -2.86
N ALA B 161 -4.75 -8.84 -2.49
CA ALA B 161 -3.53 -9.55 -2.89
C ALA B 161 -3.38 -10.87 -2.10
N GLY B 162 -4.07 -11.93 -2.58
CA GLY B 162 -3.99 -13.27 -1.99
C GLY B 162 -2.91 -14.10 -2.65
N LEU B 163 -3.19 -14.54 -3.90
CA LEU B 163 -2.25 -15.27 -4.79
C LEU B 163 -1.74 -16.60 -4.18
N ALA B 164 -0.79 -16.52 -3.24
CA ALA B 164 -0.24 -17.69 -2.53
C ALA B 164 -0.82 -17.76 -1.11
N THR B 165 -0.63 -16.65 -0.36
CA THR B 165 -1.04 -16.55 1.05
C THR B 165 -2.02 -15.36 1.24
N GLY B 166 -1.49 -14.13 1.21
CA GLY B 166 -2.31 -12.92 1.32
C GLY B 166 -2.48 -12.43 2.74
N ASN B 167 -3.72 -12.06 3.09
CA ASN B 167 -4.05 -11.43 4.39
C ASN B 167 -4.43 -12.53 5.41
N VAL B 168 -3.66 -13.64 5.39
CA VAL B 168 -3.81 -14.78 6.31
C VAL B 168 -3.23 -14.47 7.70
N SER B 169 -2.59 -13.28 7.84
CA SER B 169 -1.91 -12.79 9.08
C SER B 169 -0.62 -13.60 9.40
N THR B 170 -0.32 -14.60 8.53
CA THR B 170 0.78 -15.58 8.68
C THR B 170 0.69 -16.37 10.02
N ALA B 171 0.32 -17.67 9.91
CA ALA B 171 0.29 -18.62 11.04
C ALA B 171 1.57 -19.49 11.06
N GLU B 172 2.60 -19.05 10.29
CA GLU B 172 3.90 -19.74 10.11
C GLU B 172 3.76 -21.11 9.40
N LEU B 173 2.60 -21.38 8.80
CA LEU B 173 2.25 -22.70 8.22
C LEU B 173 2.04 -22.61 6.70
N GLN B 174 2.45 -21.49 6.06
CA GLN B 174 2.08 -21.21 4.66
C GLN B 174 3.26 -20.62 3.85
N ASP B 175 3.77 -19.48 4.31
CA ASP B 175 4.75 -18.65 3.59
C ASP B 175 6.10 -19.37 3.42
N ALA B 176 6.52 -19.59 2.16
CA ALA B 176 7.72 -20.38 1.80
C ALA B 176 8.24 -19.96 0.41
N THR B 177 9.28 -20.68 -0.08
CA THR B 177 9.90 -20.44 -1.40
C THR B 177 9.94 -21.77 -2.20
N PRO B 178 9.25 -21.87 -3.40
CA PRO B 178 9.21 -23.12 -4.21
C PRO B 178 10.51 -23.38 -5.02
N ALA B 179 11.20 -22.29 -5.43
CA ALA B 179 12.42 -22.36 -6.25
C ALA B 179 13.68 -22.49 -5.36
N ALA B 180 14.85 -22.74 -5.99
CA ALA B 180 16.13 -22.90 -5.27
C ALA B 180 16.55 -21.56 -4.66
N LEU B 181 16.45 -20.50 -5.48
CA LEU B 181 16.24 -19.14 -4.99
C LEU B 181 14.87 -18.69 -5.54
N VAL B 182 14.90 -17.98 -6.68
CA VAL B 182 13.72 -17.42 -7.38
C VAL B 182 14.25 -16.25 -8.21
N ALA B 183 13.78 -16.10 -9.46
CA ALA B 183 14.17 -14.98 -10.32
C ALA B 183 13.16 -14.78 -11.47
N HIS B 184 13.53 -15.21 -12.70
CA HIS B 184 12.84 -14.80 -13.96
C HIS B 184 12.89 -13.25 -14.16
N VAL B 185 13.06 -12.80 -15.42
CA VAL B 185 13.33 -11.37 -15.76
C VAL B 185 12.10 -10.43 -15.50
N THR B 186 12.40 -9.10 -15.30
CA THR B 186 11.42 -8.02 -14.97
C THR B 186 10.09 -8.09 -15.73
N SER B 187 8.97 -7.82 -15.00
CA SER B 187 7.60 -8.03 -15.50
C SER B 187 6.65 -6.87 -15.12
N ARG B 188 6.37 -6.74 -13.81
CA ARG B 188 5.27 -5.91 -13.29
C ARG B 188 5.74 -4.47 -12.97
N LYS B 189 6.09 -3.73 -14.03
CA LYS B 189 6.47 -2.31 -13.95
C LYS B 189 5.92 -1.57 -15.18
N CYS B 190 6.68 -1.59 -16.30
CA CYS B 190 6.29 -0.94 -17.56
C CYS B 190 6.99 -1.66 -18.70
N TYR B 191 6.39 -2.78 -19.16
CA TYR B 191 6.96 -3.60 -20.24
C TYR B 191 6.25 -3.27 -21.57
N GLY B 192 7.00 -3.42 -22.66
CA GLY B 192 6.49 -3.24 -24.02
C GLY B 192 7.51 -3.73 -25.05
N PRO B 193 7.37 -3.36 -26.36
CA PRO B 193 8.34 -3.75 -27.41
C PRO B 193 9.73 -3.08 -27.23
N SER B 194 9.84 -1.76 -27.50
CA SER B 194 11.12 -1.01 -27.39
C SER B 194 10.83 0.49 -27.17
N ALA B 195 9.75 0.77 -26.40
CA ALA B 195 9.22 2.13 -26.24
C ALA B 195 10.22 3.08 -25.55
N THR B 196 10.45 2.89 -24.24
CA THR B 196 11.32 3.76 -23.44
C THR B 196 12.75 3.18 -23.28
N SER B 197 13.00 2.02 -23.91
CA SER B 197 14.30 1.31 -23.80
C SER B 197 15.43 2.11 -24.48
N GLU B 198 15.09 2.74 -25.62
CA GLU B 198 16.05 3.51 -26.43
C GLU B 198 16.19 4.95 -25.91
N LYS B 199 15.08 5.53 -25.43
CA LYS B 199 15.03 6.93 -24.96
C LYS B 199 13.94 7.11 -23.90
N CYS B 200 14.36 7.60 -22.72
CA CYS B 200 13.49 7.86 -21.56
C CYS B 200 14.26 8.76 -20.56
N PRO B 201 13.55 9.56 -19.71
CA PRO B 201 14.17 10.18 -18.51
C PRO B 201 14.60 9.09 -17.49
N GLY B 202 15.67 9.37 -16.72
CA GLY B 202 16.28 8.40 -15.80
C GLY B 202 15.31 7.87 -14.73
N ASN B 203 14.81 6.63 -14.97
CA ASN B 203 13.86 5.92 -14.08
C ASN B 203 12.49 6.64 -14.01
N ALA B 204 12.03 7.12 -15.18
CA ALA B 204 10.68 7.67 -15.34
C ALA B 204 9.64 6.54 -15.33
N LEU B 205 8.77 6.53 -14.29
CA LEU B 205 7.74 5.49 -14.07
C LEU B 205 8.37 4.09 -13.90
N GLU B 206 9.57 4.06 -13.28
CA GLU B 206 10.37 2.82 -13.08
C GLU B 206 9.58 1.72 -12.34
N LYS B 207 8.81 2.13 -11.31
CA LYS B 207 8.02 1.21 -10.47
C LYS B 207 6.75 0.73 -11.20
N GLY B 208 6.27 1.52 -12.18
CA GLY B 208 5.07 1.18 -12.97
C GLY B 208 3.78 1.55 -12.26
N GLY B 209 3.56 0.95 -11.07
CA GLY B 209 2.44 1.32 -10.20
C GLY B 209 2.51 2.79 -9.71
N LYS B 210 3.69 3.43 -9.91
CA LYS B 210 3.92 4.88 -9.74
C LYS B 210 4.02 5.25 -8.24
N GLY B 211 2.90 5.09 -7.50
CA GLY B 211 2.91 5.23 -6.04
C GLY B 211 3.13 3.90 -5.34
N SER B 212 3.54 2.87 -6.13
CA SER B 212 3.82 1.50 -5.65
C SER B 212 2.60 0.85 -4.95
N ILE B 213 1.41 1.41 -5.22
CA ILE B 213 0.11 0.92 -4.71
C ILE B 213 -0.46 -0.17 -5.65
N THR B 214 -1.61 -0.76 -5.25
CA THR B 214 -2.32 -1.86 -5.98
C THR B 214 -1.61 -3.24 -5.77
N GLU B 215 -0.27 -3.25 -5.74
CA GLU B 215 0.55 -4.43 -5.45
C GLU B 215 0.29 -5.00 -4.04
N GLN B 216 0.80 -4.29 -3.02
CA GLN B 216 0.72 -4.73 -1.62
C GLN B 216 -0.40 -3.97 -0.90
N LEU B 217 -1.59 -4.59 -0.88
CA LEU B 217 -2.81 -4.02 -0.25
C LEU B 217 -3.03 -4.57 1.17
N LEU B 218 -1.97 -5.17 1.76
CA LEU B 218 -2.05 -5.90 3.03
C LEU B 218 -1.33 -5.11 4.15
N ASN B 219 -2.13 -4.42 4.99
CA ASN B 219 -1.63 -3.60 6.13
C ASN B 219 -1.74 -4.43 7.45
N ALA B 220 -1.16 -5.64 7.40
CA ALA B 220 -1.29 -6.69 8.43
C ALA B 220 -2.74 -7.25 8.46
N ARG B 221 -3.63 -6.61 9.26
CA ARG B 221 -5.05 -7.01 9.44
C ARG B 221 -5.21 -8.46 9.94
N ALA B 222 -5.68 -8.64 11.18
CA ALA B 222 -6.15 -9.94 11.67
C ALA B 222 -7.59 -10.14 11.14
N ASP B 223 -7.67 -10.58 9.87
CA ASP B 223 -8.94 -10.64 9.12
C ASP B 223 -9.86 -11.70 9.73
N VAL B 224 -10.95 -11.21 10.39
CA VAL B 224 -11.93 -12.03 11.16
C VAL B 224 -11.23 -12.70 12.39
N THR B 225 -9.95 -12.30 12.65
CA THR B 225 -9.04 -12.90 13.68
C THR B 225 -8.92 -14.44 13.50
N LEU B 226 -9.21 -14.91 12.27
CA LEU B 226 -9.25 -16.34 11.91
C LEU B 226 -7.87 -16.81 11.40
N GLY B 227 -6.95 -15.84 11.17
CA GLY B 227 -5.58 -16.13 10.72
C GLY B 227 -4.77 -16.96 11.71
N GLY B 228 -4.70 -16.48 12.96
CA GLY B 228 -3.98 -17.17 14.03
C GLY B 228 -4.00 -16.37 15.32
N GLY B 229 -4.22 -17.08 16.45
CA GLY B 229 -4.27 -16.44 17.77
C GLY B 229 -2.90 -16.22 18.40
N ALA B 230 -2.90 -15.81 19.69
CA ALA B 230 -1.69 -15.42 20.43
C ALA B 230 -1.82 -15.85 21.91
N LYS B 231 -0.96 -16.81 22.34
CA LYS B 231 -0.90 -17.36 23.73
C LYS B 231 0.52 -17.93 24.02
N THR B 232 1.57 -17.21 23.59
CA THR B 232 2.98 -17.63 23.82
C THR B 232 3.42 -17.24 25.25
N PHE B 233 3.24 -18.19 26.19
CA PHE B 233 3.68 -18.03 27.59
C PHE B 233 5.19 -18.32 27.70
N ALA B 234 5.97 -17.26 27.40
CA ALA B 234 7.44 -17.26 27.45
C ALA B 234 7.91 -15.79 27.32
N GLU B 235 8.00 -15.11 28.47
CA GLU B 235 8.22 -13.65 28.51
C GLU B 235 9.73 -13.29 28.47
N THR B 236 10.34 -12.98 29.64
CA THR B 236 11.75 -12.53 29.77
C THR B 236 12.06 -11.27 28.87
N ALA B 237 10.96 -10.58 28.47
CA ALA B 237 10.95 -9.52 27.45
C ALA B 237 11.62 -9.99 26.14
N THR B 238 10.87 -10.78 25.34
CA THR B 238 11.31 -11.23 24.00
C THR B 238 11.29 -10.02 23.02
N ALA B 239 10.29 -9.16 23.21
CA ALA B 239 10.11 -7.92 22.44
C ALA B 239 10.96 -6.77 23.02
N GLY B 240 10.97 -5.63 22.31
CA GLY B 240 11.70 -4.43 22.70
C GLY B 240 10.93 -3.58 23.70
N GLU B 241 10.82 -2.25 23.44
CA GLU B 241 10.11 -1.29 24.30
C GLU B 241 9.58 -0.13 23.43
N TRP B 242 8.52 0.57 23.91
CA TRP B 242 7.88 1.64 23.12
C TRP B 242 6.89 2.49 23.96
N GLN B 243 7.26 3.80 24.08
CA GLN B 243 6.44 4.94 24.57
C GLN B 243 5.27 4.57 25.52
N GLY B 244 5.63 4.23 26.76
CA GLY B 244 4.65 3.88 27.80
C GLY B 244 4.94 2.53 28.45
N LYS B 245 3.84 1.81 28.74
CA LYS B 245 3.80 0.51 29.46
C LYS B 245 3.67 0.75 30.98
N THR B 246 2.42 0.96 31.42
CA THR B 246 1.98 0.68 32.80
C THR B 246 1.42 -0.77 32.82
N LEU B 247 0.74 -1.22 33.89
CA LEU B 247 0.07 -2.54 33.90
C LEU B 247 -1.26 -2.45 34.68
N ARG B 248 -2.00 -3.58 34.74
CA ARG B 248 -3.37 -3.61 35.25
C ARG B 248 -3.60 -4.76 36.24
N GLU B 249 -4.51 -4.49 37.20
CA GLU B 249 -4.94 -5.42 38.25
C GLU B 249 -6.30 -4.97 38.79
N GLN B 250 -7.27 -5.88 38.84
CA GLN B 250 -8.62 -5.59 39.32
C GLN B 250 -8.66 -5.53 40.87
N ALA B 251 -8.08 -6.58 41.51
CA ALA B 251 -8.04 -6.77 42.98
C ALA B 251 -9.33 -6.34 43.72
N GLN B 252 -9.35 -5.14 44.33
CA GLN B 252 -10.52 -4.53 44.99
C GLN B 252 -10.56 -3.03 44.64
N ALA B 253 -9.98 -2.68 43.47
CA ALA B 253 -10.03 -1.34 42.86
C ALA B 253 -11.39 -1.15 42.17
N ARG B 254 -12.45 -1.11 43.00
CA ARG B 254 -13.85 -1.07 42.56
C ARG B 254 -14.45 0.30 42.93
N GLY B 255 -14.46 1.21 41.95
CA GLY B 255 -14.96 2.59 42.18
C GLY B 255 -13.93 3.50 42.81
N TYR B 256 -12.94 2.92 43.54
CA TYR B 256 -11.84 3.66 44.16
C TYR B 256 -10.89 4.16 43.05
N GLN B 257 -9.80 3.42 42.77
CA GLN B 257 -8.83 3.81 41.73
C GLN B 257 -9.01 2.95 40.47
N LEU B 258 -8.37 3.39 39.39
CA LEU B 258 -8.38 2.71 38.08
C LEU B 258 -7.18 1.73 37.98
N VAL B 259 -7.48 0.41 38.16
CA VAL B 259 -6.50 -0.73 38.16
C VAL B 259 -5.23 -0.47 39.05
N SER B 260 -4.15 -1.28 38.86
CA SER B 260 -2.89 -1.12 39.62
C SER B 260 -1.67 -1.22 38.68
N ASP B 261 -0.85 -0.14 38.66
CA ASP B 261 0.47 -0.11 37.96
C ASP B 261 1.45 -1.09 38.62
N ALA B 262 1.26 -1.31 39.94
CA ALA B 262 2.08 -2.22 40.77
C ALA B 262 2.11 -3.67 40.24
N ALA B 263 1.24 -3.94 39.23
CA ALA B 263 1.15 -5.18 38.47
C ALA B 263 0.40 -6.23 39.27
N SER B 264 1.03 -6.72 40.37
CA SER B 264 0.39 -7.63 41.34
C SER B 264 0.09 -9.02 40.70
N LEU B 265 -0.48 -9.95 41.50
CA LEU B 265 -0.77 -11.33 41.03
C LEU B 265 -2.23 -11.39 40.55
N ASN B 266 -2.40 -11.34 39.22
CA ASN B 266 -3.72 -11.27 38.57
C ASN B 266 -4.22 -12.70 38.17
N SER B 267 -5.49 -12.75 37.64
CA SER B 267 -6.15 -13.93 37.04
C SER B 267 -6.84 -14.82 38.09
N VAL B 268 -6.11 -15.14 39.16
CA VAL B 268 -6.67 -15.89 40.31
C VAL B 268 -6.73 -14.97 41.56
N THR B 269 -6.76 -13.64 41.31
CA THR B 269 -6.70 -12.59 42.36
C THR B 269 -7.79 -12.79 43.43
N GLU B 270 -9.04 -12.99 42.95
CA GLU B 270 -10.24 -13.18 43.78
C GLU B 270 -10.50 -11.94 44.67
N ALA B 271 -9.82 -11.88 45.83
CA ALA B 271 -10.02 -10.85 46.85
C ALA B 271 -8.73 -10.63 47.65
N ASN B 272 -8.83 -9.83 48.72
CA ASN B 272 -7.72 -9.47 49.61
C ASN B 272 -6.63 -8.70 48.84
N GLN B 273 -5.70 -9.47 48.23
CA GLN B 273 -4.51 -8.97 47.52
C GLN B 273 -3.82 -7.85 48.32
N GLN B 274 -3.30 -8.25 49.50
CA GLN B 274 -2.63 -7.36 50.45
C GLN B 274 -1.12 -7.23 50.11
N LYS B 275 -0.73 -7.71 48.91
CA LYS B 275 0.63 -7.55 48.37
C LYS B 275 0.55 -7.13 46.86
N PRO B 276 0.08 -5.87 46.54
CA PRO B 276 0.29 -5.27 45.21
C PRO B 276 1.68 -4.60 45.16
N LEU B 277 1.77 -3.38 45.75
CA LEU B 277 3.03 -2.70 46.11
C LEU B 277 2.67 -1.33 46.72
N LEU B 278 1.98 -0.49 45.93
CA LEU B 278 1.44 0.81 46.38
C LEU B 278 -0.10 0.77 46.36
N GLY B 279 -0.73 1.91 46.70
CA GLY B 279 -2.20 2.07 46.65
C GLY B 279 -2.58 3.42 46.08
N LEU B 280 -3.78 3.52 45.45
CA LEU B 280 -4.23 4.70 44.67
C LEU B 280 -3.28 4.96 43.49
N PHE B 281 -3.72 4.54 42.29
CA PHE B 281 -2.91 4.61 41.06
C PHE B 281 -3.48 5.66 40.11
N ALA B 282 -2.60 6.31 39.33
CA ALA B 282 -2.95 7.45 38.45
C ALA B 282 -1.77 7.88 37.57
N ASP B 283 -0.54 7.70 38.08
CA ASP B 283 0.70 8.06 37.37
C ASP B 283 0.98 7.04 36.25
N GLY B 284 1.30 5.80 36.66
CA GLY B 284 1.64 4.72 35.75
C GLY B 284 2.99 4.90 35.04
N ASN B 285 3.61 3.76 34.69
CA ASN B 285 4.73 3.65 33.73
C ASN B 285 6.12 4.10 34.27
N MET B 286 6.19 5.31 34.84
CA MET B 286 7.42 6.14 34.91
C MET B 286 8.72 5.42 35.38
N PRO B 287 8.72 4.56 36.47
CA PRO B 287 9.92 3.74 36.84
C PRO B 287 10.49 2.94 35.65
N VAL B 288 9.57 2.30 34.90
CA VAL B 288 9.85 1.42 33.74
C VAL B 288 10.71 0.21 34.15
N ARG B 289 12.04 0.43 34.32
CA ARG B 289 13.04 -0.63 34.57
C ARG B 289 13.00 -1.69 33.45
N TRP B 290 13.93 -1.57 32.49
CA TRP B 290 14.08 -2.52 31.38
C TRP B 290 14.74 -3.80 31.89
N LEU B 291 13.96 -4.59 32.67
CA LEU B 291 14.39 -5.86 33.27
C LEU B 291 14.15 -6.98 32.25
N GLY B 292 15.00 -7.00 31.22
CA GLY B 292 14.89 -7.98 30.13
C GLY B 292 16.17 -8.02 29.32
N PRO B 293 17.28 -8.63 29.89
CA PRO B 293 18.56 -8.83 29.16
C PRO B 293 18.39 -9.69 27.89
N LYS B 294 17.28 -10.47 27.84
CA LYS B 294 16.82 -11.28 26.66
C LYS B 294 17.97 -12.11 26.05
N ALA B 295 17.90 -12.40 24.74
CA ALA B 295 18.97 -13.08 24.00
C ALA B 295 19.41 -12.21 22.80
N THR B 296 20.56 -11.55 22.95
CA THR B 296 21.11 -10.59 21.97
C THR B 296 22.08 -11.31 20.98
N TYR B 297 22.86 -12.26 21.55
CA TYR B 297 23.82 -13.14 20.82
C TYR B 297 25.01 -12.38 20.26
N HIS B 298 25.93 -13.16 19.64
CA HIS B 298 27.06 -12.64 18.84
C HIS B 298 27.16 -13.48 17.55
N GLY B 299 27.75 -14.70 17.63
CA GLY B 299 27.91 -15.57 16.47
C GLY B 299 28.76 -14.94 15.36
N ASN B 300 28.10 -14.20 14.44
CA ASN B 300 28.76 -13.51 13.32
C ASN B 300 29.08 -12.06 13.71
N ILE B 301 30.35 -11.66 13.52
CA ILE B 301 30.84 -10.29 13.79
C ILE B 301 31.87 -9.89 12.72
N ASP B 302 31.88 -8.58 12.35
CA ASP B 302 32.88 -7.98 11.44
C ASP B 302 32.73 -8.49 9.97
N LYS B 303 33.25 -7.68 9.02
CA LYS B 303 33.31 -7.98 7.58
C LYS B 303 31.87 -8.11 6.96
N PRO B 304 31.08 -6.98 6.89
CA PRO B 304 29.72 -7.01 6.30
C PRO B 304 29.75 -6.89 4.75
N ALA B 305 28.86 -7.65 4.09
CA ALA B 305 28.72 -7.65 2.62
C ALA B 305 27.25 -7.40 2.22
N VAL B 306 26.87 -6.12 2.14
CA VAL B 306 25.53 -5.68 1.71
C VAL B 306 25.69 -4.71 0.53
N THR B 307 25.27 -5.16 -0.67
CA THR B 307 25.31 -4.35 -1.91
C THR B 307 23.88 -4.04 -2.41
N CYS B 308 22.88 -4.26 -1.52
CA CYS B 308 21.46 -3.97 -1.79
C CYS B 308 21.11 -2.50 -1.42
N THR B 309 21.82 -1.97 -0.40
CA THR B 309 21.54 -0.63 0.16
C THR B 309 22.48 0.53 -0.36
N PRO B 310 23.87 0.36 -0.44
CA PRO B 310 24.79 1.50 -0.69
C PRO B 310 24.53 2.24 -2.02
N ASN B 311 24.71 1.55 -3.17
CA ASN B 311 24.64 2.20 -4.49
C ASN B 311 24.05 1.23 -5.54
N PRO B 312 22.69 1.24 -5.73
CA PRO B 312 22.02 0.49 -6.81
C PRO B 312 21.83 1.32 -8.13
N GLN B 313 22.65 2.39 -8.33
CA GLN B 313 22.64 3.18 -9.59
C GLN B 313 23.30 2.34 -10.69
N ARG B 314 22.57 2.10 -11.80
CA ARG B 314 22.95 1.08 -12.81
C ARG B 314 22.54 1.47 -14.26
N ASN B 315 22.95 0.58 -15.21
CA ASN B 315 22.57 0.65 -16.64
C ASN B 315 21.09 0.29 -16.79
N ASP B 316 20.76 -0.92 -16.32
CA ASP B 316 19.41 -1.55 -16.38
C ASP B 316 18.95 -1.82 -17.85
N SER B 317 18.66 -0.71 -18.60
CA SER B 317 18.03 -0.69 -19.95
C SER B 317 16.49 -0.62 -19.83
N VAL B 318 16.02 -0.24 -18.60
CA VAL B 318 14.61 0.09 -18.21
C VAL B 318 13.63 -1.14 -18.35
N PRO B 319 12.50 -1.19 -17.55
CA PRO B 319 11.62 -2.39 -17.44
C PRO B 319 10.99 -2.90 -18.77
N THR B 320 11.03 -2.11 -19.86
CA THR B 320 10.53 -2.57 -21.19
C THR B 320 11.66 -3.31 -21.95
N LEU B 321 12.22 -4.35 -21.30
CA LEU B 321 13.34 -5.13 -21.84
C LEU B 321 13.32 -6.54 -21.21
N ALA B 322 13.21 -7.55 -22.09
CA ALA B 322 13.51 -8.97 -21.82
C ALA B 322 12.37 -9.75 -21.11
N GLN B 323 11.85 -10.76 -21.85
CA GLN B 323 11.00 -11.86 -21.36
C GLN B 323 9.62 -11.41 -20.84
N MET B 324 9.59 -10.86 -19.60
CA MET B 324 8.35 -10.54 -18.83
C MET B 324 7.65 -11.84 -18.39
N THR B 325 6.95 -12.46 -19.34
CA THR B 325 6.10 -13.63 -19.10
C THR B 325 6.89 -14.93 -19.42
N ASP B 326 7.46 -15.54 -18.36
CA ASP B 326 8.36 -16.72 -18.51
C ASP B 326 7.53 -18.02 -18.73
N LYS B 327 6.65 -18.34 -17.76
CA LYS B 327 5.82 -19.59 -17.70
C LYS B 327 4.99 -19.55 -16.39
N ALA B 328 5.62 -19.03 -15.31
CA ALA B 328 5.00 -18.96 -13.96
C ALA B 328 4.00 -17.79 -13.86
N ILE B 329 4.47 -16.59 -14.26
CA ILE B 329 3.69 -15.33 -14.24
C ILE B 329 3.35 -14.89 -12.78
N GLU B 330 2.29 -15.49 -12.17
CA GLU B 330 1.81 -15.13 -10.81
C GLU B 330 1.46 -16.37 -9.98
N LEU B 331 1.52 -17.55 -10.61
CA LEU B 331 1.07 -18.82 -10.01
C LEU B 331 2.06 -19.94 -10.37
N LEU B 332 1.81 -21.13 -9.79
CA LEU B 332 2.68 -22.32 -9.98
C LEU B 332 2.58 -22.84 -11.43
N SER B 333 1.40 -22.62 -12.06
CA SER B 333 1.11 -22.95 -13.47
C SER B 333 1.30 -24.45 -13.80
N LYS B 334 2.55 -24.84 -14.11
CA LYS B 334 2.88 -26.21 -14.53
C LYS B 334 3.23 -27.13 -13.35
N ASN B 335 3.56 -26.53 -12.17
CA ASN B 335 3.76 -27.31 -10.93
C ASN B 335 2.41 -27.91 -10.50
N GLU B 336 2.21 -29.19 -10.87
CA GLU B 336 0.94 -29.92 -10.71
C GLU B 336 0.62 -30.09 -9.21
N LYS B 337 1.60 -30.62 -8.46
CA LYS B 337 1.42 -31.07 -7.06
C LYS B 337 1.19 -29.87 -6.10
N GLY B 338 -0.05 -29.74 -5.62
CA GLY B 338 -0.40 -28.79 -4.56
C GLY B 338 -0.22 -29.40 -3.17
N PHE B 339 -0.35 -28.56 -2.13
CA PHE B 339 -0.14 -28.92 -0.71
C PHE B 339 1.31 -29.42 -0.51
N PHE B 340 2.24 -28.48 -0.32
CA PHE B 340 3.69 -28.79 -0.25
C PHE B 340 4.11 -28.94 1.23
N LEU B 341 4.11 -27.81 1.98
CA LEU B 341 4.45 -27.75 3.42
C LEU B 341 5.92 -28.21 3.69
N GLN B 342 6.87 -27.30 3.42
CA GLN B 342 8.31 -27.52 3.69
C GLN B 342 8.68 -27.00 5.10
N VAL B 343 7.98 -25.94 5.55
CA VAL B 343 8.23 -25.29 6.86
C VAL B 343 6.88 -25.01 7.56
N GLU B 344 6.59 -25.82 8.60
CA GLU B 344 5.38 -25.69 9.42
C GLU B 344 5.76 -25.08 10.79
N GLY B 345 6.23 -23.82 10.74
CA GLY B 345 6.79 -23.14 11.92
C GLY B 345 8.17 -23.66 12.31
N ALA B 346 8.79 -24.44 11.39
CA ALA B 346 10.10 -25.06 11.61
C ALA B 346 11.23 -24.02 11.57
N SER B 347 12.21 -24.19 12.46
CA SER B 347 13.43 -23.38 12.50
C SER B 347 14.50 -24.14 13.29
N ILE B 348 15.76 -24.05 12.85
CA ILE B 348 16.89 -24.67 13.56
C ILE B 348 17.23 -23.85 14.82
N ASP B 349 17.59 -24.54 15.91
CA ASP B 349 18.06 -23.90 17.14
C ASP B 349 19.59 -23.77 17.05
N LYS B 350 20.30 -24.89 17.30
CA LYS B 350 21.78 -24.99 17.23
C LYS B 350 22.48 -23.86 18.03
N GLN B 351 21.84 -23.51 19.17
CA GLN B 351 22.19 -22.37 20.05
C GLN B 351 21.97 -21.01 19.32
N ASP B 352 22.80 -20.72 18.32
CA ASP B 352 22.74 -19.49 17.52
C ASP B 352 21.63 -19.60 16.45
N HIS B 353 20.37 -19.49 16.89
CA HIS B 353 19.18 -19.46 16.00
C HIS B 353 18.97 -18.03 15.49
N ALA B 354 19.79 -17.68 14.47
CA ALA B 354 20.02 -16.30 14.02
C ALA B 354 20.70 -15.51 15.16
N ALA B 355 22.04 -15.57 15.21
CA ALA B 355 22.82 -14.90 16.26
C ALA B 355 22.89 -13.38 15.97
N ASN B 356 24.01 -12.90 15.35
CA ASN B 356 24.18 -11.51 14.86
C ASN B 356 23.83 -10.45 15.93
N PRO B 357 24.84 -9.84 16.64
CA PRO B 357 24.59 -9.00 17.84
C PRO B 357 23.84 -7.69 17.49
N CYS B 358 22.91 -7.27 18.37
CA CYS B 358 22.18 -6.00 18.18
C CYS B 358 23.09 -4.79 18.53
N GLY B 359 24.06 -4.54 17.65
CA GLY B 359 25.05 -3.48 17.81
C GLY B 359 24.54 -2.11 17.41
N GLN B 360 23.26 -2.06 16.96
CA GLN B 360 22.58 -0.85 16.48
C GLN B 360 23.33 -0.28 15.26
N ILE B 361 23.16 -0.96 14.12
CA ILE B 361 23.84 -0.62 12.86
C ILE B 361 22.85 -0.80 11.70
N GLY B 362 22.86 0.19 10.80
CA GLY B 362 22.07 0.18 9.59
C GLY B 362 22.60 1.19 8.60
N GLU B 363 21.70 2.00 8.03
CA GLU B 363 22.05 3.10 7.13
C GLU B 363 20.76 3.92 6.88
N THR B 364 20.89 5.26 6.85
CA THR B 364 19.75 6.16 6.55
C THR B 364 19.14 5.79 5.18
N VAL B 365 20.00 5.86 4.14
CA VAL B 365 19.63 5.75 2.72
C VAL B 365 18.51 6.76 2.36
N ASP B 366 17.25 6.37 2.66
CA ASP B 366 16.04 7.09 2.24
C ASP B 366 15.96 7.11 0.70
N LEU B 367 15.59 5.95 0.16
CA LEU B 367 15.18 5.80 -1.24
C LEU B 367 13.68 6.14 -1.33
N ASP B 368 12.96 5.92 -0.19
CA ASP B 368 11.51 6.10 -0.01
C ASP B 368 10.73 5.15 -0.95
N GLU B 369 10.66 5.53 -2.26
CA GLU B 369 10.00 4.78 -3.36
C GLU B 369 8.59 4.24 -2.97
N ALA B 370 7.93 4.93 -2.03
CA ALA B 370 6.60 4.56 -1.51
C ALA B 370 5.55 5.59 -1.95
N VAL B 371 5.96 6.87 -2.01
CA VAL B 371 5.13 8.02 -2.47
C VAL B 371 3.96 8.31 -1.49
N GLN B 372 2.96 7.43 -1.46
CA GLN B 372 1.77 7.57 -0.59
C GLN B 372 1.08 6.19 -0.44
N ARG B 373 0.63 5.88 0.81
CA ARG B 373 -0.02 4.57 1.15
C ARG B 373 -1.29 4.29 0.34
N ALA B 374 -1.88 5.35 -0.23
CA ALA B 374 -3.00 5.25 -1.18
C ALA B 374 -2.91 6.43 -2.15
N LEU B 375 -2.24 6.22 -3.30
CA LEU B 375 -2.08 7.28 -4.32
C LEU B 375 -3.40 7.42 -5.14
N GLU B 376 -3.45 6.92 -6.40
CA GLU B 376 -4.60 7.17 -7.31
C GLU B 376 -4.94 5.91 -8.13
N PHE B 377 -4.55 4.72 -7.61
CA PHE B 377 -4.88 3.39 -8.16
C PHE B 377 -4.43 3.22 -9.65
N ALA B 378 -5.23 3.78 -10.57
CA ALA B 378 -4.99 3.67 -12.02
C ALA B 378 -5.43 4.94 -12.77
N LYS B 379 -6.26 5.77 -12.10
CA LYS B 379 -6.78 7.06 -12.61
C LYS B 379 -7.80 6.90 -13.77
N LYS B 380 -8.98 7.49 -13.59
CA LYS B 380 -10.06 7.57 -14.59
C LYS B 380 -10.11 9.03 -15.15
N GLU B 381 -10.76 9.22 -16.32
CA GLU B 381 -10.97 10.55 -16.95
C GLU B 381 -11.64 11.52 -15.98
N GLY B 382 -11.00 12.70 -15.77
CA GLY B 382 -11.54 13.76 -14.91
C GLY B 382 -12.39 14.76 -15.67
N ASN B 383 -13.04 14.29 -16.77
CA ASN B 383 -13.99 15.11 -17.55
C ASN B 383 -15.19 15.48 -16.67
N THR B 384 -15.76 14.42 -16.02
CA THR B 384 -16.85 14.47 -15.02
C THR B 384 -17.96 15.50 -15.35
N LEU B 385 -18.68 15.98 -14.31
CA LEU B 385 -19.68 17.05 -14.40
C LEU B 385 -20.84 16.65 -15.34
N VAL B 386 -21.24 15.35 -15.23
CA VAL B 386 -22.27 14.70 -16.09
C VAL B 386 -21.82 14.78 -17.59
N ILE B 387 -20.54 14.37 -17.81
CA ILE B 387 -19.84 14.44 -19.12
C ILE B 387 -19.80 15.91 -19.62
N VAL B 388 -18.81 16.67 -19.10
CA VAL B 388 -18.54 18.11 -19.38
C VAL B 388 -19.85 18.97 -19.53
N THR B 389 -20.55 19.12 -18.37
CA THR B 389 -21.80 19.94 -18.21
C THR B 389 -23.03 19.30 -18.95
N ALA B 390 -22.82 18.15 -19.63
CA ALA B 390 -23.79 17.54 -20.59
C ALA B 390 -24.13 18.54 -21.73
N ASP B 391 -23.16 19.42 -22.03
CA ASP B 391 -23.33 20.55 -22.96
C ASP B 391 -22.06 20.72 -23.83
N HIS B 392 -21.01 21.32 -23.24
CA HIS B 392 -19.85 21.87 -23.97
C HIS B 392 -18.94 22.63 -22.99
N ALA B 393 -19.58 23.32 -22.01
CA ALA B 393 -18.91 24.16 -20.98
C ALA B 393 -18.29 25.43 -21.64
N HIS B 394 -17.19 25.98 -21.04
CA HIS B 394 -16.61 27.32 -21.35
C HIS B 394 -17.50 28.41 -20.73
N ALA B 395 -18.75 28.47 -21.23
CA ALA B 395 -19.79 29.36 -20.71
C ALA B 395 -21.13 28.93 -21.32
N SER B 396 -21.97 28.24 -20.51
CA SER B 396 -23.26 27.70 -20.98
C SER B 396 -24.42 28.64 -20.59
N GLN B 397 -25.01 28.42 -19.39
CA GLN B 397 -26.23 29.13 -18.96
C GLN B 397 -25.87 30.26 -17.97
N ILE B 398 -25.60 29.88 -16.69
CA ILE B 398 -25.26 30.84 -15.63
C ILE B 398 -23.73 30.85 -15.39
N VAL B 399 -23.11 32.02 -15.63
CA VAL B 399 -21.66 32.26 -15.42
C VAL B 399 -21.45 33.61 -14.70
N ALA B 400 -22.53 34.41 -14.61
CA ALA B 400 -22.56 35.72 -13.91
C ALA B 400 -22.44 35.60 -12.36
N PRO B 401 -23.17 34.64 -11.66
CA PRO B 401 -22.98 34.45 -10.20
C PRO B 401 -21.58 33.84 -9.90
N ASP B 402 -20.65 34.72 -9.44
CA ASP B 402 -19.26 34.31 -9.13
C ASP B 402 -19.19 33.67 -7.71
N THR B 403 -17.96 33.40 -7.26
CA THR B 403 -17.72 32.62 -6.03
C THR B 403 -17.97 33.46 -4.77
N LYS B 404 -17.33 34.63 -4.72
CA LYS B 404 -17.29 35.49 -3.53
C LYS B 404 -18.54 36.38 -3.43
N ALA B 405 -19.01 36.87 -4.59
CA ALA B 405 -20.11 37.83 -4.71
C ALA B 405 -19.74 39.17 -4.02
N PRO B 406 -18.96 40.06 -4.73
CA PRO B 406 -18.41 41.31 -4.13
C PRO B 406 -19.38 42.51 -4.13
N GLY B 407 -20.66 42.27 -4.55
CA GLY B 407 -21.66 43.34 -4.65
C GLY B 407 -21.96 43.99 -3.29
N LEU B 408 -22.62 43.24 -2.40
CA LEU B 408 -22.93 43.69 -1.03
C LEU B 408 -22.98 42.48 -0.10
N THR B 409 -22.47 42.65 1.15
CA THR B 409 -22.40 41.61 2.20
C THR B 409 -21.25 40.58 1.96
N GLN B 410 -21.11 40.14 0.68
CA GLN B 410 -20.16 39.09 0.25
C GLN B 410 -20.54 37.73 0.83
N ALA B 411 -20.78 36.74 -0.05
CA ALA B 411 -20.95 35.33 0.36
C ALA B 411 -19.65 34.82 1.05
N LEU B 412 -18.51 35.46 0.69
CA LEU B 412 -17.16 35.13 1.17
C LEU B 412 -16.82 33.72 0.67
N ASN B 413 -16.91 33.59 -0.66
CA ASN B 413 -16.49 32.40 -1.43
C ASN B 413 -17.47 31.21 -1.30
N THR B 414 -18.43 31.26 -0.35
CA THR B 414 -19.34 30.13 -0.03
C THR B 414 -20.39 29.88 -1.14
N LYS B 415 -20.42 30.78 -2.17
CA LYS B 415 -21.36 30.76 -3.34
C LYS B 415 -22.75 31.27 -2.95
N ASP B 416 -23.33 30.64 -1.92
CA ASP B 416 -24.69 30.91 -1.43
C ASP B 416 -24.79 30.37 0.00
N GLY B 417 -24.41 29.09 0.16
CA GLY B 417 -24.38 28.43 1.46
C GLY B 417 -25.53 27.44 1.63
N ALA B 418 -26.76 27.90 1.34
CA ALA B 418 -27.99 27.09 1.53
C ALA B 418 -28.15 26.02 0.43
N VAL B 419 -27.47 26.22 -0.73
CA VAL B 419 -27.46 25.24 -1.84
C VAL B 419 -26.56 24.01 -1.49
N MET B 420 -27.14 23.07 -0.72
CA MET B 420 -26.46 21.86 -0.24
C MET B 420 -26.72 20.66 -1.18
N VAL B 421 -27.64 20.83 -2.16
CA VAL B 421 -27.94 19.79 -3.17
C VAL B 421 -26.79 19.72 -4.21
N MET B 422 -26.83 20.64 -5.23
CA MET B 422 -25.82 20.74 -6.33
C MET B 422 -25.57 19.41 -7.09
N SER B 423 -26.45 18.40 -6.89
CA SER B 423 -26.24 17.02 -7.38
C SER B 423 -27.26 16.67 -8.48
N TYR B 424 -26.75 16.56 -9.74
CA TYR B 424 -27.52 16.16 -10.94
C TYR B 424 -28.57 17.25 -11.33
N GLY B 425 -29.69 17.27 -10.60
CA GLY B 425 -30.79 18.19 -10.87
C GLY B 425 -32.05 17.77 -10.12
N ASN B 426 -32.84 18.79 -9.68
CA ASN B 426 -34.09 18.63 -8.87
C ASN B 426 -33.92 17.61 -7.70
N SER B 427 -32.69 17.60 -7.12
CA SER B 427 -32.25 16.62 -6.10
C SER B 427 -32.42 15.18 -6.63
N GLU B 428 -31.58 14.82 -7.63
CA GLU B 428 -31.59 13.55 -8.39
C GLU B 428 -33.01 13.12 -8.88
N GLU B 429 -33.27 13.27 -10.20
CA GLU B 429 -34.57 12.92 -10.83
C GLU B 429 -34.90 11.42 -10.63
N ASP B 430 -35.71 11.15 -9.58
CA ASP B 430 -36.30 9.83 -9.25
C ASP B 430 -35.38 8.63 -9.56
N SER B 431 -34.24 8.59 -8.87
CA SER B 431 -33.25 7.51 -9.00
C SER B 431 -33.21 6.64 -7.73
N GLN B 432 -33.41 7.29 -6.56
CA GLN B 432 -33.27 6.65 -5.23
C GLN B 432 -31.90 5.93 -5.11
N GLU B 433 -30.85 6.71 -5.35
CA GLU B 433 -29.44 6.26 -5.26
C GLU B 433 -29.11 6.02 -3.77
N HIS B 434 -28.09 5.16 -3.50
CA HIS B 434 -27.68 4.74 -2.13
C HIS B 434 -27.49 5.98 -1.24
N THR B 435 -28.51 6.24 -0.40
CA THR B 435 -28.69 7.42 0.50
C THR B 435 -28.84 8.78 -0.23
N GLY B 436 -28.51 8.85 -1.54
CA GLY B 436 -28.66 10.08 -2.31
C GLY B 436 -27.64 11.13 -1.92
N SER B 437 -27.88 11.79 -0.77
CA SER B 437 -26.94 12.73 -0.14
C SER B 437 -26.78 12.35 1.35
N GLN B 438 -25.80 13.00 2.03
CA GLN B 438 -25.40 12.70 3.43
C GLN B 438 -24.78 11.29 3.54
N LEU B 439 -23.48 11.24 3.89
CA LEU B 439 -22.72 9.98 4.01
C LEU B 439 -23.16 9.20 5.30
N ARG B 440 -24.22 8.39 5.11
CA ARG B 440 -24.81 7.51 6.15
C ARG B 440 -24.18 6.12 6.12
N ILE B 441 -23.40 5.86 5.05
CA ILE B 441 -22.59 4.64 4.85
C ILE B 441 -23.45 3.38 4.57
N ALA B 442 -23.15 2.73 3.44
CA ALA B 442 -23.72 1.43 3.04
C ALA B 442 -22.60 0.67 2.30
N ALA B 443 -22.04 -0.34 2.98
CA ALA B 443 -20.85 -1.08 2.51
C ALA B 443 -20.78 -2.46 3.20
N TYR B 444 -20.85 -2.44 4.55
CA TYR B 444 -20.88 -3.68 5.37
C TYR B 444 -21.35 -3.35 6.81
N GLY B 445 -22.52 -3.89 7.21
CA GLY B 445 -23.04 -3.70 8.59
C GLY B 445 -24.47 -3.16 8.65
N PRO B 446 -24.74 -1.88 8.16
CA PRO B 446 -26.11 -1.25 8.14
C PRO B 446 -27.25 -2.18 7.67
N HIS B 447 -26.93 -3.13 6.79
CA HIS B 447 -27.87 -4.17 6.31
C HIS B 447 -27.32 -5.54 6.71
N ALA B 448 -26.29 -6.01 5.97
CA ALA B 448 -25.61 -7.31 6.17
C ALA B 448 -26.54 -8.50 5.84
N ALA B 449 -25.94 -9.60 5.34
CA ALA B 449 -26.68 -10.84 5.02
C ALA B 449 -27.01 -11.62 6.32
N ASN B 450 -27.99 -11.08 7.07
CA ASN B 450 -28.46 -11.65 8.35
C ASN B 450 -29.88 -11.15 8.64
N VAL B 451 -30.02 -9.82 8.83
CA VAL B 451 -31.34 -9.18 9.12
C VAL B 451 -32.19 -9.06 7.84
N VAL B 452 -31.51 -9.07 6.67
CA VAL B 452 -32.17 -8.97 5.36
C VAL B 452 -32.95 -10.26 5.04
N GLY B 453 -34.25 -10.10 4.75
CA GLY B 453 -35.12 -11.22 4.37
C GLY B 453 -35.31 -11.30 2.85
N LEU B 454 -34.55 -10.48 2.10
CA LEU B 454 -34.60 -10.44 0.63
C LEU B 454 -33.93 -11.69 0.05
N THR B 455 -32.57 -11.68 -0.04
CA THR B 455 -31.76 -12.78 -0.60
C THR B 455 -32.33 -13.31 -1.95
N ASP B 456 -32.21 -12.47 -2.98
CA ASP B 456 -32.67 -12.81 -4.35
C ASP B 456 -31.51 -13.37 -5.20
N GLN B 457 -30.39 -13.72 -4.52
CA GLN B 457 -29.16 -14.25 -5.15
C GLN B 457 -29.22 -15.81 -5.20
N THR B 458 -30.39 -16.34 -5.66
CA THR B 458 -30.66 -17.78 -5.84
C THR B 458 -30.50 -18.59 -4.53
N ASP B 459 -31.49 -18.41 -3.62
CA ASP B 459 -31.63 -19.22 -2.37
C ASP B 459 -30.36 -19.11 -1.50
N LEU B 460 -30.09 -20.17 -0.69
CA LEU B 460 -28.86 -20.37 0.12
C LEU B 460 -28.88 -19.52 1.42
N PHE B 461 -29.03 -18.19 1.27
CA PHE B 461 -28.91 -17.20 2.36
C PHE B 461 -27.44 -17.09 2.80
N TYR B 462 -26.95 -18.12 3.52
CA TYR B 462 -25.54 -18.23 3.94
C TYR B 462 -25.15 -17.04 4.88
N THR B 463 -23.85 -16.90 5.21
CA THR B 463 -23.32 -15.78 6.04
C THR B 463 -23.75 -15.89 7.54
N MET B 464 -24.47 -16.99 7.89
CA MET B 464 -24.98 -17.23 9.25
C MET B 464 -23.85 -17.77 10.17
N LYS B 465 -22.92 -16.86 10.50
CA LYS B 465 -21.68 -17.15 11.26
C LYS B 465 -21.81 -16.70 12.73
N ALA B 466 -23.03 -16.22 13.10
CA ALA B 466 -23.36 -15.84 14.48
C ALA B 466 -23.24 -17.07 15.39
N ALA B 467 -22.69 -16.88 16.61
CA ALA B 467 -22.51 -17.96 17.59
C ALA B 467 -23.86 -18.60 17.98
N LEU B 468 -24.95 -17.83 17.83
CA LEU B 468 -26.33 -18.33 17.89
C LEU B 468 -26.68 -18.91 16.50
N GLY B 469 -26.99 -20.22 16.46
CA GLY B 469 -27.42 -20.89 15.23
C GLY B 469 -28.83 -20.47 14.83
N LEU B 470 -28.90 -19.35 14.09
CA LEU B 470 -30.16 -18.73 13.64
C LEU B 470 -30.97 -19.69 12.74
N LYS B 471 -30.35 -20.10 11.63
CA LYS B 471 -31.00 -20.93 10.60
C LYS B 471 -29.90 -21.86 10.02
N MET C 1 41.52 -25.55 -30.61
CA MET C 1 42.64 -26.43 -31.00
C MET C 1 42.82 -27.56 -29.96
N ALA C 2 41.79 -27.73 -29.10
CA ALA C 2 41.73 -28.79 -28.05
C ALA C 2 42.87 -28.68 -27.03
N ALA C 3 43.24 -27.44 -26.66
CA ALA C 3 44.25 -27.19 -25.62
C ALA C 3 43.65 -27.49 -24.23
N LYS C 4 43.65 -28.80 -23.91
CA LYS C 4 43.15 -29.41 -22.65
C LYS C 4 43.38 -28.52 -21.42
N LYS C 5 42.35 -27.72 -21.09
CA LYS C 5 42.28 -26.96 -19.84
C LYS C 5 41.54 -27.82 -18.81
N ASP C 6 42.30 -28.60 -18.03
CA ASP C 6 41.74 -29.41 -16.94
C ASP C 6 41.36 -28.44 -15.81
N TYR C 7 40.09 -28.08 -15.78
CA TYR C 7 39.55 -27.04 -14.89
C TYR C 7 39.76 -27.41 -13.40
N TYR C 8 39.60 -28.70 -13.08
CA TYR C 8 39.84 -29.23 -11.72
C TYR C 8 41.30 -29.00 -11.31
N ALA C 9 42.23 -29.31 -12.23
CA ALA C 9 43.68 -29.16 -11.99
C ALA C 9 44.05 -27.68 -11.76
N ILE C 10 43.43 -26.77 -12.54
CA ILE C 10 43.64 -25.31 -12.41
C ILE C 10 43.18 -24.82 -11.00
N LEU C 11 42.10 -25.42 -10.47
CA LEU C 11 41.59 -25.12 -9.11
C LEU C 11 42.38 -25.86 -8.01
N GLY C 12 43.19 -26.87 -8.41
CA GLY C 12 43.97 -27.68 -7.46
C GLY C 12 43.13 -28.72 -6.70
N VAL C 13 42.14 -29.29 -7.39
CA VAL C 13 41.22 -30.33 -6.86
C VAL C 13 41.13 -31.50 -7.86
N PRO C 14 40.83 -32.76 -7.40
CA PRO C 14 40.69 -33.93 -8.30
C PRO C 14 39.35 -33.92 -9.08
N ARG C 15 39.29 -34.68 -10.19
CA ARG C 15 38.07 -34.84 -10.99
C ARG C 15 37.00 -35.62 -10.19
N ASN C 16 36.31 -34.90 -9.31
CA ASN C 16 35.33 -35.45 -8.36
C ASN C 16 34.73 -34.31 -7.53
N ALA C 17 35.57 -33.27 -7.33
CA ALA C 17 35.23 -32.07 -6.58
C ALA C 17 33.85 -31.50 -6.99
N THR C 18 32.93 -31.42 -6.04
CA THR C 18 31.58 -30.86 -6.26
C THR C 18 31.60 -29.34 -6.06
N GLN C 19 30.44 -28.68 -6.26
CA GLN C 19 30.27 -27.20 -6.16
C GLN C 19 30.89 -26.64 -4.86
N GLU C 20 30.74 -27.39 -3.76
CA GLU C 20 31.26 -27.00 -2.43
C GLU C 20 32.81 -27.00 -2.43
N GLU C 21 33.40 -28.12 -2.87
CA GLU C 21 34.88 -28.33 -2.86
C GLU C 21 35.58 -27.35 -3.83
N ILE C 22 34.89 -27.05 -4.93
CA ILE C 22 35.34 -26.14 -5.99
C ILE C 22 35.23 -24.67 -5.56
N LYS C 23 34.17 -24.36 -4.79
CA LYS C 23 33.93 -23.03 -4.19
C LYS C 23 35.08 -22.69 -3.21
N ARG C 24 35.45 -23.69 -2.40
CA ARG C 24 36.55 -23.56 -1.41
C ARG C 24 37.91 -23.37 -2.13
N ALA C 25 38.16 -24.20 -3.18
CA ALA C 25 39.39 -24.14 -3.99
C ALA C 25 39.54 -22.78 -4.69
N TYR C 26 38.41 -22.24 -5.15
CA TYR C 26 38.35 -20.91 -5.77
C TYR C 26 38.78 -19.85 -4.77
N LYS C 27 38.14 -19.85 -3.57
CA LYS C 27 38.43 -18.86 -2.49
C LYS C 27 39.91 -18.90 -2.07
N ARG C 28 40.48 -20.12 -2.06
CA ARG C 28 41.93 -20.37 -1.85
C ARG C 28 42.77 -19.53 -2.83
N LEU C 29 42.49 -19.71 -4.14
CA LEU C 29 43.23 -19.02 -5.22
C LEU C 29 42.72 -17.58 -5.44
N ALA C 30 41.59 -17.24 -4.81
CA ALA C 30 40.98 -15.89 -4.86
C ALA C 30 41.49 -15.04 -3.70
N ARG C 31 42.17 -15.67 -2.74
CA ARG C 31 42.97 -14.98 -1.71
C ARG C 31 44.44 -14.88 -2.17
N GLN C 32 45.00 -16.01 -2.62
CA GLN C 32 46.41 -16.11 -3.05
C GLN C 32 46.68 -15.20 -4.27
N TYR C 33 45.81 -15.30 -5.29
CA TYR C 33 45.93 -14.50 -6.54
C TYR C 33 44.83 -13.43 -6.59
N HIS C 34 44.53 -12.85 -5.42
CA HIS C 34 43.51 -11.79 -5.28
C HIS C 34 44.00 -10.52 -5.98
N PRO C 35 43.37 -10.08 -7.12
CA PRO C 35 43.85 -8.89 -7.89
C PRO C 35 43.76 -7.60 -7.04
N ASP C 36 42.78 -7.61 -6.12
CA ASP C 36 42.53 -6.55 -5.13
C ASP C 36 43.72 -6.36 -4.16
N VAL C 37 44.44 -7.46 -3.85
CA VAL C 37 45.62 -7.41 -2.96
C VAL C 37 46.89 -7.33 -3.82
N ASN C 38 47.11 -8.38 -4.63
CA ASN C 38 48.30 -8.53 -5.48
C ASN C 38 47.97 -8.10 -6.93
N LYS C 39 48.30 -6.84 -7.27
CA LYS C 39 48.20 -6.34 -8.66
C LYS C 39 49.42 -6.82 -9.45
N SER C 40 49.41 -8.11 -9.80
CA SER C 40 50.44 -8.72 -10.63
C SER C 40 49.76 -9.44 -11.81
N PRO C 41 49.70 -8.78 -13.03
CA PRO C 41 49.01 -9.30 -14.24
C PRO C 41 49.20 -10.82 -14.47
N GLU C 42 50.44 -11.31 -14.30
CA GLU C 42 50.81 -12.73 -14.37
C GLU C 42 49.85 -13.60 -13.50
N ALA C 43 49.74 -13.23 -12.21
CA ALA C 43 48.88 -13.94 -11.23
C ALA C 43 47.40 -13.71 -11.53
N GLU C 44 47.08 -12.64 -12.28
CA GLU C 44 45.70 -12.23 -12.58
C GLU C 44 45.19 -12.92 -13.85
N GLU C 45 46.12 -13.33 -14.74
CA GLU C 45 45.80 -14.10 -15.96
C GLU C 45 45.65 -15.58 -15.59
N LYS C 46 46.50 -16.01 -14.63
CA LYS C 46 46.35 -17.32 -14.00
C LYS C 46 45.03 -17.34 -13.19
N PHE C 47 44.69 -16.19 -12.57
CA PHE C 47 43.40 -15.99 -11.87
C PHE C 47 42.23 -16.01 -12.89
N LYS C 48 42.48 -15.53 -14.12
CA LYS C 48 41.50 -15.62 -15.23
C LYS C 48 41.23 -17.08 -15.61
N GLU C 49 42.30 -17.91 -15.61
CA GLU C 49 42.19 -19.36 -15.88
C GLU C 49 41.48 -20.08 -14.71
N ILE C 50 41.61 -19.52 -13.50
CA ILE C 50 40.88 -19.98 -12.29
C ILE C 50 39.40 -19.55 -12.37
N ASN C 51 39.13 -18.39 -13.00
CA ASN C 51 37.74 -17.90 -13.25
C ASN C 51 37.11 -18.64 -14.42
N GLU C 52 37.94 -19.19 -15.33
CA GLU C 52 37.50 -20.08 -16.42
C GLU C 52 37.08 -21.42 -15.82
N ALA C 53 38.02 -21.95 -15.04
CA ALA C 53 37.87 -23.22 -14.33
C ALA C 53 36.65 -23.22 -13.43
N TYR C 54 36.47 -22.11 -12.70
CA TYR C 54 35.35 -21.94 -11.78
C TYR C 54 34.05 -21.67 -12.55
N ALA C 55 34.13 -20.90 -13.65
CA ALA C 55 32.94 -20.58 -14.49
C ALA C 55 32.30 -21.86 -15.05
N VAL C 56 33.15 -22.84 -15.39
CA VAL C 56 32.69 -24.16 -15.84
C VAL C 56 32.23 -25.01 -14.64
N LEU C 57 33.01 -25.01 -13.54
CA LEU C 57 32.82 -26.00 -12.45
C LEU C 57 32.02 -25.49 -11.22
N SER C 58 31.55 -24.23 -11.24
CA SER C 58 30.78 -23.65 -10.12
C SER C 58 29.36 -24.21 -10.13
N ASP C 59 28.63 -23.85 -11.18
CA ASP C 59 27.19 -24.07 -11.29
C ASP C 59 26.97 -25.48 -11.88
N PRO C 60 26.04 -26.30 -11.24
CA PRO C 60 25.78 -27.72 -11.63
C PRO C 60 25.60 -27.96 -13.14
N GLU C 61 25.08 -26.95 -13.87
CA GLU C 61 24.88 -27.01 -15.33
C GLU C 61 26.21 -27.30 -16.06
N LYS C 62 27.13 -26.31 -16.06
CA LYS C 62 28.39 -26.39 -16.83
C LYS C 62 29.34 -27.43 -16.21
N ARG C 63 29.17 -27.68 -14.90
CA ARG C 63 29.94 -28.72 -14.18
C ARG C 63 29.60 -30.09 -14.82
N ARG C 64 28.29 -30.36 -15.01
CA ARG C 64 27.80 -31.60 -15.66
C ARG C 64 28.14 -31.63 -17.16
N ILE C 65 28.21 -30.45 -17.81
CA ILE C 65 28.64 -30.34 -19.23
C ILE C 65 30.09 -30.84 -19.39
N TYR C 66 30.95 -30.44 -18.46
CA TYR C 66 32.36 -30.87 -18.43
C TYR C 66 32.44 -32.37 -18.14
N ASP C 67 31.69 -32.84 -17.11
CA ASP C 67 31.65 -34.26 -16.70
C ASP C 67 31.29 -35.16 -17.88
N THR C 68 30.22 -34.77 -18.61
CA THR C 68 29.75 -35.51 -19.80
C THR C 68 30.73 -35.38 -20.97
N TYR C 69 31.51 -34.27 -21.03
CA TYR C 69 32.51 -34.05 -22.10
C TYR C 69 33.67 -35.06 -21.90
N GLY C 70 34.12 -35.69 -22.99
CA GLY C 70 35.06 -36.82 -22.92
C GLY C 70 34.33 -38.16 -22.89
N THR C 71 33.04 -38.11 -23.24
CA THR C 71 32.14 -39.27 -23.38
C THR C 71 31.18 -38.85 -24.49
N THR C 72 30.48 -37.75 -24.20
CA THR C 72 29.91 -36.90 -25.22
C THR C 72 31.11 -36.10 -25.80
N GLU C 73 31.11 -35.90 -27.12
CA GLU C 73 32.22 -35.23 -27.85
C GLU C 73 31.80 -33.82 -28.30
N ALA C 74 30.53 -33.68 -28.68
CA ALA C 74 29.95 -32.41 -29.12
C ALA C 74 29.30 -31.67 -27.94
N PRO C 75 29.44 -30.31 -27.83
CA PRO C 75 28.77 -29.50 -26.78
C PRO C 75 27.22 -29.58 -26.88
N PRO C 76 26.48 -29.58 -25.72
CA PRO C 76 24.98 -29.55 -25.67
C PRO C 76 24.35 -28.44 -26.57
N PRO C 77 23.16 -28.70 -27.22
CA PRO C 77 22.46 -27.67 -28.05
C PRO C 77 22.12 -26.40 -27.22
N PRO C 78 22.43 -25.16 -27.74
CA PRO C 78 22.27 -23.89 -26.99
C PRO C 78 20.80 -23.68 -26.51
N PRO C 79 20.52 -23.71 -25.17
CA PRO C 79 19.16 -23.56 -24.61
C PRO C 79 18.71 -22.07 -24.54
N PRO C 80 17.46 -21.77 -24.09
CA PRO C 80 17.05 -20.39 -23.74
C PRO C 80 18.00 -19.75 -22.70
N GLY C 81 19.03 -19.08 -23.23
CA GLY C 81 19.98 -18.32 -22.42
C GLY C 81 21.43 -18.58 -22.83
N GLY C 82 21.63 -19.47 -23.83
CA GLY C 82 22.96 -19.78 -24.33
C GLY C 82 23.82 -20.51 -23.29
N TYR C 83 25.13 -20.32 -23.36
CA TYR C 83 26.07 -20.74 -22.33
C TYR C 83 26.41 -19.52 -21.46
N ASP C 84 25.99 -19.57 -20.18
CA ASP C 84 26.25 -18.47 -19.25
C ASP C 84 27.74 -18.45 -18.87
N PHE C 85 28.31 -17.24 -18.92
CA PHE C 85 29.72 -16.99 -18.66
C PHE C 85 29.88 -15.50 -18.27
N SER C 86 28.75 -14.94 -17.82
CA SER C 86 28.55 -13.54 -17.59
C SER C 86 29.49 -13.00 -16.50
N GLY C 87 30.21 -11.93 -16.82
CA GLY C 87 31.12 -11.30 -15.88
C GLY C 87 32.57 -11.70 -16.11
N PHE C 88 32.81 -12.85 -16.78
CA PHE C 88 34.17 -13.36 -17.03
C PHE C 88 34.68 -12.88 -18.40
N ASP C 89 36.02 -12.73 -18.51
CA ASP C 89 36.67 -12.15 -19.71
C ASP C 89 36.84 -13.25 -20.80
N VAL C 90 35.71 -13.61 -21.44
CA VAL C 90 35.62 -14.59 -22.56
C VAL C 90 36.74 -14.40 -23.61
N GLU C 91 37.01 -13.11 -23.92
CA GLU C 91 37.96 -12.67 -24.95
C GLU C 91 39.38 -13.23 -24.70
N ASP C 92 39.76 -13.32 -23.42
CA ASP C 92 41.11 -13.73 -23.01
C ASP C 92 41.24 -15.27 -22.85
N PHE C 93 40.10 -15.95 -22.66
CA PHE C 93 40.08 -17.38 -22.26
C PHE C 93 40.30 -18.32 -23.48
N SER C 94 40.62 -19.60 -23.19
CA SER C 94 41.17 -20.57 -24.17
C SER C 94 40.23 -20.83 -25.36
N GLU C 95 40.84 -21.20 -26.49
CA GLU C 95 40.13 -21.68 -27.69
C GLU C 95 39.34 -22.98 -27.38
N PHE C 96 39.86 -23.80 -26.45
CA PHE C 96 39.20 -25.02 -25.96
C PHE C 96 37.84 -24.69 -25.33
N PHE C 97 37.84 -23.63 -24.52
CA PHE C 97 36.61 -23.03 -23.99
C PHE C 97 35.72 -22.48 -25.15
N GLN C 98 36.35 -21.81 -26.14
CA GLN C 98 35.64 -21.24 -27.30
C GLN C 98 35.19 -22.35 -28.31
N GLU C 99 35.53 -23.62 -28.00
CA GLU C 99 34.99 -24.80 -28.72
C GLU C 99 33.82 -25.46 -27.94
N LEU C 100 33.97 -25.56 -26.61
CA LEU C 100 33.00 -26.27 -25.74
C LEU C 100 31.77 -25.38 -25.39
N PHE C 101 32.02 -24.08 -25.22
CA PHE C 101 30.98 -23.09 -24.90
C PHE C 101 30.80 -22.09 -26.06
N GLY C 102 31.81 -22.03 -26.96
CA GLY C 102 31.78 -21.19 -28.17
C GLY C 102 30.45 -21.17 -28.94
N PRO C 103 29.95 -22.37 -29.42
CA PRO C 103 28.70 -22.46 -30.25
C PRO C 103 27.46 -21.80 -29.62
N GLY C 104 27.47 -21.62 -28.28
CA GLY C 104 26.31 -21.10 -27.58
C GLY C 104 26.59 -19.90 -26.69
N LEU C 105 27.82 -19.30 -26.75
CA LEU C 105 28.25 -18.17 -25.85
C LEU C 105 27.21 -17.01 -25.71
N PHE C 106 26.24 -17.23 -24.78
CA PHE C 106 25.23 -16.25 -24.31
C PHE C 106 24.83 -15.18 -25.37
N GLY C 107 25.27 -13.88 -25.20
CA GLY C 107 24.77 -12.79 -26.05
C GLY C 107 23.25 -12.63 -26.00
N GLY C 108 22.67 -13.06 -24.86
CA GLY C 108 21.22 -13.25 -24.72
C GLY C 108 20.63 -14.11 -25.85
N PHE C 109 19.63 -13.54 -26.54
CA PHE C 109 19.03 -14.12 -27.76
C PHE C 109 19.39 -13.25 -28.98
N GLY C 110 20.31 -12.30 -28.77
CA GLY C 110 20.87 -11.49 -29.85
C GLY C 110 22.10 -12.14 -30.44
N ARG C 111 22.65 -13.12 -29.68
CA ARG C 111 23.68 -14.08 -30.15
C ARG C 111 24.97 -13.40 -30.68
N ARG C 112 25.11 -12.10 -30.38
CA ARG C 112 26.32 -11.29 -30.63
C ARG C 112 27.52 -11.76 -29.75
N SER C 113 27.19 -12.48 -28.64
CA SER C 113 28.19 -13.06 -27.69
C SER C 113 29.05 -12.00 -26.98
N ARG C 114 28.69 -10.72 -27.13
CA ARG C 114 29.50 -9.59 -26.66
C ARG C 114 28.98 -9.03 -25.32
N LYS C 115 29.44 -7.82 -24.90
CA LYS C 115 29.37 -7.29 -23.50
C LYS C 115 28.17 -7.78 -22.65
N GLY C 116 28.50 -8.50 -21.56
CA GLY C 116 27.54 -8.87 -20.52
C GLY C 116 27.03 -7.65 -19.77
N ARG C 117 25.72 -7.52 -19.67
CA ARG C 117 25.05 -6.35 -19.09
C ARG C 117 24.30 -6.74 -17.83
N ASP C 118 23.67 -5.69 -17.28
CA ASP C 118 22.73 -5.73 -16.17
C ASP C 118 21.56 -6.66 -16.50
N LEU C 119 21.54 -7.84 -15.87
CA LEU C 119 20.39 -8.77 -16.02
C LEU C 119 19.43 -8.52 -14.85
N ARG C 120 18.21 -8.02 -15.13
CA ARG C 120 17.25 -7.61 -14.08
C ARG C 120 16.14 -8.65 -13.95
N ALA C 121 15.94 -9.19 -12.73
CA ALA C 121 14.94 -10.23 -12.45
C ALA C 121 13.79 -9.69 -11.58
N GLU C 122 12.55 -10.06 -11.93
CA GLU C 122 11.36 -9.80 -11.11
C GLU C 122 11.13 -11.04 -10.22
N LEU C 123 11.73 -11.07 -9.01
CA LEU C 123 11.63 -12.29 -8.15
C LEU C 123 10.66 -12.10 -6.98
N PRO C 124 9.51 -12.88 -6.97
CA PRO C 124 8.67 -13.05 -5.75
C PRO C 124 9.46 -13.78 -4.65
N LEU C 125 9.77 -13.06 -3.55
CA LEU C 125 10.70 -13.56 -2.51
C LEU C 125 10.10 -13.37 -1.10
N THR C 126 10.42 -14.30 -0.19
CA THR C 126 9.94 -14.26 1.21
C THR C 126 10.95 -13.50 2.10
N LEU C 127 10.44 -12.87 3.18
CA LEU C 127 11.24 -12.04 4.13
C LEU C 127 12.26 -12.92 4.89
N GLU C 128 11.70 -14.01 5.45
CA GLU C 128 12.43 -15.06 6.18
C GLU C 128 13.57 -15.59 5.30
N GLU C 129 13.25 -15.81 4.02
CA GLU C 129 14.18 -16.41 3.04
C GLU C 129 15.14 -15.37 2.46
N ALA C 130 14.81 -14.08 2.63
CA ALA C 130 15.73 -12.98 2.28
C ALA C 130 16.87 -12.94 3.30
N PHE C 131 16.54 -13.33 4.55
CA PHE C 131 17.56 -13.67 5.58
C PHE C 131 18.22 -15.05 5.25
N HIS C 132 17.39 -16.08 5.02
CA HIS C 132 17.87 -17.49 4.88
C HIS C 132 18.53 -17.74 3.49
N GLY C 133 18.66 -16.68 2.66
CA GLY C 133 19.41 -16.73 1.40
C GLY C 133 20.90 -17.10 1.57
N GLY C 134 21.19 -18.42 1.53
CA GLY C 134 22.58 -18.93 1.48
C GLY C 134 23.06 -19.05 0.05
N GLU C 135 23.88 -20.10 -0.27
CA GLU C 135 24.25 -20.39 -1.66
C GLU C 135 23.01 -20.95 -2.39
N ARG C 136 22.27 -20.04 -3.05
CA ARG C 136 20.98 -20.37 -3.68
C ARG C 136 21.08 -20.21 -5.20
N VAL C 137 20.49 -21.16 -5.94
CA VAL C 137 20.52 -21.15 -7.40
C VAL C 137 19.50 -20.11 -7.93
N VAL C 138 20.03 -18.96 -8.38
CA VAL C 138 19.24 -17.90 -9.03
C VAL C 138 19.01 -18.27 -10.52
N GLU C 139 17.73 -18.33 -10.91
CA GLU C 139 17.29 -18.96 -12.17
C GLU C 139 16.61 -17.89 -13.05
N VAL C 140 17.40 -17.25 -13.93
CA VAL C 140 16.97 -16.03 -14.67
C VAL C 140 17.56 -16.03 -16.12
N ALA C 141 16.77 -15.45 -17.07
CA ALA C 141 17.07 -15.42 -18.53
C ALA C 141 17.07 -16.83 -19.14
N GLY C 142 16.47 -17.79 -18.41
CA GLY C 142 16.45 -19.19 -18.78
C GLY C 142 17.66 -19.96 -18.27
N ARG C 143 18.66 -19.24 -17.71
CA ARG C 143 19.91 -19.83 -17.22
C ARG C 143 19.90 -19.97 -15.69
N ARG C 144 20.43 -21.12 -15.22
CA ARG C 144 20.27 -21.60 -13.84
C ARG C 144 21.64 -21.63 -13.12
N VAL C 145 21.98 -20.54 -12.40
CA VAL C 145 23.32 -20.34 -11.78
C VAL C 145 23.25 -20.23 -10.24
N SER C 146 24.25 -20.81 -9.55
CA SER C 146 24.33 -20.86 -8.07
C SER C 146 25.18 -19.70 -7.51
N VAL C 147 24.64 -18.94 -6.53
CA VAL C 147 25.38 -17.86 -5.85
C VAL C 147 24.68 -17.48 -4.52
N ARG C 148 25.46 -17.05 -3.51
CA ARG C 148 24.92 -16.39 -2.32
C ARG C 148 24.74 -14.89 -2.62
N ILE C 149 23.48 -14.44 -2.58
CA ILE C 149 23.13 -13.02 -2.67
C ILE C 149 23.16 -12.40 -1.25
N PRO C 150 23.47 -11.07 -1.10
CA PRO C 150 23.50 -10.39 0.22
C PRO C 150 22.21 -10.62 1.06
N PRO C 151 22.30 -11.37 2.22
CA PRO C 151 21.15 -11.65 3.10
C PRO C 151 20.53 -10.36 3.68
N GLY C 152 19.36 -9.98 3.15
CA GLY C 152 18.72 -8.70 3.45
C GLY C 152 18.34 -7.97 2.18
N VAL C 153 17.03 -8.02 1.82
CA VAL C 153 16.52 -7.36 0.59
C VAL C 153 15.40 -6.35 0.94
N ARG C 154 15.14 -5.41 0.02
CA ARG C 154 14.23 -4.26 0.23
C ARG C 154 13.07 -4.33 -0.79
N GLU C 155 11.80 -4.38 -0.32
CA GLU C 155 10.59 -4.33 -1.20
C GLU C 155 10.69 -3.24 -2.28
N GLY C 156 10.57 -3.65 -3.56
CA GLY C 156 10.57 -2.75 -4.70
C GLY C 156 11.97 -2.44 -5.23
N SER C 157 12.99 -2.64 -4.38
CA SER C 157 14.37 -2.25 -4.70
C SER C 157 15.11 -3.39 -5.42
N VAL C 158 16.39 -3.14 -5.73
CA VAL C 158 17.19 -4.04 -6.52
C VAL C 158 18.52 -4.40 -5.82
N ILE C 159 18.78 -5.72 -5.71
CA ILE C 159 20.07 -6.30 -5.32
C ILE C 159 21.06 -6.15 -6.48
N ARG C 160 22.31 -5.80 -6.16
CA ARG C 160 23.39 -5.73 -7.16
C ARG C 160 24.48 -6.74 -6.79
N VAL C 161 24.64 -7.82 -7.60
CA VAL C 161 25.82 -8.72 -7.49
C VAL C 161 26.77 -8.43 -8.68
N PRO C 162 27.87 -7.61 -8.45
CA PRO C 162 28.86 -7.27 -9.48
C PRO C 162 29.84 -8.43 -9.75
N GLY C 163 30.18 -8.65 -11.04
CA GLY C 163 31.13 -9.69 -11.43
C GLY C 163 30.46 -10.85 -12.17
N MET C 164 29.11 -10.83 -12.21
CA MET C 164 28.30 -11.77 -13.01
C MET C 164 26.91 -11.15 -13.28
N GLY C 165 26.53 -11.04 -14.56
CA GLY C 165 25.25 -10.47 -14.98
C GLY C 165 24.48 -11.41 -15.87
N GLY C 166 24.25 -10.99 -17.14
CA GLY C 166 23.58 -11.87 -18.08
C GLY C 166 23.60 -11.40 -19.51
N GLN C 167 22.99 -10.23 -19.77
CA GLN C 167 22.66 -9.81 -21.15
C GLN C 167 23.96 -9.55 -21.95
N GLY C 168 24.35 -10.54 -22.75
CA GLY C 168 25.70 -10.58 -23.33
C GLY C 168 26.54 -11.70 -22.72
N ASN C 169 27.87 -11.50 -22.52
CA ASN C 169 28.76 -12.58 -21.97
C ASN C 169 30.00 -12.00 -21.14
N PRO C 170 30.85 -11.03 -21.67
CA PRO C 170 31.89 -10.27 -20.86
C PRO C 170 31.40 -9.63 -19.49
N PRO C 171 32.35 -8.97 -18.69
CA PRO C 171 32.04 -8.19 -17.45
C PRO C 171 30.66 -7.46 -17.39
N GLY C 172 29.85 -7.85 -16.38
CA GLY C 172 28.52 -7.26 -16.11
C GLY C 172 28.07 -7.55 -14.67
N ASP C 173 26.81 -7.21 -14.33
CA ASP C 173 26.24 -7.44 -12.97
C ASP C 173 24.77 -7.89 -13.04
N LEU C 174 24.37 -8.73 -12.08
CA LEU C 174 23.01 -9.27 -12.00
C LEU C 174 22.19 -8.45 -11.00
N LEU C 175 21.21 -7.74 -11.56
CA LEU C 175 20.23 -6.98 -10.80
C LEU C 175 19.06 -7.89 -10.42
N LEU C 176 18.89 -8.17 -9.12
CA LEU C 176 17.74 -8.92 -8.63
C LEU C 176 16.72 -7.93 -8.04
N VAL C 177 15.70 -7.56 -8.84
CA VAL C 177 14.65 -6.63 -8.40
C VAL C 177 13.60 -7.43 -7.62
N VAL C 178 13.66 -7.29 -6.30
CA VAL C 178 12.86 -8.09 -5.38
C VAL C 178 11.47 -7.49 -5.16
N ARG C 179 10.46 -8.29 -5.55
CA ARG C 179 9.06 -8.07 -5.21
C ARG C 179 8.73 -9.12 -4.14
N LEU C 180 8.57 -8.68 -2.89
CA LEU C 180 8.26 -9.60 -1.79
C LEU C 180 6.83 -10.14 -1.92
N LEU C 181 6.63 -11.39 -1.45
CA LEU C 181 5.35 -12.16 -1.55
C LEU C 181 4.15 -11.37 -0.96
N PRO C 182 2.86 -11.82 -1.21
CA PRO C 182 1.67 -11.38 -0.42
C PRO C 182 1.86 -11.67 1.09
N HIS C 183 2.76 -10.88 1.68
CA HIS C 183 3.41 -11.09 2.98
C HIS C 183 4.36 -9.87 3.20
N PRO C 184 3.83 -8.60 3.06
CA PRO C 184 4.66 -7.38 3.02
C PRO C 184 4.82 -6.80 4.43
N VAL C 185 5.49 -7.57 5.31
CA VAL C 185 5.57 -7.23 6.73
C VAL C 185 6.84 -6.43 6.99
N PHE C 186 7.93 -6.71 6.25
CA PHE C 186 9.24 -6.04 6.49
C PHE C 186 9.82 -5.42 5.21
N ARG C 187 9.75 -4.07 5.11
CA ARG C 187 10.44 -3.31 4.05
C ARG C 187 11.78 -2.83 4.64
N LEU C 188 12.90 -3.31 4.05
CA LEU C 188 14.25 -2.98 4.54
C LEU C 188 14.72 -1.61 4.02
N GLU C 189 15.37 -0.86 4.92
CA GLU C 189 16.10 0.37 4.60
C GLU C 189 17.37 0.36 5.49
N GLY C 190 18.56 0.25 4.89
CA GLY C 190 19.81 0.04 5.64
C GLY C 190 19.89 -1.40 6.18
N GLN C 191 19.76 -1.57 7.50
CA GLN C 191 19.56 -2.89 8.16
C GLN C 191 18.27 -2.85 9.00
N ASP C 192 17.55 -1.72 8.85
CA ASP C 192 16.37 -1.36 9.65
C ASP C 192 15.11 -1.78 8.90
N LEU C 193 14.09 -2.26 9.62
CA LEU C 193 12.83 -2.73 9.01
C LEU C 193 11.67 -1.80 9.38
N TYR C 194 10.76 -1.57 8.42
CA TYR C 194 9.45 -0.97 8.68
C TYR C 194 8.38 -2.05 8.52
N ALA C 195 7.53 -2.19 9.54
CA ALA C 195 6.45 -3.18 9.55
C ALA C 195 5.11 -2.51 9.85
N THR C 196 4.06 -3.35 9.92
CA THR C 196 2.74 -2.95 10.41
C THR C 196 2.24 -4.05 11.35
N LEU C 197 2.17 -3.74 12.64
CA LEU C 197 1.66 -4.64 13.66
C LEU C 197 0.13 -4.47 13.81
N ASP C 198 -0.57 -5.59 13.91
CA ASP C 198 -2.01 -5.63 14.19
C ASP C 198 -2.21 -5.73 15.71
N VAL C 199 -2.85 -4.70 16.30
CA VAL C 199 -3.19 -4.66 17.73
C VAL C 199 -4.70 -4.38 17.86
N PRO C 200 -5.54 -5.39 18.23
CA PRO C 200 -6.97 -5.17 18.44
C PRO C 200 -7.23 -4.27 19.66
N ALA C 201 -8.23 -3.40 19.51
CA ALA C 201 -8.63 -2.37 20.52
C ALA C 201 -8.65 -2.88 21.99
N PRO C 202 -9.29 -4.06 22.34
CA PRO C 202 -9.25 -4.59 23.72
C PRO C 202 -7.79 -4.79 24.23
N ILE C 203 -6.96 -5.51 23.44
CA ILE C 203 -5.55 -5.79 23.81
C ILE C 203 -4.73 -4.47 23.90
N ALA C 204 -5.08 -3.52 23.03
CA ALA C 204 -4.44 -2.19 22.97
C ALA C 204 -4.65 -1.42 24.28
N VAL C 205 -5.90 -1.48 24.79
CA VAL C 205 -6.31 -0.73 25.99
C VAL C 205 -5.83 -1.42 27.29
N VAL C 206 -5.81 -2.76 27.30
CA VAL C 206 -5.42 -3.54 28.51
C VAL C 206 -3.89 -3.59 28.67
N GLY C 207 -3.18 -3.59 27.53
CA GLY C 207 -1.75 -3.81 27.53
C GLY C 207 -1.41 -5.28 27.66
N GLY C 208 -1.96 -6.06 26.73
CA GLY C 208 -1.77 -7.50 26.69
C GLY C 208 -0.61 -7.88 25.81
N LYS C 209 -0.85 -8.74 24.81
CA LYS C 209 0.17 -9.15 23.83
C LYS C 209 -0.47 -9.44 22.46
N VAL C 210 0.33 -9.19 21.42
CA VAL C 210 -0.02 -9.50 20.02
C VAL C 210 1.22 -10.08 19.32
N ARG C 211 1.00 -11.07 18.46
CA ARG C 211 2.09 -11.79 17.78
C ARG C 211 2.52 -11.06 16.50
N ALA C 212 3.74 -10.49 16.52
CA ALA C 212 4.46 -10.02 15.33
C ALA C 212 5.31 -11.18 14.80
N MET C 213 4.98 -11.70 13.61
CA MET C 213 5.77 -12.77 12.97
C MET C 213 7.09 -12.15 12.50
N THR C 214 8.23 -12.81 12.78
CA THR C 214 9.57 -12.28 12.44
C THR C 214 10.38 -13.34 11.66
N LEU C 215 11.58 -12.94 11.20
CA LEU C 215 12.45 -13.75 10.30
C LEU C 215 13.01 -15.00 11.01
N GLU C 216 13.05 -14.92 12.34
CA GLU C 216 13.53 -15.99 13.22
C GLU C 216 12.37 -16.95 13.57
N GLY C 217 11.17 -16.38 13.53
CA GLY C 217 9.94 -16.98 14.03
C GLY C 217 9.08 -15.90 14.69
N PRO C 218 7.88 -16.24 15.23
CA PRO C 218 6.96 -15.22 15.79
C PRO C 218 7.39 -14.68 17.18
N VAL C 219 7.65 -13.35 17.28
CA VAL C 219 7.86 -12.67 18.57
C VAL C 219 6.49 -12.14 19.06
N GLU C 220 6.10 -12.50 20.27
CA GLU C 220 4.85 -12.01 20.84
C GLU C 220 5.14 -10.72 21.61
N VAL C 221 4.71 -9.62 21.00
CA VAL C 221 4.96 -8.25 21.45
C VAL C 221 4.12 -7.90 22.68
N ALA C 222 4.81 -7.42 23.73
CA ALA C 222 4.19 -6.82 24.92
C ALA C 222 3.62 -5.43 24.58
N VAL C 223 2.30 -5.29 24.70
CA VAL C 223 1.55 -4.05 24.43
C VAL C 223 1.43 -3.22 25.75
N PRO C 224 1.55 -1.86 25.69
CA PRO C 224 1.19 -0.96 26.82
C PRO C 224 -0.33 -0.69 26.89
N PRO C 225 -0.92 -0.50 28.12
CA PRO C 225 -2.31 -0.01 28.26
C PRO C 225 -2.57 1.29 27.47
N ARG C 226 -3.69 1.29 26.74
CA ARG C 226 -4.11 2.32 25.75
C ARG C 226 -3.00 2.64 24.72
N THR C 227 -2.97 1.82 23.66
CA THR C 227 -2.09 1.99 22.51
C THR C 227 -2.88 2.61 21.34
N GLN C 228 -2.32 3.68 20.72
CA GLN C 228 -2.95 4.44 19.63
C GLN C 228 -2.49 3.96 18.25
N ALA C 229 -3.42 4.05 17.27
CA ALA C 229 -3.14 3.76 15.86
C ALA C 229 -2.29 4.89 15.27
N GLY C 230 -1.12 4.52 14.71
CA GLY C 230 -0.14 5.51 14.24
C GLY C 230 1.09 5.56 15.14
N ARG C 231 1.05 4.89 16.32
CA ARG C 231 2.27 4.68 17.15
C ARG C 231 3.29 3.82 16.40
N LYS C 232 4.50 3.74 16.96
CA LYS C 232 5.57 2.94 16.36
C LYS C 232 6.41 2.27 17.45
N LEU C 233 6.73 0.99 17.19
CA LEU C 233 7.53 0.15 18.07
C LEU C 233 8.97 0.11 17.59
N ARG C 234 9.91 0.03 18.54
CA ARG C 234 11.29 -0.37 18.25
C ARG C 234 11.54 -1.77 18.86
N LEU C 235 11.28 -2.83 18.04
CA LEU C 235 11.67 -4.20 18.42
C LEU C 235 13.18 -4.34 18.16
N LYS C 236 13.95 -4.13 19.23
CA LYS C 236 15.41 -4.03 19.18
C LYS C 236 16.06 -5.39 18.90
N GLY C 237 16.91 -5.43 17.85
CA GLY C 237 17.53 -6.66 17.40
C GLY C 237 16.57 -7.55 16.61
N LYS C 238 15.58 -6.94 15.94
CA LYS C 238 14.61 -7.65 15.10
C LYS C 238 14.62 -7.08 13.67
N GLY C 239 15.68 -6.31 13.33
CA GLY C 239 15.94 -5.92 11.94
C GLY C 239 16.53 -7.08 11.15
N PHE C 240 17.11 -6.81 9.95
CA PHE C 240 17.77 -7.87 9.18
C PHE C 240 19.10 -8.26 9.91
N PRO C 241 19.29 -9.61 10.19
CA PRO C 241 20.53 -10.13 10.83
C PRO C 241 21.79 -9.88 9.98
N GLY C 242 22.46 -8.78 10.33
CA GLY C 242 23.68 -8.32 9.67
C GLY C 242 24.91 -9.13 10.12
N PRO C 243 25.83 -9.51 9.18
CA PRO C 243 27.02 -10.36 9.50
C PRO C 243 28.07 -9.65 10.40
N ALA C 244 27.90 -8.32 10.60
CA ALA C 244 28.78 -7.52 11.50
C ALA C 244 27.95 -6.88 12.62
N GLY C 245 26.78 -7.48 12.90
CA GLY C 245 25.79 -6.91 13.82
C GLY C 245 24.52 -6.59 13.05
N ARG C 246 23.35 -6.77 13.67
CA ARG C 246 22.06 -6.66 12.98
C ARG C 246 21.38 -5.31 13.21
N GLY C 247 20.29 -5.07 12.46
CA GLY C 247 19.49 -3.85 12.60
C GLY C 247 18.32 -3.99 13.58
N ASP C 248 17.39 -3.03 13.51
CA ASP C 248 16.26 -2.88 14.47
C ASP C 248 14.95 -2.73 13.69
N LEU C 249 13.85 -3.23 14.28
CA LEU C 249 12.53 -3.28 13.63
C LEU C 249 11.64 -2.14 14.16
N TYR C 250 10.91 -1.48 13.24
CA TYR C 250 10.04 -0.33 13.52
C TYR C 250 8.64 -0.60 12.96
N LEU C 251 7.68 -0.97 13.82
CA LEU C 251 6.30 -1.36 13.32
C LEU C 251 5.31 -0.21 13.53
N GLU C 252 4.43 0.03 12.54
CA GLU C 252 3.26 0.93 12.69
C GLU C 252 2.14 0.17 13.42
N VAL C 253 1.46 0.83 14.35
CA VAL C 253 0.32 0.25 15.07
C VAL C 253 -1.00 0.46 14.28
N ARG C 254 -1.72 -0.64 14.08
CA ARG C 254 -3.11 -0.65 13.60
C ARG C 254 -4.02 -1.09 14.73
N ILE C 255 -4.85 -0.18 15.25
CA ILE C 255 -5.90 -0.53 16.22
C ILE C 255 -7.09 -1.10 15.45
N THR C 256 -7.46 -2.35 15.76
CA THR C 256 -8.49 -3.10 15.02
C THR C 256 -9.65 -3.52 15.96
N ILE C 257 -10.60 -4.33 15.46
CA ILE C 257 -11.76 -4.83 16.25
C ILE C 257 -12.06 -6.31 15.89
N PRO C 258 -12.57 -7.17 16.85
CA PRO C 258 -12.78 -8.65 16.62
C PRO C 258 -13.77 -9.00 15.48
N GLU C 259 -14.44 -7.96 14.93
CA GLU C 259 -15.62 -8.09 14.05
C GLU C 259 -16.75 -8.89 14.75
N ARG C 260 -16.61 -10.23 14.78
CA ARG C 260 -17.54 -11.15 15.46
C ARG C 260 -17.63 -10.83 16.98
N LEU C 261 -18.86 -10.82 17.52
CA LEU C 261 -19.11 -10.55 18.96
C LEU C 261 -20.26 -11.43 19.45
N THR C 262 -20.20 -11.81 20.73
CA THR C 262 -21.33 -12.42 21.43
C THR C 262 -22.25 -11.29 21.96
N PRO C 263 -23.54 -11.58 22.32
CA PRO C 263 -24.44 -10.56 22.92
C PRO C 263 -23.86 -9.84 24.16
N GLU C 264 -23.08 -10.57 25.00
CA GLU C 264 -22.44 -9.98 26.20
C GLU C 264 -21.37 -8.95 25.81
N GLU C 265 -20.50 -9.34 24.85
CA GLU C 265 -19.48 -8.43 24.28
C GLU C 265 -20.14 -7.15 23.79
N GLU C 266 -21.19 -7.35 22.97
CA GLU C 266 -21.97 -6.29 22.34
C GLU C 266 -22.48 -5.29 23.40
N ALA C 267 -22.96 -5.84 24.54
CA ALA C 267 -23.47 -5.05 25.67
C ALA C 267 -22.39 -4.13 26.27
N LEU C 268 -21.17 -4.68 26.50
CA LEU C 268 -20.05 -3.87 27.06
C LEU C 268 -19.58 -2.78 26.08
N TRP C 269 -19.50 -3.13 24.78
CA TRP C 269 -19.14 -2.16 23.70
C TRP C 269 -20.22 -1.05 23.58
N LYS C 270 -21.49 -1.42 23.84
CA LYS C 270 -22.62 -0.47 23.90
C LYS C 270 -22.38 0.56 25.01
N LYS C 271 -22.02 0.08 26.21
CA LYS C 271 -21.74 0.92 27.39
C LYS C 271 -20.62 1.93 27.12
N LEU C 272 -19.54 1.43 26.47
CA LEU C 272 -18.40 2.26 26.05
C LEU C 272 -18.85 3.34 25.05
N ALA C 273 -19.76 2.94 24.14
CA ALA C 273 -20.34 3.86 23.14
C ALA C 273 -21.19 4.95 23.84
N GLU C 274 -21.86 4.60 24.96
CA GLU C 274 -22.67 5.58 25.75
C GLU C 274 -21.73 6.59 26.41
N ALA C 275 -20.58 6.10 26.92
CA ALA C 275 -19.51 6.96 27.49
C ALA C 275 -18.95 7.92 26.42
N TYR C 276 -18.99 7.46 25.16
CA TYR C 276 -18.65 8.28 24.00
C TYR C 276 -19.78 9.25 23.60
N TYR C 277 -21.05 8.88 23.82
CA TYR C 277 -22.19 9.80 23.56
C TYR C 277 -22.30 10.85 24.67
N ALA C 278 -21.67 10.56 25.83
CA ALA C 278 -21.48 11.53 26.91
C ALA C 278 -20.47 12.63 26.49
N ARG C 279 -19.69 12.36 25.42
CA ARG C 279 -18.80 13.35 24.79
C ARG C 279 -19.57 14.25 23.81
N ALA C 280 -20.79 13.83 23.42
CA ALA C 280 -21.62 14.59 22.46
C ALA C 280 -22.09 15.91 23.09
N MET A 1 -6.76 43.57 -45.34
CA MET A 1 -7.08 44.98 -45.65
C MET A 1 -8.35 45.44 -44.91
N ALA A 2 -8.57 44.91 -43.70
CA ALA A 2 -9.61 45.38 -42.77
C ALA A 2 -11.02 45.19 -43.33
N ALA A 3 -11.26 44.02 -43.94
CA ALA A 3 -12.57 43.64 -44.49
C ALA A 3 -13.58 43.36 -43.35
N LYS A 4 -14.06 44.47 -42.74
CA LYS A 4 -14.96 44.49 -41.55
C LYS A 4 -16.04 43.39 -41.55
N LYS A 5 -15.89 42.42 -40.64
CA LYS A 5 -16.95 41.49 -40.26
C LYS A 5 -17.57 41.96 -38.93
N ASP A 6 -18.85 42.36 -38.96
CA ASP A 6 -19.61 42.59 -37.73
C ASP A 6 -20.14 41.23 -37.27
N TYR A 7 -19.48 40.68 -36.24
CA TYR A 7 -19.73 39.30 -35.77
C TYR A 7 -21.16 39.13 -35.20
N TYR A 8 -21.72 40.21 -34.65
CA TYR A 8 -23.12 40.25 -34.18
C TYR A 8 -24.08 40.02 -35.37
N ALA A 9 -23.81 40.69 -36.49
CA ALA A 9 -24.59 40.57 -37.73
C ALA A 9 -24.50 39.14 -38.31
N ILE A 10 -23.28 38.56 -38.28
CA ILE A 10 -23.03 37.15 -38.72
C ILE A 10 -23.92 36.16 -37.95
N LEU A 11 -24.04 36.38 -36.62
CA LEU A 11 -24.86 35.53 -35.73
C LEU A 11 -26.37 35.87 -35.80
N GLY A 12 -26.71 37.04 -36.40
CA GLY A 12 -28.10 37.50 -36.46
C GLY A 12 -28.63 37.99 -35.10
N VAL A 13 -27.76 38.65 -34.33
CA VAL A 13 -28.09 39.28 -33.02
C VAL A 13 -27.79 40.80 -33.11
N PRO A 14 -28.42 41.67 -32.23
CA PRO A 14 -28.14 43.14 -32.22
C PRO A 14 -26.64 43.46 -32.01
N ARG A 15 -26.19 44.61 -32.51
CA ARG A 15 -24.76 45.00 -32.60
C ARG A 15 -24.25 45.56 -31.25
N ASN A 16 -24.35 44.71 -30.21
CA ASN A 16 -24.15 45.09 -28.80
C ASN A 16 -24.43 43.87 -27.90
N ALA A 17 -25.32 42.98 -28.41
CA ALA A 17 -25.91 41.81 -27.71
C ALA A 17 -24.94 41.06 -26.76
N THR A 18 -25.43 40.67 -25.56
CA THR A 18 -24.65 39.95 -24.52
C THR A 18 -24.12 38.58 -25.00
N GLN A 19 -23.10 38.06 -24.28
CA GLN A 19 -22.40 36.81 -24.62
C GLN A 19 -23.35 35.61 -24.78
N GLU A 20 -24.40 35.56 -23.95
CA GLU A 20 -25.36 34.43 -23.96
C GLU A 20 -26.29 34.52 -25.19
N GLU A 21 -26.57 35.73 -25.70
CA GLU A 21 -27.33 35.90 -26.97
C GLU A 21 -26.47 35.45 -28.16
N ILE A 22 -25.16 35.77 -28.08
CA ILE A 22 -24.13 35.29 -29.03
C ILE A 22 -24.02 33.77 -29.00
N LYS A 23 -24.10 33.24 -27.78
CA LYS A 23 -23.91 31.83 -27.50
C LYS A 23 -25.20 31.05 -27.80
N ARG A 24 -26.36 31.73 -27.74
CA ARG A 24 -27.68 31.15 -28.14
C ARG A 24 -27.80 31.15 -29.66
N ALA A 25 -27.24 32.18 -30.31
CA ALA A 25 -27.14 32.25 -31.78
C ALA A 25 -26.13 31.21 -32.29
N TYR A 26 -25.08 30.97 -31.50
CA TYR A 26 -24.11 29.91 -31.75
C TYR A 26 -24.80 28.54 -31.65
N LYS A 27 -25.39 28.23 -30.46
CA LYS A 27 -26.10 26.95 -30.19
C LYS A 27 -27.20 26.70 -31.25
N ARG A 28 -27.86 27.78 -31.65
CA ARG A 28 -28.90 27.78 -32.71
C ARG A 28 -28.33 27.29 -34.05
N LEU A 29 -27.28 27.97 -34.53
CA LEU A 29 -26.63 27.68 -35.81
C LEU A 29 -25.71 26.44 -35.70
N ALA A 30 -25.45 25.98 -34.46
CA ALA A 30 -24.62 24.79 -34.17
C ALA A 30 -25.49 23.53 -34.16
N ARG A 31 -26.80 23.71 -33.97
CA ARG A 31 -27.79 22.62 -34.11
C ARG A 31 -28.42 22.64 -35.53
N GLN A 32 -28.55 23.84 -36.12
CA GLN A 32 -29.15 24.02 -37.47
C GLN A 32 -28.12 23.60 -38.53
N TYR A 33 -26.92 24.22 -38.47
CA TYR A 33 -25.78 23.85 -39.32
C TYR A 33 -24.88 22.82 -38.61
N HIS A 34 -25.49 21.94 -37.79
CA HIS A 34 -24.74 20.87 -37.08
C HIS A 34 -24.09 19.95 -38.13
N PRO A 35 -22.73 20.01 -38.32
CA PRO A 35 -22.04 19.34 -39.47
C PRO A 35 -22.29 17.82 -39.51
N ASP A 36 -22.71 17.27 -38.37
CA ASP A 36 -23.06 15.85 -38.21
C ASP A 36 -24.26 15.43 -39.08
N VAL A 37 -25.30 16.27 -39.13
CA VAL A 37 -26.55 15.98 -39.87
C VAL A 37 -26.59 16.81 -41.17
N ASN A 38 -26.09 18.06 -41.09
CA ASN A 38 -26.03 18.99 -42.23
C ASN A 38 -24.60 18.94 -42.82
N LYS A 39 -24.30 17.78 -43.41
CA LYS A 39 -22.99 17.46 -44.01
C LYS A 39 -22.92 18.11 -45.40
N SER A 40 -22.70 19.43 -45.40
CA SER A 40 -22.56 20.23 -46.62
C SER A 40 -21.37 21.18 -46.44
N PRO A 41 -20.20 20.95 -47.14
CA PRO A 41 -18.98 21.80 -47.05
C PRO A 41 -19.26 23.32 -46.95
N GLU A 42 -20.17 23.80 -47.82
CA GLU A 42 -20.59 25.22 -47.84
C GLU A 42 -21.11 25.69 -46.47
N ALA A 43 -21.98 24.87 -45.86
CA ALA A 43 -22.61 25.16 -44.55
C ALA A 43 -21.60 25.01 -43.40
N GLU A 44 -20.47 24.32 -43.67
CA GLU A 44 -19.45 24.01 -42.65
C GLU A 44 -18.36 25.11 -42.63
N GLU A 45 -18.11 25.75 -43.79
CA GLU A 45 -17.29 26.98 -43.88
C GLU A 45 -18.09 28.17 -43.30
N LYS A 46 -19.40 28.17 -43.55
CA LYS A 46 -20.33 29.13 -42.90
C LYS A 46 -20.34 28.89 -41.38
N PHE A 47 -20.32 27.60 -40.97
CA PHE A 47 -20.24 27.19 -39.56
C PHE A 47 -18.90 27.64 -38.94
N LYS A 48 -17.83 27.70 -39.76
CA LYS A 48 -16.54 28.29 -39.34
C LYS A 48 -16.68 29.78 -39.04
N GLU A 49 -17.39 30.53 -39.91
CA GLU A 49 -17.63 31.98 -39.71
C GLU A 49 -18.53 32.24 -38.46
N ILE A 50 -19.36 31.24 -38.11
CA ILE A 50 -20.16 31.24 -36.87
C ILE A 50 -19.26 30.95 -35.66
N ASN A 51 -18.30 30.03 -35.84
CA ASN A 51 -17.29 29.68 -34.82
C ASN A 51 -16.28 30.81 -34.63
N GLU A 52 -16.13 31.66 -35.66
CA GLU A 52 -15.27 32.85 -35.68
C GLU A 52 -15.91 33.97 -34.89
N ALA A 53 -17.16 34.26 -35.26
CA ALA A 53 -18.01 35.25 -34.60
C ALA A 53 -18.13 34.93 -33.09
N TYR A 54 -18.41 33.66 -32.83
CA TYR A 54 -18.50 33.13 -31.47
C TYR A 54 -17.11 33.11 -30.80
N ALA A 55 -16.03 32.79 -31.57
CA ALA A 55 -14.64 32.73 -31.01
C ALA A 55 -14.31 34.01 -30.26
N VAL A 56 -14.49 35.12 -30.99
CA VAL A 56 -14.25 36.45 -30.47
C VAL A 56 -15.21 36.76 -29.30
N LEU A 57 -16.52 36.64 -29.58
CA LEU A 57 -17.59 37.11 -28.66
C LEU A 57 -17.91 36.10 -27.52
N SER A 58 -17.17 34.97 -27.44
CA SER A 58 -17.31 34.00 -26.33
C SER A 58 -16.53 34.50 -25.12
N ASP A 59 -15.19 34.39 -25.20
CA ASP A 59 -14.29 34.80 -24.11
C ASP A 59 -14.32 36.33 -23.98
N PRO A 60 -14.79 36.89 -22.81
CA PRO A 60 -14.99 38.36 -22.59
C PRO A 60 -13.75 39.21 -22.96
N GLU A 61 -12.55 38.62 -22.86
CA GLU A 61 -11.28 39.24 -23.27
C GLU A 61 -11.31 39.60 -24.78
N LYS A 62 -11.42 38.56 -25.63
CA LYS A 62 -11.41 38.72 -27.11
C LYS A 62 -12.62 39.54 -27.58
N ARG A 63 -13.74 39.38 -26.86
CA ARG A 63 -14.96 40.12 -27.11
C ARG A 63 -14.73 41.63 -26.91
N ARG A 64 -14.04 42.01 -25.81
CA ARG A 64 -13.77 43.43 -25.50
C ARG A 64 -12.73 44.01 -26.46
N ILE A 65 -11.83 43.15 -27.00
CA ILE A 65 -10.94 43.53 -28.12
C ILE A 65 -11.80 44.09 -29.28
N TYR A 66 -12.80 43.28 -29.66
CA TYR A 66 -13.74 43.65 -30.73
C TYR A 66 -14.57 44.92 -30.37
N ASP A 67 -15.20 44.92 -29.17
CA ASP A 67 -16.10 46.01 -28.70
C ASP A 67 -15.40 47.38 -28.70
N THR A 68 -14.13 47.37 -28.28
CA THR A 68 -13.31 48.57 -28.25
C THR A 68 -12.75 48.91 -29.63
N TYR A 69 -12.65 47.92 -30.55
CA TYR A 69 -12.18 48.21 -31.93
C TYR A 69 -13.24 49.09 -32.64
N GLY A 70 -12.87 50.36 -32.86
CA GLY A 70 -13.81 51.43 -33.26
C GLY A 70 -13.95 52.49 -32.15
N THR A 71 -13.04 52.44 -31.17
CA THR A 71 -12.93 53.41 -30.05
C THR A 71 -11.44 53.45 -29.74
N THR A 72 -10.93 52.27 -29.36
CA THR A 72 -9.52 51.93 -29.50
C THR A 72 -9.36 51.62 -31.00
N GLU A 73 -8.26 52.04 -31.61
CA GLU A 73 -8.00 51.82 -33.05
C GLU A 73 -6.77 50.91 -33.26
N ALA A 74 -5.87 50.90 -32.27
CA ALA A 74 -4.67 50.03 -32.26
C ALA A 74 -5.08 48.56 -32.07
N PRO A 75 -4.53 47.61 -32.91
CA PRO A 75 -4.66 46.15 -32.66
C PRO A 75 -4.15 45.77 -31.24
N PRO A 76 -4.82 44.80 -30.53
CA PRO A 76 -4.51 44.45 -29.12
C PRO A 76 -3.02 44.01 -28.91
N PRO A 77 -2.43 44.26 -27.68
CA PRO A 77 -0.98 44.01 -27.40
C PRO A 77 -0.58 42.51 -27.42
N PRO A 78 0.78 42.16 -27.35
CA PRO A 78 1.31 40.76 -27.25
C PRO A 78 0.40 39.79 -26.45
N PRO A 79 0.04 38.61 -27.04
CA PRO A 79 -1.05 37.75 -26.53
C PRO A 79 -0.62 36.89 -25.31
N PRO A 80 -1.29 37.06 -24.13
CA PRO A 80 -0.95 36.32 -22.89
C PRO A 80 -1.35 34.83 -22.95
N GLY A 81 -0.55 34.04 -23.69
CA GLY A 81 -0.81 32.62 -23.93
C GLY A 81 -1.10 32.32 -25.40
N GLY A 82 -1.06 33.38 -26.24
CA GLY A 82 -1.57 33.31 -27.62
C GLY A 82 -3.06 33.65 -27.65
N TYR A 83 -3.56 34.27 -28.74
CA TYR A 83 -5.02 34.50 -28.91
C TYR A 83 -5.71 33.13 -29.07
N ASP A 84 -6.31 32.66 -27.95
CA ASP A 84 -7.03 31.38 -27.86
C ASP A 84 -8.12 31.24 -28.93
N PHE A 85 -8.23 30.03 -29.50
CA PHE A 85 -9.32 29.67 -30.42
C PHE A 85 -9.73 28.20 -30.19
N SER A 86 -10.42 27.98 -29.03
CA SER A 86 -10.91 26.67 -28.56
C SER A 86 -11.75 25.92 -29.63
N GLY A 87 -11.07 25.17 -30.49
CA GLY A 87 -11.71 24.40 -31.57
C GLY A 87 -12.05 25.26 -32.78
N PHE A 88 -11.71 26.56 -32.72
CA PHE A 88 -12.02 27.50 -33.78
C PHE A 88 -10.79 27.64 -34.67
N ASP A 89 -10.91 27.20 -35.93
CA ASP A 89 -9.75 27.17 -36.86
C ASP A 89 -9.49 28.57 -37.44
N VAL A 90 -8.81 29.40 -36.63
CA VAL A 90 -8.33 30.76 -36.99
C VAL A 90 -7.74 30.83 -38.41
N GLU A 91 -7.00 29.78 -38.78
CA GLU A 91 -6.28 29.69 -40.06
C GLU A 91 -7.21 29.86 -41.29
N ASP A 92 -8.47 29.38 -41.19
CA ASP A 92 -9.44 29.45 -42.32
C ASP A 92 -10.50 30.54 -42.09
N PHE A 93 -10.29 31.40 -41.08
CA PHE A 93 -11.16 32.57 -40.83
C PHE A 93 -10.64 33.80 -41.60
N SER A 94 -11.40 34.91 -41.57
CA SER A 94 -11.20 36.08 -42.45
C SER A 94 -9.87 36.82 -42.20
N GLU A 95 -9.44 37.56 -43.23
CA GLU A 95 -8.22 38.40 -43.19
C GLU A 95 -8.32 39.49 -42.11
N PHE A 96 -9.49 40.14 -42.01
CA PHE A 96 -9.80 41.18 -41.01
C PHE A 96 -9.55 40.66 -39.58
N PHE A 97 -10.13 39.49 -39.32
CA PHE A 97 -9.97 38.76 -38.06
C PHE A 97 -8.48 38.42 -37.81
N GLN A 98 -7.81 37.97 -38.89
CA GLN A 98 -6.40 37.57 -38.85
C GLN A 98 -5.44 38.76 -38.84
N GLU A 99 -5.96 40.00 -38.96
CA GLU A 99 -5.17 41.24 -38.74
C GLU A 99 -5.48 41.86 -37.36
N LEU A 100 -6.74 41.72 -36.91
CA LEU A 100 -7.18 42.25 -35.59
C LEU A 100 -6.47 41.49 -34.47
N PHE A 101 -6.54 40.15 -34.53
CA PHE A 101 -5.82 39.26 -33.62
C PHE A 101 -4.45 38.85 -34.22
N GLY A 102 -4.16 39.34 -35.44
CA GLY A 102 -2.91 39.10 -36.17
C GLY A 102 -1.63 39.16 -35.33
N PRO A 103 -1.37 40.33 -34.62
CA PRO A 103 -0.22 40.56 -33.70
C PRO A 103 0.23 39.33 -32.90
N GLY A 104 -0.73 38.44 -32.53
CA GLY A 104 -0.37 37.24 -31.78
C GLY A 104 -1.31 36.08 -32.00
N LEU A 105 -1.62 35.78 -33.28
CA LEU A 105 -2.38 34.56 -33.66
C LEU A 105 -1.69 33.25 -33.18
N PHE A 106 -1.89 32.97 -31.87
CA PHE A 106 -1.36 31.81 -31.14
C PHE A 106 0.12 31.50 -31.48
N GLY A 107 0.40 30.37 -32.20
CA GLY A 107 1.78 29.92 -32.43
C GLY A 107 2.48 29.39 -31.16
N GLY A 108 1.76 29.41 -30.02
CA GLY A 108 2.33 29.10 -28.72
C GLY A 108 3.43 30.08 -28.32
N PHE A 109 4.68 29.58 -28.33
CA PHE A 109 5.89 30.39 -28.05
C PHE A 109 6.90 30.21 -29.19
N GLY A 110 6.42 29.67 -30.32
CA GLY A 110 7.25 29.45 -31.51
C GLY A 110 7.26 30.65 -32.46
N ARG A 111 6.19 31.49 -32.38
CA ARG A 111 6.01 32.73 -33.20
C ARG A 111 5.72 32.45 -34.70
N ARG A 112 6.10 31.26 -35.20
CA ARG A 112 6.01 30.90 -36.62
C ARG A 112 4.54 30.63 -37.07
N SER A 113 3.61 30.51 -36.08
CA SER A 113 2.21 30.11 -36.31
C SER A 113 2.14 28.65 -36.80
N ARG A 114 2.51 27.73 -35.89
CA ARG A 114 2.56 26.28 -36.14
C ARG A 114 1.13 25.68 -36.20
N LYS A 115 0.95 24.50 -36.82
CA LYS A 115 -0.31 23.74 -36.72
C LYS A 115 -0.20 22.85 -35.46
N GLY A 116 -1.17 22.99 -34.54
CA GLY A 116 -1.15 22.29 -33.27
C GLY A 116 -1.48 20.80 -33.40
N ARG A 117 -0.89 19.97 -32.50
CA ARG A 117 -1.02 18.49 -32.53
C ARG A 117 -1.78 18.00 -31.26
N ASP A 118 -2.42 16.80 -31.35
CA ASP A 118 -3.21 16.20 -30.24
C ASP A 118 -2.36 16.00 -28.96
N LEU A 119 -2.90 16.46 -27.83
CA LEU A 119 -2.18 16.50 -26.56
C LEU A 119 -3.18 16.22 -25.42
N ARG A 120 -2.66 15.91 -24.24
CA ARG A 120 -3.46 15.60 -23.05
C ARG A 120 -2.96 16.46 -21.88
N ALA A 121 -3.88 16.99 -21.08
CA ALA A 121 -3.57 17.78 -19.89
C ALA A 121 -4.47 17.33 -18.75
N GLU A 122 -3.98 17.48 -17.51
CA GLU A 122 -4.70 17.03 -16.32
C GLU A 122 -5.32 18.27 -15.69
N LEU A 123 -6.59 18.17 -15.31
CA LEU A 123 -7.30 19.29 -14.67
C LEU A 123 -7.38 18.99 -13.15
N PRO A 124 -6.43 19.52 -12.30
CA PRO A 124 -6.54 19.37 -10.84
C PRO A 124 -7.66 20.24 -10.32
N LEU A 125 -8.75 19.63 -9.81
CA LEU A 125 -10.01 20.33 -9.54
C LEU A 125 -10.42 20.15 -8.08
N THR A 126 -10.89 21.26 -7.49
CA THR A 126 -11.32 21.31 -6.09
C THR A 126 -12.71 20.65 -5.95
N LEU A 127 -12.85 19.78 -4.91
CA LEU A 127 -14.01 18.87 -4.72
C LEU A 127 -15.36 19.63 -4.82
N GLU A 128 -15.40 20.81 -4.18
CA GLU A 128 -16.61 21.66 -4.09
C GLU A 128 -17.13 22.01 -5.49
N GLU A 129 -16.24 22.59 -6.32
CA GLU A 129 -16.54 22.93 -7.73
C GLU A 129 -17.00 21.71 -8.50
N ALA A 130 -16.32 20.58 -8.24
CA ALA A 130 -16.57 19.32 -8.94
C ALA A 130 -18.03 18.85 -8.79
N PHE A 131 -18.54 18.85 -7.54
CA PHE A 131 -19.91 18.36 -7.24
C PHE A 131 -20.98 19.38 -7.69
N HIS A 132 -20.71 20.68 -7.46
CA HIS A 132 -21.66 21.76 -7.82
C HIS A 132 -21.79 21.90 -9.36
N GLY A 133 -20.64 21.85 -10.03
CA GLY A 133 -20.57 21.92 -11.49
C GLY A 133 -20.75 23.33 -12.05
N GLY A 134 -20.64 23.46 -13.38
CA GLY A 134 -20.78 24.72 -14.08
C GLY A 134 -19.46 25.22 -14.64
N GLU A 135 -19.35 26.55 -14.78
CA GLU A 135 -18.14 27.22 -15.33
C GLU A 135 -17.01 27.28 -14.29
N ARG A 136 -15.94 26.51 -14.53
CA ARG A 136 -14.73 26.49 -13.70
C ARG A 136 -13.63 27.35 -14.34
N VAL A 137 -13.14 28.32 -13.58
CA VAL A 137 -12.05 29.20 -13.99
C VAL A 137 -10.69 28.51 -13.69
N VAL A 138 -10.01 28.11 -14.77
CA VAL A 138 -8.69 27.44 -14.71
C VAL A 138 -7.73 28.16 -15.67
N GLU A 139 -6.52 28.50 -15.19
CA GLU A 139 -5.50 29.19 -16.00
C GLU A 139 -4.28 28.29 -16.24
N VAL A 140 -3.74 28.39 -17.46
CA VAL A 140 -2.56 27.65 -17.90
C VAL A 140 -1.87 28.43 -19.03
N ALA A 141 -0.55 28.68 -18.87
CA ALA A 141 0.29 29.40 -19.86
C ALA A 141 -0.23 30.84 -20.13
N GLY A 142 -1.08 31.36 -19.21
CA GLY A 142 -1.70 32.68 -19.36
C GLY A 142 -3.17 32.59 -19.78
N ARG A 143 -3.50 31.55 -20.57
CA ARG A 143 -4.88 31.29 -21.05
C ARG A 143 -5.73 30.79 -19.86
N ARG A 144 -6.59 31.68 -19.34
CA ARG A 144 -7.57 31.36 -18.31
C ARG A 144 -8.91 31.01 -18.96
N VAL A 145 -9.19 29.70 -19.10
CA VAL A 145 -10.40 29.18 -19.76
C VAL A 145 -11.50 28.86 -18.72
N SER A 146 -12.76 29.17 -19.09
CA SER A 146 -13.94 28.84 -18.30
C SER A 146 -14.49 27.47 -18.78
N VAL A 147 -13.93 26.36 -18.26
CA VAL A 147 -14.32 25.01 -18.67
C VAL A 147 -15.59 24.57 -17.92
N ARG A 148 -16.64 24.21 -18.66
CA ARG A 148 -17.85 23.65 -18.06
C ARG A 148 -17.59 22.20 -17.61
N ILE A 149 -17.41 22.06 -16.31
CA ILE A 149 -17.39 20.77 -15.63
C ILE A 149 -18.86 20.34 -15.36
N PRO A 150 -19.27 19.06 -15.65
CA PRO A 150 -20.63 18.58 -15.32
C PRO A 150 -20.91 18.58 -13.79
N PRO A 151 -22.18 18.92 -13.34
CA PRO A 151 -22.57 18.89 -11.90
C PRO A 151 -22.37 17.50 -11.27
N GLY A 152 -21.17 17.33 -10.68
CA GLY A 152 -20.72 16.03 -10.21
C GLY A 152 -19.78 15.38 -11.23
N VAL A 153 -18.69 16.10 -11.56
CA VAL A 153 -17.66 15.61 -12.49
C VAL A 153 -16.75 14.61 -11.76
N ARG A 154 -16.54 13.46 -12.40
CA ARG A 154 -16.01 12.26 -11.78
C ARG A 154 -14.53 12.09 -12.10
N GLU A 155 -13.78 11.48 -11.18
CA GLU A 155 -12.33 11.28 -11.31
C GLU A 155 -12.00 10.46 -12.59
N GLY A 156 -11.23 11.09 -13.49
CA GLY A 156 -10.88 10.50 -14.78
C GLY A 156 -11.85 10.86 -15.90
N SER A 157 -12.76 11.84 -15.65
CA SER A 157 -13.65 12.38 -16.70
C SER A 157 -12.81 13.20 -17.69
N VAL A 158 -12.72 12.72 -18.93
CA VAL A 158 -11.95 13.35 -20.00
C VAL A 158 -12.83 14.42 -20.68
N ILE A 159 -12.75 15.65 -20.15
CA ILE A 159 -13.35 16.84 -20.75
C ILE A 159 -12.54 17.20 -22.01
N ARG A 160 -13.00 16.69 -23.16
CA ARG A 160 -12.27 16.82 -24.42
C ARG A 160 -12.55 18.20 -25.05
N VAL A 161 -11.54 19.07 -25.04
CA VAL A 161 -11.61 20.42 -25.64
C VAL A 161 -10.62 20.51 -26.82
N PRO A 162 -11.11 20.53 -28.10
CA PRO A 162 -10.24 20.77 -29.28
C PRO A 162 -9.71 22.22 -29.28
N GLY A 163 -8.56 22.45 -29.93
CA GLY A 163 -8.01 23.80 -30.07
C GLY A 163 -7.35 24.32 -28.80
N MET A 164 -6.83 23.41 -27.96
CA MET A 164 -6.19 23.78 -26.66
C MET A 164 -4.85 23.01 -26.46
N GLY A 165 -4.70 21.85 -27.15
CA GLY A 165 -3.57 20.93 -26.95
C GLY A 165 -2.22 21.44 -27.40
N GLY A 166 -1.79 21.01 -28.60
CA GLY A 166 -0.52 21.44 -29.18
C GLY A 166 -0.50 22.93 -29.47
N GLN A 167 0.46 23.64 -28.86
CA GLN A 167 0.55 25.11 -28.92
C GLN A 167 0.92 25.56 -30.36
N GLY A 168 -0.08 26.09 -31.07
CA GLY A 168 0.08 26.53 -32.45
C GLY A 168 -1.10 27.40 -32.88
N ASN A 169 -0.98 28.04 -34.07
CA ASN A 169 -2.02 28.92 -34.65
C ASN A 169 -3.41 28.23 -34.62
N PRO A 170 -3.72 27.10 -35.37
CA PRO A 170 -4.91 26.30 -35.10
C PRO A 170 -4.52 25.13 -34.14
N PRO A 171 -4.69 25.32 -32.79
CA PRO A 171 -4.07 24.44 -31.78
C PRO A 171 -4.68 23.03 -31.79
N GLY A 172 -3.92 22.06 -31.27
CA GLY A 172 -4.33 20.65 -31.32
C GLY A 172 -5.51 20.33 -30.43
N ASP A 173 -6.03 19.11 -30.56
CA ASP A 173 -7.07 18.59 -29.66
C ASP A 173 -6.48 18.39 -28.25
N LEU A 174 -7.26 18.67 -27.19
CA LEU A 174 -6.79 18.50 -25.80
C LEU A 174 -7.74 17.59 -25.03
N LEU A 175 -7.16 16.61 -24.32
CA LEU A 175 -7.89 15.69 -23.45
C LEU A 175 -7.71 16.11 -21.98
N LEU A 176 -8.69 16.84 -21.40
CA LEU A 176 -8.62 17.28 -19.98
C LEU A 176 -9.11 16.15 -19.06
N VAL A 177 -8.17 15.34 -18.56
CA VAL A 177 -8.48 14.26 -17.61
C VAL A 177 -8.50 14.85 -16.20
N VAL A 178 -9.70 14.99 -15.62
CA VAL A 178 -9.90 15.65 -14.32
C VAL A 178 -9.30 14.81 -13.16
N ARG A 179 -8.45 15.47 -12.37
CA ARG A 179 -7.83 14.92 -11.17
C ARG A 179 -8.31 15.70 -9.96
N LEU A 180 -9.26 15.17 -9.19
CA LEU A 180 -9.73 15.86 -7.98
C LEU A 180 -8.63 15.87 -6.90
N LEU A 181 -8.55 17.00 -6.16
CA LEU A 181 -7.51 17.25 -5.15
C LEU A 181 -7.56 16.20 -4.00
N PRO A 182 -6.40 15.96 -3.29
CA PRO A 182 -6.39 15.26 -1.98
C PRO A 182 -6.88 16.22 -0.86
N HIS A 183 -8.06 16.81 -1.10
CA HIS A 183 -8.66 17.88 -0.30
C HIS A 183 -9.28 17.26 0.97
N PRO A 184 -8.99 17.84 2.18
CA PRO A 184 -9.17 17.25 3.54
C PRO A 184 -9.96 15.92 3.70
N VAL A 185 -11.20 15.82 3.18
CA VAL A 185 -12.07 14.67 3.52
C VAL A 185 -12.03 13.63 2.40
N PHE A 186 -12.42 14.05 1.18
CA PHE A 186 -12.73 13.11 0.08
C PHE A 186 -11.59 12.99 -0.95
N ARG A 187 -11.36 11.74 -1.38
CA ARG A 187 -10.57 11.40 -2.57
C ARG A 187 -11.53 10.72 -3.53
N LEU A 188 -12.06 11.46 -4.52
CA LEU A 188 -12.94 10.87 -5.54
C LEU A 188 -12.13 9.93 -6.45
N GLU A 189 -12.76 8.83 -6.87
CA GLU A 189 -12.12 7.81 -7.68
C GLU A 189 -13.20 7.19 -8.58
N GLY A 190 -13.04 7.36 -9.91
CA GLY A 190 -13.99 6.81 -10.89
C GLY A 190 -15.32 7.55 -10.94
N GLN A 191 -16.19 7.31 -9.94
CA GLN A 191 -17.49 8.01 -9.78
C GLN A 191 -17.93 8.05 -8.30
N ASP A 192 -17.11 7.41 -7.43
CA ASP A 192 -17.43 7.20 -6.01
C ASP A 192 -16.31 7.76 -5.10
N LEU A 193 -16.68 8.24 -3.91
CA LEU A 193 -15.78 8.97 -2.99
C LEU A 193 -15.08 8.01 -2.02
N TYR A 194 -13.85 8.37 -1.60
CA TYR A 194 -13.10 7.68 -0.54
C TYR A 194 -12.64 8.72 0.49
N ALA A 195 -13.37 8.82 1.60
CA ALA A 195 -13.22 9.86 2.62
C ALA A 195 -12.66 9.27 3.92
N THR A 196 -11.41 9.61 4.27
CA THR A 196 -10.78 9.15 5.52
C THR A 196 -11.55 9.74 6.73
N LEU A 197 -12.05 8.84 7.59
CA LEU A 197 -13.04 9.18 8.63
C LEU A 197 -12.47 8.78 9.99
N ASP A 198 -12.05 9.77 10.79
CA ASP A 198 -11.60 9.53 12.16
C ASP A 198 -12.81 9.16 13.03
N VAL A 199 -12.69 8.02 13.70
CA VAL A 199 -13.69 7.47 14.61
C VAL A 199 -12.93 6.81 15.79
N PRO A 200 -13.36 7.00 17.06
CA PRO A 200 -12.79 6.27 18.20
C PRO A 200 -13.28 4.81 18.26
N ALA A 201 -12.46 3.95 18.87
CA ALA A 201 -12.70 2.49 18.92
C ALA A 201 -14.10 2.08 19.49
N PRO A 202 -14.60 2.64 20.65
CA PRO A 202 -15.97 2.32 21.17
C PRO A 202 -17.12 2.65 20.18
N ILE A 203 -17.00 3.79 19.48
CA ILE A 203 -18.03 4.22 18.50
C ILE A 203 -17.94 3.39 17.19
N ALA A 204 -16.73 2.88 16.90
CA ALA A 204 -16.49 1.95 15.77
C ALA A 204 -17.15 0.58 16.03
N VAL A 205 -16.99 0.06 17.26
CA VAL A 205 -17.55 -1.23 17.71
C VAL A 205 -19.09 -1.19 17.81
N VAL A 206 -19.60 -0.19 18.56
CA VAL A 206 -21.03 -0.11 18.93
C VAL A 206 -21.85 0.57 17.82
N GLY A 207 -21.22 1.52 17.10
CA GLY A 207 -21.88 2.25 16.03
C GLY A 207 -22.68 3.45 16.54
N GLY A 208 -22.04 4.64 16.53
CA GLY A 208 -22.71 5.91 16.89
C GLY A 208 -22.60 6.93 15.77
N LYS A 209 -23.13 8.15 15.97
CA LYS A 209 -23.01 9.23 14.97
C LYS A 209 -21.64 9.92 15.07
N VAL A 210 -20.99 10.13 13.92
CA VAL A 210 -19.84 11.06 13.79
C VAL A 210 -20.22 12.07 12.70
N ARG A 211 -19.81 13.34 12.85
CA ARG A 211 -20.20 14.38 11.89
C ARG A 211 -19.13 14.52 10.80
N ALA A 212 -19.51 14.15 9.56
CA ALA A 212 -18.63 14.16 8.39
C ALA A 212 -18.90 15.42 7.56
N MET A 213 -17.82 16.14 7.25
CA MET A 213 -17.90 17.41 6.50
C MET A 213 -18.00 17.11 5.01
N THR A 214 -19.05 17.63 4.36
CA THR A 214 -19.28 17.44 2.91
C THR A 214 -19.04 18.77 2.18
N LEU A 215 -19.23 18.73 0.86
CA LEU A 215 -18.89 19.83 -0.05
C LEU A 215 -19.92 20.98 0.01
N GLU A 216 -20.92 20.81 0.89
CA GLU A 216 -22.01 21.78 1.09
C GLU A 216 -22.27 22.04 2.60
N GLY A 217 -21.42 21.46 3.49
CA GLY A 217 -21.52 21.70 4.95
C GLY A 217 -21.35 20.43 5.80
N PRO A 218 -21.21 20.55 7.16
CA PRO A 218 -21.03 19.39 8.05
C PRO A 218 -22.37 18.66 8.38
N VAL A 219 -22.49 17.40 7.93
CA VAL A 219 -23.68 16.56 8.16
C VAL A 219 -23.31 15.38 9.07
N GLU A 220 -24.28 14.93 9.90
CA GLU A 220 -24.10 13.74 10.76
C GLU A 220 -24.16 12.47 9.90
N VAL A 221 -23.39 11.43 10.30
CA VAL A 221 -23.43 10.14 9.63
C VAL A 221 -23.42 9.00 10.69
N ALA A 222 -24.52 8.23 10.72
CA ALA A 222 -24.73 7.16 11.68
C ALA A 222 -23.91 5.94 11.28
N VAL A 223 -22.78 5.77 11.96
CA VAL A 223 -21.86 4.65 11.77
C VAL A 223 -22.55 3.33 12.23
N PRO A 224 -22.51 2.22 11.39
CA PRO A 224 -23.05 0.90 11.80
C PRO A 224 -22.12 0.21 12.84
N PRO A 225 -22.57 -0.87 13.55
CA PRO A 225 -21.69 -1.62 14.48
C PRO A 225 -20.61 -2.41 13.72
N ARG A 226 -19.53 -2.74 14.45
CA ARG A 226 -18.40 -3.59 13.98
C ARG A 226 -17.55 -2.88 12.90
N THR A 227 -17.73 -1.55 12.79
CA THR A 227 -17.03 -0.71 11.82
C THR A 227 -15.50 -0.78 12.01
N GLN A 228 -14.85 -1.53 11.10
CA GLN A 228 -13.42 -1.85 11.17
C GLN A 228 -12.57 -0.82 10.40
N ALA A 229 -11.42 -0.47 11.00
CA ALA A 229 -10.37 0.39 10.42
C ALA A 229 -9.90 -0.11 9.05
N GLY A 230 -9.41 0.83 8.21
CA GLY A 230 -8.92 0.50 6.86
C GLY A 230 -10.06 0.34 5.86
N ARG A 231 -11.07 -0.48 6.25
CA ARG A 231 -12.25 -0.77 5.45
C ARG A 231 -13.07 0.50 5.21
N LYS A 232 -13.96 0.40 4.23
CA LYS A 232 -14.78 1.50 3.76
C LYS A 232 -16.26 1.25 4.11
N LEU A 233 -16.88 2.25 4.73
CA LEU A 233 -18.32 2.29 4.96
C LEU A 233 -19.01 2.69 3.65
N ARG A 234 -19.63 1.71 2.96
CA ARG A 234 -20.37 1.97 1.73
C ARG A 234 -21.79 2.46 2.05
N LEU A 235 -22.04 3.75 1.78
CA LEU A 235 -23.37 4.36 1.81
C LEU A 235 -23.67 4.93 0.42
N LYS A 236 -24.57 4.23 -0.31
CA LYS A 236 -24.83 4.47 -1.74
C LYS A 236 -25.66 5.76 -2.00
N GLY A 237 -25.58 6.27 -3.24
CA GLY A 237 -26.32 7.48 -3.65
C GLY A 237 -25.74 8.77 -3.07
N LYS A 238 -24.55 8.67 -2.45
CA LYS A 238 -23.90 9.80 -1.77
C LYS A 238 -22.66 10.29 -2.57
N GLY A 239 -22.23 9.50 -3.57
CA GLY A 239 -21.11 9.87 -4.44
C GLY A 239 -21.51 10.86 -5.54
N PHE A 240 -20.78 10.86 -6.67
CA PHE A 240 -21.02 11.83 -7.75
C PHE A 240 -22.00 11.26 -8.79
N PRO A 241 -22.99 12.09 -9.29
CA PRO A 241 -24.02 11.65 -10.28
C PRO A 241 -23.45 10.85 -11.46
N GLY A 242 -23.72 9.53 -11.49
CA GLY A 242 -23.11 8.61 -12.45
C GLY A 242 -24.12 7.65 -13.07
N PRO A 243 -23.74 6.34 -13.37
CA PRO A 243 -24.60 5.39 -14.12
C PRO A 243 -25.78 4.86 -13.25
N ALA A 244 -25.59 4.84 -11.92
CA ALA A 244 -26.59 4.39 -10.94
C ALA A 244 -27.42 5.58 -10.40
N GLY A 245 -27.47 6.68 -11.18
CA GLY A 245 -28.05 7.94 -10.71
C GLY A 245 -26.96 8.79 -10.06
N ARG A 246 -26.48 8.33 -8.89
CA ARG A 246 -25.26 8.83 -8.23
C ARG A 246 -24.34 7.64 -7.91
N GLY A 247 -23.09 7.95 -7.53
CA GLY A 247 -22.15 6.94 -7.04
C GLY A 247 -22.32 6.66 -5.55
N ASP A 248 -21.35 5.98 -4.94
CA ASP A 248 -21.35 5.63 -3.50
C ASP A 248 -20.38 6.55 -2.73
N LEU A 249 -20.59 6.68 -1.43
CA LEU A 249 -19.60 7.30 -0.51
C LEU A 249 -18.97 6.18 0.30
N TYR A 250 -17.65 6.07 0.23
CA TYR A 250 -16.88 5.12 1.02
C TYR A 250 -16.12 5.88 2.09
N LEU A 251 -16.58 5.79 3.34
CA LEU A 251 -15.91 6.41 4.48
C LEU A 251 -14.79 5.47 4.98
N GLU A 252 -13.52 5.80 4.63
CA GLU A 252 -12.35 4.98 4.96
C GLU A 252 -12.01 5.14 6.45
N VAL A 253 -12.52 4.17 7.23
CA VAL A 253 -12.49 4.16 8.70
C VAL A 253 -11.06 4.30 9.26
N ARG A 254 -10.89 5.19 10.25
CA ARG A 254 -9.59 5.46 10.89
C ARG A 254 -9.81 5.46 12.41
N ILE A 255 -9.56 4.30 13.03
CA ILE A 255 -9.80 4.11 14.47
C ILE A 255 -8.64 4.70 15.31
N THR A 256 -9.01 5.45 16.36
CA THR A 256 -8.07 5.98 17.39
C THR A 256 -8.60 5.63 18.80
N ILE A 257 -7.81 5.97 19.84
CA ILE A 257 -8.11 5.62 21.26
C ILE A 257 -7.93 6.86 22.20
N PRO A 258 -8.66 6.93 23.38
CA PRO A 258 -8.80 8.17 24.22
C PRO A 258 -7.48 8.79 24.76
N GLU A 259 -6.34 8.06 24.60
CA GLU A 259 -5.00 8.43 25.16
C GLU A 259 -4.99 8.63 26.71
N ARG A 260 -5.65 9.67 27.19
CA ARG A 260 -5.86 9.88 28.64
C ARG A 260 -6.98 8.94 29.14
N LEU A 261 -6.72 8.25 30.26
CA LEU A 261 -7.73 7.42 30.95
C LEU A 261 -7.89 7.87 32.41
N THR A 262 -9.10 7.69 32.91
CA THR A 262 -9.47 7.89 34.33
C THR A 262 -10.20 6.61 34.82
N PRO A 263 -10.20 6.30 36.19
CA PRO A 263 -10.68 5.02 36.81
C PRO A 263 -11.62 4.11 35.99
N GLU A 264 -12.73 4.68 35.46
CA GLU A 264 -13.69 3.95 34.61
C GLU A 264 -12.98 3.31 33.40
N GLU A 265 -12.62 4.13 32.41
CA GLU A 265 -12.09 3.66 31.11
C GLU A 265 -10.75 2.93 31.34
N GLU A 266 -10.00 3.36 32.37
CA GLU A 266 -8.74 2.74 32.77
C GLU A 266 -8.95 1.23 33.03
N ALA A 267 -9.79 0.94 34.03
CA ALA A 267 -10.13 -0.45 34.43
C ALA A 267 -10.79 -1.22 33.26
N LEU A 268 -11.66 -0.54 32.51
CA LEU A 268 -12.45 -1.13 31.40
C LEU A 268 -11.53 -1.64 30.26
N TRP A 269 -10.58 -0.81 29.83
CA TRP A 269 -9.63 -1.15 28.75
C TRP A 269 -8.65 -2.25 29.19
N LYS A 270 -8.29 -2.25 30.49
CA LYS A 270 -7.41 -3.30 31.06
C LYS A 270 -8.15 -4.66 31.17
N LYS A 271 -9.44 -4.61 31.55
CA LYS A 271 -10.27 -5.82 31.68
C LYS A 271 -10.66 -6.37 30.31
N LEU A 272 -10.76 -5.46 29.32
CA LEU A 272 -10.86 -5.82 27.89
C LEU A 272 -9.61 -6.59 27.51
N ALA A 273 -8.44 -6.00 27.79
CA ALA A 273 -7.13 -6.56 27.44
C ALA A 273 -6.99 -8.01 27.92
N GLU A 274 -7.32 -8.26 29.20
CA GLU A 274 -7.26 -9.61 29.79
C GLU A 274 -8.24 -10.56 29.06
N ALA A 275 -9.54 -10.17 29.04
CA ALA A 275 -10.63 -10.97 28.44
C ALA A 275 -10.37 -11.27 26.95
N TYR A 276 -10.37 -10.20 26.17
CA TYR A 276 -10.12 -10.18 24.72
C TYR A 276 -8.89 -11.03 24.33
N TYR A 277 -7.71 -10.68 24.88
CA TYR A 277 -6.42 -11.26 24.43
C TYR A 277 -6.36 -12.76 24.79
N ALA A 278 -6.95 -13.12 25.94
CA ALA A 278 -7.05 -14.53 26.37
C ALA A 278 -7.85 -15.42 25.38
N ARG A 279 -8.68 -14.78 24.52
CA ARG A 279 -9.45 -15.49 23.46
C ARG A 279 -9.20 -14.86 22.07
N ALA A 280 -8.14 -14.05 21.91
CA ALA A 280 -7.97 -13.16 20.70
C ALA A 280 -7.84 -13.97 19.38
N MET B 1 -12.88 33.40 2.96
CA MET B 1 -13.54 32.26 2.27
C MET B 1 -12.83 31.99 0.94
N LYS B 2 -11.91 31.02 0.95
CA LYS B 2 -11.19 30.56 -0.25
C LYS B 2 -12.19 29.94 -1.25
N GLN B 3 -12.45 30.67 -2.35
CA GLN B 3 -13.33 30.20 -3.42
C GLN B 3 -12.54 29.28 -4.36
N SER B 4 -12.28 28.05 -3.85
CA SER B 4 -11.68 26.91 -4.58
C SER B 4 -10.44 27.30 -5.44
N THR B 5 -10.68 27.71 -6.71
CA THR B 5 -9.65 28.09 -7.71
C THR B 5 -8.62 26.98 -8.01
N ILE B 6 -8.35 26.73 -9.31
CA ILE B 6 -7.45 25.64 -9.76
C ILE B 6 -6.51 26.10 -10.90
N ALA B 7 -5.56 25.21 -11.24
CA ALA B 7 -4.62 25.38 -12.37
C ALA B 7 -4.73 24.16 -13.31
N LEU B 8 -3.77 24.01 -14.25
CA LEU B 8 -3.73 22.85 -15.18
C LEU B 8 -2.31 22.25 -15.19
N ALA B 9 -2.18 21.04 -15.76
CA ALA B 9 -0.87 20.40 -15.97
C ALA B 9 -0.25 20.85 -17.31
N LEU B 10 -0.90 20.42 -18.44
CA LEU B 10 -0.37 20.53 -19.82
C LEU B 10 0.92 19.67 -19.93
N LEU B 11 0.74 18.41 -20.40
CA LEU B 11 1.84 17.43 -20.50
C LEU B 11 2.68 17.73 -21.77
N PRO B 12 3.99 18.12 -21.62
CA PRO B 12 4.86 18.59 -22.75
C PRO B 12 5.01 17.53 -23.86
N LEU B 13 4.39 17.81 -25.04
CA LEU B 13 4.37 16.93 -26.26
C LEU B 13 3.94 15.46 -25.97
N LEU B 14 3.16 15.27 -24.89
CA LEU B 14 2.70 13.95 -24.40
C LEU B 14 3.83 13.15 -23.73
N PHE B 15 4.67 13.86 -22.95
CA PHE B 15 5.46 13.24 -21.88
C PHE B 15 4.49 12.95 -20.72
N THR B 16 3.82 11.80 -20.78
CA THR B 16 2.76 11.41 -19.83
C THR B 16 3.35 10.74 -18.56
N PRO B 17 3.41 11.45 -17.39
CA PRO B 17 3.88 10.88 -16.12
C PRO B 17 2.73 10.39 -15.23
N VAL B 18 1.50 10.37 -15.80
CA VAL B 18 0.27 10.04 -15.07
C VAL B 18 -0.03 8.52 -15.15
N THR B 19 0.84 7.78 -15.88
CA THR B 19 0.82 6.30 -15.90
C THR B 19 0.99 5.75 -14.46
N LYS B 20 1.86 6.44 -13.71
CA LYS B 20 2.03 6.32 -12.25
C LYS B 20 2.51 7.69 -11.78
N ALA B 21 1.73 8.36 -10.89
CA ALA B 21 2.01 9.75 -10.44
C ALA B 21 3.49 9.94 -10.07
N ARG B 22 4.22 10.67 -10.96
CA ARG B 22 5.67 10.88 -10.86
C ARG B 22 5.98 11.72 -9.60
N THR B 23 5.75 13.05 -9.72
CA THR B 23 6.05 14.03 -8.67
C THR B 23 7.52 13.89 -8.16
N PRO B 24 8.51 14.63 -8.79
CA PRO B 24 9.90 14.69 -8.30
C PRO B 24 9.96 15.43 -6.95
N GLU B 25 9.54 14.71 -5.90
CA GLU B 25 9.35 15.26 -4.53
C GLU B 25 10.64 15.10 -3.69
N MET B 26 11.65 14.42 -4.28
CA MET B 26 12.94 14.16 -3.64
C MET B 26 14.08 14.50 -4.64
N PRO B 27 15.33 14.85 -4.14
CA PRO B 27 16.46 15.30 -5.00
C PRO B 27 16.92 14.26 -6.05
N VAL B 28 17.10 12.99 -5.59
CA VAL B 28 17.73 11.87 -6.37
C VAL B 28 19.25 12.14 -6.57
N LEU B 29 20.08 11.07 -6.49
CA LEU B 29 21.58 11.17 -6.50
C LEU B 29 22.10 11.89 -5.23
N GLU B 30 21.47 11.52 -4.09
CA GLU B 30 21.70 12.15 -2.78
C GLU B 30 22.81 11.41 -1.96
N ASN B 31 22.60 10.11 -1.65
CA ASN B 31 23.53 9.28 -0.85
C ASN B 31 22.92 7.88 -0.54
N ARG B 32 21.68 7.88 -0.03
CA ARG B 32 21.00 6.69 0.55
C ARG B 32 19.53 7.04 0.83
N ALA B 33 19.31 8.34 1.19
CA ALA B 33 17.99 8.99 1.36
C ALA B 33 17.35 8.71 2.72
N ALA B 34 16.94 7.44 2.92
CA ALA B 34 16.16 7.01 4.10
C ALA B 34 16.89 7.31 5.42
N GLN B 35 16.15 7.92 6.39
CA GLN B 35 16.63 8.43 7.71
C GLN B 35 17.86 9.36 7.62
N GLY B 36 18.22 9.78 6.39
CA GLY B 36 19.47 10.51 6.13
C GLY B 36 20.72 9.63 6.16
N ASP B 37 20.60 8.43 6.80
CA ASP B 37 21.67 7.43 6.98
C ASP B 37 22.77 7.94 7.93
N ILE B 38 22.84 7.37 9.15
CA ILE B 38 23.83 7.76 10.16
C ILE B 38 25.21 7.18 9.78
N THR B 39 25.97 7.95 8.98
CA THR B 39 27.37 7.66 8.64
C THR B 39 28.18 8.95 8.86
N ALA B 40 28.98 8.97 9.95
CA ALA B 40 29.78 10.13 10.38
C ALA B 40 28.92 11.42 10.53
N PRO B 41 28.40 11.73 11.76
CA PRO B 41 27.56 12.93 12.02
C PRO B 41 28.35 14.25 11.95
N GLY B 42 29.69 14.14 11.99
CA GLY B 42 30.58 15.29 12.11
C GLY B 42 30.63 15.73 13.57
N GLY B 43 29.52 16.31 14.01
CA GLY B 43 29.30 16.64 15.42
C GLY B 43 28.14 15.83 16.00
N ALA B 44 28.25 15.47 17.28
CA ALA B 44 27.20 14.77 18.03
C ALA B 44 27.43 15.02 19.53
N ARG B 45 26.54 15.83 20.16
CA ARG B 45 26.65 16.20 21.58
C ARG B 45 26.60 14.96 22.48
N ARG B 46 25.46 14.24 22.42
CA ARG B 46 25.12 13.08 23.29
C ARG B 46 24.75 13.55 24.72
N LEU B 47 25.65 14.36 25.35
CA LEU B 47 25.61 14.74 26.76
C LEU B 47 25.78 13.46 27.61
N THR B 48 24.70 12.70 27.81
CA THR B 48 24.74 11.37 28.46
C THR B 48 23.74 10.43 27.76
N GLY B 49 22.45 10.80 27.85
CA GLY B 49 21.34 10.00 27.34
C GLY B 49 20.91 10.39 25.93
N ASP B 50 21.93 10.54 25.03
CA ASP B 50 21.77 10.85 23.58
C ASP B 50 21.30 12.31 23.31
N GLN B 51 20.18 12.73 23.91
CA GLN B 51 19.63 14.12 23.79
C GLN B 51 19.25 14.43 22.34
N THR B 52 18.80 13.38 21.62
CA THR B 52 18.30 13.45 20.25
C THR B 52 19.44 13.85 19.27
N ALA B 53 20.66 13.39 19.59
CA ALA B 53 21.88 13.64 18.79
C ALA B 53 22.04 12.63 17.65
N ALA B 54 21.28 11.51 17.72
CA ALA B 54 21.27 10.49 16.66
C ALA B 54 20.68 11.06 15.36
N LEU B 55 19.32 11.05 15.26
CA LEU B 55 18.54 11.51 14.07
C LEU B 55 19.24 11.25 12.71
N ARG B 56 20.06 12.26 12.28
CA ARG B 56 20.61 12.37 10.91
C ARG B 56 19.51 12.42 9.84
N ASP B 57 18.26 12.67 10.29
CA ASP B 57 17.06 12.69 9.43
C ASP B 57 17.09 13.95 8.56
N SER B 58 17.67 13.79 7.38
CA SER B 58 17.95 14.89 6.45
C SER B 58 18.18 14.34 5.03
N LEU B 59 18.24 15.24 4.05
CA LEU B 59 18.43 14.88 2.63
C LEU B 59 19.54 15.77 2.04
N SER B 60 20.53 15.13 1.40
CA SER B 60 21.67 15.82 0.77
C SER B 60 21.17 16.68 -0.43
N ASP B 61 21.45 18.00 -0.37
CA ASP B 61 21.07 18.96 -1.44
C ASP B 61 21.89 18.73 -2.71
N LYS B 62 21.49 17.71 -3.47
CA LYS B 62 22.04 17.37 -4.79
C LYS B 62 20.87 16.86 -5.64
N PRO B 63 20.00 17.79 -6.19
CA PRO B 63 18.89 17.38 -7.06
C PRO B 63 19.41 16.91 -8.44
N ALA B 64 19.80 15.61 -8.49
CA ALA B 64 20.33 14.87 -9.69
C ALA B 64 20.96 15.79 -10.77
N LYS B 65 20.09 16.37 -11.62
CA LYS B 65 20.42 17.45 -12.56
C LYS B 65 19.16 18.33 -12.65
N ASN B 66 19.06 19.33 -11.72
CA ASN B 66 17.83 20.15 -11.48
C ASN B 66 16.74 19.22 -10.84
N ILE B 67 15.46 19.67 -10.72
CA ILE B 67 14.37 18.83 -10.16
C ILE B 67 13.89 17.78 -11.22
N ILE B 68 14.82 16.83 -11.51
CA ILE B 68 14.72 15.71 -12.48
C ILE B 68 14.12 16.15 -13.86
N LEU B 69 12.78 16.25 -13.96
CA LEU B 69 12.11 16.62 -15.24
C LEU B 69 11.99 18.16 -15.40
N LEU B 70 12.57 18.93 -14.45
CA LEU B 70 12.44 20.41 -14.37
C LEU B 70 10.98 20.82 -14.09
N ILE B 71 10.21 19.87 -13.54
CA ILE B 71 8.78 20.03 -13.25
C ILE B 71 8.58 20.27 -11.75
N GLY B 72 8.22 21.51 -11.40
CA GLY B 72 7.81 21.86 -10.05
C GLY B 72 6.32 21.56 -9.81
N ASP B 73 5.75 22.14 -8.74
CA ASP B 73 4.32 21.98 -8.42
C ASP B 73 3.45 22.75 -9.46
N GLY B 74 2.71 22.00 -10.29
CA GLY B 74 1.94 22.57 -11.39
C GLY B 74 2.82 22.89 -12.60
N MET B 75 3.84 22.02 -12.80
CA MET B 75 4.81 22.09 -13.92
C MET B 75 5.78 23.29 -13.75
N GLY B 76 5.26 24.51 -13.92
CA GLY B 76 6.04 25.73 -13.72
C GLY B 76 5.21 26.90 -13.18
N ASP B 77 3.96 26.59 -12.78
CA ASP B 77 2.97 27.55 -12.22
C ASP B 77 2.62 28.65 -13.25
N SER B 78 3.51 29.66 -13.33
CA SER B 78 3.40 30.80 -14.25
C SER B 78 4.73 31.56 -14.30
N GLU B 79 5.60 31.29 -13.31
CA GLU B 79 6.95 31.88 -13.23
C GLU B 79 7.89 31.27 -14.27
N ILE B 80 7.50 30.11 -14.86
CA ILE B 80 8.24 29.45 -15.95
C ILE B 80 8.39 30.39 -17.18
N THR B 81 7.33 31.15 -17.47
CA THR B 81 7.28 32.14 -18.56
C THR B 81 6.24 33.20 -18.18
N ALA B 82 6.69 34.48 -18.08
CA ALA B 82 5.81 35.61 -17.72
C ALA B 82 4.75 35.82 -18.82
N ALA B 83 3.60 35.17 -18.62
CA ALA B 83 2.49 35.16 -19.58
C ALA B 83 1.48 36.28 -19.25
N ARG B 84 0.94 36.25 -18.01
CA ARG B 84 -0.02 37.25 -17.54
C ARG B 84 -0.24 37.11 -16.04
N ASN B 85 -0.54 35.85 -15.61
CA ASN B 85 -0.85 35.46 -14.20
C ASN B 85 -2.28 35.89 -13.78
N TYR B 86 -3.03 36.53 -14.71
CA TYR B 86 -4.43 36.92 -14.52
C TYR B 86 -4.99 37.51 -15.84
N ALA B 87 -5.58 36.65 -16.69
CA ALA B 87 -6.26 37.08 -17.92
C ALA B 87 -7.74 36.69 -17.83
N GLU B 88 -8.64 37.66 -17.65
CA GLU B 88 -10.07 37.40 -17.36
C GLU B 88 -10.89 37.16 -18.69
N GLY B 89 -10.33 36.29 -19.55
CA GLY B 89 -11.05 35.77 -20.72
C GLY B 89 -11.80 34.51 -20.39
N ALA B 90 -12.70 34.60 -19.41
CA ALA B 90 -13.45 33.48 -18.86
C ALA B 90 -14.87 33.95 -18.51
N GLY B 91 -14.96 34.89 -17.55
CA GLY B 91 -16.24 35.47 -17.12
C GLY B 91 -17.00 34.57 -16.14
N GLY B 92 -17.33 33.35 -16.58
CA GLY B 92 -18.10 32.38 -15.80
C GLY B 92 -19.59 32.43 -16.15
N PHE B 93 -19.88 32.59 -17.45
CA PHE B 93 -21.27 32.69 -17.97
C PHE B 93 -21.77 31.32 -18.42
N PHE B 94 -22.99 30.96 -17.98
CA PHE B 94 -23.61 29.64 -18.23
C PHE B 94 -23.79 29.36 -19.73
N LYS B 95 -23.36 28.15 -20.18
CA LYS B 95 -23.60 27.67 -21.55
C LYS B 95 -25.07 27.18 -21.71
N GLY B 96 -25.76 27.01 -20.57
CA GLY B 96 -27.17 26.64 -20.55
C GLY B 96 -27.38 25.13 -20.53
N ILE B 97 -28.62 24.73 -20.81
CA ILE B 97 -29.08 23.33 -20.77
C ILE B 97 -29.82 22.99 -22.07
N ASP B 98 -29.46 23.72 -23.13
CA ASP B 98 -30.12 23.74 -24.43
C ASP B 98 -29.96 22.39 -25.14
N ALA B 99 -28.69 22.00 -25.30
CA ALA B 99 -28.30 20.70 -25.90
C ALA B 99 -27.32 19.98 -24.95
N LEU B 100 -27.34 20.38 -23.66
CA LEU B 100 -26.41 19.90 -22.63
C LEU B 100 -27.17 19.02 -21.62
N PRO B 101 -26.93 17.67 -21.58
CA PRO B 101 -27.51 16.77 -20.55
C PRO B 101 -26.97 17.07 -19.12
N LEU B 102 -27.82 16.89 -18.10
CA LEU B 102 -27.46 17.13 -16.69
C LEU B 102 -26.48 16.05 -16.20
N THR B 103 -25.16 16.29 -16.43
CA THR B 103 -24.05 15.36 -16.07
C THR B 103 -24.11 14.04 -16.90
N GLY B 104 -24.97 14.03 -17.94
CA GLY B 104 -25.23 12.83 -18.75
C GLY B 104 -24.17 12.59 -19.80
N GLN B 105 -22.98 12.15 -19.37
CA GLN B 105 -21.84 11.86 -20.26
C GLN B 105 -22.12 10.55 -21.03
N TYR B 106 -22.79 10.69 -22.19
CA TYR B 106 -23.11 9.60 -23.14
C TYR B 106 -24.18 8.65 -22.55
N THR B 107 -23.78 7.75 -21.63
CA THR B 107 -24.70 6.80 -20.93
C THR B 107 -24.71 7.12 -19.42
N HIS B 108 -24.84 8.43 -19.11
CA HIS B 108 -24.58 9.03 -17.76
C HIS B 108 -23.07 9.00 -17.49
N TYR B 109 -22.53 7.78 -17.36
CA TYR B 109 -21.10 7.54 -17.22
C TYR B 109 -20.77 6.17 -17.82
N ALA B 110 -19.69 6.12 -18.60
CA ALA B 110 -19.06 4.85 -19.01
C ALA B 110 -18.37 4.25 -17.77
N LEU B 111 -19.15 3.43 -17.03
CA LEU B 111 -18.74 2.83 -15.74
C LEU B 111 -17.40 2.06 -15.83
N ASN B 112 -16.62 2.12 -14.73
CA ASN B 112 -15.28 1.51 -14.65
C ASN B 112 -15.38 -0.02 -14.59
N LYS B 113 -16.28 -0.50 -13.70
CA LYS B 113 -16.59 -1.93 -13.52
C LYS B 113 -18.10 -2.15 -13.72
N LYS B 114 -18.55 -3.41 -13.60
CA LYS B 114 -19.95 -3.82 -13.87
C LYS B 114 -20.97 -3.02 -13.03
N THR B 115 -20.68 -2.84 -11.74
CA THR B 115 -21.52 -2.06 -10.81
C THR B 115 -20.90 -0.64 -10.59
N GLY B 116 -20.23 -0.12 -11.64
CA GLY B 116 -19.51 1.16 -11.56
C GLY B 116 -18.20 1.02 -10.80
N LYS B 117 -18.32 0.81 -9.48
CA LYS B 117 -17.23 0.45 -8.59
C LYS B 117 -17.82 -0.23 -7.34
N PRO B 118 -17.82 -1.59 -7.29
CA PRO B 118 -18.15 -2.37 -6.07
C PRO B 118 -16.86 -2.78 -5.32
N ASP B 119 -16.94 -3.89 -4.54
CA ASP B 119 -15.73 -4.57 -4.02
C ASP B 119 -15.13 -5.40 -5.16
N TYR B 120 -13.83 -5.71 -5.08
CA TYR B 120 -13.14 -6.48 -6.13
C TYR B 120 -13.44 -7.99 -5.94
N VAL B 121 -14.61 -8.40 -6.50
CA VAL B 121 -15.07 -9.80 -6.51
C VAL B 121 -15.16 -10.27 -7.99
N THR B 122 -14.30 -9.67 -8.85
CA THR B 122 -14.22 -9.98 -10.29
C THR B 122 -13.77 -11.43 -10.53
N ASP B 123 -12.84 -11.91 -9.68
CA ASP B 123 -12.34 -13.30 -9.71
C ASP B 123 -13.37 -14.30 -9.13
N SER B 124 -14.44 -13.77 -8.49
CA SER B 124 -15.51 -14.53 -7.79
C SER B 124 -14.95 -15.40 -6.63
N ALA B 125 -13.74 -15.06 -6.17
CA ALA B 125 -13.09 -15.71 -5.01
C ALA B 125 -13.07 -14.73 -3.81
N ALA B 126 -13.66 -13.52 -4.01
CA ALA B 126 -13.71 -12.41 -3.03
C ALA B 126 -12.29 -11.86 -2.69
N SER B 127 -11.28 -12.28 -3.50
CA SER B 127 -9.85 -11.99 -3.27
C SER B 127 -9.35 -12.54 -1.91
N ALA B 128 -10.04 -13.57 -1.40
CA ALA B 128 -9.74 -14.22 -0.10
C ALA B 128 -8.38 -14.93 -0.15
N THR B 129 -8.16 -15.71 -1.23
CA THR B 129 -6.88 -16.37 -1.57
C THR B 129 -6.61 -17.65 -0.72
N ALA B 130 -6.74 -17.53 0.62
CA ALA B 130 -6.46 -18.60 1.62
C ALA B 130 -4.94 -18.74 1.89
N TRP B 131 -4.12 -18.64 0.81
CA TRP B 131 -2.64 -18.70 0.84
C TRP B 131 -2.14 -20.12 1.14
N SER B 132 -2.49 -20.65 2.34
CA SER B 132 -2.17 -22.02 2.78
C SER B 132 -3.06 -23.06 2.06
N THR B 133 -3.02 -23.04 0.73
CA THR B 133 -3.84 -23.85 -0.17
C THR B 133 -2.95 -24.32 -1.36
N GLY B 134 -3.56 -24.93 -2.40
CA GLY B 134 -2.82 -25.42 -3.57
C GLY B 134 -2.57 -26.93 -3.49
N VAL B 135 -1.87 -27.35 -2.43
CA VAL B 135 -1.70 -28.78 -2.09
C VAL B 135 -3.08 -29.36 -1.67
N LYS B 136 -3.78 -29.94 -2.67
CA LYS B 136 -5.20 -30.46 -2.58
C LYS B 136 -6.22 -29.33 -2.85
N THR B 137 -5.81 -28.05 -2.61
CA THR B 137 -6.62 -26.83 -2.84
C THR B 137 -7.91 -26.84 -1.95
N TYR B 138 -7.81 -27.52 -0.80
CA TYR B 138 -8.91 -27.63 0.18
C TYR B 138 -8.75 -26.56 1.28
N ASN B 139 -7.47 -26.27 1.65
CA ASN B 139 -7.08 -25.41 2.81
C ASN B 139 -7.52 -26.10 4.13
N GLY B 140 -7.16 -25.52 5.30
CA GLY B 140 -7.66 -26.00 6.59
C GLY B 140 -9.20 -26.06 6.59
N ALA B 141 -9.80 -24.88 6.29
CA ALA B 141 -11.22 -24.71 5.91
C ALA B 141 -12.22 -25.43 6.84
N LEU B 142 -11.88 -25.53 8.16
CA LEU B 142 -12.68 -26.22 9.23
C LEU B 142 -13.14 -27.65 8.84
N GLY B 143 -12.49 -28.24 7.84
CA GLY B 143 -12.98 -29.43 7.16
C GLY B 143 -12.53 -30.77 7.74
N VAL B 144 -12.23 -30.81 9.06
CA VAL B 144 -11.94 -32.08 9.74
C VAL B 144 -13.24 -32.94 9.82
N ASP B 145 -14.31 -32.35 10.42
CA ASP B 145 -15.68 -32.92 10.54
C ASP B 145 -16.46 -32.06 11.57
N ILE B 146 -17.81 -32.08 11.47
CA ILE B 146 -18.74 -31.37 12.41
C ILE B 146 -18.55 -29.81 12.34
N HIS B 147 -17.79 -29.33 11.33
CA HIS B 147 -17.24 -27.94 11.24
C HIS B 147 -16.66 -27.48 12.60
N GLU B 148 -15.34 -27.73 12.79
CA GLU B 148 -14.63 -27.45 14.05
C GLU B 148 -14.76 -25.95 14.45
N LYS B 149 -14.41 -25.06 13.53
CA LYS B 149 -14.25 -23.63 13.79
C LYS B 149 -15.62 -23.01 14.15
N ASP B 150 -15.59 -22.01 15.07
CA ASP B 150 -16.76 -21.26 15.64
C ASP B 150 -17.22 -21.88 16.97
N HIS B 151 -16.97 -23.20 17.14
CA HIS B 151 -17.27 -23.93 18.41
C HIS B 151 -16.62 -25.34 18.44
N PRO B 152 -15.24 -25.41 18.44
CA PRO B 152 -14.49 -26.70 18.38
C PRO B 152 -14.32 -27.36 19.75
N THR B 153 -14.67 -26.63 20.82
CA THR B 153 -14.47 -27.05 22.22
C THR B 153 -12.94 -27.18 22.53
N ILE B 154 -12.13 -26.38 21.81
CA ILE B 154 -10.66 -26.30 22.00
C ILE B 154 -10.15 -24.93 21.51
N LEU B 155 -9.31 -24.26 22.34
CA LEU B 155 -8.69 -22.93 22.08
C LEU B 155 -9.72 -21.78 22.23
N GLU B 156 -10.77 -21.79 21.39
CA GLU B 156 -11.87 -20.80 21.46
C GLU B 156 -12.77 -21.10 22.69
N MET B 157 -12.56 -20.35 23.79
CA MET B 157 -13.30 -20.50 25.08
C MET B 157 -14.81 -20.32 24.87
N ALA B 158 -15.18 -19.17 24.29
CA ALA B 158 -16.53 -18.94 23.75
C ALA B 158 -16.46 -19.14 22.24
N LYS B 159 -15.88 -18.12 21.55
CA LYS B 159 -15.39 -18.22 20.18
C LYS B 159 -14.69 -16.92 19.78
N ALA B 160 -13.67 -17.07 18.93
CA ALA B 160 -12.98 -15.94 18.28
C ALA B 160 -13.45 -15.81 16.82
N ALA B 161 -14.24 -16.81 16.36
CA ALA B 161 -14.72 -16.92 14.96
C ALA B 161 -13.53 -17.04 13.98
N GLY B 162 -12.38 -17.53 14.51
CA GLY B 162 -11.11 -17.61 13.76
C GLY B 162 -10.44 -18.97 13.93
N LEU B 163 -10.13 -19.34 15.19
CA LEU B 163 -9.45 -20.62 15.58
C LEU B 163 -8.10 -20.81 14.84
N ALA B 164 -8.17 -21.40 13.63
CA ALA B 164 -7.02 -21.85 12.85
C ALA B 164 -7.53 -22.41 11.50
N THR B 165 -6.70 -22.28 10.45
CA THR B 165 -7.02 -22.77 9.08
C THR B 165 -5.74 -22.77 8.21
N GLY B 166 -4.59 -22.52 8.85
CA GLY B 166 -3.32 -22.28 8.16
C GLY B 166 -2.69 -21.00 8.71
N ASN B 167 -1.59 -21.15 9.51
CA ASN B 167 -0.90 -20.02 10.18
C ASN B 167 -0.27 -19.05 9.17
N VAL B 168 0.16 -19.61 8.00
CA VAL B 168 0.77 -18.87 6.85
C VAL B 168 1.87 -17.86 7.31
N SER B 169 2.65 -18.30 8.30
CA SER B 169 3.76 -17.55 8.89
C SER B 169 4.93 -17.44 7.88
N THR B 170 5.15 -16.21 7.37
CA THR B 170 6.18 -15.88 6.35
C THR B 170 5.86 -16.62 5.02
N ALA B 171 4.53 -16.78 4.76
CA ALA B 171 3.95 -17.55 3.63
C ALA B 171 4.01 -19.07 3.88
N GLU B 172 5.17 -19.55 4.35
CA GLU B 172 5.50 -20.98 4.58
C GLU B 172 5.07 -21.93 3.42
N LEU B 173 3.86 -22.52 3.47
CA LEU B 173 3.44 -23.66 2.60
C LEU B 173 4.48 -24.79 2.66
N GLN B 174 5.47 -24.74 1.74
CA GLN B 174 6.60 -25.67 1.66
C GLN B 174 7.40 -25.32 0.39
N ASP B 175 6.74 -25.51 -0.76
CA ASP B 175 7.35 -25.30 -2.08
C ASP B 175 6.92 -23.94 -2.66
N ALA B 176 7.78 -23.40 -3.56
CA ALA B 176 7.51 -22.17 -4.31
C ALA B 176 8.47 -22.12 -5.50
N THR B 177 7.91 -22.03 -6.72
CA THR B 177 8.68 -21.95 -7.97
C THR B 177 9.46 -20.61 -8.03
N PRO B 178 10.85 -20.64 -8.00
CA PRO B 178 11.68 -19.42 -7.91
C PRO B 178 11.83 -18.69 -9.27
N ALA B 179 10.72 -18.13 -9.77
CA ALA B 179 10.70 -17.29 -10.96
C ALA B 179 11.03 -15.85 -10.54
N ALA B 180 10.06 -15.24 -9.80
CA ALA B 180 10.21 -13.95 -9.10
C ALA B 180 10.54 -12.77 -10.05
N LEU B 181 11.80 -12.73 -10.51
CA LEU B 181 12.35 -11.68 -11.38
C LEU B 181 11.63 -11.61 -12.75
N VAL B 182 11.14 -12.76 -13.21
CA VAL B 182 10.33 -12.85 -14.43
C VAL B 182 8.84 -12.89 -14.10
N ALA B 183 8.06 -12.08 -14.84
CA ALA B 183 6.60 -12.19 -14.95
C ALA B 183 6.16 -11.46 -16.23
N HIS B 184 6.98 -11.63 -17.30
CA HIS B 184 6.82 -11.04 -18.67
C HIS B 184 6.65 -9.50 -18.71
N VAL B 185 6.69 -8.93 -19.94
CA VAL B 185 6.50 -7.49 -20.16
C VAL B 185 4.99 -7.13 -20.11
N THR B 186 4.67 -6.03 -19.40
CA THR B 186 3.29 -5.57 -19.19
C THR B 186 2.75 -4.82 -20.41
N SER B 187 1.42 -4.67 -20.44
CA SER B 187 0.70 -3.92 -21.49
C SER B 187 0.73 -2.40 -21.21
N ARG B 188 0.81 -2.04 -19.91
CA ARG B 188 0.78 -0.64 -19.45
C ARG B 188 2.21 -0.06 -19.43
N LYS B 189 2.46 0.95 -20.27
CA LYS B 189 3.78 1.58 -20.43
C LYS B 189 4.08 2.46 -19.20
N CYS B 190 4.63 1.82 -18.16
CA CYS B 190 4.98 2.47 -16.89
C CYS B 190 6.38 3.07 -16.99
N TYR B 191 6.43 4.33 -17.43
CA TYR B 191 7.69 5.09 -17.60
C TYR B 191 8.39 5.29 -16.24
N GLY B 192 9.73 5.26 -16.25
CA GLY B 192 10.53 5.41 -15.04
C GLY B 192 11.34 6.70 -15.01
N PRO B 193 11.75 7.19 -13.80
CA PRO B 193 12.61 8.38 -13.67
C PRO B 193 14.11 7.99 -13.55
N SER B 194 14.93 8.93 -13.08
CA SER B 194 16.33 8.65 -12.74
C SER B 194 16.41 8.10 -11.29
N ALA B 195 17.48 7.33 -11.02
CA ALA B 195 17.71 6.69 -9.72
C ALA B 195 19.18 6.81 -9.31
N THR B 196 19.43 6.95 -7.99
CA THR B 196 20.78 6.91 -7.42
C THR B 196 21.38 5.51 -7.67
N SER B 197 20.78 4.49 -7.00
CA SER B 197 21.10 3.06 -7.17
C SER B 197 22.62 2.76 -7.05
N GLU B 198 23.31 3.59 -6.26
CA GLU B 198 24.78 3.52 -6.12
C GLU B 198 25.14 2.32 -5.23
N LYS B 199 25.31 1.15 -5.88
CA LYS B 199 25.68 -0.14 -5.26
C LYS B 199 24.53 -0.76 -4.41
N CYS B 200 23.45 0.02 -4.23
CA CYS B 200 22.37 -0.27 -3.27
C CYS B 200 20.99 0.04 -3.90
N PRO B 201 19.85 -0.38 -3.26
CA PRO B 201 18.51 0.16 -3.61
C PRO B 201 18.29 1.62 -3.11
N GLY B 202 19.37 2.21 -2.51
CA GLY B 202 19.37 3.60 -2.06
C GLY B 202 19.10 4.60 -3.18
N ASN B 203 17.98 5.35 -3.04
CA ASN B 203 17.52 6.35 -4.02
C ASN B 203 16.37 7.15 -3.40
N ALA B 204 16.52 8.48 -3.32
CA ALA B 204 15.44 9.38 -2.86
C ALA B 204 14.35 9.44 -3.92
N LEU B 205 13.40 8.51 -3.82
CA LEU B 205 12.32 8.37 -4.79
C LEU B 205 11.02 8.89 -4.15
N GLU B 206 10.74 8.35 -2.95
CA GLU B 206 9.48 8.55 -2.18
C GLU B 206 8.26 8.12 -3.01
N LYS B 207 7.89 8.94 -4.01
CA LYS B 207 6.83 8.64 -4.97
C LYS B 207 7.50 8.22 -6.29
N GLY B 208 7.99 9.22 -7.06
CA GLY B 208 8.78 9.00 -8.28
C GLY B 208 8.12 8.05 -9.29
N GLY B 209 6.79 8.09 -9.37
CA GLY B 209 6.03 7.15 -10.20
C GLY B 209 5.58 5.95 -9.41
N LYS B 210 4.55 6.15 -8.58
CA LYS B 210 4.00 5.10 -7.70
C LYS B 210 2.59 5.48 -7.18
N GLY B 211 2.36 6.80 -6.94
CA GLY B 211 1.13 7.30 -6.28
C GLY B 211 -0.13 7.17 -7.13
N SER B 212 -0.54 5.92 -7.35
CA SER B 212 -1.63 5.52 -8.26
C SER B 212 -1.98 4.05 -7.95
N ILE B 213 -0.91 3.23 -7.78
CA ILE B 213 -0.95 1.79 -7.49
C ILE B 213 -1.79 1.03 -8.55
N THR B 214 -1.14 0.75 -9.70
CA THR B 214 -1.76 0.00 -10.80
C THR B 214 -1.76 -1.50 -10.48
N GLU B 215 -2.72 -1.86 -9.61
CA GLU B 215 -2.90 -3.22 -9.07
C GLU B 215 -4.35 -3.63 -9.30
N GLN B 216 -5.28 -2.75 -8.83
CA GLN B 216 -6.75 -2.88 -9.03
C GLN B 216 -7.39 -3.92 -8.05
N LEU B 217 -6.56 -4.84 -7.51
CA LEU B 217 -7.02 -6.02 -6.75
C LEU B 217 -7.43 -5.61 -5.33
N LEU B 218 -6.48 -5.11 -4.51
CA LEU B 218 -6.79 -4.57 -3.18
C LEU B 218 -7.31 -3.12 -3.30
N ASN B 219 -6.72 -2.38 -4.27
CA ASN B 219 -7.14 -1.03 -4.68
C ASN B 219 -6.85 0.04 -3.59
N ALA B 220 -5.78 0.85 -3.84
CA ALA B 220 -5.44 2.10 -3.10
C ALA B 220 -5.11 1.86 -1.62
N ARG B 221 -6.15 1.59 -0.80
CA ARG B 221 -6.02 1.35 0.64
C ARG B 221 -5.14 0.12 0.94
N ALA B 222 -5.31 -0.93 0.12
CA ALA B 222 -4.51 -2.19 0.21
C ALA B 222 -4.70 -2.86 1.58
N ASP B 223 -5.99 -3.02 1.96
CA ASP B 223 -6.45 -3.48 3.30
C ASP B 223 -5.71 -4.73 3.78
N VAL B 224 -5.91 -5.83 3.03
CA VAL B 224 -5.54 -7.21 3.41
C VAL B 224 -4.16 -7.30 4.10
N THR B 225 -3.09 -6.91 3.34
CA THR B 225 -1.66 -6.99 3.75
C THR B 225 -1.24 -8.39 4.31
N LEU B 226 -1.74 -8.74 5.51
CA LEU B 226 -1.53 -10.07 6.14
C LEU B 226 -0.07 -10.17 6.64
N GLY B 227 0.15 -9.87 7.93
CA GLY B 227 1.49 -9.94 8.54
C GLY B 227 1.63 -9.05 9.76
N GLY B 228 0.78 -8.02 9.87
CA GLY B 228 0.88 -7.00 10.93
C GLY B 228 0.87 -7.57 12.36
N GLY B 229 -0.18 -8.35 12.69
CA GLY B 229 -0.28 -9.03 13.98
C GLY B 229 -0.33 -10.54 13.80
N ALA B 230 0.64 -11.07 13.02
CA ALA B 230 0.71 -12.50 12.62
C ALA B 230 0.77 -13.43 13.85
N LYS B 231 -0.10 -14.46 13.84
CA LYS B 231 -0.36 -15.32 15.01
C LYS B 231 0.87 -16.19 15.39
N THR B 232 1.22 -16.15 16.68
CA THR B 232 2.32 -16.94 17.26
C THR B 232 2.04 -17.15 18.77
N PHE B 233 2.96 -17.83 19.46
CA PHE B 233 2.92 -17.98 20.94
C PHE B 233 4.33 -17.67 21.48
N ALA B 234 4.56 -16.41 21.87
CA ALA B 234 5.88 -15.94 22.35
C ALA B 234 5.72 -14.84 23.41
N GLU B 235 6.86 -14.43 24.02
CA GLU B 235 6.89 -13.39 25.06
C GLU B 235 8.30 -12.78 25.17
N THR B 236 8.64 -11.89 24.21
CA THR B 236 9.87 -11.08 24.23
C THR B 236 9.62 -9.75 23.48
N ALA B 237 9.96 -8.63 24.15
CA ALA B 237 9.94 -7.30 23.53
C ALA B 237 11.18 -7.14 22.63
N THR B 238 11.06 -7.62 21.37
CA THR B 238 12.17 -7.65 20.39
C THR B 238 12.15 -6.37 19.49
N ALA B 239 11.42 -5.34 19.96
CA ALA B 239 11.22 -4.09 19.23
C ALA B 239 12.40 -3.12 19.43
N GLY B 240 12.62 -2.23 18.44
CA GLY B 240 13.86 -1.46 18.29
C GLY B 240 13.87 -0.17 19.08
N GLU B 241 12.93 0.75 18.78
CA GLU B 241 12.82 2.04 19.50
C GLU B 241 11.53 2.09 20.34
N TRP B 242 11.18 3.31 20.84
CA TRP B 242 9.95 3.66 21.63
C TRP B 242 9.81 2.89 22.96
N GLN B 243 8.88 3.40 23.82
CA GLN B 243 8.39 2.75 25.08
C GLN B 243 9.52 2.31 26.07
N GLY B 244 9.13 1.48 27.08
CA GLY B 244 10.09 0.87 28.00
C GLY B 244 10.79 -0.34 27.39
N LYS B 245 9.98 -1.21 26.70
CA LYS B 245 10.39 -2.48 26.04
C LYS B 245 11.33 -3.34 26.94
N THR B 246 10.99 -3.39 28.25
CA THR B 246 11.81 -4.08 29.27
C THR B 246 10.89 -4.70 30.35
N LEU B 247 11.51 -5.47 31.30
CA LEU B 247 10.82 -6.19 32.39
C LEU B 247 9.89 -7.31 31.81
N ARG B 248 8.68 -6.91 31.41
CA ARG B 248 7.67 -7.80 30.82
C ARG B 248 6.57 -6.95 30.13
N GLU B 249 6.87 -5.64 30.00
CA GLU B 249 5.91 -4.61 29.59
C GLU B 249 4.63 -4.63 30.44
N GLN B 250 3.47 -4.33 29.83
CA GLN B 250 2.30 -3.83 30.58
C GLN B 250 1.30 -4.97 30.90
N ALA B 251 1.85 -6.05 31.52
CA ALA B 251 1.08 -7.21 32.05
C ALA B 251 0.58 -8.17 30.95
N GLN B 252 -0.22 -7.65 30.00
CA GLN B 252 -0.83 -8.45 28.91
C GLN B 252 0.10 -8.57 27.71
N ALA B 253 1.33 -9.04 27.97
CA ALA B 253 2.34 -9.31 26.95
C ALA B 253 2.42 -10.83 26.70
N ARG B 254 1.24 -11.50 26.68
CA ARG B 254 1.14 -12.96 26.51
C ARG B 254 -0.33 -13.35 26.24
N GLY B 255 -1.20 -13.14 27.26
CA GLY B 255 -2.63 -13.52 27.19
C GLY B 255 -2.80 -15.02 26.94
N TYR B 256 -3.08 -15.38 25.67
CA TYR B 256 -3.04 -16.78 25.18
C TYR B 256 -2.63 -16.76 23.71
N GLN B 257 -3.42 -16.05 22.88
CA GLN B 257 -3.26 -16.02 21.41
C GLN B 257 -3.56 -14.62 20.87
N LEU B 258 -3.35 -14.42 19.55
CA LEU B 258 -3.62 -13.14 18.86
C LEU B 258 -4.04 -13.41 17.41
N VAL B 259 -4.90 -12.54 16.86
CA VAL B 259 -5.29 -12.55 15.44
C VAL B 259 -4.90 -11.23 14.76
N SER B 260 -4.88 -11.24 13.42
CA SER B 260 -4.59 -10.06 12.59
C SER B 260 -5.79 -9.79 11.67
N ASP B 261 -6.10 -8.50 11.46
CA ASP B 261 -7.20 -8.10 10.57
C ASP B 261 -6.67 -7.65 9.19
N ALA B 262 -5.98 -6.50 9.18
CA ALA B 262 -5.59 -5.80 7.94
C ALA B 262 -4.53 -4.72 8.28
N ALA B 263 -4.49 -3.61 7.51
CA ALA B 263 -3.53 -2.51 7.74
C ALA B 263 -3.96 -1.20 7.05
N SER B 264 -3.02 -0.24 7.00
CA SER B 264 -3.13 1.07 6.32
C SER B 264 -4.15 2.01 7.00
N LEU B 265 -3.64 2.90 7.89
CA LEU B 265 -4.43 3.98 8.52
C LEU B 265 -3.66 5.31 8.39
N ASN B 266 -2.60 5.45 9.22
CA ASN B 266 -1.79 6.68 9.38
C ASN B 266 -2.61 7.79 10.10
N SER B 267 -1.92 8.78 10.70
CA SER B 267 -2.57 9.93 11.33
C SER B 267 -3.10 10.88 10.23
N VAL B 268 -2.18 11.31 9.36
CA VAL B 268 -2.45 12.13 8.17
C VAL B 268 -1.09 12.44 7.51
N THR B 269 -0.09 12.71 8.36
CA THR B 269 1.30 12.99 7.97
C THR B 269 2.25 12.30 8.99
N GLU B 270 1.81 11.11 9.49
CA GLU B 270 2.48 10.25 10.51
C GLU B 270 2.99 11.00 11.78
N ALA B 271 4.08 11.78 11.63
CA ALA B 271 4.69 12.55 12.74
C ALA B 271 3.79 13.72 13.19
N ASN B 272 2.76 13.39 13.99
CA ASN B 272 1.81 14.36 14.56
C ASN B 272 1.80 14.16 16.08
N GLN B 273 1.34 12.95 16.47
CA GLN B 273 1.38 12.40 17.84
C GLN B 273 0.88 13.37 18.94
N GLN B 274 1.80 14.23 19.45
CA GLN B 274 1.55 15.19 20.55
C GLN B 274 1.31 14.46 21.89
N LYS B 275 2.09 14.82 22.93
CA LYS B 275 1.95 14.28 24.30
C LYS B 275 2.29 12.75 24.31
N PRO B 276 3.57 12.35 24.60
CA PRO B 276 3.97 10.93 24.74
C PRO B 276 3.67 10.33 26.14
N LEU B 277 3.07 11.15 27.02
CA LEU B 277 2.75 10.74 28.40
C LEU B 277 1.56 9.74 28.40
N LEU B 278 1.84 8.51 28.86
CA LEU B 278 0.83 7.44 28.99
C LEU B 278 -0.38 7.88 29.86
N GLY B 279 -0.07 8.42 31.05
CA GLY B 279 -1.07 8.73 32.07
C GLY B 279 -0.57 8.35 33.46
N LEU B 280 -1.00 7.18 33.97
CA LEU B 280 -0.61 6.71 35.32
C LEU B 280 -0.39 5.17 35.34
N PHE B 281 -1.24 4.42 34.57
CA PHE B 281 -1.20 2.95 34.47
C PHE B 281 -1.49 2.31 35.87
N ALA B 282 -0.44 2.13 36.70
CA ALA B 282 -0.54 1.77 38.14
C ALA B 282 -1.25 0.41 38.44
N ASP B 283 -1.21 -0.55 37.50
CA ASP B 283 -1.90 -1.87 37.66
C ASP B 283 -1.01 -2.88 38.42
N GLY B 284 0.24 -3.03 37.93
CA GLY B 284 1.16 -4.07 38.44
C GLY B 284 1.83 -3.67 39.76
N ASN B 285 1.02 -3.68 40.85
CA ASN B 285 1.42 -3.32 42.22
C ASN B 285 1.97 -1.87 42.27
N MET B 286 1.08 -0.91 42.54
CA MET B 286 1.44 0.52 42.60
C MET B 286 0.41 1.28 43.47
N PRO B 287 0.37 1.02 44.83
CA PRO B 287 -0.64 1.64 45.73
C PRO B 287 -0.31 3.12 46.07
N VAL B 288 0.78 3.35 46.84
CA VAL B 288 1.28 4.70 47.18
C VAL B 288 2.28 5.21 46.12
N ARG B 289 2.21 4.62 44.91
CA ARG B 289 2.96 5.04 43.71
C ARG B 289 4.48 4.98 43.95
N TRP B 290 5.06 3.77 43.75
CA TRP B 290 6.49 3.45 43.98
C TRP B 290 6.82 3.41 45.49
N LEU B 291 7.26 2.25 46.01
CA LEU B 291 7.58 2.10 47.46
C LEU B 291 8.63 0.99 47.63
N GLY B 292 9.73 1.33 48.33
CA GLY B 292 10.78 0.38 48.71
C GLY B 292 11.50 -0.24 47.51
N PRO B 293 12.03 -1.49 47.64
CA PRO B 293 12.70 -2.21 46.54
C PRO B 293 11.74 -3.13 45.74
N LYS B 294 10.41 -2.93 45.90
CA LYS B 294 9.34 -3.67 45.18
C LYS B 294 9.22 -5.15 45.63
N ALA B 295 10.16 -6.02 45.20
CA ALA B 295 10.08 -7.49 45.42
C ALA B 295 10.06 -7.88 46.91
N THR B 296 10.88 -7.15 47.72
CA THR B 296 11.11 -7.38 49.18
C THR B 296 11.38 -8.86 49.53
N TYR B 297 11.58 -9.15 50.84
CA TYR B 297 11.55 -10.50 51.46
C TYR B 297 12.26 -11.59 50.60
N HIS B 298 13.60 -11.69 50.76
CA HIS B 298 14.51 -12.62 50.01
C HIS B 298 14.80 -12.12 48.57
N GLY B 299 13.72 -11.92 47.77
CA GLY B 299 13.83 -11.46 46.38
C GLY B 299 14.46 -10.07 46.26
N ASN B 300 14.23 -9.24 47.31
CA ASN B 300 14.75 -7.88 47.46
C ASN B 300 14.19 -6.91 46.40
N ILE B 301 14.66 -7.03 45.15
CA ILE B 301 14.24 -6.16 44.05
C ILE B 301 14.20 -6.93 42.71
N ASP B 302 13.23 -6.56 41.85
CA ASP B 302 13.14 -7.06 40.47
C ASP B 302 14.13 -6.26 39.57
N LYS B 303 15.43 -6.27 39.96
CA LYS B 303 16.48 -5.50 39.28
C LYS B 303 16.92 -6.27 38.01
N PRO B 304 16.55 -5.77 36.77
CA PRO B 304 16.93 -6.44 35.52
C PRO B 304 18.31 -5.96 35.01
N ALA B 305 18.61 -6.22 33.73
CA ALA B 305 19.82 -5.69 33.07
C ALA B 305 19.77 -4.15 33.01
N VAL B 306 18.54 -3.61 32.80
CA VAL B 306 18.24 -2.16 32.63
C VAL B 306 18.97 -1.60 31.38
N THR B 307 20.28 -1.39 31.52
CA THR B 307 21.14 -0.93 30.46
C THR B 307 21.46 -2.11 29.51
N CYS B 308 20.82 -2.12 28.34
CA CYS B 308 21.08 -3.13 27.27
C CYS B 308 22.31 -2.70 26.43
N THR B 309 22.81 -1.48 26.69
CA THR B 309 24.06 -0.95 26.10
C THR B 309 25.28 -1.74 26.64
N PRO B 310 26.07 -2.45 25.76
CA PRO B 310 27.29 -3.20 26.21
C PRO B 310 28.34 -2.25 26.85
N ASN B 311 28.59 -1.11 26.18
CA ASN B 311 29.52 -0.06 26.65
C ASN B 311 29.25 1.25 25.88
N PRO B 312 29.52 2.46 26.50
CA PRO B 312 29.37 3.76 25.79
C PRO B 312 30.57 4.03 24.85
N GLN B 313 30.30 4.75 23.75
CA GLN B 313 31.34 5.09 22.75
C GLN B 313 32.17 6.28 23.25
N ARG B 314 33.50 6.09 23.41
CA ARG B 314 34.43 7.14 23.86
C ARG B 314 34.68 8.18 22.74
N ASN B 315 33.75 9.17 22.67
CA ASN B 315 33.73 10.22 21.62
C ASN B 315 33.33 9.60 20.26
N ASP B 316 34.27 8.88 19.64
CA ASP B 316 34.10 8.25 18.33
C ASP B 316 33.65 6.78 18.49
N SER B 317 33.73 6.02 17.38
CA SER B 317 33.30 4.62 17.32
C SER B 317 34.46 3.65 17.67
N VAL B 318 35.47 3.58 16.77
CA VAL B 318 36.47 2.48 16.76
C VAL B 318 37.94 3.00 16.69
N PRO B 319 38.41 3.72 15.61
CA PRO B 319 39.88 3.96 15.38
C PRO B 319 40.52 4.95 16.39
N THR B 320 39.69 5.66 17.17
CA THR B 320 40.11 6.72 18.12
C THR B 320 40.77 7.88 17.34
N LEU B 321 39.93 8.70 16.68
CA LEU B 321 40.41 9.71 15.73
C LEU B 321 39.60 11.03 15.87
N ALA B 322 39.93 11.78 16.95
CA ALA B 322 39.52 13.20 17.17
C ALA B 322 37.99 13.42 17.31
N GLN B 323 37.27 13.36 16.19
CA GLN B 323 35.81 13.64 16.13
C GLN B 323 35.01 12.33 16.18
N MET B 324 33.67 12.46 16.18
CA MET B 324 32.75 11.30 16.16
C MET B 324 32.80 10.63 14.78
N THR B 325 33.70 9.64 14.64
CA THR B 325 34.01 8.97 13.35
C THR B 325 32.77 8.36 12.67
N ASP B 326 31.82 7.83 13.47
CA ASP B 326 30.56 7.29 12.94
C ASP B 326 29.51 7.18 14.07
N LYS B 327 29.39 6.01 14.72
CA LYS B 327 28.38 5.80 15.78
C LYS B 327 28.90 6.34 17.12
N ALA B 328 28.42 7.54 17.49
CA ALA B 328 28.62 8.11 18.84
C ALA B 328 27.57 7.55 19.82
N ILE B 329 26.43 7.14 19.25
CA ILE B 329 25.28 6.58 19.98
C ILE B 329 24.74 5.37 19.19
N GLU B 330 23.97 4.52 19.90
CA GLU B 330 23.27 3.38 19.28
C GLU B 330 21.95 3.84 18.63
N LEU B 331 21.19 4.69 19.34
CA LEU B 331 19.79 5.01 19.01
C LEU B 331 19.31 6.22 19.84
N LEU B 332 18.11 6.73 19.51
CA LEU B 332 17.43 7.78 20.27
C LEU B 332 17.06 7.27 21.68
N SER B 333 17.69 7.87 22.72
CA SER B 333 17.39 7.57 24.14
C SER B 333 16.47 8.66 24.74
N LYS B 334 16.06 8.48 26.00
CA LYS B 334 15.08 9.36 26.67
C LYS B 334 15.53 9.67 28.12
N ASN B 335 16.51 8.89 28.61
CA ASN B 335 16.89 8.88 30.05
C ASN B 335 17.89 10.02 30.39
N GLU B 336 17.44 11.26 30.17
CA GLU B 336 18.11 12.50 30.58
C GLU B 336 17.17 13.67 30.24
N LYS B 337 17.05 13.97 28.92
CA LYS B 337 16.14 14.97 28.34
C LYS B 337 16.33 16.39 28.95
N GLY B 338 15.72 16.59 30.13
CA GLY B 338 15.73 17.87 30.84
C GLY B 338 14.98 17.73 32.15
N PHE B 339 14.59 18.87 32.77
CA PHE B 339 13.78 18.89 34.03
C PHE B 339 14.54 18.11 35.14
N PHE B 340 15.88 18.29 35.15
CA PHE B 340 16.86 17.51 35.95
C PHE B 340 16.84 16.02 35.54
N LEU B 341 15.82 15.29 36.02
CA LEU B 341 15.50 13.93 35.58
C LEU B 341 14.10 13.64 36.14
N GLN B 342 14.08 13.30 37.46
CA GLN B 342 12.85 13.08 38.26
C GLN B 342 11.95 11.94 37.68
N VAL B 343 10.82 11.68 38.36
CA VAL B 343 9.78 10.64 38.03
C VAL B 343 10.37 9.22 37.71
N GLU B 344 11.06 9.07 36.56
CA GLU B 344 11.79 7.84 36.19
C GLU B 344 12.96 7.59 37.17
N GLY B 345 13.65 8.69 37.56
CA GLY B 345 14.70 8.65 38.57
C GLY B 345 14.12 8.89 39.96
N ALA B 346 14.81 8.36 40.99
CA ALA B 346 14.37 8.48 42.39
C ALA B 346 14.62 9.90 42.92
N SER B 347 13.66 10.80 42.67
CA SER B 347 13.73 12.22 43.07
C SER B 347 13.22 12.46 44.51
N ILE B 348 13.37 11.42 45.37
CA ILE B 348 12.85 11.38 46.76
C ILE B 348 11.30 11.50 46.75
N ASP B 349 10.77 12.73 46.52
CA ASP B 349 9.34 12.95 46.31
C ASP B 349 8.93 12.50 44.90
N LYS B 350 7.75 11.87 44.82
CA LYS B 350 7.23 11.24 43.60
C LYS B 350 6.04 12.07 43.09
N GLN B 351 6.26 12.84 42.01
CA GLN B 351 5.22 13.69 41.40
C GLN B 351 4.15 12.83 40.70
N ASP B 352 3.21 12.31 41.52
CA ASP B 352 2.08 11.46 41.06
C ASP B 352 1.17 11.18 42.28
N HIS B 353 1.03 12.21 43.14
CA HIS B 353 0.20 12.26 44.38
C HIS B 353 0.62 11.27 45.51
N ALA B 354 1.43 10.23 45.19
CA ALA B 354 1.82 9.15 46.13
C ALA B 354 0.58 8.51 46.82
N ALA B 355 0.18 9.05 47.99
CA ALA B 355 -1.00 8.59 48.74
C ALA B 355 -2.04 9.72 48.80
N ASN B 356 -1.85 10.69 49.73
CA ASN B 356 -2.75 11.85 49.90
C ASN B 356 -2.10 12.97 50.75
N PRO B 357 -0.93 13.56 50.30
CA PRO B 357 -0.19 14.58 51.09
C PRO B 357 -0.91 15.95 51.12
N CYS B 358 -1.64 16.27 50.04
CA CYS B 358 -2.42 17.51 49.94
C CYS B 358 -3.74 17.35 50.74
N GLY B 359 -4.03 18.34 51.60
CA GLY B 359 -5.24 18.33 52.44
C GLY B 359 -6.48 18.83 51.69
N GLN B 360 -6.76 18.18 50.54
CA GLN B 360 -7.90 18.53 49.69
C GLN B 360 -9.18 17.88 50.25
N ILE B 361 -10.23 18.70 50.44
CA ILE B 361 -11.57 18.22 50.80
C ILE B 361 -12.15 17.47 49.58
N GLY B 362 -11.91 16.15 49.53
CA GLY B 362 -12.15 15.34 48.33
C GLY B 362 -11.08 15.62 47.25
N GLU B 363 -11.41 15.34 45.98
CA GLU B 363 -10.55 15.64 44.79
C GLU B 363 -9.20 14.87 44.86
N THR B 364 -9.14 13.86 45.73
CA THR B 364 -7.91 13.10 46.01
C THR B 364 -7.68 11.99 44.93
N VAL B 365 -8.50 12.06 43.85
CA VAL B 365 -8.41 11.22 42.63
C VAL B 365 -8.84 9.78 42.94
N ASP B 366 -7.95 9.03 43.61
CA ASP B 366 -8.16 7.61 43.94
C ASP B 366 -9.18 7.44 45.06
N LEU B 367 -9.10 8.30 46.09
CA LEU B 367 -9.97 8.20 47.27
C LEU B 367 -11.39 8.69 46.95
N ASP B 368 -11.60 10.03 46.88
CA ASP B 368 -12.94 10.65 46.70
C ASP B 368 -12.86 11.89 45.78
N GLU B 369 -14.02 12.27 45.18
CA GLU B 369 -14.18 13.49 44.34
C GLU B 369 -14.81 14.64 45.16
N ALA B 370 -16.14 14.62 45.32
CA ALA B 370 -16.90 15.67 46.03
C ALA B 370 -18.38 15.29 46.02
N VAL B 371 -18.93 15.17 44.81
CA VAL B 371 -20.34 14.83 44.59
C VAL B 371 -20.46 13.36 44.19
N GLN B 372 -19.77 12.98 43.09
CA GLN B 372 -19.69 11.58 42.56
C GLN B 372 -20.99 11.05 41.93
N ARG B 373 -22.13 11.71 42.20
CA ARG B 373 -23.44 11.30 41.68
C ARG B 373 -23.50 11.68 40.18
N ALA B 374 -23.01 10.78 39.30
CA ALA B 374 -22.96 10.99 37.83
C ALA B 374 -22.08 12.23 37.44
N LEU B 375 -21.20 12.67 38.39
CA LEU B 375 -20.36 13.90 38.30
C LEU B 375 -21.23 15.18 38.40
N GLU B 376 -20.62 16.25 38.95
CA GLU B 376 -21.21 17.58 39.05
C GLU B 376 -20.99 18.36 37.71
N PHE B 377 -22.05 19.03 37.21
CA PHE B 377 -22.02 19.83 35.95
C PHE B 377 -22.66 21.20 36.19
N ALA B 378 -22.00 22.05 37.00
CA ALA B 378 -22.41 23.46 37.32
C ALA B 378 -23.83 23.56 37.92
N LYS B 379 -24.87 23.40 37.06
CA LYS B 379 -26.29 23.28 37.48
C LYS B 379 -26.63 21.83 37.86
N LYS B 380 -25.60 20.95 37.85
CA LYS B 380 -25.69 19.49 38.04
C LYS B 380 -26.26 18.81 36.78
N GLU B 381 -27.53 19.13 36.44
CA GLU B 381 -28.25 18.57 35.29
C GLU B 381 -27.62 18.97 33.94
N GLY B 382 -27.12 20.23 33.86
CA GLY B 382 -26.51 20.77 32.64
C GLY B 382 -25.53 21.87 32.96
N ASN B 383 -24.26 21.73 32.52
CA ASN B 383 -23.16 22.67 32.85
C ASN B 383 -23.47 24.11 32.39
N THR B 384 -23.54 24.30 31.08
CA THR B 384 -23.72 25.60 30.41
C THR B 384 -24.24 25.32 28.98
N LEU B 385 -24.13 26.33 28.09
CA LEU B 385 -24.56 26.26 26.68
C LEU B 385 -26.10 26.14 26.56
N VAL B 386 -26.59 25.92 25.33
CA VAL B 386 -28.03 25.84 25.03
C VAL B 386 -28.59 24.46 25.49
N ILE B 387 -29.03 24.39 26.76
CA ILE B 387 -29.62 23.16 27.33
C ILE B 387 -31.09 23.03 26.87
N VAL B 388 -31.39 21.87 26.26
CA VAL B 388 -32.68 21.53 25.62
C VAL B 388 -32.95 22.43 24.39
N THR B 389 -33.29 23.72 24.62
CA THR B 389 -33.58 24.68 23.54
C THR B 389 -33.36 26.14 24.00
N ALA B 390 -32.76 26.32 25.19
CA ALA B 390 -32.56 27.65 25.78
C ALA B 390 -31.24 27.69 26.57
N ASP B 391 -30.39 28.68 26.24
CA ASP B 391 -29.08 28.89 26.90
C ASP B 391 -29.25 29.73 28.17
N HIS B 392 -30.27 30.61 28.16
CA HIS B 392 -30.64 31.51 29.27
C HIS B 392 -29.55 32.56 29.55
N ALA B 393 -28.51 32.17 30.31
CA ALA B 393 -27.47 33.07 30.81
C ALA B 393 -26.21 32.24 31.16
N HIS B 394 -25.32 32.78 32.02
CA HIS B 394 -24.17 32.03 32.57
C HIS B 394 -24.68 30.78 33.30
N ALA B 395 -25.50 31.02 34.32
CA ALA B 395 -26.30 29.97 34.95
C ALA B 395 -27.38 29.55 33.95
N SER B 396 -27.05 28.53 33.12
CA SER B 396 -27.90 28.03 32.01
C SER B 396 -29.30 27.61 32.52
N GLN B 397 -29.31 27.15 33.78
CA GLN B 397 -30.52 26.90 34.57
C GLN B 397 -30.29 27.60 35.94
N ILE B 398 -31.36 28.17 36.52
CA ILE B 398 -31.25 29.10 37.69
C ILE B 398 -30.69 28.39 38.96
N VAL B 399 -31.19 27.17 39.24
CA VAL B 399 -30.79 26.38 40.42
C VAL B 399 -29.29 26.01 40.36
N ALA B 400 -28.66 25.98 41.56
CA ALA B 400 -27.23 25.69 41.75
C ALA B 400 -26.37 26.88 41.28
N PRO B 401 -25.64 27.59 42.21
CA PRO B 401 -24.78 28.76 41.86
C PRO B 401 -23.44 28.38 41.13
N ASP B 402 -23.50 27.32 40.27
CA ASP B 402 -22.43 26.91 39.32
C ASP B 402 -21.30 26.10 39.97
N THR B 403 -21.27 26.03 41.33
CA THR B 403 -20.23 25.35 42.12
C THR B 403 -18.80 25.90 41.82
N LYS B 404 -18.18 25.44 40.72
CA LYS B 404 -16.80 25.78 40.34
C LYS B 404 -16.73 26.40 38.93
N ALA B 405 -17.88 26.88 38.40
CA ALA B 405 -17.96 27.49 37.05
C ALA B 405 -18.16 29.02 37.15
N PRO B 406 -17.07 29.85 37.12
CA PRO B 406 -17.17 31.33 37.06
C PRO B 406 -17.58 31.80 35.65
N GLY B 407 -17.23 30.99 34.64
CA GLY B 407 -17.64 31.22 33.26
C GLY B 407 -18.13 29.94 32.60
N LEU B 408 -17.45 29.51 31.53
CA LEU B 408 -17.81 28.34 30.69
C LEU B 408 -19.09 28.61 29.85
N THR B 409 -19.60 29.86 29.91
CA THR B 409 -20.89 30.23 29.32
C THR B 409 -20.79 30.41 27.79
N GLN B 410 -21.88 30.90 27.18
CA GLN B 410 -22.02 31.04 25.73
C GLN B 410 -21.27 32.30 25.27
N ALA B 411 -19.94 32.15 25.12
CA ALA B 411 -19.06 33.20 24.63
C ALA B 411 -19.29 33.41 23.12
N LEU B 412 -19.15 34.67 22.68
CA LEU B 412 -19.39 35.06 21.28
C LEU B 412 -18.20 34.61 20.40
N ASN B 413 -18.14 33.29 20.19
CA ASN B 413 -17.03 32.56 19.50
C ASN B 413 -17.26 31.06 19.76
N THR B 414 -17.57 30.74 21.03
CA THR B 414 -17.86 29.37 21.49
C THR B 414 -19.12 28.81 20.83
N LYS B 415 -19.05 27.52 20.41
CA LYS B 415 -20.14 26.76 19.81
C LYS B 415 -20.55 27.36 18.44
N ASP B 416 -19.53 27.74 17.66
CA ASP B 416 -19.70 28.39 16.35
C ASP B 416 -20.14 27.36 15.29
N GLY B 417 -21.47 27.13 15.22
CA GLY B 417 -22.13 26.38 14.14
C GLY B 417 -21.52 25.01 13.82
N ALA B 418 -21.63 24.06 14.76
CA ALA B 418 -21.13 22.68 14.57
C ALA B 418 -21.95 21.95 13.49
N VAL B 419 -23.26 22.19 13.51
CA VAL B 419 -24.20 21.71 12.47
C VAL B 419 -24.93 22.92 11.83
N MET B 420 -25.06 24.02 12.63
CA MET B 420 -25.62 25.35 12.21
C MET B 420 -27.17 25.37 12.17
N VAL B 421 -27.78 24.27 11.67
CA VAL B 421 -29.24 24.14 11.47
C VAL B 421 -29.73 25.26 10.50
N MET B 422 -29.30 25.15 9.23
CA MET B 422 -29.65 26.13 8.16
C MET B 422 -31.01 25.80 7.52
N SER B 423 -31.67 24.76 8.06
CA SER B 423 -32.95 24.23 7.58
C SER B 423 -34.06 25.31 7.51
N TYR B 424 -34.03 26.22 8.48
CA TYR B 424 -34.99 27.34 8.59
C TYR B 424 -34.31 28.59 9.17
N GLY B 425 -32.96 28.60 9.12
CA GLY B 425 -32.16 29.68 9.70
C GLY B 425 -32.31 29.77 11.21
N ASN B 426 -31.75 28.78 11.90
CA ASN B 426 -31.84 28.66 13.38
C ASN B 426 -30.54 29.13 14.06
N SER B 427 -29.39 28.94 13.36
CA SER B 427 -28.04 29.36 13.82
C SER B 427 -27.59 28.58 15.08
N GLU B 428 -28.10 27.33 15.21
CA GLU B 428 -27.72 26.37 16.28
C GLU B 428 -28.20 26.88 17.68
N GLU B 429 -29.46 26.53 17.99
CA GLU B 429 -30.20 27.01 19.18
C GLU B 429 -31.34 26.03 19.53
N ASP B 430 -31.94 25.43 18.50
CA ASP B 430 -33.10 24.49 18.60
C ASP B 430 -32.84 23.39 19.65
N SER B 431 -31.65 22.83 19.57
CA SER B 431 -31.15 21.80 20.51
C SER B 431 -29.64 21.65 20.35
N GLN B 432 -29.00 22.72 19.78
CA GLN B 432 -27.62 22.68 19.26
C GLN B 432 -27.48 21.59 18.17
N GLU B 433 -27.35 20.34 18.62
CA GLU B 433 -27.19 19.18 17.76
C GLU B 433 -28.58 18.70 17.30
N HIS B 434 -29.20 19.49 16.41
CA HIS B 434 -30.50 19.17 15.81
C HIS B 434 -30.33 17.89 14.97
N THR B 435 -30.68 16.75 15.59
CA THR B 435 -30.56 15.44 14.97
C THR B 435 -31.66 15.27 13.91
N GLY B 436 -31.37 15.83 12.73
CA GLY B 436 -32.23 15.74 11.55
C GLY B 436 -31.41 15.38 10.32
N SER B 437 -30.14 15.00 10.54
CA SER B 437 -29.20 14.61 9.48
C SER B 437 -28.99 13.07 9.53
N GLN B 438 -28.62 12.57 10.74
CA GLN B 438 -28.36 11.12 11.07
C GLN B 438 -27.65 10.33 9.93
N LEU B 439 -28.40 9.93 8.87
CA LEU B 439 -27.86 9.29 7.65
C LEU B 439 -27.37 7.85 7.93
N ARG B 440 -28.19 6.86 7.54
CA ARG B 440 -27.91 5.44 7.78
C ARG B 440 -27.00 4.90 6.67
N ILE B 441 -25.84 4.39 7.05
CA ILE B 441 -24.86 3.81 6.12
C ILE B 441 -25.33 2.42 5.66
N ALA B 442 -25.63 1.55 6.66
CA ALA B 442 -26.14 0.18 6.46
C ALA B 442 -25.13 -0.72 5.69
N ALA B 443 -23.84 -0.36 5.73
CA ALA B 443 -22.75 -1.14 5.12
C ALA B 443 -22.52 -2.45 5.89
N TYR B 444 -22.45 -2.33 7.21
CA TYR B 444 -22.23 -3.46 8.13
C TYR B 444 -23.58 -3.98 8.65
N GLY B 445 -24.01 -5.12 8.11
CA GLY B 445 -25.16 -5.88 8.62
C GLY B 445 -25.48 -7.07 7.71
N PRO B 446 -24.47 -7.99 7.44
CA PRO B 446 -24.61 -9.04 6.39
C PRO B 446 -25.62 -10.13 6.79
N HIS B 447 -25.45 -10.65 8.01
CA HIS B 447 -26.32 -11.68 8.58
C HIS B 447 -26.08 -11.72 10.10
N ALA B 448 -27.14 -11.56 10.88
CA ALA B 448 -27.06 -11.56 12.36
C ALA B 448 -27.70 -12.86 12.91
N ALA B 449 -26.96 -13.97 12.74
CA ALA B 449 -27.36 -15.33 13.17
C ALA B 449 -28.73 -15.78 12.54
N ASN B 450 -29.33 -16.86 13.07
CA ASN B 450 -30.67 -17.33 12.64
C ASN B 450 -31.56 -17.51 13.88
N VAL B 451 -32.87 -17.31 13.70
CA VAL B 451 -33.90 -17.37 14.78
C VAL B 451 -34.23 -18.84 15.20
N VAL B 452 -33.57 -19.83 14.55
CA VAL B 452 -33.72 -21.26 14.90
C VAL B 452 -32.98 -21.61 16.24
N GLY B 453 -33.67 -21.32 17.34
CA GLY B 453 -33.15 -21.57 18.69
C GLY B 453 -34.25 -22.08 19.61
N LEU B 454 -35.00 -21.13 20.22
CA LEU B 454 -36.07 -21.40 21.21
C LEU B 454 -35.51 -22.20 22.41
N THR B 455 -35.05 -21.47 23.44
CA THR B 455 -34.30 -22.02 24.59
C THR B 455 -35.22 -22.74 25.64
N ASP B 456 -36.45 -23.08 25.22
CA ASP B 456 -37.38 -23.91 26.02
C ASP B 456 -37.46 -25.31 25.39
N GLN B 457 -37.49 -26.35 26.26
CA GLN B 457 -37.50 -27.79 25.86
C GLN B 457 -36.20 -28.18 25.08
N THR B 458 -35.20 -27.27 25.14
CA THR B 458 -33.91 -27.40 24.43
C THR B 458 -33.03 -28.51 25.04
N ASP B 459 -33.39 -28.96 26.27
CA ASP B 459 -32.71 -30.02 27.06
C ASP B 459 -31.35 -29.53 27.58
N LEU B 460 -30.41 -29.26 26.65
CA LEU B 460 -29.09 -28.70 26.97
C LEU B 460 -29.23 -27.30 27.61
N PHE B 461 -28.21 -26.92 28.40
CA PHE B 461 -28.20 -25.66 29.19
C PHE B 461 -28.38 -24.42 28.28
N TYR B 462 -29.65 -23.95 28.18
CA TYR B 462 -30.05 -22.72 27.45
C TYR B 462 -29.86 -22.86 25.92
N THR B 463 -28.62 -22.72 25.43
CA THR B 463 -28.29 -22.79 23.99
C THR B 463 -27.29 -23.93 23.71
N MET B 464 -27.21 -24.33 22.43
CA MET B 464 -26.25 -25.34 21.94
C MET B 464 -24.92 -24.63 21.59
N LYS B 465 -23.87 -25.41 21.25
CA LYS B 465 -22.58 -24.89 20.77
C LYS B 465 -22.78 -24.00 19.52
N ALA B 466 -22.91 -22.70 19.77
CA ALA B 466 -23.02 -21.66 18.72
C ALA B 466 -22.12 -20.49 19.09
N ALA B 467 -22.08 -20.19 20.40
CA ALA B 467 -21.18 -19.18 20.99
C ALA B 467 -20.47 -19.78 22.22
N LEU B 468 -20.44 -21.13 22.29
CA LEU B 468 -19.86 -21.88 23.42
C LEU B 468 -18.83 -22.90 22.89
N GLY B 469 -17.59 -22.79 23.39
CA GLY B 469 -16.52 -23.76 23.09
C GLY B 469 -15.79 -24.18 24.38
N LEU B 470 -14.45 -24.14 24.35
CA LEU B 470 -13.58 -24.43 25.51
C LEU B 470 -12.16 -23.95 25.19
N LYS B 471 -11.46 -23.39 26.17
CA LYS B 471 -10.06 -22.97 26.03
C LYS B 471 -9.18 -24.23 26.26
N MET C 1 34.02 -14.15 -41.53
CA MET C 1 34.41 -15.52 -41.94
C MET C 1 34.39 -16.48 -40.75
N ALA C 2 33.73 -16.07 -39.64
CA ALA C 2 33.59 -16.86 -38.41
C ALA C 2 34.97 -17.20 -37.82
N ALA C 3 35.88 -16.20 -37.84
CA ALA C 3 37.32 -16.36 -37.49
C ALA C 3 37.58 -16.88 -36.05
N LYS C 4 36.50 -17.03 -35.25
CA LYS C 4 36.52 -17.55 -33.87
C LYS C 4 37.61 -16.92 -32.99
N LYS C 5 37.36 -15.69 -32.52
CA LYS C 5 38.14 -15.10 -31.43
C LYS C 5 37.66 -15.71 -30.12
N ASP C 6 38.51 -16.55 -29.49
CA ASP C 6 38.17 -17.16 -28.19
C ASP C 6 38.04 -16.08 -27.12
N TYR C 7 36.81 -15.92 -26.64
CA TYR C 7 36.44 -14.89 -25.67
C TYR C 7 37.18 -15.10 -24.32
N TYR C 8 37.45 -16.37 -23.97
CA TYR C 8 38.23 -16.72 -22.77
C TYR C 8 39.68 -16.20 -22.91
N ALA C 9 40.25 -16.32 -24.12
CA ALA C 9 41.59 -15.81 -24.44
C ALA C 9 41.64 -14.28 -24.38
N ILE C 10 40.58 -13.61 -24.90
CA ILE C 10 40.47 -12.14 -24.89
C ILE C 10 40.50 -11.62 -23.43
N LEU C 11 39.82 -12.34 -22.52
CA LEU C 11 39.81 -12.01 -21.07
C LEU C 11 41.04 -12.57 -20.31
N GLY C 12 41.80 -13.47 -20.96
CA GLY C 12 42.98 -14.11 -20.35
C GLY C 12 42.65 -15.14 -19.26
N VAL C 13 41.43 -15.69 -19.31
CA VAL C 13 40.95 -16.75 -18.39
C VAL C 13 40.95 -18.12 -19.10
N PRO C 14 41.11 -19.27 -18.35
CA PRO C 14 40.97 -20.63 -18.92
C PRO C 14 39.55 -20.91 -19.42
N ARG C 15 39.40 -21.89 -20.35
CA ARG C 15 38.09 -22.27 -20.95
C ARG C 15 37.23 -23.13 -19.99
N ASN C 16 37.52 -23.03 -18.69
CA ASN C 16 36.76 -23.65 -17.61
C ASN C 16 36.26 -22.53 -16.66
N ALA C 17 36.45 -21.26 -17.09
CA ALA C 17 36.08 -20.07 -16.32
C ALA C 17 34.56 -19.95 -16.18
N THR C 18 34.12 -19.66 -14.94
CA THR C 18 32.71 -19.52 -14.57
C THR C 18 32.34 -18.04 -14.41
N GLN C 19 31.08 -17.75 -13.97
CA GLN C 19 30.49 -16.39 -13.92
C GLN C 19 31.43 -15.38 -13.25
N GLU C 20 31.89 -15.73 -12.03
CA GLU C 20 32.66 -14.82 -11.18
C GLU C 20 34.04 -14.56 -11.81
N GLU C 21 34.73 -15.63 -12.21
CA GLU C 21 36.13 -15.58 -12.73
C GLU C 21 36.22 -14.77 -14.04
N ILE C 22 35.22 -14.94 -14.90
CA ILE C 22 35.07 -14.20 -16.16
C ILE C 22 34.77 -12.72 -15.87
N LYS C 23 33.78 -12.47 -15.01
CA LYS C 23 33.33 -11.12 -14.62
C LYS C 23 34.44 -10.40 -13.83
N ARG C 24 35.35 -11.19 -13.25
CA ARG C 24 36.54 -10.72 -12.51
C ARG C 24 37.59 -10.20 -13.48
N ALA C 25 37.87 -11.01 -14.53
CA ALA C 25 38.80 -10.63 -15.62
C ALA C 25 38.31 -9.35 -16.33
N TYR C 26 36.98 -9.25 -16.48
CA TYR C 26 36.33 -8.06 -17.01
C TYR C 26 36.65 -6.86 -16.11
N LYS C 27 36.23 -6.91 -14.82
CA LYS C 27 36.41 -5.79 -13.84
C LYS C 27 37.88 -5.30 -13.82
N ARG C 28 38.81 -6.26 -13.92
CA ARG C 28 40.25 -5.99 -13.99
C ARG C 28 40.60 -5.07 -15.18
N LEU C 29 40.25 -5.56 -16.39
CA LEU C 29 40.55 -4.88 -17.65
C LEU C 29 39.58 -3.70 -17.89
N ALA C 30 38.50 -3.64 -17.09
CA ALA C 30 37.48 -2.60 -17.16
C ALA C 30 37.86 -1.41 -16.28
N ARG C 31 38.69 -1.66 -15.25
CA ARG C 31 39.29 -0.59 -14.42
C ARG C 31 40.57 -0.06 -15.08
N GLN C 32 41.37 -0.98 -15.68
CA GLN C 32 42.65 -0.63 -16.32
C GLN C 32 42.41 0.15 -17.63
N TYR C 33 41.64 -0.46 -18.55
CA TYR C 33 41.37 0.13 -19.89
C TYR C 33 40.10 1.00 -19.87
N HIS C 34 39.72 1.51 -18.67
CA HIS C 34 38.53 2.35 -18.48
C HIS C 34 38.72 3.72 -19.15
N PRO C 35 38.01 4.03 -20.29
CA PRO C 35 38.23 5.28 -21.09
C PRO C 35 38.17 6.60 -20.28
N ASP C 36 37.45 6.59 -19.15
CA ASP C 36 37.29 7.76 -18.26
C ASP C 36 38.56 8.03 -17.44
N VAL C 37 39.25 6.95 -17.04
CA VAL C 37 40.50 7.04 -16.23
C VAL C 37 41.71 7.06 -17.19
N ASN C 38 41.77 6.02 -18.02
CA ASN C 38 42.82 5.81 -19.03
C ASN C 38 42.28 6.23 -20.41
N LYS C 39 42.52 7.50 -20.79
CA LYS C 39 42.04 8.06 -22.06
C LYS C 39 42.98 7.64 -23.21
N SER C 40 42.85 6.37 -23.64
CA SER C 40 43.64 5.80 -24.73
C SER C 40 42.74 5.09 -25.74
N PRO C 41 42.57 5.62 -27.01
CA PRO C 41 41.82 4.95 -28.10
C PRO C 41 42.14 3.45 -28.25
N GLU C 42 43.44 3.12 -28.11
CA GLU C 42 43.94 1.72 -28.12
C GLU C 42 43.19 0.88 -27.08
N ALA C 43 43.12 1.44 -25.87
CA ALA C 43 42.50 0.81 -24.71
C ALA C 43 40.98 0.76 -24.84
N GLU C 44 40.40 1.60 -25.72
CA GLU C 44 38.93 1.75 -25.88
C GLU C 44 38.38 0.74 -26.90
N GLU C 45 39.10 0.51 -28.01
CA GLU C 45 38.75 -0.55 -28.99
C GLU C 45 39.00 -1.94 -28.38
N LYS C 46 40.12 -2.07 -27.65
CA LYS C 46 40.42 -3.28 -26.88
C LYS C 46 39.41 -3.46 -25.74
N PHE C 47 38.96 -2.35 -25.12
CA PHE C 47 37.87 -2.35 -24.10
C PHE C 47 36.61 -2.97 -24.71
N LYS C 48 36.28 -2.58 -25.95
CA LYS C 48 35.12 -3.14 -26.69
C LYS C 48 35.26 -4.66 -26.87
N GLU C 49 36.45 -5.14 -27.28
CA GLU C 49 36.71 -6.59 -27.47
C GLU C 49 36.63 -7.36 -26.13
N ILE C 50 37.01 -6.69 -25.04
CA ILE C 50 36.91 -7.23 -23.66
C ILE C 50 35.43 -7.21 -23.19
N ASN C 51 34.68 -6.22 -23.69
CA ASN C 51 33.23 -6.08 -23.42
C ASN C 51 32.40 -6.97 -24.36
N GLU C 52 33.03 -7.48 -25.43
CA GLU C 52 32.47 -8.46 -26.38
C GLU C 52 32.60 -9.84 -25.78
N ALA C 53 33.83 -10.12 -25.34
CA ALA C 53 34.18 -11.33 -24.62
C ALA C 53 33.33 -11.47 -23.36
N TYR C 54 33.11 -10.34 -22.68
CA TYR C 54 32.22 -10.27 -21.51
C TYR C 54 30.74 -10.25 -21.94
N ALA C 55 30.40 -9.62 -23.08
CA ALA C 55 29.00 -9.58 -23.61
C ALA C 55 28.39 -10.99 -23.64
N VAL C 56 29.21 -11.91 -24.17
CA VAL C 56 28.89 -13.32 -24.25
C VAL C 56 29.06 -14.00 -22.88
N LEU C 57 30.27 -13.93 -22.32
CA LEU C 57 30.66 -14.76 -21.16
C LEU C 57 30.20 -14.21 -19.78
N SER C 58 29.47 -13.07 -19.77
CA SER C 58 29.06 -12.35 -18.53
C SER C 58 28.39 -13.25 -17.48
N ASP C 59 27.33 -13.91 -17.92
CA ASP C 59 26.44 -14.69 -17.06
C ASP C 59 26.38 -16.12 -17.59
N PRO C 60 26.15 -17.14 -16.68
CA PRO C 60 26.27 -18.57 -17.01
C PRO C 60 25.57 -19.00 -18.32
N GLU C 61 24.33 -18.53 -18.53
CA GLU C 61 23.49 -18.94 -19.68
C GLU C 61 24.17 -18.63 -21.04
N LYS C 62 24.57 -17.37 -21.20
CA LYS C 62 25.18 -16.86 -22.45
C LYS C 62 26.60 -17.45 -22.66
N ARG C 63 27.34 -17.61 -21.53
CA ARG C 63 28.70 -18.18 -21.56
C ARG C 63 28.64 -19.65 -22.01
N ARG C 64 27.57 -20.34 -21.59
CA ARG C 64 27.28 -21.73 -21.95
C ARG C 64 26.80 -21.85 -23.42
N ILE C 65 26.13 -20.79 -23.95
CA ILE C 65 25.78 -20.73 -25.40
C ILE C 65 27.07 -20.73 -26.25
N TYR C 66 28.06 -19.93 -25.81
CA TYR C 66 29.40 -19.94 -26.44
C TYR C 66 29.99 -21.37 -26.38
N ASP C 67 29.99 -21.97 -25.18
CA ASP C 67 30.56 -23.32 -24.95
C ASP C 67 29.89 -24.39 -25.83
N THR C 68 28.55 -24.31 -25.99
CA THR C 68 27.80 -25.25 -26.83
C THR C 68 28.13 -25.03 -28.32
N TYR C 69 28.63 -23.82 -28.69
CA TYR C 69 29.24 -23.65 -30.02
C TYR C 69 30.70 -24.15 -29.96
N GLY C 70 31.18 -24.79 -31.05
CA GLY C 70 32.51 -25.40 -31.04
C GLY C 70 32.49 -26.76 -30.33
N THR C 71 31.29 -27.31 -30.29
CA THR C 71 30.95 -28.62 -29.69
C THR C 71 29.86 -29.15 -30.61
N THR C 72 28.84 -28.29 -30.74
CA THR C 72 27.93 -28.30 -31.86
C THR C 72 28.65 -27.50 -32.97
N GLU C 73 28.50 -27.94 -34.22
CA GLU C 73 29.07 -27.27 -35.42
C GLU C 73 28.18 -26.10 -35.89
N ALA C 74 26.87 -26.28 -35.71
CA ALA C 74 25.85 -25.26 -36.04
C ALA C 74 25.75 -24.20 -34.92
N PRO C 75 25.33 -22.93 -35.24
CA PRO C 75 25.03 -21.90 -34.22
C PRO C 75 23.90 -22.38 -33.26
N PRO C 76 24.14 -22.38 -31.89
CA PRO C 76 23.11 -22.79 -30.89
C PRO C 76 21.81 -21.95 -30.99
N PRO C 77 20.61 -22.53 -30.61
CA PRO C 77 19.29 -21.84 -30.72
C PRO C 77 19.29 -20.41 -30.12
N PRO C 78 19.17 -19.33 -30.95
CA PRO C 78 19.14 -17.93 -30.47
C PRO C 78 17.97 -17.65 -29.52
N PRO C 79 18.18 -16.99 -28.33
CA PRO C 79 17.07 -16.45 -27.51
C PRO C 79 16.11 -15.60 -28.39
N PRO C 80 14.77 -15.92 -28.40
CA PRO C 80 13.75 -15.30 -29.33
C PRO C 80 13.45 -13.79 -29.13
N GLY C 81 14.47 -13.01 -28.82
CA GLY C 81 14.41 -11.55 -28.83
C GLY C 81 15.80 -10.91 -28.85
N GLY C 82 16.84 -11.73 -28.63
CA GLY C 82 18.22 -11.26 -28.75
C GLY C 82 19.19 -11.89 -27.76
N TYR C 83 20.49 -11.66 -28.01
CA TYR C 83 21.61 -11.98 -27.11
C TYR C 83 21.97 -10.70 -26.36
N ASP C 84 22.17 -10.76 -25.04
CA ASP C 84 22.50 -9.56 -24.24
C ASP C 84 23.93 -9.05 -24.50
N PHE C 85 24.04 -7.72 -24.61
CA PHE C 85 25.29 -6.95 -24.66
C PHE C 85 24.99 -5.46 -24.40
N SER C 86 24.19 -5.20 -23.33
CA SER C 86 23.73 -3.84 -22.97
C SER C 86 24.91 -2.91 -22.59
N GLY C 87 25.00 -1.78 -23.31
CA GLY C 87 26.05 -0.78 -23.09
C GLY C 87 27.36 -1.11 -23.81
N PHE C 88 27.37 -2.19 -24.62
CA PHE C 88 28.58 -2.63 -25.36
C PHE C 88 28.39 -2.33 -26.86
N ASP C 89 29.46 -1.82 -27.53
CA ASP C 89 29.38 -1.35 -28.94
C ASP C 89 29.45 -2.53 -29.93
N VAL C 90 28.31 -3.21 -30.07
CA VAL C 90 28.09 -4.35 -31.01
C VAL C 90 28.54 -4.05 -32.46
N GLU C 91 28.39 -2.80 -32.89
CA GLU C 91 28.67 -2.39 -34.28
C GLU C 91 30.20 -2.46 -34.58
N ASP C 92 31.02 -2.46 -33.51
CA ASP C 92 32.50 -2.53 -33.64
C ASP C 92 33.05 -3.90 -33.13
N PHE C 93 32.15 -4.90 -32.98
CA PHE C 93 32.56 -6.28 -32.64
C PHE C 93 32.83 -7.07 -33.94
N SER C 94 33.47 -8.25 -33.82
CA SER C 94 33.98 -9.04 -34.96
C SER C 94 32.85 -9.57 -35.86
N GLU C 95 33.25 -10.01 -37.07
CA GLU C 95 32.37 -10.74 -37.99
C GLU C 95 31.87 -12.05 -37.35
N PHE C 96 32.75 -12.71 -36.57
CA PHE C 96 32.44 -13.94 -35.82
C PHE C 96 31.27 -13.70 -34.85
N PHE C 97 31.33 -12.58 -34.12
CA PHE C 97 30.26 -12.16 -33.21
C PHE C 97 28.97 -11.90 -34.00
N GLN C 98 29.12 -11.19 -35.13
CA GLN C 98 27.97 -10.78 -35.98
C GLN C 98 27.49 -11.91 -36.92
N GLU C 99 28.13 -13.09 -36.87
CA GLU C 99 27.64 -14.32 -37.52
C GLU C 99 26.98 -15.26 -36.50
N LEU C 100 27.78 -15.76 -35.53
CA LEU C 100 27.29 -16.69 -34.47
C LEU C 100 26.10 -16.09 -33.70
N PHE C 101 26.21 -14.82 -33.34
CA PHE C 101 25.18 -14.08 -32.61
C PHE C 101 24.32 -13.23 -33.57
N GLY C 102 24.72 -13.18 -34.85
CA GLY C 102 24.08 -12.36 -35.91
C GLY C 102 22.54 -12.40 -35.94
N PRO C 103 21.90 -13.61 -36.18
CA PRO C 103 20.43 -13.75 -36.25
C PRO C 103 19.71 -13.22 -34.98
N GLY C 104 20.42 -13.26 -33.82
CA GLY C 104 19.83 -12.83 -32.55
C GLY C 104 20.53 -11.60 -31.96
N LEU C 105 21.12 -10.72 -32.78
CA LEU C 105 21.64 -9.41 -32.28
C LEU C 105 20.46 -8.42 -32.03
N PHE C 106 19.40 -8.89 -31.32
CA PHE C 106 18.10 -8.18 -31.17
C PHE C 106 17.54 -7.78 -32.55
N GLY C 107 16.42 -7.01 -32.59
CA GLY C 107 16.03 -6.10 -33.72
C GLY C 107 16.92 -6.08 -34.99
N GLY C 108 18.26 -6.03 -34.73
CA GLY C 108 19.26 -5.98 -35.76
C GLY C 108 19.15 -4.71 -36.56
N PHE C 109 19.45 -4.80 -37.85
CA PHE C 109 19.08 -3.79 -38.84
C PHE C 109 17.96 -4.39 -39.72
N GLY C 110 17.19 -5.32 -39.12
CA GLY C 110 16.24 -6.16 -39.83
C GLY C 110 14.82 -5.60 -39.87
N ARG C 111 14.64 -4.31 -39.48
CA ARG C 111 13.29 -3.64 -39.38
C ARG C 111 12.40 -4.26 -38.28
N ARG C 112 12.95 -5.27 -37.59
CA ARG C 112 12.37 -5.95 -36.42
C ARG C 112 12.61 -5.10 -35.12
N SER C 113 12.36 -3.77 -35.21
CA SER C 113 12.58 -2.82 -34.11
C SER C 113 14.08 -2.62 -33.84
N ARG C 114 14.74 -1.80 -34.67
CA ARG C 114 16.17 -1.42 -34.51
C ARG C 114 16.36 -0.55 -33.21
N LYS C 115 17.56 0.03 -32.99
CA LYS C 115 18.11 0.54 -31.68
C LYS C 115 17.16 0.52 -30.45
N GLY C 116 17.51 -0.37 -29.48
CA GLY C 116 16.67 -0.71 -28.33
C GLY C 116 16.45 0.43 -27.33
N ARG C 117 15.22 0.51 -26.81
CA ARG C 117 14.76 1.55 -25.87
C ARG C 117 14.68 0.97 -24.44
N ASP C 118 14.17 1.78 -23.49
CA ASP C 118 13.78 1.30 -22.17
C ASP C 118 12.48 0.47 -22.29
N LEU C 119 12.48 -0.72 -21.67
CA LEU C 119 11.37 -1.69 -21.74
C LEU C 119 10.69 -1.76 -20.38
N ARG C 120 9.35 -1.90 -20.33
CA ARG C 120 8.60 -1.75 -19.06
C ARG C 120 7.91 -3.07 -18.74
N ALA C 121 8.45 -3.83 -17.77
CA ALA C 121 7.83 -5.08 -17.32
C ALA C 121 7.34 -4.92 -15.89
N GLU C 122 6.02 -5.02 -15.69
CA GLU C 122 5.41 -5.05 -14.36
C GLU C 122 5.35 -6.49 -13.89
N LEU C 123 6.17 -6.81 -12.89
CA LEU C 123 6.27 -8.17 -12.34
C LEU C 123 5.57 -8.24 -10.98
N PRO C 124 4.44 -9.01 -10.88
CA PRO C 124 3.90 -9.44 -9.58
C PRO C 124 4.97 -10.26 -8.81
N LEU C 125 5.40 -9.68 -7.70
CA LEU C 125 6.53 -10.15 -6.88
C LEU C 125 6.15 -9.91 -5.41
N THR C 126 6.70 -10.66 -4.45
CA THR C 126 6.41 -10.43 -3.03
C THR C 126 7.68 -10.07 -2.25
N LEU C 127 7.45 -9.67 -1.00
CA LEU C 127 8.44 -9.09 -0.09
C LEU C 127 9.56 -10.10 0.20
N GLU C 128 9.13 -11.33 0.52
CA GLU C 128 10.00 -12.46 0.90
C GLU C 128 10.98 -12.77 -0.24
N GLU C 129 10.43 -12.77 -1.47
CA GLU C 129 11.21 -12.99 -2.70
C GLU C 129 12.04 -11.76 -3.06
N ALA C 130 11.63 -10.56 -2.63
CA ALA C 130 12.42 -9.33 -2.85
C ALA C 130 13.68 -9.35 -1.95
N PHE C 131 13.53 -9.99 -0.76
CA PHE C 131 14.65 -10.27 0.17
C PHE C 131 15.57 -11.35 -0.43
N HIS C 132 14.94 -12.38 -1.03
CA HIS C 132 15.65 -13.48 -1.74
C HIS C 132 16.13 -13.02 -3.12
N GLY C 133 15.72 -11.80 -3.53
CA GLY C 133 16.13 -11.15 -4.77
C GLY C 133 17.65 -11.07 -4.91
N GLY C 134 18.13 -11.42 -6.11
CA GLY C 134 19.54 -11.46 -6.42
C GLY C 134 19.71 -12.07 -7.80
N GLU C 135 20.58 -13.09 -7.92
CA GLU C 135 20.77 -13.82 -9.19
C GLU C 135 19.52 -14.68 -9.43
N ARG C 136 18.58 -14.15 -10.21
CA ARG C 136 17.30 -14.81 -10.54
C ARG C 136 17.12 -14.88 -12.05
N VAL C 137 16.21 -15.77 -12.48
CA VAL C 137 15.86 -15.92 -13.88
C VAL C 137 14.90 -14.80 -14.33
N VAL C 138 15.30 -14.06 -15.37
CA VAL C 138 14.42 -13.11 -16.06
C VAL C 138 14.21 -13.60 -17.49
N GLU C 139 12.95 -13.63 -17.91
CA GLU C 139 12.56 -13.95 -19.28
C GLU C 139 11.71 -12.78 -19.78
N VAL C 140 12.41 -11.75 -20.26
CA VAL C 140 11.84 -10.52 -20.83
C VAL C 140 12.72 -10.12 -22.03
N ALA C 141 12.11 -9.49 -23.06
CA ALA C 141 12.78 -9.08 -24.31
C ALA C 141 13.20 -10.31 -25.16
N GLY C 142 12.49 -11.43 -24.94
CA GLY C 142 12.75 -12.68 -25.64
C GLY C 142 14.10 -13.30 -25.30
N ARG C 143 14.48 -13.24 -24.01
CA ARG C 143 15.74 -13.80 -23.54
C ARG C 143 15.64 -14.21 -22.07
N ARG C 144 15.95 -15.48 -21.81
CA ARG C 144 16.17 -15.99 -20.46
C ARG C 144 17.65 -15.82 -20.08
N VAL C 145 17.90 -15.13 -18.96
CA VAL C 145 19.26 -14.98 -18.39
C VAL C 145 19.16 -14.81 -16.86
N SER C 146 20.12 -15.41 -16.13
CA SER C 146 20.23 -15.24 -14.68
C SER C 146 21.02 -13.96 -14.37
N VAL C 147 20.33 -12.90 -13.93
CA VAL C 147 20.96 -11.60 -13.62
C VAL C 147 20.66 -11.20 -12.16
N ARG C 148 21.61 -10.51 -11.53
CA ARG C 148 21.44 -9.96 -10.17
C ARG C 148 20.90 -8.53 -10.25
N ILE C 149 19.67 -8.35 -9.75
CA ILE C 149 19.12 -7.02 -9.43
C ILE C 149 19.42 -6.72 -7.94
N PRO C 150 19.52 -5.41 -7.51
CA PRO C 150 19.74 -5.03 -6.09
C PRO C 150 18.79 -5.80 -5.13
N PRO C 151 19.33 -6.58 -4.12
CA PRO C 151 18.51 -7.37 -3.18
C PRO C 151 17.58 -6.46 -2.34
N GLY C 152 16.27 -6.55 -2.63
CA GLY C 152 15.30 -5.62 -2.10
C GLY C 152 14.74 -4.71 -3.16
N VAL C 153 13.46 -4.92 -3.51
CA VAL C 153 12.77 -4.12 -4.52
C VAL C 153 11.78 -3.15 -3.83
N ARG C 154 11.25 -2.19 -4.61
CA ARG C 154 10.39 -1.11 -4.07
C ARG C 154 8.95 -1.21 -4.64
N GLU C 155 7.96 -1.45 -3.74
CA GLU C 155 6.49 -1.35 -3.97
C GLU C 155 6.10 -0.44 -5.14
N GLY C 156 5.48 -1.01 -6.20
CA GLY C 156 4.88 -0.23 -7.29
C GLY C 156 5.85 0.71 -8.02
N SER C 157 7.15 0.57 -7.73
CA SER C 157 8.19 1.48 -8.23
C SER C 157 9.01 0.81 -9.33
N VAL C 158 9.80 1.62 -10.02
CA VAL C 158 10.50 1.23 -11.23
C VAL C 158 12.00 0.99 -10.94
N ILE C 159 12.43 -0.30 -10.88
CA ILE C 159 13.86 -0.66 -10.88
C ILE C 159 14.45 -0.43 -12.28
N ARG C 160 15.72 -0.02 -12.36
CA ARG C 160 16.41 0.21 -13.62
C ARG C 160 17.47 -0.87 -13.83
N VAL C 161 17.21 -1.80 -14.79
CA VAL C 161 18.04 -3.02 -15.01
C VAL C 161 18.51 -3.11 -16.47
N PRO C 162 19.74 -2.62 -16.81
CA PRO C 162 20.37 -2.95 -18.11
C PRO C 162 20.66 -4.47 -18.18
N GLY C 163 20.58 -5.04 -19.38
CA GLY C 163 20.75 -6.50 -19.57
C GLY C 163 19.64 -7.16 -20.37
N MET C 164 18.50 -6.46 -20.52
CA MET C 164 17.41 -6.89 -21.43
C MET C 164 17.13 -5.79 -22.45
N GLY C 165 16.37 -4.75 -22.02
CA GLY C 165 16.01 -3.62 -22.90
C GLY C 165 15.04 -3.99 -24.02
N GLY C 166 14.58 -2.97 -24.78
CA GLY C 166 13.76 -3.18 -25.97
C GLY C 166 14.57 -3.77 -27.13
N GLN C 167 13.88 -4.29 -28.15
CA GLN C 167 14.53 -4.89 -29.33
C GLN C 167 15.28 -3.82 -30.13
N GLY C 168 16.43 -4.17 -30.70
CA GLY C 168 17.31 -3.23 -31.37
C GLY C 168 18.75 -3.58 -31.17
N ASN C 169 19.52 -3.61 -32.29
CA ASN C 169 20.91 -4.08 -32.33
C ASN C 169 21.79 -3.43 -31.23
N PRO C 170 21.82 -2.07 -31.03
CA PRO C 170 22.33 -1.48 -29.77
C PRO C 170 21.19 -1.40 -28.71
N PRO C 171 21.19 -2.30 -27.67
CA PRO C 171 20.10 -2.37 -26.66
C PRO C 171 20.13 -1.20 -25.68
N GLY C 172 19.09 -1.12 -24.82
CA GLY C 172 18.95 -0.02 -23.86
C GLY C 172 18.98 -0.50 -22.41
N ASP C 173 17.78 -0.73 -21.85
CA ASP C 173 17.57 -0.87 -20.39
C ASP C 173 16.17 -1.46 -20.13
N LEU C 174 16.01 -2.19 -19.01
CA LEU C 174 14.74 -2.81 -18.64
C LEU C 174 14.26 -2.23 -17.30
N LEU C 175 13.25 -1.38 -17.42
CA LEU C 175 12.53 -0.82 -16.29
C LEU C 175 11.59 -1.89 -15.69
N LEU C 176 12.08 -2.56 -14.64
CA LEU C 176 11.31 -3.58 -13.91
C LEU C 176 10.45 -2.92 -12.84
N VAL C 177 9.18 -2.71 -13.18
CA VAL C 177 8.22 -2.10 -12.28
C VAL C 177 7.63 -3.20 -11.39
N VAL C 178 8.13 -3.26 -10.18
CA VAL C 178 7.83 -4.34 -9.24
C VAL C 178 6.52 -4.07 -8.49
N ARG C 179 5.47 -4.75 -8.93
CA ARG C 179 4.16 -4.69 -8.27
C ARG C 179 4.15 -5.75 -7.18
N LEU C 180 4.28 -5.32 -5.91
CA LEU C 180 4.23 -6.25 -4.77
C LEU C 180 2.80 -6.80 -4.61
N LEU C 181 2.73 -8.13 -4.33
CA LEU C 181 1.47 -8.93 -4.27
C LEU C 181 0.46 -8.34 -3.24
N PRO C 182 -0.85 -8.80 -3.24
CA PRO C 182 -1.81 -8.59 -2.12
C PRO C 182 -1.26 -9.09 -0.75
N HIS C 183 -0.25 -8.35 -0.33
CA HIS C 183 0.67 -8.61 0.78
C HIS C 183 1.71 -7.44 0.78
N PRO C 184 1.26 -6.12 0.69
CA PRO C 184 2.17 -4.95 0.58
C PRO C 184 2.57 -4.46 1.98
N VAL C 185 3.31 -5.32 2.70
CA VAL C 185 3.63 -5.12 4.13
C VAL C 185 5.00 -4.43 4.26
N PHE C 186 5.90 -4.57 3.26
CA PHE C 186 7.24 -3.93 3.29
C PHE C 186 7.46 -3.05 2.03
N ARG C 187 7.38 -1.73 2.25
CA ARG C 187 7.44 -0.71 1.19
C ARG C 187 8.79 0.03 1.28
N LEU C 188 9.72 -0.30 0.37
CA LEU C 188 11.14 0.11 0.49
C LEU C 188 11.37 1.60 0.10
N GLU C 189 12.17 2.26 0.97
CA GLU C 189 12.83 3.55 0.71
C GLU C 189 14.29 3.41 1.15
N GLY C 190 15.22 3.58 0.19
CA GLY C 190 16.64 3.39 0.42
C GLY C 190 16.99 1.95 0.77
N GLN C 191 17.16 1.68 2.08
CA GLN C 191 17.36 0.33 2.64
C GLN C 191 16.34 0.07 3.76
N ASP C 192 15.65 1.16 4.21
CA ASP C 192 14.63 1.09 5.28
C ASP C 192 13.27 0.76 4.66
N LEU C 193 12.42 0.07 5.41
CA LEU C 193 11.09 -0.35 4.96
C LEU C 193 10.01 0.51 5.57
N TYR C 194 8.83 0.49 4.97
CA TYR C 194 7.63 1.11 5.54
C TYR C 194 6.54 0.02 5.60
N ALA C 195 6.27 -0.43 6.83
CA ALA C 195 5.23 -1.42 7.11
C ALA C 195 4.05 -0.75 7.78
N THR C 196 3.07 -1.57 8.15
CA THR C 196 1.98 -1.18 9.03
C THR C 196 1.71 -2.32 10.02
N LEU C 197 1.83 -2.01 11.31
CA LEU C 197 1.71 -2.99 12.41
C LEU C 197 0.25 -3.06 12.91
N ASP C 198 -0.39 -4.23 12.73
CA ASP C 198 -1.80 -4.46 13.10
C ASP C 198 -1.91 -4.69 14.63
N VAL C 199 -2.38 -3.64 15.35
CA VAL C 199 -2.56 -3.66 16.82
C VAL C 199 -4.04 -3.42 17.18
N PRO C 200 -4.75 -4.40 17.80
CA PRO C 200 -6.14 -4.19 18.26
C PRO C 200 -6.22 -3.20 19.44
N ALA C 201 -7.34 -2.46 19.52
CA ALA C 201 -7.52 -1.32 20.44
C ALA C 201 -7.25 -1.67 21.95
N PRO C 202 -7.80 -2.80 22.54
CA PRO C 202 -7.48 -3.19 23.94
C PRO C 202 -5.96 -3.29 24.20
N ILE C 203 -5.26 -3.96 23.26
CA ILE C 203 -3.79 -4.16 23.31
C ILE C 203 -3.04 -2.83 23.13
N ALA C 204 -3.60 -1.94 22.31
CA ALA C 204 -3.04 -0.61 22.03
C ALA C 204 -3.11 0.31 23.27
N VAL C 205 -4.16 0.13 24.07
CA VAL C 205 -4.44 0.99 25.23
C VAL C 205 -3.68 0.51 26.51
N VAL C 206 -3.61 -0.81 26.77
CA VAL C 206 -2.83 -1.32 27.94
C VAL C 206 -1.35 -1.38 27.60
N GLY C 207 -1.04 -1.81 26.36
CA GLY C 207 0.29 -2.19 25.98
C GLY C 207 0.48 -3.71 26.05
N GLY C 208 0.25 -4.39 24.93
CA GLY C 208 0.47 -5.83 24.83
C GLY C 208 1.59 -6.17 23.87
N LYS C 209 1.42 -7.26 23.10
CA LYS C 209 2.34 -7.61 21.99
C LYS C 209 1.56 -8.12 20.78
N VAL C 210 2.04 -7.72 19.60
CA VAL C 210 1.60 -8.24 18.30
C VAL C 210 2.87 -8.54 17.48
N ARG C 211 2.90 -9.69 16.81
CA ARG C 211 4.09 -10.14 16.09
C ARG C 211 4.06 -9.63 14.63
N ALA C 212 5.12 -8.89 14.27
CA ALA C 212 5.34 -8.44 12.90
C ALA C 212 5.99 -9.59 12.13
N MET C 213 5.29 -10.09 11.11
CA MET C 213 5.81 -11.12 10.20
C MET C 213 6.89 -10.47 9.33
N THR C 214 8.13 -10.95 9.46
CA THR C 214 9.29 -10.39 8.73
C THR C 214 9.90 -11.40 7.73
N LEU C 215 10.78 -10.86 6.88
CA LEU C 215 11.34 -11.55 5.70
C LEU C 215 12.21 -12.74 6.06
N GLU C 216 12.95 -12.56 7.15
CA GLU C 216 13.95 -13.54 7.62
C GLU C 216 13.44 -14.30 8.85
N GLY C 217 12.13 -14.13 9.18
CA GLY C 217 11.51 -14.81 10.31
C GLY C 217 10.40 -13.99 10.94
N PRO C 218 10.22 -14.05 12.28
CA PRO C 218 9.35 -13.13 13.04
C PRO C 218 10.13 -12.09 13.87
N VAL C 219 9.40 -11.05 14.30
CA VAL C 219 9.83 -10.15 15.36
C VAL C 219 8.58 -9.74 16.13
N GLU C 220 8.52 -10.10 17.42
CA GLU C 220 7.36 -9.78 18.24
C GLU C 220 7.50 -8.36 18.76
N VAL C 221 6.65 -7.48 18.25
CA VAL C 221 6.68 -6.06 18.57
C VAL C 221 5.83 -5.80 19.81
N ALA C 222 6.45 -5.15 20.80
CA ALA C 222 5.77 -4.75 22.03
C ALA C 222 5.12 -3.38 21.86
N VAL C 223 3.94 -3.21 22.48
CA VAL C 223 3.08 -2.02 22.37
C VAL C 223 3.06 -1.30 23.75
N PRO C 224 3.10 0.08 23.79
CA PRO C 224 3.01 0.85 25.05
C PRO C 224 1.53 1.16 25.45
N PRO C 225 1.29 1.65 26.71
CA PRO C 225 -0.06 2.10 27.13
C PRO C 225 -0.54 3.35 26.34
N ARG C 226 -1.66 3.15 25.63
CA ARG C 226 -2.35 4.16 24.80
C ARG C 226 -1.51 4.56 23.58
N THR C 227 -1.73 3.79 22.50
CA THR C 227 -0.98 3.88 21.25
C THR C 227 -1.91 4.39 20.12
N GLN C 228 -1.49 5.49 19.44
CA GLN C 228 -2.25 6.10 18.33
C GLN C 228 -1.84 5.51 16.97
N ALA C 229 -2.80 5.54 16.02
CA ALA C 229 -2.54 5.11 14.65
C ALA C 229 -1.75 6.19 13.91
N GLY C 230 -0.73 5.76 13.16
CA GLY C 230 0.25 6.68 12.58
C GLY C 230 1.53 6.80 13.39
N ARG C 231 1.60 6.12 14.56
CA ARG C 231 2.89 5.94 15.30
C ARG C 231 3.88 5.08 14.48
N LYS C 232 5.14 4.96 14.94
CA LYS C 232 6.18 4.29 14.16
C LYS C 232 7.33 3.71 15.03
N LEU C 233 7.83 2.54 14.60
CA LEU C 233 9.07 1.92 15.14
C LEU C 233 10.07 1.67 14.03
N ARG C 234 11.38 1.83 14.33
CA ARG C 234 12.46 1.29 13.50
C ARG C 234 12.99 0.00 14.18
N LEU C 235 12.83 -1.15 13.50
CA LEU C 235 13.35 -2.44 13.99
C LEU C 235 14.67 -2.72 13.26
N LYS C 236 15.75 -2.84 14.04
CA LYS C 236 17.13 -2.93 13.52
C LYS C 236 17.38 -4.24 12.76
N GLY C 237 17.91 -4.13 11.53
CA GLY C 237 18.29 -5.28 10.71
C GLY C 237 17.09 -5.95 10.02
N LYS C 238 15.90 -5.37 10.18
CA LYS C 238 14.65 -5.91 9.62
C LYS C 238 14.31 -5.25 8.27
N GLY C 239 15.25 -4.43 7.73
CA GLY C 239 15.10 -3.85 6.40
C GLY C 239 15.63 -4.74 5.29
N PHE C 240 15.72 -4.19 4.07
CA PHE C 240 16.21 -4.95 2.90
C PHE C 240 17.76 -4.98 2.88
N PRO C 241 18.38 -6.07 2.31
CA PRO C 241 19.85 -6.29 2.33
C PRO C 241 20.65 -5.18 1.61
N GLY C 242 21.78 -4.81 2.23
CA GLY C 242 22.70 -3.82 1.69
C GLY C 242 24.14 -4.32 1.76
N PRO C 243 25.14 -3.53 1.23
CA PRO C 243 26.56 -3.97 1.16
C PRO C 243 27.24 -4.01 2.55
N ALA C 244 26.57 -3.43 3.56
CA ALA C 244 27.06 -3.37 4.95
C ALA C 244 26.24 -4.27 5.89
N GLY C 245 25.16 -4.89 5.36
CA GLY C 245 24.28 -5.75 6.17
C GLY C 245 22.83 -5.68 5.69
N ARG C 246 21.97 -4.97 6.45
CA ARG C 246 20.54 -4.72 6.10
C ARG C 246 20.13 -3.33 6.60
N GLY C 247 18.96 -2.84 6.16
CA GLY C 247 18.37 -1.59 6.67
C GLY C 247 17.51 -1.82 7.91
N ASP C 248 16.58 -0.91 8.19
CA ASP C 248 15.66 -1.01 9.35
C ASP C 248 14.21 -1.15 8.83
N LEU C 249 13.29 -1.46 9.76
CA LEU C 249 11.85 -1.61 9.44
C LEU C 249 11.01 -0.55 10.16
N TYR C 250 10.36 0.36 9.38
CA TYR C 250 9.55 1.46 9.93
C TYR C 250 8.05 1.09 9.85
N LEU C 251 7.46 0.60 10.97
CA LEU C 251 6.04 0.15 10.96
C LEU C 251 5.14 1.29 11.45
N GLU C 252 4.13 1.61 10.63
CA GLU C 252 3.04 2.51 10.97
C GLU C 252 2.01 1.74 11.83
N VAL C 253 1.88 2.10 13.09
CA VAL C 253 1.02 1.37 14.05
C VAL C 253 -0.47 1.63 13.73
N ARG C 254 -1.27 0.55 13.72
CA ARG C 254 -2.63 0.52 13.14
C ARG C 254 -3.61 0.06 14.22
N ILE C 255 -4.52 0.95 14.63
CA ILE C 255 -5.51 0.63 15.68
C ILE C 255 -6.75 0.01 15.03
N THR C 256 -7.03 -1.26 15.36
CA THR C 256 -8.11 -2.07 14.74
C THR C 256 -9.08 -2.63 15.82
N ILE C 257 -10.35 -2.84 15.42
CA ILE C 257 -11.35 -3.56 16.26
C ILE C 257 -11.86 -4.78 15.44
N PRO C 258 -11.69 -6.04 15.93
CA PRO C 258 -11.76 -7.27 15.08
C PRO C 258 -13.19 -7.71 14.75
N GLU C 259 -14.18 -6.82 15.05
CA GLU C 259 -15.63 -7.08 14.95
C GLU C 259 -16.09 -8.09 16.02
N ARG C 260 -15.55 -9.33 15.96
CA ARG C 260 -15.81 -10.40 16.95
C ARG C 260 -15.54 -9.90 18.39
N LEU C 261 -16.51 -10.14 19.29
CA LEU C 261 -16.44 -9.81 20.72
C LEU C 261 -17.42 -10.72 21.46
N THR C 262 -17.05 -11.15 22.68
CA THR C 262 -17.97 -11.89 23.56
C THR C 262 -18.86 -10.88 24.32
N PRO C 263 -20.12 -11.24 24.74
CA PRO C 263 -21.04 -10.32 25.49
C PRO C 263 -20.38 -9.53 26.65
N GLU C 264 -19.39 -10.18 27.30
CA GLU C 264 -18.57 -9.58 28.37
C GLU C 264 -17.74 -8.39 27.83
N GLU C 265 -16.86 -8.70 26.86
CA GLU C 265 -16.00 -7.70 26.18
C GLU C 265 -16.85 -6.53 25.69
N GLU C 266 -17.91 -6.90 24.94
CA GLU C 266 -18.86 -5.98 24.32
C GLU C 266 -19.53 -5.06 25.37
N ALA C 267 -19.84 -5.63 26.55
CA ALA C 267 -20.43 -4.87 27.70
C ALA C 267 -19.49 -3.73 28.13
N LEU C 268 -18.19 -4.03 28.21
CA LEU C 268 -17.17 -3.01 28.52
C LEU C 268 -17.09 -1.95 27.41
N TRP C 269 -17.22 -2.37 26.14
CA TRP C 269 -17.28 -1.44 24.98
C TRP C 269 -18.55 -0.54 25.03
N LYS C 270 -19.65 -1.06 25.62
CA LYS C 270 -20.90 -0.29 25.80
C LYS C 270 -20.68 0.82 26.84
N LYS C 271 -20.00 0.46 27.95
CA LYS C 271 -19.63 1.42 29.01
C LYS C 271 -18.78 2.58 28.45
N LEU C 272 -17.79 2.21 27.63
CA LEU C 272 -16.91 3.15 26.92
C LEU C 272 -17.73 4.02 25.95
N ALA C 273 -18.66 3.39 25.23
CA ALA C 273 -19.54 4.06 24.25
C ALA C 273 -20.41 5.12 24.94
N GLU C 274 -20.91 4.80 26.14
CA GLU C 274 -21.71 5.73 26.97
C GLU C 274 -20.87 6.97 27.33
N ALA C 275 -19.64 6.70 27.82
CA ALA C 275 -18.65 7.75 28.15
C ALA C 275 -18.33 8.63 26.92
N TYR C 276 -18.40 8.02 25.74
CA TYR C 276 -18.17 8.70 24.46
C TYR C 276 -19.40 9.50 23.97
N TYR C 277 -20.62 9.01 24.26
CA TYR C 277 -21.86 9.75 23.88
C TYR C 277 -22.05 10.96 24.81
N ALA C 278 -21.43 10.89 26.00
CA ALA C 278 -21.33 12.03 26.95
C ALA C 278 -20.45 13.18 26.39
N ARG C 279 -19.70 12.92 25.29
CA ARG C 279 -18.90 13.97 24.60
C ARG C 279 -19.80 14.84 23.69
N ALA C 280 -21.05 14.38 23.44
CA ALA C 280 -22.02 15.12 22.62
C ALA C 280 -22.59 16.32 23.43
N MET A 1 -10.23 42.55 -45.81
CA MET A 1 -9.82 43.96 -45.90
C MET A 1 -10.91 44.86 -45.29
N ALA A 2 -10.82 45.08 -43.96
CA ALA A 2 -11.74 45.92 -43.16
C ALA A 2 -13.22 45.45 -43.31
N ALA A 3 -13.40 44.14 -43.60
CA ALA A 3 -14.73 43.55 -43.84
C ALA A 3 -15.35 43.08 -42.52
N LYS A 4 -15.56 44.06 -41.61
CA LYS A 4 -16.06 43.85 -40.24
C LYS A 4 -17.15 42.77 -40.13
N LYS A 5 -16.75 41.59 -39.62
CA LYS A 5 -17.67 40.53 -39.21
C LYS A 5 -18.21 40.91 -37.84
N ASP A 6 -19.39 41.56 -37.84
CA ASP A 6 -20.07 41.96 -36.61
C ASP A 6 -20.61 40.68 -35.94
N TYR A 7 -19.80 40.12 -35.03
CA TYR A 7 -20.01 38.77 -34.47
C TYR A 7 -21.36 38.61 -33.77
N TYR A 8 -21.82 39.69 -33.10
CA TYR A 8 -23.14 39.71 -32.44
C TYR A 8 -24.26 39.56 -33.49
N ALA A 9 -24.15 40.32 -34.60
CA ALA A 9 -25.12 40.28 -35.71
C ALA A 9 -25.19 38.87 -36.33
N ILE A 10 -24.02 38.22 -36.46
CA ILE A 10 -23.92 36.85 -37.03
C ILE A 10 -24.62 35.82 -36.10
N LEU A 11 -24.51 36.04 -34.78
CA LEU A 11 -25.22 35.23 -33.76
C LEU A 11 -26.73 35.56 -33.71
N GLY A 12 -27.11 36.71 -34.31
CA GLY A 12 -28.50 37.19 -34.29
C GLY A 12 -28.90 37.80 -32.95
N VAL A 13 -27.88 38.17 -32.15
CA VAL A 13 -28.04 38.80 -30.83
C VAL A 13 -27.63 40.30 -30.91
N PRO A 14 -28.12 41.18 -29.97
CA PRO A 14 -27.75 42.63 -29.98
C PRO A 14 -26.24 42.84 -29.74
N ARG A 15 -25.71 43.99 -30.15
CA ARG A 15 -24.26 44.33 -30.05
C ARG A 15 -23.80 44.62 -28.60
N ASN A 16 -24.66 44.31 -27.64
CA ASN A 16 -24.40 44.46 -26.20
C ASN A 16 -24.90 43.18 -25.48
N ALA A 17 -24.97 42.09 -26.26
CA ALA A 17 -25.41 40.78 -25.76
C ALA A 17 -24.39 40.22 -24.79
N THR A 18 -24.87 39.72 -23.66
CA THR A 18 -24.07 39.00 -22.70
C THR A 18 -23.63 37.65 -23.29
N GLN A 19 -22.51 37.11 -22.77
CA GLN A 19 -21.98 35.79 -23.20
C GLN A 19 -23.01 34.65 -22.88
N GLU A 20 -23.94 34.96 -21.95
CA GLU A 20 -25.11 34.12 -21.63
C GLU A 20 -26.02 33.97 -22.88
N GLU A 21 -26.40 35.14 -23.46
CA GLU A 21 -27.23 35.20 -24.69
C GLU A 21 -26.49 34.62 -25.91
N ILE A 22 -25.17 34.78 -25.91
CA ILE A 22 -24.25 34.24 -26.95
C ILE A 22 -24.16 32.70 -26.86
N LYS A 23 -24.28 32.17 -25.62
CA LYS A 23 -24.31 30.72 -25.37
C LYS A 23 -25.67 30.13 -25.80
N ARG A 24 -26.74 30.92 -25.61
CA ARG A 24 -28.11 30.58 -26.11
C ARG A 24 -28.15 30.57 -27.65
N ALA A 25 -27.47 31.56 -28.25
CA ALA A 25 -27.38 31.70 -29.73
C ALA A 25 -26.56 30.54 -30.31
N TYR A 26 -25.53 30.13 -29.56
CA TYR A 26 -24.71 28.96 -29.87
C TYR A 26 -25.59 27.71 -29.91
N LYS A 27 -26.18 27.35 -28.77
CA LYS A 27 -27.01 26.14 -28.63
C LYS A 27 -28.09 26.06 -29.74
N ARG A 28 -28.81 27.17 -29.92
CA ARG A 28 -29.86 27.28 -30.94
C ARG A 28 -29.32 26.96 -32.35
N LEU A 29 -28.46 27.84 -32.87
CA LEU A 29 -28.04 27.84 -34.27
C LEU A 29 -26.98 26.78 -34.54
N ALA A 30 -26.00 26.65 -33.64
CA ALA A 30 -24.92 25.66 -33.78
C ALA A 30 -25.40 24.22 -33.58
N ARG A 31 -26.52 23.96 -32.85
CA ARG A 31 -27.10 22.59 -32.82
C ARG A 31 -28.05 22.38 -34.01
N GLN A 32 -28.72 23.46 -34.46
CA GLN A 32 -29.57 23.43 -35.67
C GLN A 32 -28.73 23.21 -36.95
N TYR A 33 -27.50 23.73 -36.94
CA TYR A 33 -26.57 23.65 -38.09
C TYR A 33 -25.39 22.74 -37.77
N HIS A 34 -25.55 21.91 -36.70
CA HIS A 34 -24.49 21.03 -36.20
C HIS A 34 -24.20 19.92 -37.23
N PRO A 35 -22.95 19.88 -37.82
CA PRO A 35 -22.58 18.86 -38.85
C PRO A 35 -22.98 17.42 -38.47
N ASP A 36 -22.95 17.14 -37.16
CA ASP A 36 -23.36 15.85 -36.59
C ASP A 36 -24.84 15.53 -36.92
N VAL A 37 -25.74 16.47 -36.60
CA VAL A 37 -27.19 16.25 -36.72
C VAL A 37 -27.68 16.68 -38.11
N ASN A 38 -27.41 17.94 -38.45
CA ASN A 38 -27.82 18.53 -39.73
C ASN A 38 -26.63 18.47 -40.71
N LYS A 39 -26.51 17.30 -41.37
CA LYS A 39 -25.45 17.02 -42.35
C LYS A 39 -25.81 17.67 -43.71
N SER A 40 -25.78 19.01 -43.75
CA SER A 40 -26.16 19.78 -44.95
C SER A 40 -25.11 20.88 -45.20
N PRO A 41 -24.24 20.73 -46.27
CA PRO A 41 -23.13 21.68 -46.61
C PRO A 41 -23.47 23.17 -46.34
N GLU A 42 -24.56 23.65 -46.97
CA GLU A 42 -25.04 25.06 -46.85
C GLU A 42 -25.23 25.46 -45.36
N ALA A 43 -25.84 24.54 -44.60
CA ALA A 43 -26.13 24.74 -43.18
C ALA A 43 -24.84 24.74 -42.35
N GLU A 44 -23.84 23.97 -42.81
CA GLU A 44 -22.55 23.84 -42.13
C GLU A 44 -21.66 25.06 -42.43
N GLU A 45 -21.95 25.76 -43.55
CA GLU A 45 -21.30 27.05 -43.88
C GLU A 45 -21.83 28.14 -42.95
N LYS A 46 -23.17 28.18 -42.81
CA LYS A 46 -23.86 29.10 -41.88
C LYS A 46 -23.41 28.82 -40.44
N PHE A 47 -23.19 27.53 -40.13
CA PHE A 47 -22.64 27.06 -38.85
C PHE A 47 -21.27 27.72 -38.63
N LYS A 48 -20.36 27.57 -39.61
CA LYS A 48 -18.99 28.12 -39.55
C LYS A 48 -18.99 29.62 -39.21
N GLU A 49 -19.87 30.39 -39.89
CA GLU A 49 -19.99 31.85 -39.65
C GLU A 49 -20.44 32.18 -38.21
N ILE A 50 -21.54 31.53 -37.78
CA ILE A 50 -22.16 31.71 -36.45
C ILE A 50 -21.20 31.26 -35.33
N ASN A 51 -20.38 30.25 -35.66
CA ASN A 51 -19.44 29.62 -34.72
C ASN A 51 -18.04 30.23 -34.83
N GLU A 52 -17.82 31.09 -35.84
CA GLU A 52 -16.66 32.01 -35.90
C GLU A 52 -16.92 33.10 -34.86
N ALA A 53 -18.14 33.65 -34.97
CA ALA A 53 -18.69 34.64 -34.06
C ALA A 53 -18.63 34.17 -32.61
N TYR A 54 -19.12 32.94 -32.38
CA TYR A 54 -19.10 32.31 -31.06
C TYR A 54 -17.66 32.01 -30.63
N ALA A 55 -16.83 31.46 -31.53
CA ALA A 55 -15.44 31.06 -31.21
C ALA A 55 -14.60 32.22 -30.64
N VAL A 56 -14.90 33.45 -31.12
CA VAL A 56 -14.33 34.68 -30.54
C VAL A 56 -15.01 34.98 -29.19
N LEU A 57 -16.37 35.05 -29.19
CA LEU A 57 -17.16 35.55 -28.05
C LEU A 57 -17.44 34.48 -26.95
N SER A 58 -16.81 33.29 -27.08
CA SER A 58 -16.94 32.18 -26.11
C SER A 58 -15.90 32.30 -25.01
N ASP A 59 -14.69 32.69 -25.40
CA ASP A 59 -13.54 32.76 -24.50
C ASP A 59 -13.27 34.23 -24.17
N PRO A 60 -13.60 34.71 -22.90
CA PRO A 60 -13.41 36.11 -22.42
C PRO A 60 -12.20 36.89 -22.98
N GLU A 61 -11.07 36.20 -23.26
CA GLU A 61 -9.84 36.83 -23.81
C GLU A 61 -10.13 37.42 -25.22
N LYS A 62 -10.43 36.50 -26.16
CA LYS A 62 -10.71 36.83 -27.57
C LYS A 62 -12.00 37.67 -27.71
N ARG A 63 -12.95 37.41 -26.80
CA ARG A 63 -14.20 38.15 -26.70
C ARG A 63 -13.92 39.64 -26.48
N ARG A 64 -13.13 39.93 -25.42
CA ARG A 64 -12.77 41.31 -25.05
C ARG A 64 -11.80 41.94 -26.05
N ILE A 65 -11.07 41.11 -26.83
CA ILE A 65 -10.29 41.59 -28.00
C ILE A 65 -11.25 42.27 -29.00
N TYR A 66 -12.35 41.58 -29.33
CA TYR A 66 -13.41 42.14 -30.20
C TYR A 66 -13.99 43.42 -29.57
N ASP A 67 -14.39 43.32 -28.28
CA ASP A 67 -15.02 44.43 -27.53
C ASP A 67 -14.12 45.70 -27.50
N THR A 68 -12.80 45.49 -27.44
CA THR A 68 -11.82 46.60 -27.41
C THR A 68 -11.39 47.02 -28.81
N TYR A 69 -11.64 46.18 -29.85
CA TYR A 69 -11.28 46.54 -31.23
C TYR A 69 -12.29 47.59 -31.76
N GLY A 70 -11.75 48.66 -32.34
CA GLY A 70 -12.51 49.89 -32.58
C GLY A 70 -12.23 50.93 -31.49
N THR A 71 -11.16 50.69 -30.72
CA THR A 71 -10.66 51.57 -29.65
C THR A 71 -9.15 51.35 -29.70
N THR A 72 -8.79 50.06 -29.61
CA THR A 72 -7.53 49.57 -30.13
C THR A 72 -7.74 49.53 -31.66
N GLU A 73 -6.75 50.01 -32.42
CA GLU A 73 -6.84 50.17 -33.89
C GLU A 73 -5.90 49.19 -34.62
N ALA A 74 -4.75 48.92 -34.00
CA ALA A 74 -3.76 47.95 -34.49
C ALA A 74 -4.15 46.53 -34.04
N PRO A 75 -3.80 45.45 -34.81
CA PRO A 75 -4.05 44.05 -34.40
C PRO A 75 -3.32 43.71 -33.07
N PRO A 76 -4.02 43.06 -32.09
CA PRO A 76 -3.46 42.82 -30.73
C PRO A 76 -2.18 41.95 -30.74
N PRO A 77 -1.28 42.09 -29.71
CA PRO A 77 -0.07 41.24 -29.58
C PRO A 77 -0.44 39.77 -29.20
N PRO A 78 0.06 38.73 -29.97
CA PRO A 78 -0.23 37.31 -29.70
C PRO A 78 0.30 36.86 -28.31
N PRO A 79 -0.60 36.46 -27.34
CA PRO A 79 -0.19 35.98 -25.99
C PRO A 79 0.62 34.65 -26.05
N PRO A 80 1.27 34.20 -24.92
CA PRO A 80 2.04 32.92 -24.86
C PRO A 80 1.22 31.69 -25.31
N GLY A 81 1.20 31.46 -26.64
CA GLY A 81 0.50 30.34 -27.26
C GLY A 81 -0.14 30.75 -28.58
N GLY A 82 -0.66 31.99 -28.63
CA GLY A 82 -1.30 32.54 -29.85
C GLY A 82 -2.79 32.78 -29.65
N TYR A 83 -3.56 32.65 -30.74
CA TYR A 83 -5.02 32.76 -30.73
C TYR A 83 -5.61 31.38 -31.02
N ASP A 84 -5.53 30.48 -30.01
CA ASP A 84 -6.08 29.12 -30.09
C ASP A 84 -7.59 29.15 -30.40
N PHE A 85 -7.99 28.44 -31.47
CA PHE A 85 -9.37 28.44 -31.98
C PHE A 85 -9.94 27.01 -32.00
N SER A 86 -9.36 26.14 -31.13
CA SER A 86 -9.82 24.76 -30.94
C SER A 86 -11.34 24.69 -30.69
N GLY A 87 -11.99 23.89 -31.53
CA GLY A 87 -13.43 23.74 -31.57
C GLY A 87 -13.90 23.92 -33.00
N PHE A 88 -13.29 24.92 -33.69
CA PHE A 88 -13.76 25.38 -35.02
C PHE A 88 -12.56 25.60 -35.97
N ASP A 89 -12.72 25.27 -37.27
CA ASP A 89 -11.62 25.38 -38.26
C ASP A 89 -11.39 26.85 -38.64
N VAL A 90 -10.51 27.47 -37.84
CA VAL A 90 -9.95 28.83 -38.05
C VAL A 90 -9.66 29.18 -39.54
N GLU A 91 -9.05 28.22 -40.26
CA GLU A 91 -8.48 28.45 -41.60
C GLU A 91 -9.58 28.66 -42.66
N ASP A 92 -10.81 28.21 -42.32
CA ASP A 92 -11.98 28.33 -43.22
C ASP A 92 -12.57 29.75 -43.17
N PHE A 93 -12.34 30.43 -42.04
CA PHE A 93 -13.04 31.68 -41.67
C PHE A 93 -12.59 32.92 -42.50
N SER A 94 -13.32 34.02 -42.29
CA SER A 94 -13.31 35.21 -43.16
C SER A 94 -12.13 36.18 -42.92
N GLU A 95 -12.13 37.24 -43.77
CA GLU A 95 -11.05 38.22 -43.91
C GLU A 95 -10.80 39.01 -42.61
N PHE A 96 -11.87 39.61 -42.06
CA PHE A 96 -11.81 40.45 -40.83
C PHE A 96 -11.15 39.69 -39.67
N PHE A 97 -11.52 38.42 -39.55
CA PHE A 97 -10.96 37.50 -38.57
C PHE A 97 -9.45 37.26 -38.85
N GLN A 98 -9.12 37.01 -40.13
CA GLN A 98 -7.73 36.79 -40.59
C GLN A 98 -6.86 38.07 -40.48
N GLU A 99 -7.50 39.24 -40.26
CA GLU A 99 -6.82 40.51 -39.99
C GLU A 99 -6.58 40.71 -38.47
N LEU A 100 -7.68 40.60 -37.71
CA LEU A 100 -7.72 40.92 -36.26
C LEU A 100 -6.85 39.94 -35.45
N PHE A 101 -7.10 38.64 -35.65
CA PHE A 101 -6.36 37.56 -34.96
C PHE A 101 -5.22 37.02 -35.84
N GLY A 102 -5.11 37.55 -37.08
CA GLY A 102 -4.09 37.15 -38.07
C GLY A 102 -2.66 37.01 -37.52
N PRO A 103 -2.08 38.09 -36.87
CA PRO A 103 -0.70 38.09 -36.29
C PRO A 103 -0.36 36.85 -35.43
N GLY A 104 -1.37 36.23 -34.80
CA GLY A 104 -1.14 35.10 -33.91
C GLY A 104 -2.09 33.97 -34.14
N LEU A 105 -2.50 33.72 -35.40
CA LEU A 105 -3.38 32.57 -35.77
C LEU A 105 -2.71 31.16 -35.59
N PHE A 106 -1.72 31.05 -34.69
CA PHE A 106 -1.22 29.79 -34.16
C PHE A 106 -0.71 28.87 -35.32
N GLY A 107 -1.45 27.79 -35.66
CA GLY A 107 -1.06 26.83 -36.69
C GLY A 107 0.05 25.89 -36.23
N GLY A 108 0.37 25.95 -34.91
CA GLY A 108 1.54 25.29 -34.35
C GLY A 108 2.84 25.75 -35.00
N PHE A 109 3.72 24.79 -35.31
CA PHE A 109 4.94 25.06 -36.12
C PHE A 109 4.61 25.13 -37.62
N GLY A 110 3.34 24.85 -37.98
CA GLY A 110 2.87 24.94 -39.37
C GLY A 110 2.58 26.37 -39.78
N ARG A 111 2.05 27.16 -38.81
CA ARG A 111 1.77 28.62 -38.94
C ARG A 111 0.51 28.93 -39.83
N ARG A 112 0.18 28.00 -40.74
CA ARG A 112 -0.92 28.14 -41.74
C ARG A 112 -2.34 28.21 -41.10
N SER A 113 -2.40 27.96 -39.75
CA SER A 113 -3.66 27.80 -38.98
C SER A 113 -4.26 26.42 -39.30
N ARG A 114 -3.39 25.40 -39.28
CA ARG A 114 -3.73 24.04 -39.74
C ARG A 114 -3.98 23.09 -38.55
N LYS A 115 -4.70 21.98 -38.85
CA LYS A 115 -5.38 21.04 -37.91
C LYS A 115 -4.66 20.81 -36.57
N GLY A 116 -5.45 20.79 -35.50
CA GLY A 116 -4.96 20.66 -34.14
C GLY A 116 -4.71 19.24 -33.67
N ARG A 117 -4.00 19.12 -32.53
CA ARG A 117 -3.55 17.85 -31.96
C ARG A 117 -4.22 17.58 -30.60
N ASP A 118 -4.49 16.28 -30.37
CA ASP A 118 -4.93 15.75 -29.06
C ASP A 118 -3.82 15.93 -28.02
N LEU A 119 -4.17 16.41 -26.83
CA LEU A 119 -3.20 16.72 -25.79
C LEU A 119 -3.77 16.38 -24.41
N ARG A 120 -2.90 15.90 -23.51
CA ARG A 120 -3.21 15.78 -22.10
C ARG A 120 -2.63 16.99 -21.36
N ALA A 121 -3.50 17.88 -20.86
CA ALA A 121 -3.10 19.02 -19.99
C ALA A 121 -3.67 18.76 -18.59
N GLU A 122 -3.24 19.50 -17.57
CA GLU A 122 -3.63 19.21 -16.17
C GLU A 122 -4.18 20.47 -15.51
N LEU A 123 -5.47 20.41 -15.10
CA LEU A 123 -6.29 21.58 -14.74
C LEU A 123 -6.35 21.78 -13.21
N PRO A 124 -5.61 22.79 -12.64
CA PRO A 124 -5.69 23.10 -11.18
C PRO A 124 -7.11 23.52 -10.80
N LEU A 125 -7.60 23.11 -9.62
CA LEU A 125 -8.93 23.53 -9.15
C LEU A 125 -9.01 23.62 -7.61
N THR A 126 -9.85 24.55 -7.14
CA THR A 126 -10.16 24.76 -5.72
C THR A 126 -11.29 23.79 -5.29
N LEU A 127 -11.18 23.22 -4.07
CA LEU A 127 -12.07 22.13 -3.57
C LEU A 127 -13.57 22.48 -3.62
N GLU A 128 -13.93 23.56 -2.92
CA GLU A 128 -15.32 24.04 -2.82
C GLU A 128 -15.87 24.37 -4.22
N GLU A 129 -15.00 24.96 -5.05
CA GLU A 129 -15.34 25.35 -6.45
C GLU A 129 -15.45 24.12 -7.37
N ALA A 130 -14.82 23.01 -6.95
CA ALA A 130 -14.84 21.74 -7.68
C ALA A 130 -16.19 21.03 -7.52
N PHE A 131 -16.72 21.04 -6.27
CA PHE A 131 -18.08 20.51 -6.02
C PHE A 131 -19.13 21.48 -6.57
N HIS A 132 -18.83 22.80 -6.56
CA HIS A 132 -19.70 23.84 -7.13
C HIS A 132 -19.92 23.59 -8.63
N GLY A 133 -18.82 23.34 -9.36
CA GLY A 133 -18.87 23.17 -10.80
C GLY A 133 -18.92 24.50 -11.53
N GLY A 134 -19.79 24.59 -12.55
CA GLY A 134 -19.97 25.83 -13.33
C GLY A 134 -18.97 25.96 -14.47
N GLU A 135 -18.95 27.12 -15.13
CA GLU A 135 -17.95 27.45 -16.16
C GLU A 135 -16.74 28.08 -15.46
N ARG A 136 -15.62 27.34 -15.39
CA ARG A 136 -14.43 27.75 -14.63
C ARG A 136 -13.45 28.50 -15.54
N VAL A 137 -13.12 29.74 -15.17
CA VAL A 137 -12.23 30.62 -15.95
C VAL A 137 -10.77 30.22 -15.70
N VAL A 138 -10.04 29.92 -16.79
CA VAL A 138 -8.66 29.41 -16.75
C VAL A 138 -7.91 29.86 -18.03
N GLU A 139 -6.68 30.37 -17.83
CA GLU A 139 -5.83 30.91 -18.91
C GLU A 139 -5.02 29.79 -19.59
N VAL A 140 -4.97 29.80 -20.94
CA VAL A 140 -4.27 28.78 -21.74
C VAL A 140 -4.11 29.24 -23.21
N ALA A 141 -2.85 29.51 -23.63
CA ALA A 141 -2.46 29.73 -25.06
C ALA A 141 -3.19 30.92 -25.73
N GLY A 142 -3.39 32.00 -24.96
CA GLY A 142 -4.09 33.20 -25.45
C GLY A 142 -5.60 33.03 -25.50
N ARG A 143 -6.08 31.96 -24.88
CA ARG A 143 -7.50 31.66 -24.70
C ARG A 143 -7.81 31.66 -23.20
N ARG A 144 -8.71 32.54 -22.78
CA ARG A 144 -9.25 32.52 -21.42
C ARG A 144 -10.53 31.68 -21.46
N VAL A 145 -10.39 30.38 -21.25
CA VAL A 145 -11.50 29.42 -21.46
C VAL A 145 -12.31 29.25 -20.18
N SER A 146 -13.63 29.17 -20.36
CA SER A 146 -14.57 28.90 -19.29
C SER A 146 -15.06 27.45 -19.45
N VAL A 147 -14.33 26.50 -18.81
CA VAL A 147 -14.60 25.06 -18.95
C VAL A 147 -15.84 24.68 -18.11
N ARG A 148 -16.93 24.31 -18.81
CA ARG A 148 -18.16 23.83 -18.19
C ARG A 148 -17.87 22.48 -17.52
N ILE A 149 -17.52 22.54 -16.23
CA ILE A 149 -17.19 21.36 -15.42
C ILE A 149 -18.45 20.88 -14.69
N PRO A 150 -18.77 19.56 -14.73
CA PRO A 150 -19.92 18.99 -13.98
C PRO A 150 -19.73 19.15 -12.45
N PRO A 151 -20.82 19.49 -11.69
CA PRO A 151 -20.75 19.71 -10.21
C PRO A 151 -20.27 18.43 -9.47
N GLY A 152 -19.07 18.53 -8.87
CA GLY A 152 -18.43 17.39 -8.21
C GLY A 152 -17.40 16.79 -9.13
N VAL A 153 -16.23 17.46 -9.23
CA VAL A 153 -15.05 16.97 -9.94
C VAL A 153 -13.84 17.02 -8.98
N ARG A 154 -13.05 15.93 -8.88
CA ARG A 154 -12.00 15.78 -7.84
C ARG A 154 -10.70 15.26 -8.45
N GLU A 155 -9.56 15.52 -7.75
CA GLU A 155 -8.17 15.26 -8.24
C GLU A 155 -7.99 13.82 -8.72
N GLY A 156 -7.69 13.69 -10.03
CA GLY A 156 -7.55 12.37 -10.66
C GLY A 156 -8.62 12.12 -11.71
N SER A 157 -9.63 13.00 -11.79
CA SER A 157 -10.62 12.98 -12.86
C SER A 157 -9.99 13.56 -14.12
N VAL A 158 -10.34 13.01 -15.29
CA VAL A 158 -9.89 13.56 -16.58
C VAL A 158 -11.12 14.10 -17.32
N ILE A 159 -11.27 15.44 -17.29
CA ILE A 159 -12.27 16.16 -18.07
C ILE A 159 -11.85 16.10 -19.54
N ARG A 160 -12.21 14.99 -20.20
CA ARG A 160 -11.94 14.83 -21.62
C ARG A 160 -12.93 15.70 -22.41
N VAL A 161 -12.45 16.85 -22.85
CA VAL A 161 -13.22 17.76 -23.69
C VAL A 161 -12.68 17.67 -25.13
N PRO A 162 -13.40 16.95 -26.05
CA PRO A 162 -12.99 16.83 -27.47
C PRO A 162 -12.97 18.20 -28.15
N GLY A 163 -11.98 18.45 -29.00
CA GLY A 163 -11.88 19.70 -29.71
C GLY A 163 -11.22 20.83 -28.93
N MET A 164 -10.34 20.51 -27.96
CA MET A 164 -9.69 21.56 -27.13
C MET A 164 -8.18 21.30 -26.85
N GLY A 165 -7.64 20.11 -27.28
CA GLY A 165 -6.21 19.74 -27.02
C GLY A 165 -5.29 20.85 -27.41
N GLY A 166 -5.40 21.15 -28.68
CA GLY A 166 -4.99 22.42 -29.20
C GLY A 166 -4.17 22.22 -30.42
N GLN A 167 -2.87 22.04 -30.11
CA GLN A 167 -1.66 22.18 -30.96
C GLN A 167 -1.89 22.04 -32.46
N GLY A 168 -1.84 23.19 -33.10
CA GLY A 168 -2.33 23.42 -34.44
C GLY A 168 -3.04 24.74 -34.40
N ASN A 169 -4.34 24.76 -34.70
CA ASN A 169 -5.23 25.90 -34.40
C ASN A 169 -6.71 25.49 -34.51
N PRO A 170 -7.11 24.71 -35.58
CA PRO A 170 -8.38 23.94 -35.56
C PRO A 170 -8.34 22.91 -34.41
N PRO A 171 -9.50 22.33 -34.01
CA PRO A 171 -9.61 21.52 -32.76
C PRO A 171 -8.64 20.34 -32.60
N GLY A 172 -7.69 20.40 -31.61
CA GLY A 172 -7.17 19.15 -31.06
C GLY A 172 -8.23 18.33 -30.25
N ASP A 173 -7.82 17.68 -29.13
CA ASP A 173 -8.74 16.93 -28.21
C ASP A 173 -8.15 16.94 -26.79
N LEU A 174 -8.74 17.70 -25.84
CA LEU A 174 -8.08 17.96 -24.54
C LEU A 174 -8.46 16.93 -23.49
N LEU A 175 -7.45 16.46 -22.75
CA LEU A 175 -7.58 15.51 -21.65
C LEU A 175 -7.12 16.25 -20.40
N LEU A 176 -8.08 16.86 -19.66
CA LEU A 176 -7.78 17.68 -18.46
C LEU A 176 -7.72 16.84 -17.20
N VAL A 177 -6.51 16.52 -16.72
CA VAL A 177 -6.33 15.81 -15.45
C VAL A 177 -6.40 16.85 -14.34
N VAL A 178 -7.59 16.96 -13.72
CA VAL A 178 -7.89 17.96 -12.71
C VAL A 178 -7.02 17.74 -11.45
N ARG A 179 -6.30 18.79 -11.10
CA ARG A 179 -5.60 18.93 -9.83
C ARG A 179 -6.56 19.54 -8.82
N LEU A 180 -6.39 19.15 -7.57
CA LEU A 180 -6.99 19.85 -6.43
C LEU A 180 -5.87 20.36 -5.53
N LEU A 181 -6.18 21.46 -4.81
CA LEU A 181 -5.25 22.13 -3.88
C LEU A 181 -4.67 21.11 -2.84
N PRO A 182 -3.45 21.36 -2.27
CA PRO A 182 -2.74 20.40 -1.35
C PRO A 182 -3.48 20.11 0.00
N HIS A 183 -4.74 20.54 0.10
CA HIS A 183 -5.66 20.19 1.18
C HIS A 183 -5.87 18.64 1.16
N PRO A 184 -5.23 17.90 2.12
CA PRO A 184 -4.95 16.45 2.02
C PRO A 184 -6.10 15.47 2.34
N VAL A 185 -7.39 15.84 2.12
CA VAL A 185 -8.49 14.99 2.57
C VAL A 185 -8.84 13.99 1.47
N PHE A 186 -9.05 14.49 0.23
CA PHE A 186 -9.61 13.69 -0.87
C PHE A 186 -8.60 13.49 -2.01
N ARG A 187 -8.43 12.23 -2.41
CA ARG A 187 -7.78 11.86 -3.68
C ARG A 187 -8.70 10.91 -4.43
N LEU A 188 -9.05 11.27 -5.66
CA LEU A 188 -9.95 10.48 -6.51
C LEU A 188 -9.13 9.53 -7.41
N GLU A 189 -9.71 8.37 -7.71
CA GLU A 189 -9.27 7.50 -8.79
C GLU A 189 -10.47 7.28 -9.71
N GLY A 190 -10.57 8.18 -10.72
CA GLY A 190 -11.59 8.11 -11.76
C GLY A 190 -13.01 8.28 -11.24
N GLN A 191 -13.58 7.19 -10.71
CA GLN A 191 -14.93 7.18 -10.16
C GLN A 191 -14.92 7.43 -8.65
N ASP A 192 -14.02 6.78 -7.89
CA ASP A 192 -14.18 6.69 -6.42
C ASP A 192 -13.12 7.50 -5.66
N LEU A 193 -13.53 8.08 -4.52
CA LEU A 193 -12.70 8.94 -3.66
C LEU A 193 -12.00 8.11 -2.58
N TYR A 194 -10.89 8.66 -2.06
CA TYR A 194 -10.18 8.15 -0.88
C TYR A 194 -9.93 9.31 0.07
N ALA A 195 -10.71 9.36 1.15
CA ALA A 195 -10.61 10.38 2.21
C ALA A 195 -9.94 9.81 3.46
N THR A 196 -9.86 10.61 4.53
CA THR A 196 -9.36 10.16 5.84
C THR A 196 -10.44 10.47 6.90
N LEU A 197 -10.81 9.46 7.71
CA LEU A 197 -11.83 9.63 8.77
C LEU A 197 -11.28 9.09 10.10
N ASP A 198 -11.23 9.97 11.12
CA ASP A 198 -10.94 9.55 12.50
C ASP A 198 -12.26 9.14 13.18
N VAL A 199 -12.28 7.89 13.65
CA VAL A 199 -13.43 7.32 14.35
C VAL A 199 -12.91 6.62 15.62
N PRO A 200 -13.54 6.83 16.81
CA PRO A 200 -13.15 6.11 18.03
C PRO A 200 -13.57 4.63 17.95
N ALA A 201 -12.80 3.77 18.67
CA ALA A 201 -12.97 2.30 18.64
C ALA A 201 -14.41 1.81 18.97
N PRO A 202 -15.14 2.34 20.02
CA PRO A 202 -16.53 1.87 20.33
C PRO A 202 -17.53 2.17 19.19
N ILE A 203 -17.39 3.34 18.54
CA ILE A 203 -18.25 3.75 17.41
C ILE A 203 -17.88 2.94 16.14
N ALA A 204 -16.61 2.57 16.03
CA ALA A 204 -16.09 1.74 14.92
C ALA A 204 -16.66 0.30 14.98
N VAL A 205 -16.67 -0.27 16.20
CA VAL A 205 -17.20 -1.62 16.45
C VAL A 205 -18.73 -1.64 16.27
N VAL A 206 -19.41 -0.88 17.13
CA VAL A 206 -20.87 -0.93 17.27
C VAL A 206 -21.59 -0.31 16.08
N GLY A 207 -21.05 0.81 15.58
CA GLY A 207 -21.70 1.59 14.53
C GLY A 207 -22.49 2.76 15.12
N GLY A 208 -21.98 3.99 14.92
CA GLY A 208 -22.58 5.19 15.48
C GLY A 208 -22.46 6.38 14.55
N LYS A 209 -22.55 7.60 15.11
CA LYS A 209 -22.52 8.84 14.32
C LYS A 209 -21.30 9.69 14.68
N VAL A 210 -20.55 10.14 13.65
CA VAL A 210 -19.51 11.18 13.77
C VAL A 210 -19.73 12.19 12.62
N ARG A 211 -18.80 13.14 12.43
CA ARG A 211 -18.92 14.15 11.37
C ARG A 211 -17.81 13.96 10.31
N ALA A 212 -18.21 13.85 9.03
CA ALA A 212 -17.30 13.77 7.88
C ALA A 212 -17.29 15.12 7.16
N MET A 213 -16.13 15.77 7.14
CA MET A 213 -15.93 17.06 6.45
C MET A 213 -15.67 16.80 4.97
N THR A 214 -16.69 17.06 4.13
CA THR A 214 -16.63 16.83 2.68
C THR A 214 -16.75 18.17 1.92
N LEU A 215 -16.58 18.11 0.58
CA LEU A 215 -16.69 19.32 -0.30
C LEU A 215 -18.17 19.70 -0.49
N GLU A 216 -19.04 18.73 -0.18
CA GLU A 216 -20.51 18.89 -0.18
C GLU A 216 -21.01 19.40 1.20
N GLY A 217 -20.07 19.49 2.18
CA GLY A 217 -20.33 20.10 3.50
C GLY A 217 -19.99 19.16 4.67
N PRO A 218 -19.85 19.70 5.92
CA PRO A 218 -19.63 18.86 7.12
C PRO A 218 -20.94 18.13 7.50
N VAL A 219 -21.03 16.84 7.10
CA VAL A 219 -22.24 16.03 7.22
C VAL A 219 -22.16 15.06 8.41
N GLU A 220 -23.32 14.56 8.86
CA GLU A 220 -23.42 13.48 9.85
C GLU A 220 -23.25 12.13 9.13
N VAL A 221 -22.10 11.51 9.34
CA VAL A 221 -21.79 10.19 8.75
C VAL A 221 -22.09 9.09 9.79
N ALA A 222 -23.06 8.22 9.46
CA ALA A 222 -23.40 7.08 10.30
C ALA A 222 -22.41 5.94 9.99
N VAL A 223 -21.39 5.85 10.84
CA VAL A 223 -20.36 4.80 10.80
C VAL A 223 -21.04 3.42 10.92
N PRO A 224 -20.86 2.50 9.92
CA PRO A 224 -21.41 1.12 10.00
C PRO A 224 -20.70 0.29 11.08
N PRO A 225 -21.31 -0.82 11.58
CA PRO A 225 -20.62 -1.77 12.48
C PRO A 225 -19.44 -2.48 11.77
N ARG A 226 -18.48 -2.95 12.59
CA ARG A 226 -17.29 -3.73 12.17
C ARG A 226 -16.23 -2.83 11.46
N THR A 227 -16.42 -1.50 11.54
CA THR A 227 -15.51 -0.50 10.93
C THR A 227 -14.09 -0.65 11.50
N GLN A 228 -13.11 -0.91 10.63
CA GLN A 228 -11.77 -1.35 11.03
C GLN A 228 -10.68 -0.48 10.39
N ALA A 229 -9.61 -0.20 11.16
CA ALA A 229 -8.48 0.64 10.72
C ALA A 229 -7.78 0.03 9.50
N GLY A 230 -7.52 0.88 8.50
CA GLY A 230 -6.90 0.42 7.24
C GLY A 230 -7.94 0.23 6.15
N ARG A 231 -9.13 -0.31 6.51
CA ARG A 231 -10.27 -0.43 5.60
C ARG A 231 -10.88 0.94 5.27
N LYS A 232 -11.79 0.95 4.29
CA LYS A 232 -12.40 2.18 3.79
C LYS A 232 -13.94 2.06 3.89
N LEU A 233 -14.59 3.07 4.47
CA LEU A 233 -16.06 3.18 4.54
C LEU A 233 -16.56 3.71 3.20
N ARG A 234 -17.03 2.79 2.37
CA ARG A 234 -17.59 3.09 1.06
C ARG A 234 -18.98 3.77 1.21
N LEU A 235 -19.00 5.10 1.07
CA LEU A 235 -20.26 5.88 1.11
C LEU A 235 -20.83 5.92 -0.31
N LYS A 236 -21.85 5.09 -0.57
CA LYS A 236 -22.42 4.89 -1.90
C LYS A 236 -22.81 6.20 -2.61
N GLY A 237 -22.28 6.37 -3.84
CA GLY A 237 -22.70 7.42 -4.77
C GLY A 237 -22.22 8.82 -4.45
N LYS A 238 -21.29 8.94 -3.50
CA LYS A 238 -20.68 10.24 -3.18
C LYS A 238 -19.50 10.54 -4.13
N GLY A 239 -19.08 9.51 -4.91
CA GLY A 239 -18.16 9.70 -6.01
C GLY A 239 -18.91 9.78 -7.35
N PHE A 240 -18.15 9.63 -8.44
CA PHE A 240 -18.61 9.91 -9.80
C PHE A 240 -19.09 8.62 -10.48
N PRO A 241 -20.29 8.62 -11.12
CA PRO A 241 -20.82 7.44 -11.85
C PRO A 241 -20.05 7.17 -13.16
N GLY A 242 -20.06 5.90 -13.61
CA GLY A 242 -19.42 5.49 -14.86
C GLY A 242 -20.12 4.32 -15.54
N PRO A 243 -19.59 3.82 -16.71
CA PRO A 243 -20.13 2.62 -17.41
C PRO A 243 -20.27 1.37 -16.50
N ALA A 244 -19.16 0.98 -15.80
CA ALA A 244 -19.15 -0.17 -14.87
C ALA A 244 -18.76 0.26 -13.44
N GLY A 245 -17.97 1.34 -13.35
CA GLY A 245 -17.45 1.83 -12.07
C GLY A 245 -18.28 2.98 -11.53
N ARG A 246 -19.19 2.67 -10.59
CA ARG A 246 -19.98 3.68 -9.88
C ARG A 246 -19.16 4.19 -8.68
N GLY A 247 -18.93 5.50 -8.64
CA GLY A 247 -18.06 6.12 -7.65
C GLY A 247 -18.68 6.30 -6.28
N ASP A 248 -17.95 5.86 -5.27
CA ASP A 248 -18.33 6.01 -3.86
C ASP A 248 -17.21 6.76 -3.12
N LEU A 249 -17.50 7.24 -1.91
CA LEU A 249 -16.54 7.99 -1.07
C LEU A 249 -15.95 7.04 -0.03
N TYR A 250 -14.73 6.56 -0.27
CA TYR A 250 -14.07 5.62 0.63
C TYR A 250 -13.33 6.40 1.73
N LEU A 251 -13.92 6.41 2.94
CA LEU A 251 -13.33 7.07 4.11
C LEU A 251 -12.33 6.11 4.76
N GLU A 252 -11.02 6.38 4.64
CA GLU A 252 -9.98 5.47 5.15
C GLU A 252 -9.94 5.59 6.67
N VAL A 253 -10.37 4.48 7.32
CA VAL A 253 -10.62 4.40 8.74
C VAL A 253 -9.33 4.50 9.56
N ARG A 254 -9.34 5.46 10.50
CA ARG A 254 -8.33 5.63 11.53
C ARG A 254 -9.02 5.45 12.89
N ILE A 255 -8.98 4.21 13.42
CA ILE A 255 -9.49 3.91 14.76
C ILE A 255 -8.57 4.55 15.81
N THR A 256 -9.19 5.30 16.72
CA THR A 256 -8.52 5.99 17.82
C THR A 256 -9.11 5.52 19.14
N ILE A 257 -8.28 5.45 20.19
CA ILE A 257 -8.72 5.11 21.56
C ILE A 257 -8.64 6.37 22.46
N PRO A 258 -9.55 6.51 23.47
CA PRO A 258 -9.76 7.77 24.27
C PRO A 258 -8.48 8.42 24.86
N GLU A 259 -7.39 7.62 24.96
CA GLU A 259 -6.16 7.97 25.70
C GLU A 259 -6.47 8.25 27.18
N ARG A 260 -6.96 9.46 27.48
CA ARG A 260 -7.45 9.82 28.81
C ARG A 260 -8.81 9.14 29.07
N LEU A 261 -9.00 8.65 30.28
CA LEU A 261 -10.13 7.78 30.62
C LEU A 261 -10.62 8.03 32.05
N THR A 262 -11.94 8.06 32.20
CA THR A 262 -12.63 8.19 33.49
C THR A 262 -12.73 6.81 34.18
N PRO A 263 -12.82 6.75 35.56
CA PRO A 263 -12.73 5.49 36.37
C PRO A 263 -13.45 4.24 35.79
N GLU A 264 -14.79 4.29 35.69
CA GLU A 264 -15.61 3.13 35.29
C GLU A 264 -15.39 2.74 33.82
N GLU A 265 -15.29 3.75 32.94
CA GLU A 265 -15.10 3.54 31.49
C GLU A 265 -13.72 2.93 31.19
N GLU A 266 -12.68 3.37 31.94
CA GLU A 266 -11.32 2.82 31.82
C GLU A 266 -11.32 1.36 32.23
N ALA A 267 -11.96 1.13 33.39
CA ALA A 267 -12.17 -0.21 33.94
C ALA A 267 -12.88 -1.08 32.90
N LEU A 268 -13.87 -0.50 32.21
CA LEU A 268 -14.74 -1.21 31.25
C LEU A 268 -13.92 -1.70 30.03
N TRP A 269 -13.08 -0.79 29.49
CA TRP A 269 -12.11 -1.10 28.42
C TRP A 269 -11.18 -2.26 28.82
N LYS A 270 -10.68 -2.20 30.06
CA LYS A 270 -9.65 -3.11 30.56
C LYS A 270 -10.24 -4.38 31.21
N LYS A 271 -11.58 -4.40 31.42
CA LYS A 271 -12.34 -5.62 31.76
C LYS A 271 -12.48 -6.44 30.48
N LEU A 272 -12.83 -5.73 29.39
CA LEU A 272 -12.82 -6.27 28.02
C LEU A 272 -11.44 -6.81 27.68
N ALA A 273 -10.41 -6.02 27.99
CA ALA A 273 -9.01 -6.31 27.65
C ALA A 273 -8.49 -7.58 28.33
N GLU A 274 -8.72 -7.71 29.65
CA GLU A 274 -8.31 -8.91 30.41
C GLU A 274 -9.08 -10.16 29.94
N ALA A 275 -10.41 -10.00 29.75
CA ALA A 275 -11.29 -11.11 29.28
C ALA A 275 -10.97 -11.51 27.83
N TYR A 276 -10.45 -10.56 27.06
CA TYR A 276 -10.03 -10.76 25.66
C TYR A 276 -8.70 -11.53 25.67
N TYR A 277 -7.63 -10.79 26.02
CA TYR A 277 -6.23 -11.22 26.03
C TYR A 277 -6.03 -12.57 26.75
N ALA A 278 -6.39 -12.61 28.07
CA ALA A 278 -6.10 -13.77 28.93
C ALA A 278 -6.96 -15.01 28.59
N ARG A 279 -7.95 -14.86 27.69
CA ARG A 279 -8.85 -15.97 27.30
C ARG A 279 -8.80 -16.24 25.78
N ALA A 280 -7.93 -15.47 25.06
CA ALA A 280 -7.87 -15.48 23.59
C ALA A 280 -7.49 -16.89 23.06
N MET B 1 -15.51 29.41 1.25
CA MET B 1 -15.19 29.04 -0.15
C MET B 1 -14.08 29.96 -0.68
N LYS B 2 -12.84 29.43 -0.80
CA LYS B 2 -11.69 30.21 -1.32
C LYS B 2 -11.93 30.54 -2.79
N GLN B 3 -12.03 31.84 -3.11
CA GLN B 3 -12.16 32.33 -4.49
C GLN B 3 -10.76 32.49 -5.10
N SER B 4 -10.12 31.32 -5.31
CA SER B 4 -8.78 31.21 -5.87
C SER B 4 -8.89 30.73 -7.32
N THR B 5 -8.52 31.59 -8.28
CA THR B 5 -8.63 31.27 -9.71
C THR B 5 -7.34 30.57 -10.20
N ILE B 6 -7.35 30.13 -11.48
CA ILE B 6 -6.39 29.16 -12.00
C ILE B 6 -5.93 29.53 -13.43
N ALA B 7 -4.77 28.96 -13.82
CA ALA B 7 -4.29 28.92 -15.20
C ALA B 7 -3.77 27.51 -15.45
N LEU B 8 -3.97 27.00 -16.68
CA LEU B 8 -3.73 25.60 -17.03
C LEU B 8 -2.21 25.31 -17.08
N ALA B 9 -1.61 25.52 -18.27
CA ALA B 9 -0.20 25.22 -18.61
C ALA B 9 -0.13 25.12 -20.14
N LEU B 10 -0.89 24.13 -20.64
CA LEU B 10 -0.76 23.57 -22.00
C LEU B 10 0.70 23.10 -22.25
N LEU B 11 0.88 21.79 -22.43
CA LEU B 11 2.19 21.20 -22.69
C LEU B 11 2.62 21.54 -24.14
N PRO B 12 3.60 22.49 -24.29
CA PRO B 12 3.85 23.20 -25.58
C PRO B 12 4.35 22.29 -26.71
N LEU B 13 4.01 22.72 -27.93
CA LEU B 13 4.56 22.20 -29.20
C LEU B 13 6.10 22.16 -29.18
N LEU B 14 6.70 23.17 -28.50
CA LEU B 14 8.15 23.27 -28.29
C LEU B 14 8.63 22.06 -27.45
N PHE B 15 9.76 21.46 -27.87
CA PHE B 15 10.32 20.22 -27.33
C PHE B 15 9.44 19.03 -27.79
N THR B 16 8.32 18.80 -27.07
CA THR B 16 7.33 17.75 -27.42
C THR B 16 5.98 18.08 -26.74
N PRO B 17 4.85 18.23 -27.53
CA PRO B 17 3.49 18.37 -26.96
C PRO B 17 2.91 17.03 -26.44
N VAL B 18 3.41 16.62 -25.27
CA VAL B 18 2.94 15.42 -24.52
C VAL B 18 3.39 15.58 -23.05
N THR B 19 2.99 14.64 -22.17
CA THR B 19 3.36 14.67 -20.74
C THR B 19 4.88 14.48 -20.53
N LYS B 20 5.61 15.61 -20.57
CA LYS B 20 7.04 15.69 -20.21
C LYS B 20 7.28 16.83 -19.19
N ALA B 21 6.16 17.36 -18.63
CA ALA B 21 6.20 18.40 -17.59
C ALA B 21 6.45 17.78 -16.20
N ARG B 22 6.38 16.44 -16.10
CA ARG B 22 6.69 15.72 -14.84
C ARG B 22 7.48 14.45 -15.18
N THR B 23 8.52 14.64 -16.02
CA THR B 23 9.47 13.58 -16.40
C THR B 23 10.90 13.99 -15.95
N PRO B 24 11.27 13.65 -14.67
CA PRO B 24 12.56 14.08 -14.08
C PRO B 24 13.74 13.20 -14.53
N GLU B 25 14.92 13.83 -14.61
CA GLU B 25 16.18 13.19 -14.95
C GLU B 25 17.31 14.08 -14.42
N MET B 26 17.88 13.67 -13.28
CA MET B 26 18.90 14.44 -12.56
C MET B 26 19.59 13.51 -11.53
N PRO B 27 20.89 13.76 -11.20
CA PRO B 27 21.58 13.07 -10.09
C PRO B 27 21.40 13.81 -8.74
N VAL B 28 20.46 14.82 -8.73
CA VAL B 28 20.17 15.77 -7.61
C VAL B 28 21.44 16.42 -7.00
N LEU B 29 22.55 16.40 -7.79
CA LEU B 29 23.87 16.99 -7.43
C LEU B 29 24.52 16.31 -6.19
N GLU B 30 23.99 15.12 -5.81
CA GLU B 30 24.52 14.31 -4.70
C GLU B 30 23.90 12.90 -4.78
N ASN B 31 24.62 11.87 -4.28
CA ASN B 31 24.09 10.50 -4.23
C ASN B 31 23.00 10.44 -3.15
N ARG B 32 21.74 10.55 -3.59
CA ARG B 32 20.57 10.73 -2.73
C ARG B 32 19.31 10.26 -3.46
N ALA B 33 19.07 10.87 -4.63
CA ALA B 33 17.94 10.53 -5.50
C ALA B 33 18.45 10.45 -6.95
N ALA B 34 19.37 9.49 -7.15
CA ALA B 34 19.93 9.17 -8.49
C ALA B 34 19.60 7.69 -8.81
N GLN B 35 20.62 6.79 -8.87
CA GLN B 35 20.49 5.39 -9.36
C GLN B 35 20.07 5.37 -10.85
N GLY B 36 20.99 5.00 -11.74
CA GLY B 36 20.72 4.97 -13.18
C GLY B 36 21.97 4.87 -14.01
N ASP B 37 22.94 4.06 -13.51
CA ASP B 37 24.30 3.88 -14.09
C ASP B 37 24.96 5.19 -14.59
N ILE B 38 24.59 5.64 -15.77
CA ILE B 38 25.20 6.76 -16.47
C ILE B 38 24.16 7.43 -17.39
N THR B 39 23.26 6.60 -17.95
CA THR B 39 22.23 7.06 -18.89
C THR B 39 20.96 6.20 -18.79
N ALA B 40 21.00 5.08 -18.05
CA ALA B 40 19.87 4.13 -17.90
C ALA B 40 19.29 3.68 -19.26
N PRO B 41 19.81 2.54 -19.85
CA PRO B 41 19.36 2.05 -21.17
C PRO B 41 17.94 1.45 -21.13
N GLY B 42 17.42 1.13 -22.33
CA GLY B 42 16.08 0.53 -22.46
C GLY B 42 16.09 -0.95 -22.17
N GLY B 43 16.08 -1.30 -20.85
CA GLY B 43 16.01 -2.69 -20.40
C GLY B 43 14.69 -3.33 -20.77
N ALA B 44 13.62 -2.89 -20.11
CA ALA B 44 12.24 -3.18 -20.49
C ALA B 44 11.76 -1.98 -21.29
N ARG B 45 11.84 -2.10 -22.64
CA ARG B 45 11.53 -1.02 -23.62
C ARG B 45 10.28 -0.22 -23.22
N ARG B 46 10.54 1.00 -22.74
CA ARG B 46 9.51 1.92 -22.25
C ARG B 46 8.80 2.55 -23.47
N LEU B 47 7.80 1.80 -24.01
CA LEU B 47 7.14 2.08 -25.30
C LEU B 47 8.15 1.92 -26.46
N THR B 48 9.01 2.94 -26.67
CA THR B 48 9.98 2.98 -27.77
C THR B 48 11.00 4.11 -27.55
N GLY B 49 12.12 4.06 -28.32
CA GLY B 49 13.15 5.12 -28.30
C GLY B 49 14.25 4.86 -27.27
N ASP B 50 14.50 3.56 -27.00
CA ASP B 50 15.42 3.07 -25.94
C ASP B 50 15.06 3.72 -24.58
N GLN B 51 13.95 3.22 -24.01
CA GLN B 51 13.31 3.75 -22.80
C GLN B 51 12.70 5.16 -23.05
N THR B 52 13.53 6.21 -22.98
CA THR B 52 13.07 7.59 -23.07
C THR B 52 12.81 7.98 -24.54
N ALA B 53 11.51 8.13 -24.89
CA ALA B 53 11.08 8.58 -26.22
C ALA B 53 11.42 10.06 -26.42
N ALA B 54 12.66 10.29 -26.91
CA ALA B 54 13.23 11.62 -27.15
C ALA B 54 13.25 12.47 -25.86
N LEU B 55 14.15 12.12 -24.94
CA LEU B 55 14.30 12.83 -23.65
C LEU B 55 15.71 12.57 -23.10
N ARG B 56 16.39 13.65 -22.69
CA ARG B 56 17.65 13.58 -21.95
C ARG B 56 17.94 14.95 -21.31
N ASP B 57 18.13 14.96 -19.98
CA ASP B 57 18.44 16.15 -19.17
C ASP B 57 17.40 17.27 -19.39
N SER B 58 16.37 17.31 -18.54
CA SER B 58 15.29 18.31 -18.65
C SER B 58 14.81 18.74 -17.25
N LEU B 59 14.06 17.86 -16.56
CA LEU B 59 13.38 18.22 -15.29
C LEU B 59 14.13 17.61 -14.08
N SER B 60 13.76 18.05 -12.86
CA SER B 60 14.33 17.56 -11.59
C SER B 60 13.21 17.30 -10.56
N ASP B 61 13.62 16.84 -9.34
CA ASP B 61 12.73 16.56 -8.19
C ASP B 61 11.83 15.30 -8.39
N LYS B 62 11.65 14.54 -7.30
CA LYS B 62 10.78 13.35 -7.25
C LYS B 62 9.61 13.50 -6.21
N PRO B 63 9.88 13.79 -4.88
CA PRO B 63 8.80 13.77 -3.86
C PRO B 63 8.01 15.11 -3.73
N ALA B 64 8.26 16.07 -4.65
CA ALA B 64 7.66 17.43 -4.62
C ALA B 64 8.08 18.16 -3.33
N LYS B 65 9.36 17.97 -2.96
CA LYS B 65 9.90 18.40 -1.66
C LYS B 65 10.05 19.94 -1.59
N ASN B 66 10.19 20.57 -2.77
CA ASN B 66 10.36 22.03 -2.89
C ASN B 66 8.97 22.71 -3.00
N ILE B 67 8.10 22.38 -2.02
CA ILE B 67 6.66 22.77 -1.98
C ILE B 67 5.92 22.09 -3.16
N ILE B 68 6.12 22.66 -4.36
CA ILE B 68 5.57 22.18 -5.63
C ILE B 68 6.67 22.26 -6.71
N LEU B 69 6.39 21.70 -7.90
CA LEU B 69 7.37 21.57 -8.98
C LEU B 69 7.85 22.95 -9.47
N LEU B 70 9.13 23.26 -9.18
CA LEU B 70 9.83 24.51 -9.59
C LEU B 70 9.08 25.75 -9.04
N ILE B 71 8.46 25.56 -7.85
CA ILE B 71 7.57 26.54 -7.15
C ILE B 71 6.54 27.22 -8.10
N GLY B 72 6.17 26.51 -9.19
CA GLY B 72 5.17 26.95 -10.15
C GLY B 72 4.10 25.91 -10.33
N ASP B 73 4.37 24.92 -11.23
CA ASP B 73 3.49 23.75 -11.50
C ASP B 73 2.05 24.19 -11.88
N GLY B 74 1.19 24.39 -10.86
CA GLY B 74 -0.19 24.84 -11.05
C GLY B 74 -0.25 26.37 -11.02
N MET B 75 0.13 26.98 -12.15
CA MET B 75 0.18 28.45 -12.28
C MET B 75 -1.23 29.08 -12.27
N GLY B 76 -1.26 30.42 -12.21
CA GLY B 76 -2.50 31.18 -12.15
C GLY B 76 -2.41 32.31 -11.16
N ASP B 77 -3.54 32.69 -10.58
CA ASP B 77 -3.62 33.78 -9.61
C ASP B 77 -4.89 33.60 -8.77
N SER B 78 -4.80 33.83 -7.46
CA SER B 78 -5.91 33.65 -6.51
C SER B 78 -6.84 34.88 -6.50
N GLU B 79 -7.14 35.42 -7.72
CA GLU B 79 -7.86 36.68 -7.96
C GLU B 79 -7.04 37.90 -7.45
N ILE B 80 -7.04 38.98 -8.25
CA ILE B 80 -6.27 40.20 -7.93
C ILE B 80 -6.88 40.93 -6.73
N THR B 81 -8.18 41.30 -6.81
CA THR B 81 -8.82 42.16 -5.79
C THR B 81 -10.34 41.92 -5.64
N ALA B 82 -11.02 41.53 -6.73
CA ALA B 82 -12.51 41.44 -6.78
C ALA B 82 -13.08 40.43 -5.76
N ALA B 83 -12.26 39.43 -5.41
CA ALA B 83 -12.62 38.33 -4.50
C ALA B 83 -11.35 37.55 -4.12
N ARG B 84 -10.24 38.29 -3.91
CA ARG B 84 -8.89 37.68 -3.74
C ARG B 84 -8.82 36.70 -2.55
N ASN B 85 -9.06 35.40 -2.85
CA ASN B 85 -9.03 34.27 -1.88
C ASN B 85 -10.08 34.46 -0.75
N TYR B 86 -11.06 35.35 -0.98
CA TYR B 86 -12.03 35.75 0.05
C TYR B 86 -13.00 34.60 0.35
N ALA B 87 -12.96 34.13 1.60
CA ALA B 87 -13.79 33.06 2.12
C ALA B 87 -14.55 33.59 3.36
N GLU B 88 -15.61 34.36 3.10
CA GLU B 88 -16.42 35.04 4.14
C GLU B 88 -17.91 34.96 3.73
N GLY B 89 -18.79 34.73 4.72
CA GLY B 89 -20.23 34.68 4.50
C GLY B 89 -21.02 34.91 5.79
N ALA B 90 -20.79 36.09 6.42
CA ALA B 90 -21.47 36.49 7.66
C ALA B 90 -22.97 36.75 7.40
N GLY B 91 -23.81 35.78 7.80
CA GLY B 91 -25.25 35.81 7.53
C GLY B 91 -25.58 35.47 6.08
N GLY B 92 -24.67 34.72 5.42
CA GLY B 92 -24.82 34.34 4.01
C GLY B 92 -23.91 33.18 3.62
N PHE B 93 -23.60 32.33 4.62
CA PHE B 93 -22.75 31.14 4.41
C PHE B 93 -23.61 30.00 3.82
N PHE B 94 -23.45 29.75 2.52
CA PHE B 94 -24.18 28.69 1.78
C PHE B 94 -23.17 27.84 0.99
N LYS B 95 -23.45 26.53 0.88
CA LYS B 95 -22.74 25.62 -0.03
C LYS B 95 -23.19 25.86 -1.49
N GLY B 96 -24.47 26.28 -1.65
CA GLY B 96 -25.08 26.54 -2.95
C GLY B 96 -26.19 25.56 -3.29
N ILE B 97 -26.56 24.69 -2.31
CA ILE B 97 -27.65 23.69 -2.45
C ILE B 97 -28.55 23.72 -1.20
N ASP B 98 -28.50 24.85 -0.49
CA ASP B 98 -29.11 25.01 0.85
C ASP B 98 -30.62 25.15 0.74
N ALA B 99 -31.30 24.02 0.96
CA ALA B 99 -32.75 23.93 1.03
C ALA B 99 -33.07 22.82 2.04
N LEU B 100 -33.02 23.19 3.33
CA LEU B 100 -33.07 22.26 4.46
C LEU B 100 -34.53 21.83 4.73
N PRO B 101 -34.89 20.53 4.46
CA PRO B 101 -36.19 19.99 4.84
C PRO B 101 -36.15 19.35 6.25
N LEU B 102 -37.32 19.24 6.88
CA LEU B 102 -37.44 18.55 8.19
C LEU B 102 -37.55 17.02 7.98
N THR B 103 -37.58 16.60 6.68
CA THR B 103 -37.47 15.19 6.20
C THR B 103 -38.48 14.23 6.88
N GLY B 104 -39.60 14.79 7.37
CA GLY B 104 -40.66 14.01 8.02
C GLY B 104 -41.19 14.68 9.28
N GLN B 105 -40.32 15.51 9.92
CA GLN B 105 -40.61 16.33 11.13
C GLN B 105 -40.60 15.49 12.43
N TYR B 106 -41.26 14.32 12.39
CA TYR B 106 -41.35 13.37 13.53
C TYR B 106 -39.97 12.81 13.94
N THR B 107 -38.98 12.93 13.02
CA THR B 107 -37.58 12.55 13.27
C THR B 107 -36.97 13.49 14.34
N HIS B 108 -37.05 13.03 15.60
CA HIS B 108 -36.51 13.76 16.77
C HIS B 108 -34.97 13.80 16.71
N TYR B 109 -34.37 12.65 16.34
CA TYR B 109 -32.92 12.49 16.21
C TYR B 109 -32.63 11.53 15.04
N ALA B 110 -32.98 10.24 15.26
CA ALA B 110 -32.75 9.14 14.30
C ALA B 110 -33.45 7.87 14.80
N LEU B 111 -33.45 6.81 13.96
CA LEU B 111 -34.04 5.51 14.33
C LEU B 111 -33.10 4.79 15.34
N ASN B 112 -33.62 4.56 16.55
CA ASN B 112 -32.93 3.79 17.60
C ASN B 112 -33.13 2.29 17.35
N LYS B 113 -32.10 1.50 17.67
CA LYS B 113 -32.12 0.03 17.48
C LYS B 113 -30.92 -0.60 18.21
N LYS B 114 -29.77 0.12 18.18
CA LYS B 114 -28.48 -0.30 18.82
C LYS B 114 -27.93 -1.59 18.17
N THR B 115 -28.58 -2.72 18.47
CA THR B 115 -28.36 -3.99 17.79
C THR B 115 -28.99 -3.94 16.37
N GLY B 116 -28.44 -4.75 15.46
CA GLY B 116 -28.98 -4.88 14.10
C GLY B 116 -29.59 -6.26 13.86
N LYS B 117 -29.80 -7.01 14.97
CA LYS B 117 -30.26 -8.43 14.98
C LYS B 117 -29.20 -9.37 14.34
N PRO B 118 -28.88 -10.55 14.98
CA PRO B 118 -27.88 -11.50 14.44
C PRO B 118 -28.42 -12.22 13.17
N ASP B 119 -28.25 -11.55 12.02
CA ASP B 119 -28.71 -12.00 10.70
C ASP B 119 -28.11 -13.37 10.34
N TYR B 120 -26.76 -13.41 10.37
CA TYR B 120 -25.98 -14.63 10.11
C TYR B 120 -25.89 -15.55 11.36
N VAL B 121 -26.40 -15.04 12.51
CA VAL B 121 -26.42 -15.72 13.83
C VAL B 121 -24.99 -16.09 14.31
N THR B 122 -24.46 -17.24 13.84
CA THR B 122 -23.15 -17.78 14.27
C THR B 122 -22.00 -17.15 13.47
N ASP B 123 -22.28 -16.83 12.19
CA ASP B 123 -21.32 -16.27 11.22
C ASP B 123 -20.14 -17.25 10.99
N SER B 124 -20.42 -18.28 10.16
CA SER B 124 -19.45 -19.32 9.75
C SER B 124 -19.00 -20.19 10.95
N ALA B 125 -18.08 -19.66 11.79
CA ALA B 125 -17.51 -20.38 12.95
C ALA B 125 -17.01 -19.40 14.02
N ALA B 126 -16.81 -19.93 15.24
CA ALA B 126 -16.31 -19.16 16.39
C ALA B 126 -14.77 -19.08 16.39
N SER B 127 -14.15 -20.01 15.67
CA SER B 127 -12.69 -20.12 15.55
C SER B 127 -12.33 -20.52 14.11
N ALA B 128 -11.07 -20.26 13.70
CA ALA B 128 -10.61 -20.53 12.33
C ALA B 128 -9.20 -21.13 12.34
N THR B 129 -8.20 -20.28 12.62
CA THR B 129 -6.77 -20.63 12.48
C THR B 129 -6.27 -21.58 13.61
N ALA B 130 -7.15 -21.85 14.61
CA ALA B 130 -6.81 -22.63 15.83
C ALA B 130 -5.71 -21.88 16.62
N TRP B 131 -4.92 -22.60 17.46
CA TRP B 131 -3.79 -22.03 18.27
C TRP B 131 -4.32 -21.27 19.53
N SER B 132 -5.30 -20.38 19.31
CA SER B 132 -6.01 -19.65 20.36
C SER B 132 -6.74 -20.62 21.32
N THR B 133 -6.87 -20.20 22.59
CA THR B 133 -7.49 -21.01 23.66
C THR B 133 -9.00 -21.26 23.40
N GLY B 134 -9.60 -20.37 22.58
CA GLY B 134 -10.96 -20.54 22.09
C GLY B 134 -11.85 -19.35 22.42
N VAL B 135 -11.35 -18.13 22.11
CA VAL B 135 -12.08 -16.83 22.24
C VAL B 135 -12.22 -16.41 23.72
N LYS B 136 -12.97 -17.23 24.48
CA LYS B 136 -13.16 -17.10 25.92
C LYS B 136 -12.83 -18.43 26.61
N THR B 137 -11.82 -19.14 26.05
CA THR B 137 -11.37 -20.45 26.53
C THR B 137 -12.49 -21.51 26.33
N TYR B 138 -12.47 -22.11 25.12
CA TYR B 138 -13.35 -23.23 24.71
C TYR B 138 -14.85 -22.86 24.70
N ASN B 139 -15.49 -22.90 25.88
CA ASN B 139 -16.96 -22.76 26.03
C ASN B 139 -17.38 -21.40 26.64
N GLY B 140 -16.40 -20.69 27.24
CA GLY B 140 -16.65 -19.43 27.95
C GLY B 140 -15.91 -19.34 29.28
N ALA B 141 -15.15 -20.42 29.62
CA ALA B 141 -14.33 -20.50 30.86
C ALA B 141 -15.19 -20.34 32.12
N LEU B 142 -16.36 -20.99 32.13
CA LEU B 142 -17.30 -20.92 33.26
C LEU B 142 -16.81 -21.89 34.37
N GLY B 143 -16.05 -21.32 35.31
CA GLY B 143 -15.52 -22.05 36.45
C GLY B 143 -14.66 -21.17 37.33
N VAL B 144 -13.72 -21.79 38.09
CA VAL B 144 -12.81 -21.04 38.99
C VAL B 144 -11.33 -21.28 38.61
N ASP B 145 -10.88 -22.55 38.60
CA ASP B 145 -9.48 -22.92 38.33
C ASP B 145 -9.25 -23.02 36.82
N ILE B 146 -10.11 -23.81 36.16
CA ILE B 146 -10.18 -23.96 34.68
C ILE B 146 -8.84 -24.52 34.13
N HIS B 147 -7.89 -23.60 33.87
CA HIS B 147 -6.53 -23.90 33.39
C HIS B 147 -5.56 -23.04 34.24
N GLU B 148 -5.40 -21.75 33.83
CA GLU B 148 -4.48 -20.75 34.41
C GLU B 148 -3.02 -21.27 34.46
N LYS B 149 -2.74 -22.08 35.49
CA LYS B 149 -1.45 -22.75 35.67
C LYS B 149 -1.31 -23.90 34.66
N ASP B 150 -2.42 -24.65 34.51
CA ASP B 150 -2.52 -25.88 33.69
C ASP B 150 -1.40 -26.86 34.11
N HIS B 151 -1.10 -26.84 35.43
CA HIS B 151 0.08 -27.48 36.05
C HIS B 151 1.39 -26.77 35.55
N PRO B 152 2.36 -26.41 36.46
CA PRO B 152 3.56 -25.61 36.10
C PRO B 152 4.38 -26.22 34.94
N THR B 153 4.37 -27.56 34.88
CA THR B 153 5.02 -28.38 33.83
C THR B 153 6.51 -27.98 33.65
N ILE B 154 7.34 -28.41 34.60
CA ILE B 154 8.78 -28.16 34.54
C ILE B 154 9.46 -29.29 33.75
N LEU B 155 10.76 -29.09 33.44
CA LEU B 155 11.59 -30.01 32.63
C LEU B 155 11.16 -30.01 31.14
N GLU B 156 10.27 -29.07 30.78
CA GLU B 156 9.73 -28.92 29.42
C GLU B 156 10.77 -28.16 28.54
N MET B 157 10.65 -28.33 27.20
CA MET B 157 11.70 -27.94 26.20
C MET B 157 12.17 -26.49 26.31
N ALA B 158 11.24 -25.54 26.17
CA ALA B 158 11.57 -24.09 26.20
C ALA B 158 10.54 -23.30 27.02
N LYS B 159 9.54 -24.02 27.58
CA LYS B 159 8.48 -23.47 28.44
C LYS B 159 7.59 -22.46 27.68
N ALA B 160 8.08 -21.19 27.56
CA ALA B 160 7.35 -20.12 26.85
C ALA B 160 7.33 -20.40 25.34
N ALA B 161 8.53 -20.59 24.75
CA ALA B 161 8.67 -20.97 23.31
C ALA B 161 8.46 -22.49 23.10
N GLY B 162 8.12 -23.20 24.20
CA GLY B 162 7.83 -24.63 24.15
C GLY B 162 6.34 -24.92 23.97
N LEU B 163 5.50 -24.13 24.68
CA LEU B 163 4.03 -24.28 24.66
C LEU B 163 3.42 -23.32 23.60
N ALA B 164 3.83 -22.05 23.63
CA ALA B 164 3.25 -20.99 22.75
C ALA B 164 3.67 -21.19 21.27
N THR B 165 4.71 -22.00 21.03
CA THR B 165 5.19 -22.39 19.69
C THR B 165 6.15 -23.58 19.83
N GLY B 166 6.73 -24.04 18.71
CA GLY B 166 7.78 -25.07 18.72
C GLY B 166 9.04 -24.50 18.12
N ASN B 167 9.50 -23.37 18.70
CA ASN B 167 10.58 -22.49 18.17
C ASN B 167 10.14 -21.86 16.82
N VAL B 168 10.19 -22.68 15.76
CA VAL B 168 9.71 -22.34 14.41
C VAL B 168 8.57 -23.31 14.05
N SER B 169 7.39 -22.75 13.72
CA SER B 169 6.18 -23.53 13.43
C SER B 169 5.51 -23.00 12.17
N THR B 170 5.54 -23.81 11.10
CA THR B 170 4.94 -23.53 9.79
C THR B 170 5.65 -22.33 9.11
N ALA B 171 6.74 -22.64 8.40
CA ALA B 171 7.56 -21.66 7.67
C ALA B 171 8.30 -22.38 6.52
N GLU B 172 9.29 -21.71 5.91
CA GLU B 172 10.06 -22.25 4.76
C GLU B 172 11.17 -23.25 5.21
N LEU B 173 10.84 -24.16 6.14
CA LEU B 173 11.66 -25.35 6.44
C LEU B 173 11.48 -26.34 5.28
N GLN B 174 10.21 -26.52 4.89
CA GLN B 174 9.80 -27.23 3.67
C GLN B 174 9.54 -26.15 2.60
N ASP B 175 10.62 -25.48 2.14
CA ASP B 175 10.54 -24.32 1.23
C ASP B 175 9.89 -24.72 -0.12
N ALA B 176 8.58 -24.46 -0.21
CA ALA B 176 7.74 -24.80 -1.37
C ALA B 176 7.41 -23.55 -2.20
N THR B 177 7.54 -22.39 -1.56
CA THR B 177 7.23 -21.09 -2.16
C THR B 177 8.32 -20.61 -3.19
N PRO B 178 9.67 -20.73 -2.91
CA PRO B 178 10.71 -20.37 -3.91
C PRO B 178 10.72 -21.38 -5.10
N ALA B 179 10.64 -20.85 -6.33
CA ALA B 179 10.71 -21.65 -7.57
C ALA B 179 12.07 -22.37 -7.67
N ALA B 180 13.12 -21.60 -7.36
CA ALA B 180 14.53 -22.01 -7.43
C ALA B 180 15.37 -20.86 -6.87
N LEU B 181 14.97 -19.64 -7.29
CA LEU B 181 15.39 -18.34 -6.76
C LEU B 181 14.61 -17.27 -7.51
N VAL B 182 14.86 -17.22 -8.83
CA VAL B 182 14.15 -16.34 -9.76
C VAL B 182 13.20 -17.18 -10.62
N ALA B 183 12.09 -16.59 -11.03
CA ALA B 183 11.17 -17.21 -11.99
C ALA B 183 11.77 -17.11 -13.41
N HIS B 184 11.95 -15.87 -13.87
CA HIS B 184 12.62 -15.53 -15.13
C HIS B 184 12.81 -14.00 -15.20
N VAL B 185 11.88 -13.26 -15.85
CA VAL B 185 11.98 -11.78 -15.99
C VAL B 185 10.59 -11.13 -15.83
N THR B 186 10.45 -10.36 -14.74
CA THR B 186 9.38 -9.36 -14.51
C THR B 186 7.93 -9.89 -14.47
N SER B 187 7.71 -11.22 -14.54
CA SER B 187 6.33 -11.77 -14.63
C SER B 187 6.23 -13.14 -13.92
N ARG B 188 5.56 -13.16 -12.74
CA ARG B 188 5.30 -14.39 -11.98
C ARG B 188 4.36 -14.10 -10.78
N LYS B 189 3.56 -15.12 -10.39
CA LYS B 189 2.82 -15.15 -9.13
C LYS B 189 3.31 -16.35 -8.29
N CYS B 190 3.46 -16.14 -6.97
CA CYS B 190 3.84 -17.20 -6.01
C CYS B 190 3.09 -16.98 -4.68
N TYR B 191 3.44 -17.80 -3.65
CA TYR B 191 2.89 -17.74 -2.27
C TYR B 191 1.47 -18.35 -2.20
N GLY B 192 1.17 -18.96 -1.04
CA GLY B 192 -0.14 -19.53 -0.75
C GLY B 192 -0.57 -19.18 0.67
N PRO B 193 -1.49 -18.17 0.86
CA PRO B 193 -1.96 -17.78 2.22
C PRO B 193 -2.98 -18.77 2.83
N SER B 194 -3.46 -19.70 1.98
CA SER B 194 -4.47 -20.72 2.33
C SER B 194 -5.87 -20.08 2.58
N ALA B 195 -6.86 -20.94 2.82
CA ALA B 195 -8.26 -20.53 3.07
C ALA B 195 -8.73 -21.08 4.43
N THR B 196 -7.76 -21.22 5.37
CA THR B 196 -7.92 -21.91 6.66
C THR B 196 -8.10 -23.43 6.42
N SER B 197 -9.26 -23.81 5.85
CA SER B 197 -9.55 -25.16 5.37
C SER B 197 -9.91 -25.09 3.86
N GLU B 198 -11.17 -24.74 3.57
CA GLU B 198 -11.74 -24.71 2.19
C GLU B 198 -13.21 -24.22 2.26
N LYS B 199 -13.91 -24.71 3.30
CA LYS B 199 -15.30 -24.35 3.62
C LYS B 199 -15.56 -24.79 5.06
N CYS B 200 -16.12 -23.87 5.87
CA CYS B 200 -16.40 -24.07 7.30
C CYS B 200 -15.09 -24.32 8.09
N PRO B 201 -14.61 -23.31 8.88
CA PRO B 201 -13.41 -23.47 9.74
C PRO B 201 -13.77 -24.29 11.01
N GLY B 202 -14.07 -25.58 10.79
CA GLY B 202 -14.54 -26.47 11.83
C GLY B 202 -13.41 -26.96 12.73
N ASN B 203 -13.50 -26.64 14.03
CA ASN B 203 -12.52 -27.07 15.05
C ASN B 203 -13.19 -26.98 16.43
N ALA B 204 -13.94 -25.88 16.64
CA ALA B 204 -14.73 -25.65 17.86
C ALA B 204 -15.86 -24.64 17.55
N LEU B 205 -17.12 -25.08 17.74
CA LEU B 205 -18.31 -24.24 17.58
C LEU B 205 -19.25 -24.54 18.75
N GLU B 206 -19.13 -23.72 19.82
CA GLU B 206 -20.00 -23.78 21.01
C GLU B 206 -19.87 -25.15 21.73
N LYS B 207 -18.65 -25.73 21.70
CA LYS B 207 -18.38 -27.03 22.32
C LYS B 207 -18.43 -26.88 23.84
N GLY B 208 -19.45 -27.52 24.46
CA GLY B 208 -19.68 -27.42 25.89
C GLY B 208 -20.35 -26.12 26.30
N GLY B 209 -21.05 -25.48 25.33
CA GLY B 209 -21.78 -24.23 25.59
C GLY B 209 -22.98 -24.45 26.51
N LYS B 210 -22.70 -24.49 27.82
CA LYS B 210 -23.67 -24.88 28.84
C LYS B 210 -24.55 -23.68 29.22
N GLY B 211 -25.86 -23.94 29.33
CA GLY B 211 -26.82 -22.94 29.81
C GLY B 211 -28.16 -23.57 30.14
N SER B 212 -29.05 -22.78 30.79
CA SER B 212 -30.43 -23.16 31.15
C SER B 212 -30.45 -24.28 32.22
N ILE B 213 -30.17 -25.52 31.79
CA ILE B 213 -30.10 -26.70 32.68
C ILE B 213 -28.84 -26.62 33.55
N THR B 214 -28.97 -26.93 34.85
CA THR B 214 -27.83 -26.92 35.79
C THR B 214 -27.11 -28.29 35.79
N GLU B 215 -27.90 -29.38 35.66
CA GLU B 215 -27.40 -30.78 35.62
C GLU B 215 -26.56 -31.02 34.35
N GLN B 216 -25.67 -32.06 34.36
CA GLN B 216 -24.61 -32.27 33.34
C GLN B 216 -23.56 -31.16 33.49
N LEU B 217 -22.52 -31.41 34.34
CA LEU B 217 -21.59 -30.38 34.86
C LEU B 217 -22.41 -29.36 35.67
N LEU B 218 -22.62 -29.70 36.96
CA LEU B 218 -23.56 -28.98 37.85
C LEU B 218 -23.17 -27.51 38.05
N ASN B 219 -24.18 -26.61 38.00
CA ASN B 219 -24.02 -25.14 38.10
C ASN B 219 -23.24 -24.56 36.91
N ALA B 220 -23.09 -25.39 35.84
CA ALA B 220 -22.23 -25.09 34.66
C ALA B 220 -20.75 -24.95 35.08
N ARG B 221 -20.43 -25.42 36.30
CA ARG B 221 -19.09 -25.37 36.90
C ARG B 221 -18.31 -26.57 36.34
N ALA B 222 -17.86 -26.41 35.08
CA ALA B 222 -17.34 -27.49 34.23
C ALA B 222 -16.02 -28.07 34.76
N ASP B 223 -15.21 -27.19 35.38
CA ASP B 223 -13.81 -27.51 35.76
C ASP B 223 -13.71 -28.31 37.08
N VAL B 224 -14.84 -28.86 37.58
CA VAL B 224 -14.83 -29.83 38.71
C VAL B 224 -13.95 -31.06 38.36
N THR B 225 -14.04 -31.50 37.10
CA THR B 225 -13.29 -32.65 36.56
C THR B 225 -11.94 -32.19 35.98
N LEU B 226 -11.85 -30.90 35.60
CA LEU B 226 -10.62 -30.30 35.05
C LEU B 226 -9.67 -29.84 36.19
N GLY B 227 -8.60 -29.17 35.79
CA GLY B 227 -7.55 -28.68 36.67
C GLY B 227 -6.31 -28.46 35.82
N GLY B 228 -6.54 -27.76 34.71
CA GLY B 228 -5.63 -27.75 33.57
C GLY B 228 -6.31 -28.30 32.34
N GLY B 229 -5.50 -28.74 31.36
CA GLY B 229 -6.03 -29.31 30.12
C GLY B 229 -4.92 -29.79 29.19
N ALA B 230 -4.01 -28.87 28.82
CA ALA B 230 -2.91 -29.13 27.87
C ALA B 230 -1.98 -27.91 27.75
N LYS B 231 -2.59 -26.70 27.72
CA LYS B 231 -1.88 -25.44 27.47
C LYS B 231 -1.34 -24.83 28.76
N THR B 232 -0.17 -25.32 29.19
CA THR B 232 0.58 -24.74 30.33
C THR B 232 1.08 -23.33 29.95
N PHE B 233 0.20 -22.35 30.19
CA PHE B 233 0.34 -20.97 29.70
C PHE B 233 1.63 -20.32 30.21
N ALA B 234 2.63 -20.27 29.32
CA ALA B 234 3.88 -19.59 29.55
C ALA B 234 4.07 -18.57 28.42
N GLU B 235 3.88 -17.29 28.76
CA GLU B 235 3.95 -16.19 27.79
C GLU B 235 5.42 -15.81 27.54
N THR B 236 5.77 -15.55 26.27
CA THR B 236 7.15 -15.22 25.86
C THR B 236 7.49 -13.78 26.31
N ALA B 237 8.16 -13.67 27.49
CA ALA B 237 8.53 -12.37 28.10
C ALA B 237 9.67 -11.70 27.31
N THR B 238 9.29 -11.11 26.17
CA THR B 238 10.19 -10.46 25.22
C THR B 238 9.41 -9.37 24.48
N ALA B 239 10.11 -8.30 24.07
CA ALA B 239 9.62 -7.32 23.10
C ALA B 239 10.78 -6.41 22.66
N GLY B 240 10.97 -5.31 23.38
CA GLY B 240 11.83 -4.22 22.95
C GLY B 240 11.48 -2.91 23.67
N GLU B 241 12.07 -1.81 23.19
CA GLU B 241 12.09 -0.52 23.92
C GLU B 241 10.91 0.41 23.54
N TRP B 242 10.20 0.11 22.42
CA TRP B 242 9.08 0.93 21.88
C TRP B 242 9.53 2.41 21.62
N GLN B 243 9.40 3.22 22.69
CA GLN B 243 9.46 4.69 22.68
C GLN B 243 9.10 5.20 24.09
N GLY B 244 8.12 4.51 24.72
CA GLY B 244 7.66 4.79 26.07
C GLY B 244 6.62 3.76 26.50
N LYS B 245 6.82 3.13 27.67
CA LYS B 245 6.00 2.00 28.13
C LYS B 245 6.12 1.84 29.65
N THR B 246 4.97 1.85 30.34
CA THR B 246 4.89 1.92 31.81
C THR B 246 3.97 0.80 32.39
N LEU B 247 3.60 0.94 33.69
CA LEU B 247 2.79 -0.01 34.50
C LEU B 247 1.58 -0.61 33.74
N ARG B 248 1.50 -1.95 33.73
CA ARG B 248 0.32 -2.69 33.23
C ARG B 248 -0.48 -3.21 34.45
N GLU B 249 -1.73 -2.71 34.56
CA GLU B 249 -2.70 -3.08 35.60
C GLU B 249 -4.04 -2.45 35.17
N GLN B 250 -5.19 -2.95 35.68
CA GLN B 250 -6.52 -2.36 35.37
C GLN B 250 -6.57 -0.88 35.84
N ALA B 251 -5.80 -0.58 36.91
CA ALA B 251 -5.55 0.78 37.45
C ALA B 251 -6.78 1.34 38.16
N GLN B 252 -7.86 1.56 37.41
CA GLN B 252 -9.17 1.90 37.96
C GLN B 252 -9.95 0.59 38.25
N ALA B 253 -9.49 -0.10 39.30
CA ALA B 253 -10.09 -1.36 39.74
C ALA B 253 -11.08 -1.09 40.90
N ARG B 254 -10.60 -0.31 41.88
CA ARG B 254 -11.36 0.16 43.05
C ARG B 254 -11.86 -1.01 43.93
N GLY B 255 -13.00 -1.62 43.54
CA GLY B 255 -13.58 -2.74 44.25
C GLY B 255 -13.08 -4.06 43.71
N TYR B 256 -12.94 -4.10 42.35
CA TYR B 256 -12.51 -5.31 41.57
C TYR B 256 -13.14 -6.61 42.10
N GLN B 257 -14.46 -6.54 42.32
CA GLN B 257 -15.24 -7.60 42.95
C GLN B 257 -15.16 -8.90 42.12
N LEU B 258 -14.60 -9.95 42.76
CA LEU B 258 -14.44 -11.30 42.20
C LEU B 258 -13.29 -11.31 41.16
N VAL B 259 -13.56 -10.68 39.99
CA VAL B 259 -12.68 -10.61 38.80
C VAL B 259 -11.99 -11.96 38.44
N SER B 260 -10.96 -12.34 39.18
CA SER B 260 -10.21 -13.59 39.01
C SER B 260 -9.41 -13.86 40.28
N ASP B 261 -9.27 -15.15 40.64
CA ASP B 261 -8.34 -15.64 41.70
C ASP B 261 -8.80 -15.30 43.13
N ALA B 262 -8.81 -14.00 43.47
CA ALA B 262 -9.14 -13.48 44.82
C ALA B 262 -10.39 -14.17 45.44
N ALA B 263 -11.54 -14.05 44.76
CA ALA B 263 -12.81 -14.67 45.23
C ALA B 263 -13.11 -15.96 44.44
N SER B 264 -12.28 -16.28 43.44
CA SER B 264 -12.48 -17.47 42.58
C SER B 264 -11.83 -18.72 43.24
N LEU B 265 -10.49 -18.73 43.32
CA LEU B 265 -9.71 -19.89 43.83
C LEU B 265 -9.38 -19.72 45.32
N ASN B 266 -9.26 -18.44 45.78
CA ASN B 266 -8.66 -18.05 47.09
C ASN B 266 -7.16 -18.39 47.10
N SER B 267 -6.85 -19.69 47.19
CA SER B 267 -5.50 -20.21 46.96
C SER B 267 -5.24 -20.22 45.44
N VAL B 268 -4.70 -19.08 44.94
CA VAL B 268 -4.47 -18.83 43.51
C VAL B 268 -3.62 -19.94 42.86
N THR B 269 -2.53 -20.36 43.56
CA THR B 269 -1.61 -21.46 43.16
C THR B 269 -1.24 -21.40 41.66
N GLU B 270 -1.03 -20.15 41.18
CA GLU B 270 -0.88 -19.81 39.74
C GLU B 270 0.31 -20.51 39.07
N ALA B 271 1.27 -20.99 39.90
CA ALA B 271 2.46 -21.74 39.46
C ALA B 271 3.38 -20.90 38.55
N ASN B 272 3.24 -19.56 38.67
CA ASN B 272 3.95 -18.56 37.84
C ASN B 272 3.65 -18.79 36.34
N GLN B 273 2.41 -19.23 36.05
CA GLN B 273 1.94 -19.48 34.69
C GLN B 273 0.72 -18.59 34.37
N GLN B 274 0.74 -17.99 33.15
CA GLN B 274 -0.33 -17.15 32.57
C GLN B 274 -0.37 -15.73 33.15
N LYS B 275 -0.56 -15.64 34.48
CA LYS B 275 -0.95 -14.40 35.19
C LYS B 275 0.01 -13.22 34.90
N PRO B 276 -0.46 -12.17 34.13
CA PRO B 276 0.36 -10.97 33.86
C PRO B 276 0.58 -10.17 35.16
N LEU B 277 1.85 -10.08 35.59
CA LEU B 277 2.25 -9.41 36.85
C LEU B 277 1.82 -7.93 36.85
N LEU B 278 1.22 -7.51 37.98
CA LEU B 278 0.62 -6.17 38.15
C LEU B 278 1.64 -5.10 38.60
N GLY B 279 2.95 -5.43 38.50
CA GLY B 279 4.02 -4.52 38.91
C GLY B 279 4.24 -3.38 37.92
N LEU B 280 5.38 -3.41 37.23
CA LEU B 280 5.69 -2.43 36.17
C LEU B 280 6.43 -3.19 35.06
N PHE B 281 7.75 -3.40 35.26
CA PHE B 281 8.67 -4.14 34.34
C PHE B 281 8.93 -3.38 33.02
N ALA B 282 7.85 -3.15 32.24
CA ALA B 282 7.86 -2.53 30.89
C ALA B 282 8.40 -3.56 29.88
N ASP B 283 9.71 -3.80 29.92
CA ASP B 283 10.38 -4.83 29.10
C ASP B 283 11.61 -5.30 29.88
N GLY B 284 11.65 -6.60 30.24
CA GLY B 284 12.70 -7.16 31.08
C GLY B 284 12.73 -6.51 32.45
N ASN B 285 13.60 -5.49 32.62
CA ASN B 285 13.65 -4.67 33.82
C ASN B 285 14.06 -3.25 33.40
N MET B 286 13.05 -2.43 33.02
CA MET B 286 13.19 -1.00 32.69
C MET B 286 13.99 -0.75 31.38
N PRO B 287 13.91 0.50 30.78
CA PRO B 287 14.83 0.94 29.70
C PRO B 287 16.28 1.20 30.20
N VAL B 288 16.49 1.05 31.54
CA VAL B 288 17.79 1.16 32.23
C VAL B 288 18.27 2.62 32.27
N ARG B 289 18.71 3.16 31.11
CA ARG B 289 19.17 4.55 30.98
C ARG B 289 18.57 5.17 29.71
N TRP B 290 18.80 4.47 28.59
CA TRP B 290 18.42 4.96 27.25
C TRP B 290 16.89 5.03 27.08
N LEU B 291 16.41 6.03 26.31
CA LEU B 291 14.98 6.17 25.97
C LEU B 291 14.81 5.89 24.47
N GLY B 292 15.59 6.59 23.65
CA GLY B 292 15.54 6.48 22.19
C GLY B 292 16.92 6.61 21.54
N PRO B 293 17.82 5.58 21.72
CA PRO B 293 19.18 5.62 21.13
C PRO B 293 19.21 5.20 19.64
N LYS B 294 18.36 4.22 19.24
CA LYS B 294 18.29 3.74 17.85
C LYS B 294 17.23 4.57 17.11
N ALA B 295 17.68 5.72 16.59
CA ALA B 295 16.84 6.66 15.83
C ALA B 295 17.74 7.52 14.95
N THR B 296 17.47 7.51 13.63
CA THR B 296 18.23 8.28 12.65
C THR B 296 17.32 8.64 11.45
N TYR B 297 17.83 9.51 10.59
CA TYR B 297 17.09 10.07 9.43
C TYR B 297 17.90 9.83 8.15
N HIS B 298 17.60 10.62 7.09
CA HIS B 298 18.29 10.60 5.78
C HIS B 298 17.87 9.34 4.98
N GLY B 299 18.42 8.18 5.35
CA GLY B 299 18.19 6.91 4.63
C GLY B 299 19.33 6.60 3.66
N ASN B 300 19.50 5.31 3.30
CA ASN B 300 20.57 4.87 2.38
C ASN B 300 20.09 5.02 0.93
N ILE B 301 18.96 4.36 0.60
CA ILE B 301 18.34 4.41 -0.75
C ILE B 301 16.83 4.63 -0.64
N ASP B 302 16.12 4.54 -1.79
CA ASP B 302 14.63 4.60 -1.90
C ASP B 302 14.07 6.03 -1.61
N LYS B 303 14.99 7.00 -1.49
CA LYS B 303 14.67 8.44 -1.38
C LYS B 303 14.17 9.05 -2.71
N PRO B 304 14.58 8.56 -3.94
CA PRO B 304 13.86 8.92 -5.21
C PRO B 304 12.43 8.33 -5.26
N ALA B 305 12.10 7.44 -4.29
CA ALA B 305 10.77 6.83 -4.12
C ALA B 305 10.42 5.86 -5.28
N VAL B 306 11.47 5.31 -5.91
CA VAL B 306 11.33 4.36 -7.01
C VAL B 306 12.18 3.10 -6.74
N THR B 307 13.49 3.14 -7.09
CA THR B 307 14.48 2.04 -6.88
C THR B 307 14.24 0.81 -7.81
N CYS B 308 13.00 0.61 -8.29
CA CYS B 308 12.61 -0.47 -9.22
C CYS B 308 13.10 -0.13 -10.64
N THR B 309 12.17 0.06 -11.62
CA THR B 309 12.48 0.34 -13.04
C THR B 309 13.48 -0.71 -13.63
N PRO B 310 12.97 -1.73 -14.37
CA PRO B 310 13.84 -2.77 -15.01
C PRO B 310 14.54 -2.24 -16.29
N ASN B 311 15.30 -1.13 -16.17
CA ASN B 311 15.96 -0.45 -17.32
C ASN B 311 17.46 -0.09 -17.03
N PRO B 312 17.84 0.63 -15.89
CA PRO B 312 19.27 0.93 -15.59
C PRO B 312 20.12 -0.35 -15.48
N GLN B 313 21.09 -0.52 -16.40
CA GLN B 313 21.83 -1.78 -16.51
C GLN B 313 23.13 -1.67 -17.34
N ARG B 314 23.69 -0.45 -17.61
CA ARG B 314 24.98 -0.34 -18.36
C ARG B 314 26.11 -1.04 -17.56
N ASN B 315 26.48 -0.45 -16.41
CA ASN B 315 27.39 -1.08 -15.45
C ASN B 315 27.45 -0.21 -14.17
N ASP B 316 27.19 -0.83 -13.01
CA ASP B 316 27.43 -0.18 -11.71
C ASP B 316 28.93 -0.28 -11.36
N SER B 317 29.39 -1.48 -10.96
CA SER B 317 30.78 -1.74 -10.53
C SER B 317 31.15 -3.22 -10.69
N VAL B 318 32.42 -3.54 -10.38
CA VAL B 318 32.93 -4.92 -10.32
C VAL B 318 33.24 -5.30 -8.85
N PRO B 319 33.05 -6.61 -8.45
CA PRO B 319 33.41 -7.07 -7.09
C PRO B 319 34.92 -7.34 -6.93
N THR B 320 35.39 -7.34 -5.67
CA THR B 320 36.81 -7.59 -5.31
C THR B 320 36.90 -8.51 -4.06
N LEU B 321 35.75 -9.09 -3.66
CA LEU B 321 35.63 -9.92 -2.44
C LEU B 321 35.74 -11.43 -2.77
N ALA B 322 36.39 -12.19 -1.87
CA ALA B 322 36.32 -13.66 -1.87
C ALA B 322 35.12 -14.08 -1.00
N GLN B 323 34.13 -14.73 -1.63
CA GLN B 323 32.82 -15.03 -0.99
C GLN B 323 32.94 -15.93 0.26
N MET B 324 33.87 -16.93 0.23
CA MET B 324 34.18 -17.77 1.41
C MET B 324 35.53 -18.51 1.27
N THR B 325 35.99 -19.12 2.39
CA THR B 325 37.31 -19.77 2.50
C THR B 325 37.26 -21.25 1.99
N ASP B 326 37.33 -22.24 2.92
CA ASP B 326 37.39 -23.67 2.60
C ASP B 326 37.31 -24.50 3.90
N LYS B 327 36.82 -25.75 3.78
CA LYS B 327 36.84 -26.79 4.83
C LYS B 327 36.10 -28.05 4.30
N ALA B 328 36.34 -28.38 3.02
CA ALA B 328 35.78 -29.56 2.32
C ALA B 328 34.28 -29.37 1.97
N ILE B 329 34.02 -28.83 0.76
CA ILE B 329 32.66 -28.69 0.18
C ILE B 329 32.75 -28.90 -1.36
N GLU B 330 31.57 -29.08 -1.99
CA GLU B 330 31.39 -29.10 -3.44
C GLU B 330 31.98 -30.36 -4.12
N LEU B 331 31.05 -31.31 -4.39
CA LEU B 331 31.22 -32.51 -5.25
C LEU B 331 32.56 -33.30 -5.13
N LEU B 332 33.66 -32.74 -5.68
CA LEU B 332 34.94 -33.43 -5.99
C LEU B 332 34.74 -34.28 -7.26
N SER B 333 33.88 -35.29 -7.18
CA SER B 333 33.64 -36.24 -8.28
C SER B 333 32.21 -36.04 -8.82
N LYS B 334 31.21 -36.25 -7.94
CA LYS B 334 29.78 -36.20 -8.29
C LYS B 334 29.06 -35.14 -7.44
N ASN B 335 28.26 -34.28 -8.10
CA ASN B 335 27.52 -33.17 -7.46
C ASN B 335 26.11 -33.62 -7.05
N GLU B 336 25.70 -34.80 -7.56
CA GLU B 336 24.37 -35.38 -7.34
C GLU B 336 24.30 -36.08 -5.96
N LYS B 337 25.46 -36.16 -5.26
CA LYS B 337 25.59 -36.85 -3.96
C LYS B 337 24.65 -36.24 -2.91
N GLY B 338 23.86 -37.12 -2.25
CA GLY B 338 22.77 -36.72 -1.37
C GLY B 338 21.54 -36.33 -2.18
N PHE B 339 21.68 -35.21 -2.93
CA PHE B 339 20.69 -34.73 -3.90
C PHE B 339 21.34 -33.66 -4.79
N PHE B 340 22.04 -32.70 -4.14
CA PHE B 340 22.68 -31.56 -4.81
C PHE B 340 23.58 -30.85 -3.78
N LEU B 341 24.86 -31.27 -3.74
CA LEU B 341 25.94 -30.64 -2.92
C LEU B 341 25.51 -30.42 -1.44
N GLN B 342 25.02 -31.48 -0.78
CA GLN B 342 24.58 -31.40 0.64
C GLN B 342 25.79 -31.31 1.60
N VAL B 343 26.99 -31.60 1.07
CA VAL B 343 28.25 -31.39 1.79
C VAL B 343 28.43 -29.87 2.07
N GLU B 344 28.97 -29.56 3.25
CA GLU B 344 29.19 -28.18 3.73
C GLU B 344 30.63 -28.05 4.24
N GLY B 345 31.25 -26.89 4.02
CA GLY B 345 32.65 -26.67 4.40
C GLY B 345 33.08 -25.22 4.30
N ALA B 346 33.37 -24.76 3.07
CA ALA B 346 33.76 -23.36 2.78
C ALA B 346 32.67 -22.38 3.26
N SER B 347 33.00 -21.53 4.25
CA SER B 347 32.01 -20.66 4.91
C SER B 347 32.65 -19.54 5.78
N ILE B 348 33.94 -19.18 5.50
CA ILE B 348 34.73 -18.23 6.33
C ILE B 348 34.84 -18.79 7.78
N ASP B 349 35.12 -20.12 7.86
CA ASP B 349 35.40 -20.84 9.12
C ASP B 349 34.21 -20.79 10.13
N LYS B 350 33.03 -20.41 9.64
CA LYS B 350 31.79 -20.30 10.43
C LYS B 350 30.64 -20.79 9.55
N GLN B 351 30.05 -21.95 9.92
CA GLN B 351 29.18 -22.73 9.03
C GLN B 351 27.91 -21.95 8.62
N ASP B 352 28.04 -21.26 7.49
CA ASP B 352 26.99 -20.45 6.87
C ASP B 352 27.43 -20.17 5.42
N HIS B 353 28.34 -19.18 5.28
CA HIS B 353 28.91 -18.69 3.99
C HIS B 353 29.61 -17.36 4.26
N ALA B 354 28.93 -16.57 5.12
CA ALA B 354 29.31 -15.20 5.52
C ALA B 354 29.15 -14.23 4.32
N ALA B 355 30.28 -13.97 3.59
CA ALA B 355 30.33 -12.99 2.46
C ALA B 355 29.83 -11.57 2.87
N ASN B 356 29.93 -11.27 4.18
CA ASN B 356 29.42 -10.01 4.79
C ASN B 356 30.22 -8.73 4.35
N PRO B 357 31.61 -8.72 4.34
CA PRO B 357 32.39 -7.49 4.02
C PRO B 357 32.33 -7.11 2.51
N CYS B 358 31.21 -6.52 2.09
CA CYS B 358 31.02 -6.03 0.72
C CYS B 358 31.16 -4.50 0.70
N GLY B 359 31.42 -3.95 -0.50
CA GLY B 359 31.45 -2.51 -0.73
C GLY B 359 30.05 -1.92 -0.71
N GLN B 360 29.54 -1.66 0.51
CA GLN B 360 28.18 -1.15 0.79
C GLN B 360 27.81 0.05 -0.12
N ILE B 361 28.67 1.09 -0.16
CA ILE B 361 28.57 2.16 -1.17
C ILE B 361 29.78 1.98 -2.12
N GLY B 362 29.63 1.03 -3.05
CA GLY B 362 30.64 0.75 -4.06
C GLY B 362 30.17 -0.28 -5.07
N GLU B 363 30.13 -1.55 -4.64
CA GLU B 363 29.87 -2.72 -5.52
C GLU B 363 28.36 -2.93 -5.80
N THR B 364 27.49 -2.06 -5.22
CA THR B 364 26.03 -2.14 -5.36
C THR B 364 25.37 -0.79 -4.99
N VAL B 365 25.45 0.19 -5.93
CA VAL B 365 24.86 1.54 -5.74
C VAL B 365 23.90 1.91 -6.91
N ASP B 366 24.05 1.17 -8.04
CA ASP B 366 23.42 1.52 -9.36
C ASP B 366 24.11 2.80 -9.91
N LEU B 367 25.38 2.96 -9.49
CA LEU B 367 26.27 4.07 -9.81
C LEU B 367 25.60 5.42 -9.41
N ASP B 368 25.11 6.21 -10.40
CA ASP B 368 24.62 7.59 -10.18
C ASP B 368 24.16 8.17 -11.55
N GLU B 369 24.36 9.51 -11.77
CA GLU B 369 24.19 10.20 -13.06
C GLU B 369 22.69 10.39 -13.41
N ALA B 370 22.03 9.29 -13.82
CA ALA B 370 20.60 9.28 -14.15
C ALA B 370 19.76 8.86 -12.91
N VAL B 371 18.42 8.96 -13.03
CA VAL B 371 17.50 8.55 -11.95
C VAL B 371 16.36 7.66 -12.55
N GLN B 372 16.70 6.38 -12.85
CA GLN B 372 15.75 5.33 -13.36
C GLN B 372 15.30 5.62 -14.81
N ARG B 373 14.58 6.76 -15.00
CA ARG B 373 14.21 7.37 -16.31
C ARG B 373 12.94 6.75 -16.91
N ALA B 374 12.37 5.71 -16.26
CA ALA B 374 11.04 5.17 -16.65
C ALA B 374 9.91 6.10 -16.19
N LEU B 375 10.30 7.11 -15.39
CA LEU B 375 9.42 8.21 -14.94
C LEU B 375 9.09 9.16 -16.11
N GLU B 376 9.73 8.92 -17.28
CA GLU B 376 9.39 9.60 -18.55
C GLU B 376 7.97 9.19 -19.00
N PHE B 377 7.52 8.01 -18.53
CA PHE B 377 6.22 7.45 -18.87
C PHE B 377 5.19 7.84 -17.79
N ALA B 378 5.04 9.18 -17.59
CA ALA B 378 3.91 9.78 -16.83
C ALA B 378 2.60 9.70 -17.67
N LYS B 379 2.75 9.10 -18.86
CA LYS B 379 1.67 8.69 -19.78
C LYS B 379 0.88 7.50 -19.20
N LYS B 380 1.41 6.89 -18.08
CA LYS B 380 0.92 5.67 -17.38
C LYS B 380 0.76 4.43 -18.28
N GLU B 381 1.13 3.26 -17.74
CA GLU B 381 1.14 1.97 -18.48
C GLU B 381 -0.27 1.39 -18.67
N GLY B 382 -0.38 0.40 -19.59
CA GLY B 382 -1.65 -0.21 -19.96
C GLY B 382 -2.40 0.65 -20.97
N ASN B 383 -2.88 1.81 -20.47
CA ASN B 383 -3.54 2.85 -21.27
C ASN B 383 -4.84 2.33 -21.90
N THR B 384 -5.83 2.08 -21.01
CA THR B 384 -7.19 1.63 -21.40
C THR B 384 -8.23 2.14 -20.36
N LEU B 385 -7.73 2.87 -19.33
CA LEU B 385 -8.48 3.34 -18.14
C LEU B 385 -9.78 4.07 -18.53
N VAL B 386 -9.65 5.09 -19.40
CA VAL B 386 -10.78 5.85 -19.94
C VAL B 386 -10.73 5.82 -21.48
N ILE B 387 -11.16 4.67 -22.05
CA ILE B 387 -11.32 4.45 -23.52
C ILE B 387 -9.98 4.69 -24.27
N VAL B 388 -8.85 4.46 -23.53
CA VAL B 388 -7.44 4.64 -23.99
C VAL B 388 -7.08 6.12 -24.33
N THR B 389 -8.06 7.05 -24.18
CA THR B 389 -7.95 8.41 -24.74
C THR B 389 -8.23 9.48 -23.67
N ALA B 390 -7.77 9.24 -22.44
CA ALA B 390 -7.77 10.26 -21.36
C ALA B 390 -6.64 9.92 -20.38
N ASP B 391 -6.90 8.95 -19.47
CA ASP B 391 -5.85 8.13 -18.82
C ASP B 391 -4.73 8.92 -18.08
N HIS B 392 -5.01 9.43 -16.86
CA HIS B 392 -3.96 9.82 -15.87
C HIS B 392 -4.58 10.38 -14.59
N ALA B 393 -3.97 10.05 -13.44
CA ALA B 393 -4.23 10.69 -12.14
C ALA B 393 -2.92 11.36 -11.68
N HIS B 394 -3.00 12.51 -11.01
CA HIS B 394 -1.79 13.28 -10.61
C HIS B 394 -1.56 13.20 -9.08
N ALA B 395 -2.65 13.00 -8.32
CA ALA B 395 -2.64 12.71 -6.86
C ALA B 395 -2.08 13.88 -6.01
N SER B 396 -2.31 15.14 -6.49
CA SER B 396 -1.91 16.39 -5.81
C SER B 396 -0.38 16.45 -5.67
N GLN B 397 0.31 15.84 -6.68
CA GLN B 397 1.78 15.64 -6.76
C GLN B 397 2.42 15.16 -5.44
N ILE B 398 1.66 14.41 -4.61
CA ILE B 398 2.18 13.76 -3.40
C ILE B 398 3.10 12.61 -3.86
N VAL B 399 4.41 12.94 -3.95
CA VAL B 399 5.44 12.09 -4.55
C VAL B 399 5.16 11.90 -6.07
N ALA B 400 4.24 10.95 -6.38
CA ALA B 400 3.74 10.64 -7.74
C ALA B 400 2.96 9.30 -7.69
N PRO B 401 1.87 9.11 -8.49
CA PRO B 401 1.19 7.79 -8.67
C PRO B 401 2.12 6.80 -9.41
N ASP B 402 2.75 7.31 -10.47
CA ASP B 402 3.64 6.56 -11.39
C ASP B 402 5.10 6.53 -10.87
N THR B 403 5.28 6.73 -9.54
CA THR B 403 6.61 6.95 -8.94
C THR B 403 7.53 5.71 -9.06
N LYS B 404 6.94 4.50 -9.16
CA LYS B 404 7.69 3.26 -9.44
C LYS B 404 7.85 3.11 -10.96
N ALA B 405 6.69 2.94 -11.64
CA ALA B 405 6.59 2.83 -13.10
C ALA B 405 5.10 2.74 -13.53
N PRO B 406 4.26 1.75 -13.01
CA PRO B 406 2.83 1.68 -13.33
C PRO B 406 1.97 2.33 -12.22
N GLY B 407 1.55 3.58 -12.44
CA GLY B 407 0.64 4.27 -11.52
C GLY B 407 -0.77 3.73 -11.63
N LEU B 408 -1.31 3.82 -12.85
CA LEU B 408 -2.65 3.33 -13.19
C LEU B 408 -2.51 2.11 -14.11
N THR B 409 -3.33 1.07 -13.85
CA THR B 409 -3.25 -0.22 -14.57
C THR B 409 -4.67 -0.82 -14.70
N GLN B 410 -4.95 -1.45 -15.88
CA GLN B 410 -6.20 -2.21 -16.16
C GLN B 410 -7.42 -1.27 -16.36
N ALA B 411 -8.42 -1.75 -17.13
CA ALA B 411 -9.64 -0.97 -17.46
C ALA B 411 -10.89 -1.59 -16.81
N LEU B 412 -11.96 -0.76 -16.72
CA LEU B 412 -13.27 -1.12 -16.15
C LEU B 412 -13.19 -1.35 -14.63
N ASN B 413 -14.06 -0.62 -13.89
CA ASN B 413 -14.08 -0.55 -12.41
C ASN B 413 -12.84 0.21 -11.85
N THR B 414 -12.07 0.85 -12.75
CA THR B 414 -10.75 1.41 -12.44
C THR B 414 -10.77 2.95 -12.54
N LYS B 415 -11.30 3.49 -13.67
CA LYS B 415 -11.30 4.95 -13.92
C LYS B 415 -12.50 5.35 -14.80
N ASP B 416 -13.62 4.68 -14.55
CA ASP B 416 -14.88 4.82 -15.30
C ASP B 416 -15.59 6.17 -15.03
N GLY B 417 -15.17 6.86 -13.94
CA GLY B 417 -15.83 8.08 -13.48
C GLY B 417 -15.95 9.18 -14.52
N ALA B 418 -17.16 9.30 -15.07
CA ALA B 418 -17.53 10.29 -16.08
C ALA B 418 -18.04 11.60 -15.44
N VAL B 419 -17.71 11.79 -14.14
CA VAL B 419 -18.01 13.00 -13.34
C VAL B 419 -19.55 13.15 -13.11
N MET B 420 -19.98 14.20 -12.37
CA MET B 420 -21.40 14.60 -12.22
C MET B 420 -22.14 13.69 -11.22
N VAL B 421 -22.10 14.09 -9.93
CA VAL B 421 -22.66 13.29 -8.81
C VAL B 421 -24.20 13.45 -8.69
N MET B 422 -24.74 14.54 -9.29
CA MET B 422 -26.17 14.93 -9.14
C MET B 422 -27.13 13.86 -9.74
N SER B 423 -27.54 12.91 -8.86
CA SER B 423 -28.53 11.85 -9.14
C SER B 423 -28.11 10.98 -10.37
N TYR B 424 -28.57 11.38 -11.56
CA TYR B 424 -28.30 10.67 -12.81
C TYR B 424 -27.03 11.25 -13.45
N GLY B 425 -26.01 10.41 -13.59
CA GLY B 425 -24.76 10.80 -14.24
C GLY B 425 -24.28 9.69 -15.14
N ASN B 426 -23.66 10.07 -16.27
CA ASN B 426 -23.20 9.14 -17.33
C ASN B 426 -24.40 8.45 -18.00
N SER B 427 -25.04 7.50 -17.28
CA SER B 427 -26.28 6.83 -17.71
C SER B 427 -26.91 6.20 -16.45
N GLU B 428 -27.98 6.85 -15.93
CA GLU B 428 -28.69 6.43 -14.69
C GLU B 428 -27.74 6.39 -13.48
N GLU B 429 -27.24 5.17 -13.14
CA GLU B 429 -26.35 4.92 -11.98
C GLU B 429 -26.99 5.36 -10.63
N ASP B 430 -28.34 5.44 -10.61
CA ASP B 430 -29.08 5.99 -9.48
C ASP B 430 -30.09 4.95 -8.96
N SER B 431 -29.56 3.99 -8.19
CA SER B 431 -30.33 2.92 -7.55
C SER B 431 -30.84 3.34 -6.16
N GLN B 432 -29.91 3.73 -5.26
CA GLN B 432 -30.27 4.22 -3.90
C GLN B 432 -29.27 5.29 -3.42
N GLU B 433 -28.42 5.77 -4.35
CA GLU B 433 -27.29 6.65 -4.01
C GLU B 433 -27.23 7.86 -4.97
N HIS B 434 -26.12 8.63 -4.88
CA HIS B 434 -25.88 9.88 -5.64
C HIS B 434 -26.72 11.05 -5.09
N THR B 435 -27.84 11.41 -5.77
CA THR B 435 -28.70 12.57 -5.45
C THR B 435 -27.88 13.89 -5.23
N GLY B 436 -27.32 14.04 -4.01
CA GLY B 436 -26.53 15.22 -3.62
C GLY B 436 -25.79 14.93 -2.32
N SER B 437 -26.51 15.05 -1.18
CA SER B 437 -26.01 14.60 0.13
C SER B 437 -26.17 13.06 0.21
N GLN B 438 -27.42 12.58 0.40
CA GLN B 438 -27.86 11.17 0.21
C GLN B 438 -27.15 10.15 1.13
N LEU B 439 -25.85 9.89 0.83
CA LEU B 439 -24.98 8.88 1.48
C LEU B 439 -25.65 7.49 1.62
N ARG B 440 -26.32 7.22 2.77
CA ARG B 440 -26.87 5.89 3.18
C ARG B 440 -25.77 4.88 3.55
N ILE B 441 -24.63 4.95 2.83
CA ILE B 441 -23.36 4.34 3.19
C ILE B 441 -23.35 2.83 2.88
N ALA B 442 -23.93 2.02 3.79
CA ALA B 442 -23.84 0.53 3.79
C ALA B 442 -22.35 0.10 3.97
N ALA B 443 -21.54 0.35 2.91
CA ALA B 443 -20.07 0.23 2.90
C ALA B 443 -19.61 -1.25 2.89
N TYR B 444 -19.80 -1.92 4.02
CA TYR B 444 -19.36 -3.31 4.23
C TYR B 444 -20.43 -4.31 3.77
N GLY B 445 -20.05 -5.59 3.74
CA GLY B 445 -20.94 -6.70 3.45
C GLY B 445 -20.55 -7.93 4.29
N PRO B 446 -21.43 -8.97 4.38
CA PRO B 446 -21.12 -10.22 5.13
C PRO B 446 -19.99 -11.05 4.45
N HIS B 447 -18.74 -10.61 4.69
CA HIS B 447 -17.51 -11.20 4.12
C HIS B 447 -16.25 -10.50 4.69
N ALA B 448 -16.43 -9.24 5.18
CA ALA B 448 -15.34 -8.42 5.74
C ALA B 448 -14.62 -9.16 6.90
N ALA B 449 -13.45 -9.73 6.58
CA ALA B 449 -12.57 -10.43 7.53
C ALA B 449 -11.12 -10.18 7.14
N ASN B 450 -10.34 -9.68 8.10
CA ASN B 450 -8.96 -9.24 7.89
C ASN B 450 -8.05 -9.77 9.00
N VAL B 451 -8.31 -9.31 10.24
CA VAL B 451 -7.54 -9.69 11.43
C VAL B 451 -8.04 -11.06 11.92
N VAL B 452 -7.60 -12.08 11.17
CA VAL B 452 -7.89 -13.51 11.43
C VAL B 452 -6.60 -14.30 11.09
N GLY B 453 -5.98 -13.93 9.96
CA GLY B 453 -4.72 -14.52 9.50
C GLY B 453 -4.00 -13.62 8.50
N LEU B 454 -2.67 -13.85 8.36
CA LEU B 454 -1.78 -13.12 7.45
C LEU B 454 -1.77 -11.58 7.77
N THR B 455 -2.21 -10.73 6.81
CA THR B 455 -2.13 -9.26 6.89
C THR B 455 -3.02 -8.71 5.77
N ASP B 456 -3.84 -7.72 6.09
CA ASP B 456 -4.82 -7.14 5.14
C ASP B 456 -4.26 -5.89 4.42
N GLN B 457 -5.05 -5.46 3.44
CA GLN B 457 -4.74 -4.35 2.51
C GLN B 457 -6.07 -3.87 1.86
N THR B 458 -5.98 -3.25 0.67
CA THR B 458 -7.14 -2.63 -0.03
C THR B 458 -8.32 -3.61 -0.25
N ASP B 459 -8.08 -4.67 -1.04
CA ASP B 459 -9.11 -5.65 -1.43
C ASP B 459 -8.44 -6.98 -1.83
N LEU B 460 -9.24 -8.08 -1.84
CA LEU B 460 -8.76 -9.49 -1.93
C LEU B 460 -8.20 -9.94 -0.57
N PHE B 461 -8.03 -11.27 -0.42
CA PHE B 461 -7.43 -11.92 0.78
C PHE B 461 -8.35 -11.83 2.03
N TYR B 462 -9.61 -11.35 1.84
CA TYR B 462 -10.65 -11.37 2.89
C TYR B 462 -11.13 -12.82 3.07
N THR B 463 -10.62 -13.47 4.12
CA THR B 463 -10.73 -14.92 4.32
C THR B 463 -11.85 -15.26 5.36
N MET B 464 -11.74 -16.43 6.03
CA MET B 464 -12.68 -16.89 7.05
C MET B 464 -12.69 -15.98 8.28
N LYS B 465 -13.79 -16.05 9.07
CA LYS B 465 -14.01 -15.21 10.26
C LYS B 465 -13.76 -16.02 11.56
N ALA B 466 -13.72 -15.29 12.69
CA ALA B 466 -13.63 -15.87 14.04
C ALA B 466 -14.33 -14.93 15.03
N ALA B 467 -14.94 -15.50 16.10
CA ALA B 467 -15.68 -14.74 17.13
C ALA B 467 -14.77 -13.79 17.94
N LEU B 468 -13.45 -14.07 17.89
CA LEU B 468 -12.40 -13.18 18.37
C LEU B 468 -11.21 -13.32 17.41
N GLY B 469 -11.11 -12.37 16.46
CA GLY B 469 -10.00 -12.31 15.53
C GLY B 469 -8.77 -11.68 16.19
N LEU B 470 -8.00 -12.52 16.91
CA LEU B 470 -6.72 -12.12 17.52
C LEU B 470 -5.62 -12.02 16.44
N LYS B 471 -5.67 -12.97 15.46
CA LYS B 471 -4.69 -13.10 14.36
C LYS B 471 -3.27 -13.37 14.93
N MET C 1 44.93 -21.94 -30.73
CA MET C 1 45.89 -22.95 -31.21
C MET C 1 45.55 -24.34 -30.65
N ALA C 2 44.33 -24.48 -30.07
CA ALA C 2 43.84 -25.72 -29.43
C ALA C 2 44.78 -26.20 -28.31
N ALA C 3 45.54 -25.26 -27.71
CA ALA C 3 46.52 -25.56 -26.66
C ALA C 3 45.77 -25.75 -25.33
N LYS C 4 45.17 -26.96 -25.19
CA LYS C 4 44.31 -27.36 -24.05
C LYS C 4 44.79 -26.79 -22.70
N LYS C 5 44.21 -25.65 -22.34
CA LYS C 5 44.34 -25.06 -21.03
C LYS C 5 43.67 -25.99 -20.02
N ASP C 6 44.47 -26.86 -19.38
CA ASP C 6 44.00 -27.63 -18.24
C ASP C 6 43.88 -26.67 -17.07
N TYR C 7 42.65 -26.20 -16.86
CA TYR C 7 42.36 -25.09 -15.94
C TYR C 7 42.68 -25.45 -14.47
N TYR C 8 42.57 -26.75 -14.13
CA TYR C 8 43.00 -27.28 -12.82
C TYR C 8 44.52 -27.07 -12.63
N ALA C 9 45.28 -27.37 -13.69
CA ALA C 9 46.75 -27.20 -13.70
C ALA C 9 47.14 -25.71 -13.55
N ILE C 10 46.43 -24.82 -14.26
CA ILE C 10 46.65 -23.35 -14.21
C ILE C 10 46.44 -22.81 -12.77
N LEU C 11 45.43 -23.36 -12.08
CA LEU C 11 45.16 -23.03 -10.66
C LEU C 11 46.14 -23.74 -9.70
N GLY C 12 46.77 -24.84 -10.17
CA GLY C 12 47.64 -25.66 -9.34
C GLY C 12 46.89 -26.49 -8.31
N VAL C 13 45.74 -27.02 -8.75
CA VAL C 13 44.86 -27.91 -7.97
C VAL C 13 44.72 -29.27 -8.70
N PRO C 14 44.37 -30.39 -7.98
CA PRO C 14 44.15 -31.72 -8.61
C PRO C 14 43.19 -31.66 -9.81
N ARG C 15 43.43 -32.51 -10.83
CA ARG C 15 42.64 -32.50 -12.10
C ARG C 15 41.22 -33.11 -11.97
N ASN C 16 40.73 -33.20 -10.74
CA ASN C 16 39.39 -33.69 -10.39
C ASN C 16 38.93 -32.95 -9.11
N ALA C 17 39.54 -31.78 -8.83
CA ALA C 17 39.40 -31.04 -7.57
C ALA C 17 37.97 -30.50 -7.35
N THR C 18 37.63 -30.26 -6.07
CA THR C 18 36.40 -29.57 -5.67
C THR C 18 36.47 -28.11 -6.17
N GLN C 19 35.33 -27.51 -6.52
CA GLN C 19 35.25 -26.09 -6.92
C GLN C 19 35.67 -25.17 -5.76
N GLU C 20 35.61 -25.73 -4.55
CA GLU C 20 36.19 -25.13 -3.34
C GLU C 20 37.73 -25.04 -3.44
N GLU C 21 38.39 -26.13 -3.90
CA GLU C 21 39.87 -26.16 -4.11
C GLU C 21 40.26 -25.17 -5.20
N ILE C 22 39.40 -25.03 -6.20
CA ILE C 22 39.51 -23.98 -7.22
C ILE C 22 39.46 -22.59 -6.55
N LYS C 23 38.56 -22.43 -5.56
CA LYS C 23 38.45 -21.20 -4.76
C LYS C 23 39.55 -21.10 -3.67
N ARG C 24 40.26 -22.20 -3.37
CA ARG C 24 41.46 -22.17 -2.49
C ARG C 24 42.63 -21.58 -3.29
N ALA C 25 42.67 -21.92 -4.59
CA ALA C 25 43.66 -21.40 -5.55
C ALA C 25 43.29 -19.98 -5.98
N TYR C 26 41.99 -19.64 -5.90
CA TYR C 26 41.50 -18.27 -6.06
C TYR C 26 42.01 -17.41 -4.89
N LYS C 27 41.87 -17.90 -3.64
CA LYS C 27 42.45 -17.21 -2.47
C LYS C 27 43.98 -17.09 -2.66
N ARG C 28 44.61 -18.25 -2.92
CA ARG C 28 46.08 -18.39 -3.04
C ARG C 28 46.64 -17.35 -4.02
N LEU C 29 46.31 -17.53 -5.29
CA LEU C 29 46.91 -16.81 -6.41
C LEU C 29 46.28 -15.42 -6.63
N ALA C 30 44.96 -15.28 -6.41
CA ALA C 30 44.26 -14.00 -6.68
C ALA C 30 44.31 -13.04 -5.47
N ARG C 31 44.85 -13.50 -4.30
CA ARG C 31 45.27 -12.58 -3.21
C ARG C 31 46.78 -12.30 -3.31
N GLN C 32 47.56 -13.33 -3.70
CA GLN C 32 49.02 -13.23 -3.89
C GLN C 32 49.36 -12.23 -5.01
N TYR C 33 48.60 -12.31 -6.10
CA TYR C 33 48.76 -11.46 -7.29
C TYR C 33 47.58 -10.47 -7.40
N HIS C 34 46.97 -10.16 -6.24
CA HIS C 34 45.82 -9.22 -6.15
C HIS C 34 46.27 -7.83 -6.59
N PRO C 35 45.77 -7.29 -7.76
CA PRO C 35 46.30 -6.04 -8.39
C PRO C 35 46.34 -4.80 -7.45
N ASP C 36 45.56 -4.86 -6.35
CA ASP C 36 45.53 -3.83 -5.30
C ASP C 36 46.72 -3.99 -4.33
N VAL C 37 46.96 -5.24 -3.89
CA VAL C 37 48.01 -5.55 -2.88
C VAL C 37 49.38 -5.71 -3.59
N ASN C 38 49.42 -6.59 -4.59
CA ASN C 38 50.59 -6.84 -5.44
C ASN C 38 50.41 -6.05 -6.74
N LYS C 39 50.78 -4.75 -6.67
CA LYS C 39 50.70 -3.83 -7.81
C LYS C 39 51.87 -4.06 -8.77
N SER C 40 51.76 -5.13 -9.58
CA SER C 40 52.72 -5.45 -10.64
C SER C 40 51.93 -5.94 -11.88
N PRO C 41 52.03 -5.22 -13.07
CA PRO C 41 51.38 -5.63 -14.33
C PRO C 41 51.59 -7.12 -14.67
N GLU C 42 52.81 -7.63 -14.39
CA GLU C 42 53.17 -9.06 -14.60
C GLU C 42 52.23 -9.97 -13.80
N ALA C 43 51.97 -9.58 -12.54
CA ALA C 43 51.09 -10.33 -11.62
C ALA C 43 49.62 -10.18 -12.05
N GLU C 44 49.32 -9.12 -12.84
CA GLU C 44 47.97 -8.80 -13.32
C GLU C 44 47.65 -9.67 -14.56
N GLU C 45 48.71 -9.96 -15.36
CA GLU C 45 48.63 -10.88 -16.53
C GLU C 45 48.39 -12.31 -16.04
N LYS C 46 49.18 -12.68 -15.00
CA LYS C 46 48.99 -13.97 -14.30
C LYS C 46 47.58 -14.03 -13.68
N PHE C 47 47.12 -12.88 -13.14
CA PHE C 47 45.77 -12.73 -12.55
C PHE C 47 44.69 -13.07 -13.59
N LYS C 48 44.88 -12.63 -14.86
CA LYS C 48 43.96 -12.97 -15.98
C LYS C 48 43.88 -14.50 -16.16
N GLU C 49 45.07 -15.13 -16.24
CA GLU C 49 45.20 -16.61 -16.43
C GLU C 49 44.51 -17.41 -15.28
N ILE C 50 44.64 -16.89 -14.05
CA ILE C 50 44.02 -17.46 -12.83
C ILE C 50 42.49 -17.40 -12.96
N ASN C 51 41.99 -16.21 -13.38
CA ASN C 51 40.54 -15.96 -13.52
C ASN C 51 39.99 -16.53 -14.84
N GLU C 52 40.88 -17.04 -15.72
CA GLU C 52 40.50 -17.84 -16.89
C GLU C 52 40.10 -19.24 -16.41
N ALA C 53 41.05 -19.86 -15.71
CA ALA C 53 40.87 -21.15 -15.07
C ALA C 53 39.69 -21.12 -14.07
N TYR C 54 39.55 -19.97 -13.39
CA TYR C 54 38.48 -19.74 -12.42
C TYR C 54 37.15 -19.45 -13.15
N ALA C 55 37.21 -18.78 -14.32
CA ALA C 55 36.00 -18.53 -15.17
C ALA C 55 35.32 -19.85 -15.52
N VAL C 56 36.16 -20.84 -15.83
CA VAL C 56 35.70 -22.18 -16.21
C VAL C 56 35.32 -23.04 -15.00
N LEU C 57 36.04 -22.92 -13.88
CA LEU C 57 35.87 -23.86 -12.73
C LEU C 57 35.24 -23.21 -11.48
N SER C 58 34.69 -21.98 -11.61
CA SER C 58 34.03 -21.26 -10.50
C SER C 58 32.86 -22.07 -9.93
N ASP C 59 31.90 -22.38 -10.82
CA ASP C 59 30.68 -23.12 -10.48
C ASP C 59 30.83 -24.60 -10.87
N PRO C 60 30.14 -25.54 -10.15
CA PRO C 60 30.03 -26.98 -10.54
C PRO C 60 29.50 -27.17 -11.97
N GLU C 61 28.59 -26.26 -12.37
CA GLU C 61 27.94 -26.26 -13.69
C GLU C 61 28.98 -25.97 -14.79
N LYS C 62 29.79 -24.92 -14.55
CA LYS C 62 30.87 -24.48 -15.47
C LYS C 62 31.98 -25.55 -15.56
N ARG C 63 32.20 -26.25 -14.43
CA ARG C 63 33.12 -27.39 -14.39
C ARG C 63 32.64 -28.49 -15.35
N ARG C 64 31.33 -28.81 -15.27
CA ARG C 64 30.71 -29.85 -16.12
C ARG C 64 30.82 -29.50 -17.61
N ILE C 65 30.73 -28.18 -17.91
CA ILE C 65 31.03 -27.66 -19.26
C ILE C 65 32.43 -28.13 -19.66
N TYR C 66 33.46 -27.78 -18.86
CA TYR C 66 34.86 -28.23 -19.08
C TYR C 66 34.97 -29.77 -19.25
N ASP C 67 34.38 -30.51 -18.30
CA ASP C 67 34.47 -31.99 -18.24
C ASP C 67 34.01 -32.63 -19.55
N THR C 68 32.97 -32.03 -20.17
CA THR C 68 32.39 -32.55 -21.42
C THR C 68 32.84 -31.75 -22.67
N TYR C 69 33.44 -30.56 -22.48
CA TYR C 69 33.81 -29.65 -23.60
C TYR C 69 35.31 -29.36 -23.57
N GLY C 70 36.02 -29.61 -24.68
CA GLY C 70 37.49 -29.47 -24.72
C GLY C 70 38.18 -30.62 -23.99
N THR C 71 37.42 -31.69 -23.82
CA THR C 71 37.83 -32.95 -23.19
C THR C 71 37.17 -34.02 -24.03
N THR C 72 35.85 -33.81 -24.22
CA THR C 72 35.08 -34.35 -25.32
C THR C 72 34.81 -33.15 -26.26
N GLU C 73 34.41 -33.43 -27.52
CA GLU C 73 34.12 -32.40 -28.56
C GLU C 73 32.61 -32.27 -28.82
N ALA C 74 31.81 -32.87 -27.90
CA ALA C 74 30.33 -32.97 -27.96
C ALA C 74 29.59 -31.53 -27.92
N PRO C 75 28.28 -31.30 -27.42
CA PRO C 75 27.40 -30.13 -27.76
C PRO C 75 27.90 -29.04 -28.77
N PRO C 76 27.18 -28.86 -29.94
CA PRO C 76 27.52 -27.80 -30.97
C PRO C 76 27.37 -26.35 -30.41
N PRO C 77 27.68 -25.26 -31.23
CA PRO C 77 27.46 -23.82 -30.88
C PRO C 77 26.31 -23.56 -29.86
N PRO C 78 26.65 -23.00 -28.66
CA PRO C 78 25.71 -22.85 -27.50
C PRO C 78 24.54 -21.86 -27.76
N PRO C 79 23.49 -21.86 -26.86
CA PRO C 79 22.36 -20.90 -26.94
C PRO C 79 22.81 -19.41 -26.98
N PRO C 80 22.24 -18.58 -27.94
CA PRO C 80 22.52 -17.13 -28.05
C PRO C 80 22.17 -16.37 -26.74
N GLY C 81 23.13 -16.40 -25.82
CA GLY C 81 23.00 -15.83 -24.49
C GLY C 81 24.33 -15.96 -23.77
N GLY C 82 25.04 -17.08 -24.07
CA GLY C 82 26.43 -17.25 -23.70
C GLY C 82 26.70 -17.99 -22.41
N TYR C 83 27.98 -18.41 -22.27
CA TYR C 83 28.55 -18.92 -21.01
C TYR C 83 28.67 -17.77 -20.03
N ASP C 84 28.27 -17.97 -18.75
CA ASP C 84 28.44 -16.93 -17.71
C ASP C 84 29.94 -16.70 -17.44
N PHE C 85 30.34 -15.43 -17.48
CA PHE C 85 31.75 -15.03 -17.56
C PHE C 85 32.14 -14.24 -16.29
N SER C 86 31.55 -14.64 -15.15
CA SER C 86 31.59 -13.94 -13.83
C SER C 86 32.52 -12.68 -13.72
N GLY C 87 32.01 -11.54 -14.25
CA GLY C 87 32.68 -10.22 -14.15
C GLY C 87 34.14 -10.15 -14.64
N PHE C 88 34.54 -10.98 -15.66
CA PHE C 88 35.97 -11.07 -16.08
C PHE C 88 36.29 -10.27 -17.36
N ASP C 89 37.57 -9.87 -17.52
CA ASP C 89 38.06 -9.07 -18.66
C ASP C 89 38.41 -9.98 -19.87
N VAL C 90 37.35 -10.40 -20.59
CA VAL C 90 37.44 -11.24 -21.83
C VAL C 90 38.56 -10.81 -22.80
N GLU C 91 38.80 -9.50 -22.93
CA GLU C 91 39.78 -8.94 -23.89
C GLU C 91 41.23 -9.47 -23.69
N ASP C 92 41.52 -10.10 -22.55
CA ASP C 92 42.90 -10.55 -22.21
C ASP C 92 43.03 -12.11 -22.17
N PHE C 93 41.90 -12.84 -22.34
CA PHE C 93 41.89 -14.32 -22.25
C PHE C 93 42.47 -14.96 -23.52
N SER C 94 43.03 -16.18 -23.38
CA SER C 94 43.87 -16.84 -24.41
C SER C 94 43.05 -17.54 -25.51
N GLU C 95 43.80 -18.17 -26.44
CA GLU C 95 43.24 -18.83 -27.63
C GLU C 95 42.28 -19.99 -27.28
N PHE C 96 42.76 -21.04 -26.59
CA PHE C 96 41.97 -22.29 -26.34
C PHE C 96 40.67 -21.97 -25.62
N PHE C 97 40.78 -21.04 -24.68
CA PHE C 97 39.65 -20.53 -23.93
C PHE C 97 38.62 -19.89 -24.89
N GLN C 98 39.09 -18.93 -25.71
CA GLN C 98 38.21 -18.18 -26.65
C GLN C 98 37.96 -18.96 -27.97
N GLU C 99 38.44 -20.22 -28.05
CA GLU C 99 38.11 -21.16 -29.15
C GLU C 99 37.04 -22.14 -28.69
N LEU C 100 37.15 -22.58 -27.42
CA LEU C 100 36.23 -23.55 -26.82
C LEU C 100 34.93 -22.84 -26.42
N PHE C 101 35.11 -21.77 -25.67
CA PHE C 101 34.04 -20.93 -25.16
C PHE C 101 33.65 -19.85 -26.18
N GLY C 102 34.55 -19.53 -27.13
CA GLY C 102 34.30 -18.50 -28.16
C GLY C 102 32.95 -18.63 -28.91
N PRO C 103 32.59 -19.84 -29.48
CA PRO C 103 31.27 -20.09 -30.14
C PRO C 103 30.04 -19.64 -29.34
N GLY C 104 30.15 -19.58 -28.00
CA GLY C 104 29.05 -19.06 -27.17
C GLY C 104 29.55 -18.16 -26.07
N LEU C 105 30.66 -17.42 -26.31
CA LEU C 105 31.21 -16.49 -25.31
C LEU C 105 30.38 -15.21 -25.31
N PHE C 106 29.18 -15.31 -24.72
CA PHE C 106 28.25 -14.20 -24.51
C PHE C 106 27.83 -13.49 -25.80
N GLY C 107 27.55 -12.16 -25.73
CA GLY C 107 26.81 -11.47 -26.76
C GLY C 107 25.35 -11.89 -26.78
N GLY C 108 24.76 -11.99 -25.54
CA GLY C 108 23.32 -12.15 -25.28
C GLY C 108 22.39 -11.87 -26.45
N PHE C 109 22.29 -10.58 -26.81
CA PHE C 109 21.67 -10.12 -28.05
C PHE C 109 22.77 -9.98 -29.12
N GLY C 110 23.18 -11.16 -29.66
CA GLY C 110 24.09 -11.32 -30.83
C GLY C 110 24.44 -10.06 -31.60
N ARG C 111 23.40 -9.39 -32.15
CA ARG C 111 23.37 -7.97 -32.62
C ARG C 111 24.65 -7.11 -32.34
N ARG C 112 25.22 -7.25 -31.13
CA ARG C 112 26.34 -6.43 -30.65
C ARG C 112 27.56 -7.31 -30.32
N SER C 113 27.30 -8.50 -29.74
CA SER C 113 28.34 -9.46 -29.24
C SER C 113 29.45 -8.79 -28.37
N ARG C 114 29.16 -7.61 -27.79
CA ARG C 114 30.20 -6.77 -27.15
C ARG C 114 29.95 -6.65 -25.64
N LYS C 115 29.67 -5.43 -25.09
CA LYS C 115 29.77 -5.19 -23.65
C LYS C 115 28.72 -5.98 -22.88
N GLY C 116 29.17 -6.63 -21.80
CA GLY C 116 28.29 -7.23 -20.83
C GLY C 116 27.67 -6.18 -19.99
N ARG C 117 26.39 -5.97 -20.20
CA ARG C 117 25.60 -5.11 -19.37
C ARG C 117 25.00 -5.94 -18.24
N ASP C 118 24.57 -5.24 -17.19
CA ASP C 118 23.76 -5.82 -16.12
C ASP C 118 22.43 -6.32 -16.71
N LEU C 119 21.82 -7.28 -16.04
CA LEU C 119 20.44 -7.70 -16.41
C LEU C 119 19.54 -7.48 -15.19
N ARG C 120 18.28 -7.09 -15.44
CA ARG C 120 17.43 -6.49 -14.41
C ARG C 120 16.01 -7.06 -14.53
N ALA C 121 15.65 -7.92 -13.58
CA ALA C 121 14.39 -8.68 -13.61
C ALA C 121 13.73 -8.65 -12.24
N GLU C 122 12.45 -8.26 -12.18
CA GLU C 122 11.70 -8.26 -10.91
C GLU C 122 11.10 -9.65 -10.66
N LEU C 123 11.12 -10.08 -9.38
CA LEU C 123 10.78 -11.47 -9.00
C LEU C 123 10.01 -11.51 -7.66
N PRO C 124 9.02 -12.44 -7.49
CA PRO C 124 8.33 -12.65 -6.21
C PRO C 124 9.22 -13.43 -5.20
N LEU C 125 9.47 -12.82 -4.04
CA LEU C 125 10.35 -13.40 -2.99
C LEU C 125 9.72 -13.20 -1.59
N THR C 126 9.94 -14.17 -0.69
CA THR C 126 9.39 -14.16 0.68
C THR C 126 10.37 -13.47 1.66
N LEU C 127 9.82 -12.94 2.75
CA LEU C 127 10.57 -12.22 3.81
C LEU C 127 11.52 -13.17 4.55
N GLU C 128 10.98 -14.34 4.89
CA GLU C 128 11.70 -15.42 5.59
C GLU C 128 12.82 -15.96 4.71
N GLU C 129 12.59 -15.95 3.38
CA GLU C 129 13.57 -16.37 2.37
C GLU C 129 14.63 -15.29 2.11
N ALA C 130 14.28 -14.03 2.36
CA ALA C 130 15.24 -12.92 2.30
C ALA C 130 16.17 -12.98 3.54
N PHE C 131 15.59 -13.46 4.66
CA PHE C 131 16.33 -13.73 5.91
C PHE C 131 17.30 -14.91 5.75
N HIS C 132 16.82 -16.00 5.11
CA HIS C 132 17.61 -17.23 4.93
C HIS C 132 18.75 -17.01 3.91
N GLY C 133 18.39 -16.43 2.75
CA GLY C 133 19.30 -16.33 1.62
C GLY C 133 19.59 -17.70 1.03
N GLY C 134 20.65 -18.35 1.53
CA GLY C 134 20.99 -19.73 1.16
C GLY C 134 21.56 -19.88 -0.25
N GLU C 135 22.23 -21.01 -0.51
CA GLU C 135 22.74 -21.35 -1.86
C GLU C 135 21.55 -21.71 -2.77
N ARG C 136 21.08 -20.69 -3.51
CA ARG C 136 19.97 -20.80 -4.47
C ARG C 136 20.54 -20.79 -5.89
N VAL C 137 19.76 -21.30 -6.85
CA VAL C 137 20.19 -21.37 -8.27
C VAL C 137 19.46 -20.27 -9.08
N VAL C 138 20.24 -19.46 -9.81
CA VAL C 138 19.70 -18.39 -10.67
C VAL C 138 19.98 -18.71 -12.15
N GLU C 139 18.87 -18.93 -12.89
CA GLU C 139 18.87 -19.21 -14.33
C GLU C 139 18.05 -18.12 -15.03
N VAL C 140 18.75 -17.08 -15.49
CA VAL C 140 18.14 -15.91 -16.14
C VAL C 140 19.10 -15.36 -17.20
N ALA C 141 18.55 -14.79 -18.29
CA ALA C 141 19.33 -14.15 -19.39
C ALA C 141 20.19 -15.18 -20.17
N GLY C 142 19.82 -16.46 -20.04
CA GLY C 142 20.51 -17.57 -20.70
C GLY C 142 21.73 -18.07 -19.95
N ARG C 143 22.09 -17.41 -18.83
CA ARG C 143 23.29 -17.74 -18.04
C ARG C 143 22.87 -18.34 -16.68
N ARG C 144 23.39 -19.55 -16.40
CA ARG C 144 22.99 -20.38 -15.25
C ARG C 144 24.16 -20.54 -14.26
N VAL C 145 23.94 -20.11 -13.00
CA VAL C 145 24.89 -20.33 -11.87
C VAL C 145 24.11 -20.60 -10.56
N SER C 146 24.86 -20.88 -9.47
CA SER C 146 24.31 -21.00 -8.10
C SER C 146 24.99 -19.92 -7.21
N VAL C 147 24.17 -19.14 -6.47
CA VAL C 147 24.66 -18.06 -5.61
C VAL C 147 23.72 -17.86 -4.39
N ARG C 148 24.29 -17.31 -3.29
CA ARG C 148 23.52 -16.77 -2.17
C ARG C 148 23.38 -15.27 -2.39
N ILE C 149 22.14 -14.79 -2.58
CA ILE C 149 21.84 -13.36 -2.63
C ILE C 149 21.94 -12.76 -1.21
N PRO C 150 22.37 -11.46 -1.05
CA PRO C 150 22.48 -10.76 0.26
C PRO C 150 21.27 -11.02 1.19
N PRO C 151 21.48 -11.71 2.37
CA PRO C 151 20.41 -12.00 3.35
C PRO C 151 19.81 -10.69 3.94
N GLY C 152 18.69 -10.26 3.33
CA GLY C 152 18.05 -9.00 3.66
C GLY C 152 17.74 -8.19 2.42
N VAL C 153 16.42 -8.07 2.08
CA VAL C 153 15.97 -7.32 0.88
C VAL C 153 14.80 -6.36 1.23
N ARG C 154 14.53 -5.38 0.34
CA ARG C 154 13.47 -4.35 0.53
C ARG C 154 12.41 -4.48 -0.60
N GLU C 155 11.11 -4.25 -0.30
CA GLU C 155 10.04 -4.21 -1.33
C GLU C 155 10.33 -3.18 -2.43
N GLY C 156 10.26 -3.63 -3.69
CA GLY C 156 10.43 -2.78 -4.87
C GLY C 156 11.84 -2.26 -5.04
N SER C 157 12.80 -2.86 -4.31
CA SER C 157 14.22 -2.48 -4.38
C SER C 157 14.99 -3.51 -5.19
N VAL C 158 16.21 -3.14 -5.60
CA VAL C 158 16.99 -3.93 -6.55
C VAL C 158 18.25 -4.52 -5.87
N ILE C 159 18.21 -5.86 -5.67
CA ILE C 159 19.33 -6.67 -5.18
C ILE C 159 20.37 -6.78 -6.28
N ARG C 160 21.59 -6.26 -6.07
CA ARG C 160 22.68 -6.49 -7.01
C ARG C 160 23.52 -7.68 -6.55
N VAL C 161 23.59 -8.71 -7.40
CA VAL C 161 24.48 -9.86 -7.23
C VAL C 161 25.72 -9.65 -8.11
N PRO C 162 26.86 -9.16 -7.52
CA PRO C 162 28.09 -8.89 -8.28
C PRO C 162 28.92 -10.17 -8.54
N GLY C 163 29.70 -10.17 -9.63
CA GLY C 163 30.55 -11.30 -9.98
C GLY C 163 29.86 -12.32 -10.88
N MET C 164 28.89 -11.87 -11.71
CA MET C 164 28.18 -12.76 -12.65
C MET C 164 28.15 -12.17 -14.09
N GLY C 165 27.13 -11.34 -14.43
CA GLY C 165 26.95 -10.89 -15.83
C GLY C 165 25.52 -11.02 -16.36
N GLY C 166 25.12 -10.08 -17.27
CA GLY C 166 23.85 -10.16 -17.98
C GLY C 166 24.02 -10.52 -19.44
N GLN C 167 23.84 -9.53 -20.33
CA GLN C 167 23.98 -9.72 -21.79
C GLN C 167 25.29 -9.09 -22.32
N GLY C 168 26.28 -9.94 -22.69
CA GLY C 168 27.51 -9.48 -23.38
C GLY C 168 28.79 -9.98 -22.73
N ASN C 169 29.89 -9.96 -23.51
CA ASN C 169 31.18 -10.62 -23.18
C ASN C 169 31.86 -10.07 -21.89
N PRO C 170 32.31 -8.73 -21.78
CA PRO C 170 32.83 -8.17 -20.50
C PRO C 170 31.66 -7.81 -19.55
N PRO C 171 31.34 -8.71 -18.57
CA PRO C 171 30.02 -8.75 -17.89
C PRO C 171 29.70 -7.57 -16.94
N GLY C 172 28.42 -7.18 -16.97
CA GLY C 172 27.78 -6.35 -15.94
C GLY C 172 26.82 -7.25 -15.20
N ASP C 173 26.70 -7.11 -13.88
CA ASP C 173 26.17 -8.17 -12.99
C ASP C 173 24.62 -8.28 -12.95
N LEU C 174 24.09 -8.94 -11.90
CA LEU C 174 22.63 -9.19 -11.77
C LEU C 174 21.96 -8.10 -10.93
N LEU C 175 20.75 -7.73 -11.34
CA LEU C 175 19.88 -6.75 -10.67
C LEU C 175 18.47 -7.35 -10.50
N LEU C 176 18.29 -8.12 -9.42
CA LEU C 176 16.99 -8.70 -9.05
C LEU C 176 16.14 -7.64 -8.33
N VAL C 177 15.10 -7.11 -9.00
CA VAL C 177 14.19 -6.16 -8.36
C VAL C 177 13.15 -6.97 -7.57
N VAL C 178 13.41 -7.14 -6.28
CA VAL C 178 12.56 -7.99 -5.44
C VAL C 178 11.20 -7.34 -5.18
N ARG C 179 10.16 -8.08 -5.56
CA ARG C 179 8.79 -7.79 -5.23
C ARG C 179 8.35 -8.78 -4.16
N LEU C 180 8.13 -8.27 -2.94
CA LEU C 180 7.77 -9.10 -1.79
C LEU C 180 6.32 -9.63 -1.92
N LEU C 181 6.17 -10.92 -1.59
CA LEU C 181 4.95 -11.72 -1.74
C LEU C 181 3.76 -11.21 -0.91
N PRO C 182 2.48 -11.73 -1.18
CA PRO C 182 1.29 -11.54 -0.30
C PRO C 182 1.55 -11.95 1.18
N HIS C 183 2.34 -11.12 1.83
CA HIS C 183 2.92 -11.29 3.16
C HIS C 183 3.72 -10.00 3.44
N PRO C 184 3.08 -8.78 3.22
CA PRO C 184 3.81 -7.51 3.11
C PRO C 184 3.96 -6.82 4.48
N VAL C 185 4.72 -7.48 5.36
CA VAL C 185 4.88 -7.03 6.74
C VAL C 185 6.17 -6.20 6.83
N PHE C 186 7.29 -6.82 6.48
CA PHE C 186 8.64 -6.26 6.73
C PHE C 186 9.22 -5.63 5.45
N ARG C 187 9.61 -4.35 5.56
CA ARG C 187 10.20 -3.57 4.46
C ARG C 187 11.53 -3.01 4.97
N LEU C 188 12.63 -3.54 4.46
CA LEU C 188 13.98 -3.27 4.99
C LEU C 188 14.55 -1.90 4.58
N GLU C 189 15.45 -1.39 5.43
CA GLU C 189 16.45 -0.37 5.11
C GLU C 189 17.74 -0.74 5.85
N GLY C 190 18.71 -1.30 5.09
CA GLY C 190 20.01 -1.70 5.63
C GLY C 190 19.94 -2.98 6.46
N GLN C 191 19.66 -2.82 7.77
CA GLN C 191 19.48 -3.93 8.73
C GLN C 191 18.10 -3.82 9.43
N ASP C 192 17.55 -2.57 9.43
CA ASP C 192 16.34 -2.23 10.18
C ASP C 192 15.10 -2.36 9.31
N LEU C 193 14.12 -3.11 9.80
CA LEU C 193 12.87 -3.40 9.09
C LEU C 193 11.83 -2.31 9.33
N TYR C 194 10.80 -2.34 8.49
CA TYR C 194 9.55 -1.60 8.71
C TYR C 194 8.40 -2.61 8.60
N ALA C 195 7.86 -3.00 9.75
CA ALA C 195 6.65 -3.82 9.84
C ALA C 195 5.44 -2.92 10.10
N THR C 196 4.28 -3.56 10.27
CA THR C 196 3.07 -2.91 10.75
C THR C 196 2.47 -3.80 11.85
N LEU C 197 2.60 -3.36 13.12
CA LEU C 197 2.10 -4.11 14.27
C LEU C 197 0.58 -3.91 14.38
N ASP C 198 -0.15 -5.01 14.33
CA ASP C 198 -1.60 -5.01 14.38
C ASP C 198 -2.04 -5.25 15.83
N VAL C 199 -2.43 -4.16 16.54
CA VAL C 199 -2.82 -4.20 17.96
C VAL C 199 -4.34 -4.00 18.10
N PRO C 200 -5.09 -4.94 18.76
CA PRO C 200 -6.49 -4.72 19.09
C PRO C 200 -6.65 -3.52 20.06
N ALA C 201 -7.76 -2.79 19.92
CA ALA C 201 -8.08 -1.61 20.72
C ALA C 201 -8.05 -1.86 22.25
N PRO C 202 -8.68 -2.97 22.81
CA PRO C 202 -8.67 -3.22 24.27
C PRO C 202 -7.24 -3.47 24.82
N ILE C 203 -6.42 -4.26 24.07
CA ILE C 203 -5.03 -4.58 24.46
C ILE C 203 -4.16 -3.29 24.42
N ALA C 204 -4.46 -2.41 23.46
CA ALA C 204 -3.79 -1.11 23.31
C ALA C 204 -4.03 -0.22 24.55
N VAL C 205 -5.29 -0.23 25.02
CA VAL C 205 -5.73 0.57 26.18
C VAL C 205 -5.10 0.07 27.50
N VAL C 206 -5.10 -1.24 27.75
CA VAL C 206 -4.59 -1.80 29.04
C VAL C 206 -3.05 -1.84 29.05
N GLY C 207 -2.47 -2.03 27.86
CA GLY C 207 -1.05 -2.27 27.72
C GLY C 207 -0.69 -3.72 27.97
N GLY C 208 -1.39 -4.63 27.27
CA GLY C 208 -1.17 -6.06 27.40
C GLY C 208 -0.03 -6.55 26.53
N LYS C 209 -0.21 -7.68 25.83
CA LYS C 209 0.78 -8.20 24.87
C LYS C 209 0.12 -8.70 23.58
N VAL C 210 0.78 -8.40 22.45
CA VAL C 210 0.37 -8.86 21.10
C VAL C 210 1.57 -9.52 20.41
N ARG C 211 1.34 -10.66 19.77
CA ARG C 211 2.41 -11.43 19.12
C ARG C 211 2.69 -10.89 17.70
N ALA C 212 3.88 -10.31 17.53
CA ALA C 212 4.43 -9.92 16.22
C ALA C 212 5.05 -11.16 15.55
N MET C 213 4.48 -11.62 14.43
CA MET C 213 5.00 -12.78 13.68
C MET C 213 6.25 -12.32 12.93
N THR C 214 7.42 -12.88 13.28
CA THR C 214 8.71 -12.44 12.73
C THR C 214 9.37 -13.58 11.90
N LEU C 215 10.50 -13.23 11.27
CA LEU C 215 11.28 -14.12 10.38
C LEU C 215 11.88 -15.31 11.14
N GLU C 216 12.16 -15.07 12.44
CA GLU C 216 12.80 -16.04 13.34
C GLU C 216 11.73 -16.87 14.09
N GLY C 217 10.46 -16.60 13.78
CA GLY C 217 9.32 -17.12 14.51
C GLY C 217 8.62 -16.00 15.27
N PRO C 218 7.67 -16.33 16.17
CA PRO C 218 6.83 -15.32 16.85
C PRO C 218 7.54 -14.63 18.06
N VAL C 219 7.72 -13.29 17.99
CA VAL C 219 8.09 -12.48 19.16
C VAL C 219 6.80 -11.85 19.73
N GLU C 220 6.74 -11.65 21.03
CA GLU C 220 5.62 -10.99 21.68
C GLU C 220 5.97 -9.52 21.89
N VAL C 221 4.96 -8.66 22.00
CA VAL C 221 5.10 -7.22 22.17
C VAL C 221 4.39 -6.77 23.45
N ALA C 222 5.15 -6.25 24.41
CA ALA C 222 4.62 -5.62 25.62
C ALA C 222 4.15 -4.19 25.27
N VAL C 223 2.83 -4.03 25.12
CA VAL C 223 2.17 -2.77 24.74
C VAL C 223 2.12 -1.79 25.97
N PRO C 224 2.30 -0.44 25.76
CA PRO C 224 2.03 0.58 26.81
C PRO C 224 0.52 0.90 26.98
N PRO C 225 0.09 1.38 28.20
CA PRO C 225 -1.31 1.80 28.48
C PRO C 225 -1.78 2.94 27.55
N ARG C 226 -2.83 2.66 26.77
CA ARG C 226 -3.41 3.56 25.75
C ARG C 226 -2.35 3.90 24.68
N THR C 227 -2.22 2.98 23.73
CA THR C 227 -1.37 3.14 22.54
C THR C 227 -2.22 3.70 21.39
N GLN C 228 -1.70 4.73 20.68
CA GLN C 228 -2.38 5.30 19.50
C GLN C 228 -1.75 4.76 18.20
N ALA C 229 -2.60 4.63 17.17
CA ALA C 229 -2.16 4.26 15.82
C ALA C 229 -1.34 5.41 15.22
N GLY C 230 -0.28 5.05 14.50
CA GLY C 230 0.70 6.01 14.01
C GLY C 230 1.99 5.94 14.82
N ARG C 231 1.94 5.34 16.03
CA ARG C 231 3.16 5.01 16.80
C ARG C 231 4.05 4.00 16.06
N LYS C 232 5.28 3.81 16.55
CA LYS C 232 6.22 2.88 15.95
C LYS C 232 7.18 2.30 17.01
N LEU C 233 7.32 0.96 16.98
CA LEU C 233 8.21 0.19 17.86
C LEU C 233 9.60 0.09 17.26
N ARG C 234 10.58 -0.17 18.13
CA ARG C 234 11.92 -0.63 17.76
C ARG C 234 12.24 -1.89 18.60
N LEU C 235 11.83 -3.08 18.05
CA LEU C 235 12.15 -4.40 18.63
C LEU C 235 13.61 -4.75 18.29
N LYS C 236 14.40 -4.96 19.35
CA LYS C 236 15.86 -5.16 19.23
C LYS C 236 16.20 -6.60 18.85
N GLY C 237 17.00 -6.76 17.78
CA GLY C 237 17.43 -8.07 17.30
C GLY C 237 16.32 -8.85 16.61
N LYS C 238 15.46 -8.12 15.88
CA LYS C 238 14.36 -8.72 15.07
C LYS C 238 14.40 -8.19 13.62
N GLY C 239 15.57 -7.68 13.19
CA GLY C 239 15.78 -7.22 11.82
C GLY C 239 16.35 -8.30 10.92
N PHE C 240 16.88 -7.88 9.75
CA PHE C 240 17.52 -8.82 8.79
C PHE C 240 18.98 -9.13 9.23
N PRO C 241 19.58 -10.29 8.77
CA PRO C 241 20.94 -10.72 9.17
C PRO C 241 22.02 -9.68 8.80
N GLY C 242 22.64 -9.11 9.83
CA GLY C 242 23.69 -8.12 9.67
C GLY C 242 25.09 -8.70 9.82
N PRO C 243 26.17 -7.93 9.46
CA PRO C 243 27.59 -8.38 9.62
C PRO C 243 28.00 -8.49 11.11
N ALA C 244 27.27 -7.75 11.99
CA ALA C 244 27.47 -7.76 13.46
C ALA C 244 26.51 -8.75 14.15
N GLY C 245 25.61 -9.37 13.36
CA GLY C 245 24.60 -10.32 13.88
C GLY C 245 23.26 -10.13 13.17
N ARG C 246 22.45 -9.19 13.68
CA ARG C 246 21.12 -8.83 13.13
C ARG C 246 20.94 -7.30 13.14
N GLY C 247 19.81 -6.86 12.57
CA GLY C 247 19.32 -5.49 12.76
C GLY C 247 18.15 -5.43 13.72
N ASP C 248 17.35 -4.36 13.62
CA ASP C 248 16.19 -4.13 14.50
C ASP C 248 14.92 -4.07 13.66
N LEU C 249 13.78 -3.97 14.32
CA LEU C 249 12.46 -4.03 13.69
C LEU C 249 11.60 -2.81 14.08
N TYR C 250 11.22 -2.00 13.08
CA TYR C 250 10.36 -0.80 13.29
C TYR C 250 8.91 -1.10 12.89
N LEU C 251 7.99 -1.25 13.87
CA LEU C 251 6.59 -1.65 13.53
C LEU C 251 5.63 -0.47 13.65
N GLU C 252 4.90 -0.17 12.58
CA GLU C 252 3.86 0.87 12.57
C GLU C 252 2.60 0.32 13.27
N VAL C 253 2.17 0.98 14.34
CA VAL C 253 1.04 0.55 15.16
C VAL C 253 -0.29 0.87 14.48
N ARG C 254 -1.15 -0.15 14.36
CA ARG C 254 -2.58 0.00 14.06
C ARG C 254 -3.37 -0.28 15.33
N ILE C 255 -4.37 0.55 15.58
CA ILE C 255 -5.42 0.26 16.56
C ILE C 255 -6.60 -0.28 15.77
N THR C 256 -6.86 -1.57 15.92
CA THR C 256 -7.82 -2.31 15.09
C THR C 256 -8.76 -3.12 15.99
N ILE C 257 -9.73 -3.80 15.38
CA ILE C 257 -10.75 -4.57 16.10
C ILE C 257 -10.81 -6.03 15.56
N PRO C 258 -11.29 -7.03 16.39
CA PRO C 258 -11.29 -8.48 16.01
C PRO C 258 -12.48 -8.89 15.08
N GLU C 259 -12.79 -8.03 14.09
CA GLU C 259 -13.97 -8.14 13.22
C GLU C 259 -15.26 -8.07 14.07
N ARG C 260 -15.79 -9.25 14.46
CA ARG C 260 -17.03 -9.40 15.23
C ARG C 260 -16.72 -10.00 16.61
N LEU C 261 -17.69 -9.89 17.53
CA LEU C 261 -17.53 -10.23 18.96
C LEU C 261 -18.62 -11.20 19.44
N THR C 262 -18.46 -11.68 20.68
CA THR C 262 -19.49 -12.43 21.40
C THR C 262 -20.46 -11.42 22.08
N PRO C 263 -21.79 -11.75 22.25
CA PRO C 263 -22.83 -10.86 22.86
C PRO C 263 -22.38 -10.10 24.14
N GLU C 264 -21.56 -10.79 24.98
CA GLU C 264 -21.02 -10.22 26.23
C GLU C 264 -20.09 -9.02 25.93
N GLU C 265 -19.00 -9.32 25.18
CA GLU C 265 -18.00 -8.31 24.78
C GLU C 265 -18.70 -7.14 24.09
N GLU C 266 -19.53 -7.50 23.10
CA GLU C 266 -20.28 -6.56 22.28
C GLU C 266 -21.17 -5.62 23.14
N ALA C 267 -21.73 -6.18 24.24
CA ALA C 267 -22.53 -5.40 25.21
C ALA C 267 -21.68 -4.31 25.91
N LEU C 268 -20.48 -4.70 26.42
CA LEU C 268 -19.56 -3.73 27.09
C LEU C 268 -19.06 -2.65 26.08
N TRP C 269 -18.79 -3.06 24.83
CA TRP C 269 -18.40 -2.14 23.75
C TRP C 269 -19.54 -1.17 23.40
N LYS C 270 -20.79 -1.65 23.53
CA LYS C 270 -21.99 -0.82 23.35
C LYS C 270 -22.18 0.18 24.49
N LYS C 271 -21.74 -0.18 25.71
CA LYS C 271 -21.78 0.75 26.86
C LYS C 271 -20.75 1.88 26.69
N LEU C 272 -19.57 1.52 26.15
CA LEU C 272 -18.54 2.49 25.72
C LEU C 272 -19.12 3.39 24.62
N ALA C 273 -19.82 2.76 23.66
CA ALA C 273 -20.42 3.45 22.51
C ALA C 273 -21.48 4.46 22.96
N GLU C 274 -22.31 4.09 23.94
CA GLU C 274 -23.37 4.98 24.49
C GLU C 274 -22.75 6.13 25.29
N ALA C 275 -21.61 5.86 25.97
CA ALA C 275 -20.81 6.91 26.63
C ALA C 275 -20.33 7.95 25.60
N TYR C 276 -20.05 7.47 24.38
CA TYR C 276 -19.68 8.32 23.23
C TYR C 276 -20.90 8.96 22.55
N TYR C 277 -22.07 8.29 22.54
CA TYR C 277 -23.30 8.83 21.93
C TYR C 277 -23.87 9.95 22.81
N ALA C 278 -23.49 9.94 24.11
CA ALA C 278 -23.77 11.02 25.05
C ALA C 278 -23.04 12.32 24.65
N ARG C 279 -21.94 12.19 23.88
CA ARG C 279 -21.18 13.32 23.30
C ARG C 279 -21.91 13.88 22.05
N ALA C 280 -22.77 13.03 21.44
CA ALA C 280 -23.52 13.38 20.23
C ALA C 280 -24.90 13.98 20.63
N MET A 1 -0.26 41.43 -43.77
CA MET A 1 0.23 42.76 -44.17
C MET A 1 -0.75 43.85 -43.68
N ALA A 2 -0.73 44.09 -42.36
CA ALA A 2 -1.49 45.18 -41.68
C ALA A 2 -3.02 45.07 -41.86
N ALA A 3 -3.53 43.87 -42.16
CA ALA A 3 -4.98 43.64 -42.39
C ALA A 3 -5.70 43.31 -41.06
N LYS A 4 -5.51 44.22 -40.07
CA LYS A 4 -6.10 44.14 -38.71
C LYS A 4 -7.56 43.61 -38.68
N LYS A 5 -7.71 42.36 -38.24
CA LYS A 5 -9.01 41.69 -38.07
C LYS A 5 -9.69 42.17 -36.79
N ASP A 6 -10.98 42.54 -36.91
CA ASP A 6 -11.86 42.76 -35.77
C ASP A 6 -12.41 41.39 -35.35
N TYR A 7 -11.64 40.70 -34.50
CA TYR A 7 -11.92 39.31 -34.07
C TYR A 7 -13.28 39.20 -33.34
N TYR A 8 -13.67 40.28 -32.63
CA TYR A 8 -14.99 40.40 -32.00
C TYR A 8 -16.10 40.25 -33.08
N ALA A 9 -16.01 41.09 -34.12
CA ALA A 9 -16.99 41.14 -35.22
C ALA A 9 -17.06 39.80 -35.99
N ILE A 10 -15.90 39.12 -36.09
CA ILE A 10 -15.80 37.77 -36.71
C ILE A 10 -16.64 36.74 -35.90
N LEU A 11 -16.59 36.85 -34.56
CA LEU A 11 -17.44 36.01 -33.67
C LEU A 11 -18.90 36.56 -33.55
N GLY A 12 -19.16 37.71 -34.21
CA GLY A 12 -20.50 38.31 -34.25
C GLY A 12 -20.85 39.11 -32.98
N VAL A 13 -19.83 39.48 -32.19
CA VAL A 13 -20.01 40.30 -30.98
C VAL A 13 -19.38 41.70 -31.19
N PRO A 14 -20.02 42.79 -30.66
CA PRO A 14 -19.43 44.14 -30.70
C PRO A 14 -18.43 44.37 -29.55
N ARG A 15 -17.70 45.50 -29.65
CA ARG A 15 -16.67 45.91 -28.67
C ARG A 15 -17.34 46.30 -27.33
N ASN A 16 -17.66 45.26 -26.56
CA ASN A 16 -18.35 45.35 -25.26
C ASN A 16 -18.41 43.95 -24.64
N ALA A 17 -18.50 42.92 -25.52
CA ALA A 17 -18.57 41.52 -25.09
C ALA A 17 -17.23 41.07 -24.46
N THR A 18 -17.30 40.63 -23.20
CA THR A 18 -16.14 40.12 -22.43
C THR A 18 -15.77 38.71 -22.90
N GLN A 19 -14.66 38.15 -22.36
CA GLN A 19 -14.13 36.81 -22.70
C GLN A 19 -15.22 35.70 -22.62
N GLU A 20 -16.10 35.82 -21.61
CA GLU A 20 -17.16 34.83 -21.30
C GLU A 20 -18.30 34.90 -22.34
N GLU A 21 -18.68 36.15 -22.72
CA GLU A 21 -19.73 36.42 -23.74
C GLU A 21 -19.24 35.98 -25.14
N ILE A 22 -17.95 36.22 -25.37
CA ILE A 22 -17.21 35.82 -26.58
C ILE A 22 -17.06 34.28 -26.64
N LYS A 23 -16.96 33.66 -25.47
CA LYS A 23 -16.87 32.21 -25.31
C LYS A 23 -18.22 31.56 -25.68
N ARG A 24 -19.34 32.23 -25.27
CA ARG A 24 -20.72 31.82 -25.65
C ARG A 24 -20.88 31.87 -27.17
N ALA A 25 -20.40 32.99 -27.77
CA ALA A 25 -20.45 33.24 -29.23
C ALA A 25 -19.73 32.14 -30.01
N TYR A 26 -18.53 31.75 -29.54
CA TYR A 26 -17.73 30.68 -30.13
C TYR A 26 -18.49 29.34 -30.08
N LYS A 27 -19.02 28.99 -28.88
CA LYS A 27 -19.76 27.73 -28.65
C LYS A 27 -21.04 27.65 -29.52
N ARG A 28 -21.68 28.80 -29.71
CA ARG A 28 -22.85 28.98 -30.61
C ARG A 28 -22.49 28.57 -32.04
N LEU A 29 -21.37 29.13 -32.53
CA LEU A 29 -20.84 28.89 -33.88
C LEU A 29 -20.19 27.48 -33.96
N ALA A 30 -19.81 26.92 -32.80
CA ALA A 30 -19.19 25.59 -32.66
C ALA A 30 -20.25 24.50 -32.52
N ARG A 31 -21.52 24.89 -32.33
CA ARG A 31 -22.67 23.99 -32.47
C ARG A 31 -23.23 24.07 -33.90
N GLN A 32 -23.41 25.30 -34.40
CA GLN A 32 -24.06 25.58 -35.70
C GLN A 32 -23.18 25.11 -36.88
N TYR A 33 -21.97 25.69 -36.97
CA TYR A 33 -21.04 25.44 -38.11
C TYR A 33 -20.06 24.30 -37.81
N HIS A 34 -20.43 23.46 -36.81
CA HIS A 34 -19.57 22.39 -36.24
C HIS A 34 -19.10 21.40 -37.33
N PRO A 35 -17.81 21.50 -37.81
CA PRO A 35 -17.28 20.63 -38.90
C PRO A 35 -17.28 19.13 -38.55
N ASP A 36 -17.23 18.82 -37.24
CA ASP A 36 -17.32 17.43 -36.73
C ASP A 36 -18.66 16.77 -37.13
N VAL A 37 -19.73 17.58 -37.25
CA VAL A 37 -21.05 17.10 -37.72
C VAL A 37 -21.24 17.49 -39.20
N ASN A 38 -21.28 18.81 -39.45
CA ASN A 38 -21.56 19.39 -40.77
C ASN A 38 -20.24 19.75 -41.48
N LYS A 39 -19.68 18.75 -42.18
CA LYS A 39 -18.47 18.94 -43.03
C LYS A 39 -18.86 19.62 -44.35
N SER A 40 -19.18 20.91 -44.27
CA SER A 40 -19.55 21.72 -45.45
C SER A 40 -18.53 22.85 -45.59
N PRO A 41 -17.75 22.90 -46.73
CA PRO A 41 -16.59 23.83 -46.91
C PRO A 41 -16.84 25.25 -46.39
N GLU A 42 -17.99 25.83 -46.82
CA GLU A 42 -18.42 27.19 -46.44
C GLU A 42 -18.44 27.37 -44.91
N ALA A 43 -19.07 26.40 -44.22
CA ALA A 43 -19.24 26.42 -42.75
C ALA A 43 -17.88 26.23 -42.04
N GLU A 44 -16.95 25.52 -42.71
CA GLU A 44 -15.67 25.11 -42.13
C GLU A 44 -14.64 26.24 -42.25
N GLU A 45 -14.68 26.97 -43.39
CA GLU A 45 -13.81 28.13 -43.65
C GLU A 45 -14.21 29.29 -42.74
N LYS A 46 -15.54 29.48 -42.62
CA LYS A 46 -16.13 30.39 -41.63
C LYS A 46 -15.70 29.97 -40.22
N PHE A 47 -15.68 28.65 -39.95
CA PHE A 47 -15.26 28.11 -38.65
C PHE A 47 -13.74 28.27 -38.42
N LYS A 48 -12.95 28.39 -39.50
CA LYS A 48 -11.50 28.74 -39.40
C LYS A 48 -11.36 30.19 -38.92
N GLU A 49 -12.20 31.08 -39.46
CA GLU A 49 -12.26 32.51 -39.05
C GLU A 49 -12.72 32.63 -37.58
N ILE A 50 -13.67 31.76 -37.20
CA ILE A 50 -14.22 31.66 -35.84
C ILE A 50 -13.16 31.11 -34.85
N ASN A 51 -12.38 30.12 -35.34
CA ASN A 51 -11.26 29.53 -34.59
C ASN A 51 -10.12 30.56 -34.42
N GLU A 52 -9.92 31.38 -35.48
CA GLU A 52 -8.90 32.45 -35.51
C GLU A 52 -9.20 33.51 -34.44
N ALA A 53 -10.44 33.99 -34.50
CA ALA A 53 -10.96 35.05 -33.64
C ALA A 53 -10.93 34.64 -32.18
N TYR A 54 -11.34 33.40 -31.90
CA TYR A 54 -11.32 32.86 -30.53
C TYR A 54 -9.92 32.33 -30.16
N ALA A 55 -9.04 32.05 -31.14
CA ALA A 55 -7.62 31.70 -30.86
C ALA A 55 -6.93 32.86 -30.15
N VAL A 56 -7.33 34.06 -30.56
CA VAL A 56 -6.97 35.31 -29.91
C VAL A 56 -7.70 35.42 -28.54
N LEU A 57 -9.04 35.43 -28.61
CA LEU A 57 -9.92 35.83 -27.48
C LEU A 57 -10.24 34.66 -26.51
N SER A 58 -9.51 33.52 -26.64
CA SER A 58 -9.62 32.36 -25.72
C SER A 58 -9.10 32.72 -24.33
N ASP A 59 -7.84 33.18 -24.30
CA ASP A 59 -7.13 33.53 -23.05
C ASP A 59 -7.26 35.04 -22.79
N PRO A 60 -7.30 35.46 -21.49
CA PRO A 60 -7.20 36.89 -21.09
C PRO A 60 -5.87 37.52 -21.58
N GLU A 61 -4.79 36.74 -21.45
CA GLU A 61 -3.43 37.16 -21.83
C GLU A 61 -3.34 37.50 -23.34
N LYS A 62 -3.75 36.53 -24.19
CA LYS A 62 -3.64 36.63 -25.66
C LYS A 62 -4.66 37.62 -26.26
N ARG A 63 -5.86 37.72 -25.63
CA ARG A 63 -6.87 38.70 -26.07
C ARG A 63 -6.35 40.13 -25.79
N ARG A 64 -5.66 40.32 -24.63
CA ARG A 64 -5.01 41.60 -24.28
C ARG A 64 -3.86 41.92 -25.26
N ILE A 65 -3.13 40.88 -25.73
CA ILE A 65 -2.06 41.02 -26.76
C ILE A 65 -2.64 41.69 -28.04
N TYR A 66 -3.80 41.19 -28.48
CA TYR A 66 -4.58 41.83 -29.56
C TYR A 66 -4.95 43.28 -29.19
N ASP A 67 -5.62 43.46 -28.03
CA ASP A 67 -6.17 44.76 -27.60
C ASP A 67 -5.08 45.84 -27.49
N THR A 68 -3.86 45.43 -27.12
CA THR A 68 -2.69 46.33 -26.98
C THR A 68 -1.97 46.54 -28.32
N TYR A 69 -2.20 45.62 -29.31
CA TYR A 69 -1.82 45.91 -30.71
C TYR A 69 -2.83 46.96 -31.24
N GLY A 70 -2.34 47.99 -31.93
CA GLY A 70 -3.19 49.14 -32.31
C GLY A 70 -3.32 50.12 -31.14
N THR A 71 -2.30 50.11 -30.29
CA THR A 71 -2.11 51.05 -29.17
C THR A 71 -0.59 51.22 -29.14
N THR A 72 0.04 50.05 -29.00
CA THR A 72 1.41 49.83 -29.41
C THR A 72 1.33 49.48 -30.92
N GLU A 73 2.29 49.97 -31.71
CA GLU A 73 2.33 49.73 -33.17
C GLU A 73 2.76 48.27 -33.46
N ALA A 74 3.75 47.79 -32.71
CA ALA A 74 4.30 46.43 -32.84
C ALA A 74 3.48 45.45 -31.98
N PRO A 75 3.40 44.13 -32.37
CA PRO A 75 2.78 43.09 -31.51
C PRO A 75 3.57 42.92 -30.18
N PRO A 76 2.86 42.87 -29.00
CA PRO A 76 3.47 42.75 -27.64
C PRO A 76 4.58 41.66 -27.51
N PRO A 77 5.59 41.87 -26.59
CA PRO A 77 6.72 40.91 -26.37
C PRO A 77 6.22 39.47 -26.04
N PRO A 78 6.46 38.47 -26.96
CA PRO A 78 6.02 37.06 -26.78
C PRO A 78 6.64 36.37 -25.55
N PRO A 79 5.90 35.44 -24.85
CA PRO A 79 6.46 34.64 -23.72
C PRO A 79 7.56 33.66 -24.21
N PRO A 80 8.58 33.33 -23.34
CA PRO A 80 9.70 32.39 -23.70
C PRO A 80 9.22 30.91 -23.77
N GLY A 81 8.33 30.66 -24.73
CA GLY A 81 7.61 29.41 -24.87
C GLY A 81 6.71 29.45 -26.10
N GLY A 82 6.22 30.67 -26.43
CA GLY A 82 5.40 30.90 -27.63
C GLY A 82 3.91 31.03 -27.32
N TYR A 83 3.10 31.01 -28.39
CA TYR A 83 1.64 31.16 -28.33
C TYR A 83 0.96 29.81 -28.64
N ASP A 84 0.32 29.23 -27.62
CA ASP A 84 -0.53 28.01 -27.73
C ASP A 84 -1.81 28.30 -28.54
N PHE A 85 -2.39 27.25 -29.14
CA PHE A 85 -3.59 27.36 -30.02
C PHE A 85 -4.49 26.13 -29.84
N SER A 86 -5.23 26.14 -28.71
CA SER A 86 -6.17 25.09 -28.30
C SER A 86 -7.17 24.66 -29.42
N GLY A 87 -6.73 23.72 -30.28
CA GLY A 87 -7.53 23.22 -31.40
C GLY A 87 -7.66 24.21 -32.56
N PHE A 88 -6.75 25.21 -32.65
CA PHE A 88 -6.80 26.27 -33.66
C PHE A 88 -5.60 26.13 -34.63
N ASP A 89 -5.86 25.67 -35.85
CA ASP A 89 -4.79 25.43 -36.85
C ASP A 89 -4.44 26.75 -37.57
N VAL A 90 -3.61 27.55 -36.87
CA VAL A 90 -3.01 28.84 -37.34
C VAL A 90 -2.53 28.83 -38.82
N GLU A 91 -2.06 27.67 -39.28
CA GLU A 91 -1.50 27.47 -40.63
C GLU A 91 -2.46 27.95 -41.74
N ASP A 92 -3.76 27.70 -41.51
CA ASP A 92 -4.81 27.97 -42.51
C ASP A 92 -5.51 29.35 -42.24
N PHE A 93 -5.05 30.06 -41.19
CA PHE A 93 -5.59 31.39 -40.81
C PHE A 93 -4.83 32.53 -41.55
N SER A 94 -5.20 33.79 -41.27
CA SER A 94 -4.76 34.96 -42.05
C SER A 94 -3.32 35.40 -41.75
N GLU A 95 -2.78 36.22 -42.67
CA GLU A 95 -1.45 36.84 -42.57
C GLU A 95 -1.34 37.77 -41.33
N PHE A 96 -2.41 38.55 -41.04
CA PHE A 96 -2.41 39.47 -39.87
C PHE A 96 -2.31 38.66 -38.58
N PHE A 97 -3.00 37.52 -38.55
CA PHE A 97 -2.95 36.59 -37.43
C PHE A 97 -1.52 36.06 -37.26
N GLN A 98 -0.87 35.77 -38.41
CA GLN A 98 0.53 35.31 -38.48
C GLN A 98 1.55 36.47 -38.36
N GLU A 99 1.07 37.73 -38.24
CA GLU A 99 1.93 38.91 -37.85
C GLU A 99 1.82 39.21 -36.34
N LEU A 100 0.57 39.24 -35.83
CA LEU A 100 0.24 39.56 -34.43
C LEU A 100 0.81 38.49 -33.48
N PHE A 101 0.62 37.23 -33.87
CA PHE A 101 1.16 36.09 -33.13
C PHE A 101 2.49 35.61 -33.74
N GLY A 102 2.85 36.19 -34.91
CA GLY A 102 4.07 35.85 -35.67
C GLY A 102 5.35 35.71 -34.84
N PRO A 103 5.80 36.79 -34.09
CA PRO A 103 7.09 36.79 -33.34
C PRO A 103 7.16 35.72 -32.22
N GLY A 104 6.02 35.04 -31.93
CA GLY A 104 5.99 33.94 -30.96
C GLY A 104 5.08 32.81 -31.39
N LEU A 105 4.97 32.54 -32.70
CA LEU A 105 4.07 31.47 -33.27
C LEU A 105 4.49 30.01 -32.89
N PHE A 106 5.29 29.84 -31.82
CA PHE A 106 5.52 28.53 -31.15
C PHE A 106 6.07 27.48 -32.18
N GLY A 107 5.24 26.49 -32.59
CA GLY A 107 5.67 25.42 -33.50
C GLY A 107 6.72 24.49 -32.89
N GLY A 108 6.85 24.57 -31.53
CA GLY A 108 7.92 23.91 -30.79
C GLY A 108 9.29 24.39 -31.25
N PHE A 109 10.06 23.48 -31.85
CA PHE A 109 11.31 23.81 -32.57
C PHE A 109 11.13 23.64 -34.08
N GLY A 110 9.95 23.13 -34.50
CA GLY A 110 9.61 22.96 -35.91
C GLY A 110 9.44 24.28 -36.65
N ARG A 111 9.07 25.33 -35.88
CA ARG A 111 9.04 26.76 -36.28
C ARG A 111 7.84 27.15 -37.18
N ARG A 112 7.45 26.28 -38.13
CA ARG A 112 6.30 26.57 -39.05
C ARG A 112 4.97 26.13 -38.38
N SER A 113 4.80 26.52 -37.10
CA SER A 113 3.54 26.44 -36.35
C SER A 113 2.84 25.07 -36.52
N ARG A 114 3.58 23.98 -36.26
CA ARG A 114 3.15 22.62 -36.66
C ARG A 114 2.78 21.75 -35.45
N LYS A 115 2.00 20.67 -35.72
CA LYS A 115 1.37 19.83 -34.68
C LYS A 115 2.40 19.02 -33.88
N GLY A 116 2.21 19.00 -32.55
CA GLY A 116 3.09 18.27 -31.64
C GLY A 116 2.53 16.88 -31.24
N ARG A 117 3.15 16.24 -30.22
CA ARG A 117 2.71 14.91 -29.66
C ARG A 117 2.18 15.10 -28.22
N ASP A 118 1.06 14.40 -27.88
CA ASP A 118 0.38 14.51 -26.55
C ASP A 118 1.36 14.35 -25.37
N LEU A 119 1.52 15.44 -24.62
CA LEU A 119 2.57 15.59 -23.61
C LEU A 119 1.94 15.48 -22.21
N ARG A 120 2.70 14.96 -21.25
CA ARG A 120 2.24 14.77 -19.85
C ARG A 120 2.74 15.95 -19.00
N ALA A 121 1.95 16.43 -18.04
CA ALA A 121 2.35 17.59 -17.20
C ALA A 121 1.98 17.37 -15.74
N GLU A 122 2.55 18.21 -14.87
CA GLU A 122 2.31 18.20 -13.43
C GLU A 122 1.66 19.54 -13.08
N LEU A 123 0.33 19.52 -12.96
CA LEU A 123 -0.48 20.70 -12.64
C LEU A 123 -0.78 20.67 -11.15
N PRO A 124 -0.10 21.47 -10.29
CA PRO A 124 -0.52 21.60 -8.88
C PRO A 124 -1.89 22.31 -8.83
N LEU A 125 -2.72 22.04 -7.82
CA LEU A 125 -4.03 22.73 -7.73
C LEU A 125 -4.50 22.88 -6.27
N THR A 126 -5.22 23.98 -6.03
CA THR A 126 -5.86 24.28 -4.77
C THR A 126 -7.13 23.42 -4.61
N LEU A 127 -7.22 22.70 -3.46
CA LEU A 127 -8.34 21.78 -3.11
C LEU A 127 -9.73 22.38 -3.42
N GLU A 128 -9.98 23.54 -2.80
CA GLU A 128 -11.25 24.25 -2.87
C GLU A 128 -11.57 24.59 -4.33
N GLU A 129 -10.55 25.08 -5.05
CA GLU A 129 -10.65 25.49 -6.46
C GLU A 129 -10.68 24.28 -7.41
N ALA A 130 -10.36 23.08 -6.88
CA ALA A 130 -10.42 21.83 -7.65
C ALA A 130 -11.87 21.35 -7.71
N PHE A 131 -12.58 21.53 -6.58
CA PHE A 131 -14.02 21.31 -6.50
C PHE A 131 -14.79 22.40 -7.29
N HIS A 132 -14.35 23.67 -7.16
CA HIS A 132 -15.06 24.85 -7.72
C HIS A 132 -14.85 24.98 -9.24
N GLY A 133 -13.64 24.65 -9.69
CA GLY A 133 -13.27 24.75 -11.12
C GLY A 133 -13.15 26.18 -11.64
N GLY A 134 -13.43 26.37 -12.94
CA GLY A 134 -13.40 27.69 -13.61
C GLY A 134 -12.04 27.99 -14.22
N GLU A 135 -11.89 29.23 -14.75
CA GLU A 135 -10.64 29.71 -15.37
C GLU A 135 -9.56 29.84 -14.28
N ARG A 136 -8.52 29.00 -14.39
CA ARG A 136 -7.44 28.91 -13.39
C ARG A 136 -6.15 29.50 -13.97
N VAL A 137 -5.60 30.51 -13.28
CA VAL A 137 -4.31 31.11 -13.64
C VAL A 137 -3.18 30.14 -13.27
N VAL A 138 -2.47 29.66 -14.29
CA VAL A 138 -1.33 28.76 -14.17
C VAL A 138 -0.30 29.15 -15.25
N GLU A 139 0.97 29.24 -14.89
CA GLU A 139 2.04 29.71 -15.81
C GLU A 139 3.14 28.66 -15.94
N VAL A 140 3.69 28.56 -17.15
CA VAL A 140 4.85 27.73 -17.47
C VAL A 140 5.49 28.27 -18.77
N ALA A 141 6.84 28.28 -18.83
CA ALA A 141 7.61 28.82 -19.97
C ALA A 141 7.27 30.31 -20.21
N GLY A 142 6.97 31.01 -19.10
CA GLY A 142 6.59 32.43 -19.13
C GLY A 142 5.19 32.70 -19.69
N ARG A 143 4.47 31.64 -20.09
CA ARG A 143 3.15 31.72 -20.75
C ARG A 143 2.05 31.52 -19.69
N ARG A 144 1.48 32.64 -19.23
CA ARG A 144 0.41 32.67 -18.22
C ARG A 144 -0.92 32.24 -18.87
N VAL A 145 -1.22 30.94 -18.78
CA VAL A 145 -2.42 30.34 -19.38
C VAL A 145 -3.56 30.24 -18.35
N SER A 146 -4.77 30.59 -18.77
CA SER A 146 -5.97 30.51 -17.94
C SER A 146 -6.76 29.26 -18.36
N VAL A 147 -6.39 28.11 -17.77
CA VAL A 147 -7.00 26.80 -18.09
C VAL A 147 -8.32 26.69 -17.33
N ARG A 148 -9.45 26.67 -18.05
CA ARG A 148 -10.75 26.41 -17.42
C ARG A 148 -10.79 24.95 -16.97
N ILE A 149 -10.40 24.75 -15.70
CA ILE A 149 -10.41 23.44 -15.06
C ILE A 149 -11.88 23.04 -14.76
N PRO A 150 -12.29 21.77 -15.08
CA PRO A 150 -13.67 21.29 -14.79
C PRO A 150 -13.97 21.32 -13.27
N PRO A 151 -15.12 21.94 -12.83
CA PRO A 151 -15.57 21.88 -11.42
C PRO A 151 -15.82 20.42 -10.99
N GLY A 152 -14.77 19.80 -10.42
CA GLY A 152 -14.78 18.36 -10.19
C GLY A 152 -13.54 17.70 -10.79
N VAL A 153 -12.39 18.13 -10.28
CA VAL A 153 -11.09 17.51 -10.53
C VAL A 153 -10.34 17.48 -9.19
N ARG A 154 -9.65 16.38 -8.87
CA ARG A 154 -8.79 16.26 -7.66
C ARG A 154 -7.66 15.25 -7.96
N GLU A 155 -6.72 15.12 -6.99
CA GLU A 155 -5.39 14.43 -7.12
C GLU A 155 -5.39 13.20 -8.07
N GLY A 156 -4.46 13.17 -9.02
CA GLY A 156 -4.30 12.01 -9.92
C GLY A 156 -5.21 12.01 -11.15
N SER A 157 -6.19 12.94 -11.18
CA SER A 157 -7.06 13.13 -12.36
C SER A 157 -6.26 13.83 -13.49
N VAL A 158 -6.69 13.59 -14.73
CA VAL A 158 -5.99 14.07 -15.94
C VAL A 158 -6.94 14.98 -16.75
N ILE A 159 -6.66 16.30 -16.75
CA ILE A 159 -7.39 17.28 -17.58
C ILE A 159 -6.72 17.35 -18.96
N ARG A 160 -7.44 16.92 -20.00
CA ARG A 160 -6.98 17.10 -21.38
C ARG A 160 -7.20 18.57 -21.80
N VAL A 161 -6.10 19.35 -21.89
CA VAL A 161 -6.16 20.74 -22.39
C VAL A 161 -5.32 20.85 -23.69
N PRO A 162 -5.97 21.14 -24.85
CA PRO A 162 -5.26 21.31 -26.14
C PRO A 162 -4.38 22.59 -26.17
N GLY A 163 -3.18 22.48 -26.78
CA GLY A 163 -2.36 23.65 -27.15
C GLY A 163 -1.02 23.70 -26.42
N MET A 164 -0.98 23.10 -25.22
CA MET A 164 0.19 23.15 -24.32
C MET A 164 0.97 21.83 -24.39
N GLY A 165 0.24 20.72 -24.59
CA GLY A 165 0.86 19.41 -24.88
C GLY A 165 1.01 19.28 -26.36
N GLY A 166 2.01 18.49 -26.81
CA GLY A 166 2.47 18.60 -28.17
C GLY A 166 2.82 19.99 -28.53
N GLN A 167 4.04 20.36 -28.07
CA GLN A 167 4.62 21.69 -28.23
C GLN A 167 4.65 22.05 -29.72
N GLY A 168 3.73 22.91 -30.09
CA GLY A 168 3.51 23.25 -31.47
C GLY A 168 2.50 24.35 -31.55
N ASN A 169 1.54 24.24 -32.46
CA ASN A 169 0.45 25.23 -32.57
C ASN A 169 -0.89 24.48 -32.74
N PRO A 170 -1.08 23.56 -33.77
CA PRO A 170 -2.14 22.54 -33.70
C PRO A 170 -1.73 21.56 -32.59
N PRO A 171 -2.59 21.35 -31.58
CA PRO A 171 -2.17 20.70 -30.31
C PRO A 171 -1.77 19.23 -30.45
N GLY A 172 -0.74 18.82 -29.68
CA GLY A 172 -0.58 17.40 -29.37
C GLY A 172 -1.61 16.95 -28.33
N ASP A 173 -2.00 17.93 -27.47
CA ASP A 173 -2.93 17.83 -26.30
C ASP A 173 -2.14 17.53 -25.03
N LEU A 174 -2.53 18.18 -23.92
CA LEU A 174 -1.79 18.09 -22.66
C LEU A 174 -2.58 17.29 -21.64
N LEU A 175 -1.85 16.48 -20.88
CA LEU A 175 -2.41 15.62 -19.85
C LEU A 175 -2.03 16.19 -18.47
N LEU A 176 -2.83 17.18 -18.01
CA LEU A 176 -2.66 17.84 -16.71
C LEU A 176 -2.92 16.86 -15.57
N VAL A 177 -1.84 16.35 -14.97
CA VAL A 177 -1.94 15.51 -13.78
C VAL A 177 -2.03 16.43 -12.57
N VAL A 178 -3.25 16.58 -12.04
CA VAL A 178 -3.52 17.47 -10.92
C VAL A 178 -2.84 16.95 -9.63
N ARG A 179 -2.09 17.85 -8.98
CA ARG A 179 -1.26 17.58 -7.82
C ARG A 179 -1.70 18.52 -6.71
N LEU A 180 -2.63 18.05 -5.90
CA LEU A 180 -3.29 18.88 -4.89
C LEU A 180 -2.34 19.27 -3.75
N LEU A 181 -2.57 20.48 -3.21
CA LEU A 181 -1.78 21.07 -2.10
C LEU A 181 -1.82 20.16 -0.85
N PRO A 182 -0.74 20.14 0.01
CA PRO A 182 -0.72 19.36 1.29
C PRO A 182 -1.85 19.79 2.27
N HIS A 183 -3.05 19.27 1.99
CA HIS A 183 -4.30 19.58 2.68
C HIS A 183 -4.93 18.22 3.05
N PRO A 184 -4.84 17.80 4.35
CA PRO A 184 -5.08 16.37 4.77
C PRO A 184 -6.55 15.89 4.77
N VAL A 185 -7.43 16.50 3.94
CA VAL A 185 -8.85 16.14 3.90
C VAL A 185 -9.13 15.16 2.75
N PHE A 186 -8.88 15.60 1.49
CA PHE A 186 -9.26 14.83 0.29
C PHE A 186 -8.07 14.53 -0.64
N ARG A 187 -8.19 13.37 -1.29
CA ARG A 187 -7.31 12.89 -2.35
C ARG A 187 -8.19 12.10 -3.34
N LEU A 188 -7.83 12.08 -4.62
CA LEU A 188 -8.59 11.34 -5.68
C LEU A 188 -7.62 10.31 -6.30
N GLU A 189 -8.12 9.44 -7.18
CA GLU A 189 -7.27 8.63 -8.07
C GLU A 189 -8.10 8.15 -9.25
N GLY A 190 -7.58 8.37 -10.47
CA GLY A 190 -8.34 8.16 -11.70
C GLY A 190 -9.47 9.20 -11.83
N GLN A 191 -10.53 8.99 -11.01
CA GLN A 191 -11.65 9.93 -10.87
C GLN A 191 -12.50 9.63 -9.61
N ASP A 192 -12.13 8.58 -8.84
CA ASP A 192 -12.87 8.20 -7.61
C ASP A 192 -12.17 8.81 -6.38
N LEU A 193 -12.99 9.17 -5.37
CA LEU A 193 -12.59 10.04 -4.24
C LEU A 193 -12.02 9.23 -3.08
N TYR A 194 -11.23 9.90 -2.25
CA TYR A 194 -10.64 9.38 -0.99
C TYR A 194 -10.63 10.53 0.04
N ALA A 195 -10.64 10.18 1.31
CA ALA A 195 -10.70 11.14 2.42
C ALA A 195 -10.17 10.46 3.71
N THR A 196 -9.19 11.08 4.39
CA THR A 196 -8.62 10.51 5.63
C THR A 196 -9.61 10.71 6.81
N LEU A 197 -9.94 9.61 7.52
CA LEU A 197 -10.93 9.60 8.62
C LEU A 197 -10.32 8.91 9.87
N ASP A 198 -9.94 9.69 10.88
CA ASP A 198 -9.53 9.14 12.19
C ASP A 198 -10.77 9.05 13.11
N VAL A 199 -11.02 7.83 13.63
CA VAL A 199 -12.22 7.51 14.43
C VAL A 199 -11.80 6.62 15.63
N PRO A 200 -12.34 6.86 16.88
CA PRO A 200 -12.05 5.97 18.04
C PRO A 200 -12.79 4.63 17.90
N ALA A 201 -12.23 3.60 18.56
CA ALA A 201 -12.67 2.20 18.44
C ALA A 201 -14.17 1.98 18.68
N PRO A 202 -14.84 2.49 19.78
CA PRO A 202 -16.29 2.29 20.01
C PRO A 202 -17.19 2.82 18.87
N ILE A 203 -16.85 4.02 18.33
CA ILE A 203 -17.60 4.62 17.21
C ILE A 203 -17.38 3.79 15.92
N ALA A 204 -16.15 3.25 15.76
CA ALA A 204 -15.79 2.37 14.64
C ALA A 204 -16.57 1.03 14.68
N VAL A 205 -16.63 0.41 15.88
CA VAL A 205 -17.25 -0.91 16.10
C VAL A 205 -18.77 -0.86 15.92
N VAL A 206 -19.38 0.13 16.57
CA VAL A 206 -20.85 0.27 16.67
C VAL A 206 -21.43 0.95 15.43
N GLY A 207 -20.71 1.93 14.90
CA GLY A 207 -21.19 2.74 13.79
C GLY A 207 -21.88 3.99 14.28
N GLY A 208 -21.07 4.91 14.82
CA GLY A 208 -21.58 6.15 15.40
C GLY A 208 -21.61 7.29 14.42
N LYS A 209 -21.54 8.53 14.93
CA LYS A 209 -21.57 9.75 14.11
C LYS A 209 -20.40 10.66 14.51
N VAL A 210 -19.66 11.19 13.51
CA VAL A 210 -18.60 12.19 13.73
C VAL A 210 -18.78 13.33 12.70
N ARG A 211 -18.19 14.50 12.98
CA ARG A 211 -18.25 15.64 12.05
C ARG A 211 -16.95 15.66 11.22
N ALA A 212 -17.08 15.45 9.91
CA ALA A 212 -15.95 15.32 8.98
C ALA A 212 -15.73 16.63 8.23
N MET A 213 -14.57 16.74 7.59
CA MET A 213 -14.13 17.95 6.90
C MET A 213 -14.41 17.80 5.40
N THR A 214 -14.91 18.88 4.79
CA THR A 214 -14.93 19.06 3.34
C THR A 214 -14.25 20.39 3.03
N LEU A 215 -14.13 20.70 1.74
CA LEU A 215 -13.45 21.92 1.27
C LEU A 215 -14.37 23.14 1.42
N GLU A 216 -15.69 22.87 1.47
CA GLU A 216 -16.74 23.89 1.63
C GLU A 216 -16.95 24.25 3.12
N GLY A 217 -16.37 23.43 4.01
CA GLY A 217 -16.45 23.62 5.47
C GLY A 217 -16.69 22.30 6.19
N PRO A 218 -17.10 22.34 7.49
CA PRO A 218 -17.45 21.11 8.23
C PRO A 218 -18.87 20.59 7.87
N VAL A 219 -18.98 19.28 7.64
CA VAL A 219 -20.26 18.57 7.44
C VAL A 219 -20.25 17.33 8.35
N GLU A 220 -21.40 16.67 8.53
CA GLU A 220 -21.48 15.49 9.40
C GLU A 220 -21.61 14.19 8.60
N VAL A 221 -21.13 13.09 9.21
CA VAL A 221 -21.01 11.77 8.58
C VAL A 221 -21.34 10.67 9.62
N ALA A 222 -22.05 9.61 9.19
CA ALA A 222 -22.45 8.51 10.09
C ALA A 222 -21.59 7.27 9.78
N VAL A 223 -20.64 6.99 10.68
CA VAL A 223 -19.69 5.86 10.59
C VAL A 223 -20.46 4.49 10.54
N PRO A 224 -20.00 3.46 9.74
CA PRO A 224 -20.64 2.11 9.72
C PRO A 224 -20.11 1.22 10.88
N PRO A 225 -20.76 0.05 11.17
CA PRO A 225 -20.22 -0.89 12.19
C PRO A 225 -19.03 -1.71 11.66
N ARG A 226 -18.08 -2.00 12.59
CA ARG A 226 -16.90 -2.85 12.37
C ARG A 226 -15.91 -2.21 11.36
N THR A 227 -15.88 -0.87 11.43
CA THR A 227 -14.95 -0.01 10.67
C THR A 227 -13.49 -0.30 11.08
N GLN A 228 -12.74 -0.94 10.17
CA GLN A 228 -11.40 -1.48 10.46
C GLN A 228 -10.29 -0.51 9.98
N ALA A 229 -9.13 -0.56 10.68
CA ALA A 229 -7.93 0.25 10.34
C ALA A 229 -7.39 -0.15 8.96
N GLY A 230 -7.18 0.85 8.08
CA GLY A 230 -6.69 0.63 6.73
C GLY A 230 -7.81 0.58 5.69
N ARG A 231 -9.04 0.18 6.14
CA ARG A 231 -10.20 0.06 5.26
C ARG A 231 -10.74 1.43 4.87
N LYS A 232 -11.04 1.57 3.57
CA LYS A 232 -11.54 2.78 2.95
C LYS A 232 -13.05 2.63 2.72
N LEU A 233 -13.85 3.43 3.45
CA LEU A 233 -15.31 3.33 3.48
C LEU A 233 -15.89 3.91 2.19
N ARG A 234 -16.23 3.03 1.25
CA ARG A 234 -16.67 3.37 -0.10
C ARG A 234 -18.12 3.93 -0.09
N LEU A 235 -18.29 5.15 -0.63
CA LEU A 235 -19.60 5.84 -0.71
C LEU A 235 -20.01 6.03 -2.17
N LYS A 236 -21.03 5.28 -2.59
CA LYS A 236 -21.49 5.24 -3.98
C LYS A 236 -22.00 6.61 -4.50
N GLY A 237 -21.40 7.06 -5.63
CA GLY A 237 -21.83 8.28 -6.33
C GLY A 237 -21.46 9.58 -5.61
N LYS A 238 -20.33 9.54 -4.87
CA LYS A 238 -19.84 10.70 -4.09
C LYS A 238 -18.49 11.22 -4.62
N GLY A 239 -17.84 10.43 -5.49
CA GLY A 239 -16.64 10.86 -6.23
C GLY A 239 -16.99 11.58 -7.54
N PHE A 240 -15.97 11.81 -8.38
CA PHE A 240 -16.08 12.69 -9.57
C PHE A 240 -16.43 11.89 -10.85
N PRO A 241 -17.09 12.55 -11.88
CA PRO A 241 -17.54 11.88 -13.13
C PRO A 241 -16.37 11.48 -14.07
N GLY A 242 -16.27 10.16 -14.35
CA GLY A 242 -15.21 9.60 -15.19
C GLY A 242 -15.58 8.26 -15.83
N PRO A 243 -14.63 7.25 -15.89
CA PRO A 243 -14.85 5.96 -16.61
C PRO A 243 -15.87 5.04 -15.92
N ALA A 244 -16.17 5.32 -14.64
CA ALA A 244 -17.17 4.57 -13.85
C ALA A 244 -18.50 5.34 -13.78
N GLY A 245 -18.71 6.27 -14.74
CA GLY A 245 -19.84 7.20 -14.71
C GLY A 245 -19.53 8.34 -13.74
N ARG A 246 -19.72 8.06 -12.44
CA ARG A 246 -19.18 8.87 -11.32
C ARG A 246 -18.36 7.95 -10.40
N GLY A 247 -17.47 8.55 -9.60
CA GLY A 247 -16.63 7.81 -8.67
C GLY A 247 -17.31 7.61 -7.32
N ASP A 248 -16.58 6.99 -6.38
CA ASP A 248 -17.05 6.74 -5.01
C ASP A 248 -16.07 7.37 -4.00
N LEU A 249 -16.56 7.76 -2.81
CA LEU A 249 -15.74 8.41 -1.77
C LEU A 249 -15.28 7.36 -0.76
N TYR A 250 -13.98 7.08 -0.75
CA TYR A 250 -13.35 6.09 0.14
C TYR A 250 -12.76 6.79 1.37
N LEU A 251 -13.42 6.66 2.52
CA LEU A 251 -12.91 7.21 3.80
C LEU A 251 -11.86 6.26 4.40
N GLU A 252 -10.57 6.59 4.16
CA GLU A 252 -9.44 5.74 4.55
C GLU A 252 -9.18 5.92 6.06
N VAL A 253 -9.56 4.89 6.83
CA VAL A 253 -9.70 4.96 8.30
C VAL A 253 -8.40 4.64 9.08
N ARG A 254 -8.25 5.36 10.20
CA ARG A 254 -7.25 5.12 11.26
C ARG A 254 -7.99 5.09 12.60
N ILE A 255 -8.06 3.89 13.23
CA ILE A 255 -8.70 3.71 14.53
C ILE A 255 -7.76 4.23 15.65
N THR A 256 -8.35 4.92 16.64
CA THR A 256 -7.65 5.43 17.84
C THR A 256 -8.33 4.87 19.11
N ILE A 257 -7.72 5.13 20.28
CA ILE A 257 -8.29 4.76 21.59
C ILE A 257 -8.57 6.04 22.42
N PRO A 258 -9.41 5.97 23.50
CA PRO A 258 -9.68 7.13 24.42
C PRO A 258 -8.47 7.61 25.27
N GLU A 259 -7.27 7.02 25.03
CA GLU A 259 -6.14 7.05 25.99
C GLU A 259 -6.64 6.65 27.40
N ARG A 260 -6.90 7.67 28.24
CA ARG A 260 -7.23 7.49 29.66
C ARG A 260 -8.74 7.28 29.85
N LEU A 261 -9.10 6.72 31.02
CA LEU A 261 -10.49 6.34 31.35
C LEU A 261 -10.82 6.72 32.79
N THR A 262 -12.12 6.87 33.07
CA THR A 262 -12.65 7.02 34.44
C THR A 262 -13.27 5.65 34.88
N PRO A 263 -13.28 5.32 36.23
CA PRO A 263 -13.64 3.98 36.81
C PRO A 263 -14.61 3.07 36.00
N GLU A 264 -15.71 3.65 35.49
CA GLU A 264 -16.76 2.89 34.77
C GLU A 264 -16.23 2.33 33.43
N GLU A 265 -15.83 3.22 32.50
CA GLU A 265 -15.31 2.80 31.17
C GLU A 265 -13.98 2.04 31.32
N GLU A 266 -13.27 2.34 32.42
CA GLU A 266 -12.03 1.64 32.81
C GLU A 266 -12.32 0.13 32.94
N ALA A 267 -13.37 -0.17 33.73
CA ALA A 267 -13.86 -1.54 33.95
C ALA A 267 -14.37 -2.18 32.64
N LEU A 268 -15.11 -1.40 31.80
CA LEU A 268 -15.67 -1.89 30.51
C LEU A 268 -14.56 -2.38 29.56
N TRP A 269 -13.57 -1.51 29.28
CA TRP A 269 -12.44 -1.82 28.39
C TRP A 269 -11.62 -3.01 28.90
N LYS A 270 -11.42 -3.08 30.24
CA LYS A 270 -10.70 -4.20 30.90
C LYS A 270 -11.46 -5.54 30.72
N LYS A 271 -12.80 -5.51 30.92
CA LYS A 271 -13.66 -6.72 30.77
C LYS A 271 -13.64 -7.24 29.33
N LEU A 272 -13.72 -6.29 28.38
CA LEU A 272 -13.60 -6.55 26.93
C LEU A 272 -12.25 -7.24 26.63
N ALA A 273 -11.18 -6.69 27.22
CA ALA A 273 -9.80 -7.07 26.92
C ALA A 273 -9.38 -8.43 27.52
N GLU A 274 -9.86 -8.72 28.73
CA GLU A 274 -9.55 -9.97 29.45
C GLU A 274 -10.38 -11.12 28.86
N ALA A 275 -11.65 -10.82 28.53
CA ALA A 275 -12.56 -11.77 27.83
C ALA A 275 -12.17 -11.91 26.34
N TYR A 276 -11.43 -10.91 25.82
CA TYR A 276 -10.83 -10.94 24.48
C TYR A 276 -9.79 -12.04 24.43
N TYR A 277 -8.73 -11.86 25.25
CA TYR A 277 -7.54 -12.74 25.24
C TYR A 277 -7.93 -14.18 25.68
N ALA A 278 -8.84 -14.27 26.68
CA ALA A 278 -9.37 -15.56 27.18
C ALA A 278 -10.15 -16.32 26.08
N ARG A 279 -10.70 -15.57 25.12
CA ARG A 279 -11.47 -16.13 23.99
C ARG A 279 -10.77 -15.81 22.66
N ALA A 280 -9.41 -15.73 22.72
CA ALA A 280 -8.58 -15.61 21.51
C ALA A 280 -8.40 -17.00 20.87
N MET B 1 -6.56 28.10 2.05
CA MET B 1 -7.84 27.61 1.49
C MET B 1 -8.35 28.61 0.43
N LYS B 2 -8.49 28.13 -0.83
CA LYS B 2 -9.04 28.88 -1.98
C LYS B 2 -8.10 30.02 -2.49
N GLN B 3 -7.96 30.08 -3.84
CA GLN B 3 -7.27 31.16 -4.58
C GLN B 3 -5.74 31.24 -4.24
N SER B 4 -5.15 30.07 -3.90
CA SER B 4 -3.71 29.96 -3.63
C SER B 4 -2.89 30.21 -4.91
N THR B 5 -3.49 29.76 -6.05
CA THR B 5 -2.95 29.92 -7.42
C THR B 5 -1.66 29.07 -7.66
N ILE B 6 -1.42 28.68 -8.93
CA ILE B 6 -0.54 27.53 -9.26
C ILE B 6 0.41 27.81 -10.45
N ALA B 7 1.36 26.88 -10.67
CA ALA B 7 2.39 26.97 -11.73
C ALA B 7 2.71 25.56 -12.27
N LEU B 8 2.57 25.38 -13.60
CA LEU B 8 2.70 24.07 -14.28
C LEU B 8 4.18 23.69 -14.45
N ALA B 9 4.50 22.38 -14.36
CA ALA B 9 5.87 21.86 -14.52
C ALA B 9 6.18 21.53 -15.99
N LEU B 10 5.27 20.76 -16.64
CA LEU B 10 5.49 20.09 -17.97
C LEU B 10 6.56 18.96 -17.85
N LEU B 11 6.17 17.73 -18.24
CA LEU B 11 7.08 16.57 -18.36
C LEU B 11 7.19 16.23 -19.88
N PRO B 12 8.31 16.63 -20.58
CA PRO B 12 8.47 16.46 -22.05
C PRO B 12 8.21 15.00 -22.51
N LEU B 13 9.10 14.08 -22.08
CA LEU B 13 8.99 12.64 -22.32
C LEU B 13 10.02 11.91 -21.48
N LEU B 14 9.68 10.67 -21.03
CA LEU B 14 10.58 9.74 -20.30
C LEU B 14 10.91 10.18 -18.83
N PHE B 15 10.81 11.50 -18.54
CA PHE B 15 11.13 12.04 -17.22
C PHE B 15 9.98 11.72 -16.24
N THR B 16 10.16 10.64 -15.48
CA THR B 16 9.22 10.17 -14.47
C THR B 16 10.06 9.69 -13.25
N PRO B 17 9.77 10.20 -12.00
CA PRO B 17 10.56 9.85 -10.78
C PRO B 17 10.42 8.37 -10.34
N VAL B 18 11.07 7.46 -11.11
CA VAL B 18 11.05 6.01 -10.85
C VAL B 18 12.49 5.46 -11.00
N THR B 19 13.24 5.45 -9.88
CA THR B 19 14.51 4.69 -9.72
C THR B 19 15.65 5.18 -10.68
N LYS B 20 15.45 6.33 -11.36
CA LYS B 20 16.40 6.83 -12.37
C LYS B 20 16.24 8.35 -12.61
N ALA B 21 15.13 8.73 -13.29
CA ALA B 21 14.93 10.12 -13.79
C ALA B 21 14.46 11.06 -12.66
N ARG B 22 15.45 11.46 -11.82
CA ARG B 22 15.25 12.32 -10.64
C ARG B 22 14.17 11.74 -9.70
N THR B 23 14.62 10.93 -8.74
CA THR B 23 13.73 10.31 -7.74
C THR B 23 13.85 11.10 -6.41
N PRO B 24 12.79 11.90 -6.02
CA PRO B 24 12.79 12.71 -4.76
C PRO B 24 12.84 11.83 -3.49
N GLU B 25 12.43 10.56 -3.64
CA GLU B 25 12.44 9.57 -2.58
C GLU B 25 13.76 8.79 -2.64
N MET B 26 14.72 9.19 -1.80
CA MET B 26 16.11 8.69 -1.80
C MET B 26 16.92 9.21 -0.57
N PRO B 27 16.75 10.50 -0.07
CA PRO B 27 17.29 10.94 1.25
C PRO B 27 16.65 10.16 2.44
N VAL B 28 17.26 10.33 3.66
CA VAL B 28 16.94 9.59 4.91
C VAL B 28 17.57 8.15 4.89
N LEU B 29 17.74 7.58 3.68
CA LEU B 29 18.43 6.30 3.45
C LEU B 29 19.95 6.40 3.74
N GLU B 30 20.63 5.23 3.62
CA GLU B 30 22.06 5.06 3.97
C GLU B 30 22.28 5.33 5.47
N ASN B 31 21.27 4.96 6.31
CA ASN B 31 21.37 5.07 7.79
C ASN B 31 22.49 4.15 8.29
N ARG B 32 23.67 4.74 8.42
CA ARG B 32 24.93 4.04 8.73
C ARG B 32 25.36 4.37 10.18
N ALA B 33 24.43 4.99 10.94
CA ALA B 33 24.56 5.25 12.38
C ALA B 33 23.93 4.08 13.15
N ALA B 34 22.67 3.77 12.80
CA ALA B 34 21.90 2.66 13.38
C ALA B 34 21.55 1.67 12.25
N GLN B 35 22.21 0.50 12.28
CA GLN B 35 22.04 -0.57 11.29
C GLN B 35 22.69 -1.86 11.83
N GLY B 36 22.03 -2.43 12.86
CA GLY B 36 22.45 -3.68 13.50
C GLY B 36 23.87 -3.65 14.05
N ASP B 37 24.78 -4.38 13.37
CA ASP B 37 26.17 -4.62 13.83
C ASP B 37 27.04 -3.35 13.86
N ILE B 38 26.71 -2.34 13.03
CA ILE B 38 27.52 -1.10 12.95
C ILE B 38 27.34 -0.20 14.19
N THR B 39 26.22 -0.40 14.92
CA THR B 39 25.93 0.32 16.17
C THR B 39 26.09 -0.60 17.39
N ALA B 40 25.79 -1.91 17.20
CA ALA B 40 25.87 -2.93 18.25
C ALA B 40 25.78 -4.34 17.62
N PRO B 41 26.92 -5.10 17.48
CA PRO B 41 26.93 -6.49 16.93
C PRO B 41 26.25 -7.50 17.88
N GLY B 42 24.90 -7.42 17.97
CA GLY B 42 24.10 -8.23 18.89
C GLY B 42 24.48 -7.98 20.35
N GLY B 43 25.45 -8.77 20.84
CA GLY B 43 26.01 -8.61 22.17
C GLY B 43 27.28 -9.45 22.37
N ALA B 44 27.89 -9.89 21.23
CA ALA B 44 28.99 -10.88 21.21
C ALA B 44 28.50 -12.24 21.77
N ARG B 45 28.37 -12.31 23.11
CA ARG B 45 27.65 -13.40 23.79
C ARG B 45 26.16 -13.33 23.43
N ARG B 46 25.54 -14.50 23.20
CA ARG B 46 24.08 -14.60 23.01
C ARG B 46 23.41 -14.57 24.41
N LEU B 47 24.19 -15.03 25.43
CA LEU B 47 23.87 -14.95 26.88
C LEU B 47 22.85 -16.02 27.33
N THR B 48 21.86 -16.33 26.47
CA THR B 48 20.76 -17.30 26.74
C THR B 48 19.70 -16.70 27.70
N GLY B 49 19.97 -15.46 28.18
CA GLY B 49 19.18 -14.87 29.26
C GLY B 49 19.67 -15.33 30.63
N ASP B 50 20.92 -15.84 30.67
CA ASP B 50 21.56 -16.33 31.90
C ASP B 50 22.13 -15.17 32.72
N GLN B 51 22.18 -15.36 34.04
CA GLN B 51 22.65 -14.36 35.02
C GLN B 51 23.59 -15.02 36.05
N THR B 52 23.79 -16.35 35.90
CA THR B 52 24.62 -17.17 36.81
C THR B 52 24.04 -17.12 38.26
N ALA B 53 22.70 -17.19 38.36
CA ALA B 53 21.97 -17.21 39.64
C ALA B 53 22.25 -18.54 40.36
N ALA B 54 23.24 -18.49 41.28
CA ALA B 54 23.74 -19.66 42.04
C ALA B 54 24.42 -20.71 41.13
N LEU B 55 24.67 -20.32 39.83
CA LEU B 55 25.16 -21.23 38.75
C LEU B 55 24.19 -22.44 38.56
N ARG B 56 22.92 -22.25 38.96
CA ARG B 56 21.87 -23.29 38.95
C ARG B 56 20.70 -22.84 38.06
N ASP B 57 19.57 -23.57 38.15
CA ASP B 57 18.33 -23.26 37.41
C ASP B 57 17.49 -22.16 38.13
N SER B 58 18.13 -21.44 39.08
CA SER B 58 17.48 -20.37 39.89
C SER B 58 17.04 -19.17 39.03
N LEU B 59 17.68 -19.00 37.86
CA LEU B 59 17.29 -17.97 36.87
C LEU B 59 15.89 -18.26 36.29
N SER B 60 15.52 -19.56 36.26
CA SER B 60 14.22 -20.04 35.79
C SER B 60 13.27 -20.21 37.00
N ASP B 61 12.46 -19.16 37.24
CA ASP B 61 11.44 -19.18 38.32
C ASP B 61 10.33 -20.20 37.99
N LYS B 62 9.81 -20.84 39.05
CA LYS B 62 8.81 -21.92 39.00
C LYS B 62 9.35 -23.17 38.25
N PRO B 63 10.13 -24.05 38.97
CA PRO B 63 10.54 -25.39 38.46
C PRO B 63 9.33 -26.36 38.31
N ALA B 64 8.19 -25.98 38.94
CA ALA B 64 6.93 -26.77 39.00
C ALA B 64 7.12 -28.04 39.86
N LYS B 65 7.74 -29.07 39.30
CA LYS B 65 8.02 -30.34 40.01
C LYS B 65 9.52 -30.48 40.35
N ASN B 66 10.35 -29.59 39.76
CA ASN B 66 11.81 -29.53 39.99
C ASN B 66 12.57 -30.74 39.38
N ILE B 67 13.82 -30.45 38.90
CA ILE B 67 14.79 -31.42 38.35
C ILE B 67 14.13 -32.48 37.42
N ILE B 68 13.50 -31.97 36.35
CA ILE B 68 12.79 -32.80 35.37
C ILE B 68 13.79 -33.49 34.40
N LEU B 69 14.43 -34.55 34.92
CA LEU B 69 15.40 -35.36 34.19
C LEU B 69 14.69 -36.14 33.08
N LEU B 70 14.77 -35.60 31.83
CA LEU B 70 14.11 -36.15 30.62
C LEU B 70 12.58 -35.99 30.74
N ILE B 71 11.94 -36.85 31.55
CA ILE B 71 10.51 -36.75 31.88
C ILE B 71 10.31 -36.96 33.39
N GLY B 72 9.68 -35.97 34.05
CA GLY B 72 9.38 -36.04 35.50
C GLY B 72 7.89 -36.29 35.74
N ASP B 73 7.25 -36.91 34.74
CA ASP B 73 5.78 -37.11 34.69
C ASP B 73 5.45 -38.60 34.87
N GLY B 74 6.26 -39.44 34.23
CA GLY B 74 6.09 -40.88 34.27
C GLY B 74 7.05 -41.54 33.30
N MET B 75 7.97 -42.38 33.82
CA MET B 75 9.05 -43.00 33.04
C MET B 75 8.47 -44.12 32.15
N GLY B 76 8.03 -43.70 30.98
CA GLY B 76 7.31 -44.52 30.02
C GLY B 76 6.61 -43.61 29.03
N ASP B 77 7.44 -42.82 28.32
CA ASP B 77 7.02 -41.75 27.39
C ASP B 77 6.01 -42.27 26.38
N SER B 78 6.39 -43.41 25.74
CA SER B 78 5.64 -44.13 24.69
C SER B 78 5.41 -43.25 23.43
N GLU B 79 4.61 -42.17 23.62
CA GLU B 79 4.38 -41.09 22.64
C GLU B 79 3.47 -41.60 21.51
N ILE B 80 4.06 -42.30 20.55
CA ILE B 80 3.41 -42.83 19.34
C ILE B 80 4.06 -44.19 19.00
N THR B 81 3.81 -44.69 17.78
CA THR B 81 4.57 -45.84 17.24
C THR B 81 6.01 -45.37 16.93
N ALA B 82 6.98 -46.33 16.92
CA ALA B 82 8.42 -46.05 16.84
C ALA B 82 8.77 -45.05 15.70
N ALA B 83 8.88 -43.77 16.07
CA ALA B 83 9.12 -42.64 15.15
C ALA B 83 9.64 -41.44 15.96
N ARG B 84 8.86 -41.00 16.96
CA ARG B 84 9.31 -39.94 17.90
C ARG B 84 9.73 -40.57 19.22
N ASN B 85 11.04 -40.81 19.36
CA ASN B 85 11.66 -41.33 20.58
C ASN B 85 12.88 -40.45 20.90
N TYR B 86 13.93 -40.53 20.04
CA TYR B 86 15.16 -39.70 20.10
C TYR B 86 16.01 -39.97 21.37
N ALA B 87 17.36 -39.89 21.22
CA ALA B 87 18.32 -40.13 22.32
C ALA B 87 18.11 -41.56 22.88
N GLU B 88 18.11 -41.71 24.24
CA GLU B 88 17.71 -42.95 24.95
C GLU B 88 18.73 -44.08 24.71
N GLY B 89 18.66 -44.70 23.51
CA GLY B 89 19.56 -45.77 23.10
C GLY B 89 19.07 -46.39 21.79
N ALA B 90 17.73 -46.42 21.63
CA ALA B 90 17.04 -46.94 20.44
C ALA B 90 17.39 -46.14 19.16
N GLY B 91 17.54 -44.82 19.31
CA GLY B 91 17.85 -43.92 18.20
C GLY B 91 18.36 -42.59 18.68
N GLY B 92 19.69 -42.50 18.87
CA GLY B 92 20.35 -41.26 19.30
C GLY B 92 20.15 -40.13 18.29
N PHE B 93 20.28 -40.50 17.00
CA PHE B 93 20.06 -39.62 15.84
C PHE B 93 21.08 -38.45 15.83
N PHE B 94 22.27 -38.76 15.31
CA PHE B 94 23.40 -37.81 15.19
C PHE B 94 23.25 -36.93 13.92
N LYS B 95 22.20 -37.22 13.11
CA LYS B 95 21.70 -36.38 11.99
C LYS B 95 22.60 -36.37 10.74
N GLY B 96 23.88 -36.77 10.89
CA GLY B 96 24.86 -36.73 9.79
C GLY B 96 25.38 -35.33 9.47
N ILE B 97 25.04 -34.34 10.33
CA ILE B 97 25.45 -32.94 10.15
C ILE B 97 26.81 -32.70 10.85
N ASP B 98 27.87 -33.20 10.20
CA ASP B 98 29.25 -33.10 10.71
C ASP B 98 30.24 -33.24 9.54
N ALA B 99 31.32 -32.42 9.59
CA ALA B 99 32.39 -32.32 8.55
C ALA B 99 31.91 -31.61 7.24
N LEU B 100 30.59 -31.40 7.11
CA LEU B 100 29.98 -30.68 5.99
C LEU B 100 30.16 -29.14 6.11
N PRO B 101 30.01 -28.49 7.34
CA PRO B 101 30.34 -27.05 7.52
C PRO B 101 31.83 -26.76 7.20
N LEU B 102 32.05 -26.05 6.06
CA LEU B 102 33.39 -25.71 5.58
C LEU B 102 34.09 -24.76 6.58
N THR B 103 35.31 -25.15 7.00
CA THR B 103 36.13 -24.36 7.91
C THR B 103 36.76 -23.16 7.15
N GLY B 104 35.94 -22.11 6.99
CA GLY B 104 36.35 -20.88 6.32
C GLY B 104 37.12 -19.96 7.25
N GLN B 105 38.01 -19.16 6.67
CA GLN B 105 38.84 -18.17 7.39
C GLN B 105 37.99 -16.94 7.81
N TYR B 106 36.81 -16.79 7.15
CA TYR B 106 35.74 -15.80 7.51
C TYR B 106 36.04 -14.38 6.99
N THR B 107 37.30 -13.94 7.13
CA THR B 107 37.73 -12.57 6.82
C THR B 107 37.83 -12.32 5.30
N HIS B 108 36.74 -11.76 4.73
CA HIS B 108 36.69 -11.18 3.37
C HIS B 108 36.73 -12.25 2.26
N TYR B 109 35.64 -12.33 1.47
CA TYR B 109 35.54 -13.19 0.28
C TYR B 109 34.85 -12.38 -0.84
N ALA B 110 35.68 -11.75 -1.69
CA ALA B 110 35.20 -10.80 -2.72
C ALA B 110 35.88 -11.10 -4.06
N LEU B 111 35.06 -11.46 -5.08
CA LEU B 111 35.52 -11.65 -6.47
C LEU B 111 35.42 -10.31 -7.25
N ASN B 112 36.22 -10.19 -8.32
CA ASN B 112 36.20 -9.05 -9.28
C ASN B 112 36.72 -7.73 -8.64
N LYS B 113 35.86 -7.15 -7.76
CA LYS B 113 36.10 -5.91 -7.01
C LYS B 113 35.94 -4.65 -7.91
N LYS B 114 36.87 -4.44 -8.85
CA LYS B 114 36.93 -3.22 -9.68
C LYS B 114 37.37 -3.51 -11.13
N THR B 115 36.58 -4.34 -11.84
CA THR B 115 36.77 -4.65 -13.27
C THR B 115 35.40 -4.62 -13.99
N GLY B 116 35.25 -3.74 -15.01
CA GLY B 116 33.95 -3.49 -15.64
C GLY B 116 33.00 -2.88 -14.61
N LYS B 117 31.95 -3.66 -14.23
CA LYS B 117 31.07 -3.48 -13.04
C LYS B 117 29.67 -2.82 -13.35
N PRO B 118 29.52 -1.43 -13.49
CA PRO B 118 28.19 -0.78 -13.36
C PRO B 118 27.33 -0.78 -14.66
N ASP B 119 27.72 0.08 -15.64
CA ASP B 119 26.90 0.44 -16.84
C ASP B 119 25.61 1.20 -16.41
N TYR B 120 24.62 0.47 -15.85
CA TYR B 120 23.34 1.03 -15.34
C TYR B 120 22.57 1.81 -16.43
N VAL B 121 21.94 1.05 -17.33
CA VAL B 121 20.99 1.57 -18.31
C VAL B 121 19.53 1.38 -17.82
N THR B 122 19.34 0.44 -16.87
CA THR B 122 18.03 0.00 -16.37
C THR B 122 17.15 -0.50 -17.53
N ASP B 123 17.31 -1.78 -17.87
CA ASP B 123 16.64 -2.40 -19.04
C ASP B 123 15.13 -2.64 -18.75
N SER B 124 14.40 -3.15 -19.78
CA SER B 124 12.91 -3.34 -19.85
C SER B 124 12.17 -3.29 -18.48
N ALA B 125 11.99 -4.47 -17.82
CA ALA B 125 11.38 -4.60 -16.47
C ALA B 125 11.29 -6.08 -16.07
N ALA B 126 10.33 -6.77 -16.70
CA ALA B 126 9.94 -8.15 -16.37
C ALA B 126 8.96 -8.68 -17.47
N SER B 127 8.31 -9.80 -17.16
CA SER B 127 7.35 -10.47 -18.05
C SER B 127 5.89 -10.21 -17.58
N ALA B 128 5.54 -10.80 -16.43
CA ALA B 128 4.27 -10.61 -15.74
C ALA B 128 4.54 -10.34 -14.26
N THR B 129 4.72 -9.04 -13.92
CA THR B 129 5.11 -8.62 -12.57
C THR B 129 3.95 -8.90 -11.56
N ALA B 130 4.33 -9.54 -10.42
CA ALA B 130 3.41 -10.12 -9.40
C ALA B 130 2.86 -11.49 -9.86
N TRP B 131 3.01 -12.50 -8.97
CA TRP B 131 2.58 -13.91 -9.17
C TRP B 131 3.46 -14.64 -10.22
N SER B 132 3.44 -14.12 -11.48
CA SER B 132 4.38 -14.48 -12.56
C SER B 132 4.03 -15.82 -13.26
N THR B 133 4.09 -16.92 -12.48
CA THR B 133 3.88 -18.30 -12.98
C THR B 133 2.40 -18.52 -13.39
N GLY B 134 2.11 -18.29 -14.69
CA GLY B 134 0.74 -18.40 -15.23
C GLY B 134 0.20 -17.09 -15.80
N VAL B 135 0.83 -15.96 -15.37
CA VAL B 135 0.50 -14.58 -15.80
C VAL B 135 -0.91 -14.13 -15.32
N LYS B 136 -1.98 -14.60 -16.03
CA LYS B 136 -3.40 -14.28 -15.72
C LYS B 136 -3.65 -12.76 -15.69
N THR B 137 -3.16 -12.08 -16.74
CA THR B 137 -3.25 -10.61 -16.97
C THR B 137 -2.54 -9.73 -15.91
N TYR B 138 -1.96 -10.37 -14.82
CA TYR B 138 -1.21 -9.74 -13.67
C TYR B 138 -1.73 -8.36 -13.15
N ASN B 139 -1.66 -7.30 -14.00
CA ASN B 139 -2.16 -5.93 -13.71
C ASN B 139 -1.35 -5.24 -12.60
N GLY B 140 -0.10 -5.71 -12.40
CA GLY B 140 0.84 -5.06 -11.50
C GLY B 140 0.70 -5.53 -10.05
N ALA B 141 -0.52 -5.39 -9.49
CA ALA B 141 -0.82 -5.65 -8.06
C ALA B 141 -0.12 -4.61 -7.16
N LEU B 142 -0.89 -3.64 -6.66
CA LEU B 142 -0.38 -2.51 -5.87
C LEU B 142 -1.48 -2.02 -4.89
N GLY B 143 -1.25 -0.85 -4.25
CA GLY B 143 -2.27 -0.27 -3.36
C GLY B 143 -1.72 0.79 -2.40
N VAL B 144 -0.38 0.74 -2.17
CA VAL B 144 0.38 1.66 -1.28
C VAL B 144 0.08 1.39 0.21
N ASP B 145 -1.19 1.64 0.62
CA ASP B 145 -1.69 1.36 1.99
C ASP B 145 -2.11 -0.11 2.12
N ILE B 146 -2.56 -0.71 0.99
CA ILE B 146 -2.92 -2.15 0.92
C ILE B 146 -2.13 -2.82 -0.24
N HIS B 147 -2.38 -4.12 -0.47
CA HIS B 147 -1.71 -4.90 -1.54
C HIS B 147 -2.70 -5.90 -2.18
N GLU B 148 -2.55 -6.10 -3.51
CA GLU B 148 -3.27 -7.14 -4.32
C GLU B 148 -4.81 -6.96 -4.31
N LYS B 149 -5.45 -7.40 -3.20
CA LYS B 149 -6.88 -7.22 -2.88
C LYS B 149 -7.81 -8.04 -3.81
N ASP B 150 -8.14 -7.51 -5.01
CA ASP B 150 -9.25 -8.05 -5.86
C ASP B 150 -8.74 -8.95 -7.00
N HIS B 151 -7.73 -8.50 -7.76
CA HIS B 151 -7.34 -9.17 -9.03
C HIS B 151 -6.47 -10.46 -8.84
N PRO B 152 -5.20 -10.37 -8.26
CA PRO B 152 -4.15 -11.43 -8.39
C PRO B 152 -4.61 -12.85 -7.98
N THR B 153 -5.10 -13.60 -8.98
CA THR B 153 -5.39 -15.05 -8.91
C THR B 153 -6.43 -15.43 -7.83
N ILE B 154 -7.26 -14.43 -7.45
CA ILE B 154 -8.38 -14.63 -6.50
C ILE B 154 -9.44 -15.55 -7.12
N LEU B 155 -9.69 -15.34 -8.43
CA LEU B 155 -10.58 -16.18 -9.25
C LEU B 155 -9.76 -17.38 -9.81
N GLU B 156 -9.33 -18.29 -8.90
CA GLU B 156 -8.70 -19.57 -9.25
C GLU B 156 -8.49 -20.43 -7.95
N MET B 157 -7.21 -20.54 -7.47
CA MET B 157 -6.84 -21.41 -6.32
C MET B 157 -5.34 -21.23 -5.98
N ALA B 158 -4.50 -21.01 -7.02
CA ALA B 158 -3.02 -20.91 -6.86
C ALA B 158 -2.59 -19.46 -6.56
N LYS B 159 -3.44 -18.72 -5.81
CA LYS B 159 -3.20 -17.34 -5.36
C LYS B 159 -1.91 -17.32 -4.50
N ALA B 160 -2.04 -17.87 -3.28
CA ALA B 160 -0.95 -18.05 -2.30
C ALA B 160 -1.56 -18.57 -0.99
N ALA B 161 -1.71 -19.90 -0.91
CA ALA B 161 -2.25 -20.59 0.27
C ALA B 161 -1.89 -22.08 0.17
N GLY B 162 -0.64 -22.41 0.53
CA GLY B 162 -0.23 -23.80 0.66
C GLY B 162 -0.69 -24.37 1.99
N LEU B 163 -0.23 -23.71 3.08
CA LEU B 163 -0.61 -24.00 4.48
C LEU B 163 -0.31 -25.49 4.85
N ALA B 164 -1.26 -26.40 4.54
CA ALA B 164 -1.12 -27.85 4.80
C ALA B 164 -0.02 -28.48 3.91
N THR B 165 0.12 -27.97 2.67
CA THR B 165 1.21 -28.37 1.75
C THR B 165 2.33 -27.29 1.78
N GLY B 166 2.60 -26.77 3.00
CA GLY B 166 3.67 -25.79 3.22
C GLY B 166 5.06 -26.42 3.15
N ASN B 167 5.65 -26.46 1.92
CA ASN B 167 7.00 -26.98 1.69
C ASN B 167 8.03 -26.08 2.40
N VAL B 168 8.78 -26.68 3.36
CA VAL B 168 9.80 -26.01 4.19
C VAL B 168 9.15 -25.02 5.18
N SER B 169 8.68 -23.86 4.66
CA SER B 169 8.00 -22.79 5.42
C SER B 169 8.96 -22.15 6.46
N THR B 170 9.10 -22.82 7.63
CA THR B 170 9.97 -22.39 8.75
C THR B 170 9.53 -20.99 9.29
N ALA B 171 8.25 -20.66 9.05
CA ALA B 171 7.62 -19.40 9.47
C ALA B 171 6.24 -19.71 10.08
N GLU B 172 5.49 -18.66 10.46
CA GLU B 172 4.12 -18.83 11.01
C GLU B 172 3.13 -19.10 9.85
N LEU B 173 3.10 -20.38 9.41
CA LEU B 173 2.17 -20.90 8.37
C LEU B 173 2.44 -20.27 6.97
N GLN B 174 3.56 -19.53 6.83
CA GLN B 174 3.89 -18.79 5.59
C GLN B 174 4.77 -19.67 4.69
N ASP B 175 4.15 -20.30 3.69
CA ASP B 175 4.83 -21.17 2.71
C ASP B 175 5.42 -20.35 1.54
N ALA B 176 6.48 -20.91 0.92
CA ALA B 176 7.17 -20.30 -0.23
C ALA B 176 7.95 -21.38 -1.00
N THR B 177 7.70 -21.50 -2.32
CA THR B 177 8.41 -22.44 -3.21
C THR B 177 9.10 -21.65 -4.36
N PRO B 178 10.42 -21.27 -4.20
CA PRO B 178 11.23 -20.72 -5.31
C PRO B 178 11.84 -21.85 -6.18
N ALA B 179 12.66 -21.46 -7.19
CA ALA B 179 13.44 -22.43 -7.98
C ALA B 179 14.52 -23.05 -7.08
N ALA B 180 15.30 -22.17 -6.44
CA ALA B 180 16.33 -22.56 -5.46
C ALA B 180 16.73 -21.36 -4.58
N LEU B 181 16.60 -20.15 -5.17
CA LEU B 181 16.68 -18.86 -4.44
C LEU B 181 15.86 -17.84 -5.23
N VAL B 182 16.37 -17.47 -6.42
CA VAL B 182 15.60 -16.70 -7.41
C VAL B 182 14.61 -17.65 -8.10
N ALA B 183 13.33 -17.22 -8.19
CA ALA B 183 12.27 -18.02 -8.84
C ALA B 183 12.56 -18.21 -10.34
N HIS B 184 12.90 -17.10 -11.03
CA HIS B 184 13.35 -17.11 -12.45
C HIS B 184 13.65 -15.67 -12.93
N VAL B 185 13.87 -15.55 -14.25
CA VAL B 185 13.76 -14.31 -15.01
C VAL B 185 13.16 -14.67 -16.36
N THR B 186 11.95 -14.15 -16.66
CA THR B 186 11.31 -14.27 -17.98
C THR B 186 11.13 -15.77 -18.42
N SER B 187 10.94 -16.03 -19.72
CA SER B 187 10.73 -17.39 -20.27
C SER B 187 12.05 -18.20 -20.29
N ARG B 188 12.37 -18.88 -19.16
CA ARG B 188 13.56 -19.78 -19.05
C ARG B 188 13.13 -21.14 -18.44
N LYS B 189 14.06 -22.12 -18.49
CA LYS B 189 13.88 -23.47 -17.92
C LYS B 189 14.50 -23.53 -16.50
N CYS B 190 14.11 -24.55 -15.72
CA CYS B 190 14.60 -24.75 -14.33
C CYS B 190 15.12 -26.18 -14.16
N TYR B 191 16.10 -26.35 -13.26
CA TYR B 191 16.80 -27.63 -13.04
C TYR B 191 16.90 -27.93 -11.52
N GLY B 192 17.18 -29.20 -11.16
CA GLY B 192 17.37 -29.61 -9.76
C GLY B 192 18.65 -29.05 -9.12
N PRO B 193 18.81 -29.04 -7.75
CA PRO B 193 19.93 -28.37 -7.05
C PRO B 193 21.31 -28.97 -7.38
N SER B 194 22.30 -28.10 -7.64
CA SER B 194 23.68 -28.50 -8.01
C SER B 194 24.70 -27.50 -7.42
N ALA B 195 25.38 -27.91 -6.33
CA ALA B 195 26.43 -27.13 -5.65
C ALA B 195 27.33 -28.09 -4.84
N THR B 196 28.45 -27.57 -4.31
CA THR B 196 29.36 -28.34 -3.45
C THR B 196 29.16 -27.95 -1.97
N SER B 197 29.51 -26.70 -1.65
CA SER B 197 29.45 -26.14 -0.30
C SER B 197 29.33 -24.62 -0.41
N GLU B 198 30.22 -24.07 -1.28
CA GLU B 198 30.33 -22.63 -1.63
C GLU B 198 30.70 -21.81 -0.36
N LYS B 199 29.71 -21.57 0.51
CA LYS B 199 29.91 -21.13 1.93
C LYS B 199 30.33 -19.65 2.09
N CYS B 200 31.06 -19.07 1.11
CA CYS B 200 31.72 -17.75 1.22
C CYS B 200 30.71 -16.59 1.45
N PRO B 201 30.61 -16.05 2.71
CA PRO B 201 29.68 -14.96 3.07
C PRO B 201 30.38 -13.60 3.26
N GLY B 202 31.62 -13.48 2.72
CA GLY B 202 32.50 -12.34 2.97
C GLY B 202 32.10 -11.06 2.25
N ASN B 203 31.10 -11.17 1.32
CA ASN B 203 30.47 -10.00 0.64
C ASN B 203 31.44 -9.33 -0.38
N ALA B 204 30.87 -8.53 -1.32
CA ALA B 204 31.64 -7.67 -2.23
C ALA B 204 32.53 -6.71 -1.41
N LEU B 205 31.89 -5.95 -0.48
CA LEU B 205 32.54 -5.10 0.53
C LEU B 205 33.63 -4.20 -0.10
N GLU B 206 33.19 -3.07 -0.68
CA GLU B 206 34.11 -2.10 -1.34
C GLU B 206 35.20 -1.60 -0.34
N LYS B 207 34.75 -1.05 0.81
CA LYS B 207 35.60 -0.51 1.89
C LYS B 207 34.81 -0.53 3.21
N GLY B 208 33.58 0.02 3.19
CA GLY B 208 32.77 0.22 4.41
C GLY B 208 31.88 -0.98 4.73
N GLY B 209 31.18 -1.47 3.71
CA GLY B 209 30.21 -2.57 3.85
C GLY B 209 28.92 -2.25 3.10
N LYS B 210 28.42 -1.02 3.32
CA LYS B 210 27.23 -0.48 2.62
C LYS B 210 27.51 1.01 2.31
N GLY B 211 27.71 1.31 1.03
CA GLY B 211 27.99 2.68 0.55
C GLY B 211 27.54 2.85 -0.89
N SER B 212 27.04 4.07 -1.23
CA SER B 212 26.50 4.41 -2.56
C SER B 212 25.28 3.54 -2.90
N ILE B 213 24.09 4.01 -2.48
CA ILE B 213 22.82 3.27 -2.67
C ILE B 213 22.41 3.24 -4.16
N THR B 214 22.74 4.33 -4.89
CA THR B 214 22.52 4.51 -6.34
C THR B 214 21.01 4.44 -6.71
N GLU B 215 20.49 3.20 -6.83
CA GLU B 215 19.10 2.94 -7.27
C GLU B 215 18.56 1.63 -6.65
N GLN B 216 19.39 0.96 -5.84
CA GLN B 216 19.03 -0.28 -5.12
C GLN B 216 18.05 0.05 -3.97
N LEU B 217 17.04 -0.84 -3.79
CA LEU B 217 15.97 -0.77 -2.77
C LEU B 217 15.15 0.56 -2.79
N LEU B 218 15.79 1.70 -2.40
CA LEU B 218 15.18 3.04 -2.31
C LEU B 218 13.94 3.08 -1.38
N ASN B 219 12.78 2.66 -1.90
CA ASN B 219 11.53 2.60 -1.13
C ASN B 219 10.57 1.63 -1.86
N ALA B 220 9.65 1.03 -1.09
CA ALA B 220 8.70 0.03 -1.59
C ALA B 220 7.35 0.17 -0.89
N ARG B 221 6.36 -0.64 -1.34
CA ARG B 221 4.99 -0.62 -0.80
C ARG B 221 5.04 -0.94 0.70
N ALA B 222 5.44 -2.20 1.03
CA ALA B 222 5.62 -2.70 2.42
C ALA B 222 4.56 -2.12 3.39
N ASP B 223 3.30 -2.43 3.08
CA ASP B 223 2.12 -1.72 3.60
C ASP B 223 1.67 -2.25 4.97
N VAL B 224 0.39 -1.97 5.34
CA VAL B 224 -0.20 -2.36 6.63
C VAL B 224 -0.14 -3.89 6.84
N THR B 225 -0.31 -4.64 5.71
CA THR B 225 -0.27 -6.11 5.62
C THR B 225 -1.52 -6.79 6.24
N LEU B 226 -1.74 -6.53 7.55
CA LEU B 226 -2.75 -7.20 8.40
C LEU B 226 -2.27 -8.65 8.63
N GLY B 227 -1.41 -8.82 9.65
CA GLY B 227 -0.87 -10.13 10.03
C GLY B 227 -0.31 -10.15 11.45
N GLY B 228 -0.83 -9.25 12.32
CA GLY B 228 -0.48 -9.21 13.73
C GLY B 228 -1.40 -10.11 14.56
N GLY B 229 -2.31 -9.48 15.33
CA GLY B 229 -3.34 -10.22 16.11
C GLY B 229 -2.74 -11.09 17.22
N ALA B 230 -3.08 -12.39 17.24
CA ALA B 230 -2.59 -13.37 18.25
C ALA B 230 -2.68 -14.80 17.66
N LYS B 231 -1.78 -15.70 18.14
CA LYS B 231 -1.62 -17.06 17.58
C LYS B 231 -0.75 -17.91 18.54
N THR B 232 -0.77 -19.25 18.34
CA THR B 232 -0.04 -20.24 19.15
C THR B 232 1.45 -19.89 19.33
N PHE B 233 1.81 -19.36 20.51
CA PHE B 233 3.21 -19.09 20.88
C PHE B 233 3.32 -18.95 22.41
N ALA B 234 2.44 -18.07 22.97
CA ALA B 234 2.32 -17.79 24.42
C ALA B 234 3.41 -16.82 24.95
N GLU B 235 4.63 -16.91 24.34
CA GLU B 235 5.79 -16.04 24.62
C GLU B 235 6.38 -16.33 26.02
N THR B 236 7.72 -16.32 26.10
CA THR B 236 8.45 -16.38 27.36
C THR B 236 9.67 -15.48 27.23
N ALA B 237 9.43 -14.17 27.50
CA ALA B 237 10.46 -13.14 27.53
C ALA B 237 11.13 -12.98 26.15
N THR B 238 10.34 -12.51 25.16
CA THR B 238 10.82 -12.34 23.77
C THR B 238 10.05 -11.17 23.10
N ALA B 239 10.68 -9.97 23.05
CA ALA B 239 10.17 -8.81 22.29
C ALA B 239 11.27 -7.73 22.14
N GLY B 240 11.24 -6.69 23.00
CA GLY B 240 12.18 -5.56 22.91
C GLY B 240 11.82 -4.46 23.89
N GLU B 241 12.12 -3.20 23.51
CA GLU B 241 11.89 -2.01 24.37
C GLU B 241 10.45 -1.46 24.20
N TRP B 242 10.22 -0.22 24.75
CA TRP B 242 8.95 0.58 24.66
C TRP B 242 7.97 0.21 25.78
N GLN B 243 8.08 -1.03 26.26
CA GLN B 243 7.11 -1.65 27.14
C GLN B 243 7.61 -1.66 28.59
N GLY B 244 6.82 -1.01 29.48
CA GLY B 244 6.98 -1.18 30.93
C GLY B 244 6.77 -2.63 31.31
N LYS B 245 5.75 -3.24 30.66
CA LYS B 245 5.56 -4.70 30.57
C LYS B 245 5.31 -5.37 31.95
N THR B 246 5.03 -4.54 32.95
CA THR B 246 4.85 -4.97 34.35
C THR B 246 3.50 -4.47 34.91
N LEU B 247 2.66 -3.88 34.04
CA LEU B 247 1.33 -3.36 34.46
C LEU B 247 0.25 -4.39 34.01
N ARG B 248 -0.18 -5.19 35.00
CA ARG B 248 -1.32 -6.15 34.88
C ARG B 248 -0.98 -7.38 33.99
N GLU B 249 -0.95 -7.17 32.65
CA GLU B 249 -0.79 -8.25 31.64
C GLU B 249 -1.98 -9.25 31.72
N GLN B 250 -3.18 -8.69 32.05
CA GLN B 250 -4.50 -9.39 32.16
C GLN B 250 -4.57 -10.34 33.37
N ALA B 251 -5.81 -10.61 33.83
CA ALA B 251 -6.09 -11.67 34.81
C ALA B 251 -5.84 -13.03 34.15
N GLN B 252 -4.95 -13.83 34.77
CA GLN B 252 -4.57 -15.16 34.27
C GLN B 252 -5.74 -16.14 34.46
N ALA B 253 -6.63 -16.21 33.44
CA ALA B 253 -7.80 -17.10 33.43
C ALA B 253 -7.36 -18.58 33.48
N ARG B 254 -8.13 -19.40 34.23
CA ARG B 254 -7.79 -20.81 34.54
C ARG B 254 -6.61 -20.83 35.53
N GLY B 255 -6.93 -20.64 36.82
CA GLY B 255 -5.92 -20.46 37.88
C GLY B 255 -6.35 -21.03 39.22
N TYR B 256 -6.84 -22.29 39.21
CA TYR B 256 -7.17 -23.03 40.44
C TYR B 256 -5.87 -23.41 41.18
N GLN B 257 -5.56 -22.64 42.25
CA GLN B 257 -4.39 -22.82 43.15
C GLN B 257 -3.08 -22.59 42.36
N LEU B 258 -2.73 -23.56 41.50
CA LEU B 258 -1.64 -23.44 40.53
C LEU B 258 -2.19 -23.93 39.17
N VAL B 259 -2.93 -23.01 38.48
CA VAL B 259 -3.56 -23.21 37.15
C VAL B 259 -4.71 -24.26 37.22
N SER B 260 -4.32 -25.52 37.40
CA SER B 260 -5.19 -26.69 37.60
C SER B 260 -4.27 -27.90 37.80
N ASP B 261 -3.17 -27.89 37.02
CA ASP B 261 -2.09 -28.88 37.08
C ASP B 261 -0.78 -28.20 36.64
N ALA B 262 0.36 -28.59 37.25
CA ALA B 262 1.71 -28.14 36.85
C ALA B 262 2.16 -28.90 35.58
N ALA B 263 2.27 -30.23 35.70
CA ALA B 263 2.59 -31.15 34.58
C ALA B 263 2.36 -32.61 35.06
N SER B 264 1.15 -33.15 34.79
CA SER B 264 0.77 -34.56 35.09
C SER B 264 0.73 -34.88 36.60
N LEU B 265 0.61 -33.82 37.44
CA LEU B 265 0.66 -33.91 38.91
C LEU B 265 -0.52 -34.76 39.42
N ASN B 266 -1.75 -34.42 38.96
CA ASN B 266 -2.98 -35.15 39.36
C ASN B 266 -3.06 -36.51 38.61
N SER B 267 -2.33 -36.59 37.47
CA SER B 267 -2.13 -37.81 36.65
C SER B 267 -3.33 -38.13 35.74
N VAL B 268 -4.57 -37.93 36.23
CA VAL B 268 -5.80 -38.21 35.46
C VAL B 268 -5.92 -37.19 34.30
N THR B 269 -5.83 -35.89 34.66
CA THR B 269 -5.92 -34.74 33.72
C THR B 269 -7.18 -34.84 32.83
N GLU B 270 -8.26 -34.24 33.32
CA GLU B 270 -9.59 -34.25 32.68
C GLU B 270 -9.57 -33.47 31.34
N ALA B 271 -8.68 -32.45 31.27
CA ALA B 271 -8.53 -31.56 30.09
C ALA B 271 -9.87 -30.87 29.74
N ASN B 272 -10.64 -30.55 30.81
CA ASN B 272 -11.97 -29.93 30.71
C ASN B 272 -11.88 -28.52 30.11
N GLN B 273 -12.92 -28.14 29.36
CA GLN B 273 -13.00 -26.83 28.70
C GLN B 273 -13.13 -25.73 29.77
N GLN B 274 -12.01 -25.07 30.05
CA GLN B 274 -11.95 -23.90 30.95
C GLN B 274 -10.93 -22.92 30.37
N LYS B 275 -11.44 -22.05 29.47
CA LYS B 275 -10.66 -21.02 28.74
C LYS B 275 -9.38 -21.63 28.08
N PRO B 276 -9.51 -22.72 27.23
CA PRO B 276 -8.34 -23.39 26.60
C PRO B 276 -7.89 -22.68 25.31
N LEU B 277 -8.39 -21.44 25.09
CA LEU B 277 -7.98 -20.59 23.97
C LEU B 277 -6.68 -19.85 24.36
N LEU B 278 -6.76 -18.56 24.79
CA LEU B 278 -5.57 -17.77 25.24
C LEU B 278 -4.50 -17.60 24.12
N GLY B 279 -4.93 -17.77 22.85
CA GLY B 279 -4.03 -17.73 21.68
C GLY B 279 -3.87 -19.09 20.99
N LEU B 280 -4.22 -20.18 21.72
CA LEU B 280 -4.18 -21.57 21.22
C LEU B 280 -5.16 -21.73 20.03
N PHE B 281 -6.40 -21.25 20.21
CA PHE B 281 -7.40 -21.25 19.13
C PHE B 281 -7.06 -20.17 18.09
N ALA B 282 -6.76 -18.96 18.62
CA ALA B 282 -6.31 -17.77 17.86
C ALA B 282 -7.47 -17.04 17.11
N ASP B 283 -8.47 -17.83 16.64
CA ASP B 283 -9.67 -17.36 15.91
C ASP B 283 -9.30 -16.75 14.54
N GLY B 284 -8.75 -15.52 14.56
CA GLY B 284 -8.27 -14.83 13.37
C GLY B 284 -6.87 -15.31 12.98
N ASN B 285 -6.80 -16.57 12.55
CA ASN B 285 -5.55 -17.23 12.14
C ASN B 285 -5.16 -16.71 10.74
N MET B 286 -4.32 -15.65 10.73
CA MET B 286 -3.87 -14.94 9.50
C MET B 286 -5.04 -14.11 8.88
N PRO B 287 -4.77 -13.18 7.88
CA PRO B 287 -5.85 -12.45 7.13
C PRO B 287 -6.81 -13.37 6.33
N VAL B 288 -6.54 -14.69 6.33
CA VAL B 288 -7.41 -15.70 5.70
C VAL B 288 -8.62 -15.99 6.63
N ARG B 289 -9.55 -15.03 6.68
CA ARG B 289 -10.77 -15.10 7.52
C ARG B 289 -12.00 -15.49 6.65
N TRP B 290 -11.83 -15.38 5.30
CA TRP B 290 -12.90 -15.50 4.29
C TRP B 290 -13.81 -14.24 4.31
N LEU B 291 -13.85 -13.54 3.15
CA LEU B 291 -14.52 -12.22 2.95
C LEU B 291 -13.73 -11.08 3.65
N GLY B 292 -13.72 -9.89 3.03
CA GLY B 292 -13.01 -8.72 3.55
C GLY B 292 -12.55 -7.77 2.44
N PRO B 293 -11.62 -8.21 1.52
CA PRO B 293 -11.09 -7.37 0.40
C PRO B 293 -12.03 -7.34 -0.85
N LYS B 294 -13.33 -7.22 -0.58
CA LYS B 294 -14.40 -7.28 -1.61
C LYS B 294 -14.58 -5.91 -2.31
N ALA B 295 -14.59 -5.93 -3.65
CA ALA B 295 -14.99 -4.79 -4.51
C ALA B 295 -15.26 -5.31 -5.93
N THR B 296 -14.26 -6.05 -6.47
CA THR B 296 -14.27 -6.71 -7.80
C THR B 296 -14.19 -5.68 -8.96
N TYR B 297 -13.39 -6.04 -10.00
CA TYR B 297 -13.28 -5.31 -11.28
C TYR B 297 -12.57 -3.93 -11.09
N HIS B 298 -13.37 -2.91 -10.64
CA HIS B 298 -12.96 -1.49 -10.48
C HIS B 298 -12.03 -0.96 -11.61
N GLY B 299 -12.64 -0.57 -12.74
CA GLY B 299 -11.91 -0.02 -13.89
C GLY B 299 -11.50 1.46 -13.71
N ASN B 300 -10.60 1.69 -12.73
CA ASN B 300 -10.12 3.05 -12.36
C ASN B 300 -8.98 2.83 -11.32
N ILE B 301 -8.94 3.62 -10.21
CA ILE B 301 -8.00 3.41 -9.07
C ILE B 301 -6.50 3.63 -9.51
N ASP B 302 -6.28 4.23 -10.70
CA ASP B 302 -4.93 4.30 -11.32
C ASP B 302 -4.68 5.67 -11.97
N LYS B 303 -3.37 6.04 -12.07
CA LYS B 303 -2.92 7.40 -12.46
C LYS B 303 -3.17 7.75 -13.97
N PRO B 304 -2.83 6.87 -14.99
CA PRO B 304 -3.23 7.09 -16.39
C PRO B 304 -4.76 7.21 -16.58
N ALA B 305 -5.52 6.55 -15.67
CA ALA B 305 -7.01 6.48 -15.67
C ALA B 305 -7.50 5.63 -16.86
N VAL B 306 -7.40 6.18 -18.08
CA VAL B 306 -7.63 5.42 -19.34
C VAL B 306 -6.26 5.13 -19.99
N THR B 307 -6.16 3.94 -20.64
CA THR B 307 -4.90 3.41 -21.20
C THR B 307 -4.32 4.31 -22.32
N CYS B 308 -5.20 5.07 -23.00
CA CYS B 308 -4.84 5.94 -24.14
C CYS B 308 -4.06 7.20 -23.69
N THR B 309 -4.03 7.47 -22.37
CA THR B 309 -3.33 8.63 -21.79
C THR B 309 -2.22 8.15 -20.81
N PRO B 310 -0.98 7.84 -21.32
CA PRO B 310 0.14 7.36 -20.47
C PRO B 310 0.92 8.52 -19.79
N ASN B 311 1.80 8.18 -18.83
CA ASN B 311 2.65 9.17 -18.13
C ASN B 311 4.04 9.32 -18.82
N PRO B 312 4.81 8.20 -19.12
CA PRO B 312 6.03 8.28 -19.95
C PRO B 312 5.71 7.93 -21.43
N GLN B 313 6.71 7.42 -22.18
CA GLN B 313 6.51 6.93 -23.56
C GLN B 313 6.18 5.43 -23.59
N ARG B 314 5.78 4.90 -22.41
CA ARG B 314 5.47 3.48 -22.17
C ARG B 314 6.75 2.62 -22.24
N ASN B 315 7.22 2.33 -23.48
CA ASN B 315 8.35 1.41 -23.77
C ASN B 315 8.08 0.01 -23.20
N ASP B 316 8.41 -0.18 -21.90
CA ASP B 316 8.20 -1.42 -21.12
C ASP B 316 8.91 -2.64 -21.75
N SER B 317 8.27 -3.23 -22.77
CA SER B 317 8.76 -4.43 -23.45
C SER B 317 9.89 -4.10 -24.45
N VAL B 318 9.88 -2.84 -24.95
CA VAL B 318 10.85 -2.34 -25.95
C VAL B 318 11.74 -1.22 -25.33
N PRO B 319 12.99 -1.58 -24.84
CA PRO B 319 13.93 -0.58 -24.23
C PRO B 319 14.36 0.49 -25.24
N THR B 320 14.82 0.04 -26.42
CA THR B 320 15.30 0.92 -27.50
C THR B 320 14.65 0.50 -28.83
N LEU B 321 14.78 -0.79 -29.16
CA LEU B 321 14.21 -1.41 -30.37
C LEU B 321 13.13 -2.43 -29.98
N ALA B 322 12.55 -3.08 -31.00
CA ALA B 322 11.49 -4.10 -30.83
C ALA B 322 12.08 -5.49 -30.53
N GLN B 323 13.14 -5.54 -29.67
CA GLN B 323 13.79 -6.79 -29.25
C GLN B 323 12.80 -7.67 -28.47
N MET B 324 11.97 -6.99 -27.64
CA MET B 324 10.80 -7.57 -26.95
C MET B 324 11.19 -8.58 -25.84
N THR B 325 10.95 -8.20 -24.56
CA THR B 325 10.96 -9.16 -23.45
C THR B 325 9.64 -9.95 -23.49
N ASP B 326 9.74 -11.27 -23.67
CA ASP B 326 8.58 -12.17 -23.76
C ASP B 326 7.88 -12.23 -22.40
N LYS B 327 6.53 -12.36 -22.42
CA LYS B 327 5.70 -12.31 -21.19
C LYS B 327 5.68 -13.66 -20.44
N ALA B 328 6.62 -14.56 -20.84
CA ALA B 328 6.94 -15.82 -20.13
C ALA B 328 5.80 -16.84 -20.16
N ILE B 329 6.10 -17.97 -19.54
CA ILE B 329 5.17 -19.07 -19.30
C ILE B 329 5.58 -19.72 -17.97
N GLU B 330 4.79 -20.67 -17.45
CA GLU B 330 5.18 -21.49 -16.29
C GLU B 330 6.52 -22.18 -16.58
N LEU B 331 6.48 -23.14 -17.53
CA LEU B 331 7.63 -23.97 -17.95
C LEU B 331 8.43 -24.48 -16.72
N LEU B 332 9.55 -23.78 -16.39
CA LEU B 332 10.48 -24.09 -15.31
C LEU B 332 10.67 -25.60 -15.05
N SER B 333 9.83 -26.16 -14.16
CA SER B 333 9.87 -27.56 -13.73
C SER B 333 8.59 -27.86 -12.94
N LYS B 334 8.46 -27.20 -11.76
CA LYS B 334 7.25 -27.21 -10.88
C LYS B 334 7.06 -28.55 -10.11
N ASN B 335 7.28 -29.69 -10.79
CA ASN B 335 7.16 -31.04 -10.21
C ASN B 335 8.25 -31.29 -9.15
N GLU B 336 7.90 -31.03 -7.87
CA GLU B 336 8.69 -31.41 -6.69
C GLU B 336 10.13 -30.84 -6.68
N LYS B 337 10.30 -29.67 -6.03
CA LYS B 337 11.63 -29.08 -5.76
C LYS B 337 11.76 -28.65 -4.29
N GLY B 338 10.84 -29.14 -3.44
CA GLY B 338 10.82 -28.81 -2.01
C GLY B 338 10.12 -29.88 -1.20
N PHE B 339 10.41 -29.91 0.10
CA PHE B 339 9.86 -30.91 1.03
C PHE B 339 9.55 -30.25 2.38
N PHE B 340 8.78 -30.95 3.24
CA PHE B 340 8.36 -30.45 4.56
C PHE B 340 9.57 -30.38 5.52
N LEU B 341 9.48 -29.48 6.51
CA LEU B 341 10.49 -29.36 7.59
C LEU B 341 9.75 -29.57 8.93
N GLN B 342 9.97 -30.74 9.55
CA GLN B 342 9.28 -31.13 10.80
C GLN B 342 9.98 -30.52 12.03
N VAL B 343 9.83 -29.19 12.19
CA VAL B 343 10.35 -28.45 13.36
C VAL B 343 9.44 -28.72 14.59
N GLU B 344 8.12 -28.77 14.32
CA GLU B 344 7.05 -29.13 15.28
C GLU B 344 6.95 -28.12 16.46
N GLY B 345 7.87 -28.25 17.44
CA GLY B 345 7.90 -27.38 18.63
C GLY B 345 8.87 -26.21 18.48
N ALA B 346 8.75 -25.22 19.38
CA ALA B 346 9.62 -24.03 19.44
C ALA B 346 10.49 -24.08 20.71
N SER B 347 11.42 -23.11 20.85
CA SER B 347 12.30 -23.01 22.02
C SER B 347 11.46 -22.74 23.29
N ILE B 348 10.65 -21.65 23.23
CA ILE B 348 9.79 -21.15 24.33
C ILE B 348 10.64 -20.67 25.54
N ASP B 349 11.25 -21.65 26.25
CA ASP B 349 12.10 -21.43 27.46
C ASP B 349 13.14 -20.32 27.26
N LYS B 350 12.83 -19.10 27.79
CA LYS B 350 13.82 -18.02 28.02
C LYS B 350 14.64 -17.71 26.75
N GLN B 351 13.95 -17.17 25.75
CA GLN B 351 14.53 -16.95 24.41
C GLN B 351 15.30 -15.63 24.31
N ASP B 352 16.22 -15.59 23.33
CA ASP B 352 16.98 -14.40 22.91
C ASP B 352 17.94 -13.91 24.04
N HIS B 353 17.44 -12.97 24.88
CA HIS B 353 18.23 -12.34 25.96
C HIS B 353 17.32 -12.09 27.19
N ALA B 354 16.12 -12.73 27.14
CA ALA B 354 14.92 -12.34 27.92
C ALA B 354 14.27 -11.07 27.30
N ALA B 355 13.18 -10.57 27.91
CA ALA B 355 12.50 -9.33 27.46
C ALA B 355 13.16 -8.10 28.09
N ASN B 356 12.61 -6.91 27.79
CA ASN B 356 13.01 -5.64 28.41
C ASN B 356 11.82 -5.07 29.21
N PRO B 357 11.64 -5.48 30.52
CA PRO B 357 10.59 -4.91 31.41
C PRO B 357 11.03 -3.57 32.05
N CYS B 358 12.31 -3.24 31.84
CA CYS B 358 12.93 -2.01 32.32
C CYS B 358 14.14 -1.69 31.45
N GLY B 359 14.34 -0.39 31.16
CA GLY B 359 15.59 0.07 30.51
C GLY B 359 16.67 0.23 31.57
N GLN B 360 17.11 -0.94 32.11
CA GLN B 360 17.96 -1.07 33.32
C GLN B 360 17.16 -0.56 34.56
N ILE B 361 16.93 0.77 34.60
CA ILE B 361 16.04 1.42 35.59
C ILE B 361 14.56 1.25 35.11
N GLY B 362 13.64 1.03 36.07
CA GLY B 362 12.22 0.80 35.78
C GLY B 362 11.49 2.04 35.27
N GLU B 363 11.96 3.22 35.71
CA GLU B 363 11.37 4.52 35.33
C GLU B 363 11.68 4.89 33.87
N THR B 364 12.73 4.27 33.30
CA THR B 364 13.17 4.49 31.91
C THR B 364 12.06 4.07 30.90
N VAL B 365 11.18 3.11 31.29
CA VAL B 365 10.07 2.63 30.46
C VAL B 365 8.69 3.08 31.03
N ASP B 366 8.14 2.35 32.03
CA ASP B 366 6.76 2.53 32.56
C ASP B 366 5.71 2.63 31.40
N LEU B 367 5.35 3.86 31.01
CA LEU B 367 4.54 4.15 29.82
C LEU B 367 5.19 5.35 29.11
N ASP B 368 5.42 5.25 27.81
CA ASP B 368 5.97 6.35 26.99
C ASP B 368 4.84 7.30 26.51
N GLU B 369 5.21 8.36 25.77
CA GLU B 369 4.35 9.50 25.37
C GLU B 369 4.03 10.41 26.58
N ALA B 370 3.18 9.90 27.50
CA ALA B 370 2.69 10.61 28.72
C ALA B 370 1.73 11.77 28.34
N VAL B 371 2.29 12.84 27.71
CA VAL B 371 1.57 14.05 27.25
C VAL B 371 1.01 14.82 28.48
N GLN B 372 -0.20 14.43 28.91
CA GLN B 372 -0.89 14.93 30.12
C GLN B 372 -2.15 14.07 30.33
N ARG B 373 -2.07 12.81 29.80
CA ARG B 373 -3.21 11.91 29.58
C ARG B 373 -4.23 12.58 28.65
N ALA B 374 -4.06 12.34 27.32
CA ALA B 374 -4.83 13.01 26.27
C ALA B 374 -6.33 12.70 26.40
N LEU B 375 -7.11 13.78 26.65
CA LEU B 375 -8.58 13.70 26.68
C LEU B 375 -9.10 13.55 25.25
N GLU B 376 -9.78 12.42 25.00
CA GLU B 376 -10.32 12.06 23.68
C GLU B 376 -11.38 13.07 23.17
N PHE B 377 -12.10 13.74 24.11
CA PHE B 377 -13.13 14.76 23.80
C PHE B 377 -12.53 15.92 22.97
N ALA B 378 -11.25 16.23 23.26
CA ALA B 378 -10.49 17.25 22.52
C ALA B 378 -10.28 16.82 21.06
N LYS B 379 -10.03 15.49 20.87
CA LYS B 379 -10.00 14.79 19.54
C LYS B 379 -8.67 15.04 18.76
N LYS B 380 -8.00 16.18 19.06
CA LYS B 380 -6.65 16.53 18.57
C LYS B 380 -6.65 16.93 17.08
N GLU B 381 -6.70 15.92 16.19
CA GLU B 381 -6.51 16.13 14.74
C GLU B 381 -7.86 16.16 14.02
N GLY B 382 -8.27 17.37 13.60
CA GLY B 382 -9.51 17.59 12.87
C GLY B 382 -10.75 17.38 13.73
N ASN B 383 -10.82 18.08 14.87
CA ASN B 383 -12.00 18.03 15.77
C ASN B 383 -13.12 18.88 15.17
N THR B 384 -12.80 20.18 15.00
CA THR B 384 -13.71 21.23 14.53
C THR B 384 -14.91 21.42 15.49
N LEU B 385 -15.95 20.56 15.34
CA LEU B 385 -17.26 20.73 16.00
C LEU B 385 -17.91 22.05 15.56
N VAL B 386 -17.53 23.17 16.21
CA VAL B 386 -17.97 24.54 15.81
C VAL B 386 -16.70 25.37 15.51
N ILE B 387 -15.73 24.72 14.81
CA ILE B 387 -14.33 25.19 14.61
C ILE B 387 -13.57 25.11 15.96
N VAL B 388 -14.09 25.84 16.95
CA VAL B 388 -13.69 25.71 18.36
C VAL B 388 -14.55 24.62 19.05
N THR B 389 -13.96 23.91 20.03
CA THR B 389 -14.63 22.77 20.72
C THR B 389 -15.49 23.23 21.91
N ALA B 390 -15.09 24.35 22.54
CA ALA B 390 -15.73 24.87 23.78
C ALA B 390 -17.15 25.45 23.52
N ASP B 391 -17.48 25.64 22.23
CA ASP B 391 -18.78 26.18 21.78
C ASP B 391 -19.87 25.08 21.86
N HIS B 392 -21.14 25.45 21.54
CA HIS B 392 -22.34 24.57 21.65
C HIS B 392 -22.61 24.27 23.15
N ALA B 393 -22.08 25.17 24.01
CA ALA B 393 -22.10 25.06 25.48
C ALA B 393 -21.51 23.73 25.97
N HIS B 394 -20.41 23.29 25.31
CA HIS B 394 -19.70 22.05 25.69
C HIS B 394 -18.93 22.26 27.02
N ALA B 395 -19.72 22.26 28.09
CA ALA B 395 -19.29 22.50 29.45
C ALA B 395 -20.31 21.78 30.34
N SER B 396 -19.84 20.74 31.03
CA SER B 396 -20.68 19.86 31.85
C SER B 396 -21.08 20.51 33.19
N GLN B 397 -20.48 21.68 33.49
CA GLN B 397 -20.70 22.42 34.74
C GLN B 397 -22.08 23.12 34.71
N ILE B 398 -23.11 22.35 35.06
CA ILE B 398 -24.52 22.82 35.11
C ILE B 398 -24.88 23.18 36.58
N VAL B 399 -25.14 24.48 36.83
CA VAL B 399 -25.36 25.02 38.20
C VAL B 399 -26.73 24.56 38.75
N ALA B 400 -27.83 25.20 38.26
CA ALA B 400 -29.22 24.88 38.67
C ALA B 400 -30.23 25.66 37.80
N PRO B 401 -30.63 25.13 36.60
CA PRO B 401 -31.77 25.65 35.81
C PRO B 401 -33.10 25.00 36.27
N ASP B 402 -33.38 25.17 37.57
CA ASP B 402 -34.55 24.58 38.27
C ASP B 402 -35.85 25.25 37.77
N THR B 403 -35.88 26.59 37.90
CA THR B 403 -36.92 27.45 37.32
C THR B 403 -36.36 28.12 36.05
N LYS B 404 -37.20 28.19 34.99
CA LYS B 404 -36.85 28.70 33.65
C LYS B 404 -35.59 27.99 33.12
N ALA B 405 -35.78 26.89 32.38
CA ALA B 405 -34.66 26.08 31.85
C ALA B 405 -34.49 26.29 30.33
N PRO B 406 -33.60 27.24 29.87
CA PRO B 406 -33.32 27.46 28.44
C PRO B 406 -32.15 26.61 27.92
N GLY B 407 -31.86 25.50 28.64
CA GLY B 407 -30.68 24.69 28.38
C GLY B 407 -29.41 25.44 28.74
N LEU B 408 -28.76 26.02 27.70
CA LEU B 408 -27.48 26.79 27.80
C LEU B 408 -26.31 25.93 28.37
N THR B 409 -26.51 24.61 28.43
CA THR B 409 -25.55 23.65 28.99
C THR B 409 -25.48 22.42 28.06
N GLN B 410 -24.29 21.78 28.04
CA GLN B 410 -23.95 20.53 27.29
C GLN B 410 -24.25 20.58 25.76
N ALA B 411 -25.53 20.68 25.36
CA ALA B 411 -25.94 20.65 23.94
C ALA B 411 -26.75 21.89 23.54
N LEU B 412 -27.96 22.03 24.14
CA LEU B 412 -28.94 23.09 23.78
C LEU B 412 -28.35 24.49 24.06
N ASN B 413 -27.94 25.19 22.98
CA ASN B 413 -27.38 26.55 23.04
C ASN B 413 -27.26 27.12 21.62
N THR B 414 -26.19 26.70 20.90
CA THR B 414 -25.90 27.16 19.52
C THR B 414 -25.97 25.97 18.55
N LYS B 415 -26.19 26.27 17.27
CA LYS B 415 -26.52 25.27 16.22
C LYS B 415 -25.48 25.24 15.10
N ASP B 416 -24.53 26.19 15.15
CA ASP B 416 -23.53 26.43 14.07
C ASP B 416 -22.40 25.38 14.11
N GLY B 417 -21.50 25.50 13.12
CA GLY B 417 -20.33 24.63 13.01
C GLY B 417 -20.50 23.48 12.04
N ALA B 418 -21.53 23.55 11.19
CA ALA B 418 -21.74 22.59 10.10
C ALA B 418 -22.65 23.18 9.00
N VAL B 419 -22.24 22.96 7.73
CA VAL B 419 -23.03 23.28 6.54
C VAL B 419 -24.35 22.45 6.54
N MET B 420 -24.21 21.18 6.90
CA MET B 420 -25.33 20.23 7.08
C MET B 420 -25.15 19.55 8.44
N VAL B 421 -26.17 19.64 9.31
CA VAL B 421 -26.10 19.15 10.70
C VAL B 421 -27.39 18.35 11.06
N MET B 422 -27.23 17.03 11.26
CA MET B 422 -28.33 16.11 11.68
C MET B 422 -28.24 15.81 13.19
N SER B 423 -27.18 16.34 13.83
CA SER B 423 -27.01 16.32 15.31
C SER B 423 -27.36 17.71 15.87
N TYR B 424 -28.19 18.44 15.11
CA TYR B 424 -28.75 19.78 15.45
C TYR B 424 -29.46 19.72 16.82
N GLY B 425 -30.14 18.58 17.09
CA GLY B 425 -30.74 18.28 18.39
C GLY B 425 -30.23 16.95 18.93
N ASN B 426 -28.89 16.78 18.86
CA ASN B 426 -28.14 15.56 19.32
C ASN B 426 -28.49 14.32 18.47
N SER B 427 -29.60 13.67 18.80
CA SER B 427 -29.98 12.36 18.24
C SER B 427 -31.08 12.54 17.18
N GLU B 428 -30.63 12.47 15.90
CA GLU B 428 -31.49 12.43 14.70
C GLU B 428 -32.56 13.54 14.70
N GLU B 429 -32.15 14.76 14.34
CA GLU B 429 -33.05 15.93 14.35
C GLU B 429 -33.78 16.06 12.99
N ASP B 430 -34.89 16.85 13.01
CA ASP B 430 -35.64 17.33 11.82
C ASP B 430 -34.74 17.76 10.66
N SER B 431 -33.61 18.43 11.00
CA SER B 431 -32.62 18.93 10.03
C SER B 431 -31.90 17.75 9.32
N GLN B 432 -32.58 17.19 8.30
CA GLN B 432 -32.06 16.15 7.40
C GLN B 432 -32.05 16.70 5.97
N GLU B 433 -31.85 18.02 5.87
CA GLU B 433 -31.83 18.76 4.61
C GLU B 433 -30.66 18.30 3.72
N HIS B 434 -30.96 18.00 2.44
CA HIS B 434 -29.99 17.57 1.42
C HIS B 434 -29.42 16.15 1.76
N THR B 435 -30.27 15.30 2.37
CA THR B 435 -29.91 13.88 2.69
C THR B 435 -29.87 13.00 1.42
N GLY B 436 -30.29 13.57 0.27
CA GLY B 436 -30.13 12.94 -1.06
C GLY B 436 -28.67 12.69 -1.40
N SER B 437 -27.78 13.57 -0.89
CA SER B 437 -26.34 13.30 -0.83
C SER B 437 -26.05 12.61 0.52
N GLN B 438 -26.29 11.28 0.54
CA GLN B 438 -26.21 10.45 1.74
C GLN B 438 -24.76 10.34 2.26
N LEU B 439 -24.45 11.19 3.25
CA LEU B 439 -23.18 11.15 4.01
C LEU B 439 -23.22 10.05 5.09
N ARG B 440 -24.39 9.40 5.24
CA ARG B 440 -24.56 8.24 6.13
C ARG B 440 -23.93 7.02 5.44
N ILE B 441 -22.84 6.51 6.00
CA ILE B 441 -21.98 5.53 5.33
C ILE B 441 -22.65 4.14 5.23
N ALA B 442 -22.97 3.75 3.98
CA ALA B 442 -23.57 2.44 3.66
C ALA B 442 -22.50 1.49 3.08
N ALA B 443 -21.22 1.71 3.47
CA ALA B 443 -20.08 0.88 3.04
C ALA B 443 -20.12 -0.52 3.68
N TYR B 444 -19.28 -1.43 3.10
CA TYR B 444 -19.23 -2.88 3.43
C TYR B 444 -20.39 -3.67 2.77
N GLY B 445 -21.47 -2.95 2.37
CA GLY B 445 -22.73 -3.56 1.96
C GLY B 445 -23.35 -4.36 3.09
N PRO B 446 -23.90 -3.69 4.17
CA PRO B 446 -24.31 -4.34 5.45
C PRO B 446 -25.13 -5.65 5.28
N HIS B 447 -24.45 -6.80 5.45
CA HIS B 447 -25.07 -8.14 5.43
C HIS B 447 -24.59 -8.95 6.65
N ALA B 448 -25.55 -9.63 7.30
CA ALA B 448 -25.31 -10.43 8.51
C ALA B 448 -26.16 -11.72 8.47
N ALA B 449 -26.31 -12.40 9.63
CA ALA B 449 -27.03 -13.70 9.78
C ALA B 449 -26.26 -14.82 9.03
N ASN B 450 -24.92 -14.67 8.99
CA ASN B 450 -23.97 -15.59 8.31
C ASN B 450 -24.07 -15.51 6.76
N VAL B 451 -24.94 -14.62 6.22
CA VAL B 451 -25.09 -14.41 4.77
C VAL B 451 -23.84 -13.67 4.25
N VAL B 452 -22.83 -14.47 3.86
CA VAL B 452 -21.49 -14.01 3.46
C VAL B 452 -21.43 -13.74 1.94
N GLY B 453 -22.19 -14.55 1.18
CA GLY B 453 -22.24 -14.47 -0.28
C GLY B 453 -23.12 -13.32 -0.75
N LEU B 454 -22.58 -12.09 -0.62
CA LEU B 454 -23.27 -10.85 -0.97
C LEU B 454 -22.16 -9.79 -1.16
N THR B 455 -22.21 -9.06 -2.30
CA THR B 455 -21.27 -7.97 -2.59
C THR B 455 -21.73 -6.67 -1.89
N ASP B 456 -22.67 -5.93 -2.51
CA ASP B 456 -23.21 -4.66 -1.97
C ASP B 456 -24.72 -4.62 -2.24
N GLN B 457 -25.45 -3.89 -1.36
CA GLN B 457 -26.93 -3.81 -1.34
C GLN B 457 -27.53 -5.21 -1.02
N THR B 458 -27.90 -5.40 0.26
CA THR B 458 -28.50 -6.65 0.75
C THR B 458 -30.05 -6.56 0.75
N ASP B 459 -30.58 -5.46 0.13
CA ASP B 459 -32.00 -5.05 0.19
C ASP B 459 -32.33 -4.59 1.62
N LEU B 460 -32.58 -3.26 1.75
CA LEU B 460 -32.95 -2.58 3.01
C LEU B 460 -31.73 -2.60 3.99
N PHE B 461 -31.13 -1.41 4.22
CA PHE B 461 -29.93 -1.27 5.08
C PHE B 461 -30.32 -1.30 6.58
N TYR B 462 -30.78 -2.47 7.02
CA TYR B 462 -31.16 -2.77 8.41
C TYR B 462 -30.93 -4.28 8.68
N THR B 463 -30.25 -4.95 7.73
CA THR B 463 -29.91 -6.38 7.78
C THR B 463 -28.60 -6.59 8.59
N MET B 464 -28.62 -6.06 9.84
CA MET B 464 -27.50 -6.12 10.79
C MET B 464 -27.76 -7.25 11.81
N LYS B 465 -28.35 -8.36 11.30
CA LYS B 465 -28.80 -9.50 12.12
C LYS B 465 -27.59 -10.27 12.70
N ALA B 466 -27.06 -9.74 13.81
CA ALA B 466 -25.87 -10.28 14.50
C ALA B 466 -26.31 -10.97 15.79
N ALA B 467 -25.32 -11.34 16.61
CA ALA B 467 -25.55 -11.93 17.95
C ALA B 467 -25.83 -10.84 19.01
N LEU B 468 -26.30 -9.65 18.57
CA LEU B 468 -26.64 -8.51 19.43
C LEU B 468 -27.71 -8.91 20.48
N GLY B 469 -27.67 -8.24 21.65
CA GLY B 469 -28.49 -8.63 22.79
C GLY B 469 -28.00 -9.94 23.38
N LEU B 470 -28.57 -11.06 22.91
CA LEU B 470 -28.20 -12.42 23.31
C LEU B 470 -28.73 -13.44 22.30
N LYS B 471 -29.99 -13.22 21.86
CA LYS B 471 -30.78 -14.14 21.01
C LYS B 471 -31.12 -15.42 21.85
N MET C 1 43.66 -20.52 -31.12
CA MET C 1 43.91 -21.61 -32.08
C MET C 1 44.53 -22.81 -31.35
N ALA C 2 43.66 -23.71 -30.83
CA ALA C 2 44.05 -24.95 -30.10
C ALA C 2 44.94 -24.66 -28.87
N ALA C 3 44.82 -23.43 -28.33
CA ALA C 3 45.72 -22.89 -27.29
C ALA C 3 45.19 -23.20 -25.89
N LYS C 4 44.73 -24.47 -25.72
CA LYS C 4 44.11 -24.99 -24.49
C LYS C 4 44.73 -24.47 -23.18
N LYS C 5 44.12 -23.41 -22.64
CA LYS C 5 44.36 -22.95 -21.27
C LYS C 5 43.84 -24.01 -20.30
N ASP C 6 44.76 -24.74 -19.64
CA ASP C 6 44.38 -25.64 -18.55
C ASP C 6 44.14 -24.78 -17.31
N TYR C 7 42.87 -24.40 -17.14
CA TYR C 7 42.41 -23.43 -16.12
C TYR C 7 42.69 -23.93 -14.69
N TYR C 8 42.75 -25.27 -14.52
CA TYR C 8 43.13 -25.91 -13.24
C TYR C 8 44.59 -25.58 -12.89
N ALA C 9 45.49 -25.71 -13.88
CA ALA C 9 46.92 -25.38 -13.72
C ALA C 9 47.13 -23.89 -13.41
N ILE C 10 46.32 -23.02 -14.09
CA ILE C 10 46.32 -21.56 -13.86
C ILE C 10 45.94 -21.24 -12.38
N LEU C 11 44.93 -21.99 -11.84
CA LEU C 11 44.50 -21.87 -10.44
C LEU C 11 45.36 -22.74 -9.48
N GLY C 12 46.30 -23.53 -10.04
CA GLY C 12 47.19 -24.39 -9.24
C GLY C 12 46.47 -25.46 -8.42
N VAL C 13 45.48 -26.13 -9.05
CA VAL C 13 44.69 -27.24 -8.45
C VAL C 13 44.62 -28.43 -9.45
N PRO C 14 44.55 -29.70 -8.94
CA PRO C 14 44.27 -30.88 -9.79
C PRO C 14 42.77 -30.97 -10.19
N ARG C 15 42.48 -31.74 -11.25
CA ARG C 15 41.09 -31.95 -11.77
C ARG C 15 40.27 -32.92 -10.89
N ASN C 16 40.71 -33.11 -9.64
CA ASN C 16 40.04 -33.95 -8.65
C ASN C 16 39.62 -33.08 -7.44
N ALA C 17 40.19 -31.86 -7.35
CA ALA C 17 39.83 -30.87 -6.32
C ALA C 17 38.35 -30.48 -6.50
N THR C 18 37.59 -30.48 -5.39
CA THR C 18 36.16 -30.11 -5.40
C THR C 18 36.01 -28.62 -5.76
N GLN C 19 34.79 -28.22 -6.17
CA GLN C 19 34.50 -26.88 -6.69
C GLN C 19 34.93 -25.77 -5.74
N GLU C 20 34.73 -26.01 -4.42
CA GLU C 20 35.09 -25.03 -3.40
C GLU C 20 36.61 -24.86 -3.29
N GLU C 21 37.38 -25.96 -3.48
CA GLU C 21 38.86 -25.92 -3.40
C GLU C 21 39.45 -25.14 -4.59
N ILE C 22 38.82 -25.33 -5.76
CA ILE C 22 39.14 -24.60 -7.01
C ILE C 22 38.79 -23.09 -6.84
N LYS C 23 37.66 -22.85 -6.15
CA LYS C 23 37.16 -21.51 -5.84
C LYS C 23 38.05 -20.83 -4.78
N ARG C 24 38.61 -21.64 -3.84
CA ARG C 24 39.54 -21.15 -2.80
C ARG C 24 40.93 -20.89 -3.40
N ALA C 25 41.23 -21.58 -4.51
CA ALA C 25 42.41 -21.29 -5.33
C ALA C 25 42.30 -19.90 -5.95
N TYR C 26 41.08 -19.59 -6.48
CA TYR C 26 40.77 -18.23 -6.96
C TYR C 26 40.94 -17.21 -5.82
N LYS C 27 40.29 -17.46 -4.65
CA LYS C 27 40.33 -16.52 -3.49
C LYS C 27 41.77 -16.32 -2.97
N ARG C 28 42.61 -17.36 -3.10
CA ARG C 28 44.04 -17.31 -2.77
C ARG C 28 44.74 -16.28 -3.69
N LEU C 29 44.45 -16.42 -4.99
CA LEU C 29 44.98 -15.53 -6.05
C LEU C 29 44.29 -14.15 -6.03
N ALA C 30 43.11 -14.07 -5.40
CA ALA C 30 42.35 -12.82 -5.25
C ALA C 30 42.88 -12.01 -4.06
N ARG C 31 43.54 -12.70 -3.11
CA ARG C 31 44.29 -12.04 -2.02
C ARG C 31 45.74 -11.72 -2.47
N GLN C 32 46.29 -12.58 -3.37
CA GLN C 32 47.68 -12.45 -3.88
C GLN C 32 47.77 -11.22 -4.81
N TYR C 33 46.98 -11.24 -5.90
CA TYR C 33 46.96 -10.20 -6.94
C TYR C 33 45.92 -9.09 -6.61
N HIS C 34 45.59 -8.95 -5.30
CA HIS C 34 44.41 -8.19 -4.80
C HIS C 34 44.36 -6.73 -5.31
N PRO C 35 43.59 -6.46 -6.42
CA PRO C 35 43.66 -5.18 -7.18
C PRO C 35 42.95 -4.02 -6.46
N ASP C 36 42.33 -4.33 -5.30
CA ASP C 36 41.72 -3.34 -4.42
C ASP C 36 42.80 -2.57 -3.62
N VAL C 37 43.87 -3.29 -3.21
CA VAL C 37 44.94 -2.72 -2.33
C VAL C 37 46.28 -2.74 -3.08
N ASN C 38 46.65 -3.92 -3.59
CA ASN C 38 47.89 -4.12 -4.37
C ASN C 38 47.57 -4.07 -5.87
N LYS C 39 47.43 -2.83 -6.37
CA LYS C 39 47.12 -2.55 -7.79
C LYS C 39 48.41 -2.63 -8.63
N SER C 40 48.93 -3.85 -8.77
CA SER C 40 50.17 -4.11 -9.54
C SER C 40 49.80 -4.46 -11.00
N PRO C 41 50.12 -3.58 -12.01
CA PRO C 41 49.72 -3.75 -13.45
C PRO C 41 49.77 -5.20 -13.97
N GLU C 42 50.99 -5.81 -13.95
CA GLU C 42 51.23 -7.18 -14.44
C GLU C 42 50.41 -8.22 -13.63
N ALA C 43 50.21 -7.95 -12.33
CA ALA C 43 49.48 -8.85 -11.42
C ALA C 43 47.97 -8.73 -11.64
N GLU C 44 47.53 -7.60 -12.25
CA GLU C 44 46.12 -7.37 -12.59
C GLU C 44 45.81 -8.04 -13.93
N GLU C 45 46.85 -8.15 -14.79
CA GLU C 45 46.78 -8.89 -16.07
C GLU C 45 46.71 -10.40 -15.80
N LYS C 46 47.53 -10.84 -14.82
CA LYS C 46 47.44 -12.18 -14.24
C LYS C 46 46.04 -12.39 -13.65
N PHE C 47 45.56 -11.38 -12.89
CA PHE C 47 44.23 -11.41 -12.22
C PHE C 47 43.09 -11.51 -13.24
N LYS C 48 43.30 -10.96 -14.46
CA LYS C 48 42.38 -11.15 -15.59
C LYS C 48 42.35 -12.64 -15.97
N GLU C 49 43.55 -13.25 -16.17
CA GLU C 49 43.66 -14.71 -16.47
C GLU C 49 43.22 -15.61 -15.28
N ILE C 50 43.17 -15.04 -14.06
CA ILE C 50 42.64 -15.74 -12.88
C ILE C 50 41.09 -15.72 -12.94
N ASN C 51 40.53 -14.58 -13.41
CA ASN C 51 39.07 -14.41 -13.64
C ASN C 51 38.64 -15.06 -14.96
N GLU C 52 39.61 -15.44 -15.80
CA GLU C 52 39.39 -16.28 -17.00
C GLU C 52 39.22 -17.73 -16.55
N ALA C 53 40.22 -18.19 -15.77
CA ALA C 53 40.22 -19.51 -15.15
C ALA C 53 38.99 -19.71 -14.23
N TYR C 54 38.56 -18.61 -13.60
CA TYR C 54 37.38 -18.57 -12.73
C TYR C 54 36.11 -18.40 -13.57
N ALA C 55 36.18 -17.68 -14.72
CA ALA C 55 35.04 -17.58 -15.67
C ALA C 55 34.62 -18.98 -16.15
N VAL C 56 35.61 -19.87 -16.22
CA VAL C 56 35.40 -21.25 -16.67
C VAL C 56 35.30 -22.26 -15.49
N LEU C 57 35.83 -21.92 -14.28
CA LEU C 57 35.79 -22.86 -13.10
C LEU C 57 35.17 -22.19 -11.83
N SER C 58 34.25 -21.21 -12.00
CA SER C 58 33.56 -20.55 -10.85
C SER C 58 32.60 -21.51 -10.12
N ASP C 59 31.61 -22.00 -10.85
CA ASP C 59 30.48 -22.79 -10.32
C ASP C 59 30.37 -24.11 -11.08
N PRO C 60 29.71 -25.19 -10.50
CA PRO C 60 29.54 -26.51 -11.19
C PRO C 60 29.02 -26.38 -12.65
N GLU C 61 28.22 -25.33 -12.90
CA GLU C 61 27.79 -24.92 -14.25
C GLU C 61 29.00 -24.81 -15.22
N LYS C 62 29.83 -23.77 -14.95
CA LYS C 62 30.98 -23.40 -15.78
C LYS C 62 32.01 -24.54 -15.87
N ARG C 63 32.28 -25.16 -14.70
CA ARG C 63 33.31 -26.18 -14.55
C ARG C 63 32.98 -27.41 -15.39
N ARG C 64 31.70 -27.86 -15.32
CA ARG C 64 31.24 -29.05 -16.06
C ARG C 64 31.13 -28.77 -17.57
N ILE C 65 30.90 -27.49 -17.97
CA ILE C 65 31.02 -27.08 -19.40
C ILE C 65 32.45 -27.36 -19.90
N TYR C 66 33.46 -26.96 -19.08
CA TYR C 66 34.87 -27.21 -19.39
C TYR C 66 35.16 -28.72 -19.40
N ASP C 67 34.66 -29.45 -18.37
CA ASP C 67 34.92 -30.89 -18.21
C ASP C 67 34.35 -31.71 -19.38
N THR C 68 33.21 -31.24 -19.94
CA THR C 68 32.60 -31.86 -21.12
C THR C 68 33.34 -31.42 -22.41
N TYR C 69 34.10 -30.31 -22.36
CA TYR C 69 35.08 -30.00 -23.42
C TYR C 69 36.32 -30.93 -23.23
N GLY C 70 36.78 -31.53 -24.33
CA GLY C 70 37.76 -32.64 -24.27
C GLY C 70 37.06 -34.00 -24.21
N THR C 71 35.76 -33.98 -24.55
CA THR C 71 34.89 -35.16 -24.67
C THR C 71 34.04 -34.85 -25.89
N THR C 72 33.31 -33.74 -25.76
CA THR C 72 32.83 -32.97 -26.88
C THR C 72 34.06 -32.16 -27.33
N GLU C 73 34.26 -32.05 -28.65
CA GLU C 73 35.47 -31.44 -29.25
C GLU C 73 35.13 -30.04 -29.79
N ALA C 74 34.00 -29.94 -30.51
CA ALA C 74 33.51 -28.67 -31.07
C ALA C 74 32.93 -27.79 -29.93
N PRO C 75 33.09 -26.42 -30.01
CA PRO C 75 32.44 -25.48 -29.06
C PRO C 75 30.90 -25.70 -29.03
N PRO C 76 30.31 -26.03 -27.82
CA PRO C 76 28.85 -26.34 -27.68
C PRO C 76 27.91 -25.21 -28.22
N PRO C 77 26.60 -25.54 -28.53
CA PRO C 77 25.59 -24.52 -28.90
C PRO C 77 25.20 -23.66 -27.66
N PRO C 78 25.27 -22.28 -27.77
CA PRO C 78 24.91 -21.38 -26.63
C PRO C 78 23.45 -21.58 -26.15
N PRO C 79 23.22 -21.75 -24.80
CA PRO C 79 21.85 -21.84 -24.22
C PRO C 79 21.12 -20.46 -24.30
N PRO C 80 19.74 -20.45 -24.29
CA PRO C 80 18.92 -19.20 -24.29
C PRO C 80 19.32 -18.23 -23.14
N GLY C 81 20.33 -17.39 -23.45
CA GLY C 81 20.83 -16.37 -22.52
C GLY C 81 22.23 -15.92 -22.91
N GLY C 82 23.10 -16.92 -23.22
CA GLY C 82 24.53 -16.70 -23.52
C GLY C 82 25.43 -17.22 -22.40
N TYR C 83 26.74 -17.29 -22.69
CA TYR C 83 27.76 -17.72 -21.70
C TYR C 83 28.06 -16.54 -20.75
N ASP C 84 27.66 -16.70 -19.47
CA ASP C 84 27.84 -15.66 -18.43
C ASP C 84 29.32 -15.34 -18.13
N PHE C 85 29.59 -14.06 -17.81
CA PHE C 85 30.89 -13.58 -17.33
C PHE C 85 30.71 -12.58 -16.17
N SER C 86 30.28 -13.12 -15.00
CA SER C 86 30.05 -12.35 -13.74
C SER C 86 31.25 -11.45 -13.35
N GLY C 87 31.28 -10.22 -13.90
CA GLY C 87 32.38 -9.27 -13.70
C GLY C 87 33.64 -9.62 -14.51
N PHE C 88 33.64 -10.77 -15.20
CA PHE C 88 34.83 -11.31 -15.87
C PHE C 88 35.00 -10.59 -17.23
N ASP C 89 36.13 -9.87 -17.39
CA ASP C 89 36.37 -9.02 -18.57
C ASP C 89 36.75 -9.87 -19.80
N VAL C 90 35.69 -10.43 -20.43
CA VAL C 90 35.76 -11.20 -21.68
C VAL C 90 36.70 -10.55 -22.72
N GLU C 91 36.59 -9.21 -22.81
CA GLU C 91 37.34 -8.34 -23.75
C GLU C 91 38.86 -8.64 -23.75
N ASP C 92 39.41 -8.90 -22.57
CA ASP C 92 40.86 -9.07 -22.36
C ASP C 92 41.32 -10.52 -22.65
N PHE C 93 40.43 -11.50 -22.44
CA PHE C 93 40.81 -12.93 -22.34
C PHE C 93 41.31 -13.53 -23.70
N SER C 94 41.87 -14.75 -23.62
CA SER C 94 42.68 -15.38 -24.70
C SER C 94 41.86 -15.81 -25.94
N GLU C 95 42.59 -16.24 -26.99
CA GLU C 95 42.00 -16.71 -28.27
C GLU C 95 41.33 -18.07 -28.09
N PHE C 96 41.89 -18.93 -27.20
CA PHE C 96 41.27 -20.23 -26.85
C PHE C 96 39.91 -20.02 -26.21
N PHE C 97 39.87 -19.05 -25.30
CA PHE C 97 38.66 -18.57 -24.68
C PHE C 97 37.65 -18.09 -25.76
N GLN C 98 38.17 -17.35 -26.76
CA GLN C 98 37.35 -16.86 -27.91
C GLN C 98 36.92 -17.99 -28.86
N GLU C 99 37.61 -19.16 -28.82
CA GLU C 99 37.21 -20.36 -29.60
C GLU C 99 35.97 -21.01 -28.95
N LEU C 100 36.12 -21.33 -27.66
CA LEU C 100 35.15 -22.12 -26.89
C LEU C 100 33.88 -21.30 -26.54
N PHE C 101 34.10 -20.06 -26.07
CA PHE C 101 33.04 -19.16 -25.60
C PHE C 101 32.58 -18.17 -26.68
N GLY C 102 33.44 -17.96 -27.71
CA GLY C 102 33.18 -17.03 -28.81
C GLY C 102 31.77 -17.14 -29.45
N PRO C 103 31.37 -18.34 -29.98
CA PRO C 103 30.03 -18.57 -30.64
C PRO C 103 28.80 -18.29 -29.73
N GLY C 104 29.05 -18.06 -28.42
CA GLY C 104 27.97 -17.75 -27.48
C GLY C 104 28.33 -16.63 -26.52
N LEU C 105 29.12 -15.65 -26.99
CA LEU C 105 29.43 -14.42 -26.23
C LEU C 105 28.20 -13.46 -26.18
N PHE C 106 27.16 -13.90 -25.45
CA PHE C 106 25.92 -13.15 -25.19
C PHE C 106 25.25 -12.55 -26.47
N GLY C 107 25.19 -11.18 -26.55
CA GLY C 107 24.30 -10.49 -27.50
C GLY C 107 22.81 -10.63 -27.15
N GLY C 108 22.53 -11.32 -25.99
CA GLY C 108 21.15 -11.69 -25.61
C GLY C 108 20.47 -12.53 -26.70
N PHE C 109 19.27 -12.10 -27.09
CA PHE C 109 18.55 -12.64 -28.28
C PHE C 109 18.54 -11.58 -29.41
N GLY C 110 19.31 -10.49 -29.20
CA GLY C 110 19.37 -9.37 -30.15
C GLY C 110 20.48 -9.53 -31.17
N ARG C 111 21.41 -10.48 -30.91
CA ARG C 111 22.57 -10.81 -31.82
C ARG C 111 23.51 -9.61 -32.09
N ARG C 112 23.28 -8.49 -31.39
CA ARG C 112 24.18 -7.32 -31.31
C ARG C 112 25.61 -7.73 -30.90
N SER C 113 25.68 -8.74 -30.00
CA SER C 113 26.94 -9.37 -29.52
C SER C 113 27.94 -8.32 -28.97
N ARG C 114 27.41 -7.22 -28.43
CA ARG C 114 28.21 -6.10 -27.91
C ARG C 114 27.58 -5.59 -26.58
N LYS C 115 28.00 -4.37 -26.12
CA LYS C 115 27.82 -3.81 -24.73
C LYS C 115 26.82 -4.54 -23.82
N GLY C 116 27.34 -5.01 -22.66
CA GLY C 116 26.53 -5.70 -21.68
C GLY C 116 25.50 -4.82 -21.01
N ARG C 117 24.32 -5.38 -20.77
CA ARG C 117 23.18 -4.67 -20.19
C ARG C 117 22.90 -5.18 -18.77
N ASP C 118 22.13 -4.35 -18.07
CA ASP C 118 21.46 -4.70 -16.82
C ASP C 118 20.54 -5.89 -17.09
N LEU C 119 20.80 -7.02 -16.42
CA LEU C 119 19.97 -8.22 -16.57
C LEU C 119 18.94 -8.10 -15.45
N ARG C 120 17.67 -7.98 -15.83
CA ARG C 120 16.62 -7.53 -14.92
C ARG C 120 15.59 -8.65 -14.77
N ALA C 121 15.42 -9.15 -13.54
CA ALA C 121 14.74 -10.44 -13.29
C ALA C 121 13.37 -10.29 -12.66
N GLU C 122 12.66 -11.42 -12.62
CA GLU C 122 11.31 -11.54 -12.08
C GLU C 122 11.25 -12.69 -11.05
N LEU C 123 11.14 -12.37 -9.73
CA LEU C 123 11.05 -13.43 -8.69
C LEU C 123 10.01 -13.09 -7.59
N PRO C 124 8.87 -13.84 -7.51
CA PRO C 124 8.02 -13.85 -6.29
C PRO C 124 8.80 -14.51 -5.12
N LEU C 125 8.96 -13.75 -4.03
CA LEU C 125 9.86 -14.08 -2.90
C LEU C 125 9.19 -13.55 -1.61
N THR C 126 9.68 -13.93 -0.41
CA THR C 126 9.16 -13.34 0.86
C THR C 126 10.32 -12.83 1.73
N LEU C 127 9.94 -12.23 2.87
CA LEU C 127 10.84 -11.61 3.86
C LEU C 127 11.80 -12.67 4.43
N GLU C 128 11.20 -13.85 4.72
CA GLU C 128 11.90 -15.03 5.27
C GLU C 128 12.96 -15.51 4.27
N GLU C 129 12.61 -15.46 2.98
CA GLU C 129 13.50 -15.87 1.87
C GLU C 129 14.56 -14.80 1.58
N ALA C 130 14.26 -13.55 1.97
CA ALA C 130 15.22 -12.43 1.85
C ALA C 130 16.33 -12.60 2.91
N PHE C 131 15.90 -13.13 4.08
CA PHE C 131 16.78 -13.61 5.16
C PHE C 131 17.49 -14.91 4.76
N HIS C 132 16.73 -15.83 4.15
CA HIS C 132 17.26 -17.15 3.73
C HIS C 132 18.14 -17.01 2.48
N GLY C 133 18.17 -15.79 1.89
CA GLY C 133 19.13 -15.41 0.85
C GLY C 133 20.59 -15.52 1.31
N GLY C 134 21.07 -16.77 1.34
CA GLY C 134 22.46 -17.10 1.61
C GLY C 134 23.10 -17.69 0.38
N GLU C 135 24.12 -18.54 0.55
CA GLU C 135 24.80 -19.19 -0.59
C GLU C 135 23.86 -20.24 -1.18
N ARG C 136 23.08 -19.83 -2.20
CA ARG C 136 22.02 -20.65 -2.82
C ARG C 136 22.04 -20.46 -4.33
N VAL C 137 21.43 -21.43 -5.05
CA VAL C 137 21.45 -21.48 -6.51
C VAL C 137 20.55 -20.36 -7.10
N VAL C 138 21.22 -19.29 -7.50
CA VAL C 138 20.67 -18.19 -8.29
C VAL C 138 20.62 -18.64 -9.76
N GLU C 139 19.40 -18.81 -10.26
CA GLU C 139 19.12 -19.43 -11.56
C GLU C 139 18.49 -18.36 -12.48
N VAL C 140 19.36 -17.53 -13.08
CA VAL C 140 18.98 -16.30 -13.81
C VAL C 140 19.49 -16.35 -15.27
N ALA C 141 18.56 -16.61 -16.21
CA ALA C 141 18.75 -16.47 -17.67
C ALA C 141 19.72 -17.50 -18.26
N GLY C 142 20.00 -18.57 -17.49
CA GLY C 142 20.97 -19.59 -17.89
C GLY C 142 22.14 -19.62 -16.93
N ARG C 143 22.46 -18.44 -16.33
CA ARG C 143 23.53 -18.32 -15.33
C ARG C 143 23.09 -19.00 -14.03
N ARG C 144 23.78 -20.07 -13.68
CA ARG C 144 23.52 -20.84 -12.48
C ARG C 144 24.73 -20.71 -11.53
N VAL C 145 24.59 -19.81 -10.54
CA VAL C 145 25.63 -19.49 -9.56
C VAL C 145 25.08 -19.68 -8.14
N SER C 146 25.75 -20.51 -7.33
CA SER C 146 25.36 -20.73 -5.94
C SER C 146 26.03 -19.66 -5.05
N VAL C 147 25.34 -18.51 -4.94
CA VAL C 147 25.89 -17.27 -4.33
C VAL C 147 24.87 -16.64 -3.37
N ARG C 148 25.38 -15.78 -2.47
CA ARG C 148 24.55 -14.91 -1.64
C ARG C 148 24.34 -13.59 -2.39
N ILE C 149 23.12 -13.42 -2.95
CA ILE C 149 22.67 -12.10 -3.43
C ILE C 149 22.43 -11.18 -2.22
N PRO C 150 22.60 -9.80 -2.35
CA PRO C 150 22.37 -8.83 -1.25
C PRO C 150 21.15 -9.20 -0.35
N PRO C 151 21.41 -9.67 0.92
CA PRO C 151 20.35 -10.23 1.80
C PRO C 151 19.39 -9.13 2.28
N GLY C 152 18.08 -9.41 2.13
CA GLY C 152 17.04 -8.46 2.49
C GLY C 152 16.63 -7.58 1.35
N VAL C 153 15.38 -7.78 0.90
CA VAL C 153 14.84 -7.13 -0.29
C VAL C 153 13.54 -6.37 0.08
N ARG C 154 12.94 -5.67 -0.90
CA ARG C 154 11.71 -4.87 -0.70
C ARG C 154 10.70 -5.13 -1.86
N GLU C 155 9.40 -4.90 -1.56
CA GLU C 155 8.26 -5.15 -2.47
C GLU C 155 8.27 -4.19 -3.69
N GLY C 156 8.71 -4.71 -4.84
CA GLY C 156 8.77 -3.96 -6.10
C GLY C 156 10.15 -3.39 -6.39
N SER C 157 11.14 -3.70 -5.52
CA SER C 157 12.51 -3.13 -5.64
C SER C 157 13.45 -4.09 -6.39
N VAL C 158 14.66 -3.58 -6.73
CA VAL C 158 15.70 -4.38 -7.42
C VAL C 158 16.85 -4.77 -6.45
N ILE C 159 17.15 -6.07 -6.44
CA ILE C 159 18.33 -6.64 -5.78
C ILE C 159 19.54 -6.39 -6.71
N ARG C 160 20.30 -5.33 -6.40
CA ARG C 160 21.49 -4.95 -7.17
C ARG C 160 22.68 -5.85 -6.79
N VAL C 161 22.94 -6.87 -7.63
CA VAL C 161 24.08 -7.76 -7.48
C VAL C 161 25.24 -7.25 -8.38
N PRO C 162 26.37 -6.77 -7.75
CA PRO C 162 27.51 -6.12 -8.47
C PRO C 162 28.09 -6.97 -9.63
N GLY C 163 27.79 -6.52 -10.87
CA GLY C 163 28.45 -7.01 -12.09
C GLY C 163 28.07 -8.43 -12.51
N MET C 164 26.96 -8.99 -11.97
CA MET C 164 26.53 -10.38 -12.29
C MET C 164 25.31 -10.38 -13.25
N GLY C 165 25.14 -9.26 -13.99
CA GLY C 165 24.11 -9.13 -15.03
C GLY C 165 24.50 -9.82 -16.31
N GLY C 166 24.56 -9.09 -17.45
CA GLY C 166 25.12 -9.69 -18.65
C GLY C 166 24.57 -9.15 -19.95
N GLN C 167 23.36 -9.66 -20.33
CA GLN C 167 22.76 -9.60 -21.72
C GLN C 167 23.45 -8.59 -22.66
N GLY C 168 24.31 -9.11 -23.54
CA GLY C 168 25.33 -8.32 -24.25
C GLY C 168 26.71 -8.77 -23.82
N ASN C 169 27.70 -8.80 -24.76
CA ASN C 169 28.99 -9.52 -24.59
C ASN C 169 29.78 -9.14 -23.29
N PRO C 170 30.18 -7.83 -23.03
CA PRO C 170 30.79 -7.44 -21.72
C PRO C 170 29.82 -7.67 -20.53
N PRO C 171 30.33 -7.87 -19.28
CA PRO C 171 29.46 -7.99 -18.07
C PRO C 171 28.65 -6.70 -17.79
N GLY C 172 27.32 -6.86 -17.59
CA GLY C 172 26.46 -5.81 -17.04
C GLY C 172 26.22 -6.05 -15.54
N ASP C 173 25.36 -5.23 -14.90
CA ASP C 173 25.01 -5.40 -13.46
C ASP C 173 23.65 -6.12 -13.34
N LEU C 174 23.41 -6.86 -12.23
CA LEU C 174 22.18 -7.65 -12.07
C LEU C 174 21.15 -6.89 -11.21
N LEU C 175 19.95 -6.65 -11.77
CA LEU C 175 18.83 -6.00 -11.05
C LEU C 175 17.64 -6.97 -10.96
N LEU C 176 17.62 -7.80 -9.90
CA LEU C 176 16.56 -8.78 -9.67
C LEU C 176 15.28 -8.08 -9.14
N VAL C 177 14.21 -7.96 -9.96
CA VAL C 177 12.96 -7.31 -9.52
C VAL C 177 12.14 -8.32 -8.72
N VAL C 178 12.13 -8.11 -7.40
CA VAL C 178 11.45 -8.99 -6.46
C VAL C 178 10.05 -8.46 -6.14
N ARG C 179 9.10 -9.38 -6.07
CA ARG C 179 7.72 -9.11 -5.69
C ARG C 179 7.40 -9.97 -4.46
N LEU C 180 7.25 -9.31 -3.31
CA LEU C 180 7.03 -9.99 -2.03
C LEU C 180 5.61 -10.60 -1.94
N LEU C 181 5.55 -11.73 -1.21
CA LEU C 181 4.31 -12.52 -0.99
C LEU C 181 3.20 -11.71 -0.25
N PRO C 182 1.90 -12.21 -0.19
CA PRO C 182 0.76 -11.58 0.56
C PRO C 182 1.03 -11.02 1.99
N HIS C 183 2.26 -11.16 2.51
CA HIS C 183 2.69 -10.42 3.71
C HIS C 183 4.04 -9.68 3.41
N PRO C 184 3.96 -8.47 2.74
CA PRO C 184 5.13 -7.62 2.50
C PRO C 184 5.39 -6.69 3.71
N VAL C 185 5.83 -7.28 4.84
CA VAL C 185 5.81 -6.59 6.13
C VAL C 185 7.13 -5.83 6.34
N PHE C 186 8.27 -6.46 5.98
CA PHE C 186 9.61 -5.93 6.30
C PHE C 186 10.25 -5.20 5.10
N ARG C 187 10.48 -3.89 5.30
CA ARG C 187 11.23 -3.01 4.39
C ARG C 187 12.63 -2.81 4.99
N LEU C 188 13.66 -3.51 4.47
CA LEU C 188 14.99 -3.57 5.12
C LEU C 188 15.96 -2.50 4.60
N GLU C 189 16.76 -1.93 5.53
CA GLU C 189 18.00 -1.22 5.20
C GLU C 189 19.14 -1.86 6.02
N GLY C 190 19.93 -2.71 5.33
CA GLY C 190 21.12 -3.36 5.90
C GLY C 190 20.78 -4.45 6.91
N GLN C 191 20.49 -4.06 8.17
CA GLN C 191 20.11 -4.99 9.25
C GLN C 191 18.86 -4.52 10.01
N ASP C 192 18.41 -3.29 9.75
CA ASP C 192 17.27 -2.69 10.47
C ASP C 192 16.02 -2.66 9.58
N LEU C 193 14.99 -3.43 10.01
CA LEU C 193 13.72 -3.61 9.30
C LEU C 193 12.72 -2.48 9.67
N TYR C 194 11.81 -2.19 8.75
CA TYR C 194 10.57 -1.44 9.03
C TYR C 194 9.40 -2.42 8.84
N ALA C 195 8.31 -2.24 9.60
CA ALA C 195 7.14 -3.13 9.54
C ALA C 195 5.89 -2.40 9.98
N THR C 196 4.79 -3.15 10.02
CA THR C 196 3.53 -2.73 10.63
C THR C 196 3.07 -3.81 11.64
N LEU C 197 2.56 -3.36 12.79
CA LEU C 197 2.04 -4.23 13.86
C LEU C 197 0.54 -3.97 14.02
N ASP C 198 -0.23 -5.02 14.32
CA ASP C 198 -1.69 -4.92 14.50
C ASP C 198 -2.04 -5.21 15.97
N VAL C 199 -2.31 -4.13 16.73
CA VAL C 199 -2.72 -4.20 18.14
C VAL C 199 -4.21 -3.83 18.24
N PRO C 200 -5.11 -4.73 18.74
CA PRO C 200 -6.52 -4.40 18.95
C PRO C 200 -6.68 -3.41 20.11
N ALA C 201 -7.72 -2.58 20.00
CA ALA C 201 -8.00 -1.48 20.92
C ALA C 201 -8.12 -1.91 22.41
N PRO C 202 -8.85 -3.06 22.77
CA PRO C 202 -8.89 -3.55 24.17
C PRO C 202 -7.48 -3.75 24.78
N ILE C 203 -6.64 -4.53 24.05
CA ILE C 203 -5.25 -4.86 24.44
C ILE C 203 -4.37 -3.58 24.49
N ALA C 204 -4.68 -2.62 23.61
CA ALA C 204 -3.95 -1.34 23.50
C ALA C 204 -4.14 -0.47 24.75
N VAL C 205 -5.39 -0.39 25.23
CA VAL C 205 -5.76 0.43 26.40
C VAL C 205 -5.24 -0.20 27.70
N VAL C 206 -5.46 -1.53 27.88
CA VAL C 206 -5.17 -2.24 29.16
C VAL C 206 -3.68 -2.60 29.31
N GLY C 207 -3.01 -2.92 28.20
CA GLY C 207 -1.69 -3.53 28.23
C GLY C 207 -1.77 -5.04 28.24
N GLY C 208 -1.49 -5.66 27.10
CA GLY C 208 -1.59 -7.11 26.92
C GLY C 208 -0.48 -7.65 26.02
N LYS C 209 -0.85 -8.40 24.96
CA LYS C 209 0.13 -9.04 24.05
C LYS C 209 -0.50 -9.33 22.67
N VAL C 210 0.28 -9.05 21.61
CA VAL C 210 -0.07 -9.34 20.19
C VAL C 210 1.11 -10.07 19.51
N ARG C 211 0.98 -10.47 18.24
CA ARG C 211 2.03 -11.18 17.49
C ARG C 211 2.65 -10.28 16.40
N ALA C 212 3.93 -10.52 16.10
CA ALA C 212 4.64 -10.01 14.92
C ALA C 212 5.33 -11.21 14.25
N MET C 213 4.97 -11.51 12.99
CA MET C 213 5.56 -12.65 12.23
C MET C 213 6.99 -12.26 11.81
N THR C 214 8.04 -12.98 12.27
CA THR C 214 9.45 -12.57 12.02
C THR C 214 10.25 -13.69 11.30
N LEU C 215 11.51 -13.35 10.96
CA LEU C 215 12.42 -14.16 10.12
C LEU C 215 13.00 -15.35 10.88
N GLU C 216 13.14 -15.16 12.21
CA GLU C 216 13.61 -16.19 13.14
C GLU C 216 12.42 -17.06 13.62
N GLY C 217 11.23 -16.78 13.07
CA GLY C 217 9.97 -17.38 13.53
C GLY C 217 9.03 -16.31 14.06
N PRO C 218 7.83 -16.68 14.56
CA PRO C 218 6.88 -15.70 15.11
C PRO C 218 7.31 -15.20 16.52
N VAL C 219 7.44 -13.88 16.70
CA VAL C 219 7.67 -13.25 18.02
C VAL C 219 6.32 -12.72 18.51
N GLU C 220 6.16 -12.53 19.82
CA GLU C 220 4.89 -12.07 20.37
C GLU C 220 5.15 -10.84 21.24
N VAL C 221 4.70 -9.69 20.70
CA VAL C 221 4.92 -8.36 21.26
C VAL C 221 4.11 -8.16 22.56
N ALA C 222 4.80 -7.80 23.64
CA ALA C 222 4.15 -7.43 24.90
C ALA C 222 3.76 -5.93 24.85
N VAL C 223 2.45 -5.67 24.75
CA VAL C 223 1.89 -4.31 24.60
C VAL C 223 1.73 -3.63 25.99
N PRO C 224 2.27 -2.39 26.21
CA PRO C 224 1.98 -1.56 27.41
C PRO C 224 0.61 -0.84 27.26
N PRO C 225 0.00 -0.35 28.38
CA PRO C 225 -1.28 0.39 28.33
C PRO C 225 -1.18 1.71 27.55
N ARG C 226 -2.37 2.18 27.12
CA ARG C 226 -2.59 3.46 26.40
C ARG C 226 -1.70 3.56 25.12
N THR C 227 -1.94 2.65 24.18
CA THR C 227 -1.21 2.57 22.90
C THR C 227 -2.00 3.28 21.77
N GLN C 228 -1.33 4.19 21.03
CA GLN C 228 -1.90 4.98 19.89
C GLN C 228 -1.41 4.45 18.53
N ALA C 229 -2.29 4.56 17.51
CA ALA C 229 -1.96 4.17 16.13
C ALA C 229 -1.01 5.21 15.52
N GLY C 230 0.15 4.75 15.06
CA GLY C 230 1.19 5.62 14.52
C GLY C 230 2.45 5.58 15.35
N ARG C 231 2.39 4.90 16.52
CA ARG C 231 3.59 4.61 17.32
C ARG C 231 4.58 3.73 16.55
N LYS C 232 5.79 3.58 17.08
CA LYS C 232 6.81 2.70 16.49
C LYS C 232 7.55 1.95 17.60
N LEU C 233 7.96 0.71 17.29
CA LEU C 233 8.43 -0.26 18.29
C LEU C 233 9.74 -0.90 17.80
N ARG C 234 10.81 -0.83 18.62
CA ARG C 234 12.05 -1.59 18.37
C ARG C 234 12.02 -2.95 19.09
N LEU C 235 11.79 -4.01 18.31
CA LEU C 235 12.00 -5.40 18.75
C LEU C 235 13.48 -5.75 18.52
N LYS C 236 14.17 -6.18 19.58
CA LYS C 236 15.62 -6.38 19.60
C LYS C 236 16.00 -7.77 19.06
N GLY C 237 16.98 -7.80 18.13
CA GLY C 237 17.47 -9.03 17.52
C GLY C 237 16.59 -9.54 16.38
N LYS C 238 15.49 -8.84 16.11
CA LYS C 238 14.43 -9.26 15.16
C LYS C 238 14.65 -8.66 13.77
N GLY C 239 15.80 -8.02 13.55
CA GLY C 239 16.18 -7.54 12.22
C GLY C 239 16.89 -8.62 11.42
N PHE C 240 18.03 -8.26 10.80
CA PHE C 240 18.85 -9.20 10.03
C PHE C 240 20.10 -9.59 10.84
N PRO C 241 20.36 -10.93 10.99
CA PRO C 241 21.59 -11.45 11.62
C PRO C 241 22.87 -11.05 10.85
N GLY C 242 23.60 -10.09 11.42
CA GLY C 242 24.89 -9.65 10.90
C GLY C 242 26.01 -10.64 11.20
N PRO C 243 27.25 -10.42 10.65
CA PRO C 243 28.36 -11.41 10.70
C PRO C 243 28.89 -11.69 12.14
N ALA C 244 28.56 -10.79 13.08
CA ALA C 244 28.97 -10.90 14.50
C ALA C 244 27.78 -10.71 15.47
N GLY C 245 26.56 -10.49 14.92
CA GLY C 245 25.38 -10.26 15.75
C GLY C 245 24.10 -10.20 14.95
N ARG C 246 23.21 -9.23 15.26
CA ARG C 246 21.88 -9.06 14.63
C ARG C 246 21.46 -7.59 14.61
N GLY C 247 20.43 -7.31 13.77
CA GLY C 247 19.79 -6.00 13.69
C GLY C 247 18.46 -5.96 14.43
N ASP C 248 17.67 -4.91 14.18
CA ASP C 248 16.44 -4.64 14.96
C ASP C 248 15.25 -4.41 14.03
N LEU C 249 14.04 -4.48 14.60
CA LEU C 249 12.79 -4.40 13.85
C LEU C 249 11.97 -3.21 14.37
N TYR C 250 11.52 -2.33 13.45
CA TYR C 250 10.76 -1.11 13.78
C TYR C 250 9.36 -1.16 13.15
N LEU C 251 8.35 -1.50 13.96
CA LEU C 251 6.97 -1.68 13.48
C LEU C 251 6.13 -0.44 13.81
N GLU C 252 5.36 0.06 12.83
CA GLU C 252 4.34 1.07 13.08
C GLU C 252 3.13 0.38 13.74
N VAL C 253 2.96 0.63 15.03
CA VAL C 253 1.92 0.02 15.85
C VAL C 253 0.55 0.65 15.54
N ARG C 254 -0.36 -0.15 14.97
CA ARG C 254 -1.73 0.27 14.65
C ARG C 254 -2.71 -0.14 15.75
N ILE C 255 -3.82 0.60 15.83
CA ILE C 255 -4.99 0.22 16.61
C ILE C 255 -6.05 -0.32 15.63
N THR C 256 -6.50 -1.55 15.92
CA THR C 256 -7.49 -2.29 15.12
C THR C 256 -8.59 -2.80 16.07
N ILE C 257 -9.64 -3.44 15.52
CA ILE C 257 -10.78 -3.98 16.31
C ILE C 257 -11.07 -5.44 15.89
N PRO C 258 -11.56 -6.33 16.82
CA PRO C 258 -11.70 -7.81 16.54
C PRO C 258 -12.70 -8.12 15.40
N GLU C 259 -13.49 -7.09 15.02
CA GLU C 259 -14.73 -7.21 14.22
C GLU C 259 -15.74 -8.19 14.84
N ARG C 260 -15.40 -9.51 14.85
CA ARG C 260 -16.22 -10.55 15.51
C ARG C 260 -16.36 -10.25 17.03
N LEU C 261 -17.60 -10.34 17.52
CA LEU C 261 -17.95 -9.97 18.91
C LEU C 261 -18.95 -10.98 19.48
N THR C 262 -18.87 -11.21 20.80
CA THR C 262 -19.90 -11.95 21.54
C THR C 262 -21.05 -10.97 21.88
N PRO C 263 -22.31 -11.45 22.21
CA PRO C 263 -23.41 -10.57 22.69
C PRO C 263 -22.93 -9.57 23.79
N GLU C 264 -22.14 -10.11 24.73
CA GLU C 264 -21.50 -9.36 25.83
C GLU C 264 -20.55 -8.28 25.29
N GLU C 265 -19.59 -8.70 24.42
CA GLU C 265 -18.56 -7.82 23.83
C GLU C 265 -19.22 -6.57 23.23
N GLU C 266 -20.14 -6.82 22.27
CA GLU C 266 -20.81 -5.76 21.52
C GLU C 266 -21.62 -4.83 22.45
N ALA C 267 -22.27 -5.42 23.48
CA ALA C 267 -23.06 -4.65 24.49
C ALA C 267 -22.20 -3.58 25.20
N LEU C 268 -20.98 -3.97 25.64
CA LEU C 268 -20.04 -3.03 26.30
C LEU C 268 -19.55 -1.95 25.30
N TRP C 269 -19.27 -2.37 24.04
CA TRP C 269 -18.91 -1.42 22.94
C TRP C 269 -20.04 -0.39 22.69
N LYS C 270 -21.31 -0.84 22.82
CA LYS C 270 -22.50 0.03 22.64
C LYS C 270 -22.53 1.12 23.71
N LYS C 271 -22.29 0.72 24.98
CA LYS C 271 -22.20 1.65 26.13
C LYS C 271 -21.13 2.73 25.90
N LEU C 272 -19.95 2.29 25.45
CA LEU C 272 -18.79 3.15 25.16
C LEU C 272 -19.13 4.16 24.05
N ALA C 273 -19.83 3.65 23.00
CA ALA C 273 -20.25 4.47 21.85
C ALA C 273 -21.19 5.59 22.29
N GLU C 274 -22.11 5.29 23.22
CA GLU C 274 -23.05 6.27 23.81
C GLU C 274 -22.33 7.31 24.68
N ALA C 275 -21.26 6.88 25.35
CA ALA C 275 -20.35 7.77 26.10
C ALA C 275 -19.66 8.76 25.13
N TYR C 276 -19.43 8.32 23.89
CA TYR C 276 -18.95 9.20 22.79
C TYR C 276 -20.09 10.03 22.16
N TYR C 277 -21.33 9.52 22.13
CA TYR C 277 -22.49 10.27 21.58
C TYR C 277 -22.82 11.48 22.48
N ALA C 278 -22.43 11.37 23.76
CA ALA C 278 -22.51 12.46 24.75
C ALA C 278 -21.66 13.70 24.37
N ARG C 279 -20.82 13.61 23.30
CA ARG C 279 -20.05 14.75 22.77
C ARG C 279 -20.96 15.75 21.99
N ALA C 280 -22.10 15.24 21.49
CA ALA C 280 -22.97 15.94 20.50
C ALA C 280 -23.34 17.38 20.96
N MET A 1 -10.90 40.57 -47.79
CA MET A 1 -10.15 41.84 -47.77
C MET A 1 -10.77 42.81 -46.74
N ALA A 2 -10.53 42.49 -45.44
CA ALA A 2 -10.96 43.29 -44.27
C ALA A 2 -12.50 43.47 -44.18
N ALA A 3 -13.25 42.50 -44.75
CA ALA A 3 -14.73 42.56 -44.82
C ALA A 3 -15.36 42.07 -43.50
N LYS A 4 -15.20 42.92 -42.47
CA LYS A 4 -15.76 42.74 -41.11
C LYS A 4 -17.21 42.19 -41.10
N LYS A 5 -17.35 40.88 -40.84
CA LYS A 5 -18.66 40.25 -40.57
C LYS A 5 -18.95 40.35 -39.07
N ASP A 6 -20.15 40.87 -38.73
CA ASP A 6 -20.55 41.08 -37.33
C ASP A 6 -20.94 39.74 -36.71
N TYR A 7 -20.06 39.22 -35.85
CA TYR A 7 -20.16 37.86 -35.30
C TYR A 7 -21.36 37.70 -34.34
N TYR A 8 -21.69 38.78 -33.59
CA TYR A 8 -22.89 38.80 -32.73
C TYR A 8 -24.16 38.68 -33.58
N ALA A 9 -24.20 39.45 -34.69
CA ALA A 9 -25.32 39.45 -35.64
C ALA A 9 -25.51 38.06 -36.27
N ILE A 10 -24.38 37.40 -36.64
CA ILE A 10 -24.37 36.02 -37.20
C ILE A 10 -25.03 35.03 -36.21
N LEU A 11 -24.69 35.19 -34.91
CA LEU A 11 -25.24 34.36 -33.83
C LEU A 11 -26.70 34.75 -33.45
N GLY A 12 -27.17 35.90 -33.95
CA GLY A 12 -28.52 36.40 -33.64
C GLY A 12 -28.65 36.94 -32.22
N VAL A 13 -27.56 37.57 -31.76
CA VAL A 13 -27.46 38.19 -30.42
C VAL A 13 -26.97 39.67 -30.57
N PRO A 14 -27.29 40.58 -29.59
CA PRO A 14 -26.84 41.98 -29.65
C PRO A 14 -25.33 42.12 -29.30
N ARG A 15 -24.77 43.31 -29.55
CA ARG A 15 -23.34 43.60 -29.30
C ARG A 15 -23.00 43.79 -27.80
N ASN A 16 -23.89 43.33 -26.91
CA ASN A 16 -23.67 43.30 -25.45
C ASN A 16 -23.87 41.85 -24.94
N ALA A 17 -23.88 40.90 -25.91
CA ALA A 17 -24.06 39.47 -25.65
C ALA A 17 -22.89 38.93 -24.80
N THR A 18 -23.20 38.56 -23.56
CA THR A 18 -22.24 37.95 -22.64
C THR A 18 -21.92 36.51 -23.07
N GLN A 19 -20.89 35.91 -22.45
CA GLN A 19 -20.41 34.56 -22.78
C GLN A 19 -21.54 33.51 -22.74
N GLU A 20 -22.42 33.61 -21.72
CA GLU A 20 -23.52 32.66 -21.52
C GLU A 20 -24.54 32.74 -22.68
N GLU A 21 -24.84 33.97 -23.13
CA GLU A 21 -25.80 34.23 -24.23
C GLU A 21 -25.25 33.74 -25.58
N ILE A 22 -23.95 33.98 -25.78
CA ILE A 22 -23.20 33.58 -26.99
C ILE A 22 -23.05 32.03 -27.05
N LYS A 23 -22.94 31.41 -25.86
CA LYS A 23 -22.78 29.96 -25.70
C LYS A 23 -24.13 29.25 -25.99
N ARG A 24 -25.23 29.88 -25.56
CA ARG A 24 -26.60 29.37 -25.84
C ARG A 24 -27.00 29.65 -27.31
N ALA A 25 -26.45 30.75 -27.89
CA ALA A 25 -26.65 31.09 -29.33
C ALA A 25 -25.88 30.09 -30.22
N TYR A 26 -24.72 29.64 -29.69
CA TYR A 26 -23.94 28.59 -30.33
C TYR A 26 -24.73 27.28 -30.33
N LYS A 27 -25.23 26.85 -29.14
CA LYS A 27 -26.06 25.62 -28.99
C LYS A 27 -27.28 25.63 -29.94
N ARG A 28 -27.89 26.82 -30.06
CA ARG A 28 -29.04 27.10 -30.94
C ARG A 28 -28.72 26.73 -32.40
N LEU A 29 -27.79 27.48 -33.00
CA LEU A 29 -27.42 27.35 -34.43
C LEU A 29 -26.56 26.10 -34.68
N ALA A 30 -25.99 25.53 -33.59
CA ALA A 30 -25.24 24.28 -33.66
C ALA A 30 -26.22 23.17 -33.99
N ARG A 31 -27.27 23.01 -33.15
CA ARG A 31 -28.33 22.01 -33.38
C ARG A 31 -28.96 22.18 -34.77
N GLN A 32 -29.38 23.44 -35.08
CA GLN A 32 -30.05 23.78 -36.36
C GLN A 32 -29.20 23.35 -37.57
N TYR A 33 -27.90 23.68 -37.52
CA TYR A 33 -26.99 23.59 -38.68
C TYR A 33 -25.84 22.58 -38.43
N HIS A 34 -26.11 21.56 -37.59
CA HIS A 34 -25.10 20.53 -37.23
C HIS A 34 -24.92 19.55 -38.40
N PRO A 35 -23.75 19.52 -39.10
CA PRO A 35 -23.49 18.53 -40.21
C PRO A 35 -23.56 17.07 -39.69
N ASP A 36 -23.26 16.94 -38.39
CA ASP A 36 -23.32 15.67 -37.63
C ASP A 36 -24.75 15.09 -37.64
N VAL A 37 -25.78 15.97 -37.56
CA VAL A 37 -27.21 15.56 -37.53
C VAL A 37 -27.83 15.77 -38.93
N ASN A 38 -27.79 17.02 -39.38
CA ASN A 38 -28.36 17.48 -40.63
C ASN A 38 -27.26 17.52 -41.72
N LYS A 39 -27.22 16.47 -42.56
CA LYS A 39 -26.28 16.36 -43.68
C LYS A 39 -26.73 17.30 -44.81
N SER A 40 -26.36 18.58 -44.69
CA SER A 40 -26.66 19.62 -45.68
C SER A 40 -25.44 20.54 -45.85
N PRO A 41 -24.75 20.54 -47.05
CA PRO A 41 -23.56 21.41 -47.33
C PRO A 41 -23.79 22.89 -46.94
N GLU A 42 -25.01 23.38 -47.24
CA GLU A 42 -25.47 24.74 -46.90
C GLU A 42 -25.34 24.98 -45.37
N ALA A 43 -25.82 23.98 -44.60
CA ALA A 43 -25.81 24.04 -43.13
C ALA A 43 -24.38 23.94 -42.59
N GLU A 44 -23.45 23.36 -43.38
CA GLU A 44 -22.05 23.14 -42.95
C GLU A 44 -21.29 24.46 -43.00
N GLU A 45 -21.40 25.18 -44.13
CA GLU A 45 -20.71 26.47 -44.35
C GLU A 45 -21.28 27.57 -43.43
N LYS A 46 -22.63 27.56 -43.25
CA LYS A 46 -23.31 28.40 -42.24
C LYS A 46 -22.74 28.10 -40.83
N PHE A 47 -22.66 26.79 -40.50
CA PHE A 47 -22.14 26.29 -39.21
C PHE A 47 -20.68 26.73 -39.01
N LYS A 48 -19.92 26.83 -40.11
CA LYS A 48 -18.52 27.29 -40.07
C LYS A 48 -18.45 28.76 -39.64
N GLU A 49 -19.34 29.61 -40.21
CA GLU A 49 -19.43 31.05 -39.83
C GLU A 49 -19.95 31.24 -38.39
N ILE A 50 -20.74 30.27 -37.91
CA ILE A 50 -21.26 30.24 -36.52
C ILE A 50 -20.16 29.78 -35.54
N ASN A 51 -19.30 28.87 -36.03
CA ASN A 51 -18.13 28.38 -35.29
C ASN A 51 -16.97 29.38 -35.38
N GLU A 52 -17.03 30.24 -36.40
CA GLU A 52 -16.08 31.35 -36.63
C GLU A 52 -16.42 32.49 -35.67
N ALA A 53 -17.73 32.78 -35.61
CA ALA A 53 -18.31 33.74 -34.69
C ALA A 53 -17.98 33.37 -33.25
N TYR A 54 -18.20 32.09 -32.93
CA TYR A 54 -17.89 31.54 -31.61
C TYR A 54 -16.37 31.32 -31.45
N ALA A 55 -15.61 31.18 -32.56
CA ALA A 55 -14.12 31.05 -32.50
C ALA A 55 -13.51 32.30 -31.89
N VAL A 56 -14.11 33.45 -32.20
CA VAL A 56 -13.75 34.71 -31.55
C VAL A 56 -14.34 34.76 -30.13
N LEU A 57 -15.67 34.63 -30.07
CA LEU A 57 -16.47 34.97 -28.87
C LEU A 57 -16.57 33.79 -27.84
N SER A 58 -15.75 32.72 -28.03
CA SER A 58 -15.69 31.55 -27.10
C SER A 58 -15.07 31.95 -25.75
N ASP A 59 -14.05 32.80 -25.80
CA ASP A 59 -13.31 33.25 -24.61
C ASP A 59 -13.33 34.78 -24.55
N PRO A 60 -13.46 35.38 -23.32
CA PRO A 60 -13.48 36.86 -23.14
C PRO A 60 -12.21 37.56 -23.69
N GLU A 61 -11.08 36.83 -23.71
CA GLU A 61 -9.79 37.31 -24.28
C GLU A 61 -9.94 37.67 -25.77
N LYS A 62 -10.35 36.65 -26.55
CA LYS A 62 -10.49 36.74 -28.01
C LYS A 62 -11.71 37.60 -28.40
N ARG A 63 -12.73 37.59 -27.52
CA ARG A 63 -13.91 38.46 -27.63
C ARG A 63 -13.46 39.93 -27.58
N ARG A 64 -12.53 40.24 -26.65
CA ARG A 64 -11.96 41.60 -26.49
C ARG A 64 -11.07 41.99 -27.68
N ILE A 65 -10.39 40.99 -28.30
CA ILE A 65 -9.66 41.22 -29.60
C ILE A 65 -10.64 41.81 -30.64
N TYR A 66 -11.84 41.20 -30.72
CA TYR A 66 -12.92 41.70 -31.61
C TYR A 66 -13.40 43.10 -31.18
N ASP A 67 -13.70 43.24 -29.86
CA ASP A 67 -14.25 44.47 -29.26
C ASP A 67 -13.32 45.68 -29.51
N THR A 68 -11.99 45.41 -29.48
CA THR A 68 -10.97 46.44 -29.73
C THR A 68 -10.82 46.70 -31.23
N TYR A 69 -11.09 45.70 -32.09
CA TYR A 69 -11.04 45.90 -33.55
C TYR A 69 -12.17 46.87 -33.99
N GLY A 70 -11.80 48.13 -34.24
CA GLY A 70 -12.73 49.24 -34.47
C GLY A 70 -12.55 50.34 -33.43
N THR A 71 -11.40 50.33 -32.77
CA THR A 71 -10.98 51.31 -31.75
C THR A 71 -9.45 51.32 -31.84
N THR A 72 -8.91 50.12 -31.68
CA THR A 72 -7.61 49.74 -32.19
C THR A 72 -7.85 49.46 -33.68
N GLU A 73 -6.94 49.90 -34.54
CA GLU A 73 -7.05 49.70 -36.01
C GLU A 73 -6.20 48.49 -36.44
N ALA A 74 -5.10 48.26 -35.71
CA ALA A 74 -4.20 47.11 -35.91
C ALA A 74 -4.86 45.83 -35.34
N PRO A 75 -4.52 44.61 -35.89
CA PRO A 75 -4.89 43.33 -35.25
C PRO A 75 -4.21 43.21 -33.87
N PRO A 76 -4.99 43.15 -32.74
CA PRO A 76 -4.45 43.08 -31.34
C PRO A 76 -3.38 41.98 -31.13
N PRO A 77 -2.32 42.24 -30.26
CA PRO A 77 -1.17 41.31 -30.06
C PRO A 77 -1.60 39.84 -29.76
N PRO A 78 -1.12 38.83 -30.58
CA PRO A 78 -1.48 37.41 -30.37
C PRO A 78 -0.95 36.86 -29.01
N PRO A 79 -1.80 36.09 -28.23
CA PRO A 79 -1.32 35.34 -27.04
C PRO A 79 -0.08 34.44 -27.35
N PRO A 80 0.84 34.18 -26.36
CA PRO A 80 2.10 33.42 -26.59
C PRO A 80 1.86 31.96 -27.07
N GLY A 81 1.69 31.84 -28.39
CA GLY A 81 1.43 30.56 -29.07
C GLY A 81 0.59 30.80 -30.32
N GLY A 82 -0.31 31.80 -30.21
CA GLY A 82 -1.15 32.28 -31.31
C GLY A 82 -2.56 32.60 -30.82
N TYR A 83 -3.55 32.50 -31.72
CA TYR A 83 -4.97 32.67 -31.40
C TYR A 83 -5.62 31.28 -31.24
N ASP A 84 -6.04 30.97 -30.01
CA ASP A 84 -6.79 29.73 -29.65
C ASP A 84 -8.07 29.58 -30.52
N PHE A 85 -8.38 28.33 -30.92
CA PHE A 85 -9.56 27.99 -31.76
C PHE A 85 -10.20 26.69 -31.28
N SER A 86 -10.95 26.83 -30.18
CA SER A 86 -11.63 25.74 -29.45
C SER A 86 -12.40 24.76 -30.40
N GLY A 87 -11.65 23.78 -30.97
CA GLY A 87 -12.18 22.82 -31.94
C GLY A 87 -12.68 23.46 -33.24
N PHE A 88 -12.11 24.62 -33.63
CA PHE A 88 -12.55 25.38 -34.80
C PHE A 88 -11.47 25.34 -35.88
N ASP A 89 -11.81 24.75 -37.04
CA ASP A 89 -10.90 24.65 -38.20
C ASP A 89 -10.93 25.96 -39.01
N VAL A 90 -10.26 26.97 -38.41
CA VAL A 90 -9.94 28.29 -39.01
C VAL A 90 -9.29 28.19 -40.40
N GLU A 91 -8.55 27.09 -40.61
CA GLU A 91 -7.89 26.75 -41.88
C GLU A 91 -8.92 26.51 -43.04
N ASP A 92 -10.23 26.55 -42.70
CA ASP A 92 -11.34 26.41 -43.65
C ASP A 92 -12.25 27.68 -43.66
N PHE A 93 -12.12 28.56 -42.62
CA PHE A 93 -13.01 29.76 -42.42
C PHE A 93 -12.70 30.92 -43.41
N SER A 94 -13.30 32.12 -43.18
CA SER A 94 -13.29 33.25 -44.17
C SER A 94 -11.97 34.04 -44.20
N GLU A 95 -11.82 34.89 -45.25
CA GLU A 95 -10.62 35.74 -45.46
C GLU A 95 -10.43 36.74 -44.31
N PHE A 96 -11.51 37.47 -43.93
CA PHE A 96 -11.47 38.51 -42.89
C PHE A 96 -10.95 37.93 -41.57
N PHE A 97 -11.41 36.71 -41.28
CA PHE A 97 -11.04 35.97 -40.10
C PHE A 97 -9.55 35.62 -40.14
N GLN A 98 -9.11 35.13 -41.31
CA GLN A 98 -7.71 34.74 -41.56
C GLN A 98 -6.81 35.97 -41.88
N GLU A 99 -7.39 37.19 -41.84
CA GLU A 99 -6.64 38.47 -41.93
C GLU A 99 -6.45 39.11 -40.54
N LEU A 100 -7.55 39.25 -39.77
CA LEU A 100 -7.54 39.84 -38.42
C LEU A 100 -6.76 38.94 -37.45
N PHE A 101 -7.07 37.64 -37.49
CA PHE A 101 -6.37 36.63 -36.69
C PHE A 101 -5.16 36.06 -37.47
N GLY A 102 -5.01 36.48 -38.74
CA GLY A 102 -3.90 36.07 -39.63
C GLY A 102 -2.51 36.11 -38.97
N PRO A 103 -2.02 37.30 -38.47
CA PRO A 103 -0.66 37.46 -37.87
C PRO A 103 -0.37 36.57 -36.64
N GLY A 104 -1.35 35.75 -36.18
CA GLY A 104 -1.10 34.78 -35.13
C GLY A 104 -1.97 33.54 -35.25
N LEU A 105 -2.25 33.09 -36.48
CA LEU A 105 -2.96 31.81 -36.74
C LEU A 105 -2.07 30.56 -36.43
N PHE A 106 -1.68 30.44 -35.14
CA PHE A 106 -0.95 29.31 -34.55
C PHE A 106 0.09 28.65 -35.50
N GLY A 107 -0.16 27.38 -35.94
CA GLY A 107 0.89 26.54 -36.55
C GLY A 107 2.09 26.36 -35.60
N GLY A 108 1.84 26.62 -34.28
CA GLY A 108 2.88 26.79 -33.29
C GLY A 108 3.88 27.87 -33.68
N PHE A 109 5.13 27.44 -33.93
CA PHE A 109 6.21 28.30 -34.45
C PHE A 109 6.80 27.67 -35.73
N GLY A 110 6.04 26.72 -36.31
CA GLY A 110 6.38 26.13 -37.61
C GLY A 110 5.72 26.89 -38.76
N ARG A 111 4.63 27.63 -38.44
CA ARG A 111 3.91 28.54 -39.37
C ARG A 111 3.34 27.81 -40.63
N ARG A 112 3.40 26.46 -40.65
CA ARG A 112 2.61 25.63 -41.60
C ARG A 112 1.11 25.95 -41.45
N SER A 113 0.71 26.21 -40.19
CA SER A 113 -0.68 26.46 -39.81
C SER A 113 -1.57 25.24 -40.16
N ARG A 114 -1.27 24.11 -39.48
CA ARG A 114 -2.03 22.84 -39.63
C ARG A 114 -2.50 22.36 -38.24
N LYS A 115 -3.46 21.41 -38.22
CA LYS A 115 -4.14 20.88 -37.01
C LYS A 115 -3.12 20.37 -35.96
N GLY A 116 -3.28 20.84 -34.71
CA GLY A 116 -2.30 20.65 -33.63
C GLY A 116 -2.34 19.30 -32.94
N ARG A 117 -1.26 19.01 -32.19
CA ARG A 117 -1.11 17.78 -31.36
C ARG A 117 -2.22 17.67 -30.31
N ASP A 118 -2.68 16.45 -30.02
CA ASP A 118 -3.52 16.18 -28.84
C ASP A 118 -2.61 16.11 -27.59
N LEU A 119 -2.93 16.89 -26.57
CA LEU A 119 -2.11 16.98 -25.34
C LEU A 119 -2.93 16.54 -24.14
N ARG A 120 -2.36 15.67 -23.30
CA ARG A 120 -2.95 15.30 -22.01
C ARG A 120 -2.41 16.27 -20.95
N ALA A 121 -3.31 17.12 -20.43
CA ALA A 121 -3.00 18.09 -19.37
C ALA A 121 -3.79 17.73 -18.13
N GLU A 122 -3.23 18.08 -16.96
CA GLU A 122 -3.75 17.64 -15.68
C GLU A 122 -4.41 18.83 -15.02
N LEU A 123 -5.72 18.72 -14.76
CA LEU A 123 -6.52 19.83 -14.20
C LEU A 123 -6.70 19.60 -12.69
N PRO A 124 -5.90 20.29 -11.81
CA PRO A 124 -6.16 20.23 -10.37
C PRO A 124 -7.44 21.02 -10.07
N LEU A 125 -8.51 20.30 -9.69
CA LEU A 125 -9.85 20.89 -9.55
C LEU A 125 -10.31 20.82 -8.10
N THR A 126 -10.96 21.90 -7.68
CA THR A 126 -11.50 22.08 -6.36
C THR A 126 -12.79 21.24 -6.17
N LEU A 127 -12.88 20.54 -5.01
CA LEU A 127 -14.02 19.65 -4.66
C LEU A 127 -15.36 20.41 -4.68
N GLU A 128 -15.28 21.66 -4.20
CA GLU A 128 -16.41 22.61 -4.18
C GLU A 128 -16.97 22.80 -5.61
N GLU A 129 -16.05 22.92 -6.58
CA GLU A 129 -16.39 23.08 -8.01
C GLU A 129 -16.90 21.76 -8.62
N ALA A 130 -16.34 20.62 -8.16
CA ALA A 130 -16.78 19.28 -8.63
C ALA A 130 -18.22 18.99 -8.18
N PHE A 131 -18.61 19.64 -7.07
CA PHE A 131 -19.97 19.63 -6.54
C PHE A 131 -20.88 20.59 -7.34
N HIS A 132 -20.34 21.81 -7.66
CA HIS A 132 -21.11 22.86 -8.39
C HIS A 132 -21.39 22.44 -9.84
N GLY A 133 -20.32 22.33 -10.65
CA GLY A 133 -20.40 21.89 -12.04
C GLY A 133 -20.80 23.02 -12.99
N GLY A 134 -20.01 24.10 -12.96
CA GLY A 134 -20.22 25.27 -13.83
C GLY A 134 -18.96 25.62 -14.62
N GLU A 135 -18.97 26.79 -15.28
CA GLU A 135 -17.81 27.28 -16.08
C GLU A 135 -16.68 27.70 -15.13
N ARG A 136 -15.62 26.87 -15.04
CA ARG A 136 -14.41 27.22 -14.26
C ARG A 136 -13.42 27.93 -15.19
N VAL A 137 -12.66 28.87 -14.64
CA VAL A 137 -11.55 29.50 -15.34
C VAL A 137 -10.25 28.88 -14.82
N VAL A 138 -9.38 28.51 -15.75
CA VAL A 138 -8.11 27.86 -15.48
C VAL A 138 -7.04 28.47 -16.42
N GLU A 139 -6.08 29.19 -15.82
CA GLU A 139 -5.02 29.89 -16.55
C GLU A 139 -3.75 29.02 -16.61
N VAL A 140 -3.04 29.07 -17.75
CA VAL A 140 -1.74 28.41 -17.92
C VAL A 140 -1.07 28.88 -19.24
N ALA A 141 0.25 29.14 -19.19
CA ALA A 141 1.08 29.51 -20.38
C ALA A 141 0.54 30.78 -21.10
N GLY A 142 -0.05 31.71 -20.32
CA GLY A 142 -0.63 32.94 -20.88
C GLY A 142 -2.01 32.72 -21.53
N ARG A 143 -2.50 31.47 -21.49
CA ARG A 143 -3.82 31.08 -22.03
C ARG A 143 -4.78 30.88 -20.84
N ARG A 144 -5.66 31.86 -20.65
CA ARG A 144 -6.74 31.85 -19.64
C ARG A 144 -8.02 31.28 -20.29
N VAL A 145 -8.37 30.02 -19.98
CA VAL A 145 -9.54 29.33 -20.61
C VAL A 145 -10.73 29.20 -19.65
N SER A 146 -11.92 29.58 -20.13
CA SER A 146 -13.19 29.34 -19.45
C SER A 146 -13.86 28.12 -20.09
N VAL A 147 -13.93 27.01 -19.33
CA VAL A 147 -14.51 25.73 -19.75
C VAL A 147 -15.37 25.18 -18.60
N ARG A 148 -16.53 24.58 -18.95
CA ARG A 148 -17.48 24.03 -17.99
C ARG A 148 -17.07 22.61 -17.57
N ILE A 149 -17.32 22.29 -16.30
CA ILE A 149 -17.26 20.93 -15.75
C ILE A 149 -18.70 20.44 -15.50
N PRO A 150 -19.01 19.12 -15.68
CA PRO A 150 -20.31 18.54 -15.27
C PRO A 150 -20.43 18.46 -13.72
N PRO A 151 -21.66 18.71 -13.13
CA PRO A 151 -21.92 18.45 -11.69
C PRO A 151 -21.71 16.95 -11.37
N GLY A 152 -20.52 16.64 -10.85
CA GLY A 152 -20.08 15.26 -10.70
C GLY A 152 -19.03 14.90 -11.72
N VAL A 153 -17.86 15.54 -11.59
CA VAL A 153 -16.67 15.28 -12.41
C VAL A 153 -15.60 14.64 -11.50
N ARG A 154 -15.32 13.36 -11.76
CA ARG A 154 -14.57 12.47 -10.85
C ARG A 154 -13.09 12.46 -11.21
N GLU A 155 -12.24 12.06 -10.25
CA GLU A 155 -10.79 11.90 -10.44
C GLU A 155 -10.50 11.02 -11.67
N GLY A 156 -9.79 11.59 -12.66
CA GLY A 156 -9.45 10.88 -13.90
C GLY A 156 -10.46 11.12 -15.03
N SER A 157 -11.49 11.95 -14.79
CA SER A 157 -12.51 12.30 -15.81
C SER A 157 -11.86 13.24 -16.83
N VAL A 158 -11.97 12.88 -18.12
CA VAL A 158 -11.28 13.56 -19.21
C VAL A 158 -12.27 14.46 -19.97
N ILE A 159 -12.16 15.79 -19.76
CA ILE A 159 -12.83 16.77 -20.62
C ILE A 159 -12.03 16.87 -21.92
N ARG A 160 -12.53 16.22 -22.99
CA ARG A 160 -11.96 16.38 -24.32
C ARG A 160 -12.37 17.76 -24.85
N VAL A 161 -11.45 18.72 -24.78
CA VAL A 161 -11.66 20.07 -25.30
C VAL A 161 -10.56 20.42 -26.32
N PRO A 162 -10.82 20.22 -27.65
CA PRO A 162 -9.90 20.66 -28.71
C PRO A 162 -9.75 22.19 -28.74
N GLY A 163 -8.60 22.67 -29.21
CA GLY A 163 -8.32 24.09 -29.37
C GLY A 163 -7.40 24.65 -28.32
N MET A 164 -7.35 24.02 -27.13
CA MET A 164 -6.46 24.45 -26.02
C MET A 164 -5.24 23.52 -25.90
N GLY A 165 -5.18 22.49 -26.78
CA GLY A 165 -4.15 21.45 -26.71
C GLY A 165 -2.83 21.84 -27.35
N GLY A 166 -2.33 20.96 -28.22
CA GLY A 166 -1.04 21.13 -28.87
C GLY A 166 -1.07 22.20 -29.96
N GLN A 167 0.13 22.71 -30.26
CA GLN A 167 0.35 23.89 -31.10
C GLN A 167 0.07 23.59 -32.59
N GLY A 168 -1.00 24.20 -33.10
CA GLY A 168 -1.39 24.12 -34.51
C GLY A 168 -2.57 25.03 -34.79
N ASN A 169 -2.80 25.42 -36.09
CA ASN A 169 -3.77 26.48 -36.46
C ASN A 169 -5.19 26.18 -35.88
N PRO A 170 -5.84 24.99 -36.19
CA PRO A 170 -6.91 24.46 -35.33
C PRO A 170 -6.25 23.57 -34.26
N PRO A 171 -5.94 24.13 -33.03
CA PRO A 171 -5.07 23.43 -32.05
C PRO A 171 -5.72 22.14 -31.52
N GLY A 172 -4.88 21.21 -31.09
CA GLY A 172 -5.31 19.82 -30.86
C GLY A 172 -6.17 19.60 -29.63
N ASP A 173 -6.53 18.33 -29.44
CA ASP A 173 -7.47 17.88 -28.40
C ASP A 173 -6.77 17.91 -27.04
N LEU A 174 -7.17 18.86 -26.19
CA LEU A 174 -6.66 18.94 -24.81
C LEU A 174 -7.47 17.99 -23.94
N LEU A 175 -6.88 16.82 -23.68
CA LEU A 175 -7.41 15.82 -22.76
C LEU A 175 -7.19 16.29 -21.32
N LEU A 176 -8.17 17.05 -20.79
CA LEU A 176 -8.16 17.54 -19.41
C LEU A 176 -8.50 16.40 -18.45
N VAL A 177 -7.46 15.69 -17.99
CA VAL A 177 -7.59 14.64 -16.99
C VAL A 177 -7.59 15.29 -15.62
N VAL A 178 -8.79 15.39 -15.02
CA VAL A 178 -9.00 16.12 -13.78
C VAL A 178 -8.35 15.39 -12.58
N ARG A 179 -7.39 16.06 -11.94
CA ARG A 179 -6.80 15.65 -10.67
C ARG A 179 -7.48 16.44 -9.56
N LEU A 180 -8.37 15.82 -8.80
CA LEU A 180 -9.03 16.52 -7.68
C LEU A 180 -8.00 16.79 -6.56
N LEU A 181 -8.13 17.97 -5.91
CA LEU A 181 -7.12 18.50 -4.96
C LEU A 181 -6.79 17.51 -3.81
N PRO A 182 -5.63 17.71 -3.09
CA PRO A 182 -5.36 17.04 -1.78
C PRO A 182 -6.16 17.72 -0.61
N HIS A 183 -7.35 18.26 -0.96
CA HIS A 183 -8.32 18.85 -0.04
C HIS A 183 -8.83 17.71 0.89
N PRO A 184 -8.55 17.79 2.23
CA PRO A 184 -8.62 16.62 3.15
C PRO A 184 -10.03 16.16 3.57
N VAL A 185 -11.05 16.47 2.75
CA VAL A 185 -12.46 16.15 3.07
C VAL A 185 -12.96 14.98 2.21
N PHE A 186 -12.95 15.17 0.88
CA PHE A 186 -13.56 14.22 -0.09
C PHE A 186 -12.58 13.91 -1.24
N ARG A 187 -12.92 12.85 -1.99
CA ARG A 187 -12.28 12.48 -3.26
C ARG A 187 -13.33 11.76 -4.13
N LEU A 188 -14.07 12.55 -4.89
CA LEU A 188 -15.04 12.07 -5.88
C LEU A 188 -14.28 11.27 -6.97
N GLU A 189 -14.39 9.93 -6.92
CA GLU A 189 -13.60 8.99 -7.73
C GLU A 189 -14.53 7.88 -8.27
N GLY A 190 -14.43 7.58 -9.58
CA GLY A 190 -15.30 6.59 -10.25
C GLY A 190 -16.63 7.22 -10.64
N GLN A 191 -17.56 7.24 -9.68
CA GLN A 191 -18.81 8.05 -9.71
C GLN A 191 -19.28 8.34 -8.26
N ASP A 192 -18.45 7.90 -7.31
CA ASP A 192 -18.76 7.86 -5.88
C ASP A 192 -17.76 8.75 -5.11
N LEU A 193 -17.96 8.89 -3.80
CA LEU A 193 -17.21 9.85 -2.98
C LEU A 193 -16.35 9.10 -1.94
N TYR A 194 -15.05 9.40 -1.91
CA TYR A 194 -14.12 8.84 -0.91
C TYR A 194 -13.78 9.93 0.11
N ALA A 195 -14.40 9.85 1.29
CA ALA A 195 -14.06 10.71 2.43
C ALA A 195 -13.36 9.87 3.50
N THR A 196 -12.56 10.52 4.35
CA THR A 196 -11.86 9.83 5.44
C THR A 196 -12.72 9.90 6.71
N LEU A 197 -13.05 8.74 7.28
CA LEU A 197 -13.84 8.66 8.52
C LEU A 197 -12.95 8.11 9.64
N ASP A 198 -12.36 9.02 10.41
CA ASP A 198 -11.67 8.66 11.64
C ASP A 198 -12.75 8.47 12.71
N VAL A 199 -12.78 7.29 13.31
CA VAL A 199 -13.78 6.91 14.32
C VAL A 199 -13.03 6.23 15.49
N PRO A 200 -13.37 6.53 16.77
CA PRO A 200 -12.80 5.81 17.92
C PRO A 200 -13.37 4.38 18.04
N ALA A 201 -12.63 3.52 18.75
CA ALA A 201 -12.93 2.08 18.86
C ALA A 201 -14.36 1.78 19.38
N PRO A 202 -14.83 2.34 20.57
CA PRO A 202 -16.19 2.06 21.11
C PRO A 202 -17.33 2.45 20.14
N ILE A 203 -17.17 3.62 19.48
CA ILE A 203 -18.17 4.14 18.53
C ILE A 203 -18.16 3.30 17.22
N ALA A 204 -16.98 2.77 16.85
CA ALA A 204 -16.83 1.86 15.69
C ALA A 204 -17.55 0.51 15.96
N VAL A 205 -17.40 0.02 17.20
CA VAL A 205 -17.93 -1.28 17.65
C VAL A 205 -19.47 -1.26 17.78
N VAL A 206 -20.00 -0.21 18.43
CA VAL A 206 -21.42 -0.13 18.84
C VAL A 206 -22.24 0.71 17.85
N GLY A 207 -21.57 1.63 17.16
CA GLY A 207 -22.24 2.63 16.35
C GLY A 207 -22.35 3.95 17.10
N GLY A 208 -22.55 5.05 16.35
CA GLY A 208 -22.73 6.38 16.95
C GLY A 208 -22.52 7.49 15.95
N LYS A 209 -22.87 8.72 16.32
CA LYS A 209 -22.81 9.86 15.39
C LYS A 209 -21.54 10.69 15.64
N VAL A 210 -20.67 10.75 14.61
CA VAL A 210 -19.42 11.55 14.63
C VAL A 210 -19.45 12.56 13.47
N ARG A 211 -18.59 13.59 13.53
CA ARG A 211 -18.57 14.66 12.52
C ARG A 211 -18.02 14.13 11.18
N ALA A 212 -18.89 14.13 10.16
CA ALA A 212 -18.50 13.90 8.76
C ALA A 212 -18.49 15.25 8.04
N MET A 213 -17.30 15.70 7.65
CA MET A 213 -17.15 16.90 6.82
C MET A 213 -17.52 16.52 5.39
N THR A 214 -18.59 17.14 4.87
CA THR A 214 -19.04 16.90 3.48
C THR A 214 -18.98 18.20 2.66
N LEU A 215 -19.13 18.08 1.32
CA LEU A 215 -19.10 19.23 0.39
C LEU A 215 -20.31 20.16 0.61
N GLU A 216 -21.36 19.62 1.23
CA GLU A 216 -22.58 20.37 1.56
C GLU A 216 -22.50 21.00 2.99
N GLY A 217 -21.57 20.48 3.85
CA GLY A 217 -21.32 21.07 5.18
C GLY A 217 -20.91 20.03 6.24
N PRO A 218 -20.46 20.46 7.45
CA PRO A 218 -20.12 19.54 8.56
C PRO A 218 -21.40 18.91 9.19
N VAL A 219 -21.66 17.64 8.84
CA VAL A 219 -22.86 16.88 9.29
C VAL A 219 -22.46 15.83 10.35
N GLU A 220 -23.45 15.07 10.85
CA GLU A 220 -23.23 13.93 11.75
C GLU A 220 -23.57 12.62 11.01
N VAL A 221 -22.56 11.75 10.87
CA VAL A 221 -22.73 10.42 10.28
C VAL A 221 -22.93 9.38 11.40
N ALA A 222 -24.07 8.69 11.36
CA ALA A 222 -24.32 7.56 12.26
C ALA A 222 -23.60 6.32 11.71
N VAL A 223 -22.41 6.06 12.24
CA VAL A 223 -21.60 4.90 11.86
C VAL A 223 -22.32 3.61 12.36
N PRO A 224 -22.46 2.55 11.50
CA PRO A 224 -23.01 1.24 11.95
C PRO A 224 -22.10 0.53 12.99
N PRO A 225 -22.62 -0.50 13.72
CA PRO A 225 -21.77 -1.37 14.56
C PRO A 225 -20.77 -2.22 13.73
N ARG A 226 -19.75 -2.77 14.43
CA ARG A 226 -18.57 -3.51 13.87
C ARG A 226 -18.01 -2.84 12.60
N THR A 227 -17.44 -1.65 12.80
CA THR A 227 -16.80 -0.87 11.75
C THR A 227 -15.28 -1.03 11.85
N GLN A 228 -14.73 -1.85 10.95
CA GLN A 228 -13.33 -2.27 10.96
C GLN A 228 -12.42 -1.26 10.20
N ALA A 229 -11.17 -1.11 10.70
CA ALA A 229 -10.16 -0.20 10.12
C ALA A 229 -9.60 -0.78 8.80
N GLY A 230 -9.32 0.13 7.83
CA GLY A 230 -8.81 -0.26 6.51
C GLY A 230 -9.92 -0.63 5.54
N ARG A 231 -11.18 -0.56 6.00
CA ARG A 231 -12.39 -0.81 5.19
C ARG A 231 -13.15 0.50 5.06
N LYS A 232 -14.05 0.56 4.08
CA LYS A 232 -14.74 1.79 3.72
C LYS A 232 -16.25 1.55 3.65
N LEU A 233 -17.00 2.51 4.21
CA LEU A 233 -18.44 2.41 4.41
C LEU A 233 -19.17 2.88 3.16
N ARG A 234 -19.83 1.96 2.44
CA ARG A 234 -20.64 2.28 1.26
C ARG A 234 -22.00 2.87 1.70
N LEU A 235 -22.19 4.19 1.53
CA LEU A 235 -23.50 4.83 1.76
C LEU A 235 -24.17 5.08 0.38
N LYS A 236 -25.03 4.13 -0.07
CA LYS A 236 -25.49 4.05 -1.47
C LYS A 236 -26.52 5.14 -1.81
N GLY A 237 -26.16 6.02 -2.76
CA GLY A 237 -27.05 7.07 -3.26
C GLY A 237 -26.74 8.44 -2.68
N LYS A 238 -25.44 8.66 -2.39
CA LYS A 238 -24.93 9.94 -1.82
C LYS A 238 -23.94 10.61 -2.79
N GLY A 239 -23.27 9.80 -3.62
CA GLY A 239 -22.37 10.29 -4.67
C GLY A 239 -23.10 10.76 -5.91
N PHE A 240 -22.34 10.95 -6.98
CA PHE A 240 -22.84 11.55 -8.23
C PHE A 240 -23.19 10.43 -9.25
N PRO A 241 -24.05 10.70 -10.30
CA PRO A 241 -24.55 9.64 -11.23
C PRO A 241 -23.42 8.90 -11.97
N GLY A 242 -23.69 7.64 -12.34
CA GLY A 242 -22.73 6.83 -13.10
C GLY A 242 -23.28 5.48 -13.55
N PRO A 243 -22.39 4.53 -13.95
CA PRO A 243 -22.78 3.17 -14.42
C PRO A 243 -23.30 2.24 -13.29
N ALA A 244 -23.24 2.73 -12.04
CA ALA A 244 -23.86 2.05 -10.87
C ALA A 244 -25.15 2.79 -10.45
N GLY A 245 -25.73 3.53 -11.42
CA GLY A 245 -26.93 4.34 -11.19
C GLY A 245 -26.57 5.67 -10.58
N ARG A 246 -26.43 5.69 -9.24
CA ARG A 246 -25.90 6.82 -8.49
C ARG A 246 -24.73 6.35 -7.64
N GLY A 247 -23.74 7.22 -7.48
CA GLY A 247 -22.59 6.97 -6.64
C GLY A 247 -22.93 6.86 -5.17
N ASP A 248 -21.97 6.36 -4.40
CA ASP A 248 -22.10 6.16 -2.95
C ASP A 248 -21.19 7.15 -2.23
N LEU A 249 -21.17 7.07 -0.90
CA LEU A 249 -20.20 7.78 -0.06
C LEU A 249 -19.38 6.74 0.70
N TYR A 250 -18.20 6.40 0.16
CA TYR A 250 -17.23 5.49 0.80
C TYR A 250 -16.44 6.24 1.86
N LEU A 251 -16.71 5.91 3.12
CA LEU A 251 -16.01 6.47 4.28
C LEU A 251 -14.90 5.51 4.74
N GLU A 252 -13.66 5.78 4.30
CA GLU A 252 -12.50 4.92 4.59
C GLU A 252 -12.05 5.13 6.06
N VAL A 253 -12.18 4.03 6.83
CA VAL A 253 -12.15 4.03 8.30
C VAL A 253 -10.73 3.94 8.89
N ARG A 254 -10.48 4.82 9.88
CA ARG A 254 -9.26 4.84 10.69
C ARG A 254 -9.65 4.89 12.17
N ILE A 255 -9.47 3.76 12.87
CA ILE A 255 -9.86 3.61 14.28
C ILE A 255 -8.77 4.16 15.21
N THR A 256 -9.18 5.00 16.18
CA THR A 256 -8.33 5.54 17.26
C THR A 256 -8.88 5.10 18.63
N ILE A 257 -8.15 5.40 19.72
CA ILE A 257 -8.55 5.03 21.11
C ILE A 257 -8.30 6.24 22.07
N PRO A 258 -9.04 6.35 23.24
CA PRO A 258 -9.15 7.62 24.04
C PRO A 258 -7.84 8.14 24.68
N GLU A 259 -6.75 7.36 24.57
CA GLU A 259 -5.47 7.61 25.28
C GLU A 259 -5.67 7.78 26.82
N ARG A 260 -5.95 9.02 27.30
CA ARG A 260 -6.11 9.30 28.74
C ARG A 260 -7.39 8.61 29.28
N LEU A 261 -7.27 7.93 30.42
CA LEU A 261 -8.37 7.17 31.03
C LEU A 261 -8.49 7.51 32.53
N THR A 262 -9.73 7.74 32.97
CA THR A 262 -10.06 7.87 34.39
C THR A 262 -10.28 6.45 34.99
N PRO A 263 -9.91 6.22 36.30
CA PRO A 263 -9.90 4.87 37.00
C PRO A 263 -10.95 3.84 36.52
N GLU A 264 -12.19 4.32 36.31
CA GLU A 264 -13.31 3.48 35.88
C GLU A 264 -13.07 2.90 34.47
N GLU A 265 -13.00 3.80 33.46
CA GLU A 265 -12.79 3.42 32.03
C GLU A 265 -11.44 2.70 31.85
N GLU A 266 -10.46 3.10 32.68
CA GLU A 266 -9.13 2.49 32.76
C GLU A 266 -9.28 0.96 33.00
N ALA A 267 -10.06 0.62 34.04
CA ALA A 267 -10.34 -0.77 34.40
C ALA A 267 -11.16 -1.49 33.32
N LEU A 268 -12.18 -0.80 32.73
CA LEU A 268 -13.05 -1.38 31.66
C LEU A 268 -12.22 -1.85 30.44
N TRP A 269 -11.30 -0.98 30.00
CA TRP A 269 -10.39 -1.28 28.88
C TRP A 269 -9.43 -2.43 29.24
N LYS A 270 -8.93 -2.43 30.49
CA LYS A 270 -8.02 -3.48 31.00
C LYS A 270 -8.76 -4.82 31.23
N LYS A 271 -10.09 -4.77 31.47
CA LYS A 271 -10.93 -5.98 31.65
C LYS A 271 -11.15 -6.63 30.28
N LEU A 272 -11.53 -5.78 29.30
CA LEU A 272 -11.63 -6.17 27.89
C LEU A 272 -10.29 -6.73 27.41
N ALA A 273 -9.19 -6.11 27.84
CA ALA A 273 -7.82 -6.44 27.40
C ALA A 273 -7.37 -7.84 27.84
N GLU A 274 -7.44 -8.10 29.16
CA GLU A 274 -6.98 -9.38 29.75
C GLU A 274 -7.87 -10.54 29.30
N ALA A 275 -9.20 -10.30 29.31
CA ALA A 275 -10.19 -11.30 28.88
C ALA A 275 -9.98 -11.64 27.40
N TYR A 276 -9.86 -10.59 26.56
CA TYR A 276 -9.70 -10.73 25.09
C TYR A 276 -8.41 -11.48 24.74
N TYR A 277 -7.30 -11.10 25.40
CA TYR A 277 -5.97 -11.68 25.10
C TYR A 277 -5.94 -13.17 25.51
N ALA A 278 -6.57 -13.48 26.65
CA ALA A 278 -6.74 -14.87 27.12
C ALA A 278 -7.68 -15.68 26.18
N ARG A 279 -8.47 -14.96 25.36
CA ARG A 279 -9.41 -15.57 24.38
C ARG A 279 -9.00 -15.17 22.95
N ALA A 280 -7.73 -14.75 22.78
CA ALA A 280 -7.17 -14.35 21.48
C ALA A 280 -6.47 -15.55 20.83
N MET B 1 -10.01 28.37 2.40
CA MET B 1 -10.92 27.23 2.66
C MET B 1 -11.46 26.70 1.31
N LYS B 2 -12.33 27.49 0.66
CA LYS B 2 -12.79 27.19 -0.70
C LYS B 2 -11.73 27.68 -1.71
N GLN B 3 -11.30 26.78 -2.59
CA GLN B 3 -10.22 27.06 -3.57
C GLN B 3 -10.82 27.23 -4.99
N SER B 4 -12.01 27.85 -5.05
CA SER B 4 -12.96 27.82 -6.21
C SER B 4 -12.39 28.23 -7.61
N THR B 5 -11.11 28.67 -7.70
CA THR B 5 -10.44 28.89 -9.00
C THR B 5 -9.05 28.22 -9.01
N ILE B 6 -8.61 27.74 -10.20
CA ILE B 6 -7.48 26.80 -10.34
C ILE B 6 -6.55 27.17 -11.54
N ALA B 7 -5.38 26.49 -11.62
CA ALA B 7 -4.41 26.64 -12.73
C ALA B 7 -3.98 25.25 -13.24
N LEU B 8 -3.68 25.13 -14.55
CA LEU B 8 -3.42 23.84 -15.23
C LEU B 8 -1.92 23.44 -15.08
N ALA B 9 -1.65 22.12 -15.20
CA ALA B 9 -0.27 21.58 -15.10
C ALA B 9 0.52 21.75 -16.40
N LEU B 10 -0.03 21.16 -17.49
CA LEU B 10 0.69 20.94 -18.78
C LEU B 10 1.93 20.02 -18.59
N LEU B 11 1.97 19.27 -17.46
CA LEU B 11 3.07 18.32 -17.10
C LEU B 11 4.45 19.03 -17.03
N PRO B 12 4.77 19.75 -15.89
CA PRO B 12 6.09 20.40 -15.69
C PRO B 12 7.12 19.45 -15.01
N LEU B 13 7.10 19.37 -13.66
CA LEU B 13 8.01 18.49 -12.86
C LEU B 13 7.18 17.68 -11.82
N LEU B 14 7.88 17.09 -10.83
CA LEU B 14 7.24 16.30 -9.74
C LEU B 14 7.04 17.21 -8.50
N PHE B 15 6.52 16.63 -7.38
CA PHE B 15 6.14 17.39 -6.17
C PHE B 15 7.31 17.47 -5.16
N THR B 16 7.11 18.30 -4.11
CA THR B 16 8.07 18.47 -3.01
C THR B 16 7.83 17.38 -1.92
N PRO B 17 8.92 16.73 -1.37
CA PRO B 17 8.79 15.62 -0.39
C PRO B 17 8.21 16.06 0.97
N VAL B 18 6.89 15.87 1.14
CA VAL B 18 6.14 16.19 2.37
C VAL B 18 6.40 15.11 3.43
N THR B 19 6.52 13.86 2.95
CA THR B 19 6.90 12.69 3.78
C THR B 19 8.39 12.77 4.19
N LYS B 20 9.17 13.52 3.39
CA LYS B 20 10.63 13.77 3.55
C LYS B 20 11.46 12.55 3.15
N ALA B 21 11.30 11.42 3.88
CA ALA B 21 11.95 10.12 3.60
C ALA B 21 13.49 10.17 3.77
N ARG B 22 13.99 9.68 4.92
CA ARG B 22 15.43 9.52 5.19
C ARG B 22 15.68 8.10 5.76
N THR B 23 16.95 7.66 5.72
CA THR B 23 17.38 6.36 6.30
C THR B 23 17.21 6.40 7.85
N PRO B 24 16.19 5.69 8.41
CA PRO B 24 15.76 5.87 9.81
C PRO B 24 16.71 5.23 10.86
N GLU B 25 16.72 3.89 10.95
CA GLU B 25 17.59 3.17 11.90
C GLU B 25 18.99 2.95 11.32
N MET B 26 19.95 2.69 12.22
CA MET B 26 21.29 2.24 11.87
C MET B 26 21.31 0.69 11.93
N PRO B 27 21.54 0.00 10.76
CA PRO B 27 21.62 -1.48 10.70
C PRO B 27 22.76 -2.06 11.55
N VAL B 28 22.47 -2.26 12.85
CA VAL B 28 23.38 -2.87 13.83
C VAL B 28 22.99 -4.34 14.10
N LEU B 29 21.77 -4.70 13.65
CA LEU B 29 21.12 -5.98 13.92
C LEU B 29 20.85 -6.08 15.46
N GLU B 30 21.63 -6.92 16.20
CA GLU B 30 21.48 -7.17 17.66
C GLU B 30 20.05 -7.71 18.02
N ASN B 31 19.89 -8.19 19.29
CA ASN B 31 18.62 -8.71 19.88
C ASN B 31 18.35 -10.16 19.44
N ARG B 32 18.44 -10.40 18.09
CA ARG B 32 18.10 -11.65 17.39
C ARG B 32 16.56 -11.85 17.35
N ALA B 33 15.93 -11.76 18.54
CA ALA B 33 14.48 -11.72 18.74
C ALA B 33 13.87 -13.12 18.45
N ALA B 34 13.47 -13.80 19.56
CA ALA B 34 13.17 -15.24 19.64
C ALA B 34 14.46 -16.08 19.66
N GLN B 35 15.35 -15.82 18.67
CA GLN B 35 16.72 -16.39 18.57
C GLN B 35 16.70 -17.92 18.26
N GLY B 36 15.51 -18.53 18.25
CA GLY B 36 15.37 -19.96 18.09
C GLY B 36 13.93 -20.39 17.94
N ASP B 37 13.76 -21.56 17.34
CA ASP B 37 12.46 -22.21 17.14
C ASP B 37 11.96 -22.84 18.47
N ILE B 38 10.63 -23.04 18.57
CA ILE B 38 9.98 -23.72 19.70
C ILE B 38 10.40 -25.21 19.81
N THR B 39 10.86 -25.79 18.66
CA THR B 39 11.27 -27.21 18.57
C THR B 39 12.52 -27.37 17.67
N ALA B 40 12.42 -26.80 16.44
CA ALA B 40 13.42 -26.84 15.34
C ALA B 40 13.06 -27.91 14.25
N PRO B 41 13.21 -29.29 14.47
CA PRO B 41 12.82 -30.27 13.42
C PRO B 41 11.29 -30.35 13.23
N GLY B 42 10.83 -29.95 12.03
CA GLY B 42 9.40 -29.96 11.69
C GLY B 42 9.13 -29.43 10.29
N GLY B 43 9.83 -28.34 9.91
CA GLY B 43 9.74 -27.77 8.56
C GLY B 43 8.70 -26.65 8.44
N ALA B 44 8.45 -26.20 7.19
CA ALA B 44 7.52 -25.10 6.86
C ALA B 44 6.04 -25.54 6.91
N ARG B 45 5.83 -26.88 6.94
CA ARG B 45 4.52 -27.53 7.07
C ARG B 45 3.72 -27.49 5.75
N ARG B 46 3.18 -26.31 5.39
CA ARG B 46 2.33 -26.12 4.18
C ARG B 46 2.86 -24.95 3.32
N LEU B 47 2.15 -24.63 2.23
CA LEU B 47 2.54 -23.55 1.29
C LEU B 47 1.31 -23.08 0.46
N THR B 48 1.39 -21.84 -0.08
CA THR B 48 0.32 -21.24 -0.91
C THR B 48 0.88 -20.03 -1.71
N GLY B 49 1.28 -18.97 -0.98
CA GLY B 49 1.75 -17.72 -1.59
C GLY B 49 0.63 -16.88 -2.19
N ASP B 50 0.16 -17.29 -3.38
CA ASP B 50 -0.85 -16.56 -4.17
C ASP B 50 -2.27 -16.90 -3.73
N GLN B 51 -3.20 -16.01 -4.08
CA GLN B 51 -4.65 -16.25 -3.99
C GLN B 51 -5.20 -16.67 -5.38
N THR B 52 -4.52 -16.22 -6.46
CA THR B 52 -4.89 -16.53 -7.87
C THR B 52 -3.82 -15.97 -8.83
N ALA B 53 -3.93 -16.35 -10.11
CA ALA B 53 -3.09 -15.85 -11.22
C ALA B 53 -3.74 -16.26 -12.56
N ALA B 54 -3.74 -15.35 -13.56
CA ALA B 54 -4.32 -15.59 -14.88
C ALA B 54 -3.39 -15.09 -16.02
N LEU B 55 -3.53 -13.81 -16.44
CA LEU B 55 -2.84 -13.25 -17.63
C LEU B 55 -1.50 -12.60 -17.23
N ARG B 56 -0.57 -13.43 -16.72
CA ARG B 56 0.82 -13.05 -16.37
C ARG B 56 0.92 -12.21 -15.05
N ASP B 57 -0.02 -11.26 -14.83
CA ASP B 57 -0.21 -10.53 -13.54
C ASP B 57 1.01 -9.65 -13.17
N SER B 58 1.94 -9.55 -14.12
CA SER B 58 3.25 -8.95 -13.94
C SER B 58 3.29 -7.55 -14.60
N LEU B 59 2.83 -6.55 -13.83
CA LEU B 59 2.73 -5.15 -14.28
C LEU B 59 3.53 -4.24 -13.33
N SER B 60 3.27 -4.41 -12.02
CA SER B 60 3.70 -3.48 -10.95
C SER B 60 3.04 -2.08 -11.13
N ASP B 61 3.44 -1.14 -10.26
CA ASP B 61 2.92 0.24 -10.24
C ASP B 61 3.85 1.19 -11.03
N LYS B 62 5.05 0.68 -11.38
CA LYS B 62 6.12 1.45 -12.06
C LYS B 62 7.13 0.42 -12.63
N PRO B 63 7.75 0.63 -13.86
CA PRO B 63 8.80 -0.28 -14.43
C PRO B 63 10.17 -0.31 -13.66
N ALA B 64 10.12 -0.03 -12.33
CA ALA B 64 11.26 -0.07 -11.40
C ALA B 64 12.29 1.04 -11.68
N LYS B 65 13.23 0.80 -12.61
CA LYS B 65 14.39 1.69 -12.88
C LYS B 65 15.15 2.01 -11.56
N ASN B 66 14.89 3.21 -10.96
CA ASN B 66 15.39 3.66 -9.62
C ASN B 66 16.91 3.47 -9.38
N ILE B 67 17.32 2.18 -9.16
CA ILE B 67 18.69 1.73 -8.80
C ILE B 67 19.17 2.32 -7.44
N ILE B 68 20.34 1.83 -6.95
CA ILE B 68 20.95 2.22 -5.65
C ILE B 68 20.18 1.60 -4.45
N LEU B 69 20.92 1.32 -3.34
CA LEU B 69 20.40 0.69 -2.11
C LEU B 69 19.93 -0.74 -2.38
N LEU B 70 20.92 -1.65 -2.53
CA LEU B 70 20.69 -3.07 -2.80
C LEU B 70 21.99 -3.85 -2.48
N ILE B 71 23.06 -3.50 -3.25
CA ILE B 71 24.47 -4.01 -3.15
C ILE B 71 24.62 -5.55 -2.86
N GLY B 72 24.27 -5.98 -1.64
CA GLY B 72 24.45 -7.36 -1.21
C GLY B 72 24.39 -7.47 0.31
N ASP B 73 24.89 -8.60 0.84
CA ASP B 73 24.92 -8.88 2.29
C ASP B 73 26.35 -9.20 2.73
N GLY B 74 26.61 -9.03 4.05
CA GLY B 74 27.87 -9.43 4.68
C GLY B 74 28.04 -10.95 4.79
N MET B 75 26.95 -11.70 4.41
CA MET B 75 26.88 -13.18 4.35
C MET B 75 26.69 -13.80 5.76
N GLY B 76 27.62 -13.49 6.67
CA GLY B 76 27.58 -14.00 8.05
C GLY B 76 28.26 -15.36 8.20
N ASP B 77 28.80 -15.89 7.07
CA ASP B 77 29.50 -17.20 6.98
C ASP B 77 28.49 -18.34 7.33
N SER B 78 29.01 -19.51 7.74
CA SER B 78 28.21 -20.67 8.19
C SER B 78 27.44 -21.28 7.01
N GLU B 79 28.17 -22.05 6.20
CA GLU B 79 27.64 -22.78 5.03
C GLU B 79 26.78 -23.98 5.52
N ILE B 80 25.99 -24.58 4.60
CA ILE B 80 25.03 -25.67 4.88
C ILE B 80 23.86 -25.14 5.77
N THR B 81 24.12 -25.07 7.11
CA THR B 81 23.13 -24.59 8.10
C THR B 81 23.85 -24.32 9.45
N ALA B 82 23.10 -23.79 10.43
CA ALA B 82 23.57 -23.55 11.81
C ALA B 82 22.43 -23.73 12.82
N ALA B 83 21.34 -24.39 12.39
CA ALA B 83 20.11 -24.56 13.19
C ALA B 83 20.12 -25.92 13.93
N ARG B 84 19.04 -26.14 14.72
CA ARG B 84 18.78 -27.36 15.51
C ARG B 84 19.79 -27.51 16.68
N ASN B 85 21.02 -27.99 16.36
CA ASN B 85 22.12 -28.24 17.34
C ASN B 85 21.69 -29.27 18.42
N TYR B 86 20.95 -28.78 19.42
CA TYR B 86 20.54 -29.55 20.61
C TYR B 86 19.12 -29.11 20.97
N ALA B 87 18.12 -29.85 20.49
CA ALA B 87 16.70 -29.45 20.59
C ALA B 87 15.79 -30.67 20.82
N GLU B 88 16.31 -31.65 21.59
CA GLU B 88 15.60 -32.90 21.88
C GLU B 88 16.13 -33.51 23.19
N GLY B 89 15.20 -34.06 24.01
CA GLY B 89 15.54 -34.69 25.29
C GLY B 89 15.86 -36.17 25.15
N ALA B 90 14.92 -36.90 24.49
CA ALA B 90 15.04 -38.34 24.14
C ALA B 90 14.96 -39.26 25.40
N GLY B 91 15.96 -39.18 26.30
CA GLY B 91 15.99 -39.97 27.55
C GLY B 91 14.91 -39.57 28.57
N GLY B 92 14.14 -38.51 28.26
CA GLY B 92 13.02 -38.06 29.09
C GLY B 92 11.90 -39.11 29.21
N PHE B 93 11.77 -39.97 28.18
CA PHE B 93 10.78 -41.07 28.17
C PHE B 93 11.13 -42.11 29.25
N PHE B 94 12.43 -42.48 29.30
CA PHE B 94 12.95 -43.49 30.24
C PHE B 94 12.87 -42.98 31.70
N LYS B 95 13.17 -41.67 31.87
CA LYS B 95 13.14 -40.99 33.19
C LYS B 95 11.68 -40.62 33.59
N GLY B 96 10.68 -41.07 32.79
CA GLY B 96 9.25 -40.84 33.07
C GLY B 96 8.62 -41.80 34.08
N ILE B 97 9.46 -42.39 34.95
CA ILE B 97 9.03 -43.28 36.05
C ILE B 97 9.41 -42.64 37.41
N ASP B 98 10.54 -41.93 37.43
CA ASP B 98 11.11 -41.32 38.65
C ASP B 98 11.51 -39.85 38.39
N ALA B 99 11.21 -38.97 39.35
CA ALA B 99 11.57 -37.53 39.30
C ALA B 99 12.78 -37.22 40.21
N LEU B 100 13.24 -38.25 40.94
CA LEU B 100 14.21 -38.16 42.03
C LEU B 100 13.68 -37.23 43.16
N PRO B 101 12.62 -37.68 43.92
CA PRO B 101 12.15 -36.99 45.14
C PRO B 101 12.84 -37.54 46.39
N LEU B 102 12.39 -37.10 47.56
CA LEU B 102 12.84 -37.63 48.86
C LEU B 102 12.37 -39.10 48.98
N THR B 103 13.28 -39.98 49.44
CA THR B 103 12.99 -41.41 49.68
C THR B 103 12.09 -41.57 50.93
N GLY B 104 10.82 -41.94 50.68
CA GLY B 104 9.77 -41.95 51.70
C GLY B 104 8.70 -40.91 51.42
N GLN B 105 8.90 -40.12 50.34
CA GLN B 105 7.96 -39.08 49.90
C GLN B 105 7.27 -39.55 48.62
N TYR B 106 7.95 -39.36 47.45
CA TYR B 106 7.38 -39.60 46.10
C TYR B 106 5.98 -38.95 45.95
N THR B 107 4.93 -39.73 46.22
CA THR B 107 3.55 -39.24 46.31
C THR B 107 3.01 -39.63 47.70
N HIS B 108 2.62 -38.64 48.52
CA HIS B 108 2.17 -38.88 49.91
C HIS B 108 1.26 -37.71 50.39
N TYR B 109 -0.06 -37.85 50.10
CA TYR B 109 -1.17 -37.03 50.65
C TYR B 109 -0.95 -35.49 50.61
N ALA B 110 -0.18 -34.98 51.60
CA ALA B 110 0.05 -33.53 51.81
C ALA B 110 0.78 -32.87 50.63
N LEU B 111 1.62 -33.65 49.94
CA LEU B 111 2.44 -33.18 48.81
C LEU B 111 1.64 -33.21 47.48
N ASN B 112 0.41 -33.76 47.53
CA ASN B 112 -0.44 -34.00 46.33
C ASN B 112 -1.89 -33.58 46.63
N LYS B 113 -2.85 -34.02 45.79
CA LYS B 113 -4.29 -33.88 46.05
C LYS B 113 -4.82 -35.15 46.78
N LYS B 114 -3.94 -35.69 47.69
CA LYS B 114 -4.20 -36.93 48.47
C LYS B 114 -4.45 -38.16 47.58
N THR B 115 -4.09 -38.04 46.26
CA THR B 115 -4.31 -39.08 45.21
C THR B 115 -5.82 -39.34 44.92
N GLY B 116 -6.73 -38.76 45.75
CA GLY B 116 -8.17 -39.02 45.65
C GLY B 116 -8.81 -38.36 44.45
N LYS B 117 -8.15 -37.30 43.92
CA LYS B 117 -8.59 -36.58 42.71
C LYS B 117 -7.34 -36.05 41.98
N PRO B 118 -6.63 -36.93 41.19
CA PRO B 118 -5.42 -36.50 40.42
C PRO B 118 -5.78 -35.50 39.29
N ASP B 119 -6.99 -35.66 38.71
CA ASP B 119 -7.51 -34.77 37.66
C ASP B 119 -9.01 -35.04 37.42
N TYR B 120 -9.69 -34.09 36.77
CA TYR B 120 -11.06 -34.25 36.25
C TYR B 120 -11.05 -33.80 34.79
N VAL B 121 -11.35 -34.73 33.86
CA VAL B 121 -11.14 -34.55 32.40
C VAL B 121 -11.85 -33.31 31.81
N THR B 122 -13.06 -32.99 32.31
CA THR B 122 -13.86 -31.84 31.82
C THR B 122 -13.27 -30.50 32.33
N ASP B 123 -12.76 -30.52 33.58
CA ASP B 123 -12.24 -29.32 34.29
C ASP B 123 -10.70 -29.33 34.35
N SER B 124 -10.06 -30.12 33.47
CA SER B 124 -8.59 -30.21 33.37
C SER B 124 -8.01 -28.87 32.90
N ALA B 125 -7.20 -28.23 33.76
CA ALA B 125 -6.57 -26.93 33.50
C ALA B 125 -5.37 -27.10 32.55
N ALA B 126 -5.69 -27.40 31.29
CA ALA B 126 -4.71 -27.71 30.24
C ALA B 126 -5.40 -27.53 28.88
N SER B 127 -6.37 -28.43 28.60
CA SER B 127 -7.13 -28.52 27.33
C SER B 127 -6.18 -28.76 26.13
N ALA B 128 -5.49 -27.69 25.69
CA ALA B 128 -4.45 -27.73 24.64
C ALA B 128 -3.16 -27.14 25.24
N THR B 129 -2.09 -27.95 25.29
CA THR B 129 -0.80 -27.55 25.89
C THR B 129 0.27 -27.27 24.81
N ALA B 130 0.23 -26.03 24.26
CA ALA B 130 1.24 -25.53 23.27
C ALA B 130 1.24 -26.34 21.95
N TRP B 131 2.27 -26.12 21.12
CA TRP B 131 2.47 -26.78 19.82
C TRP B 131 3.87 -27.43 19.81
N SER B 132 3.98 -28.66 19.27
CA SER B 132 5.24 -29.43 19.12
C SER B 132 6.05 -29.60 20.43
N THR B 133 6.78 -28.52 20.84
CA THR B 133 7.46 -28.41 22.16
C THR B 133 8.71 -29.34 22.29
N GLY B 134 9.08 -30.01 21.16
CA GLY B 134 10.22 -30.97 21.16
C GLY B 134 9.86 -32.25 21.91
N VAL B 135 8.58 -32.66 21.78
CA VAL B 135 7.91 -33.65 22.63
C VAL B 135 7.86 -33.18 24.10
N LYS B 136 6.64 -32.90 24.57
CA LYS B 136 6.36 -32.29 25.89
C LYS B 136 6.90 -33.18 27.02
N THR B 137 6.38 -34.43 27.06
CA THR B 137 6.72 -35.46 28.06
C THR B 137 6.32 -35.00 29.50
N TYR B 138 7.15 -34.11 30.10
CA TYR B 138 6.90 -33.47 31.42
C TYR B 138 7.85 -32.26 31.60
N ASN B 139 8.29 -31.65 30.48
CA ASN B 139 9.39 -30.64 30.46
C ASN B 139 9.06 -29.39 31.31
N GLY B 140 7.79 -28.95 31.26
CA GLY B 140 7.32 -27.79 32.03
C GLY B 140 6.76 -28.16 33.41
N ALA B 141 6.73 -29.48 33.70
CA ALA B 141 6.22 -30.01 34.98
C ALA B 141 7.37 -30.16 36.01
N LEU B 142 8.49 -30.77 35.55
CA LEU B 142 9.68 -30.99 36.40
C LEU B 142 10.75 -29.92 36.10
N GLY B 143 11.15 -29.82 34.82
CA GLY B 143 12.22 -28.93 34.39
C GLY B 143 13.57 -29.40 34.93
N VAL B 144 14.12 -28.64 35.92
CA VAL B 144 15.38 -28.90 36.68
C VAL B 144 16.55 -29.37 35.78
N ASP B 145 16.59 -28.85 34.52
CA ASP B 145 17.56 -29.20 33.46
C ASP B 145 17.26 -30.58 32.81
N ILE B 146 16.77 -31.54 33.64
CA ILE B 146 16.46 -32.94 33.28
C ILE B 146 17.69 -33.66 32.66
N HIS B 147 17.46 -34.89 32.10
CA HIS B 147 18.46 -35.67 31.34
C HIS B 147 19.42 -36.48 32.26
N GLU B 148 19.47 -36.10 33.57
CA GLU B 148 20.12 -36.88 34.65
C GLU B 148 21.65 -37.01 34.47
N LYS B 149 22.08 -38.02 33.68
CA LYS B 149 23.51 -38.35 33.48
C LYS B 149 24.18 -37.32 32.57
N ASP B 150 23.46 -36.95 31.51
CA ASP B 150 23.88 -35.89 30.57
C ASP B 150 23.84 -34.54 31.31
N HIS B 151 22.61 -34.15 31.72
CA HIS B 151 22.33 -32.91 32.48
C HIS B 151 22.93 -31.65 31.79
N PRO B 152 22.18 -30.99 30.88
CA PRO B 152 22.59 -29.70 30.31
C PRO B 152 22.09 -28.55 31.20
N THR B 153 22.08 -27.34 30.65
CA THR B 153 21.35 -26.22 31.25
C THR B 153 19.93 -26.20 30.62
N ILE B 154 18.92 -25.67 31.36
CA ILE B 154 17.52 -25.56 30.90
C ILE B 154 17.46 -25.00 29.45
N LEU B 155 16.92 -25.82 28.54
CA LEU B 155 17.03 -25.59 27.08
C LEU B 155 16.31 -24.29 26.67
N GLU B 156 17.13 -23.23 26.51
CA GLU B 156 16.69 -21.91 26.02
C GLU B 156 17.43 -21.62 24.71
N MET B 157 16.87 -20.66 23.94
CA MET B 157 17.35 -20.33 22.60
C MET B 157 18.64 -19.49 22.69
N ALA B 158 19.80 -20.19 22.74
CA ALA B 158 21.14 -19.55 22.80
C ALA B 158 22.01 -20.10 21.65
N LYS B 159 22.53 -21.33 21.85
CA LYS B 159 23.38 -22.03 20.87
C LYS B 159 22.56 -23.04 20.04
N ALA B 160 21.26 -23.16 20.37
CA ALA B 160 20.39 -24.23 19.83
C ALA B 160 19.08 -23.67 19.24
N ALA B 161 18.31 -24.57 18.59
CA ALA B 161 17.05 -24.29 17.87
C ALA B 161 17.29 -23.45 16.59
N GLY B 162 17.67 -22.17 16.77
CA GLY B 162 18.04 -21.28 15.65
C GLY B 162 16.84 -20.65 14.93
N LEU B 163 17.06 -19.45 14.36
CA LEU B 163 16.06 -18.74 13.52
C LEU B 163 16.04 -19.32 12.09
N ALA B 164 15.35 -18.60 11.17
CA ALA B 164 15.09 -19.06 9.78
C ALA B 164 14.11 -20.26 9.77
N THR B 165 13.26 -20.33 10.82
CA THR B 165 12.29 -21.42 11.02
C THR B 165 11.37 -21.07 12.23
N GLY B 166 10.32 -21.89 12.43
CA GLY B 166 9.34 -21.70 13.49
C GLY B 166 8.21 -22.70 13.37
N ASN B 167 8.59 -24.01 13.30
CA ASN B 167 7.70 -25.12 12.87
C ASN B 167 6.38 -25.20 13.70
N VAL B 168 5.25 -25.34 12.97
CA VAL B 168 3.86 -25.40 13.50
C VAL B 168 3.35 -24.01 13.97
N SER B 169 4.23 -23.21 14.59
CA SER B 169 3.96 -21.82 14.98
C SER B 169 4.08 -20.86 13.76
N THR B 170 4.44 -21.42 12.58
CA THR B 170 4.43 -20.70 11.30
C THR B 170 2.99 -20.32 10.86
N ALA B 171 2.91 -19.29 10.01
CA ALA B 171 1.67 -18.89 9.32
C ALA B 171 1.96 -18.93 7.82
N GLU B 172 1.48 -19.99 7.14
CA GLU B 172 1.84 -20.29 5.74
C GLU B 172 1.21 -19.30 4.75
N LEU B 173 1.94 -18.22 4.48
CA LEU B 173 1.75 -17.32 3.32
C LEU B 173 2.98 -17.46 2.38
N GLN B 174 3.85 -18.45 2.70
CA GLN B 174 5.11 -18.72 2.00
C GLN B 174 4.89 -19.81 0.95
N ASP B 175 5.78 -19.83 -0.07
CA ASP B 175 5.67 -20.72 -1.24
C ASP B 175 6.86 -20.45 -2.20
N ALA B 176 7.86 -21.35 -2.23
CA ALA B 176 9.04 -21.21 -3.13
C ALA B 176 8.84 -22.07 -4.42
N THR B 177 7.58 -22.30 -4.79
CA THR B 177 7.19 -23.15 -5.93
C THR B 177 7.32 -22.45 -7.35
N PRO B 178 7.14 -21.06 -7.54
CA PRO B 178 7.23 -20.43 -8.90
C PRO B 178 8.53 -20.84 -9.64
N ALA B 179 9.64 -20.85 -8.89
CA ALA B 179 10.96 -21.34 -9.34
C ALA B 179 11.93 -21.27 -8.15
N ALA B 180 13.21 -21.54 -8.44
CA ALA B 180 14.31 -21.22 -7.52
C ALA B 180 14.43 -19.70 -7.35
N LEU B 181 14.15 -18.97 -8.45
CA LEU B 181 14.28 -17.50 -8.50
C LEU B 181 13.47 -16.91 -9.66
N VAL B 182 13.94 -17.17 -10.89
CA VAL B 182 13.53 -16.43 -12.10
C VAL B 182 12.17 -16.91 -12.66
N ALA B 183 11.44 -15.99 -13.31
CA ALA B 183 10.21 -16.30 -14.06
C ALA B 183 10.41 -15.88 -15.54
N HIS B 184 11.64 -16.12 -16.03
CA HIS B 184 12.13 -15.66 -17.35
C HIS B 184 12.00 -14.13 -17.47
N VAL B 185 10.83 -13.66 -17.90
CA VAL B 185 10.48 -12.23 -17.96
C VAL B 185 8.95 -12.10 -18.05
N THR B 186 8.37 -11.39 -17.06
CA THR B 186 6.94 -11.04 -16.98
C THR B 186 6.01 -12.29 -17.07
N SER B 187 5.77 -12.95 -15.91
CA SER B 187 4.87 -14.13 -15.82
C SER B 187 4.46 -14.40 -14.36
N ARG B 188 3.81 -15.56 -14.08
CA ARG B 188 3.25 -15.88 -12.75
C ARG B 188 3.32 -17.38 -12.39
N LYS B 189 2.70 -17.72 -11.25
CA LYS B 189 2.42 -19.08 -10.81
C LYS B 189 1.09 -19.06 -10.03
N CYS B 190 0.26 -20.11 -10.17
CA CYS B 190 -0.99 -20.26 -9.42
C CYS B 190 -1.02 -21.63 -8.70
N TYR B 191 -0.77 -21.59 -7.39
CA TYR B 191 -0.88 -22.76 -6.49
C TYR B 191 -2.27 -22.74 -5.83
N GLY B 192 -2.73 -21.52 -5.49
CA GLY B 192 -4.04 -21.30 -4.89
C GLY B 192 -3.98 -21.17 -3.36
N PRO B 193 -4.95 -20.45 -2.73
CA PRO B 193 -4.94 -20.14 -1.27
C PRO B 193 -5.63 -21.23 -0.42
N SER B 194 -5.24 -22.49 -0.66
CA SER B 194 -5.90 -23.68 -0.05
C SER B 194 -5.59 -23.88 1.45
N ALA B 195 -5.03 -22.84 2.13
CA ALA B 195 -4.74 -22.86 3.58
C ALA B 195 -6.01 -23.16 4.41
N THR B 196 -7.08 -22.37 4.16
CA THR B 196 -8.47 -22.60 4.65
C THR B 196 -8.60 -22.84 6.18
N SER B 197 -9.18 -21.87 6.90
CA SER B 197 -9.52 -22.04 8.33
C SER B 197 -10.63 -23.10 8.47
N GLU B 198 -10.21 -24.35 8.68
CA GLU B 198 -11.08 -25.54 8.65
C GLU B 198 -11.81 -25.73 10.00
N LYS B 199 -13.15 -25.53 9.98
CA LYS B 199 -14.09 -25.98 11.06
C LYS B 199 -13.63 -25.53 12.46
N CYS B 200 -13.98 -24.28 12.83
CA CYS B 200 -13.57 -23.67 14.12
C CYS B 200 -14.71 -22.84 14.77
N PRO B 201 -15.43 -21.89 14.04
CA PRO B 201 -16.63 -21.22 14.61
C PRO B 201 -17.79 -22.20 14.86
N GLY B 202 -17.88 -22.69 16.12
CA GLY B 202 -18.97 -23.58 16.55
C GLY B 202 -20.23 -22.81 16.87
N ASN B 203 -20.86 -22.24 15.83
CA ASN B 203 -22.05 -21.38 15.94
C ASN B 203 -23.06 -21.68 14.82
N ALA B 204 -23.02 -22.92 14.30
CA ALA B 204 -23.80 -23.33 13.12
C ALA B 204 -25.32 -23.45 13.43
N LEU B 205 -26.00 -22.27 13.38
CA LEU B 205 -27.47 -22.10 13.53
C LEU B 205 -28.02 -22.69 14.86
N GLU B 206 -28.18 -24.03 14.89
CA GLU B 206 -28.70 -24.80 16.04
C GLU B 206 -27.87 -24.55 17.31
N LYS B 207 -26.62 -25.05 17.30
CA LYS B 207 -25.69 -24.89 18.41
C LYS B 207 -24.81 -23.66 18.16
N GLY B 208 -25.43 -22.49 18.38
CA GLY B 208 -24.77 -21.20 18.25
C GLY B 208 -25.32 -20.19 19.23
N GLY B 209 -25.68 -20.69 20.42
CA GLY B 209 -26.28 -19.87 21.47
C GLY B 209 -27.79 -19.68 21.27
N LYS B 210 -28.16 -19.03 20.15
CA LYS B 210 -29.56 -18.69 19.77
C LYS B 210 -30.12 -17.63 20.74
N GLY B 211 -30.51 -18.06 21.96
CA GLY B 211 -30.89 -17.16 23.04
C GLY B 211 -29.67 -16.77 23.87
N SER B 212 -28.71 -17.71 23.98
CA SER B 212 -27.43 -17.53 24.70
C SER B 212 -27.67 -17.29 26.21
N ILE B 213 -26.63 -16.78 26.92
CA ILE B 213 -26.65 -16.48 28.36
C ILE B 213 -26.56 -17.77 29.20
N THR B 214 -27.61 -18.63 29.10
CA THR B 214 -27.71 -19.97 29.77
C THR B 214 -28.02 -19.85 31.30
N GLU B 215 -27.60 -18.71 31.93
CA GLU B 215 -27.89 -18.32 33.32
C GLU B 215 -27.04 -19.12 34.32
N GLN B 216 -27.31 -20.44 34.46
CA GLN B 216 -26.62 -21.27 35.44
C GLN B 216 -26.43 -22.72 34.91
N LEU B 217 -27.50 -23.55 35.02
CA LEU B 217 -27.44 -25.02 34.83
C LEU B 217 -26.45 -25.66 35.85
N LEU B 218 -25.90 -26.85 35.56
CA LEU B 218 -25.11 -27.63 36.54
C LEU B 218 -23.79 -28.17 35.95
N ASN B 219 -23.33 -27.59 34.82
CA ASN B 219 -22.10 -28.06 34.10
C ASN B 219 -22.28 -29.56 33.74
N ALA B 220 -21.16 -30.35 33.84
CA ALA B 220 -21.17 -31.84 33.91
C ALA B 220 -21.22 -32.48 32.50
N ARG B 221 -21.95 -31.84 31.57
CA ARG B 221 -21.94 -32.18 30.13
C ARG B 221 -22.70 -31.08 29.38
N ALA B 222 -22.12 -30.61 28.27
CA ALA B 222 -22.75 -29.60 27.40
C ALA B 222 -22.92 -30.18 25.99
N ASP B 223 -24.19 -30.26 25.53
CA ASP B 223 -24.54 -30.76 24.19
C ASP B 223 -23.98 -29.80 23.12
N VAL B 224 -23.99 -28.51 23.46
CA VAL B 224 -23.27 -27.45 22.76
C VAL B 224 -22.03 -27.09 23.61
N THR B 225 -20.86 -27.61 23.19
CA THR B 225 -19.60 -27.44 23.95
C THR B 225 -19.09 -25.98 23.86
N LEU B 226 -18.95 -25.47 22.60
CA LEU B 226 -18.47 -24.11 22.29
C LEU B 226 -16.98 -23.92 22.70
N GLY B 227 -16.27 -23.04 21.97
CA GLY B 227 -14.87 -22.73 22.27
C GLY B 227 -14.45 -21.45 21.57
N GLY B 228 -13.69 -20.59 22.29
CA GLY B 228 -13.16 -19.34 21.73
C GLY B 228 -11.65 -19.31 21.80
N GLY B 229 -11.03 -18.36 21.07
CA GLY B 229 -9.58 -18.19 21.10
C GLY B 229 -8.85 -19.02 20.03
N ALA B 230 -8.14 -18.32 19.12
CA ALA B 230 -7.24 -18.95 18.14
C ALA B 230 -5.95 -19.42 18.83
N LYS B 231 -5.73 -18.90 20.06
CA LYS B 231 -4.71 -19.35 21.02
C LYS B 231 -3.32 -18.76 20.65
N THR B 232 -2.98 -17.61 21.27
CA THR B 232 -1.70 -16.90 21.06
C THR B 232 -0.86 -16.85 22.37
N PHE B 233 0.41 -17.34 22.26
CA PHE B 233 1.45 -17.22 23.31
C PHE B 233 2.76 -17.82 22.75
N ALA B 234 3.87 -17.10 22.92
CA ALA B 234 5.21 -17.56 22.49
C ALA B 234 6.26 -17.24 23.57
N GLU B 235 6.45 -15.93 23.83
CA GLU B 235 7.48 -15.44 24.76
C GLU B 235 7.11 -14.05 25.29
N THR B 236 7.51 -13.79 26.56
CA THR B 236 7.20 -12.56 27.31
C THR B 236 7.90 -11.31 26.70
N ALA B 237 9.02 -11.53 25.98
CA ALA B 237 9.74 -10.47 25.26
C ALA B 237 9.65 -10.69 23.74
N THR B 238 10.43 -11.67 23.23
CA THR B 238 10.54 -12.04 21.80
C THR B 238 11.17 -10.93 20.91
N ALA B 239 11.35 -9.71 21.44
CA ALA B 239 11.64 -8.51 20.63
C ALA B 239 12.19 -7.37 21.50
N GLY B 240 12.59 -6.28 20.82
CA GLY B 240 13.04 -5.06 21.49
C GLY B 240 11.86 -4.21 21.99
N GLU B 241 11.58 -3.09 21.29
CA GLU B 241 10.49 -2.15 21.66
C GLU B 241 10.19 -1.18 20.50
N TRP B 242 9.22 -0.28 20.74
CA TRP B 242 8.72 0.69 19.74
C TRP B 242 9.47 2.01 19.89
N GLN B 243 9.32 2.58 21.10
CA GLN B 243 9.70 3.97 21.44
C GLN B 243 9.54 4.16 22.96
N GLY B 244 8.55 3.47 23.55
CA GLY B 244 8.34 3.45 24.99
C GLY B 244 7.46 2.29 25.41
N LYS B 245 8.08 1.22 25.94
CA LYS B 245 7.37 0.01 26.41
C LYS B 245 7.66 -0.22 27.91
N THR B 246 6.64 -0.02 28.75
CA THR B 246 6.66 -0.30 30.19
C THR B 246 5.24 -0.71 30.63
N LEU B 247 5.02 -2.03 30.82
CA LEU B 247 3.72 -2.59 31.24
C LEU B 247 3.92 -4.05 31.69
N ARG B 248 3.34 -4.41 32.86
CA ARG B 248 3.39 -5.78 33.41
C ARG B 248 2.54 -6.72 32.53
N GLU B 249 3.19 -7.43 31.59
CA GLU B 249 2.52 -8.32 30.63
C GLU B 249 2.19 -9.66 31.27
N GLN B 250 1.12 -9.67 32.07
CA GLN B 250 0.66 -10.85 32.81
C GLN B 250 -0.82 -10.68 33.18
N ALA B 251 -1.59 -11.78 33.07
CA ALA B 251 -3.00 -11.81 33.46
C ALA B 251 -3.09 -11.81 35.00
N GLN B 252 -3.51 -10.65 35.57
CA GLN B 252 -3.67 -10.47 37.03
C GLN B 252 -4.82 -11.33 37.58
N ALA B 253 -5.79 -11.65 36.70
CA ALA B 253 -6.88 -12.58 37.01
C ALA B 253 -6.34 -14.02 37.03
N ARG B 254 -5.66 -14.37 38.14
CA ARG B 254 -4.92 -15.64 38.27
C ARG B 254 -5.88 -16.84 38.39
N GLY B 255 -6.88 -16.69 39.28
CA GLY B 255 -7.95 -17.66 39.48
C GLY B 255 -7.46 -19.03 39.97
N TYR B 256 -7.05 -19.88 38.99
CA TYR B 256 -6.55 -21.28 39.19
C TYR B 256 -7.71 -22.24 39.55
N GLN B 257 -8.36 -21.98 40.70
CA GLN B 257 -9.53 -22.73 41.17
C GLN B 257 -10.70 -22.63 40.16
N LEU B 258 -11.24 -23.81 39.75
CA LEU B 258 -12.35 -23.95 38.76
C LEU B 258 -11.90 -23.51 37.32
N VAL B 259 -10.57 -23.29 37.14
CA VAL B 259 -9.94 -22.73 35.91
C VAL B 259 -10.41 -21.26 35.66
N SER B 260 -9.54 -20.43 35.05
CA SER B 260 -9.82 -19.00 34.84
C SER B 260 -9.19 -18.49 33.55
N ASP B 261 -9.38 -17.17 33.29
CA ASP B 261 -8.78 -16.47 32.14
C ASP B 261 -7.31 -16.12 32.47
N ALA B 262 -6.47 -17.17 32.42
CA ALA B 262 -5.02 -17.11 32.71
C ALA B 262 -4.43 -18.49 32.39
N ALA B 263 -5.04 -19.52 33.00
CA ALA B 263 -4.65 -20.93 32.81
C ALA B 263 -5.37 -21.52 31.58
N SER B 264 -4.76 -22.59 31.00
CA SER B 264 -5.29 -23.38 29.87
C SER B 264 -5.20 -22.63 28.51
N LEU B 265 -6.03 -21.57 28.36
CA LEU B 265 -6.20 -20.76 27.12
C LEU B 265 -6.99 -21.60 26.05
N ASN B 266 -7.98 -20.95 25.41
CA ASN B 266 -8.91 -21.55 24.42
C ASN B 266 -10.01 -22.38 25.12
N SER B 267 -9.60 -23.51 25.75
CA SER B 267 -10.49 -24.39 26.56
C SER B 267 -11.81 -24.74 25.83
N VAL B 268 -11.69 -25.37 24.64
CA VAL B 268 -12.85 -25.86 23.87
C VAL B 268 -13.43 -27.14 24.55
N THR B 269 -14.11 -26.92 25.68
CA THR B 269 -14.72 -27.96 26.52
C THR B 269 -15.71 -27.30 27.49
N GLU B 270 -17.01 -27.39 27.13
CA GLU B 270 -18.13 -26.96 28.00
C GLU B 270 -18.10 -25.41 28.23
N ALA B 271 -17.52 -24.70 27.24
CA ALA B 271 -17.30 -23.24 27.30
C ALA B 271 -18.55 -22.43 26.90
N ASN B 272 -19.69 -23.13 26.66
CA ASN B 272 -20.99 -22.48 26.37
C ASN B 272 -21.66 -22.03 27.69
N GLN B 273 -21.06 -20.97 28.28
CA GLN B 273 -21.55 -20.27 29.49
C GLN B 273 -21.61 -21.15 30.79
N GLN B 274 -21.34 -22.48 30.67
CA GLN B 274 -21.16 -23.39 31.83
C GLN B 274 -19.80 -23.10 32.45
N LYS B 275 -18.80 -23.10 31.56
CA LYS B 275 -17.49 -22.50 31.80
C LYS B 275 -17.42 -21.22 30.95
N PRO B 276 -17.80 -20.03 31.53
CA PRO B 276 -17.82 -18.74 30.80
C PRO B 276 -16.43 -18.08 30.80
N LEU B 277 -15.39 -18.93 30.70
CA LEU B 277 -14.00 -18.55 30.82
C LEU B 277 -13.46 -18.19 29.42
N LEU B 278 -12.77 -19.13 28.74
CA LEU B 278 -12.07 -18.85 27.47
C LEU B 278 -13.00 -19.07 26.23
N GLY B 279 -14.32 -19.00 26.45
CA GLY B 279 -15.31 -19.24 25.39
C GLY B 279 -16.33 -18.11 25.27
N LEU B 280 -17.39 -18.18 26.12
CA LEU B 280 -18.57 -17.27 26.10
C LEU B 280 -19.41 -17.46 24.82
N PHE B 281 -18.91 -16.94 23.68
CA PHE B 281 -19.59 -17.02 22.38
C PHE B 281 -18.54 -17.26 21.28
N ALA B 282 -18.76 -18.31 20.47
CA ALA B 282 -17.88 -18.68 19.34
C ALA B 282 -18.37 -18.01 18.05
N ASP B 283 -17.50 -17.23 17.40
CA ASP B 283 -17.78 -16.60 16.09
C ASP B 283 -16.46 -16.08 15.48
N GLY B 284 -16.42 -16.07 14.13
CA GLY B 284 -15.24 -15.65 13.38
C GLY B 284 -15.61 -14.76 12.19
N ASN B 285 -16.51 -15.29 11.32
CA ASN B 285 -16.94 -14.65 10.04
C ASN B 285 -15.85 -14.72 8.94
N MET B 286 -14.65 -14.17 9.26
CA MET B 286 -13.51 -14.02 8.32
C MET B 286 -13.91 -13.07 7.15
N PRO B 287 -14.14 -11.74 7.44
CA PRO B 287 -14.56 -10.76 6.42
C PRO B 287 -13.46 -10.46 5.39
N VAL B 288 -13.69 -10.86 4.13
CA VAL B 288 -12.77 -10.66 2.99
C VAL B 288 -11.38 -11.32 3.23
N ARG B 289 -10.50 -10.63 4.00
CA ARG B 289 -9.14 -11.12 4.31
C ARG B 289 -8.93 -11.16 5.84
N TRP B 290 -9.00 -12.37 6.41
CA TRP B 290 -8.76 -12.66 7.85
C TRP B 290 -9.83 -12.01 8.76
N LEU B 291 -9.64 -10.71 9.11
CA LEU B 291 -10.60 -9.94 9.95
C LEU B 291 -10.82 -8.57 9.28
N GLY B 292 -11.11 -8.61 7.98
CA GLY B 292 -11.16 -7.40 7.15
C GLY B 292 -9.77 -7.07 6.59
N PRO B 293 -9.66 -6.35 5.41
CA PRO B 293 -8.37 -5.83 4.87
C PRO B 293 -7.38 -5.27 5.94
N LYS B 294 -6.50 -6.18 6.40
CA LYS B 294 -5.47 -5.90 7.43
C LYS B 294 -4.37 -4.99 6.84
N ALA B 295 -4.15 -5.14 5.53
CA ALA B 295 -3.29 -4.28 4.71
C ALA B 295 -3.79 -4.33 3.26
N THR B 296 -3.35 -3.36 2.44
CA THR B 296 -3.75 -3.26 1.02
C THR B 296 -2.69 -3.96 0.14
N TYR B 297 -3.17 -4.63 -0.93
CA TYR B 297 -2.31 -5.33 -1.91
C TYR B 297 -1.38 -4.32 -2.61
N HIS B 298 -0.12 -4.23 -2.08
CA HIS B 298 0.95 -3.37 -2.63
C HIS B 298 0.56 -1.85 -2.58
N GLY B 299 -0.40 -1.52 -1.68
CA GLY B 299 -0.90 -0.15 -1.51
C GLY B 299 -0.04 0.69 -0.56
N ASN B 300 1.12 0.12 -0.16
CA ASN B 300 2.14 0.79 0.69
C ASN B 300 3.10 1.61 -0.20
N ILE B 301 2.48 2.48 -1.04
CA ILE B 301 3.10 3.22 -2.19
C ILE B 301 4.15 2.40 -2.98
N ASP B 302 5.41 2.36 -2.49
CA ASP B 302 6.55 1.68 -3.11
C ASP B 302 6.96 2.31 -4.45
N LYS B 303 8.04 3.13 -4.38
CA LYS B 303 8.94 3.52 -5.49
C LYS B 303 9.61 4.89 -5.16
N PRO B 304 8.84 6.01 -4.89
CA PRO B 304 9.43 7.34 -4.63
C PRO B 304 10.00 7.46 -3.19
N ALA B 305 11.35 7.40 -3.07
CA ALA B 305 12.07 7.60 -1.80
C ALA B 305 13.58 7.80 -2.04
N VAL B 306 14.26 6.87 -2.73
CA VAL B 306 15.74 6.93 -2.94
C VAL B 306 16.15 7.92 -4.05
N THR B 307 15.33 8.02 -5.11
CA THR B 307 15.73 8.54 -6.43
C THR B 307 16.89 7.68 -7.01
N CYS B 308 18.15 8.05 -6.65
CA CYS B 308 19.40 7.47 -7.18
C CYS B 308 20.58 8.31 -6.69
N THR B 309 21.51 7.69 -5.94
CA THR B 309 22.74 8.34 -5.46
C THR B 309 23.87 8.13 -6.49
N PRO B 310 24.47 9.23 -7.07
CA PRO B 310 25.51 9.11 -8.13
C PRO B 310 26.82 8.46 -7.60
N ASN B 311 27.15 8.76 -6.33
CA ASN B 311 28.39 8.27 -5.68
C ASN B 311 28.08 7.05 -4.80
N PRO B 312 29.03 6.07 -4.68
CA PRO B 312 28.95 5.01 -3.65
C PRO B 312 29.12 5.59 -2.23
N GLN B 313 28.14 5.34 -1.34
CA GLN B 313 28.26 5.65 0.09
C GLN B 313 29.12 4.57 0.75
N ARG B 314 30.35 4.94 1.16
CA ARG B 314 31.32 4.00 1.74
C ARG B 314 30.77 3.47 3.09
N ASN B 315 30.80 2.14 3.26
CA ASN B 315 30.44 1.45 4.53
C ASN B 315 31.71 0.90 5.16
N ASP B 316 32.42 0.08 4.38
CA ASP B 316 33.65 -0.62 4.82
C ASP B 316 34.45 -1.02 3.56
N SER B 317 35.79 -1.22 3.72
CA SER B 317 36.68 -1.59 2.60
C SER B 317 36.40 -3.03 2.12
N VAL B 318 36.15 -3.92 3.10
CA VAL B 318 35.79 -5.32 2.86
C VAL B 318 34.71 -5.74 3.90
N PRO B 319 33.41 -5.32 3.67
CA PRO B 319 32.30 -5.57 4.63
C PRO B 319 31.94 -7.06 4.74
N THR B 320 32.25 -7.81 3.68
CA THR B 320 32.08 -9.27 3.62
C THR B 320 33.29 -10.01 4.25
N LEU B 321 34.37 -9.26 4.56
CA LEU B 321 35.54 -9.67 5.39
C LEU B 321 36.13 -11.05 4.96
N ALA B 322 35.68 -12.13 5.62
CA ALA B 322 36.16 -13.51 5.38
C ALA B 322 34.99 -14.51 5.48
N GLN B 323 33.78 -14.02 5.20
CA GLN B 323 32.56 -14.83 5.18
C GLN B 323 32.42 -15.51 3.81
N MET B 324 32.81 -16.80 3.74
CA MET B 324 32.75 -17.62 2.51
C MET B 324 32.95 -19.13 2.84
N THR B 325 33.58 -19.38 4.01
CA THR B 325 33.99 -20.71 4.48
C THR B 325 35.18 -21.24 3.64
N ASP B 326 34.87 -21.85 2.47
CA ASP B 326 35.89 -22.43 1.56
C ASP B 326 35.22 -22.85 0.25
N LYS B 327 34.56 -24.03 0.24
CA LYS B 327 33.79 -24.54 -0.90
C LYS B 327 32.58 -25.34 -0.40
N ALA B 328 32.77 -26.02 0.76
CA ALA B 328 31.72 -26.76 1.49
C ALA B 328 30.94 -27.74 0.58
N ILE B 329 29.78 -27.28 0.02
CA ILE B 329 28.96 -28.10 -0.89
C ILE B 329 28.22 -27.23 -1.94
N GLU B 330 27.62 -26.09 -1.52
CA GLU B 330 26.76 -25.26 -2.41
C GLU B 330 27.56 -24.51 -3.49
N LEU B 331 28.87 -24.31 -3.22
CA LEU B 331 29.80 -23.68 -4.18
C LEU B 331 30.01 -24.65 -5.38
N LEU B 332 30.24 -24.07 -6.57
CA LEU B 332 30.03 -24.74 -7.88
C LEU B 332 31.18 -25.73 -8.24
N SER B 333 31.25 -26.84 -7.49
CA SER B 333 32.28 -27.89 -7.68
C SER B 333 31.61 -29.26 -7.49
N LYS B 334 31.37 -29.61 -6.19
CA LYS B 334 30.55 -30.75 -5.73
C LYS B 334 31.14 -32.13 -6.12
N ASN B 335 31.21 -32.44 -7.42
CA ASN B 335 31.85 -33.68 -7.91
C ASN B 335 33.38 -33.58 -7.73
N GLU B 336 33.86 -34.07 -6.59
CA GLU B 336 35.28 -34.10 -6.26
C GLU B 336 35.91 -35.33 -6.94
N LYS B 337 36.55 -35.09 -8.10
CA LYS B 337 37.14 -36.16 -8.94
C LYS B 337 38.68 -36.15 -8.83
N GLY B 338 39.22 -37.07 -7.98
CA GLY B 338 40.67 -37.28 -7.83
C GLY B 338 41.49 -36.00 -7.65
N PHE B 339 41.97 -35.48 -8.77
CA PHE B 339 42.66 -34.19 -8.84
C PHE B 339 41.61 -33.08 -9.04
N PHE B 340 40.83 -32.83 -7.98
CA PHE B 340 39.89 -31.68 -7.91
C PHE B 340 40.68 -30.35 -7.83
N LEU B 341 41.95 -30.47 -7.34
CA LEU B 341 42.96 -29.39 -7.25
C LEU B 341 42.66 -28.46 -6.06
N GLN B 342 41.51 -27.75 -6.13
CA GLN B 342 41.06 -26.73 -5.15
C GLN B 342 41.26 -27.16 -3.67
N VAL B 343 42.44 -26.80 -3.14
CA VAL B 343 42.86 -27.09 -1.77
C VAL B 343 42.34 -25.97 -0.82
N GLU B 344 42.62 -26.08 0.50
CA GLU B 344 42.35 -25.02 1.51
C GLU B 344 42.73 -23.62 0.97
N GLY B 345 41.69 -22.82 0.72
CA GLY B 345 41.82 -21.53 0.06
C GLY B 345 40.54 -21.20 -0.69
N ALA B 346 39.68 -20.37 -0.08
CA ALA B 346 38.35 -20.04 -0.60
C ALA B 346 38.44 -19.33 -1.96
N SER B 347 38.99 -18.09 -1.96
CA SER B 347 39.24 -17.30 -3.18
C SER B 347 40.39 -16.30 -2.95
N ILE B 348 41.12 -16.49 -1.83
CA ILE B 348 41.98 -15.45 -1.19
C ILE B 348 41.07 -14.22 -0.90
N ASP B 349 39.96 -14.56 -0.21
CA ASP B 349 38.76 -13.72 -0.03
C ASP B 349 38.94 -12.66 1.07
N LYS B 350 39.98 -12.80 1.87
CA LYS B 350 40.26 -11.91 3.00
C LYS B 350 40.83 -10.55 2.50
N GLN B 351 41.32 -10.56 1.26
CA GLN B 351 41.70 -9.36 0.50
C GLN B 351 40.60 -9.09 -0.56
N ASP B 352 39.89 -7.94 -0.44
CA ASP B 352 38.87 -7.44 -1.43
C ASP B 352 37.53 -8.25 -1.39
N HIS B 353 37.64 -9.59 -1.58
CA HIS B 353 36.59 -10.61 -1.34
C HIS B 353 35.74 -10.90 -2.59
N ALA B 354 35.50 -9.87 -3.42
CA ALA B 354 34.56 -9.98 -4.57
C ALA B 354 35.18 -9.39 -5.84
N ALA B 355 35.20 -8.05 -5.91
CA ALA B 355 35.60 -7.27 -7.09
C ALA B 355 35.35 -5.79 -6.79
N ASN B 356 34.21 -5.55 -6.10
CA ASN B 356 33.76 -4.21 -5.65
C ASN B 356 33.68 -3.20 -6.83
N PRO B 357 32.85 -3.49 -7.91
CA PRO B 357 32.81 -2.66 -9.13
C PRO B 357 31.99 -1.35 -8.96
N CYS B 358 30.81 -1.46 -8.31
CA CYS B 358 29.88 -0.35 -8.09
C CYS B 358 29.15 -0.56 -6.74
N GLY B 359 29.51 0.24 -5.73
CA GLY B 359 28.84 0.21 -4.43
C GLY B 359 27.51 0.95 -4.48
N GLN B 360 26.48 0.26 -5.01
CA GLN B 360 25.13 0.83 -5.18
C GLN B 360 24.41 0.99 -3.82
N ILE B 361 24.76 2.09 -3.12
CA ILE B 361 24.20 2.49 -1.81
C ILE B 361 24.38 3.99 -1.63
N GLY B 362 23.50 4.61 -0.83
CA GLY B 362 23.53 6.04 -0.58
C GLY B 362 22.17 6.58 -0.15
N GLU B 363 22.02 7.90 -0.24
CA GLU B 363 20.78 8.60 0.12
C GLU B 363 20.75 9.96 -0.61
N THR B 364 19.88 10.08 -1.63
CA THR B 364 19.66 11.34 -2.35
C THR B 364 18.33 11.95 -1.90
N VAL B 365 17.21 11.27 -2.29
CA VAL B 365 15.83 11.69 -2.01
C VAL B 365 15.51 13.09 -2.63
N ASP B 366 14.28 13.60 -2.43
CA ASP B 366 13.87 15.00 -2.68
C ASP B 366 13.52 15.28 -4.14
N LEU B 367 13.85 14.32 -5.02
CA LEU B 367 13.39 14.31 -6.43
C LEU B 367 12.25 13.28 -6.57
N ASP B 368 11.56 13.05 -5.43
CA ASP B 368 10.49 12.04 -5.28
C ASP B 368 9.14 12.74 -4.96
N GLU B 369 8.22 11.98 -4.33
CA GLU B 369 6.89 12.46 -3.88
C GLU B 369 5.95 12.67 -5.07
N ALA B 370 4.96 11.77 -5.21
CA ALA B 370 4.00 11.79 -6.31
C ALA B 370 2.67 11.16 -5.86
N VAL B 371 1.63 11.36 -6.70
CA VAL B 371 0.37 10.62 -6.59
C VAL B 371 0.64 9.18 -7.06
N GLN B 372 0.30 8.20 -6.21
CA GLN B 372 0.59 6.77 -6.49
C GLN B 372 -0.14 6.31 -7.75
N ARG B 373 0.60 5.59 -8.61
CA ARG B 373 0.10 5.12 -9.92
C ARG B 373 -0.98 4.05 -9.75
N ALA B 374 -0.91 3.32 -8.63
CA ALA B 374 -1.82 2.21 -8.28
C ALA B 374 -1.53 0.96 -9.13
N LEU B 375 -2.21 -0.14 -8.79
CA LEU B 375 -1.96 -1.48 -9.33
C LEU B 375 -2.20 -1.49 -10.86
N GLU B 376 -1.24 -2.09 -11.59
CA GLU B 376 -1.33 -2.35 -13.04
C GLU B 376 -1.39 -1.04 -13.87
N PHE B 377 -0.92 0.07 -13.25
CA PHE B 377 -0.89 1.43 -13.86
C PHE B 377 -2.33 1.99 -14.05
N ALA B 378 -2.72 2.88 -13.12
CA ALA B 378 -3.92 3.76 -13.21
C ALA B 378 -5.23 3.10 -12.72
N LYS B 379 -5.18 1.83 -12.22
CA LYS B 379 -6.37 1.17 -11.65
C LYS B 379 -6.58 1.63 -10.18
N LYS B 380 -7.16 2.83 -10.05
CA LYS B 380 -7.60 3.41 -8.78
C LYS B 380 -9.00 4.00 -9.04
N GLU B 381 -9.89 3.10 -9.50
CA GLU B 381 -11.26 3.43 -9.97
C GLU B 381 -11.22 4.47 -11.12
N GLY B 382 -11.12 5.77 -10.76
CA GLY B 382 -11.03 6.85 -11.75
C GLY B 382 -12.36 7.11 -12.44
N ASN B 383 -12.66 6.26 -13.43
CA ASN B 383 -13.98 6.14 -14.05
C ASN B 383 -14.31 4.65 -14.04
N THR B 384 -15.42 4.28 -13.38
CA THR B 384 -15.86 2.88 -13.25
C THR B 384 -16.64 2.43 -14.51
N LEU B 385 -16.08 2.75 -15.70
CA LEU B 385 -16.70 2.50 -17.00
C LEU B 385 -15.59 2.29 -18.06
N VAL B 386 -14.70 3.31 -18.17
CA VAL B 386 -13.52 3.27 -19.08
C VAL B 386 -12.25 3.76 -18.34
N ILE B 387 -11.06 3.35 -18.81
CA ILE B 387 -9.77 3.74 -18.21
C ILE B 387 -8.99 4.66 -19.18
N VAL B 388 -8.22 5.61 -18.58
CA VAL B 388 -7.42 6.63 -19.30
C VAL B 388 -8.32 7.53 -20.19
N THR B 389 -8.52 7.14 -21.47
CA THR B 389 -9.30 7.91 -22.44
C THR B 389 -9.76 6.96 -23.57
N ALA B 390 -8.77 6.43 -24.32
CA ALA B 390 -8.98 5.60 -25.52
C ALA B 390 -7.63 4.99 -25.98
N ASP B 391 -7.67 4.25 -27.11
CA ASP B 391 -6.47 3.71 -27.77
C ASP B 391 -5.56 4.85 -28.27
N HIS B 392 -6.15 5.77 -29.05
CA HIS B 392 -5.46 6.89 -29.71
C HIS B 392 -4.41 6.39 -30.75
N ALA B 393 -3.25 5.91 -30.25
CA ALA B 393 -2.17 5.37 -31.10
C ALA B 393 -1.34 4.37 -30.28
N HIS B 394 -1.93 3.15 -30.06
CA HIS B 394 -1.32 2.04 -29.27
C HIS B 394 -1.09 2.50 -27.80
N ALA B 395 -2.05 3.32 -27.30
CA ALA B 395 -2.02 3.93 -25.95
C ALA B 395 -0.83 4.90 -25.74
N SER B 396 -0.11 5.22 -26.82
CA SER B 396 1.05 6.11 -26.81
C SER B 396 0.61 7.52 -27.21
N GLN B 397 1.10 8.52 -26.47
CA GLN B 397 0.85 9.95 -26.73
C GLN B 397 1.51 10.38 -28.06
N ILE B 398 2.81 10.00 -28.22
CA ILE B 398 3.72 10.45 -29.31
C ILE B 398 3.47 11.94 -29.70
N VAL B 399 2.66 12.21 -30.76
CA VAL B 399 2.18 13.56 -31.15
C VAL B 399 0.78 13.42 -31.78
N ALA B 400 0.71 12.68 -32.92
CA ALA B 400 -0.51 12.42 -33.71
C ALA B 400 -1.37 13.70 -33.96
N PRO B 401 -0.75 14.82 -34.52
CA PRO B 401 -1.41 16.15 -34.58
C PRO B 401 -2.70 16.17 -35.42
N ASP B 402 -2.58 15.79 -36.70
CA ASP B 402 -3.73 15.73 -37.63
C ASP B 402 -4.32 14.30 -37.69
N THR B 403 -4.12 13.53 -36.60
CA THR B 403 -4.67 12.18 -36.46
C THR B 403 -5.82 12.22 -35.44
N LYS B 404 -7.04 12.51 -35.94
CA LYS B 404 -8.26 12.62 -35.11
C LYS B 404 -9.38 11.76 -35.72
N ALA B 405 -10.18 11.14 -34.84
CA ALA B 405 -11.17 10.10 -35.22
C ALA B 405 -12.12 9.74 -34.03
N PRO B 406 -11.62 9.60 -32.72
CA PRO B 406 -12.50 9.43 -31.53
C PRO B 406 -13.68 10.43 -31.47
N GLY B 407 -14.83 9.95 -30.98
CA GLY B 407 -16.06 10.76 -30.93
C GLY B 407 -16.94 10.48 -32.14
N LEU B 408 -16.42 10.82 -33.33
CA LEU B 408 -17.05 10.57 -34.66
C LEU B 408 -18.46 11.21 -34.77
N THR B 409 -19.49 10.54 -34.20
CA THR B 409 -20.88 11.00 -34.22
C THR B 409 -21.32 11.43 -32.79
N GLN B 410 -20.70 12.53 -32.33
CA GLN B 410 -21.08 13.27 -31.09
C GLN B 410 -20.93 12.42 -29.79
N ALA B 411 -20.10 11.36 -29.85
CA ALA B 411 -19.79 10.54 -28.65
C ALA B 411 -18.88 11.34 -27.67
N LEU B 412 -19.00 11.01 -26.37
CA LEU B 412 -18.25 11.65 -25.25
C LEU B 412 -18.75 13.10 -24.97
N ASN B 413 -19.89 13.49 -25.58
CA ASN B 413 -20.57 14.78 -25.31
C ASN B 413 -21.10 14.81 -23.85
N THR B 414 -21.60 13.63 -23.39
CA THR B 414 -22.17 13.38 -22.04
C THR B 414 -23.62 13.93 -21.91
N LYS B 415 -23.86 15.15 -22.44
CA LYS B 415 -25.13 15.86 -22.41
C LYS B 415 -25.46 16.35 -20.99
N ASP B 416 -26.02 15.45 -20.17
CA ASP B 416 -26.61 15.78 -18.86
C ASP B 416 -26.14 14.81 -17.77
N GLY B 417 -26.71 14.97 -16.55
CA GLY B 417 -26.34 14.17 -15.38
C GLY B 417 -26.66 14.90 -14.08
N ALA B 418 -26.78 16.25 -14.16
CA ALA B 418 -27.08 17.12 -13.00
C ALA B 418 -28.43 16.76 -12.34
N VAL B 419 -29.38 16.26 -13.15
CA VAL B 419 -30.71 15.82 -12.68
C VAL B 419 -30.65 14.47 -11.92
N MET B 420 -29.61 13.66 -12.21
CA MET B 420 -29.47 12.28 -11.70
C MET B 420 -28.51 12.21 -10.49
N VAL B 421 -28.34 13.33 -9.76
CA VAL B 421 -27.48 13.42 -8.54
C VAL B 421 -28.08 12.62 -7.34
N MET B 422 -27.71 12.97 -6.07
CA MET B 422 -28.33 12.38 -4.85
C MET B 422 -29.82 12.81 -4.70
N SER B 423 -30.61 12.30 -5.65
CA SER B 423 -32.02 12.65 -5.91
C SER B 423 -32.51 11.66 -7.00
N TYR B 424 -33.69 11.95 -7.62
CA TYR B 424 -34.28 11.11 -8.70
C TYR B 424 -34.73 9.72 -8.17
N GLY B 425 -33.76 8.80 -7.97
CA GLY B 425 -34.03 7.45 -7.47
C GLY B 425 -34.40 7.43 -5.99
N ASN B 426 -34.94 6.28 -5.54
CA ASN B 426 -35.42 6.05 -4.15
C ASN B 426 -36.32 7.22 -3.67
N SER B 427 -37.45 7.40 -4.39
CA SER B 427 -38.52 8.39 -4.06
C SER B 427 -38.01 9.87 -4.06
N GLU B 428 -36.88 10.11 -4.80
CA GLU B 428 -36.22 11.43 -5.06
C GLU B 428 -35.93 12.29 -3.78
N GLU B 429 -36.98 12.79 -3.13
CA GLU B 429 -36.87 13.50 -1.84
C GLU B 429 -36.70 12.43 -0.74
N ASP B 430 -37.73 11.56 -0.65
CA ASP B 430 -37.84 10.45 0.32
C ASP B 430 -37.64 10.94 1.77
N SER B 431 -38.78 11.16 2.46
CA SER B 431 -38.86 11.64 3.85
C SER B 431 -38.56 13.15 3.97
N GLN B 432 -37.57 13.64 3.20
CA GLN B 432 -37.07 15.01 3.29
C GLN B 432 -36.13 15.29 2.09
N GLU B 433 -34.98 14.59 2.07
CA GLU B 433 -33.84 14.92 1.18
C GLU B 433 -32.83 13.74 1.17
N HIS B 434 -31.88 13.76 0.20
CA HIS B 434 -30.77 12.77 0.09
C HIS B 434 -31.29 11.36 -0.22
N THR B 435 -32.54 11.27 -0.70
CA THR B 435 -33.25 10.02 -1.01
C THR B 435 -33.36 9.07 0.22
N GLY B 436 -33.48 9.67 1.42
CA GLY B 436 -33.70 8.88 2.64
C GLY B 436 -33.51 9.66 3.92
N SER B 437 -33.75 10.99 3.85
CA SER B 437 -33.41 11.97 4.92
C SER B 437 -31.89 11.97 5.22
N GLN B 438 -31.44 10.95 5.97
CA GLN B 438 -30.02 10.76 6.37
C GLN B 438 -29.09 10.42 5.17
N LEU B 439 -27.81 10.12 5.47
CA LEU B 439 -26.73 9.98 4.45
C LEU B 439 -26.72 8.60 3.74
N ARG B 440 -27.88 7.92 3.63
CA ARG B 440 -28.03 6.65 2.87
C ARG B 440 -27.12 5.53 3.42
N ILE B 441 -26.95 5.54 4.75
CA ILE B 441 -25.97 4.71 5.45
C ILE B 441 -26.30 3.21 5.37
N ALA B 442 -25.64 2.51 4.42
CA ALA B 442 -25.68 1.07 4.28
C ALA B 442 -24.49 0.47 5.09
N ALA B 443 -23.32 0.33 4.41
CA ALA B 443 -22.00 0.01 5.05
C ALA B 443 -21.94 -1.42 5.66
N TYR B 444 -22.63 -1.61 6.80
CA TYR B 444 -22.76 -2.93 7.48
C TYR B 444 -24.22 -3.15 7.86
N GLY B 445 -24.63 -4.41 8.05
CA GLY B 445 -25.99 -4.74 8.52
C GLY B 445 -26.02 -5.58 9.81
N PRO B 446 -25.49 -5.05 10.97
CA PRO B 446 -25.58 -5.73 12.27
C PRO B 446 -26.93 -5.45 12.95
N HIS B 447 -27.69 -6.53 13.23
CA HIS B 447 -29.09 -6.50 13.71
C HIS B 447 -30.05 -6.07 12.56
N ALA B 448 -29.82 -4.85 12.02
CA ALA B 448 -30.45 -4.32 10.78
C ALA B 448 -31.92 -3.89 10.97
N ALA B 449 -32.81 -4.86 11.23
CA ALA B 449 -34.28 -4.65 11.33
C ALA B 449 -34.68 -3.96 12.66
N ASN B 450 -34.40 -2.63 12.70
CA ASN B 450 -34.69 -1.72 13.84
C ASN B 450 -33.96 -0.39 13.57
N VAL B 451 -32.76 -0.50 12.98
CA VAL B 451 -31.88 0.64 12.64
C VAL B 451 -32.39 1.31 11.34
N VAL B 452 -32.64 2.64 11.40
CA VAL B 452 -33.11 3.43 10.24
C VAL B 452 -31.97 3.61 9.20
N GLY B 453 -32.37 3.92 7.95
CA GLY B 453 -31.44 4.06 6.83
C GLY B 453 -31.37 2.79 6.01
N LEU B 454 -30.99 1.68 6.68
CA LEU B 454 -30.92 0.32 6.11
C LEU B 454 -29.80 0.16 5.06
N THR B 455 -29.40 -1.11 4.84
CA THR B 455 -28.48 -1.49 3.78
C THR B 455 -29.22 -1.51 2.43
N ASP B 456 -29.14 -0.38 1.70
CA ASP B 456 -29.78 -0.22 0.38
C ASP B 456 -29.16 -1.18 -0.65
N GLN B 457 -27.83 -1.13 -0.76
CA GLN B 457 -27.05 -1.98 -1.68
C GLN B 457 -26.85 -3.35 -1.02
N THR B 458 -27.74 -4.32 -1.38
CA THR B 458 -27.80 -5.70 -0.80
C THR B 458 -27.84 -5.71 0.76
N ASP B 459 -27.60 -6.88 1.38
CA ASP B 459 -27.82 -7.07 2.83
C ASP B 459 -26.58 -6.66 3.65
N LEU B 460 -25.39 -7.15 3.24
CA LEU B 460 -24.12 -7.00 4.01
C LEU B 460 -24.32 -7.42 5.48
N PHE B 461 -24.92 -8.62 5.63
CA PHE B 461 -25.39 -9.15 6.92
C PHE B 461 -24.22 -9.37 7.91
N TYR B 462 -24.30 -8.67 9.04
CA TYR B 462 -23.43 -8.88 10.22
C TYR B 462 -24.31 -9.09 11.46
N THR B 463 -25.50 -9.67 11.21
CA THR B 463 -26.50 -9.97 12.22
C THR B 463 -26.43 -11.47 12.62
N MET B 464 -25.60 -11.75 13.65
CA MET B 464 -25.55 -13.08 14.31
C MET B 464 -26.39 -13.05 15.60
N LYS B 465 -27.45 -12.18 15.57
CA LYS B 465 -28.25 -11.74 16.75
C LYS B 465 -27.39 -10.87 17.70
N ALA B 466 -26.15 -10.51 17.26
CA ALA B 466 -25.13 -9.83 18.08
C ALA B 466 -24.83 -10.62 19.38
N ALA B 467 -24.30 -9.94 20.40
CA ALA B 467 -24.12 -10.51 21.75
C ALA B 467 -25.31 -10.13 22.66
N LEU B 468 -25.92 -8.97 22.33
CA LEU B 468 -27.11 -8.41 22.99
C LEU B 468 -27.77 -7.34 22.08
N GLY B 469 -26.93 -6.67 21.26
CA GLY B 469 -27.36 -5.66 20.29
C GLY B 469 -27.82 -4.37 20.94
N LEU B 470 -29.13 -4.30 21.24
CA LEU B 470 -29.83 -3.14 21.83
C LEU B 470 -29.90 -1.92 20.86
N LYS B 471 -29.46 -2.13 19.61
CA LYS B 471 -29.51 -1.11 18.54
C LYS B 471 -29.98 -1.82 17.24
N MET C 1 39.46 -17.88 -37.14
CA MET C 1 40.10 -19.13 -37.59
C MET C 1 40.04 -20.21 -36.49
N ALA C 2 39.18 -19.98 -35.46
CA ALA C 2 38.95 -20.92 -34.34
C ALA C 2 40.24 -21.19 -33.55
N ALA C 3 41.03 -20.12 -33.33
CA ALA C 3 42.28 -20.18 -32.56
C ALA C 3 41.99 -20.35 -31.05
N LYS C 4 41.66 -21.60 -30.69
CA LYS C 4 41.27 -22.03 -29.33
C LYS C 4 42.03 -21.32 -28.19
N LYS C 5 41.29 -20.58 -27.36
CA LYS C 5 41.78 -20.05 -26.09
C LYS C 5 41.41 -21.04 -24.98
N ASP C 6 42.42 -21.74 -24.44
CA ASP C 6 42.23 -22.65 -23.31
C ASP C 6 41.98 -21.79 -22.06
N TYR C 7 40.70 -21.57 -21.76
CA TYR C 7 40.24 -20.63 -20.73
C TYR C 7 40.76 -21.01 -19.32
N TYR C 8 40.96 -22.32 -19.11
CA TYR C 8 41.49 -22.88 -17.86
C TYR C 8 42.96 -22.45 -17.66
N ALA C 9 43.74 -22.55 -18.74
CA ALA C 9 45.16 -22.13 -18.74
C ALA C 9 45.27 -20.62 -18.47
N ILE C 10 44.38 -19.83 -19.11
CA ILE C 10 44.31 -18.35 -18.95
C ILE C 10 44.16 -17.95 -17.46
N LEU C 11 43.17 -18.58 -16.80
CA LEU C 11 42.87 -18.32 -15.38
C LEU C 11 43.91 -18.97 -14.43
N GLY C 12 44.77 -19.86 -14.98
CA GLY C 12 45.75 -20.59 -14.17
C GLY C 12 45.11 -21.63 -13.26
N VAL C 13 44.01 -22.23 -13.73
CA VAL C 13 43.32 -23.35 -13.06
C VAL C 13 43.57 -24.66 -13.85
N PRO C 14 43.29 -25.88 -13.24
CA PRO C 14 43.49 -27.17 -13.94
C PRO C 14 42.64 -27.30 -15.22
N ARG C 15 43.03 -28.24 -16.08
CA ARG C 15 42.48 -28.39 -17.45
C ARG C 15 41.08 -29.06 -17.46
N ASN C 16 40.44 -29.11 -16.28
CA ASN C 16 39.15 -29.75 -16.05
C ASN C 16 38.41 -28.99 -14.93
N ALA C 17 38.91 -27.78 -14.61
CA ALA C 17 38.49 -26.99 -13.44
C ALA C 17 36.98 -26.69 -13.43
N THR C 18 36.37 -26.82 -12.26
CA THR C 18 34.94 -26.54 -12.04
C THR C 18 34.68 -25.02 -12.11
N GLN C 19 33.39 -24.66 -12.31
CA GLN C 19 32.95 -23.24 -12.47
C GLN C 19 33.35 -22.39 -11.25
N GLU C 20 33.44 -23.03 -10.06
CA GLU C 20 33.88 -22.36 -8.85
C GLU C 20 35.35 -21.94 -8.97
N GLU C 21 36.22 -22.87 -9.42
CA GLU C 21 37.66 -22.61 -9.61
C GLU C 21 37.88 -21.50 -10.65
N ILE C 22 37.01 -21.47 -11.67
CA ILE C 22 36.97 -20.41 -12.68
C ILE C 22 36.66 -19.04 -12.02
N LYS C 23 35.68 -19.04 -11.10
CA LYS C 23 35.23 -17.82 -10.38
C LYS C 23 36.28 -17.38 -9.32
N ARG C 24 36.99 -18.36 -8.76
CA ARG C 24 38.05 -18.14 -7.75
C ARG C 24 39.26 -17.46 -8.40
N ALA C 25 39.64 -17.98 -9.57
CA ALA C 25 40.77 -17.49 -10.37
C ALA C 25 40.46 -16.14 -11.00
N TYR C 26 39.17 -15.94 -11.33
CA TYR C 26 38.66 -14.65 -11.78
C TYR C 26 38.94 -13.59 -10.72
N LYS C 27 38.37 -13.81 -9.51
CA LYS C 27 38.50 -12.87 -8.37
C LYS C 27 39.97 -12.72 -7.92
N ARG C 28 40.74 -13.84 -8.01
CA ARG C 28 42.18 -13.87 -7.66
C ARG C 28 42.95 -12.86 -8.52
N LEU C 29 42.72 -12.98 -9.84
CA LEU C 29 43.39 -12.16 -10.85
C LEU C 29 42.57 -10.88 -11.15
N ALA C 30 41.43 -10.72 -10.46
CA ALA C 30 40.64 -9.46 -10.46
C ALA C 30 41.02 -8.60 -9.25
N ARG C 31 41.79 -9.20 -8.31
CA ARG C 31 42.50 -8.45 -7.26
C ARG C 31 43.93 -8.15 -7.73
N GLN C 32 44.54 -9.10 -8.48
CA GLN C 32 45.89 -8.92 -9.05
C GLN C 32 45.85 -7.83 -10.15
N TYR C 33 45.06 -8.06 -11.21
CA TYR C 33 44.89 -7.11 -12.32
C TYR C 33 43.68 -6.18 -12.04
N HIS C 34 43.44 -5.89 -10.74
CA HIS C 34 42.32 -5.03 -10.27
C HIS C 34 42.46 -3.63 -10.91
N PRO C 35 41.60 -3.26 -11.92
CA PRO C 35 41.85 -2.08 -12.80
C PRO C 35 41.97 -0.76 -12.02
N ASP C 36 41.28 -0.68 -10.87
CA ASP C 36 41.29 0.50 -9.97
C ASP C 36 42.63 0.65 -9.21
N VAL C 37 43.27 -0.48 -8.88
CA VAL C 37 44.57 -0.51 -8.14
C VAL C 37 45.75 -0.67 -9.13
N ASN C 38 45.47 -1.23 -10.31
CA ASN C 38 46.50 -1.69 -11.26
C ASN C 38 46.22 -1.09 -12.66
N LYS C 39 46.68 0.16 -12.86
CA LYS C 39 46.54 0.90 -14.14
C LYS C 39 47.63 0.49 -15.16
N SER C 40 48.01 -0.80 -15.18
CA SER C 40 49.07 -1.28 -16.08
C SER C 40 48.41 -1.81 -17.37
N PRO C 41 48.54 -1.07 -18.54
CA PRO C 41 47.82 -1.35 -19.81
C PRO C 41 47.75 -2.84 -20.20
N GLU C 42 48.94 -3.46 -20.27
CA GLU C 42 49.11 -4.87 -20.70
C GLU C 42 48.49 -5.83 -19.66
N ALA C 43 48.50 -5.43 -18.38
CA ALA C 43 47.90 -6.23 -17.27
C ALA C 43 46.37 -6.07 -17.27
N GLU C 44 45.87 -5.01 -17.92
CA GLU C 44 44.43 -4.76 -18.08
C GLU C 44 43.88 -5.57 -19.25
N GLU C 45 44.76 -5.85 -20.23
CA GLU C 45 44.46 -6.74 -21.38
C GLU C 45 44.50 -8.20 -20.92
N LYS C 46 45.38 -8.49 -19.94
CA LYS C 46 45.39 -9.77 -19.21
C LYS C 46 44.10 -9.91 -18.40
N PHE C 47 43.70 -8.82 -17.71
CA PHE C 47 42.43 -8.73 -16.97
C PHE C 47 41.24 -9.03 -17.92
N LYS C 48 41.36 -8.55 -19.17
CA LYS C 48 40.38 -8.83 -20.24
C LYS C 48 40.30 -10.34 -20.55
N GLU C 49 41.47 -11.01 -20.66
CA GLU C 49 41.52 -12.48 -20.89
C GLU C 49 40.96 -13.27 -19.69
N ILE C 50 41.18 -12.74 -18.47
CA ILE C 50 40.61 -13.29 -17.22
C ILE C 50 39.07 -13.15 -17.24
N ASN C 51 38.60 -12.00 -17.76
CA ASN C 51 37.17 -11.69 -17.92
C ASN C 51 36.55 -12.52 -19.05
N GLU C 52 37.36 -12.88 -20.06
CA GLU C 52 36.96 -13.74 -21.21
C GLU C 52 36.66 -15.17 -20.73
N ALA C 53 37.70 -15.73 -20.10
CA ALA C 53 37.72 -17.10 -19.59
C ALA C 53 36.60 -17.35 -18.57
N TYR C 54 36.48 -16.40 -17.62
CA TYR C 54 35.40 -16.40 -16.65
C TYR C 54 34.03 -16.31 -17.34
N ALA C 55 33.82 -15.26 -18.14
CA ALA C 55 32.50 -14.91 -18.73
C ALA C 55 31.90 -16.06 -19.56
N VAL C 56 32.76 -16.89 -20.20
CA VAL C 56 32.32 -18.13 -20.85
C VAL C 56 31.98 -19.20 -19.79
N LEU C 57 32.99 -19.56 -18.96
CA LEU C 57 32.87 -20.73 -18.05
C LEU C 57 32.11 -20.42 -16.74
N SER C 58 31.57 -19.18 -16.62
CA SER C 58 30.76 -18.73 -15.46
C SER C 58 29.38 -19.35 -15.51
N ASP C 59 28.86 -19.49 -16.74
CA ASP C 59 27.60 -20.18 -17.00
C ASP C 59 27.89 -21.68 -17.07
N PRO C 60 27.15 -22.55 -16.30
CA PRO C 60 27.13 -24.02 -16.55
C PRO C 60 26.75 -24.35 -18.00
N GLU C 61 25.88 -23.47 -18.56
CA GLU C 61 25.45 -23.49 -19.96
C GLU C 61 26.68 -23.42 -20.91
N LYS C 62 27.39 -22.28 -20.84
CA LYS C 62 28.51 -21.95 -21.76
C LYS C 62 29.80 -22.73 -21.41
N ARG C 63 29.84 -23.30 -20.19
CA ARG C 63 30.90 -24.23 -19.76
C ARG C 63 30.71 -25.57 -20.52
N ARG C 64 29.43 -26.04 -20.57
CA ARG C 64 29.05 -27.25 -21.33
C ARG C 64 29.10 -27.01 -22.85
N ILE C 65 28.95 -25.74 -23.29
CA ILE C 65 29.15 -25.37 -24.71
C ILE C 65 30.64 -25.58 -25.09
N TYR C 66 31.53 -25.16 -24.17
CA TYR C 66 32.97 -25.39 -24.31
C TYR C 66 33.25 -26.92 -24.36
N ASP C 67 32.66 -27.67 -23.39
CA ASP C 67 32.79 -29.14 -23.30
C ASP C 67 32.32 -29.86 -24.58
N THR C 68 31.18 -29.40 -25.15
CA THR C 68 30.62 -29.98 -26.39
C THR C 68 31.43 -29.57 -27.61
N TYR C 69 32.17 -28.44 -27.54
CA TYR C 69 32.99 -27.97 -28.67
C TYR C 69 34.24 -28.88 -28.79
N GLY C 70 34.66 -29.16 -30.04
CA GLY C 70 35.73 -30.15 -30.30
C GLY C 70 35.18 -31.56 -30.47
N THR C 71 33.85 -31.65 -30.60
CA THR C 71 33.10 -32.89 -30.86
C THR C 71 31.94 -32.45 -31.76
N THR C 72 31.23 -31.46 -31.24
CA THR C 72 30.42 -30.54 -32.03
C THR C 72 31.38 -29.39 -32.41
N GLU C 73 31.14 -28.73 -33.53
CA GLU C 73 32.01 -27.65 -34.07
C GLU C 73 31.16 -26.46 -34.51
N ALA C 74 29.85 -26.71 -34.69
CA ALA C 74 28.86 -25.66 -34.98
C ALA C 74 28.55 -24.83 -33.70
N PRO C 75 28.55 -23.46 -33.79
CA PRO C 75 28.16 -22.56 -32.67
C PRO C 75 26.68 -22.78 -32.21
N PRO C 76 26.33 -22.42 -30.92
CA PRO C 76 24.94 -22.57 -30.38
C PRO C 76 23.89 -21.71 -31.15
N PRO C 77 22.55 -21.91 -30.92
CA PRO C 77 21.51 -21.00 -31.47
C PRO C 77 21.42 -19.69 -30.63
N PRO C 78 21.61 -18.47 -31.26
CA PRO C 78 21.43 -17.18 -30.55
C PRO C 78 19.93 -16.84 -30.32
N PRO C 79 19.51 -16.62 -29.04
CA PRO C 79 18.14 -16.15 -28.72
C PRO C 79 18.00 -14.61 -28.85
N PRO C 80 16.74 -14.07 -29.01
CA PRO C 80 16.47 -12.61 -28.93
C PRO C 80 16.91 -12.01 -27.57
N GLY C 81 18.20 -11.66 -27.52
CA GLY C 81 18.84 -11.10 -26.32
C GLY C 81 20.34 -11.27 -26.41
N GLY C 82 20.76 -12.33 -27.11
CA GLY C 82 22.17 -12.58 -27.43
C GLY C 82 22.86 -13.44 -26.38
N TYR C 83 24.14 -13.72 -26.63
CA TYR C 83 25.04 -14.31 -25.62
C TYR C 83 25.50 -13.18 -24.72
N ASP C 84 24.87 -13.11 -23.52
CA ASP C 84 25.11 -12.02 -22.56
C ASP C 84 26.61 -11.86 -22.25
N PHE C 85 27.05 -10.60 -22.31
CA PHE C 85 28.46 -10.25 -22.19
C PHE C 85 28.62 -8.81 -21.70
N SER C 86 27.58 -8.32 -21.01
CA SER C 86 27.51 -6.95 -20.51
C SER C 86 28.69 -6.63 -19.57
N GLY C 87 29.39 -5.52 -19.85
CA GLY C 87 30.54 -5.10 -19.06
C GLY C 87 31.87 -5.66 -19.58
N PHE C 88 31.85 -6.85 -20.22
CA PHE C 88 33.07 -7.50 -20.73
C PHE C 88 33.24 -7.11 -22.22
N ASP C 89 34.47 -6.80 -22.63
CA ASP C 89 34.77 -6.19 -23.95
C ASP C 89 34.93 -7.28 -25.04
N VAL C 90 33.80 -7.94 -25.39
CA VAL C 90 33.72 -9.00 -26.45
C VAL C 90 34.59 -8.70 -27.69
N GLU C 91 34.47 -7.46 -28.17
CA GLU C 91 34.99 -7.04 -29.47
C GLU C 91 36.53 -6.99 -29.48
N ASP C 92 37.14 -6.85 -28.28
CA ASP C 92 38.61 -6.81 -28.12
C ASP C 92 39.14 -8.18 -27.63
N PHE C 93 38.24 -9.13 -27.28
CA PHE C 93 38.63 -10.50 -26.89
C PHE C 93 38.97 -11.34 -28.14
N SER C 94 39.19 -12.67 -27.96
CA SER C 94 39.73 -13.53 -29.04
C SER C 94 38.73 -13.70 -30.20
N GLU C 95 39.30 -13.87 -31.41
CA GLU C 95 38.55 -14.14 -32.64
C GLU C 95 37.80 -15.50 -32.54
N PHE C 96 38.47 -16.49 -31.90
CA PHE C 96 37.88 -17.81 -31.55
C PHE C 96 36.53 -17.64 -30.83
N PHE C 97 36.56 -16.81 -29.78
CA PHE C 97 35.40 -16.48 -28.96
C PHE C 97 34.32 -15.77 -29.81
N GLN C 98 34.78 -14.81 -30.66
CA GLN C 98 33.90 -14.00 -31.53
C GLN C 98 33.35 -14.82 -32.72
N GLU C 99 33.81 -16.08 -32.87
CA GLU C 99 33.19 -17.06 -33.80
C GLU C 99 32.26 -18.05 -33.06
N LEU C 100 32.71 -18.52 -31.87
CA LEU C 100 32.02 -19.59 -31.11
C LEU C 100 30.65 -19.10 -30.57
N PHE C 101 30.61 -17.87 -30.05
CA PHE C 101 29.35 -17.23 -29.61
C PHE C 101 29.01 -16.07 -30.58
N GLY C 102 29.81 -15.92 -31.65
CA GLY C 102 29.67 -14.84 -32.64
C GLY C 102 28.24 -14.58 -33.12
N PRO C 103 27.48 -15.65 -33.59
CA PRO C 103 26.04 -15.56 -34.00
C PRO C 103 25.13 -14.58 -33.20
N GLY C 104 25.44 -14.34 -31.90
CA GLY C 104 24.61 -13.42 -31.08
C GLY C 104 25.42 -12.63 -30.05
N LEU C 105 26.73 -12.49 -30.28
CA LEU C 105 27.63 -11.75 -29.36
C LEU C 105 27.47 -10.22 -29.47
N PHE C 106 26.37 -9.68 -28.87
CA PHE C 106 26.23 -8.24 -28.53
C PHE C 106 26.67 -7.30 -29.70
N GLY C 107 27.86 -6.64 -29.59
CA GLY C 107 28.53 -6.00 -30.73
C GLY C 107 28.57 -4.48 -30.72
N GLY C 108 28.57 -3.92 -29.50
CA GLY C 108 28.81 -2.50 -29.18
C GLY C 108 29.35 -1.60 -30.29
N PHE C 109 30.69 -1.50 -30.41
CA PHE C 109 31.35 -0.51 -31.30
C PHE C 109 31.26 -0.95 -32.78
N GLY C 110 30.77 -2.19 -33.01
CA GLY C 110 30.51 -2.69 -34.35
C GLY C 110 29.07 -2.37 -34.79
N ARG C 111 28.34 -1.64 -33.91
CA ARG C 111 26.94 -1.15 -34.15
C ARG C 111 25.94 -2.28 -34.46
N ARG C 112 26.40 -3.52 -34.29
CA ARG C 112 25.62 -4.76 -34.46
C ARG C 112 24.79 -5.03 -33.17
N SER C 113 24.10 -3.96 -32.67
CA SER C 113 23.47 -3.88 -31.33
C SER C 113 24.46 -3.30 -30.29
N ARG C 114 24.66 -1.96 -30.35
CA ARG C 114 25.42 -1.19 -29.32
C ARG C 114 24.54 -1.03 -28.02
N LYS C 115 24.91 -0.07 -27.11
CA LYS C 115 24.46 0.09 -25.68
C LYS C 115 23.31 -0.84 -25.22
N GLY C 116 23.68 -1.79 -24.33
CA GLY C 116 22.80 -2.87 -23.91
C GLY C 116 21.56 -2.39 -23.18
N ARG C 117 20.40 -2.60 -23.83
CA ARG C 117 19.08 -2.32 -23.24
C ARG C 117 18.93 -3.13 -21.95
N ASP C 118 18.63 -2.43 -20.84
CA ASP C 118 18.39 -3.06 -19.54
C ASP C 118 17.22 -4.06 -19.67
N LEU C 119 17.37 -5.25 -19.09
CA LEU C 119 16.40 -6.35 -19.30
C LEU C 119 15.42 -6.31 -18.12
N ARG C 120 14.10 -6.15 -18.41
CA ARG C 120 13.10 -5.84 -17.37
C ARG C 120 12.27 -7.10 -17.16
N ALA C 121 12.63 -7.91 -16.18
CA ALA C 121 11.94 -9.18 -15.92
C ALA C 121 11.14 -9.04 -14.64
N GLU C 122 9.80 -9.08 -14.78
CA GLU C 122 8.87 -8.93 -13.65
C GLU C 122 8.53 -10.35 -13.17
N LEU C 123 9.01 -10.71 -11.97
CA LEU C 123 9.03 -12.11 -11.51
C LEU C 123 8.42 -12.26 -10.09
N PRO C 124 7.51 -13.28 -9.89
CA PRO C 124 7.01 -13.65 -8.54
C PRO C 124 8.10 -14.41 -7.75
N LEU C 125 8.48 -13.85 -6.61
CA LEU C 125 9.53 -14.39 -5.72
C LEU C 125 8.98 -14.47 -4.29
N THR C 126 9.64 -15.20 -3.38
CA THR C 126 9.19 -15.32 -1.99
C THR C 126 10.07 -14.48 -1.03
N LEU C 127 9.60 -14.39 0.22
CA LEU C 127 10.05 -13.39 1.21
C LEU C 127 11.36 -13.84 1.86
N GLU C 128 11.27 -15.04 2.44
CA GLU C 128 12.39 -15.84 2.97
C GLU C 128 13.53 -15.92 1.94
N GLU C 129 13.15 -16.24 0.68
CA GLU C 129 14.11 -16.42 -0.43
C GLU C 129 14.80 -15.10 -0.81
N ALA C 130 14.05 -14.00 -0.67
CA ALA C 130 14.59 -12.65 -0.86
C ALA C 130 15.59 -12.30 0.27
N PHE C 131 15.35 -12.86 1.47
CA PHE C 131 16.25 -12.73 2.64
C PHE C 131 17.50 -13.64 2.49
N HIS C 132 17.33 -14.80 1.81
CA HIS C 132 18.40 -15.83 1.70
C HIS C 132 19.45 -15.49 0.64
N GLY C 133 18.99 -15.25 -0.60
CA GLY C 133 19.89 -15.18 -1.76
C GLY C 133 20.21 -16.58 -2.27
N GLY C 134 21.48 -17.02 -2.11
CA GLY C 134 21.92 -18.37 -2.51
C GLY C 134 22.18 -18.52 -4.01
N GLU C 135 22.82 -19.64 -4.42
CA GLU C 135 23.06 -19.98 -5.84
C GLU C 135 21.70 -20.37 -6.48
N ARG C 136 21.06 -19.37 -7.10
CA ARG C 136 19.70 -19.47 -7.68
C ARG C 136 19.78 -19.23 -9.19
N VAL C 137 19.12 -20.10 -9.98
CA VAL C 137 19.16 -20.03 -11.45
C VAL C 137 18.35 -18.84 -11.99
N VAL C 138 18.99 -18.07 -12.89
CA VAL C 138 18.37 -17.01 -13.67
C VAL C 138 18.43 -17.42 -15.15
N GLU C 139 17.26 -17.33 -15.83
CA GLU C 139 17.11 -17.69 -17.25
C GLU C 139 16.48 -16.49 -17.98
N VAL C 140 17.33 -15.55 -18.43
CA VAL C 140 16.87 -14.29 -19.07
C VAL C 140 17.51 -14.10 -20.47
N ALA C 141 16.67 -14.27 -21.51
CA ALA C 141 17.01 -14.00 -22.93
C ALA C 141 18.26 -14.79 -23.43
N GLY C 142 18.50 -15.97 -22.82
CA GLY C 142 19.62 -16.84 -23.20
C GLY C 142 20.61 -17.10 -22.08
N ARG C 143 20.65 -16.18 -21.12
CA ARG C 143 21.52 -16.26 -19.95
C ARG C 143 20.91 -17.27 -18.95
N ARG C 144 21.41 -18.52 -18.97
CA ARG C 144 20.98 -19.58 -18.02
C ARG C 144 22.17 -19.95 -17.10
N VAL C 145 22.21 -19.31 -15.91
CA VAL C 145 23.32 -19.48 -14.93
C VAL C 145 22.78 -19.48 -13.48
N SER C 146 23.37 -20.34 -12.62
CA SER C 146 23.12 -20.33 -11.16
C SER C 146 23.98 -19.20 -10.53
N VAL C 147 23.34 -18.07 -10.23
CA VAL C 147 24.00 -16.87 -9.68
C VAL C 147 23.35 -16.48 -8.33
N ARG C 148 24.12 -15.83 -7.47
CA ARG C 148 23.59 -15.24 -6.23
C ARG C 148 23.40 -13.75 -6.47
N ILE C 149 22.15 -13.35 -6.77
CA ILE C 149 21.76 -11.93 -6.90
C ILE C 149 21.83 -11.27 -5.49
N PRO C 150 22.11 -9.92 -5.40
CA PRO C 150 22.22 -9.19 -4.11
C PRO C 150 21.11 -9.57 -3.08
N PRO C 151 21.47 -10.30 -1.95
CA PRO C 151 20.50 -10.67 -0.91
C PRO C 151 19.89 -9.43 -0.24
N GLY C 152 18.56 -9.44 -0.13
CA GLY C 152 17.81 -8.28 0.33
C GLY C 152 17.17 -7.58 -0.86
N VAL C 153 16.28 -8.31 -1.56
CA VAL C 153 15.58 -7.77 -2.75
C VAL C 153 14.43 -6.85 -2.27
N ARG C 154 13.98 -5.95 -3.14
CA ARG C 154 13.04 -4.88 -2.77
C ARG C 154 11.66 -5.15 -3.42
N GLU C 155 10.65 -5.47 -2.59
CA GLU C 155 9.22 -5.61 -3.01
C GLU C 155 8.76 -4.50 -3.97
N GLY C 156 8.33 -4.92 -5.19
CA GLY C 156 7.80 -4.03 -6.22
C GLY C 156 8.86 -3.21 -6.95
N SER C 157 10.10 -3.26 -6.46
CA SER C 157 11.24 -2.48 -6.96
C SER C 157 12.25 -3.38 -7.67
N VAL C 158 13.37 -2.76 -8.03
CA VAL C 158 14.40 -3.35 -8.89
C VAL C 158 15.45 -4.17 -8.10
N ILE C 159 15.82 -5.32 -8.67
CA ILE C 159 17.05 -6.05 -8.35
C ILE C 159 17.97 -5.86 -9.54
N ARG C 160 18.83 -4.84 -9.49
CA ARG C 160 19.78 -4.60 -10.57
C ARG C 160 21.01 -5.52 -10.39
N VAL C 161 21.29 -6.31 -11.44
CA VAL C 161 22.52 -7.10 -11.52
C VAL C 161 23.20 -6.75 -12.88
N PRO C 162 24.18 -5.79 -12.87
CA PRO C 162 24.96 -5.45 -14.07
C PRO C 162 25.83 -6.63 -14.52
N GLY C 163 26.04 -6.74 -15.84
CA GLY C 163 26.67 -7.91 -16.41
C GLY C 163 25.66 -9.01 -16.74
N MET C 164 24.38 -8.63 -16.98
CA MET C 164 23.29 -9.61 -17.26
C MET C 164 22.13 -8.97 -18.06
N GLY C 165 22.41 -7.87 -18.77
CA GLY C 165 21.41 -7.16 -19.60
C GLY C 165 21.26 -7.72 -21.03
N GLY C 166 20.66 -6.89 -21.93
CA GLY C 166 20.39 -7.29 -23.33
C GLY C 166 21.47 -6.83 -24.32
N GLN C 167 21.21 -7.10 -25.62
CA GLN C 167 22.12 -6.81 -26.77
C GLN C 167 22.78 -5.41 -26.70
N GLY C 168 24.14 -5.39 -26.70
CA GLY C 168 24.88 -4.15 -26.52
C GLY C 168 26.36 -4.38 -26.49
N ASN C 169 27.04 -3.90 -25.44
CA ASN C 169 28.40 -4.32 -25.06
C ASN C 169 28.83 -3.67 -23.71
N PRO C 170 29.05 -2.28 -23.60
CA PRO C 170 29.51 -1.67 -22.32
C PRO C 170 28.42 -1.72 -21.17
N PRO C 171 27.25 -0.95 -21.17
CA PRO C 171 26.26 -1.06 -20.08
C PRO C 171 25.15 -2.07 -20.42
N GLY C 172 24.93 -3.04 -19.54
CA GLY C 172 23.88 -4.03 -19.68
C GLY C 172 23.50 -4.55 -18.32
N ASP C 173 22.31 -4.16 -17.86
CA ASP C 173 21.89 -4.33 -16.46
C ASP C 173 20.55 -5.06 -16.42
N LEU C 174 20.50 -6.20 -15.74
CA LEU C 174 19.27 -6.98 -15.56
C LEU C 174 18.45 -6.38 -14.42
N LEU C 175 17.35 -5.70 -14.79
CA LEU C 175 16.39 -5.17 -13.82
C LEU C 175 15.31 -6.22 -13.54
N LEU C 176 15.58 -7.08 -12.55
CA LEU C 176 14.59 -8.01 -12.03
C LEU C 176 13.58 -7.22 -11.18
N VAL C 177 12.43 -6.88 -11.78
CA VAL C 177 11.37 -6.15 -11.07
C VAL C 177 10.60 -7.19 -10.27
N VAL C 178 10.94 -7.29 -9.00
CA VAL C 178 10.46 -8.37 -8.15
C VAL C 178 9.13 -8.00 -7.51
N ARG C 179 8.17 -8.91 -7.64
CA ARG C 179 6.90 -8.87 -6.93
C ARG C 179 6.87 -10.08 -6.01
N LEU C 180 7.03 -9.86 -4.70
CA LEU C 180 6.93 -10.94 -3.71
C LEU C 180 5.46 -11.43 -3.66
N LEU C 181 5.26 -12.79 -3.59
CA LEU C 181 3.91 -13.43 -3.68
C LEU C 181 2.97 -12.73 -2.69
N PRO C 182 1.74 -12.30 -3.16
CA PRO C 182 0.94 -11.17 -2.62
C PRO C 182 1.66 -10.25 -1.61
N HIS C 183 1.97 -10.79 -0.42
CA HIS C 183 2.86 -10.14 0.57
C HIS C 183 2.35 -8.75 0.98
N PRO C 184 1.27 -8.67 1.79
CA PRO C 184 0.95 -7.44 2.48
C PRO C 184 1.60 -7.51 3.87
N VAL C 185 2.95 -7.66 3.89
CA VAL C 185 3.72 -7.73 5.13
C VAL C 185 4.71 -6.57 5.16
N PHE C 186 5.64 -6.49 4.15
CA PHE C 186 6.77 -5.51 4.14
C PHE C 186 6.88 -4.69 2.82
N ARG C 187 7.80 -3.69 2.85
CA ARG C 187 8.27 -2.95 1.65
C ARG C 187 9.71 -2.45 1.94
N LEU C 188 10.71 -2.85 1.13
CA LEU C 188 12.13 -2.47 1.40
C LEU C 188 12.51 -1.10 0.83
N GLU C 189 13.12 -0.27 1.70
CA GLU C 189 13.83 0.96 1.32
C GLU C 189 15.17 0.96 2.07
N GLY C 190 16.27 1.03 1.32
CA GLY C 190 17.62 0.88 1.88
C GLY C 190 17.85 -0.54 2.39
N GLN C 191 17.88 -0.68 3.72
CA GLN C 191 17.97 -1.99 4.42
C GLN C 191 16.77 -2.15 5.38
N ASP C 192 16.12 -0.99 5.66
CA ASP C 192 14.98 -0.88 6.57
C ASP C 192 13.68 -1.28 5.84
N LEU C 193 12.84 -2.07 6.52
CA LEU C 193 11.54 -2.50 5.98
C LEU C 193 10.45 -1.55 6.43
N TYR C 194 9.39 -1.49 5.62
CA TYR C 194 8.14 -0.85 6.00
C TYR C 194 7.07 -1.94 6.01
N ALA C 195 6.65 -2.34 7.21
CA ALA C 195 5.61 -3.33 7.42
C ALA C 195 4.30 -2.65 7.84
N THR C 196 3.29 -3.48 8.11
CA THR C 196 2.05 -3.06 8.75
C THR C 196 1.69 -4.07 9.85
N LEU C 197 1.79 -3.64 11.12
CA LEU C 197 1.36 -4.46 12.27
C LEU C 197 -0.14 -4.27 12.51
N ASP C 198 -0.82 -5.33 12.95
CA ASP C 198 -2.26 -5.32 13.21
C ASP C 198 -2.49 -5.60 14.72
N VAL C 199 -2.87 -4.54 15.47
CA VAL C 199 -3.05 -4.59 16.94
C VAL C 199 -4.55 -4.34 17.27
N PRO C 200 -5.25 -5.28 17.98
CA PRO C 200 -6.64 -5.04 18.41
C PRO C 200 -6.70 -3.98 19.54
N ALA C 201 -7.82 -3.23 19.55
CA ALA C 201 -8.04 -2.06 20.44
C ALA C 201 -7.81 -2.37 21.95
N PRO C 202 -8.34 -3.52 22.54
CA PRO C 202 -8.06 -3.88 23.96
C PRO C 202 -6.54 -3.98 24.28
N ILE C 203 -5.81 -4.72 23.42
CA ILE C 203 -4.36 -4.94 23.55
C ILE C 203 -3.57 -3.64 23.32
N ALA C 204 -4.10 -2.78 22.42
CA ALA C 204 -3.51 -1.47 22.09
C ALA C 204 -3.53 -0.54 23.31
N VAL C 205 -4.68 -0.54 24.01
CA VAL C 205 -4.91 0.35 25.16
C VAL C 205 -4.17 -0.14 26.42
N VAL C 206 -4.11 -1.46 26.66
CA VAL C 206 -3.45 -1.99 27.87
C VAL C 206 -1.92 -1.97 27.70
N GLY C 207 -1.46 -2.25 26.47
CA GLY C 207 -0.05 -2.51 26.22
C GLY C 207 0.29 -3.97 26.45
N GLY C 208 -0.41 -4.86 25.72
CA GLY C 208 -0.15 -6.29 25.78
C GLY C 208 0.90 -6.71 24.76
N LYS C 209 0.62 -7.76 23.98
CA LYS C 209 1.53 -8.27 22.96
C LYS C 209 0.73 -8.93 21.80
N VAL C 210 1.22 -8.75 20.56
CA VAL C 210 0.63 -9.35 19.32
C VAL C 210 1.75 -9.96 18.46
N ARG C 211 1.40 -10.75 17.43
CA ARG C 211 2.38 -11.37 16.53
C ARG C 211 2.65 -10.48 15.30
N ALA C 212 3.93 -10.22 15.06
CA ALA C 212 4.45 -9.68 13.80
C ALA C 212 5.08 -10.84 13.02
N MET C 213 4.62 -11.08 11.79
CA MET C 213 5.21 -12.08 10.89
C MET C 213 6.50 -11.51 10.28
N THR C 214 7.57 -12.34 10.23
CA THR C 214 8.87 -11.93 9.63
C THR C 214 9.42 -13.03 8.70
N LEU C 215 10.43 -12.65 7.91
CA LEU C 215 10.99 -13.46 6.81
C LEU C 215 11.57 -14.80 7.29
N GLU C 216 12.21 -14.76 8.46
CA GLU C 216 12.93 -15.89 9.05
C GLU C 216 12.21 -16.45 10.30
N GLY C 217 10.94 -16.05 10.50
CA GLY C 217 10.12 -16.57 11.60
C GLY C 217 9.11 -15.55 12.12
N PRO C 218 8.13 -15.95 12.98
CA PRO C 218 7.16 -15.01 13.59
C PRO C 218 7.63 -14.44 14.96
N VAL C 219 7.81 -13.11 15.04
CA VAL C 219 8.22 -12.42 16.28
C VAL C 219 7.00 -11.80 16.98
N GLU C 220 6.68 -12.30 18.18
CA GLU C 220 5.55 -11.82 18.98
C GLU C 220 6.02 -10.55 19.75
N VAL C 221 5.60 -9.36 19.28
CA VAL C 221 6.13 -8.06 19.74
C VAL C 221 5.19 -7.35 20.74
N ALA C 222 5.80 -6.76 21.79
CA ALA C 222 5.11 -6.14 22.93
C ALA C 222 4.62 -4.71 22.62
N VAL C 223 3.30 -4.54 22.67
CA VAL C 223 2.58 -3.26 22.43
C VAL C 223 2.68 -2.33 23.68
N PRO C 224 2.83 -0.96 23.54
CA PRO C 224 2.81 -0.01 24.69
C PRO C 224 1.37 0.42 25.11
N PRO C 225 1.16 0.85 26.41
CA PRO C 225 -0.14 1.35 26.91
C PRO C 225 -0.70 2.53 26.08
N ARG C 226 -1.87 2.29 25.48
CA ARG C 226 -2.59 3.23 24.60
C ARG C 226 -1.82 3.52 23.31
N THR C 227 -2.07 2.68 22.30
CA THR C 227 -1.47 2.76 20.97
C THR C 227 -2.51 3.26 19.95
N GLN C 228 -2.12 4.26 19.12
CA GLN C 228 -2.98 4.81 18.05
C GLN C 228 -2.52 4.31 16.67
N ALA C 229 -3.48 4.25 15.74
CA ALA C 229 -3.23 3.84 14.36
C ALA C 229 -2.39 4.91 13.65
N GLY C 230 -1.43 4.47 12.82
CA GLY C 230 -0.48 5.36 12.18
C GLY C 230 0.81 5.51 12.97
N ARG C 231 0.90 4.87 14.17
CA ARG C 231 2.17 4.73 14.90
C ARG C 231 3.16 3.85 14.13
N LYS C 232 4.39 3.75 14.64
CA LYS C 232 5.43 2.94 14.04
C LYS C 232 6.30 2.26 15.12
N LEU C 233 6.84 1.10 14.72
CA LEU C 233 7.52 0.13 15.59
C LEU C 233 8.89 -0.18 14.95
N ARG C 234 9.95 -0.36 15.77
CA ARG C 234 11.27 -0.80 15.28
C ARG C 234 11.64 -2.20 15.85
N LEU C 235 11.78 -3.18 14.97
CA LEU C 235 12.31 -4.52 15.31
C LEU C 235 13.71 -4.67 14.69
N LYS C 236 14.73 -4.46 15.54
CA LYS C 236 16.13 -4.39 15.16
C LYS C 236 16.65 -5.78 14.73
N GLY C 237 17.23 -5.85 13.52
CA GLY C 237 17.73 -7.10 12.95
C GLY C 237 16.70 -7.89 12.18
N LYS C 238 15.50 -7.29 11.98
CA LYS C 238 14.38 -7.93 11.28
C LYS C 238 14.12 -7.27 9.91
N GLY C 239 15.11 -6.51 9.41
CA GLY C 239 15.06 -5.92 8.07
C GLY C 239 15.58 -6.88 7.00
N PHE C 240 15.85 -6.37 5.78
CA PHE C 240 16.47 -7.18 4.71
C PHE C 240 18.02 -7.13 4.86
N PRO C 241 18.75 -8.20 4.40
CA PRO C 241 20.24 -8.29 4.44
C PRO C 241 20.99 -7.01 4.03
N GLY C 242 22.10 -6.73 4.74
CA GLY C 242 22.90 -5.52 4.54
C GLY C 242 24.40 -5.82 4.49
N PRO C 243 25.20 -5.01 3.71
CA PRO C 243 26.62 -5.32 3.39
C PRO C 243 27.52 -5.43 4.64
N ALA C 244 27.31 -4.52 5.61
CA ALA C 244 28.13 -4.40 6.82
C ALA C 244 27.28 -4.67 8.08
N GLY C 245 26.13 -5.32 7.90
CA GLY C 245 25.16 -5.56 8.97
C GLY C 245 23.74 -5.43 8.43
N ARG C 246 22.85 -6.36 8.83
CA ARG C 246 21.49 -6.46 8.26
C ARG C 246 20.57 -5.40 8.86
N GLY C 247 19.57 -4.97 8.06
CA GLY C 247 18.70 -3.83 8.39
C GLY C 247 17.69 -4.12 9.49
N ASP C 248 16.77 -3.16 9.67
CA ASP C 248 15.82 -3.13 10.80
C ASP C 248 14.40 -2.93 10.26
N LEU C 249 13.40 -3.38 11.03
CA LEU C 249 12.00 -3.45 10.59
C LEU C 249 11.20 -2.25 11.16
N TYR C 250 10.39 -1.59 10.30
CA TYR C 250 9.54 -0.44 10.67
C TYR C 250 8.05 -0.72 10.34
N LEU C 251 7.24 -1.11 11.35
CA LEU C 251 5.82 -1.49 11.14
C LEU C 251 4.90 -0.30 11.44
N GLU C 252 4.02 0.08 10.48
CA GLU C 252 2.92 1.02 10.75
C GLU C 252 1.74 0.25 11.37
N VAL C 253 1.15 0.83 12.40
CA VAL C 253 0.19 0.15 13.27
C VAL C 253 -1.27 0.36 12.84
N ARG C 254 -2.05 -0.73 12.90
CA ARG C 254 -3.51 -0.75 12.77
C ARG C 254 -4.11 -0.89 14.17
N ILE C 255 -5.16 -0.11 14.46
CA ILE C 255 -6.05 -0.37 15.59
C ILE C 255 -7.33 -1.00 15.03
N THR C 256 -7.45 -2.31 15.23
CA THR C 256 -8.54 -3.14 14.71
C THR C 256 -9.48 -3.55 15.85
N ILE C 257 -10.77 -3.70 15.54
CA ILE C 257 -11.78 -4.17 16.52
C ILE C 257 -12.28 -5.57 16.11
N PRO C 258 -12.62 -6.49 17.08
CA PRO C 258 -12.89 -7.94 16.79
C PRO C 258 -14.07 -8.22 15.82
N GLU C 259 -14.83 -7.15 15.49
CA GLU C 259 -16.13 -7.21 14.78
C GLU C 259 -17.18 -8.05 15.55
N ARG C 260 -16.95 -9.38 15.61
CA ARG C 260 -17.72 -10.31 16.46
C ARG C 260 -17.51 -9.93 17.95
N LEU C 261 -18.52 -10.18 18.80
CA LEU C 261 -18.46 -9.85 20.24
C LEU C 261 -19.11 -10.94 21.09
N THR C 262 -18.59 -11.11 22.32
CA THR C 262 -19.22 -11.93 23.36
C THR C 262 -20.08 -11.00 24.26
N PRO C 263 -21.17 -11.51 24.97
CA PRO C 263 -22.08 -10.67 25.81
C PRO C 263 -21.36 -9.65 26.72
N GLU C 264 -20.29 -10.14 27.40
CA GLU C 264 -19.47 -9.35 28.32
C GLU C 264 -18.80 -8.17 27.58
N GLU C 265 -18.10 -8.52 26.46
CA GLU C 265 -17.39 -7.56 25.61
C GLU C 265 -18.33 -6.41 25.20
N GLU C 266 -19.43 -6.76 24.51
CA GLU C 266 -20.34 -5.78 23.91
C GLU C 266 -21.00 -4.88 24.98
N ALA C 267 -21.25 -5.43 26.18
CA ALA C 267 -21.74 -4.64 27.33
C ALA C 267 -20.75 -3.52 27.71
N LEU C 268 -19.46 -3.89 27.90
CA LEU C 268 -18.40 -2.91 28.26
C LEU C 268 -18.13 -1.90 27.10
N TRP C 269 -18.09 -2.40 25.84
CA TRP C 269 -17.89 -1.57 24.64
C TRP C 269 -18.99 -0.49 24.52
N LYS C 270 -20.24 -0.88 24.88
CA LYS C 270 -21.40 0.05 24.90
C LYS C 270 -21.23 1.13 25.97
N LYS C 271 -20.84 0.71 27.19
CA LYS C 271 -20.60 1.65 28.32
C LYS C 271 -19.53 2.70 27.96
N LEU C 272 -18.51 2.25 27.22
CA LEU C 272 -17.46 3.13 26.68
C LEU C 272 -18.03 4.06 25.60
N ALA C 273 -18.88 3.51 24.70
CA ALA C 273 -19.52 4.26 23.59
C ALA C 273 -20.51 5.32 24.13
N GLU C 274 -21.05 5.06 25.32
CA GLU C 274 -21.98 5.98 26.03
C GLU C 274 -21.17 7.08 26.75
N ALA C 275 -20.00 6.68 27.28
CA ALA C 275 -18.97 7.63 27.78
C ALA C 275 -18.48 8.55 26.64
N TYR C 276 -18.55 8.01 25.41
CA TYR C 276 -18.23 8.74 24.17
C TYR C 276 -19.41 9.61 23.69
N TYR C 277 -20.66 9.16 23.93
CA TYR C 277 -21.86 9.99 23.66
C TYR C 277 -21.85 11.23 24.58
N ALA C 278 -21.25 11.05 25.78
CA ALA C 278 -21.04 12.14 26.75
C ALA C 278 -20.04 13.22 26.24
N ARG C 279 -19.27 12.89 25.19
CA ARG C 279 -18.34 13.84 24.53
C ARG C 279 -19.09 14.73 23.53
N ALA C 280 -20.32 14.34 23.15
CA ALA C 280 -21.16 15.12 22.23
C ALA C 280 -21.69 16.38 22.94
N MET A 1 -8.08 35.97 -51.32
CA MET A 1 -8.78 36.98 -52.14
C MET A 1 -10.05 37.48 -51.42
N ALA A 2 -10.15 37.18 -50.11
CA ALA A 2 -11.26 37.62 -49.22
C ALA A 2 -12.62 37.07 -49.68
N ALA A 3 -12.63 35.78 -50.09
CA ALA A 3 -13.86 35.07 -50.52
C ALA A 3 -14.72 34.71 -49.29
N LYS A 4 -15.43 35.73 -48.76
CA LYS A 4 -16.30 35.65 -47.56
C LYS A 4 -17.04 34.31 -47.40
N LYS A 5 -16.63 33.53 -46.39
CA LYS A 5 -17.43 32.41 -45.88
C LYS A 5 -18.37 32.97 -44.81
N ASP A 6 -19.65 33.15 -45.19
CA ASP A 6 -20.69 33.65 -44.29
C ASP A 6 -21.02 32.55 -43.28
N TYR A 7 -20.34 32.61 -42.12
CA TYR A 7 -20.38 31.54 -41.10
C TYR A 7 -21.80 31.35 -40.51
N TYR A 8 -22.51 32.47 -40.37
CA TYR A 8 -23.91 32.46 -39.91
C TYR A 8 -24.81 31.72 -40.92
N ALA A 9 -24.61 31.99 -42.21
CA ALA A 9 -25.39 31.37 -43.29
C ALA A 9 -25.09 29.85 -43.40
N ILE A 10 -23.82 29.47 -43.17
CA ILE A 10 -23.40 28.05 -43.16
C ILE A 10 -24.13 27.28 -42.03
N LEU A 11 -24.26 27.94 -40.84
CA LEU A 11 -25.03 27.38 -39.70
C LEU A 11 -26.54 27.50 -39.92
N GLY A 12 -26.96 28.32 -40.92
CA GLY A 12 -28.38 28.56 -41.20
C GLY A 12 -29.05 29.45 -40.16
N VAL A 13 -28.25 30.26 -39.45
CA VAL A 13 -28.71 31.21 -38.43
C VAL A 13 -28.59 32.66 -38.96
N PRO A 14 -29.44 33.61 -38.46
CA PRO A 14 -29.34 35.06 -38.82
C PRO A 14 -27.97 35.66 -38.45
N ARG A 15 -27.53 36.71 -39.18
CA ARG A 15 -26.24 37.41 -38.90
C ARG A 15 -26.27 38.23 -37.58
N ASN A 16 -27.35 38.06 -36.81
CA ASN A 16 -27.56 38.69 -35.50
C ASN A 16 -27.94 37.58 -34.49
N ALA A 17 -27.45 36.36 -34.78
CA ALA A 17 -27.63 35.18 -33.92
C ALA A 17 -26.99 35.40 -32.53
N THR A 18 -27.28 34.50 -31.58
CA THR A 18 -26.68 34.52 -30.24
C THR A 18 -25.80 33.27 -30.06
N GLN A 19 -25.06 33.22 -28.94
CA GLN A 19 -24.22 32.05 -28.57
C GLN A 19 -25.09 30.77 -28.48
N GLU A 20 -26.33 30.94 -27.98
CA GLU A 20 -27.32 29.85 -27.85
C GLU A 20 -27.76 29.34 -29.23
N GLU A 21 -28.03 30.28 -30.16
CA GLU A 21 -28.51 29.96 -31.53
C GLU A 21 -27.42 29.25 -32.35
N ILE A 22 -26.17 29.72 -32.20
CA ILE A 22 -25.00 29.18 -32.91
C ILE A 22 -24.62 27.80 -32.37
N LYS A 23 -24.74 27.65 -31.04
CA LYS A 23 -24.48 26.38 -30.35
C LYS A 23 -25.49 25.32 -30.78
N ARG A 24 -26.80 25.67 -30.71
CA ARG A 24 -27.90 24.73 -31.06
C ARG A 24 -27.92 24.40 -32.56
N ALA A 25 -27.50 25.38 -33.39
CA ALA A 25 -27.34 25.18 -34.84
C ALA A 25 -26.26 24.13 -35.08
N TYR A 26 -25.10 24.33 -34.42
CA TYR A 26 -23.97 23.39 -34.52
C TYR A 26 -24.38 21.99 -34.02
N LYS A 27 -25.11 21.93 -32.89
CA LYS A 27 -25.58 20.65 -32.28
C LYS A 27 -26.47 19.88 -33.27
N ARG A 28 -27.41 20.62 -33.88
CA ARG A 28 -28.34 20.09 -34.90
C ARG A 28 -27.57 19.48 -36.08
N LEU A 29 -26.66 20.28 -36.64
CA LEU A 29 -25.93 19.95 -37.87
C LEU A 29 -24.79 18.94 -37.60
N ALA A 30 -24.35 18.87 -36.33
CA ALA A 30 -23.29 17.94 -35.88
C ALA A 30 -23.86 16.55 -35.65
N ARG A 31 -25.13 16.48 -35.22
CA ARG A 31 -25.86 15.21 -35.07
C ARG A 31 -26.41 14.73 -36.42
N GLN A 32 -26.91 15.68 -37.23
CA GLN A 32 -27.56 15.39 -38.52
C GLN A 32 -26.55 14.90 -39.56
N TYR A 33 -25.44 15.67 -39.71
CA TYR A 33 -24.37 15.35 -40.67
C TYR A 33 -23.20 14.68 -39.94
N HIS A 34 -23.52 13.94 -38.85
CA HIS A 34 -22.55 13.20 -38.04
C HIS A 34 -21.95 12.07 -38.91
N PRO A 35 -20.63 12.15 -39.29
CA PRO A 35 -20.03 11.26 -40.32
C PRO A 35 -20.23 9.74 -40.05
N ASP A 36 -20.15 9.37 -38.77
CA ASP A 36 -20.29 7.96 -38.31
C ASP A 36 -21.74 7.45 -38.44
N VAL A 37 -22.73 8.36 -38.34
CA VAL A 37 -24.16 8.00 -38.50
C VAL A 37 -24.53 8.11 -39.99
N ASN A 38 -24.40 9.33 -40.52
CA ASN A 38 -24.70 9.67 -41.91
C ASN A 38 -23.39 9.72 -42.70
N LYS A 39 -22.98 8.57 -43.27
CA LYS A 39 -21.77 8.44 -44.10
C LYS A 39 -22.08 8.94 -45.51
N SER A 40 -22.29 10.25 -45.64
CA SER A 40 -22.57 10.90 -46.92
C SER A 40 -21.55 12.01 -47.13
N PRO A 41 -20.53 11.82 -48.05
CA PRO A 41 -19.43 12.80 -48.29
C PRO A 41 -19.94 14.26 -48.37
N GLU A 42 -21.05 14.45 -49.11
CA GLU A 42 -21.74 15.75 -49.25
C GLU A 42 -22.02 16.39 -47.88
N ALA A 43 -22.65 15.59 -47.01
CA ALA A 43 -23.07 16.01 -45.66
C ALA A 43 -21.84 16.30 -44.80
N GLU A 44 -20.73 15.62 -45.11
CA GLU A 44 -19.49 15.69 -44.31
C GLU A 44 -18.68 16.93 -44.71
N GLU A 45 -18.75 17.32 -46.01
CA GLU A 45 -18.10 18.54 -46.53
C GLU A 45 -18.76 19.79 -45.95
N LYS A 46 -20.10 19.76 -45.98
CA LYS A 46 -20.92 20.79 -45.36
C LYS A 46 -20.68 20.83 -43.84
N PHE A 47 -20.58 19.64 -43.21
CA PHE A 47 -20.25 19.47 -41.77
C PHE A 47 -18.90 20.13 -41.45
N LYS A 48 -17.92 19.98 -42.34
CA LYS A 48 -16.58 20.61 -42.21
C LYS A 48 -16.71 22.13 -42.17
N GLU A 49 -17.47 22.70 -43.10
CA GLU A 49 -17.73 24.16 -43.15
C GLU A 49 -18.54 24.64 -41.94
N ILE A 50 -19.35 23.73 -41.35
CA ILE A 50 -20.12 23.97 -40.12
C ILE A 50 -19.19 23.97 -38.89
N ASN A 51 -18.09 23.18 -38.98
CA ASN A 51 -17.00 23.19 -37.97
C ASN A 51 -16.16 24.48 -38.08
N GLU A 52 -15.98 24.98 -39.33
CA GLU A 52 -15.29 26.25 -39.64
C GLU A 52 -16.11 27.45 -39.12
N ALA A 53 -17.42 27.37 -39.41
CA ALA A 53 -18.41 28.38 -39.02
C ALA A 53 -18.44 28.50 -37.49
N TYR A 54 -18.59 27.34 -36.84
CA TYR A 54 -18.53 27.24 -35.38
C TYR A 54 -17.14 27.66 -34.86
N ALA A 55 -16.07 27.34 -35.61
CA ALA A 55 -14.68 27.63 -35.20
C ALA A 55 -14.48 29.11 -34.86
N VAL A 56 -14.89 29.97 -35.80
CA VAL A 56 -14.81 31.42 -35.63
C VAL A 56 -15.90 31.93 -34.65
N LEU A 57 -17.13 31.36 -34.72
CA LEU A 57 -18.28 31.84 -33.92
C LEU A 57 -18.40 31.16 -32.52
N SER A 58 -17.42 30.29 -32.17
CA SER A 58 -17.40 29.56 -30.87
C SER A 58 -17.17 30.53 -29.70
N ASP A 59 -15.93 31.00 -29.59
CA ASP A 59 -15.55 31.97 -28.56
C ASP A 59 -15.92 33.38 -29.04
N PRO A 60 -16.81 34.11 -28.27
CA PRO A 60 -17.38 35.40 -28.69
C PRO A 60 -16.36 36.47 -29.11
N GLU A 61 -15.07 36.36 -28.70
CA GLU A 61 -14.03 37.34 -29.09
C GLU A 61 -13.64 37.18 -30.58
N LYS A 62 -13.28 35.94 -30.98
CA LYS A 62 -13.02 35.59 -32.40
C LYS A 62 -14.25 35.93 -33.26
N ARG A 63 -15.40 35.61 -32.69
CA ARG A 63 -16.70 35.91 -33.27
C ARG A 63 -16.87 37.44 -33.46
N ARG A 64 -16.47 38.25 -32.46
CA ARG A 64 -16.55 39.73 -32.55
C ARG A 64 -15.68 40.23 -33.69
N ILE A 65 -14.51 39.59 -33.89
CA ILE A 65 -13.59 39.92 -35.01
C ILE A 65 -14.32 39.76 -36.36
N TYR A 66 -15.08 38.65 -36.48
CA TYR A 66 -15.93 38.42 -37.67
C TYR A 66 -17.01 39.54 -37.81
N ASP A 67 -17.75 39.80 -36.72
CA ASP A 67 -18.84 40.82 -36.68
C ASP A 67 -18.30 42.25 -36.87
N THR A 68 -17.02 42.49 -36.57
CA THR A 68 -16.36 43.80 -36.78
C THR A 68 -15.58 43.81 -38.11
N TYR A 69 -15.48 42.64 -38.79
CA TYR A 69 -14.97 42.61 -40.16
C TYR A 69 -16.08 43.18 -41.07
N GLY A 70 -15.89 44.44 -41.50
CA GLY A 70 -16.95 45.27 -42.07
C GLY A 70 -17.33 46.41 -41.13
N THR A 71 -16.38 46.77 -40.26
CA THR A 71 -16.45 47.95 -39.35
C THR A 71 -15.02 48.45 -39.25
N THR A 72 -14.17 47.52 -38.83
CA THR A 72 -12.75 47.53 -39.08
C THR A 72 -12.56 46.78 -40.43
N GLU A 73 -11.54 47.17 -41.21
CA GLU A 73 -11.26 46.55 -42.54
C GLU A 73 -9.97 45.70 -42.48
N ALA A 74 -8.93 46.22 -41.81
CA ALA A 74 -7.67 45.51 -41.61
C ALA A 74 -7.80 44.52 -40.45
N PRO A 75 -7.30 43.25 -40.59
CA PRO A 75 -7.31 42.26 -39.49
C PRO A 75 -6.67 42.83 -38.20
N PRO A 76 -7.38 42.78 -37.02
CA PRO A 76 -6.88 43.36 -35.75
C PRO A 76 -5.52 42.77 -35.29
N PRO A 77 -4.77 43.47 -34.37
CA PRO A 77 -3.53 42.93 -33.76
C PRO A 77 -3.84 41.68 -32.90
N PRO A 78 -3.22 40.49 -33.21
CA PRO A 78 -3.40 39.24 -32.42
C PRO A 78 -2.85 39.41 -30.98
N PRO A 79 -3.60 38.93 -29.93
CA PRO A 79 -3.14 38.93 -28.52
C PRO A 79 -1.80 38.15 -28.33
N PRO A 80 -1.00 38.45 -27.24
CA PRO A 80 0.19 37.65 -26.88
C PRO A 80 -0.18 36.18 -26.57
N GLY A 81 -0.25 35.39 -27.66
CA GLY A 81 -0.66 33.99 -27.62
C GLY A 81 -1.06 33.54 -29.01
N GLY A 82 -1.63 34.49 -29.79
CA GLY A 82 -1.91 34.30 -31.21
C GLY A 82 -3.34 33.88 -31.48
N TYR A 83 -3.82 34.16 -32.71
CA TYR A 83 -5.09 33.65 -33.24
C TYR A 83 -5.04 32.12 -33.34
N ASP A 84 -5.53 31.44 -32.30
CA ASP A 84 -5.75 30.00 -32.34
C ASP A 84 -7.03 29.71 -33.15
N PHE A 85 -7.13 28.49 -33.68
CA PHE A 85 -8.28 28.09 -34.50
C PHE A 85 -8.89 26.79 -33.94
N SER A 86 -9.13 26.84 -32.61
CA SER A 86 -9.59 25.74 -31.74
C SER A 86 -9.82 24.35 -32.43
N GLY A 87 -8.73 23.57 -32.59
CA GLY A 87 -8.81 22.14 -32.99
C GLY A 87 -9.20 21.86 -34.44
N PHE A 88 -9.70 22.86 -35.17
CA PHE A 88 -10.21 22.66 -36.54
C PHE A 88 -9.08 22.89 -37.56
N ASP A 89 -9.00 22.00 -38.58
CA ASP A 89 -7.87 21.96 -39.52
C ASP A 89 -7.82 23.25 -40.37
N VAL A 90 -7.04 24.23 -39.88
CA VAL A 90 -6.68 25.48 -40.58
C VAL A 90 -6.36 25.26 -42.08
N GLU A 91 -5.47 24.30 -42.35
CA GLU A 91 -4.92 24.04 -43.69
C GLU A 91 -5.98 23.38 -44.61
N ASP A 92 -7.09 22.93 -44.01
CA ASP A 92 -8.24 22.40 -44.74
C ASP A 92 -9.20 23.53 -45.13
N PHE A 93 -9.32 24.56 -44.26
CA PHE A 93 -10.37 25.59 -44.36
C PHE A 93 -9.95 26.81 -45.20
N SER A 94 -10.93 27.72 -45.42
CA SER A 94 -10.90 28.76 -46.47
C SER A 94 -9.73 29.75 -46.38
N GLU A 95 -9.35 30.27 -47.57
CA GLU A 95 -8.40 31.37 -47.73
C GLU A 95 -8.86 32.62 -46.95
N PHE A 96 -10.18 32.92 -47.04
CA PHE A 96 -10.82 34.06 -46.36
C PHE A 96 -10.46 34.08 -44.86
N PHE A 97 -10.65 32.92 -44.21
CA PHE A 97 -10.26 32.71 -42.82
C PHE A 97 -8.73 32.91 -42.67
N GLN A 98 -7.94 32.24 -43.54
CA GLN A 98 -6.46 32.27 -43.49
C GLN A 98 -5.88 33.67 -43.82
N GLU A 99 -6.75 34.62 -44.22
CA GLU A 99 -6.43 36.04 -44.38
C GLU A 99 -6.97 36.89 -43.20
N LEU A 100 -8.11 36.46 -42.63
CA LEU A 100 -8.80 37.19 -41.52
C LEU A 100 -8.02 37.04 -40.20
N PHE A 101 -7.80 35.80 -39.78
CA PHE A 101 -6.97 35.47 -38.61
C PHE A 101 -5.51 35.20 -39.02
N GLY A 102 -5.28 35.16 -40.35
CA GLY A 102 -3.96 34.87 -40.94
C GLY A 102 -2.78 35.64 -40.33
N PRO A 103 -2.82 37.01 -40.30
CA PRO A 103 -1.79 37.89 -39.68
C PRO A 103 -1.29 37.50 -38.26
N GLY A 104 -2.00 36.58 -37.56
CA GLY A 104 -1.52 36.09 -36.27
C GLY A 104 -1.93 34.67 -35.95
N LEU A 105 -2.14 33.84 -36.99
CA LEU A 105 -2.50 32.40 -36.82
C LEU A 105 -1.44 31.59 -36.05
N PHE A 106 -1.47 31.72 -34.70
CA PHE A 106 -0.72 30.93 -33.70
C PHE A 106 0.59 30.28 -34.26
N GLY A 107 0.56 28.95 -34.59
CA GLY A 107 1.75 28.23 -35.05
C GLY A 107 2.68 27.79 -33.92
N GLY A 108 2.23 28.01 -32.67
CA GLY A 108 3.06 27.80 -31.48
C GLY A 108 4.30 28.68 -31.51
N PHE A 109 5.47 28.07 -31.29
CA PHE A 109 6.78 28.71 -31.51
C PHE A 109 7.35 28.32 -32.88
N GLY A 110 6.62 27.44 -33.62
CA GLY A 110 7.04 26.96 -34.93
C GLY A 110 6.72 27.97 -36.04
N ARG A 111 5.68 28.78 -35.79
CA ARG A 111 5.30 29.96 -36.62
C ARG A 111 4.95 29.64 -38.10
N ARG A 112 4.95 28.34 -38.47
CA ARG A 112 4.53 27.91 -39.82
C ARG A 112 2.97 27.96 -39.93
N SER A 113 2.28 28.05 -38.76
CA SER A 113 0.80 28.06 -38.66
C SER A 113 0.23 26.66 -39.01
N ARG A 114 0.85 25.63 -38.41
CA ARG A 114 0.54 24.21 -38.69
C ARG A 114 -0.62 23.69 -37.81
N LYS A 115 -1.27 22.59 -38.28
CA LYS A 115 -2.32 21.87 -37.55
C LYS A 115 -1.82 21.34 -36.18
N GLY A 116 -2.73 21.31 -35.18
CA GLY A 116 -2.43 20.81 -33.83
C GLY A 116 -2.66 19.32 -33.68
N ARG A 117 -2.21 18.76 -32.55
CA ARG A 117 -2.35 17.32 -32.23
C ARG A 117 -3.29 17.12 -31.01
N ASP A 118 -3.48 15.87 -30.59
CA ASP A 118 -4.19 15.56 -29.33
C ASP A 118 -3.25 15.81 -28.15
N LEU A 119 -3.81 16.33 -27.05
CA LEU A 119 -3.02 16.73 -25.87
C LEU A 119 -3.87 16.41 -24.64
N ARG A 120 -3.28 15.65 -23.71
CA ARG A 120 -3.89 15.31 -22.42
C ARG A 120 -3.32 16.28 -21.38
N ALA A 121 -4.19 16.96 -20.63
CA ALA A 121 -3.74 17.97 -19.64
C ALA A 121 -4.21 17.61 -18.22
N GLU A 122 -3.46 18.13 -17.23
CA GLU A 122 -3.77 17.98 -15.81
C GLU A 122 -4.60 19.20 -15.43
N LEU A 123 -5.89 19.02 -15.11
CA LEU A 123 -6.73 20.16 -14.67
C LEU A 123 -6.86 20.10 -13.14
N PRO A 124 -6.01 20.86 -12.36
CA PRO A 124 -6.11 20.86 -10.89
C PRO A 124 -7.35 21.66 -10.47
N LEU A 125 -8.36 20.98 -9.90
CA LEU A 125 -9.68 21.58 -9.67
C LEU A 125 -10.01 21.67 -8.18
N THR A 126 -10.61 22.80 -7.83
CA THR A 126 -11.13 23.09 -6.49
C THR A 126 -12.41 22.26 -6.25
N LEU A 127 -12.43 21.47 -5.13
CA LEU A 127 -13.50 20.47 -4.84
C LEU A 127 -14.91 21.07 -4.90
N GLU A 128 -15.03 22.31 -4.39
CA GLU A 128 -16.32 23.02 -4.30
C GLU A 128 -16.81 23.41 -5.71
N GLU A 129 -15.86 23.73 -6.62
CA GLU A 129 -16.17 24.02 -8.04
C GLU A 129 -16.55 22.73 -8.76
N ALA A 130 -16.02 21.59 -8.27
CA ALA A 130 -16.40 20.25 -8.78
C ALA A 130 -17.88 19.94 -8.46
N PHE A 131 -18.31 20.38 -7.27
CA PHE A 131 -19.72 20.30 -6.83
C PHE A 131 -20.63 21.21 -7.70
N HIS A 132 -20.21 22.48 -7.86
CA HIS A 132 -21.04 23.53 -8.51
C HIS A 132 -21.17 23.28 -10.03
N GLY A 133 -20.04 22.97 -10.67
CA GLY A 133 -19.97 22.81 -12.12
C GLY A 133 -20.01 24.13 -12.88
N GLY A 134 -20.31 24.07 -14.19
CA GLY A 134 -20.41 25.25 -15.05
C GLY A 134 -19.13 25.51 -15.81
N GLU A 135 -19.08 26.65 -16.53
CA GLU A 135 -17.89 27.03 -17.32
C GLU A 135 -16.81 27.62 -16.41
N ARG A 136 -15.71 26.84 -16.23
CA ARG A 136 -14.53 27.30 -15.52
C ARG A 136 -13.55 27.94 -16.52
N VAL A 137 -13.15 29.18 -16.20
CA VAL A 137 -12.05 29.89 -16.85
C VAL A 137 -10.73 29.38 -16.25
N VAL A 138 -9.91 28.74 -17.09
CA VAL A 138 -8.64 28.11 -16.68
C VAL A 138 -7.50 28.69 -17.54
N GLU A 139 -6.43 29.14 -16.88
CA GLU A 139 -5.29 29.77 -17.57
C GLU A 139 -4.14 28.75 -17.78
N VAL A 140 -3.46 28.86 -18.95
CA VAL A 140 -2.28 28.04 -19.27
C VAL A 140 -1.44 28.70 -20.40
N ALA A 141 -0.15 28.98 -20.11
CA ALA A 141 0.87 29.40 -21.10
C ALA A 141 0.58 30.79 -21.76
N GLY A 142 -0.35 31.56 -21.16
CA GLY A 142 -0.80 32.85 -21.76
C GLY A 142 -1.90 32.64 -22.79
N ARG A 143 -2.66 31.56 -22.61
CA ARG A 143 -3.78 31.16 -23.47
C ARG A 143 -4.78 30.37 -22.62
N ARG A 144 -5.81 31.08 -22.16
CA ARG A 144 -6.88 30.51 -21.33
C ARG A 144 -7.70 29.47 -22.11
N VAL A 145 -7.87 28.30 -21.49
CA VAL A 145 -8.86 27.28 -21.90
C VAL A 145 -10.19 27.52 -21.14
N SER A 146 -11.30 27.55 -21.88
CA SER A 146 -12.64 27.50 -21.31
C SER A 146 -13.10 26.04 -21.28
N VAL A 147 -13.62 25.61 -20.14
CA VAL A 147 -14.13 24.25 -19.96
C VAL A 147 -15.41 24.27 -19.15
N ARG A 148 -16.52 23.81 -19.74
CA ARG A 148 -17.74 23.54 -18.98
C ARG A 148 -17.52 22.24 -18.20
N ILE A 149 -17.06 22.40 -16.95
CA ILE A 149 -16.88 21.28 -16.02
C ILE A 149 -18.28 20.79 -15.58
N PRO A 150 -18.59 19.47 -15.75
CA PRO A 150 -19.90 18.90 -15.34
C PRO A 150 -20.18 19.09 -13.83
N PRO A 151 -21.44 19.46 -13.42
CA PRO A 151 -21.82 19.49 -11.99
C PRO A 151 -21.73 18.07 -11.39
N GLY A 152 -20.55 17.76 -10.81
CA GLY A 152 -20.24 16.43 -10.30
C GLY A 152 -18.95 15.86 -10.88
N VAL A 153 -18.05 16.75 -11.33
CA VAL A 153 -16.74 16.36 -11.94
C VAL A 153 -15.75 15.91 -10.82
N ARG A 154 -14.83 14.98 -11.18
CA ARG A 154 -14.10 14.15 -10.20
C ARG A 154 -12.58 14.39 -10.27
N GLU A 155 -11.84 13.45 -9.64
CA GLU A 155 -10.40 13.21 -9.90
C GLU A 155 -10.37 12.21 -11.05
N GLY A 156 -9.42 12.37 -11.97
CA GLY A 156 -9.25 11.47 -13.10
C GLY A 156 -10.40 11.47 -14.12
N SER A 157 -11.36 12.41 -13.98
CA SER A 157 -12.46 12.58 -14.94
C SER A 157 -11.89 13.23 -16.22
N VAL A 158 -11.97 12.52 -17.33
CA VAL A 158 -11.43 12.98 -18.61
C VAL A 158 -12.49 13.86 -19.29
N ILE A 159 -12.45 15.17 -18.99
CA ILE A 159 -13.32 16.16 -19.65
C ILE A 159 -12.81 16.34 -21.08
N ARG A 160 -13.49 15.66 -22.00
CA ARG A 160 -13.14 15.62 -23.41
C ARG A 160 -13.64 16.91 -24.07
N VAL A 161 -12.74 17.88 -24.23
CA VAL A 161 -13.03 19.18 -24.86
C VAL A 161 -12.07 19.41 -26.04
N PRO A 162 -12.51 19.05 -27.29
CA PRO A 162 -11.83 19.45 -28.53
C PRO A 162 -11.67 20.98 -28.66
N GLY A 163 -10.54 21.37 -29.23
CA GLY A 163 -10.28 22.74 -29.58
C GLY A 163 -9.49 23.53 -28.55
N MET A 164 -8.78 22.84 -27.66
CA MET A 164 -7.97 23.49 -26.59
C MET A 164 -6.67 22.67 -26.34
N GLY A 165 -6.43 21.68 -27.21
CA GLY A 165 -5.41 20.65 -27.00
C GLY A 165 -4.05 21.00 -27.57
N GLY A 166 -3.55 20.13 -28.50
CA GLY A 166 -2.18 20.19 -28.98
C GLY A 166 -1.84 21.48 -29.67
N GLN A 167 -0.90 22.23 -29.07
CA GLN A 167 -0.51 23.57 -29.51
C GLN A 167 0.02 23.54 -30.95
N GLY A 168 -0.25 24.60 -31.66
CA GLY A 168 0.06 24.74 -33.07
C GLY A 168 -0.63 25.97 -33.56
N ASN A 169 -1.45 25.87 -34.60
CA ASN A 169 -2.35 26.94 -35.03
C ASN A 169 -3.76 26.64 -34.46
N PRO A 170 -4.39 25.44 -34.74
CA PRO A 170 -5.55 24.98 -33.99
C PRO A 170 -5.13 24.03 -32.85
N PRO A 171 -5.23 24.46 -31.55
CA PRO A 171 -4.96 23.57 -30.41
C PRO A 171 -5.96 22.39 -30.44
N GLY A 172 -5.47 21.17 -30.69
CA GLY A 172 -6.31 20.00 -31.02
C GLY A 172 -7.28 19.54 -29.93
N ASP A 173 -7.46 18.21 -29.80
CA ASP A 173 -8.42 17.63 -28.83
C ASP A 173 -7.78 17.60 -27.43
N LEU A 174 -8.46 18.21 -26.43
CA LEU A 174 -7.89 18.36 -25.08
C LEU A 174 -8.59 17.40 -24.10
N LEU A 175 -7.81 16.48 -23.54
CA LEU A 175 -8.25 15.53 -22.53
C LEU A 175 -7.96 16.11 -21.15
N LEU A 176 -8.89 16.93 -20.65
CA LEU A 176 -8.76 17.52 -19.32
C LEU A 176 -9.00 16.47 -18.26
N VAL A 177 -7.93 15.73 -17.94
CA VAL A 177 -7.96 14.74 -16.88
C VAL A 177 -7.75 15.52 -15.60
N VAL A 178 -8.87 15.77 -14.97
CA VAL A 178 -9.01 16.73 -13.90
C VAL A 178 -8.45 16.15 -12.59
N ARG A 179 -7.36 16.75 -12.11
CA ARG A 179 -6.72 16.37 -10.86
C ARG A 179 -7.33 17.18 -9.72
N LEU A 180 -8.16 16.57 -8.86
CA LEU A 180 -8.74 17.30 -7.72
C LEU A 180 -7.63 17.64 -6.69
N LEU A 181 -7.80 18.80 -6.00
CA LEU A 181 -6.83 19.33 -5.02
C LEU A 181 -6.50 18.31 -3.90
N PRO A 182 -5.33 18.47 -3.19
CA PRO A 182 -5.01 17.69 -1.95
C PRO A 182 -5.82 18.17 -0.70
N HIS A 183 -6.99 18.81 -0.97
CA HIS A 183 -7.95 19.23 0.04
C HIS A 183 -8.47 17.97 0.79
N PRO A 184 -8.20 17.86 2.12
CA PRO A 184 -8.24 16.57 2.89
C PRO A 184 -9.65 16.01 3.24
N VAL A 185 -10.70 16.35 2.48
CA VAL A 185 -12.06 15.86 2.77
C VAL A 185 -12.37 14.64 1.91
N PHE A 186 -12.29 14.80 0.57
CA PHE A 186 -12.73 13.77 -0.37
C PHE A 186 -11.70 13.52 -1.49
N ARG A 187 -11.61 12.24 -1.88
CA ARG A 187 -10.97 11.81 -3.12
C ARG A 187 -12.08 11.20 -4.00
N LEU A 188 -12.78 12.10 -4.69
CA LEU A 188 -13.84 11.75 -5.63
C LEU A 188 -13.22 11.20 -6.92
N GLU A 189 -13.69 10.06 -7.42
CA GLU A 189 -13.30 9.53 -8.74
C GLU A 189 -14.50 8.79 -9.33
N GLY A 190 -14.82 9.12 -10.59
CA GLY A 190 -15.93 8.54 -11.31
C GLY A 190 -17.28 8.91 -10.71
N GLN A 191 -17.66 8.19 -9.67
CA GLN A 191 -18.91 8.40 -8.93
C GLN A 191 -18.63 8.49 -7.42
N ASP A 192 -17.61 7.73 -6.98
CA ASP A 192 -17.36 7.45 -5.55
C ASP A 192 -16.49 8.53 -4.91
N LEU A 193 -16.70 8.76 -3.60
CA LEU A 193 -15.87 9.64 -2.76
C LEU A 193 -14.96 8.78 -1.88
N TYR A 194 -13.87 9.37 -1.39
CA TYR A 194 -13.03 8.76 -0.34
C TYR A 194 -12.78 9.80 0.76
N ALA A 195 -13.52 9.68 1.86
CA ALA A 195 -13.42 10.59 3.01
C ALA A 195 -12.69 9.89 4.15
N THR A 196 -11.68 10.55 4.74
CA THR A 196 -10.94 9.99 5.87
C THR A 196 -11.84 10.01 7.13
N LEU A 197 -12.26 8.82 7.59
CA LEU A 197 -13.16 8.70 8.75
C LEU A 197 -12.37 8.25 9.99
N ASP A 198 -12.05 9.22 10.86
CA ASP A 198 -11.59 8.94 12.22
C ASP A 198 -12.80 8.45 13.03
N VAL A 199 -12.67 7.30 13.68
CA VAL A 199 -13.72 6.70 14.51
C VAL A 199 -13.03 6.06 15.73
N PRO A 200 -13.55 6.24 16.98
CA PRO A 200 -13.02 5.51 18.15
C PRO A 200 -13.50 4.05 18.18
N ALA A 201 -12.76 3.20 18.92
CA ALA A 201 -13.04 1.75 19.04
C ALA A 201 -14.47 1.45 19.57
N PRO A 202 -14.94 2.07 20.70
CA PRO A 202 -16.32 1.83 21.22
C PRO A 202 -17.44 2.13 20.20
N ILE A 203 -17.33 3.29 19.51
CA ILE A 203 -18.31 3.72 18.49
C ILE A 203 -18.22 2.85 17.22
N ALA A 204 -17.01 2.34 16.93
CA ALA A 204 -16.78 1.42 15.80
C ALA A 204 -17.49 0.08 16.05
N VAL A 205 -17.40 -0.41 17.30
CA VAL A 205 -17.99 -1.70 17.72
C VAL A 205 -19.52 -1.63 17.73
N VAL A 206 -20.09 -0.66 18.46
CA VAL A 206 -21.54 -0.60 18.70
C VAL A 206 -22.26 0.10 17.53
N GLY A 207 -21.66 1.17 17.02
CA GLY A 207 -22.27 2.00 15.98
C GLY A 207 -23.13 3.12 16.57
N GLY A 208 -23.54 4.05 15.72
CA GLY A 208 -24.37 5.19 16.11
C GLY A 208 -24.28 6.28 15.06
N LYS A 209 -23.92 7.51 15.46
CA LYS A 209 -23.72 8.64 14.52
C LYS A 209 -22.47 9.45 14.91
N VAL A 210 -21.65 9.80 13.89
CA VAL A 210 -20.53 10.76 14.03
C VAL A 210 -20.63 11.82 12.91
N ARG A 211 -19.62 12.72 12.86
CA ARG A 211 -19.52 13.74 11.83
C ARG A 211 -18.92 13.16 10.53
N ALA A 212 -19.55 13.47 9.39
CA ALA A 212 -18.99 13.29 8.06
C ALA A 212 -18.92 14.66 7.39
N MET A 213 -17.71 15.17 7.18
CA MET A 213 -17.51 16.46 6.50
C MET A 213 -17.83 16.29 5.01
N THR A 214 -18.66 17.18 4.46
CA THR A 214 -18.93 17.27 3.02
C THR A 214 -18.28 18.56 2.51
N LEU A 215 -18.41 18.83 1.19
CA LEU A 215 -17.68 19.91 0.50
C LEU A 215 -17.98 21.32 1.04
N GLU A 216 -19.14 21.50 1.69
CA GLU A 216 -19.57 22.83 2.20
C GLU A 216 -20.29 22.74 3.57
N GLY A 217 -19.95 21.72 4.38
CA GLY A 217 -20.46 21.63 5.77
C GLY A 217 -20.47 20.20 6.34
N PRO A 218 -20.52 20.04 7.71
CA PRO A 218 -20.56 18.71 8.36
C PRO A 218 -22.00 18.16 8.54
N VAL A 219 -22.22 16.90 8.13
CA VAL A 219 -23.50 16.18 8.31
C VAL A 219 -23.34 15.04 9.33
N GLU A 220 -24.45 14.36 9.66
CA GLU A 220 -24.49 13.25 10.61
C GLU A 220 -24.55 11.92 9.84
N VAL A 221 -23.46 11.13 9.89
CA VAL A 221 -23.39 9.80 9.26
C VAL A 221 -23.63 8.71 10.32
N ALA A 222 -24.48 7.72 9.98
CA ALA A 222 -24.82 6.62 10.88
C ALA A 222 -23.80 5.47 10.72
N VAL A 223 -22.89 5.36 11.72
CA VAL A 223 -21.86 4.32 11.76
C VAL A 223 -22.50 2.94 12.06
N PRO A 224 -22.22 1.88 11.24
CA PRO A 224 -22.64 0.49 11.54
C PRO A 224 -21.79 -0.13 12.68
N PRO A 225 -22.23 -1.29 13.26
CA PRO A 225 -21.40 -2.07 14.21
C PRO A 225 -20.19 -2.78 13.55
N ARG A 226 -19.19 -3.14 14.41
CA ARG A 226 -17.89 -3.76 14.03
C ARG A 226 -17.29 -3.18 12.72
N THR A 227 -17.14 -1.85 12.75
CA THR A 227 -16.49 -1.05 11.73
C THR A 227 -14.95 -1.05 12.00
N GLN A 228 -14.26 -2.03 11.40
CA GLN A 228 -12.84 -2.31 11.68
C GLN A 228 -11.91 -1.44 10.81
N ALA A 229 -10.74 -1.05 11.37
CA ALA A 229 -9.76 -0.16 10.72
C ALA A 229 -9.15 -0.76 9.45
N GLY A 230 -8.81 0.12 8.49
CA GLY A 230 -8.25 -0.28 7.19
C GLY A 230 -9.30 -0.52 6.14
N ARG A 231 -10.54 -0.77 6.58
CA ARG A 231 -11.68 -1.05 5.71
C ARG A 231 -12.28 0.25 5.18
N LYS A 232 -13.21 0.09 4.22
CA LYS A 232 -13.91 1.18 3.55
C LYS A 232 -15.41 0.94 3.61
N LEU A 233 -16.13 1.84 4.28
CA LEU A 233 -17.59 1.80 4.34
C LEU A 233 -18.13 2.35 3.03
N ARG A 234 -18.73 1.47 2.23
CA ARG A 234 -19.40 1.84 0.97
C ARG A 234 -20.82 2.37 1.27
N LEU A 235 -21.05 3.68 1.14
CA LEU A 235 -22.41 4.25 1.25
C LEU A 235 -22.76 4.95 -0.07
N LYS A 236 -23.67 4.30 -0.84
CA LYS A 236 -24.12 4.76 -2.16
C LYS A 236 -25.13 5.92 -2.04
N GLY A 237 -25.27 6.69 -3.13
CA GLY A 237 -26.13 7.88 -3.17
C GLY A 237 -25.63 9.02 -2.28
N LYS A 238 -24.33 8.96 -1.90
CA LYS A 238 -23.66 9.95 -1.02
C LYS A 238 -22.59 10.69 -1.81
N GLY A 239 -22.02 9.98 -2.80
CA GLY A 239 -21.15 10.60 -3.78
C GLY A 239 -21.96 11.31 -4.85
N PHE A 240 -21.38 11.46 -6.03
CA PHE A 240 -22.01 12.26 -7.09
C PHE A 240 -22.80 11.33 -8.02
N PRO A 241 -24.14 11.59 -8.21
CA PRO A 241 -25.05 10.68 -8.92
C PRO A 241 -24.82 10.66 -10.45
N GLY A 242 -24.73 9.45 -11.00
CA GLY A 242 -24.79 9.23 -12.45
C GLY A 242 -26.17 8.73 -12.87
N PRO A 243 -26.35 8.22 -14.13
CA PRO A 243 -27.67 7.69 -14.61
C PRO A 243 -28.17 6.51 -13.75
N ALA A 244 -27.41 5.41 -13.73
CA ALA A 244 -27.63 4.27 -12.81
C ALA A 244 -26.55 4.26 -11.71
N GLY A 245 -25.38 4.85 -12.03
CA GLY A 245 -24.21 4.84 -11.14
C GLY A 245 -24.19 6.03 -10.20
N ARG A 246 -25.16 6.05 -9.27
CA ARG A 246 -25.25 7.06 -8.20
C ARG A 246 -24.11 6.87 -7.20
N GLY A 247 -23.26 7.91 -7.10
CA GLY A 247 -21.99 7.85 -6.42
C GLY A 247 -22.00 7.34 -4.99
N ASP A 248 -20.88 6.71 -4.64
CA ASP A 248 -20.65 6.12 -3.33
C ASP A 248 -19.84 7.09 -2.48
N LEU A 249 -19.68 6.74 -1.22
CA LEU A 249 -18.79 7.42 -0.29
C LEU A 249 -18.08 6.32 0.49
N TYR A 250 -16.85 6.05 0.11
CA TYR A 250 -15.97 5.12 0.81
C TYR A 250 -15.27 5.85 1.95
N LEU A 251 -15.63 5.48 3.18
CA LEU A 251 -15.05 6.04 4.40
C LEU A 251 -13.80 5.23 4.81
N GLU A 252 -12.64 5.93 4.89
CA GLU A 252 -11.36 5.35 5.32
C GLU A 252 -11.40 5.16 6.83
N VAL A 253 -11.85 3.97 7.27
CA VAL A 253 -11.97 3.65 8.69
C VAL A 253 -10.58 3.63 9.36
N ARG A 254 -10.37 4.56 10.29
CA ARG A 254 -9.17 4.59 11.14
C ARG A 254 -9.61 4.71 12.60
N ILE A 255 -9.55 3.56 13.29
CA ILE A 255 -9.93 3.43 14.68
C ILE A 255 -8.83 3.99 15.61
N THR A 256 -9.25 4.79 16.60
CA THR A 256 -8.37 5.32 17.67
C THR A 256 -9.00 5.01 19.04
N ILE A 257 -8.26 5.33 20.13
CA ILE A 257 -8.68 5.03 21.53
C ILE A 257 -8.45 6.27 22.45
N PRO A 258 -9.24 6.43 23.57
CA PRO A 258 -9.31 7.71 24.38
C PRO A 258 -8.02 8.10 25.13
N GLU A 259 -7.02 7.20 25.09
CA GLU A 259 -5.84 7.23 25.99
C GLU A 259 -6.23 7.42 27.48
N ARG A 260 -6.44 8.69 27.89
CA ARG A 260 -6.82 9.04 29.28
C ARG A 260 -8.18 8.38 29.63
N LEU A 261 -8.29 7.84 30.84
CA LEU A 261 -9.46 7.04 31.27
C LEU A 261 -9.88 7.40 32.69
N THR A 262 -11.20 7.43 32.89
CA THR A 262 -11.84 7.65 34.18
C THR A 262 -11.90 6.29 34.93
N PRO A 263 -11.62 6.26 36.29
CA PRO A 263 -11.42 5.03 37.13
C PRO A 263 -12.09 3.71 36.64
N GLU A 264 -13.41 3.74 36.43
CA GLU A 264 -14.20 2.53 36.10
C GLU A 264 -14.11 2.16 34.62
N GLU A 265 -14.00 3.15 33.74
CA GLU A 265 -13.78 2.93 32.29
C GLU A 265 -12.36 2.38 32.05
N GLU A 266 -11.41 2.87 32.86
CA GLU A 266 -10.05 2.31 32.95
C GLU A 266 -10.13 0.81 33.26
N ALA A 267 -10.89 0.51 34.33
CA ALA A 267 -11.16 -0.87 34.77
C ALA A 267 -11.81 -1.71 33.65
N LEU A 268 -12.81 -1.13 32.94
CA LEU A 268 -13.61 -1.82 31.88
C LEU A 268 -12.70 -2.33 30.75
N TRP A 269 -11.89 -1.40 30.20
CA TRP A 269 -10.90 -1.71 29.16
C TRP A 269 -9.97 -2.83 29.62
N LYS A 270 -9.45 -2.70 30.86
CA LYS A 270 -8.53 -3.68 31.47
C LYS A 270 -9.18 -5.08 31.65
N LYS A 271 -10.49 -5.13 31.97
CA LYS A 271 -11.23 -6.41 32.12
C LYS A 271 -11.22 -7.15 30.77
N LEU A 272 -11.79 -6.44 29.76
CA LEU A 272 -11.88 -6.91 28.36
C LEU A 272 -10.51 -7.42 27.88
N ALA A 273 -9.48 -6.62 28.19
CA ALA A 273 -8.16 -6.72 27.59
C ALA A 273 -7.27 -7.83 28.17
N GLU A 274 -7.21 -7.91 29.51
CA GLU A 274 -6.38 -8.90 30.20
C GLU A 274 -7.04 -10.28 30.11
N ALA A 275 -8.39 -10.32 30.08
CA ALA A 275 -9.14 -11.54 29.77
C ALA A 275 -8.91 -11.94 28.29
N TYR A 276 -8.92 -10.93 27.39
CA TYR A 276 -8.70 -11.10 25.92
C TYR A 276 -7.35 -11.78 25.65
N TYR A 277 -6.32 -11.23 26.30
CA TYR A 277 -4.93 -11.70 26.17
C TYR A 277 -4.83 -13.13 26.74
N ALA A 278 -5.51 -13.37 27.88
CA ALA A 278 -5.59 -14.70 28.52
C ALA A 278 -6.43 -15.71 27.69
N ARG A 279 -7.14 -15.23 26.65
CA ARG A 279 -7.89 -16.09 25.70
C ARG A 279 -7.01 -16.53 24.51
N ALA A 280 -5.82 -15.91 24.37
CA ALA A 280 -4.86 -16.24 23.32
C ALA A 280 -3.81 -17.25 23.89
N MET B 1 -14.30 27.17 -3.26
CA MET B 1 -15.02 28.36 -2.74
C MET B 1 -16.40 28.43 -3.41
N LYS B 2 -16.98 29.64 -3.55
CA LYS B 2 -18.22 29.82 -4.36
C LYS B 2 -17.81 29.92 -5.84
N GLN B 3 -16.78 30.75 -6.08
CA GLN B 3 -16.10 30.90 -7.37
C GLN B 3 -14.59 31.00 -7.13
N SER B 4 -13.92 29.82 -7.18
CA SER B 4 -12.46 29.70 -7.09
C SER B 4 -11.92 29.31 -8.46
N THR B 5 -10.68 29.72 -8.73
CA THR B 5 -10.06 29.58 -10.06
C THR B 5 -8.75 28.78 -9.98
N ILE B 6 -8.37 28.16 -11.11
CA ILE B 6 -7.34 27.13 -11.17
C ILE B 6 -6.43 27.31 -12.43
N ALA B 7 -5.38 26.47 -12.51
CA ALA B 7 -4.38 26.48 -13.62
C ALA B 7 -4.46 25.16 -14.43
N LEU B 8 -3.41 24.86 -15.24
CA LEU B 8 -3.37 23.65 -16.10
C LEU B 8 -1.91 23.15 -16.26
N ALA B 9 -1.73 22.02 -17.00
CA ALA B 9 -0.42 21.42 -17.29
C ALA B 9 -0.54 20.57 -18.57
N LEU B 10 0.00 21.09 -19.68
CA LEU B 10 -0.15 20.48 -21.02
C LEU B 10 0.83 19.29 -21.23
N LEU B 11 0.28 18.07 -21.52
CA LEU B 11 1.08 16.80 -21.71
C LEU B 11 0.70 16.15 -23.10
N PRO B 12 1.44 15.11 -23.65
CA PRO B 12 1.19 14.55 -25.03
C PRO B 12 -0.09 13.63 -25.11
N LEU B 13 0.00 12.47 -25.84
CA LEU B 13 -1.05 11.38 -25.90
C LEU B 13 -2.07 11.60 -27.06
N LEU B 14 -3.04 10.65 -27.18
CA LEU B 14 -3.92 10.49 -28.39
C LEU B 14 -5.40 10.30 -28.00
N PHE B 15 -6.34 10.80 -28.87
CA PHE B 15 -7.81 10.61 -28.71
C PHE B 15 -8.56 11.09 -30.01
N THR B 16 -9.84 11.55 -29.87
CA THR B 16 -10.70 11.94 -31.01
C THR B 16 -11.65 13.11 -30.57
N PRO B 17 -11.83 14.20 -31.41
CA PRO B 17 -12.69 15.38 -31.06
C PRO B 17 -14.22 15.06 -31.06
N VAL B 18 -14.94 15.43 -29.95
CA VAL B 18 -16.44 15.31 -29.86
C VAL B 18 -17.10 16.59 -29.23
N THR B 19 -17.11 16.69 -27.89
CA THR B 19 -17.98 17.63 -27.13
C THR B 19 -17.38 19.05 -27.01
N LYS B 20 -18.11 20.07 -27.53
CA LYS B 20 -17.62 21.46 -27.62
C LYS B 20 -18.59 22.43 -26.93
N ALA B 21 -18.09 23.15 -25.89
CA ALA B 21 -18.87 24.18 -25.16
C ALA B 21 -17.91 25.12 -24.40
N ARG B 22 -17.96 26.44 -24.73
CA ARG B 22 -17.05 27.48 -24.14
C ARG B 22 -17.84 28.62 -23.48
N THR B 23 -17.07 29.60 -22.97
CA THR B 23 -17.55 30.86 -22.36
C THR B 23 -16.68 32.03 -22.92
N PRO B 24 -17.15 33.32 -22.84
CA PRO B 24 -16.35 34.53 -23.16
C PRO B 24 -14.86 34.47 -22.76
N GLU B 25 -13.97 34.58 -23.77
CA GLU B 25 -12.52 34.67 -23.59
C GLU B 25 -12.06 36.13 -23.47
N MET B 26 -12.79 36.91 -22.65
CA MET B 26 -12.34 38.22 -22.20
C MET B 26 -11.14 38.08 -21.22
N PRO B 27 -11.14 37.12 -20.21
CA PRO B 27 -9.94 36.83 -19.38
C PRO B 27 -9.03 35.74 -20.04
N VAL B 28 -8.71 35.95 -21.34
CA VAL B 28 -7.94 34.97 -22.16
C VAL B 28 -6.41 35.06 -21.88
N LEU B 29 -5.96 36.18 -21.28
CA LEU B 29 -4.53 36.46 -21.04
C LEU B 29 -4.28 36.67 -19.54
N GLU B 30 -3.57 35.73 -18.91
CA GLU B 30 -3.08 35.88 -17.52
C GLU B 30 -1.74 35.14 -17.38
N ASN B 31 -0.85 35.68 -16.52
CA ASN B 31 0.49 35.11 -16.27
C ASN B 31 0.53 34.44 -14.88
N ARG B 32 -0.36 34.89 -13.97
CA ARG B 32 -0.46 34.33 -12.62
C ARG B 32 -1.13 32.93 -12.67
N ALA B 33 -0.28 31.91 -12.60
CA ALA B 33 -0.67 30.52 -12.39
C ALA B 33 -0.34 30.16 -10.93
N ALA B 34 -1.30 29.55 -10.23
CA ALA B 34 -1.17 29.21 -8.80
C ALA B 34 -2.19 28.12 -8.40
N GLN B 35 -2.23 27.83 -7.09
CA GLN B 35 -3.10 26.83 -6.45
C GLN B 35 -2.64 25.39 -6.75
N GLY B 36 -2.88 24.94 -7.99
CA GLY B 36 -2.62 23.57 -8.42
C GLY B 36 -1.31 23.43 -9.18
N ASP B 37 -0.81 22.19 -9.26
CA ASP B 37 0.45 21.85 -9.93
C ASP B 37 0.41 20.35 -10.36
N ILE B 38 1.49 19.92 -11.02
CA ILE B 38 1.77 18.51 -11.35
C ILE B 38 1.88 17.63 -10.06
N THR B 39 2.19 18.28 -8.92
CA THR B 39 2.70 17.65 -7.67
C THR B 39 4.20 17.32 -7.89
N ALA B 40 4.85 18.20 -8.70
CA ALA B 40 6.30 18.21 -8.91
C ALA B 40 7.09 18.56 -7.62
N PRO B 41 6.56 19.49 -6.71
CA PRO B 41 7.06 19.64 -5.32
C PRO B 41 7.22 18.30 -4.54
N GLY B 42 6.33 17.34 -4.84
CA GLY B 42 6.29 16.05 -4.15
C GLY B 42 7.38 15.07 -4.60
N GLY B 43 8.15 15.42 -5.66
CA GLY B 43 9.17 14.52 -6.22
C GLY B 43 10.51 15.20 -6.47
N ALA B 44 11.48 14.39 -6.93
CA ALA B 44 12.82 14.84 -7.35
C ALA B 44 13.47 13.74 -8.22
N ARG B 45 13.83 14.10 -9.47
CA ARG B 45 14.28 13.18 -10.55
C ARG B 45 13.37 11.92 -10.64
N ARG B 46 13.75 10.91 -9.86
CA ARG B 46 13.02 9.65 -9.75
C ARG B 46 13.38 9.10 -8.36
N LEU B 47 12.89 9.84 -7.33
CA LEU B 47 13.24 9.69 -5.90
C LEU B 47 14.63 10.34 -5.64
N THR B 48 14.86 10.80 -4.38
CA THR B 48 16.09 11.50 -3.96
C THR B 48 17.25 10.52 -3.67
N GLY B 49 17.53 9.62 -4.62
CA GLY B 49 18.76 8.84 -4.64
C GLY B 49 19.86 9.69 -5.28
N ASP B 50 20.21 10.80 -4.61
CA ASP B 50 21.21 11.78 -5.07
C ASP B 50 22.59 11.36 -4.56
N GLN B 51 22.72 11.39 -3.21
CA GLN B 51 23.96 11.04 -2.48
C GLN B 51 25.14 11.95 -2.91
N THR B 52 25.79 11.57 -4.03
CA THR B 52 26.88 12.33 -4.68
C THR B 52 28.00 12.72 -3.67
N ALA B 53 28.86 11.74 -3.32
CA ALA B 53 29.97 11.95 -2.39
C ALA B 53 31.05 10.89 -2.61
N ALA B 54 30.63 9.63 -2.58
CA ALA B 54 31.52 8.46 -2.67
C ALA B 54 30.76 7.22 -3.14
N LEU B 55 31.48 6.09 -3.24
CA LEU B 55 30.93 4.77 -3.58
C LEU B 55 31.25 3.77 -2.46
N ARG B 56 31.43 4.32 -1.23
CA ARG B 56 31.77 3.58 0.02
C ARG B 56 33.26 3.19 0.09
N ASP B 57 33.80 2.62 -1.02
CA ASP B 57 35.21 2.22 -1.20
C ASP B 57 35.53 0.87 -0.50
N SER B 58 35.15 0.73 0.79
CA SER B 58 35.39 -0.48 1.59
C SER B 58 34.47 -1.65 1.14
N LEU B 59 34.82 -2.24 -0.02
CA LEU B 59 34.05 -3.33 -0.64
C LEU B 59 34.60 -4.68 -0.14
N SER B 60 34.32 -4.97 1.14
CA SER B 60 34.79 -6.17 1.85
C SER B 60 33.67 -6.73 2.74
N ASP B 61 32.82 -5.81 3.27
CA ASP B 61 31.61 -6.13 4.08
C ASP B 61 32.05 -6.81 5.39
N LYS B 62 32.54 -5.99 6.34
CA LYS B 62 33.22 -6.49 7.54
C LYS B 62 32.20 -6.70 8.70
N PRO B 63 32.13 -7.94 9.29
CA PRO B 63 31.24 -8.22 10.45
C PRO B 63 31.81 -7.67 11.78
N ALA B 64 33.09 -7.22 11.78
CA ALA B 64 33.84 -6.71 12.96
C ALA B 64 34.14 -7.85 13.96
N LYS B 65 33.07 -8.35 14.61
CA LYS B 65 33.10 -9.56 15.44
C LYS B 65 33.11 -10.80 14.51
N ASN B 66 33.19 -12.00 15.11
CA ASN B 66 33.05 -13.31 14.42
C ASN B 66 34.28 -13.66 13.55
N ILE B 67 35.40 -12.92 13.76
CA ILE B 67 36.68 -13.19 13.07
C ILE B 67 37.44 -14.34 13.74
N ILE B 68 37.15 -14.57 15.04
CA ILE B 68 37.80 -15.63 15.85
C ILE B 68 36.92 -16.90 15.88
N LEU B 69 35.60 -16.71 15.97
CA LEU B 69 34.59 -17.79 15.96
C LEU B 69 33.56 -17.43 14.90
N LEU B 70 33.30 -18.38 13.97
CA LEU B 70 32.46 -18.14 12.76
C LEU B 70 31.10 -17.47 13.08
N ILE B 71 30.43 -17.96 14.13
CA ILE B 71 29.12 -17.43 14.56
C ILE B 71 29.21 -16.69 15.92
N GLY B 72 30.44 -16.56 16.48
CA GLY B 72 30.68 -15.84 17.75
C GLY B 72 29.98 -16.51 18.94
N ASP B 73 29.89 -17.85 18.88
CA ASP B 73 29.10 -18.69 19.79
C ASP B 73 29.74 -18.82 21.20
N GLY B 74 30.96 -19.38 21.25
CA GLY B 74 31.58 -19.80 22.51
C GLY B 74 30.81 -20.96 23.16
N MET B 75 30.45 -21.98 22.35
CA MET B 75 29.73 -23.18 22.81
C MET B 75 30.57 -23.97 23.83
N GLY B 76 29.99 -24.19 25.01
CA GLY B 76 30.59 -24.99 26.07
C GLY B 76 29.51 -25.65 26.90
N ASP B 77 28.63 -26.41 26.22
CA ASP B 77 27.46 -27.03 26.86
C ASP B 77 27.87 -28.24 27.70
N SER B 78 27.28 -28.34 28.92
CA SER B 78 27.59 -29.38 29.91
C SER B 78 28.99 -29.19 30.51
N GLU B 79 29.36 -27.91 30.73
CA GLU B 79 30.63 -27.51 31.34
C GLU B 79 30.37 -26.79 32.67
N ILE B 80 30.95 -27.35 33.75
CA ILE B 80 30.97 -26.77 35.12
C ILE B 80 29.55 -26.41 35.63
N THR B 81 29.12 -25.14 35.39
CA THR B 81 27.81 -24.52 35.80
C THR B 81 27.10 -25.23 37.00
N ALA B 82 26.31 -26.26 36.69
CA ALA B 82 25.63 -27.13 37.66
C ALA B 82 25.43 -28.48 36.98
N ALA B 83 26.58 -29.06 36.52
CA ALA B 83 26.67 -30.09 35.46
C ALA B 83 26.41 -29.38 34.11
N ARG B 84 25.21 -28.79 33.99
CA ARG B 84 24.86 -27.78 32.98
C ARG B 84 23.73 -26.89 33.52
N ASN B 85 23.20 -25.97 32.69
CA ASN B 85 22.13 -25.04 33.10
C ASN B 85 21.02 -25.02 32.01
N TYR B 86 21.18 -24.20 30.93
CA TYR B 86 20.15 -24.04 29.87
C TYR B 86 20.77 -23.74 28.47
N ALA B 87 21.59 -22.66 28.37
CA ALA B 87 21.93 -22.04 27.06
C ALA B 87 23.45 -22.00 26.78
N GLU B 88 24.18 -22.99 27.34
CA GLU B 88 25.65 -23.07 27.19
C GLU B 88 26.02 -23.55 25.76
N GLY B 89 25.03 -24.22 25.10
CA GLY B 89 25.16 -24.63 23.69
C GLY B 89 25.30 -23.44 22.73
N ALA B 90 24.99 -22.21 23.24
CA ALA B 90 25.30 -20.91 22.59
C ALA B 90 24.40 -20.60 21.37
N GLY B 91 24.53 -21.41 20.31
CA GLY B 91 23.74 -21.25 19.10
C GLY B 91 22.28 -21.66 19.29
N GLY B 92 21.89 -22.84 18.77
CA GLY B 92 20.52 -23.33 18.92
C GLY B 92 19.72 -23.25 17.62
N PHE B 93 18.43 -23.61 17.72
CA PHE B 93 17.49 -23.68 16.58
C PHE B 93 17.34 -22.29 15.90
N PHE B 94 18.07 -22.12 14.77
CA PHE B 94 18.08 -20.89 13.94
C PHE B 94 18.71 -19.68 14.68
N LYS B 95 18.00 -19.12 15.68
CA LYS B 95 18.49 -18.06 16.59
C LYS B 95 18.86 -16.77 15.81
N GLY B 96 17.98 -15.74 15.88
CA GLY B 96 18.22 -14.45 15.21
C GLY B 96 19.14 -13.52 16.01
N ILE B 97 20.27 -14.09 16.50
CA ILE B 97 21.31 -13.37 17.25
C ILE B 97 22.65 -13.52 16.51
N ASP B 98 22.85 -14.68 15.90
CA ASP B 98 24.09 -15.05 15.21
C ASP B 98 23.76 -15.93 13.99
N ALA B 99 24.72 -15.99 13.03
CA ALA B 99 24.65 -16.76 11.77
C ALA B 99 23.76 -16.08 10.69
N LEU B 100 22.53 -15.70 11.08
CA LEU B 100 21.56 -15.05 10.18
C LEU B 100 21.81 -13.51 10.12
N PRO B 101 21.80 -12.72 11.26
CA PRO B 101 21.98 -11.26 11.22
C PRO B 101 23.47 -10.83 11.37
N LEU B 102 24.13 -10.60 10.23
CA LEU B 102 25.47 -9.95 10.18
C LEU B 102 25.27 -8.43 10.06
N THR B 103 26.33 -7.66 10.40
CA THR B 103 26.30 -6.17 10.44
C THR B 103 25.72 -5.57 9.14
N GLY B 104 26.46 -5.69 8.03
CA GLY B 104 26.05 -5.15 6.74
C GLY B 104 26.77 -5.82 5.58
N GLN B 105 26.09 -5.87 4.42
CA GLN B 105 26.62 -6.52 3.20
C GLN B 105 26.02 -5.83 1.97
N TYR B 106 26.84 -5.63 0.94
CA TYR B 106 26.45 -4.98 -0.32
C TYR B 106 27.45 -5.34 -1.45
N THR B 107 28.77 -5.09 -1.22
CA THR B 107 29.89 -5.31 -2.21
C THR B 107 29.77 -4.37 -3.47
N HIS B 108 28.70 -3.56 -3.50
CA HIS B 108 28.32 -2.75 -4.65
C HIS B 108 27.30 -1.73 -4.15
N TYR B 109 27.77 -0.51 -3.85
CA TYR B 109 26.89 0.61 -3.50
C TYR B 109 26.27 1.14 -4.80
N ALA B 110 25.01 0.78 -5.05
CA ALA B 110 24.26 1.14 -6.28
C ALA B 110 23.69 2.57 -6.21
N LEU B 111 24.20 3.37 -5.24
CA LEU B 111 23.89 4.80 -5.05
C LEU B 111 22.47 4.99 -4.46
N ASN B 112 21.42 4.60 -5.21
CA ASN B 112 20.03 4.66 -4.72
C ASN B 112 19.77 3.54 -3.70
N LYS B 113 20.15 3.82 -2.45
CA LYS B 113 19.96 2.94 -1.29
C LYS B 113 19.67 3.83 -0.06
N LYS B 114 19.03 4.99 -0.34
CA LYS B 114 18.71 6.01 0.66
C LYS B 114 17.37 6.69 0.33
N THR B 115 16.61 7.01 1.40
CA THR B 115 15.39 7.84 1.36
C THR B 115 14.22 7.22 0.54
N GLY B 116 12.99 7.62 0.89
CA GLY B 116 11.79 7.22 0.14
C GLY B 116 10.84 6.38 0.98
N LYS B 117 10.26 7.01 2.02
CA LYS B 117 9.20 6.39 2.85
C LYS B 117 7.80 6.70 2.26
N PRO B 118 7.13 5.70 1.62
CA PRO B 118 5.70 5.80 1.32
C PRO B 118 4.91 5.32 2.55
N ASP B 119 4.51 6.30 3.39
CA ASP B 119 3.85 6.02 4.68
C ASP B 119 2.36 5.64 4.47
N TYR B 120 1.43 6.59 4.63
CA TYR B 120 -0.01 6.31 4.47
C TYR B 120 -0.63 7.35 3.53
N VAL B 121 -0.77 6.95 2.26
CA VAL B 121 -1.40 7.78 1.21
C VAL B 121 -2.65 7.01 0.70
N THR B 122 -3.36 6.38 1.66
CA THR B 122 -4.59 5.57 1.43
C THR B 122 -4.33 4.44 0.41
N ASP B 123 -3.35 3.59 0.75
CA ASP B 123 -2.85 2.51 -0.15
C ASP B 123 -3.67 1.22 0.02
N SER B 124 -5.00 1.35 -0.03
CA SER B 124 -5.93 0.21 0.02
C SER B 124 -6.46 0.00 -1.40
N ALA B 125 -6.08 -1.13 -2.01
CA ALA B 125 -6.46 -1.46 -3.40
C ALA B 125 -6.44 -2.98 -3.62
N ALA B 126 -6.74 -3.73 -2.54
CA ALA B 126 -6.73 -5.20 -2.52
C ALA B 126 -5.40 -5.79 -3.07
N SER B 127 -4.33 -5.64 -2.27
CA SER B 127 -3.00 -6.18 -2.60
C SER B 127 -2.94 -7.70 -2.34
N ALA B 128 -3.78 -8.18 -1.40
CA ALA B 128 -3.85 -9.59 -1.00
C ALA B 128 -5.32 -9.95 -0.66
N THR B 129 -5.95 -10.78 -1.51
CA THR B 129 -7.35 -11.20 -1.35
C THR B 129 -7.45 -12.60 -0.70
N ALA B 130 -6.89 -13.62 -1.38
CA ALA B 130 -6.90 -15.02 -0.89
C ALA B 130 -5.83 -15.25 0.19
N TRP B 131 -4.80 -14.38 0.18
CA TRP B 131 -3.65 -14.46 1.08
C TRP B 131 -4.06 -13.96 2.48
N SER B 132 -4.49 -14.90 3.34
CA SER B 132 -5.02 -14.60 4.68
C SER B 132 -4.51 -15.62 5.72
N THR B 133 -4.93 -16.89 5.57
CA THR B 133 -4.65 -17.97 6.54
C THR B 133 -3.31 -18.68 6.23
N GLY B 134 -2.25 -17.88 6.00
CA GLY B 134 -0.92 -18.41 5.67
C GLY B 134 -0.92 -19.15 4.34
N VAL B 135 -0.64 -20.46 4.38
CA VAL B 135 -0.64 -21.34 3.20
C VAL B 135 -2.03 -22.04 3.10
N LYS B 136 -3.09 -21.20 3.00
CA LYS B 136 -4.50 -21.64 2.85
C LYS B 136 -4.91 -22.66 3.96
N THR B 137 -4.79 -22.23 5.23
CA THR B 137 -5.09 -23.09 6.38
C THR B 137 -6.61 -23.10 6.66
N TYR B 138 -7.31 -24.04 6.01
CA TYR B 138 -8.73 -24.30 6.22
C TYR B 138 -8.98 -25.81 6.10
N ASN B 139 -9.91 -26.32 6.94
CA ASN B 139 -10.27 -27.76 7.06
C ASN B 139 -9.12 -28.58 7.68
N GLY B 140 -8.06 -28.83 6.89
CA GLY B 140 -6.89 -29.59 7.37
C GLY B 140 -7.21 -31.05 7.65
N ALA B 141 -7.40 -31.37 8.93
CA ALA B 141 -7.77 -32.73 9.40
C ALA B 141 -9.20 -32.75 9.97
N LEU B 142 -9.79 -31.54 10.15
CA LEU B 142 -11.12 -31.31 10.76
C LEU B 142 -11.11 -31.76 12.25
N GLY B 143 -11.18 -33.08 12.42
CA GLY B 143 -11.08 -33.74 13.72
C GLY B 143 -11.26 -35.24 13.56
N VAL B 144 -10.79 -35.75 12.40
CA VAL B 144 -10.91 -37.16 11.98
C VAL B 144 -9.56 -37.67 11.43
N ASP B 145 -8.46 -36.98 11.84
CA ASP B 145 -7.07 -37.33 11.46
C ASP B 145 -6.77 -38.82 11.74
N ILE B 146 -7.26 -39.26 12.91
CA ILE B 146 -7.07 -40.59 13.54
C ILE B 146 -7.31 -40.46 15.07
N HIS B 147 -7.41 -39.18 15.53
CA HIS B 147 -7.69 -38.75 16.92
C HIS B 147 -6.43 -38.77 17.79
N GLU B 148 -5.25 -38.63 17.16
CA GLU B 148 -4.00 -38.32 17.87
C GLU B 148 -3.99 -36.83 18.25
N LYS B 149 -4.44 -35.99 17.30
CA LYS B 149 -4.50 -34.53 17.47
C LYS B 149 -5.96 -34.14 17.80
N ASP B 150 -6.88 -34.58 16.92
CA ASP B 150 -8.34 -34.39 17.04
C ASP B 150 -8.71 -32.89 17.01
N HIS B 151 -8.67 -32.24 18.19
CA HIS B 151 -9.14 -30.85 18.41
C HIS B 151 -8.34 -30.12 19.55
N PRO B 152 -8.12 -30.72 20.79
CA PRO B 152 -7.33 -30.03 21.85
C PRO B 152 -5.83 -29.85 21.47
N THR B 153 -5.56 -28.75 20.76
CA THR B 153 -4.21 -28.32 20.39
C THR B 153 -3.66 -27.46 21.54
N ILE B 154 -2.95 -28.13 22.46
CA ILE B 154 -2.50 -27.55 23.74
C ILE B 154 -1.01 -27.17 23.67
N LEU B 155 -0.69 -25.91 24.04
CA LEU B 155 0.70 -25.41 24.24
C LEU B 155 1.55 -25.54 22.92
N GLU B 156 2.88 -25.30 23.02
CA GLU B 156 3.86 -25.67 21.96
C GLU B 156 3.80 -27.19 21.69
N MET B 157 3.59 -27.96 22.78
CA MET B 157 3.49 -29.45 22.80
C MET B 157 4.89 -30.12 22.63
N ALA B 158 5.91 -29.33 22.20
CA ALA B 158 7.32 -29.74 21.99
C ALA B 158 7.48 -30.55 20.69
N LYS B 159 6.78 -31.68 20.59
CA LYS B 159 6.90 -32.63 19.47
C LYS B 159 6.16 -32.11 18.24
N ALA B 160 5.01 -31.45 18.49
CA ALA B 160 4.22 -30.79 17.43
C ALA B 160 5.05 -29.68 16.78
N ALA B 161 5.64 -28.82 17.64
CA ALA B 161 6.54 -27.70 17.21
C ALA B 161 7.83 -28.22 16.54
N GLY B 162 8.28 -29.43 16.94
CA GLY B 162 9.48 -30.07 16.39
C GLY B 162 9.32 -30.46 14.92
N LEU B 163 8.10 -30.92 14.57
CA LEU B 163 7.73 -31.26 13.19
C LEU B 163 7.44 -29.98 12.39
N ALA B 164 6.58 -29.14 12.97
CA ALA B 164 6.07 -27.93 12.33
C ALA B 164 5.57 -26.98 13.43
N THR B 165 6.20 -25.79 13.54
CA THR B 165 5.88 -24.81 14.59
C THR B 165 4.38 -24.39 14.55
N GLY B 166 3.81 -24.32 13.32
CA GLY B 166 2.41 -23.94 13.11
C GLY B 166 2.10 -22.51 13.60
N ASN B 167 3.14 -21.66 13.55
CA ASN B 167 3.10 -20.29 14.10
C ASN B 167 2.33 -19.36 13.15
N VAL B 168 1.55 -18.42 13.73
CA VAL B 168 0.73 -17.47 12.95
C VAL B 168 1.63 -16.51 12.16
N SER B 169 1.27 -16.32 10.87
CA SER B 169 1.97 -15.45 9.91
C SER B 169 3.47 -15.83 9.75
N THR B 170 3.77 -17.14 9.87
CA THR B 170 5.14 -17.68 9.63
C THR B 170 5.53 -17.57 8.13
N ALA B 171 4.49 -17.44 7.27
CA ALA B 171 4.60 -17.32 5.79
C ALA B 171 5.04 -18.64 5.14
N GLU B 172 6.34 -18.98 5.32
CA GLU B 172 7.01 -20.17 4.71
C GLU B 172 7.03 -20.01 3.17
N LEU B 173 8.20 -19.62 2.64
CA LEU B 173 8.38 -19.28 1.21
C LEU B 173 8.37 -20.55 0.33
N GLN B 174 9.01 -21.63 0.84
CA GLN B 174 9.19 -22.92 0.15
C GLN B 174 10.18 -22.78 -1.03
N ASP B 175 9.75 -22.04 -2.07
CA ASP B 175 10.62 -21.65 -3.22
C ASP B 175 10.97 -20.16 -3.08
N ALA B 176 12.23 -19.80 -3.39
CA ALA B 176 12.73 -18.43 -3.29
C ALA B 176 13.10 -17.92 -4.70
N THR B 177 12.06 -17.69 -5.52
CA THR B 177 12.19 -17.11 -6.88
C THR B 177 10.82 -16.51 -7.29
N PRO B 178 10.68 -15.15 -7.41
CA PRO B 178 9.41 -14.50 -7.82
C PRO B 178 9.20 -14.46 -9.36
N ALA B 179 10.28 -14.14 -10.11
CA ALA B 179 10.25 -13.95 -11.56
C ALA B 179 11.68 -13.89 -12.10
N ALA B 180 12.62 -14.56 -11.38
CA ALA B 180 14.07 -14.39 -11.55
C ALA B 180 14.47 -12.93 -11.23
N LEU B 181 14.25 -12.01 -12.20
CA LEU B 181 14.43 -10.55 -12.00
C LEU B 181 13.81 -9.76 -13.20
N VAL B 182 12.89 -10.39 -13.95
CA VAL B 182 12.32 -9.83 -15.21
C VAL B 182 10.78 -10.01 -15.26
N ALA B 183 10.07 -9.06 -15.92
CA ALA B 183 8.65 -9.20 -16.25
C ALA B 183 8.31 -8.44 -17.57
N HIS B 184 8.29 -7.10 -17.52
CA HIS B 184 7.87 -6.26 -18.67
C HIS B 184 8.57 -4.89 -18.67
N VAL B 185 8.58 -4.23 -19.84
CA VAL B 185 9.12 -2.87 -20.03
C VAL B 185 7.94 -1.84 -19.99
N THR B 186 8.26 -0.54 -19.76
CA THR B 186 7.26 0.53 -19.62
C THR B 186 7.87 1.90 -20.03
N SER B 187 7.15 3.01 -19.79
CA SER B 187 7.59 4.38 -20.09
C SER B 187 8.28 5.01 -18.85
N ARG B 188 9.48 5.59 -19.06
CA ARG B 188 10.33 6.18 -17.99
C ARG B 188 11.65 6.71 -18.65
N LYS B 189 12.69 6.96 -17.83
CA LYS B 189 14.05 7.28 -18.29
C LYS B 189 15.06 6.74 -17.25
N CYS B 190 16.28 6.40 -17.71
CA CYS B 190 17.30 5.72 -16.87
C CYS B 190 18.71 6.29 -17.14
N TYR B 191 19.49 6.49 -16.05
CA TYR B 191 20.92 6.90 -16.11
C TYR B 191 21.58 6.73 -14.72
N GLY B 192 22.86 6.31 -14.72
CA GLY B 192 23.67 6.22 -13.49
C GLY B 192 24.70 5.08 -13.55
N PRO B 193 25.74 5.16 -14.46
CA PRO B 193 26.72 4.06 -14.68
C PRO B 193 27.70 3.84 -13.50
N SER B 194 27.88 2.55 -13.14
CA SER B 194 28.88 2.09 -12.16
C SER B 194 29.10 0.57 -12.33
N ALA B 195 30.11 0.00 -11.63
CA ALA B 195 30.49 -1.43 -11.78
C ALA B 195 30.75 -2.08 -10.41
N THR B 196 31.40 -3.28 -10.44
CA THR B 196 31.76 -4.11 -9.26
C THR B 196 30.52 -4.87 -8.73
N SER B 197 30.70 -6.20 -8.53
CA SER B 197 29.66 -7.10 -8.00
C SER B 197 30.31 -8.40 -7.52
N GLU B 198 29.47 -9.36 -7.09
CA GLU B 198 29.82 -10.77 -6.81
C GLU B 198 30.63 -10.92 -5.50
N LYS B 199 30.24 -11.93 -4.70
CA LYS B 199 30.83 -12.19 -3.37
C LYS B 199 30.51 -13.65 -2.96
N CYS B 200 31.41 -14.60 -3.31
CA CYS B 200 31.24 -16.05 -3.03
C CYS B 200 31.11 -16.36 -1.51
N PRO B 201 31.99 -15.81 -0.59
CA PRO B 201 31.87 -16.08 0.87
C PRO B 201 30.70 -15.30 1.54
N GLY B 202 29.92 -14.56 0.73
CA GLY B 202 28.77 -13.80 1.22
C GLY B 202 27.49 -14.64 1.27
N ASN B 203 27.62 -15.85 1.83
CA ASN B 203 26.53 -16.83 1.95
C ASN B 203 26.65 -17.53 3.31
N ALA B 204 25.50 -17.72 3.98
CA ALA B 204 25.43 -18.42 5.28
C ALA B 204 25.58 -19.93 5.07
N LEU B 205 26.52 -20.54 5.82
CA LEU B 205 26.80 -21.99 5.78
C LEU B 205 25.57 -22.81 6.23
N GLU B 206 25.24 -22.69 7.52
CA GLU B 206 24.10 -23.37 8.14
C GLU B 206 23.72 -22.55 9.38
N LYS B 207 24.35 -22.89 10.53
CA LYS B 207 24.14 -22.19 11.82
C LYS B 207 25.03 -22.88 12.87
N GLY B 208 24.58 -24.07 13.31
CA GLY B 208 25.06 -24.72 14.53
C GLY B 208 23.88 -24.95 15.47
N GLY B 209 22.82 -25.57 14.90
CA GLY B 209 21.53 -25.72 15.58
C GLY B 209 21.56 -26.64 16.79
N LYS B 210 22.41 -27.67 16.72
CA LYS B 210 22.60 -28.64 17.82
C LYS B 210 23.75 -28.17 18.74
N GLY B 211 23.58 -28.41 20.04
CA GLY B 211 24.56 -28.03 21.06
C GLY B 211 24.06 -28.43 22.44
N SER B 212 22.96 -27.79 22.85
CA SER B 212 22.25 -28.09 24.10
C SER B 212 21.30 -29.29 23.88
N ILE B 213 21.77 -30.51 24.21
CA ILE B 213 20.94 -31.73 24.14
C ILE B 213 19.91 -31.70 25.28
N THR B 214 18.65 -31.97 24.93
CA THR B 214 17.53 -31.97 25.89
C THR B 214 16.75 -33.29 25.79
N GLU B 215 16.14 -33.68 26.92
CA GLU B 215 15.29 -34.88 27.07
C GLU B 215 16.10 -36.19 27.07
N GLN B 216 16.68 -36.53 25.91
CA GLN B 216 17.35 -37.81 25.70
C GLN B 216 18.73 -37.81 26.37
N LEU B 217 18.84 -38.58 27.47
CA LEU B 217 20.06 -38.72 28.28
C LEU B 217 20.39 -37.42 29.04
N LEU B 218 20.88 -36.42 28.29
CA LEU B 218 21.18 -35.08 28.81
C LEU B 218 19.88 -34.28 28.95
N ASN B 219 19.70 -33.60 30.13
CA ASN B 219 18.43 -32.90 30.49
C ASN B 219 17.26 -33.89 30.49
N ALA B 220 17.49 -35.03 31.17
CA ALA B 220 16.61 -36.22 31.12
C ALA B 220 15.13 -35.89 31.41
N ARG B 221 14.32 -35.84 30.32
CA ARG B 221 12.87 -35.53 30.34
C ARG B 221 12.63 -34.08 30.83
N ALA B 222 12.72 -33.89 32.15
CA ALA B 222 12.68 -32.58 32.82
C ALA B 222 13.15 -32.78 34.26
N ASP B 223 14.04 -31.90 34.74
CA ASP B 223 14.60 -31.97 36.12
C ASP B 223 13.51 -31.67 37.17
N VAL B 224 12.59 -30.77 36.81
CA VAL B 224 11.43 -30.41 37.67
C VAL B 224 10.27 -31.44 37.48
N THR B 225 10.44 -32.33 36.47
CA THR B 225 9.48 -33.38 36.06
C THR B 225 8.27 -32.73 35.38
N LEU B 226 8.18 -32.93 34.04
CA LEU B 226 7.19 -32.28 33.14
C LEU B 226 7.49 -30.76 32.99
N GLY B 227 6.84 -30.12 32.00
CA GLY B 227 7.03 -28.68 31.73
C GLY B 227 6.14 -27.80 32.62
N GLY B 228 6.37 -27.87 33.94
CA GLY B 228 5.63 -27.06 34.93
C GLY B 228 6.55 -26.27 35.86
N GLY B 229 7.86 -26.31 35.54
CA GLY B 229 8.89 -25.62 36.33
C GLY B 229 9.10 -24.17 35.88
N ALA B 230 10.13 -23.54 36.47
CA ALA B 230 10.47 -22.10 36.31
C ALA B 230 9.48 -21.21 37.09
N LYS B 231 8.15 -21.39 36.82
CA LYS B 231 7.04 -20.64 37.46
C LYS B 231 7.09 -19.14 37.06
N THR B 232 7.81 -18.85 35.96
CA THR B 232 8.01 -17.51 35.41
C THR B 232 8.02 -17.60 33.87
N PHE B 233 7.34 -16.64 33.21
CA PHE B 233 7.26 -16.55 31.74
C PHE B 233 7.62 -15.13 31.31
N ALA B 234 8.92 -14.82 31.41
CA ALA B 234 9.48 -13.50 31.06
C ALA B 234 10.93 -13.68 30.57
N GLU B 235 11.19 -13.22 29.33
CA GLU B 235 12.50 -13.38 28.66
C GLU B 235 13.11 -12.01 28.31
N THR B 236 14.18 -12.02 27.50
CA THR B 236 14.86 -10.81 27.01
C THR B 236 13.94 -9.97 26.09
N ALA B 237 12.95 -10.67 25.45
CA ALA B 237 12.03 -10.11 24.45
C ALA B 237 12.76 -9.78 23.13
N THR B 238 12.31 -10.40 22.03
CA THR B 238 12.89 -10.20 20.69
C THR B 238 12.58 -8.78 20.15
N ALA B 239 11.49 -8.18 20.67
CA ALA B 239 11.01 -6.86 20.25
C ALA B 239 11.86 -5.71 20.82
N GLY B 240 11.98 -4.65 20.00
CA GLY B 240 12.55 -3.37 20.44
C GLY B 240 11.56 -2.58 21.31
N GLU B 241 11.49 -1.26 21.08
CA GLU B 241 10.59 -0.35 21.83
C GLU B 241 10.32 0.95 21.05
N TRP B 242 9.39 1.75 21.59
CA TRP B 242 8.84 2.96 20.96
C TRP B 242 8.27 3.87 22.05
N GLN B 243 7.50 3.25 22.96
CA GLN B 243 7.10 3.86 24.24
C GLN B 243 7.68 2.99 25.37
N GLY B 244 7.24 3.25 26.62
CA GLY B 244 7.58 2.40 27.76
C GLY B 244 6.71 1.14 27.78
N LYS B 245 7.18 0.08 27.10
CA LYS B 245 6.43 -1.20 26.99
C LYS B 245 6.53 -2.03 28.28
N THR B 246 5.41 -2.68 28.64
CA THR B 246 5.29 -3.50 29.87
C THR B 246 4.26 -4.63 29.64
N LEU B 247 4.57 -5.83 30.17
CA LEU B 247 3.68 -6.99 30.12
C LEU B 247 2.67 -6.92 31.28
N ARG B 248 1.37 -7.08 30.95
CA ARG B 248 0.27 -7.12 31.94
C ARG B 248 0.09 -8.53 32.53
N GLU B 249 -0.97 -8.69 33.35
CA GLU B 249 -1.27 -9.94 34.05
C GLU B 249 -2.52 -10.59 33.45
N GLN B 250 -2.62 -11.93 33.58
CA GLN B 250 -3.88 -12.65 33.30
C GLN B 250 -4.81 -12.41 34.50
N ALA B 251 -5.61 -11.33 34.44
CA ALA B 251 -6.52 -10.92 35.53
C ALA B 251 -7.71 -11.91 35.60
N GLN B 252 -7.40 -13.11 36.14
CA GLN B 252 -8.21 -14.32 36.05
C GLN B 252 -8.43 -14.72 34.56
N ALA B 253 -7.80 -15.84 34.16
CA ALA B 253 -7.91 -16.38 32.78
C ALA B 253 -9.32 -16.96 32.52
N ARG B 254 -10.04 -17.29 33.63
CA ARG B 254 -11.46 -17.68 33.64
C ARG B 254 -11.67 -19.08 33.06
N GLY B 255 -11.43 -20.09 33.92
CA GLY B 255 -11.61 -21.49 33.55
C GLY B 255 -11.41 -22.42 34.75
N TYR B 256 -10.22 -23.08 34.80
CA TYR B 256 -9.89 -24.15 35.78
C TYR B 256 -10.95 -25.27 35.72
N GLN B 257 -11.34 -25.59 34.49
CA GLN B 257 -12.41 -26.54 34.20
C GLN B 257 -12.21 -27.10 32.79
N LEU B 258 -12.10 -26.19 31.82
CA LEU B 258 -12.01 -26.53 30.38
C LEU B 258 -11.56 -25.31 29.55
N VAL B 259 -12.06 -24.13 29.94
CA VAL B 259 -12.02 -22.90 29.11
C VAL B 259 -10.57 -22.40 28.88
N SER B 260 -9.88 -21.97 29.95
CA SER B 260 -8.50 -21.42 29.85
C SER B 260 -7.48 -22.45 30.31
N ASP B 261 -7.79 -23.72 30.03
CA ASP B 261 -6.99 -24.87 30.40
C ASP B 261 -6.23 -25.36 29.17
N ALA B 262 -5.40 -24.44 28.62
CA ALA B 262 -4.66 -24.61 27.36
C ALA B 262 -5.64 -24.89 26.20
N ALA B 263 -6.35 -23.81 25.80
CA ALA B 263 -7.42 -23.86 24.77
C ALA B 263 -8.57 -24.82 25.18
N SER B 264 -8.48 -26.10 24.76
CA SER B 264 -9.44 -27.18 25.10
C SER B 264 -10.93 -26.79 24.84
N LEU B 265 -11.17 -25.98 23.78
CA LEU B 265 -12.55 -25.61 23.33
C LEU B 265 -13.35 -26.86 22.91
N ASN B 266 -14.70 -26.72 22.88
CA ASN B 266 -15.62 -27.80 22.48
C ASN B 266 -15.47 -28.09 20.98
N SER B 267 -14.54 -29.02 20.65
CA SER B 267 -14.21 -29.45 19.30
C SER B 267 -13.72 -28.27 18.41
N VAL B 268 -14.69 -27.53 17.82
CA VAL B 268 -14.45 -26.39 16.88
C VAL B 268 -13.81 -26.88 15.56
N THR B 269 -14.38 -26.42 14.43
CA THR B 269 -13.92 -26.79 13.08
C THR B 269 -12.87 -25.74 12.61
N GLU B 270 -12.85 -25.39 11.29
CA GLU B 270 -12.08 -24.23 10.76
C GLU B 270 -10.54 -24.47 10.88
N ALA B 271 -10.15 -25.76 10.72
CA ALA B 271 -8.74 -26.23 10.76
C ALA B 271 -8.12 -26.07 12.16
N ASN B 272 -7.70 -24.83 12.50
CA ASN B 272 -7.03 -24.52 13.78
C ASN B 272 -6.97 -22.98 13.96
N GLN B 273 -7.98 -22.26 13.44
CA GLN B 273 -8.02 -20.80 13.50
C GLN B 273 -8.55 -20.35 14.87
N GLN B 274 -9.82 -20.72 15.18
CA GLN B 274 -10.48 -20.33 16.45
C GLN B 274 -10.33 -21.42 17.54
N LYS B 275 -9.72 -22.58 17.20
CA LYS B 275 -9.49 -23.66 18.19
C LYS B 275 -8.59 -23.21 19.38
N PRO B 276 -7.43 -22.49 19.15
CA PRO B 276 -6.59 -21.97 20.25
C PRO B 276 -7.02 -20.56 20.75
N LEU B 277 -8.15 -20.05 20.24
CA LEU B 277 -8.73 -18.75 20.65
C LEU B 277 -10.05 -18.99 21.38
N LEU B 278 -10.04 -18.78 22.70
CA LEU B 278 -11.23 -18.96 23.57
C LEU B 278 -12.37 -18.04 23.12
N GLY B 279 -12.13 -16.71 23.24
CA GLY B 279 -13.14 -15.68 22.97
C GLY B 279 -14.40 -15.83 23.83
N LEU B 280 -14.27 -16.59 24.97
CA LEU B 280 -15.37 -17.06 25.84
C LEU B 280 -16.14 -18.24 25.17
N PHE B 281 -16.36 -18.13 23.83
CA PHE B 281 -16.99 -19.16 22.98
C PHE B 281 -18.51 -19.24 23.24
N ALA B 282 -19.30 -18.71 22.29
CA ALA B 282 -20.77 -18.74 22.33
C ALA B 282 -21.32 -18.42 20.92
N ASP B 283 -21.43 -17.12 20.60
CA ASP B 283 -21.87 -16.65 19.26
C ASP B 283 -20.65 -16.20 18.43
N GLY B 284 -19.50 -16.88 18.70
CA GLY B 284 -18.27 -16.69 17.94
C GLY B 284 -18.27 -17.55 16.69
N ASN B 285 -19.14 -17.20 15.73
CA ASN B 285 -19.32 -17.95 14.48
C ASN B 285 -19.89 -17.04 13.39
N MET B 286 -20.04 -17.61 12.18
CA MET B 286 -20.60 -16.94 10.99
C MET B 286 -19.70 -15.75 10.54
N PRO B 287 -18.63 -16.03 9.74
CA PRO B 287 -17.88 -15.00 9.03
C PRO B 287 -18.45 -14.76 7.62
N VAL B 288 -18.93 -13.53 7.36
CA VAL B 288 -19.46 -13.12 6.05
C VAL B 288 -18.29 -13.04 5.05
N ARG B 289 -18.04 -14.16 4.37
CA ARG B 289 -16.88 -14.36 3.48
C ARG B 289 -17.37 -14.55 2.04
N TRP B 290 -16.56 -14.06 1.08
CA TRP B 290 -16.81 -14.15 -0.39
C TRP B 290 -17.92 -13.17 -0.86
N LEU B 291 -19.07 -13.17 -0.16
CA LEU B 291 -20.23 -12.31 -0.48
C LEU B 291 -19.82 -10.82 -0.58
N GLY B 292 -19.11 -10.34 0.46
CA GLY B 292 -18.54 -9.01 0.49
C GLY B 292 -17.07 -9.01 0.02
N PRO B 293 -16.13 -9.61 0.83
CA PRO B 293 -14.67 -9.64 0.49
C PRO B 293 -14.35 -10.62 -0.67
N LYS B 294 -14.44 -10.08 -1.90
CA LYS B 294 -14.17 -10.80 -3.18
C LYS B 294 -14.39 -9.84 -4.36
N ALA B 295 -15.27 -8.83 -4.15
CA ALA B 295 -15.70 -7.86 -5.18
C ALA B 295 -14.66 -6.73 -5.43
N THR B 296 -13.36 -7.08 -5.34
CA THR B 296 -12.25 -6.15 -5.56
C THR B 296 -10.91 -6.91 -5.69
N TYR B 297 -9.99 -6.32 -6.47
CA TYR B 297 -8.61 -6.76 -6.67
C TYR B 297 -7.95 -5.75 -7.62
N HIS B 298 -6.89 -5.07 -7.15
CA HIS B 298 -6.16 -4.03 -7.92
C HIS B 298 -7.05 -2.79 -8.16
N GLY B 299 -6.73 -1.68 -7.46
CA GLY B 299 -7.27 -0.37 -7.77
C GLY B 299 -6.41 0.35 -8.80
N ASN B 300 -6.83 1.57 -9.22
CA ASN B 300 -6.10 2.42 -10.21
C ASN B 300 -6.14 1.82 -11.64
N ILE B 301 -5.97 2.69 -12.66
CA ILE B 301 -5.89 2.28 -14.08
C ILE B 301 -4.69 1.33 -14.31
N ASP B 302 -3.58 1.55 -13.57
CA ASP B 302 -2.41 0.66 -13.62
C ASP B 302 -1.52 0.88 -12.36
N LYS B 303 -0.34 1.54 -12.51
CA LYS B 303 0.74 1.53 -11.48
C LYS B 303 1.72 2.77 -11.57
N PRO B 304 2.21 3.23 -12.79
CA PRO B 304 3.11 4.44 -12.90
C PRO B 304 2.63 5.68 -12.13
N ALA B 305 3.58 6.41 -11.52
CA ALA B 305 3.33 7.61 -10.70
C ALA B 305 4.31 8.74 -11.10
N VAL B 306 3.94 9.99 -10.76
CA VAL B 306 4.70 11.21 -11.15
C VAL B 306 6.13 11.22 -10.57
N THR B 307 7.12 11.07 -11.47
CA THR B 307 8.55 11.14 -11.14
C THR B 307 9.35 11.40 -12.43
N CYS B 308 9.74 12.68 -12.64
CA CYS B 308 10.59 13.10 -13.78
C CYS B 308 11.17 14.50 -13.54
N THR B 309 10.41 15.35 -12.81
CA THR B 309 10.82 16.72 -12.42
C THR B 309 12.16 16.70 -11.63
N PRO B 310 13.19 17.56 -12.03
CA PRO B 310 14.53 17.57 -11.38
C PRO B 310 14.46 17.74 -9.84
N ASN B 311 14.01 18.92 -9.37
CA ASN B 311 13.81 19.19 -7.93
C ASN B 311 13.17 20.58 -7.73
N PRO B 312 12.34 20.76 -6.67
CA PRO B 312 11.83 22.08 -6.26
C PRO B 312 12.74 22.70 -5.17
N GLN B 313 12.16 23.48 -4.24
CA GLN B 313 12.89 24.06 -3.10
C GLN B 313 13.39 22.92 -2.17
N ARG B 314 14.72 22.64 -2.24
CA ARG B 314 15.40 21.63 -1.41
C ARG B 314 16.57 22.32 -0.66
N ASN B 315 16.22 23.02 0.43
CA ASN B 315 17.19 23.79 1.25
C ASN B 315 16.64 23.95 2.67
N ASP B 316 15.44 24.57 2.75
CA ASP B 316 14.71 24.76 4.01
C ASP B 316 13.95 23.47 4.35
N SER B 317 14.71 22.43 4.70
CA SER B 317 14.20 21.09 4.97
C SER B 317 14.50 20.72 6.44
N VAL B 318 13.55 21.12 7.32
CA VAL B 318 13.59 20.93 8.80
C VAL B 318 14.99 21.14 9.45
N PRO B 319 15.58 22.39 9.33
CA PRO B 319 16.90 22.70 9.88
C PRO B 319 16.86 23.13 11.37
N THR B 320 18.05 23.45 11.91
CA THR B 320 18.32 23.74 13.34
C THR B 320 18.29 22.47 14.21
N LEU B 321 17.16 21.73 14.18
CA LEU B 321 16.92 20.53 15.00
C LEU B 321 17.55 19.28 14.31
N ALA B 322 18.89 19.30 14.19
CA ALA B 322 19.67 18.24 13.54
C ALA B 322 20.06 17.17 14.56
N GLN B 323 20.80 17.58 15.62
CA GLN B 323 21.30 16.67 16.69
C GLN B 323 22.17 15.55 16.06
N MET B 324 23.41 15.96 15.71
CA MET B 324 24.36 15.18 14.88
C MET B 324 23.73 14.91 13.48
N THR B 325 23.29 13.65 13.23
CA THR B 325 22.64 13.18 11.98
C THR B 325 23.55 13.28 10.71
N ASP B 326 23.95 14.52 10.33
CA ASP B 326 24.83 14.82 9.18
C ASP B 326 26.07 13.94 9.13
N LYS B 327 26.34 13.39 7.93
CA LYS B 327 27.52 12.57 7.62
C LYS B 327 27.50 11.25 8.44
N ALA B 328 27.87 11.37 9.75
CA ALA B 328 27.94 10.25 10.72
C ALA B 328 29.02 9.22 10.32
N ILE B 329 28.72 8.44 9.24
CA ILE B 329 29.57 7.37 8.62
C ILE B 329 30.07 6.31 9.63
N GLU B 330 29.77 5.01 9.31
CA GLU B 330 30.17 3.80 10.11
C GLU B 330 29.80 3.90 11.62
N LEU B 331 28.90 4.84 11.96
CA LEU B 331 28.39 5.09 13.31
C LEU B 331 26.94 4.60 13.40
N LEU B 332 26.33 4.75 14.59
CA LEU B 332 24.96 4.27 14.91
C LEU B 332 24.90 2.73 14.91
N SER B 333 24.96 2.15 13.69
CA SER B 333 24.87 0.69 13.41
C SER B 333 23.43 0.15 13.55
N LYS B 334 22.52 1.00 14.12
CA LYS B 334 21.10 0.70 14.33
C LYS B 334 20.88 -0.47 15.31
N ASN B 335 21.09 -1.71 14.85
CA ASN B 335 20.90 -2.92 15.67
C ASN B 335 22.05 -3.12 16.65
N GLU B 336 23.30 -3.04 16.11
CA GLU B 336 24.53 -3.27 16.88
C GLU B 336 24.68 -2.15 17.94
N LYS B 337 24.05 -2.42 19.10
CA LYS B 337 23.86 -1.50 20.22
C LYS B 337 22.98 -0.29 19.82
N GLY B 338 23.56 0.67 19.10
CA GLY B 338 22.89 1.94 18.74
C GLY B 338 23.82 3.11 18.95
N PHE B 339 24.64 3.00 20.03
CA PHE B 339 25.69 3.98 20.41
C PHE B 339 25.10 5.39 20.69
N PHE B 340 24.84 6.17 19.64
CA PHE B 340 24.18 7.48 19.75
C PHE B 340 22.66 7.27 19.67
N LEU B 341 22.00 7.32 20.83
CA LEU B 341 20.53 7.31 20.92
C LEU B 341 20.04 8.74 21.17
N GLN B 342 19.05 9.18 20.35
CA GLN B 342 18.44 10.51 20.48
C GLN B 342 17.71 10.63 21.84
N VAL B 343 18.45 11.17 22.84
CA VAL B 343 18.03 11.19 24.25
C VAL B 343 16.74 11.99 24.48
N GLU B 344 16.54 13.06 23.68
CA GLU B 344 15.36 13.92 23.77
C GLU B 344 14.33 13.51 22.71
N GLY B 345 13.13 13.13 23.19
CA GLY B 345 11.98 12.84 22.34
C GLY B 345 12.05 11.48 21.66
N ALA B 346 12.91 11.37 20.62
CA ALA B 346 13.08 10.15 19.79
C ALA B 346 11.80 9.80 19.00
N SER B 347 10.87 10.77 18.89
CA SER B 347 9.55 10.61 18.28
C SER B 347 9.59 10.98 16.77
N ILE B 348 10.81 10.82 16.14
CA ILE B 348 11.09 11.28 14.76
C ILE B 348 10.77 12.81 14.69
N ASP B 349 11.27 13.50 15.72
CA ASP B 349 10.82 14.85 16.16
C ASP B 349 10.97 15.91 15.07
N LYS B 350 12.05 15.80 14.29
CA LYS B 350 12.41 16.78 13.25
C LYS B 350 11.52 16.68 12.01
N GLN B 351 10.93 15.48 11.78
CA GLN B 351 10.04 15.23 10.61
C GLN B 351 8.76 16.12 10.69
N ASP B 352 7.99 16.19 9.58
CA ASP B 352 6.84 17.10 9.39
C ASP B 352 5.88 17.08 10.61
N HIS B 353 5.92 18.17 11.43
CA HIS B 353 5.23 18.24 12.72
C HIS B 353 4.64 19.65 12.95
N ALA B 354 3.86 19.79 14.04
CA ALA B 354 3.25 21.07 14.48
C ALA B 354 2.35 21.69 13.40
N ALA B 355 1.54 20.82 12.76
CA ALA B 355 0.50 21.21 11.78
C ALA B 355 1.08 21.86 10.50
N ASN B 356 2.39 21.63 10.24
CA ASN B 356 3.08 22.14 9.03
C ASN B 356 3.92 21.02 8.38
N PRO B 357 3.94 20.93 7.01
CA PRO B 357 4.82 20.01 6.26
C PRO B 357 6.19 20.67 5.94
N CYS B 358 6.76 21.38 6.95
CA CYS B 358 8.03 22.15 6.83
C CYS B 358 7.88 23.40 5.93
N GLY B 359 6.67 23.61 5.37
CA GLY B 359 6.47 24.55 4.28
C GLY B 359 7.19 24.06 3.02
N GLN B 360 8.42 24.58 2.83
CA GLN B 360 9.44 24.10 1.87
C GLN B 360 8.93 24.06 0.41
N ILE B 361 8.17 22.99 0.11
CA ILE B 361 7.65 22.66 -1.22
C ILE B 361 6.50 23.62 -1.62
N GLY B 362 5.88 24.26 -0.61
CA GLY B 362 4.79 25.23 -0.83
C GLY B 362 5.26 26.54 -1.45
N GLU B 363 6.58 26.78 -1.38
CA GLU B 363 7.22 28.01 -1.89
C GLU B 363 7.46 27.92 -3.41
N THR B 364 7.41 26.70 -3.98
CA THR B 364 7.66 26.43 -5.41
C THR B 364 6.49 25.67 -6.06
N VAL B 365 5.84 26.29 -7.06
CA VAL B 365 4.86 25.66 -7.96
C VAL B 365 5.36 25.85 -9.42
N ASP B 366 6.25 24.95 -9.84
CA ASP B 366 7.11 25.15 -11.03
C ASP B 366 6.35 24.96 -12.35
N LEU B 367 5.42 23.98 -12.37
CA LEU B 367 4.72 23.54 -13.59
C LEU B 367 5.77 22.98 -14.59
N ASP B 368 6.30 21.77 -14.28
CA ASP B 368 7.44 21.19 -15.03
C ASP B 368 7.01 20.01 -15.92
N GLU B 369 6.68 18.87 -15.26
CA GLU B 369 6.55 17.53 -15.88
C GLU B 369 5.53 17.56 -17.05
N ALA B 370 5.90 16.94 -18.20
CA ALA B 370 5.12 17.03 -19.46
C ALA B 370 5.30 15.80 -20.39
N VAL B 371 5.33 14.56 -19.83
CA VAL B 371 5.42 13.34 -20.68
C VAL B 371 4.62 12.14 -20.09
N GLN B 372 4.44 12.13 -18.76
CA GLN B 372 3.84 11.01 -18.00
C GLN B 372 2.46 11.43 -17.42
N ARG B 373 1.75 10.46 -16.77
CA ARG B 373 0.51 10.65 -15.95
C ARG B 373 -0.77 10.55 -16.80
N ALA B 374 -1.64 9.60 -16.41
CA ALA B 374 -3.06 9.50 -16.79
C ALA B 374 -3.28 9.33 -18.31
N LEU B 375 -3.95 8.22 -18.68
CA LEU B 375 -4.25 7.84 -20.08
C LEU B 375 -2.99 7.40 -20.85
N GLU B 376 -1.90 7.13 -20.11
CA GLU B 376 -0.68 6.53 -20.68
C GLU B 376 -0.95 5.04 -21.05
N PHE B 377 -1.87 4.41 -20.30
CA PHE B 377 -2.47 3.10 -20.64
C PHE B 377 -3.90 3.27 -21.19
N ALA B 378 -4.56 4.38 -20.78
CA ALA B 378 -5.89 4.82 -21.31
C ALA B 378 -7.07 3.97 -20.76
N LYS B 379 -8.26 4.11 -21.39
CA LYS B 379 -9.54 3.49 -20.97
C LYS B 379 -10.09 4.18 -19.69
N LYS B 380 -11.19 4.93 -19.86
CA LYS B 380 -11.91 5.61 -18.76
C LYS B 380 -13.36 5.87 -19.21
N GLU B 381 -13.50 6.59 -20.35
CA GLU B 381 -14.79 6.87 -20.96
C GLU B 381 -15.32 5.60 -21.66
N GLY B 382 -16.43 5.05 -21.13
CA GLY B 382 -17.18 4.01 -21.84
C GLY B 382 -17.97 4.60 -23.01
N ASN B 383 -18.65 5.72 -22.72
CA ASN B 383 -19.41 6.51 -23.69
C ASN B 383 -19.79 7.87 -23.05
N THR B 384 -20.51 8.72 -23.79
CA THR B 384 -20.87 10.08 -23.35
C THR B 384 -22.42 10.26 -23.29
N LEU B 385 -23.17 9.15 -23.39
CA LEU B 385 -24.64 9.15 -23.38
C LEU B 385 -25.14 8.72 -21.98
N VAL B 386 -25.01 7.41 -21.69
CA VAL B 386 -25.32 6.79 -20.39
C VAL B 386 -24.23 5.77 -20.07
N ILE B 387 -23.50 6.03 -18.98
CA ILE B 387 -22.34 5.23 -18.57
C ILE B 387 -22.80 3.96 -17.76
N VAL B 388 -21.92 3.38 -16.88
CA VAL B 388 -22.15 2.11 -16.12
C VAL B 388 -22.07 0.88 -17.07
N THR B 389 -21.76 1.17 -18.36
CA THR B 389 -21.63 0.18 -19.42
C THR B 389 -20.41 -0.73 -19.15
N ALA B 390 -19.34 -0.12 -18.60
CA ALA B 390 -18.09 -0.80 -18.26
C ALA B 390 -18.21 -1.46 -16.87
N ASP B 391 -18.15 -2.81 -16.86
CA ASP B 391 -18.11 -3.64 -15.64
C ASP B 391 -19.42 -3.52 -14.81
N HIS B 392 -19.39 -2.74 -13.71
CA HIS B 392 -20.46 -2.59 -12.71
C HIS B 392 -19.95 -1.78 -11.50
N ALA B 393 -18.74 -1.17 -11.64
CA ALA B 393 -18.02 -0.46 -10.57
C ALA B 393 -17.60 -1.41 -9.44
N HIS B 394 -16.50 -2.17 -9.68
CA HIS B 394 -15.79 -2.96 -8.65
C HIS B 394 -14.28 -2.74 -8.83
N ALA B 395 -13.48 -3.22 -7.85
CA ALA B 395 -11.99 -3.08 -7.86
C ALA B 395 -11.56 -1.60 -7.73
N SER B 396 -12.52 -0.74 -7.33
CA SER B 396 -12.25 0.65 -6.99
C SER B 396 -11.66 0.67 -5.57
N GLN B 397 -10.31 0.47 -5.51
CA GLN B 397 -9.53 0.48 -4.27
C GLN B 397 -10.07 -0.58 -3.25
N ILE B 398 -9.94 -0.29 -1.94
CA ILE B 398 -10.58 -1.01 -0.80
C ILE B 398 -10.04 -2.44 -0.57
N VAL B 399 -10.19 -2.92 0.70
CA VAL B 399 -9.80 -4.28 1.16
C VAL B 399 -8.25 -4.46 1.17
N ALA B 400 -7.77 -5.41 2.01
CA ALA B 400 -6.35 -5.72 2.24
C ALA B 400 -5.68 -4.63 3.11
N PRO B 401 -4.39 -4.81 3.57
CA PRO B 401 -3.61 -3.71 4.17
C PRO B 401 -3.72 -2.38 3.38
N ASP B 402 -4.23 -1.37 4.07
CA ASP B 402 -4.46 0.00 3.52
C ASP B 402 -3.17 0.84 3.53
N THR B 403 -2.05 0.16 3.78
CA THR B 403 -0.74 0.73 4.01
C THR B 403 0.25 0.29 2.91
N LYS B 404 -0.23 -0.48 1.90
CA LYS B 404 0.59 -0.91 0.76
C LYS B 404 -0.30 -1.53 -0.33
N ALA B 405 -0.54 -0.75 -1.40
CA ALA B 405 -1.20 -1.19 -2.65
C ALA B 405 -1.21 -0.01 -3.64
N PRO B 406 -0.66 -0.19 -4.90
CA PRO B 406 -0.68 0.88 -5.94
C PRO B 406 -2.13 1.19 -6.43
N GLY B 407 -2.80 2.10 -5.69
CA GLY B 407 -4.12 2.61 -6.05
C GLY B 407 -4.08 4.12 -6.13
N LEU B 408 -4.43 4.78 -5.00
CA LEU B 408 -4.34 6.25 -4.82
C LEU B 408 -5.25 6.99 -5.83
N THR B 409 -4.69 7.33 -7.01
CA THR B 409 -5.41 8.01 -8.09
C THR B 409 -6.18 6.96 -8.93
N GLN B 410 -7.30 7.39 -9.54
CA GLN B 410 -8.18 6.55 -10.40
C GLN B 410 -8.97 5.50 -9.57
N ALA B 411 -10.13 5.11 -10.12
CA ALA B 411 -11.02 4.11 -9.52
C ALA B 411 -11.61 3.24 -10.65
N LEU B 412 -12.74 3.67 -11.24
CA LEU B 412 -13.45 2.97 -12.34
C LEU B 412 -14.76 3.70 -12.66
N ASN B 413 -15.07 3.80 -13.97
CA ASN B 413 -16.43 4.12 -14.50
C ASN B 413 -16.84 5.62 -14.31
N THR B 414 -17.89 6.00 -15.07
CA THR B 414 -18.60 7.30 -14.99
C THR B 414 -17.90 8.41 -15.78
N LYS B 415 -18.67 9.02 -16.71
CA LYS B 415 -18.24 10.12 -17.60
C LYS B 415 -19.29 11.25 -17.54
N ASP B 416 -20.56 10.88 -17.80
CA ASP B 416 -21.72 11.79 -17.69
C ASP B 416 -22.27 11.74 -16.24
N GLY B 417 -23.37 12.49 -15.98
CA GLY B 417 -23.94 12.59 -14.63
C GLY B 417 -25.43 12.86 -14.63
N ALA B 418 -26.01 12.84 -13.42
CA ALA B 418 -27.45 13.07 -13.19
C ALA B 418 -27.69 14.53 -12.76
N VAL B 419 -28.98 14.90 -12.61
CA VAL B 419 -29.39 16.25 -12.20
C VAL B 419 -29.19 16.40 -10.67
N MET B 420 -28.17 17.23 -10.31
CA MET B 420 -27.78 17.63 -8.93
C MET B 420 -27.70 16.45 -7.90
N VAL B 421 -28.86 15.97 -7.38
CA VAL B 421 -28.92 14.92 -6.33
C VAL B 421 -29.71 13.68 -6.85
N MET B 422 -30.79 13.96 -7.62
CA MET B 422 -31.76 12.96 -8.12
C MET B 422 -32.50 12.23 -6.97
N SER B 423 -31.78 11.34 -6.26
CA SER B 423 -32.33 10.53 -5.16
C SER B 423 -32.34 11.33 -3.85
N TYR B 424 -33.56 11.66 -3.38
CA TYR B 424 -33.81 12.24 -2.05
C TYR B 424 -33.12 13.62 -1.87
N GLY B 425 -32.97 14.03 -0.60
CA GLY B 425 -32.23 15.21 -0.23
C GLY B 425 -32.70 15.69 1.12
N ASN B 426 -33.77 16.49 1.10
CA ASN B 426 -34.40 17.08 2.29
C ASN B 426 -35.71 17.77 1.84
N SER B 427 -36.85 17.10 2.10
CA SER B 427 -38.18 17.47 1.53
C SER B 427 -38.16 17.32 -0.02
N GLU B 428 -37.18 16.53 -0.52
CA GLU B 428 -36.81 16.44 -1.97
C GLU B 428 -36.58 17.84 -2.59
N GLU B 429 -36.20 18.81 -1.75
CA GLU B 429 -36.01 20.21 -2.16
C GLU B 429 -34.92 20.84 -1.27
N ASP B 430 -35.32 21.45 -0.14
CA ASP B 430 -34.42 22.26 0.70
C ASP B 430 -35.12 22.56 2.05
N SER B 431 -34.52 23.44 2.87
CA SER B 431 -35.12 24.05 4.08
C SER B 431 -35.06 23.14 5.33
N GLN B 432 -34.53 21.90 5.19
CA GLN B 432 -34.31 20.99 6.35
C GLN B 432 -32.82 21.01 6.75
N GLU B 433 -31.93 20.87 5.72
CA GLU B 433 -30.46 20.79 5.89
C GLU B 433 -30.08 19.51 6.67
N HIS B 434 -30.21 19.56 8.03
CA HIS B 434 -30.15 18.37 8.87
C HIS B 434 -31.50 17.66 8.78
N THR B 435 -31.67 16.89 7.69
CA THR B 435 -32.85 16.06 7.49
C THR B 435 -32.88 14.92 8.52
N GLY B 436 -31.73 14.20 8.66
CA GLY B 436 -31.55 13.14 9.67
C GLY B 436 -32.57 12.01 9.58
N SER B 437 -33.26 11.92 8.44
CA SER B 437 -34.34 10.96 8.19
C SER B 437 -33.75 9.55 8.03
N GLN B 438 -32.66 9.48 7.27
CA GLN B 438 -32.04 8.22 6.90
C GLN B 438 -30.53 8.46 6.63
N LEU B 439 -30.19 8.95 5.41
CA LEU B 439 -28.81 8.92 4.87
C LEU B 439 -28.27 7.48 4.93
N ARG B 440 -27.69 7.09 6.09
CA ARG B 440 -27.25 5.70 6.41
C ARG B 440 -26.09 5.23 5.53
N ILE B 441 -25.55 4.06 5.90
CA ILE B 441 -24.44 3.41 5.19
C ILE B 441 -24.91 2.09 4.57
N ALA B 442 -24.77 1.99 3.23
CA ALA B 442 -25.14 0.80 2.46
C ALA B 442 -24.33 -0.43 2.93
N ALA B 443 -23.05 -0.20 3.21
CA ALA B 443 -22.12 -1.24 3.67
C ALA B 443 -22.41 -1.62 5.12
N TYR B 444 -22.28 -2.93 5.42
CA TYR B 444 -22.44 -3.50 6.77
C TYR B 444 -23.88 -3.31 7.29
N GLY B 445 -24.18 -2.15 7.89
CA GLY B 445 -25.49 -1.91 8.50
C GLY B 445 -25.80 -2.84 9.67
N PRO B 446 -27.02 -3.42 9.78
CA PRO B 446 -27.32 -4.52 10.73
C PRO B 446 -27.30 -5.91 10.04
N HIS B 447 -26.24 -6.17 9.25
CA HIS B 447 -26.10 -7.40 8.44
C HIS B 447 -25.67 -8.60 9.33
N ALA B 448 -26.66 -9.15 10.09
CA ALA B 448 -26.49 -10.33 10.96
C ALA B 448 -25.52 -10.04 12.15
N ALA B 449 -24.20 -10.05 11.86
CA ALA B 449 -23.15 -9.76 12.86
C ALA B 449 -21.97 -8.96 12.23
N ASN B 450 -22.15 -8.53 10.95
CA ASN B 450 -21.20 -7.63 10.21
C ASN B 450 -19.75 -8.15 10.13
N VAL B 451 -19.55 -9.45 10.40
CA VAL B 451 -18.21 -10.06 10.46
C VAL B 451 -17.57 -10.11 9.06
N VAL B 452 -16.75 -9.08 8.77
CA VAL B 452 -16.06 -8.87 7.46
C VAL B 452 -17.14 -8.65 6.33
N GLY B 453 -18.33 -8.16 6.75
CA GLY B 453 -19.50 -8.08 5.88
C GLY B 453 -19.62 -6.77 5.14
N LEU B 454 -18.68 -6.52 4.19
CA LEU B 454 -18.72 -5.33 3.31
C LEU B 454 -19.77 -5.56 2.20
N THR B 455 -21.06 -5.54 2.62
CA THR B 455 -22.21 -5.92 1.80
C THR B 455 -23.25 -4.80 1.82
N ASP B 456 -23.93 -4.59 0.68
CA ASP B 456 -24.97 -3.56 0.53
C ASP B 456 -26.29 -4.02 1.19
N GLN B 457 -26.36 -3.82 2.51
CA GLN B 457 -27.51 -4.19 3.37
C GLN B 457 -28.37 -2.94 3.70
N THR B 458 -27.71 -1.77 3.74
CA THR B 458 -28.29 -0.47 4.15
C THR B 458 -28.55 -0.44 5.68
N ASP B 459 -27.92 0.53 6.38
CA ASP B 459 -27.98 0.64 7.84
C ASP B 459 -29.39 1.05 8.31
N LEU B 460 -29.82 0.42 9.38
CA LEU B 460 -31.10 0.70 10.06
C LEU B 460 -30.82 1.04 11.54
N PHE B 461 -29.57 0.76 11.98
CA PHE B 461 -29.12 0.86 13.37
C PHE B 461 -30.02 0.01 14.30
N TYR B 462 -29.64 -1.27 14.46
CA TYR B 462 -30.36 -2.24 15.30
C TYR B 462 -29.52 -2.60 16.55
N THR B 463 -28.22 -2.25 16.53
CA THR B 463 -27.28 -2.60 17.59
C THR B 463 -27.47 -1.66 18.80
N MET B 464 -28.31 -2.11 19.73
CA MET B 464 -28.61 -1.42 21.00
C MET B 464 -28.87 -2.47 22.09
N LYS B 465 -28.37 -3.69 21.85
CA LYS B 465 -28.60 -4.86 22.69
C LYS B 465 -27.39 -5.79 22.62
N ALA B 466 -27.10 -6.47 23.74
CA ALA B 466 -26.06 -7.52 23.83
C ALA B 466 -26.67 -8.91 23.52
N ALA B 467 -28.00 -8.91 23.20
CA ALA B 467 -28.78 -10.10 22.78
C ALA B 467 -28.93 -11.10 23.94
N LEU B 468 -27.86 -11.85 24.22
CA LEU B 468 -27.80 -12.83 25.32
C LEU B 468 -27.59 -12.08 26.66
N GLY B 469 -26.95 -10.89 26.60
CA GLY B 469 -26.61 -10.10 27.78
C GLY B 469 -27.75 -9.21 28.26
N LEU B 470 -28.84 -9.83 28.75
CA LEU B 470 -29.99 -9.11 29.34
C LEU B 470 -30.39 -9.73 30.69
N LYS B 471 -29.76 -10.86 31.06
CA LYS B 471 -30.09 -11.62 32.28
C LYS B 471 -28.78 -12.03 32.98
N MET C 1 41.05 -7.39 -39.91
CA MET C 1 40.88 -8.61 -40.73
C MET C 1 41.17 -9.84 -39.85
N ALA C 2 40.19 -10.17 -38.97
CA ALA C 2 40.21 -11.32 -38.04
C ALA C 2 41.43 -11.27 -37.07
N ALA C 3 41.96 -10.06 -36.82
CA ALA C 3 43.14 -9.87 -35.95
C ALA C 3 42.73 -9.96 -34.48
N LYS C 4 42.51 -11.22 -34.00
CA LYS C 4 42.04 -11.54 -32.64
C LYS C 4 42.65 -10.63 -31.56
N LYS C 5 41.87 -9.63 -31.15
CA LYS C 5 42.12 -8.86 -29.95
C LYS C 5 41.91 -9.79 -28.76
N ASP C 6 43.02 -10.36 -28.24
CA ASP C 6 42.92 -11.27 -27.10
C ASP C 6 42.57 -10.45 -25.87
N TYR C 7 41.27 -10.44 -25.59
CA TYR C 7 40.66 -9.63 -24.54
C TYR C 7 41.26 -9.94 -23.15
N TYR C 8 41.63 -11.22 -22.95
CA TYR C 8 42.32 -11.66 -21.73
C TYR C 8 43.70 -10.96 -21.60
N ALA C 9 44.48 -10.93 -22.70
CA ALA C 9 45.81 -10.27 -22.73
C ALA C 9 45.70 -8.76 -22.43
N ILE C 10 44.65 -8.13 -22.99
CA ILE C 10 44.36 -6.70 -22.76
C ILE C 10 44.08 -6.45 -21.24
N LEU C 11 43.37 -7.40 -20.61
CA LEU C 11 43.07 -7.34 -19.16
C LEU C 11 44.24 -7.81 -18.27
N GLY C 12 45.32 -8.34 -18.90
CA GLY C 12 46.50 -8.86 -18.17
C GLY C 12 46.20 -10.14 -17.39
N VAL C 13 45.27 -10.95 -17.92
CA VAL C 13 44.82 -12.23 -17.34
C VAL C 13 44.96 -13.35 -18.40
N PRO C 14 45.11 -14.66 -18.00
CA PRO C 14 45.20 -15.78 -18.96
C PRO C 14 43.82 -16.23 -19.49
N ARG C 15 43.84 -17.06 -20.55
CA ARG C 15 42.64 -17.71 -21.11
C ARG C 15 42.17 -18.84 -20.16
N ASN C 16 41.57 -18.41 -19.05
CA ASN C 16 41.10 -19.28 -17.95
C ASN C 16 40.43 -18.40 -16.88
N ALA C 17 40.76 -17.09 -16.93
CA ALA C 17 40.19 -16.03 -16.09
C ALA C 17 38.65 -16.08 -16.05
N THR C 18 38.08 -16.43 -14.88
CA THR C 18 36.61 -16.55 -14.67
C THR C 18 35.94 -15.16 -14.62
N GLN C 19 34.60 -15.14 -14.38
CA GLN C 19 33.79 -13.89 -14.37
C GLN C 19 34.40 -12.82 -13.43
N GLU C 20 34.67 -13.23 -12.16
CA GLU C 20 35.25 -12.32 -11.14
C GLU C 20 36.68 -11.91 -11.49
N GLU C 21 37.46 -12.77 -12.14
CA GLU C 21 38.87 -12.44 -12.48
C GLU C 21 38.93 -11.34 -13.57
N ILE C 22 38.03 -11.46 -14.53
CA ILE C 22 37.82 -10.47 -15.61
C ILE C 22 37.20 -9.18 -15.04
N LYS C 23 36.29 -9.38 -14.06
CA LYS C 23 35.59 -8.28 -13.37
C LYS C 23 36.60 -7.45 -12.55
N ARG C 24 37.54 -8.16 -11.86
CA ARG C 24 38.57 -7.57 -10.98
C ARG C 24 39.71 -6.98 -11.79
N ALA C 25 39.94 -7.55 -12.99
CA ALA C 25 40.89 -7.00 -13.97
C ALA C 25 40.42 -5.62 -14.42
N TYR C 26 39.10 -5.54 -14.69
CA TYR C 26 38.44 -4.29 -15.05
C TYR C 26 38.48 -3.29 -13.88
N LYS C 27 38.17 -3.75 -12.64
CA LYS C 27 38.20 -2.88 -11.40
C LYS C 27 39.60 -2.24 -11.23
N ARG C 28 40.63 -3.08 -11.41
CA ARG C 28 42.05 -2.71 -11.34
C ARG C 28 42.35 -1.57 -12.33
N LEU C 29 42.03 -1.84 -13.61
CA LEU C 29 42.36 -0.97 -14.75
C LEU C 29 41.35 0.20 -14.89
N ALA C 30 40.26 0.15 -14.11
CA ALA C 30 39.27 1.23 -14.01
C ALA C 30 39.72 2.26 -12.98
N ARG C 31 40.51 1.79 -11.98
CA ARG C 31 41.18 2.69 -11.02
C ARG C 31 42.59 3.10 -11.51
N GLN C 32 43.16 2.29 -12.43
CA GLN C 32 44.52 2.52 -12.97
C GLN C 32 44.47 3.56 -14.12
N TYR C 33 43.63 3.29 -15.14
CA TYR C 33 43.43 4.19 -16.30
C TYR C 33 42.28 5.19 -16.02
N HIS C 34 41.91 5.34 -14.74
CA HIS C 34 40.71 6.06 -14.28
C HIS C 34 40.56 7.44 -14.96
N PRO C 35 39.77 7.51 -16.09
CA PRO C 35 39.78 8.67 -17.03
C PRO C 35 39.05 9.90 -16.48
N ASP C 36 38.38 9.70 -15.34
CA ASP C 36 37.77 10.77 -14.54
C ASP C 36 38.85 11.69 -13.96
N VAL C 37 39.96 11.07 -13.49
CA VAL C 37 41.09 11.78 -12.86
C VAL C 37 42.20 12.02 -13.91
N ASN C 38 42.54 10.96 -14.63
CA ASN C 38 43.58 10.99 -15.68
C ASN C 38 42.89 11.18 -17.02
N LYS C 39 42.44 12.42 -17.25
CA LYS C 39 41.80 12.83 -18.51
C LYS C 39 42.88 13.00 -19.59
N SER C 40 43.35 11.86 -20.10
CA SER C 40 44.43 11.80 -21.09
C SER C 40 44.11 10.72 -22.15
N PRO C 41 44.27 11.05 -23.49
CA PRO C 41 44.10 10.08 -24.61
C PRO C 41 44.83 8.75 -24.36
N GLU C 42 45.99 8.84 -23.67
CA GLU C 42 46.77 7.66 -23.20
C GLU C 42 45.83 6.63 -22.54
N ALA C 43 45.13 7.09 -21.50
CA ALA C 43 44.22 6.26 -20.70
C ALA C 43 42.87 6.13 -21.38
N GLU C 44 42.62 6.89 -22.47
CA GLU C 44 41.36 6.75 -23.24
C GLU C 44 41.47 5.52 -24.13
N GLU C 45 42.46 5.51 -25.02
CA GLU C 45 42.77 4.39 -25.92
C GLU C 45 42.94 3.09 -25.12
N LYS C 46 43.75 3.18 -24.05
CA LYS C 46 44.03 2.04 -23.18
C LYS C 46 42.77 1.55 -22.43
N PHE C 47 42.05 2.45 -21.72
CA PHE C 47 40.85 2.06 -20.93
C PHE C 47 39.68 1.64 -21.84
N LYS C 48 39.69 2.11 -23.10
CA LYS C 48 38.67 1.73 -24.09
C LYS C 48 38.92 0.31 -24.60
N GLU C 49 40.20 -0.08 -24.75
CA GLU C 49 40.54 -1.49 -25.03
C GLU C 49 40.20 -2.37 -23.81
N ILE C 50 40.35 -1.81 -22.58
CA ILE C 50 39.91 -2.50 -21.34
C ILE C 50 38.38 -2.66 -21.33
N ASN C 51 37.70 -1.60 -21.81
CA ASN C 51 36.22 -1.57 -21.92
C ASN C 51 35.74 -2.62 -22.93
N GLU C 52 36.45 -2.72 -24.07
CA GLU C 52 36.17 -3.71 -25.15
C GLU C 52 36.32 -5.14 -24.59
N ALA C 53 37.50 -5.36 -23.98
CA ALA C 53 37.91 -6.65 -23.44
C ALA C 53 36.91 -7.19 -22.42
N TYR C 54 36.66 -6.37 -21.40
CA TYR C 54 35.70 -6.65 -20.36
C TYR C 54 34.27 -6.70 -20.92
N ALA C 55 33.93 -5.88 -21.92
CA ALA C 55 32.55 -5.81 -22.46
C ALA C 55 32.12 -7.15 -23.06
N VAL C 56 33.05 -7.81 -23.77
CA VAL C 56 32.80 -9.16 -24.30
C VAL C 56 32.82 -10.19 -23.15
N LEU C 57 33.87 -10.13 -22.31
CA LEU C 57 34.16 -11.19 -21.31
C LEU C 57 33.46 -10.98 -19.93
N SER C 58 32.65 -9.91 -19.79
CA SER C 58 32.01 -9.49 -18.51
C SER C 58 31.19 -10.60 -17.87
N ASP C 59 30.51 -11.35 -18.74
CA ASP C 59 29.48 -12.30 -18.35
C ASP C 59 29.91 -13.68 -18.86
N PRO C 60 29.73 -14.78 -18.05
CA PRO C 60 30.17 -16.17 -18.42
C PRO C 60 29.70 -16.60 -19.83
N GLU C 61 28.49 -16.15 -20.17
CA GLU C 61 27.81 -16.41 -21.45
C GLU C 61 28.66 -15.92 -22.65
N LYS C 62 28.81 -14.59 -22.73
CA LYS C 62 29.49 -13.92 -23.87
C LYS C 62 31.00 -14.14 -23.84
N ARG C 63 31.51 -14.43 -22.63
CA ARG C 63 32.89 -14.89 -22.43
C ARG C 63 33.12 -16.18 -23.26
N ARG C 64 32.19 -17.14 -23.10
CA ARG C 64 32.23 -18.41 -23.84
C ARG C 64 31.86 -18.24 -25.31
N ILE C 65 31.14 -17.15 -25.68
CA ILE C 65 30.99 -16.75 -27.12
C ILE C 65 32.38 -16.50 -27.74
N TYR C 66 33.22 -15.73 -27.01
CA TYR C 66 34.61 -15.50 -27.41
C TYR C 66 35.40 -16.83 -27.45
N ASP C 67 35.33 -17.60 -26.34
CA ASP C 67 36.08 -18.87 -26.16
C ASP C 67 35.71 -19.91 -27.24
N THR C 68 34.46 -19.87 -27.73
CA THR C 68 34.01 -20.77 -28.82
C THR C 68 34.44 -20.21 -30.18
N TYR C 69 34.62 -18.87 -30.32
CA TYR C 69 35.15 -18.32 -31.57
C TYR C 69 36.66 -18.64 -31.64
N GLY C 70 37.11 -19.13 -32.81
CA GLY C 70 38.40 -19.79 -32.95
C GLY C 70 38.26 -21.31 -32.83
N THR C 71 37.01 -21.78 -32.98
CA THR C 71 36.63 -23.20 -33.05
C THR C 71 35.44 -23.19 -34.00
N THR C 72 34.41 -22.47 -33.55
CA THR C 72 33.38 -21.91 -34.40
C THR C 72 34.03 -20.68 -35.06
N GLU C 73 33.75 -20.43 -36.33
CA GLU C 73 34.26 -19.26 -37.08
C GLU C 73 33.11 -18.40 -37.63
N ALA C 74 31.88 -18.95 -37.56
CA ALA C 74 30.66 -18.21 -37.88
C ALA C 74 30.30 -17.29 -36.70
N PRO C 75 29.84 -16.02 -36.97
CA PRO C 75 29.36 -15.10 -35.92
C PRO C 75 28.09 -15.65 -35.19
N PRO C 76 28.02 -15.55 -33.83
CA PRO C 76 26.88 -16.08 -33.02
C PRO C 76 25.57 -15.28 -33.27
N PRO C 77 24.36 -15.86 -32.97
CA PRO C 77 23.07 -15.12 -33.06
C PRO C 77 23.02 -13.88 -32.13
N PRO C 78 22.92 -12.62 -32.71
CA PRO C 78 22.76 -11.39 -31.90
C PRO C 78 21.39 -11.33 -31.18
N PRO C 79 21.34 -10.92 -29.87
CA PRO C 79 20.08 -10.54 -29.15
C PRO C 79 19.13 -9.60 -29.98
N PRO C 80 17.80 -9.53 -29.62
CA PRO C 80 16.82 -8.67 -30.32
C PRO C 80 17.12 -7.16 -30.12
N GLY C 81 18.03 -6.66 -30.97
CA GLY C 81 18.48 -5.27 -30.92
C GLY C 81 19.95 -5.16 -31.34
N GLY C 82 20.68 -6.27 -31.10
CA GLY C 82 22.05 -6.44 -31.55
C GLY C 82 22.87 -7.25 -30.57
N TYR C 83 24.13 -7.58 -30.97
CA TYR C 83 25.09 -8.30 -30.13
C TYR C 83 25.24 -7.62 -28.76
N ASP C 84 24.93 -8.37 -27.70
CA ASP C 84 24.94 -7.86 -26.33
C ASP C 84 26.34 -7.36 -25.95
N PHE C 85 26.39 -6.11 -25.53
CA PHE C 85 27.61 -5.31 -25.35
C PHE C 85 27.22 -4.00 -24.60
N SER C 86 26.02 -4.08 -23.96
CA SER C 86 25.29 -2.93 -23.41
C SER C 86 26.13 -2.21 -22.35
N GLY C 87 26.47 -0.94 -22.64
CA GLY C 87 27.26 -0.12 -21.74
C GLY C 87 28.51 0.43 -22.37
N PHE C 88 28.98 -0.20 -23.48
CA PHE C 88 30.31 0.11 -24.05
C PHE C 88 30.22 0.55 -25.52
N ASP C 89 30.91 1.68 -25.85
CA ASP C 89 30.80 2.35 -27.17
C ASP C 89 31.58 1.56 -28.25
N VAL C 90 30.88 0.58 -28.83
CA VAL C 90 31.33 -0.25 -29.99
C VAL C 90 32.10 0.53 -31.08
N GLU C 91 31.61 1.73 -31.46
CA GLU C 91 32.16 2.52 -32.59
C GLU C 91 33.61 3.00 -32.31
N ASP C 92 34.01 2.99 -31.04
CA ASP C 92 35.37 3.36 -30.62
C ASP C 92 36.35 2.19 -30.87
N PHE C 93 35.83 0.96 -30.78
CA PHE C 93 36.66 -0.26 -30.64
C PHE C 93 37.13 -0.83 -32.01
N SER C 94 37.97 -1.87 -31.96
CA SER C 94 38.80 -2.32 -33.11
C SER C 94 38.03 -3.15 -34.16
N GLU C 95 38.79 -3.51 -35.23
CA GLU C 95 38.28 -4.23 -36.41
C GLU C 95 37.74 -5.62 -36.02
N PHE C 96 38.59 -6.43 -35.34
CA PHE C 96 38.26 -7.82 -34.95
C PHE C 96 36.87 -7.92 -34.28
N PHE C 97 36.67 -7.04 -33.30
CA PHE C 97 35.41 -6.90 -32.60
C PHE C 97 34.29 -6.51 -33.61
N GLN C 98 34.54 -5.44 -34.40
CA GLN C 98 33.55 -4.92 -35.37
C GLN C 98 33.40 -5.84 -36.62
N GLU C 99 34.09 -7.00 -36.62
CA GLU C 99 33.89 -8.08 -37.62
C GLU C 99 33.03 -9.23 -37.03
N LEU C 100 33.46 -9.79 -35.88
CA LEU C 100 32.78 -10.94 -35.24
C LEU C 100 31.35 -10.56 -34.80
N PHE C 101 31.23 -9.39 -34.19
CA PHE C 101 29.94 -8.83 -33.76
C PHE C 101 29.38 -7.88 -34.84
N GLY C 102 30.18 -7.64 -35.90
CA GLY C 102 29.82 -6.76 -37.02
C GLY C 102 28.38 -6.92 -37.54
N PRO C 103 27.99 -8.16 -38.04
CA PRO C 103 26.64 -8.47 -38.60
C PRO C 103 25.42 -7.89 -37.84
N GLY C 104 25.56 -7.60 -36.52
CA GLY C 104 24.42 -7.11 -35.74
C GLY C 104 24.84 -6.17 -34.62
N LEU C 105 25.83 -5.30 -34.87
CA LEU C 105 26.27 -4.28 -33.86
C LEU C 105 25.19 -3.22 -33.50
N PHE C 106 24.26 -3.63 -32.60
CA PHE C 106 23.36 -2.75 -31.82
C PHE C 106 22.58 -1.65 -32.61
N GLY C 107 22.28 -0.53 -31.91
CA GLY C 107 21.31 0.46 -32.37
C GLY C 107 19.92 0.19 -31.82
N GLY C 108 19.82 -0.91 -31.03
CA GLY C 108 18.56 -1.37 -30.49
C GLY C 108 17.58 -1.75 -31.59
N PHE C 109 16.33 -1.35 -31.41
CA PHE C 109 15.28 -1.56 -32.41
C PHE C 109 15.27 -0.41 -33.45
N GLY C 110 16.19 0.58 -33.27
CA GLY C 110 16.31 1.71 -34.18
C GLY C 110 17.36 1.48 -35.27
N ARG C 111 18.39 0.65 -34.94
CA ARG C 111 19.51 0.29 -35.85
C ARG C 111 20.47 1.46 -36.19
N ARG C 112 20.09 2.72 -35.85
CA ARG C 112 20.90 3.93 -36.14
C ARG C 112 22.08 4.12 -35.13
N SER C 113 22.38 3.05 -34.35
CA SER C 113 23.52 3.01 -33.41
C SER C 113 23.35 4.01 -32.23
N ARG C 114 22.10 4.15 -31.78
CA ARG C 114 21.72 5.14 -30.75
C ARG C 114 22.29 4.76 -29.36
N LYS C 115 22.10 5.67 -28.37
CA LYS C 115 22.33 5.40 -26.93
C LYS C 115 21.70 4.06 -26.52
N GLY C 116 22.38 3.31 -25.62
CA GLY C 116 21.80 2.15 -24.97
C GLY C 116 20.39 2.44 -24.52
N ARG C 117 19.43 1.62 -24.96
CA ARG C 117 18.02 1.85 -24.63
C ARG C 117 17.87 1.88 -23.12
N ASP C 118 17.75 3.12 -22.58
CA ASP C 118 17.43 3.38 -21.18
C ASP C 118 16.25 2.48 -20.80
N LEU C 119 16.59 1.38 -20.12
CA LEU C 119 15.71 0.22 -20.00
C LEU C 119 14.85 0.36 -18.75
N ARG C 120 13.54 0.40 -18.99
CA ARG C 120 12.54 0.75 -17.98
C ARG C 120 11.73 -0.51 -17.69
N ALA C 121 12.18 -1.31 -16.73
CA ALA C 121 11.54 -2.60 -16.45
C ALA C 121 10.82 -2.53 -15.11
N GLU C 122 9.66 -3.18 -15.03
CA GLU C 122 8.83 -3.27 -13.84
C GLU C 122 8.55 -4.75 -13.59
N LEU C 123 8.81 -5.23 -12.37
CA LEU C 123 8.86 -6.67 -12.05
C LEU C 123 8.19 -6.96 -10.69
N PRO C 124 7.54 -8.15 -10.51
CA PRO C 124 7.11 -8.65 -9.21
C PRO C 124 8.30 -9.32 -8.47
N LEU C 125 8.62 -8.82 -7.26
CA LEU C 125 9.76 -9.30 -6.45
C LEU C 125 9.28 -9.55 -5.01
N THR C 126 9.93 -10.48 -4.29
CA THR C 126 9.54 -10.83 -2.91
C THR C 126 10.38 -10.03 -1.89
N LEU C 127 9.78 -9.81 -0.70
CA LEU C 127 10.42 -9.12 0.44
C LEU C 127 11.68 -9.87 0.90
N GLU C 128 11.52 -11.17 1.10
CA GLU C 128 12.62 -12.05 1.53
C GLU C 128 13.71 -12.16 0.44
N GLU C 129 13.27 -12.09 -0.84
CA GLU C 129 14.17 -12.10 -2.01
C GLU C 129 14.98 -10.79 -2.10
N ALA C 130 14.40 -9.70 -1.59
CA ALA C 130 15.09 -8.40 -1.54
C ALA C 130 16.13 -8.43 -0.41
N PHE C 131 15.76 -9.03 0.74
CA PHE C 131 16.67 -9.27 1.89
C PHE C 131 17.92 -10.04 1.46
N HIS C 132 17.71 -11.03 0.57
CA HIS C 132 18.81 -11.79 -0.04
C HIS C 132 19.66 -10.85 -0.93
N GLY C 133 19.00 -10.24 -1.94
CA GLY C 133 19.67 -9.36 -2.90
C GLY C 133 20.71 -10.12 -3.72
N GLY C 134 21.93 -9.54 -3.85
CA GLY C 134 23.05 -10.18 -4.52
C GLY C 134 22.79 -10.42 -6.00
N GLU C 135 23.44 -11.47 -6.56
CA GLU C 135 23.27 -11.87 -7.98
C GLU C 135 21.87 -12.47 -8.18
N ARG C 136 21.00 -11.72 -8.86
CA ARG C 136 19.68 -12.20 -9.31
C ARG C 136 19.72 -12.43 -10.84
N VAL C 137 18.99 -13.45 -11.28
CA VAL C 137 18.91 -13.86 -12.70
C VAL C 137 18.10 -12.84 -13.52
N VAL C 138 18.78 -12.03 -14.35
CA VAL C 138 18.12 -11.06 -15.22
C VAL C 138 18.45 -11.37 -16.70
N GLU C 139 17.43 -11.81 -17.45
CA GLU C 139 17.48 -11.94 -18.91
C GLU C 139 16.41 -11.02 -19.49
N VAL C 140 16.83 -9.84 -19.95
CA VAL C 140 15.92 -8.82 -20.50
C VAL C 140 16.58 -8.20 -21.74
N ALA C 141 15.79 -8.05 -22.83
CA ALA C 141 16.21 -7.48 -24.12
C ALA C 141 17.22 -8.40 -24.87
N GLY C 142 17.46 -9.62 -24.34
CA GLY C 142 18.45 -10.55 -24.92
C GLY C 142 19.71 -10.64 -24.07
N ARG C 143 19.82 -9.76 -23.07
CA ARG C 143 20.97 -9.71 -22.16
C ARG C 143 20.77 -10.69 -20.98
N ARG C 144 21.47 -11.84 -21.03
CA ARG C 144 21.45 -12.86 -19.97
C ARG C 144 22.67 -12.69 -19.04
N VAL C 145 22.42 -12.20 -17.82
CA VAL C 145 23.45 -12.01 -16.78
C VAL C 145 22.82 -12.17 -15.37
N SER C 146 23.64 -12.49 -14.36
CA SER C 146 23.26 -12.44 -12.95
C SER C 146 23.84 -11.15 -12.34
N VAL C 147 22.97 -10.13 -12.10
CA VAL C 147 23.45 -8.79 -11.66
C VAL C 147 23.17 -8.59 -10.18
N ARG C 148 24.05 -7.85 -9.49
CA ARG C 148 23.89 -7.53 -8.09
C ARG C 148 23.04 -6.27 -7.93
N ILE C 149 21.82 -6.48 -7.43
CA ILE C 149 20.93 -5.39 -7.00
C ILE C 149 21.18 -5.13 -5.50
N PRO C 150 20.98 -3.86 -5.00
CA PRO C 150 21.17 -3.53 -3.56
C PRO C 150 20.28 -4.42 -2.67
N PRO C 151 20.88 -5.14 -1.64
CA PRO C 151 20.12 -6.04 -0.73
C PRO C 151 18.98 -5.29 0.00
N GLY C 152 17.78 -5.35 -0.58
CA GLY C 152 16.62 -4.62 -0.11
C GLY C 152 16.15 -3.57 -1.09
N VAL C 153 14.83 -3.55 -1.37
CA VAL C 153 14.20 -2.62 -2.35
C VAL C 153 12.77 -2.22 -1.89
N ARG C 154 12.29 -1.08 -2.42
CA ARG C 154 11.01 -0.46 -2.01
C ARG C 154 9.90 -0.77 -3.05
N GLU C 155 8.63 -0.77 -2.59
CA GLU C 155 7.43 -0.82 -3.46
C GLU C 155 7.34 0.46 -4.31
N GLY C 156 7.20 0.27 -5.64
CA GLY C 156 7.05 1.36 -6.60
C GLY C 156 8.35 2.10 -6.91
N SER C 157 9.49 1.63 -6.38
CA SER C 157 10.79 2.31 -6.52
C SER C 157 11.70 1.56 -7.50
N VAL C 158 12.67 2.32 -8.06
CA VAL C 158 13.61 1.83 -9.07
C VAL C 158 14.92 1.33 -8.44
N ILE C 159 15.38 0.16 -8.90
CA ILE C 159 16.73 -0.36 -8.66
C ILE C 159 17.66 0.19 -9.74
N ARG C 160 18.82 0.72 -9.34
CA ARG C 160 19.86 1.12 -10.28
C ARG C 160 20.69 -0.12 -10.66
N VAL C 161 20.37 -0.68 -11.84
CA VAL C 161 21.16 -1.71 -12.51
C VAL C 161 22.06 -0.98 -13.54
N PRO C 162 23.33 -0.67 -13.14
CA PRO C 162 24.16 0.33 -13.83
C PRO C 162 25.12 -0.23 -14.91
N GLY C 163 25.64 0.70 -15.72
CA GLY C 163 26.69 0.44 -16.70
C GLY C 163 26.29 -0.50 -17.84
N MET C 164 24.97 -0.76 -18.00
CA MET C 164 24.44 -1.72 -19.00
C MET C 164 23.21 -1.13 -19.70
N GLY C 165 22.00 -1.37 -19.12
CA GLY C 165 20.74 -1.01 -19.77
C GLY C 165 20.30 -2.00 -20.82
N GLY C 166 19.53 -1.51 -21.79
CA GLY C 166 18.99 -2.32 -22.88
C GLY C 166 19.81 -2.21 -24.15
N GLN C 167 19.16 -2.57 -25.27
CA GLN C 167 19.79 -2.66 -26.59
C GLN C 167 20.15 -1.27 -27.15
N GLY C 168 21.45 -1.04 -27.38
CA GLY C 168 21.96 0.21 -27.95
C GLY C 168 23.45 0.33 -27.68
N ASN C 169 24.14 1.21 -28.42
CA ASN C 169 25.62 1.22 -28.48
C ASN C 169 26.28 1.80 -27.15
N PRO C 170 26.17 3.14 -26.79
CA PRO C 170 26.65 3.67 -25.46
C PRO C 170 25.89 3.06 -24.25
N PRO C 171 26.28 3.39 -22.96
CA PRO C 171 25.50 2.98 -21.75
C PRO C 171 24.09 3.60 -21.76
N GLY C 172 23.10 2.80 -21.35
CA GLY C 172 21.71 3.25 -21.25
C GLY C 172 21.20 3.21 -19.83
N ASP C 173 21.69 2.20 -19.06
CA ASP C 173 21.32 1.96 -17.65
C ASP C 173 19.89 1.42 -17.53
N LEU C 174 19.66 0.57 -16.53
CA LEU C 174 18.38 -0.13 -16.31
C LEU C 174 17.84 0.23 -14.92
N LEU C 175 16.58 0.66 -14.87
CA LEU C 175 15.85 0.89 -13.63
C LEU C 175 14.75 -0.18 -13.48
N LEU C 176 14.70 -0.81 -12.31
CA LEU C 176 13.69 -1.84 -11.99
C LEU C 176 12.66 -1.31 -10.97
N VAL C 177 11.42 -1.04 -11.42
CA VAL C 177 10.31 -0.67 -10.52
C VAL C 177 9.77 -1.96 -9.92
N VAL C 178 10.17 -2.22 -8.68
CA VAL C 178 9.76 -3.40 -7.96
C VAL C 178 8.33 -3.23 -7.43
N ARG C 179 7.53 -4.24 -7.72
CA ARG C 179 6.18 -4.42 -7.22
C ARG C 179 6.26 -5.63 -6.31
N LEU C 180 6.31 -5.39 -5.01
CA LEU C 180 6.45 -6.44 -4.00
C LEU C 180 5.16 -7.27 -3.96
N LEU C 181 5.33 -8.60 -3.98
CA LEU C 181 4.24 -9.61 -4.20
C LEU C 181 3.04 -9.45 -3.24
N PRO C 182 1.84 -10.06 -3.57
CA PRO C 182 0.71 -10.27 -2.60
C PRO C 182 1.20 -10.96 -1.30
N HIS C 183 1.80 -10.12 -0.49
CA HIS C 183 2.55 -10.44 0.73
C HIS C 183 2.90 -9.05 1.33
N PRO C 184 1.86 -8.17 1.54
CA PRO C 184 2.04 -6.72 1.78
C PRO C 184 2.27 -6.41 3.27
N VAL C 185 3.41 -6.90 3.77
CA VAL C 185 3.80 -6.74 5.17
C VAL C 185 4.73 -5.52 5.27
N PHE C 186 5.77 -5.48 4.41
CA PHE C 186 6.82 -4.43 4.44
C PHE C 186 6.83 -3.59 3.13
N ARG C 187 7.37 -2.37 3.26
CA ARG C 187 7.56 -1.40 2.16
C ARG C 187 8.74 -0.48 2.55
N LEU C 188 9.86 -0.58 1.83
CA LEU C 188 11.16 -0.03 2.26
C LEU C 188 11.35 1.50 2.04
N GLU C 189 12.22 2.06 2.91
CA GLU C 189 12.93 3.33 2.71
C GLU C 189 14.43 3.07 2.93
N GLY C 190 15.19 2.89 1.82
CA GLY C 190 16.66 2.72 1.88
C GLY C 190 17.11 1.45 2.61
N GLN C 191 17.12 1.50 3.95
CA GLN C 191 17.46 0.37 4.85
C GLN C 191 16.28 0.08 5.81
N ASP C 192 15.58 1.16 6.22
CA ASP C 192 14.49 1.12 7.21
C ASP C 192 13.16 0.73 6.56
N LEU C 193 12.51 -0.32 7.08
CA LEU C 193 11.23 -0.83 6.54
C LEU C 193 10.04 -0.01 7.03
N TYR C 194 8.94 -0.11 6.28
CA TYR C 194 7.61 0.31 6.71
C TYR C 194 6.69 -0.92 6.70
N ALA C 195 6.35 -1.40 7.89
CA ALA C 195 5.40 -2.51 8.07
C ALA C 195 4.08 -1.98 8.64
N THR C 196 3.18 -2.91 8.96
CA THR C 196 1.92 -2.62 9.63
C THR C 196 1.63 -3.69 10.69
N LEU C 197 1.54 -3.25 11.96
CA LEU C 197 1.30 -4.15 13.10
C LEU C 197 -0.18 -4.09 13.47
N ASP C 198 -0.86 -5.24 13.36
CA ASP C 198 -2.29 -5.37 13.64
C ASP C 198 -2.50 -5.61 15.16
N VAL C 199 -2.85 -4.52 15.90
CA VAL C 199 -3.05 -4.57 17.36
C VAL C 199 -4.55 -4.39 17.65
N PRO C 200 -5.22 -5.34 18.39
CA PRO C 200 -6.61 -5.14 18.81
C PRO C 200 -6.70 -4.02 19.87
N ALA C 201 -7.82 -3.29 19.84
CA ALA C 201 -8.08 -2.12 20.71
C ALA C 201 -7.88 -2.42 22.23
N PRO C 202 -8.40 -3.58 22.79
CA PRO C 202 -8.17 -3.91 24.23
C PRO C 202 -6.66 -3.99 24.57
N ILE C 203 -5.88 -4.75 23.78
CA ILE C 203 -4.41 -4.91 23.99
C ILE C 203 -3.67 -3.58 23.79
N ALA C 204 -4.20 -2.74 22.88
CA ALA C 204 -3.64 -1.41 22.59
C ALA C 204 -3.77 -0.46 23.78
N VAL C 205 -4.90 -0.56 24.51
CA VAL C 205 -5.20 0.29 25.67
C VAL C 205 -4.51 -0.21 26.96
N VAL C 206 -4.44 -1.54 27.14
CA VAL C 206 -3.90 -2.12 28.40
C VAL C 206 -2.36 -2.30 28.33
N GLY C 207 -1.86 -2.61 27.12
CA GLY C 207 -0.48 -3.07 26.93
C GLY C 207 -0.41 -4.59 27.00
N GLY C 208 0.17 -5.24 25.98
CA GLY C 208 0.30 -6.69 25.97
C GLY C 208 1.37 -7.14 25.00
N LYS C 209 1.08 -8.21 24.24
CA LYS C 209 1.93 -8.66 23.14
C LYS C 209 1.08 -9.09 21.94
N VAL C 210 1.49 -8.64 20.75
CA VAL C 210 0.98 -9.10 19.46
C VAL C 210 2.18 -9.35 18.54
N ARG C 211 2.12 -10.42 17.75
CA ARG C 211 3.22 -10.85 16.90
C ARG C 211 3.28 -10.03 15.60
N ALA C 212 4.50 -9.59 15.29
CA ALA C 212 4.89 -9.07 13.98
C ALA C 212 5.72 -10.15 13.27
N MET C 213 5.38 -10.47 12.02
CA MET C 213 6.24 -11.31 11.16
C MET C 213 7.49 -10.49 10.76
N THR C 214 8.63 -11.17 10.55
CA THR C 214 9.82 -10.57 9.92
C THR C 214 10.49 -11.56 8.96
N LEU C 215 11.43 -11.03 8.17
CA LEU C 215 12.11 -11.72 7.06
C LEU C 215 12.89 -12.96 7.52
N GLU C 216 13.50 -12.86 8.71
CA GLU C 216 14.36 -13.93 9.29
C GLU C 216 13.61 -14.72 10.39
N GLY C 217 12.37 -14.33 10.70
CA GLY C 217 11.59 -14.98 11.76
C GLY C 217 10.52 -14.07 12.35
N PRO C 218 9.59 -14.57 13.21
CA PRO C 218 8.53 -13.76 13.83
C PRO C 218 8.99 -13.10 15.17
N VAL C 219 8.83 -11.77 15.25
CA VAL C 219 9.16 -10.99 16.45
C VAL C 219 7.86 -10.62 17.19
N GLU C 220 7.67 -11.13 18.42
CA GLU C 220 6.45 -10.85 19.19
C GLU C 220 6.62 -9.52 19.94
N VAL C 221 5.87 -8.52 19.47
CA VAL C 221 5.94 -7.13 19.95
C VAL C 221 5.29 -6.97 21.33
N ALA C 222 6.04 -6.37 22.27
CA ALA C 222 5.51 -5.88 23.54
C ALA C 222 4.85 -4.51 23.32
N VAL C 223 3.50 -4.51 23.29
CA VAL C 223 2.70 -3.29 23.16
C VAL C 223 2.60 -2.58 24.53
N PRO C 224 2.90 -1.24 24.60
CA PRO C 224 2.64 -0.40 25.79
C PRO C 224 1.15 0.02 25.92
N PRO C 225 0.69 0.44 27.14
CA PRO C 225 -0.68 0.94 27.36
C PRO C 225 -1.02 2.17 26.47
N ARG C 226 -2.29 2.19 26.03
CA ARG C 226 -2.94 3.28 25.28
C ARG C 226 -2.18 3.69 24.00
N THR C 227 -2.49 2.96 22.92
CA THR C 227 -1.89 3.16 21.59
C THR C 227 -2.97 3.42 20.52
N GLN C 228 -2.76 4.46 19.65
CA GLN C 228 -3.68 4.78 18.53
C GLN C 228 -3.08 4.34 17.19
N ALA C 229 -3.96 4.11 16.20
CA ALA C 229 -3.55 3.76 14.84
C ALA C 229 -2.96 4.98 14.15
N GLY C 230 -1.96 4.73 13.29
CA GLY C 230 -1.18 5.82 12.68
C GLY C 230 0.11 6.10 13.45
N ARG C 231 0.26 5.49 14.66
CA ARG C 231 1.56 5.46 15.37
C ARG C 231 2.56 4.56 14.63
N LYS C 232 3.80 4.48 15.15
CA LYS C 232 4.87 3.75 14.47
C LYS C 232 5.93 3.22 15.45
N LEU C 233 6.20 1.91 15.37
CA LEU C 233 7.26 1.22 16.13
C LEU C 233 8.59 1.31 15.40
N ARG C 234 9.69 1.14 16.17
CA ARG C 234 11.06 0.99 15.65
C ARG C 234 11.72 -0.28 16.26
N LEU C 235 11.53 -1.44 15.60
CA LEU C 235 12.20 -2.69 15.99
C LEU C 235 13.57 -2.74 15.30
N LYS C 236 14.64 -2.53 16.09
CA LYS C 236 16.00 -2.30 15.57
C LYS C 236 16.57 -3.57 14.90
N GLY C 237 17.14 -3.40 13.69
CA GLY C 237 17.83 -4.49 12.98
C GLY C 237 16.92 -5.45 12.23
N LYS C 238 15.61 -5.17 12.27
CA LYS C 238 14.59 -5.98 11.59
C LYS C 238 14.28 -5.43 10.18
N GLY C 239 15.14 -4.51 9.68
CA GLY C 239 15.01 -3.93 8.33
C GLY C 239 15.85 -4.65 7.29
N PHE C 240 15.95 -4.05 6.08
CA PHE C 240 16.75 -4.60 4.96
C PHE C 240 18.25 -4.31 5.17
N PRO C 241 19.17 -5.22 4.68
CA PRO C 241 20.64 -5.07 4.86
C PRO C 241 21.18 -3.83 4.12
N GLY C 242 22.08 -3.09 4.78
CA GLY C 242 22.61 -1.83 4.24
C GLY C 242 24.13 -1.72 4.30
N PRO C 243 24.72 -0.69 3.60
CA PRO C 243 26.20 -0.54 3.45
C PRO C 243 26.94 -0.06 4.72
N ALA C 244 26.17 0.22 5.80
CA ALA C 244 26.72 0.65 7.09
C ALA C 244 26.01 -0.06 8.27
N GLY C 245 25.22 -1.10 7.93
CA GLY C 245 24.42 -1.83 8.92
C GLY C 245 23.04 -2.14 8.39
N ARG C 246 22.28 -3.01 9.07
CA ARG C 246 20.89 -3.34 8.69
C ARG C 246 19.94 -2.26 9.23
N GLY C 247 18.82 -2.06 8.51
CA GLY C 247 17.83 -1.05 8.88
C GLY C 247 16.93 -1.47 10.03
N ASP C 248 15.88 -0.67 10.26
CA ASP C 248 14.98 -0.83 11.41
C ASP C 248 13.57 -0.99 10.88
N LEU C 249 12.80 -1.83 11.53
CA LEU C 249 11.43 -2.10 11.16
C LEU C 249 10.50 -1.03 11.76
N TYR C 250 9.95 -0.16 10.88
CA TYR C 250 9.03 0.91 11.29
C TYR C 250 7.59 0.49 10.99
N LEU C 251 6.85 0.03 12.03
CA LEU C 251 5.49 -0.55 11.81
C LEU C 251 4.42 0.47 12.14
N GLU C 252 3.54 0.80 11.18
CA GLU C 252 2.36 1.62 11.46
C GLU C 252 1.32 0.77 12.19
N VAL C 253 0.83 1.32 13.30
CA VAL C 253 -0.11 0.65 14.18
C VAL C 253 -1.54 0.64 13.58
N ARG C 254 -2.17 -0.53 13.67
CA ARG C 254 -3.61 -0.72 13.47
C ARG C 254 -4.27 -0.90 14.83
N ILE C 255 -5.40 -0.23 15.03
CA ILE C 255 -6.31 -0.50 16.14
C ILE C 255 -7.54 -1.20 15.55
N THR C 256 -7.64 -2.51 15.77
CA THR C 256 -8.67 -3.38 15.18
C THR C 256 -9.56 -3.96 16.27
N ILE C 257 -10.65 -4.63 15.87
CA ILE C 257 -11.69 -5.14 16.77
C ILE C 257 -12.06 -6.60 16.38
N PRO C 258 -12.55 -7.45 17.35
CA PRO C 258 -12.70 -8.92 17.14
C PRO C 258 -13.98 -9.31 16.37
N GLU C 259 -14.54 -8.35 15.62
CA GLU C 259 -15.83 -8.48 14.91
C GLU C 259 -16.96 -8.84 15.87
N ARG C 260 -17.19 -10.15 16.08
CA ARG C 260 -18.25 -10.65 16.97
C ARG C 260 -17.77 -10.58 18.43
N LEU C 261 -18.71 -10.32 19.34
CA LEU C 261 -18.46 -10.27 20.80
C LEU C 261 -19.49 -11.15 21.51
N THR C 262 -19.10 -11.63 22.70
CA THR C 262 -20.02 -12.32 23.61
C THR C 262 -20.77 -11.27 24.47
N PRO C 263 -22.00 -11.62 25.02
CA PRO C 263 -22.86 -10.72 25.84
C PRO C 263 -22.12 -9.73 26.77
N GLU C 264 -21.19 -10.25 27.58
CA GLU C 264 -20.42 -9.45 28.56
C GLU C 264 -19.57 -8.40 27.84
N GLU C 265 -18.73 -8.88 26.88
CA GLU C 265 -17.84 -8.02 26.08
C GLU C 265 -18.64 -6.85 25.50
N GLU C 266 -19.71 -7.20 24.78
CA GLU C 266 -20.60 -6.26 24.09
C GLU C 266 -21.13 -5.18 25.07
N ALA C 267 -21.54 -5.62 26.28
CA ALA C 267 -22.07 -4.72 27.33
C ALA C 267 -21.04 -3.65 27.77
N LEU C 268 -19.78 -4.08 28.00
CA LEU C 268 -18.69 -3.17 28.43
C LEU C 268 -18.35 -2.15 27.31
N TRP C 269 -18.11 -2.66 26.08
CA TRP C 269 -17.83 -1.83 24.88
C TRP C 269 -18.98 -0.82 24.63
N LYS C 270 -20.21 -1.25 24.98
CA LYS C 270 -21.44 -0.44 24.81
C LYS C 270 -21.42 0.76 25.76
N LYS C 271 -21.07 0.52 27.04
CA LYS C 271 -20.94 1.59 28.06
C LYS C 271 -19.84 2.59 27.69
N LEU C 272 -18.74 2.06 27.11
CA LEU C 272 -17.61 2.87 26.63
C LEU C 272 -18.06 3.78 25.45
N ALA C 273 -18.95 3.22 24.60
CA ALA C 273 -19.56 3.95 23.45
C ALA C 273 -20.39 5.14 23.94
N GLU C 274 -21.23 4.90 24.96
CA GLU C 274 -22.10 5.94 25.56
C GLU C 274 -21.27 7.04 26.23
N ALA C 275 -20.15 6.62 26.87
CA ALA C 275 -19.16 7.54 27.48
C ALA C 275 -18.53 8.44 26.39
N TYR C 276 -18.38 7.86 25.19
CA TYR C 276 -17.89 8.59 24.00
C TYR C 276 -18.96 9.57 23.44
N TYR C 277 -20.25 9.13 23.37
CA TYR C 277 -21.34 10.00 22.87
C TYR C 277 -21.63 11.15 23.84
N ALA C 278 -21.24 10.97 25.11
CA ALA C 278 -21.32 12.02 26.15
C ALA C 278 -20.48 13.27 25.78
N ARG C 279 -19.47 13.10 24.89
CA ARG C 279 -18.63 14.22 24.42
C ARG C 279 -19.40 15.13 23.46
N ALA C 280 -20.36 14.54 22.73
CA ALA C 280 -21.12 15.20 21.67
C ALA C 280 -22.39 15.87 22.28
N MET A 1 -24.07 23.80 -53.34
CA MET A 1 -23.72 25.00 -54.10
C MET A 1 -24.33 26.26 -53.44
N ALA A 2 -23.69 26.67 -52.32
CA ALA A 2 -24.01 27.89 -51.55
C ALA A 2 -25.43 27.89 -50.95
N ALA A 3 -26.08 26.71 -50.89
CA ALA A 3 -27.48 26.58 -50.46
C ALA A 3 -27.57 26.59 -48.92
N LYS A 4 -27.43 27.82 -48.36
CA LYS A 4 -27.43 28.15 -46.92
C LYS A 4 -28.45 27.29 -46.10
N LYS A 5 -27.91 26.32 -45.35
CA LYS A 5 -28.68 25.52 -44.38
C LYS A 5 -28.92 26.34 -43.10
N ASP A 6 -30.17 26.76 -42.87
CA ASP A 6 -30.55 27.51 -41.67
C ASP A 6 -30.78 26.51 -40.53
N TYR A 7 -29.72 26.29 -39.75
CA TYR A 7 -29.68 25.29 -38.67
C TYR A 7 -30.76 25.55 -37.59
N TYR A 8 -30.96 26.84 -37.33
CA TYR A 8 -31.95 27.33 -36.37
C TYR A 8 -33.39 27.04 -36.86
N ALA A 9 -33.62 27.14 -38.19
CA ALA A 9 -34.94 26.86 -38.80
C ALA A 9 -35.26 25.35 -38.77
N ILE A 10 -34.22 24.52 -39.02
CA ILE A 10 -34.30 23.04 -38.92
C ILE A 10 -34.77 22.66 -37.49
N LEU A 11 -34.19 23.35 -36.50
CA LEU A 11 -34.56 23.17 -35.08
C LEU A 11 -35.85 23.97 -34.69
N GLY A 12 -36.24 24.94 -35.53
CA GLY A 12 -37.41 25.79 -35.29
C GLY A 12 -37.23 26.82 -34.16
N VAL A 13 -35.97 27.11 -33.78
CA VAL A 13 -35.63 28.18 -32.81
C VAL A 13 -35.08 29.40 -33.57
N PRO A 14 -35.37 30.68 -33.12
CA PRO A 14 -34.86 31.92 -33.81
C PRO A 14 -33.33 31.93 -33.97
N ARG A 15 -32.83 32.62 -35.03
CA ARG A 15 -31.39 32.76 -35.34
C ARG A 15 -30.72 33.75 -34.35
N ASN A 16 -30.61 33.32 -33.07
CA ASN A 16 -30.13 34.14 -31.94
C ASN A 16 -30.38 33.38 -30.62
N ALA A 17 -31.36 32.46 -30.64
CA ALA A 17 -31.79 31.66 -29.46
C ALA A 17 -30.58 30.97 -28.77
N THR A 18 -30.60 30.98 -27.43
CA THR A 18 -29.49 30.47 -26.60
C THR A 18 -29.28 28.95 -26.81
N GLN A 19 -28.13 28.44 -26.33
CA GLN A 19 -27.76 27.02 -26.43
C GLN A 19 -28.82 26.10 -25.79
N GLU A 20 -29.48 26.60 -24.73
CA GLU A 20 -30.51 25.83 -23.98
C GLU A 20 -31.78 25.66 -24.84
N GLU A 21 -32.12 26.69 -25.62
CA GLU A 21 -33.28 26.69 -26.55
C GLU A 21 -33.01 25.76 -27.76
N ILE A 22 -31.76 25.86 -28.28
CA ILE A 22 -31.24 24.98 -29.35
C ILE A 22 -31.29 23.50 -28.91
N LYS A 23 -30.96 23.30 -27.63
CA LYS A 23 -30.88 21.98 -26.98
C LYS A 23 -32.29 21.39 -26.79
N ARG A 24 -33.26 22.28 -26.43
CA ARG A 24 -34.70 21.92 -26.33
C ARG A 24 -35.21 21.36 -27.66
N ALA A 25 -34.95 22.13 -28.73
CA ALA A 25 -35.37 21.83 -30.10
C ALA A 25 -34.69 20.56 -30.63
N TYR A 26 -33.40 20.38 -30.26
CA TYR A 26 -32.62 19.21 -30.64
C TYR A 26 -33.25 17.97 -30.03
N LYS A 27 -33.34 17.91 -28.68
CA LYS A 27 -33.88 16.75 -27.93
C LYS A 27 -35.34 16.44 -28.33
N ARG A 28 -36.10 17.49 -28.66
CA ARG A 28 -37.46 17.39 -29.24
C ARG A 28 -37.44 16.47 -30.47
N LEU A 29 -36.61 16.87 -31.45
CA LEU A 29 -36.47 16.14 -32.73
C LEU A 29 -35.52 14.93 -32.61
N ALA A 30 -34.81 14.81 -31.48
CA ALA A 30 -33.83 13.72 -31.22
C ALA A 30 -34.47 12.57 -30.45
N ARG A 31 -35.66 12.81 -29.89
CA ARG A 31 -36.53 11.76 -29.33
C ARG A 31 -37.61 11.40 -30.38
N GLN A 32 -38.10 12.44 -31.08
CA GLN A 32 -39.14 12.27 -32.13
C GLN A 32 -38.59 11.46 -33.33
N TYR A 33 -37.39 11.83 -33.80
CA TYR A 33 -36.72 11.17 -34.94
C TYR A 33 -35.53 10.32 -34.46
N HIS A 34 -35.63 9.79 -33.21
CA HIS A 34 -34.58 8.97 -32.57
C HIS A 34 -34.46 7.61 -33.29
N PRO A 35 -33.43 7.39 -34.19
CA PRO A 35 -33.37 6.20 -35.10
C PRO A 35 -33.46 4.86 -34.35
N ASP A 36 -32.79 4.79 -33.18
CA ASP A 36 -32.75 3.59 -32.29
C ASP A 36 -34.15 2.97 -32.06
N VAL A 37 -35.17 3.85 -31.95
CA VAL A 37 -36.57 3.45 -31.75
C VAL A 37 -37.32 3.56 -33.09
N ASN A 38 -37.16 4.72 -33.76
CA ASN A 38 -37.84 5.08 -35.01
C ASN A 38 -36.85 5.03 -36.20
N LYS A 39 -36.52 3.80 -36.65
CA LYS A 39 -35.71 3.58 -37.88
C LYS A 39 -36.60 3.76 -39.13
N SER A 40 -36.96 5.02 -39.40
CA SER A 40 -37.75 5.41 -40.59
C SER A 40 -36.88 6.33 -41.45
N PRO A 41 -36.46 5.89 -42.70
CA PRO A 41 -35.45 6.59 -43.56
C PRO A 41 -35.62 8.12 -43.61
N GLU A 42 -36.85 8.58 -43.96
CA GLU A 42 -37.23 10.01 -44.01
C GLU A 42 -36.89 10.74 -42.68
N ALA A 43 -37.25 10.10 -41.55
CA ALA A 43 -37.04 10.64 -40.20
C ALA A 43 -35.53 10.72 -39.87
N GLU A 44 -34.76 9.79 -40.47
CA GLU A 44 -33.32 9.64 -40.19
C GLU A 44 -32.50 10.62 -41.04
N GLU A 45 -33.02 10.97 -42.24
CA GLU A 45 -32.40 11.96 -43.15
C GLU A 45 -32.58 13.38 -42.58
N LYS A 46 -33.80 13.63 -42.08
CA LYS A 46 -34.10 14.86 -41.33
C LYS A 46 -33.26 14.91 -40.06
N PHE A 47 -33.11 13.73 -39.40
CA PHE A 47 -32.26 13.60 -38.20
C PHE A 47 -30.79 13.88 -38.53
N LYS A 48 -30.35 13.60 -39.79
CA LYS A 48 -29.02 14.00 -40.28
C LYS A 48 -28.90 15.54 -40.28
N GLU A 49 -29.92 16.22 -40.83
CA GLU A 49 -29.96 17.71 -40.90
C GLU A 49 -30.11 18.36 -39.48
N ILE A 50 -30.69 17.61 -38.54
CA ILE A 50 -30.86 18.02 -37.12
C ILE A 50 -29.54 17.79 -36.35
N ASN A 51 -28.81 16.74 -36.76
CA ASN A 51 -27.46 16.44 -36.24
C ASN A 51 -26.47 17.47 -36.75
N GLU A 52 -26.65 17.86 -38.04
CA GLU A 52 -25.85 18.90 -38.72
C GLU A 52 -26.01 20.25 -37.99
N ALA A 53 -27.30 20.57 -37.73
CA ALA A 53 -27.73 21.77 -37.01
C ALA A 53 -27.04 21.87 -35.65
N TYR A 54 -27.27 20.85 -34.80
CA TYR A 54 -26.71 20.79 -33.45
C TYR A 54 -25.17 20.70 -33.49
N ALA A 55 -24.61 19.99 -34.48
CA ALA A 55 -23.16 19.76 -34.62
C ALA A 55 -22.41 21.09 -34.67
N VAL A 56 -22.86 21.95 -35.60
CA VAL A 56 -22.33 23.30 -35.78
C VAL A 56 -22.57 24.15 -34.51
N LEU A 57 -23.83 24.15 -34.04
CA LEU A 57 -24.27 25.03 -32.93
C LEU A 57 -23.79 24.53 -31.53
N SER A 58 -23.21 23.30 -31.47
CA SER A 58 -22.76 22.65 -30.21
C SER A 58 -21.61 23.41 -29.55
N ASP A 59 -20.51 23.57 -30.30
CA ASP A 59 -19.26 24.16 -29.79
C ASP A 59 -19.19 25.63 -30.23
N PRO A 60 -18.66 26.56 -29.34
CA PRO A 60 -18.69 28.02 -29.59
C PRO A 60 -18.06 28.42 -30.93
N GLU A 61 -16.88 27.87 -31.24
CA GLU A 61 -16.08 28.22 -32.43
C GLU A 61 -16.88 27.96 -33.73
N LYS A 62 -17.31 26.69 -33.90
CA LYS A 62 -18.05 26.21 -35.09
C LYS A 62 -19.37 27.02 -35.28
N ARG A 63 -20.07 27.22 -34.14
CA ARG A 63 -21.31 27.98 -34.09
C ARG A 63 -21.12 29.41 -34.60
N ARG A 64 -20.04 30.07 -34.12
CA ARG A 64 -19.77 31.49 -34.44
C ARG A 64 -19.17 31.63 -35.85
N ILE A 65 -18.63 30.53 -36.43
CA ILE A 65 -18.25 30.50 -37.86
C ILE A 65 -19.53 30.69 -38.70
N TYR A 66 -20.56 29.88 -38.36
CA TYR A 66 -21.88 29.99 -39.00
C TYR A 66 -22.49 31.39 -38.74
N ASP A 67 -22.55 31.80 -37.46
CA ASP A 67 -23.24 33.04 -37.04
C ASP A 67 -22.60 34.30 -37.64
N THR A 68 -21.27 34.27 -37.88
CA THR A 68 -20.59 35.37 -38.59
C THR A 68 -20.87 35.29 -40.10
N TYR A 69 -21.06 34.07 -40.66
CA TYR A 69 -21.36 33.90 -42.09
C TYR A 69 -22.74 34.56 -42.41
N GLY A 70 -22.71 35.62 -43.23
CA GLY A 70 -23.88 36.49 -43.47
C GLY A 70 -23.64 37.91 -42.97
N THR A 71 -22.40 38.17 -42.52
CA THR A 71 -21.95 39.49 -42.01
C THR A 71 -20.47 39.57 -42.39
N THR A 72 -19.76 38.56 -41.92
CA THR A 72 -18.50 38.11 -42.49
C THR A 72 -18.92 37.18 -43.65
N GLU A 73 -18.20 37.20 -44.78
CA GLU A 73 -18.53 36.36 -45.95
C GLU A 73 -17.65 35.10 -46.00
N ALA A 74 -16.39 35.24 -45.57
CA ALA A 74 -15.41 34.14 -45.54
C ALA A 74 -15.45 33.48 -44.15
N PRO A 75 -15.48 32.11 -44.04
CA PRO A 75 -15.34 31.41 -42.75
C PRO A 75 -13.98 31.77 -42.08
N PRO A 76 -13.99 32.43 -40.86
CA PRO A 76 -12.75 32.77 -40.12
C PRO A 76 -11.81 31.55 -39.91
N PRO A 77 -10.44 31.73 -39.99
CA PRO A 77 -9.45 30.61 -39.94
C PRO A 77 -9.77 29.55 -38.84
N PRO A 78 -9.79 28.20 -39.19
CA PRO A 78 -10.25 27.14 -38.26
C PRO A 78 -9.45 27.10 -36.93
N PRO A 79 -10.12 26.79 -35.78
CA PRO A 79 -9.46 26.78 -34.44
C PRO A 79 -8.39 25.67 -34.31
N PRO A 80 -7.52 25.69 -33.24
CA PRO A 80 -6.52 24.62 -32.99
C PRO A 80 -7.18 23.24 -32.80
N GLY A 81 -7.37 22.57 -33.94
CA GLY A 81 -7.99 21.26 -34.02
C GLY A 81 -8.70 21.13 -35.37
N GLY A 82 -9.38 22.22 -35.78
CA GLY A 82 -10.11 22.30 -37.04
C GLY A 82 -11.61 22.36 -36.82
N TYR A 83 -12.37 22.21 -37.92
CA TYR A 83 -13.84 22.17 -37.87
C TYR A 83 -14.32 20.74 -37.58
N ASP A 84 -14.43 20.47 -36.26
CA ASP A 84 -14.95 19.20 -35.71
C ASP A 84 -16.39 18.91 -36.19
N PHE A 85 -16.78 17.62 -36.15
CA PHE A 85 -18.11 17.18 -36.56
C PHE A 85 -18.44 15.87 -35.81
N SER A 86 -18.71 16.04 -34.50
CA SER A 86 -18.77 14.96 -33.47
C SER A 86 -19.51 13.66 -33.92
N GLY A 87 -18.77 12.76 -34.60
CA GLY A 87 -19.28 11.45 -35.00
C GLY A 87 -20.37 11.49 -36.06
N PHE A 88 -20.57 12.69 -36.64
CA PHE A 88 -21.55 12.92 -37.69
C PHE A 88 -20.83 12.75 -39.03
N ASP A 89 -21.32 11.84 -39.88
CA ASP A 89 -20.65 11.48 -41.14
C ASP A 89 -20.73 12.66 -42.14
N VAL A 90 -19.70 13.54 -42.07
CA VAL A 90 -19.49 14.70 -42.98
C VAL A 90 -19.93 14.44 -44.44
N GLU A 91 -19.47 13.31 -45.01
CA GLU A 91 -19.66 12.94 -46.42
C GLU A 91 -21.17 12.85 -46.78
N ASP A 92 -21.95 12.38 -45.78
CA ASP A 92 -23.41 12.19 -45.90
C ASP A 92 -24.17 13.54 -45.77
N PHE A 93 -23.61 14.49 -44.98
CA PHE A 93 -24.29 15.78 -44.67
C PHE A 93 -24.09 16.80 -45.82
N SER A 94 -24.78 17.94 -45.74
CA SER A 94 -24.98 18.87 -46.89
C SER A 94 -23.66 19.38 -47.52
N GLU A 95 -23.75 19.65 -48.85
CA GLU A 95 -22.70 20.34 -49.61
C GLU A 95 -22.35 21.69 -48.95
N PHE A 96 -23.37 22.44 -48.51
CA PHE A 96 -23.20 23.78 -47.91
C PHE A 96 -22.31 23.71 -46.67
N PHE A 97 -22.55 22.68 -45.82
CA PHE A 97 -21.70 22.40 -44.67
C PHE A 97 -20.25 22.14 -45.16
N GLN A 98 -20.13 21.25 -46.17
CA GLN A 98 -18.83 20.86 -46.74
C GLN A 98 -18.18 21.99 -47.59
N GLU A 99 -18.93 23.11 -47.79
CA GLU A 99 -18.42 24.33 -48.48
C GLU A 99 -17.97 25.41 -47.47
N LEU A 100 -18.80 25.67 -46.45
CA LEU A 100 -18.57 26.71 -45.43
C LEU A 100 -17.42 26.29 -44.52
N PHE A 101 -17.54 25.09 -43.95
CA PHE A 101 -16.53 24.52 -43.08
C PHE A 101 -15.44 23.78 -43.91
N GLY A 102 -15.71 23.58 -45.22
CA GLY A 102 -14.78 22.94 -46.17
C GLY A 102 -13.31 23.34 -45.99
N PRO A 103 -12.97 24.69 -46.10
CA PRO A 103 -11.60 25.26 -45.89
C PRO A 103 -10.74 24.58 -44.81
N GLY A 104 -11.37 24.15 -43.69
CA GLY A 104 -10.62 23.53 -42.60
C GLY A 104 -11.43 22.45 -41.91
N LEU A 105 -12.12 21.61 -42.72
CA LEU A 105 -12.94 20.46 -42.24
C LEU A 105 -12.08 19.38 -41.53
N PHE A 106 -11.59 19.72 -40.32
CA PHE A 106 -10.75 18.88 -39.43
C PHE A 106 -9.80 17.95 -40.26
N GLY A 107 -10.13 16.63 -40.32
CA GLY A 107 -9.35 15.65 -41.07
C GLY A 107 -8.12 15.16 -40.31
N GLY A 108 -7.41 16.10 -39.62
CA GLY A 108 -6.21 15.79 -38.85
C GLY A 108 -5.16 15.00 -39.63
N PHE A 109 -4.80 13.80 -39.13
CA PHE A 109 -3.81 12.90 -39.77
C PHE A 109 -4.47 12.02 -40.86
N GLY A 110 -5.82 12.08 -40.94
CA GLY A 110 -6.56 11.52 -42.07
C GLY A 110 -6.48 12.44 -43.28
N ARG A 111 -6.49 13.77 -42.98
CA ARG A 111 -6.26 14.89 -43.93
C ARG A 111 -7.43 15.17 -44.91
N ARG A 112 -8.05 14.10 -45.42
CA ARG A 112 -9.03 14.13 -46.54
C ARG A 112 -10.47 14.41 -46.01
N SER A 113 -10.57 15.01 -44.78
CA SER A 113 -11.82 15.10 -44.01
C SER A 113 -12.35 13.69 -43.72
N ARG A 114 -11.40 12.81 -43.36
CA ARG A 114 -11.63 11.38 -43.16
C ARG A 114 -12.26 11.11 -41.77
N LYS A 115 -12.84 9.93 -41.59
CA LYS A 115 -13.37 9.48 -40.28
C LYS A 115 -12.20 9.17 -39.32
N GLY A 116 -12.42 9.36 -38.02
CA GLY A 116 -11.39 9.16 -37.01
C GLY A 116 -11.31 7.74 -36.47
N ARG A 117 -10.16 7.42 -35.86
CA ARG A 117 -9.90 6.14 -35.17
C ARG A 117 -10.05 6.36 -33.65
N ASP A 118 -10.55 5.37 -32.89
CA ASP A 118 -10.84 5.51 -31.43
C ASP A 118 -9.58 5.91 -30.63
N LEU A 119 -9.76 6.74 -29.59
CA LEU A 119 -8.63 7.31 -28.82
C LEU A 119 -9.03 7.41 -27.34
N ARG A 120 -8.12 7.04 -26.44
CA ARG A 120 -8.32 7.19 -24.98
C ARG A 120 -7.73 8.53 -24.52
N ALA A 121 -8.52 9.30 -23.77
CA ALA A 121 -8.08 10.57 -23.18
C ALA A 121 -8.67 10.68 -21.76
N GLU A 122 -7.89 11.20 -20.82
CA GLU A 122 -8.21 11.12 -19.38
C GLU A 122 -8.26 12.53 -18.80
N LEU A 123 -9.48 13.01 -18.45
CA LEU A 123 -9.69 14.43 -18.09
C LEU A 123 -9.76 14.59 -16.58
N PRO A 124 -8.78 15.32 -15.94
CA PRO A 124 -8.88 15.62 -14.50
C PRO A 124 -10.05 16.57 -14.24
N LEU A 125 -11.13 16.06 -13.60
CA LEU A 125 -12.40 16.80 -13.43
C LEU A 125 -12.61 17.18 -11.97
N THR A 126 -13.19 18.35 -11.77
CA THR A 126 -13.53 18.89 -10.46
C THR A 126 -14.70 18.11 -9.83
N LEU A 127 -14.57 17.82 -8.51
CA LEU A 127 -15.56 17.04 -7.73
C LEU A 127 -16.98 17.66 -7.83
N GLU A 128 -17.03 18.98 -7.59
CA GLU A 128 -18.25 19.80 -7.72
C GLU A 128 -18.89 19.65 -9.12
N GLU A 129 -18.05 19.74 -10.18
CA GLU A 129 -18.52 19.62 -11.58
C GLU A 129 -19.05 18.21 -11.87
N ALA A 130 -18.49 17.20 -11.17
CA ALA A 130 -18.91 15.80 -11.30
C ALA A 130 -20.35 15.61 -10.79
N PHE A 131 -20.60 16.17 -9.60
CA PHE A 131 -21.90 16.13 -8.91
C PHE A 131 -22.99 16.88 -9.71
N HIS A 132 -22.62 18.08 -10.21
CA HIS A 132 -23.57 19.00 -10.89
C HIS A 132 -23.86 18.53 -12.32
N GLY A 133 -22.80 18.15 -13.05
CA GLY A 133 -22.91 17.73 -14.45
C GLY A 133 -23.15 18.91 -15.40
N GLY A 134 -23.81 18.63 -16.54
CA GLY A 134 -24.14 19.65 -17.54
C GLY A 134 -22.98 19.97 -18.48
N GLU A 135 -22.99 21.20 -19.02
CA GLU A 135 -21.96 21.66 -19.97
C GLU A 135 -20.63 21.90 -19.25
N ARG A 136 -19.76 20.90 -19.34
CA ARG A 136 -18.40 20.99 -18.83
C ARG A 136 -17.49 21.36 -20.01
N VAL A 137 -16.80 22.49 -19.90
CA VAL A 137 -15.87 22.96 -20.94
C VAL A 137 -14.50 22.31 -20.72
N VAL A 138 -13.90 21.83 -21.80
CA VAL A 138 -12.56 21.23 -21.80
C VAL A 138 -11.64 22.08 -22.67
N GLU A 139 -10.45 22.39 -22.16
CA GLU A 139 -9.39 23.05 -22.94
C GLU A 139 -8.30 21.99 -23.24
N VAL A 140 -8.12 21.66 -24.53
CA VAL A 140 -7.27 20.51 -24.94
C VAL A 140 -6.58 20.77 -26.31
N ALA A 141 -5.25 21.00 -26.26
CA ALA A 141 -4.41 21.28 -27.45
C ALA A 141 -4.83 22.59 -28.17
N GLY A 142 -5.54 23.47 -27.43
CA GLY A 142 -6.10 24.71 -28.01
C GLY A 142 -7.53 24.54 -28.49
N ARG A 143 -8.11 23.34 -28.25
CA ARG A 143 -9.49 23.01 -28.64
C ARG A 143 -10.44 23.18 -27.44
N ARG A 144 -11.24 24.24 -27.47
CA ARG A 144 -12.30 24.51 -26.47
C ARG A 144 -13.58 23.75 -26.88
N VAL A 145 -13.80 22.59 -26.26
CA VAL A 145 -14.95 21.70 -26.56
C VAL A 145 -15.94 21.68 -25.38
N SER A 146 -17.24 21.85 -25.70
CA SER A 146 -18.33 21.81 -24.73
C SER A 146 -18.84 20.36 -24.59
N VAL A 147 -18.30 19.62 -23.61
CA VAL A 147 -18.69 18.22 -23.33
C VAL A 147 -19.77 18.20 -22.25
N ARG A 148 -21.00 17.82 -22.64
CA ARG A 148 -22.12 17.67 -21.69
C ARG A 148 -21.96 16.33 -20.94
N ILE A 149 -21.54 16.42 -19.68
CA ILE A 149 -21.39 15.26 -18.78
C ILE A 149 -22.70 15.00 -17.99
N PRO A 150 -23.00 13.70 -17.64
CA PRO A 150 -24.19 13.36 -16.80
C PRO A 150 -24.07 13.97 -15.37
N PRO A 151 -25.16 14.63 -14.85
CA PRO A 151 -25.24 15.08 -13.43
C PRO A 151 -25.03 13.92 -12.44
N GLY A 152 -23.78 13.76 -11.98
CA GLY A 152 -23.38 12.61 -11.16
C GLY A 152 -22.50 11.67 -11.96
N VAL A 153 -21.49 12.24 -12.65
CA VAL A 153 -20.47 11.46 -13.39
C VAL A 153 -19.34 11.09 -12.41
N ARG A 154 -18.83 9.87 -12.57
CA ARG A 154 -18.06 9.18 -11.53
C ARG A 154 -16.67 8.88 -12.02
N GLU A 155 -15.60 9.11 -11.20
CA GLU A 155 -14.19 8.75 -11.54
C GLU A 155 -14.10 7.35 -12.19
N GLY A 156 -13.42 7.27 -13.33
CA GLY A 156 -13.32 6.06 -14.12
C GLY A 156 -14.44 5.89 -15.14
N SER A 157 -15.47 6.77 -15.10
CA SER A 157 -16.58 6.73 -16.08
C SER A 157 -15.98 7.11 -17.45
N VAL A 158 -16.00 6.14 -18.33
CA VAL A 158 -15.49 6.25 -19.68
C VAL A 158 -16.60 6.85 -20.54
N ILE A 159 -16.60 8.18 -20.64
CA ILE A 159 -17.51 8.94 -21.50
C ILE A 159 -17.07 8.69 -22.95
N ARG A 160 -17.53 7.56 -23.51
CA ARG A 160 -17.23 7.17 -24.88
C ARG A 160 -18.07 8.05 -25.82
N VAL A 161 -17.43 9.10 -26.34
CA VAL A 161 -18.06 10.08 -27.22
C VAL A 161 -17.56 9.85 -28.66
N PRO A 162 -18.40 9.23 -29.55
CA PRO A 162 -18.06 9.11 -30.98
C PRO A 162 -17.94 10.50 -31.61
N GLY A 163 -16.70 10.93 -31.86
CA GLY A 163 -16.46 12.18 -32.56
C GLY A 163 -15.60 13.19 -31.85
N MET A 164 -14.70 12.74 -30.97
CA MET A 164 -13.69 13.63 -30.32
C MET A 164 -12.30 12.95 -30.25
N GLY A 165 -12.20 11.71 -30.79
CA GLY A 165 -11.00 10.87 -30.62
C GLY A 165 -9.89 11.17 -31.62
N GLY A 166 -9.49 10.12 -32.36
CA GLY A 166 -8.45 10.21 -33.39
C GLY A 166 -8.79 11.22 -34.44
N GLN A 167 -7.76 11.91 -34.94
CA GLN A 167 -7.89 13.13 -35.72
C GLN A 167 -8.52 12.86 -37.11
N GLY A 168 -9.80 13.22 -37.22
CA GLY A 168 -10.59 13.12 -38.43
C GLY A 168 -11.75 14.11 -38.39
N ASN A 169 -12.46 14.32 -39.52
CA ASN A 169 -13.58 15.28 -39.58
C ASN A 169 -14.71 14.84 -38.60
N PRO A 170 -15.25 13.57 -38.67
CA PRO A 170 -15.96 12.95 -37.54
C PRO A 170 -14.95 12.08 -36.76
N PRO A 171 -14.25 12.64 -35.72
CA PRO A 171 -13.13 11.96 -35.03
C PRO A 171 -13.54 10.63 -34.35
N GLY A 172 -12.54 9.92 -33.81
CA GLY A 172 -12.77 8.58 -33.22
C GLY A 172 -13.63 8.57 -31.96
N ASP A 173 -13.92 7.34 -31.48
CA ASP A 173 -14.61 7.13 -30.20
C ASP A 173 -13.64 7.52 -29.06
N LEU A 174 -13.80 8.75 -28.56
CA LEU A 174 -12.95 9.26 -27.50
C LEU A 174 -13.41 8.69 -26.16
N LEU A 175 -12.64 7.72 -25.66
CA LEU A 175 -12.82 7.14 -24.35
C LEU A 175 -12.38 8.16 -23.28
N LEU A 176 -13.28 9.10 -22.95
CA LEU A 176 -13.03 10.14 -21.95
C LEU A 176 -13.14 9.54 -20.54
N VAL A 177 -12.02 9.05 -20.04
CA VAL A 177 -11.95 8.47 -18.70
C VAL A 177 -11.80 9.63 -17.72
N VAL A 178 -12.90 9.92 -17.02
CA VAL A 178 -13.00 11.07 -16.11
C VAL A 178 -12.15 10.83 -14.83
N ARG A 179 -11.01 11.52 -14.74
CA ARG A 179 -10.11 11.43 -13.59
C ARG A 179 -10.46 12.50 -12.55
N LEU A 180 -11.28 12.17 -11.54
CA LEU A 180 -11.68 13.17 -10.54
C LEU A 180 -10.48 13.61 -9.69
N LEU A 181 -10.46 14.92 -9.33
CA LEU A 181 -9.32 15.58 -8.66
C LEU A 181 -8.93 14.83 -7.37
N PRO A 182 -7.60 14.78 -7.03
CA PRO A 182 -7.11 14.15 -5.77
C PRO A 182 -7.37 15.02 -4.51
N HIS A 183 -8.53 15.71 -4.49
CA HIS A 183 -9.05 16.43 -3.33
C HIS A 183 -9.29 15.41 -2.20
N PRO A 184 -8.70 15.64 -0.98
CA PRO A 184 -8.48 14.59 0.06
C PRO A 184 -9.72 13.93 0.74
N VAL A 185 -10.94 13.90 0.12
CA VAL A 185 -12.06 13.18 0.72
C VAL A 185 -12.26 11.84 0.01
N PHE A 186 -12.54 11.91 -1.32
CA PHE A 186 -12.98 10.74 -2.09
C PHE A 186 -12.05 10.39 -3.24
N ARG A 187 -11.87 9.08 -3.42
CA ARG A 187 -11.33 8.46 -4.63
C ARG A 187 -12.48 7.58 -5.16
N LEU A 188 -13.29 8.15 -6.03
CA LEU A 188 -14.47 7.48 -6.62
C LEU A 188 -14.03 6.41 -7.66
N GLU A 189 -14.91 5.48 -8.02
CA GLU A 189 -14.68 4.52 -9.12
C GLU A 189 -16.02 3.88 -9.52
N GLY A 190 -16.32 3.88 -10.84
CA GLY A 190 -17.52 3.22 -11.37
C GLY A 190 -18.81 3.99 -11.08
N GLN A 191 -19.29 3.86 -9.84
CA GLN A 191 -20.41 4.67 -9.28
C GLN A 191 -20.30 4.78 -7.74
N ASP A 192 -19.24 4.12 -7.20
CA ASP A 192 -19.01 3.94 -5.76
C ASP A 192 -17.70 4.61 -5.31
N LEU A 193 -17.78 5.36 -4.20
CA LEU A 193 -16.69 6.23 -3.70
C LEU A 193 -15.76 5.43 -2.76
N TYR A 194 -14.50 5.86 -2.63
CA TYR A 194 -13.59 5.34 -1.57
C TYR A 194 -13.03 6.55 -0.78
N ALA A 195 -13.63 6.81 0.38
CA ALA A 195 -13.18 7.84 1.33
C ALA A 195 -12.44 7.17 2.49
N THR A 196 -11.84 7.98 3.37
CA THR A 196 -11.25 7.53 4.64
C THR A 196 -12.12 8.07 5.80
N LEU A 197 -12.18 7.32 6.92
CA LEU A 197 -13.03 7.67 8.07
C LEU A 197 -12.29 7.32 9.36
N ASP A 198 -11.86 8.35 10.10
CA ASP A 198 -11.26 8.16 11.43
C ASP A 198 -12.40 8.13 12.46
N VAL A 199 -12.49 7.03 13.22
CA VAL A 199 -13.56 6.78 14.19
C VAL A 199 -12.93 6.12 15.45
N PRO A 200 -13.26 6.59 16.69
CA PRO A 200 -12.77 5.94 17.92
C PRO A 200 -13.50 4.60 18.19
N ALA A 201 -12.82 3.73 18.96
CA ALA A 201 -13.21 2.33 19.18
C ALA A 201 -14.64 2.16 19.78
N PRO A 202 -15.06 2.92 20.86
CA PRO A 202 -16.46 2.84 21.38
C PRO A 202 -17.53 3.16 20.31
N ILE A 203 -17.31 4.23 19.54
CA ILE A 203 -18.23 4.69 18.48
C ILE A 203 -18.21 3.70 17.28
N ALA A 204 -17.06 3.02 17.10
CA ALA A 204 -16.88 2.00 16.05
C ALA A 204 -17.69 0.72 16.37
N VAL A 205 -17.57 0.25 17.62
CA VAL A 205 -18.25 -0.98 18.10
C VAL A 205 -19.78 -0.79 18.13
N VAL A 206 -20.22 0.32 18.73
CA VAL A 206 -21.64 0.58 19.04
C VAL A 206 -22.35 1.28 17.88
N GLY A 207 -21.67 2.28 17.31
CA GLY A 207 -22.26 3.13 16.27
C GLY A 207 -22.82 4.43 16.83
N GLY A 208 -22.31 5.56 16.31
CA GLY A 208 -22.78 6.89 16.70
C GLY A 208 -22.80 7.83 15.51
N LYS A 209 -22.34 9.09 15.68
CA LYS A 209 -22.20 10.06 14.57
C LYS A 209 -20.86 10.79 14.68
N VAL A 210 -20.18 10.97 13.54
CA VAL A 210 -18.95 11.79 13.42
C VAL A 210 -19.08 12.71 12.19
N ARG A 211 -18.46 13.90 12.24
CA ARG A 211 -18.47 14.85 11.11
C ARG A 211 -17.52 14.35 10.00
N ALA A 212 -18.12 13.87 8.91
CA ALA A 212 -17.41 13.44 7.70
C ALA A 212 -17.61 14.49 6.59
N MET A 213 -16.58 14.68 5.77
CA MET A 213 -16.59 15.68 4.69
C MET A 213 -17.19 15.07 3.43
N THR A 214 -17.80 15.93 2.60
CA THR A 214 -18.25 15.58 1.24
C THR A 214 -17.56 16.52 0.24
N LEU A 215 -18.10 16.61 -0.99
CA LEU A 215 -17.59 17.50 -2.04
C LEU A 215 -17.77 18.98 -1.63
N GLU A 216 -18.96 19.28 -1.07
CA GLU A 216 -19.46 20.67 -0.90
C GLU A 216 -19.93 20.96 0.54
N GLY A 217 -19.30 20.29 1.55
CA GLY A 217 -19.57 20.61 2.96
C GLY A 217 -19.29 19.45 3.93
N PRO A 218 -19.06 19.73 5.25
CA PRO A 218 -18.81 18.69 6.27
C PRO A 218 -20.10 18.25 7.02
N VAL A 219 -20.66 17.11 6.62
CA VAL A 219 -21.92 16.57 7.15
C VAL A 219 -21.63 15.66 8.36
N GLU A 220 -22.68 15.19 9.06
CA GLU A 220 -22.53 14.14 10.08
C GLU A 220 -22.96 12.80 9.48
N VAL A 221 -22.06 11.81 9.52
CA VAL A 221 -22.36 10.43 9.09
C VAL A 221 -22.64 9.58 10.35
N ALA A 222 -23.76 8.86 10.36
CA ALA A 222 -24.12 7.99 11.47
C ALA A 222 -23.43 6.63 11.29
N VAL A 223 -22.34 6.48 12.06
CA VAL A 223 -21.49 5.29 12.11
C VAL A 223 -22.34 4.05 12.52
N PRO A 224 -22.17 2.86 11.84
CA PRO A 224 -22.88 1.61 12.21
C PRO A 224 -22.18 0.90 13.38
N PRO A 225 -22.74 -0.22 13.90
CA PRO A 225 -21.95 -1.11 14.79
C PRO A 225 -20.87 -1.86 13.99
N ARG A 226 -19.85 -2.35 14.71
CA ARG A 226 -18.83 -3.31 14.21
C ARG A 226 -17.96 -2.74 13.08
N THR A 227 -17.82 -1.42 13.12
CA THR A 227 -16.97 -0.65 12.22
C THR A 227 -15.46 -1.03 12.47
N GLN A 228 -15.03 -2.13 11.81
CA GLN A 228 -13.71 -2.76 12.03
C GLN A 228 -12.63 -2.09 11.16
N ALA A 229 -11.44 -1.89 11.77
CA ALA A 229 -10.27 -1.20 11.17
C ALA A 229 -9.94 -1.75 9.77
N GLY A 230 -9.84 -0.84 8.81
CA GLY A 230 -9.38 -1.15 7.47
C GLY A 230 -10.47 -1.60 6.51
N ARG A 231 -11.57 -2.15 7.06
CA ARG A 231 -12.76 -2.48 6.27
C ARG A 231 -13.42 -1.19 5.78
N LYS A 232 -14.17 -1.30 4.69
CA LYS A 232 -14.81 -0.15 4.05
C LYS A 232 -16.31 -0.26 4.26
N LEU A 233 -16.89 0.79 4.86
CA LEU A 233 -18.33 0.85 5.11
C LEU A 233 -19.03 1.07 3.78
N ARG A 234 -19.77 0.06 3.29
CA ARG A 234 -20.47 0.15 2.00
C ARG A 234 -21.93 0.60 2.20
N LEU A 235 -22.19 1.89 1.97
CA LEU A 235 -23.52 2.50 2.13
C LEU A 235 -24.11 2.81 0.74
N LYS A 236 -25.11 1.99 0.34
CA LYS A 236 -25.81 2.12 -0.96
C LYS A 236 -26.64 3.42 -1.03
N GLY A 237 -26.77 3.98 -2.25
CA GLY A 237 -27.58 5.19 -2.50
C GLY A 237 -26.94 6.46 -1.98
N LYS A 238 -25.60 6.44 -1.84
CA LYS A 238 -24.81 7.55 -1.23
C LYS A 238 -23.74 8.07 -2.21
N GLY A 239 -23.31 7.18 -3.12
CA GLY A 239 -22.42 7.55 -4.23
C GLY A 239 -23.16 8.22 -5.40
N PHE A 240 -22.57 8.12 -6.59
CA PHE A 240 -23.02 8.89 -7.77
C PHE A 240 -24.00 8.07 -8.65
N PRO A 241 -25.10 8.73 -9.17
CA PRO A 241 -26.15 8.08 -10.02
C PRO A 241 -25.60 7.10 -11.09
N GLY A 242 -26.16 5.88 -11.11
CA GLY A 242 -25.69 4.81 -12.00
C GLY A 242 -26.69 3.66 -12.11
N PRO A 243 -26.20 2.37 -12.29
CA PRO A 243 -27.08 1.18 -12.45
C PRO A 243 -27.96 0.89 -11.22
N ALA A 244 -27.46 1.29 -10.04
CA ALA A 244 -28.15 1.10 -8.76
C ALA A 244 -29.05 2.30 -8.40
N GLY A 245 -29.45 3.08 -9.42
CA GLY A 245 -30.13 4.36 -9.21
C GLY A 245 -29.12 5.43 -8.83
N ARG A 246 -28.59 5.29 -7.60
CA ARG A 246 -27.40 5.98 -7.12
C ARG A 246 -26.39 4.91 -6.68
N GLY A 247 -25.10 5.16 -6.89
CA GLY A 247 -24.05 4.29 -6.39
C GLY A 247 -23.89 4.33 -4.88
N ASP A 248 -22.78 3.80 -4.39
CA ASP A 248 -22.51 3.63 -2.96
C ASP A 248 -21.25 4.37 -2.54
N LEU A 249 -20.99 4.38 -1.23
CA LEU A 249 -19.83 5.04 -0.62
C LEU A 249 -19.11 4.02 0.26
N TYR A 250 -17.77 3.98 0.16
CA TYR A 250 -16.90 3.13 0.99
C TYR A 250 -16.08 4.00 1.94
N LEU A 251 -16.33 3.88 3.24
CA LEU A 251 -15.59 4.64 4.28
C LEU A 251 -14.55 3.70 4.94
N GLU A 252 -13.23 3.89 4.64
CA GLU A 252 -12.16 3.02 5.20
C GLU A 252 -11.91 3.42 6.65
N VAL A 253 -12.15 2.46 7.54
CA VAL A 253 -12.15 2.65 8.99
C VAL A 253 -10.72 2.84 9.52
N ARG A 254 -10.55 3.84 10.39
CA ARG A 254 -9.29 4.14 11.06
C ARG A 254 -9.60 4.29 12.56
N ILE A 255 -9.49 3.18 13.30
CA ILE A 255 -9.89 3.12 14.72
C ILE A 255 -8.83 3.77 15.62
N THR A 256 -9.29 4.70 16.47
CA THR A 256 -8.48 5.40 17.49
C THR A 256 -8.99 5.05 18.91
N ILE A 257 -8.17 5.35 19.94
CA ILE A 257 -8.57 5.19 21.37
C ILE A 257 -8.15 6.46 22.15
N PRO A 258 -8.83 6.80 23.32
CA PRO A 258 -8.76 8.16 23.97
C PRO A 258 -7.33 8.67 24.31
N GLU A 259 -6.34 7.74 24.34
CA GLU A 259 -4.96 7.98 24.90
C GLU A 259 -4.97 8.39 26.40
N ARG A 260 -5.54 9.55 26.71
CA ARG A 260 -5.65 10.03 28.10
C ARG A 260 -6.81 9.34 28.84
N LEU A 261 -6.50 8.81 30.04
CA LEU A 261 -7.48 8.16 30.93
C LEU A 261 -7.14 8.48 32.39
N THR A 262 -8.19 8.41 33.23
CA THR A 262 -8.10 8.56 34.69
C THR A 262 -8.91 7.39 35.35
N PRO A 263 -8.62 7.06 36.68
CA PRO A 263 -9.13 5.88 37.46
C PRO A 263 -10.38 5.11 36.93
N GLU A 264 -11.53 5.79 36.77
CA GLU A 264 -12.82 5.13 36.40
C GLU A 264 -12.81 4.63 34.95
N GLU A 265 -12.38 5.48 34.01
CA GLU A 265 -12.32 5.10 32.58
C GLU A 265 -11.27 4.01 32.38
N GLU A 266 -10.16 4.13 33.15
CA GLU A 266 -9.10 3.11 33.24
C GLU A 266 -9.75 1.74 33.58
N ALA A 267 -10.62 1.75 34.62
CA ALA A 267 -11.33 0.56 35.12
C ALA A 267 -12.20 -0.12 34.05
N LEU A 268 -13.05 0.68 33.37
CA LEU A 268 -13.98 0.18 32.33
C LEU A 268 -13.21 -0.50 31.17
N TRP A 269 -12.15 0.18 30.71
CA TRP A 269 -11.28 -0.32 29.63
C TRP A 269 -10.48 -1.59 30.06
N LYS A 270 -10.09 -1.66 31.35
CA LYS A 270 -9.39 -2.84 31.91
C LYS A 270 -10.30 -4.08 31.86
N LYS A 271 -11.50 -3.94 32.45
CA LYS A 271 -12.48 -5.03 32.54
C LYS A 271 -12.97 -5.47 31.14
N LEU A 272 -12.93 -4.52 30.18
CA LEU A 272 -13.10 -4.84 28.76
C LEU A 272 -12.01 -5.81 28.30
N ALA A 273 -10.72 -5.44 28.51
CA ALA A 273 -9.54 -6.23 28.06
C ALA A 273 -9.44 -7.62 28.73
N GLU A 274 -9.88 -7.69 30.00
CA GLU A 274 -9.88 -8.92 30.80
C GLU A 274 -10.94 -9.91 30.24
N ALA A 275 -12.19 -9.41 30.16
CA ALA A 275 -13.33 -10.17 29.62
C ALA A 275 -13.30 -10.22 28.05
N TYR A 276 -12.30 -9.54 27.45
CA TYR A 276 -12.01 -9.62 26.00
C TYR A 276 -11.23 -10.90 25.74
N TYR A 277 -10.03 -10.95 26.37
CA TYR A 277 -9.05 -12.04 26.20
C TYR A 277 -9.72 -13.39 26.59
N ALA A 278 -10.54 -13.33 27.66
CA ALA A 278 -11.36 -14.46 28.15
C ALA A 278 -12.16 -15.18 27.03
N ARG A 279 -12.69 -14.40 26.06
CA ARG A 279 -13.46 -14.95 24.92
C ARG A 279 -12.93 -14.34 23.59
N ALA A 280 -11.60 -14.13 23.50
CA ALA A 280 -10.98 -13.46 22.33
C ALA A 280 -11.12 -14.29 21.02
N MET B 1 -14.68 24.82 -5.66
CA MET B 1 -15.97 25.32 -5.13
C MET B 1 -16.88 25.73 -6.30
N LYS B 2 -18.16 25.29 -6.25
CA LYS B 2 -19.23 25.61 -7.24
C LYS B 2 -18.93 24.99 -8.61
N GLN B 3 -18.00 25.61 -9.37
CA GLN B 3 -17.64 25.19 -10.73
C GLN B 3 -16.21 25.67 -10.98
N SER B 4 -15.30 24.76 -11.42
CA SER B 4 -13.89 25.08 -11.67
C SER B 4 -13.41 24.32 -12.92
N THR B 5 -13.35 25.03 -14.07
CA THR B 5 -13.17 24.40 -15.38
C THR B 5 -11.80 23.68 -15.52
N ILE B 6 -11.72 22.65 -16.39
CA ILE B 6 -10.59 21.71 -16.45
C ILE B 6 -9.84 21.75 -17.80
N ALA B 7 -8.82 20.86 -17.90
CA ALA B 7 -8.00 20.68 -19.10
C ALA B 7 -7.80 19.17 -19.38
N LEU B 8 -7.77 18.81 -20.67
CA LEU B 8 -7.45 17.44 -21.15
C LEU B 8 -6.15 17.50 -21.98
N ALA B 9 -5.45 16.37 -22.12
CA ALA B 9 -4.21 16.28 -22.91
C ALA B 9 -4.43 15.60 -24.28
N LEU B 10 -5.34 14.58 -24.31
CA LEU B 10 -5.47 13.54 -25.38
C LEU B 10 -4.35 12.48 -25.24
N LEU B 11 -3.52 12.63 -24.18
CA LEU B 11 -2.41 11.72 -23.81
C LEU B 11 -1.21 11.61 -24.83
N PRO B 12 -0.75 12.72 -25.56
CA PRO B 12 0.60 12.72 -26.19
C PRO B 12 1.67 12.93 -25.10
N LEU B 13 1.22 13.55 -23.99
CA LEU B 13 1.94 13.69 -22.73
C LEU B 13 0.92 13.41 -21.59
N LEU B 14 1.41 12.94 -20.43
CA LEU B 14 0.53 12.62 -19.30
C LEU B 14 1.27 12.89 -17.98
N PHE B 15 0.51 13.33 -16.97
CA PHE B 15 1.00 13.57 -15.61
C PHE B 15 0.23 12.67 -14.64
N THR B 16 0.89 11.58 -14.20
CA THR B 16 0.37 10.70 -13.14
C THR B 16 0.70 11.31 -11.76
N PRO B 17 -0.04 10.94 -10.65
CA PRO B 17 0.26 11.43 -9.29
C PRO B 17 1.69 11.04 -8.84
N VAL B 18 2.64 11.98 -9.04
CA VAL B 18 4.06 11.79 -8.71
C VAL B 18 4.27 11.72 -7.18
N THR B 19 4.22 10.48 -6.66
CA THR B 19 4.38 10.17 -5.23
C THR B 19 4.74 8.69 -5.07
N LYS B 20 5.33 8.33 -3.92
CA LYS B 20 5.76 6.96 -3.63
C LYS B 20 5.77 6.74 -2.10
N ALA B 21 6.34 7.71 -1.36
CA ALA B 21 6.45 7.66 0.11
C ALA B 21 6.35 9.07 0.73
N ARG B 22 6.80 10.09 -0.05
CA ARG B 22 6.94 11.49 0.39
C ARG B 22 8.07 11.61 1.45
N THR B 23 7.79 11.14 2.66
CA THR B 23 8.77 11.02 3.75
C THR B 23 8.80 9.56 4.20
N PRO B 24 9.78 8.72 3.67
CA PRO B 24 9.95 7.32 4.09
C PRO B 24 10.52 7.25 5.53
N GLU B 25 9.61 7.35 6.50
CA GLU B 25 9.94 7.27 7.93
C GLU B 25 10.25 5.80 8.30
N MET B 26 11.55 5.42 8.20
CA MET B 26 12.06 4.07 8.60
C MET B 26 13.59 4.13 8.96
N PRO B 27 14.52 4.75 8.10
CA PRO B 27 15.98 4.82 8.41
C PRO B 27 16.32 5.96 9.42
N VAL B 28 15.49 6.10 10.46
CA VAL B 28 15.60 7.17 11.48
C VAL B 28 16.11 6.62 12.83
N LEU B 29 16.30 5.28 12.90
CA LEU B 29 16.66 4.53 14.13
C LEU B 29 17.91 5.11 14.85
N GLU B 30 18.98 5.22 14.06
CA GLU B 30 20.34 5.54 14.53
C GLU B 30 20.72 6.99 14.20
N ASN B 31 19.78 7.73 13.62
CA ASN B 31 20.00 9.12 13.20
C ASN B 31 20.01 10.06 14.43
N ARG B 32 19.42 9.61 15.57
CA ARG B 32 19.44 10.38 16.84
C ARG B 32 19.48 9.44 18.05
N ALA B 33 18.44 8.58 18.17
CA ALA B 33 18.13 7.78 19.36
C ALA B 33 17.97 8.66 20.61
N ALA B 34 16.79 9.28 20.74
CA ALA B 34 16.48 10.24 21.82
C ALA B 34 16.17 9.56 23.18
N GLN B 35 16.45 8.23 23.32
CA GLN B 35 16.29 7.51 24.61
C GLN B 35 17.14 6.23 24.64
N GLY B 36 16.81 5.29 23.76
CA GLY B 36 17.44 3.97 23.71
C GLY B 36 16.39 2.87 23.85
N ASP B 37 15.84 2.74 25.09
CA ASP B 37 14.82 1.73 25.47
C ASP B 37 15.32 0.29 25.22
N ILE B 38 15.89 -0.33 26.27
CA ILE B 38 16.59 -1.63 26.20
C ILE B 38 16.06 -2.64 27.24
N THR B 39 14.88 -2.35 27.88
CA THR B 39 14.35 -3.13 29.03
C THR B 39 14.29 -4.64 28.72
N ALA B 40 15.23 -5.39 29.35
CA ALA B 40 15.58 -6.79 29.00
C ALA B 40 14.36 -7.72 28.85
N PRO B 41 13.99 -8.12 27.60
CA PRO B 41 13.02 -9.21 27.37
C PRO B 41 13.72 -10.57 27.57
N GLY B 42 14.92 -10.70 26.98
CA GLY B 42 15.77 -11.87 27.11
C GLY B 42 15.32 -13.01 26.19
N GLY B 43 16.17 -13.36 25.21
CA GLY B 43 15.89 -14.45 24.27
C GLY B 43 15.92 -15.81 24.95
N ALA B 44 14.71 -16.37 25.21
CA ALA B 44 14.49 -17.68 25.86
C ALA B 44 15.02 -17.70 27.31
N ARG B 45 14.14 -17.45 28.29
CA ARG B 45 14.53 -17.32 29.71
C ARG B 45 14.68 -18.69 30.36
N ARG B 46 15.97 -19.14 30.45
CA ARG B 46 16.41 -20.43 31.05
C ARG B 46 15.62 -21.67 30.55
N LEU B 47 15.03 -21.54 29.34
CA LEU B 47 14.15 -22.55 28.73
C LEU B 47 14.86 -23.91 28.57
N THR B 48 16.14 -23.84 28.12
CA THR B 48 17.03 -24.99 27.85
C THR B 48 16.56 -25.78 26.59
N GLY B 49 15.37 -26.38 26.67
CA GLY B 49 14.74 -27.05 25.53
C GLY B 49 13.27 -27.33 25.82
N ASP B 50 13.02 -28.51 26.39
CA ASP B 50 11.69 -28.91 26.89
C ASP B 50 11.74 -28.86 28.42
N GLN B 51 11.37 -27.69 28.97
CA GLN B 51 11.35 -27.42 30.44
C GLN B 51 10.32 -28.31 31.15
N THR B 52 9.25 -28.70 30.42
CA THR B 52 8.19 -29.60 30.92
C THR B 52 8.40 -30.99 30.27
N ALA B 53 8.00 -32.08 30.98
CA ALA B 53 8.42 -33.47 30.64
C ALA B 53 7.83 -33.96 29.31
N ALA B 54 8.64 -34.77 28.59
CA ALA B 54 8.28 -35.37 27.28
C ALA B 54 7.39 -36.62 27.47
N LEU B 55 6.85 -37.13 26.35
CA LEU B 55 5.89 -38.27 26.31
C LEU B 55 6.38 -39.50 27.10
N ARG B 56 7.72 -39.77 27.04
CA ARG B 56 8.42 -40.84 27.80
C ARG B 56 7.75 -42.23 27.65
N ASP B 57 6.70 -42.51 28.43
CA ASP B 57 6.03 -43.81 28.48
C ASP B 57 5.09 -43.99 27.27
N SER B 58 3.84 -43.47 27.39
CA SER B 58 2.83 -43.47 26.31
C SER B 58 2.40 -44.92 25.89
N LEU B 59 2.53 -45.89 26.84
CA LEU B 59 2.02 -47.27 26.66
C LEU B 59 0.51 -47.35 26.96
N SER B 60 -0.23 -48.09 26.13
CA SER B 60 -1.69 -48.27 26.27
C SER B 60 -2.03 -49.44 27.22
N ASP B 61 -0.98 -50.07 27.82
CA ASP B 61 -1.12 -51.19 28.78
C ASP B 61 -1.55 -50.70 30.18
N LYS B 62 -1.49 -49.38 30.38
CA LYS B 62 -1.76 -48.72 31.67
C LYS B 62 -3.27 -48.66 31.96
N PRO B 63 -3.70 -48.59 33.28
CA PRO B 63 -5.14 -48.63 33.70
C PRO B 63 -6.06 -47.68 32.91
N ALA B 64 -5.48 -46.52 32.51
CA ALA B 64 -6.11 -45.52 31.63
C ALA B 64 -7.43 -45.01 32.23
N LYS B 65 -8.55 -45.67 31.90
CA LYS B 65 -9.90 -45.27 32.34
C LYS B 65 -10.27 -45.96 33.67
N ASN B 66 -10.06 -47.30 33.73
CA ASN B 66 -10.39 -48.12 34.91
C ASN B 66 -9.28 -47.96 35.96
N ILE B 67 -9.51 -47.06 36.92
CA ILE B 67 -8.53 -46.68 37.95
C ILE B 67 -9.29 -46.00 39.12
N ILE B 68 -8.85 -46.26 40.37
CA ILE B 68 -9.47 -45.69 41.60
C ILE B 68 -9.43 -44.14 41.62
N LEU B 69 -8.50 -43.56 40.83
CA LEU B 69 -8.34 -42.10 40.67
C LEU B 69 -8.13 -41.42 42.06
N LEU B 70 -9.20 -40.78 42.59
CA LEU B 70 -9.24 -40.15 43.93
C LEU B 70 -10.69 -40.27 44.46
N ILE B 71 -11.39 -41.31 43.97
CA ILE B 71 -12.83 -41.54 44.19
C ILE B 71 -13.14 -41.80 45.68
N GLY B 72 -14.01 -40.95 46.25
CA GLY B 72 -14.36 -40.98 47.67
C GLY B 72 -14.54 -39.58 48.20
N ASP B 73 -15.52 -38.87 47.60
CA ASP B 73 -15.79 -37.41 47.83
C ASP B 73 -14.61 -36.57 47.30
N GLY B 74 -13.52 -36.54 48.08
CA GLY B 74 -12.30 -35.82 47.72
C GLY B 74 -11.11 -36.43 48.44
N MET B 75 -10.95 -37.74 48.30
CA MET B 75 -9.85 -38.51 48.91
C MET B 75 -8.55 -38.22 48.13
N GLY B 76 -7.78 -37.23 48.61
CA GLY B 76 -6.56 -36.76 47.96
C GLY B 76 -6.64 -35.26 47.67
N ASP B 77 -7.82 -34.81 47.22
CA ASP B 77 -8.11 -33.40 46.93
C ASP B 77 -8.30 -32.62 48.24
N SER B 78 -9.36 -33.02 49.00
CA SER B 78 -9.76 -32.40 50.29
C SER B 78 -10.15 -30.91 50.11
N GLU B 79 -10.55 -30.56 48.88
CA GLU B 79 -10.91 -29.18 48.48
C GLU B 79 -12.45 -29.00 48.53
N ILE B 80 -12.89 -27.73 48.74
CA ILE B 80 -14.32 -27.27 48.76
C ILE B 80 -15.25 -28.11 49.69
N THR B 81 -14.67 -28.81 50.68
CA THR B 81 -15.41 -29.55 51.72
C THR B 81 -15.28 -28.82 53.07
N ALA B 82 -14.05 -28.82 53.66
CA ALA B 82 -13.74 -28.19 54.97
C ALA B 82 -14.52 -28.83 56.16
N ALA B 83 -15.27 -29.93 55.89
CA ALA B 83 -16.23 -30.57 56.84
C ALA B 83 -17.42 -29.62 57.16
N ARG B 84 -17.12 -28.53 57.90
CA ARG B 84 -18.10 -27.46 58.27
C ARG B 84 -19.13 -28.02 59.28
N ASN B 85 -20.20 -28.67 58.76
CA ASN B 85 -21.34 -29.24 59.53
C ASN B 85 -21.94 -28.20 60.50
N TYR B 86 -21.37 -28.13 61.72
CA TYR B 86 -21.75 -27.19 62.76
C TYR B 86 -20.60 -26.20 62.96
N ALA B 87 -20.65 -25.13 62.16
CA ALA B 87 -19.65 -24.05 62.13
C ALA B 87 -20.27 -22.81 61.47
N GLU B 88 -19.44 -21.75 61.27
CA GLU B 88 -19.83 -20.51 60.57
C GLU B 88 -20.96 -19.77 61.35
N GLY B 89 -20.98 -19.96 62.67
CA GLY B 89 -21.96 -19.32 63.55
C GLY B 89 -21.49 -17.94 64.00
N ALA B 90 -21.46 -17.72 65.33
CA ALA B 90 -21.02 -16.47 65.98
C ALA B 90 -21.94 -15.28 65.65
N GLY B 91 -21.88 -14.80 64.38
CA GLY B 91 -22.75 -13.74 63.89
C GLY B 91 -22.20 -12.34 64.13
N GLY B 92 -21.10 -12.24 64.91
CA GLY B 92 -20.44 -10.97 65.21
C GLY B 92 -19.46 -10.55 64.12
N PHE B 93 -19.89 -10.67 62.85
CA PHE B 93 -19.13 -10.30 61.66
C PHE B 93 -20.10 -10.14 60.47
N PHE B 94 -20.16 -8.93 59.90
CA PHE B 94 -20.99 -8.63 58.72
C PHE B 94 -20.18 -8.91 57.43
N LYS B 95 -19.79 -10.18 57.25
CA LYS B 95 -18.97 -10.62 56.11
C LYS B 95 -19.81 -11.49 55.17
N GLY B 96 -19.41 -11.50 53.87
CA GLY B 96 -20.13 -12.21 52.83
C GLY B 96 -21.47 -11.56 52.52
N ILE B 97 -22.53 -12.06 53.21
CA ILE B 97 -23.95 -11.57 53.12
C ILE B 97 -24.66 -12.01 51.80
N ASP B 98 -23.86 -12.17 50.71
CA ASP B 98 -24.29 -12.76 49.42
C ASP B 98 -25.26 -11.84 48.67
N ALA B 99 -26.53 -11.86 49.08
CA ALA B 99 -27.60 -11.04 48.49
C ALA B 99 -28.76 -10.86 49.50
N LEU B 100 -28.40 -10.85 50.81
CA LEU B 100 -29.35 -10.73 51.93
C LEU B 100 -30.14 -9.38 51.85
N PRO B 101 -29.48 -8.16 51.80
CA PRO B 101 -30.23 -6.87 51.73
C PRO B 101 -30.37 -6.35 50.29
N LEU B 102 -30.27 -7.25 49.30
CA LEU B 102 -30.41 -6.89 47.88
C LEU B 102 -31.89 -6.78 47.51
N THR B 103 -32.64 -7.84 47.87
CA THR B 103 -34.07 -8.03 47.51
C THR B 103 -34.24 -8.28 45.98
N GLY B 104 -35.30 -9.01 45.60
CA GLY B 104 -35.66 -9.20 44.19
C GLY B 104 -36.04 -7.90 43.51
N GLN B 105 -36.68 -7.00 44.31
CA GLN B 105 -37.08 -5.63 43.92
C GLN B 105 -38.21 -5.68 42.88
N TYR B 106 -39.45 -5.48 43.38
CA TYR B 106 -40.69 -5.50 42.57
C TYR B 106 -41.03 -6.92 42.07
N THR B 107 -42.26 -7.10 41.58
CA THR B 107 -42.72 -8.38 41.04
C THR B 107 -42.16 -8.56 39.61
N HIS B 108 -41.10 -9.37 39.48
CA HIS B 108 -40.50 -9.66 38.17
C HIS B 108 -41.46 -10.51 37.34
N TYR B 109 -42.07 -9.86 36.33
CA TYR B 109 -42.98 -10.51 35.36
C TYR B 109 -42.26 -11.61 34.57
N ALA B 110 -40.92 -11.47 34.46
CA ALA B 110 -40.05 -12.38 33.71
C ALA B 110 -40.35 -12.27 32.20
N LEU B 111 -39.87 -13.27 31.42
CA LEU B 111 -40.03 -13.31 29.95
C LEU B 111 -39.30 -12.10 29.31
N ASN B 112 -38.17 -11.69 29.92
CA ASN B 112 -37.41 -10.49 29.51
C ASN B 112 -36.66 -10.76 28.19
N LYS B 113 -37.23 -10.25 27.07
CA LYS B 113 -36.69 -10.42 25.70
C LYS B 113 -36.59 -11.93 25.36
N LYS B 114 -37.61 -12.67 25.83
CA LYS B 114 -37.62 -14.16 25.86
C LYS B 114 -37.67 -14.74 24.45
N THR B 115 -36.47 -15.07 23.92
CA THR B 115 -36.27 -15.56 22.55
C THR B 115 -37.05 -14.71 21.52
N GLY B 116 -36.66 -13.43 21.40
CA GLY B 116 -37.13 -12.58 20.30
C GLY B 116 -36.79 -13.21 18.97
N LYS B 117 -35.57 -13.75 18.94
CA LYS B 117 -35.10 -14.75 17.98
C LYS B 117 -34.31 -15.82 18.76
N PRO B 118 -34.17 -17.08 18.23
CA PRO B 118 -33.26 -18.11 18.81
C PRO B 118 -31.78 -17.69 18.71
N ASP B 119 -31.55 -16.66 17.86
CA ASP B 119 -30.26 -15.98 17.64
C ASP B 119 -29.32 -16.84 16.77
N TYR B 120 -28.39 -16.16 16.09
CA TYR B 120 -27.38 -16.78 15.25
C TYR B 120 -26.26 -17.35 16.13
N VAL B 121 -25.84 -18.59 15.82
CA VAL B 121 -24.69 -19.24 16.47
C VAL B 121 -23.35 -18.78 15.79
N THR B 122 -23.47 -17.86 14.83
CA THR B 122 -22.37 -17.42 13.95
C THR B 122 -21.34 -16.55 14.70
N ASP B 123 -20.38 -17.23 15.35
CA ASP B 123 -19.27 -16.63 16.11
C ASP B 123 -18.02 -16.58 15.22
N SER B 124 -17.67 -17.76 14.66
CA SER B 124 -16.65 -17.95 13.62
C SER B 124 -15.22 -17.52 14.06
N ALA B 125 -14.98 -17.46 15.39
CA ALA B 125 -13.65 -17.17 15.97
C ALA B 125 -12.71 -18.37 15.73
N ALA B 126 -11.82 -18.21 14.74
CA ALA B 126 -10.88 -19.26 14.32
C ALA B 126 -9.67 -18.62 13.64
N SER B 127 -9.94 -17.95 12.50
CA SER B 127 -8.91 -17.26 11.68
C SER B 127 -7.78 -18.26 11.23
N ALA B 128 -6.58 -17.76 10.91
CA ALA B 128 -5.42 -18.63 10.59
C ALA B 128 -4.74 -19.15 11.87
N THR B 129 -5.13 -18.56 13.05
CA THR B 129 -4.72 -19.05 14.38
C THR B 129 -5.30 -20.47 14.64
N ALA B 130 -6.40 -20.79 13.92
CA ALA B 130 -7.06 -22.10 13.96
C ALA B 130 -6.11 -23.27 13.61
N TRP B 131 -5.11 -22.99 12.77
CA TRP B 131 -4.17 -24.01 12.26
C TRP B 131 -2.96 -24.20 13.19
N SER B 132 -2.87 -23.37 14.25
CA SER B 132 -1.87 -23.51 15.31
C SER B 132 -2.31 -24.67 16.23
N THR B 133 -1.71 -25.86 16.01
CA THR B 133 -2.00 -27.14 16.70
C THR B 133 -3.29 -27.81 16.16
N GLY B 134 -4.34 -27.02 15.85
CA GLY B 134 -5.57 -27.53 15.26
C GLY B 134 -6.82 -26.93 15.91
N VAL B 135 -7.98 -27.16 15.28
CA VAL B 135 -9.28 -26.58 15.71
C VAL B 135 -9.97 -27.47 16.80
N LYS B 136 -9.18 -28.31 17.48
CA LYS B 136 -9.69 -29.37 18.37
C LYS B 136 -8.98 -29.38 19.73
N THR B 137 -9.44 -30.25 20.63
CA THR B 137 -8.83 -30.49 21.95
C THR B 137 -8.85 -32.01 22.23
N TYR B 138 -8.52 -32.44 23.46
CA TYR B 138 -8.58 -33.85 23.88
C TYR B 138 -9.00 -33.96 25.35
N ASN B 139 -10.22 -34.50 25.55
CA ASN B 139 -10.78 -34.94 26.86
C ASN B 139 -10.92 -33.79 27.87
N GLY B 140 -9.83 -33.53 28.62
CA GLY B 140 -9.82 -32.54 29.70
C GLY B 140 -8.45 -31.94 29.88
N ALA B 141 -7.87 -31.48 28.76
CA ALA B 141 -6.55 -30.81 28.72
C ALA B 141 -6.69 -29.38 29.29
N LEU B 142 -6.78 -29.29 30.64
CA LEU B 142 -7.10 -28.05 31.38
C LEU B 142 -6.01 -27.69 32.40
N GLY B 143 -4.93 -28.51 32.45
CA GLY B 143 -3.85 -28.33 33.42
C GLY B 143 -2.87 -27.23 33.04
N VAL B 144 -3.23 -25.97 33.32
CA VAL B 144 -2.35 -24.80 33.08
C VAL B 144 -1.51 -24.56 34.36
N ASP B 145 -2.21 -24.33 35.49
CA ASP B 145 -1.62 -24.30 36.83
C ASP B 145 -2.48 -25.16 37.76
N ILE B 146 -3.81 -25.02 37.59
CA ILE B 146 -4.82 -25.86 38.22
C ILE B 146 -5.00 -27.09 37.33
N HIS B 147 -4.46 -28.23 37.79
CA HIS B 147 -4.40 -29.45 36.99
C HIS B 147 -5.75 -30.18 37.00
N GLU B 148 -6.12 -30.77 35.86
CA GLU B 148 -7.18 -31.77 35.80
C GLU B 148 -6.54 -33.12 36.18
N LYS B 149 -7.26 -33.92 36.99
CA LYS B 149 -6.78 -35.24 37.44
C LYS B 149 -7.20 -36.34 36.44
N ASP B 150 -8.33 -36.06 35.73
CA ASP B 150 -8.82 -36.84 34.55
C ASP B 150 -9.14 -38.29 34.91
N HIS B 151 -8.09 -39.14 34.96
CA HIS B 151 -8.19 -40.58 35.22
C HIS B 151 -6.91 -41.12 35.94
N PRO B 152 -5.66 -41.07 35.31
CA PRO B 152 -4.50 -41.90 35.77
C PRO B 152 -3.81 -41.39 37.07
N THR B 153 -4.36 -40.31 37.66
CA THR B 153 -3.90 -39.68 38.93
C THR B 153 -2.49 -39.05 38.77
N ILE B 154 -1.45 -39.90 38.77
CA ILE B 154 -0.04 -39.48 38.59
C ILE B 154 0.60 -40.23 37.41
N LEU B 155 0.22 -41.53 37.22
CA LEU B 155 0.79 -42.44 36.19
C LEU B 155 2.35 -42.41 36.26
N GLU B 156 3.04 -42.61 35.13
CA GLU B 156 4.44 -42.15 34.98
C GLU B 156 4.42 -40.62 34.98
N MET B 157 3.66 -40.06 34.03
CA MET B 157 3.22 -38.66 33.99
C MET B 157 1.72 -38.69 33.74
N ALA B 158 0.93 -37.97 34.57
CA ALA B 158 -0.51 -37.78 34.33
C ALA B 158 -0.70 -36.86 33.11
N LYS B 159 -0.50 -37.49 31.93
CA LYS B 159 -0.36 -36.85 30.62
C LYS B 159 0.79 -35.81 30.62
N ALA B 160 1.87 -36.14 29.89
CA ALA B 160 3.03 -35.26 29.72
C ALA B 160 2.76 -34.19 28.65
N ALA B 161 3.19 -32.95 28.91
CA ALA B 161 2.98 -31.80 28.00
C ALA B 161 3.81 -31.93 26.71
N GLY B 162 4.89 -32.74 26.77
CA GLY B 162 5.70 -33.07 25.59
C GLY B 162 5.08 -34.19 24.76
N LEU B 163 3.83 -33.98 24.34
CA LEU B 163 3.01 -34.94 23.60
C LEU B 163 1.93 -34.11 22.87
N ALA B 164 2.33 -33.47 21.76
CA ALA B 164 1.47 -32.59 20.95
C ALA B 164 2.08 -32.42 19.55
N THR B 165 1.25 -31.99 18.59
CA THR B 165 1.67 -31.78 17.20
C THR B 165 2.20 -30.34 17.01
N GLY B 166 1.41 -29.35 17.48
CA GLY B 166 1.76 -27.94 17.32
C GLY B 166 1.55 -27.44 15.90
N ASN B 167 2.33 -26.42 15.50
CA ASN B 167 2.32 -25.89 14.13
C ASN B 167 3.76 -25.88 13.60
N VAL B 168 4.60 -24.97 14.17
CA VAL B 168 6.01 -24.75 13.78
C VAL B 168 6.12 -24.12 12.37
N SER B 169 5.71 -24.87 11.34
CA SER B 169 5.68 -24.42 9.93
C SER B 169 4.56 -23.38 9.71
N THR B 170 4.85 -22.13 10.13
CA THR B 170 3.91 -20.99 10.03
C THR B 170 4.10 -20.26 8.69
N ALA B 171 5.38 -20.02 8.34
CA ALA B 171 5.78 -19.33 7.10
C ALA B 171 6.46 -20.33 6.15
N GLU B 172 7.52 -21.00 6.67
CA GLU B 172 8.24 -22.06 5.97
C GLU B 172 7.48 -23.41 6.13
N LEU B 173 6.65 -23.77 5.14
CA LEU B 173 5.82 -25.00 5.20
C LEU B 173 6.64 -26.23 4.75
N GLN B 174 6.98 -26.27 3.45
CA GLN B 174 7.68 -27.41 2.81
C GLN B 174 8.14 -26.93 1.41
N ASP B 175 9.35 -27.39 1.00
CA ASP B 175 10.05 -26.95 -0.23
C ASP B 175 10.58 -25.53 -0.04
N ALA B 176 11.90 -25.42 0.10
CA ALA B 176 12.63 -24.14 0.15
C ALA B 176 13.52 -24.02 -1.10
N THR B 177 13.16 -24.78 -2.15
CA THR B 177 13.98 -24.99 -3.34
C THR B 177 13.21 -24.56 -4.60
N PRO B 178 13.36 -23.28 -5.06
CA PRO B 178 12.82 -22.84 -6.36
C PRO B 178 13.60 -23.50 -7.54
N ALA B 179 14.94 -23.44 -7.47
CA ALA B 179 15.85 -24.15 -8.40
C ALA B 179 17.25 -24.20 -7.79
N ALA B 180 17.67 -23.06 -7.20
CA ALA B 180 18.90 -22.94 -6.43
C ALA B 180 18.81 -21.68 -5.56
N LEU B 181 18.86 -20.50 -6.21
CA LEU B 181 18.38 -19.23 -5.64
C LEU B 181 16.90 -19.12 -5.98
N VAL B 182 16.61 -18.91 -7.30
CA VAL B 182 15.23 -18.86 -7.83
C VAL B 182 15.15 -19.68 -9.13
N ALA B 183 15.77 -19.16 -10.21
CA ALA B 183 15.79 -19.82 -11.53
C ALA B 183 16.75 -19.09 -12.49
N HIS B 184 16.22 -18.08 -13.24
CA HIS B 184 16.97 -17.38 -14.31
C HIS B 184 16.22 -16.11 -14.75
N VAL B 185 16.65 -15.52 -15.90
CA VAL B 185 16.07 -14.27 -16.47
C VAL B 185 14.56 -14.44 -16.71
N THR B 186 13.76 -13.65 -15.94
CA THR B 186 12.29 -13.63 -15.97
C THR B 186 11.69 -15.06 -15.93
N SER B 187 11.83 -15.71 -14.78
CA SER B 187 11.38 -17.10 -14.54
C SER B 187 10.91 -17.24 -13.09
N ARG B 188 9.88 -18.08 -12.88
CA ARG B 188 9.21 -18.21 -11.57
C ARG B 188 9.11 -19.69 -11.12
N LYS B 189 9.20 -19.89 -9.80
CA LYS B 189 8.95 -21.19 -9.15
C LYS B 189 8.76 -20.91 -7.64
N CYS B 190 7.49 -20.81 -7.22
CA CYS B 190 7.11 -20.68 -5.80
C CYS B 190 6.78 -22.08 -5.25
N TYR B 191 6.40 -22.15 -3.96
CA TYR B 191 5.96 -23.41 -3.34
C TYR B 191 4.58 -23.25 -2.70
N GLY B 192 3.85 -24.37 -2.60
CA GLY B 192 2.53 -24.41 -1.99
C GLY B 192 2.09 -25.84 -1.74
N PRO B 193 2.63 -26.51 -0.66
CA PRO B 193 2.46 -27.96 -0.43
C PRO B 193 1.06 -28.36 0.09
N SER B 194 0.24 -27.34 0.42
CA SER B 194 -1.10 -27.49 1.03
C SER B 194 -1.01 -27.84 2.53
N ALA B 195 -0.39 -29.01 2.84
CA ALA B 195 -0.25 -29.56 4.22
C ALA B 195 -1.61 -29.99 4.83
N THR B 196 -2.66 -30.05 3.96
CA THR B 196 -4.06 -30.48 4.27
C THR B 196 -4.73 -29.74 5.49
N SER B 197 -4.06 -28.68 6.02
CA SER B 197 -4.53 -27.91 7.21
C SER B 197 -4.82 -28.81 8.45
N GLU B 198 -4.16 -30.00 8.48
CA GLU B 198 -4.38 -31.08 9.48
C GLU B 198 -5.78 -31.75 9.32
N LYS B 199 -5.86 -33.08 9.58
CA LYS B 199 -7.15 -33.79 9.76
C LYS B 199 -7.51 -33.75 11.26
N CYS B 200 -8.22 -32.67 11.66
CA CYS B 200 -8.45 -32.31 13.07
C CYS B 200 -9.20 -33.40 13.91
N PRO B 201 -10.31 -34.07 13.42
CA PRO B 201 -10.93 -35.21 14.16
C PRO B 201 -10.10 -36.52 14.02
N GLY B 202 -8.87 -36.47 14.58
CA GLY B 202 -7.92 -37.58 14.50
C GLY B 202 -7.40 -37.99 15.88
N ASN B 203 -7.19 -39.32 16.07
CA ASN B 203 -6.70 -39.95 17.32
C ASN B 203 -7.71 -39.80 18.49
N ALA B 204 -7.74 -38.60 19.12
CA ALA B 204 -8.61 -38.30 20.29
C ALA B 204 -9.20 -36.89 20.16
N LEU B 205 -10.32 -36.65 20.87
CA LEU B 205 -11.05 -35.37 20.82
C LEU B 205 -11.97 -35.24 22.05
N GLU B 206 -12.95 -36.14 22.12
CA GLU B 206 -13.94 -36.20 23.22
C GLU B 206 -13.67 -37.48 24.04
N LYS B 207 -13.70 -38.63 23.35
CA LYS B 207 -13.37 -39.94 23.94
C LYS B 207 -11.83 -40.06 24.06
N GLY B 208 -11.37 -40.63 25.18
CA GLY B 208 -9.96 -40.95 25.36
C GLY B 208 -9.68 -41.46 26.77
N GLY B 209 -9.18 -40.56 27.63
CA GLY B 209 -8.72 -40.90 28.98
C GLY B 209 -7.28 -40.46 29.20
N LYS B 210 -6.90 -39.32 28.56
CA LYS B 210 -5.54 -38.74 28.64
C LYS B 210 -5.63 -37.21 28.49
N GLY B 211 -6.58 -36.59 29.20
CA GLY B 211 -6.71 -35.14 29.23
C GLY B 211 -5.68 -34.53 30.18
N SER B 212 -6.08 -34.38 31.45
CA SER B 212 -5.25 -33.98 32.61
C SER B 212 -4.24 -32.82 32.33
N ILE B 213 -3.03 -33.20 31.82
CA ILE B 213 -1.81 -32.35 31.81
C ILE B 213 -1.45 -31.97 33.26
N THR B 214 -0.67 -32.84 33.91
CA THR B 214 -0.31 -32.70 35.32
C THR B 214 1.15 -33.12 35.50
N GLU B 215 1.43 -34.39 35.08
CA GLU B 215 2.71 -35.10 35.25
C GLU B 215 2.93 -35.49 36.72
N GLN B 216 3.09 -34.47 37.59
CA GLN B 216 3.28 -34.63 39.04
C GLN B 216 2.36 -33.65 39.79
N LEU B 217 1.72 -34.11 40.87
CA LEU B 217 0.80 -33.27 41.68
C LEU B 217 1.32 -33.14 43.11
N LEU B 218 0.96 -32.03 43.75
CA LEU B 218 1.40 -31.69 45.13
C LEU B 218 0.17 -31.44 46.01
N ASN B 219 -0.98 -32.01 45.58
CA ASN B 219 -2.31 -31.83 46.22
C ASN B 219 -2.43 -32.57 47.56
N ALA B 220 -1.44 -33.44 47.85
CA ALA B 220 -1.31 -34.11 49.16
C ALA B 220 -1.01 -33.06 50.26
N ARG B 221 -0.22 -32.03 49.85
CA ARG B 221 0.17 -30.85 50.65
C ARG B 221 1.19 -31.23 51.76
N ALA B 222 0.78 -32.13 52.67
CA ALA B 222 1.70 -32.79 53.64
C ALA B 222 2.88 -33.45 52.90
N ASP B 223 2.60 -33.94 51.68
CA ASP B 223 3.63 -34.33 50.69
C ASP B 223 3.53 -33.38 49.48
N VAL B 224 4.69 -32.97 48.96
CA VAL B 224 4.80 -32.01 47.85
C VAL B 224 5.84 -32.54 46.85
N THR B 225 5.51 -32.50 45.55
CA THR B 225 6.44 -32.89 44.47
C THR B 225 7.22 -31.64 43.96
N LEU B 226 7.90 -31.78 42.78
CA LEU B 226 8.76 -30.75 42.14
C LEU B 226 10.14 -30.65 42.84
N GLY B 227 10.13 -30.55 44.18
CA GLY B 227 11.35 -30.47 44.98
C GLY B 227 11.92 -29.06 45.07
N GLY B 228 11.18 -28.07 44.51
CA GLY B 228 11.59 -26.66 44.54
C GLY B 228 12.49 -26.26 43.38
N GLY B 229 13.21 -27.23 42.78
CA GLY B 229 14.11 -26.96 41.65
C GLY B 229 13.34 -26.62 40.39
N ALA B 230 12.54 -27.59 39.92
CA ALA B 230 11.71 -27.44 38.72
C ALA B 230 10.53 -26.49 39.00
N LYS B 231 10.64 -25.25 38.52
CA LYS B 231 9.59 -24.22 38.63
C LYS B 231 9.23 -23.71 37.24
N THR B 232 7.92 -23.62 36.96
CA THR B 232 7.40 -23.10 35.70
C THR B 232 7.55 -21.56 35.68
N PHE B 233 8.53 -21.06 34.92
CA PHE B 233 8.73 -19.62 34.70
C PHE B 233 7.62 -19.07 33.79
N ALA B 234 7.40 -17.74 33.82
CA ALA B 234 6.37 -17.06 33.00
C ALA B 234 6.76 -17.09 31.51
N GLU B 235 5.78 -16.77 30.63
CA GLU B 235 6.00 -16.71 29.17
C GLU B 235 7.08 -15.69 28.85
N THR B 236 8.18 -16.18 28.24
CA THR B 236 9.30 -15.35 27.81
C THR B 236 8.83 -14.34 26.75
N ALA B 237 8.92 -13.04 27.11
CA ALA B 237 8.66 -11.93 26.19
C ALA B 237 9.70 -11.97 25.05
N THR B 238 9.30 -12.62 23.95
CA THR B 238 10.09 -12.70 22.71
C THR B 238 10.11 -11.33 22.01
N ALA B 239 9.07 -10.54 22.29
CA ALA B 239 8.95 -9.15 21.86
C ALA B 239 9.97 -8.26 22.58
N GLY B 240 10.60 -7.33 21.82
CA GLY B 240 11.46 -6.30 22.41
C GLY B 240 10.64 -5.27 23.18
N GLU B 241 10.41 -4.10 22.56
CA GLU B 241 9.47 -3.07 23.07
C GLU B 241 9.33 -1.91 22.08
N TRP B 242 8.36 -1.04 22.40
CA TRP B 242 7.97 0.11 21.58
C TRP B 242 8.66 1.33 22.17
N GLN B 243 8.22 1.64 23.40
CA GLN B 243 8.60 2.82 24.21
C GLN B 243 8.69 2.34 25.68
N GLY B 244 8.83 1.01 25.84
CA GLY B 244 8.46 0.30 27.05
C GLY B 244 7.29 -0.66 26.75
N LYS B 245 7.03 -1.62 27.67
CA LYS B 245 5.90 -2.57 27.56
C LYS B 245 5.40 -3.00 28.96
N THR B 246 4.19 -3.60 29.00
CA THR B 246 3.57 -4.06 30.26
C THR B 246 2.90 -5.44 30.04
N LEU B 247 3.12 -6.36 31.01
CA LEU B 247 2.50 -7.69 31.04
C LEU B 247 1.65 -7.82 32.31
N ARG B 248 0.32 -7.85 32.14
CA ARG B 248 -0.65 -8.02 33.24
C ARG B 248 -1.64 -9.14 32.87
N GLU B 249 -1.99 -9.97 33.88
CA GLU B 249 -2.96 -11.07 33.74
C GLU B 249 -4.38 -10.53 33.46
N GLN B 250 -5.08 -11.13 32.49
CA GLN B 250 -6.38 -10.64 31.98
C GLN B 250 -7.54 -11.47 32.57
N ALA B 251 -7.75 -12.69 32.00
CA ALA B 251 -8.90 -13.56 32.35
C ALA B 251 -8.66 -14.41 33.60
N GLN B 252 -7.51 -14.18 34.25
CA GLN B 252 -7.00 -15.00 35.35
C GLN B 252 -7.81 -14.79 36.64
N ALA B 253 -7.95 -15.90 37.41
CA ALA B 253 -8.71 -16.00 38.67
C ALA B 253 -10.24 -15.85 38.42
N ARG B 254 -10.70 -14.62 38.18
CA ARG B 254 -12.15 -14.30 37.99
C ARG B 254 -12.36 -13.32 36.80
N GLY B 255 -11.26 -13.01 36.06
CA GLY B 255 -11.34 -12.11 34.89
C GLY B 255 -12.11 -12.73 33.73
N TYR B 256 -12.19 -14.09 33.72
CA TYR B 256 -13.02 -14.85 32.77
C TYR B 256 -14.50 -14.55 33.00
N GLN B 257 -14.88 -14.45 34.32
CA GLN B 257 -16.26 -14.23 34.83
C GLN B 257 -17.35 -15.04 34.07
N LEU B 258 -17.82 -16.14 34.73
CA LEU B 258 -18.69 -17.22 34.15
C LEU B 258 -19.67 -16.72 33.07
N VAL B 259 -19.44 -17.17 31.82
CA VAL B 259 -20.20 -16.72 30.64
C VAL B 259 -20.60 -17.93 29.78
N SER B 260 -21.64 -17.77 28.94
CA SER B 260 -22.07 -18.79 27.96
C SER B 260 -21.43 -18.51 26.57
N ASP B 261 -20.36 -17.66 26.57
CA ASP B 261 -19.59 -17.26 25.36
C ASP B 261 -20.51 -16.51 24.36
N ALA B 262 -19.94 -16.06 23.22
CA ALA B 262 -20.72 -15.51 22.10
C ALA B 262 -21.71 -16.56 21.55
N ALA B 263 -21.25 -17.82 21.47
CA ALA B 263 -22.04 -18.93 20.91
C ALA B 263 -21.82 -20.25 21.68
N SER B 264 -20.53 -20.64 21.87
CA SER B 264 -20.08 -21.95 22.44
C SER B 264 -20.32 -23.12 21.43
N LEU B 265 -21.60 -23.27 21.02
CA LEU B 265 -22.07 -24.26 20.04
C LEU B 265 -21.36 -24.12 18.66
N ASN B 266 -20.73 -22.96 18.42
CA ASN B 266 -19.93 -22.70 17.20
C ASN B 266 -18.54 -23.36 17.34
N SER B 267 -18.48 -24.69 17.11
CA SER B 267 -17.25 -25.50 17.23
C SER B 267 -17.45 -26.89 16.58
N VAL B 268 -16.39 -27.72 16.60
CA VAL B 268 -16.35 -29.04 15.91
C VAL B 268 -17.35 -30.03 16.55
N THR B 269 -17.05 -30.49 17.78
CA THR B 269 -17.91 -31.43 18.53
C THR B 269 -19.18 -30.68 19.05
N GLU B 270 -19.03 -29.33 19.19
CA GLU B 270 -20.11 -28.35 19.54
C GLU B 270 -20.83 -28.66 20.88
N ALA B 271 -20.21 -29.52 21.72
CA ALA B 271 -20.76 -29.93 23.02
C ALA B 271 -20.83 -28.73 24.00
N ASN B 272 -19.70 -27.99 24.14
CA ASN B 272 -19.63 -26.80 25.02
C ASN B 272 -18.52 -25.82 24.60
N GLN B 273 -17.28 -26.33 24.42
CA GLN B 273 -16.10 -25.48 24.21
C GLN B 273 -14.99 -26.27 23.50
N GLN B 274 -15.16 -26.46 22.18
CA GLN B 274 -14.15 -27.08 21.29
C GLN B 274 -13.64 -26.03 20.28
N LYS B 275 -13.88 -24.75 20.60
CA LYS B 275 -13.56 -23.61 19.72
C LYS B 275 -12.05 -23.42 19.53
N PRO B 276 -11.60 -22.89 18.35
CA PRO B 276 -10.23 -22.35 18.17
C PRO B 276 -10.16 -20.90 18.73
N LEU B 277 -10.50 -20.78 20.04
CA LEU B 277 -10.61 -19.50 20.76
C LEU B 277 -9.20 -19.04 21.23
N LEU B 278 -9.10 -17.73 21.49
CA LEU B 278 -7.84 -17.03 21.83
C LEU B 278 -6.94 -16.97 20.57
N GLY B 279 -7.16 -15.91 19.75
CA GLY B 279 -6.42 -15.73 18.51
C GLY B 279 -6.42 -14.30 18.01
N LEU B 280 -5.88 -14.11 16.80
CA LEU B 280 -5.81 -12.78 16.16
C LEU B 280 -7.00 -12.63 15.17
N PHE B 281 -7.64 -11.45 15.19
CA PHE B 281 -8.96 -11.23 14.56
C PHE B 281 -8.86 -11.02 13.04
N ALA B 282 -8.13 -9.97 12.62
CA ALA B 282 -7.86 -9.74 11.18
C ALA B 282 -6.83 -10.76 10.68
N ASP B 283 -5.89 -11.10 11.58
CA ASP B 283 -4.91 -12.21 11.46
C ASP B 283 -3.84 -11.94 10.36
N GLY B 284 -4.28 -12.00 9.09
CA GLY B 284 -3.42 -11.73 7.93
C GLY B 284 -3.27 -10.24 7.64
N ASN B 285 -3.13 -9.44 8.71
CA ASN B 285 -2.84 -8.01 8.65
C ASN B 285 -1.33 -7.85 8.40
N MET B 286 -0.96 -7.89 7.11
CA MET B 286 0.46 -8.00 6.66
C MET B 286 0.81 -6.96 5.56
N PRO B 287 0.05 -6.87 4.39
CA PRO B 287 0.38 -5.88 3.32
C PRO B 287 0.09 -4.41 3.74
N VAL B 288 0.71 -3.46 3.00
CA VAL B 288 0.53 -2.02 3.23
C VAL B 288 -0.84 -1.57 2.66
N ARG B 289 -1.87 -1.80 3.47
CA ARG B 289 -3.27 -1.46 3.17
C ARG B 289 -3.97 -1.22 4.52
N TRP B 290 -5.24 -0.77 4.48
CA TRP B 290 -6.14 -0.65 5.64
C TRP B 290 -5.86 0.63 6.46
N LEU B 291 -4.80 1.38 6.08
CA LEU B 291 -4.48 2.71 6.65
C LEU B 291 -4.43 3.73 5.49
N GLY B 292 -5.57 4.43 5.27
CA GLY B 292 -5.72 5.45 4.22
C GLY B 292 -4.64 6.56 4.26
N PRO B 293 -4.54 7.35 5.38
CA PRO B 293 -3.58 8.49 5.49
C PRO B 293 -2.18 8.05 5.99
N LYS B 294 -1.76 6.82 5.60
CA LYS B 294 -0.49 6.19 6.00
C LYS B 294 -0.44 5.95 7.52
N ALA B 295 -0.02 6.98 8.28
CA ALA B 295 0.32 6.89 9.72
C ALA B 295 0.86 8.25 10.19
N THR B 296 0.19 9.34 9.74
CA THR B 296 0.59 10.76 9.91
C THR B 296 2.07 11.00 9.48
N TYR B 297 2.62 12.18 9.78
CA TYR B 297 4.06 12.49 9.60
C TYR B 297 4.58 13.04 10.92
N HIS B 298 5.10 12.13 11.76
CA HIS B 298 5.58 12.45 13.11
C HIS B 298 7.06 12.89 13.08
N GLY B 299 7.78 12.44 12.03
CA GLY B 299 9.23 12.65 11.92
C GLY B 299 10.04 11.42 12.32
N ASN B 300 9.35 10.44 12.95
CA ASN B 300 9.96 9.19 13.41
C ASN B 300 8.86 8.15 13.74
N ILE B 301 7.70 8.30 13.06
CA ILE B 301 6.43 7.52 13.25
C ILE B 301 5.98 7.43 14.73
N ASP B 302 6.66 6.51 15.46
CA ASP B 302 6.33 6.10 16.83
C ASP B 302 6.41 7.27 17.82
N LYS B 303 5.68 7.08 18.95
CA LYS B 303 5.40 8.10 19.97
C LYS B 303 4.48 9.24 19.40
N PRO B 304 3.26 8.90 18.88
CA PRO B 304 2.22 9.90 18.54
C PRO B 304 1.35 10.22 19.78
N ALA B 305 1.71 11.31 20.49
CA ALA B 305 1.07 11.80 21.73
C ALA B 305 1.44 10.87 22.92
N VAL B 306 0.91 9.63 22.88
CA VAL B 306 1.18 8.55 23.85
C VAL B 306 0.67 8.91 25.24
N THR B 307 -0.58 8.53 25.49
CA THR B 307 -1.31 8.67 26.76
C THR B 307 -1.65 10.14 27.12
N CYS B 308 -0.89 11.15 26.60
CA CYS B 308 -0.96 12.57 27.01
C CYS B 308 -0.70 12.70 28.54
N THR B 309 -1.71 12.32 29.34
CA THR B 309 -1.56 12.04 30.78
C THR B 309 -1.10 10.58 30.92
N PRO B 310 0.12 10.30 31.51
CA PRO B 310 0.66 8.91 31.64
C PRO B 310 -0.28 7.99 32.45
N ASN B 311 -0.21 6.67 32.16
CA ASN B 311 -1.04 5.64 32.82
C ASN B 311 -0.79 5.64 34.34
N PRO B 312 -1.79 6.09 35.17
CA PRO B 312 -1.66 6.06 36.64
C PRO B 312 -2.07 4.70 37.24
N GLN B 313 -2.82 3.88 36.43
CA GLN B 313 -3.35 2.51 36.78
C GLN B 313 -4.17 2.47 38.09
N ARG B 314 -4.89 1.33 38.29
CA ARG B 314 -5.71 1.11 39.50
C ARG B 314 -6.14 -0.37 39.59
N ASN B 315 -6.33 -0.85 40.84
CA ASN B 315 -6.92 -2.16 41.13
C ASN B 315 -8.45 -1.99 41.16
N ASP B 316 -9.19 -3.00 40.68
CA ASP B 316 -10.64 -2.91 40.50
C ASP B 316 -11.39 -3.29 41.79
N SER B 317 -11.23 -2.41 42.81
CA SER B 317 -11.80 -2.54 44.17
C SER B 317 -11.42 -3.89 44.83
N VAL B 318 -12.19 -4.95 44.51
CA VAL B 318 -12.04 -6.29 45.10
C VAL B 318 -11.28 -7.23 44.11
N PRO B 319 -9.97 -7.56 44.41
CA PRO B 319 -9.19 -8.50 43.58
C PRO B 319 -9.65 -9.97 43.79
N THR B 320 -10.54 -10.41 42.89
CA THR B 320 -11.14 -11.75 42.90
C THR B 320 -12.02 -11.96 44.16
N LEU B 321 -13.28 -11.55 44.04
CA LEU B 321 -14.30 -11.73 45.09
C LEU B 321 -15.22 -12.92 44.75
N ALA B 322 -15.29 -13.24 43.42
CA ALA B 322 -16.21 -14.24 42.84
C ALA B 322 -17.68 -13.77 42.94
N GLN B 323 -18.64 -14.70 42.64
CA GLN B 323 -20.10 -14.45 42.72
C GLN B 323 -20.53 -13.39 41.65
N MET B 324 -21.80 -12.90 41.71
CA MET B 324 -22.36 -11.80 40.86
C MET B 324 -22.75 -12.31 39.45
N THR B 325 -21.80 -12.91 38.71
CA THR B 325 -22.05 -13.46 37.35
C THR B 325 -22.73 -14.85 37.45
N ASP B 326 -24.00 -14.84 37.88
CA ASP B 326 -24.83 -16.05 38.07
C ASP B 326 -25.30 -16.59 36.70
N LYS B 327 -26.11 -15.77 35.99
CA LYS B 327 -26.73 -16.06 34.66
C LYS B 327 -27.23 -17.53 34.50
N ALA B 328 -27.83 -18.06 35.57
CA ALA B 328 -28.32 -19.46 35.61
C ALA B 328 -29.45 -19.67 34.58
N ILE B 329 -30.47 -18.79 34.63
CA ILE B 329 -31.65 -18.84 33.73
C ILE B 329 -32.03 -17.43 33.22
N GLU B 330 -33.16 -17.37 32.47
CA GLU B 330 -33.77 -16.12 31.93
C GLU B 330 -32.87 -15.39 30.89
N LEU B 331 -33.19 -15.61 29.58
CA LEU B 331 -32.65 -14.84 28.43
C LEU B 331 -33.19 -15.52 27.12
N LEU B 332 -32.38 -15.54 26.03
CA LEU B 332 -32.66 -16.32 24.82
C LEU B 332 -32.23 -17.80 25.02
N SER B 333 -32.36 -18.60 23.95
CA SER B 333 -32.08 -20.05 23.95
C SER B 333 -30.60 -20.36 24.29
N LYS B 334 -29.70 -19.43 23.93
CA LYS B 334 -28.24 -19.61 24.11
C LYS B 334 -27.78 -19.32 25.57
N ASN B 335 -28.74 -19.07 26.45
CA ASN B 335 -28.53 -19.04 27.91
C ASN B 335 -29.40 -20.18 28.53
N GLU B 336 -29.51 -20.23 29.88
CA GLU B 336 -30.49 -21.07 30.62
C GLU B 336 -30.05 -22.54 30.70
N LYS B 337 -28.92 -22.87 30.04
CA LYS B 337 -28.17 -24.10 30.29
C LYS B 337 -27.37 -23.98 31.61
N GLY B 338 -27.36 -22.76 32.19
CA GLY B 338 -26.66 -22.45 33.43
C GLY B 338 -25.43 -21.60 33.17
N PHE B 339 -24.40 -21.82 33.98
CA PHE B 339 -23.11 -21.10 33.92
C PHE B 339 -22.01 -22.10 33.54
N PHE B 340 -20.89 -21.59 32.99
CA PHE B 340 -19.82 -22.42 32.43
C PHE B 340 -18.92 -23.00 33.56
N LEU B 341 -19.36 -24.14 34.11
CA LEU B 341 -18.55 -24.97 35.03
C LEU B 341 -18.56 -26.45 34.56
N GLN B 342 -19.16 -26.70 33.38
CA GLN B 342 -19.17 -28.02 32.74
C GLN B 342 -17.97 -28.11 31.79
N VAL B 343 -16.94 -28.89 32.19
CA VAL B 343 -15.58 -28.89 31.57
C VAL B 343 -15.03 -27.45 31.54
N GLU B 344 -14.43 -27.05 32.66
CA GLU B 344 -14.08 -25.64 32.95
C GLU B 344 -12.61 -25.34 32.54
N GLY B 345 -11.66 -25.24 33.50
CA GLY B 345 -10.26 -24.90 33.20
C GLY B 345 -10.03 -23.41 32.97
N ALA B 346 -10.70 -22.88 31.94
CA ALA B 346 -10.66 -21.45 31.57
C ALA B 346 -11.34 -20.59 32.65
N SER B 347 -10.52 -20.12 33.60
CA SER B 347 -10.93 -19.26 34.72
C SER B 347 -9.67 -18.75 35.44
N ILE B 348 -8.76 -19.68 35.77
CA ILE B 348 -7.54 -19.36 36.57
C ILE B 348 -6.35 -19.10 35.61
N ASP B 349 -6.04 -20.12 34.77
CA ASP B 349 -5.05 -20.04 33.65
C ASP B 349 -3.70 -19.41 34.06
N LYS B 350 -2.88 -20.19 34.81
CA LYS B 350 -1.55 -19.80 35.31
C LYS B 350 -1.66 -18.84 36.51
N GLN B 351 -2.28 -17.63 36.29
CA GLN B 351 -2.44 -16.59 37.34
C GLN B 351 -1.04 -16.03 37.74
N ASP B 352 -0.95 -15.20 38.78
CA ASP B 352 0.30 -14.82 39.46
C ASP B 352 0.86 -16.01 40.31
N HIS B 353 0.83 -17.23 39.73
CA HIS B 353 1.13 -18.50 40.40
C HIS B 353 1.92 -19.41 39.43
N ALA B 354 3.25 -19.32 39.50
CA ALA B 354 4.18 -20.08 38.64
C ALA B 354 5.63 -19.91 39.17
N ALA B 355 6.15 -18.68 39.07
CA ALA B 355 7.52 -18.32 39.49
C ALA B 355 7.70 -16.79 39.44
N ASN B 356 8.82 -16.30 40.01
CA ASN B 356 9.19 -14.87 40.00
C ASN B 356 9.89 -14.44 38.67
N PRO B 357 10.96 -15.18 38.14
CA PRO B 357 11.74 -14.71 36.97
C PRO B 357 10.95 -14.81 35.65
N CYS B 358 10.29 -13.69 35.30
CA CYS B 358 9.68 -13.48 33.98
C CYS B 358 10.82 -13.21 32.97
N GLY B 359 11.67 -12.25 33.35
CA GLY B 359 12.92 -11.96 32.66
C GLY B 359 14.11 -12.44 33.49
N GLN B 360 14.48 -13.73 33.29
CA GLN B 360 15.66 -14.37 33.92
C GLN B 360 16.92 -13.50 33.73
N ILE B 361 17.67 -13.29 34.82
CA ILE B 361 18.85 -12.37 34.91
C ILE B 361 18.38 -10.90 34.94
N GLY B 362 17.66 -10.46 33.90
CA GLY B 362 17.08 -9.11 33.83
C GLY B 362 18.06 -8.03 33.37
N GLU B 363 19.36 -8.38 33.33
CA GLU B 363 20.45 -7.51 32.85
C GLU B 363 20.85 -7.90 31.41
N THR B 364 20.06 -8.82 30.79
CA THR B 364 20.26 -9.28 29.42
C THR B 364 19.61 -8.29 28.42
N VAL B 365 20.10 -7.04 28.46
CA VAL B 365 19.62 -5.92 27.64
C VAL B 365 20.39 -5.87 26.31
N ASP B 366 19.78 -5.26 25.28
CA ASP B 366 20.44 -5.09 23.97
C ASP B 366 21.38 -3.89 24.04
N LEU B 367 22.62 -4.15 24.54
CA LEU B 367 23.71 -3.16 24.63
C LEU B 367 23.33 -2.00 25.59
N ASP B 368 24.10 -0.89 25.56
CA ASP B 368 23.73 0.35 26.31
C ASP B 368 22.54 1.00 25.61
N GLU B 369 22.65 1.11 24.27
CA GLU B 369 21.57 1.50 23.37
C GLU B 369 22.00 1.28 21.91
N ALA B 370 23.33 1.48 21.66
CA ALA B 370 23.96 1.40 20.32
C ALA B 370 23.30 2.38 19.33
N VAL B 371 22.82 3.51 19.90
CA VAL B 371 22.04 4.54 19.17
C VAL B 371 20.82 3.91 18.42
N GLN B 372 20.16 2.91 19.05
CA GLN B 372 18.97 2.24 18.48
C GLN B 372 17.69 2.75 19.17
N ARG B 373 16.98 3.68 18.50
CA ARG B 373 15.64 4.13 18.96
C ARG B 373 14.87 4.72 17.75
N ALA B 374 15.17 6.01 17.46
CA ALA B 374 14.44 6.85 16.48
C ALA B 374 14.94 8.31 16.63
N LEU B 375 14.41 9.23 15.80
CA LEU B 375 14.64 10.69 15.98
C LEU B 375 13.93 11.21 17.25
N GLU B 376 13.99 12.55 17.46
CA GLU B 376 13.37 13.20 18.65
C GLU B 376 11.84 12.96 18.66
N PHE B 377 11.44 11.94 19.43
CA PHE B 377 10.05 11.49 19.55
C PHE B 377 9.23 12.38 20.52
N ALA B 378 9.82 13.49 20.98
CA ALA B 378 9.17 14.47 21.88
C ALA B 378 8.20 15.40 21.11
N LYS B 379 7.71 14.93 19.96
CA LYS B 379 6.73 15.63 19.12
C LYS B 379 5.33 15.05 19.38
N LYS B 380 4.30 15.78 18.95
CA LYS B 380 2.90 15.37 19.13
C LYS B 380 2.56 14.15 18.22
N GLU B 381 2.14 14.43 16.98
CA GLU B 381 1.51 13.43 16.08
C GLU B 381 1.16 14.17 14.79
N GLY B 382 0.08 14.95 14.87
CA GLY B 382 -0.34 15.85 13.81
C GLY B 382 0.13 17.24 14.15
N ASN B 383 1.43 17.43 13.96
CA ASN B 383 2.13 18.66 14.31
C ASN B 383 1.62 19.84 13.45
N THR B 384 1.12 19.53 12.25
CA THR B 384 0.72 20.53 11.25
C THR B 384 -0.78 20.36 10.85
N LEU B 385 -1.62 19.83 11.78
CA LEU B 385 -3.09 19.66 11.53
C LEU B 385 -3.77 21.02 11.31
N VAL B 386 -4.64 21.05 10.28
CA VAL B 386 -5.32 22.28 9.77
C VAL B 386 -4.28 23.24 9.15
N ILE B 387 -3.52 23.93 10.01
CA ILE B 387 -2.46 24.88 9.60
C ILE B 387 -1.11 24.41 10.17
N VAL B 388 0.00 24.95 9.61
CA VAL B 388 1.36 24.59 10.06
C VAL B 388 1.62 25.19 11.47
N THR B 389 1.68 24.31 12.47
CA THR B 389 1.76 24.68 13.90
C THR B 389 2.83 23.78 14.60
N ALA B 390 3.82 23.34 13.80
CA ALA B 390 4.81 22.32 14.22
C ALA B 390 5.98 22.96 15.02
N ASP B 391 7.07 23.34 14.29
CA ASP B 391 8.33 23.88 14.87
C ASP B 391 8.93 22.94 15.94
N HIS B 392 8.51 23.13 17.20
CA HIS B 392 8.95 22.31 18.33
C HIS B 392 7.73 21.53 18.84
N ALA B 393 7.59 20.28 18.35
CA ALA B 393 6.44 19.39 18.60
C ALA B 393 5.15 19.96 17.99
N HIS B 394 4.48 20.83 18.74
CA HIS B 394 3.25 21.50 18.33
C HIS B 394 3.05 22.69 19.28
N ALA B 395 2.85 23.89 18.72
CA ALA B 395 2.65 25.13 19.50
C ALA B 395 1.36 25.01 20.34
N SER B 396 1.56 24.68 21.62
CA SER B 396 0.49 24.54 22.62
C SER B 396 0.79 25.48 23.80
N GLN B 397 2.04 25.38 24.30
CA GLN B 397 2.58 26.21 25.41
C GLN B 397 1.84 25.88 26.72
N ILE B 398 2.03 24.62 27.19
CA ILE B 398 1.58 24.12 28.51
C ILE B 398 0.06 23.81 28.54
N VAL B 399 -0.78 24.58 27.79
CA VAL B 399 -2.25 24.52 27.90
C VAL B 399 -2.78 23.10 27.58
N ALA B 400 -2.20 22.46 26.52
CA ALA B 400 -2.50 21.07 26.10
C ALA B 400 -4.02 20.86 25.83
N PRO B 401 -4.46 20.81 24.52
CA PRO B 401 -5.91 20.63 24.15
C PRO B 401 -6.58 19.44 24.89
N ASP B 402 -7.30 19.80 25.97
CA ASP B 402 -7.92 18.86 26.91
C ASP B 402 -9.20 18.25 26.28
N THR B 403 -10.17 19.13 25.98
CA THR B 403 -11.46 18.78 25.36
C THR B 403 -12.07 20.07 24.75
N LYS B 404 -13.42 20.12 24.59
CA LYS B 404 -14.19 21.29 24.08
C LYS B 404 -14.05 21.44 22.55
N ALA B 405 -12.82 21.68 22.06
CA ALA B 405 -12.53 21.82 20.63
C ALA B 405 -11.62 20.66 20.14
N PRO B 406 -12.22 19.50 19.68
CA PRO B 406 -11.50 18.48 18.89
C PRO B 406 -11.43 18.84 17.39
N GLY B 407 -11.82 20.09 17.02
CA GLY B 407 -11.65 20.61 15.65
C GLY B 407 -12.86 20.35 14.75
N LEU B 408 -13.41 19.12 14.83
CA LEU B 408 -14.61 18.72 14.04
C LEU B 408 -15.87 19.46 14.53
N THR B 409 -15.79 20.01 15.74
CA THR B 409 -16.87 20.78 16.39
C THR B 409 -17.17 22.10 15.63
N GLN B 410 -18.48 22.43 15.53
CA GLN B 410 -18.96 23.70 14.96
C GLN B 410 -18.48 24.87 15.85
N ALA B 411 -17.85 25.88 15.21
CA ALA B 411 -17.29 27.11 15.86
C ALA B 411 -15.98 26.82 16.60
N LEU B 412 -16.04 25.92 17.60
CA LEU B 412 -14.87 25.52 18.40
C LEU B 412 -13.95 24.61 17.58
N ASN B 413 -13.02 25.26 16.86
CA ASN B 413 -12.11 24.63 15.91
C ASN B 413 -10.80 25.46 15.81
N THR B 414 -10.01 25.26 14.72
CA THR B 414 -8.73 25.96 14.45
C THR B 414 -7.63 25.51 15.46
N LYS B 415 -6.33 25.83 15.17
CA LYS B 415 -5.12 25.46 15.99
C LYS B 415 -4.71 23.97 15.78
N ASP B 416 -5.72 23.08 15.83
CA ASP B 416 -5.55 21.64 15.68
C ASP B 416 -6.93 21.04 15.28
N GLY B 417 -7.04 19.70 15.28
CA GLY B 417 -8.32 19.01 15.06
C GLY B 417 -8.43 18.41 13.66
N ALA B 418 -7.40 17.63 13.30
CA ALA B 418 -7.28 16.90 12.02
C ALA B 418 -7.26 17.87 10.82
N VAL B 419 -8.46 18.19 10.30
CA VAL B 419 -8.63 19.04 9.11
C VAL B 419 -9.79 20.06 9.34
N MET B 420 -10.65 19.78 10.36
CA MET B 420 -11.91 20.54 10.66
C MET B 420 -12.97 20.31 9.57
N VAL B 421 -12.67 20.83 8.37
CA VAL B 421 -13.46 20.68 7.15
C VAL B 421 -12.47 20.69 5.96
N MET B 422 -11.63 21.73 5.91
CA MET B 422 -10.57 21.90 4.90
C MET B 422 -9.29 22.29 5.66
N SER B 423 -8.18 21.59 5.38
CA SER B 423 -6.88 21.81 6.06
C SER B 423 -6.08 22.94 5.34
N TYR B 424 -6.77 24.06 5.05
CA TYR B 424 -6.20 25.23 4.36
C TYR B 424 -7.04 26.47 4.70
N GLY B 425 -6.52 27.30 5.63
CA GLY B 425 -7.15 28.57 6.02
C GLY B 425 -8.61 28.43 6.46
N ASN B 426 -8.88 27.35 7.22
CA ASN B 426 -10.22 27.00 7.74
C ASN B 426 -11.18 26.56 6.61
N SER B 427 -11.63 27.56 5.79
CA SER B 427 -12.58 27.38 4.67
C SER B 427 -13.91 26.75 5.14
N GLU B 428 -14.26 27.06 6.40
CA GLU B 428 -15.50 26.58 7.05
C GLU B 428 -16.71 27.41 6.57
N GLU B 429 -17.19 27.05 5.37
CA GLU B 429 -18.28 27.74 4.67
C GLU B 429 -19.58 27.76 5.51
N ASP B 430 -20.24 28.94 5.53
CA ASP B 430 -21.55 29.15 6.19
C ASP B 430 -21.46 28.96 7.73
N SER B 431 -21.55 27.68 8.18
CA SER B 431 -21.58 27.34 9.61
C SER B 431 -21.21 25.85 9.82
N GLN B 432 -20.52 25.25 8.80
CA GLN B 432 -20.09 23.83 8.75
C GLN B 432 -21.19 22.85 9.27
N GLU B 433 -22.43 23.05 8.78
CA GLU B 433 -23.67 22.38 9.28
C GLU B 433 -23.55 20.85 9.32
N HIS B 434 -24.14 20.26 10.38
CA HIS B 434 -24.21 18.79 10.59
C HIS B 434 -25.38 18.18 9.78
N THR B 435 -25.41 18.50 8.48
CA THR B 435 -26.54 18.19 7.59
C THR B 435 -26.37 16.77 6.97
N GLY B 436 -27.17 16.45 5.93
CA GLY B 436 -27.08 15.14 5.25
C GLY B 436 -28.06 14.12 5.84
N SER B 437 -29.00 14.58 6.70
CA SER B 437 -30.01 13.74 7.38
C SER B 437 -29.31 12.64 8.25
N GLN B 438 -28.11 13.01 8.75
CA GLN B 438 -27.19 12.14 9.54
C GLN B 438 -26.74 10.86 8.80
N LEU B 439 -27.07 10.77 7.49
CA LEU B 439 -26.81 9.59 6.63
C LEU B 439 -27.54 8.32 7.17
N ARG B 440 -26.93 7.71 8.22
CA ARG B 440 -27.28 6.38 8.75
C ARG B 440 -27.10 5.34 7.63
N ILE B 441 -25.94 4.71 7.62
CA ILE B 441 -25.34 4.18 6.39
C ILE B 441 -26.00 2.89 5.86
N ALA B 442 -26.35 1.96 6.77
CA ALA B 442 -26.76 0.58 6.46
C ALA B 442 -25.70 -0.17 5.61
N ALA B 443 -24.67 -0.71 6.29
CA ALA B 443 -23.63 -1.58 5.69
C ALA B 443 -23.48 -2.83 6.55
N TYR B 444 -23.18 -2.60 7.84
CA TYR B 444 -23.22 -3.63 8.89
C TYR B 444 -24.67 -3.80 9.37
N GLY B 445 -25.45 -4.52 8.54
CA GLY B 445 -26.82 -4.94 8.86
C GLY B 445 -26.86 -5.83 10.11
N PRO B 446 -26.11 -6.99 10.13
CA PRO B 446 -26.03 -7.86 11.33
C PRO B 446 -25.45 -7.12 12.56
N HIS B 447 -25.96 -7.46 13.75
CA HIS B 447 -25.60 -6.80 15.02
C HIS B 447 -24.12 -7.05 15.39
N ALA B 448 -23.65 -8.29 15.21
CA ALA B 448 -22.25 -8.68 15.50
C ALA B 448 -21.37 -8.56 14.24
N ALA B 449 -22.02 -8.69 13.07
CA ALA B 449 -21.39 -8.57 11.74
C ALA B 449 -20.30 -9.63 11.51
N ASN B 450 -19.09 -9.43 12.10
CA ASN B 450 -17.91 -10.33 11.98
C ASN B 450 -17.36 -10.38 10.53
N VAL B 451 -18.22 -10.83 9.59
CA VAL B 451 -18.04 -10.71 8.14
C VAL B 451 -17.15 -11.85 7.58
N VAL B 452 -17.54 -12.36 6.41
CA VAL B 452 -16.78 -13.32 5.61
C VAL B 452 -15.42 -12.67 5.14
N GLY B 453 -14.47 -13.49 4.67
CA GLY B 453 -13.15 -12.99 4.22
C GLY B 453 -13.25 -12.05 3.01
N LEU B 454 -13.43 -10.74 3.30
CA LEU B 454 -13.59 -9.69 2.28
C LEU B 454 -12.85 -8.41 2.75
N THR B 455 -11.71 -8.10 2.11
CA THR B 455 -10.80 -7.00 2.53
C THR B 455 -11.35 -5.61 2.15
N ASP B 456 -11.93 -5.48 0.94
CA ASP B 456 -12.49 -4.19 0.46
C ASP B 456 -13.94 -3.97 0.93
N GLN B 457 -14.56 -5.04 1.48
CA GLN B 457 -15.94 -5.01 1.99
C GLN B 457 -16.95 -4.51 0.92
N THR B 458 -16.76 -5.02 -0.32
CA THR B 458 -17.66 -4.74 -1.46
C THR B 458 -18.87 -5.71 -1.43
N ASP B 459 -19.61 -5.64 -0.30
CA ASP B 459 -20.73 -6.56 0.02
C ASP B 459 -21.49 -6.00 1.24
N LEU B 460 -22.80 -6.29 1.30
CA LEU B 460 -23.66 -5.98 2.46
C LEU B 460 -24.89 -6.91 2.47
N PHE B 461 -25.28 -7.38 3.67
CA PHE B 461 -26.47 -8.22 3.88
C PHE B 461 -27.32 -7.62 5.01
N TYR B 462 -28.64 -7.79 4.87
CA TYR B 462 -29.64 -7.28 5.83
C TYR B 462 -30.27 -8.47 6.58
N THR B 463 -29.54 -9.00 7.58
CA THR B 463 -30.05 -10.06 8.46
C THR B 463 -30.69 -9.44 9.72
N MET B 464 -31.14 -10.30 10.64
CA MET B 464 -31.72 -9.88 11.92
C MET B 464 -30.64 -9.31 12.84
N LYS B 465 -30.97 -8.21 13.52
CA LYS B 465 -30.10 -7.54 14.50
C LYS B 465 -30.31 -8.19 15.88
N ALA B 466 -29.94 -9.48 15.97
CA ALA B 466 -30.09 -10.30 17.20
C ALA B 466 -28.92 -10.03 18.16
N ALA B 467 -28.47 -11.05 18.94
CA ALA B 467 -27.30 -10.90 19.82
C ALA B 467 -26.00 -11.05 19.01
N LEU B 468 -26.05 -11.90 17.95
CA LEU B 468 -24.93 -12.11 17.01
C LEU B 468 -25.36 -11.67 15.58
N GLY B 469 -25.27 -12.56 14.58
CA GLY B 469 -25.47 -12.19 13.17
C GLY B 469 -24.13 -12.04 12.45
N LEU B 470 -23.93 -12.82 11.38
CA LEU B 470 -22.74 -12.75 10.51
C LEU B 470 -23.17 -12.30 9.09
N LYS B 471 -22.28 -11.56 8.41
CA LYS B 471 -22.56 -11.01 7.06
C LYS B 471 -21.66 -11.70 5.99
N MET C 1 47.52 -15.90 -28.54
CA MET C 1 48.74 -16.67 -28.91
C MET C 1 48.70 -18.09 -28.33
N ALA C 2 47.50 -18.51 -27.84
CA ALA C 2 47.27 -19.81 -27.19
C ALA C 2 48.27 -20.05 -26.04
N ALA C 3 48.53 -18.99 -25.26
CA ALA C 3 49.45 -19.04 -24.10
C ALA C 3 48.80 -19.79 -22.93
N LYS C 4 48.81 -21.16 -23.04
CA LYS C 4 48.26 -22.11 -22.03
C LYS C 4 48.52 -21.67 -20.57
N LYS C 5 47.52 -21.02 -19.97
CA LYS C 5 47.54 -20.62 -18.56
C LYS C 5 46.78 -21.67 -17.73
N ASP C 6 47.52 -22.49 -16.97
CA ASP C 6 46.91 -23.31 -15.92
C ASP C 6 46.54 -22.39 -14.77
N TYR C 7 45.27 -22.01 -14.77
CA TYR C 7 44.72 -21.00 -13.86
C TYR C 7 44.85 -21.42 -12.37
N TYR C 8 44.91 -22.74 -12.11
CA TYR C 8 45.11 -23.28 -10.75
C TYR C 8 46.54 -22.96 -10.27
N ALA C 9 47.54 -23.21 -11.15
CA ALA C 9 48.96 -22.93 -10.88
C ALA C 9 49.17 -21.44 -10.59
N ILE C 10 48.51 -20.57 -11.41
CA ILE C 10 48.48 -19.11 -11.22
C ILE C 10 48.00 -18.74 -9.78
N LEU C 11 46.90 -19.39 -9.37
CA LEU C 11 46.32 -19.19 -8.03
C LEU C 11 47.12 -19.91 -6.91
N GLY C 12 48.04 -20.82 -7.28
CA GLY C 12 48.83 -21.58 -6.29
C GLY C 12 48.04 -22.72 -5.64
N VAL C 13 46.96 -23.17 -6.30
CA VAL C 13 46.13 -24.32 -5.86
C VAL C 13 46.40 -25.55 -6.77
N PRO C 14 46.04 -26.81 -6.29
CA PRO C 14 46.21 -28.05 -7.11
C PRO C 14 45.47 -27.96 -8.46
N ARG C 15 45.94 -28.70 -9.48
CA ARG C 15 45.39 -28.62 -10.86
C ARG C 15 43.96 -29.25 -11.00
N ASN C 16 43.36 -29.62 -9.87
CA ASN C 16 42.02 -30.22 -9.79
C ASN C 16 41.24 -29.56 -8.64
N ALA C 17 41.71 -28.35 -8.27
CA ALA C 17 41.18 -27.57 -7.14
C ALA C 17 39.71 -27.25 -7.33
N THR C 18 38.92 -27.57 -6.31
CA THR C 18 37.48 -27.31 -6.29
C THR C 18 37.22 -25.79 -6.13
N GLN C 19 35.94 -25.39 -6.32
CA GLN C 19 35.50 -23.98 -6.25
C GLN C 19 35.98 -23.29 -4.95
N GLU C 20 35.95 -24.07 -3.84
CA GLU C 20 36.28 -23.58 -2.49
C GLU C 20 37.80 -23.29 -2.38
N GLU C 21 38.64 -24.22 -2.88
CA GLU C 21 40.13 -24.08 -2.84
C GLU C 21 40.59 -22.87 -3.67
N ILE C 22 39.97 -22.75 -4.85
CA ILE C 22 40.16 -21.65 -5.79
C ILE C 22 39.68 -20.32 -5.16
N LYS C 23 38.62 -20.39 -4.33
CA LYS C 23 38.08 -19.25 -3.59
C LYS C 23 39.02 -18.85 -2.42
N ARG C 24 39.76 -19.83 -1.85
CA ARG C 24 40.77 -19.57 -0.79
C ARG C 24 41.92 -18.71 -1.37
N ALA C 25 42.48 -19.20 -2.50
CA ALA C 25 43.56 -18.53 -3.23
C ALA C 25 43.12 -17.15 -3.75
N TYR C 26 41.87 -17.11 -4.25
CA TYR C 26 41.20 -15.90 -4.72
C TYR C 26 41.25 -14.81 -3.65
N LYS C 27 40.59 -15.07 -2.50
CA LYS C 27 40.45 -14.08 -1.41
C LYS C 27 41.82 -13.62 -0.88
N ARG C 28 42.77 -14.57 -0.79
CA ARG C 28 44.16 -14.27 -0.35
C ARG C 28 44.78 -13.16 -1.22
N LEU C 29 44.74 -13.38 -2.54
CA LEU C 29 45.35 -12.49 -3.55
C LEU C 29 44.42 -11.30 -3.90
N ALA C 30 43.13 -11.44 -3.55
CA ALA C 30 42.11 -10.40 -3.79
C ALA C 30 42.10 -9.39 -2.65
N ARG C 31 42.71 -9.75 -1.50
CA ARG C 31 42.95 -8.83 -0.38
C ARG C 31 44.37 -8.24 -0.48
N GLN C 32 45.33 -9.10 -0.92
CA GLN C 32 46.74 -8.72 -1.07
C GLN C 32 46.92 -7.64 -2.17
N TYR C 33 46.29 -7.88 -3.34
CA TYR C 33 46.43 -7.02 -4.53
C TYR C 33 45.14 -6.22 -4.79
N HIS C 34 44.32 -6.06 -3.73
CA HIS C 34 42.97 -5.42 -3.78
C HIS C 34 43.06 -3.95 -4.29
N PRO C 35 42.76 -3.66 -5.60
CA PRO C 35 43.05 -2.34 -6.25
C PRO C 35 42.31 -1.15 -5.60
N ASP C 36 41.20 -1.46 -4.92
CA ASP C 36 40.41 -0.49 -4.13
C ASP C 36 41.28 0.22 -3.06
N VAL C 37 42.12 -0.56 -2.36
CA VAL C 37 43.00 -0.05 -1.29
C VAL C 37 44.44 0.13 -1.84
N ASN C 38 44.88 -0.91 -2.56
CA ASN C 38 46.25 -1.02 -3.11
C ASN C 38 46.23 -0.66 -4.62
N LYS C 39 46.33 0.66 -4.92
CA LYS C 39 46.32 1.19 -6.32
C LYS C 39 47.74 1.11 -6.95
N SER C 40 48.34 -0.10 -6.94
CA SER C 40 49.69 -0.32 -7.47
C SER C 40 49.59 -1.03 -8.85
N PRO C 41 49.89 -0.30 -9.99
CA PRO C 41 49.71 -0.82 -11.39
C PRO C 41 50.15 -2.29 -11.59
N GLU C 42 51.39 -2.60 -11.15
CA GLU C 42 51.96 -3.96 -11.23
C GLU C 42 51.06 -4.98 -10.50
N ALA C 43 50.64 -4.61 -9.26
CA ALA C 43 49.81 -5.48 -8.41
C ALA C 43 48.42 -5.68 -9.03
N GLU C 44 48.02 -4.76 -9.93
CA GLU C 44 46.73 -4.82 -10.62
C GLU C 44 46.84 -5.69 -11.89
N GLU C 45 48.06 -5.76 -12.50
CA GLU C 45 48.36 -6.71 -13.60
C GLU C 45 48.18 -8.15 -13.09
N LYS C 46 48.82 -8.40 -11.94
CA LYS C 46 48.77 -9.70 -11.24
C LYS C 46 47.34 -10.01 -10.81
N PHE C 47 46.68 -9.02 -10.16
CA PHE C 47 45.26 -9.14 -9.71
C PHE C 47 44.34 -9.49 -10.89
N LYS C 48 44.62 -8.88 -12.06
CA LYS C 48 43.85 -9.11 -13.29
C LYS C 48 43.95 -10.58 -13.71
N GLU C 49 45.19 -11.13 -13.75
CA GLU C 49 45.42 -12.54 -14.15
C GLU C 49 44.93 -13.55 -13.09
N ILE C 50 44.80 -13.08 -11.84
CA ILE C 50 44.27 -13.87 -10.70
C ILE C 50 42.73 -13.92 -10.74
N ASN C 51 42.13 -12.80 -11.14
CA ASN C 51 40.66 -12.65 -11.30
C ASN C 51 40.23 -13.05 -12.71
N GLU C 52 41.23 -13.27 -13.59
CA GLU C 52 41.06 -13.91 -14.90
C GLU C 52 40.99 -15.43 -14.68
N ALA C 53 41.94 -15.91 -13.84
CA ALA C 53 41.98 -17.29 -13.37
C ALA C 53 40.68 -17.65 -12.66
N TYR C 54 40.21 -16.73 -11.81
CA TYR C 54 38.95 -16.89 -11.08
C TYR C 54 37.73 -16.52 -11.97
N ALA C 55 37.92 -15.71 -13.04
CA ALA C 55 36.85 -15.46 -14.05
C ALA C 55 36.42 -16.77 -14.69
N VAL C 56 37.41 -17.64 -14.92
CA VAL C 56 37.19 -18.99 -15.43
C VAL C 56 36.69 -19.91 -14.30
N LEU C 57 37.36 -19.87 -13.14
CA LEU C 57 37.19 -20.89 -12.07
C LEU C 57 36.33 -20.40 -10.88
N SER C 58 35.50 -19.36 -11.10
CA SER C 58 34.57 -18.80 -10.08
C SER C 58 33.60 -19.84 -9.49
N ASP C 59 33.06 -20.68 -10.37
CA ASP C 59 31.97 -21.61 -10.07
C ASP C 59 32.20 -22.94 -10.79
N PRO C 60 31.61 -24.10 -10.29
CA PRO C 60 31.76 -25.44 -10.93
C PRO C 60 31.36 -25.44 -12.42
N GLU C 61 30.42 -24.54 -12.78
CA GLU C 61 29.94 -24.33 -14.16
C GLU C 61 31.11 -24.06 -15.14
N LYS C 62 31.79 -22.94 -14.88
CA LYS C 62 32.80 -22.37 -15.77
C LYS C 62 34.16 -23.08 -15.56
N ARG C 63 34.31 -23.67 -14.35
CA ARG C 63 35.36 -24.64 -14.01
C ARG C 63 35.32 -25.81 -15.02
N ARG C 64 34.12 -26.39 -15.24
CA ARG C 64 33.93 -27.52 -16.17
C ARG C 64 34.08 -27.09 -17.64
N ILE C 65 33.75 -25.81 -17.96
CA ILE C 65 34.09 -25.22 -19.29
C ILE C 65 35.61 -25.32 -19.55
N TYR C 66 36.41 -24.97 -18.52
CA TYR C 66 37.88 -25.08 -18.60
C TYR C 66 38.31 -26.55 -18.76
N ASP C 67 37.74 -27.46 -17.93
CA ASP C 67 38.10 -28.90 -17.93
C ASP C 67 37.84 -29.54 -19.30
N THR C 68 36.71 -29.19 -19.93
CA THR C 68 36.36 -29.68 -21.27
C THR C 68 37.32 -29.09 -22.32
N TYR C 69 37.87 -27.88 -22.07
CA TYR C 69 38.94 -27.33 -22.94
C TYR C 69 40.27 -28.03 -22.59
N GLY C 70 41.11 -28.30 -23.62
CA GLY C 70 42.39 -29.00 -23.42
C GLY C 70 42.19 -30.51 -23.29
N THR C 71 40.98 -30.95 -23.65
CA THR C 71 40.55 -32.36 -23.61
C THR C 71 39.80 -32.53 -24.93
N THR C 72 38.83 -31.65 -25.08
CA THR C 72 38.28 -31.23 -26.35
C THR C 72 39.01 -29.91 -26.69
N GLU C 73 39.18 -29.63 -27.97
CA GLU C 73 39.90 -28.43 -28.48
C GLU C 73 38.90 -27.31 -28.80
N ALA C 74 37.70 -27.71 -29.28
CA ALA C 74 36.62 -26.78 -29.66
C ALA C 74 36.01 -26.11 -28.41
N PRO C 75 35.90 -24.74 -28.37
CA PRO C 75 35.18 -24.02 -27.30
C PRO C 75 33.65 -24.31 -27.37
N PRO C 76 32.94 -24.28 -26.19
CA PRO C 76 31.46 -24.41 -26.16
C PRO C 76 30.76 -23.30 -26.99
N PRO C 77 29.56 -23.58 -27.63
CA PRO C 77 28.74 -22.53 -28.28
C PRO C 77 28.36 -21.39 -27.31
N PRO C 78 28.23 -20.11 -27.78
CA PRO C 78 27.87 -18.95 -26.92
C PRO C 78 26.49 -19.13 -26.22
N PRO C 79 26.43 -19.07 -24.85
CA PRO C 79 25.15 -19.20 -24.08
C PRO C 79 24.24 -17.94 -24.24
N PRO C 80 22.93 -17.98 -23.76
CA PRO C 80 22.00 -16.81 -23.83
C PRO C 80 22.63 -15.49 -23.33
N GLY C 81 23.25 -14.77 -24.26
CA GLY C 81 23.85 -13.47 -24.02
C GLY C 81 25.34 -13.52 -24.27
N GLY C 82 25.97 -14.64 -23.85
CA GLY C 82 27.42 -14.81 -23.86
C GLY C 82 27.94 -15.21 -22.49
N TYR C 83 29.28 -15.32 -22.35
CA TYR C 83 29.94 -15.77 -21.13
C TYR C 83 29.91 -14.67 -20.03
N ASP C 84 29.35 -15.03 -18.85
CA ASP C 84 29.27 -14.11 -17.68
C ASP C 84 30.66 -13.88 -17.07
N PHE C 85 30.89 -12.70 -16.48
CA PHE C 85 32.19 -12.32 -15.87
C PHE C 85 31.96 -11.37 -14.69
N SER C 86 31.49 -11.97 -13.58
CA SER C 86 31.10 -11.27 -12.33
C SER C 86 32.24 -10.37 -11.75
N GLY C 87 32.30 -9.11 -12.23
CA GLY C 87 33.29 -8.13 -11.79
C GLY C 87 34.62 -8.23 -12.53
N PHE C 88 34.63 -8.99 -13.65
CA PHE C 88 35.86 -9.30 -14.40
C PHE C 88 35.79 -8.67 -15.79
N ASP C 89 36.57 -7.60 -16.03
CA ASP C 89 36.63 -6.94 -17.35
C ASP C 89 37.42 -7.84 -18.29
N VAL C 90 36.70 -8.76 -18.94
CA VAL C 90 37.21 -9.69 -19.96
C VAL C 90 38.09 -8.99 -21.03
N GLU C 91 37.65 -7.79 -21.46
CA GLU C 91 38.30 -7.02 -22.55
C GLU C 91 39.71 -6.55 -22.14
N ASP C 92 39.96 -6.50 -20.81
CA ASP C 92 41.26 -6.07 -20.24
C ASP C 92 42.24 -7.27 -20.13
N PHE C 93 41.70 -8.51 -20.13
CA PHE C 93 42.50 -9.76 -19.92
C PHE C 93 43.27 -10.17 -21.20
N SER C 94 43.99 -11.31 -21.13
CA SER C 94 44.98 -11.72 -22.16
C SER C 94 44.32 -12.32 -23.42
N GLU C 95 45.19 -12.57 -24.43
CA GLU C 95 44.80 -13.19 -25.72
C GLU C 95 44.17 -14.58 -25.52
N PHE C 96 44.86 -15.46 -24.76
CA PHE C 96 44.45 -16.88 -24.55
C PHE C 96 43.02 -16.96 -23.98
N PHE C 97 42.74 -16.04 -23.05
CA PHE C 97 41.44 -15.89 -22.41
C PHE C 97 40.39 -15.47 -23.46
N GLN C 98 40.73 -14.41 -24.22
CA GLN C 98 39.85 -13.82 -25.25
C GLN C 98 39.85 -14.63 -26.58
N GLU C 99 40.58 -15.76 -26.62
CA GLU C 99 40.52 -16.72 -27.76
C GLU C 99 39.62 -17.92 -27.39
N LEU C 100 39.82 -18.45 -26.17
CA LEU C 100 39.01 -19.56 -25.63
C LEU C 100 37.53 -19.12 -25.50
N PHE C 101 37.31 -18.06 -24.72
CA PHE C 101 35.98 -17.49 -24.51
C PHE C 101 35.56 -16.56 -25.67
N GLY C 102 36.55 -16.22 -26.55
CA GLY C 102 36.38 -15.31 -27.70
C GLY C 102 35.03 -15.40 -28.43
N PRO C 103 34.71 -16.58 -29.06
CA PRO C 103 33.44 -16.80 -29.81
C PRO C 103 32.15 -16.31 -29.10
N GLY C 104 32.11 -16.42 -27.74
CA GLY C 104 30.91 -16.09 -26.99
C GLY C 104 31.10 -14.96 -25.99
N LEU C 105 32.05 -14.04 -26.27
CA LEU C 105 32.27 -12.85 -25.43
C LEU C 105 31.10 -11.84 -25.48
N PHE C 106 30.06 -12.16 -24.68
CA PHE C 106 28.85 -11.35 -24.44
C PHE C 106 28.30 -10.57 -25.67
N GLY C 107 28.36 -9.21 -25.62
CA GLY C 107 27.55 -8.38 -26.51
C GLY C 107 26.05 -8.46 -26.20
N GLY C 108 25.70 -9.25 -25.14
CA GLY C 108 24.33 -9.64 -24.86
C GLY C 108 23.69 -10.34 -26.05
N PHE C 109 22.41 -10.07 -26.28
CA PHE C 109 21.71 -10.50 -27.49
C PHE C 109 21.93 -9.47 -28.61
N GLY C 110 22.69 -8.38 -28.31
CA GLY C 110 22.94 -7.31 -29.26
C GLY C 110 24.20 -7.55 -30.08
N ARG C 111 25.04 -8.50 -29.63
CA ARG C 111 26.27 -8.97 -30.35
C ARG C 111 27.24 -7.84 -30.78
N ARG C 112 27.06 -6.63 -30.20
CA ARG C 112 28.01 -5.50 -30.32
C ARG C 112 29.42 -5.91 -29.81
N SER C 113 29.44 -6.81 -28.80
CA SER C 113 30.66 -7.28 -28.12
C SER C 113 31.45 -6.11 -27.50
N ARG C 114 30.70 -5.07 -27.05
CA ARG C 114 31.27 -3.88 -26.38
C ARG C 114 30.42 -3.50 -25.15
N LYS C 115 30.83 -2.39 -24.45
CA LYS C 115 30.42 -2.03 -23.05
C LYS C 115 29.03 -2.53 -22.62
N GLY C 116 28.99 -3.19 -21.45
CA GLY C 116 27.79 -3.84 -20.94
C GLY C 116 26.92 -2.94 -20.08
N ARG C 117 25.60 -3.14 -20.18
CA ARG C 117 24.59 -2.55 -19.28
C ARG C 117 23.93 -3.67 -18.47
N ASP C 118 22.95 -3.29 -17.64
CA ASP C 118 22.31 -4.16 -16.65
C ASP C 118 21.63 -5.38 -17.30
N LEU C 119 21.54 -6.44 -16.50
CA LEU C 119 20.83 -7.68 -16.81
C LEU C 119 19.62 -7.73 -15.87
N ARG C 120 18.40 -7.72 -16.42
CA ARG C 120 17.19 -7.49 -15.61
C ARG C 120 16.33 -8.77 -15.54
N ALA C 121 16.36 -9.42 -14.38
CA ALA C 121 15.60 -10.64 -14.12
C ALA C 121 14.72 -10.44 -12.89
N GLU C 122 13.39 -10.51 -13.06
CA GLU C 122 12.46 -10.55 -11.92
C GLU C 122 12.39 -11.99 -11.39
N LEU C 123 12.66 -12.15 -10.08
CA LEU C 123 12.81 -13.48 -9.46
C LEU C 123 11.93 -13.58 -8.18
N PRO C 124 10.91 -14.48 -8.18
CA PRO C 124 10.13 -14.84 -6.96
C PRO C 124 10.97 -15.49 -5.85
N LEU C 125 11.06 -14.78 -4.73
CA LEU C 125 11.80 -15.16 -3.52
C LEU C 125 10.84 -14.96 -2.33
N THR C 126 11.11 -15.45 -1.11
CA THR C 126 10.23 -15.18 0.05
C THR C 126 11.01 -14.68 1.28
N LEU C 127 10.25 -14.33 2.33
CA LEU C 127 10.73 -13.78 3.61
C LEU C 127 11.68 -14.78 4.30
N GLU C 128 11.27 -16.06 4.22
CA GLU C 128 12.02 -17.23 4.74
C GLU C 128 13.34 -17.40 3.95
N GLU C 129 13.24 -17.27 2.62
CA GLU C 129 14.39 -17.43 1.69
C GLU C 129 15.35 -16.24 1.79
N ALA C 130 14.82 -15.11 2.30
CA ALA C 130 15.61 -13.91 2.58
C ALA C 130 16.38 -14.10 3.89
N PHE C 131 15.65 -14.61 4.91
CA PHE C 131 16.21 -15.02 6.23
C PHE C 131 17.42 -15.94 6.04
N HIS C 132 17.27 -16.90 5.11
CA HIS C 132 18.34 -17.81 4.71
C HIS C 132 19.45 -17.01 4.00
N GLY C 133 19.12 -16.47 2.80
CA GLY C 133 20.00 -15.60 2.02
C GLY C 133 21.41 -16.15 1.83
N GLY C 134 22.41 -15.27 1.94
CA GLY C 134 23.83 -15.64 1.84
C GLY C 134 24.30 -15.84 0.42
N GLU C 135 25.33 -16.68 0.25
CA GLU C 135 25.92 -16.99 -1.06
C GLU C 135 25.01 -18.00 -1.78
N ARG C 136 24.10 -17.49 -2.61
CA ARG C 136 23.11 -18.30 -3.34
C ARG C 136 23.55 -18.43 -4.80
N VAL C 137 23.65 -19.67 -5.28
CA VAL C 137 23.95 -19.96 -6.69
C VAL C 137 22.67 -19.75 -7.54
N VAL C 138 22.81 -19.09 -8.70
CA VAL C 138 21.69 -18.75 -9.59
C VAL C 138 22.08 -19.04 -11.04
N GLU C 139 21.25 -19.82 -11.73
CA GLU C 139 21.53 -20.26 -13.11
C GLU C 139 21.02 -19.22 -14.10
N VAL C 140 21.76 -18.10 -14.22
CA VAL C 140 21.37 -16.99 -15.10
C VAL C 140 21.89 -17.28 -16.50
N ALA C 141 20.94 -17.51 -17.42
CA ALA C 141 21.22 -17.73 -18.84
C ALA C 141 22.07 -19.01 -19.05
N GLY C 142 21.77 -20.03 -18.21
CA GLY C 142 22.41 -21.33 -18.28
C GLY C 142 23.49 -21.52 -17.23
N ARG C 143 24.21 -20.43 -16.89
CA ARG C 143 25.40 -20.52 -16.01
C ARG C 143 25.02 -20.30 -14.55
N ARG C 144 25.29 -21.33 -13.73
CA ARG C 144 25.18 -21.26 -12.27
C ARG C 144 26.35 -20.45 -11.69
N VAL C 145 26.02 -19.31 -11.07
CA VAL C 145 27.01 -18.39 -10.47
C VAL C 145 26.56 -18.01 -9.04
N SER C 146 27.50 -18.17 -8.08
CA SER C 146 27.25 -17.91 -6.65
C SER C 146 27.22 -16.40 -6.38
N VAL C 147 26.01 -15.81 -6.41
CA VAL C 147 25.80 -14.40 -6.07
C VAL C 147 25.55 -14.28 -4.55
N ARG C 148 26.44 -13.53 -3.87
CA ARG C 148 26.26 -13.22 -2.45
C ARG C 148 25.18 -12.15 -2.29
N ILE C 149 24.01 -12.57 -1.85
CA ILE C 149 22.97 -11.67 -1.34
C ILE C 149 22.67 -12.08 0.11
N PRO C 150 23.34 -11.38 1.12
CA PRO C 150 23.27 -11.73 2.58
C PRO C 150 21.83 -11.92 3.11
N PRO C 151 21.66 -12.62 4.30
CA PRO C 151 20.35 -12.76 4.98
C PRO C 151 19.55 -11.44 5.00
N GLY C 152 18.67 -11.29 3.99
CA GLY C 152 17.92 -10.07 3.78
C GLY C 152 17.55 -9.81 2.34
N VAL C 153 16.27 -9.46 2.08
CA VAL C 153 15.83 -8.97 0.77
C VAL C 153 14.59 -8.05 0.91
N ARG C 154 14.33 -7.22 -0.13
CA ARG C 154 13.32 -6.13 -0.10
C ARG C 154 12.27 -6.33 -1.22
N GLU C 155 10.96 -6.41 -0.87
CA GLU C 155 9.86 -6.41 -1.86
C GLU C 155 9.97 -5.24 -2.86
N GLY C 156 9.96 -5.61 -4.16
CA GLY C 156 9.87 -4.65 -5.26
C GLY C 156 11.14 -3.89 -5.53
N SER C 157 12.26 -4.34 -4.94
CA SER C 157 13.56 -3.68 -5.10
C SER C 157 14.43 -4.44 -6.10
N VAL C 158 15.37 -3.70 -6.69
CA VAL C 158 16.37 -4.25 -7.62
C VAL C 158 17.67 -4.54 -6.84
N ILE C 159 18.00 -5.83 -6.69
CA ILE C 159 19.28 -6.27 -6.17
C ILE C 159 20.35 -5.98 -7.23
N ARG C 160 21.01 -4.84 -7.10
CA ARG C 160 22.06 -4.43 -8.04
C ARG C 160 23.40 -5.01 -7.58
N VAL C 161 23.82 -6.12 -8.22
CA VAL C 161 25.15 -6.70 -8.02
C VAL C 161 26.07 -6.28 -9.19
N PRO C 162 26.99 -5.27 -8.96
CA PRO C 162 27.86 -4.72 -10.03
C PRO C 162 28.85 -5.76 -10.59
N GLY C 163 28.98 -5.77 -11.93
CA GLY C 163 29.90 -6.64 -12.64
C GLY C 163 29.24 -7.88 -13.20
N MET C 164 27.95 -8.13 -12.87
CA MET C 164 27.19 -9.29 -13.38
C MET C 164 26.22 -8.88 -14.50
N GLY C 165 26.64 -7.84 -15.26
CA GLY C 165 25.90 -7.31 -16.42
C GLY C 165 25.63 -8.33 -17.52
N GLY C 166 24.67 -8.00 -18.41
CA GLY C 166 24.17 -8.96 -19.38
C GLY C 166 24.43 -8.54 -20.81
N GLN C 167 23.89 -7.38 -21.17
CA GLN C 167 23.95 -6.92 -22.57
C GLN C 167 25.24 -6.11 -22.79
N GLY C 168 26.27 -6.78 -23.37
CA GLY C 168 27.57 -6.14 -23.65
C GLY C 168 28.74 -6.88 -23.00
N ASN C 169 29.93 -6.85 -23.66
CA ASN C 169 31.12 -7.67 -23.32
C ASN C 169 31.69 -7.39 -21.90
N PRO C 170 32.13 -6.13 -21.52
CA PRO C 170 32.48 -5.81 -20.11
C PRO C 170 31.18 -5.64 -19.26
N PRO C 171 30.84 -6.63 -18.39
CA PRO C 171 29.51 -6.71 -17.74
C PRO C 171 29.24 -5.54 -16.75
N GLY C 172 28.11 -4.83 -16.96
CA GLY C 172 27.72 -3.65 -16.16
C GLY C 172 27.29 -4.00 -14.73
N ASP C 173 26.07 -4.56 -14.59
CA ASP C 173 25.52 -5.04 -13.30
C ASP C 173 24.30 -5.95 -13.56
N LEU C 174 23.87 -6.68 -12.53
CA LEU C 174 22.66 -7.53 -12.60
C LEU C 174 21.60 -6.95 -11.67
N LEU C 175 20.48 -6.47 -12.26
CA LEU C 175 19.27 -6.06 -11.53
C LEU C 175 18.35 -7.27 -11.33
N LEU C 176 18.50 -7.93 -10.18
CA LEU C 176 17.56 -8.97 -9.73
C LEU C 176 16.35 -8.29 -9.06
N VAL C 177 15.23 -8.18 -9.80
CA VAL C 177 14.01 -7.51 -9.29
C VAL C 177 13.24 -8.52 -8.43
N VAL C 178 13.49 -8.48 -7.14
CA VAL C 178 12.97 -9.46 -6.19
C VAL C 178 11.48 -9.19 -5.88
N ARG C 179 10.67 -10.23 -6.09
CA ARG C 179 9.23 -10.21 -5.85
C ARG C 179 8.90 -11.30 -4.83
N LEU C 180 8.47 -10.88 -3.63
CA LEU C 180 8.15 -11.80 -2.55
C LEU C 180 6.90 -12.62 -2.86
N LEU C 181 6.91 -13.91 -2.43
CA LEU C 181 5.80 -14.86 -2.64
C LEU C 181 4.51 -14.34 -1.94
N PRO C 182 3.26 -14.77 -2.37
CA PRO C 182 1.95 -14.24 -1.85
C PRO C 182 1.82 -14.18 -0.30
N HIS C 183 2.45 -13.13 0.24
CA HIS C 183 2.42 -12.68 1.62
C HIS C 183 3.49 -11.55 1.75
N PRO C 184 3.15 -10.31 1.25
CA PRO C 184 4.04 -9.12 1.32
C PRO C 184 4.07 -8.55 2.75
N VAL C 185 4.69 -9.30 3.67
CA VAL C 185 4.59 -9.02 5.10
C VAL C 185 5.74 -8.09 5.52
N PHE C 186 6.95 -8.34 4.98
CA PHE C 186 8.17 -7.61 5.42
C PHE C 186 8.85 -6.89 4.24
N ARG C 187 8.79 -5.55 4.27
CA ARG C 187 9.54 -4.67 3.37
C ARG C 187 10.82 -4.25 4.12
N LEU C 188 11.98 -4.72 3.63
CA LEU C 188 13.28 -4.48 4.28
C LEU C 188 13.86 -3.07 3.98
N GLU C 189 14.53 -2.51 4.99
CA GLU C 189 15.35 -1.29 4.92
C GLU C 189 16.64 -1.56 5.71
N GLY C 190 17.74 -1.86 4.99
CA GLY C 190 19.03 -2.22 5.60
C GLY C 190 18.99 -3.63 6.21
N GLN C 191 18.76 -3.69 7.54
CA GLN C 191 18.61 -4.96 8.30
C GLN C 191 17.21 -5.02 8.96
N ASP C 192 16.58 -3.84 9.09
CA ASP C 192 15.32 -3.64 9.84
C ASP C 192 14.11 -3.74 8.88
N LEU C 193 13.02 -4.36 9.33
CA LEU C 193 11.87 -4.74 8.48
C LEU C 193 10.70 -3.78 8.58
N TYR C 194 9.72 -3.94 7.68
CA TYR C 194 8.40 -3.30 7.78
C TYR C 194 7.28 -4.34 7.66
N ALA C 195 6.59 -4.62 8.77
CA ALA C 195 5.33 -5.42 8.79
C ALA C 195 4.17 -4.49 9.15
N THR C 196 2.96 -5.07 9.29
CA THR C 196 1.80 -4.40 9.88
C THR C 196 1.32 -5.22 11.10
N LEU C 197 1.08 -4.55 12.25
CA LEU C 197 0.67 -5.20 13.51
C LEU C 197 -0.84 -5.03 13.73
N ASP C 198 -1.47 -6.05 14.33
CA ASP C 198 -2.90 -6.08 14.62
C ASP C 198 -3.09 -6.14 16.15
N VAL C 199 -3.41 -4.99 16.77
CA VAL C 199 -3.67 -4.89 18.22
C VAL C 199 -5.14 -4.51 18.44
N PRO C 200 -5.93 -5.29 19.26
CA PRO C 200 -7.26 -4.86 19.72
C PRO C 200 -7.21 -3.57 20.54
N ALA C 201 -8.30 -2.81 20.45
CA ALA C 201 -8.50 -1.54 21.20
C ALA C 201 -8.25 -1.67 22.72
N PRO C 202 -8.96 -2.58 23.50
CA PRO C 202 -8.80 -2.60 24.99
C PRO C 202 -7.43 -3.16 25.42
N ILE C 203 -6.86 -4.10 24.62
CA ILE C 203 -5.49 -4.62 24.84
C ILE C 203 -4.48 -3.47 24.65
N ALA C 204 -4.74 -2.64 23.63
CA ALA C 204 -3.94 -1.44 23.32
C ALA C 204 -3.99 -0.44 24.49
N VAL C 205 -5.19 -0.32 25.10
CA VAL C 205 -5.47 0.68 26.14
C VAL C 205 -4.82 0.35 27.51
N VAL C 206 -4.97 -0.87 28.04
CA VAL C 206 -4.36 -1.21 29.37
C VAL C 206 -2.95 -1.83 29.20
N GLY C 207 -2.75 -2.58 28.11
CA GLY C 207 -1.51 -3.34 27.90
C GLY C 207 -1.72 -4.83 28.14
N GLY C 208 -1.44 -5.63 27.11
CA GLY C 208 -1.56 -7.09 27.18
C GLY C 208 -0.49 -7.77 26.34
N LYS C 209 -0.86 -8.81 25.56
CA LYS C 209 0.07 -9.47 24.65
C LYS C 209 -0.70 -10.07 23.45
N VAL C 210 -0.38 -9.58 22.23
CA VAL C 210 -1.01 -10.01 20.96
C VAL C 210 0.02 -10.77 20.11
N ARG C 211 -0.43 -11.41 19.01
CA ARG C 211 0.45 -12.19 18.14
C ARG C 211 0.78 -11.41 16.85
N ALA C 212 2.08 -11.24 16.58
CA ALA C 212 2.61 -10.75 15.30
C ALA C 212 3.24 -11.92 14.51
N MET C 213 3.25 -11.81 13.17
CA MET C 213 3.92 -12.79 12.28
C MET C 213 5.42 -12.44 12.14
N THR C 214 6.27 -13.49 12.09
CA THR C 214 7.72 -13.33 11.79
C THR C 214 8.24 -14.48 10.90
N LEU C 215 9.52 -14.37 10.49
CA LEU C 215 10.17 -15.29 9.51
C LEU C 215 10.22 -16.73 10.05
N GLU C 216 10.67 -16.83 11.32
CA GLU C 216 10.88 -18.11 12.01
C GLU C 216 9.61 -18.55 12.79
N GLY C 217 8.48 -17.89 12.51
CA GLY C 217 7.19 -18.20 13.17
C GLY C 217 6.58 -16.97 13.83
N PRO C 218 5.49 -17.12 14.63
CA PRO C 218 4.82 -15.98 15.29
C PRO C 218 5.50 -15.52 16.60
N VAL C 219 5.77 -14.20 16.72
CA VAL C 219 6.27 -13.56 17.95
C VAL C 219 5.08 -12.95 18.70
N GLU C 220 5.05 -13.05 20.04
CA GLU C 220 3.95 -12.47 20.84
C GLU C 220 4.38 -11.10 21.40
N VAL C 221 3.77 -10.05 20.81
CA VAL C 221 4.00 -8.64 21.13
C VAL C 221 3.43 -8.25 22.51
N ALA C 222 4.33 -7.85 23.42
CA ALA C 222 3.96 -7.21 24.70
C ALA C 222 3.57 -5.74 24.44
N VAL C 223 2.28 -5.42 24.66
CA VAL C 223 1.69 -4.11 24.35
C VAL C 223 1.76 -3.16 25.59
N PRO C 224 2.11 -1.82 25.41
CA PRO C 224 2.09 -0.82 26.49
C PRO C 224 0.68 -0.17 26.65
N PRO C 225 0.40 0.52 27.81
CA PRO C 225 -0.89 1.23 28.03
C PRO C 225 -1.15 2.40 27.05
N ARG C 226 -2.35 2.34 26.44
CA ARG C 226 -2.89 3.30 25.46
C ARG C 226 -1.98 3.39 24.23
N THR C 227 -2.28 2.51 23.28
CA THR C 227 -1.61 2.41 22.00
C THR C 227 -2.50 2.96 20.88
N GLN C 228 -1.90 3.76 20.00
CA GLN C 228 -2.59 4.47 18.91
C GLN C 228 -2.21 3.87 17.56
N ALA C 229 -3.17 3.80 16.63
CA ALA C 229 -2.89 3.37 15.26
C ALA C 229 -2.11 4.47 14.55
N GLY C 230 -1.09 4.06 13.80
CA GLY C 230 -0.13 4.99 13.23
C GLY C 230 1.18 5.03 14.02
N ARG C 231 1.27 4.20 15.09
CA ARG C 231 2.56 3.89 15.74
C ARG C 231 3.34 2.89 14.89
N LYS C 232 4.60 2.64 15.29
CA LYS C 232 5.43 1.64 14.63
C LYS C 232 6.40 1.01 15.66
N LEU C 233 6.11 -0.26 15.97
CA LEU C 233 6.84 -1.09 16.95
C LEU C 233 8.20 -1.49 16.36
N ARG C 234 9.23 -1.58 17.22
CA ARG C 234 10.59 -2.08 16.88
C ARG C 234 10.93 -3.35 17.71
N LEU C 235 10.58 -4.52 17.16
CA LEU C 235 10.82 -5.83 17.80
C LEU C 235 12.30 -6.25 17.65
N LYS C 236 12.98 -6.37 18.80
CA LYS C 236 14.42 -6.69 18.87
C LYS C 236 14.74 -8.08 18.31
N GLY C 237 15.55 -8.09 17.23
CA GLY C 237 16.04 -9.32 16.61
C GLY C 237 15.04 -10.04 15.74
N LYS C 238 13.92 -9.36 15.44
CA LYS C 238 12.87 -9.91 14.58
C LYS C 238 12.98 -9.35 13.15
N GLY C 239 14.09 -8.63 12.89
CA GLY C 239 14.51 -8.32 11.53
C GLY C 239 15.37 -9.44 10.95
N PHE C 240 16.29 -9.09 10.03
CA PHE C 240 17.24 -10.07 9.47
C PHE C 240 18.54 -10.12 10.32
N PRO C 241 19.09 -11.34 10.61
CA PRO C 241 20.38 -11.50 11.33
C PRO C 241 21.53 -10.78 10.59
N GLY C 242 22.18 -9.82 11.29
CA GLY C 242 23.19 -8.95 10.68
C GLY C 242 24.63 -9.38 10.99
N PRO C 243 25.64 -8.97 10.15
CA PRO C 243 27.06 -9.41 10.30
C PRO C 243 27.73 -8.90 11.60
N ALA C 244 27.17 -7.82 12.18
CA ALA C 244 27.66 -7.22 13.44
C ALA C 244 26.48 -6.96 14.40
N GLY C 245 25.39 -7.72 14.24
CA GLY C 245 24.21 -7.59 15.10
C GLY C 245 23.01 -8.28 14.49
N ARG C 246 21.83 -7.64 14.56
CA ARG C 246 20.60 -8.10 13.89
C ARG C 246 19.64 -6.91 13.69
N GLY C 247 18.66 -7.09 12.81
CA GLY C 247 17.66 -6.07 12.52
C GLY C 247 16.49 -6.13 13.48
N ASP C 248 15.64 -5.11 13.42
CA ASP C 248 14.45 -4.97 14.27
C ASP C 248 13.22 -4.82 13.38
N LEU C 249 12.15 -5.52 13.73
CA LEU C 249 10.92 -5.56 12.95
C LEU C 249 10.07 -4.32 13.25
N TYR C 250 9.83 -3.48 12.21
CA TYR C 250 9.06 -2.25 12.34
C TYR C 250 7.62 -2.48 11.85
N LEU C 251 6.68 -2.66 12.78
CA LEU C 251 5.28 -3.00 12.43
C LEU C 251 4.40 -1.76 12.51
N GLU C 252 3.70 -1.42 11.41
CA GLU C 252 2.72 -0.34 11.38
C GLU C 252 1.49 -0.78 12.20
N VAL C 253 1.29 -0.17 13.35
CA VAL C 253 0.32 -0.61 14.36
C VAL C 253 -1.11 -0.20 13.97
N ARG C 254 -2.03 -1.19 13.99
CA ARG C 254 -3.48 -0.97 13.85
C ARG C 254 -4.16 -1.22 15.20
N ILE C 255 -5.25 -0.47 15.43
CA ILE C 255 -6.16 -0.67 16.56
C ILE C 255 -7.48 -1.27 16.02
N THR C 256 -7.91 -2.42 16.58
CA THR C 256 -9.04 -3.22 16.06
C THR C 256 -10.13 -3.42 17.13
N ILE C 257 -11.18 -4.22 16.79
CA ILE C 257 -12.33 -4.50 17.71
C ILE C 257 -12.70 -6.03 17.71
N PRO C 258 -13.46 -6.54 18.76
CA PRO C 258 -13.70 -8.02 18.96
C PRO C 258 -14.61 -8.73 17.93
N GLU C 259 -14.93 -8.06 16.79
CA GLU C 259 -15.95 -8.52 15.82
C GLU C 259 -17.32 -8.61 16.52
N ARG C 260 -17.59 -9.76 17.20
CA ARG C 260 -18.82 -9.96 18.00
C ARG C 260 -18.60 -9.55 19.47
N LEU C 261 -19.69 -9.53 20.28
CA LEU C 261 -19.61 -9.22 21.73
C LEU C 261 -20.70 -9.95 22.52
N THR C 262 -20.46 -10.00 23.83
CA THR C 262 -21.41 -10.47 24.84
C THR C 262 -22.00 -9.23 25.59
N PRO C 263 -23.31 -9.31 26.06
CA PRO C 263 -24.14 -8.15 26.53
C PRO C 263 -23.43 -7.16 27.48
N GLU C 264 -22.77 -7.70 28.53
CA GLU C 264 -22.17 -6.88 29.61
C GLU C 264 -21.03 -6.00 29.07
N GLU C 265 -20.10 -6.65 28.36
CA GLU C 265 -18.90 -6.04 27.79
C GLU C 265 -19.30 -4.95 26.79
N GLU C 266 -20.28 -5.29 25.94
CA GLU C 266 -20.82 -4.38 24.93
C GLU C 266 -21.45 -3.13 25.58
N ALA C 267 -22.11 -3.34 26.74
CA ALA C 267 -22.73 -2.27 27.53
C ALA C 267 -21.68 -1.27 28.07
N LEU C 268 -20.50 -1.81 28.49
CA LEU C 268 -19.34 -0.96 28.88
C LEU C 268 -18.85 -0.11 27.67
N TRP C 269 -18.77 -0.74 26.47
CA TRP C 269 -18.42 -0.04 25.20
C TRP C 269 -19.44 1.10 24.91
N LYS C 270 -20.72 0.85 25.25
CA LYS C 270 -21.82 1.83 25.06
C LYS C 270 -21.70 3.01 26.02
N LYS C 271 -21.30 2.74 27.28
CA LYS C 271 -21.10 3.78 28.31
C LYS C 271 -19.92 4.70 27.93
N LEU C 272 -18.86 4.08 27.35
CA LEU C 272 -17.67 4.80 26.86
C LEU C 272 -18.00 5.56 25.55
N ALA C 273 -18.93 4.99 24.75
CA ALA C 273 -19.42 5.61 23.51
C ALA C 273 -20.19 6.89 23.84
N GLU C 274 -21.01 6.83 24.91
CA GLU C 274 -21.81 7.97 25.42
C GLU C 274 -20.89 9.05 26.03
N ALA C 275 -19.83 8.60 26.72
CA ALA C 275 -18.77 9.49 27.24
C ALA C 275 -18.04 10.19 26.07
N TYR C 276 -17.97 9.50 24.92
CA TYR C 276 -17.45 10.04 23.66
C TYR C 276 -18.44 11.03 23.00
N TYR C 277 -19.76 10.72 23.07
CA TYR C 277 -20.81 11.60 22.49
C TYR C 277 -20.93 12.90 23.29
N ALA C 278 -20.50 12.84 24.57
CA ALA C 278 -20.41 14.01 25.47
C ALA C 278 -19.38 15.04 24.97
N ARG C 279 -18.44 14.61 24.10
CA ARG C 279 -17.45 15.51 23.47
C ARG C 279 -18.08 16.37 22.35
N ALA C 280 -19.33 16.06 21.98
CA ALA C 280 -20.11 16.87 21.02
C ALA C 280 -20.98 17.88 21.82
N MET A 1 -11.86 37.81 -49.30
CA MET A 1 -11.84 39.17 -49.84
C MET A 1 -13.15 39.87 -49.46
N ALA A 2 -13.15 40.39 -48.22
CA ALA A 2 -14.20 41.29 -47.69
C ALA A 2 -15.60 40.66 -47.65
N ALA A 3 -15.68 39.32 -47.62
CA ALA A 3 -16.98 38.60 -47.59
C ALA A 3 -17.45 38.41 -46.13
N LYS A 4 -17.36 39.52 -45.35
CA LYS A 4 -17.67 39.59 -43.91
C LYS A 4 -18.89 38.75 -43.52
N LYS A 5 -18.61 37.53 -43.03
CA LYS A 5 -19.62 36.67 -42.42
C LYS A 5 -20.15 37.37 -41.16
N ASP A 6 -21.42 37.81 -41.21
CA ASP A 6 -22.05 38.48 -40.09
C ASP A 6 -22.35 37.42 -39.03
N TYR A 7 -21.41 37.28 -38.09
CA TYR A 7 -21.38 36.17 -37.13
C TYR A 7 -22.59 36.17 -36.19
N TYR A 8 -23.12 37.37 -35.91
CA TYR A 8 -24.37 37.52 -35.12
C TYR A 8 -25.56 36.95 -35.91
N ALA A 9 -25.62 37.26 -37.22
CA ALA A 9 -26.69 36.75 -38.12
C ALA A 9 -26.62 35.21 -38.25
N ILE A 10 -25.39 34.67 -38.29
CA ILE A 10 -25.15 33.21 -38.34
C ILE A 10 -25.66 32.53 -37.05
N LEU A 11 -25.51 33.23 -35.91
CA LEU A 11 -26.07 32.77 -34.61
C LEU A 11 -27.58 33.11 -34.47
N GLY A 12 -28.11 33.93 -35.40
CA GLY A 12 -29.53 34.34 -35.39
C GLY A 12 -29.88 35.33 -34.29
N VAL A 13 -28.91 36.21 -33.94
CA VAL A 13 -29.06 37.25 -32.91
C VAL A 13 -28.70 38.64 -33.49
N PRO A 14 -29.24 39.76 -32.91
CA PRO A 14 -28.84 41.14 -33.31
C PRO A 14 -27.38 41.47 -32.91
N ARG A 15 -26.79 42.48 -33.59
CA ARG A 15 -25.38 42.91 -33.40
C ARG A 15 -25.28 43.85 -32.17
N ASN A 16 -25.60 43.28 -31.00
CA ASN A 16 -25.68 43.99 -29.70
C ASN A 16 -26.06 42.98 -28.61
N ALA A 17 -26.55 41.78 -29.04
CA ALA A 17 -26.88 40.67 -28.13
C ALA A 17 -25.72 40.35 -27.17
N THR A 18 -26.02 40.23 -25.86
CA THR A 18 -25.01 40.04 -24.81
C THR A 18 -24.27 38.70 -25.00
N GLN A 19 -23.13 38.55 -24.31
CA GLN A 19 -22.26 37.36 -24.43
C GLN A 19 -23.00 36.08 -24.00
N GLU A 20 -23.99 36.24 -23.11
CA GLU A 20 -24.87 35.15 -22.65
C GLU A 20 -25.76 34.70 -23.81
N GLU A 21 -26.36 35.67 -24.51
CA GLU A 21 -27.29 35.41 -25.64
C GLU A 21 -26.52 34.78 -26.83
N ILE A 22 -25.28 35.22 -27.04
CA ILE A 22 -24.37 34.72 -28.09
C ILE A 22 -24.01 33.24 -27.84
N LYS A 23 -23.62 32.97 -26.57
CA LYS A 23 -23.37 31.61 -26.06
C LYS A 23 -24.59 30.71 -26.27
N ARG A 24 -25.78 31.23 -25.89
CA ARG A 24 -27.05 30.48 -25.96
C ARG A 24 -27.57 30.41 -27.41
N ALA A 25 -27.04 31.25 -28.31
CA ALA A 25 -27.34 31.20 -29.75
C ALA A 25 -26.57 30.07 -30.42
N TYR A 26 -25.31 29.90 -29.97
CA TYR A 26 -24.48 28.74 -30.33
C TYR A 26 -25.23 27.46 -29.92
N LYS A 27 -25.58 27.38 -28.63
CA LYS A 27 -26.26 26.20 -28.03
C LYS A 27 -27.63 25.93 -28.70
N ARG A 28 -28.35 27.02 -29.01
CA ARG A 28 -29.66 27.00 -29.74
C ARG A 28 -29.54 26.21 -31.05
N LEU A 29 -28.65 26.67 -31.92
CA LEU A 29 -28.42 26.07 -33.23
C LEU A 29 -27.54 24.80 -33.12
N ALA A 30 -26.89 24.59 -31.97
CA ALA A 30 -26.07 23.38 -31.68
C ALA A 30 -26.95 22.24 -31.16
N ARG A 31 -28.19 22.56 -30.75
CA ARG A 31 -29.24 21.58 -30.46
C ARG A 31 -30.05 21.28 -31.73
N GLN A 32 -30.32 22.33 -32.53
CA GLN A 32 -31.07 22.18 -33.81
C GLN A 32 -30.26 21.40 -34.85
N TYR A 33 -29.07 21.94 -35.18
CA TYR A 33 -28.17 21.36 -36.18
C TYR A 33 -27.16 20.39 -35.52
N HIS A 34 -27.55 19.80 -34.36
CA HIS A 34 -26.73 18.85 -33.60
C HIS A 34 -26.45 17.59 -34.45
N PRO A 35 -25.18 17.39 -34.95
CA PRO A 35 -24.87 16.38 -35.99
C PRO A 35 -25.34 14.96 -35.64
N ASP A 36 -25.18 14.58 -34.34
CA ASP A 36 -25.60 13.25 -33.83
C ASP A 36 -27.11 13.00 -33.99
N VAL A 37 -27.92 14.03 -33.72
CA VAL A 37 -29.40 13.92 -33.73
C VAL A 37 -29.95 14.22 -35.14
N ASN A 38 -29.22 15.08 -35.86
CA ASN A 38 -29.64 15.63 -37.16
C ASN A 38 -28.79 15.00 -38.27
N LYS A 39 -29.34 13.95 -38.92
CA LYS A 39 -28.64 13.19 -39.98
C LYS A 39 -28.76 13.95 -41.32
N SER A 40 -28.03 15.08 -41.44
CA SER A 40 -27.98 15.91 -42.65
C SER A 40 -26.62 16.65 -42.70
N PRO A 41 -25.71 16.32 -43.69
CA PRO A 41 -24.41 17.02 -43.88
C PRO A 41 -24.60 18.53 -43.97
N GLU A 42 -25.72 18.94 -44.60
CA GLU A 42 -26.17 20.33 -44.69
C GLU A 42 -26.11 21.04 -43.33
N ALA A 43 -26.71 20.39 -42.33
CA ALA A 43 -26.84 20.95 -40.97
C ALA A 43 -25.49 20.95 -40.24
N GLU A 44 -24.55 20.11 -40.70
CA GLU A 44 -23.21 19.95 -40.08
C GLU A 44 -22.23 21.00 -40.60
N GLU A 45 -22.40 21.38 -41.88
CA GLU A 45 -21.63 22.46 -42.51
C GLU A 45 -22.07 23.80 -41.92
N LYS A 46 -23.41 23.93 -41.77
CA LYS A 46 -24.02 25.06 -41.06
C LYS A 46 -23.64 25.03 -39.56
N PHE A 47 -23.47 23.81 -38.99
CA PHE A 47 -23.02 23.62 -37.59
C PHE A 47 -21.61 24.19 -37.40
N LYS A 48 -20.74 23.97 -38.40
CA LYS A 48 -19.39 24.52 -38.40
C LYS A 48 -19.42 26.04 -38.57
N GLU A 49 -20.40 26.57 -39.33
CA GLU A 49 -20.60 28.04 -39.42
C GLU A 49 -21.05 28.63 -38.07
N ILE A 50 -21.79 27.85 -37.25
CA ILE A 50 -22.14 28.25 -35.86
C ILE A 50 -20.85 28.35 -35.02
N ASN A 51 -19.96 27.34 -35.21
CA ASN A 51 -18.63 27.30 -34.56
C ASN A 51 -17.68 28.37 -35.14
N GLU A 52 -17.96 28.87 -36.36
CA GLU A 52 -17.21 29.98 -37.00
C GLU A 52 -17.58 31.30 -36.32
N ALA A 53 -18.89 31.50 -36.23
CA ALA A 53 -19.50 32.63 -35.54
C ALA A 53 -19.06 32.68 -34.08
N TYR A 54 -19.03 31.50 -33.46
CA TYR A 54 -18.63 31.32 -32.06
C TYR A 54 -17.10 31.34 -31.94
N ALA A 55 -16.36 31.05 -33.03
CA ALA A 55 -14.88 31.18 -33.04
C ALA A 55 -14.47 32.66 -32.98
N VAL A 56 -15.36 33.53 -33.47
CA VAL A 56 -15.18 34.99 -33.37
C VAL A 56 -15.92 35.58 -32.15
N LEU A 57 -16.97 34.89 -31.65
CA LEU A 57 -17.80 35.44 -30.54
C LEU A 57 -17.86 34.48 -29.30
N SER A 58 -16.83 33.63 -29.10
CA SER A 58 -16.72 32.72 -27.91
C SER A 58 -16.55 33.51 -26.60
N ASP A 59 -15.61 34.45 -26.64
CA ASP A 59 -15.23 35.28 -25.50
C ASP A 59 -15.69 36.72 -25.73
N PRO A 60 -15.94 37.55 -24.65
CA PRO A 60 -16.27 38.99 -24.80
C PRO A 60 -15.16 39.76 -25.54
N GLU A 61 -13.92 39.26 -25.42
CA GLU A 61 -12.72 39.85 -26.03
C GLU A 61 -12.72 39.66 -27.56
N LYS A 62 -12.88 38.41 -28.02
CA LYS A 62 -12.99 38.09 -29.47
C LYS A 62 -14.18 38.83 -30.09
N ARG A 63 -15.28 38.88 -29.32
CA ARG A 63 -16.53 39.55 -29.66
C ARG A 63 -16.25 41.05 -29.92
N ARG A 64 -15.41 41.64 -29.05
CA ARG A 64 -14.96 43.04 -29.20
C ARG A 64 -13.96 43.23 -30.36
N ILE A 65 -13.20 42.18 -30.73
CA ILE A 65 -12.29 42.24 -31.91
C ILE A 65 -13.14 42.45 -33.19
N TYR A 66 -14.23 41.67 -33.30
CA TYR A 66 -15.18 41.80 -34.43
C TYR A 66 -15.86 43.17 -34.40
N ASP A 67 -16.34 43.58 -33.19
CA ASP A 67 -16.97 44.92 -32.99
C ASP A 67 -16.05 46.05 -33.46
N THR A 68 -14.75 45.94 -33.13
CA THR A 68 -13.76 46.96 -33.50
C THR A 68 -13.27 46.78 -34.94
N TYR A 69 -13.57 45.63 -35.59
CA TYR A 69 -13.27 45.47 -37.04
C TYR A 69 -14.16 46.47 -37.83
N GLY A 70 -13.51 47.38 -38.58
CA GLY A 70 -14.16 48.58 -39.13
C GLY A 70 -13.68 49.85 -38.43
N THR A 71 -12.65 49.71 -37.58
CA THR A 71 -11.97 50.82 -36.86
C THR A 71 -10.53 50.36 -36.76
N THR A 72 -10.39 49.20 -36.12
CA THR A 72 -9.26 48.31 -36.34
C THR A 72 -9.52 47.74 -37.75
N GLU A 73 -8.56 47.91 -38.67
CA GLU A 73 -8.71 47.43 -40.06
C GLU A 73 -7.78 46.25 -40.33
N ALA A 74 -6.59 46.27 -39.71
CA ALA A 74 -5.65 45.16 -39.75
C ALA A 74 -6.14 44.02 -38.83
N PRO A 75 -6.03 42.72 -39.26
CA PRO A 75 -6.31 41.55 -38.38
C PRO A 75 -5.43 41.59 -37.09
N PRO A 76 -5.91 41.05 -35.93
CA PRO A 76 -5.16 41.10 -34.65
C PRO A 76 -3.75 40.46 -34.76
N PRO A 77 -2.67 41.13 -34.18
CA PRO A 77 -1.24 40.70 -34.35
C PRO A 77 -0.97 39.22 -33.93
N PRO A 78 -0.42 38.36 -34.85
CA PRO A 78 -0.13 36.94 -34.53
C PRO A 78 1.02 36.77 -33.48
N PRO A 79 0.74 36.12 -32.29
CA PRO A 79 1.80 35.80 -31.29
C PRO A 79 2.62 34.53 -31.70
N PRO A 80 3.80 34.24 -31.04
CA PRO A 80 4.60 33.01 -31.29
C PRO A 80 3.79 31.71 -31.02
N GLY A 81 3.00 31.32 -32.02
CA GLY A 81 2.11 30.17 -31.94
C GLY A 81 0.87 30.41 -32.78
N GLY A 82 0.29 31.63 -32.67
CA GLY A 82 -0.96 31.98 -33.36
C GLY A 82 -2.18 32.00 -32.44
N TYR A 83 -3.39 31.91 -33.05
CA TYR A 83 -4.68 32.00 -32.33
C TYR A 83 -5.36 30.62 -32.23
N ASP A 84 -5.75 30.26 -31.00
CA ASP A 84 -6.43 28.99 -30.65
C ASP A 84 -7.87 28.91 -31.18
N PHE A 85 -8.28 27.69 -31.58
CA PHE A 85 -9.62 27.42 -32.14
C PHE A 85 -10.23 26.13 -31.57
N SER A 86 -10.61 26.26 -30.29
CA SER A 86 -11.27 25.21 -29.50
C SER A 86 -12.51 24.61 -30.17
N GLY A 87 -12.38 23.38 -30.70
CA GLY A 87 -13.47 22.67 -31.37
C GLY A 87 -13.89 23.30 -32.70
N PHE A 88 -13.20 24.37 -33.11
CA PHE A 88 -13.57 25.14 -34.30
C PHE A 88 -12.76 24.65 -35.49
N ASP A 89 -13.45 24.19 -36.55
CA ASP A 89 -12.79 23.67 -37.79
C ASP A 89 -12.43 24.86 -38.72
N VAL A 90 -11.58 25.73 -38.17
CA VAL A 90 -11.06 26.96 -38.80
C VAL A 90 -10.53 26.75 -40.22
N GLU A 91 -9.86 25.59 -40.42
CA GLU A 91 -9.25 25.20 -41.71
C GLU A 91 -10.28 25.21 -42.88
N ASP A 92 -11.55 24.91 -42.55
CA ASP A 92 -12.65 24.80 -43.55
C ASP A 92 -13.66 25.97 -43.45
N PHE A 93 -13.43 26.92 -42.52
CA PHE A 93 -14.31 28.12 -42.39
C PHE A 93 -14.10 29.09 -43.56
N SER A 94 -14.86 30.22 -43.57
CA SER A 94 -14.88 31.18 -44.68
C SER A 94 -13.52 31.78 -44.99
N GLU A 95 -13.36 32.23 -46.25
CA GLU A 95 -12.18 32.97 -46.70
C GLU A 95 -11.98 34.26 -45.85
N PHE A 96 -13.09 34.97 -45.57
CA PHE A 96 -13.06 36.17 -44.69
C PHE A 96 -12.50 35.83 -43.30
N PHE A 97 -12.95 34.70 -42.74
CA PHE A 97 -12.48 34.21 -41.44
C PHE A 97 -10.95 33.96 -41.49
N GLN A 98 -10.55 33.32 -42.60
CA GLN A 98 -9.15 32.97 -42.87
C GLN A 98 -8.33 34.22 -43.30
N GLU A 99 -8.97 35.40 -43.43
CA GLU A 99 -8.27 36.72 -43.49
C GLU A 99 -8.18 37.35 -42.07
N LEU A 100 -9.32 37.36 -41.37
CA LEU A 100 -9.50 38.07 -40.09
C LEU A 100 -8.58 37.52 -38.98
N PHE A 101 -8.30 36.21 -39.04
CA PHE A 101 -7.32 35.55 -38.15
C PHE A 101 -6.19 34.91 -38.96
N GLY A 102 -6.16 35.21 -40.29
CA GLY A 102 -5.25 34.58 -41.26
C GLY A 102 -3.78 34.50 -40.86
N PRO A 103 -3.08 35.67 -40.66
CA PRO A 103 -1.65 35.72 -40.24
C PRO A 103 -1.37 34.95 -38.92
N GLY A 104 -2.42 34.65 -38.15
CA GLY A 104 -2.30 33.90 -36.89
C GLY A 104 -3.28 32.74 -36.82
N LEU A 105 -3.44 31.98 -37.93
CA LEU A 105 -4.22 30.70 -37.91
C LEU A 105 -3.37 29.54 -37.31
N PHE A 106 -2.89 29.75 -36.07
CA PHE A 106 -2.09 28.81 -35.27
C PHE A 106 -1.12 27.96 -36.14
N GLY A 107 -1.39 26.64 -36.32
CA GLY A 107 -0.45 25.73 -37.01
C GLY A 107 0.79 25.41 -36.15
N GLY A 108 0.71 25.79 -34.87
CA GLY A 108 1.78 25.62 -33.91
C GLY A 108 3.02 26.41 -34.23
N PHE A 109 4.08 25.68 -34.57
CA PHE A 109 5.34 26.26 -35.05
C PHE A 109 5.58 25.84 -36.50
N GLY A 110 4.68 24.97 -37.03
CA GLY A 110 4.75 24.48 -38.41
C GLY A 110 4.18 25.49 -39.39
N ARG A 111 3.20 26.28 -38.89
CA ARG A 111 2.60 27.45 -39.59
C ARG A 111 1.85 27.06 -40.92
N ARG A 112 1.80 25.75 -41.24
CA ARG A 112 0.99 25.19 -42.34
C ARG A 112 -0.53 25.37 -42.08
N SER A 113 -0.89 25.49 -40.77
CA SER A 113 -2.27 25.64 -40.29
C SER A 113 -3.04 24.30 -40.38
N ARG A 114 -2.38 23.24 -39.90
CA ARG A 114 -2.97 21.89 -39.80
C ARG A 114 -3.17 21.54 -38.29
N LYS A 115 -4.05 20.55 -38.01
CA LYS A 115 -4.44 20.13 -36.62
C LYS A 115 -3.24 19.70 -35.76
N GLY A 116 -3.36 19.94 -34.45
CA GLY A 116 -2.37 19.49 -33.47
C GLY A 116 -2.55 18.03 -33.05
N ARG A 117 -1.59 17.51 -32.29
CA ARG A 117 -1.61 16.15 -31.74
C ARG A 117 -2.38 16.17 -30.40
N ASP A 118 -3.20 15.14 -30.15
CA ASP A 118 -4.00 15.00 -28.90
C ASP A 118 -3.11 15.11 -27.64
N LEU A 119 -3.34 16.13 -26.81
CA LEU A 119 -2.39 16.51 -25.73
C LEU A 119 -3.00 16.17 -24.37
N ARG A 120 -2.16 15.68 -23.46
CA ARG A 120 -2.56 15.27 -22.12
C ARG A 120 -2.21 16.41 -21.13
N ALA A 121 -3.23 17.13 -20.64
CA ALA A 121 -3.07 18.22 -19.66
C ALA A 121 -3.66 17.78 -18.32
N GLU A 122 -3.33 18.52 -17.25
CA GLU A 122 -3.72 18.15 -15.88
C GLU A 122 -4.49 19.34 -15.29
N LEU A 123 -5.82 19.20 -15.06
CA LEU A 123 -6.68 20.35 -14.64
C LEU A 123 -6.89 20.29 -13.11
N PRO A 124 -6.09 21.06 -12.28
CA PRO A 124 -6.28 21.04 -10.83
C PRO A 124 -7.53 21.83 -10.44
N LEU A 125 -8.54 21.10 -9.95
CA LEU A 125 -9.88 21.63 -9.73
C LEU A 125 -10.22 21.58 -8.23
N THR A 126 -10.92 22.62 -7.77
CA THR A 126 -11.37 22.75 -6.41
C THR A 126 -12.58 21.82 -6.15
N LEU A 127 -12.51 21.02 -5.04
CA LEU A 127 -13.55 20.04 -4.67
C LEU A 127 -14.95 20.67 -4.58
N GLU A 128 -15.03 21.76 -3.79
CA GLU A 128 -16.30 22.48 -3.52
C GLU A 128 -16.94 22.98 -4.82
N GLU A 129 -16.06 23.42 -5.75
CA GLU A 129 -16.48 23.93 -7.06
C GLU A 129 -16.89 22.79 -7.99
N ALA A 130 -16.32 21.60 -7.78
CA ALA A 130 -16.68 20.39 -8.54
C ALA A 130 -18.10 19.91 -8.18
N PHE A 131 -18.48 20.07 -6.89
CA PHE A 131 -19.85 19.78 -6.41
C PHE A 131 -20.86 20.78 -7.01
N HIS A 132 -20.53 22.09 -6.91
CA HIS A 132 -21.43 23.16 -7.36
C HIS A 132 -21.55 23.21 -8.90
N GLY A 133 -20.44 22.92 -9.59
CA GLY A 133 -20.38 22.98 -11.05
C GLY A 133 -20.37 24.41 -11.61
N GLY A 134 -20.50 24.54 -12.94
CA GLY A 134 -20.54 25.85 -13.61
C GLY A 134 -19.23 26.18 -14.31
N GLU A 135 -19.22 27.29 -15.09
CA GLU A 135 -18.07 27.68 -15.92
C GLU A 135 -16.89 28.18 -15.07
N ARG A 136 -15.82 27.36 -15.00
CA ARG A 136 -14.64 27.64 -14.19
C ARG A 136 -13.60 28.38 -15.06
N VAL A 137 -13.20 29.58 -14.63
CA VAL A 137 -12.23 30.40 -15.34
C VAL A 137 -10.81 29.87 -15.05
N VAL A 138 -10.30 29.04 -15.98
CA VAL A 138 -8.93 28.49 -15.91
C VAL A 138 -8.11 29.11 -17.05
N GLU A 139 -7.05 29.84 -16.69
CA GLU A 139 -6.14 30.50 -17.68
C GLU A 139 -4.84 29.70 -17.85
N VAL A 140 -4.44 29.50 -19.14
CA VAL A 140 -3.22 28.73 -19.48
C VAL A 140 -2.86 28.85 -20.97
N ALA A 141 -1.55 29.00 -21.27
CA ALA A 141 -0.97 28.78 -22.62
C ALA A 141 -1.61 29.60 -23.77
N GLY A 142 -2.19 30.78 -23.45
CA GLY A 142 -2.83 31.62 -24.47
C GLY A 142 -4.33 31.45 -24.53
N ARG A 143 -4.89 30.74 -23.54
CA ARG A 143 -6.29 30.33 -23.53
C ARG A 143 -6.86 30.36 -22.12
N ARG A 144 -7.70 31.36 -21.84
CA ARG A 144 -8.61 31.33 -20.70
C ARG A 144 -9.78 30.43 -21.09
N VAL A 145 -9.70 29.15 -20.74
CA VAL A 145 -10.79 28.19 -20.96
C VAL A 145 -11.76 28.29 -19.76
N SER A 146 -12.93 28.88 -20.01
CA SER A 146 -14.02 28.90 -19.02
C SER A 146 -14.79 27.57 -19.14
N VAL A 147 -14.26 26.51 -18.49
CA VAL A 147 -14.81 25.15 -18.64
C VAL A 147 -15.94 24.90 -17.62
N ARG A 148 -17.17 24.83 -18.15
CA ARG A 148 -18.33 24.34 -17.41
C ARG A 148 -18.04 22.91 -16.94
N ILE A 149 -17.54 22.84 -15.70
CA ILE A 149 -17.31 21.60 -15.00
C ILE A 149 -18.69 21.03 -14.58
N PRO A 150 -19.07 19.81 -15.07
CA PRO A 150 -20.34 19.17 -14.69
C PRO A 150 -20.36 18.86 -13.18
N PRO A 151 -21.43 19.27 -12.41
CA PRO A 151 -21.54 18.95 -10.97
C PRO A 151 -21.40 17.44 -10.70
N GLY A 152 -20.19 17.05 -10.27
CA GLY A 152 -19.82 15.64 -10.10
C GLY A 152 -18.69 15.21 -11.02
N VAL A 153 -17.74 16.14 -11.22
CA VAL A 153 -16.52 15.90 -12.02
C VAL A 153 -15.40 15.41 -11.09
N ARG A 154 -14.71 14.34 -11.51
CA ARG A 154 -13.90 13.48 -10.62
C ARG A 154 -12.39 13.77 -10.74
N GLU A 155 -11.61 13.21 -9.79
CA GLU A 155 -10.12 13.14 -9.88
C GLU A 155 -9.74 12.18 -11.02
N GLY A 156 -8.91 12.68 -11.94
CA GLY A 156 -8.54 11.96 -13.14
C GLY A 156 -9.65 11.89 -14.18
N SER A 157 -10.70 12.75 -14.01
CA SER A 157 -11.75 12.91 -15.02
C SER A 157 -11.12 13.55 -16.25
N VAL A 158 -10.99 12.78 -17.34
CA VAL A 158 -10.39 13.22 -18.60
C VAL A 158 -11.47 13.93 -19.43
N ILE A 159 -11.63 15.25 -19.19
CA ILE A 159 -12.55 16.09 -19.98
C ILE A 159 -11.89 16.33 -21.35
N ARG A 160 -12.23 15.45 -22.31
CA ARG A 160 -11.73 15.53 -23.68
C ARG A 160 -12.44 16.67 -24.42
N VAL A 161 -11.72 17.78 -24.61
CA VAL A 161 -12.18 18.92 -25.40
C VAL A 161 -11.25 19.05 -26.65
N PRO A 162 -11.78 18.76 -27.89
CA PRO A 162 -11.01 18.93 -29.14
C PRO A 162 -10.70 20.42 -29.43
N GLY A 163 -9.61 20.65 -30.18
CA GLY A 163 -9.21 22.01 -30.57
C GLY A 163 -8.54 22.80 -29.44
N MET A 164 -8.09 22.13 -28.37
CA MET A 164 -7.39 22.79 -27.25
C MET A 164 -6.02 22.13 -26.97
N GLY A 165 -5.71 21.04 -27.71
CA GLY A 165 -4.57 20.19 -27.39
C GLY A 165 -3.25 20.67 -27.98
N GLY A 166 -2.61 19.80 -28.76
CA GLY A 166 -1.29 20.07 -29.34
C GLY A 166 -1.29 21.20 -30.34
N GLN A 167 -0.08 21.68 -30.64
CA GLN A 167 0.15 22.89 -31.44
C GLN A 167 -0.33 22.70 -32.91
N GLY A 168 -1.48 23.35 -33.24
CA GLY A 168 -2.10 23.27 -34.57
C GLY A 168 -3.23 24.27 -34.74
N ASN A 169 -3.72 24.47 -36.00
CA ASN A 169 -4.73 25.52 -36.33
C ASN A 169 -6.07 25.23 -35.61
N PRO A 170 -6.76 24.05 -35.83
CA PRO A 170 -7.69 23.55 -34.84
C PRO A 170 -6.90 22.55 -33.97
N PRO A 171 -6.34 22.97 -32.78
CA PRO A 171 -5.38 22.14 -31.97
C PRO A 171 -5.87 20.71 -31.65
N GLY A 172 -4.99 19.92 -31.00
CA GLY A 172 -5.30 18.51 -30.68
C GLY A 172 -6.49 18.31 -29.75
N ASP A 173 -6.77 17.06 -29.43
CA ASP A 173 -7.77 16.71 -28.41
C ASP A 173 -7.12 16.88 -27.02
N LEU A 174 -7.47 17.96 -26.31
CA LEU A 174 -6.94 18.24 -24.98
C LEU A 174 -7.66 17.37 -23.96
N LEU A 175 -6.87 16.62 -23.21
CA LEU A 175 -7.33 15.67 -22.21
C LEU A 175 -7.16 16.35 -20.86
N LEU A 176 -8.20 17.09 -20.43
CA LEU A 176 -8.19 17.80 -19.14
C LEU A 176 -8.34 16.79 -18.00
N VAL A 177 -7.22 16.18 -17.60
CA VAL A 177 -7.18 15.13 -16.56
C VAL A 177 -7.13 15.81 -15.20
N VAL A 178 -8.31 15.90 -14.55
CA VAL A 178 -8.49 16.66 -13.31
C VAL A 178 -7.53 16.21 -12.18
N ARG A 179 -7.02 17.18 -11.42
CA ARG A 179 -6.40 16.98 -10.12
C ARG A 179 -7.26 17.67 -9.08
N LEU A 180 -8.23 16.92 -8.54
CA LEU A 180 -9.12 17.44 -7.48
C LEU A 180 -8.27 17.69 -6.23
N LEU A 181 -8.32 18.95 -5.72
CA LEU A 181 -7.33 19.53 -4.78
C LEU A 181 -7.07 18.63 -3.54
N PRO A 182 -5.83 18.74 -2.92
CA PRO A 182 -5.46 17.96 -1.70
C PRO A 182 -6.18 18.45 -0.41
N HIS A 183 -7.34 19.13 -0.59
CA HIS A 183 -8.33 19.40 0.46
C HIS A 183 -8.80 18.02 1.00
N PRO A 184 -8.33 17.61 2.22
CA PRO A 184 -8.33 16.19 2.70
C PRO A 184 -9.72 15.54 3.01
N VAL A 185 -10.82 16.01 2.39
CA VAL A 185 -12.15 15.50 2.72
C VAL A 185 -12.58 14.42 1.72
N PHE A 186 -12.64 14.75 0.41
CA PHE A 186 -13.15 13.82 -0.61
C PHE A 186 -12.12 13.53 -1.71
N ARG A 187 -11.78 12.24 -1.87
CA ARG A 187 -11.06 11.73 -3.04
C ARG A 187 -12.10 11.08 -3.96
N LEU A 188 -12.62 11.87 -4.90
CA LEU A 188 -13.63 11.43 -5.89
C LEU A 188 -12.93 10.83 -7.12
N GLU A 189 -13.46 9.74 -7.69
CA GLU A 189 -12.89 9.12 -8.91
C GLU A 189 -13.92 8.18 -9.57
N GLY A 190 -14.20 8.40 -10.87
CA GLY A 190 -15.26 7.69 -11.59
C GLY A 190 -16.66 8.15 -11.19
N GLN A 191 -16.99 7.88 -9.92
CA GLN A 191 -18.25 8.25 -9.26
C GLN A 191 -18.08 8.12 -7.72
N ASP A 192 -17.06 7.32 -7.33
CA ASP A 192 -16.86 6.86 -5.94
C ASP A 192 -15.89 7.78 -5.16
N LEU A 193 -16.32 8.11 -3.93
CA LEU A 193 -15.59 8.94 -2.98
C LEU A 193 -14.79 8.08 -2.01
N TYR A 194 -13.67 8.61 -1.52
CA TYR A 194 -12.89 8.02 -0.42
C TYR A 194 -12.55 9.17 0.55
N ALA A 195 -13.26 9.18 1.69
CA ALA A 195 -13.22 10.25 2.68
C ALA A 195 -12.71 9.70 4.01
N THR A 196 -11.59 10.24 4.51
CA THR A 196 -10.93 9.75 5.75
C THR A 196 -11.80 10.11 6.97
N LEU A 197 -12.08 9.12 7.83
CA LEU A 197 -13.06 9.24 8.91
C LEU A 197 -12.42 8.79 10.22
N ASP A 198 -11.96 9.76 11.04
CA ASP A 198 -11.40 9.47 12.37
C ASP A 198 -12.55 9.24 13.36
N VAL A 199 -12.55 8.05 13.96
CA VAL A 199 -13.60 7.58 14.87
C VAL A 199 -12.93 6.85 16.07
N PRO A 200 -13.36 7.10 17.34
CA PRO A 200 -12.86 6.34 18.50
C PRO A 200 -13.46 4.91 18.53
N ALA A 201 -12.71 3.98 19.13
CA ALA A 201 -13.05 2.54 19.15
C ALA A 201 -14.48 2.24 19.67
N PRO A 202 -14.93 2.77 20.86
CA PRO A 202 -16.31 2.52 21.37
C PRO A 202 -17.42 2.91 20.37
N ILE A 203 -17.29 4.11 19.77
CA ILE A 203 -18.31 4.66 18.85
C ILE A 203 -18.32 3.88 17.51
N ALA A 204 -17.14 3.38 17.09
CA ALA A 204 -17.02 2.52 15.89
C ALA A 204 -17.72 1.16 16.10
N VAL A 205 -17.52 0.58 17.29
CA VAL A 205 -18.02 -0.76 17.65
C VAL A 205 -19.55 -0.81 17.86
N VAL A 206 -20.11 0.22 18.51
CA VAL A 206 -21.55 0.27 18.87
C VAL A 206 -22.37 1.04 17.82
N GLY A 207 -21.76 2.08 17.24
CA GLY A 207 -22.42 2.92 16.26
C GLY A 207 -23.09 4.14 16.89
N GLY A 208 -22.51 5.31 16.64
CA GLY A 208 -23.04 6.60 17.13
C GLY A 208 -22.87 7.67 16.08
N LYS A 209 -22.96 8.95 16.47
CA LYS A 209 -22.73 10.07 15.53
C LYS A 209 -21.31 10.64 15.70
N VAL A 210 -20.58 10.66 14.59
CA VAL A 210 -19.28 11.33 14.44
C VAL A 210 -19.45 12.56 13.53
N ARG A 211 -18.45 13.45 13.51
CA ARG A 211 -18.45 14.59 12.60
C ARG A 211 -17.65 14.23 11.35
N ALA A 212 -18.31 14.23 10.19
CA ALA A 212 -17.65 14.06 8.90
C ALA A 212 -17.92 15.30 8.07
N MET A 213 -16.88 15.90 7.48
CA MET A 213 -17.01 17.14 6.72
C MET A 213 -17.55 16.86 5.31
N THR A 214 -18.30 17.82 4.76
CA THR A 214 -18.68 17.85 3.35
C THR A 214 -18.08 19.11 2.70
N LEU A 215 -18.39 19.30 1.40
CA LEU A 215 -17.91 20.44 0.61
C LEU A 215 -18.69 21.73 0.93
N GLU A 216 -19.71 21.63 1.83
CA GLU A 216 -20.51 22.79 2.27
C GLU A 216 -20.54 22.91 3.81
N GLY A 217 -19.91 21.96 4.54
CA GLY A 217 -19.77 22.08 6.01
C GLY A 217 -19.73 20.74 6.76
N PRO A 218 -19.33 20.73 8.08
CA PRO A 218 -19.21 19.50 8.89
C PRO A 218 -20.60 18.95 9.35
N VAL A 219 -20.95 17.74 8.87
CA VAL A 219 -22.29 17.14 9.05
C VAL A 219 -22.27 16.00 10.09
N GLU A 220 -23.48 15.67 10.58
CA GLU A 220 -23.73 14.62 11.57
C GLU A 220 -23.88 13.26 10.87
N VAL A 221 -22.84 12.42 10.91
CA VAL A 221 -22.85 11.09 10.27
C VAL A 221 -22.96 10.01 11.35
N ALA A 222 -24.06 9.24 11.32
CA ALA A 222 -24.25 8.09 12.21
C ALA A 222 -23.43 6.91 11.68
N VAL A 223 -22.24 6.68 12.27
CA VAL A 223 -21.37 5.56 11.93
C VAL A 223 -22.07 4.22 12.30
N PRO A 224 -22.07 3.18 11.39
CA PRO A 224 -22.65 1.83 11.69
C PRO A 224 -21.94 1.13 12.88
N PRO A 225 -22.51 0.00 13.43
CA PRO A 225 -21.80 -0.81 14.44
C PRO A 225 -20.70 -1.70 13.82
N ARG A 226 -19.65 -1.97 14.65
CA ARG A 226 -18.58 -2.97 14.41
C ARG A 226 -17.71 -2.57 13.21
N THR A 227 -17.67 -1.24 13.01
CA THR A 227 -16.94 -0.57 11.97
C THR A 227 -15.42 -0.78 12.14
N GLN A 228 -14.85 -1.65 11.29
CA GLN A 228 -13.43 -2.04 11.34
C GLN A 228 -12.56 -1.03 10.57
N ALA A 229 -11.38 -0.72 11.14
CA ALA A 229 -10.38 0.19 10.54
C ALA A 229 -9.87 -0.36 9.21
N GLY A 230 -9.34 0.53 8.35
CA GLY A 230 -8.78 0.12 7.06
C GLY A 230 -9.84 -0.09 5.99
N ARG A 231 -10.99 -0.68 6.40
CA ARG A 231 -12.16 -0.83 5.55
C ARG A 231 -12.81 0.52 5.27
N LYS A 232 -13.70 0.55 4.30
CA LYS A 232 -14.41 1.75 3.86
C LYS A 232 -15.92 1.50 3.96
N LEU A 233 -16.65 2.45 4.56
CA LEU A 233 -18.11 2.40 4.65
C LEU A 233 -18.68 2.81 3.30
N ARG A 234 -19.04 1.81 2.48
CA ARG A 234 -19.53 2.05 1.11
C ARG A 234 -20.99 2.48 1.16
N LEU A 235 -21.24 3.79 0.97
CA LEU A 235 -22.59 4.37 0.98
C LEU A 235 -23.06 4.57 -0.47
N LYS A 236 -23.70 3.53 -1.05
CA LYS A 236 -24.09 3.53 -2.48
C LYS A 236 -25.24 4.52 -2.74
N GLY A 237 -25.14 5.24 -3.87
CA GLY A 237 -26.11 6.30 -4.21
C GLY A 237 -25.84 7.62 -3.48
N LYS A 238 -24.76 7.67 -2.66
CA LYS A 238 -24.39 8.88 -1.88
C LYS A 238 -23.17 9.61 -2.48
N GLY A 239 -22.43 8.91 -3.36
CA GLY A 239 -21.33 9.52 -4.13
C GLY A 239 -21.83 10.47 -5.23
N PHE A 240 -20.94 10.79 -6.17
CA PHE A 240 -21.25 11.74 -7.27
C PHE A 240 -21.72 10.95 -8.53
N PRO A 241 -22.32 11.63 -9.59
CA PRO A 241 -22.86 10.93 -10.80
C PRO A 241 -21.86 9.95 -11.45
N GLY A 242 -22.43 8.87 -12.01
CA GLY A 242 -21.65 7.82 -12.65
C GLY A 242 -22.54 6.86 -13.44
N PRO A 243 -22.06 5.61 -13.72
CA PRO A 243 -22.77 4.64 -14.59
C PRO A 243 -23.94 3.93 -13.86
N ALA A 244 -24.08 4.19 -12.55
CA ALA A 244 -25.17 3.65 -11.72
C ALA A 244 -26.10 4.79 -11.24
N GLY A 245 -26.08 5.91 -11.98
CA GLY A 245 -26.79 7.12 -11.60
C GLY A 245 -25.90 8.01 -10.76
N ARG A 246 -25.71 7.62 -9.49
CA ARG A 246 -24.69 8.20 -8.59
C ARG A 246 -23.72 7.09 -8.15
N GLY A 247 -22.68 7.49 -7.40
CA GLY A 247 -21.65 6.57 -6.94
C GLY A 247 -21.72 6.21 -5.49
N ASP A 248 -20.61 5.71 -4.96
CA ASP A 248 -20.51 5.19 -3.59
C ASP A 248 -19.63 6.13 -2.77
N LEU A 249 -20.07 6.46 -1.56
CA LEU A 249 -19.29 7.30 -0.62
C LEU A 249 -18.58 6.37 0.37
N TYR A 250 -17.31 6.04 0.08
CA TYR A 250 -16.50 5.19 0.96
C TYR A 250 -15.90 6.03 2.09
N LEU A 251 -16.38 5.87 3.33
CA LEU A 251 -15.78 6.50 4.51
C LEU A 251 -14.66 5.60 5.05
N GLU A 252 -13.41 6.01 4.82
CA GLU A 252 -12.22 5.22 5.17
C GLU A 252 -11.96 5.30 6.68
N VAL A 253 -12.26 4.21 7.36
CA VAL A 253 -12.29 4.13 8.83
C VAL A 253 -10.87 4.24 9.44
N ARG A 254 -10.73 5.17 10.41
CA ARG A 254 -9.48 5.41 11.13
C ARG A 254 -9.80 5.35 12.63
N ILE A 255 -9.62 4.18 13.24
CA ILE A 255 -9.94 3.96 14.65
C ILE A 255 -8.79 4.43 15.55
N THR A 256 -9.15 5.13 16.63
CA THR A 256 -8.23 5.55 17.71
C THR A 256 -8.76 5.05 19.07
N ILE A 257 -7.93 5.15 20.12
CA ILE A 257 -8.32 4.74 21.49
C ILE A 257 -8.49 5.99 22.40
N PRO A 258 -9.52 6.00 23.32
CA PRO A 258 -9.95 7.21 24.11
C PRO A 258 -8.83 7.93 24.88
N GLU A 259 -7.73 7.20 25.12
CA GLU A 259 -6.73 7.50 26.16
C GLU A 259 -7.42 7.74 27.51
N ARG A 260 -7.99 8.94 27.70
CA ARG A 260 -8.74 9.32 28.92
C ARG A 260 -9.78 8.25 29.30
N LEU A 261 -9.77 7.84 30.58
CA LEU A 261 -10.66 6.81 31.14
C LEU A 261 -10.81 7.03 32.66
N THR A 262 -12.00 6.77 33.19
CA THR A 262 -12.25 6.74 34.64
C THR A 262 -12.08 5.28 35.16
N PRO A 263 -11.80 5.06 36.51
CA PRO A 263 -11.55 3.71 37.11
C PRO A 263 -12.40 2.52 36.54
N GLU A 264 -13.73 2.73 36.41
CA GLU A 264 -14.66 1.69 35.92
C GLU A 264 -14.41 1.38 34.41
N GLU A 265 -14.34 2.44 33.58
CA GLU A 265 -14.09 2.32 32.13
C GLU A 265 -12.76 1.57 31.88
N GLU A 266 -11.76 1.96 32.68
CA GLU A 266 -10.42 1.37 32.67
C GLU A 266 -10.49 -0.15 32.94
N ALA A 267 -11.29 -0.51 33.96
CA ALA A 267 -11.53 -1.91 34.36
C ALA A 267 -12.17 -2.72 33.21
N LEU A 268 -13.15 -2.10 32.51
CA LEU A 268 -13.86 -2.75 31.38
C LEU A 268 -12.91 -3.02 30.21
N TRP A 269 -12.12 -2.02 29.81
CA TRP A 269 -11.11 -2.15 28.72
C TRP A 269 -10.10 -3.27 29.02
N LYS A 270 -9.60 -3.29 30.26
CA LYS A 270 -8.62 -4.28 30.70
C LYS A 270 -9.22 -5.70 30.70
N LYS A 271 -10.47 -5.86 31.19
CA LYS A 271 -11.15 -7.17 31.25
C LYS A 271 -11.38 -7.76 29.84
N LEU A 272 -11.81 -6.89 28.91
CA LEU A 272 -11.95 -7.23 27.48
C LEU A 272 -10.60 -7.75 26.96
N ALA A 273 -9.53 -7.00 27.26
CA ALA A 273 -8.16 -7.26 26.78
C ALA A 273 -7.51 -8.51 27.39
N GLU A 274 -7.83 -8.80 28.67
CA GLU A 274 -7.35 -10.00 29.36
C GLU A 274 -7.93 -11.24 28.67
N ALA A 275 -9.26 -11.21 28.56
CA ALA A 275 -10.05 -12.28 27.95
C ALA A 275 -9.84 -12.37 26.42
N TYR A 276 -9.36 -11.27 25.83
CA TYR A 276 -9.06 -11.18 24.38
C TYR A 276 -7.76 -11.92 24.08
N TYR A 277 -6.67 -11.41 24.65
CA TYR A 277 -5.31 -11.84 24.34
C TYR A 277 -5.01 -13.25 24.89
N ALA A 278 -5.75 -13.67 25.92
CA ALA A 278 -5.68 -15.05 26.46
C ALA A 278 -6.04 -16.11 25.39
N ARG A 279 -6.87 -15.71 24.40
CA ARG A 279 -7.31 -16.63 23.33
C ARG A 279 -6.19 -16.81 22.28
N ALA A 280 -5.18 -15.92 22.33
CA ALA A 280 -3.98 -16.00 21.47
C ALA A 280 -2.90 -16.83 22.20
N MET B 1 -13.66 26.42 -2.63
CA MET B 1 -14.37 27.06 -1.50
C MET B 1 -14.68 28.52 -1.86
N LYS B 2 -15.98 28.87 -1.90
CA LYS B 2 -16.48 30.25 -2.13
C LYS B 2 -16.04 30.81 -3.51
N GLN B 3 -15.94 29.90 -4.50
CA GLN B 3 -15.40 30.17 -5.84
C GLN B 3 -13.95 30.67 -5.74
N SER B 4 -13.06 29.73 -5.41
CA SER B 4 -11.63 29.99 -5.20
C SER B 4 -10.84 30.04 -6.54
N THR B 5 -11.45 29.49 -7.61
CA THR B 5 -10.93 29.53 -9.01
C THR B 5 -9.65 28.67 -9.21
N ILE B 6 -9.34 28.28 -10.49
CA ILE B 6 -8.26 27.33 -10.81
C ILE B 6 -7.48 27.79 -12.07
N ALA B 7 -6.41 27.05 -12.39
CA ALA B 7 -5.63 27.22 -13.62
C ALA B 7 -5.02 25.86 -14.03
N LEU B 8 -4.98 25.57 -15.34
CA LEU B 8 -4.53 24.27 -15.90
C LEU B 8 -3.01 24.17 -15.83
N ALA B 9 -2.50 22.96 -15.54
CA ALA B 9 -1.06 22.67 -15.61
C ALA B 9 -0.56 22.88 -17.05
N LEU B 10 -1.02 21.99 -17.96
CA LEU B 10 -0.63 21.92 -19.38
C LEU B 10 0.91 21.86 -19.52
N LEU B 11 1.41 20.64 -19.77
CA LEU B 11 2.83 20.33 -19.92
C LEU B 11 3.50 21.31 -20.93
N PRO B 12 4.55 22.08 -20.48
CA PRO B 12 4.97 23.38 -21.07
C PRO B 12 5.25 23.34 -22.59
N LEU B 13 4.74 24.36 -23.29
CA LEU B 13 4.91 24.57 -24.76
C LEU B 13 4.89 26.08 -25.05
N LEU B 14 3.89 26.77 -24.47
CA LEU B 14 3.70 28.23 -24.62
C LEU B 14 2.91 28.78 -23.43
N PHE B 15 2.97 30.11 -23.22
CA PHE B 15 2.14 30.82 -22.21
C PHE B 15 1.94 32.29 -22.63
N THR B 16 0.67 32.65 -22.87
CA THR B 16 0.20 34.01 -23.18
C THR B 16 -1.22 34.19 -22.57
N PRO B 17 -1.79 35.44 -22.54
CA PRO B 17 -3.24 35.65 -22.29
C PRO B 17 -4.01 36.03 -23.59
N VAL B 18 -3.45 35.65 -24.76
CA VAL B 18 -3.85 36.21 -26.08
C VAL B 18 -5.29 35.87 -26.53
N THR B 19 -5.56 34.59 -26.82
CA THR B 19 -6.74 34.18 -27.59
C THR B 19 -7.96 33.98 -26.68
N LYS B 20 -7.78 33.12 -25.63
CA LYS B 20 -8.87 32.63 -24.74
C LYS B 20 -9.79 31.66 -25.49
N ALA B 21 -10.82 31.10 -24.81
CA ALA B 21 -11.80 30.15 -25.43
C ALA B 21 -12.88 29.68 -24.44
N ARG B 22 -14.05 29.35 -25.00
CA ARG B 22 -15.17 28.71 -24.26
C ARG B 22 -15.84 27.69 -25.19
N THR B 23 -15.61 26.37 -25.01
CA THR B 23 -16.40 25.30 -25.68
C THR B 23 -16.73 24.10 -24.73
N PRO B 24 -17.32 24.35 -23.52
CA PRO B 24 -17.72 23.27 -22.59
C PRO B 24 -19.23 22.95 -22.62
N GLU B 25 -19.97 23.67 -23.48
CA GLU B 25 -21.45 23.70 -23.45
C GLU B 25 -22.07 22.41 -24.03
N MET B 26 -21.28 21.68 -24.84
CA MET B 26 -21.77 20.53 -25.63
C MET B 26 -20.60 19.72 -26.29
N PRO B 27 -19.60 20.36 -27.04
CA PRO B 27 -18.58 19.60 -27.83
C PRO B 27 -17.51 18.85 -26.98
N VAL B 28 -17.70 18.77 -25.65
CA VAL B 28 -16.94 17.85 -24.80
C VAL B 28 -17.37 16.39 -25.10
N LEU B 29 -16.42 15.44 -25.08
CA LEU B 29 -16.65 14.04 -25.52
C LEU B 29 -15.88 13.06 -24.61
N GLU B 30 -16.22 11.77 -24.72
CA GLU B 30 -15.52 10.66 -24.04
C GLU B 30 -14.19 10.37 -24.75
N ASN B 31 -13.25 9.79 -24.00
CA ASN B 31 -11.88 9.51 -24.46
C ASN B 31 -11.52 8.05 -24.16
N ARG B 32 -10.39 7.59 -24.74
CA ARG B 32 -9.79 6.26 -24.49
C ARG B 32 -9.26 6.08 -23.03
N ALA B 33 -9.41 7.16 -22.20
CA ALA B 33 -8.77 7.36 -20.89
C ALA B 33 -7.31 7.73 -21.11
N ALA B 34 -6.92 8.94 -20.67
CA ALA B 34 -5.55 9.43 -20.78
C ALA B 34 -4.60 8.56 -19.93
N GLN B 35 -3.93 7.63 -20.61
CA GLN B 35 -2.99 6.67 -20.00
C GLN B 35 -1.58 7.28 -19.90
N GLY B 36 -0.68 6.59 -19.18
CA GLY B 36 0.71 7.02 -18.99
C GLY B 36 1.70 5.89 -19.25
N ASP B 37 2.99 6.22 -19.12
CA ASP B 37 4.09 5.27 -19.32
C ASP B 37 4.22 4.33 -18.11
N ILE B 38 4.34 4.94 -16.89
CA ILE B 38 4.23 4.26 -15.57
C ILE B 38 5.51 3.44 -15.20
N THR B 39 5.87 2.45 -16.03
CA THR B 39 6.97 1.48 -15.74
C THR B 39 8.34 2.17 -15.54
N ALA B 40 8.90 2.78 -16.61
CA ALA B 40 10.27 3.39 -16.57
C ALA B 40 10.23 4.94 -16.69
N PRO B 41 9.58 5.58 -17.73
CA PRO B 41 9.42 7.06 -17.75
C PRO B 41 8.37 7.54 -16.71
N GLY B 42 8.88 8.17 -15.64
CA GLY B 42 8.04 8.68 -14.55
C GLY B 42 8.84 9.61 -13.65
N GLY B 43 8.85 9.32 -12.34
CA GLY B 43 9.58 10.11 -11.36
C GLY B 43 9.84 9.34 -10.07
N ALA B 44 9.98 10.08 -8.96
CA ALA B 44 10.38 9.55 -7.65
C ALA B 44 11.77 8.90 -7.75
N ARG B 45 12.82 9.75 -7.59
CA ARG B 45 14.24 9.38 -7.82
C ARG B 45 14.43 9.06 -9.33
N ARG B 46 15.28 8.05 -9.66
CA ARG B 46 15.51 7.59 -11.06
C ARG B 46 16.32 8.63 -11.85
N LEU B 47 17.63 8.36 -12.05
CA LEU B 47 18.54 9.15 -12.92
C LEU B 47 18.66 10.61 -12.44
N THR B 48 18.41 10.79 -11.15
CA THR B 48 18.47 12.10 -10.47
C THR B 48 19.93 12.43 -10.14
N GLY B 49 20.65 11.41 -9.68
CA GLY B 49 22.08 11.48 -9.40
C GLY B 49 22.68 10.10 -9.33
N ASP B 50 22.09 9.19 -10.12
CA ASP B 50 22.31 7.74 -10.04
C ASP B 50 23.54 7.29 -10.86
N GLN B 51 24.21 8.24 -11.56
CA GLN B 51 25.32 7.92 -12.47
C GLN B 51 26.64 8.57 -12.00
N THR B 52 26.69 9.92 -11.96
CA THR B 52 27.92 10.67 -11.66
C THR B 52 27.85 11.35 -10.28
N ALA B 53 26.71 11.99 -9.98
CA ALA B 53 26.55 12.87 -8.79
C ALA B 53 26.83 12.11 -7.48
N ALA B 54 26.13 10.99 -7.27
CA ALA B 54 26.34 10.10 -6.10
C ALA B 54 27.20 8.88 -6.51
N LEU B 55 27.66 8.88 -7.79
CA LEU B 55 28.33 7.73 -8.46
C LEU B 55 27.33 6.56 -8.64
N ARG B 56 27.83 5.36 -9.00
CA ARG B 56 27.01 4.14 -9.12
C ARG B 56 27.42 3.15 -8.04
N ASP B 57 26.52 2.98 -7.03
CA ASP B 57 26.66 1.99 -5.93
C ASP B 57 27.88 2.37 -5.03
N SER B 58 28.20 1.53 -4.03
CA SER B 58 29.34 1.75 -3.14
C SER B 58 30.00 0.39 -2.79
N LEU B 59 30.08 -0.51 -3.79
CA LEU B 59 30.69 -1.85 -3.64
C LEU B 59 32.18 -1.74 -3.21
N SER B 60 32.43 -1.96 -1.91
CA SER B 60 33.76 -1.84 -1.32
C SER B 60 34.47 -3.19 -1.35
N ASP B 61 35.11 -3.48 -2.51
CA ASP B 61 36.03 -4.60 -2.69
C ASP B 61 35.31 -5.97 -2.47
N LYS B 62 35.39 -6.51 -1.22
CA LYS B 62 34.86 -7.82 -0.79
C LYS B 62 35.57 -8.16 0.54
N PRO B 63 35.00 -7.77 1.72
CA PRO B 63 35.61 -8.07 3.04
C PRO B 63 35.59 -9.57 3.40
N ALA B 64 34.50 -10.25 3.01
CA ALA B 64 34.23 -11.66 3.38
C ALA B 64 34.65 -12.62 2.26
N LYS B 65 35.79 -13.31 2.46
CA LYS B 65 36.24 -14.42 1.59
C LYS B 65 35.68 -15.73 2.22
N ASN B 66 34.35 -15.90 2.13
CA ASN B 66 33.65 -17.06 2.71
C ASN B 66 32.77 -17.73 1.65
N ILE B 67 32.50 -19.03 1.86
CA ILE B 67 31.62 -19.84 1.00
C ILE B 67 30.52 -20.46 1.87
N ILE B 68 29.27 -20.53 1.35
CA ILE B 68 28.13 -21.15 2.04
C ILE B 68 28.40 -22.67 2.21
N LEU B 69 28.79 -23.06 3.44
CA LEU B 69 29.07 -24.47 3.79
C LEU B 69 27.77 -25.28 3.76
N LEU B 70 26.81 -24.89 4.61
CA LEU B 70 25.52 -25.59 4.76
C LEU B 70 24.50 -24.68 5.44
N ILE B 71 23.22 -24.85 5.06
CA ILE B 71 22.08 -24.15 5.69
C ILE B 71 21.82 -24.73 7.11
N GLY B 72 21.62 -23.82 8.09
CA GLY B 72 21.39 -24.20 9.48
C GLY B 72 19.93 -24.57 9.74
N ASP B 73 19.71 -25.69 10.48
CA ASP B 73 18.37 -26.20 10.89
C ASP B 73 17.59 -26.74 9.66
N GLY B 74 16.39 -27.33 9.88
CA GLY B 74 15.55 -27.86 8.80
C GLY B 74 14.13 -27.28 8.82
N MET B 75 13.16 -28.09 9.32
CA MET B 75 11.69 -27.80 9.28
C MET B 75 11.21 -27.71 7.82
N GLY B 76 11.34 -26.51 7.19
CA GLY B 76 11.02 -26.31 5.77
C GLY B 76 9.57 -26.60 5.40
N ASP B 77 9.30 -27.90 5.11
CA ASP B 77 7.99 -28.40 4.66
C ASP B 77 7.07 -28.80 5.84
N SER B 78 7.36 -28.22 7.04
CA SER B 78 6.79 -28.61 8.36
C SER B 78 7.43 -29.91 8.89
N GLU B 79 8.38 -30.49 8.12
CA GLU B 79 9.18 -31.68 8.48
C GLU B 79 8.26 -32.87 8.89
N ILE B 80 7.21 -33.08 8.06
CA ILE B 80 6.13 -34.11 8.23
C ILE B 80 5.51 -34.17 9.66
N THR B 81 5.73 -33.12 10.48
CA THR B 81 5.23 -33.05 11.87
C THR B 81 3.71 -32.74 11.89
N ALA B 82 3.25 -32.06 10.82
CA ALA B 82 1.82 -31.81 10.57
C ALA B 82 1.10 -33.13 10.17
N ALA B 83 1.85 -34.04 9.52
CA ALA B 83 1.33 -35.36 9.10
C ALA B 83 1.27 -36.32 10.31
N ARG B 84 0.06 -36.80 10.65
CA ARG B 84 -0.18 -37.72 11.80
C ARG B 84 -0.14 -39.20 11.34
N ASN B 85 0.76 -39.50 10.37
CA ASN B 85 0.89 -40.82 9.71
C ASN B 85 -0.41 -41.22 8.98
N TYR B 86 -1.43 -41.71 9.74
CA TYR B 86 -2.71 -42.19 9.18
C TYR B 86 -3.45 -41.04 8.45
N ALA B 87 -3.99 -40.09 9.25
CA ALA B 87 -4.76 -38.93 8.79
C ALA B 87 -5.28 -38.18 10.02
N GLU B 88 -6.28 -38.81 10.68
CA GLU B 88 -6.97 -38.25 11.84
C GLU B 88 -6.43 -38.94 13.11
N GLY B 89 -6.89 -40.18 13.38
CA GLY B 89 -6.45 -40.95 14.54
C GLY B 89 -7.56 -41.82 15.11
N ALA B 90 -8.30 -41.27 16.11
CA ALA B 90 -9.34 -42.01 16.85
C ALA B 90 -10.29 -41.02 17.58
N GLY B 91 -10.45 -39.84 16.98
CA GLY B 91 -11.22 -38.73 17.57
C GLY B 91 -10.49 -38.07 18.74
N GLY B 92 -10.55 -38.73 19.89
CA GLY B 92 -9.93 -38.24 21.11
C GLY B 92 -10.06 -39.24 22.24
N PHE B 93 -10.07 -38.75 23.48
CA PHE B 93 -10.23 -39.58 24.69
C PHE B 93 -11.71 -39.66 25.12
N PHE B 94 -12.56 -38.71 24.65
CA PHE B 94 -13.98 -38.67 25.03
C PHE B 94 -14.67 -40.00 24.69
N LYS B 95 -14.72 -40.36 23.39
CA LYS B 95 -15.45 -41.54 22.87
C LYS B 95 -16.97 -41.38 23.20
N GLY B 96 -17.32 -41.66 24.48
CA GLY B 96 -18.65 -41.43 25.03
C GLY B 96 -18.63 -41.63 26.53
N ILE B 97 -17.57 -41.10 27.20
CA ILE B 97 -17.32 -41.33 28.64
C ILE B 97 -18.34 -40.60 29.53
N ASP B 98 -18.83 -39.44 29.06
CA ASP B 98 -19.69 -38.55 29.86
C ASP B 98 -20.70 -37.83 28.94
N ALA B 99 -21.18 -36.63 29.33
CA ALA B 99 -22.23 -35.85 28.63
C ALA B 99 -23.63 -36.51 28.74
N LEU B 100 -23.83 -37.33 29.80
CA LEU B 100 -25.16 -37.83 30.20
C LEU B 100 -26.12 -36.64 30.52
N PRO B 101 -25.70 -35.58 31.32
CA PRO B 101 -26.58 -34.40 31.59
C PRO B 101 -26.87 -33.54 30.34
N LEU B 102 -26.19 -33.89 29.21
CA LEU B 102 -26.40 -33.31 27.86
C LEU B 102 -25.87 -31.86 27.79
N THR B 103 -26.57 -30.96 28.48
CA THR B 103 -26.15 -29.56 28.70
C THR B 103 -25.26 -29.46 29.96
N GLY B 104 -25.70 -30.10 31.06
CA GLY B 104 -24.98 -30.08 32.34
C GLY B 104 -25.02 -28.73 33.08
N GLN B 105 -25.90 -27.81 32.64
CA GLN B 105 -25.97 -26.46 33.21
C GLN B 105 -27.30 -25.76 32.85
N TYR B 106 -27.53 -25.53 31.55
CA TYR B 106 -28.67 -24.72 31.07
C TYR B 106 -29.88 -25.61 30.73
N THR B 107 -30.92 -25.58 31.57
CA THR B 107 -32.17 -26.31 31.36
C THR B 107 -33.34 -25.37 31.71
N HIS B 108 -33.40 -24.99 33.01
CA HIS B 108 -34.33 -23.99 33.59
C HIS B 108 -35.82 -24.36 33.37
N TYR B 109 -36.34 -24.14 32.14
CA TYR B 109 -37.70 -24.56 31.74
C TYR B 109 -37.61 -25.33 30.42
N ALA B 110 -37.18 -24.63 29.36
CA ALA B 110 -37.00 -25.20 28.00
C ALA B 110 -35.67 -24.71 27.39
N LEU B 111 -34.78 -25.64 27.03
CA LEU B 111 -33.46 -25.32 26.47
C LEU B 111 -33.03 -26.46 25.53
N ASN B 112 -32.21 -26.13 24.52
CA ASN B 112 -31.68 -27.13 23.56
C ASN B 112 -30.58 -27.96 24.23
N LYS B 113 -30.86 -29.26 24.42
CA LYS B 113 -29.88 -30.24 24.97
C LYS B 113 -28.82 -30.61 23.90
N LYS B 114 -28.07 -31.69 24.15
CA LYS B 114 -26.98 -32.15 23.25
C LYS B 114 -27.51 -32.43 21.82
N THR B 115 -28.75 -32.96 21.76
CA THR B 115 -29.47 -33.39 20.55
C THR B 115 -28.75 -34.59 19.90
N GLY B 116 -27.63 -34.30 19.24
CA GLY B 116 -26.72 -35.29 18.70
C GLY B 116 -25.37 -34.67 18.43
N LYS B 117 -24.39 -35.51 18.03
CA LYS B 117 -22.98 -35.10 17.79
C LYS B 117 -22.27 -34.71 19.14
N PRO B 118 -20.99 -35.16 19.38
CA PRO B 118 -20.15 -34.66 20.52
C PRO B 118 -19.77 -33.18 20.33
N ASP B 119 -20.79 -32.31 20.53
CA ASP B 119 -20.75 -30.86 20.22
C ASP B 119 -20.38 -30.62 18.75
N TYR B 120 -19.08 -30.44 18.47
CA TYR B 120 -18.57 -30.09 17.13
C TYR B 120 -17.94 -31.32 16.46
N VAL B 121 -17.56 -32.33 17.28
CA VAL B 121 -16.82 -33.57 16.93
C VAL B 121 -15.50 -33.33 16.14
N THR B 122 -15.59 -32.86 14.87
CA THR B 122 -14.44 -32.69 13.96
C THR B 122 -13.34 -31.79 14.58
N ASP B 123 -12.33 -32.45 15.17
CA ASP B 123 -11.10 -31.79 15.67
C ASP B 123 -9.97 -31.96 14.63
N SER B 124 -10.31 -32.56 13.47
CA SER B 124 -9.47 -32.67 12.27
C SER B 124 -8.17 -33.47 12.55
N ALA B 125 -7.01 -32.78 12.74
CA ALA B 125 -5.72 -33.47 12.85
C ALA B 125 -4.61 -32.57 13.45
N ALA B 126 -4.33 -31.43 12.81
CA ALA B 126 -3.19 -30.54 13.18
C ALA B 126 -3.45 -29.81 14.51
N SER B 127 -2.35 -29.28 15.10
CA SER B 127 -2.36 -28.48 16.35
C SER B 127 -2.81 -29.32 17.58
N ALA B 128 -2.95 -28.64 18.74
CA ALA B 128 -3.38 -29.22 20.03
C ALA B 128 -2.34 -30.23 20.57
N THR B 129 -2.17 -31.39 19.91
CA THR B 129 -1.03 -32.31 20.14
C THR B 129 0.28 -31.64 19.65
N ALA B 130 0.17 -30.94 18.49
CA ALA B 130 1.23 -30.05 17.97
C ALA B 130 1.17 -28.69 18.71
N TRP B 131 1.84 -27.64 18.16
CA TRP B 131 2.14 -26.36 18.86
C TRP B 131 3.18 -26.59 19.97
N SER B 132 4.01 -27.62 19.75
CA SER B 132 5.17 -27.94 20.56
C SER B 132 6.14 -28.73 19.66
N THR B 133 5.91 -30.07 19.54
CA THR B 133 6.60 -30.93 18.56
C THR B 133 5.68 -32.13 18.25
N GLY B 134 5.75 -33.19 19.10
CA GLY B 134 4.92 -34.39 18.96
C GLY B 134 4.67 -35.03 20.32
N VAL B 135 4.48 -34.14 21.32
CA VAL B 135 4.36 -34.51 22.74
C VAL B 135 3.65 -33.37 23.49
N LYS B 136 3.08 -33.65 24.66
CA LYS B 136 2.36 -32.64 25.47
C LYS B 136 2.84 -32.68 26.94
N THR B 137 2.30 -31.76 27.76
CA THR B 137 2.66 -31.56 29.16
C THR B 137 2.51 -32.85 30.02
N TYR B 138 3.64 -33.59 30.11
CA TYR B 138 3.82 -34.77 30.97
C TYR B 138 3.08 -36.02 30.44
N ASN B 139 1.73 -36.04 30.58
CA ASN B 139 0.84 -37.16 30.17
C ASN B 139 1.02 -38.40 31.08
N GLY B 140 -0.06 -39.22 31.15
CA GLY B 140 -0.11 -40.40 32.02
C GLY B 140 -0.68 -40.09 33.39
N ALA B 141 -0.97 -38.80 33.63
CA ALA B 141 -1.50 -38.30 34.92
C ALA B 141 -3.05 -38.28 34.91
N LEU B 142 -3.65 -38.70 33.78
CA LEU B 142 -5.11 -38.82 33.62
C LEU B 142 -5.56 -40.14 34.29
N GLY B 143 -6.26 -40.02 35.43
CA GLY B 143 -6.85 -41.16 36.13
C GLY B 143 -8.37 -41.18 36.01
N VAL B 144 -8.98 -39.97 35.99
CA VAL B 144 -10.44 -39.78 35.89
C VAL B 144 -10.83 -39.33 34.48
N ASP B 145 -11.83 -40.00 33.89
CA ASP B 145 -12.39 -39.65 32.57
C ASP B 145 -13.63 -38.74 32.72
N ILE B 146 -14.44 -39.01 33.78
CA ILE B 146 -15.68 -38.27 34.06
C ILE B 146 -15.40 -36.78 34.34
N HIS B 147 -16.12 -35.89 33.62
CA HIS B 147 -16.09 -34.40 33.79
C HIS B 147 -14.70 -33.77 33.54
N GLU B 148 -13.71 -34.59 33.12
CA GLU B 148 -12.30 -34.18 33.01
C GLU B 148 -11.99 -33.67 31.58
N LYS B 149 -10.85 -32.97 31.43
CA LYS B 149 -10.49 -32.28 30.20
C LYS B 149 -9.99 -33.24 29.11
N ASP B 150 -10.91 -33.61 28.21
CA ASP B 150 -10.59 -34.26 26.94
C ASP B 150 -10.24 -33.18 25.88
N HIS B 151 -9.24 -33.50 25.00
CA HIS B 151 -8.68 -32.59 23.96
C HIS B 151 -7.94 -31.38 24.57
N PRO B 152 -6.58 -31.26 24.33
CA PRO B 152 -5.85 -29.99 24.56
C PRO B 152 -6.23 -28.94 23.47
N THR B 153 -5.86 -27.66 23.69
CA THR B 153 -6.28 -26.56 22.79
C THR B 153 -5.39 -25.31 22.94
N ILE B 154 -4.85 -25.05 24.16
CA ILE B 154 -3.99 -23.87 24.41
C ILE B 154 -2.49 -24.24 24.25
N LEU B 155 -2.08 -24.37 22.97
CA LEU B 155 -0.68 -24.58 22.52
C LEU B 155 0.01 -25.76 23.24
N GLU B 156 0.60 -25.46 24.41
CA GLU B 156 1.36 -26.40 25.23
C GLU B 156 1.40 -25.84 26.66
N MET B 157 2.32 -24.86 26.86
CA MET B 157 2.56 -24.13 28.12
C MET B 157 3.89 -23.36 27.98
N ALA B 158 4.08 -22.41 28.91
CA ALA B 158 5.32 -21.63 29.03
C ALA B 158 5.34 -20.97 30.41
N LYS B 159 6.31 -20.08 30.64
CA LYS B 159 6.34 -19.19 31.82
C LYS B 159 5.89 -17.76 31.40
N ALA B 160 5.87 -17.51 30.06
CA ALA B 160 5.42 -16.24 29.47
C ALA B 160 4.87 -16.47 28.04
N ALA B 161 5.79 -16.69 27.07
CA ALA B 161 5.42 -16.97 25.66
C ALA B 161 6.57 -17.73 24.97
N GLY B 162 7.58 -16.99 24.49
CA GLY B 162 8.73 -17.59 23.77
C GLY B 162 8.40 -17.96 22.34
N LEU B 163 7.58 -19.04 22.20
CA LEU B 163 7.00 -19.51 20.92
C LEU B 163 8.09 -20.07 19.95
N ALA B 164 9.23 -20.52 20.52
CA ALA B 164 10.34 -21.10 19.72
C ALA B 164 10.18 -22.64 19.59
N THR B 165 10.93 -23.43 20.40
CA THR B 165 11.10 -24.90 20.23
C THR B 165 11.82 -25.24 18.89
N GLY B 166 11.12 -25.02 17.76
CA GLY B 166 11.71 -25.16 16.42
C GLY B 166 12.39 -23.88 15.94
N ASN B 167 12.74 -23.81 14.63
CA ASN B 167 13.30 -22.58 14.03
C ASN B 167 12.21 -21.50 13.91
N VAL B 168 10.93 -21.95 13.82
CA VAL B 168 9.70 -21.12 13.77
C VAL B 168 9.85 -19.84 12.92
N SER B 169 10.50 -20.00 11.75
CA SER B 169 10.79 -18.91 10.82
C SER B 169 9.49 -18.27 10.26
N THR B 170 8.44 -19.12 10.09
CA THR B 170 7.06 -18.69 9.76
C THR B 170 7.00 -17.89 8.44
N ALA B 171 6.83 -18.63 7.32
CA ALA B 171 6.78 -18.11 5.92
C ALA B 171 8.19 -17.76 5.38
N GLU B 172 9.18 -17.58 6.28
CA GLU B 172 10.58 -17.40 5.91
C GLU B 172 11.17 -18.75 5.46
N LEU B 173 11.30 -18.90 4.13
CA LEU B 173 12.09 -19.98 3.48
C LEU B 173 12.23 -19.62 2.00
N GLN B 174 11.11 -19.13 1.44
CA GLN B 174 11.00 -18.66 0.05
C GLN B 174 9.61 -18.01 -0.13
N ASP B 175 9.31 -17.62 -1.37
CA ASP B 175 7.96 -17.19 -1.76
C ASP B 175 7.00 -18.42 -1.79
N ALA B 176 7.04 -19.16 -2.91
CA ALA B 176 6.11 -20.26 -3.23
C ALA B 176 6.37 -20.70 -4.67
N THR B 177 6.56 -19.69 -5.54
CA THR B 177 7.00 -19.86 -6.94
C THR B 177 8.02 -18.73 -7.28
N PRO B 178 9.29 -18.83 -6.75
CA PRO B 178 10.32 -17.76 -6.93
C PRO B 178 10.89 -17.71 -8.37
N ALA B 179 11.65 -16.65 -8.67
CA ALA B 179 12.33 -16.46 -9.97
C ALA B 179 13.86 -16.39 -9.74
N ALA B 180 14.32 -16.93 -8.58
CA ALA B 180 15.66 -16.68 -8.01
C ALA B 180 15.88 -15.17 -7.76
N LEU B 181 16.19 -14.41 -8.84
CA LEU B 181 16.31 -12.94 -8.79
C LEU B 181 16.27 -12.37 -10.22
N VAL B 182 15.59 -13.12 -11.11
CA VAL B 182 15.50 -12.83 -12.56
C VAL B 182 14.38 -11.82 -12.84
N ALA B 183 14.60 -10.97 -13.87
CA ALA B 183 13.63 -9.93 -14.29
C ALA B 183 13.43 -9.91 -15.81
N HIS B 184 14.32 -10.61 -16.57
CA HIS B 184 14.34 -10.61 -18.05
C HIS B 184 14.42 -9.15 -18.56
N VAL B 185 13.69 -8.78 -19.61
CA VAL B 185 13.34 -7.38 -19.87
C VAL B 185 11.81 -7.26 -19.72
N THR B 186 11.39 -6.71 -18.57
CA THR B 186 9.97 -6.43 -18.22
C THR B 186 9.07 -7.70 -18.31
N SER B 187 9.05 -8.48 -17.22
CA SER B 187 8.29 -9.74 -17.09
C SER B 187 7.22 -9.64 -15.98
N ARG B 188 6.35 -10.66 -15.87
CA ARG B 188 5.26 -10.71 -14.88
C ARG B 188 5.16 -12.10 -14.22
N LYS B 189 4.65 -12.11 -12.96
CA LYS B 189 4.56 -13.30 -12.10
C LYS B 189 3.08 -13.64 -11.82
N CYS B 190 2.64 -14.82 -12.28
CA CYS B 190 1.30 -15.35 -12.01
C CYS B 190 1.37 -16.39 -10.88
N TYR B 191 0.26 -16.53 -10.12
CA TYR B 191 0.20 -17.44 -8.96
C TYR B 191 -1.26 -17.88 -8.72
N GLY B 192 -1.45 -19.18 -8.43
CA GLY B 192 -2.75 -19.74 -8.05
C GLY B 192 -2.90 -19.77 -6.52
N PRO B 193 -3.72 -18.86 -5.90
CA PRO B 193 -3.94 -18.87 -4.42
C PRO B 193 -4.76 -20.09 -3.94
N SER B 194 -4.60 -20.42 -2.65
CA SER B 194 -5.30 -21.55 -2.03
C SER B 194 -6.79 -21.23 -1.79
N ALA B 195 -7.62 -22.29 -1.81
CA ALA B 195 -9.08 -22.19 -1.62
C ALA B 195 -9.41 -21.67 -0.22
N THR B 196 -9.82 -20.38 -0.16
CA THR B 196 -10.18 -19.70 1.10
C THR B 196 -11.71 -19.62 1.23
N SER B 197 -12.26 -20.29 2.26
CA SER B 197 -13.69 -20.24 2.58
C SER B 197 -13.90 -19.42 3.86
N GLU B 198 -14.81 -18.44 3.80
CA GLU B 198 -15.20 -17.58 4.94
C GLU B 198 -13.97 -16.88 5.56
N LYS B 199 -13.39 -17.49 6.61
CA LYS B 199 -12.11 -17.07 7.23
C LYS B 199 -11.35 -18.35 7.57
N CYS B 200 -11.94 -19.15 8.48
CA CYS B 200 -11.46 -20.50 8.89
C CYS B 200 -12.64 -21.27 9.57
N PRO B 201 -13.66 -21.75 8.78
CA PRO B 201 -14.87 -22.41 9.34
C PRO B 201 -14.60 -23.88 9.75
N GLY B 202 -13.58 -24.49 9.13
CA GLY B 202 -13.22 -25.88 9.38
C GLY B 202 -12.31 -26.02 10.58
N ASN B 203 -12.92 -26.27 11.75
CA ASN B 203 -12.22 -26.55 13.04
C ASN B 203 -11.50 -25.28 13.61
N ALA B 204 -11.75 -24.13 12.97
CA ALA B 204 -11.29 -22.79 13.37
C ALA B 204 -9.74 -22.68 13.46
N LEU B 205 -9.16 -23.07 14.61
CA LEU B 205 -7.70 -22.91 14.88
C LEU B 205 -6.97 -24.26 14.89
N GLU B 206 -7.69 -25.34 14.49
CA GLU B 206 -7.20 -26.74 14.57
C GLU B 206 -7.08 -27.20 16.06
N LYS B 207 -7.85 -28.23 16.41
CA LYS B 207 -7.98 -28.75 17.78
C LYS B 207 -7.63 -30.26 17.84
N GLY B 208 -6.66 -30.69 16.99
CA GLY B 208 -6.30 -32.11 16.83
C GLY B 208 -5.64 -32.73 18.06
N GLY B 209 -6.47 -33.12 19.04
CA GLY B 209 -6.00 -33.64 20.33
C GLY B 209 -6.50 -35.05 20.60
N LYS B 210 -5.99 -36.00 19.81
CA LYS B 210 -6.45 -37.42 19.83
C LYS B 210 -5.96 -38.14 21.10
N GLY B 211 -4.82 -37.66 21.61
CA GLY B 211 -4.24 -38.15 22.86
C GLY B 211 -3.39 -37.06 23.49
N SER B 212 -2.60 -37.45 24.52
CA SER B 212 -1.72 -36.52 25.26
C SER B 212 -2.53 -35.36 25.90
N ILE B 213 -3.79 -35.66 26.28
CA ILE B 213 -4.70 -34.67 26.89
C ILE B 213 -4.19 -34.26 28.30
N THR B 214 -3.63 -35.28 29.01
CA THR B 214 -3.13 -35.20 30.40
C THR B 214 -4.24 -34.75 31.38
N GLU B 215 -4.52 -33.43 31.37
CA GLU B 215 -5.56 -32.75 32.19
C GLU B 215 -5.64 -31.26 31.76
N GLN B 216 -4.50 -30.74 31.21
CA GLN B 216 -4.35 -29.38 30.68
C GLN B 216 -4.54 -28.33 31.80
N LEU B 217 -3.47 -28.14 32.60
CA LEU B 217 -3.46 -27.25 33.79
C LEU B 217 -3.77 -25.77 33.44
N LEU B 218 -3.43 -25.34 32.22
CA LEU B 218 -3.66 -23.95 31.77
C LEU B 218 -5.18 -23.63 31.74
N ASN B 219 -5.98 -24.62 31.32
CA ASN B 219 -7.43 -24.44 31.11
C ASN B 219 -8.22 -25.09 32.26
N ALA B 220 -8.42 -24.30 33.34
CA ALA B 220 -9.35 -24.60 34.47
C ALA B 220 -8.85 -25.74 35.40
N ARG B 221 -7.60 -26.23 35.22
CA ARG B 221 -6.98 -27.23 36.16
C ARG B 221 -5.84 -26.59 36.99
N ALA B 222 -5.67 -25.26 36.84
CA ALA B 222 -4.70 -24.45 37.63
C ALA B 222 -5.07 -22.97 37.51
N ASP B 223 -5.32 -22.54 36.24
CA ASP B 223 -5.90 -21.21 35.85
C ASP B 223 -4.94 -20.00 36.07
N VAL B 224 -4.39 -19.85 37.29
CA VAL B 224 -3.42 -18.79 37.66
C VAL B 224 -2.07 -18.94 36.90
N THR B 225 -1.84 -20.12 36.31
CA THR B 225 -0.65 -20.41 35.48
C THR B 225 -0.64 -19.57 34.19
N LEU B 226 -0.07 -18.35 34.29
CA LEU B 226 0.12 -17.43 33.17
C LEU B 226 1.38 -17.85 32.40
N GLY B 227 1.17 -18.46 31.22
CA GLY B 227 2.26 -18.91 30.37
C GLY B 227 1.75 -19.41 29.03
N GLY B 228 1.15 -18.49 28.26
CA GLY B 228 0.66 -18.79 26.91
C GLY B 228 1.78 -18.86 25.91
N GLY B 229 2.34 -20.07 25.71
CA GLY B 229 3.48 -20.27 24.82
C GLY B 229 3.59 -21.69 24.28
N ALA B 230 4.47 -21.86 23.29
CA ALA B 230 4.68 -23.13 22.57
C ALA B 230 5.93 -23.86 23.13
N LYS B 231 5.79 -24.35 24.39
CA LYS B 231 6.77 -25.21 25.10
C LYS B 231 8.10 -24.47 25.43
N THR B 232 8.13 -23.15 25.24
CA THR B 232 9.35 -22.34 25.37
C THR B 232 9.47 -21.78 26.80
N PHE B 233 10.64 -21.19 27.15
CA PHE B 233 10.99 -20.82 28.53
C PHE B 233 10.13 -19.65 29.07
N ALA B 234 10.59 -18.38 28.93
CA ALA B 234 9.97 -17.24 29.64
C ALA B 234 10.09 -15.92 28.85
N GLU B 235 10.29 -16.02 27.53
CA GLU B 235 10.56 -14.87 26.67
C GLU B 235 9.26 -14.06 26.44
N THR B 236 9.31 -12.75 26.70
CA THR B 236 8.16 -11.85 26.57
C THR B 236 8.42 -10.83 25.43
N ALA B 237 9.20 -9.78 25.73
CA ALA B 237 9.41 -8.64 24.81
C ALA B 237 10.51 -8.95 23.78
N THR B 238 10.11 -9.54 22.65
CA THR B 238 10.99 -9.76 21.48
C THR B 238 11.22 -8.43 20.72
N ALA B 239 10.34 -7.45 21.01
CA ALA B 239 10.34 -6.11 20.39
C ALA B 239 11.64 -5.30 20.62
N GLY B 240 11.64 -4.05 20.12
CA GLY B 240 12.75 -3.13 20.24
C GLY B 240 12.47 -2.09 21.31
N GLU B 241 11.95 -0.92 20.88
CA GLU B 241 11.62 0.21 21.79
C GLU B 241 10.75 1.25 21.06
N TRP B 242 10.01 2.04 21.88
CA TRP B 242 9.18 3.18 21.41
C TRP B 242 8.66 3.99 22.61
N GLN B 243 7.74 3.40 23.38
CA GLN B 243 7.13 4.02 24.58
C GLN B 243 7.04 3.01 25.72
N GLY B 244 7.37 1.73 25.44
CA GLY B 244 7.45 0.69 26.47
C GLY B 244 6.95 -0.67 26.00
N LYS B 245 6.68 -1.54 26.98
CA LYS B 245 6.29 -2.94 26.77
C LYS B 245 5.76 -3.54 28.09
N THR B 246 4.58 -4.22 28.06
CA THR B 246 3.96 -4.84 29.28
C THR B 246 2.86 -5.89 28.92
N LEU B 247 2.72 -6.87 29.84
CA LEU B 247 1.52 -7.74 30.03
C LEU B 247 1.34 -8.86 28.97
N ARG B 248 0.65 -9.93 29.43
CA ARG B 248 0.38 -11.17 28.66
C ARG B 248 -0.75 -11.91 29.42
N GLU B 249 -1.91 -11.25 29.53
CA GLU B 249 -2.95 -11.65 30.51
C GLU B 249 -3.77 -12.88 30.08
N GLN B 250 -4.49 -13.46 31.06
CA GLN B 250 -5.13 -14.78 30.96
C GLN B 250 -6.69 -14.69 31.06
N ALA B 251 -7.34 -15.85 30.88
CA ALA B 251 -8.79 -16.04 31.02
C ALA B 251 -9.04 -17.36 31.76
N GLN B 252 -9.19 -17.26 33.10
CA GLN B 252 -9.24 -18.42 34.03
C GLN B 252 -10.38 -19.42 33.73
N ALA B 253 -11.50 -18.91 33.20
CA ALA B 253 -12.65 -19.76 32.77
C ALA B 253 -13.47 -19.04 31.67
N ARG B 254 -12.95 -17.89 31.19
CA ARG B 254 -13.67 -17.00 30.25
C ARG B 254 -13.54 -17.59 28.83
N GLY B 255 -14.63 -18.23 28.35
CA GLY B 255 -14.66 -18.88 27.04
C GLY B 255 -14.22 -20.34 27.12
N TYR B 256 -15.08 -21.18 27.71
CA TYR B 256 -14.77 -22.60 27.97
C TYR B 256 -16.08 -23.41 28.06
N GLN B 257 -17.03 -22.89 28.87
CA GLN B 257 -18.29 -23.58 29.26
C GLN B 257 -17.95 -24.84 30.09
N LEU B 258 -17.65 -25.95 29.39
CA LEU B 258 -17.20 -27.22 30.01
C LEU B 258 -16.45 -28.10 28.97
N VAL B 259 -16.48 -27.66 27.69
CA VAL B 259 -15.92 -28.43 26.56
C VAL B 259 -14.41 -28.14 26.36
N SER B 260 -14.07 -26.92 25.88
CA SER B 260 -12.69 -26.51 25.53
C SER B 260 -12.63 -24.99 25.33
N ASP B 261 -13.49 -24.51 24.42
CA ASP B 261 -13.43 -23.16 23.87
C ASP B 261 -14.87 -22.65 23.63
N ALA B 262 -15.52 -23.24 22.59
CA ALA B 262 -16.93 -22.94 22.20
C ALA B 262 -17.14 -21.48 21.71
N ALA B 263 -16.03 -20.73 21.55
CA ALA B 263 -16.06 -19.27 21.26
C ALA B 263 -15.60 -18.96 19.83
N SER B 264 -14.71 -19.80 19.29
CA SER B 264 -13.96 -19.54 18.05
C SER B 264 -14.85 -19.30 16.83
N LEU B 265 -15.82 -20.20 16.59
CA LEU B 265 -16.71 -20.13 15.39
C LEU B 265 -17.53 -18.82 15.34
N ASN B 266 -17.97 -18.37 16.53
CA ASN B 266 -18.70 -17.09 16.68
C ASN B 266 -17.78 -15.89 16.36
N SER B 267 -16.47 -16.09 16.60
CA SER B 267 -15.43 -15.05 16.42
C SER B 267 -14.83 -15.05 15.00
N VAL B 268 -14.86 -16.22 14.34
CA VAL B 268 -14.30 -16.41 12.99
C VAL B 268 -15.24 -15.83 11.93
N THR B 269 -16.53 -16.19 12.03
CA THR B 269 -17.58 -15.79 11.06
C THR B 269 -18.69 -14.97 11.76
N GLU B 270 -19.77 -14.68 11.00
CA GLU B 270 -21.03 -14.05 11.46
C GLU B 270 -20.92 -12.52 11.62
N ALA B 271 -19.90 -12.07 12.39
CA ALA B 271 -19.55 -10.65 12.60
C ALA B 271 -20.51 -9.88 13.55
N ASN B 272 -21.70 -10.46 13.86
CA ASN B 272 -22.69 -9.82 14.75
C ASN B 272 -23.85 -10.77 15.08
N GLN B 273 -24.93 -10.19 15.68
CA GLN B 273 -26.15 -10.88 16.14
C GLN B 273 -25.82 -11.72 17.40
N GLN B 274 -25.05 -11.08 18.31
CA GLN B 274 -24.56 -11.68 19.59
C GLN B 274 -23.63 -12.87 19.31
N LYS B 275 -24.24 -14.05 19.01
CA LYS B 275 -23.53 -15.32 18.80
C LYS B 275 -22.71 -15.69 20.06
N PRO B 276 -23.42 -16.13 21.15
CA PRO B 276 -22.76 -16.48 22.45
C PRO B 276 -21.78 -17.67 22.34
N LEU B 277 -20.84 -17.72 23.29
CA LEU B 277 -19.83 -18.80 23.41
C LEU B 277 -20.39 -20.00 24.23
N LEU B 278 -21.70 -20.25 24.04
CA LEU B 278 -22.49 -21.24 24.80
C LEU B 278 -21.99 -22.68 24.51
N GLY B 279 -21.91 -23.00 23.22
CA GLY B 279 -21.52 -24.32 22.75
C GLY B 279 -21.33 -24.30 21.25
N LEU B 280 -20.22 -23.65 20.81
CA LEU B 280 -19.79 -23.52 19.40
C LEU B 280 -20.71 -22.54 18.63
N PHE B 281 -22.00 -22.93 18.44
CA PHE B 281 -23.08 -22.05 17.90
C PHE B 281 -22.73 -21.51 16.48
N ALA B 282 -23.47 -20.46 16.02
CA ALA B 282 -23.14 -19.65 14.83
C ALA B 282 -23.48 -20.39 13.52
N ASP B 283 -22.65 -21.38 13.18
CA ASP B 283 -22.75 -22.14 11.93
C ASP B 283 -22.32 -23.61 12.14
N GLY B 284 -21.64 -23.88 13.28
CA GLY B 284 -21.02 -25.19 13.55
C GLY B 284 -22.02 -26.30 13.90
N ASN B 285 -22.30 -26.47 15.20
CA ASN B 285 -23.25 -27.53 15.68
C ASN B 285 -24.70 -27.00 15.66
N MET B 286 -24.86 -25.70 15.96
CA MET B 286 -26.17 -25.00 15.94
C MET B 286 -26.17 -24.00 14.78
N PRO B 287 -26.76 -24.37 13.59
CA PRO B 287 -26.92 -23.45 12.46
C PRO B 287 -28.07 -22.45 12.71
N VAL B 288 -27.76 -21.38 13.45
CA VAL B 288 -28.69 -20.26 13.68
C VAL B 288 -28.74 -19.39 12.41
N ARG B 289 -29.84 -18.61 12.24
CA ARG B 289 -29.96 -17.69 11.10
C ARG B 289 -28.88 -16.59 11.18
N TRP B 290 -28.22 -16.37 10.05
CA TRP B 290 -26.97 -15.58 9.98
C TRP B 290 -27.24 -14.06 9.83
N LEU B 291 -28.54 -13.68 9.89
CA LEU B 291 -29.04 -12.31 9.69
C LEU B 291 -28.92 -11.87 8.21
N GLY B 292 -27.68 -11.62 7.76
CA GLY B 292 -27.41 -11.08 6.42
C GLY B 292 -25.93 -11.16 6.02
N PRO B 293 -24.99 -10.48 6.76
CA PRO B 293 -23.54 -10.41 6.40
C PRO B 293 -22.87 -11.79 6.25
N LYS B 294 -23.10 -12.69 7.25
CA LYS B 294 -22.57 -14.08 7.31
C LYS B 294 -21.02 -14.10 7.24
N ALA B 295 -20.48 -13.99 6.00
CA ALA B 295 -19.01 -14.01 5.74
C ALA B 295 -18.35 -12.63 6.00
N THR B 296 -19.10 -11.71 6.66
CA THR B 296 -18.64 -10.37 7.10
C THR B 296 -18.63 -9.36 5.91
N TYR B 297 -19.62 -9.53 5.00
CA TYR B 297 -19.94 -8.57 3.91
C TYR B 297 -18.74 -8.33 2.95
N HIS B 298 -18.77 -9.01 1.78
CA HIS B 298 -17.76 -8.85 0.71
C HIS B 298 -18.49 -8.53 -0.60
N GLY B 299 -18.26 -7.31 -1.13
CA GLY B 299 -18.90 -6.89 -2.37
C GLY B 299 -18.23 -5.69 -3.02
N ASN B 300 -16.94 -5.45 -2.67
CA ASN B 300 -16.15 -4.32 -3.22
C ASN B 300 -15.94 -4.45 -4.73
N ILE B 301 -16.01 -5.72 -5.22
CA ILE B 301 -15.84 -6.10 -6.64
C ILE B 301 -14.35 -5.89 -7.07
N ASP B 302 -13.98 -4.62 -7.27
CA ASP B 302 -12.59 -4.18 -7.47
C ASP B 302 -12.59 -2.65 -7.52
N LYS B 303 -13.52 -2.10 -8.32
CA LYS B 303 -13.66 -0.67 -8.59
C LYS B 303 -14.88 -0.49 -9.52
N PRO B 304 -16.00 0.21 -9.05
CA PRO B 304 -17.23 0.39 -9.85
C PRO B 304 -16.96 1.06 -11.23
N ALA B 305 -15.98 1.97 -11.24
CA ALA B 305 -15.41 2.53 -12.48
C ALA B 305 -13.97 2.97 -12.18
N VAL B 306 -13.03 2.67 -13.10
CA VAL B 306 -11.58 2.83 -12.89
C VAL B 306 -11.22 4.28 -12.49
N THR B 307 -11.35 5.23 -13.43
CA THR B 307 -10.95 6.64 -13.22
C THR B 307 -11.85 7.59 -14.03
N CYS B 308 -11.80 7.42 -15.36
CA CYS B 308 -12.64 8.19 -16.31
C CYS B 308 -13.39 7.22 -17.22
N THR B 309 -13.81 6.08 -16.63
CA THR B 309 -14.58 5.05 -17.31
C THR B 309 -16.01 5.56 -17.72
N PRO B 310 -16.78 6.29 -16.82
CA PRO B 310 -18.04 6.94 -17.25
C PRO B 310 -17.82 8.41 -17.68
N ASN B 311 -18.79 8.94 -18.44
CA ASN B 311 -18.87 10.38 -18.73
C ASN B 311 -19.57 11.06 -17.52
N PRO B 312 -19.40 12.39 -17.28
CA PRO B 312 -20.17 13.11 -16.24
C PRO B 312 -21.65 13.27 -16.63
N GLN B 313 -22.57 12.82 -15.75
CA GLN B 313 -24.04 12.91 -15.97
C GLN B 313 -24.57 14.29 -15.50
N ARG B 314 -23.65 15.20 -15.06
CA ARG B 314 -23.98 16.53 -14.48
C ARG B 314 -24.82 16.36 -13.20
N ASN B 315 -25.47 17.45 -12.73
CA ASN B 315 -26.55 17.39 -11.71
C ASN B 315 -27.57 18.47 -12.00
N ASP B 316 -28.81 18.19 -11.59
CA ASP B 316 -29.94 19.11 -11.67
C ASP B 316 -30.58 19.17 -10.27
N SER B 317 -31.56 20.08 -10.07
CA SER B 317 -32.18 20.38 -8.76
C SER B 317 -31.12 20.76 -7.70
N VAL B 318 -30.28 21.74 -8.09
CA VAL B 318 -29.10 22.17 -7.31
C VAL B 318 -29.44 22.92 -5.96
N PRO B 319 -30.65 23.57 -5.74
CA PRO B 319 -31.07 24.03 -4.39
C PRO B 319 -31.06 22.87 -3.36
N THR B 320 -31.40 21.64 -3.84
CA THR B 320 -31.44 20.40 -3.04
C THR B 320 -32.50 20.50 -1.91
N LEU B 321 -32.16 21.19 -0.81
CA LEU B 321 -33.07 21.45 0.31
C LEU B 321 -33.53 22.93 0.21
N ALA B 322 -34.56 23.16 -0.62
CA ALA B 322 -35.17 24.50 -0.79
C ALA B 322 -36.18 24.79 0.34
N GLN B 323 -36.81 23.71 0.85
CA GLN B 323 -37.81 23.78 1.94
C GLN B 323 -37.34 22.96 3.15
N MET B 324 -36.82 23.67 4.16
CA MET B 324 -36.47 23.10 5.48
C MET B 324 -37.52 23.55 6.53
N THR B 325 -38.68 24.07 6.04
CA THR B 325 -39.75 24.68 6.86
C THR B 325 -39.22 25.93 7.61
N ASP B 326 -38.21 26.58 6.99
CA ASP B 326 -37.43 27.68 7.56
C ASP B 326 -36.62 27.19 8.78
N LYS B 327 -37.33 26.94 9.89
CA LYS B 327 -36.80 26.24 11.07
C LYS B 327 -37.00 24.73 10.85
N ALA B 328 -35.96 23.91 11.11
CA ALA B 328 -36.03 22.44 10.94
C ALA B 328 -37.04 21.84 11.93
N ILE B 329 -36.81 22.08 13.23
CA ILE B 329 -37.77 21.71 14.30
C ILE B 329 -38.10 22.98 15.09
N GLU B 330 -37.07 23.49 15.83
CA GLU B 330 -37.17 24.64 16.77
C GLU B 330 -37.94 24.31 18.08
N LEU B 331 -39.01 23.51 17.98
CA LEU B 331 -39.87 23.11 19.12
C LEU B 331 -39.07 22.45 20.26
N LEU B 332 -38.08 21.62 19.89
CA LEU B 332 -37.23 20.87 20.85
C LEU B 332 -36.22 21.77 21.60
N SER B 333 -36.06 23.03 21.15
CA SER B 333 -35.14 24.00 21.78
C SER B 333 -35.65 24.36 23.18
N LYS B 334 -34.88 23.94 24.20
CA LYS B 334 -35.18 24.18 25.63
C LYS B 334 -33.91 23.84 26.45
N ASN B 335 -34.09 23.50 27.75
CA ASN B 335 -33.02 23.06 28.68
C ASN B 335 -32.34 24.27 29.36
N GLU B 336 -31.97 25.30 28.56
CA GLU B 336 -31.21 26.49 29.02
C GLU B 336 -31.94 27.28 30.14
N LYS B 337 -33.28 27.12 30.19
CA LYS B 337 -34.17 27.78 31.16
C LYS B 337 -33.78 27.41 32.61
N GLY B 338 -33.39 26.13 32.84
CA GLY B 338 -32.93 25.69 34.17
C GLY B 338 -33.24 24.23 34.46
N PHE B 339 -33.19 23.38 33.42
CA PHE B 339 -33.48 21.94 33.54
C PHE B 339 -32.17 21.17 33.82
N PHE B 340 -31.83 21.01 35.11
CA PHE B 340 -30.61 20.32 35.56
C PHE B 340 -30.86 18.81 35.74
N LEU B 341 -29.77 18.06 36.03
CA LEU B 341 -29.77 16.59 36.16
C LEU B 341 -30.50 16.15 37.46
N GLN B 342 -31.71 15.62 37.30
CA GLN B 342 -32.58 15.18 38.42
C GLN B 342 -32.44 13.66 38.68
N VAL B 343 -32.35 12.87 37.58
CA VAL B 343 -32.31 11.39 37.65
C VAL B 343 -31.03 10.89 38.39
N GLU B 344 -29.98 11.73 38.38
CA GLU B 344 -28.70 11.44 39.05
C GLU B 344 -28.26 12.70 39.83
N GLY B 345 -27.65 12.50 41.02
CA GLY B 345 -27.18 13.61 41.86
C GLY B 345 -26.24 13.13 42.95
N ALA B 346 -24.93 13.42 42.79
CA ALA B 346 -23.86 13.12 43.79
C ALA B 346 -23.64 11.60 44.02
N SER B 347 -24.24 10.78 43.15
CA SER B 347 -24.18 9.31 43.24
C SER B 347 -23.10 8.74 42.26
N ILE B 348 -22.42 9.67 41.55
CA ILE B 348 -21.38 9.38 40.52
C ILE B 348 -22.02 8.72 39.27
N ASP B 349 -22.33 7.40 39.37
CA ASP B 349 -22.86 6.61 38.25
C ASP B 349 -24.32 7.00 37.95
N LYS B 350 -25.28 6.43 38.71
CA LYS B 350 -26.72 6.74 38.60
C LYS B 350 -27.32 6.79 40.01
N GLN B 351 -28.31 7.67 40.21
CA GLN B 351 -29.11 7.70 41.44
C GLN B 351 -30.42 6.93 41.16
N ASP B 352 -30.83 6.09 42.14
CA ASP B 352 -32.06 5.27 42.08
C ASP B 352 -31.87 4.05 41.15
N HIS B 353 -31.57 4.31 39.86
CA HIS B 353 -31.37 3.25 38.84
C HIS B 353 -29.92 2.72 38.84
N ALA B 354 -29.72 1.55 38.19
CA ALA B 354 -28.39 0.86 38.07
C ALA B 354 -27.85 0.37 39.43
N ALA B 355 -28.68 0.47 40.49
CA ALA B 355 -28.38 -0.06 41.84
C ALA B 355 -28.92 -1.50 42.01
N ASN B 356 -29.43 -2.04 40.90
CA ASN B 356 -30.05 -3.38 40.80
C ASN B 356 -29.03 -4.52 41.10
N PRO B 357 -27.77 -4.50 40.52
CA PRO B 357 -26.71 -5.47 40.92
C PRO B 357 -26.21 -5.26 42.37
N CYS B 358 -26.50 -4.05 42.92
CA CYS B 358 -26.11 -3.63 44.29
C CYS B 358 -24.58 -3.49 44.44
N GLY B 359 -23.88 -3.39 43.28
CA GLY B 359 -22.42 -3.42 43.24
C GLY B 359 -21.88 -4.77 43.67
N GLN B 360 -21.68 -4.92 45.00
CA GLN B 360 -21.28 -6.19 45.62
C GLN B 360 -22.52 -7.09 45.75
N ILE B 361 -22.72 -7.95 44.74
CA ILE B 361 -23.80 -8.94 44.70
C ILE B 361 -23.37 -10.26 45.42
N GLY B 362 -22.04 -10.44 45.56
CA GLY B 362 -21.45 -11.62 46.19
C GLY B 362 -20.58 -12.42 45.24
N GLU B 363 -20.64 -12.09 43.94
CA GLU B 363 -19.84 -12.75 42.89
C GLU B 363 -18.41 -12.17 42.89
N THR B 364 -17.48 -12.87 43.56
CA THR B 364 -16.09 -12.43 43.73
C THR B 364 -15.15 -13.22 42.79
N VAL B 365 -14.87 -12.66 41.60
CA VAL B 365 -13.92 -13.22 40.62
C VAL B 365 -12.60 -12.44 40.72
N ASP B 366 -12.70 -11.10 40.54
CA ASP B 366 -11.56 -10.16 40.64
C ASP B 366 -11.97 -9.02 41.60
N LEU B 367 -10.99 -8.32 42.19
CA LEU B 367 -11.21 -7.17 43.11
C LEU B 367 -10.72 -5.86 42.47
N ASP B 368 -10.62 -5.84 41.12
CA ASP B 368 -10.07 -4.70 40.33
C ASP B 368 -10.95 -3.42 40.35
N GLU B 369 -12.18 -3.55 40.87
CA GLU B 369 -13.13 -2.42 41.01
C GLU B 369 -13.08 -1.84 42.46
N ALA B 370 -12.06 -2.25 43.23
CA ALA B 370 -11.88 -1.76 44.62
C ALA B 370 -10.40 -1.68 45.03
N VAL B 371 -9.52 -2.46 44.37
CA VAL B 371 -8.13 -2.69 44.83
C VAL B 371 -7.29 -1.38 44.90
N GLN B 372 -7.01 -0.74 43.74
CA GLN B 372 -6.12 0.43 43.66
C GLN B 372 -6.12 0.96 42.21
N ARG B 373 -6.78 2.11 41.98
CA ARG B 373 -6.77 2.81 40.66
C ARG B 373 -6.19 4.23 40.78
N ALA B 374 -6.01 4.69 42.05
CA ALA B 374 -5.55 6.06 42.40
C ALA B 374 -6.64 7.12 42.19
N LEU B 375 -7.18 7.19 40.94
CA LEU B 375 -8.26 8.14 40.53
C LEU B 375 -7.71 9.59 40.34
N GLU B 376 -6.43 9.81 40.71
CA GLU B 376 -5.73 11.08 40.47
C GLU B 376 -5.46 11.25 38.97
N PHE B 377 -6.50 11.70 38.28
CA PHE B 377 -6.55 11.87 36.82
C PHE B 377 -7.72 12.78 36.49
N ALA B 378 -8.87 12.51 37.15
CA ALA B 378 -10.14 13.24 36.97
C ALA B 378 -10.01 14.77 37.19
N LYS B 379 -8.98 15.16 37.98
CA LYS B 379 -8.65 16.57 38.24
C LYS B 379 -8.17 17.26 36.94
N LYS B 380 -7.20 16.63 36.26
CA LYS B 380 -6.59 17.15 35.02
C LYS B 380 -7.43 16.75 33.78
N GLU B 381 -8.35 15.78 33.98
CA GLU B 381 -9.31 15.33 32.97
C GLU B 381 -10.40 16.40 32.78
N GLY B 382 -10.74 17.09 33.86
CA GLY B 382 -11.70 18.19 33.83
C GLY B 382 -11.12 19.44 33.18
N ASN B 383 -10.82 19.34 31.87
CA ASN B 383 -10.19 20.41 31.09
C ASN B 383 -11.20 21.52 30.83
N THR B 384 -12.42 21.10 30.41
CA THR B 384 -13.60 21.99 30.22
C THR B 384 -13.43 22.98 29.01
N LEU B 385 -12.29 22.86 28.31
CA LEU B 385 -11.96 23.74 27.16
C LEU B 385 -12.21 23.03 25.82
N VAL B 386 -12.24 23.85 24.74
CA VAL B 386 -12.49 23.40 23.35
C VAL B 386 -11.14 23.13 22.61
N ILE B 387 -10.12 22.78 23.43
CA ILE B 387 -8.69 22.65 23.06
C ILE B 387 -8.05 24.03 22.81
N VAL B 388 -8.52 24.73 21.74
CA VAL B 388 -8.03 26.08 21.29
C VAL B 388 -6.65 25.96 20.58
N THR B 389 -5.71 25.26 21.23
CA THR B 389 -4.36 24.90 20.72
C THR B 389 -3.34 26.07 20.81
N ALA B 390 -3.83 27.32 21.07
CA ALA B 390 -2.99 28.52 21.26
C ALA B 390 -2.03 28.73 20.06
N ASP B 391 -2.62 29.17 18.93
CA ASP B 391 -1.94 29.29 17.62
C ASP B 391 -1.59 27.91 17.04
N HIS B 392 -0.54 27.29 17.60
CA HIS B 392 -0.02 25.97 17.16
C HIS B 392 0.78 25.28 18.30
N ALA B 393 0.60 25.76 19.54
CA ALA B 393 1.34 25.28 20.72
C ALA B 393 0.95 23.82 21.06
N HIS B 394 -0.37 23.62 21.27
CA HIS B 394 -1.02 22.34 21.60
C HIS B 394 -0.63 21.85 23.01
N ALA B 395 0.64 21.41 23.16
CA ALA B 395 1.14 20.70 24.34
C ALA B 395 0.24 19.48 24.62
N SER B 396 -0.70 19.60 25.61
CA SER B 396 -1.69 18.54 25.98
C SER B 396 -1.06 17.23 26.53
N GLN B 397 0.25 17.03 26.28
CA GLN B 397 1.03 15.81 26.57
C GLN B 397 0.48 14.61 25.75
N ILE B 398 -0.73 14.16 26.11
CA ILE B 398 -1.49 13.13 25.35
C ILE B 398 -2.31 13.79 24.20
N VAL B 399 -2.63 13.03 23.14
CA VAL B 399 -3.31 13.56 21.94
C VAL B 399 -4.84 13.72 22.19
N ALA B 400 -5.36 12.92 23.15
CA ALA B 400 -6.79 12.90 23.53
C ALA B 400 -6.94 13.17 25.06
N PRO B 401 -6.92 14.49 25.51
CA PRO B 401 -7.13 14.85 26.92
C PRO B 401 -8.58 14.61 27.37
N ASP B 402 -9.55 15.18 26.60
CA ASP B 402 -11.01 14.98 26.77
C ASP B 402 -11.52 15.42 28.18
N THR B 403 -12.83 15.27 28.45
CA THR B 403 -13.42 15.48 29.78
C THR B 403 -14.63 14.51 29.95
N LYS B 404 -14.44 13.46 30.77
CA LYS B 404 -15.51 12.49 31.08
C LYS B 404 -16.38 13.01 32.23
N ALA B 405 -15.75 13.81 33.12
CA ALA B 405 -16.37 14.37 34.33
C ALA B 405 -17.72 15.10 34.02
N PRO B 406 -18.91 14.46 34.38
CA PRO B 406 -20.26 14.99 34.03
C PRO B 406 -20.66 16.25 34.83
N GLY B 407 -19.77 16.73 35.71
CA GLY B 407 -19.94 18.05 36.35
C GLY B 407 -19.65 19.19 35.39
N LEU B 408 -18.83 18.90 34.36
CA LEU B 408 -18.41 19.86 33.33
C LEU B 408 -19.14 19.57 32.00
N THR B 409 -20.35 18.96 32.11
CA THR B 409 -21.19 18.56 30.95
C THR B 409 -21.68 19.78 30.12
N GLN B 410 -21.76 20.95 30.80
CA GLN B 410 -22.30 22.22 30.26
C GLN B 410 -23.82 22.09 30.02
N ALA B 411 -24.19 21.42 28.90
CA ALA B 411 -25.60 21.09 28.53
C ALA B 411 -26.47 22.36 28.35
N LEU B 412 -26.88 22.96 29.48
CA LEU B 412 -27.69 24.20 29.52
C LEU B 412 -26.90 25.37 28.92
N ASN B 413 -25.58 25.38 29.22
CA ASN B 413 -24.63 26.34 28.65
C ASN B 413 -24.30 25.95 27.20
N THR B 414 -25.16 26.40 26.28
CA THR B 414 -24.98 26.23 24.84
C THR B 414 -24.39 27.53 24.25
N LYS B 415 -23.06 27.67 24.37
CA LYS B 415 -22.32 28.87 23.96
C LYS B 415 -21.09 28.48 23.14
N ASP B 416 -20.38 27.45 23.65
CA ASP B 416 -19.14 26.90 23.09
C ASP B 416 -17.95 27.87 23.29
N GLY B 417 -16.78 27.32 23.66
CA GLY B 417 -15.53 28.07 23.67
C GLY B 417 -15.13 28.47 22.25
N ALA B 418 -15.41 27.55 21.30
CA ALA B 418 -15.28 27.79 19.86
C ALA B 418 -16.48 27.13 19.15
N VAL B 419 -17.34 27.96 18.54
CA VAL B 419 -18.48 27.51 17.73
C VAL B 419 -17.96 26.74 16.49
N MET B 420 -18.68 25.63 16.12
CA MET B 420 -18.22 24.64 15.11
C MET B 420 -17.07 23.79 15.71
N VAL B 421 -16.90 22.56 15.21
CA VAL B 421 -15.93 21.60 15.77
C VAL B 421 -14.45 22.04 15.52
N MET B 422 -13.91 22.80 16.51
CA MET B 422 -12.46 23.06 16.61
C MET B 422 -11.73 21.73 16.84
N SER B 423 -12.25 20.97 17.83
CA SER B 423 -11.87 19.58 18.11
C SER B 423 -13.12 18.88 18.67
N TYR B 424 -13.66 19.45 19.77
CA TYR B 424 -14.93 19.04 20.37
C TYR B 424 -15.67 20.31 20.83
N GLY B 425 -16.75 20.65 20.10
CA GLY B 425 -17.57 21.82 20.40
C GLY B 425 -18.82 21.82 19.53
N ASN B 426 -19.90 22.44 20.05
CA ASN B 426 -21.23 22.52 19.40
C ASN B 426 -21.86 21.11 19.25
N SER B 427 -22.59 20.70 20.30
CA SER B 427 -23.21 19.37 20.39
C SER B 427 -24.45 19.27 19.47
N GLU B 428 -24.18 18.89 18.19
CA GLU B 428 -25.20 18.64 17.14
C GLU B 428 -26.12 19.86 16.88
N GLU B 429 -25.55 21.07 17.13
CA GLU B 429 -26.28 22.36 17.11
C GLU B 429 -27.39 22.37 18.19
N ASP B 430 -28.61 21.92 17.82
CA ASP B 430 -29.83 21.95 18.65
C ASP B 430 -31.00 21.41 17.81
N SER B 431 -31.66 22.30 17.03
CA SER B 431 -32.89 21.99 16.25
C SER B 431 -33.22 23.12 15.23
N GLN B 432 -32.29 24.08 15.03
CA GLN B 432 -32.53 25.28 14.19
C GLN B 432 -32.59 24.92 12.70
N GLU B 433 -31.58 24.15 12.26
CA GLU B 433 -31.45 23.69 10.88
C GLU B 433 -31.06 22.21 10.86
N HIS B 434 -30.12 21.82 11.77
CA HIS B 434 -29.65 20.42 11.94
C HIS B 434 -28.86 19.95 10.68
N THR B 435 -27.50 19.94 10.79
CA THR B 435 -26.59 19.77 9.63
C THR B 435 -26.66 18.34 9.02
N GLY B 436 -27.05 17.35 9.84
CA GLY B 436 -27.27 15.99 9.36
C GLY B 436 -28.44 15.91 8.40
N SER B 437 -28.14 15.99 7.08
CA SER B 437 -29.17 16.08 6.03
C SER B 437 -29.79 14.70 5.70
N GLN B 438 -29.17 13.91 4.79
CA GLN B 438 -29.71 12.59 4.38
C GLN B 438 -28.83 11.49 5.00
N LEU B 439 -27.61 11.28 4.39
CA LEU B 439 -26.50 10.43 4.93
C LEU B 439 -26.94 9.17 5.70
N ARG B 440 -27.91 8.44 5.12
CA ARG B 440 -28.62 7.33 5.83
C ARG B 440 -27.74 6.05 5.93
N ILE B 441 -26.54 6.10 5.32
CA ILE B 441 -25.46 5.09 5.45
C ILE B 441 -25.77 3.81 4.63
N ALA B 442 -26.57 2.89 5.22
CA ALA B 442 -26.94 1.57 4.61
C ALA B 442 -25.75 0.58 4.46
N ALA B 443 -24.54 0.97 4.93
CA ALA B 443 -23.33 0.12 4.90
C ALA B 443 -23.24 -0.74 6.17
N TYR B 444 -22.54 -1.90 6.04
CA TYR B 444 -22.41 -2.93 7.12
C TYR B 444 -23.77 -3.57 7.42
N GLY B 445 -24.58 -2.87 8.23
CA GLY B 445 -25.88 -3.35 8.65
C GLY B 445 -26.44 -2.48 9.77
N PRO B 446 -27.00 -1.26 9.44
CA PRO B 446 -27.66 -0.39 10.45
C PRO B 446 -29.08 -0.86 10.77
N HIS B 447 -29.50 -1.97 10.11
CA HIS B 447 -30.81 -2.61 10.29
C HIS B 447 -30.58 -4.07 10.70
N ALA B 448 -30.44 -4.29 12.01
CA ALA B 448 -30.18 -5.60 12.63
C ALA B 448 -31.24 -5.89 13.67
N ALA B 449 -32.03 -6.97 13.44
CA ALA B 449 -33.19 -7.35 14.27
C ALA B 449 -34.21 -6.19 14.33
N ASN B 450 -34.83 -5.93 13.16
CA ASN B 450 -35.75 -4.79 12.94
C ASN B 450 -37.01 -4.93 13.82
N VAL B 451 -37.86 -5.94 13.48
CA VAL B 451 -39.15 -6.23 14.16
C VAL B 451 -40.14 -5.05 14.04
N VAL B 452 -39.89 -3.96 14.80
CA VAL B 452 -40.62 -2.69 14.67
C VAL B 452 -39.98 -1.82 13.56
N GLY B 453 -40.62 -0.70 13.22
CA GLY B 453 -40.09 0.26 12.25
C GLY B 453 -40.53 1.67 12.60
N LEU B 454 -40.44 2.00 13.90
CA LEU B 454 -40.87 3.30 14.44
C LEU B 454 -39.97 3.70 15.61
N THR B 455 -39.31 4.86 15.46
CA THR B 455 -38.39 5.45 16.47
C THR B 455 -38.32 6.99 16.30
N ASP B 456 -39.27 7.52 15.50
CA ASP B 456 -39.23 8.88 14.95
C ASP B 456 -39.73 9.95 15.95
N GLN B 457 -40.49 9.49 16.98
CA GLN B 457 -41.06 10.37 18.01
C GLN B 457 -39.96 11.02 18.86
N THR B 458 -40.27 12.19 19.45
CA THR B 458 -39.34 12.98 20.29
C THR B 458 -38.79 12.20 21.49
N ASP B 459 -39.57 11.21 21.94
CA ASP B 459 -39.17 10.27 23.01
C ASP B 459 -37.94 9.45 22.59
N LEU B 460 -37.92 9.08 21.28
CA LEU B 460 -36.85 8.29 20.62
C LEU B 460 -36.81 6.85 21.18
N PHE B 461 -37.43 5.92 20.42
CA PHE B 461 -37.49 4.49 20.78
C PHE B 461 -36.13 3.81 20.48
N TYR B 462 -36.06 2.49 20.68
CA TYR B 462 -34.87 1.70 20.34
C TYR B 462 -34.81 1.51 18.81
N THR B 463 -33.87 2.22 18.16
CA THR B 463 -33.68 2.17 16.70
C THR B 463 -33.14 0.79 16.25
N MET B 464 -32.91 0.61 14.93
CA MET B 464 -32.63 -0.70 14.31
C MET B 464 -31.19 -1.20 14.55
N LYS B 465 -30.50 -0.67 15.57
CA LYS B 465 -29.21 -1.21 16.04
C LYS B 465 -29.47 -2.43 16.94
N ALA B 466 -28.63 -3.47 16.80
CA ALA B 466 -28.61 -4.62 17.72
C ALA B 466 -27.98 -4.21 19.06
N ALA B 467 -28.48 -4.83 20.17
CA ALA B 467 -28.04 -4.59 21.55
C ALA B 467 -28.54 -3.22 22.08
N LEU B 468 -29.47 -3.26 23.05
CA LEU B 468 -30.14 -2.10 23.67
C LEU B 468 -31.03 -1.37 22.62
N GLY B 469 -30.41 -0.65 21.68
CA GLY B 469 -31.12 -0.06 20.56
C GLY B 469 -30.58 1.29 20.18
N LEU B 470 -31.21 2.37 20.70
CA LEU B 470 -30.86 3.76 20.36
C LEU B 470 -29.42 4.09 20.80
N LYS B 471 -29.15 3.86 22.09
CA LYS B 471 -27.83 4.11 22.71
C LYS B 471 -26.90 2.93 22.37
N MET C 1 44.38 -7.77 -34.91
CA MET C 1 45.53 -8.58 -35.36
C MET C 1 45.67 -9.85 -34.51
N ALA C 2 44.59 -10.16 -33.72
CA ALA C 2 44.48 -11.37 -32.89
C ALA C 2 45.60 -11.49 -31.84
N ALA C 3 46.12 -10.33 -31.39
CA ALA C 3 47.19 -10.25 -30.37
C ALA C 3 46.61 -10.57 -28.99
N LYS C 4 46.38 -11.89 -28.76
CA LYS C 4 45.79 -12.47 -27.55
C LYS C 4 46.20 -11.77 -26.26
N LYS C 5 45.33 -10.91 -25.72
CA LYS C 5 45.45 -10.42 -24.34
C LYS C 5 45.06 -11.56 -23.42
N ASP C 6 46.07 -12.25 -22.89
CA ASP C 6 45.87 -13.35 -21.94
C ASP C 6 45.40 -12.74 -20.62
N TYR C 7 44.07 -12.67 -20.49
CA TYR C 7 43.39 -11.94 -19.41
C TYR C 7 43.79 -12.45 -18.01
N TYR C 8 44.13 -13.74 -17.96
CA TYR C 8 44.61 -14.40 -16.74
C TYR C 8 45.98 -13.85 -16.35
N ALA C 9 46.90 -13.78 -17.34
CA ALA C 9 48.26 -13.24 -17.13
C ALA C 9 48.21 -11.76 -16.69
N ILE C 10 47.26 -11.00 -17.28
CA ILE C 10 47.02 -9.59 -16.94
C ILE C 10 46.57 -9.48 -15.46
N LEU C 11 45.74 -10.44 -15.01
CA LEU C 11 45.28 -10.51 -13.59
C LEU C 11 46.34 -11.16 -12.66
N GLY C 12 47.43 -11.72 -13.24
CA GLY C 12 48.50 -12.36 -12.45
C GLY C 12 48.11 -13.73 -11.90
N VAL C 13 47.32 -14.48 -12.69
CA VAL C 13 46.87 -15.86 -12.37
C VAL C 13 47.07 -16.76 -13.62
N PRO C 14 47.20 -18.11 -13.44
CA PRO C 14 47.27 -19.06 -14.59
C PRO C 14 45.86 -19.40 -15.15
N ARG C 15 45.82 -19.81 -16.44
CA ARG C 15 44.59 -20.29 -17.12
C ARG C 15 44.15 -21.63 -16.51
N ASN C 16 43.55 -21.56 -15.31
CA ASN C 16 43.13 -22.73 -14.51
C ASN C 16 42.44 -22.23 -13.24
N ALA C 17 42.89 -21.06 -12.75
CA ALA C 17 42.30 -20.41 -11.57
C ALA C 17 40.82 -20.06 -11.83
N THR C 18 39.94 -20.36 -10.85
CA THR C 18 38.48 -20.17 -11.00
C THR C 18 38.10 -18.67 -10.99
N GLN C 19 36.80 -18.38 -11.25
CA GLN C 19 36.26 -17.01 -11.37
C GLN C 19 36.46 -16.24 -10.04
N GLU C 20 36.27 -16.93 -8.92
CA GLU C 20 36.44 -16.35 -7.56
C GLU C 20 37.93 -15.99 -7.32
N GLU C 21 38.85 -16.80 -7.86
CA GLU C 21 40.31 -16.54 -7.78
C GLU C 21 40.70 -15.34 -8.67
N ILE C 22 40.03 -15.26 -9.83
CA ILE C 22 40.14 -14.12 -10.77
C ILE C 22 39.61 -12.83 -10.10
N LYS C 23 38.58 -12.99 -9.26
CA LYS C 23 37.98 -11.89 -8.51
C LYS C 23 39.00 -11.35 -7.49
N ARG C 24 39.68 -12.27 -6.77
CA ARG C 24 40.72 -11.90 -5.77
C ARG C 24 41.91 -11.21 -6.46
N ALA C 25 42.30 -11.74 -7.62
CA ALA C 25 43.44 -11.25 -8.42
C ALA C 25 43.15 -9.86 -8.99
N TYR C 26 41.87 -9.68 -9.39
CA TYR C 26 41.34 -8.39 -9.84
C TYR C 26 41.53 -7.37 -8.73
N LYS C 27 41.00 -7.68 -7.51
CA LYS C 27 41.04 -6.78 -6.35
C LYS C 27 42.49 -6.42 -5.99
N ARG C 28 43.38 -7.42 -6.06
CA ARG C 28 44.82 -7.26 -5.78
C ARG C 28 45.43 -6.17 -6.67
N LEU C 29 45.20 -6.27 -7.98
CA LEU C 29 45.70 -5.30 -8.97
C LEU C 29 44.74 -4.10 -9.11
N ALA C 30 43.58 -4.17 -8.45
CA ALA C 30 42.63 -3.04 -8.33
C ALA C 30 42.84 -2.31 -7.01
N ARG C 31 43.81 -2.80 -6.21
CA ARG C 31 44.38 -2.07 -5.06
C ARG C 31 45.73 -1.45 -5.45
N GLN C 32 46.53 -2.23 -6.20
CA GLN C 32 47.87 -1.81 -6.67
C GLN C 32 47.71 -0.69 -7.74
N TYR C 33 46.86 -0.94 -8.75
CA TYR C 33 46.61 0.02 -9.84
C TYR C 33 45.36 0.89 -9.57
N HIS C 34 44.89 0.91 -8.30
CA HIS C 34 43.68 1.66 -7.87
C HIS C 34 43.86 3.18 -8.09
N PRO C 35 43.17 3.82 -9.09
CA PRO C 35 43.41 5.24 -9.46
C PRO C 35 43.12 6.26 -8.34
N ASP C 36 42.31 5.84 -7.35
CA ASP C 36 41.94 6.67 -6.17
C ASP C 36 43.05 6.62 -5.09
N VAL C 37 43.85 5.54 -5.04
CA VAL C 37 45.00 5.43 -4.08
C VAL C 37 46.29 5.82 -4.81
N ASN C 38 46.56 5.09 -5.89
CA ASN C 38 47.72 5.30 -6.75
C ASN C 38 47.31 6.13 -7.98
N LYS C 39 47.29 7.46 -7.78
CA LYS C 39 47.02 8.44 -8.84
C LYS C 39 48.22 8.49 -9.78
N SER C 40 48.30 7.50 -10.68
CA SER C 40 49.39 7.37 -11.64
C SER C 40 48.82 6.90 -12.99
N PRO C 41 48.89 7.74 -14.08
CA PRO C 41 48.30 7.41 -15.40
C PRO C 41 48.73 6.03 -15.93
N GLU C 42 50.04 5.71 -15.76
CA GLU C 42 50.62 4.37 -16.06
C GLU C 42 49.75 3.26 -15.43
N ALA C 43 49.47 3.42 -14.13
CA ALA C 43 48.74 2.43 -13.33
C ALA C 43 47.25 2.41 -13.72
N GLU C 44 46.76 3.52 -14.31
CA GLU C 44 45.33 3.66 -14.67
C GLU C 44 45.05 2.96 -16.00
N GLU C 45 46.04 2.98 -16.90
CA GLU C 45 45.95 2.32 -18.21
C GLU C 45 46.13 0.80 -18.04
N LYS C 46 47.06 0.44 -17.14
CA LYS C 46 47.22 -0.95 -16.71
C LYS C 46 45.97 -1.42 -15.96
N PHE C 47 45.31 -0.50 -15.22
CA PHE C 47 44.03 -0.76 -14.52
C PHE C 47 42.91 -1.00 -15.53
N LYS C 48 42.95 -0.27 -16.67
CA LYS C 48 42.01 -0.50 -17.80
C LYS C 48 42.17 -1.93 -18.32
N GLU C 49 43.44 -2.39 -18.44
CA GLU C 49 43.73 -3.78 -18.83
C GLU C 49 43.29 -4.78 -17.75
N ILE C 50 43.37 -4.40 -16.46
CA ILE C 50 42.87 -5.24 -15.34
C ILE C 50 41.34 -5.37 -15.44
N ASN C 51 40.70 -4.30 -15.93
CA ASN C 51 39.24 -4.23 -16.14
C ASN C 51 38.82 -4.64 -17.56
N GLU C 52 39.80 -4.92 -18.44
CA GLU C 52 39.59 -5.61 -19.74
C GLU C 52 39.53 -7.10 -19.45
N ALA C 53 40.57 -7.54 -18.73
CA ALA C 53 40.71 -8.88 -18.19
C ALA C 53 39.52 -9.25 -17.29
N TYR C 54 39.04 -8.25 -16.54
CA TYR C 54 37.84 -8.38 -15.70
C TYR C 54 36.58 -8.28 -16.57
N ALA C 55 36.55 -7.37 -17.58
CA ALA C 55 35.38 -7.23 -18.50
C ALA C 55 35.01 -8.58 -19.17
N VAL C 56 36.03 -9.45 -19.33
CA VAL C 56 35.81 -10.85 -19.74
C VAL C 56 35.46 -11.72 -18.51
N LEU C 57 36.43 -11.88 -17.60
CA LEU C 57 36.39 -12.93 -16.54
C LEU C 57 35.59 -12.48 -15.28
N SER C 58 34.78 -11.40 -15.39
CA SER C 58 33.97 -10.83 -14.27
C SER C 58 32.97 -11.82 -13.73
N ASP C 59 32.26 -12.48 -14.65
CA ASP C 59 31.14 -13.38 -14.33
C ASP C 59 31.44 -14.76 -14.93
N PRO C 60 30.92 -15.87 -14.29
CA PRO C 60 31.05 -17.25 -14.84
C PRO C 60 30.58 -17.36 -16.31
N GLU C 61 29.66 -16.46 -16.70
CA GLU C 61 29.09 -16.40 -18.05
C GLU C 61 30.18 -16.10 -19.10
N LYS C 62 30.71 -14.85 -19.11
CA LYS C 62 31.70 -14.41 -20.13
C LYS C 62 33.06 -15.10 -19.92
N ARG C 63 33.27 -15.61 -18.68
CA ARG C 63 34.39 -16.52 -18.37
C ARG C 63 34.37 -17.73 -19.33
N ARG C 64 33.28 -18.51 -19.27
CA ARG C 64 33.15 -19.75 -20.06
C ARG C 64 32.99 -19.46 -21.57
N ILE C 65 32.41 -18.28 -21.91
CA ILE C 65 32.35 -17.81 -23.30
C ILE C 65 33.78 -17.72 -23.89
N TYR C 66 34.70 -17.06 -23.17
CA TYR C 66 36.13 -16.99 -23.54
C TYR C 66 36.78 -18.38 -23.58
N ASP C 67 36.55 -19.19 -22.51
CA ASP C 67 37.14 -20.56 -22.39
C ASP C 67 36.83 -21.43 -23.62
N THR C 68 35.66 -21.20 -24.23
CA THR C 68 35.25 -21.90 -25.47
C THR C 68 35.54 -21.06 -26.74
N TYR C 69 35.64 -19.74 -26.63
CA TYR C 69 35.75 -18.84 -27.83
C TYR C 69 37.08 -18.06 -27.79
N GLY C 70 37.91 -18.26 -28.84
CA GLY C 70 39.25 -17.69 -28.88
C GLY C 70 40.23 -18.48 -28.02
N THR C 71 39.86 -19.74 -27.82
CA THR C 71 40.64 -20.75 -27.10
C THR C 71 40.38 -22.03 -27.90
N THR C 72 39.08 -22.29 -28.05
CA THR C 72 38.50 -23.16 -29.09
C THR C 72 37.86 -22.17 -30.12
N GLU C 73 37.36 -22.66 -31.26
CA GLU C 73 36.61 -21.81 -32.24
C GLU C 73 35.08 -21.84 -31.93
N ALA C 74 34.70 -22.40 -30.76
CA ALA C 74 33.31 -22.53 -30.26
C ALA C 74 32.62 -21.11 -30.05
N PRO C 75 31.44 -20.92 -29.28
CA PRO C 75 30.47 -19.79 -29.45
C PRO C 75 30.66 -18.83 -30.67
N PRO C 76 29.73 -18.88 -31.69
CA PRO C 76 29.80 -18.02 -32.92
C PRO C 76 29.69 -16.50 -32.61
N PRO C 77 30.04 -15.58 -33.62
CA PRO C 77 29.97 -14.09 -33.52
C PRO C 77 29.02 -13.53 -32.43
N PRO C 78 29.59 -12.98 -31.30
CA PRO C 78 28.88 -12.54 -30.06
C PRO C 78 27.50 -11.85 -30.23
N PRO C 79 26.54 -12.07 -29.24
CA PRO C 79 25.17 -11.52 -29.30
C PRO C 79 25.13 -9.96 -29.37
N PRO C 80 24.54 -9.39 -30.48
CA PRO C 80 24.23 -7.95 -30.60
C PRO C 80 23.23 -7.52 -29.51
N GLY C 81 23.78 -7.41 -28.30
CA GLY C 81 23.01 -7.30 -27.07
C GLY C 81 23.91 -6.89 -25.92
N GLY C 82 25.23 -7.21 -26.05
CA GLY C 82 26.25 -6.58 -25.19
C GLY C 82 27.05 -7.50 -24.27
N TYR C 83 28.36 -7.19 -24.14
CA TYR C 83 29.25 -7.72 -23.11
C TYR C 83 29.57 -6.58 -22.14
N ASP C 84 28.75 -6.51 -21.08
CA ASP C 84 28.72 -5.47 -20.01
C ASP C 84 30.08 -4.76 -19.72
N PHE C 85 30.01 -3.42 -19.59
CA PHE C 85 31.17 -2.56 -19.37
C PHE C 85 30.88 -1.53 -18.28
N SER C 86 30.86 -1.98 -17.01
CA SER C 86 30.64 -1.10 -15.84
C SER C 86 31.69 0.05 -15.82
N GLY C 87 31.40 1.12 -16.58
CA GLY C 87 32.36 2.20 -16.84
C GLY C 87 33.63 1.77 -17.60
N PHE C 88 33.61 0.57 -18.25
CA PHE C 88 34.83 0.00 -18.90
C PHE C 88 34.95 0.56 -20.34
N ASP C 89 36.06 1.25 -20.64
CA ASP C 89 36.24 1.93 -21.93
C ASP C 89 36.60 0.91 -23.04
N VAL C 90 35.54 0.36 -23.67
CA VAL C 90 35.65 -0.58 -24.82
C VAL C 90 36.66 -0.11 -25.89
N GLU C 91 36.62 1.19 -26.23
CA GLU C 91 37.46 1.81 -27.28
C GLU C 91 38.96 1.68 -26.96
N ASP C 92 39.27 1.68 -25.66
CA ASP C 92 40.64 1.65 -25.15
C ASP C 92 41.22 0.23 -25.20
N PHE C 93 40.33 -0.78 -25.17
CA PHE C 93 40.73 -2.19 -25.10
C PHE C 93 41.28 -2.66 -26.47
N SER C 94 41.95 -3.82 -26.47
CA SER C 94 42.77 -4.29 -27.61
C SER C 94 41.94 -4.65 -28.85
N GLU C 95 42.66 -4.74 -30.00
CA GLU C 95 42.08 -5.23 -31.26
C GLU C 95 41.56 -6.67 -31.10
N PHE C 96 42.34 -7.55 -30.42
CA PHE C 96 41.94 -8.96 -30.18
C PHE C 96 40.61 -9.03 -29.42
N PHE C 97 40.49 -8.17 -28.40
CA PHE C 97 39.29 -8.03 -27.58
C PHE C 97 38.09 -7.60 -28.47
N GLN C 98 38.38 -6.63 -29.36
CA GLN C 98 37.37 -6.03 -30.27
C GLN C 98 37.14 -6.86 -31.55
N GLU C 99 37.92 -7.95 -31.75
CA GLU C 99 37.70 -8.92 -32.85
C GLU C 99 37.01 -10.18 -32.33
N LEU C 100 37.36 -10.60 -31.10
CA LEU C 100 36.80 -11.80 -30.48
C LEU C 100 35.36 -11.52 -30.04
N PHE C 101 35.21 -10.55 -29.14
CA PHE C 101 33.91 -10.18 -28.56
C PHE C 101 33.24 -9.05 -29.36
N GLY C 102 33.81 -8.70 -30.54
CA GLY C 102 33.45 -7.51 -31.33
C GLY C 102 31.95 -7.23 -31.56
N PRO C 103 31.17 -8.18 -32.19
CA PRO C 103 29.71 -8.00 -32.45
C PRO C 103 28.85 -7.76 -31.17
N GLY C 104 29.42 -8.12 -30.01
CA GLY C 104 28.76 -7.94 -28.71
C GLY C 104 29.33 -6.79 -27.88
N LEU C 105 30.35 -6.07 -28.37
CA LEU C 105 31.02 -5.00 -27.58
C LEU C 105 30.30 -3.64 -27.65
N PHE C 106 28.94 -3.65 -27.77
CA PHE C 106 28.12 -2.43 -27.91
C PHE C 106 28.70 -1.61 -29.10
N GLY C 107 29.20 -0.36 -28.85
CA GLY C 107 30.18 0.21 -29.75
C GLY C 107 29.77 1.16 -30.84
N GLY C 108 29.08 2.24 -30.50
CA GLY C 108 28.96 3.41 -31.41
C GLY C 108 28.25 3.14 -32.76
N PHE C 109 28.98 2.51 -33.69
CA PHE C 109 28.50 2.15 -35.03
C PHE C 109 27.58 0.90 -34.99
N GLY C 110 27.50 0.26 -33.80
CA GLY C 110 26.61 -0.91 -33.53
C GLY C 110 25.08 -0.64 -33.59
N ARG C 111 24.67 0.53 -34.13
CA ARG C 111 23.28 0.87 -34.52
C ARG C 111 22.44 1.48 -33.37
N ARG C 112 22.56 0.95 -32.14
CA ARG C 112 21.97 1.65 -30.94
C ARG C 112 23.10 2.07 -30.01
N SER C 113 24.04 1.14 -29.80
CA SER C 113 25.43 1.36 -29.43
C SER C 113 25.90 2.83 -29.38
N ARG C 114 25.61 3.57 -28.30
CA ARG C 114 26.10 4.97 -28.16
C ARG C 114 26.72 5.22 -26.77
N LYS C 115 26.34 6.30 -26.08
CA LYS C 115 26.55 6.41 -24.64
C LYS C 115 25.37 5.65 -24.05
N GLY C 116 25.63 4.44 -23.54
CA GLY C 116 24.57 3.54 -23.11
C GLY C 116 23.76 4.13 -21.97
N ARG C 117 22.45 4.07 -22.12
CA ARG C 117 21.51 4.50 -21.09
C ARG C 117 21.37 3.39 -20.05
N ASP C 118 20.62 3.65 -18.98
CA ASP C 118 20.31 2.65 -17.97
C ASP C 118 19.34 1.62 -18.54
N LEU C 119 19.69 0.34 -18.35
CA LEU C 119 18.88 -0.79 -18.85
C LEU C 119 17.91 -1.11 -17.71
N ARG C 120 16.65 -1.36 -18.04
CA ARG C 120 15.60 -1.54 -17.03
C ARG C 120 14.85 -2.85 -17.26
N ALA C 121 14.37 -3.44 -16.17
CA ALA C 121 13.59 -4.68 -16.22
C ALA C 121 12.59 -4.71 -15.06
N GLU C 122 11.29 -4.75 -15.40
CA GLU C 122 10.22 -4.80 -14.40
C GLU C 122 10.00 -6.26 -13.95
N LEU C 123 9.91 -6.49 -12.62
CA LEU C 123 9.70 -7.85 -12.06
C LEU C 123 8.81 -7.76 -10.80
N PRO C 124 7.73 -8.59 -10.70
CA PRO C 124 7.02 -8.81 -9.43
C PRO C 124 7.86 -9.67 -8.46
N LEU C 125 8.09 -9.14 -7.25
CA LEU C 125 9.04 -9.71 -6.27
C LEU C 125 8.46 -9.53 -4.86
N THR C 126 8.88 -10.39 -3.92
CA THR C 126 8.42 -10.36 -2.52
C THR C 126 9.47 -9.68 -1.61
N LEU C 127 9.01 -9.17 -0.47
CA LEU C 127 9.85 -8.50 0.56
C LEU C 127 10.85 -9.49 1.16
N GLU C 128 10.36 -10.69 1.48
CA GLU C 128 11.18 -11.80 1.98
C GLU C 128 12.26 -12.18 0.94
N GLU C 129 11.90 -12.13 -0.36
CA GLU C 129 12.83 -12.46 -1.47
C GLU C 129 13.81 -11.32 -1.75
N ALA C 130 13.45 -10.09 -1.35
CA ALA C 130 14.34 -8.91 -1.44
C ALA C 130 15.44 -9.00 -0.36
N PHE C 131 15.05 -9.61 0.78
CA PHE C 131 15.98 -10.04 1.85
C PHE C 131 16.85 -11.23 1.36
N HIS C 132 16.19 -12.23 0.73
CA HIS C 132 16.86 -13.46 0.25
C HIS C 132 17.63 -13.22 -1.08
N GLY C 133 17.48 -12.01 -1.65
CA GLY C 133 18.21 -11.57 -2.85
C GLY C 133 19.72 -11.68 -2.71
N GLY C 134 20.38 -10.56 -2.31
CA GLY C 134 21.86 -10.53 -2.13
C GLY C 134 22.60 -10.97 -3.39
N GLU C 135 23.66 -11.80 -3.21
CA GLU C 135 24.38 -12.43 -4.33
C GLU C 135 23.54 -13.59 -4.88
N ARG C 136 22.78 -13.33 -5.95
CA ARG C 136 21.85 -14.31 -6.52
C ARG C 136 21.87 -14.24 -8.05
N VAL C 137 21.41 -15.33 -8.69
CA VAL C 137 21.39 -15.47 -10.16
C VAL C 137 20.25 -14.62 -10.80
N VAL C 138 20.65 -13.42 -11.25
CA VAL C 138 19.80 -12.51 -12.03
C VAL C 138 19.99 -12.81 -13.53
N GLU C 139 18.90 -12.85 -14.30
CA GLU C 139 18.95 -13.02 -15.76
C GLU C 139 18.20 -11.84 -16.40
N VAL C 140 18.93 -10.99 -17.17
CA VAL C 140 18.37 -9.81 -17.87
C VAL C 140 18.97 -9.73 -19.28
N ALA C 141 18.13 -10.01 -20.30
CA ALA C 141 18.48 -9.85 -21.75
C ALA C 141 19.63 -10.78 -22.20
N GLY C 142 19.80 -11.91 -21.50
CA GLY C 142 20.86 -12.89 -21.82
C GLY C 142 21.98 -12.90 -20.78
N ARG C 143 21.94 -11.94 -19.85
CA ARG C 143 22.95 -11.81 -18.77
C ARG C 143 22.56 -12.66 -17.56
N ARG C 144 23.12 -13.87 -17.48
CA ARG C 144 22.94 -14.78 -16.33
C ARG C 144 24.14 -14.64 -15.40
N VAL C 145 23.95 -13.85 -14.32
CA VAL C 145 25.03 -13.39 -13.42
C VAL C 145 24.62 -13.60 -11.95
N SER C 146 25.54 -14.16 -11.15
CA SER C 146 25.39 -14.25 -9.69
C SER C 146 25.92 -12.95 -9.07
N VAL C 147 25.04 -11.93 -9.01
CA VAL C 147 25.41 -10.55 -8.61
C VAL C 147 24.66 -10.13 -7.35
N ARG C 148 25.34 -9.33 -6.51
CA ARG C 148 24.69 -8.66 -5.38
C ARG C 148 23.94 -7.44 -5.90
N ILE C 149 22.61 -7.55 -5.95
CA ILE C 149 21.74 -6.38 -6.13
C ILE C 149 21.59 -5.72 -4.75
N PRO C 150 21.33 -4.36 -4.65
CA PRO C 150 20.94 -3.70 -3.39
C PRO C 150 19.94 -4.57 -2.56
N PRO C 151 20.41 -5.15 -1.40
CA PRO C 151 19.59 -6.06 -0.57
C PRO C 151 18.37 -5.32 0.02
N GLY C 152 17.18 -5.65 -0.52
CA GLY C 152 15.99 -4.90 -0.21
C GLY C 152 15.53 -3.98 -1.32
N VAL C 153 14.21 -3.97 -1.55
CA VAL C 153 13.60 -3.22 -2.66
C VAL C 153 12.34 -2.44 -2.17
N ARG C 154 11.79 -1.57 -3.06
CA ARG C 154 10.67 -0.65 -2.74
C ARG C 154 9.63 -0.69 -3.89
N GLU C 155 8.31 -0.57 -3.59
CA GLU C 155 7.24 -0.61 -4.63
C GLU C 155 7.45 0.46 -5.73
N GLY C 156 7.47 -0.01 -6.99
CA GLY C 156 7.63 0.85 -8.17
C GLY C 156 8.94 1.60 -8.21
N SER C 157 9.97 1.08 -7.51
CA SER C 157 11.30 1.70 -7.47
C SER C 157 12.29 0.87 -8.28
N VAL C 158 13.43 1.50 -8.61
CA VAL C 158 14.46 0.93 -9.47
C VAL C 158 15.65 0.42 -8.62
N ILE C 159 15.80 -0.91 -8.57
CA ILE C 159 16.97 -1.56 -7.96
C ILE C 159 18.19 -1.33 -8.88
N ARG C 160 19.00 -0.33 -8.54
CA ARG C 160 20.17 0.08 -9.31
C ARG C 160 21.35 -0.86 -9.03
N VAL C 161 21.62 -1.80 -9.95
CA VAL C 161 22.75 -2.74 -9.82
C VAL C 161 23.84 -2.35 -10.87
N PRO C 162 25.13 -2.20 -10.46
CA PRO C 162 26.25 -2.05 -11.40
C PRO C 162 26.62 -3.41 -12.04
N GLY C 163 27.07 -3.38 -13.31
CA GLY C 163 27.55 -4.60 -13.97
C GLY C 163 26.67 -5.06 -15.13
N MET C 164 25.91 -4.14 -15.74
CA MET C 164 24.99 -4.48 -16.86
C MET C 164 25.20 -3.51 -18.05
N GLY C 165 24.63 -2.29 -17.96
CA GLY C 165 24.76 -1.30 -19.03
C GLY C 165 23.74 -1.47 -20.16
N GLY C 166 23.18 -0.33 -20.67
CA GLY C 166 22.42 -0.33 -21.92
C GLY C 166 23.32 -0.41 -23.16
N GLN C 167 22.75 -0.24 -24.35
CA GLN C 167 23.48 -0.41 -25.63
C GLN C 167 24.39 0.80 -25.93
N GLY C 168 25.72 0.60 -25.76
CA GLY C 168 26.70 1.61 -26.05
C GLY C 168 27.93 1.52 -25.17
N ASN C 169 28.90 2.33 -25.56
CA ASN C 169 30.18 2.56 -24.90
C ASN C 169 29.92 3.13 -23.47
N PRO C 170 30.91 3.02 -22.48
CA PRO C 170 30.71 3.15 -21.01
C PRO C 170 29.27 3.44 -20.55
N PRO C 171 28.41 2.37 -20.60
CA PRO C 171 26.96 2.51 -20.50
C PRO C 171 26.41 2.65 -19.07
N GLY C 172 25.08 2.85 -19.01
CA GLY C 172 24.36 3.04 -17.76
C GLY C 172 23.78 1.73 -17.29
N ASP C 173 24.03 1.36 -16.03
CA ASP C 173 23.74 0.01 -15.51
C ASP C 173 22.22 -0.25 -15.29
N LEU C 174 21.90 -1.28 -14.49
CA LEU C 174 20.53 -1.87 -14.42
C LEU C 174 19.63 -1.16 -13.41
N LEU C 175 18.34 -1.02 -13.79
CA LEU C 175 17.27 -0.43 -12.98
C LEU C 175 16.08 -1.41 -12.98
N LEU C 176 16.01 -2.25 -11.95
CA LEU C 176 14.93 -3.24 -11.82
C LEU C 176 13.68 -2.58 -11.22
N VAL C 177 12.63 -2.41 -12.04
CA VAL C 177 11.38 -1.77 -11.60
C VAL C 177 10.52 -2.84 -10.92
N VAL C 178 10.62 -2.91 -9.60
CA VAL C 178 10.00 -4.00 -8.83
C VAL C 178 8.53 -3.68 -8.47
N ARG C 179 7.69 -4.71 -8.55
CA ARG C 179 6.27 -4.66 -8.21
C ARG C 179 6.03 -5.64 -7.05
N LEU C 180 5.83 -5.10 -5.85
CA LEU C 180 5.69 -5.91 -4.63
C LEU C 180 4.32 -6.61 -4.58
N LEU C 181 4.33 -7.85 -4.07
CA LEU C 181 3.13 -8.72 -3.94
C LEU C 181 2.03 -8.08 -3.03
N PRO C 182 0.76 -8.63 -3.04
CA PRO C 182 -0.39 -8.13 -2.19
C PRO C 182 -0.17 -7.97 -0.65
N HIS C 183 1.09 -8.04 -0.17
CA HIS C 183 1.44 -7.56 1.18
C HIS C 183 2.68 -6.62 1.06
N PRO C 184 2.51 -5.34 0.55
CA PRO C 184 3.60 -4.36 0.43
C PRO C 184 3.76 -3.57 1.74
N VAL C 185 4.18 -4.29 2.81
CA VAL C 185 4.13 -3.77 4.18
C VAL C 185 5.45 -3.09 4.52
N PHE C 186 6.57 -3.73 4.16
CA PHE C 186 7.93 -3.27 4.54
C PHE C 186 8.62 -2.62 3.34
N ARG C 187 8.64 -1.27 3.32
CA ARG C 187 9.23 -0.48 2.21
C ARG C 187 10.60 0.07 2.65
N LEU C 188 11.63 -0.15 1.82
CA LEU C 188 13.01 0.20 2.18
C LEU C 188 13.32 1.71 1.99
N GLU C 189 14.15 2.23 2.89
CA GLU C 189 14.85 3.50 2.76
C GLU C 189 16.24 3.34 3.38
N GLY C 190 17.29 3.46 2.55
CA GLY C 190 18.67 3.16 2.98
C GLY C 190 18.82 1.68 3.35
N GLN C 191 18.72 1.38 4.66
CA GLN C 191 18.66 -0.01 5.19
C GLN C 191 17.47 -0.16 6.16
N ASP C 192 16.84 0.97 6.53
CA ASP C 192 15.69 1.01 7.44
C ASP C 192 14.40 0.73 6.68
N LEU C 193 13.33 0.38 7.40
CA LEU C 193 12.03 0.00 6.79
C LEU C 193 10.89 0.87 7.31
N TYR C 194 9.80 0.86 6.55
CA TYR C 194 8.51 1.42 6.97
C TYR C 194 7.46 0.31 6.84
N ALA C 195 6.68 0.09 7.90
CA ALA C 195 5.66 -0.96 7.99
C ALA C 195 4.40 -0.39 8.64
N THR C 196 3.40 -1.25 8.84
CA THR C 196 2.19 -0.93 9.61
C THR C 196 1.84 -2.13 10.50
N LEU C 197 1.83 -1.89 11.83
CA LEU C 197 1.61 -2.95 12.83
C LEU C 197 0.14 -3.02 13.26
N ASP C 198 -0.46 -4.20 13.10
CA ASP C 198 -1.85 -4.49 13.46
C ASP C 198 -1.98 -4.67 14.99
N VAL C 199 -2.53 -3.64 15.67
CA VAL C 199 -2.71 -3.61 17.14
C VAL C 199 -4.22 -3.42 17.46
N PRO C 200 -4.88 -4.37 18.20
CA PRO C 200 -6.26 -4.20 18.66
C PRO C 200 -6.40 -3.06 19.69
N ALA C 201 -7.58 -2.42 19.70
CA ALA C 201 -7.91 -1.33 20.64
C ALA C 201 -7.76 -1.75 22.13
N PRO C 202 -8.33 -2.92 22.59
CA PRO C 202 -8.12 -3.40 23.98
C PRO C 202 -6.62 -3.57 24.35
N ILE C 203 -5.85 -4.27 23.47
CA ILE C 203 -4.39 -4.52 23.67
C ILE C 203 -3.60 -3.19 23.67
N ALA C 204 -4.10 -2.19 22.93
CA ALA C 204 -3.48 -0.86 22.81
C ALA C 204 -3.68 -0.01 24.09
N VAL C 205 -4.86 -0.14 24.73
CA VAL C 205 -5.21 0.61 25.95
C VAL C 205 -4.51 0.03 27.20
N VAL C 206 -4.46 -1.31 27.32
CA VAL C 206 -3.89 -1.99 28.53
C VAL C 206 -2.37 -2.26 28.38
N GLY C 207 -1.95 -2.58 27.14
CA GLY C 207 -0.63 -3.14 26.87
C GLY C 207 -0.66 -4.66 26.82
N GLY C 208 -0.11 -5.24 25.74
CA GLY C 208 -0.03 -6.69 25.58
C GLY C 208 1.08 -7.07 24.61
N LYS C 209 0.76 -7.95 23.62
CA LYS C 209 1.69 -8.30 22.52
C LYS C 209 0.91 -8.59 21.23
N VAL C 210 1.49 -8.13 20.11
CA VAL C 210 1.02 -8.41 18.75
C VAL C 210 2.25 -8.72 17.87
N ARG C 211 2.14 -9.72 16.99
CA ARG C 211 3.27 -10.22 16.19
C ARG C 211 3.45 -9.42 14.88
N ALA C 212 4.68 -8.92 14.67
CA ALA C 212 5.15 -8.43 13.37
C ALA C 212 5.86 -9.59 12.63
N MET C 213 5.31 -10.05 11.50
CA MET C 213 5.94 -11.09 10.66
C MET C 213 7.08 -10.43 9.85
N THR C 214 8.34 -10.68 10.24
CA THR C 214 9.50 -10.04 9.59
C THR C 214 10.16 -11.00 8.59
N LEU C 215 11.13 -10.45 7.85
CA LEU C 215 11.76 -11.09 6.68
C LEU C 215 12.64 -12.28 7.06
N GLU C 216 13.16 -12.25 8.29
CA GLU C 216 14.05 -13.29 8.84
C GLU C 216 13.37 -14.09 9.98
N GLY C 217 12.06 -13.86 10.16
CA GLY C 217 11.28 -14.56 11.19
C GLY C 217 10.32 -13.63 11.93
N PRO C 218 9.42 -14.18 12.80
CA PRO C 218 8.38 -13.38 13.48
C PRO C 218 8.86 -12.74 14.81
N VAL C 219 8.83 -11.41 14.89
CA VAL C 219 9.13 -10.67 16.13
C VAL C 219 7.82 -10.29 16.82
N GLU C 220 7.58 -10.85 18.02
CA GLU C 220 6.37 -10.54 18.79
C GLU C 220 6.59 -9.21 19.52
N VAL C 221 5.92 -8.18 19.01
CA VAL C 221 6.04 -6.82 19.51
C VAL C 221 5.23 -6.63 20.80
N ALA C 222 5.90 -6.13 21.84
CA ALA C 222 5.27 -5.85 23.15
C ALA C 222 4.83 -4.37 23.24
N VAL C 223 3.57 -4.17 23.65
CA VAL C 223 2.88 -2.87 23.70
C VAL C 223 2.71 -2.40 25.18
N PRO C 224 2.88 -1.08 25.49
CA PRO C 224 2.52 -0.50 26.81
C PRO C 224 1.05 0.01 26.84
N PRO C 225 0.48 0.37 28.05
CA PRO C 225 -0.83 1.04 28.15
C PRO C 225 -0.86 2.38 27.39
N ARG C 226 -2.02 2.66 26.76
CA ARG C 226 -2.28 3.84 25.91
C ARG C 226 -1.43 3.80 24.62
N THR C 227 -2.01 3.27 23.53
CA THR C 227 -1.39 3.28 22.20
C THR C 227 -2.41 3.66 21.10
N GLN C 228 -2.18 4.80 20.40
CA GLN C 228 -3.06 5.29 19.31
C GLN C 228 -2.45 4.98 17.93
N ALA C 229 -3.33 4.91 16.92
CA ALA C 229 -2.93 4.73 15.52
C ALA C 229 -2.25 6.00 15.01
N GLY C 230 -1.24 5.81 14.15
CA GLY C 230 -0.39 6.92 13.71
C GLY C 230 0.91 7.02 14.50
N ARG C 231 1.03 6.30 15.65
CA ARG C 231 2.34 6.18 16.37
C ARG C 231 3.35 5.32 15.57
N LYS C 232 4.61 5.22 16.05
CA LYS C 232 5.65 4.50 15.32
C LYS C 232 6.67 3.83 16.28
N LEU C 233 7.11 2.62 15.88
CA LEU C 233 8.07 1.79 16.63
C LEU C 233 9.35 1.64 15.82
N ARG C 234 10.48 1.40 16.52
CA ARG C 234 11.73 0.97 15.87
C ARG C 234 12.18 -0.38 16.48
N LEU C 235 12.30 -1.40 15.61
CA LEU C 235 12.76 -2.74 16.00
C LEU C 235 14.17 -2.95 15.44
N LYS C 236 15.11 -3.29 16.34
CA LYS C 236 16.54 -3.36 16.04
C LYS C 236 16.90 -4.60 15.20
N GLY C 237 17.65 -4.35 14.10
CA GLY C 237 18.13 -5.41 13.20
C GLY C 237 17.06 -5.93 12.23
N LYS C 238 15.84 -5.37 12.33
CA LYS C 238 14.66 -5.86 11.58
C LYS C 238 14.50 -5.12 10.24
N GLY C 239 15.50 -4.29 9.86
CA GLY C 239 15.59 -3.74 8.51
C GLY C 239 16.22 -4.75 7.54
N PHE C 240 16.59 -4.28 6.34
CA PHE C 240 17.24 -5.15 5.34
C PHE C 240 18.75 -5.32 5.69
N PRO C 241 19.37 -6.50 5.32
CA PRO C 241 20.75 -6.85 5.71
C PRO C 241 21.80 -6.22 4.78
N GLY C 242 22.93 -5.79 5.34
CA GLY C 242 24.00 -5.14 4.56
C GLY C 242 25.38 -5.70 4.89
N PRO C 243 26.42 -5.42 4.03
CA PRO C 243 27.82 -5.91 4.25
C PRO C 243 28.53 -5.27 5.49
N ALA C 244 27.84 -4.35 6.19
CA ALA C 244 28.33 -3.75 7.45
C ALA C 244 27.33 -3.99 8.60
N GLY C 245 26.07 -4.39 8.27
CA GLY C 245 25.02 -4.66 9.27
C GLY C 245 23.61 -4.50 8.74
N ARG C 246 22.60 -4.84 9.57
CA ARG C 246 21.15 -4.72 9.21
C ARG C 246 20.59 -3.36 9.65
N GLY C 247 19.48 -2.91 9.01
CA GLY C 247 18.79 -1.66 9.40
C GLY C 247 17.78 -1.84 10.53
N ASP C 248 16.84 -0.88 10.68
CA ASP C 248 15.80 -0.92 11.76
C ASP C 248 14.41 -0.74 11.15
N LEU C 249 13.45 -1.55 11.61
CA LEU C 249 12.08 -1.57 11.10
C LEU C 249 11.22 -0.50 11.82
N TYR C 250 10.66 0.45 11.06
CA TYR C 250 9.77 1.49 11.61
C TYR C 250 8.31 1.12 11.30
N LEU C 251 7.57 0.60 12.30
CA LEU C 251 6.15 0.19 12.08
C LEU C 251 5.25 1.31 12.53
N GLU C 252 4.22 1.64 11.75
CA GLU C 252 3.22 2.63 12.14
C GLU C 252 1.99 1.90 12.71
N VAL C 253 1.65 2.21 13.96
CA VAL C 253 0.56 1.58 14.71
C VAL C 253 -0.79 1.74 14.00
N ARG C 254 -1.57 0.65 14.01
CA ARG C 254 -2.88 0.59 13.37
C ARG C 254 -3.88 -0.02 14.37
N ILE C 255 -4.81 0.81 14.89
CA ILE C 255 -5.82 0.36 15.85
C ILE C 255 -6.99 -0.31 15.11
N THR C 256 -7.26 -1.57 15.47
CA THR C 256 -8.32 -2.42 14.90
C THR C 256 -9.23 -2.94 16.04
N ILE C 257 -10.51 -3.21 15.75
CA ILE C 257 -11.50 -3.65 16.77
C ILE C 257 -11.98 -5.10 16.50
N PRO C 258 -12.42 -5.88 17.56
CA PRO C 258 -12.78 -7.33 17.43
C PRO C 258 -13.96 -7.63 16.47
N GLU C 259 -14.57 -6.58 15.91
CA GLU C 259 -15.80 -6.65 15.07
C GLU C 259 -16.97 -7.29 15.85
N ARG C 260 -17.02 -8.65 15.86
CA ARG C 260 -18.12 -9.40 16.52
C ARG C 260 -18.10 -9.19 18.04
N LEU C 261 -19.25 -9.41 18.71
CA LEU C 261 -19.32 -9.34 20.19
C LEU C 261 -20.34 -10.37 20.70
N THR C 262 -19.93 -11.15 21.71
CA THR C 262 -20.84 -12.06 22.45
C THR C 262 -21.55 -11.23 23.54
N PRO C 263 -22.77 -11.61 24.04
CA PRO C 263 -23.58 -10.81 25.03
C PRO C 263 -22.76 -10.00 26.11
N GLU C 264 -21.69 -10.62 26.65
CA GLU C 264 -20.83 -9.98 27.68
C GLU C 264 -19.89 -8.94 27.03
N GLU C 265 -19.10 -9.39 26.01
CA GLU C 265 -18.22 -8.50 25.19
C GLU C 265 -18.99 -7.22 24.80
N GLU C 266 -20.18 -7.49 24.23
CA GLU C 266 -21.17 -6.50 23.82
C GLU C 266 -21.43 -5.50 24.94
N ALA C 267 -21.89 -6.00 26.10
CA ALA C 267 -22.30 -5.16 27.26
C ALA C 267 -21.21 -4.18 27.70
N LEU C 268 -19.94 -4.66 27.75
CA LEU C 268 -18.79 -3.82 28.14
C LEU C 268 -18.53 -2.69 27.10
N TRP C 269 -18.39 -3.07 25.81
CA TRP C 269 -18.18 -2.07 24.71
C TRP C 269 -19.37 -1.08 24.60
N LYS C 270 -20.59 -1.57 24.93
CA LYS C 270 -21.82 -0.74 24.95
C LYS C 270 -21.67 0.39 25.96
N LYS C 271 -21.31 0.03 27.21
CA LYS C 271 -21.13 1.00 28.31
C LYS C 271 -20.05 2.04 27.97
N LEU C 272 -18.96 1.58 27.33
CA LEU C 272 -17.84 2.47 26.91
C LEU C 272 -18.31 3.51 25.88
N ALA C 273 -19.15 3.06 24.93
CA ALA C 273 -19.70 3.93 23.86
C ALA C 273 -20.73 4.92 24.39
N GLU C 274 -21.61 4.45 25.29
CA GLU C 274 -22.65 5.29 25.90
C GLU C 274 -22.02 6.35 26.81
N ALA C 275 -20.90 5.96 27.45
CA ALA C 275 -20.04 6.85 28.24
C ALA C 275 -19.43 7.94 27.33
N TYR C 276 -19.09 7.53 26.10
CA TYR C 276 -18.62 8.45 25.05
C TYR C 276 -19.73 9.43 24.59
N TYR C 277 -20.96 8.89 24.38
CA TYR C 277 -22.12 9.71 23.91
C TYR C 277 -22.58 10.68 25.02
N ALA C 278 -22.22 10.33 26.27
CA ALA C 278 -22.49 11.16 27.46
C ALA C 278 -21.62 12.45 27.50
N ARG C 279 -20.75 12.66 26.49
CA ARG C 279 -20.08 13.97 26.29
C ARG C 279 -21.00 14.96 25.55
N ALA C 280 -21.88 14.41 24.69
CA ALA C 280 -22.80 15.19 23.85
C ALA C 280 -24.18 15.28 24.56
N MET A 1 -7.84 47.14 -41.49
CA MET A 1 -8.41 48.50 -41.37
C MET A 1 -9.08 48.72 -39.99
N ALA A 2 -8.81 47.78 -39.04
CA ALA A 2 -9.38 47.81 -37.66
C ALA A 2 -10.93 47.90 -37.70
N ALA A 3 -11.50 47.21 -38.69
CA ALA A 3 -12.93 47.29 -39.04
C ALA A 3 -13.78 46.48 -38.05
N LYS A 4 -14.03 47.07 -36.85
CA LYS A 4 -14.89 46.49 -35.79
C LYS A 4 -16.11 45.73 -36.35
N LYS A 5 -16.03 44.40 -36.33
CA LYS A 5 -17.17 43.51 -36.57
C LYS A 5 -17.96 43.41 -35.27
N ASP A 6 -19.25 43.82 -35.30
CA ASP A 6 -20.13 43.75 -34.12
C ASP A 6 -20.45 42.27 -33.85
N TYR A 7 -19.66 41.68 -32.96
CA TYR A 7 -19.69 40.25 -32.67
C TYR A 7 -21.03 39.81 -32.06
N TYR A 8 -21.71 40.74 -31.35
CA TYR A 8 -23.03 40.50 -30.78
C TYR A 8 -24.08 40.33 -31.89
N ALA A 9 -24.01 41.19 -32.93
CA ALA A 9 -24.90 41.13 -34.10
C ALA A 9 -24.69 39.81 -34.86
N ILE A 10 -23.40 39.42 -35.04
CA ILE A 10 -23.03 38.13 -35.69
C ILE A 10 -23.65 36.93 -34.94
N LEU A 11 -23.64 37.01 -33.59
CA LEU A 11 -24.25 35.98 -32.73
C LEU A 11 -25.79 36.12 -32.63
N GLY A 12 -26.33 37.32 -32.93
CA GLY A 12 -27.77 37.61 -32.77
C GLY A 12 -28.20 37.80 -31.31
N VAL A 13 -27.45 38.67 -30.59
CA VAL A 13 -27.73 39.09 -29.19
C VAL A 13 -27.58 40.62 -29.06
N PRO A 14 -28.17 41.26 -27.97
CA PRO A 14 -27.97 42.71 -27.68
C PRO A 14 -26.48 43.14 -27.77
N ARG A 15 -26.25 44.40 -28.18
CA ARG A 15 -24.90 44.89 -28.59
C ARG A 15 -23.99 45.28 -27.39
N ASN A 16 -24.24 44.63 -26.23
CA ASN A 16 -23.41 44.72 -25.01
C ASN A 16 -23.73 43.50 -24.09
N ALA A 17 -24.30 42.45 -24.71
CA ALA A 17 -24.86 41.26 -24.01
C ALA A 17 -23.79 40.45 -23.24
N THR A 18 -24.21 39.85 -22.11
CA THR A 18 -23.29 39.13 -21.19
C THR A 18 -22.95 37.70 -21.68
N GLN A 19 -22.08 37.02 -20.91
CA GLN A 19 -21.48 35.70 -21.23
C GLN A 19 -22.53 34.64 -21.60
N GLU A 20 -23.61 34.51 -20.78
CA GLU A 20 -24.62 33.45 -20.96
C GLU A 20 -25.56 33.75 -22.15
N GLU A 21 -25.76 35.04 -22.48
CA GLU A 21 -26.53 35.46 -23.67
C GLU A 21 -25.79 35.03 -24.94
N ILE A 22 -24.48 35.32 -24.95
CA ILE A 22 -23.54 34.91 -26.01
C ILE A 22 -23.46 33.37 -26.11
N LYS A 23 -23.56 32.71 -24.94
CA LYS A 23 -23.51 31.24 -24.83
C LYS A 23 -24.74 30.63 -25.56
N ARG A 24 -25.92 31.20 -25.27
CA ARG A 24 -27.22 30.73 -25.82
C ARG A 24 -27.31 30.98 -27.35
N ALA A 25 -26.78 32.13 -27.78
CA ALA A 25 -26.71 32.51 -29.20
C ALA A 25 -25.85 31.52 -29.98
N TYR A 26 -24.71 31.15 -29.36
CA TYR A 26 -23.80 30.13 -29.86
C TYR A 26 -24.54 28.79 -29.99
N LYS A 27 -25.26 28.36 -28.92
CA LYS A 27 -26.01 27.07 -28.89
C LYS A 27 -26.94 26.94 -30.11
N ARG A 28 -27.73 27.99 -30.32
CA ARG A 28 -28.67 28.12 -31.45
C ARG A 28 -27.96 27.94 -32.80
N LEU A 29 -26.93 28.76 -33.03
CA LEU A 29 -26.20 28.83 -34.31
C LEU A 29 -25.24 27.65 -34.50
N ALA A 30 -24.87 26.98 -33.40
CA ALA A 30 -23.92 25.84 -33.41
C ALA A 30 -24.66 24.55 -33.71
N ARG A 31 -25.95 24.46 -33.32
CA ARG A 31 -26.81 23.31 -33.65
C ARG A 31 -27.41 23.49 -35.06
N GLN A 32 -27.73 24.76 -35.41
CA GLN A 32 -28.32 25.11 -36.72
C GLN A 32 -27.29 24.96 -37.85
N TYR A 33 -26.08 25.48 -37.60
CA TYR A 33 -24.95 25.43 -38.57
C TYR A 33 -23.90 24.41 -38.09
N HIS A 34 -24.38 23.31 -37.48
CA HIS A 34 -23.52 22.22 -36.98
C HIS A 34 -22.86 21.54 -38.19
N PRO A 35 -21.49 21.60 -38.33
CA PRO A 35 -20.78 21.18 -39.59
C PRO A 35 -21.02 19.71 -39.99
N ASP A 36 -21.55 18.89 -39.07
CA ASP A 36 -21.88 17.47 -39.31
C ASP A 36 -23.36 17.28 -39.72
N VAL A 37 -24.26 18.13 -39.19
CA VAL A 37 -25.71 18.09 -39.52
C VAL A 37 -25.96 18.89 -40.81
N ASN A 38 -25.61 20.18 -40.73
CA ASN A 38 -25.75 21.13 -41.82
C ASN A 38 -24.38 21.29 -42.52
N LYS A 39 -24.04 20.26 -43.32
CA LYS A 39 -22.81 20.22 -44.11
C LYS A 39 -23.00 21.11 -45.36
N SER A 40 -22.86 22.41 -45.18
CA SER A 40 -22.92 23.40 -46.26
C SER A 40 -21.71 24.35 -46.14
N PRO A 41 -20.88 24.52 -47.22
CA PRO A 41 -19.79 25.55 -47.27
C PRO A 41 -20.23 26.93 -46.72
N GLU A 42 -21.43 27.37 -47.16
CA GLU A 42 -22.12 28.59 -46.68
C GLU A 42 -22.20 28.61 -45.14
N ALA A 43 -22.63 27.46 -44.58
CA ALA A 43 -22.84 27.28 -43.14
C ALA A 43 -21.51 27.23 -42.39
N GLU A 44 -20.41 26.87 -43.09
CA GLU A 44 -19.07 26.77 -42.48
C GLU A 44 -18.46 28.16 -42.34
N GLU A 45 -18.65 28.99 -43.39
CA GLU A 45 -18.16 30.38 -43.44
C GLU A 45 -18.84 31.25 -42.36
N LYS A 46 -20.19 31.10 -42.29
CA LYS A 46 -21.00 31.75 -41.24
C LYS A 46 -20.58 31.22 -39.85
N PHE A 47 -20.38 29.88 -39.75
CA PHE A 47 -19.94 29.22 -38.50
C PHE A 47 -18.55 29.73 -38.05
N LYS A 48 -17.69 30.11 -39.04
CA LYS A 48 -16.37 30.71 -38.76
C LYS A 48 -16.54 32.07 -38.08
N GLU A 49 -17.39 32.94 -38.68
CA GLU A 49 -17.66 34.29 -38.12
C GLU A 49 -18.35 34.20 -36.74
N ILE A 50 -19.14 33.13 -36.54
CA ILE A 50 -19.82 32.80 -35.27
C ILE A 50 -18.80 32.27 -34.23
N ASN A 51 -17.75 31.58 -34.73
CA ASN A 51 -16.64 31.08 -33.90
C ASN A 51 -15.73 32.23 -33.45
N GLU A 52 -15.55 33.22 -34.34
CA GLU A 52 -14.78 34.45 -34.08
C GLU A 52 -15.49 35.30 -33.02
N ALA A 53 -16.80 35.51 -33.25
CA ALA A 53 -17.68 36.29 -32.39
C ALA A 53 -17.74 35.68 -30.98
N TYR A 54 -18.04 34.37 -30.93
CA TYR A 54 -18.11 33.61 -29.68
C TYR A 54 -16.74 33.57 -29.00
N ALA A 55 -15.64 33.54 -29.79
CA ALA A 55 -14.27 33.55 -29.25
C ALA A 55 -14.05 34.76 -28.36
N VAL A 56 -14.29 35.94 -28.95
CA VAL A 56 -14.06 37.24 -28.30
C VAL A 56 -15.02 37.45 -27.11
N LEU A 57 -16.25 36.91 -27.22
CA LEU A 57 -17.31 37.19 -26.22
C LEU A 57 -17.55 36.04 -25.20
N SER A 58 -16.87 34.88 -25.36
CA SER A 58 -17.03 33.71 -24.44
C SER A 58 -16.30 34.00 -23.13
N ASP A 59 -14.98 34.28 -23.24
CA ASP A 59 -14.13 34.57 -22.10
C ASP A 59 -14.32 36.04 -21.66
N PRO A 60 -14.61 36.28 -20.33
CA PRO A 60 -14.76 37.64 -19.75
C PRO A 60 -13.54 38.56 -20.03
N GLU A 61 -12.37 37.92 -20.23
CA GLU A 61 -11.10 38.58 -20.61
C GLU A 61 -11.27 39.43 -21.89
N LYS A 62 -11.55 38.74 -23.02
CA LYS A 62 -11.61 39.37 -24.36
C LYS A 62 -12.87 40.23 -24.48
N ARG A 63 -13.90 39.87 -23.68
CA ARG A 63 -15.09 40.71 -23.48
C ARG A 63 -14.66 42.10 -22.98
N ARG A 64 -13.83 42.15 -21.91
CA ARG A 64 -13.33 43.42 -21.33
C ARG A 64 -12.45 44.20 -22.33
N ILE A 65 -11.66 43.45 -23.14
CA ILE A 65 -10.83 44.03 -24.23
C ILE A 65 -11.73 44.74 -25.28
N TYR A 66 -12.89 44.11 -25.58
CA TYR A 66 -13.84 44.63 -26.55
C TYR A 66 -14.51 45.91 -25.98
N ASP A 67 -14.86 45.88 -24.67
CA ASP A 67 -15.46 47.05 -23.96
C ASP A 67 -14.48 48.24 -23.95
N THR A 68 -13.20 47.94 -23.69
CA THR A 68 -12.14 48.95 -23.70
C THR A 68 -11.82 49.40 -25.14
N TYR A 69 -12.19 48.58 -26.15
CA TYR A 69 -12.05 48.99 -27.55
C TYR A 69 -13.32 49.78 -27.95
N GLY A 70 -13.18 51.10 -27.98
CA GLY A 70 -14.32 52.03 -28.04
C GLY A 70 -14.41 52.87 -26.76
N THR A 71 -13.30 52.90 -26.02
CA THR A 71 -13.12 53.74 -24.83
C THR A 71 -11.66 54.19 -24.92
N THR A 72 -10.78 53.18 -24.89
CA THR A 72 -9.44 53.27 -25.42
C THR A 72 -9.59 53.07 -26.94
N GLU A 73 -8.76 53.74 -27.75
CA GLU A 73 -8.84 53.71 -29.22
C GLU A 73 -7.90 52.63 -29.81
N ALA A 74 -6.71 52.51 -29.23
CA ALA A 74 -5.66 51.60 -29.70
C ALA A 74 -5.83 50.19 -29.07
N PRO A 75 -5.31 49.10 -29.74
CA PRO A 75 -5.34 47.72 -29.18
C PRO A 75 -4.66 47.67 -27.80
N PRO A 76 -5.40 47.27 -26.70
CA PRO A 76 -4.82 47.14 -25.33
C PRO A 76 -3.60 46.18 -25.27
N PRO A 77 -2.68 46.34 -24.26
CA PRO A 77 -1.56 45.39 -24.06
C PRO A 77 -2.08 43.94 -23.88
N PRO A 78 -1.43 42.92 -24.56
CA PRO A 78 -1.80 41.49 -24.44
C PRO A 78 -2.11 41.02 -22.98
N PRO A 79 -3.37 40.55 -22.70
CA PRO A 79 -3.83 40.16 -21.33
C PRO A 79 -3.01 38.97 -20.75
N PRO A 80 -3.11 38.66 -19.39
CA PRO A 80 -2.29 37.61 -18.70
C PRO A 80 -2.28 36.24 -19.43
N GLY A 81 -1.39 36.16 -20.41
CA GLY A 81 -1.24 35.02 -21.30
C GLY A 81 -1.08 35.51 -22.72
N GLY A 82 -2.10 36.19 -23.23
CA GLY A 82 -2.21 36.55 -24.65
C GLY A 82 -3.66 36.51 -25.10
N TYR A 83 -3.86 36.35 -26.41
CA TYR A 83 -5.20 36.36 -27.01
C TYR A 83 -5.61 34.91 -27.38
N ASP A 84 -6.55 34.35 -26.60
CA ASP A 84 -7.04 32.97 -26.75
C ASP A 84 -8.07 32.84 -27.89
N PHE A 85 -7.96 31.75 -28.67
CA PHE A 85 -8.97 31.35 -29.68
C PHE A 85 -9.22 29.81 -29.60
N SER A 86 -9.85 29.38 -28.48
CA SER A 86 -10.13 27.95 -28.15
C SER A 86 -10.89 27.19 -29.28
N GLY A 87 -10.12 26.49 -30.13
CA GLY A 87 -10.66 25.68 -31.24
C GLY A 87 -11.26 26.50 -32.37
N PHE A 88 -11.06 27.82 -32.31
CA PHE A 88 -11.59 28.75 -33.32
C PHE A 88 -10.48 29.02 -34.33
N ASP A 89 -10.81 28.90 -35.64
CA ASP A 89 -9.82 28.95 -36.74
C ASP A 89 -9.34 30.40 -36.99
N VAL A 90 -8.38 30.80 -36.14
CA VAL A 90 -7.60 32.06 -36.23
C VAL A 90 -7.20 32.41 -37.69
N GLU A 91 -6.79 31.36 -38.43
CA GLU A 91 -6.21 31.48 -39.78
C GLU A 91 -7.23 31.94 -40.84
N ASP A 92 -8.51 32.05 -40.47
CA ASP A 92 -9.60 32.41 -41.42
C ASP A 92 -10.25 33.77 -41.04
N PHE A 93 -9.93 34.30 -39.84
CA PHE A 93 -10.68 35.45 -39.27
C PHE A 93 -10.15 36.83 -39.76
N SER A 94 -10.93 37.89 -39.47
CA SER A 94 -10.82 39.24 -40.10
C SER A 94 -9.50 39.98 -39.79
N GLU A 95 -9.26 41.08 -40.54
CA GLU A 95 -8.11 41.99 -40.32
C GLU A 95 -8.21 42.69 -38.95
N PHE A 96 -9.46 43.02 -38.53
CA PHE A 96 -9.76 43.63 -37.23
C PHE A 96 -9.25 42.73 -36.11
N PHE A 97 -9.57 41.43 -36.23
CA PHE A 97 -9.05 40.38 -35.35
C PHE A 97 -7.49 40.38 -35.39
N GLN A 98 -6.93 40.33 -36.60
CA GLN A 98 -5.46 40.19 -36.80
C GLN A 98 -4.67 41.42 -36.30
N GLU A 99 -5.36 42.56 -36.09
CA GLU A 99 -4.72 43.80 -35.59
C GLU A 99 -4.94 44.02 -34.07
N LEU A 100 -6.13 43.65 -33.56
CA LEU A 100 -6.48 43.82 -32.12
C LEU A 100 -5.82 42.71 -31.27
N PHE A 101 -5.86 41.48 -31.81
CA PHE A 101 -5.37 40.26 -31.13
C PHE A 101 -3.94 39.91 -31.59
N GLY A 102 -3.58 40.36 -32.81
CA GLY A 102 -2.27 40.09 -33.43
C GLY A 102 -1.05 40.25 -32.49
N PRO A 103 -0.86 41.47 -31.84
CA PRO A 103 0.27 41.75 -30.90
C PRO A 103 0.54 40.66 -29.83
N GLY A 104 -0.50 39.88 -29.46
CA GLY A 104 -0.36 38.85 -28.42
C GLY A 104 -0.95 37.51 -28.81
N LEU A 105 -0.96 37.19 -30.11
CA LEU A 105 -1.30 35.84 -30.60
C LEU A 105 -0.18 34.80 -30.30
N PHE A 106 -0.07 34.44 -28.99
CA PHE A 106 0.65 33.25 -28.43
C PHE A 106 1.91 32.79 -29.20
N GLY A 107 2.00 31.47 -29.50
CA GLY A 107 3.25 30.86 -29.94
C GLY A 107 4.04 30.30 -28.77
N GLY A 108 3.31 29.74 -27.77
CA GLY A 108 3.91 28.93 -26.69
C GLY A 108 4.73 29.75 -25.72
N PHE A 109 5.91 30.16 -26.19
CA PHE A 109 6.77 31.14 -25.52
C PHE A 109 6.17 32.55 -25.67
N GLY A 110 5.10 32.66 -26.50
CA GLY A 110 4.20 33.81 -26.52
C GLY A 110 3.20 33.84 -25.35
N ARG A 111 3.38 32.91 -24.37
CA ARG A 111 2.78 32.95 -23.02
C ARG A 111 1.32 32.39 -22.93
N ARG A 112 0.46 32.63 -23.96
CA ARG A 112 -0.94 32.08 -23.97
C ARG A 112 -0.97 30.60 -24.36
N SER A 113 -0.07 30.23 -25.30
CA SER A 113 0.07 28.84 -25.76
C SER A 113 -1.25 28.27 -26.35
N ARG A 114 -1.71 28.82 -27.52
CA ARG A 114 -3.08 28.54 -28.01
C ARG A 114 -3.19 27.66 -29.28
N LYS A 115 -3.76 28.16 -30.42
CA LYS A 115 -4.31 27.27 -31.51
C LYS A 115 -3.26 26.48 -32.33
N GLY A 116 -2.85 25.38 -31.71
CA GLY A 116 -2.15 24.24 -32.30
C GLY A 116 -2.92 22.91 -32.11
N ARG A 117 -2.14 21.80 -32.16
CA ARG A 117 -2.59 20.38 -31.99
C ARG A 117 -3.12 19.97 -30.55
N ASP A 118 -4.15 19.10 -30.61
CA ASP A 118 -4.87 18.54 -29.45
C ASP A 118 -4.06 17.43 -28.72
N LEU A 119 -3.51 17.81 -27.57
CA LEU A 119 -2.80 16.91 -26.62
C LEU A 119 -3.84 16.43 -25.58
N ARG A 120 -3.52 15.38 -24.81
CA ARG A 120 -4.44 14.84 -23.78
C ARG A 120 -3.87 15.09 -22.36
N ALA A 121 -4.70 15.63 -21.46
CA ALA A 121 -4.31 16.03 -20.09
C ALA A 121 -5.45 15.82 -19.11
N GLU A 122 -5.14 16.09 -17.84
CA GLU A 122 -6.02 15.80 -16.71
C GLU A 122 -6.59 17.11 -16.17
N LEU A 123 -7.87 17.11 -15.79
CA LEU A 123 -8.51 18.23 -15.08
C LEU A 123 -8.57 17.84 -13.60
N PRO A 124 -7.60 18.28 -12.75
CA PRO A 124 -7.74 18.08 -11.31
C PRO A 124 -8.77 19.09 -10.82
N LEU A 125 -9.97 18.61 -10.49
CA LEU A 125 -11.13 19.45 -10.25
C LEU A 125 -11.58 19.30 -8.82
N THR A 126 -11.71 20.45 -8.15
CA THR A 126 -12.09 20.53 -6.74
C THR A 126 -13.45 19.83 -6.50
N LEU A 127 -13.48 18.95 -5.47
CA LEU A 127 -14.68 18.15 -5.08
C LEU A 127 -15.94 19.03 -5.03
N GLU A 128 -15.79 20.18 -4.34
CA GLU A 128 -16.83 21.19 -4.16
C GLU A 128 -17.38 21.66 -5.52
N GLU A 129 -16.46 22.02 -6.44
CA GLU A 129 -16.79 22.47 -7.80
C GLU A 129 -17.47 21.35 -8.62
N ALA A 130 -17.05 20.10 -8.37
CA ALA A 130 -17.63 18.91 -9.01
C ALA A 130 -19.11 18.76 -8.66
N PHE A 131 -19.44 19.07 -7.40
CA PHE A 131 -20.82 19.13 -6.89
C PHE A 131 -21.61 20.29 -7.55
N HIS A 132 -20.96 21.49 -7.62
CA HIS A 132 -21.61 22.72 -8.11
C HIS A 132 -21.97 22.64 -9.61
N GLY A 133 -20.93 22.55 -10.45
CA GLY A 133 -21.10 22.52 -11.91
C GLY A 133 -21.07 23.91 -12.53
N GLY A 134 -21.21 23.96 -13.86
CA GLY A 134 -21.22 25.23 -14.63
C GLY A 134 -19.82 25.65 -15.05
N GLU A 135 -19.66 26.96 -15.32
CA GLU A 135 -18.40 27.55 -15.82
C GLU A 135 -17.31 27.56 -14.72
N ARG A 136 -16.42 26.56 -14.76
CA ARG A 136 -15.22 26.48 -13.90
C ARG A 136 -14.02 27.10 -14.64
N VAL A 137 -13.47 28.15 -14.02
CA VAL A 137 -12.22 28.78 -14.45
C VAL A 137 -11.03 27.94 -13.96
N VAL A 138 -10.38 27.23 -14.88
CA VAL A 138 -9.13 26.51 -14.62
C VAL A 138 -7.98 27.21 -15.38
N GLU A 139 -6.93 27.58 -14.64
CA GLU A 139 -5.88 28.50 -15.12
C GLU A 139 -4.48 27.88 -14.99
N VAL A 140 -3.81 27.67 -16.15
CA VAL A 140 -2.44 27.12 -16.22
C VAL A 140 -1.84 27.49 -17.60
N ALA A 141 -0.48 27.55 -17.67
CA ALA A 141 0.29 27.75 -18.94
C ALA A 141 -0.03 29.12 -19.61
N GLY A 142 -0.53 30.09 -18.80
CA GLY A 142 -0.93 31.41 -19.29
C GLY A 142 -2.37 31.47 -19.78
N ARG A 143 -3.01 30.29 -19.97
CA ARG A 143 -4.40 30.18 -20.41
C ARG A 143 -5.33 30.01 -19.18
N ARG A 144 -6.19 31.01 -18.97
CA ARG A 144 -7.25 30.99 -17.96
C ARG A 144 -8.59 30.65 -18.65
N VAL A 145 -8.89 29.34 -18.76
CA VAL A 145 -10.06 28.84 -19.52
C VAL A 145 -11.26 28.62 -18.58
N SER A 146 -12.48 28.88 -19.09
CA SER A 146 -13.71 28.63 -18.34
C SER A 146 -14.44 27.41 -18.95
N VAL A 147 -14.07 26.21 -18.46
CA VAL A 147 -14.67 24.93 -18.91
C VAL A 147 -15.98 24.64 -18.15
N ARG A 148 -17.08 24.44 -18.88
CA ARG A 148 -18.38 24.12 -18.28
C ARG A 148 -18.39 22.63 -17.86
N ILE A 149 -18.09 22.42 -16.57
CA ILE A 149 -18.13 21.09 -15.95
C ILE A 149 -19.60 20.68 -15.65
N PRO A 150 -19.99 19.38 -15.86
CA PRO A 150 -21.34 18.88 -15.47
C PRO A 150 -21.60 18.97 -13.94
N PRO A 151 -22.77 19.55 -13.49
CA PRO A 151 -23.18 19.50 -12.06
C PRO A 151 -23.38 18.05 -11.58
N GLY A 152 -22.50 17.60 -10.68
CA GLY A 152 -22.44 16.21 -10.24
C GLY A 152 -21.61 15.36 -11.21
N VAL A 153 -20.42 15.89 -11.59
CA VAL A 153 -19.51 15.20 -12.53
C VAL A 153 -18.70 14.13 -11.76
N ARG A 154 -18.27 13.09 -12.49
CA ARG A 154 -17.59 11.93 -11.89
C ARG A 154 -16.23 11.69 -12.57
N GLU A 155 -15.37 10.96 -11.85
CA GLU A 155 -14.00 10.60 -12.25
C GLU A 155 -14.01 9.84 -13.59
N GLY A 156 -13.23 10.34 -14.57
CA GLY A 156 -13.10 9.70 -15.88
C GLY A 156 -13.88 10.40 -16.99
N SER A 157 -14.75 11.39 -16.63
CA SER A 157 -15.56 12.16 -17.60
C SER A 157 -14.62 12.98 -18.53
N VAL A 158 -14.57 12.62 -19.82
CA VAL A 158 -13.69 13.25 -20.80
C VAL A 158 -14.38 14.47 -21.47
N ILE A 159 -13.81 15.67 -21.25
CA ILE A 159 -14.28 16.91 -21.87
C ILE A 159 -13.23 17.36 -22.92
N ARG A 160 -13.54 17.25 -24.22
CA ARG A 160 -12.63 17.76 -25.28
C ARG A 160 -12.76 19.29 -25.33
N VAL A 161 -11.78 19.96 -24.74
CA VAL A 161 -11.80 21.42 -24.56
C VAL A 161 -10.52 22.00 -25.18
N PRO A 162 -10.63 22.79 -26.27
CA PRO A 162 -9.45 23.40 -26.90
C PRO A 162 -8.85 24.52 -26.03
N GLY A 163 -7.52 24.66 -26.07
CA GLY A 163 -6.85 25.81 -25.47
C GLY A 163 -5.66 25.50 -24.58
N MET A 164 -5.59 24.28 -24.02
CA MET A 164 -4.65 23.98 -22.91
C MET A 164 -3.71 22.78 -23.20
N GLY A 165 -3.88 22.12 -24.36
CA GLY A 165 -3.13 20.90 -24.69
C GLY A 165 -1.69 21.15 -25.07
N GLY A 166 -1.36 21.16 -26.40
CA GLY A 166 0.00 21.58 -26.77
C GLY A 166 0.20 23.08 -26.53
N GLN A 167 1.45 23.57 -26.56
CA GLN A 167 1.72 25.00 -26.29
C GLN A 167 2.04 25.85 -27.56
N GLY A 168 1.06 26.65 -28.06
CA GLY A 168 1.33 27.73 -29.03
C GLY A 168 0.56 27.64 -30.34
N ASN A 169 1.05 28.36 -31.37
CA ASN A 169 0.49 28.28 -32.71
C ASN A 169 0.67 26.83 -33.32
N PRO A 170 1.88 26.14 -33.23
CA PRO A 170 2.01 24.72 -33.72
C PRO A 170 1.32 23.61 -32.84
N PRO A 171 1.60 23.42 -31.48
CA PRO A 171 0.76 22.55 -30.59
C PRO A 171 -0.26 23.41 -29.75
N GLY A 172 -1.43 22.85 -29.28
CA GLY A 172 -2.53 23.72 -28.79
C GLY A 172 -3.75 23.12 -28.06
N ASP A 173 -4.73 22.55 -28.80
CA ASP A 173 -6.07 22.14 -28.24
C ASP A 173 -5.94 21.03 -27.16
N LEU A 174 -6.98 20.79 -26.29
CA LEU A 174 -6.87 19.77 -25.22
C LEU A 174 -8.03 18.74 -25.21
N LEU A 175 -7.68 17.51 -24.79
CA LEU A 175 -8.61 16.44 -24.46
C LEU A 175 -8.53 16.22 -22.93
N LEU A 176 -9.40 16.89 -22.14
CA LEU A 176 -9.42 16.72 -20.66
C LEU A 176 -10.08 15.41 -20.25
N VAL A 177 -9.48 14.73 -19.25
CA VAL A 177 -10.11 13.65 -18.50
C VAL A 177 -10.14 14.11 -17.03
N VAL A 178 -11.34 14.29 -16.47
CA VAL A 178 -11.50 14.91 -15.15
C VAL A 178 -11.03 13.94 -14.02
N ARG A 179 -10.04 14.41 -13.27
CA ARG A 179 -9.56 13.75 -12.06
C ARG A 179 -10.03 14.57 -10.86
N LEU A 180 -11.11 14.14 -10.20
CA LEU A 180 -11.64 14.86 -9.03
C LEU A 180 -10.65 14.68 -7.86
N LEU A 181 -10.32 15.82 -7.21
CA LEU A 181 -9.17 15.96 -6.29
C LEU A 181 -9.14 14.91 -5.17
N PRO A 182 -7.92 14.53 -4.69
CA PRO A 182 -7.75 13.89 -3.37
C PRO A 182 -7.71 14.98 -2.29
N HIS A 183 -8.70 15.89 -2.35
CA HIS A 183 -8.89 17.00 -1.42
C HIS A 183 -9.33 16.39 -0.07
N PRO A 184 -8.68 16.80 1.09
CA PRO A 184 -8.69 16.14 2.43
C PRO A 184 -9.79 15.10 2.79
N VAL A 185 -11.04 15.23 2.30
CA VAL A 185 -12.13 14.36 2.74
C VAL A 185 -12.26 13.20 1.75
N PHE A 186 -12.51 13.53 0.47
CA PHE A 186 -12.89 12.54 -0.55
C PHE A 186 -11.83 12.44 -1.66
N ARG A 187 -11.79 11.27 -2.30
CA ARG A 187 -11.10 11.04 -3.58
C ARG A 187 -12.01 10.16 -4.43
N LEU A 188 -12.27 10.57 -5.68
CA LEU A 188 -13.20 9.84 -6.56
C LEU A 188 -12.54 8.59 -7.19
N GLU A 189 -13.43 7.76 -7.75
CA GLU A 189 -13.09 6.57 -8.50
C GLU A 189 -14.38 6.20 -9.28
N GLY A 190 -14.45 6.63 -10.55
CA GLY A 190 -15.67 6.57 -11.33
C GLY A 190 -16.78 7.43 -10.70
N GLN A 191 -17.93 6.80 -10.39
CA GLN A 191 -19.10 7.49 -9.77
C GLN A 191 -18.97 7.52 -8.24
N ASP A 192 -18.04 6.73 -7.67
CA ASP A 192 -18.00 6.48 -6.21
C ASP A 192 -16.81 7.19 -5.52
N LEU A 193 -16.99 7.42 -4.22
CA LEU A 193 -16.12 8.24 -3.35
C LEU A 193 -15.23 7.35 -2.47
N TYR A 194 -14.09 7.90 -2.03
CA TYR A 194 -13.23 7.30 -0.99
C TYR A 194 -12.88 8.40 0.02
N ALA A 195 -13.59 8.38 1.16
CA ALA A 195 -13.49 9.38 2.23
C ALA A 195 -12.74 8.80 3.42
N THR A 196 -11.56 9.35 3.75
CA THR A 196 -10.80 8.92 4.92
C THR A 196 -11.51 9.39 6.21
N LEU A 197 -12.22 8.45 6.89
CA LEU A 197 -13.05 8.76 8.07
C LEU A 197 -12.28 8.36 9.33
N ASP A 198 -11.75 9.35 10.05
CA ASP A 198 -11.08 9.11 11.33
C ASP A 198 -12.13 9.06 12.45
N VAL A 199 -12.35 7.84 12.96
CA VAL A 199 -13.35 7.55 14.00
C VAL A 199 -12.61 6.94 15.22
N PRO A 200 -12.95 7.34 16.48
CA PRO A 200 -12.38 6.69 17.68
C PRO A 200 -13.04 5.32 17.96
N ALA A 201 -12.29 4.47 18.67
CA ALA A 201 -12.60 3.04 18.86
C ALA A 201 -14.00 2.75 19.47
N PRO A 202 -14.46 3.41 20.60
CA PRO A 202 -15.82 3.16 21.16
C PRO A 202 -16.94 3.44 20.12
N ILE A 203 -16.77 4.56 19.38
CA ILE A 203 -17.75 5.02 18.39
C ILE A 203 -17.73 4.12 17.13
N ALA A 204 -16.55 3.52 16.84
CA ALA A 204 -16.37 2.61 15.69
C ALA A 204 -17.07 1.25 15.92
N VAL A 205 -16.83 0.66 17.11
CA VAL A 205 -17.35 -0.67 17.47
C VAL A 205 -18.86 -0.66 17.72
N VAL A 206 -19.33 0.39 18.41
CA VAL A 206 -20.74 0.52 18.81
C VAL A 206 -21.58 1.19 17.70
N GLY A 207 -21.01 2.24 17.09
CA GLY A 207 -21.70 2.99 16.06
C GLY A 207 -22.47 4.19 16.63
N GLY A 208 -21.74 5.31 16.82
CA GLY A 208 -22.34 6.59 17.23
C GLY A 208 -21.95 7.72 16.28
N LYS A 209 -22.31 8.97 16.61
CA LYS A 209 -22.08 10.10 15.71
C LYS A 209 -20.66 10.68 15.83
N VAL A 210 -20.03 10.92 14.66
CA VAL A 210 -18.79 11.72 14.51
C VAL A 210 -19.07 12.88 13.55
N ARG A 211 -18.12 13.81 13.47
CA ARG A 211 -18.15 14.89 12.48
C ARG A 211 -17.60 14.38 11.13
N ALA A 212 -18.52 14.23 10.15
CA ALA A 212 -18.18 13.90 8.76
C ALA A 212 -18.28 15.17 7.92
N MET A 213 -17.26 15.44 7.10
CA MET A 213 -17.19 16.68 6.31
C MET A 213 -17.82 16.45 4.92
N THR A 214 -18.64 17.40 4.46
CA THR A 214 -19.24 17.38 3.11
C THR A 214 -18.64 18.52 2.27
N LEU A 215 -19.14 18.66 1.03
CA LEU A 215 -18.65 19.66 0.05
C LEU A 215 -19.23 21.06 0.32
N GLU A 216 -20.13 21.14 1.32
CA GLU A 216 -20.74 22.42 1.75
C GLU A 216 -20.34 22.77 3.20
N GLY A 217 -19.85 21.77 3.99
CA GLY A 217 -19.39 22.02 5.36
C GLY A 217 -19.43 20.79 6.27
N PRO A 218 -18.91 20.91 7.54
CA PRO A 218 -18.87 19.77 8.49
C PRO A 218 -20.25 19.49 9.14
N VAL A 219 -20.72 18.24 9.01
CA VAL A 219 -21.99 17.76 9.60
C VAL A 219 -21.70 16.57 10.54
N GLU A 220 -22.75 16.01 11.16
CA GLU A 220 -22.65 14.77 11.97
C GLU A 220 -23.20 13.59 11.16
N VAL A 221 -22.68 12.38 11.42
CA VAL A 221 -23.16 11.13 10.79
C VAL A 221 -23.02 9.98 11.80
N ALA A 222 -24.00 9.06 11.81
CA ALA A 222 -24.04 7.93 12.74
C ALA A 222 -23.24 6.74 12.17
N VAL A 223 -22.00 6.57 12.66
CA VAL A 223 -21.06 5.49 12.23
C VAL A 223 -21.72 4.08 12.35
N PRO A 224 -21.43 3.10 11.41
CA PRO A 224 -21.90 1.69 11.55
C PRO A 224 -21.31 1.00 12.82
N PRO A 225 -21.89 -0.15 13.28
CA PRO A 225 -21.23 -1.00 14.28
C PRO A 225 -20.11 -1.85 13.63
N ARG A 226 -19.13 -2.25 14.47
CA ARG A 226 -18.02 -3.18 14.10
C ARG A 226 -17.07 -2.58 13.03
N THR A 227 -17.09 -1.24 12.92
CA THR A 227 -16.34 -0.48 11.92
C THR A 227 -14.80 -0.73 12.05
N GLN A 228 -14.27 -1.54 11.12
CA GLN A 228 -12.90 -2.11 11.18
C GLN A 228 -11.89 -1.30 10.34
N ALA A 229 -10.71 -1.03 10.95
CA ALA A 229 -9.65 -0.15 10.39
C ALA A 229 -9.07 -0.68 9.07
N GLY A 230 -8.82 0.25 8.12
CA GLY A 230 -8.26 -0.08 6.80
C GLY A 230 -9.35 -0.31 5.77
N ARG A 231 -10.48 -0.91 6.21
CA ARG A 231 -11.61 -1.27 5.36
C ARG A 231 -12.42 -0.03 4.96
N LYS A 232 -13.22 -0.19 3.91
CA LYS A 232 -14.01 0.89 3.31
C LYS A 232 -15.51 0.60 3.53
N LEU A 233 -16.20 1.50 4.25
CA LEU A 233 -17.64 1.40 4.53
C LEU A 233 -18.42 1.82 3.28
N ARG A 234 -18.91 0.84 2.49
CA ARG A 234 -19.68 1.12 1.27
C ARG A 234 -21.08 1.66 1.63
N LEU A 235 -21.29 2.97 1.45
CA LEU A 235 -22.60 3.60 1.62
C LEU A 235 -23.26 3.67 0.24
N LYS A 236 -24.24 2.78 0.01
CA LYS A 236 -24.86 2.60 -1.31
C LYS A 236 -25.77 3.80 -1.67
N GLY A 237 -25.44 4.50 -2.78
CA GLY A 237 -26.24 5.63 -3.27
C GLY A 237 -25.89 6.96 -2.60
N LYS A 238 -24.59 7.13 -2.23
CA LYS A 238 -24.10 8.31 -1.47
C LYS A 238 -22.91 9.00 -2.19
N GLY A 239 -22.58 8.54 -3.40
CA GLY A 239 -21.60 9.18 -4.28
C GLY A 239 -22.25 10.14 -5.28
N PHE A 240 -21.55 10.42 -6.39
CA PHE A 240 -22.00 11.39 -7.40
C PHE A 240 -23.00 10.74 -8.39
N PRO A 241 -24.08 11.50 -8.80
CA PRO A 241 -25.12 11.02 -9.75
C PRO A 241 -24.62 11.05 -11.22
N GLY A 242 -24.95 9.99 -11.98
CA GLY A 242 -24.54 9.88 -13.38
C GLY A 242 -25.00 8.56 -14.02
N PRO A 243 -24.13 7.89 -14.86
CA PRO A 243 -24.48 6.62 -15.59
C PRO A 243 -24.69 5.39 -14.67
N ALA A 244 -24.30 5.52 -13.39
CA ALA A 244 -24.52 4.45 -12.38
C ALA A 244 -25.68 4.83 -11.45
N GLY A 245 -26.55 5.75 -11.93
CA GLY A 245 -27.63 6.30 -11.11
C GLY A 245 -27.06 7.27 -10.07
N ARG A 246 -26.80 6.74 -8.87
CA ARG A 246 -26.00 7.43 -7.82
C ARG A 246 -24.88 6.48 -7.39
N GLY A 247 -23.62 6.99 -7.33
CA GLY A 247 -22.47 6.19 -6.89
C GLY A 247 -22.51 5.87 -5.40
N ASP A 248 -21.39 5.36 -4.85
CA ASP A 248 -21.29 5.01 -3.41
C ASP A 248 -20.32 5.95 -2.68
N LEU A 249 -20.26 5.80 -1.35
CA LEU A 249 -19.34 6.56 -0.48
C LEU A 249 -18.60 5.56 0.41
N TYR A 250 -17.32 5.30 0.08
CA TYR A 250 -16.49 4.36 0.83
C TYR A 250 -15.76 5.12 1.96
N LEU A 251 -16.21 4.94 3.22
CA LEU A 251 -15.55 5.58 4.37
C LEU A 251 -14.37 4.70 4.83
N GLU A 252 -13.17 5.12 4.45
CA GLU A 252 -11.92 4.41 4.74
C GLU A 252 -11.55 4.63 6.21
N VAL A 253 -11.78 3.58 7.00
CA VAL A 253 -11.77 3.62 8.47
C VAL A 253 -10.35 3.88 9.02
N ARG A 254 -10.26 4.89 9.88
CA ARG A 254 -9.05 5.26 10.60
C ARG A 254 -9.40 5.33 12.10
N ILE A 255 -9.22 4.20 12.81
CA ILE A 255 -9.54 4.11 14.24
C ILE A 255 -8.42 4.75 15.07
N THR A 256 -8.81 5.60 16.04
CA THR A 256 -7.89 6.23 17.02
C THR A 256 -8.42 6.04 18.46
N ILE A 257 -7.63 6.48 19.45
CA ILE A 257 -7.96 6.35 20.90
C ILE A 257 -7.71 7.72 21.61
N PRO A 258 -8.45 8.04 22.73
CA PRO A 258 -8.52 9.43 23.30
C PRO A 258 -7.28 9.89 24.09
N GLU A 259 -6.21 9.07 24.03
CA GLU A 259 -5.06 9.12 24.95
C GLU A 259 -5.52 9.05 26.42
N ARG A 260 -5.87 10.22 26.99
CA ARG A 260 -6.35 10.36 28.38
C ARG A 260 -7.61 9.51 28.63
N LEU A 261 -7.90 9.20 29.91
CA LEU A 261 -9.09 8.42 30.32
C LEU A 261 -9.65 8.94 31.65
N THR A 262 -10.97 8.78 31.84
CA THR A 262 -11.63 8.97 33.15
C THR A 262 -11.49 7.64 33.96
N PRO A 263 -11.68 7.65 35.34
CA PRO A 263 -11.61 6.42 36.20
C PRO A 263 -12.33 5.17 35.60
N GLU A 264 -13.57 5.35 35.10
CA GLU A 264 -14.39 4.25 34.52
C GLU A 264 -13.73 3.75 33.23
N GLU A 265 -13.35 4.70 32.36
CA GLU A 265 -12.71 4.40 31.08
C GLU A 265 -11.43 3.58 31.29
N GLU A 266 -10.63 3.95 32.30
CA GLU A 266 -9.37 3.25 32.62
C GLU A 266 -9.67 1.80 33.01
N ALA A 267 -10.62 1.64 33.97
CA ALA A 267 -11.04 0.32 34.47
C ALA A 267 -11.48 -0.62 33.33
N LEU A 268 -12.39 -0.14 32.48
CA LEU A 268 -13.04 -0.94 31.42
C LEU A 268 -12.07 -1.23 30.25
N TRP A 269 -11.28 -0.21 29.80
CA TRP A 269 -10.28 -0.38 28.70
C TRP A 269 -9.23 -1.45 29.06
N LYS A 270 -8.72 -1.36 30.31
CA LYS A 270 -7.73 -2.32 30.83
C LYS A 270 -8.32 -3.74 30.90
N LYS A 271 -9.51 -3.88 31.50
CA LYS A 271 -10.19 -5.18 31.67
C LYS A 271 -10.58 -5.79 30.31
N LEU A 272 -10.86 -4.93 29.32
CA LEU A 272 -11.08 -5.36 27.93
C LEU A 272 -9.83 -6.04 27.40
N ALA A 273 -8.67 -5.36 27.52
CA ALA A 273 -7.36 -5.86 27.02
C ALA A 273 -6.91 -7.14 27.75
N GLU A 274 -7.18 -7.21 29.07
CA GLU A 274 -6.81 -8.35 29.92
C GLU A 274 -7.61 -9.60 29.52
N ALA A 275 -8.95 -9.42 29.37
CA ALA A 275 -9.85 -10.48 28.90
C ALA A 275 -9.43 -10.95 27.50
N TYR A 276 -9.44 -9.99 26.55
CA TYR A 276 -9.04 -10.11 25.13
C TYR A 276 -7.80 -11.01 24.95
N TYR A 277 -6.71 -10.59 25.61
CA TYR A 277 -5.40 -11.25 25.53
C TYR A 277 -5.50 -12.69 26.08
N ALA A 278 -6.16 -12.83 27.25
CA ALA A 278 -6.36 -14.13 27.91
C ALA A 278 -7.33 -15.06 27.15
N ARG A 279 -8.02 -14.54 26.11
CA ARG A 279 -8.94 -15.35 25.27
C ARG A 279 -8.22 -15.91 24.03
N ALA A 280 -6.96 -15.47 23.81
CA ALA A 280 -6.15 -15.92 22.66
C ALA A 280 -5.45 -17.27 23.02
N MET B 1 -13.15 24.74 -0.86
CA MET B 1 -14.41 25.46 -0.62
C MET B 1 -15.03 25.89 -1.96
N LYS B 2 -16.03 26.80 -1.90
CA LYS B 2 -16.95 27.11 -3.04
C LYS B 2 -16.30 28.05 -4.10
N GLN B 3 -15.04 28.44 -3.89
CA GLN B 3 -14.30 29.35 -4.79
C GLN B 3 -12.90 28.78 -5.11
N SER B 4 -12.66 27.51 -4.72
CA SER B 4 -11.34 26.85 -4.90
C SER B 4 -11.08 26.56 -6.37
N THR B 5 -10.24 27.43 -6.96
CA THR B 5 -9.84 27.36 -8.37
C THR B 5 -8.62 26.43 -8.55
N ILE B 6 -8.49 25.87 -9.76
CA ILE B 6 -7.56 24.77 -10.07
C ILE B 6 -6.64 25.12 -11.27
N ALA B 7 -5.74 24.18 -11.61
CA ALA B 7 -4.78 24.29 -12.73
C ALA B 7 -4.55 22.89 -13.31
N LEU B 8 -4.56 22.73 -14.67
CA LEU B 8 -4.38 21.40 -15.31
C LEU B 8 -2.99 20.82 -15.02
N ALA B 9 -2.93 19.48 -15.00
CA ALA B 9 -1.68 18.71 -14.88
C ALA B 9 -0.83 18.89 -16.16
N LEU B 10 -1.54 18.81 -17.32
CA LEU B 10 -0.99 18.94 -18.68
C LEU B 10 -0.21 17.68 -19.15
N LEU B 11 0.59 17.10 -18.24
CA LEU B 11 1.52 16.00 -18.53
C LEU B 11 2.50 16.38 -19.68
N PRO B 12 3.23 17.57 -19.57
CA PRO B 12 4.10 18.07 -20.66
C PRO B 12 5.33 17.14 -20.86
N LEU B 13 5.50 16.62 -22.09
CA LEU B 13 6.52 15.61 -22.50
C LEU B 13 6.67 14.41 -21.50
N LEU B 14 7.33 14.65 -20.35
CA LEU B 14 7.63 13.59 -19.35
C LEU B 14 7.58 14.18 -17.91
N PHE B 15 6.75 15.22 -17.72
CA PHE B 15 6.59 15.90 -16.42
C PHE B 15 5.42 15.25 -15.64
N THR B 16 5.78 14.39 -14.68
CA THR B 16 4.85 13.62 -13.82
C THR B 16 5.65 13.02 -12.64
N PRO B 17 5.04 12.80 -11.43
CA PRO B 17 5.70 12.05 -10.32
C PRO B 17 6.11 10.59 -10.70
N VAL B 18 5.50 10.06 -11.78
CA VAL B 18 5.76 8.70 -12.29
C VAL B 18 6.81 8.73 -13.44
N THR B 19 7.52 9.88 -13.59
CA THR B 19 8.54 10.09 -14.65
C THR B 19 9.68 9.06 -14.55
N LYS B 20 10.08 8.74 -13.31
CA LYS B 20 11.06 7.67 -12.99
C LYS B 20 10.59 6.94 -11.73
N ALA B 21 11.13 5.73 -11.51
CA ALA B 21 10.88 4.94 -10.29
C ALA B 21 11.75 5.48 -9.14
N ARG B 22 11.27 6.59 -8.54
CA ARG B 22 11.98 7.31 -7.47
C ARG B 22 11.77 6.59 -6.12
N THR B 23 10.49 6.32 -5.82
CA THR B 23 10.01 5.83 -4.52
C THR B 23 10.43 6.81 -3.38
N PRO B 24 9.59 7.86 -3.09
CA PRO B 24 9.89 8.87 -2.04
C PRO B 24 9.52 8.38 -0.62
N GLU B 25 9.86 7.11 -0.34
CA GLU B 25 9.60 6.45 0.95
C GLU B 25 10.35 7.16 2.09
N MET B 26 11.67 7.28 1.90
CA MET B 26 12.60 7.83 2.90
C MET B 26 13.29 9.09 2.35
N PRO B 27 13.96 9.92 3.22
CA PRO B 27 14.91 10.99 2.80
C PRO B 27 15.95 10.52 1.75
N VAL B 28 16.35 9.22 1.83
CA VAL B 28 17.28 8.55 0.88
C VAL B 28 18.74 9.05 1.10
N LEU B 29 18.99 10.30 0.71
CA LEU B 29 20.31 10.92 0.83
C LEU B 29 20.23 12.02 1.92
N GLU B 30 20.78 11.71 3.11
CA GLU B 30 20.99 12.69 4.20
C GLU B 30 22.44 13.24 4.15
N ASN B 31 23.31 12.46 3.46
CA ASN B 31 24.72 12.79 3.17
C ASN B 31 25.58 12.73 4.45
N ARG B 32 25.53 13.81 5.26
CA ARG B 32 26.39 13.96 6.44
C ARG B 32 25.84 13.15 7.63
N ALA B 33 26.20 11.87 7.67
CA ALA B 33 25.87 10.96 8.78
C ALA B 33 27.15 10.24 9.22
N ALA B 34 27.90 10.92 10.10
CA ALA B 34 29.19 10.44 10.63
C ALA B 34 29.16 10.48 12.17
N GLN B 35 28.77 9.35 12.79
CA GLN B 35 28.65 9.17 14.26
C GLN B 35 27.49 10.05 14.81
N GLY B 36 26.28 9.46 14.88
CA GLY B 36 25.09 10.17 15.35
C GLY B 36 23.99 9.18 15.70
N ASP B 37 23.99 8.77 16.99
CA ASP B 37 23.11 7.70 17.54
C ASP B 37 23.37 6.35 16.86
N ILE B 38 24.21 5.52 17.49
CA ILE B 38 24.45 4.13 17.05
C ILE B 38 23.14 3.36 17.31
N THR B 39 22.42 3.04 16.21
CA THR B 39 21.09 2.42 16.26
C THR B 39 21.13 0.95 16.79
N ALA B 40 22.33 0.33 16.68
CA ALA B 40 22.55 -1.10 17.01
C ALA B 40 21.63 -2.01 16.16
N PRO B 41 21.99 -2.24 14.86
CA PRO B 41 21.16 -3.05 13.93
C PRO B 41 21.37 -4.57 14.14
N GLY B 42 21.05 -5.38 13.11
CA GLY B 42 21.09 -6.84 13.21
C GLY B 42 22.48 -7.44 13.01
N GLY B 43 23.32 -7.32 14.05
CA GLY B 43 24.62 -7.99 14.11
C GLY B 43 24.52 -9.33 14.83
N ALA B 44 25.20 -9.45 15.99
CA ALA B 44 25.19 -10.67 16.82
C ALA B 44 23.81 -10.84 17.50
N ARG B 45 23.19 -12.01 17.28
CA ARG B 45 21.86 -12.35 17.81
C ARG B 45 21.98 -12.94 19.23
N ARG B 46 20.84 -13.36 19.79
CA ARG B 46 20.77 -14.01 21.10
C ARG B 46 20.31 -15.48 20.92
N LEU B 47 20.89 -16.41 21.69
CA LEU B 47 20.51 -17.82 21.71
C LEU B 47 20.48 -18.34 23.16
N THR B 48 19.51 -17.79 23.93
CA THR B 48 19.32 -18.11 25.36
C THR B 48 19.12 -19.63 25.60
N GLY B 49 18.48 -20.29 24.63
CA GLY B 49 18.24 -21.72 24.66
C GLY B 49 17.09 -22.07 23.72
N ASP B 50 17.31 -21.76 22.42
CA ASP B 50 16.26 -21.73 21.38
C ASP B 50 15.31 -20.53 21.66
N GLN B 51 14.16 -20.80 22.32
CA GLN B 51 13.16 -19.79 22.73
C GLN B 51 11.92 -20.47 23.35
N THR B 52 11.62 -21.71 22.87
CA THR B 52 10.41 -22.47 23.26
C THR B 52 9.15 -21.63 22.89
N ALA B 53 9.23 -21.00 21.69
CA ALA B 53 8.13 -20.18 21.13
C ALA B 53 7.08 -21.10 20.48
N ALA B 54 6.41 -21.87 21.34
CA ALA B 54 5.42 -22.87 20.96
C ALA B 54 4.00 -22.29 21.09
N LEU B 55 3.01 -23.01 20.51
CA LEU B 55 1.59 -22.59 20.40
C LEU B 55 1.38 -21.51 19.30
N ARG B 56 2.38 -20.58 19.15
CA ARG B 56 2.38 -19.48 18.16
C ARG B 56 1.37 -18.38 18.57
N ASP B 57 0.08 -18.67 18.38
CA ASP B 57 -1.04 -17.81 18.86
C ASP B 57 -2.10 -18.63 19.60
N SER B 58 -2.02 -19.98 19.43
CA SER B 58 -2.95 -20.99 20.00
C SER B 58 -4.41 -20.80 19.55
N LEU B 59 -4.61 -19.96 18.53
CA LEU B 59 -5.92 -19.72 17.91
C LEU B 59 -6.12 -20.72 16.76
N SER B 60 -7.23 -21.45 16.81
CA SER B 60 -7.64 -22.37 15.75
C SER B 60 -8.21 -21.60 14.55
N ASP B 61 -8.37 -22.33 13.44
CA ASP B 61 -9.01 -21.83 12.23
C ASP B 61 -10.53 -21.64 12.45
N LYS B 62 -11.11 -20.74 11.65
CA LYS B 62 -12.57 -20.52 11.57
C LYS B 62 -12.93 -20.29 10.09
N PRO B 63 -13.33 -21.37 9.35
CA PRO B 63 -13.79 -21.26 7.93
C PRO B 63 -15.19 -20.60 7.81
N ALA B 64 -15.93 -20.56 8.96
CA ALA B 64 -17.27 -19.96 9.11
C ALA B 64 -18.35 -20.82 8.41
N LYS B 65 -18.32 -20.80 7.07
CA LYS B 65 -19.24 -21.57 6.21
C LYS B 65 -18.46 -22.48 5.23
N ASN B 66 -17.10 -22.40 5.30
CA ASN B 66 -16.15 -23.10 4.40
C ASN B 66 -16.11 -22.45 2.99
N ILE B 67 -17.27 -22.50 2.29
CA ILE B 67 -17.42 -21.97 0.92
C ILE B 67 -17.59 -20.43 0.91
N ILE B 68 -16.48 -19.73 1.25
CA ILE B 68 -16.41 -18.26 1.44
C ILE B 68 -17.06 -17.44 0.29
N LEU B 69 -16.85 -17.88 -0.95
CA LEU B 69 -17.33 -17.18 -2.16
C LEU B 69 -18.17 -18.11 -3.06
N LEU B 70 -18.13 -19.43 -2.74
CA LEU B 70 -18.62 -20.51 -3.63
C LEU B 70 -17.78 -20.48 -4.94
N ILE B 71 -16.65 -21.19 -4.91
CA ILE B 71 -15.69 -21.25 -6.02
C ILE B 71 -16.03 -22.46 -6.92
N GLY B 72 -15.88 -22.31 -8.25
CA GLY B 72 -16.08 -23.40 -9.20
C GLY B 72 -14.84 -24.28 -9.35
N ASP B 73 -14.94 -25.31 -10.19
CA ASP B 73 -13.81 -26.22 -10.49
C ASP B 73 -12.77 -25.50 -11.35
N GLY B 74 -11.53 -25.37 -10.83
CA GLY B 74 -10.48 -24.56 -11.45
C GLY B 74 -10.81 -23.06 -11.43
N MET B 75 -11.66 -22.66 -10.44
CA MET B 75 -12.27 -21.32 -10.30
C MET B 75 -13.30 -21.06 -11.42
N GLY B 76 -12.82 -20.95 -12.67
CA GLY B 76 -13.65 -20.64 -13.83
C GLY B 76 -13.41 -19.22 -14.30
N ASP B 77 -12.19 -18.97 -14.81
CA ASP B 77 -11.72 -17.64 -15.20
C ASP B 77 -10.89 -17.73 -16.50
N SER B 78 -10.84 -16.59 -17.22
CA SER B 78 -10.10 -16.38 -18.49
C SER B 78 -10.56 -17.35 -19.61
N GLU B 79 -10.06 -18.61 -19.56
CA GLU B 79 -10.28 -19.66 -20.58
C GLU B 79 -9.55 -19.29 -21.89
N ILE B 80 -10.10 -18.30 -22.61
CA ILE B 80 -9.51 -17.72 -23.83
C ILE B 80 -9.65 -16.17 -23.76
N THR B 81 -9.63 -15.67 -22.50
CA THR B 81 -9.95 -14.27 -22.11
C THR B 81 -11.48 -14.02 -22.18
N ALA B 82 -12.09 -14.43 -23.31
CA ALA B 82 -13.54 -14.57 -23.43
C ALA B 82 -14.02 -15.68 -22.47
N ALA B 83 -15.01 -15.34 -21.64
CA ALA B 83 -15.59 -16.20 -20.59
C ALA B 83 -16.74 -15.44 -19.95
N ARG B 84 -16.45 -14.17 -19.62
CA ARG B 84 -17.43 -13.22 -19.06
C ARG B 84 -18.27 -12.61 -20.20
N ASN B 85 -19.03 -11.54 -19.88
CA ASN B 85 -19.84 -10.81 -20.86
C ASN B 85 -18.89 -9.93 -21.73
N TYR B 86 -18.27 -10.58 -22.73
CA TYR B 86 -17.31 -9.99 -23.68
C TYR B 86 -15.98 -9.55 -22.99
N ALA B 87 -14.99 -9.19 -23.80
CA ALA B 87 -13.65 -8.79 -23.32
C ALA B 87 -12.91 -7.98 -24.39
N GLU B 88 -12.24 -6.91 -23.96
CA GLU B 88 -11.45 -6.03 -24.83
C GLU B 88 -10.08 -6.67 -25.10
N GLY B 89 -9.92 -7.22 -26.32
CA GLY B 89 -8.67 -7.88 -26.74
C GLY B 89 -8.54 -9.28 -26.15
N ALA B 90 -9.03 -10.28 -26.89
CA ALA B 90 -9.01 -11.69 -26.47
C ALA B 90 -7.57 -12.26 -26.39
N GLY B 91 -6.68 -11.73 -27.26
CA GLY B 91 -5.29 -12.20 -27.36
C GLY B 91 -5.20 -13.57 -28.01
N GLY B 92 -5.49 -14.62 -27.21
CA GLY B 92 -5.42 -16.01 -27.64
C GLY B 92 -4.00 -16.45 -27.90
N PHE B 93 -3.55 -16.24 -29.14
CA PHE B 93 -2.17 -16.49 -29.58
C PHE B 93 -1.94 -15.68 -30.88
N PHE B 94 -2.33 -14.39 -30.85
CA PHE B 94 -2.17 -13.47 -32.00
C PHE B 94 -0.68 -13.38 -32.40
N LYS B 95 0.21 -13.30 -31.38
CA LYS B 95 1.68 -13.29 -31.57
C LYS B 95 2.35 -14.28 -30.59
N GLY B 96 1.90 -14.25 -29.32
CA GLY B 96 2.44 -15.13 -28.29
C GLY B 96 3.51 -14.43 -27.46
N ILE B 97 4.80 -14.68 -27.78
CA ILE B 97 5.95 -14.01 -27.14
C ILE B 97 6.32 -12.76 -27.98
N ASP B 98 6.81 -13.02 -29.22
CA ASP B 98 7.12 -11.99 -30.23
C ASP B 98 8.21 -11.00 -29.74
N ALA B 99 7.79 -10.01 -28.98
CA ALA B 99 8.63 -8.97 -28.40
C ALA B 99 7.86 -8.36 -27.24
N LEU B 100 8.10 -8.93 -26.04
CA LEU B 100 7.40 -8.55 -24.80
C LEU B 100 7.71 -7.08 -24.43
N PRO B 101 6.69 -6.15 -24.45
CA PRO B 101 6.85 -4.76 -23.95
C PRO B 101 7.33 -4.76 -22.50
N LEU B 102 8.49 -4.13 -22.27
CA LEU B 102 9.26 -4.25 -21.02
C LEU B 102 8.66 -3.41 -19.85
N THR B 103 7.44 -2.88 -20.06
CA THR B 103 6.64 -2.24 -19.00
C THR B 103 6.09 -3.29 -18.02
N GLY B 104 5.59 -4.41 -18.59
CA GLY B 104 4.94 -5.46 -17.81
C GLY B 104 5.08 -6.83 -18.47
N GLN B 105 4.31 -7.80 -17.97
CA GLN B 105 4.24 -9.16 -18.56
C GLN B 105 3.36 -9.11 -19.83
N TYR B 106 3.99 -8.63 -20.92
CA TYR B 106 3.40 -8.53 -22.29
C TYR B 106 2.43 -7.33 -22.42
N THR B 107 1.42 -7.26 -21.56
CA THR B 107 0.41 -6.18 -21.58
C THR B 107 0.25 -5.57 -20.18
N HIS B 108 0.85 -4.36 -19.98
CA HIS B 108 0.68 -3.50 -18.78
C HIS B 108 1.26 -4.14 -17.49
N TYR B 109 0.53 -5.09 -16.91
CA TYR B 109 0.85 -5.76 -15.64
C TYR B 109 0.79 -7.28 -15.87
N ALA B 110 1.31 -8.06 -14.89
CA ALA B 110 1.24 -9.53 -14.92
C ALA B 110 -0.20 -10.02 -14.86
N LEU B 111 -0.45 -11.18 -15.47
CA LEU B 111 -1.74 -11.89 -15.39
C LEU B 111 -1.88 -12.57 -14.01
N ASN B 112 -0.77 -12.56 -13.22
CA ASN B 112 -0.76 -12.99 -11.80
C ASN B 112 -1.52 -11.95 -10.94
N LYS B 113 -2.85 -12.13 -10.90
CA LYS B 113 -3.79 -11.28 -10.17
C LYS B 113 -5.15 -12.03 -10.10
N LYS B 114 -6.22 -11.34 -9.67
CA LYS B 114 -7.54 -11.96 -9.45
C LYS B 114 -8.36 -12.14 -10.76
N THR B 115 -7.70 -11.97 -11.92
CA THR B 115 -8.26 -12.34 -13.25
C THR B 115 -7.13 -12.37 -14.30
N GLY B 116 -7.31 -13.17 -15.37
CA GLY B 116 -6.35 -13.25 -16.48
C GLY B 116 -5.55 -14.54 -16.48
N LYS B 117 -5.11 -15.00 -15.29
CA LYS B 117 -4.38 -16.28 -15.13
C LYS B 117 -4.82 -16.97 -13.82
N PRO B 118 -5.82 -17.91 -13.90
CA PRO B 118 -6.11 -18.85 -12.80
C PRO B 118 -5.17 -20.06 -12.84
N ASP B 119 -5.10 -20.77 -11.72
CA ASP B 119 -4.28 -21.98 -11.58
C ASP B 119 -4.96 -22.91 -10.56
N TYR B 120 -4.34 -24.06 -10.30
CA TYR B 120 -4.91 -25.13 -9.48
C TYR B 120 -3.80 -25.80 -8.65
N VAL B 121 -4.21 -26.77 -7.82
CA VAL B 121 -3.32 -27.72 -7.16
C VAL B 121 -4.19 -28.89 -6.64
N THR B 122 -5.04 -28.62 -5.61
CA THR B 122 -6.09 -29.55 -5.07
C THR B 122 -5.63 -31.02 -4.81
N ASP B 123 -4.30 -31.25 -4.78
CA ASP B 123 -3.70 -32.59 -4.63
C ASP B 123 -2.18 -32.43 -4.59
N SER B 124 -1.52 -33.28 -3.76
CA SER B 124 -0.04 -33.31 -3.60
C SER B 124 0.51 -31.94 -3.13
N ALA B 125 -0.34 -31.16 -2.45
CA ALA B 125 -0.05 -29.80 -1.98
C ALA B 125 1.01 -29.78 -0.85
N ALA B 126 1.26 -30.97 -0.25
CA ALA B 126 2.10 -31.14 0.96
C ALA B 126 1.44 -30.41 2.15
N SER B 127 2.21 -30.26 3.26
CA SER B 127 1.75 -29.54 4.46
C SER B 127 0.48 -30.21 5.06
N ALA B 128 -0.32 -29.43 5.81
CA ALA B 128 -1.70 -29.79 6.20
C ALA B 128 -2.36 -28.55 6.83
N THR B 129 -3.07 -27.77 5.98
CA THR B 129 -3.80 -26.53 6.34
C THR B 129 -2.91 -25.53 7.15
N ALA B 130 -3.00 -25.62 8.49
CA ALA B 130 -2.30 -24.78 9.47
C ALA B 130 -2.86 -25.19 10.83
N TRP B 131 -2.31 -26.31 11.38
CA TRP B 131 -2.77 -26.97 12.64
C TRP B 131 -4.03 -27.87 12.41
N SER B 132 -4.95 -27.41 11.54
CA SER B 132 -6.33 -27.96 11.41
C SER B 132 -6.36 -29.39 10.78
N THR B 133 -6.04 -30.39 11.61
CA THR B 133 -6.00 -31.84 11.25
C THR B 133 -5.55 -32.66 12.48
N GLY B 134 -5.60 -34.00 12.35
CA GLY B 134 -5.23 -34.91 13.44
C GLY B 134 -6.37 -35.05 14.43
N VAL B 135 -6.57 -33.99 15.24
CA VAL B 135 -7.76 -33.86 16.10
C VAL B 135 -8.97 -33.52 15.21
N LYS B 136 -10.01 -34.38 15.33
CA LYS B 136 -11.24 -34.34 14.50
C LYS B 136 -11.01 -34.91 13.08
N THR B 137 -9.71 -35.13 12.71
CA THR B 137 -9.25 -35.65 11.40
C THR B 137 -9.45 -34.62 10.25
N TYR B 138 -10.74 -34.36 9.93
CA TYR B 138 -11.17 -33.53 8.78
C TYR B 138 -10.79 -32.05 8.97
N ASN B 139 -11.24 -31.46 10.09
CA ASN B 139 -11.12 -30.01 10.34
C ASN B 139 -11.08 -29.79 11.86
N GLY B 140 -10.04 -29.08 12.36
CA GLY B 140 -9.87 -28.81 13.79
C GLY B 140 -10.92 -27.83 14.32
N ALA B 141 -10.69 -26.52 14.11
CA ALA B 141 -11.61 -25.41 14.46
C ALA B 141 -11.87 -25.23 15.99
N LEU B 142 -11.26 -26.12 16.83
CA LEU B 142 -11.54 -26.24 18.29
C LEU B 142 -13.05 -26.42 18.58
N GLY B 143 -13.48 -27.70 18.71
CA GLY B 143 -14.86 -28.02 19.10
C GLY B 143 -15.08 -27.88 20.60
N VAL B 144 -14.84 -26.66 21.11
CA VAL B 144 -14.89 -26.35 22.55
C VAL B 144 -15.47 -24.92 22.72
N ASP B 145 -15.99 -24.63 23.92
CA ASP B 145 -16.68 -23.37 24.25
C ASP B 145 -15.69 -22.18 24.30
N ILE B 146 -15.40 -21.58 23.11
CA ILE B 146 -14.57 -20.35 22.93
C ILE B 146 -13.09 -20.55 23.46
N HIS B 147 -12.72 -21.81 23.80
CA HIS B 147 -11.44 -22.23 24.42
C HIS B 147 -11.03 -21.33 25.63
N GLU B 148 -11.50 -21.69 26.84
CA GLU B 148 -11.34 -20.85 28.05
C GLU B 148 -10.11 -21.25 28.91
N LYS B 149 -9.92 -22.56 29.12
CA LYS B 149 -8.85 -23.10 30.01
C LYS B 149 -7.50 -23.12 29.28
N ASP B 150 -6.50 -22.44 29.87
CA ASP B 150 -5.13 -22.33 29.34
C ASP B 150 -5.15 -21.74 27.91
N HIS B 151 -5.20 -22.60 26.88
CA HIS B 151 -5.30 -22.17 25.47
C HIS B 151 -6.17 -23.17 24.65
N PRO B 152 -5.82 -24.52 24.50
CA PRO B 152 -6.69 -25.47 23.75
C PRO B 152 -7.80 -26.10 24.64
N THR B 153 -7.81 -25.72 25.95
CA THR B 153 -8.77 -26.19 26.97
C THR B 153 -8.69 -27.72 27.19
N ILE B 154 -7.66 -28.10 27.98
CA ILE B 154 -7.36 -29.49 28.45
C ILE B 154 -7.38 -30.55 27.30
N LEU B 155 -7.13 -30.06 26.06
CA LEU B 155 -7.09 -30.91 24.85
C LEU B 155 -5.87 -31.84 24.98
N GLU B 156 -4.72 -31.24 25.30
CA GLU B 156 -3.53 -31.98 25.75
C GLU B 156 -3.48 -31.90 27.29
N MET B 157 -3.70 -33.04 27.97
CA MET B 157 -3.56 -33.16 29.43
C MET B 157 -2.07 -33.03 29.78
N ALA B 158 -1.24 -33.77 29.01
CA ALA B 158 0.21 -33.59 29.01
C ALA B 158 0.55 -32.30 28.25
N LYS B 159 0.74 -31.20 29.00
CA LYS B 159 1.12 -29.91 28.41
C LYS B 159 2.60 -29.99 27.96
N ALA B 160 2.79 -30.46 26.73
CA ALA B 160 4.11 -30.56 26.06
C ALA B 160 4.32 -29.35 25.13
N ALA B 161 3.31 -28.42 25.13
CA ALA B 161 3.34 -27.15 24.38
C ALA B 161 3.30 -27.37 22.85
N GLY B 162 2.91 -28.58 22.42
CA GLY B 162 2.82 -28.90 20.99
C GLY B 162 1.68 -28.19 20.28
N LEU B 163 0.60 -27.92 21.06
CA LEU B 163 -0.69 -27.37 20.59
C LEU B 163 -1.46 -28.48 19.85
N ALA B 164 -2.18 -29.31 20.66
CA ALA B 164 -3.07 -30.40 20.23
C ALA B 164 -2.33 -31.53 19.47
N THR B 165 -2.02 -31.30 18.19
CA THR B 165 -1.41 -32.30 17.30
C THR B 165 0.03 -31.90 16.91
N GLY B 166 0.62 -30.95 17.63
CA GLY B 166 1.96 -30.48 17.34
C GLY B 166 1.98 -29.53 16.16
N ASN B 167 1.39 -28.32 16.36
CA ASN B 167 1.38 -27.24 15.35
C ASN B 167 2.81 -26.89 14.92
N VAL B 168 3.69 -26.68 15.94
CA VAL B 168 5.16 -26.45 15.81
C VAL B 168 5.57 -25.48 14.67
N SER B 169 4.63 -24.61 14.24
CA SER B 169 4.89 -23.58 13.23
C SER B 169 5.82 -22.51 13.84
N THR B 170 7.05 -22.46 13.28
CA THR B 170 8.19 -21.66 13.77
C THR B 170 8.93 -22.41 14.92
N ALA B 171 8.16 -22.88 15.92
CA ALA B 171 8.66 -23.58 17.13
C ALA B 171 9.64 -24.74 16.81
N GLU B 172 9.36 -25.47 15.72
CA GLU B 172 10.16 -26.63 15.28
C GLU B 172 11.58 -26.21 14.85
N LEU B 173 11.64 -25.10 14.05
CA LEU B 173 12.89 -24.46 13.58
C LEU B 173 13.56 -25.24 12.39
N GLN B 174 13.17 -26.51 12.18
CA GLN B 174 13.85 -27.40 11.24
C GLN B 174 13.12 -27.47 9.87
N ASP B 175 13.68 -26.73 8.89
CA ASP B 175 13.37 -26.91 7.44
C ASP B 175 11.96 -26.46 7.02
N ALA B 176 11.76 -26.48 5.70
CA ALA B 176 10.49 -26.18 5.01
C ALA B 176 10.61 -26.69 3.56
N THR B 177 9.59 -26.44 2.71
CA THR B 177 9.70 -26.62 1.25
C THR B 177 9.75 -25.22 0.59
N PRO B 178 10.97 -24.68 0.30
CA PRO B 178 11.14 -23.40 -0.43
C PRO B 178 11.17 -23.60 -1.96
N ALA B 179 11.38 -22.49 -2.69
CA ALA B 179 11.54 -22.49 -4.16
C ALA B 179 13.00 -22.83 -4.56
N ALA B 180 13.27 -22.82 -5.88
CA ALA B 180 14.64 -22.92 -6.42
C ALA B 180 15.46 -21.69 -5.96
N LEU B 181 15.02 -20.50 -6.43
CA LEU B 181 15.47 -19.19 -5.93
C LEU B 181 14.24 -18.26 -5.97
N VAL B 182 13.80 -17.99 -7.21
CA VAL B 182 12.70 -17.09 -7.51
C VAL B 182 12.06 -17.57 -8.83
N ALA B 183 10.76 -17.29 -9.04
CA ALA B 183 9.91 -18.05 -9.99
C ALA B 183 10.02 -17.61 -11.48
N HIS B 184 11.23 -17.78 -12.09
CA HIS B 184 11.44 -17.81 -13.58
C HIS B 184 11.04 -16.51 -14.32
N VAL B 185 11.14 -16.51 -15.66
CA VAL B 185 10.65 -15.40 -16.50
C VAL B 185 9.27 -15.74 -17.10
N THR B 186 8.24 -14.99 -16.65
CA THR B 186 6.86 -14.92 -17.21
C THR B 186 6.09 -16.26 -17.15
N SER B 187 6.53 -17.26 -17.94
CA SER B 187 5.96 -18.62 -17.99
C SER B 187 5.88 -19.25 -16.58
N ARG B 188 4.69 -19.13 -15.94
CA ARG B 188 4.46 -19.61 -14.57
C ARG B 188 3.10 -20.29 -14.46
N LYS B 189 3.07 -21.39 -13.71
CA LYS B 189 1.85 -22.07 -13.30
C LYS B 189 1.73 -21.98 -11.76
N CYS B 190 1.25 -20.82 -11.31
CA CYS B 190 1.03 -20.53 -9.89
C CYS B 190 0.24 -19.22 -9.76
N TYR B 191 -0.58 -19.13 -8.67
CA TYR B 191 -1.34 -17.93 -8.28
C TYR B 191 -2.50 -17.63 -9.26
N GLY B 192 -3.47 -16.82 -8.80
CA GLY B 192 -4.56 -16.35 -9.64
C GLY B 192 -5.80 -15.95 -8.85
N PRO B 193 -7.00 -15.87 -9.53
CA PRO B 193 -8.31 -15.68 -8.87
C PRO B 193 -8.54 -16.63 -7.68
N SER B 194 -8.35 -16.09 -6.48
CA SER B 194 -8.54 -16.83 -5.22
C SER B 194 -9.81 -16.34 -4.52
N ALA B 195 -10.45 -17.24 -3.77
CA ALA B 195 -11.69 -16.95 -3.01
C ALA B 195 -11.37 -16.31 -1.63
N THR B 196 -10.05 -16.09 -1.36
CA THR B 196 -9.49 -15.49 -0.12
C THR B 196 -9.40 -16.52 1.04
N SER B 197 -10.53 -17.21 1.32
CA SER B 197 -10.65 -18.26 2.37
C SER B 197 -10.63 -17.67 3.81
N GLU B 198 -10.71 -16.33 3.94
CA GLU B 198 -10.77 -15.64 5.23
C GLU B 198 -12.26 -15.37 5.56
N LYS B 199 -12.93 -16.43 6.09
CA LYS B 199 -14.37 -16.47 6.52
C LYS B 199 -15.41 -15.88 5.50
N CYS B 200 -15.40 -14.55 5.28
CA CYS B 200 -16.32 -13.84 4.37
C CYS B 200 -15.60 -12.69 3.58
N PRO B 201 -14.89 -11.68 4.24
CA PRO B 201 -14.24 -10.56 3.50
C PRO B 201 -12.85 -10.93 2.92
N GLY B 202 -12.23 -9.93 2.26
CA GLY B 202 -10.89 -10.06 1.67
C GLY B 202 -9.81 -9.49 2.57
N ASN B 203 -9.87 -9.85 3.87
CA ASN B 203 -8.96 -9.34 4.91
C ASN B 203 -7.70 -10.22 4.97
N ALA B 204 -6.84 -10.06 3.94
CA ALA B 204 -5.60 -10.86 3.73
C ALA B 204 -5.93 -12.35 3.41
N LEU B 205 -4.99 -13.05 2.78
CA LEU B 205 -5.20 -14.42 2.30
C LEU B 205 -3.89 -15.19 2.19
N GLU B 206 -4.02 -16.52 2.06
CA GLU B 206 -2.90 -17.45 1.81
C GLU B 206 -2.78 -17.73 0.28
N LYS B 207 -3.84 -17.34 -0.48
CA LYS B 207 -4.13 -17.71 -1.89
C LYS B 207 -4.87 -19.07 -1.94
N GLY B 208 -4.51 -19.99 -1.03
CA GLY B 208 -5.15 -21.30 -0.96
C GLY B 208 -4.32 -22.36 -1.66
N GLY B 209 -3.16 -22.69 -1.07
CA GLY B 209 -2.30 -23.78 -1.53
C GLY B 209 -2.45 -25.01 -0.65
N LYS B 210 -2.19 -24.82 0.66
CA LYS B 210 -2.27 -25.88 1.68
C LYS B 210 -3.54 -25.69 2.56
N GLY B 211 -4.06 -24.46 2.60
CA GLY B 211 -5.21 -24.09 3.43
C GLY B 211 -6.52 -24.66 2.88
N SER B 212 -7.45 -24.98 3.81
CA SER B 212 -8.75 -25.64 3.55
C SER B 212 -8.57 -27.16 3.27
N ILE B 213 -7.74 -27.48 2.25
CA ILE B 213 -7.40 -28.87 1.89
C ILE B 213 -6.56 -29.55 2.99
N THR B 214 -7.16 -30.55 3.65
CA THR B 214 -6.42 -31.47 4.53
C THR B 214 -5.71 -32.51 3.65
N GLU B 215 -4.52 -32.13 3.16
CA GLU B 215 -3.67 -32.96 2.27
C GLU B 215 -3.23 -34.25 3.00
N GLN B 216 -3.09 -34.14 4.34
CA GLN B 216 -2.74 -35.25 5.23
C GLN B 216 -1.31 -35.76 4.89
N LEU B 217 -0.29 -35.09 5.44
CA LEU B 217 1.12 -35.48 5.27
C LEU B 217 1.96 -34.84 6.38
N LEU B 218 2.28 -33.52 6.25
CA LEU B 218 2.96 -32.75 7.32
C LEU B 218 1.86 -32.20 8.25
N ASN B 219 1.20 -33.14 8.96
CA ASN B 219 0.01 -32.87 9.77
C ASN B 219 0.32 -31.90 10.92
N ALA B 220 -0.43 -30.77 10.95
CA ALA B 220 -0.35 -29.71 11.98
C ALA B 220 0.86 -28.77 11.79
N ARG B 221 2.03 -29.36 11.46
CA ARG B 221 3.30 -28.65 11.16
C ARG B 221 3.09 -27.49 10.17
N ALA B 222 2.29 -27.79 9.11
CA ALA B 222 2.02 -26.89 7.98
C ALA B 222 3.26 -26.72 7.06
N ASP B 223 4.33 -27.52 7.33
CA ASP B 223 5.56 -27.64 6.53
C ASP B 223 6.44 -26.36 6.54
N VAL B 224 5.93 -25.28 5.91
CA VAL B 224 6.60 -23.97 5.77
C VAL B 224 7.14 -23.42 7.11
N THR B 225 6.40 -23.70 8.21
CA THR B 225 6.74 -23.32 9.60
C THR B 225 7.10 -21.81 9.77
N LEU B 226 6.54 -20.96 8.87
CA LEU B 226 6.65 -19.47 8.93
C LEU B 226 8.12 -19.01 9.08
N GLY B 227 8.87 -19.01 7.95
CA GLY B 227 10.29 -18.65 7.94
C GLY B 227 11.19 -19.89 8.00
N GLY B 228 10.85 -20.82 8.91
CA GLY B 228 11.58 -22.09 9.09
C GLY B 228 13.01 -21.87 9.58
N GLY B 229 13.96 -21.93 8.62
CA GLY B 229 15.38 -21.71 8.91
C GLY B 229 15.72 -20.22 8.92
N ALA B 230 15.25 -19.54 9.97
CA ALA B 230 15.40 -18.09 10.14
C ALA B 230 15.11 -17.69 11.61
N LYS B 231 14.22 -18.47 12.26
CA LYS B 231 13.85 -18.30 13.68
C LYS B 231 15.10 -18.31 14.59
N THR B 232 15.46 -17.14 15.10
CA THR B 232 16.47 -17.00 16.14
C THR B 232 16.02 -15.86 17.07
N PHE B 233 16.38 -15.95 18.36
CA PHE B 233 16.00 -14.94 19.36
C PHE B 233 16.77 -13.63 19.05
N ALA B 234 16.09 -12.47 19.23
CA ALA B 234 16.56 -11.18 18.71
C ALA B 234 17.75 -10.61 19.51
N GLU B 235 18.38 -9.59 18.89
CA GLU B 235 19.64 -8.97 19.33
C GLU B 235 19.44 -8.29 20.69
N THR B 236 18.36 -7.49 20.76
CA THR B 236 17.91 -6.85 22.01
C THR B 236 17.28 -7.93 22.93
N ALA B 237 16.11 -8.44 22.54
CA ALA B 237 15.41 -9.54 23.22
C ALA B 237 14.41 -10.16 22.24
N THR B 238 13.28 -9.48 22.01
CA THR B 238 12.31 -9.84 20.96
C THR B 238 11.95 -8.56 20.20
N ALA B 239 11.27 -7.63 20.90
CA ALA B 239 10.93 -6.30 20.36
C ALA B 239 12.11 -5.33 20.55
N GLY B 240 12.02 -4.18 19.90
CA GLY B 240 13.10 -3.19 19.86
C GLY B 240 12.74 -1.96 20.67
N GLU B 241 12.16 -0.94 20.01
CA GLU B 241 11.77 0.33 20.64
C GLU B 241 10.81 1.11 19.72
N TRP B 242 10.07 2.07 20.30
CA TRP B 242 9.14 2.95 19.55
C TRP B 242 9.74 4.37 19.49
N GLN B 243 9.53 5.13 20.60
CA GLN B 243 9.84 6.57 20.73
C GLN B 243 10.10 6.86 22.23
N GLY B 244 10.04 8.15 22.62
CA GLY B 244 10.07 8.55 24.03
C GLY B 244 8.74 8.22 24.72
N LYS B 245 8.57 6.95 25.09
CA LYS B 245 7.31 6.40 25.66
C LYS B 245 7.13 6.85 27.13
N THR B 246 5.86 6.88 27.59
CA THR B 246 5.49 7.38 28.93
C THR B 246 4.06 6.95 29.28
N LEU B 247 3.75 6.93 30.59
CA LEU B 247 2.44 6.54 31.13
C LEU B 247 1.63 7.79 31.50
N ARG B 248 0.39 7.86 30.98
CA ARG B 248 -0.53 8.99 31.19
C ARG B 248 -1.91 8.45 31.56
N GLU B 249 -1.97 7.92 32.79
CA GLU B 249 -3.12 7.17 33.32
C GLU B 249 -4.19 8.08 33.95
N GLN B 250 -3.74 9.08 34.74
CA GLN B 250 -4.61 9.84 35.66
C GLN B 250 -5.65 10.69 34.92
N ALA B 251 -5.17 11.60 34.02
CA ALA B 251 -6.00 12.58 33.28
C ALA B 251 -6.87 13.44 34.22
N GLN B 252 -7.99 12.85 34.66
CA GLN B 252 -8.88 13.42 35.67
C GLN B 252 -8.31 13.07 37.07
N ALA B 253 -7.10 13.61 37.37
CA ALA B 253 -6.42 13.42 38.66
C ALA B 253 -7.16 14.18 39.77
N ARG B 254 -7.77 15.30 39.38
CA ARG B 254 -8.56 16.15 40.27
C ARG B 254 -9.76 16.68 39.47
N GLY B 255 -9.49 17.62 38.53
CA GLY B 255 -10.48 18.12 37.58
C GLY B 255 -11.58 18.97 38.21
N TYR B 256 -12.53 18.29 38.87
CA TYR B 256 -13.69 18.92 39.55
C TYR B 256 -13.32 19.61 40.87
N GLN B 257 -12.02 19.54 41.24
CA GLN B 257 -11.44 20.05 42.49
C GLN B 257 -12.04 19.27 43.69
N LEU B 258 -13.19 19.74 44.22
CA LEU B 258 -14.01 19.00 45.21
C LEU B 258 -15.26 19.82 45.51
N VAL B 259 -15.07 20.96 46.20
CA VAL B 259 -16.15 21.90 46.56
C VAL B 259 -15.64 23.34 46.37
N SER B 260 -16.47 24.18 45.75
CA SER B 260 -16.23 25.62 45.58
C SER B 260 -17.60 26.30 45.51
N ASP B 261 -18.21 26.50 46.71
CA ASP B 261 -19.64 26.86 46.89
C ASP B 261 -20.54 25.69 46.44
N ALA B 262 -20.58 25.42 45.12
CA ALA B 262 -21.24 24.25 44.54
C ALA B 262 -20.31 23.02 44.63
N ALA B 263 -20.93 21.83 44.83
CA ALA B 263 -20.20 20.54 44.85
C ALA B 263 -19.83 20.15 43.42
N SER B 264 -18.54 19.77 43.24
CA SER B 264 -17.91 19.42 41.94
C SER B 264 -18.17 20.52 40.90
N LEU B 265 -17.97 21.81 41.32
CA LEU B 265 -18.19 23.00 40.47
C LEU B 265 -17.28 22.97 39.22
N ASN B 266 -16.08 22.35 39.39
CA ASN B 266 -15.14 22.02 38.30
C ASN B 266 -14.28 23.24 37.91
N SER B 267 -14.92 24.24 37.26
CA SER B 267 -14.32 25.55 36.92
C SER B 267 -13.16 25.43 35.89
N VAL B 268 -11.97 24.98 36.34
CA VAL B 268 -10.74 24.95 35.52
C VAL B 268 -10.90 24.08 34.24
N THR B 269 -11.71 23.01 34.32
CA THR B 269 -11.90 22.04 33.21
C THR B 269 -12.97 22.52 32.19
N GLU B 270 -13.77 23.56 32.54
CA GLU B 270 -14.85 24.05 31.64
C GLU B 270 -14.94 25.60 31.60
N ALA B 271 -15.17 26.23 32.76
CA ALA B 271 -15.41 27.68 32.87
C ALA B 271 -14.09 28.48 32.60
N ASN B 272 -14.10 29.20 31.47
CA ASN B 272 -13.00 30.08 30.99
C ASN B 272 -11.78 29.25 30.51
N GLN B 273 -11.01 28.69 31.47
CA GLN B 273 -9.75 27.95 31.17
C GLN B 273 -10.02 26.73 30.26
N GLN B 274 -11.06 25.93 30.64
CA GLN B 274 -11.52 24.73 29.89
C GLN B 274 -10.37 23.68 29.69
N LYS B 275 -9.37 23.75 30.58
CA LYS B 275 -8.11 23.00 30.44
C LYS B 275 -7.43 22.86 31.83
N PRO B 276 -7.59 21.68 32.51
CA PRO B 276 -6.86 21.39 33.76
C PRO B 276 -5.44 20.80 33.52
N LEU B 277 -5.38 19.64 32.81
CA LEU B 277 -4.16 18.83 32.65
C LEU B 277 -4.06 18.34 31.18
N LEU B 278 -3.31 19.09 30.36
CA LEU B 278 -3.07 18.78 28.93
C LEU B 278 -1.84 17.82 28.80
N GLY B 279 -1.07 17.66 29.89
CA GLY B 279 0.13 16.80 29.89
C GLY B 279 -0.15 15.32 29.65
N LEU B 280 -1.41 14.89 29.90
CA LEU B 280 -1.86 13.49 29.69
C LEU B 280 -2.43 13.30 28.26
N PHE B 281 -2.20 14.30 27.39
CA PHE B 281 -2.72 14.31 26.02
C PHE B 281 -1.70 15.05 25.11
N ALA B 282 -1.04 14.32 24.20
CA ALA B 282 0.03 14.85 23.32
C ALA B 282 -0.55 15.51 22.05
N ASP B 283 -1.74 16.14 22.18
CA ASP B 283 -2.46 16.82 21.08
C ASP B 283 -2.89 15.80 20.00
N GLY B 284 -3.08 14.53 20.43
CA GLY B 284 -3.38 13.41 19.53
C GLY B 284 -2.11 12.86 18.90
N ASN B 285 -1.13 12.49 19.77
CA ASN B 285 0.24 12.07 19.40
C ASN B 285 1.04 13.26 18.82
N MET B 286 2.04 13.72 19.58
CA MET B 286 2.89 14.85 19.20
C MET B 286 3.89 14.43 18.10
N PRO B 287 3.86 15.08 16.88
CA PRO B 287 4.79 14.76 15.78
C PRO B 287 6.23 15.18 16.13
N VAL B 288 7.12 14.19 16.31
CA VAL B 288 8.55 14.42 16.59
C VAL B 288 9.39 13.98 15.39
N ARG B 289 10.61 14.53 15.32
CA ARG B 289 11.58 14.22 14.25
C ARG B 289 12.72 13.36 14.83
N TRP B 290 13.61 12.85 13.93
CA TRP B 290 14.76 11.97 14.28
C TRP B 290 14.29 10.70 15.03
N LEU B 291 13.03 10.30 14.77
CA LEU B 291 12.31 9.26 15.54
C LEU B 291 12.53 7.83 14.96
N GLY B 292 13.33 7.72 13.89
CA GLY B 292 13.63 6.43 13.27
C GLY B 292 14.77 6.55 12.26
N PRO B 293 14.48 6.56 10.91
CA PRO B 293 15.52 6.60 9.85
C PRO B 293 16.12 8.02 9.69
N LYS B 294 17.07 8.36 10.57
CA LYS B 294 17.80 9.65 10.52
C LYS B 294 18.98 9.56 9.53
N ALA B 295 19.50 8.35 9.34
CA ALA B 295 20.52 8.03 8.34
C ALA B 295 20.02 6.83 7.52
N THR B 296 19.30 7.15 6.44
CA THR B 296 18.61 6.16 5.60
C THR B 296 19.62 5.39 4.73
N TYR B 297 20.11 4.25 5.30
CA TYR B 297 21.20 3.41 4.72
C TYR B 297 22.57 4.18 4.74
N HIS B 298 22.55 5.43 5.28
CA HIS B 298 23.64 6.41 5.16
C HIS B 298 24.02 6.64 3.69
N GLY B 299 23.26 7.53 3.03
CA GLY B 299 23.45 7.86 1.63
C GLY B 299 23.01 6.71 0.72
N ASN B 300 21.70 6.39 0.78
CA ASN B 300 21.07 5.28 0.03
C ASN B 300 21.29 5.45 -1.50
N ILE B 301 22.42 4.87 -1.98
CA ILE B 301 22.86 4.88 -3.39
C ILE B 301 23.43 6.26 -3.84
N ASP B 302 22.88 7.38 -3.28
CA ASP B 302 23.19 8.76 -3.72
C ASP B 302 22.88 8.91 -5.22
N LYS B 303 21.63 9.24 -5.52
CA LYS B 303 21.10 9.20 -6.89
C LYS B 303 19.93 10.20 -7.02
N PRO B 304 19.92 11.08 -8.08
CA PRO B 304 18.73 11.87 -8.45
C PRO B 304 17.63 10.96 -9.06
N ALA B 305 16.65 11.56 -9.75
CA ALA B 305 15.62 10.82 -10.49
C ALA B 305 16.15 10.38 -11.87
N VAL B 306 17.23 9.54 -11.84
CA VAL B 306 17.95 8.99 -13.04
C VAL B 306 18.70 10.09 -13.86
N THR B 307 17.96 11.14 -14.28
CA THR B 307 18.46 12.35 -14.97
C THR B 307 18.61 12.11 -16.49
N CYS B 308 19.34 11.05 -16.86
CA CYS B 308 19.72 10.76 -18.26
C CYS B 308 18.58 10.07 -19.05
N THR B 309 17.32 10.18 -18.59
CA THR B 309 16.14 9.71 -19.35
C THR B 309 15.15 10.90 -19.60
N PRO B 310 15.41 11.74 -20.65
CA PRO B 310 14.43 12.77 -21.10
C PRO B 310 13.37 12.18 -22.07
N ASN B 311 12.60 13.08 -22.72
CA ASN B 311 11.64 12.72 -23.78
C ASN B 311 11.77 13.74 -24.94
N PRO B 312 12.47 13.37 -26.06
CA PRO B 312 12.48 14.18 -27.28
C PRO B 312 11.16 14.03 -28.07
N GLN B 313 10.26 15.03 -27.96
CA GLN B 313 9.02 15.07 -28.75
C GLN B 313 9.21 15.94 -30.00
N ARG B 314 8.38 15.70 -31.03
CA ARG B 314 8.44 16.39 -32.33
C ARG B 314 7.08 17.05 -32.62
N ASN B 315 6.80 18.14 -31.86
CA ASN B 315 5.46 18.78 -31.73
C ASN B 315 4.51 17.88 -30.91
N ASP B 316 4.28 16.68 -31.45
CA ASP B 316 3.55 15.60 -30.77
C ASP B 316 4.53 14.76 -29.93
N SER B 317 4.04 14.21 -28.82
CA SER B 317 4.83 13.31 -27.96
C SER B 317 4.78 11.87 -28.52
N VAL B 318 3.60 11.22 -28.41
CA VAL B 318 3.38 9.84 -28.88
C VAL B 318 3.10 9.80 -30.42
N PRO B 319 2.19 10.66 -31.01
CA PRO B 319 2.02 10.74 -32.49
C PRO B 319 3.28 11.27 -33.22
N THR B 320 3.40 10.94 -34.52
CA THR B 320 4.50 11.37 -35.42
C THR B 320 5.87 10.69 -35.08
N LEU B 321 5.96 10.02 -33.91
CA LEU B 321 7.21 9.48 -33.37
C LEU B 321 7.70 8.26 -34.21
N ALA B 322 8.65 8.55 -35.14
CA ALA B 322 9.32 7.56 -36.03
C ALA B 322 8.41 7.13 -37.23
N GLN B 323 7.11 7.04 -36.97
CA GLN B 323 6.06 6.69 -37.93
C GLN B 323 4.71 7.15 -37.34
N MET B 324 3.58 6.77 -38.00
CA MET B 324 2.17 7.05 -37.56
C MET B 324 1.98 8.52 -37.11
N THR B 325 1.83 9.41 -38.09
CA THR B 325 1.83 10.86 -37.87
C THR B 325 0.68 11.33 -36.95
N ASP B 326 -0.57 11.03 -37.31
CA ASP B 326 -1.74 11.39 -36.50
C ASP B 326 -2.36 10.13 -35.89
N LYS B 327 -2.85 9.23 -36.77
CA LYS B 327 -3.63 8.05 -36.38
C LYS B 327 -3.58 7.03 -37.53
N ALA B 328 -2.68 6.04 -37.42
CA ALA B 328 -2.54 4.94 -38.39
C ALA B 328 -2.91 3.62 -37.70
N ILE B 329 -4.21 3.26 -37.78
CA ILE B 329 -4.80 2.13 -37.04
C ILE B 329 -5.45 1.11 -38.00
N GLU B 330 -5.93 0.00 -37.43
CA GLU B 330 -6.78 -0.98 -38.13
C GLU B 330 -8.25 -0.64 -37.86
N LEU B 331 -9.11 -0.85 -38.88
CA LEU B 331 -10.57 -0.65 -38.79
C LEU B 331 -11.18 -1.68 -37.82
N LEU B 332 -10.84 -2.97 -38.02
CA LEU B 332 -11.35 -4.07 -37.17
C LEU B 332 -10.50 -5.33 -37.44
N SER B 333 -9.68 -5.73 -36.45
CA SER B 333 -8.97 -7.03 -36.43
C SER B 333 -9.90 -8.08 -35.81
N LYS B 334 -10.17 -9.21 -36.52
CA LYS B 334 -11.01 -10.30 -35.99
C LYS B 334 -10.20 -11.23 -35.06
N ASN B 335 -9.88 -10.69 -33.88
CA ASN B 335 -9.10 -11.37 -32.83
C ASN B 335 -9.96 -12.44 -32.12
N GLU B 336 -11.25 -12.14 -31.97
CA GLU B 336 -12.26 -13.06 -31.39
C GLU B 336 -12.62 -14.20 -32.39
N LYS B 337 -12.35 -13.94 -33.69
CA LYS B 337 -12.48 -14.90 -34.82
C LYS B 337 -13.96 -15.10 -35.26
N GLY B 338 -14.92 -14.82 -34.35
CA GLY B 338 -16.32 -15.15 -34.56
C GLY B 338 -16.53 -16.65 -34.54
N PHE B 339 -15.95 -17.32 -33.52
CA PHE B 339 -16.01 -18.79 -33.36
C PHE B 339 -17.42 -19.24 -32.93
N PHE B 340 -18.32 -19.35 -33.93
CA PHE B 340 -19.74 -19.79 -33.77
C PHE B 340 -20.54 -18.92 -32.77
N LEU B 341 -19.99 -17.72 -32.45
CA LEU B 341 -20.53 -16.80 -31.43
C LEU B 341 -20.62 -17.51 -30.05
N GLN B 342 -19.53 -18.20 -29.67
CA GLN B 342 -19.43 -18.96 -28.41
C GLN B 342 -18.43 -18.32 -27.44
N VAL B 343 -18.68 -18.57 -26.12
CA VAL B 343 -17.82 -18.16 -24.98
C VAL B 343 -17.72 -16.60 -24.82
N GLU B 344 -18.45 -15.85 -25.67
CA GLU B 344 -18.38 -14.37 -25.72
C GLU B 344 -19.41 -13.71 -24.76
N GLY B 345 -20.41 -14.48 -24.29
CA GLY B 345 -21.38 -13.99 -23.30
C GLY B 345 -22.80 -14.46 -23.58
N ALA B 346 -23.22 -14.40 -24.85
CA ALA B 346 -24.60 -14.72 -25.28
C ALA B 346 -24.67 -16.12 -25.94
N SER B 347 -23.76 -17.02 -25.51
CA SER B 347 -23.55 -18.34 -26.13
C SER B 347 -24.80 -19.25 -26.03
N ILE B 348 -25.64 -19.21 -27.10
CA ILE B 348 -26.91 -19.97 -27.24
C ILE B 348 -28.00 -19.43 -26.27
N ASP B 349 -27.74 -19.50 -24.94
CA ASP B 349 -28.65 -18.99 -23.89
C ASP B 349 -28.71 -17.44 -23.87
N LYS B 350 -29.71 -16.94 -23.12
CA LYS B 350 -30.00 -15.50 -22.97
C LYS B 350 -30.82 -15.31 -21.68
N GLN B 351 -30.77 -14.11 -21.07
CA GLN B 351 -31.56 -13.79 -19.86
C GLN B 351 -33.07 -13.86 -20.17
N ASP B 352 -33.88 -14.20 -19.15
CA ASP B 352 -35.33 -14.36 -19.29
C ASP B 352 -36.10 -13.36 -18.41
N HIS B 353 -36.72 -12.35 -19.08
CA HIS B 353 -37.61 -11.34 -18.45
C HIS B 353 -36.92 -10.62 -17.26
N ALA B 354 -35.61 -10.33 -17.46
CA ALA B 354 -34.68 -9.87 -16.40
C ALA B 354 -34.41 -11.00 -15.40
N ALA B 355 -35.41 -11.33 -14.57
CA ALA B 355 -35.31 -12.40 -13.56
C ALA B 355 -36.70 -13.04 -13.35
N ASN B 356 -37.64 -12.23 -12.82
CA ASN B 356 -39.03 -12.63 -12.57
C ASN B 356 -39.87 -11.35 -12.37
N PRO B 357 -41.02 -11.16 -13.12
CA PRO B 357 -41.85 -9.92 -13.05
C PRO B 357 -42.32 -9.59 -11.60
N CYS B 358 -42.93 -10.58 -10.91
CA CYS B 358 -43.44 -10.41 -9.53
C CYS B 358 -42.29 -10.28 -8.52
N GLY B 359 -41.11 -10.82 -8.88
CA GLY B 359 -39.92 -10.75 -8.03
C GLY B 359 -39.28 -9.36 -8.01
N GLN B 360 -39.40 -8.64 -9.15
CA GLN B 360 -38.77 -7.30 -9.33
C GLN B 360 -39.77 -6.18 -9.02
N ILE B 361 -40.60 -6.38 -7.97
CA ILE B 361 -41.54 -5.35 -7.46
C ILE B 361 -40.80 -4.19 -6.73
N GLY B 362 -39.48 -4.36 -6.54
CA GLY B 362 -38.60 -3.32 -6.03
C GLY B 362 -37.21 -3.40 -6.65
N GLU B 363 -36.27 -2.64 -6.07
CA GLU B 363 -34.83 -2.61 -6.46
C GLU B 363 -34.62 -2.09 -7.91
N THR B 364 -34.81 -3.00 -8.89
CA THR B 364 -34.53 -2.73 -10.32
C THR B 364 -35.81 -2.29 -11.08
N VAL B 365 -36.77 -1.68 -10.36
CA VAL B 365 -37.98 -1.07 -10.95
C VAL B 365 -37.65 0.14 -11.84
N ASP B 366 -36.55 0.83 -11.50
CA ASP B 366 -36.02 1.94 -12.31
C ASP B 366 -35.11 1.42 -13.45
N LEU B 367 -34.76 0.11 -13.41
CA LEU B 367 -33.92 -0.58 -14.43
C LEU B 367 -32.47 -0.04 -14.46
N ASP B 368 -31.59 -0.75 -15.19
CA ASP B 368 -30.22 -0.26 -15.48
C ASP B 368 -30.28 0.64 -16.73
N GLU B 369 -30.57 1.93 -16.46
CA GLU B 369 -30.76 2.95 -17.50
C GLU B 369 -29.41 3.38 -18.09
N ALA B 370 -28.57 4.00 -17.22
CA ALA B 370 -27.26 4.59 -17.58
C ALA B 370 -27.44 5.82 -18.51
N VAL B 371 -27.77 5.55 -19.77
CA VAL B 371 -27.93 6.54 -20.83
C VAL B 371 -29.24 7.36 -20.69
N GLN B 372 -30.30 6.74 -20.12
CA GLN B 372 -31.67 7.32 -20.10
C GLN B 372 -31.73 8.60 -19.24
N ARG B 373 -31.42 8.47 -17.93
CA ARG B 373 -31.39 9.62 -16.99
C ARG B 373 -29.94 9.90 -16.52
N ALA B 374 -29.69 11.21 -16.26
CA ALA B 374 -28.38 11.74 -15.79
C ALA B 374 -27.27 11.59 -16.88
N LEU B 375 -26.65 10.38 -16.93
CA LEU B 375 -25.50 10.05 -17.81
C LEU B 375 -24.38 11.12 -17.70
N GLU B 376 -24.27 12.04 -18.68
CA GLU B 376 -23.30 13.15 -18.68
C GLU B 376 -24.01 14.49 -18.92
N PHE B 377 -25.33 14.41 -19.23
CA PHE B 377 -26.16 15.58 -19.53
C PHE B 377 -26.17 16.52 -18.32
N ALA B 378 -26.75 16.03 -17.19
CA ALA B 378 -26.70 16.69 -15.87
C ALA B 378 -27.33 18.12 -15.82
N LYS B 379 -27.83 18.62 -16.97
CA LYS B 379 -28.38 19.98 -17.07
C LYS B 379 -29.79 19.99 -16.47
N LYS B 380 -29.82 20.20 -15.13
CA LYS B 380 -31.04 20.32 -14.32
C LYS B 380 -32.04 19.17 -14.58
N GLU B 381 -31.92 18.08 -13.79
CA GLU B 381 -32.91 16.98 -13.79
C GLU B 381 -34.28 17.54 -13.34
N GLY B 382 -34.21 18.35 -12.26
CA GLY B 382 -35.34 19.14 -11.77
C GLY B 382 -34.83 20.18 -10.78
N ASN B 383 -35.72 20.74 -9.95
CA ASN B 383 -35.33 21.61 -8.83
C ASN B 383 -34.77 20.73 -7.68
N THR B 384 -34.16 21.37 -6.67
CA THR B 384 -33.45 20.66 -5.58
C THR B 384 -34.43 20.13 -4.51
N LEU B 385 -35.12 19.04 -4.87
CA LEU B 385 -35.97 18.25 -3.99
C LEU B 385 -36.15 16.85 -4.62
N VAL B 386 -35.52 15.84 -4.00
CA VAL B 386 -35.50 14.46 -4.50
C VAL B 386 -36.74 13.67 -4.00
N ILE B 387 -37.91 14.09 -4.50
CA ILE B 387 -39.20 13.44 -4.18
C ILE B 387 -39.21 12.00 -4.76
N VAL B 388 -39.57 11.02 -3.88
CA VAL B 388 -39.63 9.56 -4.18
C VAL B 388 -38.22 8.91 -4.21
N THR B 389 -37.29 9.50 -4.99
CA THR B 389 -35.94 8.96 -5.19
C THR B 389 -34.94 9.41 -4.08
N ALA B 390 -35.48 9.89 -2.94
CA ALA B 390 -34.68 10.30 -1.77
C ALA B 390 -33.96 9.11 -1.13
N ASP B 391 -34.77 8.18 -0.56
CA ASP B 391 -34.26 7.05 0.23
C ASP B 391 -35.17 5.81 0.00
N HIS B 392 -36.25 5.70 0.82
CA HIS B 392 -37.08 4.48 0.93
C HIS B 392 -36.22 3.24 1.19
N ALA B 393 -35.88 3.01 2.49
CA ALA B 393 -35.19 1.79 2.94
C ALA B 393 -36.18 0.60 2.99
N HIS B 394 -36.60 0.19 1.77
CA HIS B 394 -37.57 -0.90 1.52
C HIS B 394 -38.93 -0.65 2.23
N ALA B 395 -39.03 -1.05 3.52
CA ALA B 395 -40.30 -0.99 4.28
C ALA B 395 -40.08 -0.86 5.80
N SER B 396 -38.81 -0.84 6.25
CA SER B 396 -38.47 -0.79 7.71
C SER B 396 -38.19 0.65 8.18
N GLN B 397 -38.66 1.66 7.39
CA GLN B 397 -38.37 3.11 7.60
C GLN B 397 -36.89 3.39 7.34
N ILE B 398 -36.03 2.97 8.29
CA ILE B 398 -34.58 3.09 8.20
C ILE B 398 -33.95 2.04 9.15
N VAL B 399 -32.90 1.33 8.65
CA VAL B 399 -32.13 0.25 9.33
C VAL B 399 -33.02 -0.79 10.10
N ALA B 400 -33.49 -0.44 11.31
CA ALA B 400 -34.29 -1.33 12.17
C ALA B 400 -35.72 -0.76 12.28
N PRO B 401 -36.79 -1.59 12.02
CA PRO B 401 -38.20 -1.12 12.10
C PRO B 401 -38.65 -0.83 13.55
N ASP B 402 -38.28 0.36 14.06
CA ASP B 402 -38.56 0.83 15.43
C ASP B 402 -37.83 -0.02 16.47
N THR B 403 -36.79 0.55 17.10
CA THR B 403 -35.98 -0.15 18.12
C THR B 403 -35.61 0.81 19.26
N LYS B 404 -36.35 0.71 20.39
CA LYS B 404 -36.05 1.37 21.69
C LYS B 404 -36.08 2.92 21.61
N ALA B 405 -35.04 3.53 21.02
CA ALA B 405 -34.92 4.99 20.86
C ALA B 405 -34.68 5.37 19.37
N PRO B 406 -35.74 5.32 18.50
CA PRO B 406 -35.68 5.86 17.13
C PRO B 406 -36.22 7.32 17.10
N GLY B 407 -35.34 8.28 16.77
CA GLY B 407 -35.70 9.70 16.75
C GLY B 407 -36.75 10.05 15.69
N LEU B 408 -37.72 10.90 16.07
CA LEU B 408 -38.81 11.33 15.19
C LEU B 408 -39.05 12.84 15.45
N THR B 409 -38.49 13.69 14.55
CA THR B 409 -38.65 15.17 14.57
C THR B 409 -37.82 15.84 15.70
N GLN B 410 -38.18 15.56 16.96
CA GLN B 410 -37.51 16.11 18.14
C GLN B 410 -36.79 14.98 18.90
N ALA B 411 -35.45 14.95 18.77
CA ALA B 411 -34.58 14.01 19.49
C ALA B 411 -33.21 14.68 19.74
N LEU B 412 -32.31 14.63 18.74
CA LEU B 412 -30.94 15.17 18.82
C LEU B 412 -30.53 15.80 17.47
N ASN B 413 -30.51 14.97 16.42
CA ASN B 413 -30.02 15.36 15.06
C ASN B 413 -31.17 15.24 14.01
N THR B 414 -32.38 14.92 14.49
CA THR B 414 -33.56 14.71 13.64
C THR B 414 -34.11 16.06 13.14
N LYS B 415 -34.12 16.22 11.80
CA LYS B 415 -34.54 17.47 11.11
C LYS B 415 -33.56 18.64 11.40
N ASP B 416 -33.63 19.16 12.63
CA ASP B 416 -32.69 20.19 13.13
C ASP B 416 -31.29 19.57 13.29
N GLY B 417 -30.27 20.24 12.72
CA GLY B 417 -28.90 19.70 12.68
C GLY B 417 -28.59 19.01 11.36
N ALA B 418 -29.65 18.46 10.72
CA ALA B 418 -29.58 17.88 9.37
C ALA B 418 -29.65 19.02 8.34
N VAL B 419 -28.56 19.80 8.28
CA VAL B 419 -28.42 20.98 7.41
C VAL B 419 -28.13 20.54 5.96
N MET B 420 -28.40 21.47 5.01
CA MET B 420 -28.30 21.25 3.54
C MET B 420 -29.49 20.43 2.98
N VAL B 421 -30.19 19.67 3.87
CA VAL B 421 -31.39 18.89 3.51
C VAL B 421 -32.61 19.85 3.44
N MET B 422 -32.63 20.64 2.35
CA MET B 422 -33.65 21.65 2.05
C MET B 422 -33.32 22.24 0.66
N SER B 423 -32.24 23.05 0.63
CA SER B 423 -31.71 23.75 -0.57
C SER B 423 -32.75 24.75 -1.17
N TYR B 424 -33.74 24.25 -1.94
CA TYR B 424 -34.85 25.09 -2.51
C TYR B 424 -36.21 24.36 -2.41
N GLY B 425 -36.28 23.39 -1.49
CA GLY B 425 -37.50 22.61 -1.25
C GLY B 425 -37.37 21.79 0.03
N ASN B 426 -37.96 20.59 0.02
CA ASN B 426 -37.86 19.63 1.14
C ASN B 426 -38.34 18.23 0.69
N SER B 427 -38.79 18.14 -0.60
CA SER B 427 -39.47 16.96 -1.20
C SER B 427 -40.90 16.78 -0.61
N GLU B 428 -41.33 17.84 0.13
CA GLU B 428 -42.62 17.97 0.83
C GLU B 428 -42.44 19.14 1.80
N GLU B 429 -42.88 20.35 1.40
CA GLU B 429 -42.60 21.60 2.11
C GLU B 429 -43.64 21.89 3.21
N ASP B 430 -44.20 20.82 3.80
CA ASP B 430 -45.17 20.93 4.91
C ASP B 430 -44.38 21.24 6.20
N SER B 431 -44.23 22.57 6.47
CA SER B 431 -43.38 23.13 7.56
C SER B 431 -41.88 22.77 7.37
N GLN B 432 -41.50 22.38 6.13
CA GLN B 432 -40.15 21.86 5.79
C GLN B 432 -39.72 20.71 6.75
N GLU B 433 -40.70 19.85 7.06
CA GLU B 433 -40.52 18.75 8.02
C GLU B 433 -39.75 17.58 7.36
N HIS B 434 -38.41 17.65 7.43
CA HIS B 434 -37.51 16.56 7.00
C HIS B 434 -37.08 15.78 8.25
N THR B 435 -38.04 14.99 8.78
CA THR B 435 -37.93 14.24 10.05
C THR B 435 -36.57 13.50 10.22
N GLY B 436 -36.15 12.81 9.16
CA GLY B 436 -34.85 12.14 9.10
C GLY B 436 -33.90 12.87 8.15
N SER B 437 -32.59 12.72 8.40
CA SER B 437 -31.53 13.23 7.50
C SER B 437 -31.43 12.36 6.23
N GLN B 438 -31.77 11.06 6.41
CA GLN B 438 -31.80 10.02 5.35
C GLN B 438 -30.40 9.78 4.74
N LEU B 439 -29.35 10.13 5.51
CA LEU B 439 -27.96 9.88 5.13
C LEU B 439 -27.64 8.39 5.32
N ARG B 440 -27.79 7.61 4.22
CA ARG B 440 -27.48 6.17 4.19
C ARG B 440 -26.02 5.91 4.60
N ILE B 441 -25.85 5.31 5.79
CA ILE B 441 -24.53 4.91 6.28
C ILE B 441 -24.59 3.47 6.84
N ALA B 442 -25.62 2.72 6.42
CA ALA B 442 -25.79 1.31 6.77
C ALA B 442 -24.91 0.44 5.84
N ALA B 443 -23.61 0.39 6.16
CA ALA B 443 -22.62 -0.45 5.45
C ALA B 443 -22.49 -1.80 6.16
N TYR B 444 -22.15 -1.73 7.47
CA TYR B 444 -22.04 -2.91 8.34
C TYR B 444 -23.41 -3.18 8.99
N GLY B 445 -24.23 -3.94 8.27
CA GLY B 445 -25.47 -4.49 8.82
C GLY B 445 -25.17 -5.73 9.66
N PRO B 446 -25.41 -5.70 11.02
CA PRO B 446 -25.12 -6.84 11.91
C PRO B 446 -26.02 -8.07 11.60
N HIS B 447 -25.60 -8.86 10.59
CA HIS B 447 -26.32 -10.04 10.11
C HIS B 447 -26.00 -11.25 11.02
N ALA B 448 -26.76 -11.34 12.11
CA ALA B 448 -26.75 -12.49 13.03
C ALA B 448 -28.06 -13.29 12.82
N ALA B 449 -28.52 -14.01 13.87
CA ALA B 449 -29.80 -14.75 13.87
C ALA B 449 -29.76 -15.94 12.88
N ASN B 450 -29.98 -15.69 11.57
CA ASN B 450 -29.99 -16.73 10.52
C ASN B 450 -29.65 -16.11 9.14
N VAL B 451 -29.35 -16.99 8.17
CA VAL B 451 -29.10 -16.61 6.75
C VAL B 451 -30.36 -16.86 5.87
N VAL B 452 -31.52 -16.94 6.56
CA VAL B 452 -32.84 -17.15 5.93
C VAL B 452 -33.16 -16.05 4.88
N GLY B 453 -33.30 -16.49 3.62
CA GLY B 453 -33.61 -15.59 2.49
C GLY B 453 -32.39 -15.21 1.66
N LEU B 454 -31.22 -15.13 2.32
CA LEU B 454 -29.96 -14.67 1.68
C LEU B 454 -29.33 -15.80 0.84
N THR B 455 -29.37 -17.05 1.38
CA THR B 455 -28.82 -18.28 0.72
C THR B 455 -27.27 -18.27 0.64
N ASP B 456 -26.63 -17.21 1.18
CA ASP B 456 -25.16 -17.00 1.11
C ASP B 456 -24.41 -17.95 2.07
N GLN B 457 -25.15 -18.55 3.04
CA GLN B 457 -24.62 -19.43 4.11
C GLN B 457 -23.76 -18.67 5.14
N THR B 458 -23.84 -17.32 5.15
CA THR B 458 -23.22 -16.48 6.21
C THR B 458 -24.10 -16.53 7.49
N ASP B 459 -24.21 -17.74 8.06
CA ASP B 459 -25.13 -18.01 9.17
C ASP B 459 -24.35 -18.07 10.49
N LEU B 460 -24.85 -17.32 11.48
CA LEU B 460 -24.44 -17.44 12.88
C LEU B 460 -25.72 -17.58 13.71
N PHE B 461 -26.24 -18.83 13.76
CA PHE B 461 -27.49 -19.16 14.48
C PHE B 461 -27.38 -18.88 15.99
N TYR B 462 -26.18 -19.14 16.53
CA TYR B 462 -25.84 -18.88 17.94
C TYR B 462 -25.46 -17.39 18.16
N THR B 463 -25.21 -16.66 17.03
CA THR B 463 -24.70 -15.28 17.01
C THR B 463 -23.26 -15.23 17.59
N MET B 464 -23.15 -15.27 18.92
CA MET B 464 -21.88 -15.41 19.64
C MET B 464 -22.17 -16.12 20.96
N LYS B 465 -22.05 -17.47 20.92
CA LYS B 465 -22.46 -18.38 22.00
C LYS B 465 -24.00 -18.31 22.24
N ALA B 466 -24.46 -17.28 22.97
CA ALA B 466 -25.90 -17.04 23.26
C ALA B 466 -26.08 -15.74 24.05
N ALA B 467 -27.23 -15.07 23.84
CA ALA B 467 -27.72 -13.92 24.64
C ALA B 467 -26.71 -12.74 24.68
N LEU B 468 -26.81 -11.83 23.69
CA LEU B 468 -25.99 -10.59 23.64
C LEU B 468 -26.90 -9.34 23.76
N GLY B 469 -28.14 -9.54 24.24
CA GLY B 469 -29.13 -8.45 24.34
C GLY B 469 -29.82 -8.13 23.01
N LEU B 470 -29.44 -8.86 21.95
CA LEU B 470 -30.00 -8.75 20.59
C LEU B 470 -30.52 -10.13 20.15
N LYS B 471 -30.78 -10.29 18.83
CA LYS B 471 -31.22 -11.56 18.25
C LYS B 471 -30.00 -12.32 17.63
N MET C 1 36.52 -24.72 -33.88
CA MET C 1 36.90 -25.42 -35.13
C MET C 1 37.69 -26.70 -34.77
N ALA C 2 36.97 -27.67 -34.15
CA ALA C 2 37.47 -29.00 -33.71
C ALA C 2 38.37 -28.93 -32.44
N ALA C 3 39.14 -27.83 -32.28
CA ALA C 3 40.07 -27.63 -31.15
C ALA C 3 39.31 -27.29 -29.85
N LYS C 4 38.77 -28.35 -29.22
CA LYS C 4 38.11 -28.33 -27.89
C LYS C 4 38.78 -27.38 -26.87
N LYS C 5 38.01 -26.37 -26.42
CA LYS C 5 38.36 -25.57 -25.24
C LYS C 5 38.07 -26.38 -23.98
N ASP C 6 39.13 -26.93 -23.36
CA ASP C 6 39.02 -27.69 -22.12
C ASP C 6 38.80 -26.69 -20.97
N TYR C 7 37.53 -26.47 -20.64
CA TYR C 7 37.10 -25.42 -19.69
C TYR C 7 37.68 -25.64 -18.28
N TYR C 8 37.81 -26.92 -17.88
CA TYR C 8 38.44 -27.30 -16.59
C TYR C 8 39.89 -26.81 -16.55
N ALA C 9 40.65 -27.12 -17.62
CA ALA C 9 42.07 -26.75 -17.73
C ALA C 9 42.26 -25.22 -17.75
N ILE C 10 41.34 -24.51 -18.47
CA ILE C 10 41.33 -23.02 -18.55
C ILE C 10 41.21 -22.41 -17.12
N LEU C 11 40.35 -23.01 -16.30
CA LEU C 11 40.20 -22.62 -14.87
C LEU C 11 41.38 -23.10 -14.00
N GLY C 12 42.07 -24.17 -14.46
CA GLY C 12 43.15 -24.79 -13.69
C GLY C 12 42.67 -25.80 -12.65
N VAL C 13 41.63 -26.56 -13.03
CA VAL C 13 41.04 -27.65 -12.21
C VAL C 13 41.02 -28.97 -13.01
N PRO C 14 40.97 -30.17 -12.32
CA PRO C 14 40.89 -31.49 -13.00
C PRO C 14 39.53 -31.69 -13.72
N ARG C 15 39.46 -32.70 -14.60
CA ARG C 15 38.22 -33.01 -15.38
C ARG C 15 37.16 -33.76 -14.54
N ASN C 16 37.35 -33.71 -13.21
CA ASN C 16 36.48 -34.31 -12.19
C ASN C 16 35.93 -33.19 -11.28
N ALA C 17 36.34 -31.95 -11.59
CA ALA C 17 36.07 -30.78 -10.74
C ALA C 17 34.57 -30.42 -10.72
N THR C 18 34.07 -30.20 -9.51
CA THR C 18 32.66 -29.86 -9.26
C THR C 18 32.43 -28.34 -9.35
N GLN C 19 31.15 -27.92 -9.23
CA GLN C 19 30.74 -26.49 -9.28
C GLN C 19 31.57 -25.63 -8.31
N GLU C 20 31.84 -26.19 -7.12
CA GLU C 20 32.64 -25.53 -6.07
C GLU C 20 34.07 -25.25 -6.56
N GLU C 21 34.71 -26.27 -7.15
CA GLU C 21 36.11 -26.20 -7.64
C GLU C 21 36.24 -25.21 -8.83
N ILE C 22 35.22 -25.21 -9.70
CA ILE C 22 35.11 -24.27 -10.83
C ILE C 22 35.02 -22.82 -10.33
N LYS C 23 34.21 -22.63 -9.28
CA LYS C 23 33.97 -21.34 -8.64
C LYS C 23 35.24 -20.83 -7.91
N ARG C 24 35.96 -21.76 -7.26
CA ARG C 24 37.21 -21.46 -6.51
C ARG C 24 38.34 -21.10 -7.48
N ALA C 25 38.33 -21.75 -8.66
CA ALA C 25 39.31 -21.52 -9.73
C ALA C 25 39.01 -20.19 -10.44
N TYR C 26 37.71 -19.88 -10.58
CA TYR C 26 37.24 -18.58 -11.09
C TYR C 26 37.75 -17.46 -10.16
N LYS C 27 37.57 -17.66 -8.83
CA LYS C 27 38.03 -16.71 -7.78
C LYS C 27 39.56 -16.53 -7.83
N ARG C 28 40.27 -17.65 -7.96
CA ARG C 28 41.76 -17.71 -8.09
C ARG C 28 42.25 -16.75 -9.19
N LEU C 29 41.64 -16.91 -10.37
CA LEU C 29 41.98 -16.13 -11.57
C LEU C 29 41.26 -14.77 -11.58
N ALA C 30 40.26 -14.60 -10.68
CA ALA C 30 39.56 -13.30 -10.48
C ALA C 30 40.22 -12.52 -9.34
N ARG C 31 41.25 -13.10 -8.70
CA ARG C 31 42.17 -12.40 -7.79
C ARG C 31 43.42 -11.98 -8.59
N GLN C 32 43.94 -12.92 -9.38
CA GLN C 32 45.17 -12.73 -10.19
C GLN C 32 44.91 -11.71 -11.33
N TYR C 33 43.86 -11.97 -12.12
CA TYR C 33 43.49 -11.14 -13.29
C TYR C 33 42.31 -10.22 -12.92
N HIS C 34 42.18 -9.89 -11.61
CA HIS C 34 41.09 -9.04 -11.04
C HIS C 34 41.02 -7.68 -11.77
N PRO C 35 40.08 -7.48 -12.75
CA PRO C 35 40.12 -6.31 -13.69
C PRO C 35 40.05 -4.93 -12.98
N ASP C 36 39.40 -4.92 -11.80
CA ASP C 36 39.17 -3.69 -11.01
C ASP C 36 40.49 -3.18 -10.36
N VAL C 37 41.46 -4.09 -10.11
CA VAL C 37 42.77 -3.74 -9.49
C VAL C 37 43.93 -3.94 -10.49
N ASN C 38 43.71 -4.83 -11.46
CA ASN C 38 44.67 -5.18 -12.52
C ASN C 38 44.17 -4.51 -13.82
N LYS C 39 44.51 -3.22 -13.98
CA LYS C 39 44.09 -2.43 -15.14
C LYS C 39 45.02 -2.75 -16.33
N SER C 40 44.76 -3.91 -16.93
CA SER C 40 45.40 -4.35 -18.15
C SER C 40 44.34 -5.11 -18.95
N PRO C 41 43.82 -4.52 -20.10
CA PRO C 41 42.86 -5.19 -21.01
C PRO C 41 43.23 -6.64 -21.37
N GLU C 42 44.55 -6.92 -21.41
CA GLU C 42 45.08 -8.28 -21.65
C GLU C 42 44.55 -9.28 -20.61
N ALA C 43 44.58 -8.85 -19.33
CA ALA C 43 44.10 -9.66 -18.19
C ALA C 43 42.56 -9.78 -18.23
N GLU C 44 41.90 -8.85 -18.96
CA GLU C 44 40.42 -8.81 -19.07
C GLU C 44 39.94 -9.72 -20.20
N GLU C 45 40.77 -9.87 -21.26
CA GLU C 45 40.50 -10.82 -22.36
C GLU C 45 40.70 -12.25 -21.86
N LYS C 46 41.75 -12.41 -21.05
CA LYS C 46 42.00 -13.64 -20.30
C LYS C 46 40.87 -13.89 -19.29
N PHE C 47 40.36 -12.80 -18.66
CA PHE C 47 39.22 -12.87 -17.74
C PHE C 47 37.96 -13.37 -18.48
N LYS C 48 37.82 -12.97 -19.76
CA LYS C 48 36.74 -13.44 -20.64
C LYS C 48 36.84 -14.97 -20.87
N GLU C 49 38.07 -15.46 -21.14
CA GLU C 49 38.32 -16.93 -21.33
C GLU C 49 37.97 -17.74 -20.03
N ILE C 50 38.24 -17.12 -18.87
CA ILE C 50 37.88 -17.66 -17.53
C ILE C 50 36.34 -17.69 -17.38
N ASN C 51 35.70 -16.62 -17.87
CA ASN C 51 34.22 -16.47 -17.85
C ASN C 51 33.54 -17.34 -18.91
N GLU C 52 34.30 -17.83 -19.91
CA GLU C 52 33.82 -18.84 -20.87
C GLU C 52 33.74 -20.20 -20.17
N ALA C 53 34.87 -20.56 -19.56
CA ALA C 53 35.03 -21.80 -18.79
C ALA C 53 34.00 -21.86 -17.65
N TYR C 54 33.82 -20.71 -16.98
CA TYR C 54 32.84 -20.54 -15.92
C TYR C 54 31.41 -20.57 -16.51
N ALA C 55 31.20 -19.95 -17.68
CA ALA C 55 29.87 -19.90 -18.34
C ALA C 55 29.33 -21.31 -18.66
N VAL C 56 30.23 -22.24 -19.01
CA VAL C 56 29.86 -23.61 -19.39
C VAL C 56 29.98 -24.60 -18.20
N LEU C 57 30.69 -24.23 -17.11
CA LEU C 57 30.82 -25.10 -15.91
C LEU C 57 30.24 -24.46 -14.62
N SER C 58 29.52 -23.33 -14.77
CA SER C 58 28.94 -22.54 -13.64
C SER C 58 28.09 -23.38 -12.67
N ASP C 59 27.41 -24.38 -13.24
CA ASP C 59 26.45 -25.25 -12.52
C ASP C 59 26.73 -26.70 -12.90
N PRO C 60 26.33 -27.70 -12.03
CA PRO C 60 26.35 -29.14 -12.40
C PRO C 60 25.52 -29.42 -13.67
N GLU C 61 24.46 -28.60 -13.90
CA GLU C 61 23.64 -28.65 -15.14
C GLU C 61 24.52 -28.46 -16.39
N LYS C 62 25.16 -27.28 -16.44
CA LYS C 62 26.00 -26.86 -17.57
C LYS C 62 27.23 -27.76 -17.72
N ARG C 63 27.76 -28.16 -16.55
CA ARG C 63 28.91 -29.07 -16.42
C ARG C 63 28.64 -30.39 -17.15
N ARG C 64 27.46 -30.99 -16.87
CA ARG C 64 27.08 -32.28 -17.45
C ARG C 64 26.71 -32.15 -18.94
N ILE C 65 26.23 -30.96 -19.39
CA ILE C 65 26.06 -30.68 -20.84
C ILE C 65 27.42 -30.82 -21.57
N TYR C 66 28.45 -30.19 -20.97
CA TYR C 66 29.85 -30.27 -21.45
C TYR C 66 30.32 -31.74 -21.45
N ASP C 67 30.18 -32.42 -20.29
CA ASP C 67 30.68 -33.80 -20.09
C ASP C 67 30.01 -34.80 -21.05
N THR C 68 28.72 -34.57 -21.36
CA THR C 68 27.99 -35.42 -22.32
C THR C 68 28.39 -35.07 -23.77
N TYR C 69 28.86 -33.82 -24.02
CA TYR C 69 29.39 -33.47 -25.35
C TYR C 69 30.69 -34.28 -25.60
N GLY C 70 30.77 -34.95 -26.76
CA GLY C 70 31.82 -35.95 -27.03
C GLY C 70 31.36 -37.36 -26.68
N THR C 71 30.03 -37.50 -26.50
CA THR C 71 29.34 -38.79 -26.26
C THR C 71 28.03 -38.61 -27.01
N THR C 72 27.28 -37.61 -26.54
CA THR C 72 26.28 -36.91 -27.32
C THR C 72 27.11 -36.06 -28.33
N GLU C 73 26.74 -36.09 -29.61
CA GLU C 73 27.53 -35.44 -30.69
C GLU C 73 26.91 -34.08 -31.08
N ALA C 74 25.59 -34.03 -31.22
CA ALA C 74 24.86 -32.81 -31.60
C ALA C 74 24.44 -32.02 -30.34
N PRO C 75 24.59 -30.65 -30.34
CA PRO C 75 24.07 -29.78 -29.26
C PRO C 75 22.53 -29.95 -29.08
N PRO C 76 22.00 -30.00 -27.80
CA PRO C 76 20.53 -30.10 -27.55
C PRO C 76 19.74 -28.90 -28.15
N PRO C 77 18.42 -29.07 -28.52
CA PRO C 77 17.57 -27.96 -29.07
C PRO C 77 17.61 -26.69 -28.18
N PRO C 78 17.74 -25.46 -28.78
CA PRO C 78 17.86 -24.19 -28.01
C PRO C 78 16.68 -23.97 -27.02
N PRO C 79 16.95 -23.78 -25.68
CA PRO C 79 15.88 -23.55 -24.63
C PRO C 79 15.01 -22.28 -24.86
N PRO C 80 13.91 -22.03 -24.03
CA PRO C 80 13.14 -20.75 -24.06
C PRO C 80 14.03 -19.52 -23.80
N GLY C 81 14.58 -18.99 -24.89
CA GLY C 81 15.45 -17.80 -24.88
C GLY C 81 16.73 -18.07 -25.66
N GLY C 82 17.08 -19.36 -25.76
CA GLY C 82 18.23 -19.86 -26.51
C GLY C 82 19.33 -20.33 -25.59
N TYR C 83 20.49 -20.63 -26.17
CA TYR C 83 21.74 -20.79 -25.42
C TYR C 83 22.12 -19.44 -24.81
N ASP C 84 21.63 -19.21 -23.57
CA ASP C 84 21.91 -17.99 -22.82
C ASP C 84 23.42 -17.88 -22.55
N PHE C 85 23.95 -16.67 -22.67
CA PHE C 85 25.37 -16.40 -22.54
C PHE C 85 25.61 -14.94 -22.09
N SER C 86 24.50 -14.26 -21.77
CA SER C 86 24.49 -12.87 -21.36
C SER C 86 25.24 -12.68 -20.02
N GLY C 87 25.90 -11.53 -19.89
CA GLY C 87 26.90 -11.31 -18.84
C GLY C 87 28.31 -11.52 -19.39
N PHE C 88 28.42 -12.38 -20.42
CA PHE C 88 29.70 -12.72 -21.06
C PHE C 88 29.68 -12.23 -22.53
N ASP C 89 30.79 -11.65 -22.99
CA ASP C 89 30.90 -11.03 -24.33
C ASP C 89 30.99 -12.11 -25.42
N VAL C 90 29.81 -12.63 -25.81
CA VAL C 90 29.64 -13.65 -26.88
C VAL C 90 30.54 -13.37 -28.13
N GLU C 91 30.58 -12.08 -28.54
CA GLU C 91 31.23 -11.62 -29.78
C GLU C 91 32.77 -11.58 -29.69
N ASP C 92 33.32 -12.13 -28.59
CA ASP C 92 34.76 -12.21 -28.36
C ASP C 92 35.22 -13.67 -28.19
N PHE C 93 34.30 -14.55 -27.72
CA PHE C 93 34.68 -15.89 -27.21
C PHE C 93 34.97 -16.88 -28.37
N SER C 94 35.49 -18.05 -27.99
CA SER C 94 36.18 -18.99 -28.90
C SER C 94 35.30 -19.57 -30.02
N GLU C 95 35.99 -20.14 -31.02
CA GLU C 95 35.40 -20.89 -32.13
C GLU C 95 34.73 -22.19 -31.65
N PHE C 96 35.29 -22.84 -30.60
CA PHE C 96 34.70 -24.05 -30.00
C PHE C 96 33.35 -23.71 -29.33
N PHE C 97 33.31 -22.55 -28.66
CA PHE C 97 32.08 -21.97 -28.12
C PHE C 97 31.07 -21.74 -29.27
N GLN C 98 31.57 -21.20 -30.40
CA GLN C 98 30.76 -20.96 -31.61
C GLN C 98 30.29 -22.28 -32.28
N GLU C 99 30.95 -23.42 -31.95
CA GLU C 99 30.49 -24.78 -32.36
C GLU C 99 29.38 -25.32 -31.45
N LEU C 100 29.59 -25.22 -30.13
CA LEU C 100 28.76 -25.91 -29.13
C LEU C 100 27.46 -25.12 -28.84
N PHE C 101 27.61 -23.82 -28.56
CA PHE C 101 26.47 -22.92 -28.25
C PHE C 101 26.07 -22.08 -29.48
N GLY C 102 27.03 -21.87 -30.40
CA GLY C 102 26.84 -21.06 -31.62
C GLY C 102 25.50 -21.29 -32.36
N PRO C 103 25.20 -22.57 -32.82
CA PRO C 103 23.97 -22.90 -33.59
C PRO C 103 22.66 -22.50 -32.89
N GLY C 104 22.68 -22.31 -31.54
CA GLY C 104 21.47 -21.98 -30.80
C GLY C 104 21.61 -20.74 -29.93
N LEU C 105 22.66 -19.90 -30.19
CA LEU C 105 22.86 -18.62 -29.45
C LEU C 105 21.65 -17.69 -29.59
N PHE C 106 20.70 -17.86 -28.65
CA PHE C 106 19.50 -17.05 -28.52
C PHE C 106 18.59 -17.09 -29.76
N GLY C 107 18.54 -15.96 -30.53
CA GLY C 107 17.45 -15.69 -31.47
C GLY C 107 16.17 -15.29 -30.71
N GLY C 108 16.31 -15.13 -29.33
CA GLY C 108 15.27 -14.75 -28.35
C GLY C 108 13.98 -14.19 -28.94
N PHE C 109 14.08 -12.94 -29.40
CA PHE C 109 13.01 -12.27 -30.15
C PHE C 109 13.35 -12.32 -31.65
N GLY C 110 13.16 -13.53 -32.25
CA GLY C 110 13.25 -13.82 -33.71
C GLY C 110 13.34 -12.59 -34.62
N ARG C 111 12.23 -11.83 -34.71
CA ARG C 111 12.15 -10.39 -35.19
C ARG C 111 13.52 -9.68 -35.49
N ARG C 112 14.50 -9.91 -34.61
CA ARG C 112 15.87 -9.35 -34.72
C ARG C 112 16.90 -10.51 -34.74
N SER C 113 16.61 -11.56 -33.92
CA SER C 113 17.51 -12.72 -33.66
C SER C 113 18.91 -12.30 -33.17
N ARG C 114 19.03 -11.03 -32.74
CA ARG C 114 20.32 -10.38 -32.57
C ARG C 114 20.29 -9.41 -31.36
N LYS C 115 20.38 -8.07 -31.52
CA LYS C 115 20.62 -7.09 -30.39
C LYS C 115 19.88 -7.46 -29.08
N GLY C 116 20.69 -7.84 -28.05
CA GLY C 116 20.16 -8.32 -26.78
C GLY C 116 19.44 -7.25 -26.00
N ARG C 117 18.16 -7.51 -25.70
CA ARG C 117 17.30 -6.57 -24.98
C ARG C 117 17.38 -6.77 -23.46
N ASP C 118 16.72 -5.85 -22.73
CA ASP C 118 16.48 -5.99 -21.29
C ASP C 118 15.53 -7.16 -21.09
N LEU C 119 15.85 -8.03 -20.14
CA LEU C 119 15.06 -9.23 -19.88
C LEU C 119 14.08 -8.85 -18.75
N ARG C 120 12.83 -9.28 -18.88
CA ARG C 120 11.75 -8.86 -17.97
C ARG C 120 11.04 -10.08 -17.42
N ALA C 121 11.35 -10.40 -16.16
CA ALA C 121 10.66 -11.43 -15.40
C ALA C 121 9.83 -10.73 -14.34
N GLU C 122 8.51 -10.86 -14.43
CA GLU C 122 7.58 -10.35 -13.43
C GLU C 122 7.11 -11.58 -12.65
N LEU C 123 7.86 -11.91 -11.58
CA LEU C 123 7.87 -13.27 -11.00
C LEU C 123 7.55 -13.33 -9.49
N PRO C 124 6.67 -14.30 -9.04
CA PRO C 124 6.35 -14.54 -7.61
C PRO C 124 7.59 -14.86 -6.71
N LEU C 125 7.59 -14.29 -5.48
CA LEU C 125 8.64 -14.52 -4.46
C LEU C 125 8.08 -14.20 -3.06
N THR C 126 8.67 -14.81 -2.01
CA THR C 126 8.27 -14.58 -0.61
C THR C 126 9.27 -13.63 0.09
N LEU C 127 8.79 -12.92 1.12
CA LEU C 127 9.60 -12.00 1.96
C LEU C 127 10.69 -12.77 2.73
N GLU C 128 10.27 -13.92 3.30
CA GLU C 128 11.14 -14.84 4.04
C GLU C 128 12.25 -15.40 3.12
N GLU C 129 11.88 -15.66 1.84
CA GLU C 129 12.81 -16.15 0.80
C GLU C 129 13.84 -15.07 0.43
N ALA C 130 13.38 -13.80 0.39
CA ALA C 130 14.26 -12.65 0.07
C ALA C 130 15.27 -12.43 1.21
N PHE C 131 14.82 -12.73 2.45
CA PHE C 131 15.65 -12.70 3.68
C PHE C 131 16.71 -13.81 3.63
N HIS C 132 16.30 -15.02 3.18
CA HIS C 132 17.18 -16.19 3.10
C HIS C 132 18.33 -15.90 2.10
N GLY C 133 17.99 -15.23 0.97
CA GLY C 133 18.97 -14.88 -0.06
C GLY C 133 19.57 -16.13 -0.70
N GLY C 134 20.86 -16.40 -0.39
CA GLY C 134 21.54 -17.64 -0.80
C GLY C 134 21.84 -17.74 -2.30
N GLU C 135 22.97 -18.39 -2.64
CA GLU C 135 23.35 -18.62 -4.05
C GLU C 135 22.55 -19.82 -4.55
N ARG C 136 21.39 -19.52 -5.16
CA ARG C 136 20.36 -20.50 -5.50
C ARG C 136 20.06 -20.43 -7.01
N VAL C 137 19.55 -21.54 -7.57
CA VAL C 137 19.36 -21.69 -9.02
C VAL C 137 18.09 -20.96 -9.51
N VAL C 138 18.29 -20.04 -10.46
CA VAL C 138 17.20 -19.40 -11.22
C VAL C 138 17.29 -19.88 -12.67
N GLU C 139 16.15 -20.14 -13.29
CA GLU C 139 16.07 -20.60 -14.69
C GLU C 139 15.50 -19.46 -15.53
N VAL C 140 16.39 -18.74 -16.22
CA VAL C 140 16.05 -17.53 -16.99
C VAL C 140 16.90 -17.48 -18.29
N ALA C 141 16.22 -17.16 -19.42
CA ALA C 141 16.83 -17.00 -20.77
C ALA C 141 17.37 -18.32 -21.38
N GLY C 142 17.27 -19.44 -20.63
CA GLY C 142 17.73 -20.74 -21.11
C GLY C 142 18.83 -21.37 -20.25
N ARG C 143 19.28 -20.66 -19.19
CA ARG C 143 20.28 -21.23 -18.24
C ARG C 143 19.71 -21.30 -16.81
N ARG C 144 19.86 -22.49 -16.20
CA ARG C 144 19.71 -22.70 -14.75
C ARG C 144 21.05 -22.33 -14.09
N VAL C 145 21.13 -21.15 -13.44
CA VAL C 145 22.38 -20.61 -12.87
C VAL C 145 22.21 -20.28 -11.38
N SER C 146 23.18 -20.77 -10.56
CA SER C 146 23.24 -20.49 -9.11
C SER C 146 23.72 -19.05 -8.87
N VAL C 147 22.78 -18.13 -8.68
CA VAL C 147 23.07 -16.71 -8.38
C VAL C 147 22.38 -16.32 -7.06
N ARG C 148 22.95 -15.34 -6.36
CA ARG C 148 22.31 -14.72 -5.20
C ARG C 148 21.86 -13.33 -5.61
N ILE C 149 20.55 -13.18 -5.80
CA ILE C 149 19.93 -11.86 -6.01
C ILE C 149 20.00 -11.08 -4.67
N PRO C 150 20.14 -9.69 -4.71
CA PRO C 150 20.25 -8.82 -3.50
C PRO C 150 19.37 -9.30 -2.31
N PRO C 151 20.01 -9.70 -1.14
CA PRO C 151 19.29 -10.26 0.02
C PRO C 151 18.22 -9.29 0.55
N GLY C 152 16.98 -9.50 0.09
CA GLY C 152 15.86 -8.63 0.38
C GLY C 152 15.37 -7.82 -0.81
N VAL C 153 14.02 -7.75 -0.96
CA VAL C 153 13.32 -6.89 -1.94
C VAL C 153 11.96 -6.39 -1.38
N ARG C 154 11.31 -5.51 -2.16
CA ARG C 154 9.95 -4.99 -1.90
C ARG C 154 9.06 -5.27 -3.12
N GLU C 155 7.74 -5.08 -2.96
CA GLU C 155 6.77 -5.21 -4.05
C GLU C 155 7.07 -4.21 -5.19
N GLY C 156 7.33 -4.76 -6.39
CA GLY C 156 7.65 -3.98 -7.58
C GLY C 156 9.12 -3.56 -7.66
N SER C 157 9.98 -4.20 -6.84
CA SER C 157 11.43 -3.95 -6.87
C SER C 157 12.04 -4.63 -8.10
N VAL C 158 12.75 -3.84 -8.90
CA VAL C 158 13.35 -4.30 -10.15
C VAL C 158 14.85 -4.61 -9.92
N ILE C 159 15.13 -5.92 -9.70
CA ILE C 159 16.50 -6.45 -9.53
C ILE C 159 17.23 -6.41 -10.88
N ARG C 160 18.27 -5.57 -10.99
CA ARG C 160 19.07 -5.45 -12.22
C ARG C 160 20.35 -6.27 -12.08
N VAL C 161 20.35 -7.46 -12.69
CA VAL C 161 21.53 -8.33 -12.75
C VAL C 161 22.42 -7.86 -13.93
N PRO C 162 23.71 -7.44 -13.65
CA PRO C 162 24.62 -6.84 -14.67
C PRO C 162 24.91 -7.80 -15.85
N GLY C 163 24.29 -7.50 -17.00
CA GLY C 163 24.62 -8.15 -18.27
C GLY C 163 23.79 -9.40 -18.58
N MET C 164 23.25 -10.10 -17.55
CA MET C 164 22.70 -11.48 -17.70
C MET C 164 21.21 -11.49 -18.13
N GLY C 165 20.90 -10.73 -19.18
CA GLY C 165 19.57 -10.75 -19.82
C GLY C 165 19.70 -11.03 -21.31
N GLY C 166 19.71 -9.96 -22.13
CA GLY C 166 20.19 -10.03 -23.52
C GLY C 166 19.42 -10.96 -24.42
N GLN C 167 18.08 -10.97 -24.31
CA GLN C 167 17.22 -11.80 -25.17
C GLN C 167 17.31 -11.32 -26.62
N GLY C 168 18.04 -12.08 -27.44
CA GLY C 168 18.27 -11.77 -28.83
C GLY C 168 19.49 -12.49 -29.37
N ASN C 169 20.70 -12.12 -28.86
CA ASN C 169 21.98 -12.81 -29.15
C ASN C 169 23.17 -12.23 -28.30
N PRO C 170 23.58 -10.90 -28.44
CA PRO C 170 24.58 -10.29 -27.53
C PRO C 170 24.00 -10.04 -26.12
N PRO C 171 24.86 -9.87 -25.06
CA PRO C 171 24.38 -9.57 -23.69
C PRO C 171 23.64 -8.22 -23.59
N GLY C 172 22.73 -8.14 -22.62
CA GLY C 172 22.01 -6.92 -22.29
C GLY C 172 22.07 -6.67 -20.79
N ASP C 173 20.96 -6.98 -20.08
CA ASP C 173 20.90 -7.10 -18.60
C ASP C 173 19.54 -7.67 -18.19
N LEU C 174 19.45 -8.17 -16.96
CA LEU C 174 18.24 -8.85 -16.42
C LEU C 174 17.50 -7.93 -15.45
N LEU C 175 16.16 -7.91 -15.57
CA LEU C 175 15.26 -7.14 -14.70
C LEU C 175 14.22 -8.09 -14.07
N LEU C 176 14.55 -8.60 -12.88
CA LEU C 176 13.63 -9.41 -12.06
C LEU C 176 12.73 -8.47 -11.26
N VAL C 177 11.56 -8.15 -11.83
CA VAL C 177 10.53 -7.36 -11.15
C VAL C 177 9.72 -8.31 -10.27
N VAL C 178 10.01 -8.27 -8.98
CA VAL C 178 9.44 -9.18 -8.00
C VAL C 178 7.98 -8.83 -7.67
N ARG C 179 7.15 -9.87 -7.70
CA ARG C 179 5.77 -9.85 -7.25
C ARG C 179 5.70 -10.71 -5.99
N LEU C 180 5.63 -10.03 -4.84
CA LEU C 180 5.58 -10.70 -3.54
C LEU C 180 4.22 -11.41 -3.34
N LEU C 181 4.28 -12.52 -2.59
CA LEU C 181 3.11 -13.41 -2.36
C LEU C 181 2.02 -12.69 -1.51
N PRO C 182 0.76 -13.26 -1.41
CA PRO C 182 -0.28 -12.76 -0.46
C PRO C 182 0.21 -12.80 1.02
N HIS C 183 1.03 -11.79 1.30
CA HIS C 183 1.79 -11.57 2.55
C HIS C 183 2.63 -10.28 2.30
N PRO C 184 2.00 -9.15 1.85
CA PRO C 184 2.73 -7.96 1.38
C PRO C 184 2.91 -6.94 2.52
N VAL C 185 3.68 -7.34 3.55
CA VAL C 185 3.74 -6.61 4.81
C VAL C 185 4.92 -5.65 4.77
N PHE C 186 6.11 -6.17 4.44
CA PHE C 186 7.38 -5.45 4.57
C PHE C 186 7.83 -4.89 3.21
N ARG C 187 8.00 -3.56 3.15
CA ARG C 187 8.42 -2.83 1.95
C ARG C 187 9.80 -2.20 2.21
N LEU C 188 10.83 -2.78 1.58
CA LEU C 188 12.24 -2.47 1.83
C LEU C 188 12.69 -1.14 1.16
N GLU C 189 13.53 -0.38 1.89
CA GLU C 189 14.33 0.72 1.36
C GLU C 189 15.69 0.67 2.08
N GLY C 190 16.79 0.58 1.30
CA GLY C 190 18.13 0.35 1.84
C GLY C 190 18.26 -1.05 2.45
N GLN C 191 18.39 -1.12 3.80
CA GLN C 191 18.37 -2.39 4.56
C GLN C 191 17.12 -2.43 5.47
N ASP C 192 16.44 -1.27 5.57
CA ASP C 192 15.38 -1.03 6.56
C ASP C 192 14.01 -1.29 5.92
N LEU C 193 13.06 -1.76 6.73
CA LEU C 193 11.72 -2.13 6.23
C LEU C 193 10.68 -1.08 6.62
N TYR C 194 9.57 -1.08 5.87
CA TYR C 194 8.37 -0.36 6.26
C TYR C 194 7.17 -1.30 6.11
N ALA C 195 6.67 -1.76 7.25
CA ALA C 195 5.48 -2.63 7.34
C ALA C 195 4.37 -1.89 8.08
N THR C 196 3.24 -2.58 8.28
CA THR C 196 2.08 -2.04 9.00
C THR C 196 1.65 -3.04 10.09
N LEU C 197 1.84 -2.64 11.35
CA LEU C 197 1.52 -3.45 12.53
C LEU C 197 0.04 -3.24 12.93
N ASP C 198 -0.68 -4.35 13.14
CA ASP C 198 -2.06 -4.34 13.63
C ASP C 198 -2.05 -4.38 15.19
N VAL C 199 -2.48 -3.26 15.81
CA VAL C 199 -2.59 -3.11 17.26
C VAL C 199 -4.07 -2.87 17.61
N PRO C 200 -4.76 -3.81 18.33
CA PRO C 200 -6.15 -3.59 18.74
C PRO C 200 -6.23 -2.48 19.81
N ALA C 201 -7.34 -1.73 19.75
CA ALA C 201 -7.58 -0.52 20.56
C ALA C 201 -7.39 -0.72 22.09
N PRO C 202 -7.95 -1.82 22.76
CA PRO C 202 -7.74 -2.04 24.21
C PRO C 202 -6.23 -2.17 24.58
N ILE C 203 -5.51 -2.97 23.77
CA ILE C 203 -4.05 -3.19 23.93
C ILE C 203 -3.26 -1.89 23.65
N ALA C 204 -3.81 -1.05 22.76
CA ALA C 204 -3.20 0.25 22.41
C ALA C 204 -3.24 1.24 23.58
N VAL C 205 -4.39 1.28 24.28
CA VAL C 205 -4.62 2.24 25.38
C VAL C 205 -3.87 1.83 26.67
N VAL C 206 -3.97 0.54 27.06
CA VAL C 206 -3.29 0.06 28.29
C VAL C 206 -1.80 -0.23 28.03
N GLY C 207 -1.48 -0.61 26.79
CA GLY C 207 -0.14 -1.04 26.44
C GLY C 207 0.11 -2.48 26.85
N GLY C 208 -0.33 -3.42 25.99
CA GLY C 208 -0.10 -4.84 26.19
C GLY C 208 0.97 -5.35 25.25
N LYS C 209 0.67 -6.43 24.50
CA LYS C 209 1.54 -6.94 23.43
C LYS C 209 0.69 -7.37 22.22
N VAL C 210 1.28 -7.15 21.04
CA VAL C 210 0.75 -7.59 19.73
C VAL C 210 1.87 -8.38 19.03
N ARG C 211 1.61 -8.90 17.83
CA ARG C 211 2.61 -9.70 17.10
C ARG C 211 2.81 -9.20 15.65
N ALA C 212 4.07 -8.89 15.32
CA ALA C 212 4.51 -8.67 13.93
C ALA C 212 5.16 -9.98 13.45
N MET C 213 4.55 -10.65 12.46
CA MET C 213 5.08 -11.90 11.90
C MET C 213 6.24 -11.53 10.97
N THR C 214 7.48 -11.63 11.47
CA THR C 214 8.66 -11.16 10.74
C THR C 214 9.37 -12.35 10.08
N LEU C 215 10.33 -12.01 9.23
CA LEU C 215 11.08 -12.95 8.38
C LEU C 215 11.86 -13.97 9.22
N GLU C 216 12.49 -13.43 10.28
CA GLU C 216 13.36 -14.16 11.22
C GLU C 216 12.57 -14.66 12.45
N GLY C 217 11.24 -14.68 12.32
CA GLY C 217 10.35 -15.16 13.38
C GLY C 217 9.28 -14.11 13.72
N PRO C 218 8.08 -14.54 14.23
CA PRO C 218 7.03 -13.60 14.67
C PRO C 218 7.37 -12.93 16.03
N VAL C 219 7.80 -11.65 15.98
CA VAL C 219 8.14 -10.85 17.19
C VAL C 219 6.85 -10.41 17.88
N GLU C 220 6.73 -10.69 19.18
CA GLU C 220 5.63 -10.15 19.99
C GLU C 220 6.08 -8.77 20.51
N VAL C 221 5.52 -7.74 19.88
CA VAL C 221 5.80 -6.33 20.13
C VAL C 221 5.23 -5.87 21.48
N ALA C 222 6.09 -5.29 22.33
CA ALA C 222 5.68 -4.63 23.58
C ALA C 222 5.10 -3.23 23.27
N VAL C 223 3.78 -3.12 23.39
CA VAL C 223 3.04 -1.85 23.16
C VAL C 223 3.09 -1.00 24.46
N PRO C 224 3.42 0.33 24.38
CA PRO C 224 3.34 1.25 25.53
C PRO C 224 1.89 1.78 25.72
N PRO C 225 1.52 2.23 26.97
CA PRO C 225 0.20 2.86 27.21
C PRO C 225 -0.03 4.09 26.32
N ARG C 226 -1.24 4.17 25.72
CA ARG C 226 -1.69 5.28 24.86
C ARG C 226 -0.94 5.27 23.52
N THR C 227 -1.42 4.43 22.60
CA THR C 227 -0.84 4.28 21.25
C THR C 227 -1.85 4.73 20.18
N GLN C 228 -1.45 5.70 19.33
CA GLN C 228 -2.29 6.28 18.25
C GLN C 228 -1.89 5.71 16.88
N ALA C 229 -2.89 5.65 16.00
CA ALA C 229 -2.69 5.20 14.61
C ALA C 229 -1.93 6.27 13.82
N GLY C 230 -0.92 5.84 13.06
CA GLY C 230 -0.01 6.73 12.36
C GLY C 230 1.33 6.87 13.05
N ARG C 231 1.47 6.26 14.27
CA ARG C 231 2.80 6.09 14.93
C ARG C 231 3.70 5.15 14.12
N LYS C 232 4.97 5.05 14.52
CA LYS C 232 5.94 4.22 13.82
C LYS C 232 6.99 3.66 14.81
N LEU C 233 7.12 2.31 14.80
CA LEU C 233 8.12 1.57 15.56
C LEU C 233 9.43 1.52 14.80
N ARG C 234 10.52 1.32 15.55
CA ARG C 234 11.83 0.95 15.01
C ARG C 234 12.34 -0.31 15.77
N LEU C 235 11.91 -1.48 15.27
CA LEU C 235 12.35 -2.79 15.80
C LEU C 235 13.75 -3.10 15.23
N LYS C 236 14.74 -3.18 16.14
CA LYS C 236 16.15 -3.26 15.75
C LYS C 236 16.55 -4.66 15.28
N GLY C 237 17.20 -4.69 14.10
CA GLY C 237 17.71 -5.92 13.50
C GLY C 237 16.65 -6.81 12.86
N LYS C 238 15.45 -6.24 12.63
CA LYS C 238 14.31 -6.97 12.02
C LYS C 238 14.19 -6.67 10.51
N GLY C 239 15.20 -5.99 9.95
CA GLY C 239 15.26 -5.67 8.52
C GLY C 239 15.89 -6.79 7.70
N PHE C 240 16.18 -6.49 6.43
CA PHE C 240 16.80 -7.47 5.50
C PHE C 240 18.32 -7.51 5.73
N PRO C 241 19.00 -8.69 5.47
CA PRO C 241 20.44 -8.89 5.75
C PRO C 241 21.33 -8.11 4.77
N GLY C 242 21.75 -6.93 5.21
CA GLY C 242 22.63 -6.06 4.43
C GLY C 242 24.10 -6.43 4.56
N PRO C 243 25.01 -5.72 3.82
CA PRO C 243 26.48 -5.99 3.84
C PRO C 243 27.13 -5.61 5.19
N ALA C 244 26.44 -4.76 5.97
CA ALA C 244 26.90 -4.29 7.29
C ALA C 244 26.00 -4.87 8.41
N GLY C 245 25.21 -5.91 8.07
CA GLY C 245 24.24 -6.52 8.99
C GLY C 245 22.80 -6.21 8.58
N ARG C 246 21.82 -6.76 9.31
CA ARG C 246 20.38 -6.55 9.03
C ARG C 246 19.94 -5.12 9.39
N GLY C 247 18.97 -4.59 8.63
CA GLY C 247 18.40 -3.25 8.91
C GLY C 247 17.40 -3.24 10.06
N ASP C 248 16.53 -2.21 10.11
CA ASP C 248 15.56 -2.01 11.20
C ASP C 248 14.14 -1.91 10.61
N LEU C 249 13.19 -2.60 11.25
CA LEU C 249 11.78 -2.64 10.82
C LEU C 249 11.02 -1.42 11.35
N TYR C 250 10.44 -0.64 10.43
CA TYR C 250 9.59 0.51 10.76
C TYR C 250 8.12 0.11 10.60
N LEU C 251 7.41 0.01 11.73
CA LEU C 251 6.00 -0.46 11.74
C LEU C 251 5.03 0.72 11.90
N GLU C 252 4.23 1.01 10.85
CA GLU C 252 3.11 1.96 10.98
C GLU C 252 2.02 1.29 11.81
N VAL C 253 1.56 2.00 12.84
CA VAL C 253 0.53 1.51 13.75
C VAL C 253 -0.87 1.72 13.16
N ARG C 254 -1.60 0.61 13.03
CA ARG C 254 -3.05 0.61 12.81
C ARG C 254 -3.72 0.29 14.13
N ILE C 255 -4.47 1.25 14.68
CA ILE C 255 -5.42 0.94 15.75
C ILE C 255 -6.63 0.29 15.09
N THR C 256 -6.90 -0.96 15.48
CA THR C 256 -7.91 -1.82 14.86
C THR C 256 -8.75 -2.50 15.95
N ILE C 257 -9.82 -3.22 15.57
CA ILE C 257 -10.76 -3.84 16.51
C ILE C 257 -11.09 -5.29 16.05
N PRO C 258 -11.51 -6.22 16.98
CA PRO C 258 -11.64 -7.69 16.66
C PRO C 258 -12.90 -8.06 15.84
N GLU C 259 -13.47 -7.08 15.12
CA GLU C 259 -14.75 -7.21 14.37
C GLU C 259 -15.92 -7.54 15.31
N ARG C 260 -16.04 -8.81 15.73
CA ARG C 260 -17.12 -9.28 16.64
C ARG C 260 -16.78 -8.90 18.10
N LEU C 261 -17.68 -9.22 19.05
CA LEU C 261 -17.41 -9.12 20.50
C LEU C 261 -18.09 -10.30 21.22
N THR C 262 -17.52 -10.73 22.36
CA THR C 262 -18.20 -11.64 23.30
C THR C 262 -19.12 -10.78 24.20
N PRO C 263 -20.23 -11.35 24.80
CA PRO C 263 -21.16 -10.60 25.71
C PRO C 263 -20.49 -9.59 26.68
N GLU C 264 -19.39 -9.99 27.33
CA GLU C 264 -18.65 -9.16 28.30
C GLU C 264 -18.00 -7.96 27.60
N GLU C 265 -17.25 -8.24 26.51
CA GLU C 265 -16.61 -7.20 25.67
C GLU C 265 -17.66 -6.19 25.18
N GLU C 266 -18.74 -6.73 24.59
CA GLU C 266 -19.92 -5.98 24.10
C GLU C 266 -20.37 -4.94 25.14
N ALA C 267 -20.64 -5.41 26.36
CA ALA C 267 -21.16 -4.61 27.46
C ALA C 267 -20.22 -3.44 27.85
N LEU C 268 -18.91 -3.76 28.02
CA LEU C 268 -17.89 -2.76 28.42
C LEU C 268 -17.69 -1.69 27.32
N TRP C 269 -17.61 -2.13 26.03
CA TRP C 269 -17.45 -1.21 24.87
C TRP C 269 -18.67 -0.26 24.75
N LYS C 270 -19.88 -0.78 25.05
CA LYS C 270 -21.13 0.02 25.01
C LYS C 270 -21.10 1.13 26.07
N LYS C 271 -20.71 0.77 27.32
CA LYS C 271 -20.63 1.74 28.44
C LYS C 271 -19.56 2.82 28.18
N LEU C 272 -18.40 2.39 27.63
CA LEU C 272 -17.32 3.30 27.19
C LEU C 272 -17.85 4.27 26.16
N ALA C 273 -18.60 3.74 25.18
CA ALA C 273 -19.15 4.51 24.06
C ALA C 273 -20.07 5.62 24.52
N GLU C 274 -20.97 5.33 25.49
CA GLU C 274 -21.91 6.32 26.06
C GLU C 274 -21.14 7.45 26.77
N ALA C 275 -20.21 7.02 27.65
CA ALA C 275 -19.31 7.92 28.39
C ALA C 275 -18.40 8.74 27.43
N TYR C 276 -18.23 8.21 26.22
CA TYR C 276 -17.40 8.80 25.16
C TYR C 276 -18.25 9.75 24.29
N TYR C 277 -19.56 9.43 24.13
CA TYR C 277 -20.51 10.28 23.39
C TYR C 277 -20.75 11.57 24.16
N ALA C 278 -20.54 11.49 25.50
CA ALA C 278 -20.53 12.65 26.40
C ALA C 278 -19.54 13.76 25.95
N ARG C 279 -18.47 13.39 25.18
CA ARG C 279 -17.47 14.37 24.69
C ARG C 279 -18.04 15.22 23.53
N ALA C 280 -19.14 14.76 22.92
CA ALA C 280 -19.77 15.43 21.76
C ALA C 280 -20.72 16.55 22.26
N MET A 1 -10.71 43.13 -45.89
CA MET A 1 -10.23 44.52 -45.75
C MET A 1 -11.14 45.29 -44.77
N ALA A 2 -11.07 44.87 -43.49
CA ALA A 2 -11.74 45.53 -42.36
C ALA A 2 -13.29 45.52 -42.46
N ALA A 3 -13.86 44.43 -43.02
CA ALA A 3 -15.32 44.29 -43.20
C ALA A 3 -15.98 43.68 -41.94
N LYS A 4 -15.66 44.27 -40.76
CA LYS A 4 -16.07 43.79 -39.40
C LYS A 4 -17.49 43.21 -39.33
N LYS A 5 -17.57 41.91 -39.07
CA LYS A 5 -18.84 41.26 -38.71
C LYS A 5 -19.10 41.49 -37.23
N ASP A 6 -20.26 42.08 -36.91
CA ASP A 6 -20.74 42.12 -35.54
C ASP A 6 -21.29 40.73 -35.20
N TYR A 7 -20.49 39.98 -34.42
CA TYR A 7 -20.76 38.59 -34.09
C TYR A 7 -22.09 38.41 -33.32
N TYR A 8 -22.50 39.47 -32.58
CA TYR A 8 -23.79 39.49 -31.87
C TYR A 8 -24.94 39.54 -32.88
N ALA A 9 -24.77 40.37 -33.93
CA ALA A 9 -25.76 40.48 -35.03
C ALA A 9 -25.95 39.13 -35.73
N ILE A 10 -24.82 38.45 -36.03
CA ILE A 10 -24.81 37.09 -36.61
C ILE A 10 -25.67 36.14 -35.76
N LEU A 11 -25.44 36.19 -34.43
CA LEU A 11 -26.15 35.33 -33.46
C LEU A 11 -27.56 35.86 -33.09
N GLY A 12 -27.91 37.09 -33.51
CA GLY A 12 -29.22 37.69 -33.21
C GLY A 12 -29.41 38.12 -31.74
N VAL A 13 -28.31 38.46 -31.07
CA VAL A 13 -28.29 38.98 -29.68
C VAL A 13 -27.80 40.45 -29.66
N PRO A 14 -28.05 41.24 -28.55
CA PRO A 14 -27.59 42.67 -28.48
C PRO A 14 -26.06 42.81 -28.49
N ARG A 15 -25.57 44.04 -28.76
CA ARG A 15 -24.14 44.33 -29.01
C ARG A 15 -23.34 44.51 -27.69
N ASN A 16 -23.65 43.66 -26.72
CA ASN A 16 -23.16 43.74 -25.33
C ASN A 16 -23.60 42.46 -24.57
N ALA A 17 -24.41 41.61 -25.26
CA ALA A 17 -24.92 40.31 -24.76
C ALA A 17 -23.87 39.52 -23.98
N THR A 18 -24.23 39.01 -22.78
CA THR A 18 -23.30 38.34 -21.87
C THR A 18 -22.99 36.89 -22.31
N GLN A 19 -22.15 36.18 -21.51
CA GLN A 19 -21.68 34.79 -21.78
C GLN A 19 -22.82 33.84 -22.18
N GLU A 20 -23.82 33.71 -21.30
CA GLU A 20 -24.92 32.75 -21.51
C GLU A 20 -25.85 33.21 -22.65
N GLU A 21 -26.04 34.55 -22.83
CA GLU A 21 -26.90 35.09 -23.91
C GLU A 21 -26.36 34.71 -25.30
N ILE A 22 -25.04 34.95 -25.48
CA ILE A 22 -24.30 34.61 -26.71
C ILE A 22 -24.33 33.10 -26.95
N LYS A 23 -24.14 32.35 -25.86
CA LYS A 23 -24.11 30.88 -25.88
C LYS A 23 -25.50 30.28 -26.14
N ARG A 24 -26.57 31.01 -25.75
CA ARG A 24 -27.97 30.60 -26.03
C ARG A 24 -28.30 30.82 -27.50
N ALA A 25 -27.75 31.90 -28.06
CA ALA A 25 -27.86 32.23 -29.49
C ALA A 25 -27.09 31.20 -30.34
N TYR A 26 -25.92 30.81 -29.81
CA TYR A 26 -25.10 29.73 -30.36
C TYR A 26 -25.94 28.44 -30.41
N LYS A 27 -26.29 27.91 -29.22
CA LYS A 27 -27.06 26.65 -29.06
C LYS A 27 -28.34 26.65 -29.92
N ARG A 28 -29.03 27.79 -29.98
CA ARG A 28 -30.26 27.96 -30.79
C ARG A 28 -29.97 27.65 -32.27
N LEU A 29 -29.16 28.51 -32.90
CA LEU A 29 -28.89 28.46 -34.34
C LEU A 29 -28.01 27.26 -34.70
N ALA A 30 -27.24 26.76 -33.72
CA ALA A 30 -26.31 25.64 -33.93
C ALA A 30 -27.04 24.29 -33.81
N ARG A 31 -28.16 24.26 -33.06
CA ARG A 31 -29.06 23.08 -33.00
C ARG A 31 -30.04 23.09 -34.18
N GLN A 32 -30.34 24.29 -34.71
CA GLN A 32 -31.16 24.43 -35.93
C GLN A 32 -30.37 23.96 -37.16
N TYR A 33 -29.16 24.51 -37.31
CA TYR A 33 -28.26 24.23 -38.45
C TYR A 33 -27.21 23.16 -38.05
N HIS A 34 -27.68 22.21 -37.23
CA HIS A 34 -26.85 21.17 -36.60
C HIS A 34 -26.49 20.07 -37.62
N PRO A 35 -25.19 19.97 -38.08
CA PRO A 35 -24.76 18.96 -39.09
C PRO A 35 -25.17 17.52 -38.72
N ASP A 36 -25.11 17.20 -37.41
CA ASP A 36 -25.48 15.88 -36.87
C ASP A 36 -26.99 15.58 -37.07
N VAL A 37 -27.84 16.63 -37.06
CA VAL A 37 -29.29 16.49 -37.31
C VAL A 37 -29.57 16.50 -38.83
N ASN A 38 -29.08 17.55 -39.51
CA ASN A 38 -29.33 17.79 -40.94
C ASN A 38 -28.01 18.17 -41.63
N LYS A 39 -27.50 17.25 -42.49
CA LYS A 39 -26.24 17.43 -43.23
C LYS A 39 -26.48 18.21 -44.53
N SER A 40 -26.93 19.47 -44.39
CA SER A 40 -27.09 20.40 -45.53
C SER A 40 -25.86 21.34 -45.57
N PRO A 41 -24.97 21.25 -46.62
CA PRO A 41 -23.72 22.06 -46.75
C PRO A 41 -23.88 23.52 -46.27
N GLU A 42 -24.89 24.21 -46.83
CA GLU A 42 -25.17 25.63 -46.54
C GLU A 42 -25.54 25.85 -45.05
N ALA A 43 -26.25 24.87 -44.46
CA ALA A 43 -26.62 24.90 -43.03
C ALA A 43 -25.39 24.68 -42.15
N GLU A 44 -24.42 23.92 -42.68
CA GLU A 44 -23.19 23.57 -41.97
C GLU A 44 -22.19 24.74 -42.09
N GLU A 45 -22.30 25.51 -43.19
CA GLU A 45 -21.54 26.75 -43.41
C GLU A 45 -22.01 27.82 -42.42
N LYS A 46 -23.34 27.89 -42.24
CA LYS A 46 -23.97 28.78 -41.25
C LYS A 46 -23.58 28.35 -39.83
N PHE A 47 -23.54 27.03 -39.57
CA PHE A 47 -23.06 26.45 -38.31
C PHE A 47 -21.63 26.95 -38.01
N LYS A 48 -20.77 26.91 -39.04
CA LYS A 48 -19.39 27.41 -38.97
C LYS A 48 -19.35 28.92 -38.63
N GLU A 49 -20.25 29.72 -39.22
CA GLU A 49 -20.35 31.18 -38.97
C GLU A 49 -20.83 31.48 -37.53
N ILE A 50 -21.69 30.61 -37.02
CA ILE A 50 -22.18 30.64 -35.62
C ILE A 50 -21.04 30.26 -34.67
N ASN A 51 -20.20 29.32 -35.14
CA ASN A 51 -19.02 28.83 -34.41
C ASN A 51 -17.81 29.76 -34.61
N GLU A 52 -17.87 30.69 -35.59
CA GLU A 52 -16.89 31.79 -35.75
C GLU A 52 -17.16 32.82 -34.66
N ALA A 53 -18.41 33.29 -34.68
CA ALA A 53 -18.96 34.24 -33.72
C ALA A 53 -18.74 33.74 -32.29
N TYR A 54 -19.12 32.49 -32.05
CA TYR A 54 -18.97 31.83 -30.76
C TYR A 54 -17.48 31.63 -30.42
N ALA A 55 -16.65 31.22 -31.39
CA ALA A 55 -15.19 30.98 -31.17
C ALA A 55 -14.51 32.22 -30.56
N VAL A 56 -14.90 33.40 -31.03
CA VAL A 56 -14.42 34.68 -30.47
C VAL A 56 -15.03 34.93 -29.07
N LEU A 57 -16.37 34.80 -28.97
CA LEU A 57 -17.14 35.25 -27.79
C LEU A 57 -17.31 34.16 -26.67
N SER A 58 -16.75 32.96 -26.90
CA SER A 58 -16.94 31.77 -26.00
C SER A 58 -16.21 31.94 -24.68
N ASP A 59 -14.93 32.29 -24.79
CA ASP A 59 -14.08 32.55 -23.64
C ASP A 59 -14.25 34.02 -23.27
N PRO A 60 -14.61 34.35 -21.98
CA PRO A 60 -14.79 35.75 -21.50
C PRO A 60 -13.56 36.65 -21.79
N GLU A 61 -12.37 36.01 -21.89
CA GLU A 61 -11.10 36.68 -22.19
C GLU A 61 -11.06 37.15 -23.67
N LYS A 62 -11.27 36.21 -24.60
CA LYS A 62 -11.28 36.47 -26.08
C LYS A 62 -12.48 37.35 -26.49
N ARG A 63 -13.54 37.23 -25.69
CA ARG A 63 -14.73 38.08 -25.77
C ARG A 63 -14.34 39.55 -25.51
N ARG A 64 -13.69 39.79 -24.34
CA ARG A 64 -13.19 41.14 -23.94
C ARG A 64 -12.29 41.74 -25.03
N ILE A 65 -11.43 40.87 -25.63
CA ILE A 65 -10.56 41.25 -26.76
C ILE A 65 -11.43 41.89 -27.87
N TYR A 66 -12.38 41.12 -28.46
CA TYR A 66 -13.28 41.65 -29.54
C TYR A 66 -13.93 42.99 -29.14
N ASP A 67 -14.64 43.00 -27.97
CA ASP A 67 -15.37 44.18 -27.46
C ASP A 67 -14.51 45.45 -27.62
N THR A 68 -13.30 45.39 -27.07
CA THR A 68 -12.42 46.56 -26.96
C THR A 68 -11.36 46.63 -28.09
N TYR A 69 -11.29 45.62 -28.98
CA TYR A 69 -10.28 45.59 -30.08
C TYR A 69 -11.00 45.63 -31.44
N GLY A 70 -10.74 46.67 -32.23
CA GLY A 70 -11.32 46.78 -33.58
C GLY A 70 -12.78 47.23 -33.56
N THR A 71 -13.14 47.86 -32.45
CA THR A 71 -14.47 48.42 -32.17
C THR A 71 -14.18 49.66 -31.32
N THR A 72 -13.40 49.38 -30.28
CA THR A 72 -12.59 50.36 -29.56
C THR A 72 -11.14 50.15 -30.08
N GLU A 73 -10.27 51.14 -29.89
CA GLU A 73 -8.85 51.08 -30.31
C GLU A 73 -7.92 50.48 -29.21
N ALA A 74 -8.55 49.90 -28.15
CA ALA A 74 -7.85 49.21 -27.03
C ALA A 74 -7.20 47.84 -27.52
N PRO A 75 -6.98 46.73 -26.67
CA PRO A 75 -5.90 45.71 -26.88
C PRO A 75 -4.84 45.99 -28.00
N PRO A 76 -3.56 46.34 -27.61
CA PRO A 76 -2.39 46.51 -28.55
C PRO A 76 -2.08 45.23 -29.40
N PRO A 77 -0.99 45.22 -30.28
CA PRO A 77 -0.55 43.99 -31.02
C PRO A 77 -0.63 42.68 -30.16
N PRO A 78 -1.24 41.58 -30.75
CA PRO A 78 -1.57 40.29 -30.06
C PRO A 78 -0.64 39.86 -28.88
N PRO A 79 -1.22 39.62 -27.65
CA PRO A 79 -0.44 39.27 -26.43
C PRO A 79 0.03 37.79 -26.38
N PRO A 80 1.15 37.50 -25.59
CA PRO A 80 1.69 36.13 -25.36
C PRO A 80 0.65 35.15 -24.77
N GLY A 81 -0.21 34.64 -25.65
CA GLY A 81 -1.29 33.75 -25.29
C GLY A 81 -2.04 33.31 -26.53
N GLY A 82 -2.13 34.23 -27.51
CA GLY A 82 -2.66 33.92 -28.84
C GLY A 82 -4.17 33.78 -28.93
N TYR A 83 -4.68 33.73 -30.17
CA TYR A 83 -6.11 33.57 -30.50
C TYR A 83 -6.34 32.19 -31.13
N ASP A 84 -6.87 31.25 -30.33
CA ASP A 84 -7.25 29.90 -30.81
C ASP A 84 -8.70 29.89 -31.31
N PHE A 85 -8.97 28.97 -32.24
CA PHE A 85 -10.31 28.72 -32.78
C PHE A 85 -10.61 27.22 -32.67
N SER A 86 -10.95 26.84 -31.43
CA SER A 86 -11.14 25.45 -30.96
C SER A 86 -11.83 24.49 -31.98
N GLY A 87 -11.02 23.87 -32.85
CA GLY A 87 -11.51 22.93 -33.87
C GLY A 87 -12.19 23.61 -35.07
N PHE A 88 -12.39 24.93 -34.98
CA PHE A 88 -13.06 25.74 -35.98
C PHE A 88 -12.00 26.25 -36.98
N ASP A 89 -12.18 26.01 -38.29
CA ASP A 89 -11.14 26.37 -39.28
C ASP A 89 -11.09 27.91 -39.46
N VAL A 90 -10.27 28.53 -38.61
CA VAL A 90 -9.99 29.99 -38.57
C VAL A 90 -9.69 30.55 -39.97
N GLU A 91 -8.88 29.80 -40.72
CA GLU A 91 -8.36 30.22 -42.03
C GLU A 91 -9.45 30.19 -43.13
N ASP A 92 -10.64 29.66 -42.77
CA ASP A 92 -11.84 29.69 -43.63
C ASP A 92 -12.69 30.95 -43.34
N PHE A 93 -12.61 31.45 -42.10
CA PHE A 93 -13.50 32.53 -41.60
C PHE A 93 -13.13 33.92 -42.14
N SER A 94 -13.84 34.97 -41.68
CA SER A 94 -13.81 36.33 -42.25
C SER A 94 -12.39 36.93 -42.29
N GLU A 95 -12.14 37.72 -43.34
CA GLU A 95 -10.86 38.42 -43.53
C GLU A 95 -10.56 39.37 -42.35
N PHE A 96 -11.60 40.10 -41.85
CA PHE A 96 -11.45 41.03 -40.73
C PHE A 96 -10.92 40.31 -39.49
N PHE A 97 -11.49 39.13 -39.23
CA PHE A 97 -11.02 38.27 -38.14
C PHE A 97 -9.52 37.91 -38.36
N GLN A 98 -9.17 37.46 -39.59
CA GLN A 98 -7.79 37.07 -39.93
C GLN A 98 -6.85 38.29 -40.09
N GLU A 99 -7.39 39.52 -39.99
CA GLU A 99 -6.59 40.76 -39.94
C GLU A 99 -6.37 41.20 -38.47
N LEU A 100 -7.48 41.46 -37.76
CA LEU A 100 -7.50 41.94 -36.35
C LEU A 100 -6.79 40.94 -35.43
N PHE A 101 -7.28 39.69 -35.47
CA PHE A 101 -6.72 38.58 -34.71
C PHE A 101 -5.53 37.94 -35.45
N GLY A 102 -5.30 38.37 -36.70
CA GLY A 102 -4.29 37.79 -37.60
C GLY A 102 -2.94 37.44 -36.97
N PRO A 103 -2.13 38.45 -36.50
CA PRO A 103 -0.76 38.21 -35.95
C PRO A 103 -0.73 37.30 -34.70
N GLY A 104 -1.90 37.08 -34.04
CA GLY A 104 -1.96 36.27 -32.82
C GLY A 104 -2.49 34.88 -33.03
N LEU A 105 -2.90 34.56 -34.27
CA LEU A 105 -3.49 33.25 -34.63
C LEU A 105 -2.52 32.06 -34.44
N PHE A 106 -2.36 31.66 -33.14
CA PHE A 106 -1.59 30.50 -32.63
C PHE A 106 -0.51 29.91 -33.58
N GLY A 107 -0.80 28.75 -34.19
CA GLY A 107 0.21 27.92 -34.85
C GLY A 107 1.15 27.23 -33.84
N GLY A 108 0.87 27.42 -32.52
CA GLY A 108 1.75 26.97 -31.45
C GLY A 108 3.18 27.47 -31.60
N PHE A 109 4.13 26.52 -31.59
CA PHE A 109 5.56 26.78 -31.79
C PHE A 109 5.94 26.75 -33.29
N GLY A 110 4.98 26.35 -34.14
CA GLY A 110 5.18 26.29 -35.59
C GLY A 110 5.05 27.64 -36.26
N ARG A 111 4.08 28.45 -35.78
CA ARG A 111 3.81 29.85 -36.24
C ARG A 111 3.32 29.95 -37.72
N ARG A 112 3.33 28.84 -38.46
CA ARG A 112 2.73 28.73 -39.82
C ARG A 112 1.19 28.92 -39.75
N SER A 113 0.63 28.72 -38.54
CA SER A 113 -0.80 28.89 -38.25
C SER A 113 -1.63 27.77 -38.90
N ARG A 114 -1.50 26.54 -38.35
CA ARG A 114 -2.25 25.35 -38.82
C ARG A 114 -2.81 24.55 -37.62
N LYS A 115 -3.64 23.53 -37.90
CA LYS A 115 -4.32 22.69 -36.88
C LYS A 115 -3.31 21.92 -35.97
N GLY A 116 -3.67 21.80 -34.67
CA GLY A 116 -2.86 21.07 -33.69
C GLY A 116 -3.14 19.57 -33.65
N ARG A 117 -2.45 18.86 -32.73
CA ARG A 117 -2.61 17.39 -32.54
C ARG A 117 -3.59 17.08 -31.39
N ASP A 118 -3.93 15.80 -31.19
CA ASP A 118 -4.63 15.36 -29.97
C ASP A 118 -3.59 15.24 -28.81
N LEU A 119 -3.99 15.69 -27.62
CA LEU A 119 -3.11 15.78 -26.44
C LEU A 119 -3.95 15.46 -25.19
N ARG A 120 -3.38 14.71 -24.23
CA ARG A 120 -4.04 14.41 -22.94
C ARG A 120 -3.45 15.33 -21.86
N ALA A 121 -4.31 16.15 -21.26
CA ALA A 121 -3.93 17.10 -20.20
C ALA A 121 -4.54 16.68 -18.86
N GLU A 122 -4.07 17.35 -17.81
CA GLU A 122 -4.46 17.07 -16.43
C GLU A 122 -5.08 18.34 -15.90
N LEU A 123 -6.39 18.30 -15.59
CA LEU A 123 -7.13 19.47 -15.09
C LEU A 123 -7.24 19.37 -13.57
N PRO A 124 -6.35 20.05 -12.78
CA PRO A 124 -6.45 20.02 -11.32
C PRO A 124 -7.58 20.94 -10.88
N LEU A 125 -8.66 20.38 -10.30
CA LEU A 125 -9.91 21.11 -10.05
C LEU A 125 -10.27 21.07 -8.56
N THR A 126 -10.76 22.21 -8.05
CA THR A 126 -11.14 22.38 -6.65
C THR A 126 -12.40 21.53 -6.35
N LEU A 127 -12.34 20.71 -5.26
CA LEU A 127 -13.41 19.74 -4.89
C LEU A 127 -14.79 20.42 -4.84
N GLU A 128 -14.83 21.55 -4.13
CA GLU A 128 -16.04 22.36 -3.90
C GLU A 128 -16.67 22.75 -5.24
N GLU A 129 -15.80 23.27 -6.12
CA GLU A 129 -16.20 23.79 -7.44
C GLU A 129 -16.51 22.66 -8.42
N ALA A 130 -15.99 21.46 -8.12
CA ALA A 130 -16.29 20.24 -8.90
C ALA A 130 -17.75 19.83 -8.69
N PHE A 131 -18.19 19.91 -7.42
CA PHE A 131 -19.57 19.62 -7.03
C PHE A 131 -20.53 20.73 -7.52
N HIS A 132 -20.04 21.99 -7.50
CA HIS A 132 -20.84 23.16 -7.90
C HIS A 132 -21.04 23.23 -9.42
N GLY A 133 -19.98 22.90 -10.17
CA GLY A 133 -20.00 23.00 -11.64
C GLY A 133 -19.84 24.43 -12.15
N GLY A 134 -20.12 24.62 -13.47
CA GLY A 134 -20.09 25.96 -14.10
C GLY A 134 -18.81 26.21 -14.88
N GLU A 135 -18.71 27.39 -15.51
CA GLU A 135 -17.55 27.78 -16.32
C GLU A 135 -16.35 28.13 -15.41
N ARG A 136 -15.40 27.19 -15.26
CA ARG A 136 -14.24 27.39 -14.39
C ARG A 136 -13.09 28.00 -15.21
N VAL A 137 -12.60 29.15 -14.73
CA VAL A 137 -11.42 29.81 -15.30
C VAL A 137 -10.16 28.99 -14.93
N VAL A 138 -9.61 28.32 -15.94
CA VAL A 138 -8.36 27.56 -15.83
C VAL A 138 -7.37 28.13 -16.87
N GLU A 139 -6.12 28.37 -16.43
CA GLU A 139 -5.12 29.09 -17.24
C GLU A 139 -3.87 28.23 -17.44
N VAL A 140 -3.21 28.37 -18.62
CA VAL A 140 -1.94 27.67 -18.92
C VAL A 140 -1.24 28.34 -20.13
N ALA A 141 0.09 28.55 -20.00
CA ALA A 141 0.96 29.10 -21.06
C ALA A 141 0.56 30.55 -21.48
N GLY A 142 -0.19 31.23 -20.59
CA GLY A 142 -0.71 32.58 -20.87
C GLY A 142 -2.16 32.57 -21.38
N ARG A 143 -2.60 31.41 -21.89
CA ARG A 143 -3.96 31.21 -22.45
C ARG A 143 -4.94 30.98 -21.26
N ARG A 144 -5.89 31.92 -21.10
CA ARG A 144 -6.92 31.87 -20.04
C ARG A 144 -8.24 31.31 -20.62
N VAL A 145 -8.50 30.01 -20.38
CA VAL A 145 -9.69 29.31 -20.93
C VAL A 145 -10.74 29.11 -19.81
N SER A 146 -12.02 29.02 -20.20
CA SER A 146 -13.15 28.84 -19.27
C SER A 146 -13.96 27.58 -19.67
N VAL A 147 -13.79 26.48 -18.92
CA VAL A 147 -14.42 25.17 -19.22
C VAL A 147 -15.66 24.94 -18.32
N ARG A 148 -16.85 24.74 -18.93
CA ARG A 148 -18.06 24.37 -18.17
C ARG A 148 -17.97 22.90 -17.72
N ILE A 149 -17.58 22.73 -16.44
CA ILE A 149 -17.56 21.44 -15.75
C ILE A 149 -18.98 21.08 -15.25
N PRO A 150 -19.39 19.78 -15.29
CA PRO A 150 -20.71 19.33 -14.73
C PRO A 150 -20.78 19.47 -13.18
N PRO A 151 -21.94 19.99 -12.62
CA PRO A 151 -22.23 19.93 -11.16
C PRO A 151 -22.20 18.49 -10.61
N GLY A 152 -21.04 18.11 -10.04
CA GLY A 152 -20.79 16.76 -9.57
C GLY A 152 -19.86 16.01 -10.52
N VAL A 153 -18.84 16.72 -11.03
CA VAL A 153 -17.81 16.12 -11.92
C VAL A 153 -16.80 15.34 -11.06
N ARG A 154 -16.36 14.19 -11.58
CA ARG A 154 -15.67 13.17 -10.79
C ARG A 154 -14.25 12.98 -11.26
N GLU A 155 -13.36 12.66 -10.32
CA GLU A 155 -11.95 12.34 -10.59
C GLU A 155 -11.86 11.20 -11.64
N GLY A 156 -11.20 11.52 -12.78
CA GLY A 156 -11.08 10.60 -13.91
C GLY A 156 -11.98 10.97 -15.08
N SER A 157 -12.88 11.95 -14.90
CA SER A 157 -13.77 12.45 -15.97
C SER A 157 -12.95 13.19 -17.04
N VAL A 158 -12.77 12.51 -18.19
CA VAL A 158 -12.01 13.02 -19.32
C VAL A 158 -12.92 13.91 -20.19
N ILE A 159 -12.94 15.22 -19.90
CA ILE A 159 -13.68 16.21 -20.70
C ILE A 159 -12.95 16.38 -22.05
N ARG A 160 -13.38 15.58 -23.05
CA ARG A 160 -12.81 15.62 -24.39
C ARG A 160 -13.37 16.83 -25.15
N VAL A 161 -12.57 17.91 -25.21
CA VAL A 161 -12.92 19.14 -25.94
C VAL A 161 -12.06 19.23 -27.23
N PRO A 162 -12.67 18.96 -28.44
CA PRO A 162 -11.97 19.10 -29.73
C PRO A 162 -11.60 20.56 -30.00
N GLY A 163 -10.31 20.88 -29.82
CA GLY A 163 -9.80 22.22 -30.15
C GLY A 163 -9.03 22.92 -29.02
N MET A 164 -8.42 22.16 -28.09
CA MET A 164 -7.61 22.77 -26.99
C MET A 164 -6.28 21.98 -26.73
N GLY A 165 -6.07 20.90 -27.51
CA GLY A 165 -4.98 19.93 -27.28
C GLY A 165 -3.60 20.41 -27.67
N GLY A 166 -3.07 19.85 -28.77
CA GLY A 166 -1.90 20.38 -29.42
C GLY A 166 -2.14 21.82 -29.84
N GLN A 167 -1.32 22.73 -29.29
CA GLN A 167 -1.47 24.16 -29.50
C GLN A 167 -1.22 24.50 -30.99
N GLY A 168 -2.31 24.87 -31.66
CA GLY A 168 -2.31 25.25 -33.08
C GLY A 168 -3.35 26.31 -33.34
N ASN A 169 -3.38 26.85 -34.56
CA ASN A 169 -4.29 27.95 -34.95
C ASN A 169 -5.77 27.49 -34.75
N PRO A 170 -6.30 26.41 -35.44
CA PRO A 170 -7.43 25.65 -34.89
C PRO A 170 -6.85 24.43 -34.14
N PRO A 171 -6.68 24.49 -32.76
CA PRO A 171 -5.93 23.44 -32.00
C PRO A 171 -6.59 22.05 -32.12
N GLY A 172 -5.85 21.02 -31.69
CA GLY A 172 -6.35 19.64 -31.78
C GLY A 172 -7.20 19.23 -30.61
N ASP A 173 -7.51 17.93 -30.50
CA ASP A 173 -8.40 17.40 -29.45
C ASP A 173 -7.70 17.42 -28.08
N LEU A 174 -8.42 17.80 -27.01
CA LEU A 174 -7.86 17.82 -25.66
C LEU A 174 -8.64 16.87 -24.76
N LEU A 175 -7.92 16.04 -24.02
CA LEU A 175 -8.46 15.12 -23.04
C LEU A 175 -8.24 15.73 -21.64
N LEU A 176 -9.18 16.59 -21.21
CA LEU A 176 -9.14 17.20 -19.86
C LEU A 176 -9.49 16.13 -18.82
N VAL A 177 -8.48 15.37 -18.36
CA VAL A 177 -8.71 14.35 -17.34
C VAL A 177 -8.69 15.06 -15.98
N VAL A 178 -9.89 15.29 -15.44
CA VAL A 178 -10.08 16.10 -14.26
C VAL A 178 -9.46 15.40 -13.01
N ARG A 179 -8.34 15.97 -12.57
CA ARG A 179 -7.64 15.57 -11.38
C ARG A 179 -8.09 16.45 -10.21
N LEU A 180 -8.99 15.97 -9.37
CA LEU A 180 -9.48 16.77 -8.25
C LEU A 180 -8.35 16.96 -7.21
N LEU A 181 -8.29 18.16 -6.60
CA LEU A 181 -7.16 18.63 -5.76
C LEU A 181 -6.79 17.64 -4.63
N PRO A 182 -5.51 17.71 -4.09
CA PRO A 182 -5.11 17.02 -2.84
C PRO A 182 -5.68 17.71 -1.56
N HIS A 183 -6.84 18.36 -1.72
CA HIS A 183 -7.68 18.90 -0.64
C HIS A 183 -8.09 17.69 0.25
N PRO A 184 -7.45 17.56 1.47
CA PRO A 184 -7.41 16.28 2.26
C PRO A 184 -8.73 15.79 2.90
N VAL A 185 -9.90 16.20 2.35
CA VAL A 185 -11.20 15.77 2.89
C VAL A 185 -11.74 14.61 2.05
N PHE A 186 -11.76 14.78 0.72
CA PHE A 186 -12.25 13.75 -0.22
C PHE A 186 -11.22 13.47 -1.32
N ARG A 187 -10.84 12.19 -1.46
CA ARG A 187 -10.13 11.69 -2.64
C ARG A 187 -11.16 10.91 -3.48
N LEU A 188 -11.85 11.64 -4.35
CA LEU A 188 -12.85 11.05 -5.29
C LEU A 188 -12.12 10.16 -6.31
N GLU A 189 -12.84 9.18 -6.89
CA GLU A 189 -12.31 8.26 -7.89
C GLU A 189 -13.46 7.56 -8.62
N GLY A 190 -13.52 7.73 -9.96
CA GLY A 190 -14.57 7.12 -10.78
C GLY A 190 -15.91 7.84 -10.63
N GLN A 191 -16.61 7.53 -9.53
CA GLN A 191 -17.87 8.20 -9.11
C GLN A 191 -17.95 8.25 -7.57
N ASP A 192 -17.07 7.48 -6.93
CA ASP A 192 -17.12 7.21 -5.48
C ASP A 192 -15.93 7.85 -4.74
N LEU A 193 -16.22 8.39 -3.55
CA LEU A 193 -15.31 9.20 -2.72
C LEU A 193 -14.51 8.32 -1.76
N TYR A 194 -13.31 8.79 -1.36
CA TYR A 194 -12.50 8.17 -0.29
C TYR A 194 -12.13 9.28 0.71
N ALA A 195 -12.87 9.37 1.81
CA ALA A 195 -12.70 10.41 2.83
C ALA A 195 -12.21 9.79 4.13
N THR A 196 -11.14 10.35 4.73
CA THR A 196 -10.53 9.78 5.95
C THR A 196 -11.40 10.15 7.18
N LEU A 197 -11.71 9.15 8.02
CA LEU A 197 -12.69 9.29 9.11
C LEU A 197 -12.03 8.89 10.44
N ASP A 198 -11.76 9.89 11.29
CA ASP A 198 -11.25 9.64 12.65
C ASP A 198 -12.44 9.27 13.55
N VAL A 199 -12.51 7.99 13.91
CA VAL A 199 -13.56 7.43 14.75
C VAL A 199 -12.92 6.70 15.95
N PRO A 200 -13.35 6.95 17.22
CA PRO A 200 -12.86 6.17 18.38
C PRO A 200 -13.50 4.77 18.44
N ALA A 201 -12.81 3.84 19.12
CA ALA A 201 -13.14 2.41 19.12
C ALA A 201 -14.61 2.09 19.50
N PRO A 202 -15.17 2.56 20.67
CA PRO A 202 -16.58 2.26 21.05
C PRO A 202 -17.62 2.72 20.01
N ILE A 203 -17.36 3.87 19.36
CA ILE A 203 -18.28 4.42 18.34
C ILE A 203 -18.17 3.61 17.04
N ALA A 204 -16.96 3.11 16.74
CA ALA A 204 -16.72 2.22 15.58
C ALA A 204 -17.39 0.84 15.78
N VAL A 205 -17.30 0.32 17.00
CA VAL A 205 -17.75 -1.04 17.35
C VAL A 205 -19.28 -1.13 17.54
N VAL A 206 -19.86 -0.14 18.20
CA VAL A 206 -21.32 -0.09 18.43
C VAL A 206 -22.03 0.51 17.23
N GLY A 207 -21.35 1.45 16.56
CA GLY A 207 -21.91 2.15 15.43
C GLY A 207 -22.68 3.38 15.85
N GLY A 208 -22.03 4.18 16.70
CA GLY A 208 -22.57 5.47 17.12
C GLY A 208 -22.36 6.53 16.03
N LYS A 209 -22.90 7.73 16.22
CA LYS A 209 -22.79 8.80 15.22
C LYS A 209 -21.49 9.58 15.36
N VAL A 210 -20.78 9.73 14.23
CA VAL A 210 -19.74 10.73 14.06
C VAL A 210 -20.28 11.75 13.04
N ARG A 211 -19.44 12.68 12.59
CA ARG A 211 -19.84 13.67 11.59
C ARG A 211 -18.83 13.67 10.42
N ALA A 212 -19.35 13.64 9.19
CA ALA A 212 -18.55 13.75 7.97
C ALA A 212 -18.64 15.19 7.47
N MET A 213 -17.51 15.91 7.53
CA MET A 213 -17.39 17.25 6.97
C MET A 213 -17.35 17.14 5.45
N THR A 214 -18.26 17.83 4.75
CA THR A 214 -18.31 17.82 3.29
C THR A 214 -17.85 19.17 2.74
N LEU A 215 -17.91 19.30 1.42
CA LEU A 215 -17.35 20.44 0.66
C LEU A 215 -17.96 21.79 1.07
N GLU A 216 -19.20 21.76 1.57
CA GLU A 216 -19.95 22.97 1.91
C GLU A 216 -20.81 22.77 3.19
N GLY A 217 -20.35 21.89 4.10
CA GLY A 217 -21.00 21.77 5.43
C GLY A 217 -20.80 20.41 6.11
N PRO A 218 -20.71 20.37 7.48
CA PRO A 218 -20.52 19.11 8.23
C PRO A 218 -21.86 18.38 8.54
N VAL A 219 -22.09 17.24 7.84
CA VAL A 219 -23.33 16.44 7.98
C VAL A 219 -23.04 15.20 8.84
N GLU A 220 -24.05 14.69 9.58
CA GLU A 220 -23.86 13.54 10.48
C GLU A 220 -23.86 12.22 9.68
N VAL A 221 -22.99 11.29 10.11
CA VAL A 221 -22.92 9.92 9.56
C VAL A 221 -22.84 8.93 10.73
N ALA A 222 -23.92 8.15 10.91
CA ALA A 222 -23.95 7.07 11.91
C ALA A 222 -23.07 5.91 11.41
N VAL A 223 -21.96 5.66 12.14
CA VAL A 223 -20.99 4.58 11.83
C VAL A 223 -21.72 3.21 11.84
N PRO A 224 -21.31 2.20 11.00
CA PRO A 224 -21.82 0.82 11.14
C PRO A 224 -21.21 0.18 12.41
N PRO A 225 -21.81 -0.88 12.99
CA PRO A 225 -21.16 -1.61 14.08
C PRO A 225 -19.96 -2.46 13.58
N ARG A 226 -18.99 -2.65 14.49
CA ARG A 226 -17.87 -3.61 14.34
C ARG A 226 -16.95 -3.20 13.17
N THR A 227 -16.77 -1.88 13.07
CA THR A 227 -16.00 -1.20 12.05
C THR A 227 -14.47 -1.37 12.26
N GLN A 228 -13.85 -2.15 11.36
CA GLN A 228 -12.41 -2.50 11.40
C GLN A 228 -11.55 -1.41 10.73
N ALA A 229 -10.37 -1.13 11.33
CA ALA A 229 -9.42 -0.11 10.85
C ALA A 229 -8.86 -0.45 9.46
N GLY A 230 -8.61 0.60 8.65
CA GLY A 230 -8.05 0.42 7.31
C GLY A 230 -9.09 0.16 6.24
N ARG A 231 -10.26 -0.38 6.65
CA ARG A 231 -11.39 -0.62 5.73
C ARG A 231 -12.02 0.71 5.29
N LYS A 232 -12.75 0.64 4.19
CA LYS A 232 -13.46 1.79 3.60
C LYS A 232 -14.96 1.52 3.69
N LEU A 233 -15.65 2.34 4.48
CA LEU A 233 -17.07 2.20 4.77
C LEU A 233 -17.89 2.66 3.57
N ARG A 234 -18.42 1.69 2.80
CA ARG A 234 -19.28 1.97 1.65
C ARG A 234 -20.68 2.36 2.12
N LEU A 235 -21.00 3.66 2.03
CA LEU A 235 -22.36 4.16 2.19
C LEU A 235 -22.87 4.61 0.81
N LYS A 236 -23.91 3.89 0.34
CA LYS A 236 -24.40 3.96 -1.05
C LYS A 236 -25.08 5.30 -1.36
N GLY A 237 -24.85 5.82 -2.57
CA GLY A 237 -25.51 7.03 -3.08
C GLY A 237 -25.05 8.31 -2.38
N LYS A 238 -23.90 8.25 -1.70
CA LYS A 238 -23.37 9.39 -0.91
C LYS A 238 -22.15 10.02 -1.61
N GLY A 239 -21.84 9.55 -2.82
CA GLY A 239 -20.80 10.13 -3.67
C GLY A 239 -21.36 11.01 -4.78
N PHE A 240 -20.58 11.18 -5.87
CA PHE A 240 -20.91 12.13 -6.96
C PHE A 240 -21.67 11.42 -8.10
N PRO A 241 -22.65 12.13 -8.77
CA PRO A 241 -23.43 11.58 -9.91
C PRO A 241 -22.54 11.19 -11.12
N GLY A 242 -22.56 9.88 -11.48
CA GLY A 242 -21.67 9.35 -12.51
C GLY A 242 -22.20 8.09 -13.18
N PRO A 243 -21.29 7.14 -13.63
CA PRO A 243 -21.66 5.89 -14.37
C PRO A 243 -22.75 5.06 -13.66
N ALA A 244 -22.66 5.00 -12.33
CA ALA A 244 -23.59 4.23 -11.47
C ALA A 244 -24.89 5.01 -11.17
N GLY A 245 -25.15 6.09 -11.93
CA GLY A 245 -26.21 7.06 -11.61
C GLY A 245 -25.72 8.03 -10.56
N ARG A 246 -25.57 7.53 -9.33
CA ARG A 246 -24.88 8.21 -8.21
C ARG A 246 -23.73 7.31 -7.73
N GLY A 247 -22.65 7.95 -7.25
CA GLY A 247 -21.53 7.22 -6.67
C GLY A 247 -21.72 6.96 -5.19
N ASP A 248 -20.71 6.35 -4.56
CA ASP A 248 -20.75 6.00 -3.13
C ASP A 248 -19.75 6.85 -2.36
N LEU A 249 -19.81 6.78 -1.04
CA LEU A 249 -18.79 7.38 -0.16
C LEU A 249 -18.09 6.24 0.56
N TYR A 250 -16.76 6.29 0.62
CA TYR A 250 -15.93 5.33 1.36
C TYR A 250 -15.22 6.08 2.47
N LEU A 251 -15.67 5.86 3.71
CA LEU A 251 -15.09 6.49 4.89
C LEU A 251 -13.97 5.60 5.45
N GLU A 252 -12.71 6.05 5.27
CA GLU A 252 -11.50 5.28 5.57
C GLU A 252 -11.27 5.29 7.09
N VAL A 253 -11.44 4.11 7.69
CA VAL A 253 -11.52 3.94 9.15
C VAL A 253 -10.17 4.21 9.83
N ARG A 254 -10.16 5.21 10.71
CA ARG A 254 -9.02 5.55 11.55
C ARG A 254 -9.47 5.42 13.02
N ILE A 255 -9.28 4.22 13.61
CA ILE A 255 -9.72 3.95 14.99
C ILE A 255 -8.72 4.55 16.00
N THR A 256 -9.24 5.31 16.98
CA THR A 256 -8.48 5.86 18.12
C THR A 256 -8.95 5.21 19.44
N ILE A 257 -8.18 5.38 20.52
CA ILE A 257 -8.48 4.83 21.86
C ILE A 257 -8.67 5.99 22.89
N PRO A 258 -9.40 5.76 24.05
CA PRO A 258 -9.85 6.83 25.00
C PRO A 258 -8.73 7.71 25.57
N GLU A 259 -7.49 7.22 25.45
CA GLU A 259 -6.32 7.73 26.16
C GLU A 259 -6.58 7.87 27.68
N ARG A 260 -7.21 8.95 28.16
CA ARG A 260 -7.59 9.05 29.59
C ARG A 260 -8.71 8.04 29.91
N LEU A 261 -8.92 7.71 31.20
CA LEU A 261 -10.04 6.87 31.65
C LEU A 261 -10.49 7.30 33.05
N THR A 262 -11.80 7.18 33.30
CA THR A 262 -12.36 7.25 34.65
C THR A 262 -12.25 5.85 35.29
N PRO A 263 -12.34 5.69 36.67
CA PRO A 263 -12.21 4.37 37.35
C PRO A 263 -13.13 3.26 36.75
N GLU A 264 -14.37 3.66 36.39
CA GLU A 264 -15.35 2.76 35.74
C GLU A 264 -14.83 2.29 34.38
N GLU A 265 -14.52 3.26 33.50
CA GLU A 265 -14.02 2.98 32.13
C GLU A 265 -12.75 2.11 32.17
N GLU A 266 -11.89 2.37 33.18
CA GLU A 266 -10.64 1.63 33.39
C GLU A 266 -10.94 0.14 33.59
N ALA A 267 -11.90 -0.13 34.51
CA ALA A 267 -12.36 -1.49 34.81
C ALA A 267 -12.99 -2.18 33.57
N LEU A 268 -13.78 -1.42 32.79
CA LEU A 268 -14.51 -1.94 31.61
C LEU A 268 -13.55 -2.30 30.45
N TRP A 269 -12.60 -1.41 30.16
CA TRP A 269 -11.60 -1.59 29.07
C TRP A 269 -10.64 -2.75 29.36
N LYS A 270 -10.31 -2.92 30.64
CA LYS A 270 -9.44 -4.02 31.09
C LYS A 270 -10.24 -5.32 31.33
N LYS A 271 -11.58 -5.23 31.48
CA LYS A 271 -12.48 -6.42 31.43
C LYS A 271 -12.63 -6.91 29.98
N LEU A 272 -12.57 -5.96 29.02
CA LEU A 272 -12.50 -6.28 27.58
C LEU A 272 -11.20 -7.05 27.33
N ALA A 273 -10.07 -6.40 27.69
CA ALA A 273 -8.69 -6.92 27.49
C ALA A 273 -8.48 -8.29 28.16
N GLU A 274 -9.15 -8.49 29.30
CA GLU A 274 -9.20 -9.78 29.99
C GLU A 274 -9.92 -10.82 29.10
N ALA A 275 -11.21 -10.56 28.81
CA ALA A 275 -12.08 -11.51 28.05
C ALA A 275 -11.69 -11.61 26.57
N TYR A 276 -10.75 -10.77 26.15
CA TYR A 276 -10.15 -10.78 24.82
C TYR A 276 -8.87 -11.63 24.89
N TYR A 277 -7.79 -11.00 25.38
CA TYR A 277 -6.42 -11.53 25.28
C TYR A 277 -6.20 -12.73 26.23
N ALA A 278 -6.76 -12.68 27.45
CA ALA A 278 -6.64 -13.79 28.42
C ALA A 278 -7.51 -15.00 27.99
N ARG A 279 -8.29 -14.84 26.90
CA ARG A 279 -9.13 -15.91 26.34
C ARG A 279 -8.72 -16.17 24.86
N ALA A 280 -7.59 -15.56 24.43
CA ALA A 280 -7.08 -15.66 23.04
C ALA A 280 -6.58 -17.10 22.73
N MET B 1 -13.46 26.08 -1.13
CA MET B 1 -12.79 27.27 -1.71
C MET B 1 -13.41 27.62 -3.07
N LYS B 2 -14.14 28.76 -3.14
CA LYS B 2 -14.73 29.26 -4.40
C LYS B 2 -13.67 29.99 -5.23
N GLN B 3 -12.93 30.91 -4.58
CA GLN B 3 -11.98 31.82 -5.27
C GLN B 3 -10.54 31.27 -5.29
N SER B 4 -10.40 29.94 -5.10
CA SER B 4 -9.07 29.29 -5.14
C SER B 4 -8.48 29.37 -6.56
N THR B 5 -9.26 28.85 -7.53
CA THR B 5 -8.98 28.90 -8.98
C THR B 5 -7.76 28.03 -9.36
N ILE B 6 -7.76 27.53 -10.61
CA ILE B 6 -6.90 26.40 -11.03
C ILE B 6 -6.14 26.72 -12.33
N ALA B 7 -5.05 25.98 -12.58
CA ALA B 7 -4.22 26.10 -13.79
C ALA B 7 -3.95 24.72 -14.41
N LEU B 8 -4.09 24.59 -15.74
CA LEU B 8 -3.96 23.31 -16.47
C LEU B 8 -2.48 22.89 -16.53
N ALA B 9 -2.22 21.56 -16.45
CA ALA B 9 -0.86 21.02 -16.52
C ALA B 9 -0.38 20.92 -17.99
N LEU B 10 -1.22 20.31 -18.86
CA LEU B 10 -0.90 19.96 -20.28
C LEU B 10 0.11 18.78 -20.41
N LEU B 11 0.96 18.56 -19.38
CA LEU B 11 2.13 17.65 -19.43
C LEU B 11 3.07 18.08 -20.60
N PRO B 12 3.76 19.27 -20.47
CA PRO B 12 4.62 19.83 -21.53
C PRO B 12 6.10 19.35 -21.40
N LEU B 13 7.05 20.20 -21.88
CA LEU B 13 8.51 19.91 -21.84
C LEU B 13 9.03 19.69 -20.41
N LEU B 14 8.41 20.34 -19.41
CA LEU B 14 8.81 20.24 -17.99
C LEU B 14 7.56 20.06 -17.10
N PHE B 15 7.75 19.43 -15.94
CA PHE B 15 6.68 19.23 -14.94
C PHE B 15 7.31 19.04 -13.56
N THR B 16 6.80 19.75 -12.55
CA THR B 16 7.29 19.66 -11.15
C THR B 16 6.20 19.00 -10.26
N PRO B 17 6.32 17.66 -9.97
CA PRO B 17 5.42 16.96 -9.04
C PRO B 17 5.96 16.95 -7.59
N VAL B 18 5.40 16.05 -6.75
CA VAL B 18 5.81 15.90 -5.33
C VAL B 18 7.20 15.25 -5.17
N THR B 19 7.80 14.80 -6.30
CA THR B 19 9.17 14.25 -6.34
C THR B 19 10.19 15.27 -5.81
N LYS B 20 10.04 16.54 -6.26
CA LYS B 20 10.90 17.65 -5.84
C LYS B 20 10.51 18.12 -4.41
N ALA B 21 9.36 18.83 -4.30
CA ALA B 21 8.86 19.34 -3.01
C ALA B 21 8.08 18.24 -2.29
N ARG B 22 8.82 17.44 -1.51
CA ARG B 22 8.30 16.29 -0.76
C ARG B 22 7.31 16.81 0.32
N THR B 23 7.86 17.65 1.24
CA THR B 23 7.14 18.54 2.19
C THR B 23 6.98 17.98 3.64
N PRO B 24 5.96 17.11 3.99
CA PRO B 24 5.46 17.00 5.40
C PRO B 24 6.26 16.02 6.29
N GLU B 25 7.54 15.79 5.96
CA GLU B 25 8.42 14.90 6.72
C GLU B 25 8.95 15.62 7.97
N MET B 26 8.12 15.61 9.02
CA MET B 26 8.49 16.16 10.34
C MET B 26 9.45 15.19 11.12
N PRO B 27 9.22 13.82 11.14
CA PRO B 27 10.16 12.88 11.81
C PRO B 27 11.58 12.94 11.21
N VAL B 28 12.52 13.52 11.99
CA VAL B 28 13.93 13.60 11.62
C VAL B 28 14.59 12.20 11.78
N LEU B 29 14.73 11.50 10.62
CA LEU B 29 15.30 10.14 10.48
C LEU B 29 14.33 9.07 11.07
N GLU B 30 14.22 9.04 12.40
CA GLU B 30 13.33 8.10 13.13
C GLU B 30 12.51 8.88 14.19
N ASN B 31 12.81 10.19 14.32
CA ASN B 31 12.29 11.09 15.37
C ASN B 31 12.79 10.62 16.76
N ARG B 32 14.12 10.73 16.91
CA ARG B 32 14.86 10.25 18.11
C ARG B 32 14.47 11.01 19.41
N ALA B 33 14.94 12.28 19.54
CA ALA B 33 14.79 13.15 20.74
C ALA B 33 15.76 14.33 20.60
N ALA B 34 17.07 14.02 20.53
CA ALA B 34 18.16 15.01 20.46
C ALA B 34 19.45 14.40 19.83
N GLN B 35 20.15 13.54 20.62
CA GLN B 35 21.48 13.01 20.22
C GLN B 35 21.32 11.88 19.18
N GLY B 36 20.78 10.74 19.63
CA GLY B 36 20.66 9.54 18.81
C GLY B 36 19.81 8.48 19.47
N ASP B 37 18.96 7.77 18.69
CA ASP B 37 18.05 6.69 19.19
C ASP B 37 16.91 7.26 20.08
N ILE B 38 15.79 6.51 20.17
CA ILE B 38 14.56 6.97 20.84
C ILE B 38 14.79 7.29 22.34
N THR B 39 15.23 6.28 23.12
CA THR B 39 15.46 6.41 24.58
C THR B 39 16.34 5.25 25.08
N ALA B 40 16.65 5.24 26.39
CA ALA B 40 17.45 4.17 27.03
C ALA B 40 16.75 2.80 26.86
N PRO B 41 17.37 1.83 26.09
CA PRO B 41 16.77 0.49 25.87
C PRO B 41 16.77 -0.36 27.16
N GLY B 42 15.59 -0.44 27.79
CA GLY B 42 15.42 -1.15 29.06
C GLY B 42 15.47 -2.66 28.90
N GLY B 43 14.49 -3.22 28.16
CA GLY B 43 14.32 -4.68 28.07
C GLY B 43 14.04 -5.29 29.44
N ALA B 44 13.17 -4.60 30.20
CA ALA B 44 12.81 -4.95 31.58
C ALA B 44 11.68 -6.00 31.61
N ARG B 45 11.19 -6.30 32.84
CA ARG B 45 10.10 -7.28 33.11
C ARG B 45 10.59 -8.71 32.77
N ARG B 46 11.89 -8.96 32.98
CA ARG B 46 12.57 -10.22 32.61
C ARG B 46 12.54 -11.22 33.80
N LEU B 47 11.37 -11.35 34.44
CA LEU B 47 11.17 -12.29 35.55
C LEU B 47 10.80 -13.66 34.95
N THR B 48 11.84 -14.52 34.82
CA THR B 48 11.76 -15.91 34.28
C THR B 48 11.71 -15.91 32.74
N GLY B 49 10.88 -15.04 32.15
CA GLY B 49 10.68 -15.00 30.69
C GLY B 49 9.62 -16.01 30.26
N ASP B 50 9.89 -17.31 30.55
CA ASP B 50 9.01 -18.46 30.24
C ASP B 50 8.79 -18.57 28.72
N GLN B 51 7.77 -17.87 28.20
CA GLN B 51 7.47 -17.74 26.75
C GLN B 51 7.12 -19.12 26.10
N THR B 52 6.81 -20.12 26.95
CA THR B 52 6.65 -21.54 26.51
C THR B 52 5.39 -22.21 27.12
N ALA B 53 4.77 -21.58 28.13
CA ALA B 53 3.58 -22.13 28.82
C ALA B 53 2.30 -21.91 27.98
N ALA B 54 2.09 -22.81 26.98
CA ALA B 54 0.89 -22.86 26.13
C ALA B 54 0.55 -21.50 25.47
N LEU B 55 1.56 -20.93 24.77
CA LEU B 55 1.37 -19.69 24.00
C LEU B 55 0.60 -20.01 22.71
N ARG B 56 -0.66 -19.53 22.67
CA ARG B 56 -1.56 -19.74 21.52
C ARG B 56 -1.03 -19.02 20.28
N ASP B 57 -0.80 -19.81 19.21
CA ASP B 57 -0.47 -19.31 17.87
C ASP B 57 -0.57 -20.48 16.88
N SER B 58 0.49 -21.32 16.86
CA SER B 58 0.57 -22.48 15.98
C SER B 58 -0.20 -23.62 16.62
N LEU B 59 -1.52 -23.69 16.29
CA LEU B 59 -2.43 -24.77 16.72
C LEU B 59 -2.61 -24.79 18.27
N SER B 60 -1.60 -25.35 18.98
CA SER B 60 -1.48 -25.35 20.45
C SER B 60 -2.51 -26.30 21.12
N ASP B 61 -3.79 -25.94 21.03
CA ASP B 61 -4.92 -26.75 21.53
C ASP B 61 -6.15 -26.44 20.66
N LYS B 62 -6.67 -25.20 20.78
CA LYS B 62 -7.59 -24.60 19.79
C LYS B 62 -6.90 -23.32 19.23
N PRO B 63 -6.61 -23.26 17.89
CA PRO B 63 -5.96 -22.08 17.24
C PRO B 63 -6.95 -20.94 16.90
N ALA B 64 -8.05 -20.85 17.69
CA ALA B 64 -9.16 -19.86 17.51
C ALA B 64 -10.04 -20.13 16.27
N LYS B 65 -9.55 -20.97 15.33
CA LYS B 65 -10.22 -21.35 14.09
C LYS B 65 -10.58 -20.08 13.26
N ASN B 66 -9.51 -19.38 12.84
CA ASN B 66 -9.61 -18.11 12.08
C ASN B 66 -9.78 -18.36 10.57
N ILE B 67 -10.05 -19.62 10.19
CA ILE B 67 -10.27 -20.01 8.78
C ILE B 67 -11.62 -19.42 8.26
N ILE B 68 -11.52 -18.16 7.76
CA ILE B 68 -12.64 -17.36 7.21
C ILE B 68 -13.73 -17.11 8.29
N LEU B 69 -14.64 -18.10 8.46
CA LEU B 69 -15.79 -18.03 9.39
C LEU B 69 -16.56 -19.37 9.31
N LEU B 70 -17.17 -19.78 10.44
CA LEU B 70 -18.11 -20.92 10.47
C LEU B 70 -19.40 -20.52 9.72
N ILE B 71 -19.46 -20.88 8.43
CA ILE B 71 -20.59 -20.55 7.53
C ILE B 71 -21.86 -21.39 7.86
N GLY B 72 -21.64 -22.57 8.48
CA GLY B 72 -22.73 -23.45 8.88
C GLY B 72 -22.48 -24.89 8.46
N ASP B 73 -22.00 -25.71 9.40
CA ASP B 73 -21.78 -27.16 9.16
C ASP B 73 -22.93 -27.97 9.80
N GLY B 74 -23.12 -29.20 9.32
CA GLY B 74 -24.09 -30.13 9.87
C GLY B 74 -23.71 -31.55 9.50
N MET B 75 -22.51 -31.97 9.96
CA MET B 75 -21.90 -33.28 9.62
C MET B 75 -21.63 -33.33 8.09
N GLY B 76 -21.24 -32.16 7.55
CA GLY B 76 -21.01 -31.98 6.11
C GLY B 76 -19.57 -32.26 5.73
N ASP B 77 -19.13 -33.51 5.93
CA ASP B 77 -17.78 -33.97 5.56
C ASP B 77 -17.67 -34.05 4.02
N SER B 78 -18.81 -34.42 3.38
CA SER B 78 -19.01 -34.47 1.92
C SER B 78 -17.91 -35.26 1.17
N GLU B 79 -17.45 -36.36 1.79
CA GLU B 79 -16.45 -37.24 1.20
C GLU B 79 -16.95 -38.70 1.29
N ILE B 80 -17.66 -39.10 0.21
CA ILE B 80 -18.31 -40.43 0.06
C ILE B 80 -19.26 -40.71 1.25
N THR B 81 -20.36 -39.92 1.31
CA THR B 81 -21.34 -40.01 2.41
C THR B 81 -22.18 -41.30 2.34
N ALA B 82 -22.39 -41.80 1.11
CA ALA B 82 -23.22 -43.01 0.82
C ALA B 82 -24.69 -42.82 1.27
N ALA B 83 -25.08 -41.55 1.52
CA ALA B 83 -26.39 -41.20 2.09
C ALA B 83 -27.31 -40.63 1.01
N ARG B 84 -28.40 -41.34 0.72
CA ARG B 84 -29.40 -40.94 -0.30
C ARG B 84 -30.56 -40.18 0.35
N ASN B 85 -30.93 -39.03 -0.23
CA ASN B 85 -32.16 -38.33 0.16
C ASN B 85 -33.35 -39.11 -0.42
N TYR B 86 -33.69 -38.86 -1.71
CA TYR B 86 -34.66 -39.68 -2.49
C TYR B 86 -36.08 -39.69 -1.83
N ALA B 87 -36.99 -40.49 -2.40
CA ALA B 87 -38.29 -40.80 -1.76
C ALA B 87 -38.12 -41.93 -0.72
N GLU B 88 -36.98 -42.65 -0.80
CA GLU B 88 -36.63 -43.72 0.13
C GLU B 88 -36.21 -43.14 1.49
N GLY B 89 -35.09 -42.38 1.48
CA GLY B 89 -34.52 -41.81 2.69
C GLY B 89 -35.38 -40.67 3.25
N ALA B 90 -35.89 -39.80 2.35
CA ALA B 90 -36.80 -38.69 2.68
C ALA B 90 -36.24 -37.73 3.76
N GLY B 91 -34.90 -37.76 3.95
CA GLY B 91 -34.22 -36.97 4.98
C GLY B 91 -33.80 -35.60 4.47
N GLY B 92 -34.81 -34.81 4.07
CA GLY B 92 -34.59 -33.46 3.56
C GLY B 92 -35.86 -32.62 3.60
N PHE B 93 -35.81 -31.44 2.96
CA PHE B 93 -36.89 -30.42 2.99
C PHE B 93 -37.68 -30.38 1.66
N PHE B 94 -37.42 -31.37 0.75
CA PHE B 94 -38.16 -31.56 -0.54
C PHE B 94 -37.90 -30.40 -1.56
N LYS B 95 -36.99 -29.47 -1.22
CA LYS B 95 -36.73 -28.21 -1.97
C LYS B 95 -36.06 -28.45 -3.34
N GLY B 96 -35.54 -29.67 -3.57
CA GLY B 96 -34.81 -30.00 -4.81
C GLY B 96 -33.30 -29.83 -4.65
N ILE B 97 -32.88 -28.84 -3.85
CA ILE B 97 -31.45 -28.56 -3.56
C ILE B 97 -31.08 -29.03 -2.13
N ASP B 98 -32.09 -29.58 -1.43
CA ASP B 98 -32.01 -30.03 -0.01
C ASP B 98 -31.29 -31.40 0.13
N ALA B 99 -30.83 -31.97 -0.99
CA ALA B 99 -30.12 -33.27 -1.03
C ALA B 99 -28.62 -33.12 -0.65
N LEU B 100 -28.33 -32.15 0.23
CA LEU B 100 -26.97 -31.81 0.69
C LEU B 100 -26.43 -32.89 1.65
N PRO B 101 -25.07 -33.05 1.77
CA PRO B 101 -24.44 -33.96 2.76
C PRO B 101 -24.67 -33.45 4.21
N LEU B 102 -25.85 -33.80 4.76
CA LEU B 102 -26.23 -33.49 6.15
C LEU B 102 -25.91 -34.70 7.07
N THR B 103 -25.59 -35.85 6.44
CA THR B 103 -25.33 -37.11 7.16
C THR B 103 -24.45 -38.04 6.30
N GLY B 104 -23.98 -39.13 6.93
CA GLY B 104 -23.18 -40.16 6.27
C GLY B 104 -23.36 -41.52 6.93
N GLN B 105 -23.30 -42.60 6.12
CA GLN B 105 -23.47 -43.97 6.61
C GLN B 105 -22.20 -44.45 7.35
N TYR B 106 -22.16 -44.21 8.67
CA TYR B 106 -21.06 -44.63 9.58
C TYR B 106 -19.69 -43.97 9.16
N THR B 107 -18.59 -44.32 9.87
CA THR B 107 -17.22 -43.95 9.50
C THR B 107 -16.96 -44.28 8.03
N HIS B 108 -16.62 -43.24 7.27
CA HIS B 108 -16.38 -43.32 5.83
C HIS B 108 -14.97 -43.89 5.63
N TYR B 109 -14.89 -45.20 5.36
CA TYR B 109 -13.59 -45.88 5.15
C TYR B 109 -13.03 -45.59 3.76
N ALA B 110 -13.94 -45.37 2.78
CA ALA B 110 -13.58 -45.08 1.38
C ALA B 110 -12.72 -43.80 1.27
N LEU B 111 -13.38 -42.64 1.55
CA LEU B 111 -12.75 -41.28 1.50
C LEU B 111 -11.97 -41.07 0.18
N ASN B 112 -10.68 -41.47 0.19
CA ASN B 112 -9.77 -41.42 -0.96
C ASN B 112 -8.51 -42.21 -0.58
N LYS B 113 -8.27 -43.33 -1.31
CA LYS B 113 -7.17 -44.30 -1.05
C LYS B 113 -7.38 -45.11 0.25
N LYS B 114 -8.57 -44.96 0.87
CA LYS B 114 -8.98 -45.62 2.13
C LYS B 114 -8.09 -45.20 3.32
N THR B 115 -6.87 -45.77 3.40
CA THR B 115 -5.93 -45.52 4.51
C THR B 115 -4.53 -45.14 3.96
N GLY B 116 -4.46 -44.85 2.64
CA GLY B 116 -3.22 -44.42 1.98
C GLY B 116 -3.05 -42.90 1.97
N LYS B 117 -3.87 -42.20 2.77
CA LYS B 117 -3.89 -40.74 2.87
C LYS B 117 -4.66 -40.36 4.15
N PRO B 118 -5.93 -40.87 4.39
CA PRO B 118 -6.60 -40.72 5.69
C PRO B 118 -6.33 -41.96 6.56
N ASP B 119 -5.04 -42.09 6.94
CA ASP B 119 -4.45 -43.29 7.54
C ASP B 119 -5.19 -43.72 8.83
N TYR B 120 -6.07 -44.72 8.69
CA TYR B 120 -6.92 -45.21 9.77
C TYR B 120 -6.20 -46.35 10.54
N VAL B 121 -5.57 -47.28 9.79
CA VAL B 121 -4.91 -48.48 10.37
C VAL B 121 -3.73 -48.07 11.29
N THR B 122 -2.94 -47.08 10.84
CA THR B 122 -1.86 -46.49 11.64
C THR B 122 -2.44 -45.32 12.47
N ASP B 123 -2.84 -45.62 13.72
CA ASP B 123 -3.39 -44.67 14.72
C ASP B 123 -4.62 -43.89 14.18
N SER B 124 -4.36 -42.78 13.48
CA SER B 124 -5.39 -41.83 13.02
C SER B 124 -4.76 -40.75 12.09
N ALA B 125 -3.66 -41.16 11.39
CA ALA B 125 -2.83 -40.25 10.56
C ALA B 125 -2.14 -39.17 11.42
N ALA B 126 -1.87 -39.53 12.69
CA ALA B 126 -1.27 -38.63 13.69
C ALA B 126 0.26 -38.54 13.54
N SER B 127 0.80 -37.34 13.77
CA SER B 127 2.25 -37.07 13.74
C SER B 127 2.64 -36.13 14.90
N ALA B 128 3.82 -36.37 15.49
CA ALA B 128 4.29 -35.68 16.71
C ALA B 128 5.80 -35.33 16.61
N THR B 129 6.32 -34.66 17.68
CA THR B 129 7.73 -34.20 17.81
C THR B 129 8.00 -32.92 16.98
N ALA B 130 7.64 -32.97 15.68
CA ALA B 130 7.76 -31.84 14.75
C ALA B 130 7.03 -30.59 15.25
N TRP B 131 7.62 -29.41 15.01
CA TRP B 131 7.03 -28.11 15.43
C TRP B 131 5.69 -27.81 14.74
N SER B 132 5.48 -28.44 13.58
CA SER B 132 4.31 -28.24 12.73
C SER B 132 3.05 -28.96 13.27
N THR B 133 3.16 -30.28 13.51
CA THR B 133 2.02 -31.14 13.89
C THR B 133 2.06 -31.51 15.39
N GLY B 134 3.27 -31.48 15.98
CA GLY B 134 3.49 -31.83 17.38
C GLY B 134 2.99 -30.80 18.39
N VAL B 135 2.42 -29.71 17.88
CA VAL B 135 1.69 -28.69 18.66
C VAL B 135 0.16 -28.95 18.60
N LYS B 136 -0.21 -30.22 18.27
CA LYS B 136 -1.61 -30.73 18.20
C LYS B 136 -2.39 -30.07 17.04
N THR B 137 -2.69 -30.86 15.99
CA THR B 137 -3.42 -30.39 14.79
C THR B 137 -4.95 -30.34 15.01
N TYR B 138 -5.36 -29.67 16.13
CA TYR B 138 -6.76 -29.58 16.61
C TYR B 138 -7.30 -30.99 16.97
N ASN B 139 -7.65 -31.80 15.94
CA ASN B 139 -8.02 -33.22 16.07
C ASN B 139 -9.25 -33.47 16.99
N GLY B 140 -9.01 -33.52 18.32
CA GLY B 140 -10.03 -33.94 19.29
C GLY B 140 -9.84 -35.39 19.68
N ALA B 141 -10.95 -36.08 20.01
CA ALA B 141 -10.95 -37.51 20.36
C ALA B 141 -10.90 -38.36 19.09
N LEU B 142 -9.67 -38.60 18.57
CA LEU B 142 -9.43 -39.29 17.28
C LEU B 142 -9.37 -40.84 17.44
N GLY B 143 -9.94 -41.36 18.55
CA GLY B 143 -9.93 -42.80 18.85
C GLY B 143 -8.89 -43.14 19.90
N VAL B 144 -7.67 -42.60 19.72
CA VAL B 144 -6.52 -42.81 20.64
C VAL B 144 -6.49 -41.67 21.70
N ASP B 145 -7.71 -41.21 22.08
CA ASP B 145 -7.95 -40.11 23.04
C ASP B 145 -7.31 -38.78 22.55
N ILE B 146 -6.10 -38.43 23.05
CA ILE B 146 -5.40 -37.16 22.77
C ILE B 146 -6.36 -35.96 23.02
N HIS B 147 -6.96 -35.98 24.24
CA HIS B 147 -7.98 -34.99 24.67
C HIS B 147 -7.34 -33.60 24.82
N GLU B 148 -6.68 -33.35 25.97
CA GLU B 148 -6.11 -32.04 26.33
C GLU B 148 -5.37 -32.21 27.67
N LYS B 149 -4.04 -31.90 27.67
CA LYS B 149 -3.09 -32.32 28.74
C LYS B 149 -3.13 -33.86 28.91
N ASP B 150 -3.40 -34.55 27.78
CA ASP B 150 -3.62 -35.99 27.71
C ASP B 150 -2.75 -36.56 26.58
N HIS B 151 -1.97 -37.63 26.91
CA HIS B 151 -0.92 -38.21 26.02
C HIS B 151 0.29 -37.25 25.90
N PRO B 152 1.48 -37.73 25.39
CA PRO B 152 2.59 -36.84 24.94
C PRO B 152 2.16 -35.85 23.82
N THR B 153 3.14 -35.13 23.24
CA THR B 153 2.93 -34.08 22.21
C THR B 153 1.94 -32.98 22.73
N ILE B 154 1.30 -32.19 21.82
CA ILE B 154 0.33 -31.11 22.17
C ILE B 154 1.07 -29.88 22.73
N LEU B 155 1.52 -29.99 23.98
CA LEU B 155 2.39 -28.99 24.62
C LEU B 155 3.86 -29.38 24.37
N GLU B 156 4.09 -30.70 24.18
CA GLU B 156 5.36 -31.30 23.69
C GLU B 156 6.53 -31.06 24.70
N MET B 157 6.18 -30.95 26.00
CA MET B 157 7.14 -30.65 27.10
C MET B 157 7.86 -29.29 26.86
N ALA B 158 7.20 -28.41 26.07
CA ALA B 158 7.66 -27.06 25.70
C ALA B 158 8.90 -27.07 24.77
N LYS B 159 10.07 -27.47 25.32
CA LYS B 159 11.40 -27.27 24.70
C LYS B 159 11.74 -25.76 24.63
N ALA B 160 12.79 -25.41 23.85
CA ALA B 160 13.22 -24.01 23.62
C ALA B 160 13.75 -23.35 24.92
N ALA B 161 13.71 -21.99 24.97
CA ALA B 161 14.10 -21.17 26.15
C ALA B 161 15.62 -21.04 26.30
N GLY B 162 16.32 -22.17 26.48
CA GLY B 162 17.77 -22.19 26.74
C GLY B 162 18.65 -21.89 25.52
N LEU B 163 18.04 -21.77 24.33
CA LEU B 163 18.76 -21.48 23.06
C LEU B 163 17.75 -21.09 21.97
N ALA B 164 18.20 -20.33 20.96
CA ALA B 164 17.37 -19.84 19.85
C ALA B 164 18.06 -20.11 18.50
N THR B 165 17.31 -20.64 17.52
CA THR B 165 17.81 -20.88 16.15
C THR B 165 17.00 -20.09 15.11
N GLY B 166 15.71 -20.45 14.95
CA GLY B 166 14.85 -19.86 13.91
C GLY B 166 15.07 -20.48 12.53
N ASN B 167 14.32 -19.97 11.52
CA ASN B 167 14.35 -20.45 10.10
C ASN B 167 14.02 -21.96 9.98
N VAL B 168 12.73 -22.28 9.71
CA VAL B 168 12.18 -23.66 9.60
C VAL B 168 12.41 -24.40 10.93
N SER B 169 12.00 -23.75 12.03
CA SER B 169 12.29 -24.25 13.39
C SER B 169 11.12 -23.99 14.35
N THR B 170 10.54 -22.78 14.32
CA THR B 170 9.48 -22.40 15.28
C THR B 170 8.11 -22.27 14.61
N ALA B 171 8.07 -21.64 13.42
CA ALA B 171 6.81 -21.32 12.73
C ALA B 171 7.04 -20.95 11.26
N GLU B 172 8.09 -20.15 11.01
CA GLU B 172 8.45 -19.67 9.68
C GLU B 172 8.81 -20.87 8.75
N LEU B 173 8.06 -21.01 7.64
CA LEU B 173 8.18 -22.16 6.73
C LEU B 173 8.87 -21.70 5.43
N GLN B 174 10.17 -22.02 5.30
CA GLN B 174 10.97 -21.70 4.10
C GLN B 174 11.10 -23.00 3.28
N ASP B 175 10.27 -23.14 2.24
CA ASP B 175 10.27 -24.32 1.34
C ASP B 175 10.50 -23.85 -0.13
N ALA B 176 11.02 -22.60 -0.27
CA ALA B 176 11.18 -21.90 -1.56
C ALA B 176 9.82 -21.76 -2.27
N THR B 177 9.09 -20.69 -1.95
CA THR B 177 7.76 -20.44 -2.53
C THR B 177 7.80 -20.01 -4.04
N PRO B 178 8.85 -19.26 -4.60
CA PRO B 178 8.89 -18.99 -6.06
C PRO B 178 9.56 -20.13 -6.85
N ALA B 179 9.95 -19.84 -8.11
CA ALA B 179 10.77 -20.75 -8.95
C ALA B 179 12.03 -21.19 -8.17
N ALA B 180 12.73 -20.17 -7.66
CA ALA B 180 13.86 -20.26 -6.73
C ALA B 180 14.26 -18.82 -6.40
N LEU B 181 14.58 -18.08 -7.47
CA LEU B 181 14.66 -16.61 -7.49
C LEU B 181 14.12 -16.16 -8.87
N VAL B 182 13.08 -15.31 -8.87
CA VAL B 182 12.36 -14.92 -10.10
C VAL B 182 13.26 -14.05 -11.01
N ALA B 183 13.31 -14.40 -12.30
CA ALA B 183 14.23 -13.80 -13.29
C ALA B 183 13.49 -13.11 -14.44
N HIS B 184 12.17 -12.83 -14.26
CA HIS B 184 11.34 -12.18 -15.30
C HIS B 184 11.87 -10.77 -15.65
N VAL B 185 12.60 -10.67 -16.78
CA VAL B 185 13.15 -9.40 -17.31
C VAL B 185 11.99 -8.50 -17.80
N THR B 186 12.21 -7.18 -17.74
CA THR B 186 11.20 -6.17 -18.12
C THR B 186 11.78 -5.20 -19.18
N SER B 187 10.92 -4.33 -19.72
CA SER B 187 11.23 -3.47 -20.89
C SER B 187 11.96 -2.18 -20.49
N ARG B 188 13.02 -1.85 -21.24
CA ARG B 188 13.83 -0.63 -21.07
C ARG B 188 14.86 -0.54 -22.23
N LYS B 189 15.40 0.65 -22.48
CA LYS B 189 16.40 0.87 -23.54
C LYS B 189 17.45 1.87 -23.02
N CYS B 190 18.70 1.36 -22.83
CA CYS B 190 19.89 2.17 -22.47
C CYS B 190 21.15 1.26 -22.41
N TYR B 191 22.29 1.85 -22.03
CA TYR B 191 23.60 1.16 -21.90
C TYR B 191 24.57 2.04 -21.08
N GLY B 192 25.72 1.46 -20.68
CA GLY B 192 26.72 2.18 -19.88
C GLY B 192 27.63 3.09 -20.71
N PRO B 193 28.10 4.27 -20.15
CA PRO B 193 28.86 5.32 -20.88
C PRO B 193 30.11 4.82 -21.67
N SER B 194 30.93 3.94 -21.02
CA SER B 194 32.17 3.32 -21.58
C SER B 194 33.38 4.29 -21.56
N ALA B 195 34.12 4.28 -20.43
CA ALA B 195 35.32 5.12 -20.24
C ALA B 195 36.18 4.57 -19.07
N THR B 196 37.34 3.92 -19.41
CA THR B 196 38.35 3.43 -18.44
C THR B 196 37.74 2.38 -17.46
N SER B 197 38.23 2.26 -16.20
CA SER B 197 37.63 1.41 -15.16
C SER B 197 36.15 1.85 -14.92
N GLU B 198 35.22 1.04 -15.45
CA GLU B 198 33.81 1.42 -15.65
C GLU B 198 33.02 1.57 -14.33
N LYS B 199 33.48 0.88 -13.26
CA LYS B 199 32.86 0.91 -11.92
C LYS B 199 31.49 0.19 -11.87
N CYS B 200 31.06 -0.40 -13.01
CA CYS B 200 29.81 -1.17 -13.13
C CYS B 200 28.55 -0.30 -12.80
N PRO B 201 28.06 0.55 -13.77
CA PRO B 201 26.83 1.37 -13.60
C PRO B 201 25.58 0.73 -14.24
N GLY B 202 25.67 -0.57 -14.54
CA GLY B 202 24.64 -1.29 -15.27
C GLY B 202 25.18 -1.82 -16.58
N ASN B 203 25.91 -2.95 -16.51
CA ASN B 203 26.53 -3.62 -17.67
C ASN B 203 26.47 -5.18 -17.47
N ALA B 204 27.57 -5.93 -17.82
CA ALA B 204 27.57 -7.44 -17.89
C ALA B 204 27.58 -8.18 -16.52
N LEU B 205 27.74 -9.52 -16.56
CA LEU B 205 27.48 -10.44 -15.44
C LEU B 205 28.69 -10.53 -14.45
N GLU B 206 29.58 -11.55 -14.72
CA GLU B 206 30.53 -12.22 -13.80
C GLU B 206 30.53 -11.77 -12.32
N LYS B 207 29.72 -12.50 -11.50
CA LYS B 207 29.76 -12.48 -10.01
C LYS B 207 29.66 -11.06 -9.38
N GLY B 208 29.75 -11.03 -8.05
CA GLY B 208 29.90 -9.78 -7.30
C GLY B 208 31.24 -9.75 -6.58
N GLY B 209 31.43 -10.75 -5.71
CA GLY B 209 32.66 -10.89 -4.92
C GLY B 209 32.35 -10.97 -3.42
N LYS B 210 33.41 -10.87 -2.59
CA LYS B 210 33.34 -10.84 -1.11
C LYS B 210 32.92 -12.20 -0.50
N GLY B 211 31.67 -12.64 -0.78
CA GLY B 211 31.16 -13.93 -0.31
C GLY B 211 32.09 -15.10 -0.68
N SER B 212 32.83 -15.57 0.31
CA SER B 212 33.79 -16.69 0.18
C SER B 212 33.31 -17.94 0.94
N ILE B 213 32.16 -17.83 1.63
CA ILE B 213 31.57 -18.94 2.38
C ILE B 213 30.76 -19.87 1.44
N THR B 214 31.22 -21.13 1.33
CA THR B 214 30.53 -22.20 0.59
C THR B 214 30.71 -23.53 1.35
N GLU B 215 31.93 -23.72 1.92
CA GLU B 215 32.30 -24.92 2.70
C GLU B 215 31.35 -25.08 3.92
N GLN B 216 31.19 -23.94 4.66
CA GLN B 216 30.22 -23.76 5.79
C GLN B 216 30.23 -24.95 6.81
N LEU B 217 31.39 -25.60 6.94
CA LEU B 217 31.54 -26.82 7.75
C LEU B 217 31.45 -26.51 9.26
N LEU B 218 30.21 -26.54 9.79
CA LEU B 218 29.84 -26.26 11.21
C LEU B 218 29.88 -24.72 11.51
N ASN B 219 30.99 -24.07 11.11
CA ASN B 219 31.24 -22.62 11.26
C ASN B 219 31.63 -22.30 12.70
N ALA B 220 30.68 -22.48 13.63
CA ALA B 220 30.88 -22.27 15.08
C ALA B 220 31.98 -23.18 15.68
N ARG B 221 32.25 -24.32 14.99
CA ARG B 221 33.27 -25.32 15.39
C ARG B 221 32.92 -26.06 16.70
N ALA B 222 31.71 -25.80 17.23
CA ALA B 222 31.20 -26.37 18.49
C ALA B 222 29.72 -25.99 18.69
N ASP B 223 29.05 -26.68 19.64
CA ASP B 223 27.65 -26.42 20.10
C ASP B 223 26.60 -26.81 19.04
N VAL B 224 26.56 -26.06 17.91
CA VAL B 224 25.56 -26.20 16.81
C VAL B 224 24.17 -25.73 17.28
N THR B 225 23.53 -26.56 18.12
CA THR B 225 22.19 -26.28 18.69
C THR B 225 22.09 -26.82 20.13
N LEU B 226 23.28 -27.15 20.70
CA LEU B 226 23.46 -27.74 22.06
C LEU B 226 22.89 -29.18 22.10
N GLY B 227 21.55 -29.32 22.13
CA GLY B 227 20.88 -30.63 22.12
C GLY B 227 19.72 -30.70 21.13
N GLY B 228 19.40 -29.56 20.49
CA GLY B 228 18.30 -29.47 19.52
C GLY B 228 16.98 -29.11 20.16
N GLY B 229 16.01 -28.73 19.31
CA GLY B 229 14.68 -28.30 19.76
C GLY B 229 14.73 -27.04 20.62
N ALA B 230 15.25 -25.94 20.04
CA ALA B 230 15.53 -24.69 20.77
C ALA B 230 15.31 -23.49 19.83
N LYS B 231 14.18 -22.77 20.04
CA LYS B 231 13.65 -21.80 19.06
C LYS B 231 13.55 -20.37 19.64
N THR B 232 12.91 -20.24 20.82
CA THR B 232 12.52 -18.93 21.40
C THR B 232 13.73 -18.08 21.79
N PHE B 233 13.75 -16.82 21.32
CA PHE B 233 14.81 -15.85 21.62
C PHE B 233 14.63 -15.30 23.04
N ALA B 234 15.71 -15.32 23.84
CA ALA B 234 15.65 -15.00 25.29
C ALA B 234 16.34 -13.67 25.63
N GLU B 235 15.60 -12.57 25.42
CA GLU B 235 15.92 -11.22 25.95
C GLU B 235 14.63 -10.63 26.53
N THR B 236 14.24 -11.13 27.73
CA THR B 236 12.89 -10.98 28.33
C THR B 236 11.90 -11.87 27.55
N ALA B 237 11.67 -11.49 26.30
CA ALA B 237 10.95 -12.28 25.31
C ALA B 237 11.77 -12.28 24.02
N THR B 238 11.14 -12.65 22.91
CA THR B 238 11.71 -12.51 21.56
C THR B 238 11.66 -11.01 21.12
N ALA B 239 10.82 -10.21 21.84
CA ALA B 239 10.58 -8.79 21.52
C ALA B 239 11.56 -7.82 22.21
N GLY B 240 11.49 -6.57 21.72
CA GLY B 240 12.24 -5.44 22.23
C GLY B 240 11.35 -4.56 23.11
N GLU B 241 11.19 -3.28 22.69
CA GLU B 241 10.28 -2.33 23.34
C GLU B 241 9.95 -1.16 22.38
N TRP B 242 9.14 -0.25 22.91
CA TRP B 242 8.77 1.01 22.26
C TRP B 242 9.55 2.12 22.99
N GLN B 243 9.37 2.10 24.32
CA GLN B 243 9.74 3.16 25.27
C GLN B 243 9.35 2.70 26.69
N GLY B 244 9.05 3.66 27.61
CA GLY B 244 8.58 3.33 28.96
C GLY B 244 7.24 2.57 28.98
N LYS B 245 7.26 1.31 29.48
CA LYS B 245 6.08 0.45 29.60
C LYS B 245 5.64 0.38 31.09
N THR B 246 4.55 1.08 31.43
CA THR B 246 3.90 0.98 32.75
C THR B 246 3.10 -0.32 32.83
N LEU B 247 3.03 -1.00 33.99
CA LEU B 247 2.25 -2.24 34.12
C LEU B 247 1.09 -2.10 35.12
N ARG B 248 -0.07 -2.65 34.70
CA ARG B 248 -1.30 -2.82 35.50
C ARG B 248 -2.35 -3.43 34.57
N GLU B 249 -2.46 -4.75 34.62
CA GLU B 249 -3.38 -5.55 33.83
C GLU B 249 -4.87 -5.20 34.10
N GLN B 250 -5.20 -4.96 35.40
CA GLN B 250 -6.56 -4.61 35.87
C GLN B 250 -6.60 -4.59 37.41
N ALA B 251 -6.64 -5.79 37.99
CA ALA B 251 -6.89 -6.02 39.42
C ALA B 251 -6.58 -7.49 39.76
N GLN B 252 -5.39 -7.93 39.31
CA GLN B 252 -4.89 -9.32 39.48
C GLN B 252 -4.57 -9.63 40.96
N ALA B 253 -4.58 -8.58 41.80
CA ALA B 253 -4.45 -8.72 43.25
C ALA B 253 -5.56 -9.64 43.82
N ARG B 254 -6.75 -9.60 43.19
CA ARG B 254 -7.86 -10.53 43.53
C ARG B 254 -7.72 -11.86 42.75
N GLY B 255 -8.05 -12.98 43.41
CA GLY B 255 -8.02 -14.32 42.81
C GLY B 255 -7.50 -15.36 43.79
N TYR B 256 -6.15 -15.52 43.83
CA TYR B 256 -5.41 -16.43 44.73
C TYR B 256 -5.75 -17.91 44.48
N GLN B 257 -6.92 -18.34 44.99
CA GLN B 257 -7.42 -19.72 44.85
C GLN B 257 -7.77 -20.03 43.38
N LEU B 258 -8.13 -18.95 42.63
CA LEU B 258 -8.62 -18.99 41.23
C LEU B 258 -9.99 -19.67 41.20
N VAL B 259 -10.00 -21.00 41.30
CA VAL B 259 -11.22 -21.81 41.29
C VAL B 259 -11.77 -21.97 42.72
N SER B 260 -13.08 -22.21 42.86
CA SER B 260 -13.71 -22.47 44.16
C SER B 260 -13.35 -23.89 44.68
N ASP B 261 -12.19 -23.98 45.35
CA ASP B 261 -11.67 -25.21 46.01
C ASP B 261 -11.47 -26.38 45.01
N ALA B 262 -12.54 -27.16 44.76
CA ALA B 262 -12.50 -28.39 43.94
C ALA B 262 -13.43 -28.24 42.72
N ALA B 263 -12.89 -28.58 41.53
CA ALA B 263 -13.63 -28.53 40.25
C ALA B 263 -12.90 -29.35 39.17
N SER B 264 -11.54 -29.40 39.27
CA SER B 264 -10.64 -30.22 38.42
C SER B 264 -10.50 -29.62 37.00
N LEU B 265 -11.59 -29.68 36.21
CA LEU B 265 -11.68 -29.03 34.88
C LEU B 265 -12.88 -28.06 34.84
N ASN B 266 -13.53 -27.88 36.02
CA ASN B 266 -14.85 -27.24 36.21
C ASN B 266 -15.93 -27.75 35.22
N SER B 267 -15.87 -27.27 33.98
CA SER B 267 -16.89 -27.54 32.96
C SER B 267 -16.34 -27.19 31.56
N VAL B 268 -14.99 -27.17 31.45
CA VAL B 268 -14.28 -26.73 30.22
C VAL B 268 -13.07 -27.64 29.97
N THR B 269 -12.56 -27.59 28.73
CA THR B 269 -11.40 -28.39 28.29
C THR B 269 -10.49 -27.55 27.37
N GLU B 270 -10.60 -26.21 27.50
CA GLU B 270 -9.88 -25.25 26.63
C GLU B 270 -8.65 -24.65 27.35
N ALA B 271 -7.46 -25.15 27.02
CA ALA B 271 -6.17 -24.56 27.45
C ALA B 271 -5.83 -23.34 26.58
N ASN B 272 -6.19 -23.42 25.28
CA ASN B 272 -5.98 -22.33 24.30
C ASN B 272 -7.31 -22.02 23.59
N GLN B 273 -7.58 -20.69 23.40
CA GLN B 273 -8.86 -20.14 22.88
C GLN B 273 -10.05 -20.44 23.80
N GLN B 274 -10.93 -19.42 23.97
CA GLN B 274 -12.10 -19.43 24.87
C GLN B 274 -11.64 -19.35 26.33
N LYS B 275 -10.88 -20.38 26.77
CA LYS B 275 -10.25 -20.47 28.12
C LYS B 275 -11.26 -20.09 29.24
N PRO B 276 -12.52 -20.66 29.22
CA PRO B 276 -13.62 -20.15 30.04
C PRO B 276 -13.43 -20.54 31.51
N LEU B 277 -12.75 -19.65 32.26
CA LEU B 277 -12.54 -19.76 33.71
C LEU B 277 -13.43 -18.74 34.43
N LEU B 278 -14.33 -18.08 33.66
CA LEU B 278 -15.30 -17.12 34.18
C LEU B 278 -16.67 -17.80 34.35
N GLY B 279 -17.26 -17.60 35.52
CA GLY B 279 -18.60 -18.08 35.86
C GLY B 279 -19.43 -16.94 36.40
N LEU B 280 -19.24 -15.76 35.79
CA LEU B 280 -19.93 -14.50 36.14
C LEU B 280 -21.45 -14.69 36.07
N PHE B 281 -21.88 -15.42 35.02
CA PHE B 281 -23.27 -15.86 34.86
C PHE B 281 -23.26 -17.33 34.41
N ALA B 282 -24.25 -18.11 34.89
CA ALA B 282 -24.35 -19.55 34.61
C ALA B 282 -25.72 -19.92 34.02
N ASP B 283 -25.80 -21.17 33.51
CA ASP B 283 -27.04 -21.78 32.95
C ASP B 283 -27.47 -21.13 31.63
N GLY B 284 -28.01 -19.89 31.70
CA GLY B 284 -28.51 -19.18 30.51
C GLY B 284 -27.40 -18.56 29.66
N ASN B 285 -26.67 -19.41 28.92
CA ASN B 285 -25.58 -18.98 28.03
C ASN B 285 -25.72 -19.73 26.69
N MET B 286 -25.43 -21.05 26.70
CA MET B 286 -25.60 -21.93 25.51
C MET B 286 -27.01 -22.59 25.52
N PRO B 287 -27.52 -23.16 26.68
CA PRO B 287 -28.94 -23.51 26.82
C PRO B 287 -29.78 -22.32 27.34
N VAL B 288 -31.05 -22.61 27.69
CA VAL B 288 -32.09 -21.62 28.09
C VAL B 288 -32.36 -20.64 26.93
N ARG B 289 -31.53 -19.58 26.81
CA ARG B 289 -31.63 -18.53 25.77
C ARG B 289 -33.03 -17.89 25.74
N TRP B 290 -33.24 -16.86 26.57
CA TRP B 290 -34.49 -16.08 26.60
C TRP B 290 -34.54 -15.11 25.39
N LEU B 291 -35.75 -14.68 25.03
CA LEU B 291 -35.97 -13.79 23.89
C LEU B 291 -35.60 -12.35 24.26
N GLY B 292 -36.09 -11.90 25.43
CA GLY B 292 -35.89 -10.51 25.90
C GLY B 292 -37.22 -9.78 26.13
N PRO B 293 -37.97 -9.38 25.04
CA PRO B 293 -39.26 -8.70 25.18
C PRO B 293 -40.38 -9.68 25.57
N LYS B 294 -40.85 -9.59 26.83
CA LYS B 294 -42.01 -10.37 27.33
C LYS B 294 -43.26 -9.99 26.52
N ALA B 295 -43.39 -8.67 26.25
CA ALA B 295 -44.36 -8.13 25.29
C ALA B 295 -43.62 -7.19 24.33
N THR B 296 -43.56 -7.57 23.03
CA THR B 296 -42.96 -6.72 21.98
C THR B 296 -43.92 -5.56 21.67
N TYR B 297 -43.83 -4.51 22.49
CA TYR B 297 -44.65 -3.31 22.38
C TYR B 297 -43.93 -2.16 23.08
N HIS B 298 -44.02 -0.98 22.46
CA HIS B 298 -43.43 0.27 22.95
C HIS B 298 -44.45 1.42 22.81
N GLY B 299 -43.98 2.65 23.06
CA GLY B 299 -44.87 3.79 23.21
C GLY B 299 -45.63 3.73 24.54
N ASN B 300 -44.98 3.18 25.58
CA ASN B 300 -45.62 2.97 26.91
C ASN B 300 -44.59 3.07 28.06
N ILE B 301 -43.39 2.48 27.88
CA ILE B 301 -42.39 2.31 28.98
C ILE B 301 -41.00 2.84 28.53
N ASP B 302 -40.99 3.64 27.48
CA ASP B 302 -39.76 4.12 26.82
C ASP B 302 -39.15 5.32 27.55
N LYS B 303 -40.02 6.06 28.29
CA LYS B 303 -39.67 7.32 28.99
C LYS B 303 -39.22 8.40 27.99
N PRO B 304 -40.20 9.14 27.35
CA PRO B 304 -39.92 10.23 26.38
C PRO B 304 -39.11 11.41 26.97
N ALA B 305 -38.96 11.42 28.31
CA ALA B 305 -38.08 12.37 29.02
C ALA B 305 -36.61 12.20 28.59
N VAL B 306 -36.18 10.93 28.42
CA VAL B 306 -34.80 10.58 28.02
C VAL B 306 -34.81 9.76 26.70
N THR B 307 -35.81 10.08 25.84
CA THR B 307 -36.06 9.37 24.55
C THR B 307 -34.84 9.39 23.59
N CYS B 308 -34.03 10.47 23.65
CA CYS B 308 -32.81 10.61 22.85
C CYS B 308 -31.60 9.96 23.57
N THR B 309 -31.68 9.95 24.92
CA THR B 309 -30.64 9.51 25.91
C THR B 309 -29.95 10.73 26.62
N PRO B 310 -29.20 11.67 25.92
CA PRO B 310 -28.55 12.83 26.60
C PRO B 310 -29.55 13.77 27.31
N ASN B 311 -29.46 13.84 28.66
CA ASN B 311 -30.28 14.75 29.48
C ASN B 311 -29.79 16.24 29.49
N PRO B 312 -28.44 16.60 29.44
CA PRO B 312 -28.01 18.03 29.54
C PRO B 312 -28.27 18.82 28.24
N GLN B 313 -29.55 19.16 28.05
CA GLN B 313 -30.12 19.76 26.82
C GLN B 313 -29.31 20.99 26.35
N ARG B 314 -29.01 21.88 27.31
CA ARG B 314 -28.31 23.16 27.07
C ARG B 314 -26.81 22.95 26.68
N ASN B 315 -26.59 22.66 25.40
CA ASN B 315 -25.25 22.45 24.80
C ASN B 315 -25.39 22.59 23.28
N ASP B 316 -26.13 23.64 22.88
CA ASP B 316 -26.64 23.78 21.52
C ASP B 316 -26.76 25.25 21.09
N SER B 317 -27.25 26.14 22.00
CA SER B 317 -27.50 27.58 21.72
C SER B 317 -28.47 27.77 20.50
N VAL B 318 -29.42 26.81 20.39
CA VAL B 318 -30.31 26.58 19.22
C VAL B 318 -29.57 26.83 17.86
N PRO B 319 -28.88 25.76 17.31
CA PRO B 319 -28.03 25.88 16.09
C PRO B 319 -28.81 26.24 14.83
N THR B 320 -30.11 25.87 14.83
CA THR B 320 -31.02 25.99 13.68
C THR B 320 -30.45 25.17 12.51
N LEU B 321 -30.71 23.86 12.56
CA LEU B 321 -30.25 22.91 11.55
C LEU B 321 -30.90 23.21 10.20
N ALA B 322 -32.25 23.24 10.22
CA ALA B 322 -33.11 23.35 9.02
C ALA B 322 -32.80 22.21 8.01
N GLN B 323 -32.22 21.10 8.53
CA GLN B 323 -31.83 19.93 7.72
C GLN B 323 -33.07 19.09 7.37
N MET B 324 -33.84 19.60 6.40
CA MET B 324 -35.10 18.99 5.94
C MET B 324 -34.88 18.27 4.60
N THR B 325 -33.82 18.68 3.87
CA THR B 325 -33.47 18.08 2.58
C THR B 325 -32.79 16.70 2.81
N ASP B 326 -33.60 15.63 2.69
CA ASP B 326 -33.11 14.24 2.78
C ASP B 326 -32.22 13.92 1.58
N LYS B 327 -31.09 13.25 1.86
CA LYS B 327 -30.11 12.83 0.83
C LYS B 327 -29.70 11.37 1.09
N ALA B 328 -30.51 10.66 1.90
CA ALA B 328 -30.25 9.29 2.34
C ALA B 328 -31.04 8.27 1.50
N ILE B 329 -32.33 8.60 1.28
CA ILE B 329 -33.31 7.73 0.60
C ILE B 329 -33.49 6.42 1.41
N GLU B 330 -34.33 6.50 2.45
CA GLU B 330 -34.62 5.42 3.42
C GLU B 330 -33.42 5.18 4.37
N LEU B 331 -33.72 4.99 5.66
CA LEU B 331 -32.71 4.75 6.71
C LEU B 331 -32.08 3.35 6.53
N LEU B 332 -32.94 2.31 6.58
CA LEU B 332 -32.57 0.91 6.24
C LEU B 332 -33.19 0.55 4.86
N SER B 333 -33.57 -0.75 4.67
CA SER B 333 -34.30 -1.26 3.47
C SER B 333 -33.31 -1.56 2.33
N LYS B 334 -32.04 -1.83 2.71
CA LYS B 334 -30.96 -2.18 1.77
C LYS B 334 -30.77 -3.71 1.70
N ASN B 335 -31.85 -4.47 2.02
CA ASN B 335 -31.84 -5.96 2.00
C ASN B 335 -30.72 -6.49 2.93
N GLU B 336 -30.95 -6.30 4.25
CA GLU B 336 -29.96 -6.54 5.31
C GLU B 336 -29.44 -8.00 5.28
N LYS B 337 -30.34 -8.94 5.62
CA LYS B 337 -30.17 -10.40 5.41
C LYS B 337 -31.35 -11.13 6.07
N GLY B 338 -31.84 -12.19 5.40
CA GLY B 338 -33.00 -12.96 5.87
C GLY B 338 -32.71 -13.97 6.99
N PHE B 339 -31.46 -13.99 7.52
CA PHE B 339 -31.07 -14.91 8.61
C PHE B 339 -29.88 -14.36 9.41
N PHE B 340 -29.84 -14.66 10.73
CA PHE B 340 -28.82 -14.13 11.66
C PHE B 340 -28.21 -15.26 12.51
N LEU B 341 -29.00 -15.79 13.46
CA LEU B 341 -28.50 -16.75 14.48
C LEU B 341 -28.02 -18.09 13.85
N GLN B 342 -28.59 -18.42 12.66
CA GLN B 342 -28.17 -19.57 11.78
C GLN B 342 -28.63 -20.94 12.36
N VAL B 343 -29.02 -20.98 13.66
CA VAL B 343 -29.24 -22.22 14.45
C VAL B 343 -27.88 -23.01 14.49
N GLU B 344 -26.77 -22.23 14.51
CA GLU B 344 -25.39 -22.76 14.47
C GLU B 344 -25.09 -23.63 15.72
N GLY B 345 -24.55 -24.83 15.50
CA GLY B 345 -24.32 -25.79 16.57
C GLY B 345 -23.09 -26.66 16.34
N ALA B 346 -22.64 -26.77 15.07
CA ALA B 346 -21.49 -27.63 14.71
C ALA B 346 -20.16 -27.01 15.16
N SER B 347 -19.15 -27.89 15.42
CA SER B 347 -17.78 -27.55 15.87
C SER B 347 -17.73 -27.17 17.37
N ILE B 348 -18.70 -26.37 17.84
CA ILE B 348 -18.78 -25.91 19.24
C ILE B 348 -19.53 -26.95 20.09
N ASP B 349 -20.63 -27.48 19.50
CA ASP B 349 -21.60 -28.38 20.14
C ASP B 349 -22.34 -27.67 21.29
N LYS B 350 -21.71 -27.62 22.47
CA LYS B 350 -22.27 -26.94 23.65
C LYS B 350 -21.21 -25.99 24.23
N GLN B 351 -20.35 -26.53 25.14
CA GLN B 351 -19.39 -25.75 25.95
C GLN B 351 -20.10 -24.54 26.60
N ASP B 352 -20.72 -24.78 27.78
CA ASP B 352 -21.60 -23.80 28.47
C ASP B 352 -20.92 -22.43 28.70
N HIS B 353 -19.56 -22.41 28.77
CA HIS B 353 -18.71 -21.20 28.98
C HIS B 353 -18.74 -20.73 30.46
N ALA B 354 -19.90 -20.89 31.10
CA ALA B 354 -20.06 -20.74 32.54
C ALA B 354 -19.23 -21.79 33.28
N ALA B 355 -18.03 -21.38 33.71
CA ALA B 355 -17.10 -22.24 34.44
C ALA B 355 -17.58 -22.51 35.86
N ASN B 356 -17.39 -21.49 36.74
CA ASN B 356 -17.70 -21.53 38.17
C ASN B 356 -17.18 -20.23 38.85
N PRO B 357 -15.82 -19.90 38.79
CA PRO B 357 -15.25 -18.74 39.51
C PRO B 357 -15.00 -17.51 38.60
N CYS B 358 -14.38 -16.47 39.16
CA CYS B 358 -13.87 -15.31 38.38
C CYS B 358 -12.35 -15.49 38.16
N GLY B 359 -12.00 -16.59 37.47
CA GLY B 359 -10.61 -16.97 37.21
C GLY B 359 -9.97 -16.16 36.10
N GLN B 360 -9.58 -14.92 36.44
CA GLN B 360 -8.96 -13.97 35.48
C GLN B 360 -7.53 -13.62 35.92
N ILE B 361 -6.68 -13.32 34.92
CA ILE B 361 -5.26 -12.98 35.13
C ILE B 361 -4.75 -12.23 33.89
N GLY B 362 -3.69 -11.41 34.05
CA GLY B 362 -3.15 -10.62 32.93
C GLY B 362 -1.65 -10.80 32.72
N GLU B 363 -0.86 -9.78 33.11
CA GLU B 363 0.59 -9.72 32.83
C GLU B 363 1.41 -10.66 33.74
N THR B 364 0.79 -11.07 34.88
CA THR B 364 1.41 -11.87 35.98
C THR B 364 2.69 -11.24 36.57
N VAL B 365 3.14 -11.79 37.73
CA VAL B 365 4.33 -11.33 38.50
C VAL B 365 4.09 -9.96 39.19
N ASP B 366 4.58 -9.83 40.46
CA ASP B 366 4.51 -8.59 41.32
C ASP B 366 3.24 -7.74 41.11
N LEU B 367 2.06 -8.42 41.23
CA LEU B 367 0.72 -7.79 41.08
C LEU B 367 0.48 -6.61 42.07
N ASP B 368 1.33 -6.56 43.11
CA ASP B 368 1.36 -5.54 44.16
C ASP B 368 1.54 -4.13 43.56
N GLU B 369 2.70 -3.95 42.87
CA GLU B 369 3.24 -2.64 42.42
C GLU B 369 3.30 -1.66 43.64
N ALA B 370 2.29 -0.74 43.76
CA ALA B 370 2.15 0.21 44.87
C ALA B 370 0.96 1.17 44.63
N VAL B 371 1.12 2.08 43.65
CA VAL B 371 0.21 3.24 43.46
C VAL B 371 -0.64 3.11 42.17
N GLN B 372 -0.21 2.25 41.22
CA GLN B 372 -0.91 2.10 39.90
C GLN B 372 -2.27 1.39 40.04
N ARG B 373 -3.32 2.20 40.34
CA ARG B 373 -4.73 1.76 40.33
C ARG B 373 -5.63 3.01 40.28
N ALA B 374 -6.87 2.82 39.80
CA ALA B 374 -7.80 3.94 39.50
C ALA B 374 -8.46 4.52 40.77
N LEU B 375 -8.90 5.79 40.67
CA LEU B 375 -9.52 6.55 41.77
C LEU B 375 -10.62 7.46 41.19
N GLU B 376 -11.55 7.91 42.06
CA GLU B 376 -12.74 8.69 41.63
C GLU B 376 -12.34 10.04 41.02
N PHE B 377 -11.22 10.60 41.53
CA PHE B 377 -10.64 11.86 41.07
C PHE B 377 -10.15 11.70 39.61
N ALA B 378 -10.97 12.19 38.66
CA ALA B 378 -10.67 12.14 37.22
C ALA B 378 -9.84 13.36 36.75
N LYS B 379 -9.51 14.24 37.73
CA LYS B 379 -8.71 15.48 37.54
C LYS B 379 -9.55 16.58 36.86
N LYS B 380 -10.08 16.28 35.67
CA LYS B 380 -11.05 17.13 34.97
C LYS B 380 -12.45 16.94 35.62
N GLU B 381 -13.34 17.92 35.47
CA GLU B 381 -14.69 17.92 36.08
C GLU B 381 -15.70 17.12 35.21
N GLY B 382 -15.18 16.21 34.36
CA GLY B 382 -16.00 15.52 33.35
C GLY B 382 -16.42 16.44 32.20
N ASN B 383 -15.93 17.69 32.23
CA ASN B 383 -16.33 18.75 31.31
C ASN B 383 -15.36 18.82 30.11
N THR B 384 -15.79 18.22 29.00
CA THR B 384 -15.07 18.26 27.72
C THR B 384 -15.85 19.15 26.76
N LEU B 385 -17.14 18.79 26.54
CA LEU B 385 -18.12 19.50 25.68
C LEU B 385 -17.71 19.55 24.19
N VAL B 386 -18.77 19.59 23.33
CA VAL B 386 -18.69 19.68 21.84
C VAL B 386 -17.67 18.68 21.20
N ILE B 387 -17.37 17.58 21.93
CA ILE B 387 -16.32 16.58 21.61
C ILE B 387 -14.93 17.27 21.49
N VAL B 388 -14.68 18.03 20.39
CA VAL B 388 -13.37 18.61 20.00
C VAL B 388 -12.22 17.59 20.13
N THR B 389 -11.41 17.67 21.19
CA THR B 389 -10.37 16.68 21.49
C THR B 389 -10.93 15.64 22.46
N ALA B 390 -11.80 16.12 23.38
CA ALA B 390 -12.38 15.36 24.49
C ALA B 390 -11.28 14.80 25.38
N ASP B 391 -10.61 15.73 26.08
CA ASP B 391 -9.38 15.52 26.85
C ASP B 391 -8.18 15.37 25.88
N HIS B 392 -8.18 14.28 25.08
CA HIS B 392 -7.19 14.04 24.03
C HIS B 392 -7.75 13.08 22.95
N ALA B 393 -8.77 12.28 23.34
CA ALA B 393 -9.27 11.13 22.55
C ALA B 393 -9.99 11.54 21.23
N HIS B 394 -9.17 11.92 20.23
CA HIS B 394 -9.58 12.31 18.87
C HIS B 394 -8.32 12.83 18.15
N ALA B 395 -8.03 12.25 16.96
CA ALA B 395 -6.80 12.55 16.19
C ALA B 395 -5.55 12.31 17.06
N SER B 396 -5.42 11.05 17.51
CA SER B 396 -4.44 10.63 18.52
C SER B 396 -2.99 10.67 18.00
N GLN B 397 -2.41 11.88 18.05
CA GLN B 397 -1.01 12.19 17.61
C GLN B 397 -0.69 13.66 17.98
N ILE B 398 -1.76 14.52 18.02
CA ILE B 398 -1.68 15.99 18.24
C ILE B 398 -0.65 16.38 19.36
N VAL B 399 -0.70 15.68 20.52
CA VAL B 399 0.33 15.81 21.58
C VAL B 399 0.74 14.39 22.02
N ALA B 400 1.48 13.71 21.13
CA ALA B 400 1.99 12.34 21.36
C ALA B 400 3.12 12.25 22.44
N PRO B 401 4.16 13.17 22.48
CA PRO B 401 5.25 13.11 23.51
C PRO B 401 4.71 13.05 24.95
N ASP B 402 4.97 11.90 25.61
CA ASP B 402 4.55 11.60 27.00
C ASP B 402 3.00 11.48 27.10
N THR B 403 2.32 12.64 27.27
CA THR B 403 0.84 12.77 27.34
C THR B 403 0.46 14.16 26.78
N LYS B 404 -0.72 14.70 27.17
CA LYS B 404 -1.08 16.11 26.91
C LYS B 404 -0.50 17.06 27.98
N ALA B 405 0.05 16.47 29.07
CA ALA B 405 0.60 17.22 30.23
C ALA B 405 1.78 18.16 29.87
N PRO B 406 2.68 17.85 28.85
CA PRO B 406 3.61 18.84 28.22
C PRO B 406 3.05 20.29 28.11
N GLY B 407 1.74 20.42 27.78
CA GLY B 407 1.06 21.70 27.78
C GLY B 407 0.27 21.97 26.50
N LEU B 408 -0.90 22.59 26.66
CA LEU B 408 -1.79 22.99 25.56
C LEU B 408 -2.67 24.14 26.05
N THR B 409 -2.84 25.15 25.19
CA THR B 409 -3.63 26.36 25.51
C THR B 409 -4.55 26.74 24.34
N GLN B 410 -4.13 26.40 23.11
CA GLN B 410 -4.82 26.78 21.89
C GLN B 410 -5.21 25.52 21.08
N ALA B 411 -6.31 24.89 21.48
CA ALA B 411 -6.99 23.89 20.64
C ALA B 411 -8.11 24.63 19.88
N LEU B 412 -9.28 24.80 20.56
CA LEU B 412 -10.45 25.55 20.06
C LEU B 412 -10.95 25.03 18.67
N ASN B 413 -10.23 25.44 17.59
CA ASN B 413 -10.55 25.10 16.19
C ASN B 413 -11.94 25.64 15.80
N THR B 414 -12.54 25.10 14.72
CA THR B 414 -13.94 25.37 14.33
C THR B 414 -14.89 24.42 15.11
N LYS B 415 -14.54 24.20 16.40
CA LYS B 415 -15.08 23.12 17.24
C LYS B 415 -14.95 21.76 16.54
N ASP B 416 -13.73 21.56 15.99
CA ASP B 416 -13.32 20.40 15.23
C ASP B 416 -14.24 20.19 14.00
N GLY B 417 -15.24 19.30 14.11
CA GLY B 417 -16.18 19.03 13.02
C GLY B 417 -17.54 19.65 13.29
N ALA B 418 -17.54 20.83 13.94
CA ALA B 418 -18.74 21.57 14.39
C ALA B 418 -19.39 20.87 15.61
N VAL B 419 -19.95 19.64 15.38
CA VAL B 419 -20.56 18.76 16.42
C VAL B 419 -21.82 19.39 17.05
N MET B 420 -21.62 20.44 17.90
CA MET B 420 -22.69 21.19 18.61
C MET B 420 -23.89 21.59 17.71
N VAL B 421 -23.61 21.71 16.40
CA VAL B 421 -24.62 21.98 15.37
C VAL B 421 -25.41 20.67 15.05
N MET B 422 -26.11 20.15 16.07
CA MET B 422 -26.99 18.96 15.98
C MET B 422 -28.25 19.17 16.84
N SER B 423 -28.28 20.31 17.57
CA SER B 423 -29.34 20.71 18.52
C SER B 423 -29.24 19.95 19.86
N TYR B 424 -28.62 18.75 19.86
CA TYR B 424 -28.31 17.96 21.07
C TYR B 424 -29.60 17.35 21.66
N GLY B 425 -30.45 18.20 22.24
CA GLY B 425 -31.79 17.81 22.69
C GLY B 425 -32.79 18.98 22.65
N ASN B 426 -32.41 20.04 21.92
CA ASN B 426 -33.14 21.33 21.88
C ASN B 426 -34.52 21.19 21.24
N SER B 427 -34.57 20.47 20.11
CA SER B 427 -35.81 20.25 19.39
C SER B 427 -36.70 19.28 20.19
N GLU B 428 -37.90 19.77 20.53
CA GLU B 428 -38.76 19.23 21.58
C GLU B 428 -39.09 17.73 21.43
N GLU B 429 -39.74 17.37 20.31
CA GLU B 429 -40.23 16.01 20.08
C GLU B 429 -39.11 15.13 19.50
N ASP B 430 -38.21 14.65 20.41
CA ASP B 430 -37.15 13.64 20.09
C ASP B 430 -36.27 14.09 18.89
N SER B 431 -35.98 15.41 18.85
CA SER B 431 -35.41 16.11 17.69
C SER B 431 -36.42 16.12 16.51
N GLN B 432 -36.53 14.98 15.77
CA GLN B 432 -37.47 14.82 14.63
C GLN B 432 -37.12 15.78 13.44
N GLU B 433 -35.96 16.47 13.54
CA GLU B 433 -35.49 17.46 12.54
C GLU B 433 -35.09 16.78 11.22
N HIS B 434 -34.75 15.47 11.33
CA HIS B 434 -34.50 14.57 10.18
C HIS B 434 -33.15 14.89 9.47
N THR B 435 -32.74 13.96 8.58
CA THR B 435 -31.57 14.06 7.69
C THR B 435 -30.27 13.66 8.41
N GLY B 436 -29.94 14.30 9.57
CA GLY B 436 -28.66 14.07 10.28
C GLY B 436 -28.37 12.60 10.58
N SER B 437 -29.17 11.99 11.47
CA SER B 437 -29.06 10.57 11.85
C SER B 437 -29.37 9.63 10.64
N GLN B 438 -30.14 10.18 9.68
CA GLN B 438 -30.67 9.43 8.54
C GLN B 438 -29.62 9.23 7.45
N LEU B 439 -28.58 10.10 7.42
CA LEU B 439 -27.45 10.00 6.47
C LEU B 439 -26.40 8.95 6.93
N ARG B 440 -26.89 7.85 7.54
CA ARG B 440 -26.04 6.81 8.13
C ARG B 440 -25.24 6.04 7.07
N ILE B 441 -24.30 5.23 7.56
CA ILE B 441 -23.47 4.37 6.73
C ILE B 441 -24.08 2.96 6.67
N ALA B 442 -24.03 2.34 5.49
CA ALA B 442 -24.43 0.94 5.32
C ALA B 442 -23.23 0.03 5.68
N ALA B 443 -22.29 -0.14 4.73
CA ALA B 443 -21.01 -0.84 4.91
C ALA B 443 -21.18 -2.31 5.38
N TYR B 444 -21.30 -2.53 6.71
CA TYR B 444 -21.43 -3.87 7.33
C TYR B 444 -21.86 -3.75 8.80
N GLY B 445 -21.64 -4.82 9.60
CA GLY B 445 -21.89 -4.81 11.04
C GLY B 445 -22.55 -6.09 11.50
N PRO B 446 -23.91 -6.18 11.49
CA PRO B 446 -24.64 -7.43 11.68
C PRO B 446 -25.05 -8.03 10.32
N HIS B 447 -26.00 -8.97 10.36
CA HIS B 447 -26.65 -9.49 9.14
C HIS B 447 -28.11 -9.80 9.46
N ALA B 448 -28.74 -8.77 10.05
CA ALA B 448 -30.18 -8.67 10.35
C ALA B 448 -30.38 -7.34 11.10
N ALA B 449 -31.49 -6.65 10.84
CA ALA B 449 -31.85 -5.37 11.47
C ALA B 449 -33.29 -5.02 11.12
N ASN B 450 -33.52 -4.93 9.82
CA ASN B 450 -34.81 -4.64 9.20
C ASN B 450 -35.20 -5.83 8.28
N VAL B 451 -36.44 -5.83 7.74
CA VAL B 451 -37.01 -6.86 6.83
C VAL B 451 -37.44 -8.12 7.62
N VAL B 452 -36.50 -8.72 8.36
CA VAL B 452 -36.76 -9.88 9.24
C VAL B 452 -37.74 -9.53 10.38
N GLY B 453 -37.78 -8.25 10.78
CA GLY B 453 -38.67 -7.78 11.86
C GLY B 453 -40.15 -7.81 11.47
N LEU B 454 -40.41 -7.67 10.14
CA LEU B 454 -41.78 -7.56 9.56
C LEU B 454 -42.51 -6.30 10.11
N THR B 455 -41.70 -5.34 10.59
CA THR B 455 -42.20 -4.11 11.22
C THR B 455 -42.14 -2.93 10.23
N ASP B 456 -43.05 -1.96 10.43
CA ASP B 456 -43.18 -0.79 9.54
C ASP B 456 -41.95 0.14 9.72
N GLN B 457 -41.55 0.81 8.62
CA GLN B 457 -40.26 1.50 8.52
C GLN B 457 -40.37 3.03 8.73
N THR B 458 -41.57 3.55 9.06
CA THR B 458 -41.76 4.99 9.33
C THR B 458 -41.00 5.37 10.61
N ASP B 459 -41.33 4.67 11.70
CA ASP B 459 -40.71 4.84 13.02
C ASP B 459 -40.96 3.61 13.90
N LEU B 460 -40.13 2.57 13.68
CA LEU B 460 -40.15 1.34 14.50
C LEU B 460 -38.86 0.53 14.27
N PHE B 461 -38.83 -0.34 13.21
CA PHE B 461 -37.70 -1.26 12.89
C PHE B 461 -37.49 -2.34 13.99
N TYR B 462 -37.14 -1.90 15.22
CA TYR B 462 -36.99 -2.76 16.42
C TYR B 462 -35.82 -3.75 16.26
N THR B 463 -34.64 -3.19 15.95
CA THR B 463 -33.38 -3.95 15.87
C THR B 463 -32.88 -4.30 17.30
N MET B 464 -33.39 -5.43 17.82
CA MET B 464 -33.02 -5.97 19.13
C MET B 464 -32.45 -7.39 18.92
N LYS B 465 -31.42 -7.77 19.74
CA LYS B 465 -30.70 -9.07 19.66
C LYS B 465 -29.67 -9.11 18.50
N ALA B 466 -30.01 -8.53 17.34
CA ALA B 466 -29.13 -8.46 16.14
C ALA B 466 -27.90 -7.54 16.39
N ALA B 467 -28.02 -6.64 17.38
CA ALA B 467 -26.94 -5.75 17.82
C ALA B 467 -26.00 -6.44 18.84
N LEU B 468 -26.29 -7.72 19.16
CA LEU B 468 -25.51 -8.56 20.09
C LEU B 468 -24.83 -9.70 19.30
N GLY B 469 -23.49 -9.65 19.19
CA GLY B 469 -22.72 -10.63 18.41
C GLY B 469 -22.83 -10.41 16.90
N LEU B 470 -21.76 -10.66 16.15
CA LEU B 470 -21.78 -10.56 14.67
C LEU B 470 -22.26 -11.89 14.08
N LYS B 471 -21.66 -12.98 14.57
CA LYS B 471 -21.72 -14.32 13.97
C LYS B 471 -21.00 -14.24 12.60
N MET C 1 43.23 -24.13 -33.70
CA MET C 1 43.80 -25.47 -33.97
C MET C 1 43.89 -26.29 -32.67
N ALA C 2 43.08 -25.89 -31.66
CA ALA C 2 42.92 -26.61 -30.39
C ALA C 2 44.22 -26.63 -29.56
N ALA C 3 44.91 -25.47 -29.55
CA ALA C 3 46.12 -25.25 -28.73
C ALA C 3 45.73 -25.05 -27.25
N LYS C 4 45.31 -26.17 -26.64
CA LYS C 4 44.76 -26.26 -25.27
C LYS C 4 45.43 -25.33 -24.23
N LYS C 5 44.61 -24.50 -23.60
CA LYS C 5 45.00 -23.75 -22.41
C LYS C 5 44.59 -24.53 -21.15
N ASP C 6 45.58 -24.83 -20.30
CA ASP C 6 45.34 -25.37 -18.97
C ASP C 6 45.00 -24.20 -18.03
N TYR C 7 43.71 -23.86 -18.02
CA TYR C 7 43.17 -22.72 -17.27
C TYR C 7 43.38 -22.89 -15.76
N TYR C 8 43.31 -24.15 -15.30
CA TYR C 8 43.59 -24.51 -13.90
C TYR C 8 45.03 -24.14 -13.54
N ALA C 9 46.00 -24.49 -14.42
CA ALA C 9 47.42 -24.18 -14.21
C ALA C 9 47.67 -22.65 -14.17
N ILE C 10 46.96 -21.89 -15.04
CA ILE C 10 47.01 -20.41 -15.05
C ILE C 10 46.58 -19.84 -13.66
N LEU C 11 45.55 -20.46 -13.06
CA LEU C 11 45.08 -20.10 -11.70
C LEU C 11 45.97 -20.70 -10.58
N GLY C 12 46.79 -21.72 -10.94
CA GLY C 12 47.66 -22.41 -9.98
C GLY C 12 46.95 -23.51 -9.17
N VAL C 13 45.89 -24.10 -9.73
CA VAL C 13 45.10 -25.19 -9.13
C VAL C 13 45.13 -26.44 -10.05
N PRO C 14 44.90 -27.70 -9.52
CA PRO C 14 44.85 -28.94 -10.35
C PRO C 14 43.58 -29.02 -11.21
N ARG C 15 43.57 -29.91 -12.23
CA ARG C 15 42.45 -30.00 -13.21
C ARG C 15 41.14 -30.58 -12.61
N ASN C 16 41.10 -30.77 -11.29
CA ASN C 16 39.92 -31.31 -10.59
C ASN C 16 39.55 -30.36 -9.42
N ALA C 17 40.09 -29.13 -9.47
CA ALA C 17 39.84 -28.08 -8.48
C ALA C 17 38.38 -27.65 -8.49
N THR C 18 37.70 -27.73 -7.34
CA THR C 18 36.28 -27.40 -7.21
C THR C 18 36.06 -25.86 -7.26
N GLN C 19 34.77 -25.43 -7.21
CA GLN C 19 34.35 -24.02 -7.43
C GLN C 19 35.14 -23.06 -6.52
N GLU C 20 35.11 -23.30 -5.20
CA GLU C 20 35.71 -22.40 -4.19
C GLU C 20 37.26 -22.39 -4.28
N GLU C 21 37.86 -23.51 -4.73
CA GLU C 21 39.34 -23.62 -4.87
C GLU C 21 39.85 -22.75 -6.04
N ILE C 22 39.16 -22.88 -7.19
CA ILE C 22 39.36 -22.02 -8.39
C ILE C 22 39.15 -20.54 -8.03
N LYS C 23 38.08 -20.32 -7.27
CA LYS C 23 37.59 -19.01 -6.84
C LYS C 23 38.60 -18.33 -5.87
N ARG C 24 39.27 -19.13 -5.00
CA ARG C 24 40.27 -18.61 -4.04
C ARG C 24 41.62 -18.33 -4.71
N ALA C 25 41.96 -19.15 -5.71
CA ALA C 25 43.15 -18.93 -6.55
C ALA C 25 43.01 -17.61 -7.33
N TYR C 26 41.80 -17.44 -7.88
CA TYR C 26 41.40 -16.22 -8.57
C TYR C 26 41.47 -15.03 -7.60
N LYS C 27 40.72 -15.09 -6.47
CA LYS C 27 40.62 -13.98 -5.49
C LYS C 27 42.01 -13.56 -4.99
N ARG C 28 42.93 -14.52 -4.86
CA ARG C 28 44.35 -14.25 -4.55
C ARG C 28 44.94 -13.32 -5.61
N LEU C 29 44.87 -13.76 -6.87
CA LEU C 29 45.45 -13.01 -8.02
C LEU C 29 44.58 -11.77 -8.40
N ALA C 30 43.34 -11.72 -7.90
CA ALA C 30 42.34 -10.67 -8.23
C ALA C 30 42.40 -9.53 -7.22
N ARG C 31 42.91 -9.84 -6.02
CA ARG C 31 43.21 -8.84 -5.00
C ARG C 31 44.65 -8.33 -5.20
N GLN C 32 45.56 -9.24 -5.61
CA GLN C 32 46.98 -8.93 -5.83
C GLN C 32 47.14 -7.98 -7.04
N TYR C 33 46.51 -8.35 -8.17
CA TYR C 33 46.53 -7.54 -9.41
C TYR C 33 45.25 -6.66 -9.53
N HIS C 34 44.62 -6.34 -8.38
CA HIS C 34 43.30 -5.64 -8.35
C HIS C 34 43.38 -4.26 -9.05
N PRO C 35 42.80 -4.11 -10.29
CA PRO C 35 42.95 -2.88 -11.13
C PRO C 35 42.44 -1.61 -10.43
N ASP C 36 41.53 -1.80 -9.45
CA ASP C 36 40.92 -0.71 -8.68
C ASP C 36 41.94 -0.06 -7.72
N VAL C 37 42.84 -0.89 -7.16
CA VAL C 37 43.89 -0.43 -6.22
C VAL C 37 45.22 -0.25 -6.96
N ASN C 38 45.64 -1.34 -7.59
CA ASN C 38 46.89 -1.43 -8.34
C ASN C 38 46.58 -1.15 -9.81
N LYS C 39 46.45 0.16 -10.10
CA LYS C 39 46.16 0.68 -11.44
C LYS C 39 47.43 0.60 -12.29
N SER C 40 47.72 -0.59 -12.78
CA SER C 40 48.86 -0.88 -13.64
C SER C 40 48.39 -1.70 -14.84
N PRO C 41 48.31 -1.10 -16.08
CA PRO C 41 47.87 -1.80 -17.32
C PRO C 41 48.47 -3.21 -17.45
N GLU C 42 49.78 -3.32 -17.19
CA GLU C 42 50.53 -4.59 -17.28
C GLU C 42 49.95 -5.65 -16.32
N ALA C 43 49.60 -5.20 -15.09
CA ALA C 43 49.00 -6.07 -14.05
C ALA C 43 47.58 -6.49 -14.47
N GLU C 44 46.94 -5.62 -15.29
CA GLU C 44 45.58 -5.87 -15.79
C GLU C 44 45.64 -6.86 -16.97
N GLU C 45 46.78 -6.89 -17.70
CA GLU C 45 47.02 -7.83 -18.83
C GLU C 45 47.20 -9.26 -18.30
N LYS C 46 48.06 -9.38 -17.28
CA LYS C 46 48.26 -10.64 -16.53
C LYS C 46 46.91 -11.09 -15.92
N PHE C 47 46.18 -10.11 -15.38
CA PHE C 47 44.86 -10.34 -14.78
C PHE C 47 43.82 -10.77 -15.86
N LYS C 48 43.99 -10.31 -17.12
CA LYS C 48 43.13 -10.76 -18.26
C LYS C 48 43.34 -12.25 -18.54
N GLU C 49 44.60 -12.70 -18.52
CA GLU C 49 44.94 -14.14 -18.70
C GLU C 49 44.32 -15.01 -17.59
N ILE C 50 44.37 -14.48 -16.36
CA ILE C 50 43.72 -15.08 -15.17
C ILE C 50 42.18 -15.04 -15.32
N ASN C 51 41.69 -13.97 -15.96
CA ASN C 51 40.28 -13.74 -16.27
C ASN C 51 39.80 -14.61 -17.45
N GLU C 52 40.75 -15.14 -18.25
CA GLU C 52 40.47 -16.13 -19.31
C GLU C 52 40.22 -17.48 -18.63
N ALA C 53 41.18 -17.83 -17.78
CA ALA C 53 41.11 -19.02 -16.94
C ALA C 53 39.82 -19.04 -16.08
N TYR C 54 39.44 -17.85 -15.61
CA TYR C 54 38.23 -17.65 -14.81
C TYR C 54 36.98 -17.54 -15.72
N ALA C 55 37.17 -17.05 -16.96
CA ALA C 55 36.10 -17.00 -18.00
C ALA C 55 35.59 -18.40 -18.31
N VAL C 56 36.46 -19.38 -18.12
CA VAL C 56 36.12 -20.80 -18.26
C VAL C 56 35.68 -21.42 -16.92
N LEU C 57 36.41 -21.16 -15.82
CA LEU C 57 36.28 -21.99 -14.59
C LEU C 57 35.49 -21.32 -13.43
N SER C 58 34.91 -20.13 -13.64
CA SER C 58 34.19 -19.41 -12.56
C SER C 58 32.92 -20.13 -12.11
N ASP C 59 31.87 -20.06 -12.96
CA ASP C 59 30.59 -20.75 -12.74
C ASP C 59 30.83 -22.26 -12.81
N PRO C 60 30.18 -23.09 -11.93
CA PRO C 60 30.27 -24.55 -12.02
C PRO C 60 29.78 -25.05 -13.41
N GLU C 61 28.86 -24.29 -14.04
CA GLU C 61 28.36 -24.57 -15.41
C GLU C 61 29.48 -24.44 -16.47
N LYS C 62 30.20 -23.29 -16.44
CA LYS C 62 31.28 -23.00 -17.42
C LYS C 62 32.47 -23.97 -17.19
N ARG C 63 32.71 -24.28 -15.91
CA ARG C 63 33.73 -25.26 -15.51
C ARG C 63 33.42 -26.60 -16.18
N ARG C 64 32.13 -27.00 -16.12
CA ARG C 64 31.63 -28.22 -16.77
C ARG C 64 31.65 -28.12 -18.30
N ILE C 65 31.60 -26.88 -18.87
CA ILE C 65 31.79 -26.68 -20.34
C ILE C 65 33.20 -27.17 -20.72
N TYR C 66 34.20 -26.79 -19.90
CA TYR C 66 35.59 -27.25 -20.06
C TYR C 66 35.64 -28.79 -19.91
N ASP C 67 35.05 -29.32 -18.81
CA ASP C 67 35.05 -30.77 -18.49
C ASP C 67 34.42 -31.60 -19.62
N THR C 68 33.32 -31.09 -20.20
CA THR C 68 32.62 -31.78 -21.30
C THR C 68 33.42 -31.66 -22.60
N TYR C 69 34.27 -30.62 -22.75
CA TYR C 69 35.17 -30.52 -23.92
C TYR C 69 36.31 -31.53 -23.75
N GLY C 70 36.43 -32.47 -24.69
CA GLY C 70 37.32 -33.62 -24.55
C GLY C 70 36.60 -34.81 -23.94
N THR C 71 35.27 -34.84 -24.12
CA THR C 71 34.38 -35.96 -23.78
C THR C 71 33.32 -35.90 -24.87
N THR C 72 32.62 -34.77 -24.85
CA THR C 72 31.90 -34.24 -25.98
C THR C 72 32.95 -33.43 -26.79
N GLU C 73 32.79 -33.37 -28.10
CA GLU C 73 33.66 -32.58 -29.00
C GLU C 73 33.05 -31.19 -29.28
N ALA C 74 31.71 -31.11 -29.23
CA ALA C 74 30.96 -29.87 -29.44
C ALA C 74 30.81 -29.10 -28.11
N PRO C 75 31.00 -27.75 -28.10
CA PRO C 75 30.77 -26.91 -26.89
C PRO C 75 29.25 -26.87 -26.54
N PRO C 76 28.85 -27.19 -25.25
CA PRO C 76 27.42 -27.12 -24.82
C PRO C 76 26.79 -25.74 -25.15
N PRO C 77 25.54 -25.71 -25.74
CA PRO C 77 24.92 -24.47 -26.31
C PRO C 77 24.98 -23.24 -25.35
N PRO C 78 25.48 -22.05 -25.83
CA PRO C 78 25.53 -20.82 -24.99
C PRO C 78 24.10 -20.28 -24.69
N PRO C 79 23.91 -19.51 -23.56
CA PRO C 79 22.63 -18.79 -23.30
C PRO C 79 22.32 -17.75 -24.42
N PRO C 80 21.01 -17.34 -24.65
CA PRO C 80 20.63 -16.31 -25.66
C PRO C 80 21.40 -14.98 -25.47
N GLY C 81 22.59 -14.94 -26.08
CA GLY C 81 23.48 -13.80 -26.04
C GLY C 81 24.92 -14.25 -26.22
N GLY C 82 25.26 -15.36 -25.52
CA GLY C 82 26.59 -15.97 -25.59
C GLY C 82 27.08 -16.41 -24.21
N TYR C 83 28.20 -17.16 -24.20
CA TYR C 83 28.91 -17.56 -22.95
C TYR C 83 29.35 -16.31 -22.17
N ASP C 84 29.40 -16.43 -20.82
CA ASP C 84 29.78 -15.32 -19.92
C ASP C 84 31.17 -14.76 -20.25
N PHE C 85 31.26 -13.42 -20.37
CA PHE C 85 32.46 -12.76 -20.88
C PHE C 85 32.65 -11.37 -20.25
N SER C 86 32.23 -11.26 -19.00
CA SER C 86 32.11 -9.97 -18.33
C SER C 86 33.48 -9.35 -18.00
N GLY C 87 33.96 -8.50 -18.92
CA GLY C 87 35.21 -7.77 -18.78
C GLY C 87 36.41 -8.54 -19.27
N PHE C 88 36.16 -9.68 -19.95
CA PHE C 88 37.25 -10.55 -20.40
C PHE C 88 37.63 -10.14 -21.85
N ASP C 89 38.94 -10.09 -22.15
CA ASP C 89 39.44 -9.48 -23.41
C ASP C 89 39.39 -10.50 -24.57
N VAL C 90 38.17 -10.72 -25.09
CA VAL C 90 37.85 -11.71 -26.16
C VAL C 90 38.86 -11.74 -27.34
N GLU C 91 39.10 -10.59 -27.97
CA GLU C 91 39.93 -10.50 -29.19
C GLU C 91 41.43 -10.74 -28.88
N ASP C 92 41.83 -10.58 -27.61
CA ASP C 92 43.23 -10.80 -27.20
C ASP C 92 43.46 -12.28 -26.83
N PHE C 93 42.37 -12.99 -26.47
CA PHE C 93 42.47 -14.34 -25.87
C PHE C 93 42.90 -15.42 -26.87
N SER C 94 43.16 -16.60 -26.32
CA SER C 94 43.72 -17.77 -27.03
C SER C 94 42.84 -18.23 -28.19
N GLU C 95 43.48 -18.80 -29.22
CA GLU C 95 42.79 -19.29 -30.43
C GLU C 95 41.87 -20.48 -30.11
N PHE C 96 42.40 -21.43 -29.32
CA PHE C 96 41.64 -22.57 -28.75
C PHE C 96 40.38 -22.09 -28.03
N PHE C 97 40.57 -21.04 -27.25
CA PHE C 97 39.51 -20.41 -26.47
C PHE C 97 38.46 -19.76 -27.40
N GLN C 98 38.93 -19.12 -28.49
CA GLN C 98 38.06 -18.45 -29.48
C GLN C 98 37.35 -19.45 -30.42
N GLU C 99 37.76 -20.73 -30.37
CA GLU C 99 37.03 -21.83 -31.03
C GLU C 99 35.97 -22.44 -30.10
N LEU C 100 36.38 -22.72 -28.85
CA LEU C 100 35.52 -23.38 -27.83
C LEU C 100 34.35 -22.46 -27.43
N PHE C 101 34.67 -21.21 -27.11
CA PHE C 101 33.68 -20.19 -26.75
C PHE C 101 33.24 -19.38 -27.98
N GLY C 102 33.83 -19.70 -29.16
CA GLY C 102 33.53 -19.04 -30.44
C GLY C 102 32.04 -18.84 -30.72
N PRO C 103 31.23 -19.98 -30.82
CA PRO C 103 29.76 -19.95 -31.09
C PRO C 103 28.97 -18.94 -30.22
N GLY C 104 29.57 -18.49 -29.10
CA GLY C 104 28.95 -17.49 -28.24
C GLY C 104 29.97 -16.65 -27.51
N LEU C 105 30.93 -16.02 -28.24
CA LEU C 105 31.88 -15.02 -27.64
C LEU C 105 31.19 -13.69 -27.15
N PHE C 106 29.87 -13.74 -26.92
CA PHE C 106 29.04 -12.70 -26.25
C PHE C 106 28.87 -11.42 -27.11
N GLY C 107 28.38 -10.35 -26.46
CA GLY C 107 27.82 -9.19 -27.15
C GLY C 107 26.30 -9.15 -27.04
N GLY C 108 25.71 -10.21 -26.48
CA GLY C 108 24.27 -10.30 -26.25
C GLY C 108 23.49 -10.40 -27.56
N PHE C 109 22.53 -9.48 -27.74
CA PHE C 109 21.74 -9.38 -28.99
C PHE C 109 22.52 -8.57 -30.06
N GLY C 110 23.65 -7.96 -29.65
CA GLY C 110 24.51 -7.21 -30.56
C GLY C 110 25.58 -8.09 -31.20
N ARG C 111 26.04 -9.12 -30.44
CA ARG C 111 27.02 -10.15 -30.87
C ARG C 111 28.47 -9.57 -31.05
N ARG C 112 28.62 -8.24 -31.17
CA ARG C 112 29.91 -7.57 -31.45
C ARG C 112 30.79 -7.46 -30.16
N SER C 113 30.49 -8.26 -29.11
CA SER C 113 31.23 -8.23 -27.81
C SER C 113 31.34 -6.79 -27.26
N ARG C 114 30.26 -6.02 -27.44
CA ARG C 114 30.18 -4.62 -26.99
C ARG C 114 29.72 -4.55 -25.53
N LYS C 115 29.38 -3.34 -25.06
CA LYS C 115 29.11 -3.05 -23.65
C LYS C 115 28.05 -3.98 -23.04
N GLY C 116 28.24 -4.40 -21.74
CA GLY C 116 27.17 -5.04 -21.01
C GLY C 116 25.92 -4.15 -21.00
N ARG C 117 24.77 -4.70 -21.37
CA ARG C 117 23.52 -3.94 -21.34
C ARG C 117 22.88 -4.09 -19.95
N ASP C 118 22.76 -2.96 -19.21
CA ASP C 118 22.08 -2.90 -17.89
C ASP C 118 20.83 -3.75 -17.92
N LEU C 119 20.75 -4.75 -17.05
CA LEU C 119 19.55 -5.58 -17.04
C LEU C 119 18.58 -5.03 -16.00
N ARG C 120 17.32 -5.31 -16.23
CA ARG C 120 16.21 -4.82 -15.44
C ARG C 120 15.20 -5.95 -15.39
N ALA C 121 14.99 -6.53 -14.21
CA ALA C 121 14.08 -7.68 -14.05
C ALA C 121 13.17 -7.43 -12.86
N GLU C 122 11.86 -7.32 -13.12
CA GLU C 122 10.87 -7.12 -12.06
C GLU C 122 10.40 -8.48 -11.54
N LEU C 123 10.38 -8.64 -10.21
CA LEU C 123 10.16 -9.96 -9.57
C LEU C 123 9.15 -9.89 -8.41
N PRO C 124 8.03 -10.70 -8.45
CA PRO C 124 7.11 -10.85 -7.31
C PRO C 124 7.80 -11.61 -6.16
N LEU C 125 7.94 -10.94 -5.01
CA LEU C 125 8.77 -11.43 -3.89
C LEU C 125 8.11 -11.07 -2.55
N THR C 126 8.27 -11.94 -1.54
CA THR C 126 7.85 -11.64 -0.16
C THR C 126 9.01 -11.06 0.65
N LEU C 127 8.65 -10.51 1.80
CA LEU C 127 9.57 -9.92 2.78
C LEU C 127 10.39 -11.04 3.45
N GLU C 128 9.67 -12.14 3.69
CA GLU C 128 10.18 -13.37 4.27
C GLU C 128 11.28 -13.93 3.37
N GLU C 129 10.98 -14.06 2.06
CA GLU C 129 11.92 -14.56 1.05
C GLU C 129 12.91 -13.46 0.59
N ALA C 130 12.68 -12.20 1.02
CA ALA C 130 13.70 -11.14 0.87
C ALA C 130 14.89 -11.43 1.81
N PHE C 131 14.57 -11.79 3.07
CA PHE C 131 15.57 -12.33 4.02
C PHE C 131 16.05 -13.72 3.55
N HIS C 132 15.09 -14.61 3.27
CA HIS C 132 15.36 -16.02 2.92
C HIS C 132 15.93 -16.14 1.49
N GLY C 133 16.06 -15.00 0.78
CA GLY C 133 16.86 -14.91 -0.42
C GLY C 133 18.32 -15.19 -0.15
N GLY C 134 19.14 -14.12 -0.06
CA GLY C 134 20.58 -14.26 0.15
C GLY C 134 21.22 -15.18 -0.89
N GLU C 135 21.62 -16.38 -0.44
CA GLU C 135 22.15 -17.44 -1.31
C GLU C 135 20.96 -18.10 -2.03
N ARG C 136 20.70 -17.65 -3.25
CA ARG C 136 19.55 -18.08 -4.06
C ARG C 136 20.01 -18.43 -5.48
N VAL C 137 19.47 -19.54 -6.03
CA VAL C 137 19.73 -19.92 -7.43
C VAL C 137 18.71 -19.21 -8.35
N VAL C 138 19.22 -18.59 -9.42
CA VAL C 138 18.43 -17.80 -10.37
C VAL C 138 18.84 -18.21 -11.79
N GLU C 139 17.89 -18.25 -12.74
CA GLU C 139 18.19 -18.55 -14.15
C GLU C 139 17.71 -17.42 -15.05
N VAL C 140 18.54 -16.37 -15.15
CA VAL C 140 18.27 -15.23 -16.02
C VAL C 140 19.02 -15.42 -17.36
N ALA C 141 18.34 -15.11 -18.48
CA ALA C 141 18.86 -15.28 -19.85
C ALA C 141 19.31 -16.74 -20.11
N GLY C 142 18.67 -17.70 -19.42
CA GLY C 142 18.99 -19.13 -19.54
C GLY C 142 20.32 -19.51 -18.91
N ARG C 143 20.70 -18.79 -17.83
CA ARG C 143 21.96 -19.02 -17.09
C ARG C 143 21.65 -19.19 -15.59
N ARG C 144 21.70 -20.44 -15.11
CA ARG C 144 21.42 -20.78 -13.70
C ARG C 144 22.69 -20.62 -12.82
N VAL C 145 22.72 -19.57 -11.97
CA VAL C 145 23.86 -19.29 -11.06
C VAL C 145 23.36 -19.23 -9.61
N SER C 146 24.16 -19.78 -8.68
CA SER C 146 23.97 -19.60 -7.24
C SER C 146 24.60 -18.26 -6.81
N VAL C 147 23.76 -17.22 -6.74
CA VAL C 147 24.20 -15.86 -6.38
C VAL C 147 23.89 -15.60 -4.90
N ARG C 148 24.60 -14.63 -4.30
CA ARG C 148 24.24 -14.10 -2.99
C ARG C 148 23.88 -12.62 -3.14
N ILE C 149 22.56 -12.34 -3.31
CA ILE C 149 22.03 -10.96 -3.25
C ILE C 149 21.91 -10.54 -1.78
N PRO C 150 22.04 -9.22 -1.42
CA PRO C 150 21.85 -8.76 -0.02
C PRO C 150 20.48 -9.24 0.53
N PRO C 151 20.46 -10.04 1.66
CA PRO C 151 19.19 -10.49 2.29
C PRO C 151 18.35 -9.27 2.74
N GLY C 152 17.37 -8.90 1.89
CA GLY C 152 16.61 -7.69 2.09
C GLY C 152 16.17 -7.04 0.81
N VAL C 153 14.96 -6.43 0.84
CA VAL C 153 14.46 -5.63 -0.30
C VAL C 153 13.33 -4.63 0.12
N ARG C 154 13.20 -3.55 -0.68
CA ARG C 154 12.21 -2.46 -0.48
C ARG C 154 11.31 -2.36 -1.73
N GLU C 155 9.97 -2.29 -1.56
CA GLU C 155 8.97 -2.11 -2.66
C GLU C 155 9.43 -1.07 -3.71
N GLY C 156 9.42 -1.46 -5.01
CA GLY C 156 9.69 -0.53 -6.12
C GLY C 156 11.15 -0.15 -6.26
N SER C 157 12.02 -0.69 -5.40
CA SER C 157 13.46 -0.42 -5.43
C SER C 157 14.16 -1.47 -6.29
N VAL C 158 15.33 -1.06 -6.80
CA VAL C 158 16.18 -1.89 -7.65
C VAL C 158 17.34 -2.49 -6.81
N ILE C 159 17.43 -3.84 -6.79
CA ILE C 159 18.57 -4.54 -6.21
C ILE C 159 19.69 -4.52 -7.26
N ARG C 160 20.73 -3.68 -7.05
CA ARG C 160 21.90 -3.68 -7.92
C ARG C 160 22.72 -4.93 -7.58
N VAL C 161 22.56 -5.97 -8.40
CA VAL C 161 23.22 -7.26 -8.25
C VAL C 161 24.13 -7.52 -9.47
N PRO C 162 25.48 -7.32 -9.32
CA PRO C 162 26.46 -7.77 -10.33
C PRO C 162 26.47 -9.32 -10.39
N GLY C 163 26.69 -9.86 -11.60
CA GLY C 163 26.66 -11.32 -11.80
C GLY C 163 25.35 -11.83 -12.38
N MET C 164 24.41 -10.92 -12.71
CA MET C 164 23.07 -11.33 -13.15
C MET C 164 22.49 -10.38 -14.25
N GLY C 165 23.27 -9.40 -14.77
CA GLY C 165 22.78 -8.50 -15.85
C GLY C 165 23.73 -8.40 -17.02
N GLY C 166 23.38 -7.65 -18.12
CA GLY C 166 24.32 -7.48 -19.23
C GLY C 166 24.12 -8.39 -20.42
N GLN C 167 23.60 -7.81 -21.50
CA GLN C 167 23.72 -8.39 -22.83
C GLN C 167 24.86 -7.63 -23.51
N GLY C 168 26.06 -8.23 -23.55
CA GLY C 168 27.27 -7.53 -23.97
C GLY C 168 28.53 -8.25 -23.56
N ASN C 169 29.56 -7.50 -23.10
CA ASN C 169 30.87 -8.09 -22.74
C ASN C 169 31.51 -7.34 -21.52
N PRO C 170 31.94 -6.00 -21.55
CA PRO C 170 32.43 -5.29 -20.31
C PRO C 170 31.40 -5.35 -19.14
N PRO C 171 31.89 -5.49 -17.86
CA PRO C 171 31.07 -5.96 -16.72
C PRO C 171 30.24 -4.86 -16.00
N GLY C 172 29.08 -5.28 -15.43
CA GLY C 172 28.21 -4.39 -14.67
C GLY C 172 27.24 -5.13 -13.75
N ASP C 173 25.91 -5.12 -14.08
CA ASP C 173 24.87 -5.59 -13.13
C ASP C 173 23.42 -5.66 -13.72
N LEU C 174 22.56 -6.25 -12.86
CA LEU C 174 21.09 -6.30 -13.01
C LEU C 174 20.46 -5.43 -11.92
N LEU C 175 19.36 -4.75 -12.28
CA LEU C 175 18.52 -4.02 -11.35
C LEU C 175 17.21 -4.79 -11.17
N LEU C 176 17.16 -5.61 -10.10
CA LEU C 176 15.95 -6.36 -9.71
C LEU C 176 14.89 -5.40 -9.14
N VAL C 177 13.89 -5.05 -9.95
CA VAL C 177 12.81 -4.13 -9.56
C VAL C 177 11.76 -4.96 -8.81
N VAL C 178 11.82 -4.94 -7.48
CA VAL C 178 10.96 -5.82 -6.69
C VAL C 178 9.50 -5.34 -6.70
N ARG C 179 8.62 -6.32 -6.89
CA ARG C 179 7.19 -6.18 -6.77
C ARG C 179 6.77 -6.97 -5.52
N LEU C 180 6.66 -6.28 -4.36
CA LEU C 180 6.24 -6.94 -3.12
C LEU C 180 4.76 -7.34 -3.20
N LEU C 181 4.47 -8.56 -2.74
CA LEU C 181 3.13 -9.19 -2.85
C LEU C 181 2.12 -8.54 -1.87
N PRO C 182 0.76 -8.77 -2.04
CA PRO C 182 -0.27 -8.37 -1.02
C PRO C 182 0.04 -8.93 0.38
N HIS C 183 0.95 -8.20 1.05
CA HIS C 183 1.53 -8.53 2.35
C HIS C 183 2.39 -7.31 2.77
N PRO C 184 1.77 -6.08 2.91
CA PRO C 184 2.51 -4.84 3.23
C PRO C 184 2.78 -4.72 4.75
N VAL C 185 3.60 -5.65 5.27
CA VAL C 185 3.92 -5.71 6.71
C VAL C 185 5.22 -4.98 6.97
N PHE C 186 6.19 -5.07 6.04
CA PHE C 186 7.53 -4.44 6.16
C PHE C 186 7.91 -3.71 4.84
N ARG C 187 8.83 -2.73 4.95
CA ARG C 187 9.50 -2.11 3.79
C ARG C 187 10.92 -1.63 4.22
N LEU C 188 11.94 -1.97 3.42
CA LEU C 188 13.36 -1.81 3.83
C LEU C 188 13.89 -0.36 3.69
N GLU C 189 14.81 -0.03 4.61
CA GLU C 189 15.70 1.12 4.57
C GLU C 189 17.08 0.65 5.10
N GLY C 190 18.02 0.37 4.17
CA GLY C 190 19.35 -0.16 4.51
C GLY C 190 19.31 -1.60 4.99
N GLN C 191 19.27 -1.79 6.32
CA GLN C 191 19.00 -3.08 6.98
C GLN C 191 17.81 -2.94 7.95
N ASP C 192 17.45 -1.68 8.25
CA ASP C 192 16.35 -1.36 9.17
C ASP C 192 15.02 -1.39 8.43
N LEU C 193 13.94 -1.66 9.13
CA LEU C 193 12.62 -1.86 8.51
C LEU C 193 11.62 -0.81 8.97
N TYR C 194 10.60 -0.60 8.13
CA TYR C 194 9.42 0.16 8.46
C TYR C 194 8.21 -0.76 8.29
N ALA C 195 7.60 -1.14 9.42
CA ALA C 195 6.50 -2.11 9.46
C ALA C 195 5.19 -1.44 9.86
N THR C 196 4.14 -2.26 9.96
CA THR C 196 2.84 -1.85 10.52
C THR C 196 2.33 -2.96 11.48
N LEU C 197 2.16 -2.60 12.76
CA LEU C 197 1.67 -3.51 13.80
C LEU C 197 0.17 -3.29 14.02
N ASP C 198 -0.58 -4.39 14.13
CA ASP C 198 -2.02 -4.37 14.36
C ASP C 198 -2.31 -4.65 15.85
N VAL C 199 -2.59 -3.59 16.62
CA VAL C 199 -2.92 -3.68 18.06
C VAL C 199 -4.43 -3.43 18.23
N PRO C 200 -5.23 -4.41 18.74
CA PRO C 200 -6.65 -4.20 19.02
C PRO C 200 -6.86 -3.25 20.22
N ALA C 201 -7.99 -2.53 20.21
CA ALA C 201 -8.28 -1.44 21.16
C ALA C 201 -8.17 -1.85 22.67
N PRO C 202 -8.76 -3.02 23.14
CA PRO C 202 -8.58 -3.48 24.54
C PRO C 202 -7.08 -3.61 24.95
N ILE C 203 -6.30 -4.33 24.11
CA ILE C 203 -4.87 -4.58 24.36
C ILE C 203 -4.06 -3.25 24.31
N ALA C 204 -4.51 -2.33 23.45
CA ALA C 204 -3.88 -1.01 23.28
C ALA C 204 -3.97 -0.17 24.58
N VAL C 205 -5.19 -0.14 25.14
CA VAL C 205 -5.50 0.65 26.34
C VAL C 205 -4.81 0.09 27.61
N VAL C 206 -4.82 -1.25 27.78
CA VAL C 206 -4.25 -1.88 29.01
C VAL C 206 -2.72 -1.99 28.93
N GLY C 207 -2.22 -2.24 27.72
CA GLY C 207 -0.83 -2.60 27.53
C GLY C 207 -0.59 -4.08 27.79
N GLY C 208 -1.07 -4.93 26.85
CA GLY C 208 -0.88 -6.37 26.92
C GLY C 208 0.24 -6.82 25.97
N LYS C 209 -0.05 -7.81 25.12
CA LYS C 209 0.89 -8.26 24.06
C LYS C 209 0.12 -8.59 22.77
N VAL C 210 0.75 -8.27 21.62
CA VAL C 210 0.28 -8.64 20.27
C VAL C 210 1.48 -9.16 19.47
N ARG C 211 1.23 -10.07 18.53
CA ARG C 211 2.30 -10.72 17.75
C ARG C 211 2.53 -9.98 16.40
N ALA C 212 3.80 -9.60 16.15
CA ALA C 212 4.30 -9.14 14.84
C ALA C 212 4.96 -10.36 14.15
N MET C 213 4.43 -10.77 12.97
CA MET C 213 4.97 -11.93 12.24
C MET C 213 6.27 -11.51 11.53
N THR C 214 7.44 -11.93 12.06
CA THR C 214 8.75 -11.53 11.52
C THR C 214 9.32 -12.62 10.60
N LEU C 215 10.38 -12.23 9.90
CA LEU C 215 10.97 -12.97 8.77
C LEU C 215 11.70 -14.24 9.25
N GLU C 216 12.27 -14.14 10.45
CA GLU C 216 13.05 -15.20 11.08
C GLU C 216 12.32 -15.81 12.30
N GLY C 217 10.99 -15.56 12.39
CA GLY C 217 10.16 -16.15 13.44
C GLY C 217 9.05 -15.20 13.90
N PRO C 218 8.00 -15.68 14.63
CA PRO C 218 6.92 -14.82 15.14
C PRO C 218 7.29 -14.14 16.49
N VAL C 219 7.44 -12.80 16.49
CA VAL C 219 7.80 -12.05 17.69
C VAL C 219 6.54 -11.55 18.39
N GLU C 220 6.42 -11.77 19.72
CA GLU C 220 5.27 -11.28 20.49
C GLU C 220 5.67 -9.97 21.20
N VAL C 221 5.15 -8.86 20.66
CA VAL C 221 5.42 -7.50 21.12
C VAL C 221 4.73 -7.17 22.44
N ALA C 222 5.49 -6.60 23.39
CA ALA C 222 4.96 -6.02 24.64
C ALA C 222 4.41 -4.59 24.37
N VAL C 223 3.07 -4.47 24.38
CA VAL C 223 2.33 -3.21 24.15
C VAL C 223 2.30 -2.38 25.47
N PRO C 224 2.54 -1.02 25.45
CA PRO C 224 2.36 -0.15 26.65
C PRO C 224 0.89 0.30 26.81
N PRO C 225 0.45 0.75 28.04
CA PRO C 225 -0.90 1.31 28.25
C PRO C 225 -1.11 2.58 27.41
N ARG C 226 -2.33 2.71 26.85
CA ARG C 226 -2.71 3.84 25.99
C ARG C 226 -1.85 3.88 24.71
N THR C 227 -2.05 2.89 23.85
CA THR C 227 -1.37 2.81 22.56
C THR C 227 -2.23 3.45 21.47
N GLN C 228 -1.74 4.55 20.90
CA GLN C 228 -2.40 5.31 19.83
C GLN C 228 -2.03 4.79 18.45
N ALA C 229 -2.97 4.98 17.52
CA ALA C 229 -2.78 4.68 16.10
C ALA C 229 -1.85 5.73 15.49
N GLY C 230 -0.60 5.31 15.18
CA GLY C 230 0.43 6.21 14.66
C GLY C 230 1.68 6.25 15.53
N ARG C 231 1.73 5.47 16.64
CA ARG C 231 2.98 5.32 17.46
C ARG C 231 4.02 4.48 16.71
N LYS C 232 5.20 4.28 17.35
CA LYS C 232 6.31 3.57 16.71
C LYS C 232 7.08 2.69 17.71
N LEU C 233 7.55 1.54 17.20
CA LEU C 233 8.31 0.53 17.94
C LEU C 233 9.72 0.45 17.41
N ARG C 234 10.63 -0.05 18.26
CA ARG C 234 12.00 -0.41 17.89
C ARG C 234 12.31 -1.83 18.39
N LEU C 235 11.96 -2.84 17.58
CA LEU C 235 12.32 -4.24 17.84
C LEU C 235 13.75 -4.49 17.32
N LYS C 236 14.72 -4.45 18.25
CA LYS C 236 16.15 -4.56 17.94
C LYS C 236 16.49 -5.96 17.40
N GLY C 237 17.27 -6.00 16.30
CA GLY C 237 17.70 -7.26 15.68
C GLY C 237 16.62 -7.94 14.84
N LYS C 238 15.47 -7.26 14.64
CA LYS C 238 14.32 -7.81 13.89
C LYS C 238 14.19 -7.18 12.50
N GLY C 239 15.28 -6.51 12.03
CA GLY C 239 15.37 -6.04 10.65
C GLY C 239 15.73 -7.18 9.71
N PHE C 240 16.66 -6.93 8.79
CA PHE C 240 17.27 -7.99 8.00
C PHE C 240 18.62 -8.40 8.63
N PRO C 241 18.73 -9.68 9.11
CA PRO C 241 20.01 -10.27 9.54
C PRO C 241 21.07 -10.31 8.42
N GLY C 242 21.98 -9.32 8.50
CA GLY C 242 23.11 -9.23 7.59
C GLY C 242 24.28 -10.12 8.03
N PRO C 243 25.22 -10.49 7.11
CA PRO C 243 26.38 -11.37 7.45
C PRO C 243 27.44 -10.68 8.37
N ALA C 244 27.21 -9.40 8.70
CA ALA C 244 28.07 -8.64 9.63
C ALA C 244 27.28 -8.16 10.87
N GLY C 245 25.94 -8.30 10.82
CA GLY C 245 25.07 -7.85 11.92
C GLY C 245 23.64 -7.61 11.44
N ARG C 246 22.68 -7.66 12.38
CA ARG C 246 21.24 -7.47 12.09
C ARG C 246 20.85 -5.98 12.09
N GLY C 247 19.88 -5.61 11.23
CA GLY C 247 19.19 -4.31 11.34
C GLY C 247 18.06 -4.36 12.36
N ASP C 248 17.25 -3.29 12.44
CA ASP C 248 16.16 -3.19 13.43
C ASP C 248 14.81 -3.14 12.72
N LEU C 249 13.75 -3.37 13.48
CA LEU C 249 12.38 -3.31 13.00
C LEU C 249 11.66 -2.13 13.66
N TYR C 250 11.38 -1.08 12.87
CA TYR C 250 10.65 0.10 13.34
C TYR C 250 9.20 0.02 12.85
N LEU C 251 8.26 -0.34 13.74
CA LEU C 251 6.84 -0.57 13.31
C LEU C 251 6.00 0.69 13.56
N GLU C 252 5.00 0.95 12.72
CA GLU C 252 3.99 1.99 12.97
C GLU C 252 2.66 1.31 13.33
N VAL C 253 1.98 1.87 14.33
CA VAL C 253 0.82 1.24 14.96
C VAL C 253 -0.52 1.61 14.30
N ARG C 254 -1.42 0.62 14.24
CA ARG C 254 -2.86 0.81 13.98
C ARG C 254 -3.64 0.28 15.18
N ILE C 255 -4.75 0.93 15.49
CA ILE C 255 -5.72 0.42 16.46
C ILE C 255 -6.85 -0.25 15.67
N THR C 256 -7.10 -1.53 15.97
CA THR C 256 -8.05 -2.39 15.23
C THR C 256 -9.04 -3.03 16.25
N ILE C 257 -10.07 -3.73 15.73
CA ILE C 257 -11.08 -4.44 16.56
C ILE C 257 -11.36 -5.85 15.94
N PRO C 258 -11.88 -6.86 16.72
CA PRO C 258 -11.92 -8.30 16.26
C PRO C 258 -13.10 -8.65 15.32
N GLU C 259 -13.72 -7.60 14.74
CA GLU C 259 -15.05 -7.67 14.08
C GLU C 259 -16.12 -8.24 15.04
N ARG C 260 -16.16 -9.59 15.12
CA ARG C 260 -17.16 -10.34 15.90
C ARG C 260 -16.81 -10.34 17.39
N LEU C 261 -17.84 -10.09 18.21
CA LEU C 261 -17.68 -9.84 19.65
C LEU C 261 -18.31 -10.97 20.48
N THR C 262 -17.79 -11.15 21.71
CA THR C 262 -18.40 -12.02 22.73
C THR C 262 -19.50 -11.20 23.46
N PRO C 263 -20.46 -11.84 24.23
CA PRO C 263 -21.46 -11.09 25.06
C PRO C 263 -20.80 -10.02 25.98
N GLU C 264 -19.66 -10.41 26.61
CA GLU C 264 -18.86 -9.53 27.49
C GLU C 264 -18.42 -8.26 26.73
N GLU C 265 -17.68 -8.51 25.62
CA GLU C 265 -17.20 -7.47 24.70
C GLU C 265 -18.34 -6.52 24.35
N GLU C 266 -19.32 -7.05 23.62
CA GLU C 266 -20.43 -6.28 23.01
C GLU C 266 -21.10 -5.32 24.01
N ALA C 267 -21.49 -5.88 25.18
CA ALA C 267 -22.19 -5.14 26.25
C ALA C 267 -21.36 -3.95 26.78
N LEU C 268 -20.09 -4.24 27.10
CA LEU C 268 -19.16 -3.24 27.65
C LEU C 268 -18.87 -2.13 26.62
N TRP C 269 -18.74 -2.53 25.34
CA TRP C 269 -18.57 -1.58 24.22
C TRP C 269 -19.75 -0.59 24.15
N LYS C 270 -21.00 -1.11 24.35
CA LYS C 270 -22.23 -0.26 24.38
C LYS C 270 -22.08 0.85 25.45
N LYS C 271 -21.72 0.41 26.67
CA LYS C 271 -21.55 1.30 27.84
C LYS C 271 -20.52 2.43 27.55
N LEU C 272 -19.41 2.02 26.93
CA LEU C 272 -18.30 2.92 26.57
C LEU C 272 -18.75 3.95 25.53
N ALA C 273 -19.53 3.50 24.54
CA ALA C 273 -20.06 4.39 23.47
C ALA C 273 -20.92 5.51 24.09
N GLU C 274 -21.75 5.14 25.08
CA GLU C 274 -22.59 6.11 25.83
C GLU C 274 -21.71 7.11 26.62
N ALA C 275 -20.60 6.61 27.20
CA ALA C 275 -19.60 7.44 27.89
C ALA C 275 -18.95 8.47 26.93
N TYR C 276 -18.86 8.09 25.64
CA TYR C 276 -18.35 8.98 24.58
C TYR C 276 -19.40 10.01 24.12
N TYR C 277 -20.69 9.63 24.13
CA TYR C 277 -21.81 10.57 23.91
C TYR C 277 -21.84 11.62 25.05
N ALA C 278 -21.44 11.19 26.24
CA ALA C 278 -21.30 12.06 27.43
C ALA C 278 -20.14 13.08 27.27
N ARG C 279 -19.24 12.86 26.27
CA ARG C 279 -18.16 13.82 25.94
C ARG C 279 -18.69 14.91 25.00
N ALA C 280 -19.86 14.67 24.38
CA ALA C 280 -20.55 15.68 23.57
C ALA C 280 -21.17 16.73 24.53
N MET A 1 -11.27 41.34 -45.45
CA MET A 1 -10.89 42.76 -45.55
C MET A 1 -12.09 43.62 -45.13
N ALA A 2 -12.10 44.04 -43.84
CA ALA A 2 -13.17 44.88 -43.23
C ALA A 2 -14.55 44.17 -43.29
N ALA A 3 -14.53 42.84 -43.20
CA ALA A 3 -15.75 41.99 -43.32
C ALA A 3 -16.46 41.87 -41.96
N LYS A 4 -16.83 43.03 -41.37
CA LYS A 4 -17.45 43.15 -40.02
C LYS A 4 -18.44 42.01 -39.67
N LYS A 5 -17.98 41.03 -38.87
CA LYS A 5 -18.86 39.99 -38.30
C LYS A 5 -19.31 40.47 -36.92
N ASP A 6 -20.50 41.12 -36.88
CA ASP A 6 -21.16 41.50 -35.63
C ASP A 6 -21.63 40.22 -34.93
N TYR A 7 -20.80 39.73 -34.01
CA TYR A 7 -20.97 38.40 -33.37
C TYR A 7 -22.29 38.31 -32.58
N TYR A 8 -22.69 39.43 -31.96
CA TYR A 8 -23.95 39.52 -31.23
C TYR A 8 -25.14 39.36 -32.19
N ALA A 9 -25.07 40.08 -33.33
CA ALA A 9 -26.12 40.01 -34.37
C ALA A 9 -26.28 38.58 -34.92
N ILE A 10 -25.13 37.88 -35.08
CA ILE A 10 -25.08 36.46 -35.51
C ILE A 10 -25.83 35.57 -34.48
N LEU A 11 -25.65 35.88 -33.18
CA LEU A 11 -26.33 35.16 -32.07
C LEU A 11 -27.79 35.65 -31.86
N GLY A 12 -28.19 36.72 -32.59
CA GLY A 12 -29.56 37.28 -32.49
C GLY A 12 -29.79 38.07 -31.20
N VAL A 13 -28.72 38.74 -30.73
CA VAL A 13 -28.71 39.53 -29.47
C VAL A 13 -28.06 40.92 -29.72
N PRO A 14 -28.32 41.96 -28.86
CA PRO A 14 -27.68 43.30 -29.00
C PRO A 14 -26.21 43.29 -28.54
N ARG A 15 -25.45 44.36 -28.87
CA ARG A 15 -24.00 44.48 -28.50
C ARG A 15 -23.76 44.72 -26.98
N ASN A 16 -24.82 44.58 -26.18
CA ASN A 16 -24.81 44.81 -24.73
C ASN A 16 -25.14 43.47 -24.01
N ALA A 17 -25.39 42.43 -24.81
CA ALA A 17 -25.66 41.08 -24.35
C ALA A 17 -24.43 40.51 -23.63
N THR A 18 -24.61 40.12 -22.35
CA THR A 18 -23.52 39.62 -21.49
C THR A 18 -23.12 38.18 -21.89
N GLN A 19 -22.03 37.66 -21.28
CA GLN A 19 -21.53 36.28 -21.53
C GLN A 19 -22.62 35.24 -21.21
N GLU A 20 -23.45 35.57 -20.20
CA GLU A 20 -24.67 34.80 -19.84
C GLU A 20 -25.63 34.72 -21.05
N GLU A 21 -25.90 35.89 -21.67
CA GLU A 21 -26.84 36.02 -22.79
C GLU A 21 -26.30 35.37 -24.08
N ILE A 22 -24.97 35.37 -24.22
CA ILE A 22 -24.27 34.70 -25.34
C ILE A 22 -24.40 33.17 -25.16
N LYS A 23 -24.29 32.72 -23.91
CA LYS A 23 -24.42 31.31 -23.53
C LYS A 23 -25.85 30.80 -23.82
N ARG A 24 -26.87 31.64 -23.50
CA ARG A 24 -28.30 31.30 -23.72
C ARG A 24 -28.63 31.25 -25.22
N ALA A 25 -28.13 32.28 -25.95
CA ALA A 25 -28.28 32.38 -27.41
C ALA A 25 -27.64 31.17 -28.11
N TYR A 26 -26.47 30.78 -27.57
CA TYR A 26 -25.73 29.61 -28.05
C TYR A 26 -26.52 28.32 -27.81
N LYS A 27 -27.06 28.15 -26.56
CA LYS A 27 -27.88 26.96 -26.19
C LYS A 27 -29.00 26.73 -27.23
N ARG A 28 -29.69 27.84 -27.54
CA ARG A 28 -30.76 27.88 -28.55
C ARG A 28 -30.26 27.38 -29.93
N LEU A 29 -29.19 28.01 -30.43
CA LEU A 29 -28.68 27.80 -31.80
C LEU A 29 -27.77 26.56 -31.91
N ALA A 30 -27.37 26.01 -30.75
CA ALA A 30 -26.51 24.81 -30.69
C ALA A 30 -27.37 23.56 -30.56
N ARG A 31 -28.64 23.73 -30.15
CA ARG A 31 -29.67 22.69 -30.30
C ARG A 31 -30.30 22.75 -31.70
N GLN A 32 -30.62 23.98 -32.14
CA GLN A 32 -31.36 24.22 -33.40
C GLN A 32 -30.49 23.84 -34.62
N TYR A 33 -29.23 24.31 -34.62
CA TYR A 33 -28.30 24.11 -35.76
C TYR A 33 -27.28 23.00 -35.44
N HIS A 34 -27.65 22.08 -34.52
CA HIS A 34 -26.78 20.98 -34.05
C HIS A 34 -26.58 19.91 -35.16
N PRO A 35 -25.39 19.88 -35.87
CA PRO A 35 -25.22 19.06 -37.11
C PRO A 35 -25.37 17.55 -36.87
N ASP A 36 -25.09 17.14 -35.61
CA ASP A 36 -25.17 15.76 -35.13
C ASP A 36 -26.62 15.20 -35.20
N VAL A 37 -27.63 16.04 -34.85
CA VAL A 37 -29.05 15.62 -34.82
C VAL A 37 -29.77 16.17 -36.06
N ASN A 38 -29.51 17.44 -36.34
CA ASN A 38 -30.08 18.18 -37.46
C ASN A 38 -29.06 18.18 -38.61
N LYS A 39 -29.06 17.08 -39.38
CA LYS A 39 -28.15 16.89 -40.52
C LYS A 39 -28.70 17.70 -41.70
N SER A 40 -28.44 19.01 -41.67
CA SER A 40 -28.85 19.95 -42.73
C SER A 40 -27.70 20.94 -43.00
N PRO A 41 -27.08 20.93 -44.23
CA PRO A 41 -25.94 21.82 -44.60
C PRO A 41 -26.13 23.29 -44.20
N GLU A 42 -27.36 23.81 -44.43
CA GLU A 42 -27.76 25.18 -44.02
C GLU A 42 -27.46 25.42 -42.53
N ALA A 43 -27.89 24.45 -41.71
CA ALA A 43 -27.75 24.51 -40.26
C ALA A 43 -26.28 24.44 -39.83
N GLU A 44 -25.43 23.80 -40.67
CA GLU A 44 -24.04 23.53 -40.33
C GLU A 44 -23.15 24.76 -40.57
N GLU A 45 -23.49 25.54 -41.61
CA GLU A 45 -22.72 26.76 -41.96
C GLU A 45 -23.18 27.93 -41.08
N LYS A 46 -24.48 27.93 -40.72
CA LYS A 46 -25.00 28.81 -39.68
C LYS A 46 -24.32 28.48 -38.34
N PHE A 47 -24.14 27.16 -38.08
CA PHE A 47 -23.42 26.67 -36.90
C PHE A 47 -21.97 27.17 -36.89
N LYS A 48 -21.31 27.23 -38.08
CA LYS A 48 -19.94 27.82 -38.21
C LYS A 48 -19.94 29.27 -37.69
N GLU A 49 -20.80 30.11 -38.29
CA GLU A 49 -20.90 31.55 -38.00
C GLU A 49 -21.22 31.82 -36.51
N ILE A 50 -22.13 31.01 -35.98
CA ILE A 50 -22.64 31.10 -34.60
C ILE A 50 -21.61 30.61 -33.58
N ASN A 51 -20.81 29.61 -33.97
CA ASN A 51 -19.75 29.05 -33.10
C ASN A 51 -18.44 29.82 -33.26
N GLU A 52 -18.34 30.70 -34.26
CA GLU A 52 -17.26 31.71 -34.35
C GLU A 52 -17.58 32.83 -33.34
N ALA A 53 -18.85 33.29 -33.42
CA ALA A 53 -19.44 34.27 -32.50
C ALA A 53 -19.29 33.83 -31.04
N TYR A 54 -19.62 32.56 -30.80
CA TYR A 54 -19.48 31.93 -29.48
C TYR A 54 -18.01 31.76 -29.11
N ALA A 55 -17.18 31.28 -30.07
CA ALA A 55 -15.72 31.03 -29.85
C ALA A 55 -15.01 32.25 -29.23
N VAL A 56 -15.44 33.45 -29.67
CA VAL A 56 -14.96 34.72 -29.13
C VAL A 56 -15.62 35.03 -27.76
N LEU A 57 -16.96 35.08 -27.75
CA LEU A 57 -17.74 35.65 -26.62
C LEU A 57 -18.05 34.61 -25.49
N SER A 58 -17.49 33.39 -25.62
CA SER A 58 -17.70 32.27 -24.65
C SER A 58 -16.95 32.53 -23.35
N ASP A 59 -15.72 33.01 -23.48
CA ASP A 59 -14.77 33.15 -22.37
C ASP A 59 -14.46 34.64 -22.16
N PRO A 60 -14.39 35.14 -20.88
CA PRO A 60 -14.26 36.60 -20.55
C PRO A 60 -13.01 37.26 -21.18
N GLU A 61 -12.01 36.44 -21.53
CA GLU A 61 -10.75 36.90 -22.14
C GLU A 61 -11.01 37.49 -23.55
N LYS A 62 -11.33 36.60 -24.50
CA LYS A 62 -11.58 36.96 -25.92
C LYS A 62 -12.86 37.81 -26.05
N ARG A 63 -13.76 37.64 -25.06
CA ARG A 63 -14.93 38.51 -24.87
C ARG A 63 -14.49 39.97 -24.75
N ARG A 64 -13.58 40.26 -23.76
CA ARG A 64 -13.02 41.61 -23.55
C ARG A 64 -12.31 42.12 -24.81
N ILE A 65 -11.60 41.22 -25.54
CA ILE A 65 -10.95 41.57 -26.83
C ILE A 65 -11.97 42.18 -27.82
N TYR A 66 -13.13 41.52 -27.99
CA TYR A 66 -14.17 42.02 -28.91
C TYR A 66 -14.82 43.30 -28.37
N ASP A 67 -15.12 43.34 -27.05
CA ASP A 67 -15.74 44.52 -26.39
C ASP A 67 -14.88 45.78 -26.56
N THR A 68 -13.55 45.60 -26.46
CA THR A 68 -12.58 46.69 -26.64
C THR A 68 -12.45 47.04 -28.13
N TYR A 69 -12.75 46.08 -29.04
CA TYR A 69 -12.87 46.42 -30.48
C TYR A 69 -14.18 47.20 -30.70
N GLY A 70 -14.12 48.27 -31.51
CA GLY A 70 -15.25 49.19 -31.66
C GLY A 70 -15.21 50.30 -30.62
N THR A 71 -14.03 50.46 -30.02
CA THR A 71 -13.71 51.51 -29.03
C THR A 71 -12.26 51.86 -29.34
N THR A 72 -11.44 50.82 -29.24
CA THR A 72 -10.16 50.72 -29.92
C THR A 72 -10.51 50.26 -31.37
N GLU A 73 -9.78 50.78 -32.36
CA GLU A 73 -9.95 50.43 -33.80
C GLU A 73 -8.86 49.45 -34.26
N ALA A 74 -7.70 49.52 -33.58
CA ALA A 74 -6.58 48.61 -33.81
C ALA A 74 -6.88 47.22 -33.22
N PRO A 75 -6.44 46.11 -33.88
CA PRO A 75 -6.51 44.75 -33.30
C PRO A 75 -5.63 44.69 -32.01
N PRO A 76 -6.06 43.93 -30.95
CA PRO A 76 -5.29 43.82 -29.68
C PRO A 76 -3.88 43.24 -29.90
N PRO A 77 -2.83 43.70 -29.14
CA PRO A 77 -1.46 43.14 -29.22
C PRO A 77 -1.43 41.63 -28.85
N PRO A 78 -1.00 40.73 -29.79
CA PRO A 78 -1.08 39.26 -29.59
C PRO A 78 -0.14 38.76 -28.44
N PRO A 79 -0.65 37.87 -27.51
CA PRO A 79 0.20 37.25 -26.47
C PRO A 79 1.15 36.18 -27.07
N PRO A 80 2.41 36.01 -26.53
CA PRO A 80 3.38 35.00 -27.02
C PRO A 80 2.81 33.57 -26.88
N GLY A 81 2.08 33.17 -27.93
CA GLY A 81 1.38 31.89 -27.99
C GLY A 81 0.22 32.00 -28.95
N GLY A 82 -0.56 33.09 -28.80
CA GLY A 82 -1.66 33.42 -29.71
C GLY A 82 -3.02 33.42 -29.03
N TYR A 83 -4.07 33.59 -29.86
CA TYR A 83 -5.47 33.66 -29.40
C TYR A 83 -6.12 32.28 -29.44
N ASP A 84 -6.75 31.90 -28.31
CA ASP A 84 -7.55 30.67 -28.18
C ASP A 84 -8.80 30.74 -29.08
N PHE A 85 -9.36 29.57 -29.41
CA PHE A 85 -10.59 29.46 -30.21
C PHE A 85 -11.28 28.14 -29.84
N SER A 86 -11.90 28.18 -28.64
CA SER A 86 -12.38 27.03 -27.84
C SER A 86 -13.02 25.86 -28.64
N GLY A 87 -12.17 24.94 -29.12
CA GLY A 87 -12.62 23.72 -29.79
C GLY A 87 -13.21 23.94 -31.16
N PHE A 88 -12.89 25.08 -31.78
CA PHE A 88 -13.46 25.50 -33.06
C PHE A 88 -12.32 25.72 -34.08
N ASP A 89 -12.54 25.22 -35.31
CA ASP A 89 -11.50 25.17 -36.35
C ASP A 89 -11.25 26.56 -36.94
N VAL A 90 -10.33 27.28 -36.29
CA VAL A 90 -9.71 28.55 -36.75
C VAL A 90 -9.55 28.64 -38.30
N GLU A 91 -9.01 27.57 -38.91
CA GLU A 91 -8.58 27.55 -40.33
C GLU A 91 -9.79 27.71 -41.29
N ASP A 92 -11.00 27.38 -40.81
CA ASP A 92 -12.24 27.45 -41.61
C ASP A 92 -12.92 28.84 -41.50
N PHE A 93 -12.73 29.55 -40.37
CA PHE A 93 -13.56 30.74 -40.03
C PHE A 93 -13.20 31.99 -40.87
N SER A 94 -14.00 33.05 -40.69
CA SER A 94 -14.09 34.20 -41.64
C SER A 94 -12.85 35.11 -41.63
N GLU A 95 -12.91 36.09 -42.56
CA GLU A 95 -11.82 37.05 -42.86
C GLU A 95 -11.61 37.99 -41.68
N PHE A 96 -12.72 38.58 -41.21
CA PHE A 96 -12.75 39.53 -40.07
C PHE A 96 -12.09 38.93 -38.82
N PHE A 97 -12.39 37.64 -38.58
CA PHE A 97 -11.74 36.84 -37.54
C PHE A 97 -10.22 36.77 -37.80
N GLN A 98 -9.84 36.37 -39.02
CA GLN A 98 -8.43 36.24 -39.46
C GLN A 98 -7.73 37.62 -39.60
N GLU A 99 -8.48 38.72 -39.39
CA GLU A 99 -7.94 40.09 -39.30
C GLU A 99 -7.76 40.53 -37.83
N LEU A 100 -8.80 40.33 -37.00
CA LEU A 100 -8.85 40.84 -35.62
C LEU A 100 -7.92 40.05 -34.71
N PHE A 101 -8.05 38.71 -34.76
CA PHE A 101 -7.19 37.78 -34.04
C PHE A 101 -5.97 37.39 -34.91
N GLY A 102 -6.01 37.85 -36.20
CA GLY A 102 -4.99 37.59 -37.22
C GLY A 102 -3.54 37.73 -36.76
N PRO A 103 -3.11 38.96 -36.26
CA PRO A 103 -1.73 39.23 -35.73
C PRO A 103 -1.11 38.09 -34.86
N GLY A 104 -1.97 37.27 -34.23
CA GLY A 104 -1.52 36.14 -33.43
C GLY A 104 -2.53 35.01 -33.47
N LEU A 105 -2.92 34.54 -34.68
CA LEU A 105 -3.75 33.32 -34.83
C LEU A 105 -2.95 32.06 -34.44
N PHE A 106 -2.76 31.92 -33.12
CA PHE A 106 -2.08 30.80 -32.48
C PHE A 106 -0.78 30.37 -33.21
N GLY A 107 -0.74 29.14 -33.77
CA GLY A 107 0.50 28.54 -34.26
C GLY A 107 1.54 28.36 -33.16
N GLY A 108 1.08 28.34 -31.88
CA GLY A 108 1.97 28.34 -30.72
C GLY A 108 2.90 29.56 -30.74
N PHE A 109 4.18 29.33 -30.48
CA PHE A 109 5.21 30.38 -30.58
C PHE A 109 5.69 30.54 -32.04
N GLY A 110 5.23 29.62 -32.92
CA GLY A 110 5.63 29.59 -34.33
C GLY A 110 4.71 30.38 -35.26
N ARG A 111 3.52 30.82 -34.76
CA ARG A 111 2.56 31.70 -35.52
C ARG A 111 2.07 31.06 -36.88
N ARG A 112 2.46 29.80 -37.13
CA ARG A 112 2.17 29.05 -38.37
C ARG A 112 0.64 28.87 -38.65
N SER A 113 -0.20 28.96 -37.58
CA SER A 113 -1.66 28.70 -37.63
C SER A 113 -1.93 27.26 -38.12
N ARG A 114 -1.19 26.31 -37.53
CA ARG A 114 -1.22 24.90 -37.97
C ARG A 114 -2.27 24.11 -37.13
N LYS A 115 -2.79 23.00 -37.69
CA LYS A 115 -3.88 22.21 -37.07
C LYS A 115 -3.32 21.03 -36.26
N GLY A 116 -4.03 20.66 -35.19
CA GLY A 116 -3.46 19.83 -34.13
C GLY A 116 -3.81 18.39 -33.95
N ARG A 117 -3.10 17.84 -32.93
CA ARG A 117 -3.23 16.46 -32.39
C ARG A 117 -3.60 16.51 -30.87
N ASP A 118 -4.35 15.47 -30.41
CA ASP A 118 -4.92 15.37 -29.04
C ASP A 118 -3.82 15.24 -27.96
N LEU A 119 -4.12 15.75 -26.76
CA LEU A 119 -3.18 15.69 -25.61
C LEU A 119 -4.00 15.61 -24.31
N ARG A 120 -3.46 14.90 -23.30
CA ARG A 120 -4.09 14.80 -21.98
C ARG A 120 -3.51 15.85 -21.04
N ALA A 121 -4.37 16.70 -20.49
CA ALA A 121 -4.00 17.64 -19.42
C ALA A 121 -4.72 17.24 -18.14
N GLU A 122 -4.30 17.81 -17.03
CA GLU A 122 -4.80 17.43 -15.70
C GLU A 122 -5.25 18.70 -15.00
N LEU A 123 -6.55 18.76 -14.67
CA LEU A 123 -7.20 19.98 -14.19
C LEU A 123 -7.31 19.90 -12.65
N PRO A 124 -6.40 20.58 -11.88
CA PRO A 124 -6.50 20.62 -10.42
C PRO A 124 -7.65 21.55 -10.03
N LEU A 125 -8.71 20.98 -9.45
CA LEU A 125 -9.98 21.68 -9.21
C LEU A 125 -10.30 21.71 -7.73
N THR A 126 -10.78 22.86 -7.28
CA THR A 126 -11.22 23.09 -5.93
C THR A 126 -12.49 22.27 -5.64
N LEU A 127 -12.47 21.50 -4.53
CA LEU A 127 -13.53 20.53 -4.16
C LEU A 127 -14.93 21.22 -4.11
N GLU A 128 -14.92 22.36 -3.42
CA GLU A 128 -16.11 23.16 -3.17
C GLU A 128 -16.72 23.65 -4.50
N GLU A 129 -15.83 24.13 -5.39
CA GLU A 129 -16.21 24.64 -6.74
C GLU A 129 -16.53 23.49 -7.71
N ALA A 130 -16.05 22.28 -7.38
CA ALA A 130 -16.32 21.06 -8.15
C ALA A 130 -17.79 20.68 -7.97
N PHE A 131 -18.28 20.83 -6.71
CA PHE A 131 -19.68 20.58 -6.36
C PHE A 131 -20.61 21.71 -6.85
N HIS A 132 -20.14 22.97 -6.75
CA HIS A 132 -20.94 24.16 -7.14
C HIS A 132 -21.08 24.24 -8.67
N GLY A 133 -20.03 23.84 -9.39
CA GLY A 133 -20.00 23.86 -10.86
C GLY A 133 -19.81 25.27 -11.43
N GLY A 134 -20.51 25.57 -12.53
CA GLY A 134 -20.48 26.89 -13.18
C GLY A 134 -19.31 27.04 -14.15
N GLU A 135 -19.15 28.25 -14.71
CA GLU A 135 -18.01 28.61 -15.57
C GLU A 135 -16.75 28.75 -14.70
N ARG A 136 -15.80 27.82 -14.88
CA ARG A 136 -14.54 27.78 -14.13
C ARG A 136 -13.45 28.53 -14.90
N VAL A 137 -12.90 29.59 -14.29
CA VAL A 137 -11.79 30.34 -14.87
C VAL A 137 -10.48 29.60 -14.54
N VAL A 138 -9.93 28.95 -15.56
CA VAL A 138 -8.67 28.22 -15.50
C VAL A 138 -7.75 28.76 -16.60
N GLU A 139 -6.56 29.23 -16.20
CA GLU A 139 -5.59 29.84 -17.12
C GLU A 139 -4.26 29.07 -17.08
N VAL A 140 -3.59 29.01 -18.22
CA VAL A 140 -2.34 28.26 -18.38
C VAL A 140 -1.58 28.77 -19.62
N ALA A 141 -0.26 29.06 -19.45
CA ALA A 141 0.61 29.62 -20.52
C ALA A 141 0.11 30.99 -21.02
N GLY A 142 -0.66 31.71 -20.16
CA GLY A 142 -1.29 32.98 -20.51
C GLY A 142 -2.71 32.81 -21.05
N ARG A 143 -3.00 31.61 -21.60
CA ARG A 143 -4.29 31.29 -22.20
C ARG A 143 -5.36 31.07 -21.12
N ARG A 144 -6.19 32.10 -20.89
CA ARG A 144 -7.29 32.08 -19.92
C ARG A 144 -8.57 31.59 -20.61
N VAL A 145 -9.07 30.43 -20.16
CA VAL A 145 -10.32 29.83 -20.65
C VAL A 145 -11.31 29.65 -19.48
N SER A 146 -12.60 29.76 -19.77
CA SER A 146 -13.69 29.60 -18.80
C SER A 146 -14.49 28.34 -19.13
N VAL A 147 -14.04 27.19 -18.58
CA VAL A 147 -14.67 25.88 -18.87
C VAL A 147 -15.88 25.67 -17.93
N ARG A 148 -17.09 25.65 -18.52
CA ARG A 148 -18.32 25.42 -17.76
C ARG A 148 -18.35 23.96 -17.27
N ILE A 149 -17.90 23.79 -16.02
CA ILE A 149 -17.86 22.49 -15.35
C ILE A 149 -19.26 22.16 -14.76
N PRO A 150 -19.76 20.89 -14.89
CA PRO A 150 -21.06 20.49 -14.31
C PRO A 150 -21.00 20.45 -12.75
N PRO A 151 -22.08 20.91 -12.04
CA PRO A 151 -22.18 20.81 -10.56
C PRO A 151 -22.13 19.34 -10.07
N GLY A 152 -20.92 18.87 -9.74
CA GLY A 152 -20.70 17.51 -9.25
C GLY A 152 -19.45 16.85 -9.84
N VAL A 153 -18.78 17.53 -10.81
CA VAL A 153 -17.56 17.02 -11.50
C VAL A 153 -16.44 16.75 -10.47
N ARG A 154 -15.92 15.51 -10.43
CA ARG A 154 -14.94 15.09 -9.41
C ARG A 154 -13.86 14.18 -10.00
N GLU A 155 -12.79 13.97 -9.18
CA GLU A 155 -11.53 13.29 -9.54
C GLU A 155 -11.69 12.11 -10.53
N GLY A 156 -11.06 12.23 -11.70
CA GLY A 156 -11.09 11.21 -12.74
C GLY A 156 -11.94 11.62 -13.94
N SER A 157 -12.95 12.51 -13.71
CA SER A 157 -13.88 12.97 -14.77
C SER A 157 -13.10 13.68 -15.90
N VAL A 158 -13.10 13.03 -17.08
CA VAL A 158 -12.40 13.53 -18.26
C VAL A 158 -13.32 14.51 -19.02
N ILE A 159 -13.13 15.82 -18.77
CA ILE A 159 -13.79 16.90 -19.52
C ILE A 159 -13.13 16.98 -20.92
N ARG A 160 -13.83 16.44 -21.92
CA ARG A 160 -13.32 16.36 -23.29
C ARG A 160 -13.61 17.67 -24.04
N VAL A 161 -12.58 18.50 -24.21
CA VAL A 161 -12.69 19.77 -24.95
C VAL A 161 -11.71 19.78 -26.14
N PRO A 162 -12.21 19.84 -27.42
CA PRO A 162 -11.33 19.90 -28.62
C PRO A 162 -10.55 21.24 -28.74
N GLY A 163 -9.67 21.31 -29.76
CA GLY A 163 -8.93 22.54 -30.13
C GLY A 163 -7.94 23.07 -29.08
N MET A 164 -7.72 22.31 -27.99
CA MET A 164 -6.90 22.76 -26.84
C MET A 164 -5.85 21.71 -26.40
N GLY A 165 -5.83 20.52 -27.08
CA GLY A 165 -4.94 19.38 -26.73
C GLY A 165 -3.50 19.83 -26.69
N GLY A 166 -2.82 19.75 -27.84
CA GLY A 166 -1.67 20.63 -28.05
C GLY A 166 -2.25 22.03 -28.33
N GLN A 167 -1.48 23.12 -28.19
CA GLN A 167 -2.03 24.48 -28.33
C GLN A 167 -1.70 25.15 -29.70
N GLY A 168 -2.68 25.13 -30.64
CA GLY A 168 -2.73 26.08 -31.79
C GLY A 168 -1.77 25.89 -32.96
N ASN A 169 -0.70 25.15 -32.72
CA ASN A 169 0.17 24.57 -33.74
C ASN A 169 -0.14 23.06 -33.71
N PRO A 170 -0.25 22.42 -32.48
CA PRO A 170 -0.95 21.15 -32.32
C PRO A 170 -2.36 21.27 -31.59
N PRO A 171 -3.37 22.19 -32.02
CA PRO A 171 -4.68 22.33 -31.30
C PRO A 171 -5.50 21.03 -31.39
N GLY A 172 -5.50 20.28 -30.28
CA GLY A 172 -6.06 18.90 -30.30
C GLY A 172 -7.26 18.69 -29.42
N ASP A 173 -7.66 17.43 -29.24
CA ASP A 173 -8.67 17.06 -28.24
C ASP A 173 -7.99 17.00 -26.86
N LEU A 174 -8.28 18.02 -26.03
CA LEU A 174 -7.74 18.13 -24.68
C LEU A 174 -8.58 17.29 -23.72
N LEU A 175 -7.98 16.19 -23.26
CA LEU A 175 -8.59 15.32 -22.26
C LEU A 175 -8.25 15.86 -20.86
N LEU A 176 -9.17 16.68 -20.32
CA LEU A 176 -9.03 17.26 -18.98
C LEU A 176 -9.39 16.21 -17.93
N VAL A 177 -8.38 15.51 -17.43
CA VAL A 177 -8.54 14.56 -16.32
C VAL A 177 -8.53 15.38 -15.04
N VAL A 178 -9.74 15.69 -14.53
CA VAL A 178 -9.89 16.57 -13.38
C VAL A 178 -9.25 15.93 -12.13
N ARG A 179 -8.15 16.51 -11.68
CA ARG A 179 -7.50 16.12 -10.42
C ARG A 179 -8.08 16.99 -9.33
N LEU A 180 -8.57 16.39 -8.26
CA LEU A 180 -9.07 17.15 -7.12
C LEU A 180 -7.93 17.39 -6.10
N LEU A 181 -7.99 18.55 -5.42
CA LEU A 181 -6.91 19.11 -4.56
C LEU A 181 -6.46 18.13 -3.43
N PRO A 182 -5.23 18.38 -2.81
CA PRO A 182 -4.76 17.59 -1.61
C PRO A 182 -5.56 17.88 -0.31
N HIS A 183 -6.73 18.54 -0.46
CA HIS A 183 -7.77 18.66 0.57
C HIS A 183 -8.23 17.20 0.89
N PRO A 184 -7.81 16.65 2.08
CA PRO A 184 -7.74 15.18 2.37
C PRO A 184 -9.06 14.40 2.57
N VAL A 185 -10.19 14.83 1.97
CA VAL A 185 -11.50 14.22 2.26
C VAL A 185 -11.80 13.12 1.24
N PHE A 186 -11.82 13.47 -0.06
CA PHE A 186 -12.32 12.56 -1.13
C PHE A 186 -11.29 12.32 -2.25
N ARG A 187 -11.46 11.18 -2.93
CA ARG A 187 -10.73 10.81 -4.15
C ARG A 187 -11.69 9.97 -4.99
N LEU A 188 -12.34 10.58 -5.99
CA LEU A 188 -13.37 9.91 -6.81
C LEU A 188 -12.73 9.00 -7.88
N GLU A 189 -13.52 8.03 -8.35
CA GLU A 189 -13.23 7.25 -9.56
C GLU A 189 -14.57 6.87 -10.21
N GLY A 190 -14.71 7.15 -11.52
CA GLY A 190 -15.94 6.89 -12.26
C GLY A 190 -17.08 7.81 -11.88
N GLN A 191 -17.78 7.45 -10.78
CA GLN A 191 -18.91 8.24 -10.25
C GLN A 191 -18.99 8.16 -8.71
N ASP A 192 -18.13 7.31 -8.08
CA ASP A 192 -18.17 7.05 -6.62
C ASP A 192 -16.95 7.63 -5.92
N LEU A 193 -17.14 8.07 -4.66
CA LEU A 193 -16.11 8.72 -3.84
C LEU A 193 -15.37 7.70 -2.96
N TYR A 194 -14.05 7.82 -2.88
CA TYR A 194 -13.24 7.14 -1.85
C TYR A 194 -12.80 8.20 -0.82
N ALA A 195 -13.47 8.20 0.34
CA ALA A 195 -13.20 9.11 1.46
C ALA A 195 -12.41 8.41 2.57
N THR A 196 -11.97 9.18 3.59
CA THR A 196 -11.35 8.65 4.82
C THR A 196 -12.20 9.08 6.03
N LEU A 197 -12.52 8.12 6.93
CA LEU A 197 -13.39 8.36 8.08
C LEU A 197 -12.60 8.21 9.40
N ASP A 198 -12.70 9.22 10.27
CA ASP A 198 -12.24 9.13 11.66
C ASP A 198 -13.41 8.57 12.50
N VAL A 199 -13.19 7.42 13.15
CA VAL A 199 -14.21 6.78 13.99
C VAL A 199 -13.52 6.15 15.23
N PRO A 200 -13.89 6.56 16.48
CA PRO A 200 -13.35 5.91 17.70
C PRO A 200 -13.91 4.48 17.85
N ALA A 201 -13.09 3.62 18.49
CA ALA A 201 -13.33 2.17 18.62
C ALA A 201 -14.75 1.80 19.15
N PRO A 202 -15.29 2.46 20.24
CA PRO A 202 -16.68 2.20 20.70
C PRO A 202 -17.75 2.41 19.60
N ILE A 203 -17.63 3.53 18.86
CA ILE A 203 -18.57 3.87 17.76
C ILE A 203 -18.37 2.93 16.55
N ALA A 204 -17.14 2.41 16.38
CA ALA A 204 -16.81 1.46 15.31
C ALA A 204 -17.49 0.10 15.57
N VAL A 205 -17.47 -0.33 16.83
CA VAL A 205 -18.05 -1.62 17.27
C VAL A 205 -19.59 -1.58 17.24
N VAL A 206 -20.19 -0.52 17.81
CA VAL A 206 -21.64 -0.44 18.07
C VAL A 206 -22.39 0.27 16.92
N GLY A 207 -21.76 1.28 16.32
CA GLY A 207 -22.36 2.05 15.22
C GLY A 207 -23.17 3.25 15.69
N GLY A 208 -22.68 4.47 15.41
CA GLY A 208 -23.39 5.72 15.76
C GLY A 208 -22.69 6.96 15.20
N LYS A 209 -22.97 8.14 15.79
CA LYS A 209 -22.60 9.44 15.20
C LYS A 209 -21.12 9.81 15.44
N VAL A 210 -20.41 9.96 14.32
CA VAL A 210 -19.11 10.65 14.23
C VAL A 210 -19.33 11.95 13.44
N ARG A 211 -18.24 12.67 13.11
CA ARG A 211 -18.31 13.83 12.22
C ARG A 211 -17.31 13.65 11.07
N ALA A 212 -17.83 13.55 9.83
CA ALA A 212 -17.01 13.53 8.61
C ALA A 212 -17.14 14.89 7.90
N MET A 213 -16.19 15.21 7.02
CA MET A 213 -16.24 16.44 6.22
C MET A 213 -16.81 16.12 4.83
N THR A 214 -17.52 17.09 4.25
CA THR A 214 -17.96 17.05 2.83
C THR A 214 -17.45 18.33 2.13
N LEU A 215 -17.88 18.52 0.88
CA LEU A 215 -17.49 19.69 0.06
C LEU A 215 -18.19 20.96 0.57
N GLU A 216 -19.30 20.76 1.31
CA GLU A 216 -20.10 21.85 1.91
C GLU A 216 -19.95 21.86 3.44
N GLY A 217 -18.79 21.33 3.93
CA GLY A 217 -18.44 21.39 5.35
C GLY A 217 -18.73 20.12 6.15
N PRO A 218 -18.52 20.14 7.50
CA PRO A 218 -18.65 18.94 8.36
C PRO A 218 -20.12 18.55 8.68
N VAL A 219 -20.42 17.24 8.51
CA VAL A 219 -21.75 16.65 8.79
C VAL A 219 -21.60 15.45 9.76
N GLU A 220 -22.66 15.15 10.52
CA GLU A 220 -22.71 13.96 11.39
C GLU A 220 -23.05 12.71 10.56
N VAL A 221 -22.23 11.65 10.72
CA VAL A 221 -22.36 10.41 9.96
C VAL A 221 -22.62 9.22 10.90
N ALA A 222 -23.75 8.53 10.68
CA ALA A 222 -24.13 7.34 11.46
C ALA A 222 -23.37 6.10 10.92
N VAL A 223 -22.35 5.71 11.68
CA VAL A 223 -21.49 4.53 11.40
C VAL A 223 -22.31 3.22 11.60
N PRO A 224 -22.02 2.11 10.80
CA PRO A 224 -22.64 0.79 11.03
C PRO A 224 -21.87 0.00 12.13
N PRO A 225 -22.49 -1.06 12.74
CA PRO A 225 -21.80 -1.90 13.74
C PRO A 225 -20.70 -2.80 13.12
N ARG A 226 -19.65 -3.05 13.92
CA ARG A 226 -18.56 -4.01 13.65
C ARG A 226 -17.65 -3.52 12.50
N THR A 227 -17.60 -2.19 12.39
CA THR A 227 -16.75 -1.44 11.47
C THR A 227 -15.26 -1.57 11.89
N GLN A 228 -14.50 -2.39 11.15
CA GLN A 228 -13.07 -2.67 11.44
C GLN A 228 -12.16 -1.86 10.49
N ALA A 229 -10.93 -1.52 10.96
CA ALA A 229 -10.03 -0.58 10.28
C ALA A 229 -9.37 -1.17 9.04
N GLY A 230 -9.04 -0.27 8.08
CA GLY A 230 -8.46 -0.65 6.79
C GLY A 230 -9.51 -1.01 5.75
N ARG A 231 -10.80 -1.01 6.16
CA ARG A 231 -11.92 -1.37 5.29
C ARG A 231 -12.59 -0.12 4.73
N LYS A 232 -13.28 -0.29 3.59
CA LYS A 232 -14.06 0.78 2.93
C LYS A 232 -15.55 0.52 3.19
N LEU A 233 -16.18 1.41 3.98
CA LEU A 233 -17.63 1.38 4.21
C LEU A 233 -18.32 1.91 2.97
N ARG A 234 -18.84 1.02 2.11
CA ARG A 234 -19.60 1.44 0.93
C ARG A 234 -21.06 1.72 1.32
N LEU A 235 -21.40 3.00 1.49
CA LEU A 235 -22.77 3.47 1.70
C LEU A 235 -23.33 3.90 0.34
N LYS A 236 -24.36 3.18 -0.10
CA LYS A 236 -24.95 3.30 -1.43
C LYS A 236 -25.67 4.65 -1.63
N GLY A 237 -25.46 5.27 -2.81
CA GLY A 237 -26.25 6.42 -3.23
C GLY A 237 -25.75 7.75 -2.70
N LYS A 238 -24.42 7.91 -2.58
CA LYS A 238 -23.80 9.14 -2.04
C LYS A 238 -22.95 9.87 -3.10
N GLY A 239 -22.49 9.12 -4.12
CA GLY A 239 -21.82 9.71 -5.29
C GLY A 239 -22.83 10.08 -6.37
N PHE A 240 -22.35 10.51 -7.57
CA PHE A 240 -23.25 11.01 -8.64
C PHE A 240 -23.58 9.90 -9.67
N PRO A 241 -24.65 10.08 -10.55
CA PRO A 241 -24.99 9.12 -11.63
C PRO A 241 -23.80 8.66 -12.52
N GLY A 242 -23.73 7.34 -12.78
CA GLY A 242 -22.69 6.74 -13.61
C GLY A 242 -23.07 5.36 -14.13
N PRO A 243 -22.07 4.53 -14.60
CA PRO A 243 -22.32 3.13 -15.07
C PRO A 243 -22.96 2.23 -13.99
N ALA A 244 -22.77 2.60 -12.70
CA ALA A 244 -23.37 1.91 -11.54
C ALA A 244 -24.77 2.47 -11.19
N GLY A 245 -25.40 3.17 -12.17
CA GLY A 245 -26.67 3.86 -11.94
C GLY A 245 -26.43 5.20 -11.27
N ARG A 246 -26.28 5.16 -9.93
CA ARG A 246 -25.81 6.31 -9.10
C ARG A 246 -24.62 5.82 -8.26
N GLY A 247 -23.70 6.74 -7.90
CA GLY A 247 -22.46 6.39 -7.19
C GLY A 247 -22.63 6.26 -5.69
N ASP A 248 -21.53 5.86 -5.03
CA ASP A 248 -21.51 5.56 -3.58
C ASP A 248 -20.46 6.43 -2.86
N LEU A 249 -20.30 6.16 -1.56
CA LEU A 249 -19.23 6.72 -0.73
C LEU A 249 -18.52 5.54 -0.03
N TYR A 250 -17.18 5.50 -0.10
CA TYR A 250 -16.37 4.46 0.54
C TYR A 250 -15.55 5.13 1.64
N LEU A 251 -15.94 4.92 2.90
CA LEU A 251 -15.30 5.56 4.05
C LEU A 251 -14.20 4.63 4.62
N GLU A 252 -12.92 5.05 4.46
CA GLU A 252 -11.76 4.26 4.89
C GLU A 252 -11.59 4.39 6.41
N VAL A 253 -11.87 3.28 7.11
CA VAL A 253 -11.97 3.23 8.56
C VAL A 253 -10.60 3.42 9.24
N ARG A 254 -10.43 4.56 9.91
CA ARG A 254 -9.33 4.83 10.84
C ARG A 254 -9.90 4.87 12.26
N ILE A 255 -9.74 3.75 12.97
CA ILE A 255 -10.20 3.59 14.34
C ILE A 255 -9.25 4.32 15.31
N THR A 256 -9.80 5.26 16.08
CA THR A 256 -9.08 6.07 17.05
C THR A 256 -9.44 5.61 18.47
N ILE A 257 -8.64 6.04 19.45
CA ILE A 257 -8.79 5.64 20.87
C ILE A 257 -8.77 6.90 21.79
N PRO A 258 -9.44 6.84 22.99
CA PRO A 258 -9.69 8.03 23.86
C PRO A 258 -8.46 8.88 24.25
N GLU A 259 -7.24 8.31 24.09
CA GLU A 259 -5.97 8.86 24.64
C GLU A 259 -6.06 9.18 26.16
N ARG A 260 -6.75 10.27 26.51
CA ARG A 260 -7.01 10.62 27.91
C ARG A 260 -8.10 9.70 28.49
N LEU A 261 -7.93 9.28 29.75
CA LEU A 261 -8.94 8.48 30.48
C LEU A 261 -9.08 9.02 31.90
N THR A 262 -10.26 8.83 32.44
CA THR A 262 -10.55 8.95 33.87
C THR A 262 -10.76 7.51 34.41
N PRO A 263 -10.55 7.23 35.75
CA PRO A 263 -10.61 5.86 36.35
C PRO A 263 -11.78 4.97 35.87
N GLU A 264 -12.89 5.61 35.48
CA GLU A 264 -14.09 4.95 34.94
C GLU A 264 -13.79 4.13 33.66
N GLU A 265 -13.55 4.87 32.54
CA GLU A 265 -13.30 4.25 31.22
C GLU A 265 -11.99 3.45 31.28
N GLU A 266 -11.04 3.94 32.12
CA GLU A 266 -9.77 3.26 32.40
C GLU A 266 -10.05 1.80 32.81
N ALA A 267 -10.91 1.63 33.84
CA ALA A 267 -11.24 0.29 34.39
C ALA A 267 -12.00 -0.58 33.38
N LEU A 268 -12.90 0.06 32.59
CA LEU A 268 -13.64 -0.64 31.49
C LEU A 268 -12.66 -1.25 30.46
N TRP A 269 -11.86 -0.35 29.83
CA TRP A 269 -10.86 -0.73 28.81
C TRP A 269 -9.86 -1.79 29.31
N LYS A 270 -9.46 -1.66 30.59
CA LYS A 270 -8.50 -2.59 31.22
C LYS A 270 -9.11 -4.00 31.32
N LYS A 271 -10.35 -4.09 31.86
CA LYS A 271 -11.07 -5.36 31.99
C LYS A 271 -11.22 -6.03 30.62
N LEU A 272 -11.69 -5.22 29.64
CA LEU A 272 -11.92 -5.64 28.25
C LEU A 272 -10.66 -6.30 27.68
N ALA A 273 -9.52 -5.61 27.83
CA ALA A 273 -8.24 -5.96 27.20
C ALA A 273 -7.56 -7.20 27.81
N GLU A 274 -7.56 -7.27 29.15
CA GLU A 274 -6.87 -8.34 29.89
C GLU A 274 -7.68 -9.65 29.80
N ALA A 275 -9.03 -9.54 29.81
CA ALA A 275 -9.93 -10.68 29.55
C ALA A 275 -9.90 -11.07 28.06
N TYR A 276 -9.71 -10.06 27.18
CA TYR A 276 -9.56 -10.24 25.71
C TYR A 276 -8.44 -11.22 25.42
N TYR A 277 -7.25 -10.91 26.00
CA TYR A 277 -6.05 -11.74 25.81
C TYR A 277 -6.22 -13.10 26.53
N ALA A 278 -6.92 -13.10 27.69
CA ALA A 278 -7.27 -14.35 28.43
C ALA A 278 -8.20 -15.27 27.60
N ARG A 279 -8.75 -14.77 26.48
CA ARG A 279 -9.56 -15.55 25.52
C ARG A 279 -8.95 -15.51 24.10
N ALA A 280 -7.77 -14.86 23.95
CA ALA A 280 -7.04 -14.80 22.67
C ALA A 280 -5.96 -15.91 22.64
N MET B 1 -9.27 27.10 3.46
CA MET B 1 -8.96 25.74 2.97
C MET B 1 -9.36 25.58 1.49
N LYS B 2 -10.28 26.45 1.04
CA LYS B 2 -10.80 26.43 -0.33
C LYS B 2 -9.92 27.33 -1.24
N GLN B 3 -9.31 26.76 -2.29
CA GLN B 3 -8.44 27.54 -3.22
C GLN B 3 -9.26 28.30 -4.28
N SER B 4 -10.57 27.99 -4.37
CA SER B 4 -11.54 28.63 -5.28
C SER B 4 -11.16 28.51 -6.77
N THR B 5 -10.30 29.41 -7.26
CA THR B 5 -9.92 29.48 -8.68
C THR B 5 -8.60 28.71 -8.92
N ILE B 6 -8.44 28.17 -10.13
CA ILE B 6 -7.43 27.13 -10.44
C ILE B 6 -6.66 27.43 -11.74
N ALA B 7 -5.58 26.63 -11.97
CA ALA B 7 -4.70 26.75 -13.16
C ALA B 7 -4.33 25.34 -13.65
N LEU B 8 -4.42 25.12 -14.98
CA LEU B 8 -4.28 23.80 -15.61
C LEU B 8 -2.81 23.32 -15.63
N ALA B 9 -2.61 22.00 -15.54
CA ALA B 9 -1.27 21.39 -15.58
C ALA B 9 -0.66 21.44 -17.00
N LEU B 10 -1.39 20.84 -17.99
CA LEU B 10 -0.89 20.59 -19.39
C LEU B 10 0.25 19.54 -19.45
N LEU B 11 0.86 19.20 -18.30
CA LEU B 11 2.00 18.27 -18.17
C LEU B 11 3.23 18.77 -18.98
N PRO B 12 3.92 19.86 -18.50
CA PRO B 12 5.19 20.34 -19.10
C PRO B 12 6.33 19.34 -18.78
N LEU B 13 6.52 19.09 -17.46
CA LEU B 13 7.38 18.03 -16.95
C LEU B 13 6.78 17.54 -15.61
N LEU B 14 6.63 16.23 -15.49
CA LEU B 14 6.02 15.59 -14.31
C LEU B 14 6.63 14.19 -14.19
N PHE B 15 7.49 14.01 -13.17
CA PHE B 15 8.11 12.72 -12.85
C PHE B 15 7.98 12.49 -11.34
N THR B 16 6.87 11.89 -10.93
CA THR B 16 6.66 11.47 -9.55
C THR B 16 7.56 10.25 -9.24
N PRO B 17 8.16 10.15 -8.01
CA PRO B 17 9.03 9.02 -7.64
C PRO B 17 8.21 7.72 -7.45
N VAL B 18 7.99 7.01 -8.58
CA VAL B 18 7.28 5.71 -8.61
C VAL B 18 8.27 4.57 -8.33
N THR B 19 9.55 4.81 -8.67
CA THR B 19 10.68 3.97 -8.30
C THR B 19 10.95 4.10 -6.78
N LYS B 20 10.68 5.34 -6.28
CA LYS B 20 10.86 5.75 -4.88
C LYS B 20 12.33 5.66 -4.45
N ALA B 21 12.77 4.44 -4.14
CA ALA B 21 14.15 4.15 -3.75
C ALA B 21 14.45 2.68 -4.11
N ARG B 22 14.30 1.73 -3.12
CA ARG B 22 14.47 0.24 -3.30
C ARG B 22 15.68 -0.20 -4.17
N THR B 23 16.73 0.65 -4.20
CA THR B 23 17.98 0.37 -4.91
C THR B 23 18.87 -0.54 -4.05
N PRO B 24 19.80 -1.34 -4.67
CA PRO B 24 20.82 -2.11 -3.92
C PRO B 24 21.70 -1.15 -3.08
N GLU B 25 21.48 -1.16 -1.75
CA GLU B 25 22.26 -0.35 -0.81
C GLU B 25 23.74 -0.75 -0.86
N MET B 26 23.97 -2.05 -0.79
CA MET B 26 25.29 -2.65 -0.98
C MET B 26 25.12 -3.84 -1.95
N PRO B 27 25.95 -3.92 -3.06
CA PRO B 27 25.89 -5.00 -4.08
C PRO B 27 25.84 -6.42 -3.46
N VAL B 28 26.67 -6.63 -2.42
CA VAL B 28 26.71 -7.85 -1.61
C VAL B 28 27.63 -7.62 -0.39
N LEU B 29 27.20 -8.11 0.78
CA LEU B 29 27.98 -8.09 2.04
C LEU B 29 28.02 -9.51 2.61
N GLU B 30 29.23 -9.96 3.05
CA GLU B 30 29.53 -11.33 3.53
C GLU B 30 29.50 -12.34 2.35
N ASN B 31 30.26 -13.45 2.44
CA ASN B 31 30.32 -14.50 1.38
C ASN B 31 29.56 -15.77 1.80
N ARG B 32 29.70 -16.15 3.10
CA ARG B 32 29.02 -17.33 3.64
C ARG B 32 28.92 -17.23 5.17
N ALA B 33 27.72 -16.92 5.66
CA ALA B 33 27.32 -17.10 7.06
C ALA B 33 26.63 -18.47 7.15
N ALA B 34 27.37 -19.49 7.68
CA ALA B 34 27.00 -20.92 7.58
C ALA B 34 25.59 -21.20 8.13
N GLN B 35 25.41 -20.96 9.47
CA GLN B 35 24.12 -21.15 10.17
C GLN B 35 23.62 -22.62 10.04
N GLY B 36 22.32 -22.85 10.31
CA GLY B 36 21.68 -24.15 10.09
C GLY B 36 22.32 -25.28 10.88
N ASP B 37 22.25 -25.15 12.23
CA ASP B 37 22.92 -26.05 13.18
C ASP B 37 24.45 -25.92 13.05
N ILE B 38 25.05 -26.71 12.14
CA ILE B 38 26.51 -26.77 11.90
C ILE B 38 26.82 -27.95 10.95
N THR B 39 25.97 -29.00 11.02
CA THR B 39 26.20 -30.30 10.39
C THR B 39 26.43 -30.21 8.86
N ALA B 40 25.47 -29.57 8.13
CA ALA B 40 25.52 -29.46 6.66
C ALA B 40 24.32 -28.65 6.10
N PRO B 41 24.39 -27.28 6.13
CA PRO B 41 23.51 -26.42 5.29
C PRO B 41 24.15 -26.15 3.90
N GLY B 42 23.50 -25.30 3.10
CA GLY B 42 24.10 -24.81 1.84
C GLY B 42 23.09 -24.44 0.80
N GLY B 43 22.47 -25.48 0.21
CA GLY B 43 21.52 -25.31 -0.88
C GLY B 43 20.53 -26.45 -0.93
N ALA B 44 19.24 -26.11 -1.14
CA ALA B 44 18.14 -27.09 -1.21
C ALA B 44 18.13 -27.87 -2.55
N ARG B 45 19.13 -27.60 -3.44
CA ARG B 45 19.37 -28.28 -4.74
C ARG B 45 18.24 -27.99 -5.76
N ARG B 46 17.04 -28.54 -5.48
CA ARG B 46 15.81 -28.37 -6.28
C ARG B 46 15.90 -29.16 -7.60
N LEU B 47 16.49 -28.52 -8.63
CA LEU B 47 16.51 -28.95 -10.05
C LEU B 47 16.94 -27.72 -10.88
N THR B 48 16.97 -27.83 -12.22
CA THR B 48 17.13 -26.66 -13.11
C THR B 48 16.03 -25.63 -12.81
N GLY B 49 14.76 -26.06 -12.89
CA GLY B 49 13.61 -25.20 -12.60
C GLY B 49 13.27 -24.25 -13.73
N ASP B 50 14.04 -24.31 -14.85
CA ASP B 50 13.72 -23.59 -16.08
C ASP B 50 12.65 -24.39 -16.81
N GLN B 51 13.07 -25.51 -17.44
CA GLN B 51 12.19 -26.51 -18.12
C GLN B 51 11.35 -25.89 -19.26
N THR B 52 11.68 -24.65 -19.65
CA THR B 52 10.87 -23.81 -20.57
C THR B 52 11.78 -23.16 -21.63
N ALA B 53 11.26 -22.12 -22.29
CA ALA B 53 12.05 -21.27 -23.20
C ALA B 53 11.87 -19.80 -22.79
N ALA B 54 12.65 -19.38 -21.76
CA ALA B 54 12.68 -17.98 -21.31
C ALA B 54 13.54 -17.16 -22.29
N LEU B 55 12.92 -16.22 -23.02
CA LEU B 55 13.60 -15.35 -23.98
C LEU B 55 13.80 -13.94 -23.40
N ARG B 56 13.07 -13.65 -22.30
CA ARG B 56 13.03 -12.35 -21.62
C ARG B 56 12.30 -11.30 -22.50
N ASP B 57 11.07 -10.96 -22.08
CA ASP B 57 10.17 -10.03 -22.80
C ASP B 57 10.78 -8.62 -22.86
N SER B 58 10.83 -7.91 -21.71
CA SER B 58 11.42 -6.56 -21.61
C SER B 58 12.92 -6.66 -21.26
N LEU B 59 13.70 -7.05 -22.28
CA LEU B 59 15.18 -6.91 -22.35
C LEU B 59 15.58 -6.67 -23.82
N SER B 60 14.55 -6.56 -24.67
CA SER B 60 14.64 -6.35 -26.12
C SER B 60 13.21 -6.03 -26.63
N ASP B 61 13.08 -5.72 -27.95
CA ASP B 61 11.80 -5.33 -28.59
C ASP B 61 11.32 -3.95 -28.05
N LYS B 62 10.79 -3.95 -26.81
CA LYS B 62 10.36 -2.74 -26.09
C LYS B 62 11.13 -2.65 -24.74
N PRO B 63 12.36 -2.05 -24.75
CA PRO B 63 13.05 -1.67 -23.51
C PRO B 63 12.60 -0.26 -23.07
N ALA B 64 12.10 -0.14 -21.84
CA ALA B 64 11.57 1.14 -21.30
C ALA B 64 12.70 2.07 -20.82
N LYS B 65 13.86 1.45 -20.47
CA LYS B 65 15.01 2.13 -19.86
C LYS B 65 14.63 2.68 -18.46
N ASN B 66 13.92 3.84 -18.45
CA ASN B 66 13.49 4.57 -17.24
C ASN B 66 14.69 5.19 -16.50
N ILE B 67 15.57 4.31 -15.95
CA ILE B 67 16.88 4.61 -15.32
C ILE B 67 16.78 5.73 -14.23
N ILE B 68 17.01 5.33 -12.96
CA ILE B 68 16.80 6.19 -11.76
C ILE B 68 17.85 7.35 -11.67
N LEU B 69 18.84 7.34 -12.60
CA LEU B 69 19.89 8.37 -12.70
C LEU B 69 19.37 9.64 -13.44
N LEU B 70 18.33 10.26 -12.88
CA LEU B 70 17.83 11.59 -13.29
C LEU B 70 17.36 12.35 -12.03
N ILE B 71 17.91 11.90 -10.87
CA ILE B 71 17.45 12.28 -9.53
C ILE B 71 15.98 11.82 -9.37
N GLY B 72 15.83 10.47 -9.41
CA GLY B 72 14.52 9.80 -9.31
C GLY B 72 14.36 8.99 -8.03
N ASP B 73 15.37 9.08 -7.16
CA ASP B 73 15.41 8.35 -5.87
C ASP B 73 15.16 9.31 -4.71
N GLY B 74 14.59 8.80 -3.60
CA GLY B 74 14.19 9.62 -2.44
C GLY B 74 13.22 10.73 -2.84
N MET B 75 13.77 11.93 -3.04
CA MET B 75 13.07 13.06 -3.66
C MET B 75 13.28 12.97 -5.20
N GLY B 76 12.31 12.34 -5.88
CA GLY B 76 12.37 12.11 -7.31
C GLY B 76 11.58 13.14 -8.10
N ASP B 77 12.28 14.21 -8.56
CA ASP B 77 11.71 15.33 -9.36
C ASP B 77 10.46 15.95 -8.68
N SER B 78 9.25 15.39 -8.99
CA SER B 78 7.98 15.83 -8.40
C SER B 78 7.74 15.09 -7.06
N GLU B 79 8.62 15.40 -6.09
CA GLU B 79 8.58 14.84 -4.73
C GLU B 79 7.30 15.26 -3.96
N ILE B 80 6.83 16.48 -4.25
CA ILE B 80 5.65 17.10 -3.63
C ILE B 80 5.30 18.38 -4.42
N THR B 81 6.36 19.04 -4.96
CA THR B 81 6.26 20.21 -5.84
C THR B 81 5.59 21.39 -5.10
N ALA B 82 6.38 22.00 -4.19
CA ALA B 82 5.94 23.10 -3.29
C ALA B 82 4.77 22.65 -2.34
N ALA B 83 3.54 22.62 -2.90
CA ALA B 83 2.28 22.34 -2.18
C ALA B 83 1.94 23.51 -1.24
N ARG B 84 0.88 24.27 -1.61
CA ARG B 84 0.40 25.43 -0.85
C ARG B 84 -0.21 24.93 0.48
N ASN B 85 0.66 24.78 1.51
CA ASN B 85 0.31 24.31 2.87
C ASN B 85 0.04 22.79 2.96
N TYR B 86 -0.26 22.15 1.80
CA TYR B 86 -0.52 20.69 1.68
C TYR B 86 -1.83 20.27 2.40
N ALA B 87 -1.78 20.21 3.75
CA ALA B 87 -2.92 19.78 4.59
C ALA B 87 -2.85 20.49 5.97
N GLU B 88 -3.67 20.00 6.94
CA GLU B 88 -3.70 20.46 8.35
C GLU B 88 -4.06 21.96 8.46
N GLY B 89 -3.04 22.84 8.46
CA GLY B 89 -3.22 24.27 8.56
C GLY B 89 -3.26 24.93 7.20
N ALA B 90 -4.29 24.57 6.40
CA ALA B 90 -4.52 25.16 5.08
C ALA B 90 -4.83 26.67 5.21
N GLY B 91 -5.72 26.98 6.18
CA GLY B 91 -5.99 28.37 6.59
C GLY B 91 -6.88 29.13 5.61
N GLY B 92 -7.27 30.35 6.02
CA GLY B 92 -7.99 31.28 5.17
C GLY B 92 -9.51 31.08 5.15
N PHE B 93 -9.95 29.82 5.40
CA PHE B 93 -11.37 29.39 5.34
C PHE B 93 -11.89 29.44 3.87
N PHE B 94 -12.09 30.68 3.35
CA PHE B 94 -12.50 30.96 1.96
C PHE B 94 -13.95 30.49 1.68
N LYS B 95 -14.82 30.70 2.67
CA LYS B 95 -16.26 30.33 2.62
C LYS B 95 -16.45 28.79 2.59
N GLY B 96 -16.33 28.19 1.40
CA GLY B 96 -16.66 26.78 1.17
C GLY B 96 -18.11 26.62 0.75
N ILE B 97 -19.01 27.19 1.56
CA ILE B 97 -20.47 27.23 1.31
C ILE B 97 -20.85 28.54 0.60
N ASP B 98 -20.55 28.62 -0.70
CA ASP B 98 -20.86 29.79 -1.55
C ASP B 98 -22.30 29.66 -2.06
N ALA B 99 -23.25 29.90 -1.13
CA ALA B 99 -24.68 29.75 -1.37
C ALA B 99 -25.23 31.00 -2.09
N LEU B 100 -25.38 30.88 -3.42
CA LEU B 100 -25.95 31.92 -4.30
C LEU B 100 -26.36 31.37 -5.71
N PRO B 101 -25.61 30.39 -6.39
CA PRO B 101 -26.04 29.87 -7.71
C PRO B 101 -26.91 28.60 -7.61
N LEU B 102 -27.31 28.20 -6.36
CA LEU B 102 -28.14 26.99 -6.13
C LEU B 102 -29.62 27.32 -6.46
N THR B 103 -29.96 27.22 -7.75
CA THR B 103 -31.31 27.46 -8.26
C THR B 103 -31.41 26.94 -9.71
N GLY B 104 -32.62 26.54 -10.11
CA GLY B 104 -32.89 25.98 -11.44
C GLY B 104 -34.02 24.97 -11.37
N GLN B 105 -35.02 25.11 -12.27
CA GLN B 105 -36.19 24.22 -12.33
C GLN B 105 -35.78 22.85 -12.91
N TYR B 106 -35.22 22.01 -12.01
CA TYR B 106 -34.90 20.58 -12.26
C TYR B 106 -33.86 20.36 -13.38
N THR B 107 -33.20 21.44 -13.86
CA THR B 107 -32.25 21.34 -14.98
C THR B 107 -30.83 21.03 -14.46
N HIS B 108 -30.52 19.74 -14.42
CA HIS B 108 -29.17 19.22 -14.13
C HIS B 108 -28.64 18.51 -15.40
N TYR B 109 -28.64 19.27 -16.51
CA TYR B 109 -28.25 18.78 -17.83
C TYR B 109 -26.71 18.60 -17.89
N ALA B 110 -26.26 17.35 -17.63
CA ALA B 110 -24.84 16.96 -17.66
C ALA B 110 -24.37 16.66 -19.10
N LEU B 111 -25.33 16.67 -20.06
CA LEU B 111 -25.11 16.39 -21.50
C LEU B 111 -24.79 14.90 -21.72
N ASN B 112 -23.56 14.47 -21.35
CA ASN B 112 -23.09 13.07 -21.45
C ASN B 112 -23.08 12.61 -22.94
N LYS B 113 -22.66 13.54 -23.83
CA LYS B 113 -22.54 13.29 -25.28
C LYS B 113 -21.38 12.32 -25.52
N LYS B 114 -21.69 11.18 -26.21
CA LYS B 114 -20.74 10.09 -26.49
C LYS B 114 -20.24 9.45 -25.16
N THR B 115 -21.07 9.62 -24.10
CA THR B 115 -20.76 9.28 -22.70
C THR B 115 -19.61 10.18 -22.18
N GLY B 116 -18.34 9.86 -22.58
CA GLY B 116 -17.17 10.66 -22.24
C GLY B 116 -16.86 10.71 -20.75
N LYS B 117 -17.21 9.63 -20.04
CA LYS B 117 -17.15 9.54 -18.57
C LYS B 117 -16.37 8.26 -18.17
N PRO B 118 -15.43 8.33 -17.17
CA PRO B 118 -14.47 7.23 -16.85
C PRO B 118 -15.11 6.03 -16.12
N ASP B 119 -14.27 5.00 -15.90
CA ASP B 119 -14.62 3.77 -15.18
C ASP B 119 -14.30 3.92 -13.68
N TYR B 120 -14.79 2.94 -12.89
CA TYR B 120 -14.64 2.90 -11.42
C TYR B 120 -14.18 1.50 -10.98
N VAL B 121 -13.43 1.45 -9.85
CA VAL B 121 -12.85 0.20 -9.28
C VAL B 121 -12.09 -0.58 -10.38
N THR B 122 -11.27 0.17 -11.13
CA THR B 122 -10.60 -0.32 -12.34
C THR B 122 -9.14 -0.75 -12.01
N ASP B 123 -8.93 -1.21 -10.76
CA ASP B 123 -7.60 -1.56 -10.17
C ASP B 123 -6.54 -0.46 -10.44
N SER B 124 -7.03 0.80 -10.53
CA SER B 124 -6.19 1.98 -10.75
C SER B 124 -5.39 2.25 -9.46
N ALA B 125 -4.08 1.93 -9.51
CA ALA B 125 -3.18 1.94 -8.36
C ALA B 125 -3.65 0.91 -7.29
N ALA B 126 -4.27 -0.19 -7.79
CA ALA B 126 -4.85 -1.28 -6.98
C ALA B 126 -6.00 -0.77 -6.08
N SER B 127 -7.13 -0.39 -6.72
CA SER B 127 -8.32 0.13 -6.03
C SER B 127 -9.28 -1.05 -5.66
N ALA B 128 -9.32 -1.38 -4.34
CA ALA B 128 -10.24 -2.39 -3.74
C ALA B 128 -9.98 -3.81 -4.29
N THR B 129 -8.70 -4.15 -4.50
CA THR B 129 -8.26 -5.46 -5.05
C THR B 129 -7.57 -6.33 -3.97
N ALA B 130 -7.48 -5.82 -2.73
CA ALA B 130 -6.80 -6.53 -1.62
C ALA B 130 -7.72 -7.57 -0.96
N TRP B 131 -7.09 -8.57 -0.32
CA TRP B 131 -7.76 -9.68 0.39
C TRP B 131 -7.67 -9.44 1.91
N SER B 132 -8.49 -10.17 2.69
CA SER B 132 -8.57 -10.00 4.16
C SER B 132 -9.07 -11.30 4.82
N THR B 133 -8.43 -11.66 5.97
CA THR B 133 -8.71 -12.88 6.76
C THR B 133 -8.21 -14.14 6.03
N GLY B 134 -8.91 -14.52 4.93
CA GLY B 134 -8.54 -15.70 4.15
C GLY B 134 -8.71 -15.47 2.66
N VAL B 135 -9.92 -15.04 2.26
CA VAL B 135 -10.26 -14.74 0.84
C VAL B 135 -10.50 -13.21 0.70
N LYS B 136 -11.06 -12.77 -0.44
CA LYS B 136 -11.39 -11.34 -0.65
C LYS B 136 -12.59 -10.98 0.25
N THR B 137 -13.68 -11.74 0.09
CA THR B 137 -14.92 -11.53 0.84
C THR B 137 -14.87 -12.30 2.19
N TYR B 138 -14.00 -11.78 3.10
CA TYR B 138 -13.80 -12.30 4.48
C TYR B 138 -13.31 -13.78 4.47
N ASN B 139 -14.27 -14.74 4.49
CA ASN B 139 -13.99 -16.19 4.60
C ASN B 139 -14.87 -16.98 3.58
N GLY B 140 -15.74 -16.25 2.85
CA GLY B 140 -16.62 -16.84 1.84
C GLY B 140 -15.87 -17.47 0.69
N ALA B 141 -15.45 -18.73 0.89
CA ALA B 141 -14.66 -19.51 -0.08
C ALA B 141 -15.53 -19.89 -1.28
N LEU B 142 -16.72 -20.43 -0.98
CA LEU B 142 -17.76 -20.70 -1.99
C LEU B 142 -18.72 -19.50 -2.08
N GLY B 143 -18.69 -18.62 -1.06
CA GLY B 143 -19.54 -17.42 -0.99
C GLY B 143 -20.92 -17.74 -0.43
N VAL B 144 -21.62 -18.65 -1.13
CA VAL B 144 -22.92 -19.19 -0.73
C VAL B 144 -22.73 -20.23 0.40
N ASP B 145 -21.67 -21.05 0.24
CA ASP B 145 -21.20 -22.04 1.24
C ASP B 145 -22.17 -23.22 1.43
N ILE B 146 -23.26 -23.01 2.21
CA ILE B 146 -24.23 -24.08 2.57
C ILE B 146 -25.69 -23.60 2.38
N HIS B 147 -25.85 -22.29 2.10
CA HIS B 147 -27.18 -21.64 1.92
C HIS B 147 -27.97 -22.28 0.76
N GLU B 148 -27.27 -22.50 -0.37
CA GLU B 148 -27.81 -23.09 -1.60
C GLU B 148 -26.74 -24.03 -2.18
N LYS B 149 -27.16 -24.90 -3.10
CA LYS B 149 -26.24 -25.72 -3.91
C LYS B 149 -25.91 -25.00 -5.24
N ASP B 150 -26.65 -23.90 -5.50
CA ASP B 150 -26.51 -23.08 -6.72
C ASP B 150 -25.58 -21.86 -6.44
N HIS B 151 -25.19 -21.15 -7.53
CA HIS B 151 -24.30 -19.96 -7.50
C HIS B 151 -22.88 -20.39 -7.03
N PRO B 152 -21.99 -20.87 -7.96
CA PRO B 152 -20.64 -21.38 -7.60
C PRO B 152 -19.66 -20.25 -7.21
N THR B 153 -20.02 -18.99 -7.57
CA THR B 153 -19.21 -17.76 -7.37
C THR B 153 -17.96 -17.79 -8.28
N ILE B 154 -17.02 -18.70 -8.00
CA ILE B 154 -15.90 -18.99 -8.90
C ILE B 154 -16.35 -20.10 -9.89
N LEU B 155 -16.04 -19.90 -11.17
CA LEU B 155 -16.51 -20.79 -12.27
C LEU B 155 -15.34 -21.57 -12.90
N GLU B 156 -14.11 -21.29 -12.44
CA GLU B 156 -12.88 -21.90 -12.99
C GLU B 156 -12.56 -23.21 -12.25
N MET B 157 -12.18 -23.07 -10.96
CA MET B 157 -11.83 -24.20 -10.05
C MET B 157 -12.29 -23.85 -8.63
N ALA B 158 -12.15 -24.80 -7.70
CA ALA B 158 -12.44 -24.58 -6.26
C ALA B 158 -11.84 -25.72 -5.44
N LYS B 159 -10.62 -25.50 -4.91
CA LYS B 159 -9.95 -26.45 -4.03
C LYS B 159 -8.99 -25.72 -3.07
N ALA B 160 -9.58 -25.14 -2.00
CA ALA B 160 -8.84 -24.49 -0.89
C ALA B 160 -9.83 -24.11 0.23
N ALA B 161 -9.46 -24.44 1.48
CA ALA B 161 -10.26 -24.11 2.68
C ALA B 161 -10.14 -22.60 3.00
N GLY B 162 -8.94 -22.04 2.74
CA GLY B 162 -8.65 -20.63 3.03
C GLY B 162 -8.52 -20.36 4.52
N LEU B 163 -8.77 -19.09 4.93
CA LEU B 163 -8.75 -18.62 6.34
C LEU B 163 -7.32 -18.67 6.94
N ALA B 164 -6.85 -17.52 7.42
CA ALA B 164 -5.55 -17.40 8.11
C ALA B 164 -5.68 -16.46 9.31
N THR B 165 -4.63 -16.42 10.13
CA THR B 165 -4.55 -15.50 11.29
C THR B 165 -4.30 -14.05 10.81
N GLY B 166 -5.38 -13.43 10.28
CA GLY B 166 -5.34 -12.09 9.69
C GLY B 166 -4.86 -12.10 8.24
N ASN B 167 -3.67 -12.68 8.02
CA ASN B 167 -3.04 -12.77 6.70
C ASN B 167 -2.26 -14.10 6.60
N VAL B 168 -2.09 -14.58 5.35
CA VAL B 168 -1.46 -15.87 5.00
C VAL B 168 0.01 -15.90 5.48
N SER B 169 0.24 -16.64 6.57
CA SER B 169 1.57 -16.81 7.18
C SER B 169 2.31 -18.01 6.55
N THR B 170 3.54 -18.30 7.05
CA THR B 170 4.38 -19.42 6.59
C THR B 170 3.68 -20.77 6.88
N ALA B 171 3.39 -20.98 8.19
CA ALA B 171 2.56 -22.10 8.71
C ALA B 171 3.12 -23.51 8.34
N GLU B 172 2.84 -23.97 7.10
CA GLU B 172 3.12 -25.34 6.67
C GLU B 172 4.59 -25.48 6.21
N LEU B 173 5.51 -25.47 7.21
CA LEU B 173 6.96 -25.73 7.03
C LEU B 173 7.63 -24.68 6.09
N GLN B 174 7.01 -23.47 5.96
CA GLN B 174 7.41 -22.39 4.99
C GLN B 174 7.03 -22.76 3.52
N ASP B 175 6.58 -24.03 3.35
CA ASP B 175 6.19 -24.66 2.08
C ASP B 175 7.41 -24.96 1.17
N ALA B 176 7.41 -26.19 0.60
CA ALA B 176 8.54 -26.71 -0.21
C ALA B 176 8.30 -26.51 -1.72
N THR B 177 7.08 -26.06 -2.11
CA THR B 177 6.71 -25.82 -3.52
C THR B 177 7.57 -24.68 -4.18
N PRO B 178 7.88 -23.51 -3.48
CA PRO B 178 8.82 -22.49 -4.02
C PRO B 178 10.22 -23.08 -4.30
N ALA B 179 10.94 -22.42 -5.21
CA ALA B 179 12.22 -22.92 -5.76
C ALA B 179 13.44 -22.49 -4.93
N ALA B 180 13.21 -22.21 -3.62
CA ALA B 180 14.17 -21.57 -2.70
C ALA B 180 14.41 -20.10 -3.09
N LEU B 181 15.04 -19.90 -4.26
CA LEU B 181 15.37 -18.56 -4.77
C LEU B 181 15.48 -18.63 -6.30
N VAL B 182 14.56 -17.91 -6.98
CA VAL B 182 14.45 -17.77 -8.46
C VAL B 182 14.61 -19.08 -9.29
N ALA B 183 13.49 -19.50 -9.91
CA ALA B 183 13.48 -20.54 -10.95
C ALA B 183 13.31 -19.84 -12.30
N HIS B 184 14.45 -19.38 -12.85
CA HIS B 184 14.62 -18.79 -14.20
C HIS B 184 13.88 -17.45 -14.37
N VAL B 185 14.25 -16.72 -15.44
CA VAL B 185 13.83 -15.34 -15.67
C VAL B 185 12.44 -15.26 -16.36
N THR B 186 11.46 -14.69 -15.62
CA THR B 186 10.14 -14.24 -16.13
C THR B 186 9.40 -15.28 -17.00
N SER B 187 8.76 -16.26 -16.34
CA SER B 187 8.00 -17.34 -17.02
C SER B 187 7.38 -18.28 -15.98
N ARG B 188 8.07 -18.48 -14.84
CA ARG B 188 7.64 -19.44 -13.82
C ARG B 188 6.45 -18.87 -13.02
N LYS B 189 6.73 -17.95 -12.08
CA LYS B 189 5.74 -17.36 -11.16
C LYS B 189 4.94 -18.46 -10.39
N CYS B 190 5.43 -18.84 -9.19
CA CYS B 190 4.79 -19.85 -8.33
C CYS B 190 4.92 -19.45 -6.86
N TYR B 191 3.91 -18.74 -6.33
CA TYR B 191 3.96 -18.20 -4.96
C TYR B 191 2.57 -17.92 -4.40
N GLY B 192 2.44 -18.05 -3.06
CA GLY B 192 1.22 -17.68 -2.33
C GLY B 192 -0.03 -18.47 -2.70
N PRO B 193 -1.18 -18.27 -1.98
CA PRO B 193 -2.45 -18.98 -2.30
C PRO B 193 -3.07 -18.47 -3.61
N SER B 194 -4.00 -19.26 -4.15
CA SER B 194 -4.73 -18.92 -5.39
C SER B 194 -5.99 -18.07 -5.08
N ALA B 195 -5.84 -17.11 -4.15
CA ALA B 195 -6.91 -16.13 -3.78
C ALA B 195 -7.18 -15.16 -4.95
N THR B 196 -6.16 -15.01 -5.81
CA THR B 196 -6.22 -14.20 -7.06
C THR B 196 -6.70 -15.07 -8.26
N SER B 197 -7.42 -16.17 -7.93
CA SER B 197 -8.17 -17.03 -8.88
C SER B 197 -7.24 -17.87 -9.79
N GLU B 198 -7.14 -19.17 -9.45
CA GLU B 198 -6.45 -20.18 -10.27
C GLU B 198 -6.96 -21.56 -9.83
N LYS B 199 -6.43 -22.05 -8.69
CA LYS B 199 -6.93 -23.26 -8.03
C LYS B 199 -8.19 -22.91 -7.23
N CYS B 200 -8.17 -21.68 -6.68
CA CYS B 200 -9.32 -20.98 -6.08
C CYS B 200 -9.79 -21.62 -4.75
N PRO B 201 -10.45 -20.84 -3.84
CA PRO B 201 -11.11 -21.40 -2.65
C PRO B 201 -12.54 -21.90 -2.97
N GLY B 202 -13.09 -22.71 -2.06
CA GLY B 202 -14.43 -23.28 -2.22
C GLY B 202 -14.52 -24.61 -1.50
N ASN B 203 -14.84 -25.68 -2.25
CA ASN B 203 -14.87 -27.05 -1.73
C ASN B 203 -13.49 -27.71 -1.97
N ALA B 204 -13.43 -29.06 -1.90
CA ALA B 204 -12.18 -29.82 -2.17
C ALA B 204 -12.15 -30.33 -3.64
N LEU B 205 -12.83 -29.58 -4.54
CA LEU B 205 -13.08 -29.95 -5.94
C LEU B 205 -13.98 -31.20 -6.01
N GLU B 206 -13.40 -32.37 -5.71
CA GLU B 206 -14.11 -33.65 -5.65
C GLU B 206 -13.70 -34.33 -4.33
N LYS B 207 -14.70 -34.70 -3.51
CA LYS B 207 -14.50 -35.23 -2.15
C LYS B 207 -13.75 -36.58 -2.15
N GLY B 208 -14.06 -37.42 -3.15
CA GLY B 208 -13.54 -38.79 -3.23
C GLY B 208 -14.63 -39.79 -3.64
N GLY B 209 -15.79 -39.27 -4.06
CA GLY B 209 -16.95 -40.08 -4.44
C GLY B 209 -18.02 -39.21 -5.08
N LYS B 210 -18.55 -39.67 -6.24
CA LYS B 210 -19.59 -38.98 -7.04
C LYS B 210 -19.03 -37.71 -7.72
N GLY B 211 -18.90 -36.65 -6.92
CA GLY B 211 -18.62 -35.28 -7.38
C GLY B 211 -18.88 -34.35 -6.21
N SER B 212 -18.21 -34.69 -5.08
CA SER B 212 -18.53 -34.22 -3.73
C SER B 212 -19.91 -34.78 -3.33
N ILE B 213 -19.89 -36.00 -2.73
CA ILE B 213 -21.11 -36.72 -2.28
C ILE B 213 -21.77 -36.01 -1.07
N THR B 214 -20.99 -35.19 -0.36
CA THR B 214 -21.50 -34.32 0.72
C THR B 214 -22.11 -33.03 0.14
N GLU B 215 -22.06 -32.90 -1.22
CA GLU B 215 -22.54 -31.74 -1.99
C GLU B 215 -21.65 -30.51 -1.73
N GLN B 216 -21.74 -29.98 -0.51
CA GLN B 216 -20.83 -28.95 0.03
C GLN B 216 -20.00 -29.56 1.18
N LEU B 217 -18.96 -28.85 1.62
CA LEU B 217 -18.15 -29.23 2.81
C LEU B 217 -17.69 -27.97 3.55
N LEU B 218 -18.43 -26.87 3.31
CA LEU B 218 -18.15 -25.55 3.86
C LEU B 218 -18.67 -25.45 5.31
N ASN B 219 -18.47 -24.28 5.95
CA ASN B 219 -18.74 -24.08 7.41
C ASN B 219 -17.81 -25.04 8.23
N ALA B 220 -16.62 -25.28 7.65
CA ALA B 220 -15.61 -26.25 8.17
C ALA B 220 -15.08 -25.85 9.57
N ARG B 221 -15.15 -24.54 9.89
CA ARG B 221 -14.71 -23.98 11.20
C ARG B 221 -15.90 -23.98 12.19
N ALA B 222 -16.65 -25.09 12.22
CA ALA B 222 -17.76 -25.30 13.15
C ALA B 222 -17.22 -25.90 14.46
N ASP B 223 -17.86 -25.55 15.59
CA ASP B 223 -17.47 -25.98 16.95
C ASP B 223 -16.12 -25.35 17.36
N VAL B 224 -15.00 -25.97 16.92
CA VAL B 224 -13.66 -25.41 17.11
C VAL B 224 -13.39 -24.42 15.96
N THR B 225 -13.88 -23.19 16.14
CA THR B 225 -13.75 -22.10 15.17
C THR B 225 -12.30 -21.52 15.15
N LEU B 226 -11.50 -21.93 16.17
CA LEU B 226 -10.08 -21.54 16.35
C LEU B 226 -10.00 -20.08 16.82
N GLY B 227 -9.63 -19.88 18.11
CA GLY B 227 -9.51 -18.54 18.71
C GLY B 227 -8.37 -17.72 18.09
N GLY B 228 -7.42 -18.43 17.44
CA GLY B 228 -6.29 -17.82 16.77
C GLY B 228 -5.18 -17.45 17.74
N GLY B 229 -5.07 -18.23 18.82
CA GLY B 229 -4.10 -17.96 19.87
C GLY B 229 -3.91 -19.12 20.82
N ALA B 230 -3.65 -18.80 22.09
CA ALA B 230 -3.26 -19.78 23.13
C ALA B 230 -3.52 -19.25 24.54
N LYS B 231 -4.34 -18.17 24.64
CA LYS B 231 -4.84 -17.62 25.93
C LYS B 231 -3.70 -17.02 26.79
N THR B 232 -3.52 -15.69 26.66
CA THR B 232 -2.54 -14.82 27.38
C THR B 232 -1.12 -14.95 26.81
N PHE B 233 -0.71 -16.20 26.49
CA PHE B 233 0.69 -16.54 26.13
C PHE B 233 1.63 -16.33 27.34
N ALA B 234 2.94 -16.50 27.12
CA ALA B 234 3.93 -16.45 28.21
C ALA B 234 5.20 -15.73 27.73
N GLU B 235 5.02 -14.56 27.10
CA GLU B 235 6.15 -13.74 26.61
C GLU B 235 6.38 -12.58 27.61
N THR B 236 7.63 -12.45 28.08
CA THR B 236 8.02 -11.46 29.10
C THR B 236 8.25 -10.07 28.47
N ALA B 237 9.25 -9.97 27.58
CA ALA B 237 9.65 -8.70 26.94
C ALA B 237 10.59 -8.97 25.74
N THR B 238 10.00 -9.13 24.56
CA THR B 238 10.71 -9.17 23.28
C THR B 238 9.97 -8.23 22.33
N ALA B 239 10.59 -7.09 22.01
CA ALA B 239 10.01 -6.11 21.08
C ALA B 239 11.11 -5.16 20.60
N GLY B 240 11.34 -4.07 21.36
CA GLY B 240 12.17 -2.97 20.91
C GLY B 240 11.91 -1.74 21.74
N GLU B 241 11.66 -0.62 21.07
CA GLU B 241 11.48 0.69 21.73
C GLU B 241 10.52 1.56 20.88
N TRP B 242 9.61 2.26 21.58
CA TRP B 242 8.73 3.31 21.03
C TRP B 242 7.99 3.93 22.20
N GLN B 243 8.23 5.26 22.42
CA GLN B 243 7.81 5.98 23.64
C GLN B 243 8.47 5.32 24.87
N GLY B 244 7.84 4.24 25.34
CA GLY B 244 8.29 3.44 26.45
C GLY B 244 7.27 2.34 26.64
N LYS B 245 7.47 1.21 25.92
CA LYS B 245 6.49 0.10 25.88
C LYS B 245 6.29 -0.57 27.26
N THR B 246 5.12 -1.20 27.45
CA THR B 246 4.77 -1.86 28.71
C THR B 246 3.87 -3.09 28.45
N LEU B 247 3.88 -4.00 29.42
CA LEU B 247 2.98 -5.16 29.47
C LEU B 247 2.06 -4.98 30.68
N ARG B 248 0.86 -4.43 30.44
CA ARG B 248 -0.15 -4.19 31.49
C ARG B 248 -1.00 -5.47 31.63
N GLU B 249 -0.97 -6.05 32.83
CA GLU B 249 -1.55 -7.38 33.11
C GLU B 249 -1.78 -7.48 34.63
N GLN B 250 -3.06 -7.57 35.03
CA GLN B 250 -3.45 -7.56 36.45
C GLN B 250 -4.28 -8.83 36.77
N ALA B 251 -3.54 -9.90 37.09
CA ALA B 251 -4.08 -11.23 37.47
C ALA B 251 -4.90 -11.85 36.33
N GLN B 252 -6.22 -11.52 36.26
CA GLN B 252 -7.20 -12.21 35.38
C GLN B 252 -8.64 -11.68 35.72
N ALA B 253 -9.65 -12.22 35.02
CA ALA B 253 -11.07 -12.14 35.44
C ALA B 253 -11.25 -12.77 36.83
N ARG B 254 -12.36 -12.41 37.52
CA ARG B 254 -12.59 -12.76 38.94
C ARG B 254 -12.68 -14.29 39.18
N GLY B 255 -13.01 -15.06 38.10
CA GLY B 255 -13.09 -16.52 38.17
C GLY B 255 -11.76 -17.18 38.51
N TYR B 256 -10.64 -16.46 38.20
CA TYR B 256 -9.27 -16.77 38.70
C TYR B 256 -8.75 -18.16 38.24
N GLN B 257 -9.42 -18.75 37.21
CA GLN B 257 -9.06 -20.06 36.60
C GLN B 257 -9.27 -21.24 37.59
N LEU B 258 -9.81 -20.97 38.82
CA LEU B 258 -10.01 -22.01 39.87
C LEU B 258 -11.33 -22.79 39.67
N VAL B 259 -11.81 -22.82 38.40
CA VAL B 259 -13.06 -23.49 37.99
C VAL B 259 -13.02 -25.02 38.23
N SER B 260 -11.78 -25.56 38.43
CA SER B 260 -11.53 -26.96 38.83
C SER B 260 -11.97 -27.95 37.73
N ASP B 261 -11.82 -27.50 36.45
CA ASP B 261 -12.16 -28.26 35.23
C ASP B 261 -13.70 -28.37 35.04
N ALA B 262 -14.14 -28.40 33.77
CA ALA B 262 -15.56 -28.40 33.34
C ALA B 262 -16.20 -27.00 33.48
N ALA B 263 -16.01 -26.37 34.67
CA ALA B 263 -16.49 -25.00 35.02
C ALA B 263 -18.01 -24.99 35.22
N SER B 264 -18.76 -25.17 34.13
CA SER B 264 -20.23 -25.27 34.13
C SER B 264 -20.68 -26.40 33.20
N LEU B 265 -19.80 -26.75 32.23
CA LEU B 265 -20.00 -27.84 31.25
C LEU B 265 -21.29 -27.63 30.43
N ASN B 266 -21.15 -27.02 29.25
CA ASN B 266 -22.26 -26.79 28.31
C ASN B 266 -21.79 -27.26 26.93
N SER B 267 -22.51 -28.27 26.36
CA SER B 267 -22.08 -29.03 25.17
C SER B 267 -21.97 -28.13 23.92
N VAL B 268 -22.85 -27.12 23.82
CA VAL B 268 -22.82 -26.15 22.71
C VAL B 268 -21.62 -25.20 22.90
N THR B 269 -20.80 -25.06 21.83
CA THR B 269 -19.60 -24.20 21.84
C THR B 269 -20.00 -22.73 22.06
N GLU B 270 -21.08 -22.31 21.36
CA GLU B 270 -21.85 -21.04 21.54
C GLU B 270 -21.07 -19.74 21.23
N ALA B 271 -19.72 -19.83 21.05
CA ALA B 271 -18.83 -18.72 20.64
C ALA B 271 -18.69 -17.56 21.66
N ASN B 272 -19.52 -17.55 22.72
CA ASN B 272 -19.59 -16.45 23.71
C ASN B 272 -18.78 -16.80 24.98
N GLN B 273 -17.69 -17.58 24.79
CA GLN B 273 -16.81 -18.06 25.88
C GLN B 273 -17.61 -18.95 26.86
N GLN B 274 -18.30 -18.29 27.81
CA GLN B 274 -19.17 -18.90 28.84
C GLN B 274 -18.39 -19.79 29.85
N LYS B 275 -17.92 -20.97 29.41
CA LYS B 275 -17.31 -21.98 30.30
C LYS B 275 -15.81 -21.66 30.61
N PRO B 276 -14.87 -21.59 29.59
CA PRO B 276 -13.43 -21.43 29.86
C PRO B 276 -12.99 -19.95 29.97
N LEU B 277 -12.77 -19.47 31.22
CA LEU B 277 -12.26 -18.10 31.49
C LEU B 277 -10.76 -17.99 31.17
N LEU B 278 -10.14 -19.13 30.87
CA LEU B 278 -8.77 -19.24 30.38
C LEU B 278 -8.60 -20.62 29.76
N GLY B 279 -8.87 -21.66 30.59
CA GLY B 279 -8.71 -23.06 30.19
C GLY B 279 -7.25 -23.47 30.17
N LEU B 280 -6.55 -23.04 29.09
CA LEU B 280 -5.11 -23.29 28.86
C LEU B 280 -4.85 -24.81 28.70
N PHE B 281 -5.29 -25.36 27.56
CA PHE B 281 -5.10 -26.79 27.23
C PHE B 281 -5.26 -27.01 25.71
N ALA B 282 -6.34 -26.44 25.13
CA ALA B 282 -6.66 -26.56 23.70
C ALA B 282 -7.54 -25.39 23.26
N ASP B 283 -7.38 -24.99 21.99
CA ASP B 283 -8.11 -23.88 21.35
C ASP B 283 -7.80 -23.90 19.85
N GLY B 284 -6.49 -23.76 19.55
CA GLY B 284 -5.99 -23.81 18.19
C GLY B 284 -5.82 -22.44 17.56
N ASN B 285 -4.68 -22.26 16.85
CA ASN B 285 -4.41 -21.06 16.04
C ASN B 285 -4.87 -21.36 14.58
N MET B 286 -4.36 -20.62 13.58
CA MET B 286 -4.80 -20.78 12.18
C MET B 286 -3.60 -21.07 11.22
N PRO B 287 -3.04 -22.34 11.22
CA PRO B 287 -2.04 -22.77 10.20
C PRO B 287 -2.68 -23.37 8.92
N VAL B 288 -3.85 -24.04 9.08
CA VAL B 288 -4.60 -24.74 8.00
C VAL B 288 -3.69 -25.74 7.22
N ARG B 289 -3.04 -25.23 6.17
CA ARG B 289 -2.12 -25.96 5.27
C ARG B 289 -1.87 -25.00 4.09
N TRP B 290 -0.85 -24.15 4.23
CA TRP B 290 -0.54 -23.13 3.22
C TRP B 290 0.51 -23.64 2.23
N LEU B 291 0.33 -23.24 0.97
CA LEU B 291 1.20 -23.62 -0.15
C LEU B 291 1.16 -22.53 -1.24
N GLY B 292 2.00 -22.69 -2.27
CA GLY B 292 2.03 -21.78 -3.41
C GLY B 292 1.59 -22.44 -4.71
N PRO B 293 0.24 -22.54 -5.02
CA PRO B 293 -0.26 -23.06 -6.29
C PRO B 293 -0.26 -21.95 -7.38
N LYS B 294 0.96 -21.49 -7.73
CA LYS B 294 1.28 -20.52 -8.81
C LYS B 294 0.54 -19.17 -8.75
N ALA B 295 -0.18 -18.91 -7.62
CA ALA B 295 -1.04 -17.72 -7.41
C ALA B 295 -2.17 -17.65 -8.46
N THR B 296 -1.82 -17.27 -9.69
CA THR B 296 -2.76 -17.12 -10.81
C THR B 296 -2.06 -17.42 -12.16
N TYR B 297 -0.70 -17.43 -12.15
CA TYR B 297 0.17 -17.66 -13.33
C TYR B 297 0.02 -16.52 -14.39
N HIS B 298 -0.48 -15.34 -13.96
CA HIS B 298 -0.50 -14.13 -14.80
C HIS B 298 0.93 -13.60 -14.95
N GLY B 299 1.67 -14.15 -15.94
CA GLY B 299 3.10 -13.90 -16.12
C GLY B 299 3.44 -12.44 -16.37
N ASN B 300 2.56 -11.78 -17.15
CA ASN B 300 2.65 -10.34 -17.47
C ASN B 300 2.40 -9.47 -16.22
N ILE B 301 1.50 -9.97 -15.33
CA ILE B 301 0.97 -9.28 -14.12
C ILE B 301 0.74 -7.76 -14.38
N ASP B 302 -0.47 -7.43 -14.84
CA ASP B 302 -0.82 -6.08 -15.33
C ASP B 302 -0.98 -5.08 -14.17
N LYS B 303 0.16 -4.57 -13.69
CA LYS B 303 0.31 -3.35 -12.84
C LYS B 303 1.83 -3.05 -12.71
N PRO B 304 2.70 -3.96 -12.11
CA PRO B 304 4.16 -3.72 -12.04
C PRO B 304 4.98 -4.33 -13.22
N ALA B 305 4.46 -5.43 -13.83
CA ALA B 305 5.16 -6.24 -14.86
C ALA B 305 6.59 -6.64 -14.42
N VAL B 306 7.59 -5.84 -14.83
CA VAL B 306 9.00 -5.92 -14.37
C VAL B 306 9.56 -4.48 -14.25
N THR B 307 10.59 -4.28 -13.42
CA THR B 307 11.31 -2.99 -13.37
C THR B 307 12.49 -3.06 -14.37
N CYS B 308 12.38 -2.26 -15.45
CA CYS B 308 13.33 -2.28 -16.58
C CYS B 308 14.51 -1.29 -16.35
N THR B 309 14.74 -0.95 -15.07
CA THR B 309 15.76 0.02 -14.65
C THR B 309 17.17 -0.63 -14.68
N PRO B 310 18.09 -0.19 -15.62
CA PRO B 310 19.48 -0.68 -15.64
C PRO B 310 20.30 -0.03 -14.48
N ASN B 311 20.61 -0.86 -13.46
CA ASN B 311 21.39 -0.42 -12.29
C ASN B 311 22.87 -0.21 -12.70
N PRO B 312 23.55 0.90 -12.23
CA PRO B 312 24.98 1.16 -12.54
C PRO B 312 25.94 0.04 -12.11
N GLN B 313 27.18 0.10 -12.61
CA GLN B 313 28.24 -0.90 -12.33
C GLN B 313 28.98 -0.55 -11.02
N ARG B 314 28.18 -0.22 -9.97
CA ARG B 314 28.68 0.18 -8.66
C ARG B 314 29.31 -1.05 -7.97
N ASN B 315 30.65 -1.08 -7.92
CA ASN B 315 31.48 -2.12 -7.28
C ASN B 315 31.47 -3.45 -8.08
N ASP B 316 32.68 -3.93 -8.42
CA ASP B 316 32.89 -5.21 -9.13
C ASP B 316 33.35 -6.32 -8.15
N SER B 317 33.82 -5.89 -6.97
CA SER B 317 34.50 -6.75 -6.00
C SER B 317 33.50 -7.35 -5.00
N VAL B 318 33.19 -8.65 -5.14
CA VAL B 318 32.40 -9.43 -4.17
C VAL B 318 33.29 -9.76 -2.93
N PRO B 319 32.92 -9.25 -1.70
CA PRO B 319 33.63 -9.60 -0.43
C PRO B 319 33.72 -11.12 -0.21
N THR B 320 34.93 -11.68 -0.39
CA THR B 320 35.18 -13.13 -0.26
C THR B 320 36.69 -13.39 -0.08
N LEU B 321 37.05 -14.65 0.25
CA LEU B 321 38.44 -15.04 0.48
C LEU B 321 38.95 -15.93 -0.69
N ALA B 322 38.79 -17.26 -0.56
CA ALA B 322 39.21 -18.26 -1.55
C ALA B 322 38.36 -19.50 -1.34
N GLN B 323 38.50 -20.08 -0.13
CA GLN B 323 37.62 -21.15 0.34
C GLN B 323 36.36 -20.51 0.91
N MET B 324 35.27 -20.54 0.13
CA MET B 324 33.93 -20.17 0.62
C MET B 324 33.46 -21.32 1.50
N THR B 325 33.60 -22.54 0.93
CA THR B 325 33.45 -23.84 1.60
C THR B 325 32.00 -24.22 1.90
N ASP B 326 31.28 -23.33 2.63
CA ASP B 326 29.95 -23.60 3.16
C ASP B 326 30.03 -24.82 4.10
N LYS B 327 29.78 -26.04 3.55
CA LYS B 327 29.77 -27.29 4.30
C LYS B 327 29.33 -28.46 3.38
N ALA B 328 28.34 -28.24 2.50
CA ALA B 328 27.62 -29.32 1.81
C ALA B 328 27.33 -29.11 0.31
N ILE B 329 27.48 -27.88 -0.26
CA ILE B 329 27.13 -27.62 -1.71
C ILE B 329 27.93 -28.53 -2.69
N GLU B 330 29.13 -28.96 -2.26
CA GLU B 330 30.09 -29.68 -3.11
C GLU B 330 30.18 -31.18 -2.76
N LEU B 331 29.58 -31.58 -1.61
CA LEU B 331 29.63 -32.96 -1.10
C LEU B 331 28.34 -33.28 -0.31
N LEU B 332 28.42 -34.28 0.60
CA LEU B 332 27.34 -34.67 1.55
C LEU B 332 26.27 -35.56 0.87
N SER B 333 25.89 -35.21 -0.37
CA SER B 333 24.79 -35.83 -1.15
C SER B 333 23.42 -35.30 -0.70
N LYS B 334 22.69 -34.67 -1.65
CA LYS B 334 21.39 -34.00 -1.45
C LYS B 334 21.54 -32.76 -0.54
N ASN B 335 21.54 -32.97 0.80
CA ASN B 335 21.41 -31.92 1.86
C ASN B 335 20.20 -30.97 1.62
N GLU B 336 19.28 -30.93 2.61
CA GLU B 336 18.03 -30.12 2.60
C GLU B 336 16.93 -30.70 1.67
N LYS B 337 17.30 -30.99 0.40
CA LYS B 337 16.38 -31.44 -0.67
C LYS B 337 15.52 -32.64 -0.25
N GLY B 338 16.15 -33.61 0.44
CA GLY B 338 15.44 -34.79 0.94
C GLY B 338 16.01 -35.30 2.25
N PHE B 339 16.84 -34.48 2.91
CA PHE B 339 17.52 -34.85 4.17
C PHE B 339 17.69 -33.62 5.06
N PHE B 340 17.20 -33.70 6.30
CA PHE B 340 17.57 -32.73 7.36
C PHE B 340 18.97 -33.09 7.90
N LEU B 341 19.33 -34.38 7.73
CA LEU B 341 20.61 -34.97 8.16
C LEU B 341 20.69 -35.03 9.70
N GLN B 342 20.99 -33.88 10.32
CA GLN B 342 21.17 -33.78 11.79
C GLN B 342 21.04 -32.30 12.24
N VAL B 343 20.27 -31.49 11.48
CA VAL B 343 20.09 -30.06 11.76
C VAL B 343 19.21 -29.85 13.03
N GLU B 344 19.89 -29.96 14.20
CA GLU B 344 19.28 -29.87 15.55
C GLU B 344 18.24 -30.98 15.81
N GLY B 345 18.17 -31.97 14.90
CA GLY B 345 17.10 -32.98 14.89
C GLY B 345 15.82 -32.41 14.30
N ALA B 346 15.25 -31.38 14.98
CA ALA B 346 14.11 -30.60 14.49
C ALA B 346 14.50 -29.11 14.41
N SER B 347 14.42 -28.54 13.20
CA SER B 347 14.63 -27.11 12.96
C SER B 347 13.35 -26.34 13.32
N ILE B 348 13.25 -25.93 14.59
CA ILE B 348 12.04 -25.31 15.17
C ILE B 348 12.45 -24.44 16.38
N ASP B 349 13.68 -23.88 16.29
CA ASP B 349 14.36 -23.14 17.38
C ASP B 349 14.56 -24.10 18.57
N LYS B 350 15.45 -25.08 18.37
CA LYS B 350 15.66 -26.17 19.31
C LYS B 350 16.59 -25.68 20.44
N GLN B 351 15.97 -25.03 21.46
CA GLN B 351 16.63 -24.61 22.74
C GLN B 351 17.89 -23.73 22.54
N ASP B 352 18.03 -23.11 21.37
CA ASP B 352 19.24 -22.36 21.00
C ASP B 352 19.24 -20.96 21.64
N HIS B 353 20.44 -20.37 21.80
CA HIS B 353 20.63 -18.98 22.30
C HIS B 353 19.83 -17.97 21.45
N ALA B 354 19.85 -18.17 20.12
CA ALA B 354 18.99 -17.49 19.12
C ALA B 354 19.44 -16.04 18.81
N ALA B 355 19.43 -15.16 19.86
CA ALA B 355 19.55 -13.67 19.74
C ALA B 355 18.25 -13.04 19.19
N ASN B 356 17.21 -13.88 19.03
CA ASN B 356 15.87 -13.49 18.61
C ASN B 356 15.08 -12.82 19.78
N PRO B 357 15.11 -13.37 21.07
CA PRO B 357 14.43 -12.72 22.22
C PRO B 357 15.06 -11.37 22.65
N CYS B 358 14.35 -10.68 23.57
CA CYS B 358 14.72 -9.37 24.16
C CYS B 358 14.38 -8.20 23.20
N GLY B 359 14.24 -7.01 23.79
CA GLY B 359 13.94 -5.79 23.05
C GLY B 359 14.13 -4.55 23.89
N GLN B 360 15.41 -4.15 24.05
CA GLN B 360 15.84 -2.91 24.75
C GLN B 360 15.38 -2.89 26.23
N ILE B 361 15.21 -1.67 26.80
CA ILE B 361 14.74 -1.44 28.20
C ILE B 361 13.41 -2.18 28.47
N GLY B 362 13.17 -2.55 29.75
CA GLY B 362 11.95 -3.23 30.17
C GLY B 362 10.68 -2.39 30.04
N GLU B 363 9.64 -2.75 30.83
CA GLU B 363 8.33 -2.09 30.75
C GLU B 363 8.38 -0.77 31.54
N THR B 364 8.90 0.27 30.86
CA THR B 364 9.33 1.53 31.51
C THR B 364 8.21 2.61 31.53
N VAL B 365 7.49 2.76 30.40
CA VAL B 365 6.56 3.89 30.14
C VAL B 365 7.31 5.24 30.19
N ASP B 366 7.55 5.83 29.00
CA ASP B 366 8.36 7.05 28.85
C ASP B 366 7.91 7.80 27.58
N LEU B 367 8.35 9.07 27.41
CA LEU B 367 8.09 9.91 26.22
C LEU B 367 6.59 10.13 25.96
N ASP B 368 6.08 11.30 26.38
CA ASP B 368 4.67 11.70 26.18
C ASP B 368 4.35 11.80 24.67
N GLU B 369 3.28 11.10 24.25
CA GLU B 369 2.83 11.07 22.85
C GLU B 369 1.29 11.19 22.80
N ALA B 370 0.80 12.14 22.00
CA ALA B 370 -0.63 12.49 21.92
C ALA B 370 -0.87 13.26 20.61
N VAL B 371 -1.49 12.62 19.60
CA VAL B 371 -1.57 13.16 18.22
C VAL B 371 -3.02 13.21 17.67
N GLN B 372 -3.76 12.09 17.81
CA GLN B 372 -4.99 11.86 17.03
C GLN B 372 -6.23 12.29 17.84
N ARG B 373 -6.67 11.41 18.80
CA ARG B 373 -7.86 11.57 19.71
C ARG B 373 -9.16 12.08 19.04
N ALA B 374 -9.24 12.00 17.68
CA ALA B 374 -10.31 12.63 16.86
C ALA B 374 -10.34 14.17 17.01
N LEU B 375 -9.26 14.72 17.63
CA LEU B 375 -9.09 16.13 17.99
C LEU B 375 -10.14 16.56 19.06
N GLU B 376 -11.38 16.79 18.60
CA GLU B 376 -12.48 17.28 19.45
C GLU B 376 -13.28 16.11 20.06
N PHE B 377 -13.38 16.11 21.39
CA PHE B 377 -14.29 15.21 22.13
C PHE B 377 -15.70 15.83 22.25
N ALA B 378 -15.78 17.15 22.01
CA ALA B 378 -17.05 17.90 22.10
C ALA B 378 -17.82 17.85 20.79
N LYS B 379 -17.22 18.42 19.71
CA LYS B 379 -17.90 18.79 18.42
C LYS B 379 -19.23 19.58 18.64
N LYS B 380 -20.33 18.87 19.02
CA LYS B 380 -21.68 19.47 19.19
C LYS B 380 -22.17 20.19 17.91
N GLU B 381 -22.67 19.39 16.96
CA GLU B 381 -23.19 19.92 15.69
C GLU B 381 -24.69 20.23 15.82
N GLY B 382 -25.37 19.46 16.69
CA GLY B 382 -26.82 19.56 16.85
C GLY B 382 -27.55 19.16 15.56
N ASN B 383 -27.28 17.90 15.14
CA ASN B 383 -27.90 17.20 13.97
C ASN B 383 -27.43 17.71 12.58
N THR B 384 -26.80 18.92 12.54
CA THR B 384 -26.29 19.55 11.29
C THR B 384 -27.44 19.77 10.26
N LEU B 385 -28.59 20.26 10.77
CA LEU B 385 -29.85 20.44 9.98
C LEU B 385 -30.38 19.09 9.44
N VAL B 386 -29.97 18.00 10.11
CA VAL B 386 -30.22 16.58 9.72
C VAL B 386 -29.75 16.33 8.25
N ILE B 387 -28.80 17.17 7.78
CA ILE B 387 -28.21 17.22 6.40
C ILE B 387 -29.20 17.64 5.27
N VAL B 388 -30.46 17.13 5.30
CA VAL B 388 -31.58 17.48 4.36
C VAL B 388 -31.22 17.28 2.85
N THR B 389 -30.19 16.45 2.60
CA THR B 389 -29.64 16.19 1.24
C THR B 389 -28.93 14.81 1.23
N ALA B 390 -28.80 14.20 0.02
CA ALA B 390 -28.10 12.91 -0.18
C ALA B 390 -28.89 11.75 0.44
N ASP B 391 -30.23 11.88 0.35
CA ASP B 391 -31.20 10.86 0.82
C ASP B 391 -31.26 9.66 -0.15
N HIS B 392 -32.33 8.85 -0.01
CA HIS B 392 -32.54 7.62 -0.79
C HIS B 392 -32.70 7.93 -2.31
N ALA B 393 -33.56 8.92 -2.63
CA ALA B 393 -33.82 9.35 -4.02
C ALA B 393 -33.04 10.62 -4.39
N HIS B 394 -32.15 11.07 -3.45
CA HIS B 394 -31.18 12.19 -3.66
C HIS B 394 -31.88 13.54 -3.85
N ALA B 395 -33.16 13.60 -3.46
CA ALA B 395 -34.04 14.76 -3.70
C ALA B 395 -35.26 14.68 -2.78
N SER B 396 -35.99 13.54 -2.90
CA SER B 396 -37.23 13.21 -2.14
C SER B 396 -38.30 14.33 -2.21
N GLN B 397 -39.38 14.15 -1.42
CA GLN B 397 -40.40 15.20 -1.23
C GLN B 397 -39.81 16.29 -0.34
N ILE B 398 -39.68 17.51 -0.89
CA ILE B 398 -39.21 18.68 -0.14
C ILE B 398 -40.11 18.94 1.10
N VAL B 399 -39.47 19.41 2.20
CA VAL B 399 -40.10 19.67 3.49
C VAL B 399 -40.39 18.33 4.24
N ALA B 400 -41.53 17.67 3.95
CA ALA B 400 -42.01 16.52 4.77
C ALA B 400 -42.34 15.26 3.94
N PRO B 401 -41.34 14.34 3.76
CA PRO B 401 -41.59 12.93 3.37
C PRO B 401 -41.62 11.99 4.61
N ASP B 402 -41.66 10.66 4.40
CA ASP B 402 -41.73 9.68 5.50
C ASP B 402 -41.43 8.26 5.00
N THR B 403 -40.14 7.86 5.12
CA THR B 403 -39.63 6.49 4.80
C THR B 403 -39.86 6.11 3.30
N LYS B 404 -40.22 7.13 2.50
CA LYS B 404 -40.65 6.99 1.10
C LYS B 404 -40.20 8.25 0.36
N ALA B 405 -38.96 8.22 -0.13
CA ALA B 405 -38.35 9.33 -0.88
C ALA B 405 -39.06 9.57 -2.25
N PRO B 406 -39.41 8.50 -3.06
CA PRO B 406 -40.36 8.64 -4.19
C PRO B 406 -41.81 8.29 -3.75
N GLY B 407 -42.25 8.90 -2.65
CA GLY B 407 -43.56 8.62 -2.06
C GLY B 407 -44.74 9.14 -2.89
N LEU B 408 -44.91 10.47 -2.91
CA LEU B 408 -46.10 11.12 -3.50
C LEU B 408 -45.70 12.49 -4.07
N THR B 409 -46.42 12.97 -5.12
CA THR B 409 -46.13 14.22 -5.89
C THR B 409 -44.70 14.22 -6.47
N GLN B 410 -44.15 13.00 -6.66
CA GLN B 410 -42.82 12.81 -7.23
C GLN B 410 -42.93 12.92 -8.76
N ALA B 411 -42.96 14.18 -9.24
CA ALA B 411 -43.06 14.51 -10.66
C ALA B 411 -41.69 14.30 -11.32
N LEU B 412 -40.71 15.09 -10.85
CA LEU B 412 -39.34 15.08 -11.36
C LEU B 412 -38.47 15.68 -10.24
N ASN B 413 -37.90 14.79 -9.39
CA ASN B 413 -37.04 15.16 -8.23
C ASN B 413 -37.85 15.65 -7.00
N THR B 414 -38.86 16.51 -7.24
CA THR B 414 -39.71 17.15 -6.20
C THR B 414 -38.84 18.11 -5.35
N LYS B 415 -37.90 18.79 -6.04
CA LYS B 415 -36.93 19.76 -5.46
C LYS B 415 -35.85 19.00 -4.65
N ASP B 416 -34.60 19.14 -5.10
CA ASP B 416 -33.43 18.43 -4.53
C ASP B 416 -33.07 18.97 -3.15
N GLY B 417 -33.77 18.45 -2.13
CA GLY B 417 -33.57 18.85 -0.73
C GLY B 417 -34.23 20.19 -0.38
N ALA B 418 -34.57 20.37 0.90
CA ALA B 418 -35.03 21.67 1.43
C ALA B 418 -33.78 22.49 1.81
N VAL B 419 -33.09 22.98 0.75
CA VAL B 419 -31.75 23.58 0.83
C VAL B 419 -31.71 24.84 1.74
N MET B 420 -30.71 24.87 2.65
CA MET B 420 -30.43 25.98 3.60
C MET B 420 -31.49 26.09 4.74
N VAL B 421 -32.76 26.31 4.34
CA VAL B 421 -33.88 26.49 5.28
C VAL B 421 -34.08 25.29 6.23
N MET B 422 -34.18 24.06 5.65
CA MET B 422 -34.45 22.80 6.39
C MET B 422 -35.82 22.82 7.13
N SER B 423 -36.53 21.68 7.10
CA SER B 423 -37.87 21.55 7.74
C SER B 423 -37.78 21.30 9.26
N TYR B 424 -36.55 20.95 9.73
CA TYR B 424 -36.25 20.65 11.15
C TYR B 424 -37.01 19.37 11.62
N GLY B 425 -37.29 19.24 12.93
CA GLY B 425 -37.89 18.04 13.51
C GLY B 425 -36.85 17.28 14.32
N ASN B 426 -36.52 17.81 15.50
CA ASN B 426 -35.43 17.28 16.36
C ASN B 426 -35.71 15.83 16.84
N SER B 427 -37.00 15.52 17.09
CA SER B 427 -37.44 14.17 17.50
C SER B 427 -38.21 13.51 16.33
N GLU B 428 -37.73 13.78 15.09
CA GLU B 428 -38.30 13.30 13.80
C GLU B 428 -39.66 13.98 13.51
N GLU B 429 -40.70 13.54 14.25
CA GLU B 429 -42.05 14.17 14.38
C GLU B 429 -42.63 14.90 13.13
N ASP B 430 -42.11 16.09 12.80
CA ASP B 430 -42.70 16.98 11.78
C ASP B 430 -42.47 16.42 10.36
N SER B 431 -41.20 16.41 9.92
CA SER B 431 -40.83 16.00 8.56
C SER B 431 -40.34 14.55 8.50
N GLN B 432 -40.08 13.94 9.69
CA GLN B 432 -39.81 12.49 9.88
C GLN B 432 -38.57 11.97 9.09
N GLU B 433 -38.70 11.82 7.76
CA GLU B 433 -37.56 11.43 6.86
C GLU B 433 -36.69 12.66 6.53
N HIS B 434 -37.24 13.88 6.79
CA HIS B 434 -36.49 15.16 6.81
C HIS B 434 -35.94 15.60 5.45
N THR B 435 -36.44 14.96 4.36
CA THR B 435 -35.93 15.19 2.98
C THR B 435 -34.43 14.79 2.90
N GLY B 436 -34.04 13.87 3.80
CA GLY B 436 -32.64 13.53 4.08
C GLY B 436 -32.48 13.29 5.56
N SER B 437 -32.65 12.02 5.99
CA SER B 437 -32.58 11.62 7.41
C SER B 437 -31.12 11.34 7.80
N GLN B 438 -30.33 12.43 7.88
CA GLN B 438 -28.87 12.45 8.17
C GLN B 438 -28.03 11.61 7.15
N LEU B 439 -26.71 11.76 7.24
CA LEU B 439 -25.77 11.00 6.38
C LEU B 439 -25.49 9.66 7.08
N ARG B 440 -26.40 8.68 6.87
CA ARG B 440 -26.29 7.34 7.48
C ARG B 440 -25.63 6.35 6.50
N ILE B 441 -24.88 5.39 7.07
CA ILE B 441 -24.16 4.36 6.31
C ILE B 441 -24.96 3.05 6.27
N ALA B 442 -24.99 2.41 5.09
CA ALA B 442 -25.52 1.06 4.90
C ALA B 442 -24.51 0.26 4.07
N ALA B 443 -23.69 -0.56 4.77
CA ALA B 443 -22.57 -1.31 4.15
C ALA B 443 -22.58 -2.78 4.64
N TYR B 444 -22.29 -2.97 5.94
CA TYR B 444 -22.36 -4.28 6.61
C TYR B 444 -22.67 -4.08 8.10
N GLY B 445 -23.31 -5.10 8.72
CA GLY B 445 -23.71 -5.06 10.12
C GLY B 445 -25.21 -5.34 10.27
N PRO B 446 -26.11 -4.32 10.08
CA PRO B 446 -27.57 -4.50 10.27
C PRO B 446 -28.25 -5.16 9.05
N HIS B 447 -29.13 -6.13 9.31
CA HIS B 447 -29.89 -6.87 8.28
C HIS B 447 -31.34 -7.06 8.77
N ALA B 448 -32.28 -7.16 7.82
CA ALA B 448 -33.69 -7.45 8.12
C ALA B 448 -33.83 -8.89 8.64
N ALA B 449 -34.60 -9.07 9.72
CA ALA B 449 -34.88 -10.39 10.31
C ALA B 449 -36.34 -10.75 10.05
N ASN B 450 -36.56 -11.80 9.22
CA ASN B 450 -37.91 -12.28 8.86
C ASN B 450 -38.59 -13.00 10.04
N VAL B 451 -37.73 -13.58 10.92
CA VAL B 451 -38.06 -14.29 12.17
C VAL B 451 -39.16 -15.38 12.01
N VAL B 452 -40.44 -14.97 11.91
CA VAL B 452 -41.57 -15.89 11.77
C VAL B 452 -41.51 -16.58 10.38
N GLY B 453 -41.17 -15.77 9.36
CA GLY B 453 -41.11 -16.22 7.97
C GLY B 453 -41.29 -15.06 7.02
N LEU B 454 -41.58 -15.37 5.74
CA LEU B 454 -41.77 -14.35 4.69
C LEU B 454 -42.63 -14.90 3.54
N THR B 455 -43.34 -13.99 2.86
CA THR B 455 -44.17 -14.29 1.69
C THR B 455 -43.38 -14.10 0.38
N ASP B 456 -42.07 -13.77 0.50
CA ASP B 456 -41.17 -13.53 -0.63
C ASP B 456 -40.87 -14.83 -1.38
N GLN B 457 -40.18 -15.74 -0.68
CA GLN B 457 -39.78 -17.07 -1.17
C GLN B 457 -39.21 -17.83 0.02
N THR B 458 -39.62 -19.11 0.21
CA THR B 458 -39.20 -19.96 1.35
C THR B 458 -37.66 -19.96 1.52
N ASP B 459 -37.17 -19.10 2.42
CA ASP B 459 -35.74 -18.90 2.71
C ASP B 459 -35.62 -18.08 4.00
N LEU B 460 -34.40 -18.05 4.59
CA LEU B 460 -34.12 -17.38 5.88
C LEU B 460 -34.93 -18.06 7.00
N PHE B 461 -35.11 -19.38 6.83
CA PHE B 461 -35.81 -20.24 7.78
C PHE B 461 -35.03 -20.30 9.12
N TYR B 462 -35.74 -19.96 10.23
CA TYR B 462 -35.19 -19.93 11.60
C TYR B 462 -34.16 -18.77 11.78
N THR B 463 -34.11 -17.81 10.83
CA THR B 463 -33.29 -16.58 10.98
C THR B 463 -33.96 -15.64 12.01
N MET B 464 -33.67 -15.94 13.29
CA MET B 464 -34.24 -15.26 14.45
C MET B 464 -33.09 -14.81 15.35
N LYS B 465 -33.17 -13.58 15.88
CA LYS B 465 -32.21 -13.10 16.88
C LYS B 465 -32.56 -13.75 18.23
N ALA B 466 -31.90 -14.89 18.51
CA ALA B 466 -32.03 -15.62 19.77
C ALA B 466 -31.35 -14.85 20.92
N ALA B 467 -31.25 -15.49 22.09
CA ALA B 467 -30.45 -14.98 23.22
C ALA B 467 -28.97 -14.89 22.79
N LEU B 468 -28.49 -15.96 22.14
CA LEU B 468 -27.14 -16.03 21.53
C LEU B 468 -27.30 -16.02 19.98
N GLY B 469 -26.24 -16.44 19.26
CA GLY B 469 -26.31 -16.66 17.80
C GLY B 469 -26.86 -18.04 17.45
N LEU B 470 -27.03 -18.32 16.15
CA LEU B 470 -27.58 -19.59 15.66
C LEU B 470 -26.84 -20.06 14.39
N LYS B 471 -26.27 -21.29 14.48
CA LYS B 471 -25.58 -22.00 13.36
C LYS B 471 -25.23 -23.46 13.78
N MET C 1 38.00 -26.57 -32.87
CA MET C 1 38.02 -27.91 -33.50
C MET C 1 38.63 -28.92 -32.52
N ALA C 2 37.84 -29.29 -31.49
CA ALA C 2 38.20 -30.30 -30.46
C ALA C 2 39.49 -29.94 -29.69
N ALA C 3 39.88 -28.64 -29.70
CA ALA C 3 41.11 -28.16 -29.06
C ALA C 3 40.84 -27.81 -27.58
N LYS C 4 40.13 -28.74 -26.90
CA LYS C 4 39.90 -28.73 -25.45
C LYS C 4 41.14 -28.30 -24.65
N LYS C 5 41.15 -27.04 -24.20
CA LYS C 5 42.10 -26.57 -23.20
C LYS C 5 41.61 -27.10 -21.85
N ASP C 6 42.45 -27.86 -21.12
CA ASP C 6 42.05 -28.47 -19.85
C ASP C 6 41.93 -27.38 -18.79
N TYR C 7 40.70 -26.91 -18.62
CA TYR C 7 40.37 -25.72 -17.85
C TYR C 7 40.66 -25.91 -16.34
N TYR C 8 40.66 -27.18 -15.88
CA TYR C 8 41.02 -27.52 -14.50
C TYR C 8 42.50 -27.23 -14.26
N ALA C 9 43.36 -27.70 -15.19
CA ALA C 9 44.82 -27.49 -15.12
C ALA C 9 45.15 -25.99 -15.16
N ILE C 10 44.45 -25.25 -16.05
CA ILE C 10 44.62 -23.76 -16.17
C ILE C 10 44.30 -23.06 -14.82
N LEU C 11 43.22 -23.54 -14.15
CA LEU C 11 42.85 -23.06 -12.80
C LEU C 11 43.85 -23.53 -11.71
N GLY C 12 44.53 -24.66 -11.98
CA GLY C 12 45.40 -25.29 -10.98
C GLY C 12 44.64 -26.20 -10.02
N VAL C 13 43.46 -26.67 -10.45
CA VAL C 13 42.64 -27.66 -9.71
C VAL C 13 42.70 -29.03 -10.44
N PRO C 14 42.57 -30.17 -9.70
CA PRO C 14 42.59 -31.52 -10.32
C PRO C 14 41.35 -31.76 -11.24
N ARG C 15 41.43 -32.78 -12.11
CA ARG C 15 40.33 -33.12 -13.05
C ARG C 15 39.17 -33.89 -12.36
N ASN C 16 39.09 -33.73 -11.02
CA ASN C 16 38.01 -34.24 -10.17
C ASN C 16 37.54 -33.08 -9.26
N ALA C 17 37.89 -31.84 -9.67
CA ALA C 17 37.57 -30.61 -8.95
C ALA C 17 36.06 -30.43 -8.79
N THR C 18 35.59 -30.29 -7.54
CA THR C 18 34.20 -29.91 -7.25
C THR C 18 33.95 -28.47 -7.73
N GLN C 19 32.69 -28.04 -7.73
CA GLN C 19 32.32 -26.69 -8.16
C GLN C 19 32.98 -25.62 -7.27
N GLU C 20 33.10 -25.93 -5.96
CA GLU C 20 33.71 -25.02 -4.99
C GLU C 20 35.24 -24.98 -5.19
N GLU C 21 35.87 -26.15 -5.52
CA GLU C 21 37.32 -26.22 -5.85
C GLU C 21 37.69 -25.25 -6.98
N ILE C 22 36.88 -25.32 -8.06
CA ILE C 22 37.00 -24.44 -9.23
C ILE C 22 36.78 -22.97 -8.85
N LYS C 23 35.77 -22.74 -8.00
CA LYS C 23 35.42 -21.41 -7.50
C LYS C 23 36.53 -20.88 -6.54
N ARG C 24 37.29 -21.81 -5.90
CA ARG C 24 38.41 -21.47 -4.99
C ARG C 24 39.60 -20.93 -5.78
N ALA C 25 39.99 -21.69 -6.83
CA ALA C 25 41.08 -21.32 -7.75
C ALA C 25 40.77 -19.97 -8.40
N TYR C 26 39.46 -19.77 -8.71
CA TYR C 26 38.97 -18.47 -9.20
C TYR C 26 39.30 -17.36 -8.20
N LYS C 27 38.63 -17.33 -7.00
CA LYS C 27 38.76 -16.21 -6.00
C LYS C 27 40.24 -15.88 -5.68
N ARG C 28 41.05 -16.96 -5.58
CA ARG C 28 42.51 -16.89 -5.35
C ARG C 28 43.19 -16.01 -6.43
N LEU C 29 43.08 -16.47 -7.69
CA LEU C 29 43.75 -15.83 -8.85
C LEU C 29 42.95 -14.61 -9.36
N ALA C 30 41.73 -14.45 -8.83
CA ALA C 30 40.82 -13.35 -9.17
C ALA C 30 41.00 -12.18 -8.20
N ARG C 31 41.68 -12.43 -7.07
CA ARG C 31 42.21 -11.34 -6.21
C ARG C 31 43.65 -11.02 -6.63
N GLN C 32 44.42 -12.10 -6.90
CA GLN C 32 45.87 -12.01 -7.22
C GLN C 32 46.10 -11.24 -8.53
N TYR C 33 45.38 -11.64 -9.59
CA TYR C 33 45.52 -11.06 -10.94
C TYR C 33 44.34 -10.11 -11.25
N HIS C 34 43.65 -9.64 -10.18
CA HIS C 34 42.48 -8.75 -10.30
C HIS C 34 42.92 -7.41 -10.96
N PRO C 35 42.43 -7.08 -12.19
CA PRO C 35 42.88 -5.88 -12.97
C PRO C 35 42.86 -4.56 -12.16
N ASP C 36 41.88 -4.43 -11.25
CA ASP C 36 41.74 -3.25 -10.36
C ASP C 36 42.88 -3.18 -9.32
N VAL C 37 43.21 -4.34 -8.71
CA VAL C 37 44.17 -4.42 -7.59
C VAL C 37 45.61 -4.40 -8.13
N ASN C 38 45.86 -5.28 -9.10
CA ASN C 38 47.14 -5.39 -9.80
C ASN C 38 46.95 -4.96 -11.27
N LYS C 39 47.27 -3.69 -11.56
CA LYS C 39 47.17 -3.14 -12.93
C LYS C 39 48.45 -3.48 -13.72
N SER C 40 48.65 -4.78 -13.99
CA SER C 40 49.78 -5.28 -14.79
C SER C 40 49.23 -6.11 -15.97
N PRO C 41 49.35 -5.60 -17.25
CA PRO C 41 48.81 -6.27 -18.47
C PRO C 41 49.09 -7.78 -18.51
N GLU C 42 50.34 -8.16 -18.23
CA GLU C 42 50.79 -9.57 -18.22
C GLU C 42 49.93 -10.45 -17.29
N ALA C 43 49.62 -9.87 -16.11
CA ALA C 43 48.81 -10.54 -15.06
C ALA C 43 47.34 -10.59 -15.46
N GLU C 44 46.92 -9.61 -16.29
CA GLU C 44 45.52 -9.50 -16.76
C GLU C 44 45.30 -10.45 -17.95
N GLU C 45 46.39 -10.79 -18.66
CA GLU C 45 46.39 -11.78 -19.74
C GLU C 45 46.27 -13.19 -19.15
N LYS C 46 47.07 -13.45 -18.07
CA LYS C 46 46.96 -14.69 -17.28
C LYS C 46 45.56 -14.80 -16.65
N PHE C 47 45.06 -13.65 -16.15
CA PHE C 47 43.70 -13.52 -15.57
C PHE C 47 42.66 -13.98 -16.60
N LYS C 48 42.81 -13.50 -17.85
CA LYS C 48 41.91 -13.85 -18.97
C LYS C 48 41.90 -15.36 -19.23
N GLU C 49 43.09 -15.98 -19.26
CA GLU C 49 43.23 -17.45 -19.46
C GLU C 49 42.54 -18.26 -18.34
N ILE C 50 42.72 -17.80 -17.10
CA ILE C 50 42.12 -18.41 -15.90
C ILE C 50 40.60 -18.15 -15.86
N ASN C 51 40.18 -17.03 -16.46
CA ASN C 51 38.77 -16.63 -16.58
C ASN C 51 38.14 -17.17 -17.85
N GLU C 52 38.95 -17.80 -18.73
CA GLU C 52 38.45 -18.67 -19.82
C GLU C 52 38.05 -20.01 -19.20
N ALA C 53 39.00 -20.51 -18.40
CA ALA C 53 38.83 -21.71 -17.59
C ALA C 53 37.58 -21.62 -16.71
N TYR C 54 37.41 -20.43 -16.10
CA TYR C 54 36.25 -20.13 -15.26
C TYR C 54 35.03 -19.76 -16.14
N ALA C 55 35.23 -19.17 -17.34
CA ALA C 55 34.11 -18.86 -18.27
C ALA C 55 33.28 -20.11 -18.60
N VAL C 56 34.01 -21.24 -18.72
CA VAL C 56 33.40 -22.55 -18.90
C VAL C 56 32.88 -23.10 -17.56
N LEU C 57 33.76 -23.17 -16.55
CA LEU C 57 33.50 -23.89 -15.28
C LEU C 57 32.89 -22.97 -14.18
N SER C 58 32.33 -21.82 -14.59
CA SER C 58 31.76 -20.79 -13.69
C SER C 58 30.75 -21.35 -12.68
N ASP C 59 29.67 -21.93 -13.21
CA ASP C 59 28.52 -22.39 -12.40
C ASP C 59 28.14 -23.81 -12.86
N PRO C 60 27.55 -24.67 -11.95
CA PRO C 60 27.21 -26.10 -12.22
C PRO C 60 26.61 -26.42 -13.61
N GLU C 61 25.85 -25.46 -14.20
CA GLU C 61 25.23 -25.67 -15.53
C GLU C 61 26.29 -25.69 -16.66
N LYS C 62 27.08 -24.58 -16.80
CA LYS C 62 28.15 -24.49 -17.83
C LYS C 62 29.29 -25.50 -17.56
N ARG C 63 29.47 -25.82 -16.26
CA ARG C 63 30.32 -26.92 -15.79
C ARG C 63 29.90 -28.24 -16.47
N ARG C 64 28.59 -28.57 -16.38
CA ARG C 64 28.02 -29.81 -16.95
C ARG C 64 27.92 -29.74 -18.48
N ILE C 65 27.95 -28.53 -19.06
CA ILE C 65 28.06 -28.35 -20.52
C ILE C 65 29.44 -28.88 -20.99
N TYR C 66 30.50 -28.53 -20.22
CA TYR C 66 31.86 -29.06 -20.44
C TYR C 66 31.85 -30.59 -20.29
N ASP C 67 31.23 -31.09 -19.19
CA ASP C 67 31.15 -32.54 -18.87
C ASP C 67 30.50 -33.33 -20.02
N THR C 68 29.38 -32.80 -20.53
CA THR C 68 28.66 -33.44 -21.65
C THR C 68 29.44 -33.30 -22.95
N TYR C 69 30.30 -32.26 -23.07
CA TYR C 69 31.09 -32.06 -24.31
C TYR C 69 32.31 -33.01 -24.31
N GLY C 70 32.58 -33.64 -25.47
CA GLY C 70 33.57 -34.73 -25.58
C GLY C 70 32.92 -36.10 -25.33
N THR C 71 31.60 -36.11 -25.45
CA THR C 71 30.74 -37.31 -25.34
C THR C 71 29.59 -37.01 -26.30
N THR C 72 28.92 -35.91 -25.99
CA THR C 72 28.14 -35.14 -26.94
C THR C 72 29.16 -34.20 -27.64
N GLU C 73 28.89 -33.88 -28.90
CA GLU C 73 29.79 -33.07 -29.74
C GLU C 73 29.04 -31.82 -30.24
N ALA C 74 27.70 -31.84 -30.14
CA ALA C 74 26.86 -30.69 -30.46
C ALA C 74 26.93 -29.65 -29.32
N PRO C 75 27.27 -28.36 -29.63
CA PRO C 75 27.14 -27.24 -28.67
C PRO C 75 25.67 -27.03 -28.22
N PRO C 76 25.42 -26.57 -26.96
CA PRO C 76 24.04 -26.36 -26.45
C PRO C 76 23.28 -25.23 -27.20
N PRO C 77 21.91 -25.13 -27.05
CA PRO C 77 21.13 -23.96 -27.49
C PRO C 77 21.46 -22.70 -26.65
N PRO C 78 21.19 -21.46 -27.18
CA PRO C 78 21.39 -20.19 -26.42
C PRO C 78 20.59 -20.19 -25.09
N PRO C 79 21.27 -20.14 -23.89
CA PRO C 79 20.57 -20.07 -22.59
C PRO C 79 19.82 -18.72 -22.45
N PRO C 80 18.72 -18.64 -21.60
CA PRO C 80 17.81 -17.44 -21.48
C PRO C 80 18.51 -16.05 -21.38
N GLY C 81 19.00 -15.56 -22.53
CA GLY C 81 19.71 -14.29 -22.61
C GLY C 81 20.95 -14.38 -23.50
N GLY C 82 21.76 -15.43 -23.29
CA GLY C 82 23.04 -15.64 -23.96
C GLY C 82 24.04 -16.22 -22.98
N TYR C 83 25.16 -16.75 -23.49
CA TYR C 83 26.22 -17.36 -22.68
C TYR C 83 26.95 -16.27 -21.89
N ASP C 84 26.82 -16.34 -20.55
CA ASP C 84 27.50 -15.46 -19.60
C ASP C 84 29.01 -15.41 -19.85
N PHE C 85 29.55 -14.19 -20.10
CA PHE C 85 31.00 -13.93 -20.15
C PHE C 85 31.33 -12.64 -19.38
N SER C 86 30.97 -12.66 -18.07
CA SER C 86 31.21 -11.55 -17.14
C SER C 86 32.70 -11.22 -16.95
N GLY C 87 33.19 -10.30 -17.82
CA GLY C 87 34.59 -9.85 -17.79
C GLY C 87 35.54 -10.84 -18.45
N PHE C 88 34.97 -11.80 -19.21
CA PHE C 88 35.75 -12.84 -19.90
C PHE C 88 35.89 -12.44 -21.38
N ASP C 89 37.13 -12.26 -21.86
CA ASP C 89 37.42 -11.80 -23.24
C ASP C 89 37.30 -12.98 -24.24
N VAL C 90 36.06 -13.38 -24.46
CA VAL C 90 35.67 -14.51 -25.31
C VAL C 90 36.32 -14.48 -26.71
N GLU C 91 36.36 -13.28 -27.32
CA GLU C 91 36.82 -13.07 -28.71
C GLU C 91 38.33 -13.39 -28.86
N ASP C 92 39.06 -13.31 -27.73
CA ASP C 92 40.51 -13.57 -27.70
C ASP C 92 40.79 -15.06 -27.40
N PHE C 93 39.79 -15.77 -26.83
CA PHE C 93 39.96 -17.18 -26.37
C PHE C 93 39.92 -18.17 -27.56
N SER C 94 40.10 -19.48 -27.25
CA SER C 94 40.28 -20.54 -28.26
C SER C 94 39.03 -20.70 -29.17
N GLU C 95 39.26 -21.20 -30.40
CA GLU C 95 38.19 -21.44 -31.38
C GLU C 95 37.27 -22.58 -30.92
N PHE C 96 37.85 -23.58 -30.21
CA PHE C 96 37.08 -24.64 -29.50
C PHE C 96 35.98 -24.04 -28.60
N PHE C 97 36.44 -23.10 -27.76
CA PHE C 97 35.62 -22.33 -26.83
C PHE C 97 34.50 -21.59 -27.58
N GLN C 98 34.90 -20.92 -28.67
CA GLN C 98 34.01 -20.08 -29.48
C GLN C 98 33.08 -20.90 -30.40
N GLU C 99 33.30 -22.22 -30.51
CA GLU C 99 32.33 -23.18 -31.12
C GLU C 99 31.27 -23.56 -30.06
N LEU C 100 31.79 -24.00 -28.89
CA LEU C 100 31.00 -24.59 -27.80
C LEU C 100 29.91 -23.61 -27.29
N PHE C 101 30.28 -22.35 -27.08
CA PHE C 101 29.33 -21.31 -26.60
C PHE C 101 28.91 -20.36 -27.74
N GLY C 102 29.27 -20.76 -28.99
CA GLY C 102 29.14 -19.93 -30.21
C GLY C 102 27.82 -19.16 -30.30
N PRO C 103 26.65 -19.88 -30.40
CA PRO C 103 25.26 -19.32 -30.44
C PRO C 103 25.01 -17.98 -29.67
N GLY C 104 25.74 -17.73 -28.56
CA GLY C 104 25.57 -16.49 -27.80
C GLY C 104 26.78 -16.12 -26.97
N LEU C 105 27.96 -16.08 -27.62
CA LEU C 105 29.25 -15.69 -26.98
C LEU C 105 29.31 -14.28 -26.26
N PHE C 106 28.16 -13.59 -25.99
CA PHE C 106 28.14 -12.27 -25.28
C PHE C 106 29.18 -11.26 -25.83
N GLY C 107 30.33 -11.13 -25.16
CA GLY C 107 31.44 -10.36 -25.71
C GLY C 107 31.77 -9.09 -24.97
N GLY C 108 31.88 -9.20 -23.61
CA GLY C 108 32.56 -8.22 -22.72
C GLY C 108 33.50 -7.23 -23.44
N PHE C 109 34.64 -7.78 -23.92
CA PHE C 109 35.66 -7.03 -24.67
C PHE C 109 35.49 -7.20 -26.20
N GLY C 110 34.52 -8.05 -26.62
CA GLY C 110 34.19 -8.22 -28.05
C GLY C 110 33.42 -7.02 -28.61
N ARG C 111 32.89 -6.21 -27.66
CA ARG C 111 32.35 -4.85 -27.84
C ARG C 111 30.93 -4.82 -28.41
N ARG C 112 30.58 -5.69 -29.39
CA ARG C 112 29.19 -5.78 -29.91
C ARG C 112 28.64 -7.23 -29.87
N SER C 113 29.53 -8.20 -30.22
CA SER C 113 29.32 -9.70 -30.36
C SER C 113 27.94 -10.34 -29.91
N ARG C 114 27.33 -9.82 -28.83
CA ARG C 114 25.95 -10.15 -28.37
C ARG C 114 25.52 -9.06 -27.36
N LYS C 115 24.24 -9.04 -26.95
CA LYS C 115 23.74 -8.10 -25.91
C LYS C 115 24.13 -8.61 -24.51
N GLY C 116 25.01 -7.88 -23.77
CA GLY C 116 25.22 -8.12 -22.36
C GLY C 116 23.94 -7.88 -21.61
N ARG C 117 23.34 -8.95 -21.12
CA ARG C 117 22.02 -8.90 -20.53
C ARG C 117 22.11 -8.82 -19.01
N ASP C 118 21.66 -7.64 -18.56
CA ASP C 118 21.28 -7.35 -17.19
C ASP C 118 19.93 -8.03 -16.99
N LEU C 119 19.90 -9.10 -16.20
CA LEU C 119 18.80 -10.06 -16.21
C LEU C 119 17.74 -9.67 -15.19
N ARG C 120 16.60 -9.18 -15.68
CA ARG C 120 15.50 -8.71 -14.84
C ARG C 120 14.59 -9.91 -14.60
N ALA C 121 14.81 -10.61 -13.49
CA ALA C 121 14.16 -11.90 -13.23
C ALA C 121 13.08 -11.69 -12.19
N GLU C 122 11.83 -11.88 -12.63
CA GLU C 122 10.65 -11.91 -11.79
C GLU C 122 10.68 -13.24 -11.04
N LEU C 123 10.98 -13.19 -9.73
CA LEU C 123 11.06 -14.41 -8.91
C LEU C 123 9.98 -14.43 -7.81
N PRO C 124 9.32 -15.62 -7.61
CA PRO C 124 8.44 -15.86 -6.46
C PRO C 124 9.27 -15.91 -5.14
N LEU C 125 9.01 -14.97 -4.21
CA LEU C 125 9.76 -14.89 -2.94
C LEU C 125 8.87 -14.23 -1.86
N THR C 126 9.21 -14.42 -0.58
CA THR C 126 8.55 -13.70 0.53
C THR C 126 9.60 -13.00 1.40
N LEU C 127 9.09 -12.25 2.36
CA LEU C 127 9.85 -11.46 3.33
C LEU C 127 10.77 -12.38 4.17
N GLU C 128 10.14 -13.46 4.67
CA GLU C 128 10.80 -14.50 5.47
C GLU C 128 11.88 -15.23 4.65
N GLU C 129 11.62 -15.37 3.32
CA GLU C 129 12.57 -16.04 2.38
C GLU C 129 13.63 -15.05 1.86
N ALA C 130 13.41 -13.75 2.08
CA ALA C 130 14.45 -12.73 1.83
C ALA C 130 15.48 -12.77 2.97
N PHE C 131 14.96 -13.07 4.17
CA PHE C 131 15.75 -13.42 5.37
C PHE C 131 16.43 -14.81 5.23
N HIS C 132 15.66 -15.81 4.78
CA HIS C 132 16.14 -17.22 4.62
C HIS C 132 16.93 -17.38 3.31
N GLY C 133 16.88 -16.34 2.44
CA GLY C 133 17.62 -16.31 1.19
C GLY C 133 19.13 -16.26 1.38
N GLY C 134 19.77 -15.20 0.86
CA GLY C 134 21.23 -15.10 0.85
C GLY C 134 21.84 -16.18 -0.03
N GLU C 135 22.39 -17.22 0.62
CA GLU C 135 23.08 -18.34 -0.05
C GLU C 135 22.06 -19.42 -0.42
N ARG C 136 21.54 -19.35 -1.66
CA ARG C 136 20.49 -20.28 -2.17
C ARG C 136 20.75 -20.63 -3.64
N VAL C 137 20.03 -21.67 -4.12
CA VAL C 137 20.12 -22.16 -5.51
C VAL C 137 19.43 -21.20 -6.50
N VAL C 138 20.22 -20.22 -7.00
CA VAL C 138 19.78 -19.26 -8.03
C VAL C 138 19.87 -19.91 -9.41
N GLU C 139 18.78 -19.82 -10.19
CA GLU C 139 18.76 -20.19 -11.62
C GLU C 139 18.26 -19.00 -12.41
N VAL C 140 19.13 -18.41 -13.26
CA VAL C 140 18.76 -17.42 -14.29
C VAL C 140 19.76 -17.55 -15.46
N ALA C 141 19.22 -17.71 -16.70
CA ALA C 141 20.01 -17.70 -17.96
C ALA C 141 21.02 -18.85 -18.06
N GLY C 142 20.66 -20.01 -17.48
CA GLY C 142 21.56 -21.16 -17.46
C GLY C 142 22.72 -20.98 -16.50
N ARG C 143 22.50 -20.15 -15.46
CA ARG C 143 23.43 -19.99 -14.33
C ARG C 143 22.72 -20.49 -13.08
N ARG C 144 22.99 -21.76 -12.73
CA ARG C 144 22.37 -22.42 -11.58
C ARG C 144 23.44 -22.72 -10.54
N VAL C 145 23.48 -21.94 -9.45
CA VAL C 145 24.51 -22.03 -8.41
C VAL C 145 23.94 -21.60 -7.04
N SER C 146 24.42 -22.24 -5.96
CA SER C 146 24.14 -21.81 -4.58
C SER C 146 25.02 -20.60 -4.24
N VAL C 147 24.51 -19.39 -4.55
CA VAL C 147 25.26 -18.13 -4.45
C VAL C 147 24.58 -17.21 -3.42
N ARG C 148 25.38 -16.30 -2.83
CA ARG C 148 24.89 -15.32 -1.86
C ARG C 148 24.51 -14.01 -2.56
N ILE C 149 23.22 -13.71 -2.51
CA ILE C 149 22.69 -12.37 -2.80
C ILE C 149 22.55 -11.63 -1.44
N PRO C 150 22.59 -10.25 -1.41
CA PRO C 150 22.32 -9.49 -0.16
C PRO C 150 20.98 -9.93 0.53
N PRO C 151 21.05 -10.52 1.77
CA PRO C 151 19.85 -11.01 2.50
C PRO C 151 18.87 -9.87 2.80
N GLY C 152 17.69 -9.92 2.17
CA GLY C 152 16.72 -8.83 2.23
C GLY C 152 16.22 -8.38 0.89
N VAL C 153 14.90 -8.03 0.83
CA VAL C 153 14.28 -7.46 -0.38
C VAL C 153 12.89 -6.81 -0.07
N ARG C 154 12.38 -6.06 -1.07
CA ARG C 154 11.06 -5.39 -1.07
C ARG C 154 10.27 -5.84 -2.34
N GLU C 155 8.97 -5.50 -2.39
CA GLU C 155 8.15 -5.65 -3.63
C GLU C 155 8.67 -4.71 -4.73
N GLY C 156 8.91 -5.30 -5.93
CA GLY C 156 9.40 -4.54 -7.09
C GLY C 156 10.85 -4.10 -6.97
N SER C 157 11.56 -4.65 -5.95
CA SER C 157 12.96 -4.31 -5.69
C SER C 157 13.87 -5.06 -6.67
N VAL C 158 14.92 -4.33 -7.11
CA VAL C 158 15.87 -4.77 -8.13
C VAL C 158 17.23 -5.07 -7.44
N ILE C 159 17.46 -6.34 -7.15
CA ILE C 159 18.73 -6.80 -6.53
C ILE C 159 19.81 -6.89 -7.61
N ARG C 160 20.82 -6.01 -7.57
CA ARG C 160 21.98 -6.12 -8.47
C ARG C 160 22.99 -7.09 -7.88
N VAL C 161 23.11 -8.28 -8.47
CA VAL C 161 24.15 -9.24 -8.15
C VAL C 161 25.25 -9.06 -9.23
N PRO C 162 26.43 -8.42 -8.87
CA PRO C 162 27.48 -8.02 -9.86
C PRO C 162 28.14 -9.22 -10.56
N GLY C 163 28.24 -9.13 -11.90
CA GLY C 163 28.86 -10.17 -12.72
C GLY C 163 28.08 -11.50 -12.69
N MET C 164 26.80 -11.43 -12.29
CA MET C 164 25.93 -12.61 -12.18
C MET C 164 24.83 -12.62 -13.26
N GLY C 165 24.79 -11.56 -14.09
CA GLY C 165 24.04 -11.61 -15.34
C GLY C 165 24.95 -12.11 -16.42
N GLY C 166 25.29 -11.26 -17.38
CA GLY C 166 26.46 -11.50 -18.22
C GLY C 166 27.00 -10.22 -18.82
N GLN C 167 28.27 -9.86 -18.49
CA GLN C 167 28.93 -8.69 -19.09
C GLN C 167 29.24 -9.02 -20.57
N GLY C 168 28.40 -8.49 -21.48
CA GLY C 168 28.57 -8.68 -22.92
C GLY C 168 28.84 -7.36 -23.59
N ASN C 169 28.04 -6.99 -24.62
CA ASN C 169 28.20 -5.66 -25.28
C ASN C 169 27.96 -4.50 -24.24
N PRO C 170 26.70 -4.26 -23.67
CA PRO C 170 26.53 -3.44 -22.45
C PRO C 170 26.53 -4.36 -21.22
N PRO C 171 27.56 -4.28 -20.32
CA PRO C 171 27.69 -5.13 -19.09
C PRO C 171 26.35 -5.51 -18.41
N GLY C 172 26.19 -6.80 -18.10
CA GLY C 172 24.93 -7.34 -17.62
C GLY C 172 25.09 -7.97 -16.25
N ASP C 173 24.41 -7.40 -15.24
CA ASP C 173 24.39 -7.95 -13.88
C ASP C 173 23.01 -8.55 -13.62
N LEU C 174 22.90 -9.46 -12.66
CA LEU C 174 21.62 -10.14 -12.39
C LEU C 174 20.73 -9.23 -11.52
N LEU C 175 19.70 -8.68 -12.16
CA LEU C 175 18.71 -7.80 -11.54
C LEU C 175 17.48 -8.60 -11.08
N LEU C 176 17.59 -9.23 -9.90
CA LEU C 176 16.49 -10.02 -9.33
C LEU C 176 15.31 -9.10 -8.90
N VAL C 177 14.29 -9.06 -9.77
CA VAL C 177 13.04 -8.31 -9.53
C VAL C 177 12.09 -9.20 -8.71
N VAL C 178 12.00 -8.95 -7.40
CA VAL C 178 11.22 -9.81 -6.50
C VAL C 178 9.72 -9.45 -6.47
N ARG C 179 8.88 -10.50 -6.54
CA ARG C 179 7.44 -10.44 -6.32
C ARG C 179 7.11 -11.17 -4.99
N LEU C 180 6.65 -10.38 -4.02
CA LEU C 180 6.25 -10.84 -2.68
C LEU C 180 4.87 -11.52 -2.72
N LEU C 181 4.63 -12.44 -1.76
CA LEU C 181 3.36 -13.21 -1.66
C LEU C 181 2.18 -12.26 -1.31
N PRO C 182 0.89 -12.73 -1.41
CA PRO C 182 -0.27 -12.09 -0.72
C PRO C 182 -0.05 -12.08 0.82
N HIS C 183 0.92 -11.26 1.23
CA HIS C 183 1.49 -11.25 2.58
C HIS C 183 2.18 -9.88 2.76
N PRO C 184 1.37 -8.76 2.69
CA PRO C 184 1.91 -7.38 2.65
C PRO C 184 2.19 -6.86 4.07
N VAL C 185 3.15 -7.50 4.75
CA VAL C 185 3.43 -7.21 6.15
C VAL C 185 4.59 -6.21 6.19
N PHE C 186 5.73 -6.58 5.57
CA PHE C 186 6.98 -5.78 5.61
C PHE C 186 7.35 -5.25 4.21
N ARG C 187 8.08 -4.12 4.18
CA ARG C 187 8.60 -3.48 2.94
C ARG C 187 9.99 -2.90 3.23
N LEU C 188 11.03 -3.43 2.58
CA LEU C 188 12.43 -3.08 2.90
C LEU C 188 12.86 -1.71 2.35
N GLU C 189 13.68 -1.02 3.16
CA GLU C 189 14.43 0.16 2.76
C GLU C 189 15.81 0.07 3.46
N GLY C 190 16.87 -0.27 2.68
CA GLY C 190 18.22 -0.49 3.22
C GLY C 190 18.32 -1.83 3.96
N GLN C 191 18.27 -1.78 5.32
CA GLN C 191 18.20 -2.97 6.20
C GLN C 191 16.96 -2.90 7.11
N ASP C 192 16.23 -1.76 7.04
CA ASP C 192 15.09 -1.47 7.93
C ASP C 192 13.78 -1.71 7.19
N LEU C 193 12.82 -2.30 7.91
CA LEU C 193 11.53 -2.71 7.35
C LEU C 193 10.44 -1.69 7.63
N TYR C 194 9.45 -1.66 6.75
CA TYR C 194 8.20 -0.95 6.96
C TYR C 194 7.08 -1.99 7.07
N ALA C 195 6.58 -2.18 8.29
CA ALA C 195 5.45 -3.06 8.56
C ALA C 195 4.19 -2.23 8.83
N THR C 196 3.10 -2.94 9.11
CA THR C 196 1.85 -2.34 9.56
C THR C 196 1.24 -3.27 10.62
N LEU C 197 1.45 -2.92 11.89
CA LEU C 197 1.10 -3.79 13.02
C LEU C 197 -0.40 -3.71 13.35
N ASP C 198 -1.06 -4.88 13.28
CA ASP C 198 -2.46 -5.02 13.65
C ASP C 198 -2.58 -4.98 15.18
N VAL C 199 -2.96 -3.81 15.73
CA VAL C 199 -3.14 -3.60 17.17
C VAL C 199 -4.64 -3.42 17.46
N PRO C 200 -5.30 -4.32 18.25
CA PRO C 200 -6.68 -4.13 18.65
C PRO C 200 -6.78 -2.99 19.69
N ALA C 201 -7.87 -2.23 19.58
CA ALA C 201 -8.11 -1.01 20.37
C ALA C 201 -8.02 -1.23 21.90
N PRO C 202 -8.62 -2.33 22.51
CA PRO C 202 -8.48 -2.59 23.97
C PRO C 202 -7.00 -2.68 24.43
N ILE C 203 -6.17 -3.43 23.67
CA ILE C 203 -4.74 -3.63 23.99
C ILE C 203 -3.95 -2.32 23.80
N ALA C 204 -4.33 -1.55 22.76
CA ALA C 204 -3.74 -0.24 22.47
C ALA C 204 -3.91 0.73 23.65
N VAL C 205 -5.12 0.73 24.22
CA VAL C 205 -5.50 1.61 25.32
C VAL C 205 -4.84 1.19 26.65
N VAL C 206 -4.81 -0.12 26.94
CA VAL C 206 -4.30 -0.63 28.24
C VAL C 206 -2.77 -0.60 28.28
N GLY C 207 -2.16 -0.74 27.10
CA GLY C 207 -0.72 -0.92 26.99
C GLY C 207 -0.33 -2.34 27.35
N GLY C 208 -1.00 -3.30 26.69
CA GLY C 208 -0.76 -4.73 26.93
C GLY C 208 0.28 -5.27 25.96
N LYS C 209 -0.09 -6.26 25.15
CA LYS C 209 0.84 -6.89 24.21
C LYS C 209 0.11 -7.45 22.98
N VAL C 210 0.67 -7.13 21.82
CA VAL C 210 0.26 -7.62 20.49
C VAL C 210 1.42 -8.46 19.91
N ARG C 211 1.30 -8.92 18.67
CA ARG C 211 2.34 -9.76 18.05
C ARG C 211 2.52 -9.44 16.56
N ALA C 212 3.77 -9.18 16.17
CA ALA C 212 4.19 -9.09 14.78
C ALA C 212 4.90 -10.40 14.40
N MET C 213 4.30 -11.19 13.50
CA MET C 213 4.95 -12.41 12.97
C MET C 213 6.12 -11.98 12.09
N THR C 214 7.35 -12.14 12.59
CA THR C 214 8.54 -11.64 11.92
C THR C 214 9.26 -12.79 11.17
N LEU C 215 10.31 -12.40 10.45
CA LEU C 215 11.11 -13.25 9.57
C LEU C 215 11.81 -14.37 10.37
N GLU C 216 12.32 -13.97 11.54
CA GLU C 216 13.09 -14.85 12.45
C GLU C 216 12.16 -15.50 13.50
N GLY C 217 10.86 -15.18 13.41
CA GLY C 217 9.85 -15.71 14.33
C GLY C 217 8.91 -14.62 14.82
N PRO C 218 7.73 -14.97 15.38
CA PRO C 218 6.74 -13.97 15.86
C PRO C 218 7.21 -13.22 17.13
N VAL C 219 7.57 -11.92 16.96
CA VAL C 219 7.93 -11.04 18.09
C VAL C 219 6.63 -10.53 18.72
N GLU C 220 6.44 -10.82 20.01
CA GLU C 220 5.23 -10.41 20.71
C GLU C 220 5.51 -9.05 21.36
N VAL C 221 4.96 -8.02 20.72
CA VAL C 221 5.31 -6.64 20.92
C VAL C 221 4.51 -6.01 22.08
N ALA C 222 5.23 -5.46 23.07
CA ALA C 222 4.63 -4.69 24.18
C ALA C 222 4.19 -3.29 23.70
N VAL C 223 3.06 -2.80 24.23
CA VAL C 223 2.41 -1.53 23.82
C VAL C 223 2.42 -0.53 25.00
N PRO C 224 2.72 0.81 24.78
CA PRO C 224 2.54 1.86 25.83
C PRO C 224 1.04 2.28 25.95
N PRO C 225 0.62 2.84 27.14
CA PRO C 225 -0.81 3.21 27.42
C PRO C 225 -1.39 4.20 26.37
N ARG C 226 -2.52 3.79 25.75
CA ARG C 226 -3.25 4.53 24.72
C ARG C 226 -2.38 4.85 23.48
N THR C 227 -2.42 3.92 22.52
CA THR C 227 -1.69 4.02 21.25
C THR C 227 -2.65 4.26 20.05
N GLN C 228 -2.36 5.31 19.25
CA GLN C 228 -3.16 5.69 18.06
C GLN C 228 -2.58 5.11 16.75
N ALA C 229 -3.49 4.92 15.78
CA ALA C 229 -3.12 4.51 14.42
C ALA C 229 -2.40 5.66 13.70
N GLY C 230 -1.28 5.34 13.05
CA GLY C 230 -0.41 6.33 12.43
C GLY C 230 0.92 6.45 13.16
N ARG C 231 0.97 5.97 14.42
CA ARG C 231 2.24 5.89 15.19
C ARG C 231 3.22 4.88 14.56
N LYS C 232 4.44 4.80 15.12
CA LYS C 232 5.48 3.91 14.59
C LYS C 232 6.31 3.30 15.73
N LEU C 233 6.74 2.04 15.50
CA LEU C 233 7.57 1.26 16.42
C LEU C 233 8.93 1.04 15.76
N ARG C 234 10.01 1.01 16.55
CA ARG C 234 11.35 0.58 16.08
C ARG C 234 11.82 -0.63 16.93
N LEU C 235 11.57 -1.84 16.39
CA LEU C 235 11.98 -3.09 17.04
C LEU C 235 13.44 -3.41 16.65
N LYS C 236 14.33 -3.24 17.63
CA LYS C 236 15.78 -3.39 17.43
C LYS C 236 16.17 -4.85 17.15
N GLY C 237 16.83 -5.06 16.00
CA GLY C 237 17.30 -6.39 15.59
C GLY C 237 16.18 -7.28 15.05
N LYS C 238 15.17 -6.66 14.40
CA LYS C 238 14.05 -7.36 13.75
C LYS C 238 13.95 -6.97 12.25
N GLY C 239 15.02 -6.35 11.72
CA GLY C 239 15.15 -6.10 10.27
C GLY C 239 15.90 -7.24 9.60
N PHE C 240 16.67 -6.94 8.53
CA PHE C 240 17.46 -7.96 7.82
C PHE C 240 18.92 -8.03 8.35
N PRO C 241 19.51 -9.27 8.44
CA PRO C 241 20.83 -9.51 9.07
C PRO C 241 22.02 -9.08 8.20
N GLY C 242 22.73 -8.06 8.67
CA GLY C 242 24.01 -7.66 8.09
C GLY C 242 25.19 -8.26 8.86
N PRO C 243 26.42 -8.35 8.25
CA PRO C 243 27.62 -8.91 8.92
C PRO C 243 28.13 -8.02 10.08
N ALA C 244 27.63 -6.77 10.15
CA ALA C 244 27.91 -5.84 11.26
C ALA C 244 26.71 -5.74 12.22
N GLY C 245 25.52 -6.20 11.75
CA GLY C 245 24.31 -6.21 12.59
C GLY C 245 23.02 -6.24 11.78
N ARG C 246 21.94 -6.71 12.44
CA ARG C 246 20.57 -6.70 11.87
C ARG C 246 20.00 -5.28 11.86
N GLY C 247 19.08 -5.01 10.92
CA GLY C 247 18.34 -3.75 10.88
C GLY C 247 17.22 -3.70 11.91
N ASP C 248 16.31 -2.75 11.75
CA ASP C 248 15.19 -2.55 12.70
C ASP C 248 13.88 -2.72 11.96
N LEU C 249 12.85 -3.11 12.69
CA LEU C 249 11.50 -3.24 12.17
C LEU C 249 10.69 -1.98 12.54
N TYR C 250 10.38 -1.15 11.52
CA TYR C 250 9.58 0.08 11.69
C TYR C 250 8.14 -0.20 11.28
N LEU C 251 7.24 -0.43 12.25
CA LEU C 251 5.83 -0.77 11.95
C LEU C 251 4.96 0.48 12.10
N GLU C 252 3.98 0.67 11.21
CA GLU C 252 2.94 1.68 11.41
C GLU C 252 1.77 1.02 12.15
N VAL C 253 1.34 1.65 13.25
CA VAL C 253 0.25 1.16 14.09
C VAL C 253 -1.09 1.25 13.33
N ARG C 254 -1.85 0.15 13.38
CA ARG C 254 -3.15 0.04 12.72
C ARG C 254 -4.15 -0.43 13.79
N ILE C 255 -4.83 0.55 14.43
CA ILE C 255 -5.82 0.29 15.48
C ILE C 255 -7.10 -0.25 14.85
N THR C 256 -7.56 -1.39 15.37
CA THR C 256 -8.66 -2.18 14.80
C THR C 256 -9.49 -2.83 15.92
N ILE C 257 -10.65 -3.43 15.55
CA ILE C 257 -11.57 -4.08 16.50
C ILE C 257 -11.97 -5.48 15.95
N PRO C 258 -12.23 -6.50 16.83
CA PRO C 258 -12.45 -7.91 16.41
C PRO C 258 -13.84 -8.17 15.76
N GLU C 259 -14.56 -7.07 15.44
CA GLU C 259 -15.97 -7.09 14.97
C GLU C 259 -16.91 -7.68 16.04
N ARG C 260 -16.92 -9.03 16.09
CA ARG C 260 -17.81 -9.84 16.92
C ARG C 260 -17.32 -9.87 18.39
N LEU C 261 -18.28 -9.88 19.31
CA LEU C 261 -18.04 -9.85 20.77
C LEU C 261 -19.04 -10.75 21.50
N THR C 262 -18.78 -10.98 22.78
CA THR C 262 -19.73 -11.61 23.70
C THR C 262 -20.70 -10.51 24.22
N PRO C 263 -21.97 -10.84 24.60
CA PRO C 263 -22.94 -9.86 25.18
C PRO C 263 -22.34 -9.00 26.33
N GLU C 264 -21.44 -9.62 27.12
CA GLU C 264 -20.79 -8.99 28.28
C GLU C 264 -19.81 -7.88 27.83
N GLU C 265 -18.85 -8.29 26.95
CA GLU C 265 -17.89 -7.37 26.33
C GLU C 265 -18.61 -6.18 25.71
N GLU C 266 -19.55 -6.51 24.83
CA GLU C 266 -20.31 -5.55 24.04
C GLU C 266 -21.11 -4.59 24.94
N ALA C 267 -21.56 -5.07 26.12
CA ALA C 267 -22.25 -4.22 27.13
C ALA C 267 -21.31 -3.10 27.62
N LEU C 268 -20.04 -3.46 27.92
CA LEU C 268 -19.00 -2.44 28.27
C LEU C 268 -18.71 -1.48 27.10
N TRP C 269 -18.61 -2.05 25.88
CA TRP C 269 -18.42 -1.25 24.65
C TRP C 269 -19.66 -0.36 24.36
N LYS C 270 -20.85 -0.77 24.86
CA LYS C 270 -22.09 0.05 24.76
C LYS C 270 -21.96 1.30 25.61
N LYS C 271 -21.55 1.14 26.88
CA LYS C 271 -21.35 2.28 27.81
C LYS C 271 -20.34 3.29 27.24
N LEU C 272 -19.21 2.77 26.71
CA LEU C 272 -18.17 3.58 26.04
C LEU C 272 -18.74 4.29 24.79
N ALA C 273 -19.57 3.55 24.02
CA ALA C 273 -20.17 4.06 22.77
C ALA C 273 -21.12 5.21 23.02
N GLU C 274 -21.96 5.06 24.04
CA GLU C 274 -22.99 6.06 24.42
C GLU C 274 -22.32 7.30 25.04
N ALA C 275 -21.19 7.07 25.73
CA ALA C 275 -20.31 8.15 26.23
C ALA C 275 -19.75 8.97 25.05
N TYR C 276 -19.49 8.30 23.92
CA TYR C 276 -19.07 8.93 22.66
C TYR C 276 -20.26 9.48 21.83
N TYR C 277 -21.47 8.90 21.99
CA TYR C 277 -22.69 9.42 21.28
C TYR C 277 -23.13 10.75 21.91
N ALA C 278 -22.69 10.96 23.16
CA ALA C 278 -22.82 12.26 23.86
C ALA C 278 -22.03 13.40 23.15
N ARG C 279 -21.30 13.08 22.06
CA ARG C 279 -20.66 14.10 21.18
C ARG C 279 -21.67 14.87 20.31
N ALA C 280 -22.92 14.35 20.23
CA ALA C 280 -24.01 14.90 19.38
C ALA C 280 -24.13 16.44 19.50
N MET A 1 -10.48 42.94 -46.06
CA MET A 1 -11.09 44.27 -46.38
C MET A 1 -11.44 45.06 -45.10
N ALA A 2 -10.96 44.56 -43.93
CA ALA A 2 -11.24 45.12 -42.60
C ALA A 2 -12.76 45.33 -42.36
N ALA A 3 -13.57 44.41 -42.94
CA ALA A 3 -15.03 44.49 -42.90
C ALA A 3 -15.55 43.92 -41.57
N LYS A 4 -15.30 44.67 -40.48
CA LYS A 4 -15.77 44.35 -39.12
C LYS A 4 -17.19 43.76 -39.10
N LYS A 5 -17.29 42.45 -38.85
CA LYS A 5 -18.56 41.80 -38.52
C LYS A 5 -18.99 42.24 -37.12
N ASP A 6 -20.26 42.64 -36.97
CA ASP A 6 -20.86 42.86 -35.66
C ASP A 6 -21.14 41.47 -35.07
N TYR A 7 -20.12 40.92 -34.41
CA TYR A 7 -20.12 39.54 -33.90
C TYR A 7 -21.26 39.33 -32.86
N TYR A 8 -21.54 40.39 -32.10
CA TYR A 8 -22.65 40.42 -31.13
C TYR A 8 -24.00 40.27 -31.85
N ALA A 9 -24.18 41.00 -32.97
CA ALA A 9 -25.41 40.92 -33.79
C ALA A 9 -25.60 39.52 -34.37
N ILE A 10 -24.51 38.91 -34.86
CA ILE A 10 -24.50 37.52 -35.41
C ILE A 10 -25.04 36.53 -34.35
N LEU A 11 -24.56 36.68 -33.11
CA LEU A 11 -25.04 35.89 -31.97
C LEU A 11 -26.49 36.25 -31.58
N GLY A 12 -26.88 37.52 -31.80
CA GLY A 12 -28.18 38.05 -31.35
C GLY A 12 -28.13 38.57 -29.92
N VAL A 13 -27.10 39.37 -29.63
CA VAL A 13 -26.86 40.01 -28.31
C VAL A 13 -26.30 41.44 -28.53
N PRO A 14 -26.50 42.39 -27.56
CA PRO A 14 -25.97 43.81 -27.66
C PRO A 14 -24.43 43.89 -27.56
N ARG A 15 -23.86 45.06 -27.94
CA ARG A 15 -22.39 45.25 -28.07
C ARG A 15 -21.65 45.36 -26.71
N ASN A 16 -22.32 44.97 -25.61
CA ASN A 16 -21.72 44.93 -24.26
C ASN A 16 -22.13 43.61 -23.58
N ALA A 17 -22.54 42.64 -24.40
CA ALA A 17 -22.95 41.32 -23.94
C ALA A 17 -21.76 40.60 -23.31
N THR A 18 -21.93 40.21 -22.04
CA THR A 18 -20.95 39.42 -21.31
C THR A 18 -21.02 37.95 -21.75
N GLN A 19 -20.05 37.14 -21.28
CA GLN A 19 -19.92 35.70 -21.62
C GLN A 19 -21.23 34.90 -21.35
N GLU A 20 -22.01 35.37 -20.35
CA GLU A 20 -23.29 34.76 -19.94
C GLU A 20 -24.38 35.00 -21.01
N GLU A 21 -24.49 36.26 -21.44
CA GLU A 21 -25.46 36.69 -22.48
C GLU A 21 -25.14 36.01 -23.83
N ILE A 22 -23.84 35.97 -24.12
CA ILE A 22 -23.27 35.36 -25.33
C ILE A 22 -23.44 33.83 -25.31
N LYS A 23 -23.41 33.23 -24.10
CA LYS A 23 -23.66 31.79 -23.90
C LYS A 23 -25.15 31.45 -24.14
N ARG A 24 -26.06 32.36 -23.75
CA ARG A 24 -27.51 32.21 -24.05
C ARG A 24 -27.73 32.19 -25.57
N ALA A 25 -27.15 33.21 -26.24
CA ALA A 25 -27.23 33.37 -27.71
C ALA A 25 -26.58 32.19 -28.46
N TYR A 26 -25.47 31.71 -27.87
CA TYR A 26 -24.74 30.53 -28.37
C TYR A 26 -25.67 29.32 -28.36
N LYS A 27 -26.10 28.90 -27.16
CA LYS A 27 -26.97 27.70 -26.95
C LYS A 27 -28.25 27.77 -27.78
N ARG A 28 -28.75 29.01 -28.03
CA ARG A 28 -29.89 29.24 -28.93
C ARG A 28 -29.52 28.73 -30.35
N LEU A 29 -28.57 29.40 -30.99
CA LEU A 29 -28.17 29.10 -32.39
C LEU A 29 -27.40 27.77 -32.49
N ALA A 30 -26.95 27.25 -31.34
CA ALA A 30 -26.21 25.99 -31.25
C ALA A 30 -27.16 24.81 -31.25
N ARG A 31 -28.31 24.95 -30.56
CA ARG A 31 -29.37 23.90 -30.57
C ARG A 31 -30.19 23.96 -31.85
N GLN A 32 -30.38 25.18 -32.39
CA GLN A 32 -31.10 25.39 -33.66
C GLN A 32 -30.31 24.80 -34.85
N TYR A 33 -29.11 25.35 -35.08
CA TYR A 33 -28.24 24.96 -36.22
C TYR A 33 -27.22 23.89 -35.80
N HIS A 34 -27.62 23.02 -34.84
CA HIS A 34 -26.77 21.93 -34.30
C HIS A 34 -26.40 20.95 -35.42
N PRO A 35 -25.12 20.96 -35.94
CA PRO A 35 -24.75 20.14 -37.12
C PRO A 35 -24.73 18.64 -36.79
N ASP A 36 -24.74 18.33 -35.48
CA ASP A 36 -24.88 16.96 -34.96
C ASP A 36 -26.24 16.34 -35.36
N VAL A 37 -27.29 17.17 -35.38
CA VAL A 37 -28.66 16.72 -35.71
C VAL A 37 -29.03 17.20 -37.14
N ASN A 38 -28.85 18.50 -37.37
CA ASN A 38 -29.17 19.17 -38.63
C ASN A 38 -27.91 19.35 -39.51
N LYS A 39 -27.58 18.31 -40.31
CA LYS A 39 -26.45 18.35 -41.25
C LYS A 39 -26.89 18.98 -42.59
N SER A 40 -27.33 20.25 -42.52
CA SER A 40 -27.72 21.04 -43.70
C SER A 40 -26.63 22.11 -43.97
N PRO A 41 -25.82 21.98 -45.10
CA PRO A 41 -24.63 22.84 -45.41
C PRO A 41 -24.80 24.32 -45.02
N GLU A 42 -25.89 24.94 -45.52
CA GLU A 42 -26.27 26.35 -45.24
C GLU A 42 -26.20 26.67 -43.72
N ALA A 43 -26.89 25.83 -42.94
CA ALA A 43 -27.02 25.99 -41.47
C ALA A 43 -25.69 25.73 -40.77
N GLU A 44 -24.80 24.94 -41.40
CA GLU A 44 -23.51 24.50 -40.82
C GLU A 44 -22.43 25.56 -41.05
N GLU A 45 -22.47 26.21 -42.23
CA GLU A 45 -21.53 27.29 -42.58
C GLU A 45 -21.82 28.50 -41.71
N LYS A 46 -23.11 28.85 -41.63
CA LYS A 46 -23.58 29.93 -40.75
C LYS A 46 -23.38 29.58 -39.26
N PHE A 47 -23.50 28.28 -38.91
CA PHE A 47 -23.18 27.78 -37.54
C PHE A 47 -21.73 28.10 -37.18
N LYS A 48 -20.81 27.85 -38.13
CA LYS A 48 -19.39 28.16 -37.96
C LYS A 48 -19.16 29.67 -37.77
N GLU A 49 -19.92 30.51 -38.52
CA GLU A 49 -19.86 31.99 -38.38
C GLU A 49 -20.38 32.46 -37.00
N ILE A 50 -21.30 31.67 -36.43
CA ILE A 50 -21.81 31.87 -35.06
C ILE A 50 -20.73 31.44 -34.04
N ASN A 51 -19.94 30.41 -34.39
CA ASN A 51 -18.80 29.94 -33.58
C ASN A 51 -17.55 30.83 -33.81
N GLU A 52 -17.56 31.64 -34.87
CA GLU A 52 -16.57 32.69 -35.14
C GLU A 52 -16.80 33.85 -34.17
N ALA A 53 -18.04 34.34 -34.21
CA ALA A 53 -18.55 35.39 -33.33
C ALA A 53 -18.36 35.00 -31.86
N TYR A 54 -18.82 33.79 -31.52
CA TYR A 54 -18.68 33.21 -30.19
C TYR A 54 -17.20 33.08 -29.81
N ALA A 55 -16.37 32.55 -30.73
CA ALA A 55 -14.92 32.31 -30.48
C ALA A 55 -14.21 33.56 -29.98
N VAL A 56 -14.38 34.67 -30.72
CA VAL A 56 -13.79 35.96 -30.37
C VAL A 56 -14.33 36.43 -29.00
N LEU A 57 -15.66 36.39 -28.84
CA LEU A 57 -16.34 37.03 -27.69
C LEU A 57 -16.47 36.13 -26.43
N SER A 58 -16.08 34.84 -26.53
CA SER A 58 -16.21 33.86 -25.41
C SER A 58 -15.07 34.03 -24.42
N ASP A 59 -13.91 34.43 -24.93
CA ASP A 59 -12.69 34.58 -24.14
C ASP A 59 -12.50 36.06 -23.83
N PRO A 60 -12.27 36.46 -22.52
CA PRO A 60 -12.24 37.89 -22.10
C PRO A 60 -11.23 38.75 -22.90
N GLU A 61 -10.05 38.15 -23.17
CA GLU A 61 -8.95 38.80 -23.89
C GLU A 61 -9.37 39.13 -25.33
N LYS A 62 -9.80 38.07 -26.05
CA LYS A 62 -10.17 38.15 -27.48
C LYS A 62 -11.41 39.05 -27.71
N ARG A 63 -12.35 38.98 -26.74
CA ARG A 63 -13.55 39.84 -26.70
C ARG A 63 -13.12 41.30 -26.70
N ARG A 64 -12.17 41.62 -25.78
CA ARG A 64 -11.64 42.97 -25.63
C ARG A 64 -10.76 43.39 -26.82
N ILE A 65 -10.15 42.43 -27.55
CA ILE A 65 -9.41 42.73 -28.81
C ILE A 65 -10.40 43.35 -29.82
N TYR A 66 -11.56 42.69 -29.97
CA TYR A 66 -12.67 43.21 -30.80
C TYR A 66 -13.12 44.62 -30.30
N ASP A 67 -13.53 44.67 -29.01
CA ASP A 67 -14.16 45.85 -28.39
C ASP A 67 -13.26 47.09 -28.45
N THR A 68 -11.95 46.89 -28.27
CA THR A 68 -10.96 47.97 -28.32
C THR A 68 -10.70 48.38 -29.78
N TYR A 69 -10.75 47.42 -30.74
CA TYR A 69 -10.44 47.73 -32.16
C TYR A 69 -11.47 48.75 -32.73
N GLY A 70 -10.96 49.91 -33.18
CA GLY A 70 -11.79 51.09 -33.48
C GLY A 70 -11.60 52.21 -32.43
N THR A 71 -10.66 51.99 -31.51
CA THR A 71 -10.24 52.94 -30.46
C THR A 71 -8.75 52.67 -30.27
N THR A 72 -8.45 51.41 -29.94
CA THR A 72 -7.17 50.79 -30.20
C THR A 72 -7.20 50.39 -31.69
N GLU A 73 -6.04 50.40 -32.36
CA GLU A 73 -5.97 50.22 -33.83
C GLU A 73 -4.94 49.15 -34.23
N ALA A 74 -4.03 48.81 -33.31
CA ALA A 74 -3.02 47.77 -33.50
C ALA A 74 -3.44 46.48 -32.77
N PRO A 75 -3.21 45.26 -33.38
CA PRO A 75 -3.55 43.97 -32.74
C PRO A 75 -2.61 43.65 -31.53
N PRO A 76 -3.18 43.34 -30.31
CA PRO A 76 -2.39 42.97 -29.09
C PRO A 76 -1.39 41.80 -29.32
N PRO A 77 -0.21 41.75 -28.60
CA PRO A 77 0.83 40.70 -28.82
C PRO A 77 0.26 39.26 -28.68
N PRO A 78 0.63 38.31 -29.60
CA PRO A 78 0.11 36.91 -29.59
C PRO A 78 0.47 36.15 -28.28
N PRO A 79 -0.56 35.57 -27.55
CA PRO A 79 -0.33 34.70 -26.35
C PRO A 79 0.57 33.45 -26.66
N PRO A 80 1.25 32.83 -25.62
CA PRO A 80 2.12 31.61 -25.78
C PRO A 80 1.49 30.44 -26.58
N GLY A 81 1.58 30.56 -27.91
CA GLY A 81 1.04 29.56 -28.86
C GLY A 81 0.34 30.27 -30.00
N GLY A 82 -0.38 31.35 -29.65
CA GLY A 82 -1.08 32.23 -30.58
C GLY A 82 -2.38 32.72 -29.99
N TYR A 83 -3.15 33.50 -30.78
CA TYR A 83 -4.57 33.77 -30.48
C TYR A 83 -5.30 32.41 -30.43
N ASP A 84 -5.51 31.89 -29.20
CA ASP A 84 -6.07 30.54 -29.01
C ASP A 84 -7.51 30.52 -29.56
N PHE A 85 -7.68 29.79 -30.66
CA PHE A 85 -8.89 29.79 -31.49
C PHE A 85 -9.28 28.33 -31.79
N SER A 86 -8.82 27.44 -30.90
CA SER A 86 -8.92 26.00 -31.07
C SER A 86 -10.38 25.53 -31.24
N GLY A 87 -10.57 24.49 -32.06
CA GLY A 87 -11.89 23.96 -32.38
C GLY A 87 -12.66 24.77 -33.45
N PHE A 88 -12.16 25.96 -33.87
CA PHE A 88 -12.90 26.82 -34.85
C PHE A 88 -12.18 26.93 -36.22
N ASP A 89 -13.00 26.94 -37.31
CA ASP A 89 -12.50 26.89 -38.72
C ASP A 89 -12.06 28.29 -39.21
N VAL A 90 -10.88 28.70 -38.74
CA VAL A 90 -10.19 29.96 -39.11
C VAL A 90 -10.29 30.33 -40.63
N GLU A 91 -10.01 29.34 -41.51
CA GLU A 91 -9.99 29.51 -42.99
C GLU A 91 -11.34 30.03 -43.53
N ASP A 92 -12.43 29.56 -42.92
CA ASP A 92 -13.80 29.87 -43.36
C ASP A 92 -14.17 31.33 -43.02
N PHE A 93 -13.60 31.83 -41.92
CA PHE A 93 -14.07 33.07 -41.26
C PHE A 93 -13.56 34.32 -41.96
N SER A 94 -14.03 35.50 -41.49
CA SER A 94 -13.87 36.79 -42.18
C SER A 94 -12.39 37.14 -42.44
N GLU A 95 -12.17 37.88 -43.54
CA GLU A 95 -10.89 38.53 -43.81
C GLU A 95 -10.49 39.45 -42.63
N PHE A 96 -11.50 40.16 -42.07
CA PHE A 96 -11.34 41.05 -40.91
C PHE A 96 -10.70 40.29 -39.73
N PHE A 97 -11.24 39.10 -39.46
CA PHE A 97 -10.70 38.20 -38.45
C PHE A 97 -9.23 37.83 -38.78
N GLN A 98 -8.99 37.41 -40.03
CA GLN A 98 -7.66 36.95 -40.47
C GLN A 98 -6.68 38.13 -40.71
N GLU A 99 -7.16 39.39 -40.54
CA GLU A 99 -6.29 40.59 -40.52
C GLU A 99 -5.91 40.95 -39.06
N LEU A 100 -6.95 41.20 -38.24
CA LEU A 100 -6.79 41.62 -36.82
C LEU A 100 -6.07 40.54 -35.99
N PHE A 101 -6.51 39.30 -36.16
CA PHE A 101 -5.91 38.13 -35.48
C PHE A 101 -4.82 37.48 -36.36
N GLY A 102 -4.64 37.99 -37.59
CA GLY A 102 -3.61 37.52 -38.53
C GLY A 102 -2.20 37.33 -37.93
N PRO A 103 -1.57 38.41 -37.32
CA PRO A 103 -0.20 38.34 -36.72
C PRO A 103 -0.09 37.45 -35.45
N GLY A 104 -1.14 36.66 -35.14
CA GLY A 104 -1.06 35.66 -34.07
C GLY A 104 -1.90 34.42 -34.35
N LEU A 105 -2.31 34.21 -35.62
CA LEU A 105 -3.03 32.98 -36.04
C LEU A 105 -2.11 31.73 -35.94
N PHE A 106 -1.99 31.23 -34.69
CA PHE A 106 -1.34 29.98 -34.30
C PHE A 106 -0.03 29.62 -35.08
N GLY A 107 -0.07 28.53 -35.90
CA GLY A 107 1.14 27.87 -36.39
C GLY A 107 1.88 27.13 -35.27
N GLY A 108 1.32 27.18 -34.04
CA GLY A 108 1.98 26.69 -32.84
C GLY A 108 3.35 27.31 -32.60
N PHE A 109 4.37 26.43 -32.51
CA PHE A 109 5.77 26.84 -32.37
C PHE A 109 6.52 26.60 -33.71
N GLY A 110 5.79 26.09 -34.72
CA GLY A 110 6.36 25.79 -36.04
C GLY A 110 6.21 26.93 -37.05
N ARG A 111 5.20 27.79 -36.84
CA ARG A 111 4.88 28.97 -37.72
C ARG A 111 4.38 28.56 -39.14
N ARG A 112 4.51 27.27 -39.51
CA ARG A 112 4.05 26.73 -40.82
C ARG A 112 2.49 26.65 -40.90
N SER A 113 1.77 27.30 -39.92
CA SER A 113 0.29 27.38 -39.91
C SER A 113 -0.35 25.98 -40.01
N ARG A 114 0.30 25.02 -39.35
CA ARG A 114 0.02 23.59 -39.50
C ARG A 114 -1.26 23.17 -38.74
N LYS A 115 -1.85 22.05 -39.16
CA LYS A 115 -3.02 21.45 -38.50
C LYS A 115 -2.65 21.07 -37.04
N GLY A 116 -3.48 21.51 -36.08
CA GLY A 116 -3.30 21.22 -34.67
C GLY A 116 -3.39 19.74 -34.34
N ARG A 117 -2.84 19.39 -33.18
CA ARG A 117 -2.60 18.01 -32.75
C ARG A 117 -3.64 17.56 -31.72
N ASP A 118 -3.71 16.24 -31.49
CA ASP A 118 -4.38 15.68 -30.32
C ASP A 118 -3.43 15.90 -29.12
N LEU A 119 -3.86 16.72 -28.16
CA LEU A 119 -3.05 17.14 -27.00
C LEU A 119 -3.69 16.55 -25.74
N ARG A 120 -2.87 16.02 -24.83
CA ARG A 120 -3.33 15.53 -23.51
C ARG A 120 -2.66 16.36 -22.42
N ALA A 121 -3.44 16.77 -21.41
CA ALA A 121 -2.94 17.63 -20.31
C ALA A 121 -3.70 17.36 -18.99
N GLU A 122 -3.16 17.91 -17.90
CA GLU A 122 -3.58 17.61 -16.50
C GLU A 122 -4.25 18.84 -15.90
N LEU A 123 -5.57 18.74 -15.64
CA LEU A 123 -6.35 19.86 -15.08
C LEU A 123 -6.56 19.62 -13.57
N PRO A 124 -5.71 20.21 -12.66
CA PRO A 124 -5.75 19.93 -11.22
C PRO A 124 -6.82 20.77 -10.54
N LEU A 125 -7.87 20.13 -10.01
CA LEU A 125 -9.08 20.81 -9.53
C LEU A 125 -9.27 20.60 -8.02
N THR A 126 -9.73 21.65 -7.35
CA THR A 126 -10.12 21.64 -5.94
C THR A 126 -11.42 20.81 -5.75
N LEU A 127 -11.50 20.05 -4.63
CA LEU A 127 -12.70 19.22 -4.30
C LEU A 127 -13.95 20.10 -4.22
N GLU A 128 -13.82 21.23 -3.52
CA GLU A 128 -14.92 22.18 -3.28
C GLU A 128 -15.42 22.78 -4.62
N GLU A 129 -14.48 23.03 -5.54
CA GLU A 129 -14.78 23.56 -6.90
C GLU A 129 -15.35 22.46 -7.81
N ALA A 130 -15.08 21.19 -7.48
CA ALA A 130 -15.70 20.02 -8.15
C ALA A 130 -17.19 19.91 -7.76
N PHE A 131 -17.45 20.15 -6.46
CA PHE A 131 -18.80 20.16 -5.87
C PHE A 131 -19.64 21.30 -6.46
N HIS A 132 -19.01 22.48 -6.58
CA HIS A 132 -19.63 23.69 -7.13
C HIS A 132 -19.92 23.54 -8.63
N GLY A 133 -18.91 23.09 -9.39
CA GLY A 133 -18.99 22.99 -10.84
C GLY A 133 -18.98 24.35 -11.52
N GLY A 134 -19.79 24.50 -12.60
CA GLY A 134 -19.90 25.76 -13.34
C GLY A 134 -18.67 26.08 -14.18
N GLU A 135 -18.52 27.36 -14.57
CA GLU A 135 -17.37 27.83 -15.35
C GLU A 135 -16.09 27.82 -14.47
N ARG A 136 -15.09 27.02 -14.89
CA ARG A 136 -13.80 26.94 -14.22
C ARG A 136 -12.79 27.77 -15.01
N VAL A 137 -12.22 28.80 -14.36
CA VAL A 137 -11.26 29.69 -14.99
C VAL A 137 -9.86 29.04 -14.97
N VAL A 138 -9.52 28.38 -16.08
CA VAL A 138 -8.20 27.82 -16.33
C VAL A 138 -7.56 28.56 -17.51
N GLU A 139 -6.38 29.09 -17.26
CA GLU A 139 -5.59 29.82 -18.26
C GLU A 139 -4.74 28.84 -19.09
N VAL A 140 -5.04 28.74 -20.41
CA VAL A 140 -4.34 27.85 -21.36
C VAL A 140 -3.74 28.68 -22.53
N ALA A 141 -2.43 28.50 -22.81
CA ALA A 141 -1.71 29.16 -23.92
C ALA A 141 -1.68 30.69 -23.79
N GLY A 142 -1.87 31.20 -22.55
CA GLY A 142 -1.96 32.65 -22.28
C GLY A 142 -3.40 33.18 -22.37
N ARG A 143 -4.28 32.40 -23.01
CA ARG A 143 -5.71 32.70 -23.15
C ARG A 143 -6.45 32.13 -21.92
N ARG A 144 -7.08 33.02 -21.17
CA ARG A 144 -7.86 32.67 -19.97
C ARG A 144 -9.26 32.21 -20.40
N VAL A 145 -9.61 30.93 -20.17
CA VAL A 145 -10.90 30.37 -20.59
C VAL A 145 -11.64 29.74 -19.40
N SER A 146 -12.97 29.78 -19.46
CA SER A 146 -13.85 29.25 -18.44
C SER A 146 -14.54 27.95 -18.93
N VAL A 147 -13.93 26.78 -18.61
CA VAL A 147 -14.48 25.46 -18.97
C VAL A 147 -15.58 25.05 -17.97
N ARG A 148 -16.84 24.99 -18.45
CA ARG A 148 -17.96 24.55 -17.62
C ARG A 148 -17.81 23.07 -17.24
N ILE A 149 -17.23 22.84 -16.06
CA ILE A 149 -17.17 21.54 -15.41
C ILE A 149 -18.55 21.24 -14.76
N PRO A 150 -19.08 19.97 -14.82
CA PRO A 150 -20.34 19.61 -14.15
C PRO A 150 -20.23 19.68 -12.60
N PRO A 151 -21.28 20.22 -11.88
CA PRO A 151 -21.35 20.17 -10.40
C PRO A 151 -21.45 18.70 -9.91
N GLY A 152 -20.28 18.12 -9.64
CA GLY A 152 -20.14 16.70 -9.33
C GLY A 152 -19.14 16.04 -10.28
N VAL A 153 -18.19 16.85 -10.80
CA VAL A 153 -17.14 16.37 -11.74
C VAL A 153 -16.10 15.53 -10.96
N ARG A 154 -15.68 14.40 -11.55
CA ARG A 154 -14.97 13.33 -10.81
C ARG A 154 -13.52 13.21 -11.25
N GLU A 155 -12.68 12.70 -10.34
CA GLU A 155 -11.28 12.33 -10.65
C GLU A 155 -11.23 11.37 -11.87
N GLY A 156 -10.47 11.76 -12.90
CA GLY A 156 -10.35 10.98 -14.12
C GLY A 156 -11.38 11.33 -15.18
N SER A 157 -12.21 12.38 -14.94
CA SER A 157 -13.11 12.92 -15.98
C SER A 157 -12.24 13.60 -17.07
N VAL A 158 -12.07 12.89 -18.19
CA VAL A 158 -11.34 13.38 -19.35
C VAL A 158 -12.30 14.23 -20.17
N ILE A 159 -12.32 15.54 -19.87
CA ILE A 159 -13.09 16.52 -20.63
C ILE A 159 -12.40 16.71 -21.99
N ARG A 160 -12.74 15.82 -22.96
CA ARG A 160 -12.23 15.94 -24.34
C ARG A 160 -12.97 17.09 -25.00
N VAL A 161 -12.29 18.24 -25.04
CA VAL A 161 -12.90 19.50 -25.43
C VAL A 161 -12.35 19.97 -26.81
N PRO A 162 -13.24 20.11 -27.83
CA PRO A 162 -12.95 20.92 -29.02
C PRO A 162 -13.18 22.39 -28.62
N GLY A 163 -12.17 23.24 -28.82
CA GLY A 163 -12.15 24.58 -28.21
C GLY A 163 -10.83 24.85 -27.52
N MET A 164 -10.15 23.77 -27.13
CA MET A 164 -8.72 23.76 -26.75
C MET A 164 -8.09 22.56 -27.46
N GLY A 165 -6.84 22.67 -27.92
CA GLY A 165 -6.10 21.52 -28.45
C GLY A 165 -4.68 21.81 -28.82
N GLY A 166 -4.11 20.90 -29.66
CA GLY A 166 -2.79 21.08 -30.20
C GLY A 166 -2.65 22.38 -30.97
N GLN A 167 -1.51 23.05 -30.70
CA GLN A 167 -1.22 24.40 -31.18
C GLN A 167 -0.95 24.37 -32.71
N GLY A 168 -1.94 24.85 -33.47
CA GLY A 168 -1.85 24.90 -34.93
C GLY A 168 -3.00 25.70 -35.53
N ASN A 169 -2.82 26.25 -36.75
CA ASN A 169 -3.76 27.24 -37.34
C ASN A 169 -5.16 26.60 -37.60
N PRO A 170 -5.30 25.46 -38.39
CA PRO A 170 -6.52 24.62 -38.34
C PRO A 170 -6.35 23.66 -37.14
N PRO A 171 -6.84 24.06 -35.94
CA PRO A 171 -6.34 23.54 -34.63
C PRO A 171 -6.81 22.13 -34.20
N GLY A 172 -6.23 21.67 -33.06
CA GLY A 172 -6.50 20.33 -32.53
C GLY A 172 -7.60 20.28 -31.46
N ASP A 173 -7.56 19.19 -30.67
CA ASP A 173 -8.54 18.86 -29.59
C ASP A 173 -7.75 18.46 -28.32
N LEU A 174 -8.28 18.79 -27.13
CA LEU A 174 -7.53 18.61 -25.85
C LEU A 174 -8.25 17.63 -24.91
N LEU A 175 -7.45 16.81 -24.22
CA LEU A 175 -7.90 15.93 -23.14
C LEU A 175 -7.63 16.64 -21.79
N LEU A 176 -8.63 17.40 -21.29
CA LEU A 176 -8.58 17.97 -19.93
C LEU A 176 -8.84 16.83 -18.92
N VAL A 177 -7.77 16.11 -18.54
CA VAL A 177 -7.88 15.00 -17.60
C VAL A 177 -7.86 15.59 -16.20
N VAL A 178 -9.07 15.76 -15.62
CA VAL A 178 -9.22 16.45 -14.33
C VAL A 178 -8.62 15.59 -13.19
N ARG A 179 -7.72 16.22 -12.44
CA ARG A 179 -6.97 15.60 -11.36
C ARG A 179 -7.36 16.28 -10.05
N LEU A 180 -8.28 15.68 -9.29
CA LEU A 180 -8.73 16.25 -8.02
C LEU A 180 -7.61 16.18 -6.98
N LEU A 181 -7.50 17.25 -6.17
CA LEU A 181 -6.45 17.39 -5.15
C LEU A 181 -6.47 16.21 -4.14
N PRO A 182 -5.29 15.79 -3.58
CA PRO A 182 -5.22 14.87 -2.41
C PRO A 182 -5.54 15.64 -1.10
N HIS A 183 -6.64 16.40 -1.16
CA HIS A 183 -7.07 17.34 -0.13
C HIS A 183 -7.55 16.55 1.11
N PRO A 184 -7.17 16.97 2.37
CA PRO A 184 -7.36 16.17 3.62
C PRO A 184 -8.80 15.72 4.00
N VAL A 185 -9.79 15.85 3.10
CA VAL A 185 -11.15 15.31 3.34
C VAL A 185 -11.36 14.07 2.47
N PHE A 186 -11.15 14.25 1.16
CA PHE A 186 -11.52 13.27 0.12
C PHE A 186 -10.38 13.07 -0.91
N ARG A 187 -10.28 11.83 -1.42
CA ARG A 187 -9.49 11.49 -2.61
C ARG A 187 -10.39 10.59 -3.48
N LEU A 188 -11.13 11.24 -4.39
CA LEU A 188 -12.11 10.59 -5.28
C LEU A 188 -11.41 9.74 -6.39
N GLU A 189 -12.16 8.80 -7.02
CA GLU A 189 -11.66 8.02 -8.16
C GLU A 189 -12.84 7.54 -9.05
N GLY A 190 -12.97 8.16 -10.26
CA GLY A 190 -13.96 7.74 -11.28
C GLY A 190 -15.36 8.30 -11.05
N GLN A 191 -15.86 8.06 -9.85
CA GLN A 191 -17.17 8.48 -9.33
C GLN A 191 -17.29 7.98 -7.86
N ASP A 192 -16.46 6.96 -7.55
CA ASP A 192 -16.41 6.31 -6.25
C ASP A 192 -15.47 7.10 -5.33
N LEU A 193 -16.02 7.57 -4.22
CA LEU A 193 -15.36 8.51 -3.32
C LEU A 193 -14.57 7.75 -2.24
N TYR A 194 -13.41 8.29 -1.88
CA TYR A 194 -12.65 7.88 -0.69
C TYR A 194 -12.52 9.09 0.23
N ALA A 195 -12.54 8.83 1.54
CA ALA A 195 -12.62 9.86 2.58
C ALA A 195 -11.79 9.41 3.78
N THR A 196 -11.69 10.28 4.79
CA THR A 196 -11.06 9.93 6.08
C THR A 196 -12.11 10.08 7.20
N LEU A 197 -12.12 9.14 8.17
CA LEU A 197 -13.08 9.19 9.28
C LEU A 197 -12.43 8.66 10.56
N ASP A 198 -12.11 9.57 11.49
CA ASP A 198 -11.72 9.17 12.85
C ASP A 198 -12.96 8.71 13.61
N VAL A 199 -12.84 7.58 14.27
CA VAL A 199 -13.88 7.00 15.09
C VAL A 199 -13.21 6.34 16.33
N PRO A 200 -13.72 6.58 17.58
CA PRO A 200 -13.27 5.82 18.74
C PRO A 200 -13.84 4.39 18.72
N ALA A 201 -13.03 3.46 19.22
CA ALA A 201 -13.33 2.01 19.16
C ALA A 201 -14.81 1.61 19.51
N PRO A 202 -15.42 2.04 20.68
CA PRO A 202 -16.83 1.64 21.02
C PRO A 202 -17.87 2.10 19.98
N ILE A 203 -17.68 3.31 19.43
CA ILE A 203 -18.60 3.88 18.42
C ILE A 203 -18.44 3.11 17.08
N ALA A 204 -17.23 2.57 16.84
CA ALA A 204 -16.96 1.68 15.69
C ALA A 204 -17.66 0.31 15.84
N VAL A 205 -17.50 -0.32 17.03
CA VAL A 205 -18.02 -1.69 17.32
C VAL A 205 -19.57 -1.73 17.32
N VAL A 206 -20.17 -0.70 17.92
CA VAL A 206 -21.63 -0.63 18.14
C VAL A 206 -22.33 0.12 17.00
N GLY A 207 -21.65 1.13 16.44
CA GLY A 207 -22.23 1.99 15.41
C GLY A 207 -22.98 3.15 16.03
N GLY A 208 -22.27 4.27 16.25
CA GLY A 208 -22.85 5.45 16.88
C GLY A 208 -23.05 6.59 15.90
N LYS A 209 -22.75 7.83 16.34
CA LYS A 209 -22.84 9.05 15.52
C LYS A 209 -21.54 9.84 15.66
N VAL A 210 -20.92 10.21 14.52
CA VAL A 210 -19.71 11.07 14.49
C VAL A 210 -19.94 12.22 13.51
N ARG A 211 -19.16 13.30 13.66
CA ARG A 211 -19.25 14.46 12.75
C ARG A 211 -18.20 14.31 11.63
N ALA A 212 -18.69 14.00 10.41
CA ALA A 212 -17.87 13.82 9.22
C ALA A 212 -17.97 15.08 8.34
N MET A 213 -16.82 15.67 8.03
CA MET A 213 -16.74 16.83 7.12
C MET A 213 -16.92 16.37 5.67
N THR A 214 -17.88 17.00 4.97
CA THR A 214 -18.10 16.80 3.53
C THR A 214 -17.83 18.13 2.80
N LEU A 215 -18.03 18.14 1.48
CA LEU A 215 -17.92 19.37 0.66
C LEU A 215 -19.18 20.25 0.84
N GLU A 216 -20.19 19.70 1.53
CA GLU A 216 -21.45 20.40 1.87
C GLU A 216 -21.40 20.93 3.33
N GLY A 217 -20.50 20.35 4.16
CA GLY A 217 -20.28 20.81 5.54
C GLY A 217 -20.08 19.67 6.55
N PRO A 218 -19.72 19.97 7.84
CA PRO A 218 -19.55 18.94 8.89
C PRO A 218 -20.92 18.43 9.40
N VAL A 219 -21.33 17.26 8.89
CA VAL A 219 -22.64 16.65 9.16
C VAL A 219 -22.50 15.49 10.16
N GLU A 220 -23.62 15.13 10.81
CA GLU A 220 -23.66 14.04 11.79
C GLU A 220 -24.09 12.74 11.08
N VAL A 221 -23.13 11.86 10.86
CA VAL A 221 -23.31 10.62 10.11
C VAL A 221 -23.44 9.42 11.07
N ALA A 222 -24.39 8.53 10.75
CA ALA A 222 -24.71 7.34 11.56
C ALA A 222 -23.80 6.16 11.17
N VAL A 223 -22.79 5.91 12.01
CA VAL A 223 -21.80 4.81 11.84
C VAL A 223 -22.51 3.42 11.90
N PRO A 224 -22.17 2.42 11.01
CA PRO A 224 -22.73 1.06 11.11
C PRO A 224 -21.98 0.23 12.19
N PRO A 225 -22.54 -0.92 12.66
CA PRO A 225 -21.86 -1.78 13.67
C PRO A 225 -20.66 -2.57 13.08
N ARG A 226 -19.68 -2.87 13.95
CA ARG A 226 -18.51 -3.76 13.66
C ARG A 226 -17.55 -3.12 12.63
N THR A 227 -17.59 -1.79 12.59
CA THR A 227 -16.72 -0.94 11.77
C THR A 227 -15.22 -1.13 12.16
N GLN A 228 -14.48 -1.86 11.30
CA GLN A 228 -13.07 -2.28 11.56
C GLN A 228 -12.07 -1.33 10.88
N ALA A 229 -10.92 -1.08 11.55
CA ALA A 229 -9.87 -0.15 11.04
C ALA A 229 -9.25 -0.63 9.73
N GLY A 230 -8.77 0.34 8.92
CA GLY A 230 -8.16 0.04 7.63
C GLY A 230 -9.21 -0.14 6.52
N ARG A 231 -10.41 -0.58 6.91
CA ARG A 231 -11.54 -0.79 6.00
C ARG A 231 -12.20 0.54 5.66
N LYS A 232 -13.05 0.50 4.64
CA LYS A 232 -13.74 1.67 4.12
C LYS A 232 -15.26 1.41 4.22
N LEU A 233 -15.97 2.27 4.96
CA LEU A 233 -17.43 2.20 5.11
C LEU A 233 -18.07 2.69 3.82
N ARG A 234 -18.69 1.78 3.05
CA ARG A 234 -19.37 2.13 1.81
C ARG A 234 -20.83 2.53 2.10
N LEU A 235 -21.08 3.84 2.11
CA LEU A 235 -22.42 4.42 2.17
C LEU A 235 -22.77 4.86 0.74
N LYS A 236 -23.66 4.09 0.13
CA LYS A 236 -23.99 4.18 -1.31
C LYS A 236 -24.87 5.41 -1.60
N GLY A 237 -24.63 6.04 -2.77
CA GLY A 237 -25.36 7.23 -3.18
C GLY A 237 -24.98 8.46 -2.36
N LYS A 238 -23.70 8.51 -1.93
CA LYS A 238 -23.13 9.64 -1.14
C LYS A 238 -21.87 10.20 -1.83
N GLY A 239 -21.30 9.41 -2.77
CA GLY A 239 -20.15 9.84 -3.59
C GLY A 239 -20.54 10.75 -4.74
N PHE A 240 -19.76 10.74 -5.83
CA PHE A 240 -20.01 11.59 -7.02
C PHE A 240 -20.77 10.78 -8.09
N PRO A 241 -21.70 11.43 -8.88
CA PRO A 241 -22.56 10.73 -9.88
C PRO A 241 -21.78 10.00 -11.00
N GLY A 242 -22.50 9.16 -11.74
CA GLY A 242 -21.94 8.41 -12.88
C GLY A 242 -23.00 7.60 -13.63
N PRO A 243 -22.62 6.80 -14.68
CA PRO A 243 -23.58 6.03 -15.54
C PRO A 243 -24.41 4.97 -14.77
N ALA A 244 -23.91 4.58 -13.58
CA ALA A 244 -24.54 3.58 -12.71
C ALA A 244 -25.28 4.26 -11.53
N GLY A 245 -25.65 5.55 -11.71
CA GLY A 245 -26.23 6.37 -10.63
C GLY A 245 -25.17 7.10 -9.84
N ARG A 246 -25.52 7.62 -8.65
CA ARG A 246 -24.55 8.31 -7.77
C ARG A 246 -23.59 7.30 -7.13
N GLY A 247 -22.31 7.68 -7.07
CA GLY A 247 -21.26 6.81 -6.55
C GLY A 247 -21.34 6.58 -5.05
N ASP A 248 -20.41 5.78 -4.55
CA ASP A 248 -20.40 5.32 -3.16
C ASP A 248 -19.30 6.06 -2.39
N LEU A 249 -19.58 6.43 -1.13
CA LEU A 249 -18.59 7.12 -0.29
C LEU A 249 -17.92 6.08 0.62
N TYR A 250 -16.60 5.97 0.49
CA TYR A 250 -15.77 5.07 1.29
C TYR A 250 -15.07 5.90 2.39
N LEU A 251 -15.54 5.75 3.63
CA LEU A 251 -14.94 6.43 4.81
C LEU A 251 -13.80 5.57 5.38
N GLU A 252 -12.55 6.13 5.43
CA GLU A 252 -11.37 5.39 5.94
C GLU A 252 -11.49 5.29 7.46
N VAL A 253 -11.79 4.08 7.94
CA VAL A 253 -11.97 3.81 9.36
C VAL A 253 -10.62 3.96 10.09
N ARG A 254 -10.45 5.11 10.72
CA ARG A 254 -9.27 5.46 11.52
C ARG A 254 -9.68 5.32 13.00
N ILE A 255 -9.45 4.14 13.59
CA ILE A 255 -9.83 3.86 14.98
C ILE A 255 -8.75 4.36 15.94
N THR A 256 -9.19 5.11 16.96
CA THR A 256 -8.35 5.55 18.08
C THR A 256 -9.03 5.19 19.42
N ILE A 257 -8.26 5.34 20.52
CA ILE A 257 -8.76 5.20 21.91
C ILE A 257 -8.56 6.55 22.64
N PRO A 258 -9.34 6.87 23.73
CA PRO A 258 -9.47 8.28 24.26
C PRO A 258 -8.27 8.80 25.08
N GLU A 259 -7.16 8.04 25.08
CA GLU A 259 -6.05 8.19 26.06
C GLU A 259 -6.59 8.07 27.51
N ARG A 260 -6.99 9.20 28.11
CA ARG A 260 -7.43 9.26 29.52
C ARG A 260 -8.85 8.66 29.70
N LEU A 261 -9.07 7.98 30.85
CA LEU A 261 -10.35 7.33 31.20
C LEU A 261 -10.90 7.86 32.53
N THR A 262 -12.07 7.33 32.90
CA THR A 262 -12.77 7.61 34.14
C THR A 262 -13.13 6.26 34.82
N PRO A 263 -13.09 6.16 36.20
CA PRO A 263 -13.13 4.90 37.01
C PRO A 263 -13.89 3.67 36.41
N GLU A 264 -15.16 3.89 36.01
CA GLU A 264 -16.04 2.80 35.53
C GLU A 264 -15.56 2.29 34.15
N GLU A 265 -15.30 3.25 33.25
CA GLU A 265 -14.80 2.98 31.87
C GLU A 265 -13.41 2.35 31.93
N GLU A 266 -12.65 2.70 32.99
CA GLU A 266 -11.33 2.12 33.26
C GLU A 266 -11.46 0.61 33.50
N ALA A 267 -12.41 0.26 34.41
CA ALA A 267 -12.72 -1.15 34.74
C ALA A 267 -13.27 -1.94 33.53
N LEU A 268 -14.07 -1.26 32.68
CA LEU A 268 -14.68 -1.85 31.47
C LEU A 268 -13.60 -2.24 30.44
N TRP A 269 -12.76 -1.26 30.04
CA TRP A 269 -11.68 -1.46 29.07
C TRP A 269 -10.70 -2.54 29.54
N LYS A 270 -10.37 -2.51 30.84
CA LYS A 270 -9.46 -3.49 31.47
C LYS A 270 -10.00 -4.93 31.35
N LYS A 271 -11.21 -5.20 31.87
CA LYS A 271 -11.78 -6.56 31.89
C LYS A 271 -12.11 -7.09 30.48
N LEU A 272 -12.51 -6.16 29.56
CA LEU A 272 -12.62 -6.46 28.12
C LEU A 272 -11.29 -7.03 27.62
N ALA A 273 -10.23 -6.27 27.88
CA ALA A 273 -8.87 -6.53 27.37
C ALA A 273 -8.23 -7.81 27.93
N GLU A 274 -8.48 -8.06 29.21
CA GLU A 274 -7.95 -9.21 29.94
C GLU A 274 -8.59 -10.50 29.38
N ALA A 275 -9.94 -10.52 29.36
CA ALA A 275 -10.72 -11.65 28.83
C ALA A 275 -10.50 -11.82 27.31
N TYR A 276 -10.26 -10.68 26.62
CA TYR A 276 -9.99 -10.64 25.17
C TYR A 276 -8.65 -11.30 24.87
N TYR A 277 -7.63 -10.96 25.68
CA TYR A 277 -6.26 -11.47 25.51
C TYR A 277 -6.23 -12.99 25.74
N ALA A 278 -7.03 -13.44 26.73
CA ALA A 278 -7.23 -14.87 27.01
C ALA A 278 -7.78 -15.63 25.77
N ARG A 279 -8.43 -14.89 24.86
CA ARG A 279 -8.96 -15.42 23.57
C ARG A 279 -8.04 -15.02 22.38
N ALA A 280 -7.15 -14.02 22.60
CA ALA A 280 -6.27 -13.47 21.55
C ALA A 280 -4.86 -14.11 21.63
N MET B 1 -10.71 25.95 -0.70
CA MET B 1 -11.34 27.07 0.05
C MET B 1 -11.41 28.31 -0.85
N LYS B 2 -12.43 29.17 -0.62
CA LYS B 2 -12.69 30.38 -1.45
C LYS B 2 -12.99 29.97 -2.92
N GLN B 3 -12.82 30.89 -3.88
CA GLN B 3 -12.86 30.55 -5.31
C GLN B 3 -11.42 30.18 -5.77
N SER B 4 -10.92 29.04 -5.24
CA SER B 4 -9.56 28.56 -5.51
C SER B 4 -9.45 28.08 -6.97
N THR B 5 -8.93 28.96 -7.83
CA THR B 5 -8.85 28.72 -9.27
C THR B 5 -7.46 28.20 -9.69
N ILE B 6 -7.38 27.69 -10.93
CA ILE B 6 -6.34 26.73 -11.35
C ILE B 6 -5.72 27.10 -12.71
N ALA B 7 -4.59 26.45 -13.02
CA ALA B 7 -3.89 26.52 -14.32
C ALA B 7 -3.62 25.08 -14.82
N LEU B 8 -3.48 24.90 -16.15
CA LEU B 8 -3.37 23.56 -16.77
C LEU B 8 -1.88 23.12 -16.84
N ALA B 9 -1.23 23.30 -18.02
CA ALA B 9 0.14 22.81 -18.32
C ALA B 9 0.39 22.91 -19.83
N LEU B 10 -0.52 22.25 -20.61
CA LEU B 10 -0.38 21.98 -22.07
C LEU B 10 0.90 21.17 -22.34
N LEU B 11 0.76 19.84 -22.34
CA LEU B 11 1.89 18.90 -22.53
C LEU B 11 1.89 18.40 -23.99
N PRO B 12 2.79 18.95 -24.88
CA PRO B 12 2.84 18.56 -26.31
C PRO B 12 3.53 17.18 -26.50
N LEU B 13 2.80 16.12 -26.09
CA LEU B 13 3.27 14.72 -26.07
C LEU B 13 4.52 14.58 -25.17
N LEU B 14 4.56 15.43 -24.11
CA LEU B 14 5.73 15.58 -23.19
C LEU B 14 5.78 14.44 -22.13
N PHE B 15 5.01 13.35 -22.36
CA PHE B 15 4.96 12.17 -21.49
C PHE B 15 6.14 11.23 -21.80
N THR B 16 7.35 11.69 -21.45
CA THR B 16 8.61 10.96 -21.67
C THR B 16 9.59 11.19 -20.47
N PRO B 17 9.25 10.63 -19.25
CA PRO B 17 10.17 10.63 -18.09
C PRO B 17 11.44 9.79 -18.34
N VAL B 18 12.53 10.47 -18.75
CA VAL B 18 13.82 9.82 -19.06
C VAL B 18 14.59 9.44 -17.75
N THR B 19 14.26 8.22 -17.24
CA THR B 19 14.86 7.61 -16.01
C THR B 19 14.32 8.23 -14.70
N LYS B 20 14.30 9.58 -14.62
CA LYS B 20 13.64 10.30 -13.53
C LYS B 20 12.10 10.12 -13.71
N ALA B 21 11.49 9.38 -12.76
CA ALA B 21 10.13 8.79 -12.88
C ALA B 21 10.14 7.58 -13.84
N ARG B 22 9.01 6.82 -13.86
CA ARG B 22 8.92 5.45 -14.46
C ARG B 22 9.64 4.43 -13.57
N THR B 23 10.98 4.59 -13.46
CA THR B 23 11.84 3.78 -12.61
C THR B 23 12.70 4.72 -11.73
N PRO B 24 12.17 5.13 -10.52
CA PRO B 24 12.89 6.05 -9.59
C PRO B 24 14.28 5.50 -9.18
N GLU B 25 15.34 6.19 -9.63
CA GLU B 25 16.74 5.82 -9.32
C GLU B 25 17.24 6.63 -8.11
N MET B 26 17.47 5.92 -7.00
CA MET B 26 18.01 6.50 -5.76
C MET B 26 19.56 6.67 -5.88
N PRO B 27 20.22 7.57 -5.07
CA PRO B 27 21.70 7.66 -5.01
C PRO B 27 22.29 6.37 -4.40
N VAL B 28 22.49 5.34 -5.27
CA VAL B 28 22.82 3.93 -4.91
C VAL B 28 22.05 3.41 -3.65
N LEU B 29 22.53 3.75 -2.43
CA LEU B 29 21.95 3.34 -1.10
C LEU B 29 22.20 1.85 -0.75
N GLU B 30 22.11 0.94 -1.75
CA GLU B 30 22.20 -0.50 -1.56
C GLU B 30 23.65 -0.92 -1.24
N ASN B 31 24.03 -0.82 0.04
CA ASN B 31 25.38 -1.18 0.52
C ASN B 31 25.39 -2.59 1.15
N ARG B 32 24.20 -3.08 1.55
CA ARG B 32 24.04 -4.36 2.26
C ARG B 32 23.99 -5.53 1.26
N ALA B 33 25.18 -5.89 0.74
CA ALA B 33 25.36 -7.01 -0.20
C ALA B 33 25.70 -8.31 0.55
N ALA B 34 26.26 -8.15 1.77
CA ALA B 34 26.64 -9.25 2.71
C ALA B 34 27.94 -9.98 2.28
N GLN B 35 28.07 -10.28 0.95
CA GLN B 35 29.24 -10.90 0.32
C GLN B 35 29.38 -12.38 0.76
N GLY B 36 29.82 -12.59 2.01
CA GLY B 36 29.98 -13.91 2.61
C GLY B 36 30.88 -13.83 3.83
N ASP B 37 30.63 -12.81 4.67
CA ASP B 37 31.45 -12.51 5.86
C ASP B 37 31.29 -13.61 6.93
N ILE B 38 32.42 -14.26 7.28
CA ILE B 38 32.49 -15.47 8.12
C ILE B 38 31.63 -16.61 7.51
N THR B 39 30.32 -16.66 7.86
CA THR B 39 29.34 -17.66 7.34
C THR B 39 27.91 -17.09 7.44
N ALA B 40 27.81 -15.77 7.71
CA ALA B 40 26.56 -15.09 8.13
C ALA B 40 25.90 -15.83 9.34
N PRO B 41 26.58 -15.85 10.53
CA PRO B 41 26.10 -16.58 11.75
C PRO B 41 24.93 -15.88 12.48
N GLY B 42 24.39 -14.80 11.88
CA GLY B 42 23.23 -14.08 12.43
C GLY B 42 21.90 -14.78 12.09
N GLY B 43 21.76 -16.02 12.59
CA GLY B 43 20.55 -16.84 12.40
C GLY B 43 20.59 -18.12 13.22
N ALA B 44 21.51 -18.15 14.22
CA ALA B 44 21.76 -19.30 15.12
C ALA B 44 22.34 -20.50 14.36
N ARG B 45 21.49 -21.17 13.58
CA ARG B 45 21.85 -22.29 12.70
C ARG B 45 20.78 -22.36 11.61
N ARG B 46 19.54 -22.57 12.06
CA ARG B 46 18.33 -22.51 11.22
C ARG B 46 17.26 -21.64 11.91
N LEU B 47 16.04 -21.61 11.33
CA LEU B 47 14.89 -20.84 11.88
C LEU B 47 14.16 -21.65 12.99
N THR B 48 13.00 -21.12 13.42
CA THR B 48 12.18 -21.65 14.53
C THR B 48 12.92 -21.46 15.88
N GLY B 49 12.84 -20.22 16.41
CA GLY B 49 13.52 -19.82 17.62
C GLY B 49 12.89 -20.40 18.88
N ASP B 50 13.61 -21.34 19.53
CA ASP B 50 13.21 -21.96 20.81
C ASP B 50 13.18 -20.90 21.93
N GLN B 51 14.24 -20.08 21.96
CA GLN B 51 14.45 -18.99 22.94
C GLN B 51 14.64 -19.55 24.38
N THR B 52 13.52 -19.96 25.00
CA THR B 52 13.52 -20.52 26.37
C THR B 52 13.03 -21.98 26.32
N ALA B 53 11.79 -22.16 25.84
CA ALA B 53 11.14 -23.48 25.66
C ALA B 53 9.76 -23.30 25.01
N ALA B 54 8.90 -22.52 25.70
CA ALA B 54 7.53 -22.22 25.25
C ALA B 54 7.13 -20.80 25.71
N LEU B 55 7.16 -19.85 24.77
CA LEU B 55 6.83 -18.44 25.03
C LEU B 55 5.31 -18.24 24.89
N ARG B 56 4.63 -18.02 26.03
CA ARG B 56 3.17 -17.74 26.13
C ARG B 56 2.30 -19.02 26.01
N ASP B 57 2.89 -20.15 25.50
CA ASP B 57 2.18 -21.43 25.23
C ASP B 57 1.30 -21.29 23.96
N SER B 58 1.23 -22.36 23.15
CA SER B 58 0.61 -22.33 21.80
C SER B 58 -0.74 -23.06 21.75
N LEU B 59 -1.45 -22.90 20.60
CA LEU B 59 -2.80 -23.46 20.31
C LEU B 59 -3.93 -22.66 21.01
N SER B 60 -4.30 -21.53 20.40
CA SER B 60 -5.48 -20.69 20.78
C SER B 60 -6.12 -20.10 19.51
N ASP B 61 -5.87 -20.77 18.37
CA ASP B 61 -6.17 -20.26 17.02
C ASP B 61 -7.63 -20.60 16.64
N LYS B 62 -7.91 -21.91 16.64
CA LYS B 62 -9.20 -22.52 16.22
C LYS B 62 -9.12 -24.04 16.49
N PRO B 63 -8.02 -24.80 16.07
CA PRO B 63 -7.87 -26.25 16.41
C PRO B 63 -7.54 -26.48 17.91
N ALA B 64 -7.08 -27.73 18.20
CA ALA B 64 -6.87 -28.30 19.55
C ALA B 64 -8.22 -28.73 20.16
N LYS B 65 -8.47 -30.05 20.08
CA LYS B 65 -9.65 -30.75 20.65
C LYS B 65 -10.85 -30.68 19.69
N ASN B 66 -11.35 -29.44 19.44
CA ASN B 66 -12.45 -29.16 18.47
C ASN B 66 -13.76 -29.95 18.76
N ILE B 67 -13.84 -31.17 18.20
CA ILE B 67 -15.04 -32.01 18.30
C ILE B 67 -15.08 -32.66 19.70
N ILE B 68 -15.88 -32.02 20.58
CA ILE B 68 -16.24 -32.59 21.88
C ILE B 68 -17.12 -33.84 21.63
N LEU B 69 -16.95 -34.88 22.45
CA LEU B 69 -17.78 -36.09 22.34
C LEU B 69 -19.19 -35.70 22.84
N LEU B 70 -20.21 -36.07 22.05
CA LEU B 70 -21.62 -35.68 22.27
C LEU B 70 -22.11 -36.07 23.68
N ILE B 71 -21.60 -37.20 24.17
CA ILE B 71 -21.81 -37.70 25.55
C ILE B 71 -20.47 -38.22 26.11
N GLY B 72 -20.34 -38.27 27.45
CA GLY B 72 -19.15 -38.84 28.11
C GLY B 72 -17.98 -37.86 28.25
N ASP B 73 -17.88 -36.89 27.30
CA ASP B 73 -16.83 -35.82 27.27
C ASP B 73 -16.79 -35.07 28.62
N GLY B 74 -18.00 -34.77 29.11
CA GLY B 74 -18.24 -34.38 30.49
C GLY B 74 -19.42 -35.18 31.01
N MET B 75 -19.25 -35.91 32.12
CA MET B 75 -20.33 -36.71 32.73
C MET B 75 -21.26 -35.79 33.55
N GLY B 76 -22.25 -35.21 32.84
CA GLY B 76 -23.23 -34.30 33.46
C GLY B 76 -22.63 -32.95 33.86
N ASP B 77 -23.46 -32.11 34.51
CA ASP B 77 -23.03 -30.83 35.11
C ASP B 77 -22.75 -31.02 36.60
N SER B 78 -21.78 -30.24 37.14
CA SER B 78 -21.31 -30.39 38.52
C SER B 78 -22.36 -29.87 39.53
N GLU B 79 -23.28 -30.77 39.88
CA GLU B 79 -24.39 -30.50 40.83
C GLU B 79 -23.89 -30.49 42.29
N ILE B 80 -22.67 -31.05 42.51
CA ILE B 80 -21.95 -31.05 43.81
C ILE B 80 -21.90 -29.64 44.42
N THR B 81 -21.68 -28.64 43.55
CA THR B 81 -21.80 -27.23 43.90
C THR B 81 -22.93 -26.62 43.05
N ALA B 82 -22.63 -26.26 41.78
CA ALA B 82 -23.55 -25.52 40.86
C ALA B 82 -24.00 -24.13 41.43
N ALA B 83 -24.65 -23.33 40.57
CA ALA B 83 -25.23 -22.00 40.92
C ALA B 83 -24.14 -20.92 41.19
N ARG B 84 -23.38 -21.07 42.29
CA ARG B 84 -22.36 -20.10 42.76
C ARG B 84 -23.08 -18.80 43.20
N ASN B 85 -23.20 -18.61 44.53
CA ASN B 85 -24.13 -17.61 45.14
C ASN B 85 -25.58 -18.08 44.91
N TYR B 86 -26.08 -18.91 45.85
CA TYR B 86 -27.40 -19.56 45.74
C TYR B 86 -28.53 -18.57 46.07
N ALA B 87 -28.20 -17.46 46.74
CA ALA B 87 -29.14 -16.36 46.98
C ALA B 87 -29.22 -15.47 45.73
N GLU B 88 -28.24 -14.56 45.55
CA GLU B 88 -28.13 -13.68 44.38
C GLU B 88 -26.89 -14.06 43.56
N GLY B 89 -27.11 -14.86 42.49
CA GLY B 89 -26.05 -15.29 41.58
C GLY B 89 -25.69 -14.25 40.51
N ALA B 90 -26.15 -13.00 40.72
CA ALA B 90 -25.83 -11.86 39.85
C ALA B 90 -24.52 -11.19 40.30
N GLY B 91 -23.89 -10.44 39.38
CA GLY B 91 -22.75 -9.59 39.69
C GLY B 91 -23.16 -8.16 40.00
N GLY B 92 -24.24 -7.72 39.32
CA GLY B 92 -24.82 -6.40 39.53
C GLY B 92 -25.89 -6.41 40.62
N PHE B 93 -25.74 -5.52 41.62
CA PHE B 93 -26.67 -5.41 42.76
C PHE B 93 -27.23 -3.99 42.84
N PHE B 94 -28.55 -3.88 43.13
CA PHE B 94 -29.33 -2.60 43.15
C PHE B 94 -29.37 -1.96 41.76
N LYS B 95 -30.59 -1.81 41.18
CA LYS B 95 -30.76 -1.22 39.82
C LYS B 95 -30.78 0.34 39.92
N GLY B 96 -29.68 0.86 40.49
CA GLY B 96 -29.52 2.29 40.73
C GLY B 96 -28.08 2.60 41.06
N ILE B 97 -27.58 3.74 40.57
CA ILE B 97 -26.16 4.13 40.70
C ILE B 97 -26.00 5.46 41.46
N ASP B 98 -24.76 5.70 41.90
CA ASP B 98 -24.34 6.97 42.53
C ASP B 98 -23.35 7.71 41.60
N ALA B 99 -23.48 7.41 40.28
CA ALA B 99 -22.56 7.93 39.24
C ALA B 99 -22.62 9.46 39.15
N LEU B 100 -21.56 10.12 39.67
CA LEU B 100 -21.42 11.59 39.73
C LEU B 100 -21.49 12.25 38.32
N PRO B 101 -21.98 13.54 38.21
CA PRO B 101 -22.09 14.26 36.91
C PRO B 101 -20.72 14.49 36.23
N LEU B 102 -20.34 13.54 35.35
CA LEU B 102 -19.07 13.57 34.58
C LEU B 102 -19.37 13.77 33.07
N THR B 103 -18.29 13.68 32.23
CA THR B 103 -18.33 13.68 30.74
C THR B 103 -19.02 14.91 30.09
N GLY B 104 -19.23 15.98 30.87
CA GLY B 104 -19.70 17.27 30.35
C GLY B 104 -18.54 18.12 29.84
N GLN B 105 -17.87 18.83 30.78
CA GLN B 105 -16.64 19.61 30.51
C GLN B 105 -15.68 19.44 31.70
N TYR B 106 -14.34 19.58 31.45
CA TYR B 106 -13.27 19.57 32.50
C TYR B 106 -13.00 18.16 33.08
N THR B 107 -13.92 17.21 32.80
CA THR B 107 -13.86 15.81 33.31
C THR B 107 -13.48 14.82 32.19
N HIS B 108 -13.22 15.36 30.97
CA HIS B 108 -12.85 14.56 29.78
C HIS B 108 -12.24 15.47 28.71
N TYR B 109 -11.35 14.90 27.89
CA TYR B 109 -10.82 15.58 26.69
C TYR B 109 -11.69 15.20 25.48
N ALA B 110 -11.81 16.14 24.52
CA ALA B 110 -12.48 15.94 23.21
C ALA B 110 -14.01 15.71 23.33
N LEU B 111 -14.80 16.63 22.71
CA LEU B 111 -16.27 16.56 22.66
C LEU B 111 -16.73 16.73 21.20
N ASN B 112 -16.74 15.58 20.46
CA ASN B 112 -17.14 15.50 19.03
C ASN B 112 -16.27 16.43 18.13
N LYS B 113 -16.76 16.71 16.89
CA LYS B 113 -16.18 17.67 15.93
C LYS B 113 -14.84 17.15 15.37
N LYS B 114 -13.75 17.29 16.17
CA LYS B 114 -12.37 16.98 15.75
C LYS B 114 -12.19 15.48 15.49
N THR B 115 -12.52 15.07 14.25
CA THR B 115 -12.25 13.73 13.75
C THR B 115 -10.98 13.79 12.86
N GLY B 116 -11.14 14.01 11.54
CA GLY B 116 -10.02 14.19 10.60
C GLY B 116 -8.96 13.08 10.64
N LYS B 117 -7.83 13.38 11.34
CA LYS B 117 -6.63 12.49 11.48
C LYS B 117 -5.85 12.36 10.13
N PRO B 118 -4.57 11.84 10.15
CA PRO B 118 -3.82 11.49 8.91
C PRO B 118 -4.38 10.20 8.26
N ASP B 119 -3.49 9.46 7.55
CA ASP B 119 -3.79 8.15 6.94
C ASP B 119 -4.52 8.31 5.60
N TYR B 120 -5.71 8.94 5.63
CA TYR B 120 -6.46 9.41 4.44
C TYR B 120 -6.94 8.24 3.53
N VAL B 121 -6.00 7.63 2.76
CA VAL B 121 -6.31 6.51 1.85
C VAL B 121 -5.04 5.63 1.58
N THR B 122 -3.85 6.26 1.60
CA THR B 122 -2.56 5.59 1.21
C THR B 122 -1.36 6.12 2.08
N ASP B 123 -1.68 6.95 3.10
CA ASP B 123 -0.67 7.60 3.99
C ASP B 123 -0.63 6.89 5.37
N SER B 124 0.52 7.04 6.07
CA SER B 124 0.75 6.52 7.44
C SER B 124 0.57 4.98 7.55
N ALA B 125 -0.70 4.52 7.71
CA ALA B 125 -1.05 3.10 7.87
C ALA B 125 -2.50 2.84 7.40
N ALA B 126 -2.96 3.64 6.44
CA ALA B 126 -4.30 3.49 5.84
C ALA B 126 -4.37 2.22 5.01
N SER B 127 -5.51 1.49 5.13
CA SER B 127 -5.77 0.20 4.45
C SER B 127 -4.96 -0.97 5.07
N ALA B 128 -4.17 -0.68 6.13
CA ALA B 128 -3.30 -1.66 6.79
C ALA B 128 -4.02 -2.28 8.01
N THR B 129 -4.30 -3.59 7.93
CA THR B 129 -4.96 -4.37 8.99
C THR B 129 -4.39 -5.82 8.95
N ALA B 130 -4.75 -6.67 9.93
CA ALA B 130 -4.35 -8.09 9.96
C ALA B 130 -4.90 -8.84 8.73
N TRP B 131 -4.02 -9.59 8.04
CA TRP B 131 -4.33 -10.34 6.81
C TRP B 131 -4.86 -9.39 5.72
N SER B 132 -4.15 -8.25 5.60
CA SER B 132 -4.50 -7.08 4.75
C SER B 132 -5.71 -6.33 5.32
N THR B 133 -6.84 -7.03 5.44
CA THR B 133 -8.09 -6.47 5.99
C THR B 133 -9.02 -7.62 6.46
N GLY B 134 -8.42 -8.79 6.73
CA GLY B 134 -9.18 -10.03 6.98
C GLY B 134 -9.66 -10.68 5.69
N VAL B 135 -8.94 -10.36 4.59
CA VAL B 135 -9.21 -10.81 3.21
C VAL B 135 -10.62 -10.36 2.70
N LYS B 136 -11.71 -11.07 3.09
CA LYS B 136 -13.07 -10.83 2.55
C LYS B 136 -13.65 -9.48 3.02
N THR B 137 -13.28 -8.42 2.30
CA THR B 137 -13.70 -7.03 2.52
C THR B 137 -13.44 -6.20 1.24
N TYR B 138 -12.34 -6.56 0.53
CA TYR B 138 -11.87 -5.87 -0.69
C TYR B 138 -13.01 -5.75 -1.76
N ASN B 139 -13.73 -4.61 -1.70
CA ASN B 139 -14.97 -4.32 -2.45
C ASN B 139 -16.13 -5.24 -1.97
N GLY B 140 -16.02 -6.55 -2.22
CA GLY B 140 -16.97 -7.54 -1.72
C GLY B 140 -16.90 -8.84 -2.52
N ALA B 141 -16.82 -9.98 -1.83
CA ALA B 141 -16.74 -11.31 -2.47
C ALA B 141 -18.16 -11.93 -2.69
N LEU B 142 -19.21 -11.21 -2.19
CA LEU B 142 -20.65 -11.59 -2.29
C LEU B 142 -21.01 -12.68 -1.24
N GLY B 143 -20.33 -13.84 -1.32
CA GLY B 143 -20.59 -14.98 -0.44
C GLY B 143 -20.08 -14.77 0.98
N VAL B 144 -20.93 -14.14 1.83
CA VAL B 144 -20.72 -13.99 3.29
C VAL B 144 -19.48 -13.12 3.62
N ASP B 145 -19.66 -11.78 3.54
CA ASP B 145 -18.61 -10.79 3.93
C ASP B 145 -18.99 -10.10 5.25
N ILE B 146 -20.26 -9.66 5.36
CA ILE B 146 -20.78 -9.02 6.59
C ILE B 146 -21.64 -10.01 7.39
N HIS B 147 -22.49 -10.80 6.71
CA HIS B 147 -23.36 -11.79 7.35
C HIS B 147 -23.91 -12.79 6.31
N GLU B 148 -24.90 -12.33 5.50
CA GLU B 148 -25.69 -13.18 4.57
C GLU B 148 -26.36 -14.38 5.30
N LYS B 149 -26.94 -15.31 4.52
CA LYS B 149 -27.49 -16.55 5.06
C LYS B 149 -27.65 -17.62 3.96
N ASP B 150 -26.65 -18.51 3.85
CA ASP B 150 -26.76 -19.73 3.03
C ASP B 150 -27.17 -20.88 3.98
N HIS B 151 -26.18 -21.51 4.66
CA HIS B 151 -26.44 -22.57 5.68
C HIS B 151 -25.13 -23.03 6.36
N PRO B 152 -24.08 -23.54 5.61
CA PRO B 152 -22.90 -24.17 6.25
C PRO B 152 -21.86 -23.13 6.71
N THR B 153 -20.99 -23.58 7.61
CA THR B 153 -19.92 -22.75 8.18
C THR B 153 -18.81 -22.49 7.14
N ILE B 154 -18.65 -23.46 6.19
CA ILE B 154 -17.60 -23.47 5.15
C ILE B 154 -16.20 -23.67 5.80
N LEU B 155 -15.71 -22.63 6.50
CA LEU B 155 -14.43 -22.69 7.24
C LEU B 155 -14.68 -22.37 8.74
N GLU B 156 -15.50 -21.34 9.01
CA GLU B 156 -15.88 -20.91 10.37
C GLU B 156 -17.31 -20.33 10.35
N MET B 157 -18.04 -20.52 11.47
CA MET B 157 -19.45 -20.09 11.66
C MET B 157 -19.63 -18.57 11.45
N ALA B 158 -18.57 -17.78 11.76
CA ALA B 158 -18.58 -16.32 11.62
C ALA B 158 -17.66 -15.88 10.46
N LYS B 159 -18.29 -15.43 9.34
CA LYS B 159 -17.61 -14.73 8.21
C LYS B 159 -16.64 -15.65 7.41
N ALA B 160 -16.71 -16.98 7.67
CA ALA B 160 -15.81 -18.03 7.09
C ALA B 160 -14.38 -17.96 7.68
N ALA B 161 -13.73 -16.76 7.61
CA ALA B 161 -12.51 -16.39 8.39
C ALA B 161 -11.19 -17.04 7.91
N GLY B 162 -11.20 -18.34 7.53
CA GLY B 162 -9.98 -19.11 7.23
C GLY B 162 -9.35 -18.80 5.86
N LEU B 163 -9.80 -17.69 5.24
CA LEU B 163 -9.25 -17.17 3.97
C LEU B 163 -7.90 -16.47 4.22
N ALA B 164 -7.60 -16.23 5.52
CA ALA B 164 -6.30 -15.70 6.00
C ALA B 164 -5.09 -16.48 5.44
N THR B 165 -5.31 -17.79 5.21
CA THR B 165 -4.35 -18.71 4.59
C THR B 165 -3.86 -18.18 3.21
N GLY B 166 -2.61 -17.71 3.18
CA GLY B 166 -2.00 -17.15 1.97
C GLY B 166 -0.92 -16.13 2.30
N ASN B 167 -1.25 -15.21 3.21
CA ASN B 167 -0.34 -14.12 3.65
C ASN B 167 0.11 -14.36 5.11
N VAL B 168 0.03 -15.62 5.56
CA VAL B 168 0.40 -16.03 6.93
C VAL B 168 1.93 -16.13 7.11
N SER B 169 2.36 -16.63 8.30
CA SER B 169 3.77 -16.83 8.65
C SER B 169 4.48 -17.76 7.64
N THR B 170 5.30 -17.14 6.74
CA THR B 170 5.95 -17.80 5.59
C THR B 170 4.88 -18.28 4.57
N ALA B 171 4.22 -19.41 4.90
CA ALA B 171 3.16 -20.03 4.07
C ALA B 171 2.71 -21.33 4.75
N GLU B 172 1.67 -21.97 4.18
CA GLU B 172 1.38 -23.38 4.49
C GLU B 172 2.30 -24.22 3.58
N LEU B 173 2.72 -25.40 4.07
CA LEU B 173 3.70 -26.25 3.38
C LEU B 173 3.11 -26.93 2.12
N GLN B 174 1.81 -26.66 1.79
CA GLN B 174 1.16 -27.09 0.54
C GLN B 174 1.87 -26.46 -0.70
N ASP B 175 3.03 -27.05 -1.07
CA ASP B 175 4.00 -26.50 -2.05
C ASP B 175 4.63 -25.16 -1.56
N ALA B 176 5.89 -24.93 -1.95
CA ALA B 176 6.65 -23.72 -1.60
C ALA B 176 7.47 -23.23 -2.81
N THR B 177 6.91 -23.42 -4.01
CA THR B 177 7.55 -23.03 -5.28
C THR B 177 6.67 -21.95 -5.98
N PRO B 178 6.95 -20.62 -5.77
CA PRO B 178 6.23 -19.53 -6.47
C PRO B 178 6.78 -19.27 -7.90
N ALA B 179 8.06 -19.67 -8.11
CA ALA B 179 8.76 -19.60 -9.41
C ALA B 179 10.15 -20.26 -9.25
N ALA B 180 11.03 -19.53 -8.53
CA ALA B 180 12.40 -19.97 -8.20
C ALA B 180 12.97 -18.97 -7.15
N LEU B 181 13.37 -17.78 -7.65
CA LEU B 181 13.62 -16.57 -6.83
C LEU B 181 12.91 -15.39 -7.53
N VAL B 182 13.30 -15.17 -8.80
CA VAL B 182 12.72 -14.11 -9.67
C VAL B 182 11.31 -14.51 -10.15
N ALA B 183 10.51 -13.51 -10.60
CA ALA B 183 9.20 -13.72 -11.23
C ALA B 183 9.33 -13.87 -12.76
N HIS B 184 10.54 -14.26 -13.21
CA HIS B 184 10.99 -14.21 -14.61
C HIS B 184 11.06 -12.72 -15.03
N VAL B 185 9.91 -12.14 -15.43
CA VAL B 185 9.74 -10.70 -15.63
C VAL B 185 8.25 -10.38 -15.74
N THR B 186 7.77 -9.49 -14.82
CA THR B 186 6.39 -8.93 -14.78
C THR B 186 5.29 -10.02 -14.82
N SER B 187 5.06 -10.62 -16.01
CA SER B 187 4.19 -11.79 -16.18
C SER B 187 4.70 -12.97 -15.33
N ARG B 188 3.85 -13.43 -14.39
CA ARG B 188 4.14 -14.57 -13.51
C ARG B 188 2.92 -15.49 -13.47
N LYS B 189 3.17 -16.80 -13.28
CA LYS B 189 2.11 -17.83 -13.30
C LYS B 189 1.41 -17.97 -11.93
N CYS B 190 1.70 -17.05 -10.97
CA CYS B 190 1.09 -17.05 -9.64
C CYS B 190 -0.32 -16.39 -9.68
N TYR B 191 -1.30 -17.14 -10.22
CA TYR B 191 -2.70 -16.68 -10.30
C TYR B 191 -3.63 -17.89 -10.45
N GLY B 192 -4.95 -17.62 -10.57
CA GLY B 192 -5.97 -18.66 -10.64
C GLY B 192 -6.89 -18.63 -9.42
N PRO B 193 -7.97 -17.77 -9.44
CA PRO B 193 -8.98 -17.71 -8.35
C PRO B 193 -9.67 -19.06 -8.05
N SER B 194 -9.67 -19.96 -9.07
CA SER B 194 -10.20 -21.35 -9.00
C SER B 194 -11.68 -21.41 -8.55
N ALA B 195 -12.42 -20.32 -8.82
CA ALA B 195 -13.82 -20.16 -8.42
C ALA B 195 -14.56 -19.30 -9.47
N THR B 196 -15.48 -19.96 -10.22
CA THR B 196 -16.32 -19.30 -11.24
C THR B 196 -17.41 -18.45 -10.55
N SER B 197 -18.26 -19.12 -9.78
CA SER B 197 -19.22 -18.51 -8.83
C SER B 197 -19.42 -19.48 -7.66
N GLU B 198 -20.30 -19.12 -6.71
CA GLU B 198 -20.64 -19.97 -5.55
C GLU B 198 -21.36 -21.27 -6.03
N LYS B 199 -20.52 -22.28 -6.39
CA LYS B 199 -20.93 -23.63 -6.86
C LYS B 199 -21.63 -23.57 -8.24
N CYS B 200 -22.88 -23.08 -8.25
CA CYS B 200 -23.68 -22.86 -9.48
C CYS B 200 -24.65 -21.64 -9.33
N PRO B 201 -25.55 -21.56 -8.28
CA PRO B 201 -26.57 -20.49 -8.18
C PRO B 201 -25.97 -19.09 -7.91
N GLY B 202 -24.81 -19.06 -7.23
CA GLY B 202 -24.13 -17.80 -6.87
C GLY B 202 -24.73 -17.17 -5.61
N ASN B 203 -26.04 -16.87 -5.69
CA ASN B 203 -26.86 -16.39 -4.56
C ASN B 203 -27.08 -17.54 -3.54
N ALA B 204 -27.48 -17.17 -2.30
CA ALA B 204 -27.71 -18.11 -1.19
C ALA B 204 -28.76 -19.18 -1.55
N LEU B 205 -28.32 -20.45 -1.66
CA LEU B 205 -29.17 -21.60 -2.03
C LEU B 205 -29.60 -22.38 -0.78
N GLU B 206 -28.71 -22.39 0.24
CA GLU B 206 -28.82 -23.19 1.47
C GLU B 206 -28.44 -24.66 1.19
N LYS B 207 -27.17 -25.00 1.48
CA LYS B 207 -26.58 -26.34 1.27
C LYS B 207 -25.98 -26.85 2.59
N GLY B 208 -25.71 -28.16 2.66
CA GLY B 208 -25.21 -28.79 3.89
C GLY B 208 -26.34 -29.12 4.86
N GLY B 209 -27.56 -29.22 4.30
CA GLY B 209 -28.75 -29.62 5.04
C GLY B 209 -28.80 -31.11 5.33
N LYS B 210 -29.92 -31.55 5.97
CA LYS B 210 -30.13 -32.92 6.48
C LYS B 210 -29.27 -33.16 7.74
N GLY B 211 -27.93 -33.08 7.60
CA GLY B 211 -27.00 -33.22 8.73
C GLY B 211 -27.14 -32.10 9.75
N SER B 212 -28.06 -32.28 10.71
CA SER B 212 -28.45 -31.26 11.69
C SER B 212 -27.32 -31.03 12.74
N ILE B 213 -26.43 -30.03 12.44
CA ILE B 213 -25.21 -29.65 13.20
C ILE B 213 -24.38 -30.84 13.77
N THR B 214 -24.87 -31.49 14.84
CA THR B 214 -24.22 -32.66 15.47
C THR B 214 -25.15 -33.28 16.53
N GLU B 215 -26.06 -32.43 17.09
CA GLU B 215 -27.01 -32.80 18.18
C GLU B 215 -26.29 -33.01 19.53
N GLN B 216 -27.11 -33.13 20.60
CA GLN B 216 -26.67 -33.28 22.00
C GLN B 216 -25.96 -32.01 22.52
N LEU B 217 -26.34 -30.83 21.96
CA LEU B 217 -25.95 -29.52 22.52
C LEU B 217 -26.93 -29.18 23.67
N LEU B 218 -26.77 -29.87 24.80
CA LEU B 218 -27.63 -29.70 25.99
C LEU B 218 -26.71 -29.43 27.20
N ASN B 219 -25.56 -28.78 26.90
CA ASN B 219 -24.48 -28.50 27.86
C ASN B 219 -23.95 -29.81 28.51
N ALA B 220 -23.39 -29.68 29.75
CA ALA B 220 -22.94 -30.82 30.56
C ALA B 220 -21.62 -31.44 30.02
N ARG B 221 -20.96 -30.77 29.07
CA ARG B 221 -19.71 -31.27 28.41
C ARG B 221 -18.47 -30.51 28.92
N ALA B 222 -18.34 -29.22 28.50
CA ALA B 222 -17.11 -28.41 28.71
C ALA B 222 -17.48 -26.94 29.06
N ASP B 223 -18.65 -26.79 29.65
CA ASP B 223 -19.23 -25.49 30.08
C ASP B 223 -18.97 -25.30 31.59
N VAL B 224 -19.36 -26.32 32.35
CA VAL B 224 -19.13 -26.40 33.80
C VAL B 224 -17.72 -26.99 34.08
N THR B 225 -17.27 -27.89 33.18
CA THR B 225 -16.05 -28.68 33.36
C THR B 225 -14.81 -27.88 32.89
N LEU B 226 -14.95 -27.19 31.75
CA LEU B 226 -13.91 -26.30 31.19
C LEU B 226 -14.45 -24.86 31.11
N GLY B 227 -13.53 -23.90 30.89
CA GLY B 227 -13.87 -22.48 30.77
C GLY B 227 -12.64 -21.65 30.47
N GLY B 228 -11.56 -21.96 31.22
CA GLY B 228 -10.23 -21.41 30.96
C GLY B 228 -9.38 -22.32 30.09
N GLY B 229 -8.16 -22.66 30.56
CA GLY B 229 -7.17 -23.38 29.76
C GLY B 229 -6.55 -22.48 28.68
N ALA B 230 -6.66 -21.16 28.91
CA ALA B 230 -6.24 -20.12 27.96
C ALA B 230 -4.72 -19.90 28.07
N LYS B 231 -4.08 -19.79 26.91
CA LYS B 231 -2.62 -19.67 26.78
C LYS B 231 -2.18 -18.25 27.17
N THR B 232 -1.31 -18.16 28.21
CA THR B 232 -0.77 -16.90 28.73
C THR B 232 0.38 -17.17 29.75
N PHE B 233 1.64 -17.04 29.28
CA PHE B 233 2.86 -17.26 30.11
C PHE B 233 4.09 -16.64 29.42
N ALA B 234 4.17 -15.29 29.43
CA ALA B 234 5.34 -14.57 28.89
C ALA B 234 5.40 -13.14 29.43
N GLU B 235 6.61 -12.72 29.85
CA GLU B 235 6.92 -11.35 30.22
C GLU B 235 7.68 -10.73 29.04
N THR B 236 6.95 -10.04 28.14
CA THR B 236 7.50 -9.34 26.94
C THR B 236 7.84 -10.34 25.79
N ALA B 237 8.22 -11.59 26.15
CA ALA B 237 8.41 -12.75 25.25
C ALA B 237 9.67 -12.61 24.39
N THR B 238 9.61 -11.70 23.40
CA THR B 238 10.69 -11.50 22.42
C THR B 238 10.88 -9.99 22.11
N ALA B 239 9.95 -9.16 22.60
CA ALA B 239 9.81 -7.74 22.18
C ALA B 239 10.86 -6.80 22.79
N GLY B 240 10.83 -5.55 22.30
CA GLY B 240 11.70 -4.48 22.74
C GLY B 240 10.87 -3.42 23.44
N GLU B 241 10.57 -2.31 22.73
CA GLU B 241 9.85 -1.16 23.30
C GLU B 241 9.18 -0.31 22.21
N TRP B 242 8.21 0.50 22.67
CA TRP B 242 7.53 1.52 21.86
C TRP B 242 8.05 2.90 22.32
N GLN B 243 8.05 3.00 23.65
CA GLN B 243 8.20 4.21 24.45
C GLN B 243 8.07 3.75 25.92
N GLY B 244 7.18 2.76 26.10
CA GLY B 244 7.06 1.95 27.30
C GLY B 244 6.41 0.62 26.96
N LYS B 245 6.15 -0.21 27.98
CA LYS B 245 5.43 -1.49 27.84
C LYS B 245 5.09 -2.07 29.21
N THR B 246 4.02 -2.88 29.28
CA THR B 246 3.69 -3.72 30.44
C THR B 246 2.61 -4.74 30.07
N LEU B 247 2.31 -5.64 31.03
CA LEU B 247 1.29 -6.68 30.89
C LEU B 247 0.89 -7.16 32.29
N ARG B 248 -0.29 -7.79 32.39
CA ARG B 248 -0.81 -8.30 33.67
C ARG B 248 -1.84 -9.42 33.45
N GLU B 249 -2.27 -10.00 34.57
CA GLU B 249 -3.12 -11.22 34.59
C GLU B 249 -4.60 -10.82 34.49
N GLN B 250 -5.46 -11.79 34.15
CA GLN B 250 -6.92 -11.58 33.93
C GLN B 250 -7.71 -11.45 35.26
N ALA B 251 -6.98 -11.29 36.40
CA ALA B 251 -7.53 -11.33 37.76
C ALA B 251 -8.18 -12.71 38.06
N GLN B 252 -7.63 -13.72 37.37
CA GLN B 252 -7.92 -15.15 37.52
C GLN B 252 -9.34 -15.51 37.03
N ALA B 253 -10.34 -15.38 37.94
CA ALA B 253 -11.73 -15.88 37.71
C ALA B 253 -11.72 -17.41 37.42
N ARG B 254 -11.51 -17.75 36.13
CA ARG B 254 -11.46 -19.14 35.60
C ARG B 254 -11.32 -19.02 34.07
N GLY B 255 -12.34 -18.37 33.47
CA GLY B 255 -12.43 -18.16 32.03
C GLY B 255 -13.73 -17.45 31.66
N TYR B 256 -14.04 -17.36 30.36
CA TYR B 256 -15.23 -16.60 29.87
C TYR B 256 -16.45 -17.55 29.68
N GLN B 257 -16.61 -18.50 30.64
CA GLN B 257 -17.66 -19.56 30.62
C GLN B 257 -17.41 -20.57 29.47
N LEU B 258 -18.49 -21.20 28.94
CA LEU B 258 -18.42 -22.23 27.87
C LEU B 258 -17.56 -21.77 26.66
N VAL B 259 -16.68 -22.68 26.20
CA VAL B 259 -15.89 -22.53 24.98
C VAL B 259 -16.16 -23.75 24.07
N SER B 260 -17.23 -23.65 23.27
CA SER B 260 -17.64 -24.69 22.32
C SER B 260 -16.91 -24.49 20.97
N ASP B 261 -15.76 -25.17 20.82
CA ASP B 261 -14.96 -25.23 19.56
C ASP B 261 -14.37 -23.83 19.18
N ALA B 262 -15.20 -22.96 18.58
CA ALA B 262 -14.78 -21.63 18.08
C ALA B 262 -14.61 -20.62 19.24
N ALA B 263 -15.75 -20.12 19.77
CA ALA B 263 -15.78 -19.12 20.83
C ALA B 263 -17.19 -19.03 21.43
N SER B 264 -17.26 -19.09 22.77
CA SER B 264 -18.51 -19.06 23.57
C SER B 264 -19.55 -20.13 23.12
N LEU B 265 -20.48 -19.73 22.20
CA LEU B 265 -21.63 -20.55 21.76
C LEU B 265 -22.45 -21.09 22.97
N ASN B 266 -22.70 -20.20 23.95
CA ASN B 266 -23.48 -20.50 25.18
C ASN B 266 -24.95 -20.80 24.81
N SER B 267 -25.61 -21.65 25.63
CA SER B 267 -26.99 -22.10 25.36
C SER B 267 -28.01 -20.97 25.62
N VAL B 268 -28.23 -20.13 24.55
CA VAL B 268 -29.07 -18.93 24.55
C VAL B 268 -28.48 -17.86 25.51
N THR B 269 -28.72 -18.01 26.82
CA THR B 269 -28.07 -17.24 27.88
C THR B 269 -26.81 -17.99 28.33
N GLU B 270 -27.04 -19.26 28.71
CA GLU B 270 -26.00 -20.21 29.17
C GLU B 270 -26.67 -21.57 29.48
N ALA B 271 -27.92 -21.50 30.01
CA ALA B 271 -28.69 -22.64 30.59
C ALA B 271 -28.21 -22.93 32.02
N ASN B 272 -26.88 -23.09 32.20
CA ASN B 272 -26.25 -23.14 33.54
C ASN B 272 -26.49 -21.82 34.28
N GLN B 273 -26.68 -21.90 35.61
CA GLN B 273 -27.08 -20.76 36.48
C GLN B 273 -28.51 -20.27 36.10
N GLN B 274 -29.30 -21.21 35.57
CA GLN B 274 -30.70 -21.03 35.15
C GLN B 274 -30.82 -19.97 34.03
N LYS B 275 -31.03 -18.69 34.41
CA LYS B 275 -31.39 -17.60 33.48
C LYS B 275 -30.46 -16.37 33.64
N PRO B 276 -30.35 -15.71 34.87
CA PRO B 276 -29.60 -14.44 35.00
C PRO B 276 -28.07 -14.66 35.07
N LEU B 277 -27.45 -14.83 33.88
CA LEU B 277 -25.99 -14.96 33.74
C LEU B 277 -25.34 -13.57 33.94
N LEU B 278 -24.92 -13.28 35.19
CA LEU B 278 -24.25 -12.01 35.62
C LEU B 278 -25.30 -10.87 35.78
N GLY B 279 -26.04 -10.55 34.70
CA GLY B 279 -27.05 -9.49 34.73
C GLY B 279 -28.10 -9.64 33.63
N LEU B 280 -28.84 -8.55 33.38
CA LEU B 280 -29.96 -8.50 32.40
C LEU B 280 -29.47 -7.90 31.08
N PHE B 281 -30.05 -8.36 29.96
CA PHE B 281 -29.85 -7.77 28.63
C PHE B 281 -31.12 -8.00 27.79
N ALA B 282 -31.55 -9.27 27.74
CA ALA B 282 -32.71 -9.72 26.94
C ALA B 282 -33.31 -11.01 27.54
N ASP B 283 -33.17 -11.15 28.87
CA ASP B 283 -33.54 -12.38 29.61
C ASP B 283 -34.93 -12.26 30.28
N GLY B 284 -35.40 -11.01 30.43
CA GLY B 284 -36.68 -10.71 31.12
C GLY B 284 -37.91 -11.25 30.38
N ASN B 285 -38.00 -10.97 29.06
CA ASN B 285 -39.06 -11.53 28.16
C ASN B 285 -40.48 -11.11 28.62
N MET B 286 -40.73 -9.79 28.64
CA MET B 286 -42.00 -9.17 29.09
C MET B 286 -42.21 -7.81 28.36
N PRO B 287 -43.40 -7.12 28.52
CA PRO B 287 -43.57 -5.70 28.09
C PRO B 287 -42.37 -4.82 28.51
N VAL B 288 -41.65 -4.30 27.50
CA VAL B 288 -40.27 -3.79 27.64
C VAL B 288 -40.16 -2.55 28.59
N ARG B 289 -40.02 -2.86 29.89
CA ARG B 289 -39.56 -1.98 31.01
C ARG B 289 -40.01 -0.49 30.94
N TRP B 290 -39.22 0.41 31.58
CA TRP B 290 -39.44 1.87 31.59
C TRP B 290 -40.74 2.24 32.33
N LEU B 291 -41.18 1.35 33.22
CA LEU B 291 -42.36 1.54 34.09
C LEU B 291 -42.14 0.86 35.46
N GLY B 292 -41.15 -0.05 35.53
CA GLY B 292 -40.90 -0.87 36.71
C GLY B 292 -40.14 -0.13 37.82
N PRO B 293 -40.28 -0.56 39.12
CA PRO B 293 -39.64 0.12 40.27
C PRO B 293 -38.18 -0.30 40.47
N LYS B 294 -37.51 0.37 41.42
CA LYS B 294 -36.10 0.11 41.73
C LYS B 294 -35.93 -1.15 42.59
N ALA B 295 -37.05 -1.63 43.19
CA ALA B 295 -37.13 -2.92 43.93
C ALA B 295 -36.04 -3.01 45.01
N THR B 296 -35.83 -1.88 45.71
CA THR B 296 -34.78 -1.72 46.72
C THR B 296 -35.20 -2.37 48.05
N TYR B 297 -35.21 -3.72 48.06
CA TYR B 297 -35.53 -4.53 49.24
C TYR B 297 -34.25 -5.06 49.91
N HIS B 298 -33.08 -4.57 49.41
CA HIS B 298 -31.71 -4.97 49.82
C HIS B 298 -31.37 -6.41 49.39
N GLY B 299 -32.15 -7.39 49.89
CA GLY B 299 -31.93 -8.80 49.62
C GLY B 299 -30.90 -9.38 50.56
N ASN B 300 -30.29 -10.48 50.16
CA ASN B 300 -29.16 -11.10 50.88
C ASN B 300 -27.86 -10.46 50.40
N ILE B 301 -27.85 -10.09 49.09
CA ILE B 301 -26.66 -9.74 48.28
C ILE B 301 -25.76 -11.00 48.12
N ASP B 302 -25.22 -11.48 49.26
CA ASP B 302 -24.54 -12.79 49.36
C ASP B 302 -23.25 -12.78 48.52
N LYS B 303 -22.22 -12.13 49.09
CA LYS B 303 -20.90 -11.90 48.46
C LYS B 303 -21.06 -11.14 47.11
N PRO B 304 -20.91 -9.76 47.10
CA PRO B 304 -21.04 -8.94 45.88
C PRO B 304 -20.10 -9.38 44.74
N ALA B 305 -20.64 -10.25 43.83
CA ALA B 305 -19.88 -10.88 42.72
C ALA B 305 -18.69 -11.72 43.27
N VAL B 306 -18.85 -12.19 44.52
CA VAL B 306 -17.84 -12.88 45.35
C VAL B 306 -16.66 -11.93 45.70
N THR B 307 -15.86 -11.54 44.67
CA THR B 307 -14.70 -10.61 44.78
C THR B 307 -13.53 -11.26 45.57
N CYS B 308 -13.72 -11.43 46.90
CA CYS B 308 -12.74 -12.07 47.77
C CYS B 308 -12.58 -13.56 47.40
N THR B 309 -11.57 -13.83 46.57
CA THR B 309 -11.24 -15.18 46.08
C THR B 309 -9.76 -15.50 46.37
N PRO B 310 -9.43 -16.75 46.84
CA PRO B 310 -8.02 -17.23 46.92
C PRO B 310 -7.53 -17.67 45.51
N ASN B 311 -6.69 -18.71 45.43
CA ASN B 311 -6.34 -19.36 44.15
C ASN B 311 -6.96 -20.78 44.13
N PRO B 312 -8.25 -20.92 43.68
CA PRO B 312 -8.97 -22.21 43.70
C PRO B 312 -8.88 -22.98 42.36
N GLN B 313 -7.87 -22.63 41.51
CA GLN B 313 -7.67 -23.23 40.16
C GLN B 313 -7.60 -24.77 40.24
N ARG B 314 -6.51 -25.27 40.87
CA ARG B 314 -6.20 -26.70 41.00
C ARG B 314 -5.96 -27.33 39.60
N ASN B 315 -7.06 -27.75 38.94
CA ASN B 315 -7.02 -28.30 37.56
C ASN B 315 -7.38 -27.19 36.55
N ASP B 316 -8.21 -26.22 37.03
CA ASP B 316 -8.80 -25.12 36.25
C ASP B 316 -9.83 -25.66 35.25
N SER B 317 -9.37 -26.23 34.13
CA SER B 317 -10.24 -26.68 33.03
C SER B 317 -9.67 -27.95 32.37
N VAL B 318 -8.44 -27.83 31.86
CA VAL B 318 -7.75 -28.93 31.15
C VAL B 318 -7.02 -29.84 32.16
N PRO B 319 -7.01 -31.21 31.94
CA PRO B 319 -6.39 -32.20 32.87
C PRO B 319 -4.94 -31.85 33.30
N THR B 320 -4.09 -31.51 32.33
CA THR B 320 -2.67 -31.15 32.57
C THR B 320 -1.90 -32.30 33.26
N LEU B 321 -1.47 -33.27 32.44
CA LEU B 321 -0.74 -34.45 32.91
C LEU B 321 0.76 -34.14 33.07
N ALA B 322 1.32 -33.41 32.08
CA ALA B 322 2.78 -33.19 31.98
C ALA B 322 3.11 -31.98 31.08
N GLN B 323 4.38 -31.91 30.65
CA GLN B 323 4.87 -30.97 29.61
C GLN B 323 5.77 -31.78 28.63
N MET B 324 6.17 -31.14 27.49
CA MET B 324 6.92 -31.77 26.37
C MET B 324 5.97 -32.61 25.49
N THR B 325 5.76 -32.17 24.22
CA THR B 325 4.75 -32.71 23.29
C THR B 325 3.36 -32.74 23.98
N ASP B 326 2.94 -31.53 24.37
CA ASP B 326 1.95 -31.26 25.41
C ASP B 326 0.94 -30.19 24.97
N LYS B 327 1.15 -29.63 23.78
CA LYS B 327 0.31 -28.55 23.21
C LYS B 327 -0.51 -29.06 22.01
N ALA B 328 -0.29 -30.35 21.65
CA ALA B 328 -0.88 -31.04 20.46
C ALA B 328 -0.28 -30.55 19.13
N ILE B 329 -0.45 -31.40 18.09
CA ILE B 329 -0.01 -31.18 16.68
C ILE B 329 1.46 -30.67 16.52
N GLU B 330 2.34 -31.07 17.47
CA GLU B 330 3.78 -30.69 17.46
C GLU B 330 4.62 -31.64 16.55
N LEU B 331 4.18 -31.71 15.28
CA LEU B 331 4.76 -32.56 14.23
C LEU B 331 3.98 -32.22 12.94
N LEU B 332 4.67 -32.05 11.79
CA LEU B 332 3.98 -31.75 10.51
C LEU B 332 3.13 -32.96 10.04
N SER B 333 1.99 -32.67 9.40
CA SER B 333 1.04 -33.68 8.95
C SER B 333 1.19 -33.89 7.43
N LYS B 334 2.37 -34.43 7.04
CA LYS B 334 2.77 -34.70 5.63
C LYS B 334 3.03 -33.36 4.88
N ASN B 335 1.93 -32.62 4.60
CA ASN B 335 1.93 -31.24 4.05
C ASN B 335 2.65 -31.12 2.68
N GLU B 336 3.99 -30.92 2.69
CA GLU B 336 4.81 -30.70 1.47
C GLU B 336 5.20 -32.03 0.78
N LYS B 337 4.94 -33.14 1.47
CA LYS B 337 5.04 -34.49 0.89
C LYS B 337 3.66 -34.98 0.40
N GLY B 338 2.72 -34.03 0.22
CA GLY B 338 1.36 -34.34 -0.26
C GLY B 338 0.64 -33.10 -0.71
N PHE B 339 -0.70 -33.17 -0.72
CA PHE B 339 -1.58 -32.04 -1.09
C PHE B 339 -2.30 -31.48 0.16
N PHE B 340 -2.11 -32.15 1.31
CA PHE B 340 -2.78 -31.85 2.60
C PHE B 340 -4.31 -31.89 2.41
N LEU B 341 -4.80 -33.10 2.04
CA LEU B 341 -6.22 -33.37 1.73
C LEU B 341 -7.05 -33.35 3.02
N GLN B 342 -6.57 -34.08 4.04
CA GLN B 342 -7.27 -34.25 5.33
C GLN B 342 -6.82 -33.19 6.35
N VAL B 343 -7.59 -32.09 6.44
CA VAL B 343 -7.38 -31.01 7.42
C VAL B 343 -7.88 -31.46 8.80
N GLU B 344 -8.93 -32.31 8.80
CA GLU B 344 -9.49 -32.92 10.02
C GLU B 344 -8.42 -33.81 10.71
N GLY B 345 -7.58 -34.47 9.89
CA GLY B 345 -6.48 -35.31 10.38
C GLY B 345 -5.14 -34.59 10.31
N ALA B 346 -5.13 -33.31 10.72
CA ALA B 346 -3.92 -32.49 10.78
C ALA B 346 -3.12 -32.84 12.06
N SER B 347 -2.29 -33.90 11.94
CA SER B 347 -1.39 -34.40 13.00
C SER B 347 -2.20 -34.95 14.21
N ILE B 348 -1.54 -35.08 15.38
CA ILE B 348 -2.15 -35.61 16.59
C ILE B 348 -2.97 -34.51 17.31
N ASP B 349 -4.18 -34.27 16.79
CA ASP B 349 -5.16 -33.32 17.36
C ASP B 349 -6.03 -34.04 18.39
N LYS B 350 -6.33 -33.34 19.50
CA LYS B 350 -7.24 -33.78 20.59
C LYS B 350 -6.60 -34.85 21.51
N GLN B 351 -5.90 -35.85 20.92
CA GLN B 351 -5.20 -36.90 21.66
C GLN B 351 -4.14 -36.28 22.59
N ASP B 352 -2.99 -35.86 22.00
CA ASP B 352 -1.86 -35.22 22.74
C ASP B 352 -1.31 -36.13 23.89
N HIS B 353 -0.30 -35.66 24.65
CA HIS B 353 0.27 -36.43 25.78
C HIS B 353 -0.10 -35.82 27.14
N ALA B 354 -0.32 -34.48 27.21
CA ALA B 354 -0.61 -33.78 28.49
C ALA B 354 -2.05 -33.25 28.58
N ALA B 355 -2.71 -33.06 27.41
CA ALA B 355 -4.03 -32.39 27.30
C ALA B 355 -3.92 -30.93 27.77
N ASN B 356 -2.92 -30.20 27.17
CA ASN B 356 -2.62 -28.76 27.45
C ASN B 356 -1.97 -28.60 28.86
N PRO B 357 -0.76 -27.93 28.96
CA PRO B 357 -0.07 -27.67 30.26
C PRO B 357 -0.69 -26.47 31.04
N CYS B 358 -2.03 -26.51 31.23
CA CYS B 358 -2.83 -25.39 31.80
C CYS B 358 -2.82 -24.15 30.88
N GLY B 359 -1.69 -23.44 30.83
CA GLY B 359 -1.56 -22.15 30.14
C GLY B 359 -1.97 -20.97 31.04
N GLN B 360 -2.60 -21.29 32.18
CA GLN B 360 -3.25 -20.33 33.10
C GLN B 360 -2.27 -19.78 34.15
N ILE B 361 -1.07 -19.39 33.68
CA ILE B 361 -0.06 -18.76 34.53
C ILE B 361 -0.34 -17.23 34.57
N GLY B 362 -0.94 -16.74 33.47
CA GLY B 362 -1.35 -15.35 33.37
C GLY B 362 -0.18 -14.40 33.21
N GLU B 363 0.61 -14.64 32.14
CA GLU B 363 1.79 -13.85 31.76
C GLU B 363 2.91 -14.01 32.81
N THR B 364 2.77 -13.24 33.92
CA THR B 364 3.74 -13.17 35.02
C THR B 364 3.01 -12.73 36.30
N VAL B 365 1.85 -12.03 36.12
CA VAL B 365 1.07 -11.38 37.21
C VAL B 365 1.92 -10.20 37.82
N ASP B 366 1.28 -9.33 38.65
CA ASP B 366 2.00 -8.43 39.61
C ASP B 366 2.68 -7.18 38.94
N LEU B 367 2.69 -7.13 37.57
CA LEU B 367 3.41 -6.07 36.81
C LEU B 367 2.53 -4.83 36.52
N ASP B 368 1.26 -4.88 36.92
CA ASP B 368 0.34 -3.72 36.79
C ASP B 368 0.66 -2.65 37.87
N GLU B 369 -0.32 -1.75 38.17
CA GLU B 369 -0.10 -0.52 38.97
C GLU B 369 1.04 0.30 38.34
N ALA B 370 0.89 0.56 37.03
CA ALA B 370 1.89 1.27 36.20
C ALA B 370 2.11 2.72 36.65
N VAL B 371 2.95 3.46 35.91
CA VAL B 371 3.25 4.89 36.18
C VAL B 371 2.01 5.80 35.88
N GLN B 372 0.88 5.15 35.45
CA GLN B 372 -0.48 5.74 35.31
C GLN B 372 -0.65 6.47 33.95
N ARG B 373 0.49 6.81 33.30
CA ARG B 373 0.58 7.61 32.06
C ARG B 373 0.30 9.11 32.34
N ALA B 374 -0.85 9.38 32.98
CA ALA B 374 -1.28 10.73 33.38
C ALA B 374 -0.38 11.33 34.48
N LEU B 375 0.33 10.45 35.24
CA LEU B 375 1.18 10.80 36.42
C LEU B 375 0.30 11.25 37.60
N GLU B 376 -0.31 12.43 37.46
CA GLU B 376 -1.29 12.98 38.41
C GLU B 376 -2.63 13.19 37.68
N PHE B 377 -3.64 13.69 38.41
CA PHE B 377 -4.95 14.05 37.84
C PHE B 377 -5.18 15.56 38.05
N ALA B 378 -4.37 16.37 37.35
CA ALA B 378 -4.43 17.84 37.44
C ALA B 378 -5.58 18.43 36.59
N LYS B 379 -6.30 17.54 35.86
CA LYS B 379 -7.36 17.90 34.90
C LYS B 379 -6.79 18.84 33.82
N LYS B 380 -6.00 18.26 32.92
CA LYS B 380 -5.37 18.98 31.80
C LYS B 380 -6.36 19.08 30.61
N GLU B 381 -7.46 18.34 30.74
CA GLU B 381 -8.56 18.28 29.77
C GLU B 381 -9.58 19.43 29.99
N GLY B 382 -10.62 19.46 29.15
CA GLY B 382 -11.68 20.46 29.23
C GLY B 382 -12.78 20.20 28.22
N ASN B 383 -12.70 20.89 27.07
CA ASN B 383 -13.63 20.75 25.95
C ASN B 383 -12.97 21.37 24.71
N THR B 384 -13.12 20.71 23.55
CA THR B 384 -12.51 21.13 22.30
C THR B 384 -13.55 21.89 21.44
N LEU B 385 -13.81 23.16 21.84
CA LEU B 385 -14.69 24.07 21.06
C LEU B 385 -13.98 24.42 19.73
N VAL B 386 -14.20 23.54 18.72
CA VAL B 386 -13.58 23.56 17.38
C VAL B 386 -12.14 23.03 17.45
N ILE B 387 -11.32 23.63 18.32
CA ILE B 387 -9.93 23.24 18.52
C ILE B 387 -9.50 23.53 19.99
N VAL B 388 -9.51 24.84 20.38
CA VAL B 388 -9.04 25.35 21.70
C VAL B 388 -7.53 25.07 21.93
N THR B 389 -6.75 26.15 22.18
CA THR B 389 -5.32 26.08 22.49
C THR B 389 -4.96 27.26 23.41
N ALA B 390 -4.60 26.95 24.66
CA ALA B 390 -4.16 27.91 25.69
C ALA B 390 -5.31 28.84 26.16
N ASP B 391 -5.72 28.66 27.44
CA ASP B 391 -6.75 29.48 28.10
C ASP B 391 -8.14 29.24 27.46
N HIS B 392 -8.51 30.06 26.45
CA HIS B 392 -9.80 29.96 25.70
C HIS B 392 -9.57 30.35 24.22
N ALA B 393 -8.29 30.66 23.88
CA ALA B 393 -7.90 31.17 22.56
C ALA B 393 -8.15 30.11 21.48
N HIS B 394 -8.95 30.47 20.47
CA HIS B 394 -9.30 29.58 19.35
C HIS B 394 -8.03 29.30 18.51
N ALA B 395 -7.30 28.24 18.90
CA ALA B 395 -6.01 27.82 18.30
C ALA B 395 -4.88 28.86 18.49
N SER B 396 -5.16 29.94 19.26
CA SER B 396 -4.27 31.11 19.42
C SER B 396 -3.90 31.72 18.04
N GLN B 397 -4.76 32.64 17.57
CA GLN B 397 -4.69 33.19 16.19
C GLN B 397 -3.78 34.47 16.13
N ILE B 398 -2.84 34.59 17.11
CA ILE B 398 -1.95 35.78 17.34
C ILE B 398 -2.70 37.14 17.32
N VAL B 399 -2.83 37.72 18.53
CA VAL B 399 -3.53 39.00 18.79
C VAL B 399 -5.04 38.88 18.47
N ALA B 400 -5.48 39.31 17.25
CA ALA B 400 -6.91 39.37 16.89
C ALA B 400 -7.11 39.78 15.39
N PRO B 401 -6.62 38.98 14.39
CA PRO B 401 -6.73 39.30 12.96
C PRO B 401 -8.04 38.77 12.32
N ASP B 402 -8.94 39.72 11.96
CA ASP B 402 -10.28 39.47 11.34
C ASP B 402 -11.25 38.75 12.32
N THR B 403 -10.87 38.68 13.61
CA THR B 403 -11.73 38.10 14.68
C THR B 403 -12.76 39.15 15.18
N LYS B 404 -12.83 40.28 14.45
CA LYS B 404 -13.74 41.41 14.69
C LYS B 404 -13.41 42.07 16.05
N ALA B 405 -14.10 41.63 17.13
CA ALA B 405 -13.87 42.06 18.54
C ALA B 405 -14.94 41.43 19.46
N PRO B 406 -16.30 41.70 19.25
CA PRO B 406 -17.34 41.20 20.17
C PRO B 406 -17.66 39.69 19.94
N GLY B 407 -17.02 38.85 20.78
CA GLY B 407 -17.33 37.41 20.85
C GLY B 407 -17.05 36.62 19.57
N LEU B 408 -15.99 37.04 18.83
CA LEU B 408 -15.58 36.47 17.52
C LEU B 408 -16.71 36.63 16.46
N THR B 409 -17.74 35.74 16.53
CA THR B 409 -18.96 35.76 15.69
C THR B 409 -18.67 35.48 14.19
N GLN B 410 -17.89 36.39 13.56
CA GLN B 410 -17.34 36.26 12.19
C GLN B 410 -18.35 36.68 11.10
N ALA B 411 -19.67 36.59 11.39
CA ALA B 411 -20.80 37.00 10.50
C ALA B 411 -21.04 35.99 9.35
N LEU B 412 -19.99 35.73 8.55
CA LEU B 412 -20.02 34.85 7.36
C LEU B 412 -20.43 33.39 7.69
N ASN B 413 -20.63 32.58 6.63
CA ASN B 413 -21.02 31.17 6.73
C ASN B 413 -19.87 30.33 7.34
N THR B 414 -19.79 30.35 8.67
CA THR B 414 -18.78 29.62 9.47
C THR B 414 -19.17 29.71 10.96
N LYS B 415 -19.43 30.96 11.44
CA LYS B 415 -19.79 31.30 12.85
C LYS B 415 -18.60 31.01 13.79
N ASP B 416 -18.23 29.71 13.91
CA ASP B 416 -16.98 29.20 14.51
C ASP B 416 -17.03 29.17 16.06
N GLY B 417 -17.31 30.32 16.69
CA GLY B 417 -17.53 30.41 18.15
C GLY B 417 -18.85 29.78 18.57
N ALA B 418 -18.89 28.43 18.50
CA ALA B 418 -20.10 27.60 18.68
C ALA B 418 -21.14 27.84 17.55
N VAL B 419 -22.39 27.36 17.79
CA VAL B 419 -23.52 27.38 16.82
C VAL B 419 -23.24 26.40 15.67
N MET B 420 -22.41 26.84 14.69
CA MET B 420 -21.97 25.99 13.56
C MET B 420 -20.57 25.42 13.86
N VAL B 421 -20.08 24.56 12.93
CA VAL B 421 -18.75 23.89 12.99
C VAL B 421 -18.75 22.75 14.04
N MET B 422 -18.98 23.11 15.33
CA MET B 422 -19.17 22.15 16.44
C MET B 422 -20.47 21.35 16.26
N SER B 423 -21.51 22.06 15.79
CA SER B 423 -22.86 21.52 15.56
C SER B 423 -23.51 22.34 14.43
N TYR B 424 -24.86 22.38 14.41
CA TYR B 424 -25.64 23.38 13.66
C TYR B 424 -27.03 23.46 14.31
N GLY B 425 -27.54 22.29 14.72
CA GLY B 425 -28.71 22.17 15.60
C GLY B 425 -28.36 21.41 16.87
N ASN B 426 -29.38 20.95 17.61
CA ASN B 426 -29.19 20.09 18.81
C ASN B 426 -28.58 18.74 18.39
N SER B 427 -29.13 18.20 17.30
CA SER B 427 -28.59 17.02 16.59
C SER B 427 -29.11 17.06 15.14
N GLU B 428 -28.67 16.10 14.30
CA GLU B 428 -29.11 16.04 12.90
C GLU B 428 -30.57 15.57 12.86
N GLU B 429 -30.79 14.26 13.08
CA GLU B 429 -32.14 13.64 13.07
C GLU B 429 -32.79 13.76 14.47
N ASP B 430 -32.75 15.00 14.98
CA ASP B 430 -33.32 15.39 16.28
C ASP B 430 -34.81 15.69 16.08
N SER B 431 -35.59 14.58 16.01
CA SER B 431 -37.06 14.54 15.92
C SER B 431 -37.61 14.85 14.49
N GLN B 432 -37.17 15.97 13.86
CA GLN B 432 -37.73 16.42 12.54
C GLN B 432 -36.73 16.27 11.38
N GLU B 433 -35.48 15.81 11.67
CA GLU B 433 -34.35 15.82 10.70
C GLU B 433 -34.07 17.25 10.21
N HIS B 434 -33.13 17.91 10.88
CA HIS B 434 -32.87 19.36 10.73
C HIS B 434 -32.35 19.72 9.32
N THR B 435 -31.48 18.88 8.73
CA THR B 435 -30.97 19.10 7.36
C THR B 435 -30.75 17.79 6.60
N GLY B 436 -29.72 17.01 7.02
CA GLY B 436 -29.19 15.88 6.24
C GLY B 436 -30.25 14.84 5.86
N SER B 437 -31.03 14.41 6.86
CA SER B 437 -32.17 13.46 6.74
C SER B 437 -31.71 12.00 6.49
N GLN B 438 -30.90 11.80 5.43
CA GLN B 438 -30.30 10.51 5.08
C GLN B 438 -29.11 10.22 6.05
N LEU B 439 -27.85 10.37 5.56
CA LEU B 439 -26.59 10.20 6.36
C LEU B 439 -26.49 8.82 7.08
N ARG B 440 -27.31 7.85 6.66
CA ARG B 440 -27.35 6.50 7.24
C ARG B 440 -26.41 5.61 6.42
N ILE B 441 -25.30 5.15 7.03
CA ILE B 441 -24.31 4.31 6.34
C ILE B 441 -24.83 2.86 6.21
N ALA B 442 -25.31 2.52 5.01
CA ALA B 442 -25.69 1.15 4.66
C ALA B 442 -24.45 0.41 4.11
N ALA B 443 -23.64 -0.14 5.05
CA ALA B 443 -22.36 -0.80 4.74
C ALA B 443 -22.30 -2.17 5.45
N TYR B 444 -22.50 -2.13 6.77
CA TYR B 444 -22.52 -3.34 7.63
C TYR B 444 -23.97 -3.64 8.06
N GLY B 445 -24.93 -3.24 7.20
CA GLY B 445 -26.35 -3.34 7.50
C GLY B 445 -26.93 -2.01 7.94
N PRO B 446 -28.19 -2.00 8.50
CA PRO B 446 -28.82 -0.76 9.01
C PRO B 446 -28.29 -0.36 10.41
N HIS B 447 -28.57 0.90 10.80
CA HIS B 447 -28.23 1.44 12.14
C HIS B 447 -29.32 1.04 13.17
N ALA B 448 -30.35 0.29 12.71
CA ALA B 448 -31.41 -0.28 13.55
C ALA B 448 -30.82 -1.30 14.53
N ALA B 449 -30.47 -0.82 15.72
CA ALA B 449 -29.87 -1.64 16.79
C ALA B 449 -30.95 -2.39 17.61
N ASN B 450 -32.24 -2.10 17.29
CA ASN B 450 -33.44 -2.72 17.89
C ASN B 450 -33.56 -2.34 19.38
N VAL B 451 -34.35 -1.28 19.65
CA VAL B 451 -34.58 -0.74 21.01
C VAL B 451 -35.50 -1.69 21.83
N VAL B 452 -36.60 -2.13 21.19
CA VAL B 452 -37.64 -2.94 21.84
C VAL B 452 -37.11 -4.32 22.31
N GLY B 453 -36.91 -5.25 21.36
CA GLY B 453 -36.58 -6.63 21.68
C GLY B 453 -37.62 -7.28 22.61
N LEU B 454 -37.26 -7.38 23.88
CA LEU B 454 -38.06 -8.04 24.92
C LEU B 454 -37.56 -7.55 26.28
N THR B 455 -36.21 -7.46 26.38
CA THR B 455 -35.45 -6.87 27.49
C THR B 455 -35.86 -7.37 28.89
N ASP B 456 -36.90 -6.73 29.47
CA ASP B 456 -37.35 -6.96 30.87
C ASP B 456 -38.69 -6.19 31.06
N GLN B 457 -39.13 -5.95 32.32
CA GLN B 457 -40.31 -5.12 32.62
C GLN B 457 -40.12 -4.34 33.94
N THR B 458 -39.38 -4.95 34.88
CA THR B 458 -39.31 -4.47 36.26
C THR B 458 -38.23 -3.40 36.50
N ASP B 459 -37.29 -3.16 35.53
CA ASP B 459 -36.30 -2.05 35.66
C ASP B 459 -36.77 -0.78 34.91
N LEU B 460 -36.00 0.32 35.08
CA LEU B 460 -36.32 1.65 34.51
C LEU B 460 -35.01 2.46 34.47
N PHE B 461 -34.40 2.61 33.28
CA PHE B 461 -33.17 3.42 33.08
C PHE B 461 -33.32 4.34 31.85
N TYR B 462 -32.98 3.82 30.67
CA TYR B 462 -32.94 4.58 29.42
C TYR B 462 -33.26 3.64 28.26
N THR B 463 -33.62 4.19 27.09
CA THR B 463 -33.89 3.41 25.88
C THR B 463 -32.62 2.66 25.40
N MET B 464 -32.81 1.73 24.43
CA MET B 464 -31.75 0.88 23.85
C MET B 464 -31.34 -0.24 24.84
N LYS B 465 -31.27 -1.49 24.33
CA LYS B 465 -30.77 -2.64 25.11
C LYS B 465 -29.24 -2.47 25.32
N ALA B 466 -28.90 -1.72 26.39
CA ALA B 466 -27.53 -1.32 26.72
C ALA B 466 -27.51 -0.82 28.17
N ALA B 467 -28.42 0.13 28.47
CA ALA B 467 -28.58 0.72 29.81
C ALA B 467 -29.60 -0.08 30.65
N LEU B 468 -29.24 -1.31 31.05
CA LEU B 468 -30.14 -2.21 31.84
C LEU B 468 -29.92 -2.03 33.36
N GLY B 469 -30.56 -2.90 34.18
CA GLY B 469 -30.36 -2.92 35.63
C GLY B 469 -29.73 -4.24 36.09
N LEU B 470 -30.58 -5.26 36.27
CA LEU B 470 -30.18 -6.62 36.73
C LEU B 470 -31.38 -7.57 36.58
N LYS B 471 -32.56 -7.01 36.90
CA LYS B 471 -33.89 -7.59 36.72
C LYS B 471 -34.85 -6.57 37.35
N MET C 1 44.24 -18.14 -31.63
CA MET C 1 45.31 -19.10 -31.97
C MET C 1 45.07 -20.46 -31.28
N ALA C 2 43.84 -20.65 -30.73
CA ALA C 2 43.44 -21.85 -29.97
C ALA C 2 44.44 -22.16 -28.83
N ALA C 3 44.91 -21.10 -28.15
CA ALA C 3 45.83 -21.23 -27.01
C ALA C 3 45.02 -21.49 -25.72
N LYS C 4 44.34 -22.67 -25.72
CA LYS C 4 43.49 -23.16 -24.61
C LYS C 4 44.08 -22.91 -23.22
N LYS C 5 43.65 -21.81 -22.59
CA LYS C 5 43.94 -21.53 -21.19
C LYS C 5 42.87 -22.17 -20.31
N ASP C 6 43.30 -23.02 -19.36
CA ASP C 6 42.41 -23.64 -18.38
C ASP C 6 42.02 -22.58 -17.33
N TYR C 7 40.74 -22.20 -17.33
CA TYR C 7 40.21 -21.08 -16.53
C TYR C 7 40.33 -21.35 -15.00
N TYR C 8 40.33 -22.63 -14.62
CA TYR C 8 40.48 -23.04 -13.20
C TYR C 8 41.92 -22.76 -12.74
N ALA C 9 42.88 -23.15 -13.59
CA ALA C 9 44.31 -22.91 -13.37
C ALA C 9 44.62 -21.39 -13.32
N ILE C 10 43.90 -20.61 -14.16
CA ILE C 10 43.98 -19.13 -14.14
C ILE C 10 43.58 -18.60 -12.75
N LEU C 11 42.45 -19.12 -12.22
CA LEU C 11 41.96 -18.76 -10.86
C LEU C 11 42.84 -19.37 -9.73
N GLY C 12 43.83 -20.22 -10.10
CA GLY C 12 44.76 -20.84 -9.14
C GLY C 12 44.13 -21.93 -8.29
N VAL C 13 43.02 -22.49 -8.78
CA VAL C 13 42.23 -23.54 -8.08
C VAL C 13 42.31 -24.86 -8.87
N PRO C 14 41.99 -26.04 -8.21
CA PRO C 14 41.90 -27.35 -8.90
C PRO C 14 40.94 -27.33 -10.11
N ARG C 15 41.24 -28.14 -11.13
CA ARG C 15 40.54 -28.13 -12.42
C ARG C 15 39.15 -28.85 -12.36
N ASN C 16 38.61 -29.00 -11.15
CA ASN C 16 37.31 -29.64 -10.86
C ASN C 16 36.54 -28.79 -9.81
N ALA C 17 37.10 -27.59 -9.49
CA ALA C 17 36.59 -26.70 -8.41
C ALA C 17 35.18 -26.15 -8.73
N THR C 18 34.34 -26.08 -7.68
CA THR C 18 32.92 -25.69 -7.79
C THR C 18 32.70 -24.18 -7.58
N GLN C 19 31.43 -23.74 -7.74
CA GLN C 19 30.99 -22.32 -7.68
C GLN C 19 31.45 -21.61 -6.38
N GLU C 20 31.44 -22.36 -5.26
CA GLU C 20 31.94 -21.90 -3.94
C GLU C 20 33.44 -21.47 -4.01
N GLU C 21 34.22 -22.34 -4.64
CA GLU C 21 35.67 -22.21 -4.75
C GLU C 21 36.06 -21.16 -5.80
N ILE C 22 35.20 -21.01 -6.84
CA ILE C 22 35.35 -19.98 -7.90
C ILE C 22 35.03 -18.58 -7.34
N LYS C 23 34.08 -18.53 -6.41
CA LYS C 23 33.73 -17.31 -5.65
C LYS C 23 34.94 -16.83 -4.83
N ARG C 24 35.54 -17.76 -4.07
CA ARG C 24 36.70 -17.47 -3.21
C ARG C 24 38.01 -17.31 -4.02
N ALA C 25 38.03 -17.87 -5.24
CA ALA C 25 39.14 -17.66 -6.20
C ALA C 25 39.09 -16.26 -6.79
N TYR C 26 37.85 -15.80 -7.05
CA TYR C 26 37.58 -14.44 -7.52
C TYR C 26 37.99 -13.44 -6.44
N LYS C 27 37.65 -13.74 -5.16
CA LYS C 27 38.07 -12.91 -4.01
C LYS C 27 39.60 -12.78 -3.98
N ARG C 28 40.28 -13.94 -4.00
CA ARG C 28 41.76 -14.06 -3.97
C ARG C 28 42.44 -13.10 -4.97
N LEU C 29 42.15 -13.32 -6.26
CA LEU C 29 42.79 -12.59 -7.37
C LEU C 29 42.29 -11.14 -7.48
N ALA C 30 40.98 -10.91 -7.27
CA ALA C 30 40.38 -9.55 -7.40
C ALA C 30 40.55 -8.73 -6.11
N ARG C 31 41.25 -9.29 -5.11
CA ARG C 31 41.81 -8.50 -3.98
C ARG C 31 43.28 -8.17 -4.28
N GLN C 32 44.04 -9.17 -4.77
CA GLN C 32 45.49 -9.03 -5.04
C GLN C 32 45.78 -8.07 -6.21
N TYR C 33 45.17 -8.34 -7.39
CA TYR C 33 45.36 -7.54 -8.63
C TYR C 33 44.23 -6.50 -8.78
N HIS C 34 43.62 -6.10 -7.65
CA HIS C 34 42.49 -5.15 -7.64
C HIS C 34 42.97 -3.78 -8.15
N PRO C 35 42.47 -3.26 -9.32
CA PRO C 35 42.91 -1.96 -9.92
C PRO C 35 42.77 -0.75 -8.96
N ASP C 36 41.98 -0.91 -7.89
CA ASP C 36 41.92 0.07 -6.78
C ASP C 36 43.25 0.10 -6.00
N VAL C 37 43.69 -1.09 -5.56
CA VAL C 37 44.88 -1.27 -4.69
C VAL C 37 46.18 -1.12 -5.51
N ASN C 38 46.23 -1.87 -6.62
CA ASN C 38 47.38 -1.92 -7.53
C ASN C 38 46.97 -1.33 -8.89
N LYS C 39 47.10 0.02 -9.02
CA LYS C 39 46.79 0.74 -10.26
C LYS C 39 47.91 0.53 -11.30
N SER C 40 47.91 -0.66 -11.92
CA SER C 40 48.89 -1.03 -12.95
C SER C 40 48.17 -1.70 -14.13
N PRO C 41 48.28 -1.13 -15.39
CA PRO C 41 47.72 -1.77 -16.62
C PRO C 41 48.07 -3.27 -16.73
N GLU C 42 49.31 -3.61 -16.31
CA GLU C 42 49.84 -4.99 -16.30
C GLU C 42 48.96 -5.89 -15.38
N ALA C 43 48.56 -5.34 -14.21
CA ALA C 43 47.67 -6.03 -13.26
C ALA C 43 46.24 -6.07 -13.80
N GLU C 44 45.92 -5.18 -14.78
CA GLU C 44 44.60 -5.15 -15.42
C GLU C 44 44.55 -6.15 -16.60
N GLU C 45 45.72 -6.63 -17.04
CA GLU C 45 45.83 -7.74 -17.98
C GLU C 45 45.71 -9.06 -17.22
N LYS C 46 46.30 -9.09 -16.01
CA LYS C 46 46.03 -10.16 -15.05
C LYS C 46 44.56 -10.12 -14.60
N PHE C 47 43.98 -8.91 -14.57
CA PHE C 47 42.55 -8.69 -14.22
C PHE C 47 41.64 -9.03 -15.42
N LYS C 48 42.21 -8.99 -16.66
CA LYS C 48 41.56 -9.61 -17.83
C LYS C 48 41.41 -11.11 -17.54
N GLU C 49 42.53 -11.74 -17.18
CA GLU C 49 42.58 -13.19 -16.87
C GLU C 49 41.59 -13.57 -15.74
N ILE C 50 41.48 -12.72 -14.70
CA ILE C 50 40.53 -12.92 -13.57
C ILE C 50 39.09 -12.89 -14.09
N ASN C 51 38.76 -11.79 -14.78
CA ASN C 51 37.40 -11.48 -15.24
C ASN C 51 36.97 -12.38 -16.41
N GLU C 52 37.95 -12.99 -17.11
CA GLU C 52 37.72 -13.91 -18.24
C GLU C 52 37.37 -15.29 -17.67
N ALA C 53 38.26 -15.78 -16.80
CA ALA C 53 38.09 -17.04 -16.08
C ALA C 53 36.83 -17.03 -15.22
N TYR C 54 36.47 -15.87 -14.67
CA TYR C 54 35.25 -15.71 -13.86
C TYR C 54 34.02 -15.52 -14.77
N ALA C 55 34.19 -14.86 -15.95
CA ALA C 55 33.10 -14.73 -16.97
C ALA C 55 32.58 -16.11 -17.38
N VAL C 56 33.51 -17.09 -17.44
CA VAL C 56 33.20 -18.49 -17.75
C VAL C 56 32.68 -19.23 -16.48
N LEU C 57 33.51 -19.33 -15.44
CA LEU C 57 33.30 -20.27 -14.32
C LEU C 57 32.26 -19.79 -13.27
N SER C 58 31.79 -18.52 -13.36
CA SER C 58 30.77 -17.96 -12.43
C SER C 58 29.47 -18.78 -12.50
N ASP C 59 28.98 -18.95 -13.74
CA ASP C 59 27.85 -19.84 -14.03
C ASP C 59 28.36 -21.28 -14.09
N PRO C 60 27.72 -22.23 -13.31
CA PRO C 60 27.98 -23.68 -13.48
C PRO C 60 27.63 -24.15 -14.91
N GLU C 61 26.73 -23.39 -15.58
CA GLU C 61 26.27 -23.65 -16.95
C GLU C 61 27.43 -23.52 -17.97
N LYS C 62 28.10 -22.34 -17.95
CA LYS C 62 29.26 -22.06 -18.83
C LYS C 62 30.48 -22.90 -18.42
N ARG C 63 30.56 -23.20 -17.10
CA ARG C 63 31.61 -24.08 -16.56
C ARG C 63 31.53 -25.44 -17.26
N ARG C 64 30.26 -25.93 -17.41
CA ARG C 64 29.95 -27.20 -18.11
C ARG C 64 30.13 -27.08 -19.63
N ILE C 65 29.96 -25.87 -20.20
CA ILE C 65 30.32 -25.61 -21.63
C ILE C 65 31.83 -25.88 -21.86
N TYR C 66 32.67 -25.40 -20.92
CA TYR C 66 34.11 -25.64 -20.97
C TYR C 66 34.42 -27.14 -20.73
N ASP C 67 33.71 -27.75 -19.75
CA ASP C 67 33.87 -29.19 -19.42
C ASP C 67 33.56 -30.09 -20.63
N THR C 68 32.51 -29.72 -21.39
CA THR C 68 32.12 -30.43 -22.62
C THR C 68 33.06 -30.09 -23.79
N TYR C 69 33.79 -28.96 -23.70
CA TYR C 69 34.86 -28.65 -24.66
C TYR C 69 36.07 -29.57 -24.37
N GLY C 70 36.38 -30.47 -25.31
CA GLY C 70 37.30 -31.59 -25.08
C GLY C 70 36.57 -32.93 -25.11
N THR C 71 35.31 -32.90 -25.59
CA THR C 71 34.43 -34.09 -25.73
C THR C 71 33.63 -33.84 -26.99
N THR C 72 33.07 -32.64 -27.01
CA THR C 72 32.68 -31.94 -28.22
C THR C 72 33.91 -31.06 -28.52
N GLU C 73 34.32 -30.96 -29.81
CA GLU C 73 35.46 -30.09 -30.21
C GLU C 73 34.95 -28.73 -30.70
N ALA C 74 33.75 -28.73 -31.30
CA ALA C 74 33.07 -27.52 -31.76
C ALA C 74 32.49 -26.76 -30.54
N PRO C 75 32.54 -25.39 -30.53
CA PRO C 75 31.93 -24.56 -29.44
C PRO C 75 30.43 -24.90 -29.21
N PRO C 76 30.05 -25.43 -27.99
CA PRO C 76 28.64 -25.83 -27.65
C PRO C 76 27.60 -24.70 -27.90
N PRO C 77 26.31 -25.04 -28.26
CA PRO C 77 25.25 -24.02 -28.55
C PRO C 77 25.10 -22.95 -27.44
N PRO C 78 25.33 -21.62 -27.76
CA PRO C 78 25.25 -20.51 -26.79
C PRO C 78 23.88 -20.45 -26.05
N PRO C 79 23.87 -20.17 -24.70
CA PRO C 79 22.61 -20.03 -23.91
C PRO C 79 21.65 -18.95 -24.50
N PRO C 80 20.31 -19.01 -24.19
CA PRO C 80 19.32 -17.95 -24.59
C PRO C 80 19.43 -16.67 -23.73
N GLY C 81 20.67 -16.28 -23.49
CA GLY C 81 21.07 -15.08 -22.77
C GLY C 81 22.50 -14.73 -23.15
N GLY C 82 22.96 -15.34 -24.29
CA GLY C 82 24.33 -15.23 -24.79
C GLY C 82 25.33 -15.93 -23.87
N TYR C 83 26.62 -15.75 -24.15
CA TYR C 83 27.65 -16.04 -23.15
C TYR C 83 27.75 -14.78 -22.26
N ASP C 84 27.07 -14.80 -21.08
CA ASP C 84 27.00 -13.63 -20.19
C ASP C 84 28.39 -13.11 -19.80
N PHE C 85 28.52 -11.77 -19.82
CA PHE C 85 29.74 -11.06 -19.44
C PHE C 85 29.35 -9.91 -18.51
N SER C 86 28.99 -10.27 -17.26
CA SER C 86 28.60 -9.32 -16.19
C SER C 86 29.66 -8.20 -16.00
N GLY C 87 29.52 -7.13 -16.80
CA GLY C 87 30.48 -6.03 -16.83
C GLY C 87 31.88 -6.43 -17.34
N PHE C 88 31.96 -7.58 -18.05
CA PHE C 88 33.24 -8.12 -18.54
C PHE C 88 33.41 -7.80 -20.03
N ASP C 89 34.45 -7.03 -20.39
CA ASP C 89 34.69 -6.64 -21.79
C ASP C 89 35.25 -7.82 -22.58
N VAL C 90 34.32 -8.58 -23.15
CA VAL C 90 34.58 -9.67 -24.11
C VAL C 90 35.68 -9.33 -25.15
N GLU C 91 35.57 -8.13 -25.77
CA GLU C 91 36.48 -7.70 -26.85
C GLU C 91 37.91 -7.44 -26.33
N ASP C 92 38.04 -7.25 -25.02
CA ASP C 92 39.34 -6.96 -24.37
C ASP C 92 40.02 -8.26 -23.87
N PHE C 93 39.35 -9.42 -24.03
CA PHE C 93 39.91 -10.73 -23.59
C PHE C 93 40.62 -11.47 -24.76
N SER C 94 41.25 -12.63 -24.45
CA SER C 94 42.19 -13.35 -25.36
C SER C 94 41.54 -13.94 -26.62
N GLU C 95 42.40 -14.36 -27.57
CA GLU C 95 41.98 -14.97 -28.85
C GLU C 95 41.16 -16.27 -28.62
N PHE C 96 41.70 -17.19 -27.80
CA PHE C 96 41.09 -18.50 -27.53
C PHE C 96 39.67 -18.33 -26.99
N PHE C 97 39.54 -17.43 -26.03
CA PHE C 97 38.27 -17.04 -25.44
C PHE C 97 37.27 -16.59 -26.52
N GLN C 98 37.73 -15.65 -27.36
CA GLN C 98 36.89 -15.04 -28.39
C GLN C 98 36.53 -16.03 -29.52
N GLU C 99 37.29 -17.13 -29.64
CA GLU C 99 37.00 -18.18 -30.63
C GLU C 99 36.00 -19.21 -30.07
N LEU C 100 36.30 -19.76 -28.87
CA LEU C 100 35.45 -20.80 -28.20
C LEU C 100 34.05 -20.23 -27.89
N PHE C 101 34.01 -18.98 -27.46
CA PHE C 101 32.74 -18.29 -27.15
C PHE C 101 32.27 -17.45 -28.35
N GLY C 102 32.98 -17.60 -29.49
CA GLY C 102 32.70 -16.90 -30.75
C GLY C 102 31.23 -16.83 -31.14
N PRO C 103 30.54 -18.02 -31.37
CA PRO C 103 29.12 -18.09 -31.82
C PRO C 103 28.13 -17.23 -30.99
N GLY C 104 28.50 -16.86 -29.72
CA GLY C 104 27.63 -16.03 -28.89
C GLY C 104 28.41 -15.10 -27.97
N LEU C 105 29.50 -14.49 -28.51
CA LEU C 105 30.36 -13.49 -27.77
C LEU C 105 29.60 -12.23 -27.20
N PHE C 106 28.28 -12.27 -27.18
CA PHE C 106 27.46 -11.33 -26.43
C PHE C 106 27.44 -9.93 -27.10
N GLY C 107 28.17 -8.97 -26.53
CA GLY C 107 27.94 -7.55 -26.80
C GLY C 107 27.34 -6.83 -25.61
N GLY C 108 27.59 -7.41 -24.40
CA GLY C 108 27.47 -6.72 -23.09
C GLY C 108 27.40 -5.20 -23.22
N PHE C 109 28.54 -4.63 -23.65
CA PHE C 109 28.64 -3.24 -24.09
C PHE C 109 28.38 -3.22 -25.62
N GLY C 110 27.06 -3.31 -26.00
CA GLY C 110 26.53 -3.32 -27.40
C GLY C 110 27.55 -3.25 -28.53
N ARG C 111 28.22 -2.07 -28.69
CA ARG C 111 29.55 -1.89 -29.40
C ARG C 111 30.28 -3.20 -29.87
N ARG C 112 30.23 -4.22 -28.99
CA ARG C 112 30.92 -5.51 -29.12
C ARG C 112 30.06 -6.50 -29.96
N SER C 113 29.56 -5.99 -31.10
CA SER C 113 29.02 -6.78 -32.24
C SER C 113 27.54 -7.22 -32.15
N ARG C 114 26.79 -6.91 -31.08
CA ARG C 114 25.34 -7.23 -31.06
C ARG C 114 24.53 -6.31 -30.12
N LYS C 115 23.22 -6.22 -30.37
CA LYS C 115 22.28 -5.36 -29.62
C LYS C 115 21.41 -6.11 -28.59
N GLY C 116 21.36 -5.59 -27.34
CA GLY C 116 20.33 -5.96 -26.36
C GLY C 116 19.33 -4.81 -26.09
N ARG C 117 18.18 -5.14 -25.44
CA ARG C 117 17.25 -4.11 -24.86
C ARG C 117 17.20 -4.28 -23.33
N ASP C 118 17.23 -3.14 -22.57
CA ASP C 118 17.36 -3.13 -21.08
C ASP C 118 16.18 -3.85 -20.41
N LEU C 119 16.42 -4.73 -19.40
CA LEU C 119 15.28 -5.49 -18.78
C LEU C 119 14.75 -4.73 -17.56
N ARG C 120 13.43 -4.78 -17.38
CA ARG C 120 12.74 -4.19 -16.22
C ARG C 120 11.84 -5.26 -15.62
N ALA C 121 12.32 -5.98 -14.59
CA ALA C 121 11.56 -7.06 -13.96
C ALA C 121 11.11 -6.61 -12.59
N GLU C 122 9.78 -6.47 -12.43
CA GLU C 122 9.16 -6.18 -11.15
C GLU C 122 8.72 -7.52 -10.56
N LEU C 123 9.52 -8.02 -9.60
CA LEU C 123 9.39 -9.40 -9.09
C LEU C 123 8.75 -9.41 -7.69
N PRO C 124 7.51 -10.01 -7.54
CA PRO C 124 6.97 -10.38 -6.22
C PRO C 124 7.97 -11.24 -5.42
N LEU C 125 8.49 -10.69 -4.31
CA LEU C 125 9.54 -11.37 -3.50
C LEU C 125 9.14 -11.38 -2.02
N THR C 126 9.48 -12.47 -1.33
CA THR C 126 9.13 -12.67 0.08
C THR C 126 10.16 -12.00 1.00
N LEU C 127 9.69 -11.56 2.17
CA LEU C 127 10.50 -10.87 3.19
C LEU C 127 11.47 -11.89 3.85
N GLU C 128 10.86 -13.00 4.30
CA GLU C 128 11.57 -14.14 4.92
C GLU C 128 12.59 -14.75 3.95
N GLU C 129 12.28 -14.76 2.64
CA GLU C 129 13.17 -15.32 1.60
C GLU C 129 14.21 -14.30 1.14
N ALA C 130 13.96 -12.99 1.39
CA ALA C 130 14.99 -11.95 1.17
C ALA C 130 16.09 -12.10 2.24
N PHE C 131 15.67 -12.52 3.45
CA PHE C 131 16.60 -12.99 4.51
C PHE C 131 17.30 -14.29 4.07
N HIS C 132 16.51 -15.25 3.58
CA HIS C 132 17.03 -16.56 3.11
C HIS C 132 17.80 -16.46 1.77
N GLY C 133 17.84 -15.25 1.16
CA GLY C 133 18.62 -14.96 -0.06
C GLY C 133 20.13 -15.31 0.01
N GLY C 134 20.77 -15.35 -1.17
CA GLY C 134 22.17 -15.76 -1.33
C GLY C 134 22.43 -16.21 -2.77
N GLU C 135 23.05 -17.39 -2.96
CA GLU C 135 23.16 -18.02 -4.29
C GLU C 135 21.84 -18.75 -4.60
N ARG C 136 20.93 -18.08 -5.32
CA ARG C 136 19.55 -18.57 -5.56
C ARG C 136 19.28 -18.71 -7.06
N VAL C 137 18.46 -19.72 -7.42
CA VAL C 137 18.16 -20.05 -8.83
C VAL C 137 17.20 -19.02 -9.43
N VAL C 138 17.56 -18.56 -10.64
CA VAL C 138 16.86 -17.51 -11.38
C VAL C 138 16.80 -17.89 -12.86
N GLU C 139 15.60 -17.75 -13.44
CA GLU C 139 15.37 -17.88 -14.89
C GLU C 139 14.69 -16.59 -15.38
N VAL C 140 15.44 -15.77 -16.13
CA VAL C 140 14.94 -14.51 -16.72
C VAL C 140 15.58 -14.33 -18.11
N ALA C 141 14.72 -13.95 -19.09
CA ALA C 141 15.12 -13.68 -20.49
C ALA C 141 15.68 -14.91 -21.22
N GLY C 142 15.59 -16.11 -20.59
CA GLY C 142 16.10 -17.35 -21.16
C GLY C 142 17.40 -17.84 -20.51
N ARG C 143 17.90 -17.13 -19.49
CA ARG C 143 19.15 -17.50 -18.78
C ARG C 143 18.83 -18.22 -17.45
N ARG C 144 19.40 -19.44 -17.30
CA ARG C 144 19.39 -20.20 -16.03
C ARG C 144 20.71 -19.93 -15.29
N VAL C 145 20.63 -19.32 -14.09
CA VAL C 145 21.84 -18.98 -13.28
C VAL C 145 21.50 -18.96 -11.77
N SER C 146 22.50 -19.34 -10.93
CA SER C 146 22.47 -19.10 -9.49
C SER C 146 23.00 -17.67 -9.22
N VAL C 147 22.09 -16.69 -9.14
CA VAL C 147 22.45 -15.26 -8.99
C VAL C 147 22.77 -14.95 -7.52
N ARG C 148 23.59 -13.91 -7.32
CA ARG C 148 23.89 -13.35 -6.00
C ARG C 148 23.31 -11.93 -5.95
N ILE C 149 22.10 -11.80 -5.40
CA ILE C 149 21.48 -10.49 -5.11
C ILE C 149 21.51 -10.28 -3.56
N PRO C 150 21.57 -8.99 -3.07
CA PRO C 150 21.61 -8.64 -1.62
C PRO C 150 20.69 -9.50 -0.71
N PRO C 151 21.27 -10.37 0.18
CA PRO C 151 20.52 -11.02 1.29
C PRO C 151 20.03 -9.95 2.28
N GLY C 152 18.78 -9.52 2.05
CA GLY C 152 18.24 -8.32 2.68
C GLY C 152 18.00 -7.25 1.64
N VAL C 153 16.78 -7.24 1.06
CA VAL C 153 16.41 -6.34 -0.05
C VAL C 153 15.32 -5.34 0.41
N ARG C 154 15.22 -4.20 -0.28
CA ARG C 154 14.31 -3.08 0.09
C ARG C 154 13.13 -2.99 -0.90
N GLU C 155 11.89 -2.82 -0.40
CA GLU C 155 10.74 -2.44 -1.25
C GLU C 155 11.09 -1.26 -2.19
N GLY C 156 10.96 -1.49 -3.51
CA GLY C 156 11.19 -0.45 -4.52
C GLY C 156 12.66 -0.30 -4.95
N SER C 157 13.58 -1.10 -4.37
CA SER C 157 15.01 -1.06 -4.75
C SER C 157 15.22 -1.81 -6.07
N VAL C 158 16.21 -1.33 -6.85
CA VAL C 158 16.47 -1.84 -8.21
C VAL C 158 17.91 -2.42 -8.29
N ILE C 159 17.98 -3.75 -8.40
CA ILE C 159 19.24 -4.51 -8.45
C ILE C 159 19.71 -4.61 -9.91
N ARG C 160 20.87 -4.03 -10.24
CA ARG C 160 21.43 -4.11 -11.59
C ARG C 160 22.36 -5.33 -11.69
N VAL C 161 21.94 -6.33 -12.46
CA VAL C 161 22.71 -7.56 -12.73
C VAL C 161 22.92 -7.69 -14.27
N PRO C 162 24.11 -7.24 -14.80
CA PRO C 162 24.45 -7.39 -16.24
C PRO C 162 24.44 -8.86 -16.71
N GLY C 163 23.71 -9.11 -17.81
CA GLY C 163 23.70 -10.41 -18.51
C GLY C 163 22.43 -11.23 -18.33
N MET C 164 21.34 -10.62 -17.81
CA MET C 164 20.07 -11.35 -17.52
C MET C 164 18.84 -10.67 -18.17
N GLY C 165 19.08 -10.04 -19.33
CA GLY C 165 18.07 -9.27 -20.07
C GLY C 165 18.49 -7.82 -20.03
N GLY C 166 18.69 -7.09 -21.15
CA GLY C 166 19.48 -5.83 -21.11
C GLY C 166 20.32 -5.61 -22.36
N GLN C 167 21.53 -5.03 -22.24
CA GLN C 167 22.46 -4.81 -23.39
C GLN C 167 23.38 -6.05 -23.59
N GLY C 168 23.25 -6.78 -24.72
CA GLY C 168 24.03 -8.02 -24.95
C GLY C 168 23.96 -8.51 -26.40
N ASN C 169 24.07 -9.85 -26.61
CA ASN C 169 23.77 -10.49 -27.91
C ASN C 169 22.25 -10.48 -28.12
N PRO C 170 21.44 -11.05 -27.18
CA PRO C 170 20.03 -10.73 -27.06
C PRO C 170 19.94 -9.70 -25.90
N PRO C 171 18.79 -9.48 -25.25
CA PRO C 171 18.79 -8.84 -23.93
C PRO C 171 19.84 -9.45 -22.90
N GLY C 172 20.82 -8.60 -22.40
CA GLY C 172 21.70 -8.97 -21.27
C GLY C 172 22.24 -7.80 -20.36
N ASP C 173 21.44 -7.35 -19.33
CA ASP C 173 21.73 -6.21 -18.33
C ASP C 173 20.37 -5.79 -17.65
N LEU C 174 20.11 -6.41 -16.49
CA LEU C 174 18.76 -6.45 -15.88
C LEU C 174 18.62 -5.51 -14.68
N LEU C 175 17.44 -4.86 -14.61
CA LEU C 175 17.03 -4.03 -13.48
C LEU C 175 15.87 -4.73 -12.72
N LEU C 176 16.27 -5.51 -11.68
CA LEU C 176 15.35 -6.19 -10.76
C LEU C 176 14.73 -5.19 -9.76
N VAL C 177 13.56 -4.67 -10.09
CA VAL C 177 12.77 -3.82 -9.18
C VAL C 177 11.94 -4.76 -8.29
N VAL C 178 12.41 -4.97 -7.05
CA VAL C 178 11.75 -5.90 -6.13
C VAL C 178 10.49 -5.26 -5.55
N ARG C 179 9.38 -5.95 -5.77
CA ARG C 179 8.07 -5.61 -5.23
C ARG C 179 7.69 -6.72 -4.27
N LEU C 180 7.65 -6.43 -2.97
CA LEU C 180 7.38 -7.46 -1.95
C LEU C 180 5.92 -7.98 -2.07
N LEU C 181 5.73 -9.29 -1.72
CA LEU C 181 4.46 -10.07 -1.91
C LEU C 181 3.21 -9.38 -1.30
N PRO C 182 1.95 -9.88 -1.64
CA PRO C 182 0.72 -9.59 -0.83
C PRO C 182 0.88 -10.15 0.61
N HIS C 183 1.80 -9.50 1.31
CA HIS C 183 2.41 -9.85 2.59
C HIS C 183 3.53 -8.78 2.81
N PRO C 184 3.23 -7.45 2.62
CA PRO C 184 4.25 -6.41 2.52
C PRO C 184 4.48 -5.77 3.89
N VAL C 185 4.94 -6.59 4.83
CA VAL C 185 4.97 -6.24 6.25
C VAL C 185 6.33 -5.62 6.59
N PHE C 186 7.37 -5.92 5.81
CA PHE C 186 8.74 -5.44 6.12
C PHE C 186 9.39 -4.78 4.91
N ARG C 187 9.37 -3.44 4.94
CA ARG C 187 10.08 -2.60 3.97
C ARG C 187 11.43 -2.22 4.58
N LEU C 188 12.51 -2.65 3.92
CA LEU C 188 13.88 -2.39 4.38
C LEU C 188 14.36 -0.98 3.97
N GLU C 189 15.17 -0.39 4.85
CA GLU C 189 16.02 0.76 4.57
C GLU C 189 17.32 0.57 5.35
N GLY C 190 18.44 0.35 4.63
CA GLY C 190 19.71 -0.03 5.25
C GLY C 190 19.63 -1.42 5.87
N GLN C 191 19.45 -1.49 7.21
CA GLN C 191 19.18 -2.75 7.94
C GLN C 191 17.89 -2.63 8.79
N ASP C 192 17.32 -1.41 8.85
CA ASP C 192 16.09 -1.13 9.61
C ASP C 192 14.85 -1.47 8.76
N LEU C 193 13.84 -2.09 9.39
CA LEU C 193 12.58 -2.44 8.72
C LEU C 193 11.47 -1.45 9.06
N TYR C 194 10.41 -1.50 8.26
CA TYR C 194 9.16 -0.76 8.48
C TYR C 194 7.98 -1.72 8.35
N ALA C 195 7.26 -1.93 9.46
CA ALA C 195 6.05 -2.76 9.51
C ALA C 195 4.81 -1.92 9.82
N THR C 196 3.67 -2.61 9.92
CA THR C 196 2.45 -2.07 10.54
C THR C 196 1.84 -3.16 11.43
N LEU C 197 1.83 -2.89 12.74
CA LEU C 197 1.37 -3.83 13.75
C LEU C 197 -0.14 -3.67 13.99
N ASP C 198 -0.85 -4.81 14.01
CA ASP C 198 -2.29 -4.87 14.32
C ASP C 198 -2.45 -5.01 15.84
N VAL C 199 -2.85 -3.92 16.51
CA VAL C 199 -3.10 -3.89 17.96
C VAL C 199 -4.60 -3.62 18.16
N PRO C 200 -5.38 -4.55 18.81
CA PRO C 200 -6.78 -4.28 19.13
C PRO C 200 -6.90 -3.26 20.26
N ALA C 201 -7.86 -2.36 20.09
CA ALA C 201 -8.19 -1.27 21.03
C ALA C 201 -8.19 -1.68 22.54
N PRO C 202 -8.85 -2.81 22.98
CA PRO C 202 -8.80 -3.24 24.40
C PRO C 202 -7.33 -3.38 24.93
N ILE C 203 -6.51 -4.17 24.22
CA ILE C 203 -5.08 -4.39 24.58
C ILE C 203 -4.28 -3.07 24.49
N ALA C 204 -4.71 -2.17 23.59
CA ALA C 204 -4.08 -0.85 23.37
C ALA C 204 -4.28 0.10 24.57
N VAL C 205 -5.45 0.02 25.23
CA VAL C 205 -5.76 0.86 26.42
C VAL C 205 -5.11 0.29 27.70
N VAL C 206 -5.17 -1.04 27.90
CA VAL C 206 -4.71 -1.69 29.17
C VAL C 206 -3.18 -1.85 29.23
N GLY C 207 -2.56 -2.16 28.08
CA GLY C 207 -1.18 -2.62 28.05
C GLY C 207 -1.07 -4.13 28.33
N GLY C 208 -1.15 -4.94 27.27
CA GLY C 208 -1.02 -6.40 27.34
C GLY C 208 0.02 -6.90 26.36
N LYS C 209 -0.32 -7.93 25.54
CA LYS C 209 0.53 -8.37 24.41
C LYS C 209 -0.29 -8.63 23.15
N VAL C 210 0.33 -8.35 22.00
CA VAL C 210 -0.14 -8.72 20.65
C VAL C 210 1.01 -9.44 19.93
N ARG C 211 0.74 -10.07 18.79
CA ARG C 211 1.76 -10.83 18.04
C ARG C 211 2.22 -10.09 16.77
N ALA C 212 3.53 -10.07 16.54
CA ALA C 212 4.17 -9.58 15.30
C ALA C 212 4.96 -10.74 14.68
N MET C 213 4.64 -11.14 13.44
CA MET C 213 5.41 -12.15 12.68
C MET C 213 6.75 -11.50 12.25
N THR C 214 7.86 -12.28 12.17
CA THR C 214 9.18 -11.77 11.73
C THR C 214 9.96 -12.80 10.86
N LEU C 215 11.06 -12.31 10.23
CA LEU C 215 11.77 -13.02 9.14
C LEU C 215 12.39 -14.36 9.57
N GLU C 216 12.85 -14.37 10.82
CA GLU C 216 13.64 -15.49 11.41
C GLU C 216 12.84 -16.22 12.50
N GLY C 217 11.62 -15.74 12.78
CA GLY C 217 10.80 -16.27 13.87
C GLY C 217 9.65 -15.34 14.22
N PRO C 218 8.94 -15.54 15.36
CA PRO C 218 7.95 -14.57 15.86
C PRO C 218 8.56 -13.61 16.90
N VAL C 219 7.82 -12.52 17.16
CA VAL C 219 8.07 -11.61 18.28
C VAL C 219 6.71 -11.16 18.82
N GLU C 220 6.39 -11.58 20.05
CA GLU C 220 5.12 -11.22 20.67
C GLU C 220 5.32 -9.91 21.46
N VAL C 221 4.75 -8.85 20.90
CA VAL C 221 4.94 -7.47 21.33
C VAL C 221 4.25 -7.17 22.67
N ALA C 222 5.03 -6.62 23.63
CA ALA C 222 4.50 -6.06 24.89
C ALA C 222 3.97 -4.65 24.64
N VAL C 223 2.63 -4.51 24.68
CA VAL C 223 1.92 -3.23 24.46
C VAL C 223 1.92 -2.38 25.77
N PRO C 224 2.12 -1.03 25.71
CA PRO C 224 1.92 -0.13 26.88
C PRO C 224 0.45 0.30 27.04
N PRO C 225 0.03 0.78 28.25
CA PRO C 225 -1.29 1.42 28.44
C PRO C 225 -1.39 2.71 27.60
N ARG C 226 -2.59 2.94 27.01
CA ARG C 226 -2.89 4.16 26.22
C ARG C 226 -2.11 4.16 24.89
N THR C 227 -2.66 3.47 23.87
CA THR C 227 -2.05 3.36 22.54
C THR C 227 -3.02 3.75 21.41
N GLN C 228 -2.65 4.77 20.59
CA GLN C 228 -3.35 5.08 19.32
C GLN C 228 -2.50 4.71 18.11
N ALA C 229 -3.21 4.61 16.98
CA ALA C 229 -2.62 4.36 15.67
C ALA C 229 -1.74 5.54 15.27
N GLY C 230 -0.57 5.25 14.70
CA GLY C 230 0.41 6.29 14.39
C GLY C 230 1.55 6.35 15.40
N ARG C 231 1.48 5.54 16.49
CA ARG C 231 2.68 5.24 17.31
C ARG C 231 3.61 4.33 16.48
N LYS C 232 4.84 4.09 16.98
CA LYS C 232 5.81 3.26 16.25
C LYS C 232 6.84 2.63 17.20
N LEU C 233 6.95 1.29 17.09
CA LEU C 233 7.84 0.47 17.91
C LEU C 233 9.24 0.43 17.33
N ARG C 234 10.23 0.18 18.20
CA ARG C 234 11.59 -0.20 17.83
C ARG C 234 11.93 -1.56 18.49
N LEU C 235 11.84 -2.64 17.69
CA LEU C 235 12.20 -4.01 18.12
C LEU C 235 13.64 -4.32 17.71
N LYS C 236 14.51 -4.50 18.72
CA LYS C 236 15.96 -4.69 18.53
C LYS C 236 16.28 -6.08 17.95
N GLY C 237 17.12 -6.09 16.89
CA GLY C 237 17.54 -7.33 16.22
C GLY C 237 16.55 -7.82 15.16
N LYS C 238 15.34 -7.25 15.15
CA LYS C 238 14.23 -7.71 14.31
C LYS C 238 14.18 -6.98 12.96
N GLY C 239 15.26 -6.25 12.61
CA GLY C 239 15.47 -5.78 11.24
C GLY C 239 16.04 -6.89 10.36
N PHE C 240 16.61 -6.55 9.19
CA PHE C 240 17.27 -7.56 8.34
C PHE C 240 18.62 -7.98 8.99
N PRO C 241 18.81 -9.32 9.25
CA PRO C 241 20.05 -9.85 9.84
C PRO C 241 21.30 -9.66 8.98
N GLY C 242 22.17 -8.74 9.43
CA GLY C 242 23.52 -8.59 8.90
C GLY C 242 24.47 -9.64 9.48
N PRO C 243 25.61 -9.95 8.79
CA PRO C 243 26.50 -11.09 9.15
C PRO C 243 27.03 -11.05 10.60
N ALA C 244 27.21 -9.83 11.14
CA ALA C 244 27.76 -9.62 12.49
C ALA C 244 26.94 -8.59 13.29
N GLY C 245 25.70 -8.33 12.83
CA GLY C 245 24.83 -7.34 13.48
C GLY C 245 23.53 -7.17 12.72
N ARG C 246 22.40 -7.53 13.35
CA ARG C 246 21.05 -7.42 12.75
C ARG C 246 20.51 -5.98 12.92
N GLY C 247 19.57 -5.57 12.03
CA GLY C 247 18.97 -4.22 12.11
C GLY C 247 17.83 -4.11 13.13
N ASP C 248 16.98 -3.07 12.99
CA ASP C 248 15.89 -2.78 13.97
C ASP C 248 14.57 -2.50 13.25
N LEU C 249 13.52 -3.14 13.74
CA LEU C 249 12.18 -3.09 13.16
C LEU C 249 11.38 -1.90 13.72
N TYR C 250 10.78 -1.10 12.81
CA TYR C 250 9.94 0.05 13.17
C TYR C 250 8.49 -0.21 12.76
N LEU C 251 7.62 -0.59 13.72
CA LEU C 251 6.20 -0.97 13.40
C LEU C 251 5.27 0.22 13.60
N GLU C 252 4.64 0.67 12.51
CA GLU C 252 3.56 1.67 12.56
C GLU C 252 2.32 1.01 13.17
N VAL C 253 1.72 1.63 14.17
CA VAL C 253 0.59 1.04 14.90
C VAL C 253 -0.74 1.33 14.20
N ARG C 254 -1.62 0.30 14.19
CA ARG C 254 -3.02 0.42 13.77
C ARG C 254 -3.93 -0.18 14.85
N ILE C 255 -4.84 0.66 15.37
CA ILE C 255 -5.80 0.25 16.41
C ILE C 255 -7.05 -0.33 15.76
N THR C 256 -7.42 -1.56 16.16
CA THR C 256 -8.50 -2.33 15.56
C THR C 256 -9.57 -2.68 16.60
N ILE C 257 -10.59 -3.49 16.22
CA ILE C 257 -11.73 -3.84 17.10
C ILE C 257 -12.12 -5.34 16.92
N PRO C 258 -12.79 -6.00 17.94
CA PRO C 258 -13.11 -7.48 17.93
C PRO C 258 -13.94 -7.98 16.72
N GLU C 259 -14.47 -7.03 15.92
CA GLU C 259 -15.55 -7.27 14.94
C GLU C 259 -16.75 -7.94 15.64
N ARG C 260 -16.70 -9.29 15.77
CA ARG C 260 -17.74 -10.09 16.47
C ARG C 260 -17.63 -9.91 17.99
N LEU C 261 -18.74 -10.15 18.70
CA LEU C 261 -18.81 -10.03 20.18
C LEU C 261 -19.46 -11.28 20.79
N THR C 262 -18.92 -11.71 21.93
CA THR C 262 -19.56 -12.71 22.81
C THR C 262 -20.55 -11.94 23.74
N PRO C 263 -21.53 -12.61 24.45
CA PRO C 263 -22.46 -11.92 25.42
C PRO C 263 -21.75 -10.91 26.37
N GLU C 264 -20.58 -11.34 26.87
CA GLU C 264 -19.67 -10.53 27.71
C GLU C 264 -19.28 -9.20 27.00
N GLU C 265 -18.60 -9.37 25.85
CA GLU C 265 -18.06 -8.26 25.05
C GLU C 265 -19.19 -7.31 24.62
N GLU C 266 -20.32 -7.89 24.22
CA GLU C 266 -21.49 -7.17 23.76
C GLU C 266 -21.97 -6.17 24.84
N ALA C 267 -22.14 -6.68 26.07
CA ALA C 267 -22.58 -5.87 27.23
C ALA C 267 -21.60 -4.71 27.53
N LEU C 268 -20.30 -5.02 27.63
CA LEU C 268 -19.27 -4.02 28.03
C LEU C 268 -19.01 -2.95 26.94
N TRP C 269 -19.00 -3.35 25.65
CA TRP C 269 -18.82 -2.40 24.51
C TRP C 269 -20.07 -1.50 24.33
N LYS C 270 -21.28 -2.02 24.68
CA LYS C 270 -22.53 -1.21 24.68
C LYS C 270 -22.50 -0.14 25.79
N LYS C 271 -21.98 -0.51 26.97
CA LYS C 271 -21.81 0.44 28.10
C LYS C 271 -20.80 1.55 27.75
N LEU C 272 -19.70 1.15 27.09
CA LEU C 272 -18.73 2.10 26.52
C LEU C 272 -19.40 3.00 25.47
N ALA C 273 -20.26 2.41 24.62
CA ALA C 273 -20.98 3.14 23.55
C ALA C 273 -21.80 4.29 24.14
N GLU C 274 -22.48 4.02 25.26
CA GLU C 274 -23.24 5.04 26.04
C GLU C 274 -22.31 6.18 26.51
N ALA C 275 -21.21 5.77 27.15
CA ALA C 275 -20.19 6.72 27.68
C ALA C 275 -19.60 7.61 26.56
N TYR C 276 -19.57 7.08 25.32
CA TYR C 276 -19.04 7.79 24.13
C TYR C 276 -20.16 8.49 23.33
N TYR C 277 -21.44 8.11 23.54
CA TYR C 277 -22.60 8.88 23.03
C TYR C 277 -22.65 10.23 23.76
N ALA C 278 -22.24 10.20 25.03
CA ALA C 278 -22.07 11.38 25.89
C ALA C 278 -20.83 12.24 25.47
N ARG C 279 -20.07 11.79 24.44
CA ARG C 279 -18.97 12.57 23.83
C ARG C 279 -19.45 13.25 22.52
N ALA C 280 -20.71 13.02 22.12
CA ALA C 280 -21.32 13.67 20.95
C ALA C 280 -21.82 15.08 21.34
N MET A 1 -3.51 43.91 -42.36
CA MET A 1 -2.85 45.22 -42.18
C MET A 1 -3.85 46.22 -41.60
N ALA A 2 -3.91 46.25 -40.23
CA ALA A 2 -4.79 47.17 -39.46
C ALA A 2 -6.28 46.90 -39.73
N ALA A 3 -6.61 45.67 -40.18
CA ALA A 3 -7.98 45.29 -40.60
C ALA A 3 -8.84 44.90 -39.38
N LYS A 4 -9.08 45.90 -38.49
CA LYS A 4 -9.80 45.77 -37.21
C LYS A 4 -11.00 44.80 -37.26
N LYS A 5 -10.77 43.57 -36.79
CA LYS A 5 -11.84 42.65 -36.44
C LYS A 5 -12.46 43.13 -35.13
N ASP A 6 -13.59 43.86 -35.23
CA ASP A 6 -14.35 44.28 -34.06
C ASP A 6 -15.08 43.05 -33.53
N TYR A 7 -14.39 42.36 -32.61
CA TYR A 7 -14.78 41.05 -32.10
C TYR A 7 -16.17 41.06 -31.44
N TYR A 8 -16.54 42.21 -30.84
CA TYR A 8 -17.87 42.40 -30.23
C TYR A 8 -18.97 42.38 -31.30
N ALA A 9 -18.73 43.08 -32.43
CA ALA A 9 -19.67 43.14 -33.56
C ALA A 9 -19.87 41.74 -34.17
N ILE A 10 -18.75 40.99 -34.31
CA ILE A 10 -18.74 39.61 -34.82
C ILE A 10 -19.62 38.69 -33.93
N LEU A 11 -19.54 38.90 -32.60
CA LEU A 11 -20.34 38.15 -31.61
C LEU A 11 -21.78 38.70 -31.48
N GLY A 12 -22.04 39.88 -32.05
CA GLY A 12 -23.35 40.55 -31.93
C GLY A 12 -23.61 41.13 -30.54
N VAL A 13 -22.53 41.30 -29.74
CA VAL A 13 -22.57 41.95 -28.41
C VAL A 13 -22.06 43.41 -28.53
N PRO A 14 -22.48 44.35 -27.61
CA PRO A 14 -21.99 45.75 -27.59
C PRO A 14 -20.45 45.85 -27.42
N ARG A 15 -19.87 46.96 -27.91
CA ARG A 15 -18.43 47.27 -27.80
C ARG A 15 -18.11 47.76 -26.37
N ASN A 16 -18.25 46.83 -25.42
CA ASN A 16 -18.24 47.12 -23.96
C ASN A 16 -18.41 45.79 -23.19
N ALA A 17 -19.03 44.82 -23.88
CA ALA A 17 -19.40 43.51 -23.32
C ALA A 17 -18.21 42.76 -22.65
N THR A 18 -18.44 42.22 -21.44
CA THR A 18 -17.43 41.46 -20.67
C THR A 18 -17.27 40.03 -21.21
N GLN A 19 -16.26 39.30 -20.66
CA GLN A 19 -15.99 37.88 -20.97
C GLN A 19 -17.26 37.03 -20.83
N GLU A 20 -18.09 37.37 -19.82
CA GLU A 20 -19.35 36.69 -19.50
C GLU A 20 -20.33 36.79 -20.70
N GLU A 21 -20.47 38.02 -21.23
CA GLU A 21 -21.38 38.35 -22.36
C GLU A 21 -20.87 37.74 -23.67
N ILE A 22 -19.54 37.70 -23.81
CA ILE A 22 -18.84 37.05 -24.93
C ILE A 22 -19.10 35.54 -24.92
N LYS A 23 -19.17 34.97 -23.70
CA LYS A 23 -19.43 33.54 -23.48
C LYS A 23 -20.92 33.21 -23.77
N ARG A 24 -21.82 34.19 -23.54
CA ARG A 24 -23.26 34.08 -23.92
C ARG A 24 -23.38 33.93 -25.45
N ALA A 25 -22.77 34.90 -26.16
CA ALA A 25 -22.75 34.94 -27.64
C ALA A 25 -22.06 33.71 -28.22
N TYR A 26 -21.04 33.21 -27.49
CA TYR A 26 -20.31 31.98 -27.82
C TYR A 26 -21.24 30.75 -27.79
N LYS A 27 -22.00 30.59 -26.71
CA LYS A 27 -22.94 29.45 -26.57
C LYS A 27 -23.93 29.45 -27.74
N ARG A 28 -24.63 30.58 -27.92
CA ARG A 28 -25.64 30.74 -29.00
C ARG A 28 -25.06 30.38 -30.39
N LEU A 29 -24.09 31.18 -30.83
CA LEU A 29 -23.55 31.13 -32.19
C LEU A 29 -22.68 29.88 -32.43
N ALA A 30 -21.74 29.60 -31.53
CA ALA A 30 -20.74 28.52 -31.72
C ALA A 30 -21.34 27.11 -31.48
N ARG A 31 -22.52 27.00 -30.82
CA ARG A 31 -23.28 25.72 -30.84
C ARG A 31 -24.09 25.63 -32.16
N GLN A 32 -24.67 26.78 -32.57
CA GLN A 32 -25.50 26.88 -33.79
C GLN A 32 -24.68 26.59 -35.06
N TYR A 33 -23.38 26.97 -35.05
CA TYR A 33 -22.47 26.84 -36.21
C TYR A 33 -21.39 25.78 -35.92
N HIS A 34 -21.64 24.94 -34.89
CA HIS A 34 -20.70 23.91 -34.44
C HIS A 34 -20.61 22.79 -35.50
N PRO A 35 -19.40 22.53 -36.10
CA PRO A 35 -19.22 21.48 -37.16
C PRO A 35 -19.59 20.05 -36.70
N ASP A 36 -19.83 19.86 -35.39
CA ASP A 36 -20.36 18.59 -34.85
C ASP A 36 -21.86 18.44 -35.20
N VAL A 37 -22.62 19.54 -35.04
CA VAL A 37 -24.09 19.56 -35.27
C VAL A 37 -24.39 20.06 -36.70
N ASN A 38 -24.02 21.33 -36.96
CA ASN A 38 -24.36 22.03 -38.20
C ASN A 38 -23.15 21.96 -39.16
N LYS A 39 -23.03 20.81 -39.82
CA LYS A 39 -21.98 20.54 -40.81
C LYS A 39 -22.30 21.27 -42.12
N SER A 40 -21.97 22.57 -42.16
CA SER A 40 -22.10 23.42 -43.36
C SER A 40 -20.87 24.35 -43.42
N PRO A 41 -19.95 24.21 -44.46
CA PRO A 41 -18.73 25.04 -44.63
C PRO A 41 -18.95 26.55 -44.32
N GLU A 42 -20.06 27.10 -44.87
CA GLU A 42 -20.50 28.50 -44.65
C GLU A 42 -20.61 28.79 -43.14
N ALA A 43 -21.34 27.89 -42.44
CA ALA A 43 -21.58 27.98 -40.99
C ALA A 43 -20.26 27.89 -40.22
N GLU A 44 -19.30 27.13 -40.78
CA GLU A 44 -18.04 26.83 -40.10
C GLU A 44 -17.10 28.04 -40.17
N GLU A 45 -17.16 28.78 -41.30
CA GLU A 45 -16.42 30.05 -41.48
C GLU A 45 -16.94 31.12 -40.50
N LYS A 46 -18.29 31.20 -40.38
CA LYS A 46 -18.96 32.08 -39.39
C LYS A 46 -18.50 31.71 -37.96
N PHE A 47 -18.46 30.39 -37.71
CA PHE A 47 -18.03 29.78 -36.44
C PHE A 47 -16.58 30.17 -36.12
N LYS A 48 -15.71 30.22 -37.15
CA LYS A 48 -14.29 30.60 -36.99
C LYS A 48 -14.16 32.06 -36.57
N GLU A 49 -14.95 32.93 -37.21
CA GLU A 49 -15.02 34.38 -36.87
C GLU A 49 -15.44 34.58 -35.40
N ILE A 50 -16.43 33.79 -34.99
CA ILE A 50 -17.06 33.84 -33.65
C ILE A 50 -16.15 33.20 -32.58
N ASN A 51 -15.33 32.22 -33.01
CA ASN A 51 -14.33 31.56 -32.14
C ASN A 51 -12.95 32.23 -32.25
N GLU A 52 -12.84 33.20 -33.17
CA GLU A 52 -11.73 34.17 -33.21
C GLU A 52 -11.99 35.21 -32.13
N ALA A 53 -13.20 35.77 -32.22
CA ALA A 53 -13.74 36.74 -31.28
C ALA A 53 -13.78 36.16 -29.86
N TYR A 54 -14.11 34.87 -29.77
CA TYR A 54 -14.08 34.14 -28.49
C TYR A 54 -12.61 33.88 -28.07
N ALA A 55 -11.76 33.37 -29.00
CA ALA A 55 -10.33 33.04 -28.70
C ALA A 55 -9.59 34.20 -28.00
N VAL A 56 -9.95 35.43 -28.42
CA VAL A 56 -9.45 36.66 -27.83
C VAL A 56 -10.18 36.95 -26.51
N LEU A 57 -11.49 37.25 -26.60
CA LEU A 57 -12.25 37.86 -25.47
C LEU A 57 -12.70 36.81 -24.40
N SER A 58 -12.29 35.53 -24.56
CA SER A 58 -12.54 34.44 -23.57
C SER A 58 -11.59 34.59 -22.37
N ASP A 59 -10.46 35.24 -22.63
CA ASP A 59 -9.46 35.54 -21.62
C ASP A 59 -9.49 37.04 -21.39
N PRO A 60 -9.83 37.52 -20.16
CA PRO A 60 -9.70 38.95 -19.78
C PRO A 60 -8.34 39.57 -20.17
N GLU A 61 -7.29 38.73 -20.27
CA GLU A 61 -5.95 39.16 -20.73
C GLU A 61 -6.00 39.64 -22.20
N LYS A 62 -6.39 38.73 -23.14
CA LYS A 62 -6.44 39.06 -24.58
C LYS A 62 -7.55 40.10 -24.87
N ARG A 63 -8.58 40.11 -24.00
CA ARG A 63 -9.70 41.07 -24.03
C ARG A 63 -9.14 42.49 -23.83
N ARG A 64 -8.29 42.64 -22.80
CA ARG A 64 -7.59 43.91 -22.50
C ARG A 64 -6.57 44.28 -23.62
N ILE A 65 -5.93 43.26 -24.24
CA ILE A 65 -4.99 43.47 -25.39
C ILE A 65 -5.73 44.14 -26.56
N TYR A 66 -6.95 43.66 -26.83
CA TYR A 66 -7.83 44.24 -27.86
C TYR A 66 -8.18 45.69 -27.50
N ASP A 67 -8.68 45.91 -26.26
CA ASP A 67 -9.09 47.25 -25.76
C ASP A 67 -7.96 48.28 -25.91
N THR A 68 -6.72 47.83 -25.60
CA THR A 68 -5.52 48.69 -25.65
C THR A 68 -5.00 48.84 -27.08
N TYR A 69 -5.34 47.91 -28.01
CA TYR A 69 -4.91 48.04 -29.42
C TYR A 69 -5.70 49.19 -30.08
N GLY A 70 -4.98 50.27 -30.43
CA GLY A 70 -5.59 51.53 -30.89
C GLY A 70 -5.39 52.65 -29.87
N THR A 71 -4.55 52.37 -28.85
CA THR A 71 -4.22 53.33 -27.77
C THR A 71 -2.74 53.08 -27.50
N THR A 72 -2.45 51.83 -27.13
CA THR A 72 -1.15 51.21 -27.31
C THR A 72 -1.10 50.87 -28.82
N GLU A 73 0.07 51.03 -29.45
CA GLU A 73 0.24 50.78 -30.91
C GLU A 73 0.70 49.33 -31.17
N ALA A 74 1.75 48.88 -30.45
CA ALA A 74 2.37 47.57 -30.66
C ALA A 74 1.80 46.53 -29.66
N PRO A 75 1.60 45.24 -30.10
CA PRO A 75 1.17 44.13 -29.19
C PRO A 75 2.18 43.88 -28.02
N PRO A 76 1.70 43.37 -26.84
CA PRO A 76 2.57 43.17 -25.63
C PRO A 76 3.72 42.13 -25.82
N PRO A 77 4.81 42.22 -24.97
CA PRO A 77 5.89 41.20 -24.93
C PRO A 77 5.33 39.77 -24.66
N PRO A 78 5.56 38.78 -25.60
CA PRO A 78 5.06 37.39 -25.44
C PRO A 78 5.78 36.63 -24.30
N PRO A 79 5.05 36.18 -23.23
CA PRO A 79 5.63 35.41 -22.11
C PRO A 79 5.95 33.94 -22.53
N PRO A 80 6.78 33.16 -21.71
CA PRO A 80 7.21 31.77 -22.04
C PRO A 80 6.06 30.80 -22.41
N GLY A 81 5.69 30.84 -23.69
CA GLY A 81 4.64 29.99 -24.26
C GLY A 81 3.83 30.77 -25.26
N GLY A 82 3.47 32.02 -24.87
CA GLY A 82 2.73 32.96 -25.73
C GLY A 82 1.23 32.85 -25.59
N TYR A 83 0.53 33.51 -26.53
CA TYR A 83 -0.93 33.55 -26.61
C TYR A 83 -1.48 32.16 -27.03
N ASP A 84 -1.97 31.39 -26.03
CA ASP A 84 -2.66 30.09 -26.25
C ASP A 84 -3.92 30.31 -27.11
N PHE A 85 -3.91 29.72 -28.30
CA PHE A 85 -4.95 29.88 -29.33
C PHE A 85 -5.68 28.53 -29.50
N SER A 86 -6.45 28.20 -28.43
CA SER A 86 -7.01 26.86 -28.14
C SER A 86 -7.64 26.12 -29.35
N GLY A 87 -6.78 25.39 -30.10
CA GLY A 87 -7.20 24.51 -31.20
C GLY A 87 -7.85 25.22 -32.39
N PHE A 88 -7.53 26.52 -32.55
CA PHE A 88 -8.08 27.33 -33.63
C PHE A 88 -7.03 27.50 -34.75
N ASP A 89 -7.46 27.37 -36.02
CA ASP A 89 -6.54 27.40 -37.17
C ASP A 89 -6.14 28.85 -37.48
N VAL A 90 -5.02 29.28 -36.86
CA VAL A 90 -4.37 30.60 -37.07
C VAL A 90 -4.44 31.15 -38.54
N GLU A 91 -3.96 30.39 -39.54
CA GLU A 91 -3.95 30.83 -40.97
C GLU A 91 -5.38 31.02 -41.53
N ASP A 92 -6.36 30.28 -40.96
CA ASP A 92 -7.78 30.34 -41.38
C ASP A 92 -8.48 31.57 -40.78
N PHE A 93 -7.91 32.11 -39.69
CA PHE A 93 -8.41 33.33 -39.01
C PHE A 93 -7.64 34.53 -39.57
N SER A 94 -8.10 35.75 -39.21
CA SER A 94 -7.70 37.00 -39.89
C SER A 94 -6.19 37.28 -39.82
N GLU A 95 -5.69 37.97 -40.87
CA GLU A 95 -4.33 38.56 -40.90
C GLU A 95 -4.20 39.62 -39.77
N PHE A 96 -5.33 40.28 -39.42
CA PHE A 96 -5.42 41.21 -38.27
C PHE A 96 -5.03 40.50 -36.97
N PHE A 97 -5.56 39.28 -36.80
CA PHE A 97 -5.24 38.41 -35.67
C PHE A 97 -3.74 38.04 -35.72
N GLN A 98 -3.26 37.67 -36.92
CA GLN A 98 -1.85 37.27 -37.14
C GLN A 98 -0.88 38.47 -36.97
N GLU A 99 -1.43 39.70 -36.85
CA GLU A 99 -0.70 40.90 -36.37
C GLU A 99 -0.80 41.04 -34.83
N LEU A 100 -2.06 41.13 -34.33
CA LEU A 100 -2.39 41.52 -32.93
C LEU A 100 -1.81 40.55 -31.90
N PHE A 101 -1.78 39.26 -32.25
CA PHE A 101 -1.18 38.21 -31.39
C PHE A 101 0.04 37.58 -32.08
N GLY A 102 0.42 38.16 -33.24
CA GLY A 102 1.58 37.76 -34.04
C GLY A 102 2.85 37.44 -33.23
N PRO A 103 3.39 38.41 -32.40
CA PRO A 103 4.69 38.24 -31.69
C PRO A 103 4.73 37.01 -30.78
N GLY A 104 3.54 36.46 -30.41
CA GLY A 104 3.47 35.29 -29.55
C GLY A 104 2.37 34.35 -29.94
N LEU A 105 2.19 34.15 -31.26
CA LEU A 105 1.30 33.08 -31.80
C LEU A 105 1.79 31.67 -31.39
N PHE A 106 1.58 31.37 -30.08
CA PHE A 106 2.12 30.21 -29.34
C PHE A 106 3.38 29.58 -30.03
N GLY A 107 3.22 28.39 -30.67
CA GLY A 107 4.32 27.73 -31.38
C GLY A 107 5.50 27.42 -30.46
N GLY A 108 5.18 26.95 -29.23
CA GLY A 108 6.12 26.30 -28.29
C GLY A 108 7.46 25.88 -28.91
N PHE A 109 7.38 24.84 -29.76
CA PHE A 109 8.49 24.41 -30.63
C PHE A 109 8.43 25.23 -31.95
N GLY A 110 8.80 26.54 -31.81
CA GLY A 110 9.04 27.50 -32.94
C GLY A 110 9.15 26.87 -34.32
N ARG A 111 10.23 26.11 -34.53
CA ARG A 111 10.44 25.09 -35.64
C ARG A 111 9.21 24.82 -36.57
N ARG A 112 8.01 24.69 -35.97
CA ARG A 112 6.78 24.27 -36.68
C ARG A 112 5.75 25.41 -36.71
N SER A 113 5.70 26.21 -35.61
CA SER A 113 4.72 27.32 -35.42
C SER A 113 3.27 26.83 -35.59
N ARG A 114 3.03 25.56 -35.22
CA ARG A 114 1.75 24.87 -35.44
C ARG A 114 1.49 23.85 -34.32
N LYS A 115 0.37 23.11 -34.49
CA LYS A 115 -0.32 22.33 -33.45
C LYS A 115 0.62 21.50 -32.55
N GLY A 116 0.24 21.41 -31.26
CA GLY A 116 1.02 20.69 -30.26
C GLY A 116 0.63 19.22 -30.13
N ARG A 117 1.24 18.57 -29.13
CA ARG A 117 1.07 17.14 -28.82
C ARG A 117 -0.05 16.96 -27.76
N ASP A 118 -0.58 15.74 -27.58
CA ASP A 118 -1.57 15.46 -26.50
C ASP A 118 -0.84 15.42 -25.12
N LEU A 119 -0.91 16.53 -24.37
CA LEU A 119 -0.06 16.74 -23.18
C LEU A 119 -0.79 16.33 -21.89
N ARG A 120 -0.02 15.72 -20.98
CA ARG A 120 -0.45 15.45 -19.60
C ARG A 120 0.03 16.63 -18.74
N ALA A 121 -0.89 17.32 -18.06
CA ALA A 121 -0.55 18.42 -17.14
C ALA A 121 -1.25 18.19 -15.80
N GLU A 122 -0.86 18.98 -14.81
CA GLU A 122 -1.36 18.84 -13.44
C GLU A 122 -1.84 20.19 -12.95
N LEU A 123 -3.16 20.31 -12.68
CA LEU A 123 -3.79 21.59 -12.34
C LEU A 123 -3.96 21.66 -10.82
N PRO A 124 -3.07 22.39 -10.08
CA PRO A 124 -3.19 22.52 -8.62
C PRO A 124 -4.45 23.35 -8.29
N LEU A 125 -5.25 22.93 -7.30
CA LEU A 125 -6.52 23.60 -6.97
C LEU A 125 -6.80 23.50 -5.45
N THR A 126 -7.57 24.47 -4.95
CA THR A 126 -7.99 24.54 -3.54
C THR A 126 -9.25 23.68 -3.30
N LEU A 127 -9.34 23.04 -2.10
CA LEU A 127 -10.44 22.10 -1.75
C LEU A 127 -11.84 22.74 -1.91
N GLU A 128 -12.05 23.82 -1.14
CA GLU A 128 -13.31 24.60 -1.16
C GLU A 128 -13.69 24.98 -2.61
N GLU A 129 -12.69 25.48 -3.36
CA GLU A 129 -12.85 25.98 -4.74
C GLU A 129 -13.11 24.82 -5.73
N ALA A 130 -12.68 23.61 -5.36
CA ALA A 130 -12.92 22.39 -6.15
C ALA A 130 -14.40 22.07 -6.13
N PHE A 131 -14.98 22.07 -4.91
CA PHE A 131 -16.41 21.80 -4.73
C PHE A 131 -17.29 22.98 -5.26
N HIS A 132 -16.76 24.22 -5.22
CA HIS A 132 -17.49 25.42 -5.70
C HIS A 132 -17.65 25.40 -7.23
N GLY A 133 -16.52 25.24 -7.95
CA GLY A 133 -16.51 25.21 -9.41
C GLY A 133 -16.54 26.62 -10.04
N GLY A 134 -16.78 26.68 -11.36
CA GLY A 134 -16.83 27.94 -12.13
C GLY A 134 -15.58 28.14 -12.98
N GLU A 135 -15.48 29.30 -13.64
CA GLU A 135 -14.29 29.67 -14.44
C GLU A 135 -13.15 30.01 -13.47
N ARG A 136 -12.15 29.12 -13.42
CA ARG A 136 -11.02 29.25 -12.52
C ARG A 136 -9.89 30.00 -13.24
N VAL A 137 -9.39 31.07 -12.60
CA VAL A 137 -8.28 31.85 -13.12
C VAL A 137 -6.98 31.04 -12.95
N VAL A 138 -6.35 30.72 -14.08
CA VAL A 138 -5.14 29.87 -14.14
C VAL A 138 -4.08 30.56 -15.03
N GLU A 139 -2.94 30.93 -14.43
CA GLU A 139 -1.76 31.39 -15.19
C GLU A 139 -1.02 30.17 -15.75
N VAL A 140 -0.81 30.14 -17.08
CA VAL A 140 0.03 29.12 -17.73
C VAL A 140 0.33 29.51 -19.19
N ALA A 141 1.61 29.29 -19.60
CA ALA A 141 2.13 29.63 -20.95
C ALA A 141 2.14 31.15 -21.20
N GLY A 142 1.92 31.95 -20.14
CA GLY A 142 1.74 33.39 -20.25
C GLY A 142 0.37 33.78 -20.78
N ARG A 143 -0.60 32.85 -20.65
CA ARG A 143 -1.99 33.07 -21.00
C ARG A 143 -2.86 32.78 -19.77
N ARG A 144 -3.51 33.83 -19.25
CA ARG A 144 -4.44 33.74 -18.12
C ARG A 144 -5.75 33.08 -18.58
N VAL A 145 -5.78 31.74 -18.50
CA VAL A 145 -6.92 30.93 -18.97
C VAL A 145 -7.97 30.78 -17.87
N SER A 146 -9.23 30.97 -18.27
CA SER A 146 -10.39 30.78 -17.41
C SER A 146 -10.92 29.34 -17.62
N VAL A 147 -10.32 28.37 -16.89
CA VAL A 147 -10.67 26.94 -17.02
C VAL A 147 -11.95 26.69 -16.22
N ARG A 148 -13.06 26.46 -16.94
CA ARG A 148 -14.36 26.26 -16.30
C ARG A 148 -14.42 24.86 -15.69
N ILE A 149 -14.04 24.79 -14.40
CA ILE A 149 -14.01 23.56 -13.62
C ILE A 149 -15.46 23.23 -13.13
N PRO A 150 -15.89 21.93 -13.18
CA PRO A 150 -17.22 21.52 -12.67
C PRO A 150 -17.37 21.75 -11.14
N PRO A 151 -18.57 22.20 -10.64
CA PRO A 151 -18.85 22.27 -9.19
C PRO A 151 -18.73 20.87 -8.53
N GLY A 152 -17.53 20.62 -8.00
CA GLY A 152 -17.15 19.31 -7.48
C GLY A 152 -16.22 18.60 -8.44
N VAL A 153 -14.95 19.00 -8.43
CA VAL A 153 -13.86 18.36 -9.20
C VAL A 153 -12.61 18.19 -8.30
N ARG A 154 -12.37 16.95 -7.82
CA ARG A 154 -11.39 16.72 -6.72
C ARG A 154 -10.16 15.92 -7.17
N GLU A 155 -9.19 15.80 -6.22
CA GLU A 155 -7.79 15.33 -6.41
C GLU A 155 -7.68 14.04 -7.23
N GLY A 156 -7.47 14.16 -8.56
CA GLY A 156 -7.29 13.00 -9.45
C GLY A 156 -8.32 12.93 -10.58
N SER A 157 -9.12 13.99 -10.74
CA SER A 157 -10.02 14.14 -11.91
C SER A 157 -9.20 14.67 -13.10
N VAL A 158 -9.59 14.26 -14.31
CA VAL A 158 -8.92 14.64 -15.56
C VAL A 158 -9.87 15.50 -16.40
N ILE A 159 -9.76 16.83 -16.25
CA ILE A 159 -10.50 17.81 -17.07
C ILE A 159 -9.84 17.85 -18.46
N ARG A 160 -10.40 17.07 -19.41
CA ARG A 160 -9.89 17.03 -20.79
C ARG A 160 -10.42 18.24 -21.58
N VAL A 161 -9.48 19.08 -22.06
CA VAL A 161 -9.79 20.23 -22.91
C VAL A 161 -9.08 20.06 -24.29
N PRO A 162 -9.88 19.78 -25.38
CA PRO A 162 -9.35 19.69 -26.76
C PRO A 162 -9.06 21.10 -27.34
N GLY A 163 -7.79 21.37 -27.60
CA GLY A 163 -7.37 22.62 -28.22
C GLY A 163 -6.32 23.31 -27.40
N MET A 164 -6.37 23.08 -26.09
CA MET A 164 -5.25 23.34 -25.19
C MET A 164 -4.50 22.01 -25.08
N GLY A 165 -3.18 22.05 -24.99
CA GLY A 165 -2.39 20.84 -24.77
C GLY A 165 -0.91 21.09 -24.90
N GLY A 166 -0.29 20.31 -25.79
CA GLY A 166 1.12 20.40 -26.07
C GLY A 166 1.49 21.67 -26.79
N GLN A 167 2.77 22.00 -26.72
CA GLN A 167 3.31 23.30 -27.13
C GLN A 167 3.23 23.49 -28.67
N GLY A 168 2.27 24.33 -29.09
CA GLY A 168 2.04 24.63 -30.51
C GLY A 168 1.03 25.77 -30.69
N ASN A 169 1.00 26.38 -31.91
CA ASN A 169 0.19 27.62 -32.17
C ASN A 169 -1.32 27.38 -31.84
N PRO A 170 -2.04 26.38 -32.47
CA PRO A 170 -3.25 25.81 -31.88
C PRO A 170 -2.83 24.58 -31.03
N PRO A 171 -2.65 24.72 -29.67
CA PRO A 171 -2.06 23.65 -28.82
C PRO A 171 -2.80 22.28 -28.92
N GLY A 172 -2.16 21.20 -28.44
CA GLY A 172 -2.66 19.83 -28.67
C GLY A 172 -3.97 19.47 -27.92
N ASP A 173 -3.90 18.46 -27.03
CA ASP A 173 -5.06 17.99 -26.24
C ASP A 173 -4.60 17.80 -24.79
N LEU A 174 -5.20 18.55 -23.86
CA LEU A 174 -4.67 18.69 -22.48
C LEU A 174 -5.50 17.89 -21.49
N LEU A 175 -4.79 17.13 -20.66
CA LEU A 175 -5.37 16.34 -19.57
C LEU A 175 -5.01 17.01 -18.25
N LEU A 176 -5.94 17.85 -17.76
CA LEU A 176 -5.77 18.58 -16.50
C LEU A 176 -6.05 17.65 -15.31
N VAL A 177 -4.99 17.04 -14.78
CA VAL A 177 -5.07 16.17 -13.59
C VAL A 177 -5.04 17.07 -12.37
N VAL A 178 -6.25 17.37 -11.84
CA VAL A 178 -6.44 18.34 -10.77
C VAL A 178 -5.79 17.83 -9.45
N ARG A 179 -4.71 18.52 -9.07
CA ARG A 179 -3.94 18.25 -7.86
C ARG A 179 -4.41 19.18 -6.73
N LEU A 180 -5.31 18.70 -5.87
CA LEU A 180 -5.81 19.49 -4.74
C LEU A 180 -4.71 19.66 -3.68
N LEU A 181 -4.79 20.79 -2.93
CA LEU A 181 -3.78 21.20 -1.93
C LEU A 181 -3.49 20.05 -0.92
N PRO A 182 -2.19 19.89 -0.46
CA PRO A 182 -1.79 18.82 0.49
C PRO A 182 -2.63 18.84 1.80
N HIS A 183 -3.77 18.17 1.73
CA HIS A 183 -4.75 18.06 2.82
C HIS A 183 -5.20 16.58 2.86
N PRO A 184 -4.85 15.84 3.96
CA PRO A 184 -4.88 14.35 4.01
C PRO A 184 -6.27 13.65 4.02
N VAL A 185 -7.37 14.25 3.46
CA VAL A 185 -8.65 13.52 3.45
C VAL A 185 -8.80 12.79 2.11
N PHE A 186 -8.79 13.53 0.99
CA PHE A 186 -9.27 12.99 -0.31
C PHE A 186 -8.16 12.72 -1.35
N ARG A 187 -8.35 11.60 -2.06
CA ARG A 187 -7.57 11.16 -3.24
C ARG A 187 -8.55 10.45 -4.20
N LEU A 188 -9.08 11.20 -5.17
CA LEU A 188 -9.93 10.67 -6.26
C LEU A 188 -9.06 9.91 -7.31
N GLU A 189 -9.67 8.92 -7.94
CA GLU A 189 -9.13 8.25 -9.14
C GLU A 189 -10.25 8.19 -10.19
N GLY A 190 -10.19 9.14 -11.16
CA GLY A 190 -11.12 9.18 -12.29
C GLY A 190 -12.56 9.51 -11.87
N GLN A 191 -13.31 8.45 -11.53
CA GLN A 191 -14.74 8.53 -11.19
C GLN A 191 -14.96 8.33 -9.67
N ASP A 192 -14.13 7.46 -9.04
CA ASP A 192 -14.39 6.98 -7.65
C ASP A 192 -13.38 7.61 -6.67
N LEU A 193 -13.92 8.26 -5.64
CA LEU A 193 -13.16 9.11 -4.71
C LEU A 193 -12.71 8.24 -3.51
N TYR A 194 -11.40 8.21 -3.22
CA TYR A 194 -10.88 7.59 -1.97
C TYR A 194 -10.69 8.68 -0.91
N ALA A 195 -10.67 8.29 0.36
CA ALA A 195 -10.64 9.22 1.49
C ALA A 195 -10.04 8.52 2.71
N THR A 196 -9.88 9.28 3.81
CA THR A 196 -9.47 8.76 5.11
C THR A 196 -10.44 9.29 6.18
N LEU A 197 -10.76 8.44 7.16
CA LEU A 197 -11.76 8.73 8.20
C LEU A 197 -11.21 8.31 9.57
N ASP A 198 -11.20 9.24 10.53
CA ASP A 198 -10.89 8.94 11.92
C ASP A 198 -12.17 8.44 12.62
N VAL A 199 -12.06 7.27 13.24
CA VAL A 199 -13.14 6.68 14.04
C VAL A 199 -12.48 6.01 15.27
N PRO A 200 -13.00 6.20 16.51
CA PRO A 200 -12.55 5.42 17.67
C PRO A 200 -13.17 4.00 17.68
N ALA A 201 -12.53 3.11 18.44
CA ALA A 201 -12.84 1.67 18.48
C ALA A 201 -14.31 1.34 18.79
N PRO A 202 -14.92 1.86 19.93
CA PRO A 202 -16.28 1.44 20.33
C PRO A 202 -17.36 1.92 19.33
N ILE A 203 -17.07 3.08 18.67
CA ILE A 203 -17.94 3.66 17.63
C ILE A 203 -17.82 2.83 16.32
N ALA A 204 -16.63 2.28 16.04
CA ALA A 204 -16.40 1.41 14.87
C ALA A 204 -17.12 0.06 15.02
N VAL A 205 -17.13 -0.48 16.25
CA VAL A 205 -17.70 -1.82 16.55
C VAL A 205 -19.24 -1.77 16.64
N VAL A 206 -19.78 -0.75 17.31
CA VAL A 206 -21.24 -0.62 17.53
C VAL A 206 -21.92 0.14 16.37
N GLY A 207 -21.23 1.16 15.85
CA GLY A 207 -21.75 1.98 14.75
C GLY A 207 -22.32 3.31 15.23
N GLY A 208 -21.57 4.40 14.99
CA GLY A 208 -22.00 5.74 15.42
C GLY A 208 -21.33 6.86 14.64
N LYS A 209 -21.69 8.12 14.96
CA LYS A 209 -21.26 9.30 14.19
C LYS A 209 -19.83 9.72 14.57
N VAL A 210 -19.05 10.06 13.54
CA VAL A 210 -17.74 10.74 13.67
C VAL A 210 -17.74 11.93 12.69
N ARG A 211 -16.98 12.98 13.01
CA ARG A 211 -16.91 14.18 12.16
C ARG A 211 -15.88 13.97 11.03
N ALA A 212 -16.38 13.96 9.78
CA ALA A 212 -15.54 13.88 8.58
C ALA A 212 -15.41 15.27 7.96
N MET A 213 -14.17 15.65 7.63
CA MET A 213 -13.85 16.92 7.01
C MET A 213 -14.00 16.75 5.49
N THR A 214 -15.12 17.23 4.95
CA THR A 214 -15.42 17.15 3.51
C THR A 214 -15.37 18.56 2.92
N LEU A 215 -15.40 18.66 1.57
CA LEU A 215 -15.20 19.96 0.87
C LEU A 215 -16.50 20.80 0.88
N GLU A 216 -17.58 20.18 1.38
CA GLU A 216 -18.87 20.83 1.62
C GLU A 216 -19.04 21.19 3.11
N GLY A 217 -18.07 20.80 3.96
CA GLY A 217 -18.03 21.17 5.38
C GLY A 217 -17.76 19.99 6.32
N PRO A 218 -17.81 20.21 7.67
CA PRO A 218 -17.65 19.12 8.66
C PRO A 218 -18.99 18.39 8.90
N VAL A 219 -19.15 17.21 8.28
CA VAL A 219 -20.40 16.41 8.35
C VAL A 219 -20.22 15.27 9.36
N GLU A 220 -21.33 14.68 9.82
CA GLU A 220 -21.30 13.51 10.72
C GLU A 220 -21.57 12.23 9.92
N VAL A 221 -20.54 11.39 9.81
CA VAL A 221 -20.60 10.10 9.14
C VAL A 221 -20.93 9.03 10.20
N ALA A 222 -22.17 8.54 10.18
CA ALA A 222 -22.57 7.41 11.02
C ALA A 222 -21.91 6.14 10.47
N VAL A 223 -20.81 5.78 11.11
CA VAL A 223 -19.99 4.60 10.76
C VAL A 223 -20.84 3.32 10.94
N PRO A 224 -20.83 2.37 9.96
CA PRO A 224 -21.47 1.04 10.14
C PRO A 224 -20.89 0.24 11.34
N PRO A 225 -21.67 -0.72 11.94
CA PRO A 225 -21.13 -1.61 12.99
C PRO A 225 -20.06 -2.59 12.43
N ARG A 226 -19.19 -3.08 13.35
CA ARG A 226 -18.06 -3.99 13.09
C ARG A 226 -17.26 -3.63 11.84
N THR A 227 -16.92 -2.34 11.79
CA THR A 227 -16.09 -1.74 10.77
C THR A 227 -14.60 -1.87 11.16
N GLN A 228 -13.85 -2.63 10.34
CA GLN A 228 -12.43 -2.95 10.61
C GLN A 228 -11.49 -1.86 10.05
N ALA A 229 -10.37 -1.64 10.76
CA ALA A 229 -9.31 -0.71 10.34
C ALA A 229 -8.66 -1.17 9.02
N GLY A 230 -8.50 -0.21 8.08
CA GLY A 230 -7.87 -0.48 6.79
C GLY A 230 -8.87 -0.71 5.66
N ARG A 231 -10.14 -1.04 6.02
CA ARG A 231 -11.22 -1.19 5.03
C ARG A 231 -11.73 0.17 4.58
N LYS A 232 -12.37 0.19 3.41
CA LYS A 232 -12.93 1.41 2.79
C LYS A 232 -14.48 1.36 2.85
N LEU A 233 -15.09 2.40 3.47
CA LEU A 233 -16.55 2.58 3.50
C LEU A 233 -16.99 3.14 2.14
N ARG A 234 -17.67 2.32 1.32
CA ARG A 234 -18.13 2.72 -0.02
C ARG A 234 -19.54 3.37 0.06
N LEU A 235 -19.62 4.70 -0.15
CA LEU A 235 -20.91 5.45 -0.10
C LEU A 235 -21.20 6.17 -1.43
N LYS A 236 -22.26 5.69 -2.12
CA LYS A 236 -22.81 6.30 -3.36
C LYS A 236 -23.13 7.80 -3.22
N GLY A 237 -22.97 8.55 -4.33
CA GLY A 237 -23.37 9.96 -4.43
C GLY A 237 -22.21 10.95 -4.30
N LYS A 238 -21.07 10.48 -3.78
CA LYS A 238 -19.90 11.34 -3.51
C LYS A 238 -18.76 11.14 -4.54
N GLY A 239 -19.02 10.33 -5.60
CA GLY A 239 -18.14 10.29 -6.77
C GLY A 239 -18.70 11.11 -7.94
N PHE A 240 -17.89 11.21 -9.00
CA PHE A 240 -18.02 12.19 -10.10
C PHE A 240 -18.69 11.59 -11.35
N PRO A 241 -19.19 12.48 -12.31
CA PRO A 241 -19.76 12.06 -13.63
C PRO A 241 -18.90 11.01 -14.39
N GLY A 242 -19.59 10.05 -15.03
CA GLY A 242 -18.97 8.99 -15.82
C GLY A 242 -19.99 7.98 -16.33
N PRO A 243 -19.54 6.79 -16.87
CA PRO A 243 -20.44 5.71 -17.38
C PRO A 243 -21.48 5.20 -16.35
N ALA A 244 -21.14 5.26 -15.05
CA ALA A 244 -22.00 4.80 -13.95
C ALA A 244 -22.89 5.93 -13.38
N GLY A 245 -23.11 6.97 -14.20
CA GLY A 245 -23.79 8.19 -13.75
C GLY A 245 -22.83 9.04 -12.95
N ARG A 246 -22.82 8.87 -11.62
CA ARG A 246 -21.78 9.39 -10.73
C ARG A 246 -21.23 8.23 -9.87
N GLY A 247 -19.94 8.29 -9.52
CA GLY A 247 -19.29 7.26 -8.69
C GLY A 247 -19.62 7.37 -7.20
N ASP A 248 -18.73 6.79 -6.39
CA ASP A 248 -18.88 6.68 -4.92
C ASP A 248 -17.58 7.07 -4.19
N LEU A 249 -17.71 7.31 -2.86
CA LEU A 249 -16.59 7.66 -1.96
C LEU A 249 -16.13 6.43 -1.18
N TYR A 250 -14.86 6.42 -0.78
CA TYR A 250 -14.27 5.34 0.03
C TYR A 250 -13.57 5.95 1.25
N LEU A 251 -14.20 5.86 2.42
CA LEU A 251 -13.65 6.40 3.68
C LEU A 251 -12.81 5.31 4.37
N GLU A 252 -11.45 5.44 4.29
CA GLU A 252 -10.54 4.42 4.86
C GLU A 252 -10.47 4.58 6.38
N VAL A 253 -10.76 3.48 7.05
CA VAL A 253 -10.97 3.41 8.49
C VAL A 253 -9.64 3.43 9.27
N ARG A 254 -9.45 4.47 10.09
CA ARG A 254 -8.37 4.56 11.07
C ARG A 254 -8.98 4.56 12.46
N ILE A 255 -9.00 3.36 13.06
CA ILE A 255 -9.52 3.13 14.41
C ILE A 255 -8.52 3.64 15.46
N THR A 256 -9.02 4.37 16.47
CA THR A 256 -8.24 4.94 17.59
C THR A 256 -8.87 4.51 18.94
N ILE A 257 -8.28 4.98 20.07
CA ILE A 257 -8.73 4.61 21.45
C ILE A 257 -8.70 5.87 22.38
N PRO A 258 -9.46 5.88 23.55
CA PRO A 258 -9.71 7.12 24.36
C PRO A 258 -8.44 7.82 24.93
N GLU A 259 -7.28 7.13 24.81
CA GLU A 259 -5.95 7.54 25.38
C GLU A 259 -5.96 7.76 26.92
N ARG A 260 -6.71 8.75 27.39
CA ARG A 260 -7.00 8.92 28.83
C ARG A 260 -8.33 8.20 29.16
N LEU A 261 -8.55 7.82 30.44
CA LEU A 261 -9.78 7.09 30.85
C LEU A 261 -10.26 7.56 32.22
N THR A 262 -11.57 7.85 32.32
CA THR A 262 -12.26 8.07 33.59
C THR A 262 -12.67 6.68 34.14
N PRO A 263 -12.72 6.49 35.52
CA PRO A 263 -12.86 5.15 36.22
C PRO A 263 -13.84 4.14 35.57
N GLU A 264 -14.91 4.66 34.96
CA GLU A 264 -15.91 3.85 34.23
C GLU A 264 -15.26 3.09 33.06
N GLU A 265 -14.82 3.84 32.04
CA GLU A 265 -14.26 3.26 30.80
C GLU A 265 -12.93 2.57 31.09
N GLU A 266 -12.23 3.07 32.14
CA GLU A 266 -11.02 2.45 32.70
C GLU A 266 -11.29 0.96 32.99
N ALA A 267 -12.32 0.73 33.84
CA ALA A 267 -12.79 -0.62 34.21
C ALA A 267 -13.23 -1.41 32.96
N LEU A 268 -14.23 -0.87 32.21
CA LEU A 268 -14.92 -1.59 31.11
C LEU A 268 -13.95 -2.07 30.00
N TRP A 269 -13.03 -1.17 29.58
CA TRP A 269 -11.97 -1.50 28.61
C TRP A 269 -11.06 -2.62 29.14
N LYS A 270 -10.64 -2.48 30.42
CA LYS A 270 -9.79 -3.49 31.08
C LYS A 270 -10.51 -4.86 31.22
N LYS A 271 -11.84 -4.86 31.43
CA LYS A 271 -12.61 -6.12 31.62
C LYS A 271 -12.77 -6.86 30.28
N LEU A 272 -13.03 -6.08 29.21
CA LEU A 272 -13.01 -6.57 27.81
C LEU A 272 -11.65 -7.19 27.48
N ALA A 273 -10.58 -6.53 27.99
CA ALA A 273 -9.19 -6.91 27.74
C ALA A 273 -8.83 -8.26 28.38
N GLU A 274 -9.26 -8.46 29.65
CA GLU A 274 -9.02 -9.70 30.42
C GLU A 274 -9.79 -10.88 29.80
N ALA A 275 -11.06 -10.61 29.44
CA ALA A 275 -11.93 -11.60 28.79
C ALA A 275 -11.35 -12.03 27.43
N TYR A 276 -10.88 -11.01 26.67
CA TYR A 276 -10.27 -11.19 25.34
C TYR A 276 -8.99 -12.02 25.45
N TYR A 277 -8.18 -11.68 26.47
CA TYR A 277 -6.86 -12.30 26.74
C TYR A 277 -7.05 -13.79 27.06
N ALA A 278 -8.07 -14.08 27.88
CA ALA A 278 -8.43 -15.45 28.31
C ALA A 278 -9.13 -16.26 27.19
N ARG A 279 -9.42 -15.59 26.05
CA ARG A 279 -9.96 -16.24 24.83
C ARG A 279 -8.94 -16.15 23.68
N ALA A 280 -7.80 -15.50 23.96
CA ALA A 280 -6.71 -15.33 22.98
C ALA A 280 -5.76 -16.54 23.09
N MET B 1 -9.02 27.73 3.10
CA MET B 1 -8.33 28.87 2.43
C MET B 1 -9.37 29.76 1.72
N LYS B 2 -9.96 29.21 0.62
CA LYS B 2 -10.94 29.90 -0.27
C LYS B 2 -10.29 31.09 -1.03
N GLN B 3 -10.73 31.30 -2.30
CA GLN B 3 -10.22 32.36 -3.22
C GLN B 3 -8.73 32.18 -3.61
N SER B 4 -8.08 31.10 -3.11
CA SER B 4 -6.66 30.81 -3.38
C SER B 4 -6.51 30.35 -4.83
N THR B 5 -6.18 31.30 -5.72
CA THR B 5 -6.16 31.08 -7.17
C THR B 5 -4.84 30.44 -7.61
N ILE B 6 -4.85 29.84 -8.81
CA ILE B 6 -3.93 28.75 -9.15
C ILE B 6 -3.21 28.96 -10.49
N ALA B 7 -2.19 28.14 -10.75
CA ALA B 7 -1.39 28.18 -11.98
C ALA B 7 -0.98 26.75 -12.37
N LEU B 8 -1.31 26.36 -13.61
CA LEU B 8 -1.10 24.98 -14.12
C LEU B 8 0.40 24.63 -14.15
N ALA B 9 0.72 23.39 -13.73
CA ALA B 9 2.09 22.84 -13.75
C ALA B 9 2.66 22.84 -15.17
N LEU B 10 1.85 22.30 -16.12
CA LEU B 10 2.27 22.05 -17.52
C LEU B 10 3.55 21.18 -17.51
N LEU B 11 3.38 19.85 -17.52
CA LEU B 11 4.51 18.90 -17.43
C LEU B 11 5.39 19.00 -18.69
N PRO B 12 6.65 19.51 -18.57
CA PRO B 12 7.52 19.78 -19.74
C PRO B 12 8.29 18.51 -20.19
N LEU B 13 9.46 18.71 -20.81
CA LEU B 13 10.35 17.60 -21.22
C LEU B 13 11.31 17.19 -20.07
N LEU B 14 10.94 17.57 -18.82
CA LEU B 14 11.71 17.27 -17.60
C LEU B 14 10.72 17.22 -16.42
N PHE B 15 10.32 16.01 -16.00
CA PHE B 15 9.44 15.80 -14.81
C PHE B 15 9.56 14.35 -14.29
N THR B 16 10.63 13.63 -14.69
CA THR B 16 10.84 12.21 -14.36
C THR B 16 11.20 12.03 -12.85
N PRO B 17 10.66 10.95 -12.17
CA PRO B 17 10.85 10.73 -10.70
C PRO B 17 12.21 10.08 -10.33
N VAL B 18 13.23 10.26 -11.20
CA VAL B 18 14.61 9.77 -10.96
C VAL B 18 15.30 10.51 -9.80
N THR B 19 14.71 11.66 -9.40
CA THR B 19 15.16 12.44 -8.24
C THR B 19 15.01 11.65 -6.91
N LYS B 20 14.14 10.62 -6.92
CA LYS B 20 13.94 9.70 -5.80
C LYS B 20 14.49 8.29 -6.21
N ALA B 21 15.70 8.28 -6.80
CA ALA B 21 16.39 7.04 -7.21
C ALA B 21 16.80 6.19 -5.99
N ARG B 22 17.17 6.89 -4.89
CA ARG B 22 17.53 6.23 -3.63
C ARG B 22 16.28 6.09 -2.75
N THR B 23 15.43 5.11 -3.09
CA THR B 23 14.41 4.57 -2.18
C THR B 23 15.02 3.40 -1.37
N PRO B 24 15.76 2.41 -2.01
CA PRO B 24 16.58 1.45 -1.27
C PRO B 24 18.03 1.93 -1.14
N GLU B 25 18.39 2.46 0.05
CA GLU B 25 19.76 2.88 0.34
C GLU B 25 20.60 1.62 0.62
N MET B 26 20.37 1.02 1.80
CA MET B 26 21.07 -0.17 2.31
C MET B 26 22.58 0.08 2.41
N PRO B 27 23.08 0.61 3.58
CA PRO B 27 24.52 0.59 3.92
C PRO B 27 25.11 -0.82 3.69
N VAL B 28 26.06 -0.91 2.72
CA VAL B 28 26.64 -2.19 2.25
C VAL B 28 27.56 -2.83 3.34
N LEU B 29 26.89 -3.42 4.34
CA LEU B 29 27.50 -4.14 5.46
C LEU B 29 26.96 -5.57 5.44
N GLU B 30 27.65 -6.46 4.73
CA GLU B 30 27.31 -7.88 4.63
C GLU B 30 28.61 -8.68 4.80
N ASN B 31 29.44 -8.67 3.74
CA ASN B 31 30.73 -9.39 3.69
C ASN B 31 30.56 -10.91 3.97
N ARG B 32 30.53 -11.26 5.28
CA ARG B 32 30.31 -12.63 5.77
C ARG B 32 29.37 -12.55 6.98
N ALA B 33 28.05 -12.54 6.70
CA ALA B 33 27.00 -12.58 7.74
C ALA B 33 26.79 -14.04 8.19
N ALA B 34 27.70 -14.51 9.05
CA ALA B 34 27.73 -15.91 9.53
C ALA B 34 26.94 -16.10 10.85
N GLN B 35 26.40 -14.99 11.41
CA GLN B 35 25.62 -15.03 12.66
C GLN B 35 24.17 -15.49 12.38
N GLY B 36 24.02 -16.82 12.32
CA GLY B 36 22.75 -17.51 12.24
C GLY B 36 22.88 -18.86 12.93
N ASP B 37 22.49 -19.97 12.24
CA ASP B 37 22.75 -21.37 12.66
C ASP B 37 22.06 -21.76 13.98
N ILE B 38 22.57 -21.20 15.10
CA ILE B 38 22.00 -21.38 16.45
C ILE B 38 20.61 -20.72 16.57
N THR B 39 20.37 -19.66 15.75
CA THR B 39 19.13 -18.87 15.78
C THR B 39 17.87 -19.71 15.46
N ALA B 40 17.28 -20.30 16.50
CA ALA B 40 16.09 -21.16 16.42
C ALA B 40 15.49 -21.29 17.83
N PRO B 41 14.42 -20.50 18.19
CA PRO B 41 13.80 -20.53 19.53
C PRO B 41 12.97 -21.82 19.78
N GLY B 42 13.67 -22.88 20.23
CA GLY B 42 13.05 -24.17 20.57
C GLY B 42 12.38 -24.12 21.93
N GLY B 43 11.20 -24.76 22.04
CA GLY B 43 10.39 -24.72 23.27
C GLY B 43 9.31 -23.64 23.23
N ALA B 44 9.55 -22.58 22.40
CA ALA B 44 8.61 -21.44 22.20
C ALA B 44 8.42 -20.57 23.48
N ARG B 45 9.16 -20.89 24.55
CA ARG B 45 8.99 -20.33 25.92
C ARG B 45 7.58 -20.66 26.50
N ARG B 46 6.56 -19.98 25.99
CA ARG B 46 5.20 -20.03 26.53
C ARG B 46 4.18 -19.98 25.38
N LEU B 47 3.89 -18.74 24.89
CA LEU B 47 2.75 -18.48 23.98
C LEU B 47 1.41 -18.98 24.60
N THR B 48 1.06 -20.28 24.36
CA THR B 48 -0.20 -20.93 24.80
C THR B 48 -1.45 -20.43 24.02
N GLY B 49 -1.57 -19.10 23.87
CA GLY B 49 -2.66 -18.48 23.13
C GLY B 49 -2.48 -18.52 21.62
N ASP B 50 -2.46 -19.73 21.08
CA ASP B 50 -2.36 -20.02 19.64
C ASP B 50 -3.35 -21.13 19.25
N GLN B 51 -3.93 -21.80 20.28
CA GLN B 51 -4.84 -22.96 20.15
C GLN B 51 -4.06 -24.17 19.59
N THR B 52 -3.31 -24.86 20.49
CA THR B 52 -2.49 -26.04 20.14
C THR B 52 -3.36 -27.31 20.09
N ALA B 53 -4.13 -27.47 18.98
CA ALA B 53 -5.06 -28.60 18.73
C ALA B 53 -6.15 -28.70 19.82
N ALA B 54 -5.78 -29.35 20.96
CA ALA B 54 -6.60 -29.47 22.18
C ALA B 54 -8.00 -30.09 21.90
N LEU B 55 -8.99 -29.22 21.55
CA LEU B 55 -10.40 -29.57 21.28
C LEU B 55 -11.16 -29.93 22.59
N ARG B 56 -10.55 -30.83 23.41
CA ARG B 56 -11.01 -31.20 24.77
C ARG B 56 -12.23 -32.16 24.71
N ASP B 57 -12.29 -33.11 25.68
CA ASP B 57 -13.31 -34.19 25.74
C ASP B 57 -13.13 -35.18 24.55
N SER B 58 -13.95 -35.02 23.49
CA SER B 58 -14.00 -35.93 22.34
C SER B 58 -15.05 -35.42 21.31
N LEU B 59 -16.33 -35.70 21.59
CA LEU B 59 -17.45 -35.41 20.68
C LEU B 59 -18.65 -34.96 21.55
N SER B 60 -19.32 -35.97 22.18
CA SER B 60 -20.54 -35.79 23.02
C SER B 60 -21.66 -34.99 22.32
N ASP B 61 -21.51 -33.66 22.31
CA ASP B 61 -22.56 -32.72 21.86
C ASP B 61 -22.56 -32.51 20.33
N LYS B 62 -23.62 -31.82 19.86
CA LYS B 62 -23.90 -31.50 18.45
C LYS B 62 -24.52 -32.74 17.79
N PRO B 63 -25.76 -33.15 18.24
CA PRO B 63 -26.41 -34.40 17.81
C PRO B 63 -27.23 -34.19 16.50
N ALA B 64 -26.63 -33.43 15.58
CA ALA B 64 -27.26 -32.97 14.34
C ALA B 64 -26.28 -33.06 13.16
N LYS B 65 -24.96 -33.00 13.48
CA LYS B 65 -23.84 -32.84 12.52
C LYS B 65 -24.08 -31.71 11.48
N ASN B 66 -24.91 -31.96 10.45
CA ASN B 66 -25.31 -30.96 9.45
C ASN B 66 -26.43 -30.07 10.04
N ILE B 67 -27.59 -30.72 10.30
CA ILE B 67 -28.84 -30.06 10.74
C ILE B 67 -29.89 -31.19 11.03
N ILE B 68 -29.37 -32.33 11.54
CA ILE B 68 -30.08 -33.63 11.67
C ILE B 68 -30.25 -34.29 10.28
N LEU B 69 -30.92 -33.56 9.38
CA LEU B 69 -31.11 -33.96 7.97
C LEU B 69 -29.80 -33.79 7.17
N LEU B 70 -29.60 -34.66 6.15
CA LEU B 70 -28.39 -34.61 5.29
C LEU B 70 -28.62 -35.50 4.04
N ILE B 71 -29.15 -34.86 2.97
CA ILE B 71 -29.27 -35.42 1.60
C ILE B 71 -30.04 -34.42 0.70
N GLY B 72 -30.88 -33.58 1.34
CA GLY B 72 -31.81 -32.68 0.66
C GLY B 72 -33.22 -32.99 1.11
N ASP B 73 -33.44 -34.31 1.32
CA ASP B 73 -34.55 -34.88 2.10
C ASP B 73 -35.90 -34.77 1.41
N GLY B 74 -35.88 -34.67 0.06
CA GLY B 74 -37.08 -34.90 -0.76
C GLY B 74 -37.32 -36.40 -0.95
N MET B 75 -37.41 -37.13 0.17
CA MET B 75 -37.45 -38.60 0.22
C MET B 75 -38.00 -39.05 1.61
N GLY B 76 -38.67 -38.10 2.31
CA GLY B 76 -39.21 -38.33 3.66
C GLY B 76 -40.27 -39.42 3.69
N ASP B 77 -41.14 -39.41 2.64
CA ASP B 77 -42.07 -40.48 2.29
C ASP B 77 -43.22 -40.65 3.30
N SER B 78 -42.90 -41.20 4.48
CA SER B 78 -43.90 -41.53 5.51
C SER B 78 -44.13 -40.35 6.49
N GLU B 79 -43.21 -40.15 7.47
CA GLU B 79 -43.38 -39.13 8.54
C GLU B 79 -41.98 -38.60 8.96
N ILE B 80 -41.89 -38.00 10.19
CA ILE B 80 -40.66 -37.40 10.82
C ILE B 80 -39.95 -36.34 9.94
N THR B 81 -39.32 -36.75 8.83
CA THR B 81 -38.77 -35.83 7.83
C THR B 81 -39.92 -35.05 7.14
N ALA B 82 -41.06 -35.76 6.94
CA ALA B 82 -42.30 -35.18 6.40
C ALA B 82 -42.93 -34.18 7.38
N ALA B 83 -42.82 -34.49 8.70
CA ALA B 83 -43.28 -33.60 9.79
C ALA B 83 -42.40 -32.34 9.90
N ARG B 84 -41.12 -32.47 9.43
CA ARG B 84 -40.14 -31.38 9.30
C ARG B 84 -39.68 -30.85 10.69
N ASN B 85 -40.51 -30.00 11.32
CA ASN B 85 -40.21 -29.39 12.64
C ASN B 85 -41.51 -28.92 13.34
N TYR B 86 -42.66 -29.48 12.88
CA TYR B 86 -44.03 -29.03 13.24
C TYR B 86 -44.33 -27.66 12.60
N ALA B 87 -43.66 -26.59 13.11
CA ALA B 87 -43.81 -25.20 12.65
C ALA B 87 -45.23 -24.66 12.96
N GLU B 88 -46.22 -25.06 12.15
CA GLU B 88 -47.64 -24.68 12.33
C GLU B 88 -48.51 -25.95 12.39
N GLY B 89 -49.63 -25.87 13.14
CA GLY B 89 -50.57 -26.99 13.23
C GLY B 89 -51.60 -26.82 14.34
N ALA B 90 -51.51 -25.70 15.08
CA ALA B 90 -52.42 -25.30 16.19
C ALA B 90 -52.19 -26.14 17.48
N GLY B 91 -52.34 -27.48 17.39
CA GLY B 91 -52.17 -28.39 18.54
C GLY B 91 -50.71 -28.75 18.81
N GLY B 92 -49.92 -27.74 19.23
CA GLY B 92 -48.51 -27.91 19.55
C GLY B 92 -48.26 -28.05 21.03
N PHE B 93 -49.02 -28.99 21.66
CA PHE B 93 -48.98 -29.28 23.11
C PHE B 93 -49.54 -28.10 23.96
N PHE B 94 -50.53 -28.40 24.80
CA PHE B 94 -51.20 -27.41 25.68
C PHE B 94 -51.16 -27.87 27.14
N LYS B 95 -51.92 -27.14 28.01
CA LYS B 95 -52.02 -27.37 29.46
C LYS B 95 -50.68 -27.04 30.15
N GLY B 96 -49.77 -28.00 30.12
CA GLY B 96 -48.49 -27.92 30.80
C GLY B 96 -47.77 -29.24 30.67
N ILE B 97 -47.42 -29.59 29.42
CA ILE B 97 -46.76 -30.86 29.08
C ILE B 97 -45.37 -30.96 29.77
N ASP B 98 -45.00 -32.20 30.14
CA ASP B 98 -43.72 -32.51 30.82
C ASP B 98 -42.53 -32.52 29.85
N ALA B 99 -42.77 -32.18 28.57
CA ALA B 99 -41.74 -32.09 27.53
C ALA B 99 -41.60 -30.63 27.05
N LEU B 100 -40.64 -29.90 27.64
CA LEU B 100 -40.32 -28.51 27.26
C LEU B 100 -39.49 -28.51 25.95
N PRO B 101 -39.93 -27.74 24.89
CA PRO B 101 -39.16 -27.61 23.62
C PRO B 101 -37.80 -26.90 23.87
N LEU B 102 -36.72 -27.49 23.28
CA LEU B 102 -35.30 -27.08 23.43
C LEU B 102 -34.93 -26.62 24.87
N THR B 103 -35.03 -25.30 25.14
CA THR B 103 -34.69 -24.65 26.43
C THR B 103 -33.20 -24.89 26.83
N GLY B 104 -32.91 -26.08 27.41
CA GLY B 104 -31.55 -26.43 27.86
C GLY B 104 -30.63 -26.79 26.71
N GLN B 105 -31.23 -27.11 25.55
CA GLN B 105 -30.49 -27.44 24.32
C GLN B 105 -29.76 -26.20 23.73
N TYR B 106 -30.00 -25.01 24.33
CA TYR B 106 -29.23 -23.79 24.04
C TYR B 106 -27.91 -23.79 24.84
N THR B 107 -28.02 -23.98 26.18
CA THR B 107 -26.87 -24.10 27.13
C THR B 107 -26.10 -22.75 27.35
N HIS B 108 -25.99 -21.91 26.28
CA HIS B 108 -25.33 -20.59 26.32
C HIS B 108 -26.07 -19.66 27.31
N TYR B 109 -25.55 -19.67 28.54
CA TYR B 109 -26.15 -19.05 29.74
C TYR B 109 -25.25 -19.37 30.96
N ALA B 110 -24.34 -20.36 30.79
CA ALA B 110 -23.40 -20.80 31.81
C ALA B 110 -22.49 -19.64 32.26
N LEU B 111 -21.90 -18.94 31.29
CA LEU B 111 -21.20 -17.68 31.53
C LEU B 111 -22.16 -16.53 31.15
N ASN B 112 -23.11 -16.25 32.07
CA ASN B 112 -24.04 -15.13 31.95
C ASN B 112 -24.48 -14.73 33.38
N LYS B 113 -23.53 -14.12 34.11
CA LYS B 113 -23.76 -13.55 35.44
C LYS B 113 -22.58 -12.62 35.81
N LYS B 114 -21.48 -13.21 36.32
CA LYS B 114 -20.36 -12.45 36.91
C LYS B 114 -19.16 -13.39 37.11
N THR B 115 -18.08 -13.20 36.33
CA THR B 115 -16.81 -13.97 36.42
C THR B 115 -17.01 -15.50 36.09
N GLY B 116 -15.94 -16.16 35.65
CA GLY B 116 -15.95 -17.60 35.33
C GLY B 116 -15.44 -17.85 33.92
N LYS B 117 -15.63 -19.09 33.43
CA LYS B 117 -15.15 -19.54 32.10
C LYS B 117 -16.21 -20.36 31.29
N PRO B 118 -16.76 -21.52 31.83
CA PRO B 118 -17.43 -22.56 30.98
C PRO B 118 -18.71 -22.03 30.32
N ASP B 119 -18.80 -22.21 28.97
CA ASP B 119 -19.91 -21.74 28.12
C ASP B 119 -19.51 -21.91 26.63
N TYR B 120 -18.23 -21.59 26.38
CA TYR B 120 -17.60 -21.58 25.04
C TYR B 120 -17.27 -23.01 24.53
N VAL B 121 -16.25 -23.09 23.65
CA VAL B 121 -15.57 -24.35 23.28
C VAL B 121 -14.03 -24.11 23.26
N THR B 122 -13.34 -24.78 24.20
CA THR B 122 -11.86 -24.92 24.22
C THR B 122 -11.10 -23.57 24.43
N ASP B 123 -11.79 -22.57 25.07
CA ASP B 123 -11.21 -21.26 25.47
C ASP B 123 -10.85 -20.39 24.25
N SER B 124 -9.68 -20.72 23.65
CA SER B 124 -9.09 -20.00 22.53
C SER B 124 -9.91 -20.20 21.25
N ALA B 125 -10.13 -21.49 20.88
CA ALA B 125 -10.92 -21.93 19.71
C ALA B 125 -10.23 -21.58 18.37
N ALA B 126 -10.07 -20.27 18.09
CA ALA B 126 -9.38 -19.76 16.87
C ALA B 126 -8.33 -18.71 17.24
N SER B 127 -7.98 -18.63 18.54
CA SER B 127 -7.00 -17.66 19.10
C SER B 127 -7.47 -16.20 18.90
N ALA B 128 -8.29 -15.71 19.87
CA ALA B 128 -8.94 -14.38 19.86
C ALA B 128 -10.05 -14.30 18.77
N THR B 129 -9.61 -14.23 17.50
CA THR B 129 -10.49 -14.23 16.32
C THR B 129 -9.73 -14.71 15.06
N ALA B 130 -8.46 -15.15 15.28
CA ALA B 130 -7.46 -15.42 14.22
C ALA B 130 -7.24 -14.17 13.33
N TRP B 131 -8.07 -14.04 12.28
CA TRP B 131 -7.99 -13.00 11.25
C TRP B 131 -9.31 -12.95 10.46
N SER B 132 -9.53 -11.86 9.73
CA SER B 132 -10.74 -11.65 8.93
C SER B 132 -10.57 -12.30 7.54
N THR B 133 -11.02 -13.59 7.43
CA THR B 133 -11.04 -14.37 6.17
C THR B 133 -9.61 -14.76 5.72
N GLY B 134 -9.17 -15.99 6.05
CA GLY B 134 -7.87 -16.49 5.60
C GLY B 134 -7.70 -17.99 5.83
N VAL B 135 -6.75 -18.60 5.09
CA VAL B 135 -6.44 -20.06 5.13
C VAL B 135 -7.65 -20.90 4.70
N LYS B 136 -8.60 -21.14 5.63
CA LYS B 136 -9.81 -21.95 5.38
C LYS B 136 -10.88 -21.10 4.64
N THR B 137 -10.77 -19.75 4.75
CA THR B 137 -11.69 -18.76 4.12
C THR B 137 -13.03 -18.65 4.91
N TYR B 138 -13.59 -19.84 5.30
CA TYR B 138 -14.74 -20.03 6.22
C TYR B 138 -15.97 -19.13 5.92
N ASN B 139 -15.92 -17.85 6.36
CA ASN B 139 -17.05 -16.91 6.21
C ASN B 139 -17.27 -16.52 4.74
N GLY B 140 -16.18 -16.64 3.94
CA GLY B 140 -16.22 -16.40 2.51
C GLY B 140 -15.73 -15.01 2.15
N ALA B 141 -16.61 -14.01 2.36
CA ALA B 141 -16.36 -12.58 2.06
C ALA B 141 -16.21 -12.33 0.53
N LEU B 142 -15.03 -12.68 -0.02
CA LEU B 142 -14.72 -12.53 -1.46
C LEU B 142 -14.68 -13.89 -2.19
N GLY B 143 -14.71 -15.00 -1.41
CA GLY B 143 -14.71 -16.38 -1.93
C GLY B 143 -15.90 -17.18 -1.41
N VAL B 144 -16.12 -18.36 -2.05
CA VAL B 144 -17.23 -19.33 -1.75
C VAL B 144 -18.57 -18.60 -1.41
N ASP B 145 -18.88 -17.56 -2.22
CA ASP B 145 -20.08 -16.75 -2.06
C ASP B 145 -21.31 -17.62 -2.36
N ILE B 146 -22.00 -18.02 -1.26
CA ILE B 146 -23.14 -18.95 -1.28
C ILE B 146 -22.66 -20.40 -1.53
N HIS B 147 -22.07 -20.66 -2.72
CA HIS B 147 -21.60 -22.01 -3.08
C HIS B 147 -20.56 -21.92 -4.21
N GLU B 148 -20.99 -21.39 -5.37
CA GLU B 148 -20.17 -21.31 -6.59
C GLU B 148 -19.80 -19.83 -6.87
N LYS B 149 -20.27 -19.28 -8.04
CA LYS B 149 -20.11 -17.86 -8.43
C LYS B 149 -18.64 -17.51 -8.75
N ASP B 150 -17.79 -17.48 -7.72
CA ASP B 150 -16.34 -17.30 -7.87
C ASP B 150 -15.64 -18.64 -8.14
N HIS B 151 -16.13 -19.71 -7.47
CA HIS B 151 -15.53 -21.06 -7.50
C HIS B 151 -15.59 -21.69 -8.92
N PRO B 152 -14.43 -21.76 -9.67
CA PRO B 152 -14.38 -22.25 -11.06
C PRO B 152 -14.06 -23.76 -11.21
N THR B 153 -13.26 -24.32 -10.28
CA THR B 153 -12.70 -25.67 -10.38
C THR B 153 -13.46 -26.64 -9.45
N ILE B 154 -14.39 -27.39 -10.04
CA ILE B 154 -15.14 -28.46 -9.36
C ILE B 154 -14.39 -29.81 -9.52
N LEU B 155 -13.66 -29.95 -10.65
CA LEU B 155 -12.93 -31.20 -10.99
C LEU B 155 -11.79 -31.48 -9.99
N GLU B 156 -12.17 -32.14 -8.88
CA GLU B 156 -11.29 -32.61 -7.80
C GLU B 156 -10.53 -31.44 -7.12
N MET B 157 -10.99 -31.06 -5.92
CA MET B 157 -10.36 -30.04 -5.08
C MET B 157 -9.02 -30.55 -4.49
N ALA B 158 -8.88 -31.90 -4.42
CA ALA B 158 -7.69 -32.59 -3.89
C ALA B 158 -6.46 -32.43 -4.81
N LYS B 159 -6.72 -32.09 -6.11
CA LYS B 159 -5.67 -31.77 -7.10
C LYS B 159 -4.72 -30.65 -6.60
N ALA B 160 -5.30 -29.69 -5.86
CA ALA B 160 -4.54 -28.59 -5.24
C ALA B 160 -3.86 -29.08 -3.94
N ALA B 161 -2.78 -29.86 -4.11
CA ALA B 161 -1.98 -30.40 -3.00
C ALA B 161 -0.89 -29.40 -2.58
N GLY B 162 -1.29 -28.40 -1.76
CA GLY B 162 -0.38 -27.38 -1.23
C GLY B 162 -0.17 -26.22 -2.21
N LEU B 163 0.58 -26.52 -3.29
CA LEU B 163 0.92 -25.64 -4.44
C LEU B 163 1.70 -24.35 -4.04
N ALA B 164 1.08 -23.45 -3.26
CA ALA B 164 1.73 -22.19 -2.80
C ALA B 164 2.44 -22.37 -1.44
N THR B 165 2.28 -23.56 -0.82
CA THR B 165 2.89 -23.88 0.49
C THR B 165 4.42 -24.09 0.35
N GLY B 166 5.16 -22.98 0.43
CA GLY B 166 6.60 -22.98 0.33
C GLY B 166 7.19 -21.79 1.06
N ASN B 167 7.71 -22.05 2.28
CA ASN B 167 8.29 -21.04 3.20
C ASN B 167 7.27 -19.92 3.54
N VAL B 168 5.98 -20.28 3.49
CA VAL B 168 4.87 -19.39 3.85
C VAL B 168 4.86 -19.20 5.40
N SER B 169 5.53 -18.11 5.82
CA SER B 169 5.77 -17.77 7.25
C SER B 169 6.79 -18.74 7.92
N THR B 170 7.46 -19.56 7.07
CA THR B 170 8.42 -20.63 7.49
C THR B 170 7.74 -21.73 8.35
N ALA B 171 8.19 -23.00 8.18
CA ALA B 171 7.72 -24.14 9.00
C ALA B 171 8.13 -23.93 10.48
N GLU B 172 9.44 -23.75 10.71
CA GLU B 172 10.01 -23.41 12.02
C GLU B 172 11.43 -22.86 11.84
N LEU B 173 12.16 -23.43 10.86
CA LEU B 173 13.54 -23.01 10.52
C LEU B 173 13.88 -23.47 9.08
N GLN B 174 14.67 -22.63 8.38
CA GLN B 174 15.19 -22.87 7.02
C GLN B 174 14.06 -22.92 5.94
N ASP B 175 13.39 -24.10 5.82
CA ASP B 175 12.53 -24.45 4.67
C ASP B 175 13.38 -24.36 3.36
N ALA B 176 13.50 -23.11 2.82
CA ALA B 176 14.41 -22.76 1.69
C ALA B 176 14.15 -23.58 0.41
N THR B 177 12.94 -24.17 0.31
CA THR B 177 12.58 -25.11 -0.75
C THR B 177 12.21 -24.39 -2.08
N PRO B 178 11.23 -23.42 -2.12
CA PRO B 178 10.66 -22.91 -3.39
C PRO B 178 11.51 -21.83 -4.10
N ALA B 179 11.06 -21.46 -5.32
CA ALA B 179 11.54 -20.31 -6.12
C ALA B 179 12.90 -20.55 -6.83
N ALA B 180 13.86 -21.23 -6.14
CA ALA B 180 15.28 -21.32 -6.58
C ALA B 180 15.83 -19.89 -6.78
N LEU B 181 15.58 -19.06 -5.75
CA LEU B 181 15.71 -17.60 -5.76
C LEU B 181 14.77 -16.94 -6.81
N VAL B 182 15.14 -17.00 -8.11
CA VAL B 182 14.40 -16.33 -9.22
C VAL B 182 13.43 -17.31 -9.90
N ALA B 183 12.23 -16.81 -10.28
CA ALA B 183 11.16 -17.62 -10.89
C ALA B 183 10.51 -16.93 -12.12
N HIS B 184 11.07 -15.78 -12.58
CA HIS B 184 10.54 -15.04 -13.75
C HIS B 184 11.69 -14.40 -14.55
N VAL B 185 11.47 -14.21 -15.89
CA VAL B 185 12.47 -13.78 -16.90
C VAL B 185 13.39 -14.96 -17.28
N THR B 186 13.92 -15.62 -16.25
CA THR B 186 14.90 -16.68 -16.37
C THR B 186 14.87 -17.58 -15.12
N SER B 187 14.65 -18.88 -15.37
CA SER B 187 14.70 -19.95 -14.36
C SER B 187 14.25 -21.26 -15.02
N ARG B 188 14.49 -22.41 -14.34
CA ARG B 188 13.94 -23.71 -14.77
C ARG B 188 12.51 -23.81 -14.23
N LYS B 189 11.60 -23.11 -14.91
CA LYS B 189 10.22 -22.88 -14.50
C LYS B 189 9.42 -22.61 -15.78
N CYS B 190 8.21 -23.21 -15.88
CA CYS B 190 7.35 -23.09 -17.06
C CYS B 190 6.75 -21.68 -17.16
N TYR B 191 7.43 -20.81 -17.92
CA TYR B 191 7.07 -19.38 -18.06
C TYR B 191 7.01 -19.00 -19.56
N GLY B 192 6.40 -17.84 -19.84
CA GLY B 192 6.49 -17.15 -21.13
C GLY B 192 6.03 -17.98 -22.32
N PRO B 193 6.99 -18.54 -23.15
CA PRO B 193 6.66 -19.43 -24.30
C PRO B 193 5.82 -20.65 -23.91
N SER B 194 5.88 -21.05 -22.62
CA SER B 194 5.00 -22.07 -22.04
C SER B 194 3.70 -21.40 -21.56
N ALA B 195 2.86 -21.01 -22.54
CA ALA B 195 1.51 -20.43 -22.33
C ALA B 195 1.52 -19.11 -21.53
N THR B 196 1.62 -19.22 -20.19
CA THR B 196 1.59 -18.09 -19.24
C THR B 196 2.81 -18.17 -18.30
N SER B 197 3.33 -16.99 -17.89
CA SER B 197 4.51 -16.90 -17.04
C SER B 197 4.12 -17.03 -15.55
N GLU B 198 3.69 -15.91 -14.93
CA GLU B 198 3.33 -15.89 -13.50
C GLU B 198 1.79 -15.94 -13.35
N LYS B 199 1.33 -16.02 -12.07
CA LYS B 199 -0.11 -15.97 -11.68
C LYS B 199 -0.88 -17.27 -12.05
N CYS B 200 -1.02 -17.50 -13.38
CA CYS B 200 -1.81 -18.61 -13.95
C CYS B 200 -3.29 -18.49 -13.50
N PRO B 201 -3.99 -17.36 -13.88
CA PRO B 201 -5.29 -16.96 -13.27
C PRO B 201 -6.46 -17.89 -13.68
N GLY B 202 -6.32 -18.54 -14.86
CA GLY B 202 -7.33 -19.48 -15.36
C GLY B 202 -7.35 -20.78 -14.58
N ASN B 203 -6.16 -21.17 -14.06
CA ASN B 203 -6.01 -22.36 -13.19
C ASN B 203 -6.08 -21.89 -11.71
N ALA B 204 -7.26 -21.37 -11.33
CA ALA B 204 -7.55 -20.97 -9.95
C ALA B 204 -8.21 -22.15 -9.24
N LEU B 205 -7.37 -23.04 -8.67
CA LEU B 205 -7.83 -24.30 -8.05
C LEU B 205 -8.20 -24.05 -6.57
N GLU B 206 -9.25 -23.24 -6.39
CA GLU B 206 -9.84 -22.93 -5.08
C GLU B 206 -10.81 -24.04 -4.68
N LYS B 207 -10.74 -24.45 -3.41
CA LYS B 207 -11.60 -25.51 -2.84
C LYS B 207 -12.87 -24.89 -2.20
N GLY B 208 -13.07 -23.57 -2.41
CA GLY B 208 -14.19 -22.83 -1.83
C GLY B 208 -14.02 -22.62 -0.33
N GLY B 209 -14.71 -23.46 0.47
CA GLY B 209 -14.62 -23.42 1.94
C GLY B 209 -13.39 -24.14 2.48
N LYS B 210 -12.51 -24.60 1.54
CA LYS B 210 -11.19 -25.22 1.81
C LYS B 210 -11.32 -26.36 2.84
N GLY B 211 -11.87 -27.51 2.37
CA GLY B 211 -12.21 -28.64 3.24
C GLY B 211 -13.38 -28.27 4.15
N SER B 212 -14.55 -28.00 3.52
CA SER B 212 -15.71 -27.38 4.17
C SER B 212 -16.20 -28.18 5.42
N ILE B 213 -16.83 -29.37 5.20
CA ILE B 213 -17.31 -30.25 6.30
C ILE B 213 -16.99 -31.72 5.99
N THR B 214 -16.94 -32.54 7.05
CA THR B 214 -16.80 -34.00 6.98
C THR B 214 -17.97 -34.62 7.76
N GLU B 215 -18.04 -34.31 9.07
CA GLU B 215 -19.21 -34.54 9.92
C GLU B 215 -19.91 -33.20 10.17
N GLN B 216 -19.18 -32.28 10.82
CA GLN B 216 -19.72 -31.01 11.28
C GLN B 216 -18.61 -29.96 11.41
N LEU B 217 -17.47 -30.37 12.03
CA LEU B 217 -16.40 -29.46 12.51
C LEU B 217 -16.95 -28.47 13.57
N LEU B 218 -16.08 -27.57 14.08
CA LEU B 218 -16.40 -26.52 15.09
C LEU B 218 -16.51 -27.12 16.53
N ASN B 219 -17.14 -28.31 16.63
CA ASN B 219 -17.48 -28.99 17.91
C ASN B 219 -18.58 -28.22 18.66
N ALA B 220 -18.20 -27.05 19.27
CA ALA B 220 -19.10 -26.13 19.99
C ALA B 220 -19.70 -26.79 21.25
N ARG B 221 -19.32 -26.25 22.44
CA ARG B 221 -19.67 -26.80 23.77
C ARG B 221 -19.01 -28.18 23.97
N ALA B 222 -19.43 -28.95 25.02
CA ALA B 222 -18.96 -30.35 25.29
C ALA B 222 -17.52 -30.44 25.82
N ASP B 223 -16.73 -29.37 25.64
CA ASP B 223 -15.35 -29.29 26.13
C ASP B 223 -15.35 -29.45 27.67
N VAL B 224 -16.36 -28.82 28.32
CA VAL B 224 -16.63 -28.90 29.77
C VAL B 224 -15.36 -28.66 30.63
N THR B 225 -15.33 -29.20 31.87
CA THR B 225 -14.14 -29.34 32.71
C THR B 225 -13.85 -28.04 33.51
N LEU B 226 -13.50 -26.96 32.78
CA LEU B 226 -13.01 -25.71 33.40
C LEU B 226 -14.14 -24.94 34.09
N GLY B 227 -13.76 -24.09 35.06
CA GLY B 227 -14.69 -23.28 35.83
C GLY B 227 -14.10 -21.92 36.15
N GLY B 228 -13.11 -21.90 37.07
CA GLY B 228 -12.38 -20.69 37.45
C GLY B 228 -11.00 -20.62 36.82
N GLY B 229 -10.79 -21.34 35.68
CA GLY B 229 -9.51 -21.38 34.98
C GLY B 229 -9.29 -20.14 34.11
N ALA B 230 -9.17 -18.99 34.78
CA ALA B 230 -9.05 -17.66 34.16
C ALA B 230 -7.75 -17.02 34.65
N LYS B 231 -7.70 -15.66 34.67
CA LYS B 231 -6.57 -14.88 35.22
C LYS B 231 -5.27 -15.26 34.49
N THR B 232 -5.34 -15.32 33.15
CA THR B 232 -4.29 -15.84 32.28
C THR B 232 -3.02 -14.96 32.30
N PHE B 233 -2.15 -15.24 33.31
CA PHE B 233 -0.85 -14.59 33.46
C PHE B 233 0.21 -15.46 32.74
N ALA B 234 0.96 -14.82 31.83
CA ALA B 234 1.96 -15.49 30.99
C ALA B 234 2.66 -14.43 30.14
N GLU B 235 3.99 -14.30 30.28
CA GLU B 235 4.80 -13.27 29.57
C GLU B 235 6.06 -13.86 28.93
N THR B 236 6.68 -13.01 28.09
CA THR B 236 7.95 -13.27 27.41
C THR B 236 8.47 -11.93 26.81
N ALA B 237 9.62 -11.45 27.31
CA ALA B 237 10.22 -10.16 26.88
C ALA B 237 11.15 -10.35 25.67
N THR B 238 10.61 -11.00 24.63
CA THR B 238 11.26 -11.16 23.33
C THR B 238 11.13 -9.84 22.52
N ALA B 239 10.16 -8.98 22.95
CA ALA B 239 9.92 -7.64 22.37
C ALA B 239 11.08 -6.67 22.66
N GLY B 240 10.94 -5.42 22.18
CA GLY B 240 11.98 -4.40 22.31
C GLY B 240 11.65 -3.40 23.40
N GLU B 241 11.42 -2.13 23.01
CA GLU B 241 11.13 -1.03 23.95
C GLU B 241 10.21 0.04 23.31
N TRP B 242 9.29 0.58 24.13
CA TRP B 242 8.39 1.71 23.78
C TRP B 242 7.48 2.03 25.00
N GLN B 243 7.62 3.26 25.54
CA GLN B 243 6.80 3.79 26.67
C GLN B 243 7.02 3.01 28.00
N GLY B 244 6.39 1.83 28.13
CA GLY B 244 6.47 1.04 29.37
C GLY B 244 5.23 0.17 29.56
N LYS B 245 5.35 -1.13 29.21
CA LYS B 245 4.25 -2.10 29.28
C LYS B 245 3.80 -2.34 30.75
N THR B 246 2.58 -1.88 31.10
CA THR B 246 2.06 -1.97 32.48
C THR B 246 0.53 -2.21 32.47
N LEU B 247 0.12 -3.48 32.26
CA LEU B 247 -1.27 -3.91 32.44
C LEU B 247 -1.65 -3.89 33.94
N ARG B 248 -2.92 -3.55 34.22
CA ARG B 248 -3.44 -3.54 35.60
C ARG B 248 -4.96 -3.75 35.59
N GLU B 249 -5.37 -4.94 36.05
CA GLU B 249 -6.75 -5.26 36.51
C GLU B 249 -6.81 -6.76 36.91
N GLN B 250 -7.96 -7.17 37.48
CA GLN B 250 -8.14 -8.52 38.02
C GLN B 250 -9.65 -8.84 38.17
N ALA B 251 -10.13 -9.82 37.39
CA ALA B 251 -11.51 -10.32 37.46
C ALA B 251 -11.56 -11.63 38.27
N GLN B 252 -11.86 -11.47 39.57
CA GLN B 252 -12.09 -12.59 40.50
C GLN B 252 -13.29 -12.27 41.41
N ALA B 253 -13.89 -11.10 41.19
CA ALA B 253 -14.91 -10.52 42.06
C ALA B 253 -16.26 -11.24 41.87
N ARG B 254 -16.46 -12.32 42.66
CA ARG B 254 -17.72 -13.12 42.74
C ARG B 254 -17.96 -13.96 41.45
N GLY B 255 -18.14 -15.29 41.60
CA GLY B 255 -18.24 -16.21 40.46
C GLY B 255 -19.59 -16.92 40.39
N TYR B 256 -20.41 -16.54 39.37
CA TYR B 256 -21.72 -17.17 39.02
C TYR B 256 -22.87 -16.84 40.01
N GLN B 257 -22.53 -16.54 41.29
CA GLN B 257 -23.52 -16.42 42.38
C GLN B 257 -24.25 -17.78 42.55
N LEU B 258 -23.56 -18.73 43.22
CA LEU B 258 -24.03 -20.13 43.42
C LEU B 258 -25.48 -20.20 43.95
N VAL B 259 -26.32 -21.06 43.29
CA VAL B 259 -27.77 -21.34 43.61
C VAL B 259 -28.67 -20.07 43.67
N SER B 260 -28.13 -18.91 43.25
CA SER B 260 -28.85 -17.62 43.27
C SER B 260 -29.52 -17.35 41.91
N ASP B 261 -29.27 -18.24 40.94
CA ASP B 261 -29.86 -18.15 39.59
C ASP B 261 -31.39 -18.30 39.65
N ALA B 262 -31.85 -19.36 40.37
CA ALA B 262 -33.27 -19.77 40.48
C ALA B 262 -33.96 -19.87 39.09
N ALA B 263 -33.15 -20.16 38.05
CA ALA B 263 -33.56 -20.07 36.63
C ALA B 263 -33.59 -21.45 35.96
N SER B 264 -32.80 -22.39 36.49
CA SER B 264 -32.70 -23.76 35.95
C SER B 264 -32.29 -24.72 37.08
N LEU B 265 -33.08 -25.81 37.27
CA LEU B 265 -32.93 -26.79 38.39
C LEU B 265 -33.26 -26.09 39.75
N ASN B 266 -34.18 -26.72 40.52
CA ASN B 266 -34.79 -26.14 41.75
C ASN B 266 -35.61 -24.89 41.37
N SER B 267 -36.39 -25.03 40.30
CA SER B 267 -37.12 -23.93 39.65
C SER B 267 -38.29 -24.49 38.84
N VAL B 268 -39.12 -23.57 38.31
CA VAL B 268 -40.30 -23.87 37.45
C VAL B 268 -39.85 -24.58 36.16
N THR B 269 -38.63 -24.27 35.71
CA THR B 269 -37.99 -24.89 34.53
C THR B 269 -36.83 -25.82 34.98
N GLU B 270 -37.17 -26.76 35.86
CA GLU B 270 -36.26 -27.84 36.33
C GLU B 270 -36.16 -28.97 35.28
N ALA B 271 -37.20 -29.09 34.42
CA ALA B 271 -37.26 -30.08 33.32
C ALA B 271 -36.28 -29.71 32.17
N ASN B 272 -35.52 -28.61 32.38
CA ASN B 272 -34.35 -28.22 31.59
C ASN B 272 -33.27 -29.34 31.60
N GLN B 273 -33.26 -30.14 32.72
CA GLN B 273 -32.38 -31.34 32.91
C GLN B 273 -30.91 -30.95 33.26
N GLN B 274 -30.55 -29.70 32.93
CA GLN B 274 -29.21 -29.14 33.05
C GLN B 274 -29.24 -27.97 34.05
N LYS B 275 -28.06 -27.49 34.46
CA LYS B 275 -27.91 -26.31 35.32
C LYS B 275 -26.55 -25.66 35.09
N PRO B 276 -26.48 -24.30 34.86
CA PRO B 276 -25.20 -23.55 34.85
C PRO B 276 -24.58 -23.50 36.27
N LEU B 277 -23.25 -23.33 36.35
CA LEU B 277 -22.54 -23.16 37.63
C LEU B 277 -21.10 -22.65 37.42
N LEU B 278 -20.43 -22.30 38.54
CA LEU B 278 -19.06 -21.73 38.54
C LEU B 278 -17.97 -22.79 38.19
N GLY B 279 -18.39 -24.07 38.07
CA GLY B 279 -17.54 -25.17 37.61
C GLY B 279 -18.26 -26.00 36.55
N LEU B 280 -17.78 -27.25 36.36
CA LEU B 280 -18.37 -28.25 35.43
C LEU B 280 -18.51 -27.67 33.99
N PHE B 281 -19.68 -27.03 33.72
CA PHE B 281 -20.03 -26.42 32.44
C PHE B 281 -21.47 -25.87 32.55
N ALA B 282 -22.45 -26.73 32.21
CA ALA B 282 -23.89 -26.43 32.23
C ALA B 282 -24.68 -27.66 31.76
N ASP B 283 -24.01 -28.81 31.72
CA ASP B 283 -24.61 -30.09 31.29
C ASP B 283 -25.22 -30.83 32.51
N GLY B 284 -26.11 -31.80 32.23
CA GLY B 284 -26.81 -32.56 33.28
C GLY B 284 -26.28 -33.98 33.39
N ASN B 285 -25.81 -34.37 34.59
CA ASN B 285 -25.27 -35.73 34.87
C ASN B 285 -26.38 -36.79 34.91
N MET B 286 -27.63 -36.34 35.15
CA MET B 286 -28.81 -37.23 35.18
C MET B 286 -29.45 -37.28 33.77
N PRO B 287 -29.43 -38.47 33.09
CA PRO B 287 -30.18 -38.67 31.82
C PRO B 287 -31.68 -38.96 32.09
N VAL B 288 -32.55 -38.60 31.13
CA VAL B 288 -34.02 -38.83 31.25
C VAL B 288 -34.37 -40.33 31.25
N ARG B 289 -33.42 -41.17 30.74
CA ARG B 289 -33.58 -42.63 30.60
C ARG B 289 -34.56 -42.98 29.44
N TRP B 290 -34.33 -44.15 28.78
CA TRP B 290 -35.14 -44.67 27.64
C TRP B 290 -34.75 -43.99 26.29
N LEU B 291 -34.18 -42.76 26.36
CA LEU B 291 -33.73 -41.95 25.20
C LEU B 291 -34.94 -41.43 24.39
N GLY B 292 -35.62 -42.33 23.65
CA GLY B 292 -36.75 -41.96 22.79
C GLY B 292 -36.28 -41.51 21.42
N PRO B 293 -36.20 -40.16 21.14
CA PRO B 293 -35.44 -39.63 19.97
C PRO B 293 -33.97 -40.07 20.04
N LYS B 294 -33.44 -40.61 18.93
CA LYS B 294 -32.07 -41.15 18.89
C LYS B 294 -31.04 -40.02 18.97
N ALA B 295 -31.09 -39.11 17.95
CA ALA B 295 -30.19 -37.94 17.80
C ALA B 295 -28.70 -38.34 17.61
N THR B 296 -28.42 -39.64 17.45
CA THR B 296 -27.06 -40.16 17.28
C THR B 296 -26.58 -39.88 15.85
N TYR B 297 -25.80 -38.79 15.69
CA TYR B 297 -25.28 -38.33 14.39
C TYR B 297 -24.14 -39.27 13.91
N HIS B 298 -24.03 -39.46 12.58
CA HIS B 298 -23.15 -40.48 11.98
C HIS B 298 -22.92 -40.20 10.48
N GLY B 299 -21.80 -40.69 9.95
CA GLY B 299 -21.51 -40.64 8.52
C GLY B 299 -21.96 -41.91 7.80
N ASN B 300 -21.84 -43.06 8.48
CA ASN B 300 -22.11 -44.40 7.91
C ASN B 300 -23.44 -44.96 8.46
N ILE B 301 -24.12 -45.80 7.63
CA ILE B 301 -25.40 -46.54 7.92
C ILE B 301 -26.54 -45.65 8.52
N ASP B 302 -27.70 -46.30 8.82
CA ASP B 302 -28.86 -45.68 9.53
C ASP B 302 -29.35 -44.39 8.82
N LYS B 303 -29.54 -44.48 7.49
CA LYS B 303 -29.95 -43.35 6.62
C LYS B 303 -31.39 -43.55 6.10
N PRO B 304 -32.27 -42.50 6.13
CA PRO B 304 -33.61 -42.54 5.49
C PRO B 304 -33.53 -42.52 3.93
N ALA B 305 -32.37 -42.04 3.40
CA ALA B 305 -32.13 -41.93 1.95
C ALA B 305 -31.10 -42.98 1.49
N VAL B 306 -31.05 -43.19 0.17
CA VAL B 306 -30.19 -44.22 -0.48
C VAL B 306 -29.31 -43.57 -1.59
N THR B 307 -28.94 -42.28 -1.36
CA THR B 307 -28.12 -41.45 -2.29
C THR B 307 -28.90 -41.15 -3.60
N CYS B 308 -29.01 -42.17 -4.47
CA CYS B 308 -29.75 -42.11 -5.73
C CYS B 308 -30.92 -43.11 -5.66
N THR B 309 -32.11 -42.68 -6.16
CA THR B 309 -33.33 -43.51 -6.12
C THR B 309 -33.16 -44.82 -6.94
N PRO B 310 -32.61 -44.79 -8.22
CA PRO B 310 -32.11 -46.01 -8.88
C PRO B 310 -30.71 -46.38 -8.32
N ASN B 311 -30.67 -47.43 -7.52
CA ASN B 311 -29.41 -47.97 -6.96
C ASN B 311 -28.72 -48.95 -7.95
N PRO B 312 -29.45 -49.98 -8.57
CA PRO B 312 -28.82 -50.93 -9.54
C PRO B 312 -28.19 -50.21 -10.76
N GLN B 313 -29.04 -49.50 -11.55
CA GLN B 313 -28.64 -48.61 -12.68
C GLN B 313 -28.15 -49.37 -13.96
N ARG B 314 -27.28 -50.37 -13.76
CA ARG B 314 -26.46 -50.98 -14.83
C ARG B 314 -25.56 -52.05 -14.21
N ASN B 315 -25.15 -51.80 -12.96
CA ASN B 315 -24.22 -52.65 -12.19
C ASN B 315 -24.88 -53.97 -11.72
N ASP B 316 -26.16 -54.13 -12.02
CA ASP B 316 -26.95 -55.32 -11.64
C ASP B 316 -26.90 -56.39 -12.75
N SER B 317 -26.94 -55.96 -14.03
CA SER B 317 -27.15 -56.87 -15.17
C SER B 317 -26.64 -56.19 -16.48
N VAL B 318 -27.15 -56.67 -17.65
CA VAL B 318 -26.88 -56.16 -19.03
C VAL B 318 -25.40 -56.31 -19.48
N PRO B 319 -25.14 -56.61 -20.79
CA PRO B 319 -23.76 -56.65 -21.35
C PRO B 319 -23.08 -55.26 -21.24
N THR B 320 -21.78 -55.27 -20.90
CA THR B 320 -20.99 -54.06 -20.61
C THR B 320 -21.52 -53.41 -19.29
N LEU B 321 -21.02 -53.94 -18.15
CA LEU B 321 -21.57 -53.63 -16.78
C LEU B 321 -20.84 -52.43 -16.10
N ALA B 322 -19.99 -51.74 -16.88
CA ALA B 322 -19.20 -50.56 -16.45
C ALA B 322 -18.08 -50.93 -15.44
N GLN B 323 -18.31 -50.68 -14.14
CA GLN B 323 -17.27 -50.80 -13.07
C GLN B 323 -17.83 -51.55 -11.84
N MET B 324 -18.81 -52.44 -12.08
CA MET B 324 -19.32 -53.36 -11.03
C MET B 324 -18.18 -54.31 -10.61
N THR B 325 -17.66 -55.06 -11.60
CA THR B 325 -16.43 -55.84 -11.43
C THR B 325 -15.23 -54.89 -11.32
N ASP B 326 -14.73 -54.70 -10.07
CA ASP B 326 -13.65 -53.76 -9.75
C ASP B 326 -13.21 -53.97 -8.29
N LYS B 327 -14.23 -54.03 -7.40
CA LYS B 327 -14.07 -54.28 -5.94
C LYS B 327 -13.27 -53.16 -5.25
N ALA B 328 -13.64 -51.89 -5.59
CA ALA B 328 -13.21 -50.67 -4.87
C ALA B 328 -11.69 -50.42 -4.94
N ILE B 329 -11.04 -50.96 -6.02
CA ILE B 329 -9.56 -50.91 -6.21
C ILE B 329 -8.81 -51.45 -4.94
N GLU B 330 -9.38 -52.52 -4.34
CA GLU B 330 -8.78 -53.21 -3.18
C GLU B 330 -7.91 -54.38 -3.65
N LEU B 331 -8.58 -55.42 -4.23
CA LEU B 331 -7.95 -56.64 -4.79
C LEU B 331 -7.05 -57.33 -3.74
N LEU B 332 -7.62 -58.32 -3.01
CA LEU B 332 -7.02 -58.94 -1.80
C LEU B 332 -7.08 -57.98 -0.57
N SER B 333 -7.66 -56.78 -0.78
CA SER B 333 -7.77 -55.70 0.21
C SER B 333 -6.39 -55.31 0.80
N LYS B 334 -5.62 -54.52 0.04
CA LYS B 334 -4.35 -53.93 0.53
C LYS B 334 -4.24 -52.46 0.10
N ASN B 335 -5.39 -51.87 -0.33
CA ASN B 335 -5.51 -50.43 -0.66
C ASN B 335 -5.12 -49.57 0.56
N GLU B 336 -5.88 -49.75 1.65
CA GLU B 336 -5.63 -49.14 2.96
C GLU B 336 -6.51 -49.83 4.01
N LYS B 337 -5.99 -49.94 5.23
CA LYS B 337 -6.73 -50.52 6.37
C LYS B 337 -7.67 -49.47 6.98
N GLY B 338 -7.21 -48.20 7.01
CA GLY B 338 -7.92 -47.10 7.67
C GLY B 338 -7.84 -47.22 9.18
N PHE B 339 -6.63 -47.51 9.65
CA PHE B 339 -6.34 -47.85 11.06
C PHE B 339 -6.26 -46.55 11.89
N PHE B 340 -7.43 -46.06 12.34
CA PHE B 340 -7.56 -44.76 13.04
C PHE B 340 -7.11 -44.85 14.51
N LEU B 341 -7.49 -45.96 15.19
CA LEU B 341 -7.19 -46.19 16.64
C LEU B 341 -7.72 -45.04 17.51
N GLN B 342 -8.86 -44.46 17.10
CA GLN B 342 -9.50 -43.31 17.75
C GLN B 342 -10.08 -43.72 19.11
N VAL B 343 -9.26 -43.65 20.15
CA VAL B 343 -9.68 -43.93 21.54
C VAL B 343 -10.54 -42.78 22.09
N GLU B 344 -11.30 -43.06 23.16
CA GLU B 344 -12.28 -42.12 23.76
C GLU B 344 -11.81 -41.62 25.15
N GLY B 345 -12.60 -40.72 25.77
CA GLY B 345 -12.32 -40.17 27.10
C GLY B 345 -11.26 -39.07 27.05
N ALA B 346 -9.97 -39.46 27.08
CA ALA B 346 -8.84 -38.54 26.86
C ALA B 346 -8.70 -38.26 25.36
N SER B 347 -8.93 -39.33 24.56
CA SER B 347 -8.98 -39.31 23.09
C SER B 347 -7.62 -38.97 22.45
N ILE B 348 -7.12 -39.87 21.55
CA ILE B 348 -5.81 -39.70 20.86
C ILE B 348 -5.78 -38.39 20.04
N ASP B 349 -6.95 -38.02 19.49
CA ASP B 349 -7.13 -36.79 18.70
C ASP B 349 -7.01 -35.54 19.60
N LYS B 350 -7.52 -35.65 20.85
CA LYS B 350 -7.58 -34.53 21.81
C LYS B 350 -6.32 -34.49 22.69
N GLN B 351 -6.29 -35.40 23.71
CA GLN B 351 -5.22 -35.48 24.75
C GLN B 351 -5.00 -34.13 25.47
N ASP B 352 -6.06 -33.30 25.51
CA ASP B 352 -6.01 -31.96 26.13
C ASP B 352 -5.79 -32.08 27.65
N HIS B 353 -5.05 -31.12 28.19
CA HIS B 353 -4.66 -31.08 29.60
C HIS B 353 -4.66 -29.63 30.12
N ALA B 354 -4.95 -28.66 29.21
CA ALA B 354 -4.95 -27.21 29.47
C ALA B 354 -3.53 -26.63 29.73
N ALA B 355 -2.86 -27.15 30.79
CA ALA B 355 -1.48 -26.81 31.23
C ALA B 355 -1.49 -25.54 32.10
N ASN B 356 -0.80 -25.63 33.27
CA ASN B 356 -0.78 -24.59 34.33
C ASN B 356 -2.17 -24.47 35.01
N PRO B 357 -2.25 -24.52 36.38
CA PRO B 357 -3.52 -24.22 37.11
C PRO B 357 -4.01 -22.77 36.85
N CYS B 358 -3.02 -21.87 36.56
CA CYS B 358 -3.25 -20.47 36.15
C CYS B 358 -4.01 -19.68 37.23
N GLY B 359 -3.66 -19.96 38.51
CA GLY B 359 -4.31 -19.34 39.67
C GLY B 359 -3.70 -17.98 40.03
N GLN B 360 -3.68 -17.06 39.04
CA GLN B 360 -3.34 -15.59 39.16
C GLN B 360 -1.97 -15.26 39.82
N ILE B 361 -1.14 -16.29 40.09
CA ILE B 361 0.08 -16.25 40.97
C ILE B 361 -0.16 -15.50 42.32
N GLY B 362 -0.31 -14.17 42.28
CA GLY B 362 -0.63 -13.35 43.46
C GLY B 362 -1.92 -12.56 43.28
N GLU B 363 -2.29 -11.79 44.32
CA GLU B 363 -3.54 -10.99 44.34
C GLU B 363 -3.25 -9.57 43.76
N THR B 364 -2.70 -9.57 42.53
CA THR B 364 -2.11 -8.39 41.86
C THR B 364 -1.07 -7.69 42.79
N VAL B 365 -1.45 -6.57 43.45
CA VAL B 365 -0.62 -5.87 44.45
C VAL B 365 -1.56 -5.34 45.56
N ASP B 366 -2.38 -4.33 45.19
CA ASP B 366 -3.37 -3.68 46.06
C ASP B 366 -2.73 -3.15 47.37
N LEU B 367 -2.19 -1.93 47.28
CA LEU B 367 -1.59 -1.19 48.40
C LEU B 367 -1.39 0.25 47.90
N ASP B 368 -2.47 1.07 48.00
CA ASP B 368 -2.57 2.41 47.37
C ASP B 368 -2.37 2.29 45.85
N GLU B 369 -2.97 1.23 45.30
CA GLU B 369 -2.65 0.71 43.95
C GLU B 369 -3.96 0.33 43.21
N ALA B 370 -5.05 0.07 43.98
CA ALA B 370 -6.36 -0.39 43.45
C ALA B 370 -6.90 0.55 42.36
N VAL B 371 -6.63 0.18 41.08
CA VAL B 371 -6.98 0.93 39.84
C VAL B 371 -6.42 2.39 39.81
N GLN B 372 -5.59 2.75 40.83
CA GLN B 372 -5.06 4.10 41.01
C GLN B 372 -3.78 4.21 40.17
N ARG B 373 -4.00 4.35 38.86
CA ARG B 373 -2.94 4.39 37.83
C ARG B 373 -3.13 5.64 36.96
N ALA B 374 -4.38 5.84 36.50
CA ALA B 374 -4.77 7.02 35.70
C ALA B 374 -5.98 7.71 36.34
N LEU B 375 -7.21 7.21 36.04
CA LEU B 375 -8.51 7.71 36.58
C LEU B 375 -8.92 9.11 36.01
N GLU B 376 -7.95 10.06 35.91
CA GLU B 376 -8.09 11.39 35.23
C GLU B 376 -8.95 12.41 36.01
N PHE B 377 -10.23 12.03 36.24
CA PHE B 377 -11.22 12.80 37.01
C PHE B 377 -11.67 14.07 36.24
N ALA B 378 -10.85 15.13 36.29
CA ALA B 378 -11.18 16.46 35.72
C ALA B 378 -10.69 16.60 34.27
N LYS B 379 -10.54 15.46 33.57
CA LYS B 379 -10.02 15.41 32.20
C LYS B 379 -10.83 14.37 31.39
N LYS B 380 -11.75 14.87 30.55
CA LYS B 380 -12.54 14.03 29.61
C LYS B 380 -11.93 14.14 28.21
N GLU B 381 -11.70 15.40 27.75
CA GLU B 381 -10.97 15.71 26.51
C GLU B 381 -11.68 15.08 25.28
N GLY B 382 -13.02 15.12 25.31
CA GLY B 382 -13.87 14.56 24.26
C GLY B 382 -15.15 15.37 24.12
N ASN B 383 -14.98 16.61 23.66
CA ASN B 383 -16.07 17.60 23.47
C ASN B 383 -15.84 18.31 22.13
N THR B 384 -16.65 17.97 21.09
CA THR B 384 -16.41 18.46 19.71
C THR B 384 -17.54 19.42 19.24
N LEU B 385 -18.78 18.90 19.15
CA LEU B 385 -19.92 19.62 18.54
C LEU B 385 -20.94 20.07 19.61
N VAL B 386 -21.91 19.19 19.96
CA VAL B 386 -23.06 19.57 20.81
C VAL B 386 -22.83 19.21 22.29
N ILE B 387 -21.97 18.18 22.57
CA ILE B 387 -21.58 17.85 23.95
C ILE B 387 -20.61 18.94 24.48
N VAL B 388 -21.26 19.98 25.04
CA VAL B 388 -20.67 21.13 25.74
C VAL B 388 -21.79 21.70 26.64
N THR B 389 -23.00 21.76 26.04
CA THR B 389 -24.27 22.02 26.75
C THR B 389 -25.00 20.68 26.96
N ALA B 390 -24.87 19.76 25.97
CA ALA B 390 -25.27 18.35 26.11
C ALA B 390 -24.20 17.60 26.91
N ASP B 391 -24.63 16.65 27.78
CA ASP B 391 -23.73 15.84 28.67
C ASP B 391 -22.86 16.77 29.55
N HIS B 392 -23.41 17.97 29.84
CA HIS B 392 -22.75 19.04 30.62
C HIS B 392 -22.60 18.59 32.09
N ALA B 393 -21.44 18.02 32.40
CA ALA B 393 -21.09 17.54 33.73
C ALA B 393 -19.57 17.54 33.89
N HIS B 394 -19.08 18.36 34.83
CA HIS B 394 -17.65 18.42 35.18
C HIS B 394 -17.20 17.14 35.95
N ALA B 395 -18.20 16.48 36.59
CA ALA B 395 -18.04 15.23 37.38
C ALA B 395 -17.16 15.46 38.62
N SER B 396 -15.84 15.59 38.39
CA SER B 396 -14.85 15.86 39.42
C SER B 396 -15.06 17.28 40.00
N GLN B 397 -15.29 17.36 41.34
CA GLN B 397 -15.55 18.64 42.02
C GLN B 397 -14.29 19.53 42.11
N ILE B 398 -13.11 18.95 41.76
CA ILE B 398 -11.82 19.68 41.68
C ILE B 398 -11.98 20.98 40.84
N VAL B 399 -12.57 20.83 39.65
CA VAL B 399 -12.88 21.95 38.75
C VAL B 399 -14.27 22.53 39.09
N ALA B 400 -14.27 23.76 39.61
CA ALA B 400 -15.50 24.51 39.92
C ALA B 400 -16.16 25.13 38.64
N PRO B 401 -15.39 25.72 37.64
CA PRO B 401 -15.98 26.20 36.36
C PRO B 401 -16.65 25.08 35.52
N ASP B 402 -17.94 24.85 35.81
CA ASP B 402 -18.79 23.92 35.06
C ASP B 402 -19.79 24.74 34.25
N THR B 403 -20.75 25.37 34.96
CA THR B 403 -21.74 26.27 34.36
C THR B 403 -21.07 27.60 33.97
N LYS B 404 -20.03 27.97 34.73
CA LYS B 404 -19.28 29.21 34.54
C LYS B 404 -18.06 28.94 33.65
N ALA B 405 -18.33 28.72 32.34
CA ALA B 405 -17.30 28.50 31.31
C ALA B 405 -17.93 28.52 29.87
N PRO B 406 -19.03 27.74 29.57
CA PRO B 406 -19.71 27.79 28.26
C PRO B 406 -21.11 28.47 28.30
N GLY B 407 -21.37 29.28 29.35
CA GLY B 407 -22.70 29.85 29.62
C GLY B 407 -23.09 31.00 28.68
N LEU B 408 -23.54 30.63 27.46
CA LEU B 408 -23.99 31.58 26.40
C LEU B 408 -22.82 32.49 25.93
N THR B 409 -21.64 31.87 25.78
CA THR B 409 -20.42 32.56 25.32
C THR B 409 -20.53 33.01 23.85
N GLN B 410 -21.20 32.18 23.04
CA GLN B 410 -21.40 32.42 21.60
C GLN B 410 -22.45 33.52 21.37
N ALA B 411 -22.37 34.19 20.20
CA ALA B 411 -23.29 35.26 19.79
C ALA B 411 -24.57 34.72 19.14
N LEU B 412 -24.63 33.38 18.96
CA LEU B 412 -25.72 32.64 18.27
C LEU B 412 -25.71 32.94 16.75
N ASN B 413 -26.06 34.20 16.40
CA ASN B 413 -26.15 34.72 15.02
C ASN B 413 -27.29 34.04 14.24
N THR B 414 -27.54 34.53 13.01
CA THR B 414 -28.40 33.84 12.04
C THR B 414 -27.69 32.53 11.63
N LYS B 415 -26.43 32.69 11.16
CA LYS B 415 -25.50 31.57 10.88
C LYS B 415 -26.07 30.60 9.80
N ASP B 416 -27.08 31.10 9.04
CA ASP B 416 -27.90 30.30 8.10
C ASP B 416 -27.03 29.64 7.03
N GLY B 417 -26.14 30.45 6.40
CA GLY B 417 -25.26 29.96 5.35
C GLY B 417 -24.29 28.88 5.83
N ALA B 418 -23.93 28.92 7.13
CA ALA B 418 -23.03 27.93 7.76
C ALA B 418 -23.81 26.65 8.13
N VAL B 419 -25.04 26.81 8.64
CA VAL B 419 -25.90 25.67 9.05
C VAL B 419 -26.83 25.23 7.89
N MET B 420 -26.31 25.37 6.64
CA MET B 420 -27.01 24.94 5.41
C MET B 420 -27.12 23.40 5.32
N VAL B 421 -26.46 22.69 6.24
CA VAL B 421 -26.60 21.23 6.39
C VAL B 421 -27.94 20.88 7.08
N MET B 422 -28.42 21.81 7.94
CA MET B 422 -29.69 21.67 8.70
C MET B 422 -30.83 22.36 7.93
N SER B 423 -31.98 21.64 7.83
CA SER B 423 -33.20 22.09 7.12
C SER B 423 -32.97 22.26 5.59
N TYR B 424 -32.26 23.36 5.21
CA TYR B 424 -31.93 23.77 3.81
C TYR B 424 -33.16 23.83 2.87
N GLY B 425 -33.67 22.66 2.45
CA GLY B 425 -34.80 22.53 1.52
C GLY B 425 -35.40 21.13 1.57
N ASN B 426 -35.27 20.50 2.75
CA ASN B 426 -35.66 19.09 3.00
C ASN B 426 -37.19 18.90 2.95
N SER B 427 -37.93 19.84 3.59
CA SER B 427 -39.42 19.85 3.70
C SER B 427 -39.93 18.87 4.78
N GLU B 428 -39.33 17.65 4.85
CA GLU B 428 -39.61 16.68 5.95
C GLU B 428 -39.28 17.31 7.30
N GLU B 429 -38.18 18.10 7.31
CA GLU B 429 -37.83 19.05 8.38
C GLU B 429 -37.40 18.31 9.66
N ASP B 430 -36.11 18.42 9.99
CA ASP B 430 -35.45 17.66 11.07
C ASP B 430 -35.93 18.08 12.47
N SER B 431 -36.38 19.35 12.59
CA SER B 431 -36.89 19.94 13.86
C SER B 431 -35.79 19.98 14.93
N GLN B 432 -34.58 20.42 14.49
CA GLN B 432 -33.37 20.54 15.34
C GLN B 432 -32.84 19.12 15.70
N GLU B 433 -32.61 18.31 14.66
CA GLU B 433 -31.98 16.98 14.75
C GLU B 433 -30.55 17.04 14.13
N HIS B 434 -30.00 18.27 14.09
CA HIS B 434 -28.61 18.59 13.61
C HIS B 434 -28.53 18.53 12.07
N THR B 435 -28.75 17.32 11.49
CA THR B 435 -28.72 17.04 10.03
C THR B 435 -27.28 17.12 9.45
N GLY B 436 -27.00 16.28 8.45
CA GLY B 436 -25.63 15.98 8.04
C GLY B 436 -25.13 14.70 8.69
N SER B 437 -26.02 14.09 9.53
CA SER B 437 -25.76 12.85 10.26
C SER B 437 -26.21 11.65 9.40
N GLN B 438 -25.26 10.73 9.09
CA GLN B 438 -25.44 9.61 8.16
C GLN B 438 -25.79 10.14 6.75
N LEU B 439 -24.74 10.36 5.96
CA LEU B 439 -24.84 11.00 4.63
C LEU B 439 -25.09 9.95 3.50
N ARG B 440 -25.84 8.86 3.85
CA ARG B 440 -26.22 7.77 2.92
C ARG B 440 -24.98 6.92 2.55
N ILE B 441 -24.85 5.74 3.20
CA ILE B 441 -23.69 4.82 3.04
C ILE B 441 -24.19 3.40 2.70
N ALA B 442 -23.83 2.90 1.50
CA ALA B 442 -24.19 1.53 1.04
C ALA B 442 -22.94 0.63 1.08
N ALA B 443 -22.12 0.82 2.12
CA ALA B 443 -20.86 0.08 2.31
C ALA B 443 -21.12 -1.33 2.85
N TYR B 444 -21.64 -1.41 4.08
CA TYR B 444 -21.89 -2.68 4.79
C TYR B 444 -23.36 -3.08 4.65
N GLY B 445 -23.62 -4.40 4.75
CA GLY B 445 -24.97 -4.95 4.63
C GLY B 445 -25.10 -6.26 5.40
N PRO B 446 -26.13 -7.10 5.10
CA PRO B 446 -26.33 -8.40 5.79
C PRO B 446 -25.38 -9.49 5.26
N HIS B 447 -24.92 -10.37 6.17
CA HIS B 447 -24.01 -11.49 5.85
C HIS B 447 -24.82 -12.58 5.11
N ALA B 448 -24.28 -13.07 3.97
CA ALA B 448 -24.87 -14.19 3.20
C ALA B 448 -24.75 -15.49 4.02
N ALA B 449 -25.74 -15.69 4.90
CA ALA B 449 -25.80 -16.81 5.85
C ALA B 449 -27.25 -17.30 5.90
N ASN B 450 -27.45 -18.64 5.73
CA ASN B 450 -28.80 -19.30 5.69
C ASN B 450 -29.81 -18.56 4.77
N VAL B 451 -31.13 -18.86 4.91
CA VAL B 451 -32.22 -18.34 4.04
C VAL B 451 -32.03 -18.83 2.58
N VAL B 452 -31.10 -18.15 1.83
CA VAL B 452 -30.72 -18.41 0.43
C VAL B 452 -31.93 -18.74 -0.49
N GLY B 453 -32.38 -20.01 -0.50
CA GLY B 453 -33.55 -20.38 -1.27
C GLY B 453 -33.84 -21.87 -1.22
N LEU B 454 -33.02 -22.65 -1.96
CA LEU B 454 -33.21 -24.09 -2.20
C LEU B 454 -34.56 -24.35 -2.91
N THR B 455 -35.68 -24.31 -2.13
CA THR B 455 -37.06 -24.50 -2.62
C THR B 455 -37.29 -25.95 -3.11
N ASP B 456 -36.85 -26.21 -4.35
CA ASP B 456 -36.97 -27.52 -5.01
C ASP B 456 -35.57 -28.12 -5.28
N GLN B 457 -34.57 -27.22 -5.37
CA GLN B 457 -33.16 -27.60 -5.54
C GLN B 457 -32.65 -28.20 -4.21
N THR B 458 -32.05 -29.40 -4.27
CA THR B 458 -31.57 -30.13 -3.08
C THR B 458 -30.02 -30.15 -3.02
N ASP B 459 -29.44 -29.11 -2.39
CA ASP B 459 -27.99 -29.02 -2.09
C ASP B 459 -27.81 -29.01 -0.57
N LEU B 460 -26.64 -29.44 -0.08
CA LEU B 460 -26.34 -29.57 1.38
C LEU B 460 -26.14 -28.20 2.10
N PHE B 461 -26.24 -27.08 1.34
CA PHE B 461 -25.97 -25.71 1.84
C PHE B 461 -27.03 -25.21 2.88
N TYR B 462 -28.04 -26.03 3.20
CA TYR B 462 -29.02 -25.72 4.28
C TYR B 462 -28.43 -26.00 5.70
N THR B 463 -27.07 -26.01 5.81
CA THR B 463 -26.32 -26.11 7.07
C THR B 463 -26.47 -24.80 7.91
N MET B 464 -27.62 -24.62 8.58
CA MET B 464 -27.86 -23.45 9.44
C MET B 464 -27.58 -23.82 10.91
N LYS B 465 -26.33 -23.56 11.34
CA LYS B 465 -25.92 -23.63 12.76
C LYS B 465 -25.33 -22.27 13.16
N ALA B 466 -26.22 -21.36 13.56
CA ALA B 466 -25.86 -20.01 14.02
C ALA B 466 -25.67 -20.00 15.55
N ALA B 467 -25.47 -18.79 16.12
CA ALA B 467 -25.30 -18.54 17.58
C ALA B 467 -23.93 -19.04 18.09
N LEU B 468 -23.76 -20.37 18.11
CA LEU B 468 -22.48 -21.03 18.45
C LEU B 468 -21.55 -21.09 17.21
N GLY B 469 -22.12 -20.80 16.02
CA GLY B 469 -21.37 -20.76 14.75
C GLY B 469 -21.87 -19.66 13.83
N LEU B 470 -21.33 -19.63 12.60
CA LEU B 470 -21.67 -18.62 11.57
C LEU B 470 -21.20 -19.11 10.19
N LYS B 471 -22.04 -18.87 9.16
CA LYS B 471 -21.69 -19.14 7.76
C LYS B 471 -21.30 -17.78 7.11
N MET C 1 45.15 -25.93 -27.87
CA MET C 1 45.44 -27.11 -28.69
C MET C 1 45.71 -28.32 -27.77
N ALA C 2 44.63 -28.72 -27.04
CA ALA C 2 44.57 -29.88 -26.13
C ALA C 2 45.62 -29.82 -25.00
N ALA C 3 46.06 -28.62 -24.63
CA ALA C 3 47.06 -28.41 -23.56
C ALA C 3 46.36 -28.37 -22.19
N LYS C 4 45.79 -29.55 -21.81
CA LYS C 4 45.10 -29.79 -20.53
C LYS C 4 45.77 -29.08 -19.34
N LYS C 5 45.18 -27.98 -18.87
CA LYS C 5 45.60 -27.28 -17.66
C LYS C 5 44.72 -27.74 -16.49
N ASP C 6 45.34 -28.46 -15.54
CA ASP C 6 44.65 -28.87 -14.31
C ASP C 6 44.42 -27.63 -13.43
N TYR C 7 43.17 -27.18 -13.41
CA TYR C 7 42.75 -25.93 -12.77
C TYR C 7 42.98 -25.97 -11.24
N TYR C 8 42.96 -27.19 -10.65
CA TYR C 8 43.30 -27.37 -9.23
C TYR C 8 44.77 -26.97 -8.99
N ALA C 9 45.68 -27.48 -9.85
CA ALA C 9 47.12 -27.17 -9.79
C ALA C 9 47.40 -25.66 -9.96
N ILE C 10 46.62 -25.00 -10.86
CA ILE C 10 46.67 -23.53 -11.06
C ILE C 10 46.35 -22.79 -9.74
N LEU C 11 45.32 -23.28 -9.04
CA LEU C 11 44.91 -22.73 -7.73
C LEU C 11 45.84 -23.18 -6.57
N GLY C 12 46.73 -24.17 -6.84
CA GLY C 12 47.61 -24.73 -5.81
C GLY C 12 46.87 -25.60 -4.80
N VAL C 13 45.91 -26.40 -5.30
CA VAL C 13 45.09 -27.35 -4.51
C VAL C 13 45.07 -28.74 -5.21
N PRO C 14 44.81 -29.86 -4.44
CA PRO C 14 44.71 -31.21 -5.04
C PRO C 14 43.32 -31.47 -5.68
N ARG C 15 43.17 -32.66 -6.30
CA ARG C 15 41.88 -33.11 -6.91
C ARG C 15 40.95 -33.75 -5.84
N ASN C 16 40.99 -33.14 -4.66
CA ASN C 16 40.13 -33.40 -3.51
C ASN C 16 39.35 -32.10 -3.23
N ALA C 17 39.85 -31.00 -3.82
CA ALA C 17 39.44 -29.64 -3.55
C ALA C 17 37.96 -29.38 -3.90
N THR C 18 37.13 -29.31 -2.85
CA THR C 18 35.70 -28.95 -2.92
C THR C 18 35.52 -27.45 -3.26
N GLN C 19 34.27 -26.97 -3.14
CA GLN C 19 33.90 -25.55 -3.38
C GLN C 19 34.69 -24.63 -2.40
N GLU C 20 34.78 -25.06 -1.12
CA GLU C 20 35.40 -24.25 -0.06
C GLU C 20 36.95 -24.29 -0.19
N GLU C 21 37.51 -25.44 -0.62
CA GLU C 21 38.97 -25.59 -0.83
C GLU C 21 39.43 -24.73 -2.03
N ILE C 22 38.59 -24.72 -3.08
CA ILE C 22 38.70 -23.82 -4.23
C ILE C 22 38.64 -22.34 -3.77
N LYS C 23 37.73 -22.09 -2.79
CA LYS C 23 37.54 -20.77 -2.19
C LYS C 23 38.75 -20.38 -1.32
N ARG C 24 39.44 -21.37 -0.70
CA ARG C 24 40.65 -21.12 0.12
C ARG C 24 41.77 -20.61 -0.79
N ALA C 25 41.91 -21.28 -1.95
CA ALA C 25 42.88 -20.92 -2.99
C ALA C 25 42.53 -19.57 -3.63
N TYR C 26 41.23 -19.29 -3.75
CA TYR C 26 40.71 -18.02 -4.28
C TYR C 26 41.03 -16.86 -3.32
N LYS C 27 40.73 -17.05 -2.02
CA LYS C 27 40.97 -16.05 -0.98
C LYS C 27 42.47 -15.70 -0.95
N ARG C 28 43.31 -16.73 -0.75
CA ARG C 28 44.78 -16.61 -0.74
C ARG C 28 45.29 -15.84 -1.98
N LEU C 29 45.20 -16.49 -3.15
CA LEU C 29 45.86 -16.04 -4.37
C LEU C 29 45.12 -14.84 -5.00
N ALA C 30 43.80 -14.92 -5.18
CA ALA C 30 43.04 -13.84 -5.86
C ALA C 30 43.01 -12.55 -5.02
N ARG C 31 43.08 -12.61 -3.66
CA ARG C 31 43.20 -11.36 -2.85
C ARG C 31 44.67 -10.87 -2.82
N GLN C 32 45.62 -11.81 -2.95
CA GLN C 32 47.06 -11.49 -3.11
C GLN C 32 47.31 -10.76 -4.46
N TYR C 33 46.47 -11.10 -5.47
CA TYR C 33 46.61 -10.61 -6.86
C TYR C 33 45.48 -9.64 -7.25
N HIS C 34 44.64 -9.25 -6.27
CA HIS C 34 43.44 -8.42 -6.51
C HIS C 34 43.84 -6.96 -6.76
N PRO C 35 43.62 -6.39 -8.00
CA PRO C 35 43.97 -4.98 -8.31
C PRO C 35 43.27 -3.96 -7.38
N ASP C 36 42.16 -4.40 -6.74
CA ASP C 36 41.43 -3.64 -5.71
C ASP C 36 42.35 -3.19 -4.55
N VAL C 37 43.23 -4.10 -4.09
CA VAL C 37 44.19 -3.81 -3.00
C VAL C 37 45.61 -3.67 -3.56
N ASN C 38 46.02 -4.70 -4.32
CA ASN C 38 47.37 -4.81 -4.90
C ASN C 38 47.35 -4.33 -6.37
N LYS C 39 47.60 -3.03 -6.57
CA LYS C 39 47.69 -2.41 -7.91
C LYS C 39 49.03 -2.82 -8.56
N SER C 40 49.08 -4.03 -9.14
CA SER C 40 50.26 -4.53 -9.87
C SER C 40 49.80 -5.25 -11.17
N PRO C 41 50.21 -4.73 -12.39
CA PRO C 41 49.84 -5.33 -13.72
C PRO C 41 50.12 -6.84 -13.82
N GLU C 42 51.30 -7.27 -13.32
CA GLU C 42 51.69 -8.70 -13.25
C GLU C 42 50.67 -9.50 -12.45
N ALA C 43 50.19 -8.90 -11.34
CA ALA C 43 49.23 -9.53 -10.44
C ALA C 43 47.84 -9.57 -11.08
N GLU C 44 47.61 -8.74 -12.12
CA GLU C 44 46.36 -8.78 -12.89
C GLU C 44 46.35 -10.01 -13.80
N GLU C 45 47.50 -10.27 -14.47
CA GLU C 45 47.69 -11.47 -15.32
C GLU C 45 47.48 -12.76 -14.47
N LYS C 46 48.10 -12.73 -13.28
CA LYS C 46 47.98 -13.80 -12.30
C LYS C 46 46.54 -13.94 -11.81
N PHE C 47 45.86 -12.79 -11.61
CA PHE C 47 44.44 -12.73 -11.18
C PHE C 47 43.53 -13.37 -12.25
N LYS C 48 43.92 -13.25 -13.54
CA LYS C 48 43.23 -13.93 -14.65
C LYS C 48 43.39 -15.46 -14.52
N GLU C 49 44.64 -15.91 -14.26
CA GLU C 49 44.96 -17.36 -14.08
C GLU C 49 44.15 -17.96 -12.91
N ILE C 50 44.09 -17.21 -11.77
CA ILE C 50 43.38 -17.64 -10.55
C ILE C 50 41.88 -17.77 -10.85
N ASN C 51 41.32 -16.73 -11.48
CA ASN C 51 39.87 -16.63 -11.78
C ASN C 51 39.49 -17.45 -13.03
N GLU C 52 40.49 -17.95 -13.78
CA GLU C 52 40.26 -18.97 -14.84
C GLU C 52 39.90 -20.28 -14.16
N ALA C 53 40.87 -20.76 -13.37
CA ALA C 53 40.79 -22.01 -12.61
C ALA C 53 39.60 -22.00 -11.63
N TYR C 54 39.40 -20.86 -10.97
CA TYR C 54 38.30 -20.64 -10.04
C TYR C 54 36.98 -20.68 -10.79
N ALA C 55 36.84 -19.88 -11.88
CA ALA C 55 35.58 -19.80 -12.65
C ALA C 55 35.08 -21.17 -13.10
N VAL C 56 36.04 -22.04 -13.49
CA VAL C 56 35.75 -23.45 -13.82
C VAL C 56 35.25 -24.22 -12.58
N LEU C 57 36.03 -24.19 -11.50
CA LEU C 57 35.81 -25.08 -10.34
C LEU C 57 34.96 -24.44 -9.22
N SER C 58 34.40 -23.24 -9.48
CA SER C 58 33.64 -22.44 -8.49
C SER C 58 32.32 -23.13 -8.15
N ASP C 59 31.31 -22.93 -9.00
CA ASP C 59 29.95 -23.39 -8.76
C ASP C 59 29.83 -24.87 -9.20
N PRO C 60 29.00 -25.70 -8.46
CA PRO C 60 28.83 -27.17 -8.69
C PRO C 60 28.63 -27.54 -10.18
N GLU C 61 27.93 -26.64 -10.91
CA GLU C 61 27.66 -26.79 -12.35
C GLU C 61 28.97 -26.98 -13.18
N LYS C 62 29.76 -25.89 -13.29
CA LYS C 62 30.97 -25.85 -14.13
C LYS C 62 32.06 -26.81 -13.60
N ARG C 63 32.03 -27.01 -12.26
CA ARG C 63 32.84 -28.03 -11.56
C ARG C 63 32.61 -29.41 -12.20
N ARG C 64 31.31 -29.80 -12.31
CA ARG C 64 30.90 -31.08 -12.94
C ARG C 64 31.28 -31.12 -14.44
N ILE C 65 31.20 -29.98 -15.16
CA ILE C 65 31.65 -29.92 -16.59
C ILE C 65 33.13 -30.38 -16.71
N TYR C 66 34.00 -29.87 -15.80
CA TYR C 66 35.42 -30.29 -15.77
C TYR C 66 35.52 -31.79 -15.49
N ASP C 67 34.90 -32.26 -14.38
CA ASP C 67 34.95 -33.67 -13.92
C ASP C 67 34.46 -34.66 -15.00
N THR C 68 33.43 -34.25 -15.78
CA THR C 68 32.88 -35.09 -16.86
C THR C 68 33.78 -35.05 -18.09
N TYR C 69 34.50 -33.93 -18.34
CA TYR C 69 35.38 -33.83 -19.52
C TYR C 69 36.57 -34.82 -19.41
N GLY C 70 36.77 -35.63 -20.46
CA GLY C 70 37.81 -36.67 -20.48
C GLY C 70 37.27 -38.01 -19.99
N THR C 71 35.92 -38.12 -19.93
CA THR C 71 35.19 -39.34 -19.55
C THR C 71 33.97 -39.33 -20.48
N THR C 72 33.22 -38.22 -20.36
CA THR C 72 32.36 -37.73 -21.42
C THR C 72 33.31 -36.98 -22.39
N GLU C 73 33.07 -37.12 -23.70
CA GLU C 73 33.87 -36.46 -24.76
C GLU C 73 33.20 -35.13 -25.16
N ALA C 74 31.85 -35.14 -25.24
CA ALA C 74 31.06 -34.00 -25.70
C ALA C 74 30.92 -32.94 -24.58
N PRO C 75 31.23 -31.63 -24.88
CA PRO C 75 31.02 -30.52 -23.91
C PRO C 75 29.52 -30.37 -23.55
N PRO C 76 29.14 -30.49 -22.24
CA PRO C 76 27.72 -30.37 -21.79
C PRO C 76 27.03 -29.07 -22.29
N PRO C 77 25.77 -29.16 -22.89
CA PRO C 77 25.07 -28.00 -23.50
C PRO C 77 24.96 -26.80 -22.51
N PRO C 78 25.41 -25.57 -22.93
CA PRO C 78 25.50 -24.40 -22.01
C PRO C 78 24.11 -23.96 -21.48
N PRO C 79 24.01 -23.39 -20.23
CA PRO C 79 22.76 -22.76 -19.72
C PRO C 79 22.29 -21.61 -20.66
N PRO C 80 20.96 -21.21 -20.64
CA PRO C 80 20.37 -20.24 -21.63
C PRO C 80 21.11 -18.89 -21.78
N GLY C 81 22.20 -18.91 -22.56
CA GLY C 81 23.05 -17.74 -22.80
C GLY C 81 24.48 -18.17 -23.05
N GLY C 82 24.94 -19.15 -22.26
CA GLY C 82 26.28 -19.73 -22.38
C GLY C 82 26.85 -20.12 -21.02
N TYR C 83 28.04 -20.77 -21.04
CA TYR C 83 28.86 -21.03 -19.84
C TYR C 83 29.11 -19.71 -19.09
N ASP C 84 28.75 -19.67 -17.78
CA ASP C 84 29.01 -18.50 -16.91
C ASP C 84 30.52 -18.18 -16.85
N PHE C 85 30.89 -17.04 -17.44
CA PHE C 85 32.22 -16.42 -17.36
C PHE C 85 32.05 -14.91 -17.30
N SER C 86 30.92 -14.50 -16.71
CA SER C 86 30.48 -13.11 -16.67
C SER C 86 31.38 -12.30 -15.73
N GLY C 87 32.23 -11.45 -16.31
CA GLY C 87 33.20 -10.66 -15.55
C GLY C 87 34.61 -11.26 -15.59
N PHE C 88 34.72 -12.57 -15.89
CA PHE C 88 36.02 -13.25 -15.97
C PHE C 88 36.55 -13.11 -17.40
N ASP C 89 37.83 -12.69 -17.54
CA ASP C 89 38.43 -12.30 -18.84
C ASP C 89 38.76 -13.55 -19.69
N VAL C 90 37.68 -14.21 -20.15
CA VAL C 90 37.71 -15.43 -20.99
C VAL C 90 38.68 -15.30 -22.17
N GLU C 91 38.65 -14.13 -22.84
CA GLU C 91 39.46 -13.87 -24.03
C GLU C 91 40.98 -13.94 -23.74
N ASP C 92 41.37 -13.57 -22.50
CA ASP C 92 42.78 -13.64 -22.07
C ASP C 92 43.15 -15.07 -21.65
N PHE C 93 42.15 -15.87 -21.21
CA PHE C 93 42.38 -17.22 -20.67
C PHE C 93 42.85 -18.20 -21.80
N SER C 94 43.35 -19.36 -21.38
CA SER C 94 44.13 -20.28 -22.24
C SER C 94 43.33 -20.87 -23.44
N GLU C 95 44.10 -21.40 -24.42
CA GLU C 95 43.54 -22.05 -25.64
C GLU C 95 42.72 -23.31 -25.30
N PHE C 96 43.26 -24.16 -24.39
CA PHE C 96 42.58 -25.39 -23.92
C PHE C 96 41.20 -25.06 -23.35
N PHE C 97 41.20 -24.02 -22.50
CA PHE C 97 40.02 -23.44 -21.89
C PHE C 97 39.02 -22.99 -22.98
N GLN C 98 39.55 -22.29 -24.01
CA GLN C 98 38.74 -21.72 -25.11
C GLN C 98 38.24 -22.78 -26.10
N GLU C 99 38.78 -24.01 -26.03
CA GLU C 99 38.29 -25.17 -26.80
C GLU C 99 37.16 -25.89 -26.05
N LEU C 100 37.40 -26.18 -24.76
CA LEU C 100 36.46 -26.95 -23.90
C LEU C 100 35.15 -26.18 -23.67
N PHE C 101 35.25 -25.00 -23.07
CA PHE C 101 34.08 -24.17 -22.71
C PHE C 101 33.64 -23.31 -23.92
N GLY C 102 34.49 -23.30 -24.99
CA GLY C 102 34.30 -22.49 -26.21
C GLY C 102 32.85 -22.38 -26.70
N PRO C 103 32.15 -23.56 -26.94
CA PRO C 103 30.70 -23.65 -27.30
C PRO C 103 29.77 -22.54 -26.74
N GLY C 104 30.02 -22.07 -25.51
CA GLY C 104 29.18 -21.00 -24.91
C GLY C 104 29.97 -20.09 -23.98
N LEU C 105 31.22 -19.81 -24.33
CA LEU C 105 32.16 -19.04 -23.47
C LEU C 105 31.81 -17.53 -23.27
N PHE C 106 30.58 -17.08 -23.63
CA PHE C 106 30.23 -15.64 -23.68
C PHE C 106 31.24 -14.87 -24.59
N GLY C 107 31.35 -13.52 -24.45
CA GLY C 107 32.53 -12.87 -25.01
C GLY C 107 32.47 -12.46 -26.49
N GLY C 108 31.56 -11.53 -26.83
CA GLY C 108 31.65 -10.80 -28.11
C GLY C 108 31.49 -11.66 -29.37
N PHE C 109 32.60 -12.33 -29.77
CA PHE C 109 32.66 -13.17 -30.99
C PHE C 109 31.91 -14.51 -30.80
N GLY C 110 31.40 -14.77 -29.57
CA GLY C 110 30.51 -15.93 -29.32
C GLY C 110 29.08 -15.83 -29.92
N ARG C 111 28.81 -14.82 -30.78
CA ARG C 111 27.57 -14.67 -31.61
C ARG C 111 26.36 -14.05 -30.87
N ARG C 112 26.10 -14.41 -29.60
CA ARG C 112 25.08 -13.67 -28.78
C ARG C 112 25.83 -12.81 -27.77
N SER C 113 26.81 -13.46 -27.13
CA SER C 113 28.00 -12.91 -26.53
C SER C 113 28.19 -11.37 -26.68
N ARG C 114 27.51 -10.58 -25.86
CA ARG C 114 27.65 -9.12 -25.88
C ARG C 114 28.62 -8.61 -24.76
N LYS C 115 28.53 -7.33 -24.44
CA LYS C 115 29.03 -6.78 -23.19
C LYS C 115 27.94 -7.00 -22.14
N GLY C 116 28.33 -7.37 -20.90
CA GLY C 116 27.37 -7.54 -19.81
C GLY C 116 26.57 -6.27 -19.57
N ARG C 117 25.27 -6.31 -19.93
CA ARG C 117 24.34 -5.18 -19.72
C ARG C 117 23.59 -5.37 -18.40
N ASP C 118 22.97 -4.29 -17.90
CA ASP C 118 22.13 -4.37 -16.70
C ASP C 118 20.80 -5.07 -17.08
N LEU C 119 20.76 -6.40 -16.86
CA LEU C 119 19.56 -7.21 -17.21
C LEU C 119 18.71 -7.34 -15.95
N ARG C 120 17.41 -7.61 -16.12
CA ARG C 120 16.46 -7.66 -15.00
C ARG C 120 15.79 -9.02 -14.93
N ALA C 121 15.87 -9.65 -13.74
CA ALA C 121 15.31 -10.99 -13.50
C ALA C 121 14.38 -10.92 -12.30
N GLU C 122 13.09 -11.24 -12.52
CA GLU C 122 12.04 -11.03 -11.52
C GLU C 122 11.80 -12.31 -10.70
N LEU C 123 11.42 -12.14 -9.42
CA LEU C 123 11.21 -13.26 -8.50
C LEU C 123 10.04 -12.97 -7.53
N PRO C 124 8.91 -13.75 -7.62
CA PRO C 124 7.92 -13.82 -6.53
C PRO C 124 8.57 -14.47 -5.28
N LEU C 125 8.72 -13.70 -4.19
CA LEU C 125 9.61 -14.06 -3.07
C LEU C 125 8.94 -13.74 -1.72
N THR C 126 9.38 -14.45 -0.66
CA THR C 126 8.95 -14.18 0.72
C THR C 126 10.02 -13.37 1.48
N LEU C 127 9.55 -12.75 2.56
CA LEU C 127 10.37 -12.01 3.54
C LEU C 127 11.25 -13.02 4.28
N GLU C 128 10.66 -14.20 4.49
CA GLU C 128 11.29 -15.35 5.12
C GLU C 128 12.47 -15.81 4.25
N GLU C 129 12.26 -15.95 2.92
CA GLU C 129 13.34 -16.30 1.95
C GLU C 129 14.40 -15.20 1.84
N ALA C 130 13.99 -13.95 2.08
CA ALA C 130 14.91 -12.81 2.11
C ALA C 130 15.91 -12.95 3.26
N PHE C 131 15.39 -13.40 4.42
CA PHE C 131 16.19 -13.77 5.60
C PHE C 131 17.08 -14.98 5.29
N HIS C 132 16.48 -15.97 4.60
CA HIS C 132 17.13 -17.25 4.26
C HIS C 132 18.06 -17.09 3.04
N GLY C 133 18.09 -15.87 2.47
CA GLY C 133 19.00 -15.50 1.37
C GLY C 133 20.47 -15.40 1.78
N GLY C 134 21.05 -16.56 2.16
CA GLY C 134 22.50 -16.71 2.28
C GLY C 134 23.06 -17.26 0.98
N GLU C 135 23.80 -18.37 1.04
CA GLU C 135 24.32 -19.06 -0.16
C GLU C 135 23.14 -19.76 -0.88
N ARG C 136 22.55 -19.08 -1.88
CA ARG C 136 21.34 -19.56 -2.60
C ARG C 136 21.70 -19.94 -4.04
N VAL C 137 20.99 -20.95 -4.58
CA VAL C 137 21.19 -21.42 -5.98
C VAL C 137 20.22 -20.66 -6.89
N VAL C 138 20.66 -20.34 -8.11
CA VAL C 138 19.84 -19.58 -9.06
C VAL C 138 20.36 -19.76 -10.51
N GLU C 139 19.44 -19.66 -11.48
CA GLU C 139 19.77 -19.62 -12.92
C GLU C 139 19.25 -18.28 -13.49
N VAL C 140 20.18 -17.39 -13.89
CA VAL C 140 19.86 -16.08 -14.47
C VAL C 140 20.63 -15.86 -15.80
N ALA C 141 19.90 -16.04 -16.92
CA ALA C 141 20.31 -15.66 -18.27
C ALA C 141 21.67 -16.27 -18.69
N GLY C 142 21.83 -17.57 -18.37
CA GLY C 142 23.05 -18.33 -18.70
C GLY C 142 23.95 -18.55 -17.51
N ARG C 143 23.50 -18.16 -16.30
CA ARG C 143 24.30 -18.25 -15.06
C ARG C 143 23.60 -19.13 -14.04
N ARG C 144 23.95 -20.42 -13.99
CA ARG C 144 23.53 -21.29 -12.89
C ARG C 144 24.59 -21.23 -11.80
N VAL C 145 24.45 -20.24 -10.90
CA VAL C 145 25.41 -19.95 -9.83
C VAL C 145 24.77 -20.09 -8.44
N SER C 146 25.59 -20.49 -7.47
CA SER C 146 25.28 -20.47 -6.04
C SER C 146 25.94 -19.21 -5.43
N VAL C 147 25.14 -18.14 -5.30
CA VAL C 147 25.61 -16.81 -4.87
C VAL C 147 24.79 -16.33 -3.66
N ARG C 148 25.43 -15.49 -2.80
CA ARG C 148 24.73 -14.77 -1.74
C ARG C 148 24.43 -13.33 -2.20
N ILE C 149 23.14 -13.06 -2.42
CA ILE C 149 22.61 -11.69 -2.53
C ILE C 149 22.46 -11.11 -1.10
N PRO C 150 22.52 -9.75 -0.91
CA PRO C 150 22.27 -9.11 0.42
C PRO C 150 21.06 -9.72 1.19
N PRO C 151 21.30 -10.46 2.34
CA PRO C 151 20.23 -11.11 3.13
C PRO C 151 19.19 -10.09 3.61
N GLY C 152 18.03 -10.07 2.93
CA GLY C 152 17.03 -9.05 3.13
C GLY C 152 16.53 -8.47 1.83
N VAL C 153 15.21 -8.21 1.76
CA VAL C 153 14.59 -7.75 0.52
C VAL C 153 13.31 -6.89 0.79
N ARG C 154 12.82 -6.20 -0.28
CA ARG C 154 11.71 -5.23 -0.21
C ARG C 154 10.78 -5.42 -1.45
N GLU C 155 9.54 -4.88 -1.40
CA GLU C 155 8.55 -4.97 -2.50
C GLU C 155 8.92 -4.04 -3.68
N GLY C 156 8.86 -4.60 -4.92
CA GLY C 156 9.04 -3.82 -6.15
C GLY C 156 10.44 -3.23 -6.30
N SER C 157 11.40 -3.81 -5.57
CA SER C 157 12.75 -3.29 -5.47
C SER C 157 13.70 -4.01 -6.41
N VAL C 158 14.93 -3.48 -6.51
CA VAL C 158 15.94 -3.94 -7.47
C VAL C 158 17.26 -4.28 -6.72
N ILE C 159 17.66 -5.56 -6.82
CA ILE C 159 18.92 -6.07 -6.22
C ILE C 159 20.02 -6.02 -7.29
N ARG C 160 20.91 -5.02 -7.20
CA ARG C 160 22.00 -4.85 -8.16
C ARG C 160 23.18 -5.76 -7.77
N VAL C 161 23.31 -6.91 -8.47
CA VAL C 161 24.43 -7.85 -8.31
C VAL C 161 25.50 -7.52 -9.38
N PRO C 162 26.63 -6.84 -8.99
CA PRO C 162 27.65 -6.34 -9.95
C PRO C 162 28.53 -7.45 -10.57
N GLY C 163 29.21 -7.08 -11.66
CA GLY C 163 30.22 -7.92 -12.32
C GLY C 163 29.66 -8.92 -13.32
N MET C 164 28.36 -9.31 -13.15
CA MET C 164 27.76 -10.39 -13.97
C MET C 164 27.27 -9.83 -15.31
N GLY C 165 26.11 -9.15 -15.30
CA GLY C 165 25.55 -8.55 -16.51
C GLY C 165 24.67 -9.51 -17.30
N GLY C 166 24.26 -9.05 -18.50
CA GLY C 166 23.41 -9.85 -19.39
C GLY C 166 24.21 -10.82 -20.24
N GLN C 167 24.03 -10.76 -21.57
CA GLN C 167 24.71 -11.66 -22.51
C GLN C 167 26.15 -11.21 -22.76
N GLY C 168 27.04 -12.20 -22.96
CA GLY C 168 28.46 -11.95 -23.11
C GLY C 168 29.15 -11.70 -21.78
N ASN C 169 30.38 -11.18 -21.86
CA ASN C 169 31.31 -11.19 -20.72
C ASN C 169 31.48 -9.80 -20.03
N PRO C 170 32.04 -8.73 -20.73
CA PRO C 170 32.58 -7.50 -20.05
C PRO C 170 31.70 -6.96 -18.90
N PRO C 171 32.25 -6.94 -17.62
CA PRO C 171 31.49 -6.82 -16.34
C PRO C 171 30.27 -5.87 -16.38
N GLY C 172 29.07 -6.45 -16.18
CA GLY C 172 27.82 -5.70 -16.15
C GLY C 172 27.11 -5.82 -14.82
N ASP C 173 25.76 -5.71 -14.83
CA ASP C 173 24.94 -5.78 -13.59
C ASP C 173 23.70 -6.66 -13.79
N LEU C 174 23.32 -7.32 -12.70
CA LEU C 174 22.05 -8.03 -12.57
C LEU C 174 21.11 -7.17 -11.73
N LEU C 175 19.85 -7.08 -12.15
CA LEU C 175 18.83 -6.27 -11.50
C LEU C 175 17.64 -7.18 -11.14
N LEU C 176 17.73 -7.82 -9.96
CA LEU C 176 16.66 -8.72 -9.48
C LEU C 176 15.43 -7.90 -9.06
N VAL C 177 14.36 -8.00 -9.87
CA VAL C 177 13.09 -7.31 -9.61
C VAL C 177 12.27 -8.17 -8.66
N VAL C 178 12.40 -7.90 -7.38
CA VAL C 178 11.74 -8.70 -6.34
C VAL C 178 10.31 -8.21 -6.12
N ARG C 179 9.36 -9.10 -6.39
CA ARG C 179 7.93 -8.88 -6.11
C ARG C 179 7.56 -9.79 -4.95
N LEU C 180 7.17 -9.18 -3.82
CA LEU C 180 6.75 -9.92 -2.63
C LEU C 180 5.34 -10.51 -2.85
N LEU C 181 5.11 -11.68 -2.23
CA LEU C 181 3.80 -12.36 -2.26
C LEU C 181 2.78 -11.56 -1.41
N PRO C 182 1.42 -11.82 -1.52
CA PRO C 182 0.39 -11.24 -0.59
C PRO C 182 0.71 -11.51 0.91
N HIS C 183 1.68 -10.72 1.37
CA HIS C 183 2.40 -10.88 2.65
C HIS C 183 3.52 -9.79 2.65
N PRO C 184 3.17 -8.47 2.45
CA PRO C 184 4.15 -7.37 2.33
C PRO C 184 4.39 -6.71 3.69
N VAL C 185 4.95 -7.47 4.62
CA VAL C 185 5.01 -7.09 6.04
C VAL C 185 6.32 -6.37 6.31
N PHE C 186 7.46 -7.06 6.03
CA PHE C 186 8.80 -6.57 6.45
C PHE C 186 9.53 -5.91 5.27
N ARG C 187 9.58 -4.58 5.29
CA ARG C 187 10.33 -3.76 4.32
C ARG C 187 11.70 -3.43 4.95
N LEU C 188 12.79 -3.80 4.26
CA LEU C 188 14.16 -3.60 4.78
C LEU C 188 14.65 -2.15 4.54
N GLU C 189 15.49 -1.65 5.46
CA GLU C 189 16.36 -0.50 5.25
C GLU C 189 17.66 -0.74 6.02
N GLY C 190 18.78 -0.97 5.27
CA GLY C 190 20.05 -1.36 5.87
C GLY C 190 19.98 -2.77 6.46
N GLN C 191 19.67 -2.85 7.76
CA GLN C 191 19.42 -4.11 8.49
C GLN C 191 18.08 -4.04 9.25
N ASP C 192 17.56 -2.82 9.42
CA ASP C 192 16.37 -2.53 10.24
C ASP C 192 15.10 -2.58 9.37
N LEU C 193 14.05 -3.24 9.88
CA LEU C 193 12.84 -3.55 9.10
C LEU C 193 11.72 -2.55 9.35
N TYR C 194 10.65 -2.69 8.57
CA TYR C 194 9.41 -1.96 8.77
C TYR C 194 8.23 -2.91 8.53
N ALA C 195 7.56 -3.30 9.62
CA ALA C 195 6.34 -4.14 9.59
C ALA C 195 5.11 -3.28 9.93
N THR C 196 3.95 -3.93 10.02
CA THR C 196 2.73 -3.32 10.57
C THR C 196 2.10 -4.30 11.58
N LEU C 197 2.14 -3.94 12.87
CA LEU C 197 1.60 -4.76 13.97
C LEU C 197 0.21 -4.22 14.33
N ASP C 198 -0.83 -4.99 14.01
CA ASP C 198 -2.21 -4.62 14.32
C ASP C 198 -2.61 -5.15 15.72
N VAL C 199 -2.65 -4.20 16.67
CA VAL C 199 -3.01 -4.44 18.09
C VAL C 199 -4.53 -4.21 18.26
N PRO C 200 -5.32 -5.22 18.78
CA PRO C 200 -6.76 -5.02 19.03
C PRO C 200 -6.98 -4.07 20.21
N ALA C 201 -8.10 -3.34 20.16
CA ALA C 201 -8.42 -2.20 21.05
C ALA C 201 -8.36 -2.56 22.56
N PRO C 202 -8.97 -3.72 23.04
CA PRO C 202 -8.87 -4.11 24.48
C PRO C 202 -7.40 -4.21 24.97
N ILE C 203 -6.56 -4.88 24.16
CA ILE C 203 -5.14 -5.12 24.47
C ILE C 203 -4.32 -3.82 24.41
N ALA C 204 -4.67 -2.96 23.43
CA ALA C 204 -4.02 -1.65 23.23
C ALA C 204 -4.22 -0.75 24.46
N VAL C 205 -5.46 -0.76 24.97
CA VAL C 205 -5.89 0.08 26.10
C VAL C 205 -5.34 -0.43 27.45
N VAL C 206 -5.33 -1.75 27.67
CA VAL C 206 -4.87 -2.31 28.97
C VAL C 206 -3.33 -2.31 29.04
N GLY C 207 -2.69 -2.54 27.89
CA GLY C 207 -1.26 -2.77 27.83
C GLY C 207 -0.94 -4.23 28.07
N GLY C 208 -1.59 -5.10 27.28
CA GLY C 208 -1.45 -6.55 27.40
C GLY C 208 -0.33 -7.08 26.53
N LYS C 209 -0.66 -8.04 25.64
CA LYS C 209 0.29 -8.58 24.66
C LYS C 209 -0.42 -8.97 23.37
N VAL C 210 0.31 -8.75 22.27
CA VAL C 210 0.00 -9.25 20.93
C VAL C 210 1.22 -10.06 20.47
N ARG C 211 1.15 -10.64 19.27
CA ARG C 211 2.24 -11.47 18.74
C ARG C 211 2.56 -11.07 17.30
N ALA C 212 3.85 -10.84 17.03
CA ALA C 212 4.40 -10.58 15.70
C ALA C 212 5.11 -11.87 15.23
N MET C 213 4.58 -12.52 14.19
CA MET C 213 5.26 -13.65 13.52
C MET C 213 6.53 -13.10 12.84
N THR C 214 7.67 -13.79 12.97
CA THR C 214 8.97 -13.32 12.45
C THR C 214 9.75 -14.44 11.71
N LEU C 215 10.83 -14.02 11.08
CA LEU C 215 11.54 -14.78 10.03
C LEU C 215 12.33 -15.97 10.58
N GLU C 216 12.82 -15.80 11.81
CA GLU C 216 13.62 -16.80 12.53
C GLU C 216 12.84 -17.41 13.71
N GLY C 217 11.54 -17.09 13.82
CA GLY C 217 10.71 -17.56 14.94
C GLY C 217 9.60 -16.57 15.30
N PRO C 218 8.96 -16.66 16.49
CA PRO C 218 7.98 -15.66 16.95
C PRO C 218 8.58 -14.59 17.90
N VAL C 219 7.85 -13.49 18.07
CA VAL C 219 8.09 -12.50 19.11
C VAL C 219 6.73 -12.01 19.62
N GLU C 220 6.43 -12.30 20.89
CA GLU C 220 5.18 -11.89 21.50
C GLU C 220 5.41 -10.51 22.17
N VAL C 221 4.83 -9.50 21.52
CA VAL C 221 5.02 -8.09 21.85
C VAL C 221 4.25 -7.69 23.11
N ALA C 222 4.95 -7.03 24.04
CA ALA C 222 4.35 -6.45 25.25
C ALA C 222 3.93 -4.98 24.97
N VAL C 223 2.65 -4.69 25.21
CA VAL C 223 1.99 -3.40 24.87
C VAL C 223 1.90 -2.50 26.14
N PRO C 224 2.08 -1.14 26.03
CA PRO C 224 1.78 -0.17 27.12
C PRO C 224 0.29 0.29 27.12
N PRO C 225 -0.24 0.81 28.29
CA PRO C 225 -1.64 1.31 28.39
C PRO C 225 -2.00 2.41 27.36
N ARG C 226 -3.12 2.18 26.64
CA ARG C 226 -3.66 3.05 25.57
C ARG C 226 -2.60 3.37 24.50
N THR C 227 -2.43 2.42 23.58
CA THR C 227 -1.54 2.54 22.44
C THR C 227 -2.30 3.07 21.20
N GLN C 228 -1.67 3.93 20.39
CA GLN C 228 -2.33 4.63 19.25
C GLN C 228 -1.98 3.99 17.89
N ALA C 229 -2.97 4.03 16.99
CA ALA C 229 -2.79 3.68 15.57
C ALA C 229 -1.91 4.75 14.91
N GLY C 230 -0.73 4.35 14.42
CA GLY C 230 0.25 5.28 13.84
C GLY C 230 1.51 5.36 14.68
N ARG C 231 1.55 4.64 15.83
CA ARG C 231 2.78 4.49 16.64
C ARG C 231 3.78 3.53 15.97
N LYS C 232 4.92 3.31 16.63
CA LYS C 232 5.98 2.44 16.13
C LYS C 232 6.75 1.77 17.30
N LEU C 233 7.18 0.52 17.05
CA LEU C 233 7.98 -0.29 17.98
C LEU C 233 9.33 -0.57 17.33
N ARG C 234 10.36 -0.85 18.16
CA ARG C 234 11.63 -1.43 17.68
C ARG C 234 11.96 -2.69 18.50
N LEU C 235 11.87 -3.87 17.85
CA LEU C 235 12.13 -5.17 18.48
C LEU C 235 13.58 -5.59 18.18
N LYS C 236 14.32 -5.93 19.24
CA LYS C 236 15.78 -6.11 19.17
C LYS C 236 16.17 -7.49 18.59
N GLY C 237 17.01 -7.45 17.53
CA GLY C 237 17.51 -8.66 16.87
C GLY C 237 16.50 -9.30 15.93
N LYS C 238 15.43 -8.56 15.61
CA LYS C 238 14.34 -9.03 14.74
C LYS C 238 14.41 -8.41 13.34
N GLY C 239 15.61 -7.89 12.99
CA GLY C 239 15.89 -7.43 11.63
C GLY C 239 16.50 -8.50 10.75
N PHE C 240 16.95 -8.10 9.56
CA PHE C 240 17.62 -9.01 8.60
C PHE C 240 19.11 -9.23 9.01
N PRO C 241 19.73 -10.42 8.60
CA PRO C 241 21.09 -10.85 9.06
C PRO C 241 22.24 -9.96 8.57
N GLY C 242 23.19 -9.66 9.49
CA GLY C 242 24.37 -8.86 9.20
C GLY C 242 25.67 -9.47 9.77
N PRO C 243 26.87 -8.89 9.42
CA PRO C 243 28.20 -9.42 9.85
C PRO C 243 28.46 -9.27 11.37
N ALA C 244 27.78 -8.29 11.99
CA ALA C 244 27.88 -8.02 13.45
C ALA C 244 26.54 -8.33 14.15
N GLY C 245 25.64 -9.05 13.45
CA GLY C 245 24.32 -9.43 13.98
C GLY C 245 23.19 -8.88 13.14
N ARG C 246 21.94 -9.22 13.52
CA ARG C 246 20.71 -8.80 12.79
C ARG C 246 20.25 -7.40 13.25
N GLY C 247 19.45 -6.72 12.40
CA GLY C 247 18.92 -5.37 12.73
C GLY C 247 17.75 -5.38 13.74
N ASP C 248 16.90 -4.32 13.70
CA ASP C 248 15.74 -4.19 14.60
C ASP C 248 14.47 -3.99 13.78
N LEU C 249 13.38 -4.64 14.22
CA LEU C 249 12.09 -4.63 13.54
C LEU C 249 11.26 -3.39 13.96
N TYR C 250 10.98 -2.48 12.99
CA TYR C 250 10.18 -1.26 13.27
C TYR C 250 8.74 -1.46 12.79
N LEU C 251 7.79 -1.75 13.71
CA LEU C 251 6.39 -2.05 13.30
C LEU C 251 5.51 -0.81 13.50
N GLU C 252 4.62 -0.54 12.54
CA GLU C 252 3.59 0.50 12.67
C GLU C 252 2.36 -0.11 13.33
N VAL C 253 1.90 0.50 14.43
CA VAL C 253 0.74 0.04 15.19
C VAL C 253 -0.56 0.38 14.44
N ARG C 254 -1.49 -0.58 14.41
CA ARG C 254 -2.90 -0.33 14.09
C ARG C 254 -3.73 -0.66 15.31
N ILE C 255 -4.83 0.07 15.50
CA ILE C 255 -5.87 -0.34 16.43
C ILE C 255 -6.96 -1.02 15.59
N THR C 256 -7.18 -2.29 15.90
CA THR C 256 -8.17 -3.16 15.22
C THR C 256 -9.14 -3.70 16.28
N ILE C 257 -10.19 -4.41 15.85
CA ILE C 257 -11.27 -4.89 16.75
C ILE C 257 -11.77 -6.28 16.30
N PRO C 258 -12.33 -7.14 17.22
CA PRO C 258 -12.76 -8.55 16.88
C PRO C 258 -14.00 -8.63 15.95
N GLU C 259 -14.45 -7.45 15.46
CA GLU C 259 -15.69 -7.25 14.67
C GLU C 259 -16.93 -7.88 15.34
N ARG C 260 -17.14 -9.20 15.13
CA ARG C 260 -18.30 -9.94 15.65
C ARG C 260 -18.28 -9.97 17.20
N LEU C 261 -19.46 -9.81 17.82
CA LEU C 261 -19.61 -9.77 19.29
C LEU C 261 -20.60 -10.82 19.79
N THR C 262 -20.41 -11.25 21.05
CA THR C 262 -21.41 -12.00 21.82
C THR C 262 -22.36 -10.95 22.49
N PRO C 263 -23.54 -11.35 23.09
CA PRO C 263 -24.38 -10.42 23.91
C PRO C 263 -23.58 -9.68 25.01
N GLU C 264 -22.61 -10.40 25.61
CA GLU C 264 -21.67 -9.88 26.62
C GLU C 264 -20.85 -8.70 26.05
N GLU C 265 -20.03 -9.03 25.02
CA GLU C 265 -19.18 -8.07 24.31
C GLU C 265 -20.00 -6.87 23.84
N GLU C 266 -21.19 -7.16 23.27
CA GLU C 266 -22.09 -6.15 22.71
C GLU C 266 -22.49 -5.15 23.79
N ALA C 267 -22.80 -5.65 24.99
CA ALA C 267 -23.20 -4.82 26.15
C ALA C 267 -22.06 -3.84 26.58
N LEU C 268 -20.84 -4.40 26.80
CA LEU C 268 -19.69 -3.58 27.27
C LEU C 268 -19.23 -2.56 26.19
N TRP C 269 -19.07 -3.03 24.94
CA TRP C 269 -18.72 -2.16 23.78
C TRP C 269 -19.81 -1.09 23.53
N LYS C 270 -21.09 -1.44 23.81
CA LYS C 270 -22.25 -0.49 23.69
C LYS C 270 -22.07 0.70 24.64
N LYS C 271 -21.83 0.40 25.92
CA LYS C 271 -21.67 1.44 26.96
C LYS C 271 -20.45 2.33 26.68
N LEU C 272 -19.36 1.71 26.18
CA LEU C 272 -18.16 2.45 25.74
C LEU C 272 -18.44 3.31 24.49
N ALA C 273 -19.33 2.80 23.60
CA ALA C 273 -19.72 3.49 22.36
C ALA C 273 -20.46 4.78 22.68
N GLU C 274 -21.40 4.69 23.64
CA GLU C 274 -22.24 5.82 24.08
C GLU C 274 -21.40 6.85 24.84
N ALA C 275 -20.45 6.35 25.67
CA ALA C 275 -19.45 7.19 26.36
C ALA C 275 -18.58 7.94 25.33
N TYR C 276 -18.38 7.33 24.15
CA TYR C 276 -17.61 7.94 23.06
C TYR C 276 -18.52 8.68 22.04
N TYR C 277 -19.87 8.47 22.08
CA TYR C 277 -20.82 9.31 21.30
C TYR C 277 -20.85 10.71 21.93
N ALA C 278 -20.63 10.71 23.26
CA ALA C 278 -20.39 11.93 24.05
C ALA C 278 -19.08 12.68 23.65
N ARG C 279 -18.36 12.18 22.61
CA ARG C 279 -17.21 12.91 22.02
C ARG C 279 -17.70 14.08 21.15
N ALA C 280 -18.87 13.91 20.51
CA ALA C 280 -19.36 14.85 19.48
C ALA C 280 -20.22 15.96 20.12
#